data_6Y6A
#
_entry.id   6Y6A
#
_cell.length_a   86.496
_cell.length_b   172.063
_cell.length_c   245.616
_cell.angle_alpha   107.090
_cell.angle_beta   97.930
_cell.angle_gamma   93.930
#
_symmetry.space_group_name_H-M   'P 1'
#
loop_
_entity.id
_entity.type
_entity.pdbx_description
1 polymer 'Capsid protein VP1'
2 non-polymer 'N-acetyl-alpha-neuraminic acid'
3 non-polymer 'CHLORIDE ION'
4 non-polymer 'MAGNESIUM ION'
5 water water
#
_entity_poly.entity_id   1
_entity_poly.type   'polypeptide(L)'
_entity_poly.pdbx_seq_one_letter_code
;GSHMGGIEVLDVKTGPDSTTTIEAYLNPRVGQNWGFSTEITVASNGYNDAPHLTEIPCYSSARISLPLLNEDITSPTLLM
WEAVSVKTEVVGISSMLNMHSYGLRAFGGYGGGYTIEGSHIHFFSVGGEPLDLQGLMQNHSTQYPSPLVGPKKPDGTTDD
SAQVLNPIYKAKLDKDATYPIECWCPDPSRNENSRYFGSYTGGVETPPVLSFTNTSTTILLDENGVGPLCKGDGLYLSSA
DVAGTFVQQTSQKQYWRGLPRYFNITLRKRAVKN
;
_entity_poly.pdbx_strand_id   A,B,C,D,E,F,G,H,I,J,K,L,M,N,O,P,Q,R,S,T,U,V,W,X,Y,Z,a,b,c,d,e,f,g,h,i,j,k,l,m,n
#
# COMPACT_ATOMS: atom_id res chain seq x y z
N ILE A 7 -25.55 23.58 22.61
CA ILE A 7 -25.46 23.49 24.11
C ILE A 7 -25.66 24.89 24.70
N GLU A 8 -26.63 25.07 25.62
CA GLU A 8 -26.80 26.33 26.39
C GLU A 8 -25.74 26.34 27.50
N VAL A 9 -24.80 27.31 27.45
CA VAL A 9 -23.63 27.42 28.36
C VAL A 9 -24.05 28.23 29.58
N LEU A 10 -23.70 27.79 30.80
CA LEU A 10 -24.08 28.46 32.07
C LEU A 10 -22.83 28.94 32.80
N ASP A 11 -22.84 28.91 34.13
CA ASP A 11 -21.78 29.42 35.04
C ASP A 11 -20.56 28.52 34.95
N VAL A 12 -19.39 29.08 35.26
CA VAL A 12 -18.09 28.36 35.41
C VAL A 12 -18.00 27.81 36.83
N LYS A 13 -18.08 26.50 37.03
CA LYS A 13 -17.91 25.85 38.36
C LYS A 13 -16.48 26.15 38.82
N THR A 14 -16.34 26.78 39.99
CA THR A 14 -15.04 26.93 40.73
C THR A 14 -15.12 26.08 41.99
N GLY A 15 -14.00 25.89 42.67
CA GLY A 15 -13.88 25.00 43.84
C GLY A 15 -12.81 23.95 43.62
N PRO A 16 -12.61 23.02 44.58
CA PRO A 16 -11.58 21.99 44.44
C PRO A 16 -11.88 21.03 43.28
N ASP A 17 -10.84 20.50 42.65
CA ASP A 17 -10.92 19.55 41.50
C ASP A 17 -11.72 20.17 40.36
N SER A 18 -11.69 21.49 40.16
CA SER A 18 -12.55 22.17 39.12
C SER A 18 -11.72 22.60 37.91
N THR A 19 -10.39 22.62 38.03
CA THR A 19 -9.45 22.80 36.88
C THR A 19 -8.54 21.58 36.76
N THR A 20 -7.99 21.34 35.57
CA THR A 20 -7.02 20.26 35.27
C THR A 20 -6.17 20.68 34.07
N THR A 21 -4.96 20.14 33.94
CA THR A 21 -4.08 20.32 32.77
C THR A 21 -3.89 18.98 32.07
N ILE A 22 -3.67 19.01 30.75
CA ILE A 22 -3.40 17.83 29.89
C ILE A 22 -2.13 18.11 29.10
N GLU A 23 -1.10 17.29 29.28
CA GLU A 23 0.11 17.24 28.41
C GLU A 23 -0.12 16.18 27.33
N ALA A 24 0.21 16.50 26.09
CA ALA A 24 0.21 15.57 24.94
C ALA A 24 1.24 16.04 23.91
N TYR A 25 1.71 15.14 23.05
CA TYR A 25 2.48 15.47 21.83
C TYR A 25 1.85 14.72 20.67
N LEU A 26 1.83 15.36 19.50
CA LEU A 26 1.52 14.70 18.21
C LEU A 26 2.81 14.61 17.39
N ASN A 27 3.24 13.40 17.05
CA ASN A 27 4.37 13.17 16.10
C ASN A 27 3.85 13.41 14.69
N PRO A 28 4.72 13.89 13.78
CA PRO A 28 4.30 14.24 12.42
C PRO A 28 3.98 13.01 11.59
N ARG A 29 3.06 13.14 10.65
CA ARG A 29 2.66 12.04 9.72
C ARG A 29 2.88 12.54 8.29
N VAL A 30 4.15 12.57 7.85
CA VAL A 30 4.58 13.14 6.53
C VAL A 30 4.64 12.01 5.49
N GLY A 31 4.11 10.82 5.79
CA GLY A 31 4.07 9.67 4.87
C GLY A 31 4.74 8.44 5.46
N GLN A 32 5.73 8.65 6.33
CA GLN A 32 6.28 7.60 7.22
C GLN A 32 6.29 8.18 8.64
N ASN A 33 6.79 7.41 9.62
CA ASN A 33 6.56 7.71 11.05
C ASN A 33 7.80 8.33 11.70
N TRP A 34 8.88 8.54 10.96
CA TRP A 34 10.18 8.95 11.56
C TRP A 34 10.62 10.31 11.00
N GLY A 35 9.66 11.15 10.60
CA GLY A 35 9.85 12.59 10.38
C GLY A 35 10.20 12.92 8.94
N PHE A 36 10.37 11.92 8.08
CA PHE A 36 10.64 12.11 6.63
C PHE A 36 9.70 11.26 5.79
N SER A 37 9.22 11.86 4.70
CA SER A 37 8.53 11.17 3.58
C SER A 37 9.56 10.36 2.78
N THR A 38 9.08 9.49 1.90
CA THR A 38 9.88 8.92 0.79
C THR A 38 10.04 10.03 -0.26
N GLU A 39 10.91 9.83 -1.26
CA GLU A 39 11.24 10.87 -2.26
C GLU A 39 9.94 11.41 -2.86
N ILE A 40 9.87 12.73 -3.03
CA ILE A 40 8.76 13.41 -3.74
C ILE A 40 8.89 13.08 -5.21
N THR A 41 7.82 12.59 -5.82
CA THR A 41 7.76 12.24 -7.27
C THR A 41 6.82 13.21 -7.97
N VAL A 42 7.01 13.42 -9.26
CA VAL A 42 6.21 14.37 -10.09
C VAL A 42 5.73 13.60 -11.33
N ALA A 43 4.42 13.46 -11.48
CA ALA A 43 3.77 12.87 -12.67
C ALA A 43 4.25 13.62 -13.92
N SER A 44 4.50 12.91 -15.02
CA SER A 44 4.76 13.52 -16.35
C SER A 44 3.46 14.10 -16.89
N ASN A 45 3.52 15.30 -17.50
CA ASN A 45 2.33 15.96 -18.09
C ASN A 45 1.58 14.92 -18.94
N GLY A 46 0.27 14.78 -18.72
CA GLY A 46 -0.61 13.89 -19.52
C GLY A 46 -0.77 12.50 -18.92
N TYR A 47 0.08 12.12 -17.96
CA TYR A 47 -0.02 10.82 -17.22
C TYR A 47 -0.82 11.06 -15.93
N ASN A 48 -1.23 9.97 -15.27
CA ASN A 48 -1.94 10.03 -13.97
C ASN A 48 -1.06 10.73 -12.94
N ASP A 49 -1.66 11.60 -12.13
CA ASP A 49 -1.06 12.16 -10.90
C ASP A 49 -1.32 11.17 -9.76
N ALA A 50 -0.40 10.21 -9.53
CA ALA A 50 -0.59 9.09 -8.60
C ALA A 50 0.61 9.00 -7.66
N PRO A 51 0.69 9.89 -6.64
CA PRO A 51 1.79 9.89 -5.70
C PRO A 51 1.75 8.65 -4.80
N HIS A 52 2.92 8.24 -4.32
CA HIS A 52 3.12 7.12 -3.36
C HIS A 52 2.46 7.49 -2.03
N LEU A 53 1.86 6.51 -1.34
CA LEU A 53 1.30 6.71 0.02
C LEU A 53 2.32 7.46 0.88
N THR A 54 3.58 7.05 0.83
CA THR A 54 4.64 7.44 1.79
C THR A 54 5.27 8.78 1.41
N GLU A 55 4.71 9.51 0.44
CA GLU A 55 5.27 10.82 -0.01
C GLU A 55 4.25 11.95 0.23
N ILE A 56 3.13 11.63 0.90
CA ILE A 56 1.96 12.53 1.08
C ILE A 56 1.79 12.84 2.56
N PRO A 57 2.13 14.07 3.01
CA PRO A 57 1.92 14.46 4.40
C PRO A 57 0.44 14.61 4.74
N CYS A 58 0.10 14.17 5.95
CA CYS A 58 -1.28 14.14 6.52
C CYS A 58 -1.33 14.89 7.85
N TYR A 59 -2.52 15.35 8.21
CA TYR A 59 -2.84 15.88 9.56
C TYR A 59 -2.56 14.79 10.59
N SER A 60 -1.76 15.11 11.59
CA SER A 60 -1.68 14.38 12.89
C SER A 60 -2.92 14.75 13.72
N SER A 61 -3.44 13.79 14.48
CA SER A 61 -4.72 13.93 15.23
C SER A 61 -4.77 12.91 16.36
N ALA A 62 -5.29 13.29 17.52
CA ALA A 62 -5.51 12.38 18.67
C ALA A 62 -6.71 12.89 19.48
N ARG A 63 -7.39 11.98 20.16
CA ARG A 63 -8.44 12.29 21.17
C ARG A 63 -7.89 11.90 22.54
N ILE A 64 -7.64 12.88 23.41
CA ILE A 64 -7.18 12.64 24.80
C ILE A 64 -8.42 12.43 25.67
N SER A 65 -8.44 11.38 26.48
CA SER A 65 -9.49 11.08 27.48
C SER A 65 -9.32 12.02 28.68
N LEU A 66 -10.39 12.73 29.05
CA LEU A 66 -10.43 13.64 30.22
C LEU A 66 -11.07 12.91 31.38
N PRO A 67 -10.82 13.33 32.65
CA PRO A 67 -11.52 12.75 33.80
C PRO A 67 -13.05 12.76 33.60
N LEU A 68 -13.71 11.64 33.93
CA LEU A 68 -15.19 11.50 33.70
C LEU A 68 -15.87 12.47 34.66
N LEU A 69 -16.96 13.11 34.30
CA LEU A 69 -17.65 14.23 34.94
C LEU A 69 -19.03 13.53 35.04
N ASN A 70 -19.42 13.30 36.27
CA ASN A 70 -20.50 12.37 36.69
C ASN A 70 -21.72 13.22 36.98
N GLU A 71 -22.87 12.91 36.36
CA GLU A 71 -24.07 13.75 36.53
C GLU A 71 -24.56 13.57 37.99
N ASP A 72 -24.79 14.69 38.62
CA ASP A 72 -25.32 14.83 40.01
C ASP A 72 -26.83 15.04 39.91
N ILE A 73 -27.62 14.06 40.34
CA ILE A 73 -29.11 14.06 40.16
C ILE A 73 -29.74 15.16 41.04
N THR A 74 -29.00 15.76 41.97
CA THR A 74 -29.52 16.88 42.83
C THR A 74 -29.24 18.27 42.19
N SER A 75 -28.11 18.40 41.53
CA SER A 75 -27.76 19.59 40.67
C SER A 75 -28.77 19.66 39.54
N PRO A 76 -29.14 20.86 39.04
CA PRO A 76 -30.00 21.00 37.86
C PRO A 76 -29.33 20.90 36.47
N THR A 77 -28.00 20.88 36.43
CA THR A 77 -27.05 21.23 35.34
C THR A 77 -25.95 20.16 35.25
N LEU A 78 -25.62 19.72 34.05
CA LEU A 78 -24.46 18.84 33.74
C LEU A 78 -23.19 19.68 33.59
N LEU A 79 -22.03 19.07 33.80
CA LEU A 79 -20.68 19.69 33.67
C LEU A 79 -19.94 19.11 32.45
N MET A 80 -19.29 19.99 31.69
CA MET A 80 -18.34 19.62 30.61
C MET A 80 -17.00 20.31 30.88
N TRP A 81 -15.90 19.65 30.56
CA TRP A 81 -14.57 20.28 30.53
C TRP A 81 -14.53 21.35 29.45
N GLU A 82 -13.99 22.51 29.78
CA GLU A 82 -13.86 23.68 28.88
C GLU A 82 -12.37 23.98 28.74
N ALA A 83 -11.83 23.90 27.51
CA ALA A 83 -10.43 24.23 27.21
C ALA A 83 -10.28 25.75 27.23
N VAL A 84 -9.43 26.27 28.11
CA VAL A 84 -9.31 27.74 28.37
C VAL A 84 -8.11 28.30 27.61
N SER A 85 -6.97 27.62 27.72
CA SER A 85 -5.68 28.07 27.16
C SER A 85 -4.86 26.84 26.76
N VAL A 86 -3.89 27.03 25.87
CA VAL A 86 -2.91 25.99 25.47
C VAL A 86 -1.53 26.65 25.33
N LYS A 87 -0.53 26.09 26.01
CA LYS A 87 0.91 26.30 25.70
C LYS A 87 1.28 25.23 24.66
N THR A 88 1.71 25.65 23.46
CA THR A 88 2.09 24.70 22.38
C THR A 88 3.46 25.10 21.84
N GLU A 89 4.24 24.11 21.41
CA GLU A 89 5.63 24.30 20.91
C GLU A 89 5.91 23.28 19.82
N VAL A 90 6.61 23.72 18.76
CA VAL A 90 7.16 22.83 17.72
C VAL A 90 8.50 22.29 18.25
N VAL A 91 8.56 20.99 18.49
CA VAL A 91 9.71 20.32 19.15
C VAL A 91 10.75 19.97 18.09
N GLY A 92 12.03 20.07 18.44
CA GLY A 92 13.17 19.65 17.60
C GLY A 92 13.43 20.62 16.46
N ILE A 93 13.09 21.91 16.62
CA ILE A 93 13.47 22.97 15.65
C ILE A 93 14.99 22.97 15.50
N SER A 94 15.71 22.89 16.62
CA SER A 94 17.20 22.94 16.66
C SER A 94 17.80 21.80 15.83
N SER A 95 17.03 20.74 15.57
CA SER A 95 17.47 19.54 14.80
C SER A 95 17.92 19.96 13.39
N MET A 96 17.42 21.09 12.90
CA MET A 96 17.64 21.58 11.51
C MET A 96 19.00 22.28 11.39
N LEU A 97 19.67 22.65 12.48
CA LEU A 97 21.04 23.24 12.41
C LEU A 97 22.04 22.09 12.22
N ASN A 98 21.99 21.47 11.03
CA ASN A 98 22.76 20.25 10.66
C ASN A 98 23.16 20.39 9.20
N MET A 99 24.45 20.60 8.93
CA MET A 99 24.96 20.80 7.55
C MET A 99 25.91 19.65 7.15
N HIS A 100 25.84 18.50 7.84
CA HIS A 100 26.74 17.35 7.61
C HIS A 100 25.99 16.09 7.18
N SER A 101 24.67 16.01 7.42
CA SER A 101 23.86 14.79 7.20
C SER A 101 23.31 14.74 5.76
N TYR A 102 24.21 14.65 4.79
CA TYR A 102 23.98 14.18 3.39
C TYR A 102 23.25 15.24 2.56
N GLY A 103 23.14 16.47 3.04
CA GLY A 103 22.42 17.54 2.32
C GLY A 103 23.15 17.94 1.05
N LEU A 104 22.42 18.32 -0.01
CA LEU A 104 22.99 18.93 -1.23
C LEU A 104 23.97 20.01 -0.80
N ARG A 105 25.18 20.02 -1.36
CA ARG A 105 26.30 20.84 -0.83
C ARG A 105 26.33 22.20 -1.55
N ALA A 106 26.54 23.26 -0.77
CA ALA A 106 26.56 24.66 -1.24
C ALA A 106 27.92 25.00 -1.86
N PHE A 107 27.98 26.13 -2.57
CA PHE A 107 29.23 26.71 -3.12
C PHE A 107 29.97 25.65 -3.94
N GLY A 108 29.26 25.12 -4.95
CA GLY A 108 29.78 24.19 -5.96
C GLY A 108 30.21 22.85 -5.39
N GLY A 109 29.68 22.45 -4.24
CA GLY A 109 29.92 21.14 -3.62
C GLY A 109 31.02 21.16 -2.56
N TYR A 110 31.67 22.32 -2.33
CA TYR A 110 32.80 22.44 -1.37
C TYR A 110 32.30 22.87 0.01
N GLY A 111 31.10 23.44 0.09
CA GLY A 111 30.47 23.92 1.34
C GLY A 111 29.72 22.81 2.05
N GLY A 112 28.90 23.19 3.04
CA GLY A 112 28.10 22.25 3.84
C GLY A 112 26.79 21.88 3.17
N GLY A 113 26.09 20.89 3.71
CA GLY A 113 24.77 20.44 3.22
C GLY A 113 23.69 21.48 3.45
N TYR A 114 22.70 21.54 2.56
CA TYR A 114 21.48 22.37 2.70
C TYR A 114 20.71 21.93 3.94
N THR A 115 20.40 22.88 4.82
CA THR A 115 19.40 22.70 5.90
C THR A 115 18.03 22.60 5.26
N ILE A 116 17.07 22.01 5.99
CA ILE A 116 15.64 21.92 5.57
C ILE A 116 15.23 23.29 5.03
N GLU A 117 14.65 23.32 3.84
CA GLU A 117 14.15 24.56 3.19
C GLU A 117 12.98 24.23 2.27
N GLY A 118 12.34 25.26 1.73
CA GLY A 118 11.21 25.14 0.79
C GLY A 118 9.88 25.39 1.45
N SER A 119 8.80 25.11 0.73
CA SER A 119 7.40 25.33 1.17
C SER A 119 7.16 24.57 2.48
N HIS A 120 6.45 25.19 3.41
CA HIS A 120 6.20 24.66 4.77
C HIS A 120 4.84 25.14 5.26
N ILE A 121 4.21 24.34 6.12
CA ILE A 121 2.93 24.70 6.80
C ILE A 121 3.10 24.35 8.28
N HIS A 122 2.59 25.21 9.16
CA HIS A 122 2.54 24.98 10.62
C HIS A 122 1.13 25.28 11.11
N PHE A 123 0.52 24.31 11.76
CA PHE A 123 -0.92 24.35 12.10
C PHE A 123 -1.21 23.50 13.33
N PHE A 124 -2.11 24.00 14.18
CA PHE A 124 -2.61 23.24 15.36
C PHE A 124 -4.06 23.67 15.59
N SER A 125 -4.83 22.76 16.18
CA SER A 125 -6.24 22.98 16.60
C SER A 125 -6.47 22.27 17.94
N VAL A 126 -7.26 22.91 18.80
CA VAL A 126 -7.80 22.33 20.06
C VAL A 126 -9.32 22.45 19.96
N GLY A 127 -10.03 21.38 20.29
CA GLY A 127 -11.50 21.30 20.14
C GLY A 127 -12.13 20.30 21.07
N GLY A 128 -13.45 20.41 21.24
CA GLY A 128 -14.28 19.51 22.04
C GLY A 128 -14.90 18.40 21.18
N GLU A 129 -14.52 18.36 19.91
CA GLU A 129 -14.97 17.34 18.92
C GLU A 129 -13.96 17.31 17.78
N PRO A 130 -14.02 16.30 16.89
CA PRO A 130 -13.17 16.28 15.71
C PRO A 130 -13.24 17.58 14.92
N LEU A 131 -12.10 18.03 14.39
CA LEU A 131 -11.97 19.22 13.51
C LEU A 131 -12.76 18.98 12.23
N ASP A 132 -13.58 19.95 11.83
CA ASP A 132 -14.37 19.89 10.56
C ASP A 132 -13.44 20.29 9.41
N LEU A 133 -13.37 19.45 8.37
CA LEU A 133 -12.52 19.65 7.17
C LEU A 133 -13.40 20.00 5.97
N GLN A 134 -12.90 20.92 5.14
CA GLN A 134 -13.45 21.26 3.80
C GLN A 134 -12.49 20.72 2.75
N GLY A 135 -13.03 20.07 1.71
CA GLY A 135 -12.23 19.57 0.57
C GLY A 135 -11.84 20.71 -0.35
N LEU A 136 -10.53 20.89 -0.55
CA LEU A 136 -9.98 21.76 -1.62
C LEU A 136 -8.55 21.30 -1.94
N MET A 137 -8.29 21.05 -3.22
CA MET A 137 -7.03 20.43 -3.73
C MET A 137 -6.58 21.19 -4.98
N GLN A 138 -5.28 21.10 -5.32
CA GLN A 138 -4.67 21.79 -6.48
C GLN A 138 -5.07 21.07 -7.79
N ASN A 139 -5.13 19.74 -7.75
CA ASN A 139 -5.47 18.89 -8.93
C ASN A 139 -6.58 17.90 -8.53
N HIS A 140 -7.79 18.10 -9.05
CA HIS A 140 -8.99 17.29 -8.71
C HIS A 140 -8.74 15.82 -9.03
N SER A 141 -7.85 15.53 -9.99
CA SER A 141 -7.62 14.18 -10.55
C SER A 141 -6.55 13.41 -9.75
N THR A 142 -5.93 14.04 -8.75
CA THR A 142 -4.92 13.35 -7.91
C THR A 142 -5.51 12.02 -7.41
N GLN A 143 -4.75 10.93 -7.53
CA GLN A 143 -5.13 9.57 -7.05
C GLN A 143 -4.42 9.31 -5.71
N TYR A 144 -5.17 9.35 -4.61
CA TYR A 144 -4.64 9.05 -3.26
C TYR A 144 -4.76 7.54 -3.00
N PRO A 145 -3.64 6.84 -2.76
CA PRO A 145 -3.70 5.42 -2.41
C PRO A 145 -4.43 5.20 -1.07
N SER A 146 -5.20 4.12 -0.98
CA SER A 146 -5.75 3.58 0.30
C SER A 146 -4.59 3.33 1.25
N PRO A 147 -4.72 3.58 2.58
CA PRO A 147 -5.97 3.98 3.22
C PRO A 147 -6.23 5.49 3.39
N LEU A 148 -5.51 6.35 2.65
CA LEU A 148 -5.73 7.82 2.69
C LEU A 148 -7.16 8.10 2.24
N VAL A 149 -7.70 9.25 2.64
CA VAL A 149 -9.07 9.69 2.29
C VAL A 149 -8.97 11.07 1.65
N GLY A 150 -9.43 11.20 0.41
CA GLY A 150 -9.48 12.47 -0.32
C GLY A 150 -10.92 12.91 -0.55
N PRO A 151 -11.16 14.16 -1.01
CA PRO A 151 -12.51 14.64 -1.27
C PRO A 151 -13.16 13.81 -2.38
N LYS A 152 -14.25 13.12 -2.06
CA LYS A 152 -15.08 12.35 -3.03
C LYS A 152 -16.52 12.87 -2.90
N LYS A 153 -17.24 12.97 -4.01
CA LYS A 153 -18.72 13.13 -4.00
C LYS A 153 -19.34 11.85 -3.44
N PRO A 154 -20.66 11.80 -3.15
CA PRO A 154 -21.29 10.56 -2.70
C PRO A 154 -21.14 9.42 -3.71
N ASP A 155 -21.10 9.74 -5.02
CA ASP A 155 -21.05 8.74 -6.11
C ASP A 155 -19.61 8.19 -6.27
N GLY A 156 -18.62 8.73 -5.55
CA GLY A 156 -17.23 8.22 -5.55
C GLY A 156 -16.30 9.05 -6.42
N THR A 157 -16.86 9.92 -7.31
CA THR A 157 -16.08 10.76 -8.25
C THR A 157 -15.49 11.98 -7.49
N THR A 158 -14.63 12.75 -8.16
CA THR A 158 -14.09 14.04 -7.71
C THR A 158 -13.97 14.96 -8.92
N ASP A 159 -14.81 16.01 -9.03
CA ASP A 159 -14.85 16.86 -10.24
C ASP A 159 -13.96 18.10 -10.06
N ASP A 160 -13.93 18.97 -11.06
CA ASP A 160 -13.09 20.21 -11.10
C ASP A 160 -13.41 21.13 -9.93
N SER A 161 -14.62 21.07 -9.39
CA SER A 161 -15.12 21.98 -8.32
C SER A 161 -14.29 21.78 -7.03
N ALA A 162 -13.63 20.63 -6.87
CA ALA A 162 -12.78 20.32 -5.70
C ALA A 162 -11.52 21.22 -5.68
N GLN A 163 -11.28 22.01 -6.73
CA GLN A 163 -10.13 22.96 -6.81
C GLN A 163 -10.56 24.33 -6.30
N VAL A 164 -11.84 24.50 -6.03
CA VAL A 164 -12.41 25.70 -5.35
C VAL A 164 -13.31 25.20 -4.21
N LEU A 165 -14.24 26.02 -3.72
CA LEU A 165 -15.15 25.61 -2.62
C LEU A 165 -16.42 25.01 -3.23
N ASN A 166 -16.61 23.72 -2.99
CA ASN A 166 -17.89 23.00 -3.18
C ASN A 166 -18.26 22.35 -1.84
N PRO A 167 -19.35 22.80 -1.19
CA PRO A 167 -19.79 22.23 0.09
C PRO A 167 -19.98 20.71 0.11
N ILE A 168 -20.11 20.07 -1.06
CA ILE A 168 -20.33 18.60 -1.15
C ILE A 168 -19.12 17.87 -0.55
N TYR A 169 -17.93 18.49 -0.56
CA TYR A 169 -16.64 17.87 -0.11
C TYR A 169 -16.34 18.28 1.33
N LYS A 170 -16.78 17.48 2.30
CA LYS A 170 -16.51 17.70 3.75
C LYS A 170 -16.09 16.37 4.38
N ALA A 171 -15.43 16.46 5.52
CA ALA A 171 -14.99 15.30 6.33
C ALA A 171 -14.73 15.77 7.76
N LYS A 172 -14.64 14.82 8.69
CA LYS A 172 -14.23 15.07 10.09
C LYS A 172 -12.84 14.44 10.22
N LEU A 173 -11.90 15.17 10.83
CA LEU A 173 -10.51 14.70 11.08
C LEU A 173 -10.57 13.69 12.22
N ASP A 174 -11.00 12.47 11.91
CA ASP A 174 -11.35 11.42 12.92
C ASP A 174 -10.28 10.33 12.98
N LYS A 175 -9.23 10.41 12.16
CA LYS A 175 -8.17 9.36 12.10
C LYS A 175 -6.82 10.06 11.87
N ASP A 176 -5.80 9.68 12.65
CA ASP A 176 -4.39 10.13 12.48
C ASP A 176 -3.88 9.64 11.12
N ALA A 177 -2.98 10.39 10.49
CA ALA A 177 -2.13 9.95 9.35
C ALA A 177 -2.98 9.52 8.16
N THR A 178 -4.21 10.04 8.03
CA THR A 178 -5.23 9.55 7.08
C THR A 178 -5.66 10.63 6.09
N TYR A 179 -5.79 11.88 6.57
CA TYR A 179 -6.33 13.01 5.77
C TYR A 179 -5.16 13.83 5.26
N PRO A 180 -4.88 13.83 3.93
CA PRO A 180 -3.77 14.60 3.39
C PRO A 180 -3.98 16.10 3.57
N ILE A 181 -2.91 16.80 3.95
CA ILE A 181 -2.90 18.28 4.16
C ILE A 181 -3.30 18.96 2.84
N GLU A 182 -2.95 18.34 1.71
CA GLU A 182 -2.98 19.01 0.38
C GLU A 182 -4.39 19.03 -0.23
N CYS A 183 -5.35 18.30 0.34
CA CYS A 183 -6.75 18.24 -0.19
C CYS A 183 -7.80 18.58 0.89
N TRP A 184 -7.39 18.79 2.15
CA TRP A 184 -8.29 19.18 3.26
C TRP A 184 -7.75 20.40 4.00
N CYS A 185 -8.58 21.41 4.20
CA CYS A 185 -8.29 22.56 5.10
C CYS A 185 -9.37 22.62 6.18
N PRO A 186 -9.10 23.31 7.31
CA PRO A 186 -10.13 23.58 8.30
C PRO A 186 -11.31 24.29 7.65
N ASP A 187 -12.52 23.80 7.93
CA ASP A 187 -13.82 24.29 7.39
C ASP A 187 -14.27 25.50 8.23
N PRO A 188 -14.20 26.73 7.69
CA PRO A 188 -14.53 27.92 8.47
C PRO A 188 -16.05 28.11 8.65
N SER A 189 -16.86 27.32 7.94
CA SER A 189 -18.34 27.34 8.00
C SER A 189 -18.82 26.49 9.20
N ARG A 190 -17.90 25.77 9.85
CA ARG A 190 -18.19 24.92 11.03
C ARG A 190 -17.13 25.18 12.11
N ASN A 191 -16.69 24.14 12.82
CA ASN A 191 -15.64 24.25 13.86
C ASN A 191 -16.03 25.32 14.92
N GLU A 192 -17.34 25.44 15.25
CA GLU A 192 -17.80 26.37 16.33
C GLU A 192 -17.13 25.96 17.65
N ASN A 193 -16.90 24.65 17.85
CA ASN A 193 -16.40 24.05 19.11
C ASN A 193 -14.93 23.65 18.99
N SER A 194 -14.20 24.24 18.03
CA SER A 194 -12.73 24.05 17.85
C SER A 194 -12.10 25.43 17.64
N ARG A 195 -10.86 25.59 18.07
CA ARG A 195 -10.02 26.78 17.74
C ARG A 195 -8.83 26.28 16.91
N TYR A 196 -8.65 26.82 15.71
CA TYR A 196 -7.53 26.40 14.82
C TYR A 196 -6.72 27.62 14.39
N PHE A 197 -5.43 27.37 14.15
CA PHE A 197 -4.37 28.37 13.84
C PHE A 197 -3.39 27.75 12.86
N GLY A 198 -3.19 28.38 11.70
CA GLY A 198 -2.30 27.86 10.65
C GLY A 198 -1.60 29.00 9.91
N SER A 199 -0.38 28.73 9.47
CA SER A 199 0.39 29.61 8.56
C SER A 199 1.14 28.75 7.53
N TYR A 200 0.90 29.02 6.24
CA TYR A 200 1.61 28.38 5.10
C TYR A 200 2.53 29.41 4.45
N THR A 201 3.72 28.96 4.06
CA THR A 201 4.70 29.74 3.24
C THR A 201 5.13 28.88 2.05
N GLY A 202 5.04 29.42 0.82
CA GLY A 202 5.44 28.73 -0.41
C GLY A 202 6.92 28.93 -0.72
N GLY A 203 7.30 28.75 -1.98
CA GLY A 203 8.66 28.98 -2.49
C GLY A 203 9.45 27.70 -2.64
N VAL A 204 10.57 27.75 -3.36
CA VAL A 204 11.39 26.57 -3.72
C VAL A 204 12.45 26.34 -2.65
N GLU A 205 13.14 27.41 -2.22
CA GLU A 205 14.29 27.34 -1.28
C GLU A 205 14.02 28.21 -0.05
N THR A 206 12.75 28.53 0.23
CA THR A 206 12.32 29.44 1.32
C THR A 206 12.85 28.94 2.66
N PRO A 207 13.53 29.80 3.45
CA PRO A 207 14.06 29.38 4.76
C PRO A 207 12.92 29.30 5.77
N PRO A 208 12.82 28.20 6.53
CA PRO A 208 11.91 28.14 7.67
C PRO A 208 12.36 29.10 8.77
N VAL A 209 11.40 29.79 9.38
CA VAL A 209 11.60 30.67 10.57
C VAL A 209 10.67 30.17 11.65
N LEU A 210 11.22 29.58 12.71
CA LEU A 210 10.44 29.01 13.84
C LEU A 210 11.02 29.49 15.15
N SER A 211 10.16 29.87 16.10
CA SER A 211 10.54 30.29 17.47
C SER A 211 10.10 29.24 18.49
N PHE A 212 10.77 29.18 19.62
CA PHE A 212 10.42 28.24 20.72
C PHE A 212 10.71 28.92 22.07
N THR A 213 9.72 28.89 22.95
CA THR A 213 9.76 29.44 24.33
C THR A 213 8.69 28.76 25.18
N ASN A 214 8.94 28.61 26.48
CA ASN A 214 7.94 28.07 27.44
C ASN A 214 7.22 29.23 28.13
N THR A 215 7.24 30.43 27.54
CA THR A 215 6.60 31.66 28.10
C THR A 215 5.37 32.06 27.29
N SER A 216 5.11 31.45 26.12
CA SER A 216 3.94 31.78 25.25
C SER A 216 2.72 31.02 25.77
N THR A 217 1.53 31.61 25.59
CA THR A 217 0.20 30.98 25.86
C THR A 217 -0.79 31.45 24.80
N THR A 218 -1.61 30.55 24.27
CA THR A 218 -2.73 30.88 23.35
C THR A 218 -4.04 30.72 24.10
N ILE A 219 -4.81 31.81 24.23
CA ILE A 219 -6.17 31.80 24.84
C ILE A 219 -7.13 31.17 23.84
N LEU A 220 -8.03 30.28 24.32
CA LEU A 220 -8.97 29.52 23.46
C LEU A 220 -10.41 30.00 23.65
N LEU A 221 -10.63 30.96 24.56
CA LEU A 221 -11.98 31.54 24.81
C LEU A 221 -12.41 32.34 23.57
N ASP A 222 -13.69 32.29 23.22
CA ASP A 222 -14.26 32.98 22.02
C ASP A 222 -14.67 34.41 22.39
N GLU A 223 -15.32 35.11 21.45
CA GLU A 223 -15.89 36.48 21.60
C GLU A 223 -16.68 36.58 22.92
N ASN A 224 -17.32 35.50 23.38
CA ASN A 224 -18.20 35.48 24.57
C ASN A 224 -17.55 34.74 25.75
N GLY A 225 -16.23 34.63 25.79
CA GLY A 225 -15.49 34.06 26.95
C GLY A 225 -15.76 32.58 27.17
N VAL A 226 -16.22 31.87 26.14
CA VAL A 226 -16.47 30.40 26.17
C VAL A 226 -15.38 29.69 25.36
N GLY A 227 -14.73 28.69 25.94
CA GLY A 227 -13.73 27.83 25.28
C GLY A 227 -14.39 26.60 24.64
N PRO A 228 -13.61 25.77 23.90
CA PRO A 228 -14.11 24.49 23.43
C PRO A 228 -14.63 23.66 24.60
N LEU A 229 -15.85 23.14 24.45
CA LEU A 229 -16.52 22.24 25.42
C LEU A 229 -16.34 20.79 24.95
N CYS A 230 -15.62 19.99 25.75
CA CYS A 230 -15.19 18.62 25.40
C CYS A 230 -16.34 17.63 25.53
N LYS A 231 -17.00 17.33 24.41
CA LYS A 231 -18.11 16.34 24.30
C LYS A 231 -17.52 14.94 24.58
N GLY A 232 -18.33 14.08 25.21
CA GLY A 232 -17.93 12.72 25.61
C GLY A 232 -16.64 12.69 26.40
N ASP A 233 -16.34 13.76 27.14
CA ASP A 233 -15.14 13.86 28.03
C ASP A 233 -13.89 13.58 27.20
N GLY A 234 -13.86 14.12 25.98
CA GLY A 234 -12.73 13.97 25.04
C GLY A 234 -12.22 15.34 24.56
N LEU A 235 -10.90 15.55 24.65
CA LEU A 235 -10.21 16.74 24.10
C LEU A 235 -9.53 16.33 22.78
N TYR A 236 -9.81 17.07 21.70
CA TYR A 236 -9.41 16.73 20.32
C TYR A 236 -8.26 17.65 19.88
N LEU A 237 -7.04 17.09 19.80
CA LEU A 237 -5.83 17.78 19.32
C LEU A 237 -5.57 17.42 17.84
N SER A 238 -5.14 18.41 17.06
CA SER A 238 -4.72 18.24 15.64
C SER A 238 -3.47 19.08 15.37
N SER A 239 -2.63 18.62 14.45
CA SER A 239 -1.28 19.16 14.17
C SER A 239 -0.98 18.94 12.69
N ALA A 240 -0.25 19.88 12.08
CA ALA A 240 0.36 19.73 10.75
C ALA A 240 1.62 20.60 10.71
N ASP A 241 2.78 20.00 10.95
CA ASP A 241 4.06 20.76 11.04
C ASP A 241 5.07 20.19 10.06
N VAL A 242 4.93 20.59 8.80
CA VAL A 242 5.87 20.24 7.70
C VAL A 242 6.83 21.42 7.57
N ALA A 243 8.04 21.30 8.15
CA ALA A 243 9.03 22.38 8.30
C ALA A 243 9.58 22.79 6.93
N GLY A 244 9.52 21.88 5.97
CA GLY A 244 10.02 22.06 4.59
C GLY A 244 10.47 20.74 4.00
N THR A 245 11.47 20.78 3.12
CA THR A 245 12.03 19.58 2.44
C THR A 245 13.51 19.44 2.78
N PHE A 246 13.97 18.20 2.90
CA PHE A 246 15.40 17.82 2.87
C PHE A 246 15.79 17.59 1.40
N VAL A 247 16.84 18.28 0.94
CA VAL A 247 17.42 18.13 -0.43
C VAL A 247 18.71 17.31 -0.30
N GLN A 248 18.73 16.11 -0.89
CA GLN A 248 19.86 15.16 -0.74
C GLN A 248 20.92 15.41 -1.82
N GLN A 249 22.20 15.43 -1.43
CA GLN A 249 23.34 15.52 -2.37
C GLN A 249 23.25 14.38 -3.40
N THR A 250 23.78 14.59 -4.60
CA THR A 250 23.98 13.55 -5.64
C THR A 250 22.62 13.22 -6.28
N SER A 251 21.68 12.63 -5.54
CA SER A 251 20.32 12.29 -6.07
C SER A 251 19.58 13.58 -6.43
N GLN A 252 19.78 14.64 -5.64
CA GLN A 252 19.06 15.94 -5.75
C GLN A 252 17.55 15.67 -5.63
N LYS A 253 17.18 14.64 -4.90
CA LYS A 253 15.76 14.31 -4.56
C LYS A 253 15.37 15.08 -3.30
N GLN A 254 14.09 15.38 -3.17
CA GLN A 254 13.51 16.12 -2.03
C GLN A 254 12.63 15.18 -1.20
N TYR A 255 12.69 15.33 0.12
CA TYR A 255 11.87 14.58 1.11
C TYR A 255 11.21 15.59 2.04
N TRP A 256 9.89 15.50 2.22
CA TRP A 256 9.15 16.27 3.25
C TRP A 256 9.74 15.95 4.63
N ARG A 257 9.97 16.98 5.44
CA ARG A 257 10.45 16.86 6.84
C ARG A 257 9.37 17.40 7.79
N GLY A 258 8.90 16.57 8.72
CA GLY A 258 7.89 16.93 9.72
C GLY A 258 8.49 17.08 11.10
N LEU A 259 7.84 17.85 11.97
CA LEU A 259 8.26 17.99 13.38
C LEU A 259 7.08 17.73 14.31
N PRO A 260 7.35 17.24 15.53
CA PRO A 260 6.29 16.97 16.50
C PRO A 260 5.85 18.29 17.17
N ARG A 261 4.59 18.34 17.61
CA ARG A 261 4.02 19.49 18.35
C ARG A 261 3.65 19.04 19.76
N TYR A 262 4.10 19.81 20.77
CA TYR A 262 3.75 19.63 22.19
C TYR A 262 2.53 20.48 22.51
N PHE A 263 1.59 19.91 23.28
CA PHE A 263 0.40 20.63 23.80
C PHE A 263 0.38 20.58 25.33
N ASN A 264 -0.02 21.68 25.96
CA ASN A 264 -0.33 21.74 27.41
C ASN A 264 -1.62 22.53 27.57
N ILE A 265 -2.76 21.85 27.65
CA ILE A 265 -4.11 22.49 27.69
C ILE A 265 -4.54 22.63 29.15
N THR A 266 -4.99 23.82 29.53
CA THR A 266 -5.64 24.10 30.84
C THR A 266 -7.15 24.06 30.59
N LEU A 267 -7.87 23.19 31.32
CA LEU A 267 -9.35 23.10 31.23
C LEU A 267 -9.95 23.40 32.61
N ARG A 268 -11.22 23.79 32.60
CA ARG A 268 -12.02 24.09 33.83
C ARG A 268 -13.42 23.54 33.60
N LYS A 269 -14.14 23.22 34.68
CA LYS A 269 -15.54 22.72 34.62
C LYS A 269 -16.46 23.87 34.28
N ARG A 270 -17.35 23.66 33.30
CA ARG A 270 -18.40 24.61 32.89
C ARG A 270 -19.75 23.87 32.93
N ALA A 271 -20.78 24.55 33.45
CA ALA A 271 -22.14 24.02 33.57
C ALA A 271 -22.92 24.29 32.27
N VAL A 272 -23.84 23.39 31.92
CA VAL A 272 -24.63 23.43 30.66
C VAL A 272 -26.04 22.90 30.92
N LYS A 273 -27.04 23.38 30.16
CA LYS A 273 -28.49 23.23 30.47
C LYS A 273 -28.96 21.82 30.06
N ILE B 7 8.58 22.99 45.21
CA ILE B 7 8.66 24.00 46.30
C ILE B 7 7.28 24.65 46.46
N GLU B 8 6.69 24.67 47.67
CA GLU B 8 5.53 25.55 48.02
C GLU B 8 6.06 26.98 48.24
N VAL B 9 5.65 27.91 47.37
CA VAL B 9 6.20 29.31 47.32
C VAL B 9 5.41 30.18 48.28
N LEU B 10 6.08 31.03 49.07
CA LEU B 10 5.42 31.92 50.07
C LEU B 10 5.66 33.39 49.70
N ASP B 11 5.80 34.25 50.70
CA ASP B 11 5.90 35.73 50.56
C ASP B 11 7.26 36.09 49.96
N VAL B 12 7.34 37.23 49.29
CA VAL B 12 8.61 37.83 48.77
C VAL B 12 9.23 38.67 49.91
N LYS B 13 10.37 38.26 50.46
CA LYS B 13 11.10 39.09 51.45
C LYS B 13 11.53 40.39 50.76
N THR B 14 11.10 41.54 51.29
CA THR B 14 11.57 42.90 50.90
C THR B 14 12.37 43.48 52.06
N GLY B 15 13.08 44.59 51.81
CA GLY B 15 14.00 45.21 52.79
C GLY B 15 15.39 45.35 52.21
N PRO B 16 16.37 45.88 52.96
CA PRO B 16 17.75 45.99 52.48
C PRO B 16 18.38 44.60 52.28
N ASP B 17 19.29 44.49 51.33
CA ASP B 17 20.04 43.25 50.98
C ASP B 17 19.05 42.13 50.62
N SER B 18 17.90 42.46 50.03
CA SER B 18 16.84 41.47 49.64
C SER B 18 16.82 41.26 48.12
N THR B 19 17.46 42.16 47.35
CA THR B 19 17.70 41.99 45.90
C THR B 19 19.19 41.96 45.62
N THR B 20 19.59 41.37 44.50
CA THR B 20 20.98 41.35 43.97
C THR B 20 20.92 41.20 42.45
N THR B 21 21.99 41.64 41.77
CA THR B 21 22.16 41.45 40.31
C THR B 21 23.37 40.52 40.08
N ILE B 22 23.32 39.78 38.98
CA ILE B 22 24.41 38.89 38.49
C ILE B 22 24.72 39.28 37.05
N GLU B 23 25.96 39.71 36.79
CA GLU B 23 26.53 39.85 35.42
C GLU B 23 27.27 38.57 35.08
N ALA B 24 27.07 38.05 33.87
CA ALA B 24 27.78 36.88 33.33
C ALA B 24 27.78 36.98 31.80
N TYR B 25 28.74 36.32 31.16
CA TYR B 25 28.75 36.10 29.69
C TYR B 25 29.00 34.62 29.45
N LEU B 26 28.36 34.06 28.43
CA LEU B 26 28.69 32.72 27.87
C LEU B 26 29.34 32.93 26.50
N ASN B 27 30.58 32.46 26.35
CA ASN B 27 31.26 32.41 25.03
C ASN B 27 30.70 31.22 24.26
N PRO B 28 30.65 31.33 22.92
CA PRO B 28 30.03 30.30 22.09
C PRO B 28 30.90 29.03 22.05
N ARG B 29 30.26 27.87 21.88
CA ARG B 29 30.95 26.56 21.77
C ARG B 29 30.52 25.92 20.45
N VAL B 30 31.09 26.42 19.34
CA VAL B 30 30.72 26.00 17.96
C VAL B 30 31.66 24.88 17.48
N GLY B 31 32.45 24.30 18.39
CA GLY B 31 33.37 23.16 18.08
C GLY B 31 34.80 23.48 18.46
N GLN B 32 35.18 24.76 18.44
CA GLN B 32 36.43 25.28 19.06
C GLN B 32 36.03 26.48 19.92
N ASN B 33 37.01 27.15 20.54
CA ASN B 33 36.73 28.11 21.64
C ASN B 33 36.83 29.56 21.15
N TRP B 34 37.14 29.80 19.87
CA TRP B 34 37.46 31.16 19.39
C TRP B 34 36.46 31.60 18.30
N GLY B 35 35.23 31.07 18.37
CA GLY B 35 34.07 31.62 17.66
C GLY B 35 33.85 30.99 16.28
N PHE B 36 34.75 30.11 15.86
CA PHE B 36 34.62 29.36 14.58
C PHE B 36 34.82 27.87 14.80
N SER B 37 34.00 27.08 14.12
CA SER B 37 34.17 25.61 13.94
C SER B 37 35.33 25.38 12.96
N THR B 38 35.79 24.13 12.87
CA THR B 38 36.60 23.63 11.74
C THR B 38 35.65 23.46 10.55
N GLU B 39 36.19 23.24 9.35
CA GLU B 39 35.39 23.18 8.11
C GLU B 39 34.22 22.19 8.30
N ILE B 40 33.03 22.57 7.84
CA ILE B 40 31.84 21.69 7.83
C ILE B 40 32.10 20.62 6.76
N THR B 41 31.93 19.35 7.13
CA THR B 41 32.10 18.19 6.22
C THR B 41 30.74 17.54 6.01
N VAL B 42 30.55 16.86 4.89
CA VAL B 42 29.30 16.15 4.53
C VAL B 42 29.66 14.71 4.15
N ALA B 43 29.16 13.74 4.90
CA ALA B 43 29.30 12.30 4.61
C ALA B 43 28.81 12.03 3.19
N SER B 44 29.50 11.16 2.45
CA SER B 44 29.02 10.66 1.13
C SER B 44 27.85 9.70 1.35
N ASN B 45 26.83 9.79 0.50
CA ASN B 45 25.65 8.89 0.56
C ASN B 45 26.14 7.46 0.73
N GLY B 46 25.60 6.74 1.73
CA GLY B 46 25.87 5.32 1.96
C GLY B 46 27.00 5.08 2.95
N TYR B 47 27.81 6.09 3.26
CA TYR B 47 28.90 6.02 4.25
C TYR B 47 28.37 6.51 5.61
N ASN B 48 29.11 6.27 6.68
CA ASN B 48 28.78 6.75 8.05
C ASN B 48 28.68 8.28 8.03
N ASP B 49 27.67 8.81 8.71
CA ASP B 49 27.55 10.25 9.07
C ASP B 49 28.35 10.49 10.35
N ALA B 50 29.63 10.83 10.24
CA ALA B 50 30.59 10.91 11.36
C ALA B 50 31.31 12.26 11.32
N PRO B 51 30.65 13.34 11.74
CA PRO B 51 31.27 14.67 11.73
C PRO B 51 32.37 14.76 12.79
N HIS B 52 33.36 15.62 12.54
CA HIS B 52 34.49 15.94 13.45
C HIS B 52 33.95 16.60 14.72
N LEU B 53 34.54 16.31 15.88
CA LEU B 53 34.19 16.97 17.16
C LEU B 53 34.13 18.49 16.92
N THR B 54 35.11 19.05 16.22
CA THR B 54 35.36 20.51 16.15
C THR B 54 34.49 21.18 15.08
N GLU B 55 33.51 20.48 14.51
CA GLU B 55 32.62 21.05 13.46
C GLU B 55 31.16 21.03 13.93
N ILE B 56 30.93 20.67 15.20
CA ILE B 56 29.58 20.45 15.78
C ILE B 56 29.33 21.48 16.87
N PRO B 57 28.47 22.50 16.63
CA PRO B 57 28.12 23.47 17.65
C PRO B 57 27.26 22.85 18.77
N CYS B 58 27.56 23.29 19.99
CA CYS B 58 26.94 22.82 21.26
C CYS B 58 26.36 24.00 22.04
N TYR B 59 25.40 23.71 22.91
CA TYR B 59 24.88 24.65 23.93
C TYR B 59 26.04 25.07 24.83
N SER B 60 26.23 26.39 24.97
CA SER B 60 27.00 27.01 26.08
C SER B 60 26.13 26.97 27.34
N SER B 61 26.75 26.77 28.50
CA SER B 61 26.05 26.57 29.79
C SER B 61 27.01 26.90 30.93
N ALA B 62 26.52 27.55 31.98
CA ALA B 62 27.28 27.84 33.21
C ALA B 62 26.31 27.86 34.40
N ARG B 63 26.83 27.52 35.58
CA ARG B 63 26.12 27.67 36.88
C ARG B 63 26.84 28.79 37.65
N ILE B 64 26.16 29.92 37.86
CA ILE B 64 26.71 31.04 38.68
C ILE B 64 26.34 30.78 40.13
N SER B 65 27.33 30.87 41.03
CA SER B 65 27.15 30.77 42.51
C SER B 65 26.52 32.06 43.04
N LEU B 66 25.40 31.95 43.75
CA LEU B 66 24.68 33.09 44.37
C LEU B 66 25.08 33.18 45.84
N PRO B 67 24.96 34.37 46.48
CA PRO B 67 25.20 34.48 47.92
C PRO B 67 24.42 33.42 48.72
N LEU B 68 25.07 32.79 49.71
CA LEU B 68 24.43 31.75 50.56
C LEU B 68 23.31 32.42 51.37
N LEU B 69 22.17 31.74 51.55
CA LEU B 69 20.98 32.38 52.18
C LEU B 69 20.72 31.87 53.60
N ASN B 70 20.72 30.55 53.83
CA ASN B 70 20.22 29.96 55.09
C ASN B 70 21.45 29.64 55.95
N LEU B 78 15.23 28.42 54.30
CA LEU B 78 13.80 28.67 54.02
C LEU B 78 13.65 29.80 52.96
N LEU B 79 14.77 30.42 52.56
CA LEU B 79 14.83 31.45 51.50
C LEU B 79 15.57 30.89 50.28
N MET B 80 15.05 31.17 49.08
CA MET B 80 15.72 30.90 47.79
C MET B 80 15.79 32.19 46.99
N TRP B 81 16.87 32.41 46.24
CA TRP B 81 16.94 33.48 45.23
C TRP B 81 15.94 33.19 44.12
N GLU B 82 15.20 34.22 43.71
CA GLU B 82 14.19 34.16 42.64
C GLU B 82 14.63 35.11 41.52
N ALA B 83 14.87 34.57 40.32
CA ALA B 83 15.23 35.36 39.12
C ALA B 83 13.98 36.07 38.62
N VAL B 84 14.00 37.40 38.58
CA VAL B 84 12.80 38.24 38.29
C VAL B 84 12.85 38.70 36.83
N SER B 85 14.00 39.20 36.39
CA SER B 85 14.20 39.80 35.05
C SER B 85 15.63 39.55 34.59
N VAL B 86 15.85 39.60 33.27
CA VAL B 86 17.21 39.51 32.65
C VAL B 86 17.29 40.51 31.50
N LYS B 87 18.31 41.36 31.52
CA LYS B 87 18.81 42.12 30.34
C LYS B 87 19.83 41.20 29.67
N THR B 88 19.61 40.81 28.40
CA THR B 88 20.57 39.96 27.64
C THR B 88 20.87 40.60 26.29
N GLU B 89 22.09 40.39 25.79
CA GLU B 89 22.55 40.94 24.49
C GLU B 89 23.50 39.95 23.81
N VAL B 90 23.38 39.82 22.50
CA VAL B 90 24.36 39.09 21.65
C VAL B 90 25.51 40.06 21.37
N VAL B 91 26.70 39.73 21.89
CA VAL B 91 27.89 40.63 21.85
C VAL B 91 28.62 40.40 20.53
N GLY B 92 29.18 41.47 19.97
CA GLY B 92 30.03 41.42 18.76
C GLY B 92 29.25 41.20 17.48
N ILE B 93 27.98 41.61 17.44
CA ILE B 93 27.17 41.60 16.20
C ILE B 93 27.91 42.44 15.15
N SER B 94 28.41 43.61 15.54
CA SER B 94 29.09 44.58 14.64
C SER B 94 30.31 43.91 13.98
N SER B 95 30.84 42.83 14.57
CA SER B 95 32.04 42.11 14.07
C SER B 95 31.79 41.59 12.65
N MET B 96 30.52 41.41 12.27
CA MET B 96 30.11 40.81 10.98
C MET B 96 30.18 41.83 9.83
N LEU B 97 30.26 43.14 10.12
CA LEU B 97 30.38 44.17 9.05
C LEU B 97 31.83 44.20 8.55
N ASN B 98 32.28 43.10 7.93
CA ASN B 98 33.69 42.83 7.54
C ASN B 98 33.68 42.12 6.19
N MET B 99 34.11 42.81 5.13
CA MET B 99 34.11 42.27 3.75
C MET B 99 35.55 42.14 3.22
N HIS B 100 36.54 42.10 4.11
CA HIS B 100 37.98 42.05 3.73
C HIS B 100 38.68 40.78 4.27
N SER B 101 38.11 40.10 5.27
CA SER B 101 38.77 38.99 5.99
C SER B 101 38.47 37.64 5.31
N TYR B 102 38.94 37.49 4.07
CA TYR B 102 39.13 36.21 3.35
C TYR B 102 37.80 35.60 2.87
N GLY B 103 36.71 36.35 2.93
CA GLY B 103 35.39 35.83 2.53
C GLY B 103 35.32 35.57 1.04
N LEU B 104 34.57 34.54 0.62
CA LEU B 104 34.24 34.31 -0.82
C LEU B 104 33.81 35.63 -1.44
N ARG B 105 34.37 35.98 -2.59
CA ARG B 105 34.24 37.36 -3.16
C ARG B 105 33.03 37.41 -4.10
N ALA B 106 32.26 38.49 -4.00
CA ALA B 106 31.01 38.72 -4.77
C ALA B 106 31.37 39.27 -6.15
N PHE B 107 30.38 39.28 -7.05
CA PHE B 107 30.47 39.90 -8.40
C PHE B 107 31.71 39.37 -9.13
N GLY B 108 31.75 38.05 -9.28
CA GLY B 108 32.76 37.29 -10.04
C GLY B 108 34.16 37.42 -9.49
N GLY B 109 34.31 37.73 -8.20
CA GLY B 109 35.60 37.79 -7.51
C GLY B 109 36.18 39.20 -7.42
N TYR B 110 35.52 40.20 -8.00
CA TYR B 110 36.02 41.60 -8.05
C TYR B 110 35.48 42.42 -6.86
N GLY B 111 34.38 41.95 -6.24
CA GLY B 111 33.74 42.63 -5.10
C GLY B 111 34.36 42.22 -3.78
N GLY B 112 33.68 42.53 -2.67
CA GLY B 112 34.16 42.22 -1.31
C GLY B 112 33.80 40.82 -0.88
N GLY B 113 34.36 40.36 0.24
CA GLY B 113 34.08 39.04 0.84
C GLY B 113 32.67 38.95 1.37
N TYR B 114 32.07 37.77 1.31
CA TYR B 114 30.76 37.43 1.94
C TYR B 114 30.85 37.65 3.45
N THR B 115 29.93 38.43 4.01
CA THR B 115 29.68 38.49 5.46
C THR B 115 29.04 37.16 5.89
N ILE B 116 29.14 36.85 7.18
CA ILE B 116 28.49 35.64 7.79
C ILE B 116 27.06 35.58 7.25
N GLU B 117 26.66 34.41 6.74
CA GLU B 117 25.31 34.15 6.20
C GLU B 117 24.96 32.67 6.36
N GLY B 118 23.71 32.33 6.06
CA GLY B 118 23.19 30.95 6.11
C GLY B 118 22.37 30.70 7.36
N SER B 119 22.04 29.42 7.59
CA SER B 119 21.19 28.97 8.71
C SER B 119 21.83 29.41 10.03
N HIS B 120 21.00 29.86 10.98
CA HIS B 120 21.42 30.43 12.27
C HIS B 120 20.37 30.12 13.34
N ILE B 121 20.81 30.00 14.59
CA ILE B 121 19.92 29.84 15.76
C ILE B 121 20.39 30.80 16.84
N HIS B 122 19.46 31.44 17.54
CA HIS B 122 19.74 32.32 18.71
C HIS B 122 18.82 31.91 19.85
N PHE B 123 19.41 31.60 20.99
CA PHE B 123 18.67 30.97 22.12
C PHE B 123 19.36 31.29 23.44
N PHE B 124 18.55 31.51 24.48
CA PHE B 124 19.03 31.71 25.87
C PHE B 124 17.98 31.17 26.81
N SER B 125 18.42 30.74 27.99
CA SER B 125 17.56 30.27 29.09
C SER B 125 18.16 30.73 30.42
N VAL B 126 17.28 31.08 31.37
CA VAL B 126 17.62 31.37 32.79
C VAL B 126 16.77 30.41 33.62
N GLY B 127 17.38 29.77 34.61
CA GLY B 127 16.71 28.74 35.43
C GLY B 127 17.34 28.56 36.80
N GLY B 128 16.60 27.91 37.70
CA GLY B 128 17.06 27.58 39.06
C GLY B 128 17.65 26.18 39.13
N GLU B 129 17.77 25.53 37.98
CA GLU B 129 18.35 24.17 37.82
C GLU B 129 18.79 24.01 36.37
N PRO B 130 19.57 22.96 36.04
CA PRO B 130 19.91 22.67 34.66
C PRO B 130 18.66 22.61 33.76
N LEU B 131 18.80 23.14 32.53
CA LEU B 131 17.75 23.13 31.49
C LEU B 131 17.47 21.67 31.10
N ASP B 132 16.20 21.29 31.03
CA ASP B 132 15.76 19.94 30.61
C ASP B 132 15.79 19.88 29.07
N LEU B 133 16.48 18.88 28.52
CA LEU B 133 16.64 18.66 27.06
C LEU B 133 15.82 17.45 26.62
N GLN B 134 15.20 17.56 25.45
CA GLN B 134 14.53 16.45 24.72
C GLN B 134 15.40 16.09 23.50
N GLY B 135 15.62 14.80 23.29
CA GLY B 135 16.36 14.31 22.12
C GLY B 135 15.51 14.37 20.87
N LEU B 136 15.98 15.10 19.85
CA LEU B 136 15.43 15.05 18.48
C LEU B 136 16.52 15.50 17.49
N MET B 137 16.78 14.69 16.48
CA MET B 137 17.90 14.85 15.52
C MET B 137 17.38 14.58 14.09
N GLN B 138 18.08 15.09 13.08
CA GLN B 138 17.72 14.93 11.64
C GLN B 138 18.06 13.50 11.18
N ASN B 139 19.18 12.94 11.65
CA ASN B 139 19.65 11.58 11.25
C ASN B 139 20.00 10.80 12.51
N HIS B 140 19.18 9.79 12.84
CA HIS B 140 19.31 8.97 14.07
C HIS B 140 20.69 8.31 14.14
N SER B 141 21.31 8.07 12.98
CA SER B 141 22.55 7.29 12.82
C SER B 141 23.80 8.17 12.97
N THR B 142 23.65 9.48 13.11
CA THR B 142 24.80 10.40 13.30
C THR B 142 25.70 9.85 14.41
N GLN B 143 27.01 9.80 14.17
CA GLN B 143 28.03 9.37 15.15
C GLN B 143 28.70 10.61 15.76
N TYR B 144 28.38 10.92 17.02
CA TYR B 144 28.99 12.04 17.77
C TYR B 144 30.25 11.55 18.45
N PRO B 145 31.44 12.12 18.14
CA PRO B 145 32.65 11.76 18.85
C PRO B 145 32.59 12.12 20.33
N SER B 146 33.17 11.27 21.18
CA SER B 146 33.43 11.57 22.61
C SER B 146 34.29 12.83 22.68
N PRO B 147 34.09 13.75 23.67
CA PRO B 147 33.16 13.57 24.78
C PRO B 147 31.74 14.14 24.61
N LEU B 148 31.31 14.43 23.38
CA LEU B 148 29.93 14.94 23.10
C LEU B 148 28.93 13.88 23.57
N VAL B 149 27.70 14.30 23.85
CA VAL B 149 26.62 13.39 24.33
C VAL B 149 25.42 13.58 23.41
N GLY B 150 24.99 12.50 22.75
CA GLY B 150 23.80 12.49 21.88
C GLY B 150 22.70 11.63 22.48
N PRO B 151 21.47 11.69 21.92
CA PRO B 151 20.36 10.89 22.43
C PRO B 151 20.67 9.39 22.27
N LYS B 152 20.74 8.68 23.40
CA LYS B 152 20.92 7.20 23.47
C LYS B 152 19.76 6.64 24.29
N LYS B 153 19.22 5.48 23.92
CA LYS B 153 18.33 4.67 24.81
C LYS B 153 19.18 4.18 25.99
N PRO B 154 18.58 3.57 27.04
CA PRO B 154 19.37 2.99 28.13
C PRO B 154 20.36 1.92 27.65
N ASP B 155 20.00 1.17 26.60
CA ASP B 155 20.82 0.05 26.06
C ASP B 155 21.99 0.57 25.22
N GLY B 156 22.08 1.88 24.96
CA GLY B 156 23.21 2.52 24.24
C GLY B 156 22.88 2.81 22.78
N THR B 157 21.80 2.23 22.24
CA THR B 157 21.38 2.38 20.82
C THR B 157 20.69 3.74 20.61
N THR B 158 20.43 4.09 19.36
CA THR B 158 19.63 5.27 18.93
C THR B 158 18.81 4.88 17.70
N ASP B 159 17.50 4.72 17.83
CA ASP B 159 16.64 4.20 16.73
C ASP B 159 16.04 5.37 15.94
N ASP B 160 15.22 5.05 14.93
CA ASP B 160 14.58 6.03 14.00
C ASP B 160 13.70 7.02 14.78
N SER B 161 13.18 6.63 15.94
CA SER B 161 12.22 7.43 16.75
C SER B 161 12.90 8.73 17.23
N ALA B 162 14.23 8.78 17.28
CA ALA B 162 15.00 9.97 17.68
C ALA B 162 14.86 11.11 16.65
N GLN B 163 14.22 10.85 15.50
CA GLN B 163 13.97 11.87 14.44
C GLN B 163 12.61 12.53 14.67
N VAL B 164 11.83 11.99 15.62
CA VAL B 164 10.56 12.60 16.10
C VAL B 164 10.62 12.64 17.63
N LEU B 165 9.48 12.74 18.31
CA LEU B 165 9.44 12.77 19.79
C LEU B 165 9.31 11.33 20.30
N ASN B 166 10.35 10.88 21.01
CA ASN B 166 10.31 9.69 21.88
C ASN B 166 10.79 10.13 23.26
N PRO B 167 9.90 10.09 24.29
CA PRO B 167 10.26 10.47 25.65
C PRO B 167 11.48 9.76 26.25
N ILE B 168 11.88 8.62 25.68
CA ILE B 168 13.05 7.83 26.19
C ILE B 168 14.32 8.69 26.09
N TYR B 169 14.38 9.65 25.15
CA TYR B 169 15.58 10.47 24.87
C TYR B 169 15.48 11.82 25.60
N LYS B 170 16.03 11.88 26.82
CA LYS B 170 16.09 13.12 27.63
C LYS B 170 17.49 13.26 28.23
N ALA B 171 17.83 14.48 28.63
CA ALA B 171 19.11 14.82 29.27
C ALA B 171 18.95 16.15 30.01
N LYS B 172 19.88 16.45 30.91
CA LYS B 172 19.98 17.74 31.60
C LYS B 172 21.23 18.43 31.02
N LEU B 173 21.09 19.71 30.66
CA LEU B 173 22.21 20.54 30.12
C LEU B 173 23.15 20.86 31.29
N ASP B 174 23.97 19.90 31.69
CA ASP B 174 24.77 19.93 32.94
C ASP B 174 26.25 20.19 32.65
N LYS B 175 26.65 20.30 31.39
CA LYS B 175 28.07 20.49 31.00
C LYS B 175 28.13 21.44 29.78
N ASP B 176 29.02 22.43 29.83
CA ASP B 176 29.31 23.36 28.71
C ASP B 176 29.89 22.54 27.54
N ALA B 177 29.64 22.97 26.30
CA ALA B 177 30.36 22.53 25.08
C ALA B 177 30.22 21.02 24.86
N THR B 178 29.15 20.40 25.37
CA THR B 178 29.00 18.93 25.46
C THR B 178 27.76 18.44 24.70
N TYR B 179 26.67 19.18 24.75
CA TYR B 179 25.36 18.78 24.18
C TYR B 179 25.18 19.48 22.83
N PRO B 180 25.23 18.74 21.70
CA PRO B 180 25.09 19.36 20.38
C PRO B 180 23.69 19.96 20.19
N ILE B 181 23.64 21.16 19.60
CA ILE B 181 22.38 21.89 19.31
C ILE B 181 21.50 21.03 18.41
N GLU B 182 22.11 20.20 17.55
CA GLU B 182 21.43 19.56 16.40
C GLU B 182 20.66 18.30 16.83
N CYS B 183 20.86 17.81 18.06
CA CYS B 183 20.18 16.57 18.56
C CYS B 183 19.45 16.80 19.89
N TRP B 184 19.56 18.00 20.48
CA TRP B 184 18.87 18.37 21.74
C TRP B 184 18.13 19.71 21.57
N CYS B 185 16.85 19.75 21.94
CA CYS B 185 16.08 21.00 22.07
C CYS B 185 15.56 21.12 23.50
N PRO B 186 15.18 22.33 23.96
CA PRO B 186 14.52 22.48 25.26
C PRO B 186 13.26 21.60 25.30
N ASP B 187 13.11 20.86 26.39
CA ASP B 187 11.99 19.92 26.66
C ASP B 187 10.79 20.70 27.19
N PRO B 188 9.72 20.87 26.40
CA PRO B 188 8.58 21.69 26.81
C PRO B 188 7.67 20.97 27.83
N SER B 189 7.90 19.67 28.04
CA SER B 189 7.15 18.82 29.00
C SER B 189 7.72 19.01 30.41
N ARG B 190 8.85 19.72 30.53
CA ARG B 190 9.53 19.98 31.83
C ARG B 190 9.93 21.46 31.89
N ASN B 191 11.09 21.77 32.43
CA ASN B 191 11.60 23.17 32.52
C ASN B 191 10.58 24.06 33.25
N GLU B 192 9.86 23.54 34.26
CA GLU B 192 8.92 24.35 35.09
C GLU B 192 9.71 25.48 35.77
N ASN B 193 10.98 25.23 36.13
CA ASN B 193 11.84 26.15 36.93
C ASN B 193 12.89 26.81 36.05
N SER B 194 12.67 26.85 34.73
CA SER B 194 13.53 27.54 33.74
C SER B 194 12.64 28.35 32.79
N ARG B 195 13.14 29.48 32.28
CA ARG B 195 12.48 30.23 31.18
C ARG B 195 13.44 30.21 29.99
N TYR B 196 12.99 29.72 28.83
CA TYR B 196 13.83 29.63 27.61
C TYR B 196 13.15 30.33 26.43
N PHE B 197 13.99 30.84 25.53
CA PHE B 197 13.61 31.68 24.37
C PHE B 197 14.56 31.36 23.21
N GLY B 198 14.03 30.96 22.07
CA GLY B 198 14.85 30.57 20.90
C GLY B 198 14.16 30.92 19.59
N SER B 199 14.98 31.23 18.58
CA SER B 199 14.53 31.43 17.18
C SER B 199 15.56 30.84 16.22
N TYR B 200 15.13 29.94 15.34
CA TYR B 200 15.97 29.33 14.27
C TYR B 200 15.48 29.86 12.92
N THR B 201 16.42 30.14 12.02
CA THR B 201 16.18 30.49 10.60
C THR B 201 17.06 29.58 9.72
N GLY B 202 16.47 28.92 8.73
CA GLY B 202 17.18 28.04 7.79
C GLY B 202 17.71 28.80 6.59
N GLY B 203 17.97 28.10 5.48
CA GLY B 203 18.39 28.66 4.19
C GLY B 203 19.88 28.53 3.97
N VAL B 204 20.34 28.74 2.75
CA VAL B 204 21.75 28.52 2.31
C VAL B 204 22.53 29.82 2.49
N GLU B 205 21.97 30.95 2.06
CA GLU B 205 22.65 32.27 2.04
C GLU B 205 21.85 33.30 2.84
N THR B 206 20.97 32.85 3.74
CA THR B 206 20.04 33.69 4.53
C THR B 206 20.84 34.74 5.32
N PRO B 207 20.46 36.04 5.21
CA PRO B 207 21.17 37.08 5.95
C PRO B 207 20.76 37.07 7.41
N PRO B 208 21.72 37.08 8.35
CA PRO B 208 21.40 37.29 9.76
C PRO B 208 20.86 38.70 9.98
N VAL B 209 19.84 38.81 10.83
CA VAL B 209 19.24 40.09 11.31
C VAL B 209 19.32 40.04 12.83
N LEU B 210 20.17 40.87 13.44
CA LEU B 210 20.33 40.93 14.91
C LEU B 210 20.26 42.38 15.38
N SER B 211 19.55 42.62 16.47
CA SER B 211 19.42 43.94 17.13
C SER B 211 20.17 43.91 18.48
N PHE B 212 20.61 45.09 18.91
CA PHE B 212 21.32 45.26 20.20
C PHE B 212 20.95 46.63 20.79
N THR B 213 20.54 46.62 22.07
CA THR B 213 20.18 47.82 22.86
C THR B 213 20.32 47.51 24.35
N ASN B 214 20.66 48.51 25.15
CA ASN B 214 20.73 48.40 26.63
C ASN B 214 19.41 48.88 27.24
N THR B 215 18.32 48.93 26.46
CA THR B 215 16.99 49.40 26.91
C THR B 215 15.99 48.24 27.01
N SER B 216 16.31 47.04 26.53
CA SER B 216 15.41 45.86 26.57
C SER B 216 15.54 45.17 27.94
N THR B 217 14.45 44.57 28.42
CA THR B 217 14.40 43.71 29.62
C THR B 217 13.40 42.58 29.37
N THR B 218 13.75 41.35 29.73
CA THR B 218 12.84 40.17 29.66
C THR B 218 12.41 39.81 31.07
N ILE B 219 11.11 39.85 31.33
CA ILE B 219 10.50 39.43 32.63
C ILE B 219 10.52 37.90 32.69
N LEU B 220 10.89 37.33 33.83
CA LEU B 220 11.05 35.86 34.01
C LEU B 220 9.94 35.30 34.91
N LEU B 221 9.07 36.16 35.45
CA LEU B 221 7.93 35.74 36.31
C LEU B 221 6.93 34.96 35.43
N ASP B 222 6.32 33.91 35.99
CA ASP B 222 5.34 33.04 35.27
C ASP B 222 3.93 33.62 35.40
N GLU B 223 2.93 32.87 34.92
CA GLU B 223 1.48 33.20 35.00
C GLU B 223 1.11 33.64 36.43
N ASN B 224 1.79 33.09 37.46
CA ASN B 224 1.46 33.33 38.89
C ASN B 224 2.51 34.23 39.57
N GLY B 225 3.26 35.04 38.82
CA GLY B 225 4.20 36.04 39.37
C GLY B 225 5.39 35.41 40.10
N VAL B 226 5.70 34.15 39.82
CA VAL B 226 6.86 33.42 40.41
C VAL B 226 7.94 33.25 39.33
N GLY B 227 9.16 33.65 39.64
CA GLY B 227 10.34 33.47 38.77
C GLY B 227 11.05 32.14 39.03
N PRO B 228 12.08 31.79 38.25
CA PRO B 228 12.92 30.64 38.57
C PRO B 228 13.48 30.76 39.99
N LEU B 229 13.32 29.70 40.78
CA LEU B 229 13.87 29.60 42.16
C LEU B 229 15.17 28.81 42.11
N CYS B 230 16.28 29.46 42.48
CA CYS B 230 17.66 28.94 42.34
C CYS B 230 17.96 27.90 43.43
N LYS B 231 17.81 26.62 43.09
CA LYS B 231 18.13 25.48 43.98
C LYS B 231 19.64 25.45 44.23
N GLY B 232 20.05 25.03 45.44
CA GLY B 232 21.44 25.00 45.89
C GLY B 232 22.15 26.33 45.69
N ASP B 233 21.42 27.45 45.75
CA ASP B 233 21.98 28.82 45.61
C ASP B 233 22.79 28.91 44.31
N GLY B 234 22.25 28.32 43.23
CA GLY B 234 22.85 28.32 41.89
C GLY B 234 21.89 28.86 40.83
N LEU B 235 22.35 29.82 40.03
CA LEU B 235 21.63 30.36 38.85
C LEU B 235 22.20 29.71 37.58
N TYR B 236 21.34 29.11 36.75
CA TYR B 236 21.72 28.29 35.58
C TYR B 236 21.45 29.09 34.29
N LEU B 237 22.52 29.55 33.64
CA LEU B 237 22.48 30.24 32.33
C LEU B 237 22.81 29.26 31.21
N SER B 238 22.10 29.38 30.07
CA SER B 238 22.35 28.59 28.84
C SER B 238 22.22 29.52 27.62
N SER B 239 22.97 29.21 26.56
CA SER B 239 23.14 30.06 25.37
C SER B 239 23.38 29.15 24.16
N ALA B 240 22.88 29.56 23.00
CA ALA B 240 23.21 28.96 21.68
C ALA B 240 23.08 30.05 20.63
N ASP B 241 24.19 30.69 20.27
CA ASP B 241 24.16 31.83 19.32
C ASP B 241 25.11 31.56 18.14
N VAL B 242 24.60 30.78 17.20
CA VAL B 242 25.28 30.46 15.91
C VAL B 242 24.73 31.43 14.87
N ALA B 243 25.47 32.51 14.58
CA ALA B 243 25.03 33.66 13.75
C ALA B 243 24.85 33.23 12.30
N GLY B 244 25.55 32.16 11.91
CA GLY B 244 25.54 31.60 10.54
C GLY B 244 26.87 30.94 10.22
N THR B 245 27.27 30.98 8.95
CA THR B 245 28.53 30.37 8.46
C THR B 245 29.41 31.45 7.84
N PHE B 246 30.71 31.32 8.01
CA PHE B 246 31.75 32.02 7.20
C PHE B 246 32.04 31.18 5.97
N VAL B 247 31.95 31.79 4.79
CA VAL B 247 32.26 31.14 3.47
C VAL B 247 33.60 31.68 3.00
N GLN B 248 34.62 30.82 2.91
CA GLN B 248 36.01 31.24 2.60
C GLN B 248 36.25 31.24 1.09
N GLN B 249 36.87 32.30 0.57
CA GLN B 249 37.29 32.38 -0.85
C GLN B 249 38.18 31.18 -1.19
N THR B 250 38.19 30.77 -2.46
CA THR B 250 39.13 29.76 -3.02
C THR B 250 38.71 28.37 -2.55
N SER B 251 38.80 28.06 -1.26
CA SER B 251 38.41 26.74 -0.69
C SER B 251 36.90 26.54 -0.87
N GLN B 252 36.12 27.62 -0.75
CA GLN B 252 34.63 27.62 -0.77
C GLN B 252 34.12 26.68 0.33
N LYS B 253 34.89 26.53 1.40
CA LYS B 253 34.50 25.78 2.62
C LYS B 253 33.72 26.70 3.55
N GLN B 254 32.83 26.12 4.36
CA GLN B 254 31.97 26.86 5.32
C GLN B 254 32.40 26.50 6.73
N TYR B 255 32.39 27.49 7.62
CA TYR B 255 32.70 27.37 9.07
C TYR B 255 31.55 28.00 9.86
N TRP B 256 31.00 27.27 10.83
CA TRP B 256 30.03 27.84 11.81
C TRP B 256 30.70 29.00 12.54
N ARG B 257 29.98 30.11 12.70
CA ARG B 257 30.42 31.30 13.45
C ARG B 257 29.47 31.51 14.64
N GLY B 258 30.03 31.53 15.85
CA GLY B 258 29.30 31.72 17.10
C GLY B 258 29.56 33.09 17.69
N LEU B 259 28.62 33.60 18.50
CA LEU B 259 28.80 34.88 19.23
C LEU B 259 28.51 34.68 20.70
N PRO B 260 29.16 35.48 21.58
CA PRO B 260 28.92 35.39 23.01
C PRO B 260 27.61 36.10 23.38
N ARG B 261 26.99 35.65 24.47
CA ARG B 261 25.76 36.27 25.03
C ARG B 261 26.06 36.83 26.42
N TYR B 262 25.69 38.10 26.65
CA TYR B 262 25.77 38.78 27.96
C TYR B 262 24.45 38.59 28.70
N PHE B 263 24.54 38.32 30.00
CA PHE B 263 23.37 38.25 30.91
C PHE B 263 23.52 39.26 32.05
N ASN B 264 22.40 39.87 32.44
CA ASN B 264 22.31 40.70 33.66
C ASN B 264 21.00 40.32 34.37
N ILE B 265 21.06 39.42 35.33
CA ILE B 265 19.85 38.87 36.01
C ILE B 265 19.64 39.65 37.31
N THR B 266 18.40 40.11 37.53
CA THR B 266 17.94 40.69 38.82
C THR B 266 17.23 39.58 39.59
N LEU B 267 17.70 39.28 40.80
CA LEU B 267 17.06 38.29 41.70
C LEU B 267 16.63 38.96 43.00
N ARG B 268 15.67 38.35 43.68
CA ARG B 268 15.11 38.81 44.98
C ARG B 268 14.90 37.58 45.87
N LYS B 269 14.92 37.77 47.19
CA LYS B 269 14.73 36.67 48.16
C LYS B 269 13.24 36.29 48.20
N ARG B 270 12.95 34.99 48.11
CA ARG B 270 11.58 34.44 48.19
C ARG B 270 11.57 33.34 49.24
N ALA B 271 10.53 33.30 50.08
CA ALA B 271 10.35 32.31 51.16
C ALA B 271 9.64 31.08 50.60
N VAL B 272 9.94 29.89 51.15
CA VAL B 272 9.41 28.58 50.68
C VAL B 272 9.18 27.66 51.90
N LYS B 273 8.21 26.75 51.82
CA LYS B 273 7.72 25.92 52.96
C LYS B 273 8.71 24.76 53.24
N ILE C 7 26.49 58.67 41.02
CA ILE C 7 25.79 59.96 41.33
C ILE C 7 24.43 59.64 41.97
N GLU C 8 24.15 60.18 43.17
CA GLU C 8 22.80 60.09 43.82
C GLU C 8 21.89 61.13 43.13
N VAL C 9 20.84 60.65 42.45
CA VAL C 9 19.91 61.47 41.63
C VAL C 9 18.79 61.98 42.55
N LEU C 10 18.43 63.26 42.43
CA LEU C 10 17.39 63.89 43.29
C LEU C 10 16.20 64.35 42.44
N ASP C 11 15.58 65.48 42.81
CA ASP C 11 14.34 66.01 42.21
C ASP C 11 14.65 66.55 40.80
N VAL C 12 13.64 66.59 39.94
CA VAL C 12 13.70 67.25 38.60
C VAL C 12 13.35 68.73 38.77
N LYS C 13 14.32 69.64 38.60
CA LYS C 13 14.03 71.10 38.62
C LYS C 13 13.08 71.41 37.46
N THR C 14 11.92 72.00 37.77
CA THR C 14 10.95 72.57 36.80
C THR C 14 10.93 74.09 36.98
N GLY C 15 10.32 74.81 36.04
CA GLY C 15 10.32 76.29 36.00
C GLY C 15 10.86 76.79 34.66
N PRO C 16 10.94 78.13 34.47
CA PRO C 16 11.51 78.67 33.23
C PRO C 16 13.00 78.34 33.10
N ASP C 17 13.47 78.21 31.85
CA ASP C 17 14.88 77.89 31.49
C ASP C 17 15.31 76.57 32.15
N SER C 18 14.40 75.62 32.36
CA SER C 18 14.68 74.32 33.02
C SER C 18 14.75 73.17 32.00
N THR C 19 14.23 73.39 30.79
CA THR C 19 14.40 72.46 29.64
C THR C 19 15.13 73.17 28.51
N THR C 20 15.77 72.40 27.62
CA THR C 20 16.46 72.89 26.41
C THR C 20 16.47 71.76 25.38
N THR C 21 16.58 72.11 24.09
CA THR C 21 16.76 71.14 22.99
C THR C 21 18.15 71.36 22.36
N ILE C 22 18.72 70.28 21.83
CA ILE C 22 20.00 70.27 21.06
C ILE C 22 19.73 69.62 19.71
N GLU C 23 19.96 70.36 18.63
CA GLU C 23 20.03 69.84 17.24
C GLU C 23 21.50 69.55 16.93
N ALA C 24 21.77 68.39 16.34
CA ALA C 24 23.11 67.99 15.86
C ALA C 24 22.94 66.98 14.71
N TYR C 25 23.95 66.87 13.86
CA TYR C 25 24.06 65.78 12.86
C TYR C 25 25.46 65.18 12.99
N LEU C 26 25.55 63.86 12.80
CA LEU C 26 26.84 63.16 12.60
C LEU C 26 26.91 62.70 11.14
N ASN C 27 27.91 63.17 10.40
CA ASN C 27 28.21 62.67 9.03
C ASN C 27 28.91 61.32 9.18
N PRO C 28 28.71 60.40 8.20
CA PRO C 28 29.26 59.05 8.30
C PRO C 28 30.78 59.05 8.12
N ARG C 29 31.45 58.09 8.75
CA ARG C 29 32.92 57.91 8.63
C ARG C 29 33.19 56.50 8.13
N VAL C 30 32.98 56.27 6.83
CA VAL C 30 33.08 54.94 6.18
C VAL C 30 34.48 54.75 5.59
N GLY C 31 35.44 55.62 5.93
CA GLY C 31 36.85 55.53 5.49
C GLY C 31 37.30 56.79 4.78
N GLN C 32 36.37 57.50 4.13
CA GLN C 32 36.56 58.89 3.65
C GLN C 32 35.38 59.71 4.16
N ASN C 33 35.32 60.99 3.81
CA ASN C 33 34.42 61.96 4.48
C ASN C 33 33.19 62.28 3.63
N TRP C 34 33.05 61.68 2.45
CA TRP C 34 31.99 62.09 1.48
C TRP C 34 31.06 60.91 1.17
N GLY C 35 30.92 59.99 2.15
CA GLY C 35 29.82 59.01 2.19
C GLY C 35 30.19 57.69 1.52
N PHE C 36 31.37 57.59 0.92
CA PHE C 36 31.88 56.33 0.31
C PHE C 36 33.29 56.02 0.78
N SER C 37 33.53 54.75 1.05
CA SER C 37 34.87 54.15 1.25
C SER C 37 35.59 54.09 -0.11
N THR C 38 36.89 53.81 -0.08
CA THR C 38 37.65 53.33 -1.25
C THR C 38 37.26 51.87 -1.47
N GLU C 39 37.65 51.29 -2.60
CA GLU C 39 37.25 49.92 -2.98
C GLU C 39 37.55 48.96 -1.83
N ILE C 40 36.60 48.06 -1.55
CA ILE C 40 36.78 46.98 -0.54
C ILE C 40 37.78 45.98 -1.13
N THR C 41 38.82 45.64 -0.39
CA THR C 41 39.88 44.70 -0.76
C THR C 41 39.76 43.44 0.11
N VAL C 42 40.20 42.30 -0.42
CA VAL C 42 40.16 40.99 0.30
C VAL C 42 41.54 40.38 0.21
N ALA C 43 42.20 40.17 1.36
CA ALA C 43 43.48 39.46 1.49
C ALA C 43 43.35 38.09 0.83
N SER C 44 44.39 37.63 0.13
CA SER C 44 44.49 36.23 -0.37
C SER C 44 44.75 35.29 0.81
N ASN C 45 44.09 34.13 0.82
CA ASN C 45 44.26 33.11 1.89
C ASN C 45 45.75 32.94 2.17
N GLY C 46 46.15 33.02 3.44
CA GLY C 46 47.53 32.79 3.92
C GLY C 46 48.35 34.06 4.00
N TYR C 47 47.92 35.15 3.37
CA TYR C 47 48.62 36.47 3.42
C TYR C 47 48.00 37.32 4.53
N ASN C 48 48.67 38.40 4.92
CA ASN C 48 48.19 39.33 5.97
C ASN C 48 46.85 39.91 5.56
N ASP C 49 45.92 39.99 6.52
CA ASP C 49 44.64 40.74 6.40
C ASP C 49 44.93 42.19 6.78
N ALA C 50 45.26 43.03 5.79
CA ALA C 50 45.75 44.41 6.01
C ALA C 50 44.94 45.37 5.13
N PRO C 51 43.70 45.69 5.52
CA PRO C 51 42.85 46.58 4.73
C PRO C 51 43.38 48.02 4.78
N HIS C 52 43.08 48.78 3.71
CA HIS C 52 43.42 50.22 3.59
C HIS C 52 42.65 51.02 4.64
N LEU C 53 43.26 52.06 5.21
CA LEU C 53 42.58 52.98 6.15
C LEU C 53 41.22 53.37 5.58
N THR C 54 41.17 53.71 4.29
CA THR C 54 40.00 54.38 3.64
C THR C 54 38.94 53.38 3.21
N GLU C 55 39.03 52.11 3.62
CA GLU C 55 38.05 51.06 3.24
C GLU C 55 37.37 50.49 4.49
N ILE C 56 37.64 51.07 5.65
CA ILE C 56 37.20 50.56 6.98
C ILE C 56 36.25 51.57 7.61
N PRO C 57 34.94 51.27 7.67
CA PRO C 57 33.98 52.14 8.34
C PRO C 57 34.17 52.15 9.86
N CYS C 58 34.01 53.34 10.43
CA CYS C 58 34.19 53.66 11.86
C CYS C 58 32.92 54.30 12.44
N TYR C 59 32.76 54.19 13.76
CA TYR C 59 31.74 54.94 14.54
C TYR C 59 32.00 56.43 14.34
N SER C 60 30.96 57.16 13.92
CA SER C 60 30.87 58.64 14.07
C SER C 60 30.55 58.96 15.53
N SER C 61 31.10 60.06 16.05
CA SER C 61 31.01 60.44 17.48
C SER C 61 31.27 61.94 17.61
N ALA C 62 30.52 62.61 18.47
CA ALA C 62 30.72 64.04 18.82
C ALA C 62 30.29 64.28 20.27
N ARG C 63 30.91 65.28 20.89
CA ARG C 63 30.51 65.80 22.23
C ARG C 63 29.94 67.20 22.00
N ILE C 64 28.64 67.39 22.22
CA ILE C 64 27.97 68.71 22.13
C ILE C 64 28.10 69.39 23.49
N SER C 65 28.55 70.65 23.50
CA SER C 65 28.63 71.52 24.70
C SER C 65 27.23 72.01 25.07
N LEU C 66 26.81 71.77 26.32
CA LEU C 66 25.50 72.18 26.85
C LEU C 66 25.63 73.49 27.62
N PRO C 67 24.55 74.29 27.74
CA PRO C 67 24.58 75.50 28.55
C PRO C 67 25.14 75.26 29.97
N LEU C 68 25.95 76.16 30.46
CA LEU C 68 26.57 76.18 31.80
C LEU C 68 25.47 76.11 32.88
N LEU C 69 25.68 75.28 33.93
CA LEU C 69 24.61 75.10 34.94
C LEU C 69 24.92 75.76 36.28
N ASN C 70 26.07 75.47 36.89
CA ASN C 70 26.27 75.80 38.35
C ASN C 70 26.87 77.21 38.52
N GLU C 71 26.14 78.05 37.81
CA GLU C 71 26.27 79.51 37.68
C GLU C 71 26.03 80.15 39.03
N ASP C 72 25.10 79.65 39.88
CA ASP C 72 24.69 80.29 41.16
C ASP C 72 25.59 79.81 42.29
N ILE C 73 26.43 80.71 42.82
CA ILE C 73 27.51 80.33 43.78
C ILE C 73 26.90 79.97 45.14
N THR C 74 25.62 80.29 45.35
CA THR C 74 24.88 80.07 46.63
C THR C 74 24.07 78.76 46.61
N SER C 75 23.87 78.12 45.44
CA SER C 75 22.86 77.05 45.26
C SER C 75 23.20 75.86 46.17
N PRO C 76 22.20 75.15 46.74
CA PRO C 76 22.49 74.10 47.73
C PRO C 76 22.77 72.69 47.20
N THR C 77 22.49 72.48 45.91
CA THR C 77 22.41 71.24 45.13
C THR C 77 23.12 71.44 43.79
N LEU C 78 23.87 70.40 43.29
CA LEU C 78 24.41 70.56 41.90
C LEU C 78 23.36 70.11 40.87
N LEU C 79 23.35 70.78 39.71
CA LEU C 79 22.42 70.46 38.60
C LEU C 79 23.22 69.86 37.44
N MET C 80 22.69 68.80 36.81
CA MET C 80 23.19 68.22 35.56
C MET C 80 22.05 68.20 34.55
N TRP C 81 22.35 68.44 33.26
CA TRP C 81 21.38 68.21 32.16
C TRP C 81 21.08 66.71 32.07
N GLU C 82 19.81 66.38 31.92
CA GLU C 82 19.30 65.00 31.80
C GLU C 82 18.64 64.87 30.44
N ALA C 83 19.15 63.97 29.58
CA ALA C 83 18.57 63.69 28.26
C ALA C 83 17.31 62.85 28.45
N VAL C 84 16.16 63.36 28.01
CA VAL C 84 14.83 62.76 28.28
C VAL C 84 14.37 61.96 27.06
N SER C 85 14.48 62.57 25.88
CA SER C 85 13.98 62.01 24.61
C SER C 85 14.88 62.46 23.46
N VAL C 86 14.86 61.72 22.36
CA VAL C 86 15.57 62.08 21.10
C VAL C 86 14.66 61.74 19.91
N LYS C 87 14.44 62.73 19.03
CA LYS C 87 13.95 62.51 17.65
C LYS C 87 15.22 62.31 16.80
N THR C 88 15.38 61.17 16.14
CA THR C 88 16.55 60.87 15.27
C THR C 88 16.07 60.37 13.92
N GLU C 89 16.81 60.70 12.86
CA GLU C 89 16.48 60.33 11.46
C GLU C 89 17.76 60.05 10.68
N VAL C 90 17.72 59.02 9.83
CA VAL C 90 18.79 58.75 8.84
C VAL C 90 18.51 59.65 7.64
N VAL C 91 19.40 60.60 7.37
CA VAL C 91 19.21 61.66 6.33
C VAL C 91 19.69 61.11 4.99
N GLY C 92 18.99 61.48 3.91
CA GLY C 92 19.39 61.15 2.53
C GLY C 92 19.13 59.71 2.17
N ILE C 93 18.14 59.06 2.80
CA ILE C 93 17.66 57.72 2.38
C ILE C 93 17.23 57.78 0.92
N SER C 94 16.49 58.83 0.55
CA SER C 94 15.93 59.02 -0.83
C SER C 94 17.06 59.05 -1.85
N SER C 95 18.30 59.35 -1.43
CA SER C 95 19.50 59.45 -2.31
C SER C 95 19.73 58.13 -3.04
N MET C 96 19.23 57.02 -2.49
CA MET C 96 19.46 55.64 -2.99
C MET C 96 18.53 55.31 -4.17
N LEU C 97 17.46 56.09 -4.41
CA LEU C 97 16.58 55.87 -5.60
C LEU C 97 17.27 56.45 -6.84
N ASN C 98 18.39 55.83 -7.23
CA ASN C 98 19.32 56.32 -8.28
C ASN C 98 19.84 55.09 -9.03
N MET C 99 19.42 54.91 -10.29
CA MET C 99 19.81 53.75 -11.12
C MET C 99 20.62 54.21 -12.34
N HIS C 100 21.19 55.42 -12.30
CA HIS C 100 21.93 56.02 -13.45
C HIS C 100 23.39 56.32 -13.10
N SER C 101 23.75 56.38 -11.82
CA SER C 101 25.10 56.82 -11.35
C SER C 101 26.06 55.63 -11.25
N TYR C 102 26.35 55.01 -12.40
CA TYR C 102 27.52 54.13 -12.66
C TYR C 102 27.36 52.76 -12.00
N GLY C 103 26.18 52.41 -11.51
CA GLY C 103 25.95 51.12 -10.82
C GLY C 103 26.05 49.96 -11.80
N LEU C 104 26.54 48.81 -11.33
CA LEU C 104 26.51 47.53 -12.09
C LEU C 104 25.10 47.36 -12.66
N ARG C 105 25.00 47.05 -13.95
CA ARG C 105 23.70 47.13 -14.69
C ARG C 105 23.00 45.77 -14.63
N ALA C 106 21.69 45.79 -14.41
CA ALA C 106 20.81 44.61 -14.27
C ALA C 106 20.42 44.08 -15.64
N PHE C 107 19.89 42.86 -15.67
CA PHE C 107 19.30 42.23 -16.87
C PHE C 107 20.33 42.27 -18.01
N GLY C 108 21.50 41.68 -17.75
CA GLY C 108 22.59 41.45 -18.72
C GLY C 108 23.20 42.74 -19.24
N GLY C 109 23.09 43.85 -18.48
CA GLY C 109 23.73 45.13 -18.81
C GLY C 109 22.80 46.11 -19.52
N TYR C 110 21.56 45.70 -19.84
CA TYR C 110 20.59 46.53 -20.61
C TYR C 110 19.70 47.33 -19.66
N GLY C 111 19.60 46.92 -18.40
CA GLY C 111 18.76 47.58 -17.38
C GLY C 111 19.52 48.72 -16.69
N GLY C 112 18.98 49.19 -15.55
CA GLY C 112 19.57 50.29 -14.76
C GLY C 112 20.64 49.81 -13.81
N GLY C 113 21.38 50.74 -13.22
CA GLY C 113 22.42 50.45 -12.20
C GLY C 113 21.83 49.92 -10.92
N TYR C 114 22.57 49.04 -10.23
CA TYR C 114 22.24 48.53 -8.87
C TYR C 114 22.18 49.71 -7.89
N THR C 115 21.07 49.82 -7.16
CA THR C 115 20.98 50.70 -5.96
C THR C 115 21.83 50.07 -4.87
N ILE C 116 22.23 50.89 -3.89
CA ILE C 116 22.99 50.43 -2.69
C ILE C 116 22.31 49.17 -2.18
N GLU C 117 23.09 48.11 -1.95
CA GLU C 117 22.61 46.82 -1.41
C GLU C 117 23.74 46.11 -0.66
N GLY C 118 23.41 45.02 0.01
CA GLY C 118 24.35 44.19 0.78
C GLY C 118 24.24 44.44 2.28
N SER C 119 25.18 43.88 3.03
CA SER C 119 25.23 43.96 4.51
C SER C 119 25.24 45.42 4.94
N HIS C 120 24.50 45.72 6.00
CA HIS C 120 24.30 47.11 6.50
C HIS C 120 24.11 47.07 8.01
N ILE C 121 24.51 48.16 8.69
CA ILE C 121 24.28 48.36 10.14
C ILE C 121 23.75 49.77 10.33
N HIS C 122 22.78 49.93 11.22
CA HIS C 122 22.22 51.24 11.63
C HIS C 122 22.20 51.31 13.15
N PHE C 123 22.83 52.34 13.71
CA PHE C 123 23.09 52.41 15.16
C PHE C 123 23.24 53.86 15.60
N PHE C 124 22.70 54.17 16.79
CA PHE C 124 22.85 55.49 17.44
C PHE C 124 22.87 55.27 18.95
N SER C 125 23.53 56.18 19.64
CA SER C 125 23.60 56.23 21.12
C SER C 125 23.56 57.69 21.57
N VAL C 126 22.88 57.94 22.69
CA VAL C 126 22.86 59.24 23.42
C VAL C 126 23.33 58.93 24.85
N GLY C 127 24.24 59.73 25.37
CA GLY C 127 24.86 59.47 26.69
C GLY C 127 25.40 60.73 27.33
N GLY C 128 25.65 60.64 28.65
CA GLY C 128 26.25 61.73 29.45
C GLY C 128 27.75 61.59 29.55
N GLU C 129 28.32 60.62 28.85
CA GLU C 129 29.77 60.34 28.78
C GLU C 129 30.05 59.54 27.51
N PRO C 130 31.32 59.38 27.11
CA PRO C 130 31.66 58.51 25.99
C PRO C 130 31.04 57.11 26.12
N LEU C 131 30.60 56.56 24.99
CA LEU C 131 30.04 55.19 24.87
C LEU C 131 31.14 54.18 25.21
N ASP C 132 30.85 53.20 26.08
CA ASP C 132 31.78 52.11 26.43
C ASP C 132 31.75 51.05 25.33
N LEU C 133 32.92 50.70 24.80
CA LEU C 133 33.10 49.71 23.71
C LEU C 133 33.72 48.43 24.28
N GLN C 134 33.26 47.28 23.77
CA GLN C 134 33.84 45.94 23.99
C GLN C 134 34.51 45.50 22.68
N GLY C 135 35.74 44.97 22.77
CA GLY C 135 36.46 44.42 21.61
C GLY C 135 35.90 43.07 21.21
N LEU C 136 35.44 42.95 19.96
CA LEU C 136 35.13 41.65 19.32
C LEU C 136 35.21 41.83 17.81
N MET C 137 35.99 40.97 17.15
CA MET C 137 36.34 41.06 15.70
C MET C 137 36.24 39.66 15.08
N GLN C 138 36.08 39.60 13.75
CA GLN C 138 35.94 38.34 12.98
C GLN C 138 37.31 37.65 12.86
N ASN C 139 38.38 38.43 12.67
CA ASN C 139 39.77 37.92 12.49
C ASN C 139 40.69 38.69 13.44
N HIS C 140 41.20 38.01 14.48
CA HIS C 140 42.04 38.61 15.54
C HIS C 140 43.30 39.24 14.92
N SER C 141 43.74 38.74 13.77
CA SER C 141 45.02 39.08 13.12
C SER C 141 44.88 40.29 12.19
N THR C 142 43.66 40.82 12.00
CA THR C 142 43.44 42.02 11.14
C THR C 142 44.44 43.12 11.56
N GLN C 143 45.11 43.73 10.58
CA GLN C 143 46.07 44.85 10.79
C GLN C 143 45.36 46.17 10.44
N TYR C 144 45.00 46.95 11.46
CA TYR C 144 44.37 48.29 11.29
C TYR C 144 45.47 49.34 11.15
N PRO C 145 45.53 50.08 10.03
CA PRO C 145 46.48 51.17 9.89
C PRO C 145 46.21 52.28 10.91
N SER C 146 47.28 52.90 11.42
CA SER C 146 47.23 54.16 12.20
C SER C 146 46.55 55.22 11.34
N PRO C 147 45.72 56.14 11.89
CA PRO C 147 45.48 56.26 13.34
C PRO C 147 44.29 55.49 13.93
N LEU C 148 43.74 54.49 13.21
CA LEU C 148 42.62 53.67 13.72
C LEU C 148 43.07 52.96 14.99
N VAL C 149 42.13 52.56 15.83
CA VAL C 149 42.41 51.87 17.12
C VAL C 149 41.61 50.56 17.13
N GLY C 150 42.30 49.43 17.25
CA GLY C 150 41.67 48.10 17.36
C GLY C 150 41.91 47.50 18.73
N PRO C 151 41.22 46.40 19.07
CA PRO C 151 41.40 45.75 20.37
C PRO C 151 42.85 45.25 20.51
N LYS C 152 43.57 45.78 21.50
CA LYS C 152 44.95 45.35 21.87
C LYS C 152 44.92 44.99 23.37
N LYS C 153 45.65 43.96 23.77
CA LYS C 153 45.97 43.70 25.20
C LYS C 153 46.89 44.83 25.67
N PRO C 154 47.19 44.94 27.00
CA PRO C 154 48.15 45.94 27.47
C PRO C 154 49.55 45.79 26.83
N ASP C 155 49.95 44.56 26.50
CA ASP C 155 51.29 44.25 25.94
C ASP C 155 51.35 44.62 24.44
N GLY C 156 50.23 45.00 23.81
CA GLY C 156 50.20 45.44 22.41
C GLY C 156 49.70 44.38 21.45
N THR C 157 49.64 43.11 21.89
CA THR C 157 49.21 41.94 21.08
C THR C 157 47.69 41.91 20.97
N THR C 158 47.16 41.03 20.12
CA THR C 158 45.72 40.71 19.97
C THR C 158 45.59 39.20 19.70
N ASP C 159 45.09 38.42 20.66
CA ASP C 159 45.06 36.94 20.54
C ASP C 159 43.69 36.49 19.99
N ASP C 160 43.51 35.17 19.86
CA ASP C 160 42.30 34.51 19.30
C ASP C 160 41.05 34.90 20.10
N SER C 161 41.21 35.22 21.39
CA SER C 161 40.08 35.51 22.32
C SER C 161 39.31 36.76 21.87
N ALA C 162 39.93 37.63 21.07
CA ALA C 162 39.29 38.85 20.52
C ALA C 162 38.17 38.49 19.52
N GLN C 163 38.02 37.22 19.16
CA GLN C 163 36.94 36.74 18.24
C GLN C 163 35.72 36.33 19.06
N VAL C 164 35.86 36.28 20.38
CA VAL C 164 34.73 36.06 21.33
C VAL C 164 34.81 37.17 22.40
N LEU C 165 34.20 36.97 23.56
CA LEU C 165 34.25 37.98 24.64
C LEU C 165 35.45 37.70 25.55
N ASN C 166 36.41 38.63 25.54
CA ASN C 166 37.49 38.74 26.56
C ASN C 166 37.42 40.14 27.14
N PRO C 167 37.07 40.29 28.44
CA PRO C 167 37.00 41.59 29.09
C PRO C 167 38.27 42.46 28.99
N ILE C 168 39.42 41.87 28.66
CA ILE C 168 40.71 42.62 28.55
C ILE C 168 40.58 43.67 27.44
N TYR C 169 39.72 43.45 26.43
CA TYR C 169 39.57 44.32 25.23
C TYR C 169 38.41 45.29 25.42
N LYS C 170 38.68 46.48 25.95
CA LYS C 170 37.68 47.57 26.14
C LYS C 170 38.28 48.89 25.66
N ALA C 171 37.42 49.85 25.38
CA ALA C 171 37.79 51.21 24.95
C ALA C 171 36.60 52.15 25.17
N LYS C 172 36.86 53.45 25.16
CA LYS C 172 35.83 54.50 25.20
C LYS C 172 35.81 55.13 23.80
N LEU C 173 34.61 55.31 23.24
CA LEU C 173 34.40 55.95 21.91
C LEU C 173 34.64 57.46 22.09
N ASP C 174 35.92 57.85 22.15
CA ASP C 174 36.33 59.23 22.55
C ASP C 174 36.83 60.02 21.34
N LYS C 175 36.84 59.44 20.14
CA LYS C 175 37.36 60.12 18.92
C LYS C 175 36.48 59.69 17.72
N ASP C 176 36.05 60.66 16.91
CA ASP C 176 35.32 60.42 15.63
C ASP C 176 36.25 59.66 14.67
N ALA C 177 35.68 58.82 13.80
CA ALA C 177 36.34 58.25 12.60
C ALA C 177 37.58 57.42 12.99
N THR C 178 37.62 56.88 14.20
CA THR C 178 38.83 56.27 14.80
C THR C 178 38.61 54.80 15.16
N TYR C 179 37.42 54.46 15.66
CA TYR C 179 37.09 53.10 16.18
C TYR C 179 36.33 52.35 15.11
N PRO C 180 36.92 51.30 14.48
CA PRO C 180 36.24 50.55 13.43
C PRO C 180 35.01 49.82 13.98
N ILE C 181 33.91 49.85 13.22
CA ILE C 181 32.63 49.17 13.57
C ILE C 181 32.91 47.67 13.72
N GLU C 182 33.86 47.14 12.97
CA GLU C 182 34.03 45.68 12.75
C GLU C 182 34.78 45.01 13.91
N CYS C 183 35.37 45.78 14.84
CA CYS C 183 36.14 45.22 15.98
C CYS C 183 35.66 45.77 17.34
N TRP C 184 34.71 46.71 17.34
CA TRP C 184 34.12 47.30 18.57
C TRP C 184 32.59 47.26 18.50
N CYS C 185 31.95 46.74 19.55
CA CYS C 185 30.49 46.85 19.76
C CYS C 185 30.22 47.57 21.07
N PRO C 186 29.00 48.13 21.27
CA PRO C 186 28.63 48.68 22.58
C PRO C 186 28.78 47.60 23.65
N ASP C 187 29.42 47.96 24.76
CA ASP C 187 29.70 47.09 25.93
C ASP C 187 28.46 47.04 26.83
N PRO C 188 27.73 45.91 26.86
CA PRO C 188 26.49 45.83 27.62
C PRO C 188 26.72 45.69 29.13
N SER C 189 27.97 45.45 29.54
CA SER C 189 28.40 45.32 30.96
C SER C 189 28.61 46.71 31.57
N ARG C 190 28.56 47.77 30.75
CA ARG C 190 28.75 49.17 31.18
C ARG C 190 27.66 50.03 30.53
N ASN C 191 27.99 51.25 30.10
CA ASN C 191 27.05 52.17 29.45
C ASN C 191 25.80 52.39 30.32
N GLU C 192 25.95 52.45 31.65
CA GLU C 192 24.82 52.75 32.59
C GLU C 192 24.28 54.15 32.25
N ASN C 193 25.14 55.08 31.80
CA ASN C 193 24.80 56.51 31.58
C ASN C 193 24.70 56.81 30.07
N SER C 194 24.49 55.78 29.26
CA SER C 194 24.25 55.90 27.79
C SER C 194 23.04 55.02 27.42
N ARG C 195 22.28 55.41 26.41
CA ARG C 195 21.24 54.56 25.78
C ARG C 195 21.66 54.31 24.34
N TYR C 196 21.79 53.05 23.93
CA TYR C 196 22.22 52.69 22.56
C TYR C 196 21.20 51.74 21.91
N PHE C 197 21.11 51.84 20.60
CA PHE C 197 20.13 51.13 19.73
C PHE C 197 20.80 50.80 18.40
N GLY C 198 20.83 49.53 18.01
CA GLY C 198 21.49 49.07 16.78
C GLY C 198 20.76 47.90 16.14
N SER C 199 20.81 47.83 14.82
CA SER C 199 20.31 46.69 14.03
C SER C 199 21.28 46.42 12.86
N TYR C 200 21.79 45.19 12.77
CA TYR C 200 22.66 44.72 11.65
C TYR C 200 21.87 43.70 10.82
N THR C 201 22.05 43.78 9.50
CA THR C 201 21.55 42.79 8.52
C THR C 201 22.71 42.37 7.61
N GLY C 202 22.94 41.06 7.47
CA GLY C 202 24.00 40.50 6.61
C GLY C 202 23.51 40.30 5.17
N GLY C 203 24.18 39.42 4.43
CA GLY C 203 23.81 39.03 3.05
C GLY C 203 24.65 39.74 2.02
N VAL C 204 24.61 39.24 0.78
CA VAL C 204 25.48 39.73 -0.34
C VAL C 204 24.76 40.85 -1.08
N GLU C 205 23.48 40.67 -1.39
CA GLU C 205 22.67 41.59 -2.23
C GLU C 205 21.43 42.07 -1.46
N THR C 206 21.45 41.98 -0.13
CA THR C 206 20.30 42.29 0.77
C THR C 206 19.85 43.71 0.53
N PRO C 207 18.53 43.94 0.29
CA PRO C 207 18.02 45.29 0.09
C PRO C 207 17.93 46.03 1.42
N PRO C 208 18.45 47.27 1.50
CA PRO C 208 18.19 48.12 2.67
C PRO C 208 16.71 48.51 2.72
N VAL C 209 16.15 48.50 3.92
CA VAL C 209 14.77 48.99 4.24
C VAL C 209 14.93 50.04 5.32
N LEU C 210 14.68 51.31 4.98
CA LEU C 210 14.80 52.45 5.92
C LEU C 210 13.53 53.30 5.82
N SER C 211 13.02 53.74 6.98
CA SER C 211 11.85 54.65 7.09
C SER C 211 12.31 56.01 7.61
N PHE C 212 11.56 57.06 7.31
CA PHE C 212 11.85 58.43 7.77
C PHE C 212 10.52 59.16 8.03
N THR C 213 10.42 59.78 9.20
CA THR C 213 9.25 60.59 9.65
C THR C 213 9.70 61.55 10.75
N ASN C 214 9.06 62.72 10.83
CA ASN C 214 9.32 63.69 11.92
C ASN C 214 8.29 63.50 13.04
N THR C 215 7.63 62.33 13.11
CA THR C 215 6.59 62.01 14.11
C THR C 215 7.09 60.99 15.15
N SER C 216 8.26 60.36 14.94
CA SER C 216 8.82 59.35 15.87
C SER C 216 9.58 60.06 16.99
N THR C 217 9.59 59.48 18.19
CA THR C 217 10.38 59.92 19.37
C THR C 217 10.85 58.70 20.14
N THR C 218 12.11 58.68 20.56
CA THR C 218 12.68 57.62 21.42
C THR C 218 12.86 58.18 22.84
N ILE C 219 12.20 57.58 23.81
CA ILE C 219 12.34 57.93 25.26
C ILE C 219 13.68 57.37 25.75
N LEU C 220 14.43 58.16 26.51
CA LEU C 220 15.79 57.80 27.00
C LEU C 220 15.78 57.54 28.51
N LEU C 221 14.63 57.72 29.17
CA LEU C 221 14.50 57.44 30.62
C LEU C 221 14.62 55.94 30.85
N ASP C 222 15.26 55.52 31.95
CA ASP C 222 15.49 54.09 32.30
C ASP C 222 14.30 53.55 33.09
N GLU C 223 14.42 52.31 33.58
CA GLU C 223 13.42 51.60 34.43
C GLU C 223 12.96 52.54 35.57
N ASN C 224 13.82 53.44 36.07
CA ASN C 224 13.54 54.32 37.24
C ASN C 224 13.32 55.78 36.81
N GLY C 225 12.95 56.03 35.55
CA GLY C 225 12.58 57.39 35.07
C GLY C 225 13.75 58.37 35.06
N VAL C 226 14.98 57.86 35.05
CA VAL C 226 16.22 58.69 34.97
C VAL C 226 16.83 58.54 33.56
N GLY C 227 17.11 59.67 32.91
CA GLY C 227 17.79 59.71 31.61
C GLY C 227 19.31 59.81 31.77
N PRO C 228 20.08 59.77 30.66
CA PRO C 228 21.51 60.04 30.72
C PRO C 228 21.75 61.41 31.36
N LEU C 229 22.65 61.46 32.35
CA LEU C 229 23.09 62.70 33.04
C LEU C 229 24.41 63.15 32.44
N CYS C 230 24.40 64.33 31.82
CA CYS C 230 25.52 64.87 31.02
C CYS C 230 26.63 65.42 31.94
N LYS C 231 27.66 64.59 32.18
CA LYS C 231 28.87 64.95 32.97
C LYS C 231 29.63 66.05 32.22
N GLY C 232 30.26 66.96 32.97
CA GLY C 232 31.01 68.13 32.44
C GLY C 232 30.19 68.93 31.45
N ASP C 233 28.86 68.97 31.61
CA ASP C 233 27.95 69.74 30.73
C ASP C 233 28.20 69.37 29.27
N GLY C 234 28.37 68.07 29.01
CA GLY C 234 28.60 67.51 27.67
C GLY C 234 27.60 66.40 27.34
N LEU C 235 26.96 66.50 26.18
CA LEU C 235 26.06 65.46 25.60
C LEU C 235 26.84 64.69 24.54
N TYR C 236 26.89 63.36 24.65
CA TYR C 236 27.73 62.45 23.82
C TYR C 236 26.83 61.71 22.82
N LEU C 237 26.91 62.11 21.54
CA LEU C 237 26.22 61.45 20.41
C LEU C 237 27.17 60.49 19.69
N SER C 238 26.65 59.33 19.28
CA SER C 238 27.37 58.32 18.47
C SER C 238 26.43 57.78 17.39
N SER C 239 27.00 57.38 16.26
CA SER C 239 26.27 57.00 15.02
C SER C 239 27.11 55.96 14.27
N ALA C 240 26.44 55.02 13.62
CA ALA C 240 27.05 54.09 12.64
C ALA C 240 25.95 53.72 11.64
N ASP C 241 25.92 54.40 10.49
CA ASP C 241 24.86 54.17 9.47
C ASP C 241 25.50 53.84 8.13
N VAL C 242 25.87 52.57 7.98
CA VAL C 242 26.41 51.97 6.73
C VAL C 242 25.23 51.31 6.03
N ALA C 243 24.64 51.99 5.04
CA ALA C 243 23.37 51.61 4.36
C ALA C 243 23.58 50.33 3.55
N GLY C 244 24.82 50.06 3.16
CA GLY C 244 25.22 48.90 2.34
C GLY C 244 26.42 49.23 1.49
N THR C 245 26.52 48.62 0.31
CA THR C 245 27.64 48.82 -0.65
C THR C 245 27.09 49.36 -1.97
N PHE C 246 27.86 50.23 -2.60
CA PHE C 246 27.72 50.58 -4.04
C PHE C 246 28.52 49.57 -4.86
N VAL C 247 27.87 48.94 -5.85
CA VAL C 247 28.51 47.98 -6.81
C VAL C 247 28.69 48.71 -8.14
N GLN C 248 29.92 48.93 -8.57
CA GLN C 248 30.24 49.74 -9.78
C GLN C 248 30.26 48.85 -11.03
N GLN C 249 29.63 49.31 -12.11
CA GLN C 249 29.68 48.62 -13.42
C GLN C 249 31.13 48.46 -13.86
N THR C 250 31.43 47.44 -14.66
CA THR C 250 32.73 47.24 -15.35
C THR C 250 33.76 46.74 -14.32
N SER C 251 34.15 47.56 -13.34
CA SER C 251 35.13 47.18 -12.29
C SER C 251 34.54 46.03 -11.44
N GLN C 252 33.22 46.07 -11.21
CA GLN C 252 32.49 45.15 -10.30
C GLN C 252 33.12 45.20 -8.91
N LYS C 253 33.69 46.35 -8.55
CA LYS C 253 34.23 46.63 -7.20
C LYS C 253 33.09 47.16 -6.32
N GLN C 254 33.19 46.94 -5.00
CA GLN C 254 32.19 47.37 -4.00
C GLN C 254 32.81 48.46 -3.12
N TYR C 255 31.99 49.46 -2.78
CA TYR C 255 32.35 50.59 -1.88
C TYR C 255 31.27 50.69 -0.80
N TRP C 256 31.68 50.73 0.47
CA TRP C 256 30.78 51.03 1.60
C TRP C 256 30.14 52.41 1.37
N ARG C 257 28.84 52.50 1.59
CA ARG C 257 28.05 53.76 1.50
C ARG C 257 27.48 54.08 2.89
N GLY C 258 27.82 55.26 3.41
CA GLY C 258 27.35 55.75 4.72
C GLY C 258 26.32 56.86 4.56
N LEU C 259 25.47 57.04 5.58
CA LEU C 259 24.50 58.14 5.60
C LEU C 259 24.62 58.91 6.91
N PRO C 260 24.29 60.22 6.90
CA PRO C 260 24.34 61.03 8.11
C PRO C 260 23.11 60.77 8.98
N ARG C 261 23.25 60.94 10.30
CA ARG C 261 22.14 60.82 11.28
C ARG C 261 21.90 62.18 11.92
N TYR C 262 20.62 62.60 11.94
CA TYR C 262 20.16 63.83 12.63
C TYR C 262 19.70 63.45 14.04
N PHE C 263 20.07 64.30 15.01
CA PHE C 263 19.61 64.17 16.42
C PHE C 263 18.87 65.43 16.84
N ASN C 264 17.82 65.27 17.63
CA ASN C 264 17.12 66.37 18.33
C ASN C 264 16.84 65.90 19.75
N ILE C 265 17.72 66.24 20.69
CA ILE C 265 17.64 65.76 22.10
C ILE C 265 16.92 66.83 22.92
N THR C 266 15.92 66.41 23.71
CA THR C 266 15.26 67.23 24.75
C THR C 266 15.91 66.89 26.08
N LEU C 267 16.47 67.90 26.76
CA LEU C 267 17.08 67.73 28.11
C LEU C 267 16.33 68.62 29.12
N ARG C 268 16.44 68.26 30.39
CA ARG C 268 15.84 68.98 31.53
C ARG C 268 16.85 68.98 32.68
N LYS C 269 16.78 69.98 33.56
CA LYS C 269 17.70 70.09 34.72
C LYS C 269 17.30 69.05 35.77
N ARG C 270 18.28 68.30 36.28
CA ARG C 270 18.10 67.31 37.36
C ARG C 270 19.12 67.62 38.45
N ALA C 271 18.68 67.55 39.72
CA ALA C 271 19.51 67.81 40.90
C ALA C 271 20.21 66.52 41.33
N VAL C 272 21.42 66.64 41.90
CA VAL C 272 22.28 65.48 42.29
C VAL C 272 23.04 65.85 43.57
N LYS C 273 23.38 64.84 44.40
CA LYS C 273 23.98 65.00 45.74
C LYS C 273 25.48 65.36 45.62
N ILE D 7 4.15 81.10 15.64
CA ILE D 7 2.71 81.44 15.91
C ILE D 7 2.33 80.97 17.32
N GLU D 8 1.82 81.84 18.19
CA GLU D 8 1.25 81.46 19.51
C GLU D 8 -0.15 80.87 19.27
N VAL D 9 -0.32 79.59 19.58
CA VAL D 9 -1.57 78.80 19.32
C VAL D 9 -2.51 78.97 20.51
N LEU D 10 -3.80 79.20 20.27
CA LEU D 10 -4.80 79.41 21.34
C LEU D 10 -5.85 78.29 21.31
N ASP D 11 -7.10 78.62 21.64
CA ASP D 11 -8.24 77.67 21.80
C ASP D 11 -8.64 77.14 20.43
N VAL D 12 -9.24 75.94 20.39
CA VAL D 12 -9.85 75.33 19.18
C VAL D 12 -11.29 75.83 19.08
N LYS D 13 -11.63 76.66 18.08
CA LYS D 13 -13.04 77.07 17.84
C LYS D 13 -13.84 75.81 17.51
N THR D 14 -14.90 75.55 18.28
CA THR D 14 -15.92 74.51 18.00
C THR D 14 -17.25 75.22 17.70
N GLY D 15 -18.23 74.48 17.18
CA GLY D 15 -19.52 75.03 16.73
C GLY D 15 -19.78 74.64 15.28
N PRO D 16 -20.91 75.07 14.69
CA PRO D 16 -21.19 74.79 13.28
C PRO D 16 -20.17 75.47 12.35
N ASP D 17 -19.91 74.84 11.19
CA ASP D 17 -18.98 75.34 10.15
C ASP D 17 -17.58 75.57 10.75
N SER D 18 -17.16 74.77 11.74
CA SER D 18 -15.86 74.90 12.42
C SER D 18 -14.89 73.79 11.99
N THR D 19 -15.40 72.73 11.35
CA THR D 19 -14.59 71.67 10.69
C THR D 19 -14.92 71.62 9.20
N THR D 20 -13.99 71.09 8.42
CA THR D 20 -14.15 70.85 6.95
C THR D 20 -13.23 69.69 6.55
N THR D 21 -13.56 69.01 5.45
CA THR D 21 -12.70 67.97 4.84
C THR D 21 -12.26 68.44 3.45
N ILE D 22 -11.08 67.99 3.03
CA ILE D 22 -10.48 68.26 1.70
C ILE D 22 -10.11 66.91 1.07
N GLU D 23 -10.72 66.60 -0.08
CA GLU D 23 -10.29 65.49 -0.98
C GLU D 23 -9.33 66.05 -2.01
N ALA D 24 -8.22 65.35 -2.26
CA ALA D 24 -7.25 65.66 -3.33
C ALA D 24 -6.55 64.37 -3.75
N TYR D 25 -5.99 64.34 -4.95
CA TYR D 25 -5.06 63.28 -5.40
C TYR D 25 -3.84 63.97 -6.01
N LEU D 26 -2.67 63.39 -5.80
CA LEU D 26 -1.43 63.75 -6.53
C LEU D 26 -1.08 62.61 -7.49
N ASN D 27 -1.02 62.89 -8.78
CA ASN D 27 -0.52 61.94 -9.81
C ASN D 27 1.00 61.93 -9.72
N PRO D 28 1.63 60.78 -10.03
CA PRO D 28 3.08 60.64 -9.89
C PRO D 28 3.82 61.44 -10.96
N ARG D 29 5.03 61.90 -10.65
CA ARG D 29 5.90 62.65 -11.58
C ARG D 29 7.23 61.91 -11.68
N VAL D 30 7.23 60.80 -12.42
CA VAL D 30 8.41 59.88 -12.55
C VAL D 30 9.24 60.25 -13.78
N GLY D 31 8.98 61.42 -14.39
CA GLY D 31 9.74 61.93 -15.55
C GLY D 31 8.82 62.24 -16.74
N GLN D 32 7.72 61.51 -16.84
CA GLN D 32 6.58 61.86 -17.73
C GLN D 32 5.30 61.81 -16.88
N ASN D 33 4.14 62.04 -17.48
CA ASN D 33 2.89 62.34 -16.74
C ASN D 33 1.97 61.13 -16.68
N TRP D 34 2.35 60.00 -17.26
CA TRP D 34 1.42 58.85 -17.46
C TRP D 34 1.95 57.61 -16.73
N GLY D 35 2.73 57.81 -15.66
CA GLY D 35 3.03 56.77 -14.66
C GLY D 35 4.32 56.02 -14.95
N PHE D 36 4.95 56.29 -16.10
CA PHE D 36 6.25 55.68 -16.48
C PHE D 36 7.25 56.74 -16.91
N SER D 37 8.49 56.55 -16.49
CA SER D 37 9.68 57.27 -17.00
C SER D 37 10.01 56.76 -18.40
N THR D 38 10.90 57.46 -19.10
CA THR D 38 11.62 56.93 -20.28
C THR D 38 12.68 55.96 -19.76
N GLU D 39 13.31 55.19 -20.64
CA GLU D 39 14.28 54.14 -20.25
C GLU D 39 15.32 54.74 -19.30
N ILE D 40 15.65 54.00 -18.25
CA ILE D 40 16.74 54.36 -17.31
C ILE D 40 18.06 54.14 -18.05
N THR D 41 18.92 55.15 -18.06
CA THR D 41 20.27 55.11 -18.71
C THR D 41 21.33 55.16 -17.63
N VAL D 42 22.51 54.63 -17.92
CA VAL D 42 23.66 54.58 -16.98
C VAL D 42 24.88 55.16 -17.71
N ALA D 43 25.42 56.27 -17.21
CA ALA D 43 26.68 56.89 -17.69
C ALA D 43 27.79 55.84 -17.67
N SER D 44 28.65 55.83 -18.68
CA SER D 44 29.88 55.00 -18.70
C SER D 44 30.91 55.57 -17.70
N ASN D 45 31.58 54.70 -16.96
CA ASN D 45 32.62 55.11 -15.97
C ASN D 45 33.53 56.15 -16.63
N GLY D 46 33.74 57.29 -15.97
CA GLY D 46 34.67 58.35 -16.40
C GLY D 46 33.99 59.43 -17.22
N TYR D 47 32.79 59.18 -17.75
CA TYR D 47 32.00 60.17 -18.55
C TYR D 47 31.04 60.91 -17.62
N ASN D 48 30.44 62.01 -18.10
CA ASN D 48 29.44 62.79 -17.32
C ASN D 48 28.26 61.90 -16.95
N ASP D 49 27.79 62.03 -15.71
CA ASP D 49 26.51 61.47 -15.23
C ASP D 49 25.40 62.47 -15.59
N ALA D 50 24.77 62.31 -16.76
CA ALA D 50 23.82 63.29 -17.32
C ALA D 50 22.55 62.58 -17.74
N PRO D 51 21.67 62.20 -16.79
CA PRO D 51 20.43 61.51 -17.10
C PRO D 51 19.44 62.43 -17.82
N HIS D 52 18.58 61.85 -18.63
CA HIS D 52 17.49 62.52 -19.38
C HIS D 52 16.48 63.10 -18.39
N LEU D 53 15.91 64.27 -18.67
CA LEU D 53 14.84 64.87 -17.84
C LEU D 53 13.78 63.79 -17.54
N THR D 54 13.39 63.02 -18.55
CA THR D 54 12.19 62.15 -18.50
C THR D 54 12.50 60.79 -17.85
N GLU D 55 13.67 60.61 -17.23
CA GLU D 55 14.07 59.34 -16.58
C GLU D 55 14.30 59.56 -15.08
N ILE D 56 14.00 60.75 -14.58
CA ILE D 56 14.31 61.19 -13.19
C ILE D 56 13.00 61.44 -12.45
N PRO D 57 12.61 60.56 -11.50
CA PRO D 57 11.41 60.78 -10.69
C PRO D 57 11.58 61.94 -9.70
N CYS D 58 10.51 62.71 -9.55
CA CYS D 58 10.41 63.92 -8.71
C CYS D 58 9.26 63.80 -7.71
N TYR D 59 9.36 64.56 -6.62
CA TYR D 59 8.25 64.78 -5.65
C TYR D 59 7.07 65.40 -6.40
N SER D 60 5.90 64.78 -6.30
CA SER D 60 4.58 65.41 -6.58
C SER D 60 4.24 66.35 -5.42
N SER D 61 3.60 67.47 -5.71
CA SER D 61 3.30 68.55 -4.75
C SER D 61 2.13 69.39 -5.26
N ALA D 62 1.24 69.81 -4.37
CA ALA D 62 0.13 70.73 -4.68
C ALA D 62 -0.20 71.57 -3.44
N ARG D 63 -0.71 72.78 -3.66
CA ARG D 63 -1.28 73.65 -2.62
C ARG D 63 -2.79 73.72 -2.85
N ILE D 64 -3.58 73.16 -1.94
CA ILE D 64 -5.07 73.22 -1.99
C ILE D 64 -5.50 74.51 -1.29
N SER D 65 -6.36 75.29 -1.94
CA SER D 65 -6.99 76.51 -1.39
C SER D 65 -8.09 76.11 -0.39
N LEU D 66 -8.01 76.63 0.82
CA LEU D 66 -9.00 76.39 1.91
C LEU D 66 -9.97 77.56 1.96
N PRO D 67 -11.20 77.39 2.50
CA PRO D 67 -12.11 78.51 2.71
C PRO D 67 -11.44 79.68 3.45
N LEU D 68 -11.66 80.92 2.99
CA LEU D 68 -11.05 82.13 3.61
C LEU D 68 -11.65 82.27 5.01
N LEU D 69 -10.84 82.68 6.00
CA LEU D 69 -11.28 82.68 7.42
C LEU D 69 -11.52 84.10 7.96
N ASN D 70 -10.60 85.04 7.75
CA ASN D 70 -10.61 86.33 8.47
C ASN D 70 -11.22 87.39 7.54
N THR D 77 -7.97 88.06 17.84
CA THR D 77 -7.41 86.71 17.52
C THR D 77 -7.76 86.38 16.06
N LEU D 78 -6.77 85.97 15.27
CA LEU D 78 -6.96 85.43 13.89
C LEU D 78 -7.25 83.94 13.98
N LEU D 79 -7.91 83.39 12.95
CA LEU D 79 -8.20 81.93 12.80
C LEU D 79 -7.37 81.35 11.66
N MET D 80 -6.79 80.16 11.88
CA MET D 80 -6.14 79.35 10.82
C MET D 80 -6.77 77.97 10.81
N TRP D 81 -6.90 77.37 9.63
CA TRP D 81 -7.27 75.93 9.49
C TRP D 81 -6.13 75.08 10.07
N GLU D 82 -6.49 74.08 10.85
CA GLU D 82 -5.57 73.13 11.49
C GLU D 82 -5.87 71.74 10.95
N ALA D 83 -4.91 71.11 10.29
CA ALA D 83 -5.03 69.73 9.77
C ALA D 83 -4.93 68.76 10.95
N VAL D 84 -5.97 67.97 11.19
CA VAL D 84 -6.10 67.10 12.40
C VAL D 84 -5.71 65.67 12.04
N SER D 85 -6.24 65.17 10.93
CA SER D 85 -6.09 63.76 10.49
C SER D 85 -6.10 63.69 8.97
N VAL D 86 -5.53 62.62 8.40
CA VAL D 86 -5.57 62.35 6.94
C VAL D 86 -5.80 60.84 6.74
N LYS D 87 -6.81 60.49 5.95
CA LYS D 87 -6.95 59.16 5.30
C LYS D 87 -6.21 59.26 3.97
N THR D 88 -5.18 58.45 3.74
CA THR D 88 -4.41 58.45 2.47
C THR D 88 -4.30 57.02 1.94
N GLU D 89 -4.27 56.88 0.62
CA GLU D 89 -4.19 55.57 -0.08
C GLU D 89 -3.36 55.69 -1.35
N VAL D 90 -2.55 54.68 -1.63
CA VAL D 90 -1.84 54.53 -2.93
C VAL D 90 -2.83 53.89 -3.90
N VAL D 91 -3.23 54.63 -4.94
CA VAL D 91 -4.29 54.23 -5.90
C VAL D 91 -3.66 53.38 -6.99
N GLY D 92 -4.39 52.36 -7.47
CA GLY D 92 -4.01 51.54 -8.63
C GLY D 92 -2.92 50.53 -8.31
N ILE D 93 -2.81 50.10 -7.05
CA ILE D 93 -1.89 49.01 -6.64
C ILE D 93 -2.24 47.77 -7.46
N SER D 94 -3.54 47.46 -7.60
CA SER D 94 -4.05 46.25 -8.31
C SER D 94 -3.58 46.26 -9.76
N SER D 95 -3.21 47.41 -10.31
CA SER D 95 -2.74 47.58 -11.72
C SER D 95 -1.52 46.69 -11.98
N MET D 96 -0.78 46.35 -10.93
CA MET D 96 0.51 45.60 -11.02
C MET D 96 0.27 44.09 -11.19
N LEU D 97 -0.94 43.57 -10.95
CA LEU D 97 -1.25 42.14 -11.21
C LEU D 97 -1.50 41.97 -12.72
N ASN D 98 -0.43 42.13 -13.50
CA ASN D 98 -0.45 42.16 -14.99
C ASN D 98 0.82 41.46 -15.49
N MET D 99 0.69 40.26 -16.07
CA MET D 99 1.85 39.46 -16.55
C MET D 99 1.78 39.30 -18.07
N HIS D 100 1.03 40.14 -18.77
CA HIS D 100 0.80 40.04 -20.24
C HIS D 100 1.29 41.29 -21.00
N SER D 101 1.49 42.41 -20.32
CA SER D 101 1.80 43.73 -20.97
C SER D 101 3.32 43.90 -21.12
N TYR D 102 3.93 43.04 -21.93
CA TYR D 102 5.27 43.23 -22.57
C TYR D 102 6.42 43.03 -21.55
N GLY D 103 6.14 42.51 -20.37
CA GLY D 103 7.18 42.32 -19.34
C GLY D 103 8.18 41.27 -19.74
N LEU D 104 9.46 41.43 -19.35
CA LEU D 104 10.50 40.38 -19.48
C LEU D 104 9.91 39.05 -18.99
N ARG D 105 10.05 37.99 -19.76
CA ARG D 105 9.30 36.73 -19.53
C ARG D 105 10.12 35.79 -18.65
N ALA D 106 9.46 35.15 -17.68
CA ALA D 106 10.07 34.26 -16.68
C ALA D 106 10.25 32.86 -17.27
N PHE D 107 11.05 32.03 -16.61
CA PHE D 107 11.24 30.59 -16.92
C PHE D 107 11.62 30.44 -18.39
N GLY D 108 12.74 31.10 -18.75
CA GLY D 108 13.40 31.00 -20.06
C GLY D 108 12.57 31.55 -21.20
N GLY D 109 11.61 32.43 -20.91
CA GLY D 109 10.79 33.12 -21.92
C GLY D 109 9.44 32.45 -22.18
N TYR D 110 9.16 31.32 -21.52
CA TYR D 110 7.91 30.53 -21.73
C TYR D 110 6.82 30.96 -20.74
N GLY D 111 7.22 31.60 -19.63
CA GLY D 111 6.29 32.07 -18.57
C GLY D 111 5.73 33.44 -18.88
N GLY D 112 5.12 34.09 -17.89
CA GLY D 112 4.50 35.42 -18.01
C GLY D 112 5.51 36.53 -17.81
N GLY D 113 5.11 37.77 -18.12
CA GLY D 113 5.94 38.97 -17.94
C GLY D 113 6.18 39.28 -16.49
N TYR D 114 7.34 39.85 -16.17
CA TYR D 114 7.70 40.37 -14.82
C TYR D 114 6.72 41.49 -14.45
N THR D 115 6.10 41.37 -13.26
CA THR D 115 5.37 42.48 -12.62
C THR D 115 6.40 43.50 -12.15
N ILE D 116 5.96 44.74 -11.94
CA ILE D 116 6.79 45.85 -11.39
C ILE D 116 7.58 45.28 -10.21
N GLU D 117 8.90 45.50 -10.22
CA GLU D 117 9.82 45.05 -9.13
C GLU D 117 11.03 45.99 -9.06
N GLY D 118 11.86 45.79 -8.05
CA GLY D 118 13.09 46.57 -7.81
C GLY D 118 12.89 47.62 -6.74
N SER D 119 13.89 48.50 -6.60
CA SER D 119 13.94 49.57 -5.59
C SER D 119 12.71 50.46 -5.73
N HIS D 120 12.14 50.87 -4.60
CA HIS D 120 10.87 51.64 -4.53
C HIS D 120 10.90 52.55 -3.30
N ILE D 121 10.19 53.68 -3.39
CA ILE D 121 10.00 54.61 -2.24
C ILE D 121 8.52 54.98 -2.20
N HIS D 122 7.96 55.07 -1.00
CA HIS D 122 6.57 55.54 -0.76
C HIS D 122 6.59 56.59 0.34
N PHE D 123 6.04 57.76 0.05
CA PHE D 123 6.18 58.95 0.92
C PHE D 123 5.02 59.91 0.72
N PHE D 124 4.57 60.52 1.81
CA PHE D 124 3.53 61.58 1.78
C PHE D 124 3.81 62.54 2.92
N SER D 125 3.39 63.79 2.75
CA SER D 125 3.47 64.86 3.77
C SER D 125 2.22 65.74 3.67
N VAL D 126 1.73 66.19 4.83
CA VAL D 126 0.66 67.20 4.97
C VAL D 126 1.25 68.34 5.82
N GLY D 127 1.04 69.58 5.39
CA GLY D 127 1.66 70.75 6.03
C GLY D 127 0.87 72.02 5.79
N GLY D 128 1.15 73.05 6.61
CA GLY D 128 0.57 74.39 6.49
C GLY D 128 1.45 75.32 5.68
N GLU D 129 2.52 74.78 5.11
CA GLU D 129 3.49 75.50 4.24
C GLU D 129 4.24 74.48 3.40
N PRO D 130 4.98 74.92 2.37
CA PRO D 130 5.83 74.00 1.61
C PRO D 130 6.74 73.16 2.51
N LEU D 131 6.92 71.89 2.14
CA LEU D 131 7.82 70.93 2.83
C LEU D 131 9.26 71.41 2.70
N ASP D 132 10.01 71.44 3.81
CA ASP D 132 11.45 71.82 3.83
C ASP D 132 12.27 70.61 3.36
N LEU D 133 13.13 70.82 2.36
CA LEU D 133 14.01 69.78 1.76
C LEU D 133 15.46 70.04 2.17
N GLN D 134 16.19 68.95 2.44
CA GLN D 134 17.65 68.90 2.65
C GLN D 134 18.29 68.24 1.43
N GLY D 135 19.35 68.83 0.90
CA GLY D 135 20.11 68.27 -0.22
C GLY D 135 20.98 67.11 0.24
N LEU D 136 20.79 65.94 -0.35
CA LEU D 136 21.73 64.80 -0.26
C LEU D 136 21.53 63.88 -1.46
N MET D 137 22.63 63.57 -2.16
CA MET D 137 22.63 62.84 -3.45
C MET D 137 23.75 61.80 -3.44
N GLN D 138 23.65 60.77 -4.29
CA GLN D 138 24.64 59.66 -4.39
C GLN D 138 25.89 60.16 -5.11
N ASN D 139 25.74 60.99 -6.14
CA ASN D 139 26.86 61.53 -6.95
C ASN D 139 26.71 63.05 -7.07
N HIS D 140 27.61 63.79 -6.43
CA HIS D 140 27.57 65.28 -6.34
C HIS D 140 27.61 65.89 -7.75
N SER D 141 28.20 65.17 -8.71
CA SER D 141 28.49 65.65 -10.08
C SER D 141 27.32 65.40 -11.03
N THR D 142 26.25 64.74 -10.58
CA THR D 142 25.06 64.48 -11.44
C THR D 142 24.61 65.80 -12.08
N GLN D 143 24.36 65.78 -13.39
CA GLN D 143 23.87 66.95 -14.17
C GLN D 143 22.36 66.80 -14.37
N TYR D 144 21.55 67.58 -13.65
CA TYR D 144 20.08 67.60 -13.79
C TYR D 144 19.71 68.60 -14.88
N PRO D 145 19.02 68.16 -15.96
CA PRO D 145 18.55 69.09 -16.98
C PRO D 145 17.51 70.07 -16.42
N SER D 146 17.53 71.31 -16.89
CA SER D 146 16.46 72.31 -16.66
C SER D 146 15.15 71.72 -17.20
N PRO D 147 13.98 71.96 -16.55
CA PRO D 147 13.85 72.84 -15.40
C PRO D 147 13.96 72.22 -13.99
N LEU D 148 14.51 71.01 -13.88
CA LEU D 148 14.71 70.33 -12.57
C LEU D 148 15.62 71.20 -11.71
N VAL D 149 15.54 71.05 -10.39
CA VAL D 149 16.36 71.82 -9.41
C VAL D 149 17.08 70.82 -8.52
N GLY D 150 18.41 70.85 -8.50
CA GLY D 150 19.26 70.02 -7.64
C GLY D 150 19.98 70.86 -6.60
N PRO D 151 20.62 70.22 -5.60
CA PRO D 151 21.34 70.94 -4.57
C PRO D 151 22.48 71.76 -5.19
N LYS D 152 22.42 73.09 -5.05
CA LYS D 152 23.47 74.04 -5.46
C LYS D 152 23.83 74.88 -4.23
N LYS D 153 25.11 75.23 -4.04
CA LYS D 153 25.52 76.30 -3.10
C LYS D 153 25.00 77.63 -3.63
N PRO D 154 25.10 78.75 -2.89
CA PRO D 154 24.69 80.06 -3.43
C PRO D 154 25.47 80.44 -4.70
N ASP D 155 26.73 80.01 -4.81
CA ASP D 155 27.63 80.37 -5.94
C ASP D 155 27.30 79.52 -7.19
N GLY D 156 26.41 78.53 -7.07
CA GLY D 156 25.95 77.68 -8.21
C GLY D 156 26.64 76.32 -8.26
N THR D 157 27.70 76.13 -7.48
CA THR D 157 28.53 74.88 -7.46
C THR D 157 27.79 73.79 -6.66
N THR D 158 28.27 72.54 -6.79
CA THR D 158 27.83 71.38 -5.97
C THR D 158 29.05 70.52 -5.63
N ASP D 159 29.53 70.55 -4.40
CA ASP D 159 30.80 69.87 -4.02
C ASP D 159 30.49 68.48 -3.45
N ASP D 160 31.53 67.75 -3.04
CA ASP D 160 31.47 66.36 -2.52
C ASP D 160 30.57 66.29 -1.28
N SER D 161 30.44 67.38 -0.52
CA SER D 161 29.70 67.43 0.75
C SER D 161 28.20 67.14 0.53
N ALA D 162 27.71 67.33 -0.70
CA ALA D 162 26.30 67.05 -1.07
C ALA D 162 25.99 65.54 -1.01
N GLN D 163 27.00 64.70 -0.80
CA GLN D 163 26.83 63.22 -0.68
C GLN D 163 26.63 62.85 0.80
N VAL D 164 26.82 63.82 1.69
CA VAL D 164 26.50 63.69 3.14
C VAL D 164 25.66 64.89 3.53
N LEU D 165 25.59 65.23 4.82
CA LEU D 165 24.79 66.39 5.29
C LEU D 165 25.68 67.64 5.30
N ASN D 166 25.35 68.60 4.42
CA ASN D 166 25.85 69.99 4.47
C ASN D 166 24.63 70.91 4.50
N PRO D 167 24.40 71.63 5.63
CA PRO D 167 23.27 72.55 5.75
C PRO D 167 23.15 73.60 4.64
N ILE D 168 24.21 73.86 3.89
CA ILE D 168 24.20 74.86 2.78
C ILE D 168 23.17 74.45 1.72
N TYR D 169 22.88 73.16 1.59
CA TYR D 169 21.97 72.61 0.54
C TYR D 169 20.56 72.42 1.09
N LYS D 170 19.71 73.43 0.93
CA LYS D 170 18.29 73.37 1.35
C LYS D 170 17.42 73.94 0.23
N ALA D 171 16.14 73.61 0.26
CA ALA D 171 15.11 74.08 -0.69
C ALA D 171 13.73 73.89 -0.07
N LYS D 172 12.74 74.57 -0.64
CA LYS D 172 11.31 74.39 -0.29
C LYS D 172 10.67 73.68 -1.48
N LEU D 173 9.89 72.62 -1.22
CA LEU D 173 9.15 71.85 -2.24
C LEU D 173 7.98 72.71 -2.72
N ASP D 174 8.27 73.70 -3.57
CA ASP D 174 7.33 74.77 -3.97
C ASP D 174 6.79 74.57 -5.39
N LYS D 175 7.24 73.53 -6.10
CA LYS D 175 6.83 73.27 -7.50
C LYS D 175 6.70 71.75 -7.70
N ASP D 176 5.60 71.32 -8.33
CA ASP D 176 5.35 69.90 -8.72
C ASP D 176 6.41 69.50 -9.76
N ALA D 177 6.80 68.23 -9.78
CA ALA D 177 7.56 67.59 -10.89
C ALA D 177 8.90 68.26 -11.13
N THR D 178 9.47 68.90 -10.11
CA THR D 178 10.64 69.81 -10.23
C THR D 178 11.82 69.33 -9.39
N TYR D 179 11.56 68.81 -8.19
CA TYR D 179 12.60 68.42 -7.20
C TYR D 179 12.80 66.91 -7.28
N PRO D 180 13.96 66.43 -7.79
CA PRO D 180 14.20 65.00 -7.90
C PRO D 180 14.28 64.33 -6.52
N ILE D 181 13.65 63.16 -6.40
CA ILE D 181 13.63 62.34 -5.17
C ILE D 181 15.08 62.00 -4.78
N GLU D 182 15.97 61.86 -5.76
CA GLU D 182 17.30 61.23 -5.57
C GLU D 182 18.32 62.21 -4.97
N CYS D 183 18.01 63.51 -4.90
CA CYS D 183 18.94 64.55 -4.38
C CYS D 183 18.30 65.40 -3.26
N TRP D 184 17.02 65.19 -2.95
CA TRP D 184 16.28 65.91 -1.87
C TRP D 184 15.55 64.91 -0.96
N CYS D 185 15.74 65.03 0.35
CA CYS D 185 14.92 64.34 1.37
C CYS D 185 14.27 65.37 2.27
N PRO D 186 13.18 65.00 3.00
CA PRO D 186 12.60 65.88 4.01
C PRO D 186 13.68 66.27 5.02
N ASP D 187 13.74 67.57 5.33
CA ASP D 187 14.72 68.20 6.27
C ASP D 187 14.21 68.04 7.70
N PRO D 188 14.83 67.17 8.51
CA PRO D 188 14.34 66.90 9.86
C PRO D 188 14.66 68.01 10.85
N SER D 189 15.50 68.97 10.45
CA SER D 189 15.92 70.15 11.25
C SER D 189 14.86 71.25 11.14
N ARG D 190 13.88 71.07 10.26
CA ARG D 190 12.78 72.05 10.03
C ARG D 190 11.46 71.29 9.97
N ASN D 191 10.54 71.69 9.08
CA ASN D 191 9.22 71.02 8.92
C ASN D 191 8.47 70.97 10.25
N GLU D 192 8.59 72.00 11.11
CA GLU D 192 7.82 72.10 12.38
C GLU D 192 6.32 72.09 12.05
N ASN D 193 5.92 72.67 10.91
CA ASN D 193 4.50 72.89 10.52
C ASN D 193 4.10 71.91 9.40
N SER D 194 4.83 70.80 9.25
CA SER D 194 4.50 69.70 8.31
C SER D 194 4.64 68.36 9.05
N ARG D 195 3.86 67.36 8.66
CA ARG D 195 4.04 65.95 9.11
C ARG D 195 4.38 65.12 7.88
N TYR D 196 5.52 64.42 7.89
CA TYR D 196 5.95 63.59 6.73
C TYR D 196 6.23 62.16 7.18
N PHE D 197 6.01 61.24 6.25
CA PHE D 197 6.08 59.76 6.45
C PHE D 197 6.63 59.13 5.16
N GLY D 198 7.73 58.38 5.27
CA GLY D 198 8.38 57.78 4.09
C GLY D 198 9.06 56.47 4.41
N SER D 199 9.07 55.56 3.44
CA SER D 199 9.75 54.24 3.54
C SER D 199 10.38 53.91 2.17
N TYR D 200 11.68 53.66 2.15
CA TYR D 200 12.44 53.23 0.94
C TYR D 200 12.87 51.78 1.13
N THR D 201 12.82 51.01 0.04
CA THR D 201 13.37 49.63 -0.04
C THR D 201 14.25 49.54 -1.29
N GLY D 202 15.49 49.05 -1.13
CA GLY D 202 16.44 48.89 -2.24
C GLY D 202 16.29 47.53 -2.92
N GLY D 203 17.34 47.07 -3.61
CA GLY D 203 17.42 45.75 -4.25
C GLY D 203 17.15 45.83 -5.74
N VAL D 204 17.49 44.76 -6.46
CA VAL D 204 17.44 44.72 -7.96
C VAL D 204 16.07 44.21 -8.40
N GLU D 205 15.57 43.14 -7.78
CA GLU D 205 14.31 42.45 -8.16
C GLU D 205 13.33 42.41 -6.99
N THR D 206 13.51 43.30 -6.01
CA THR D 206 12.72 43.34 -4.75
C THR D 206 11.23 43.46 -5.06
N PRO D 207 10.37 42.59 -4.51
CA PRO D 207 8.93 42.67 -4.75
C PRO D 207 8.33 43.82 -3.96
N PRO D 208 7.52 44.68 -4.59
CA PRO D 208 6.74 45.67 -3.87
C PRO D 208 5.66 44.98 -3.01
N VAL D 209 5.48 45.49 -1.79
CA VAL D 209 4.40 45.07 -0.85
C VAL D 209 3.60 46.31 -0.51
N LEU D 210 2.36 46.42 -1.00
CA LEU D 210 1.48 47.58 -0.73
C LEU D 210 0.11 47.09 -0.26
N SER D 211 -0.44 47.75 0.76
CA SER D 211 -1.78 47.49 1.33
C SER D 211 -2.71 48.67 1.01
N PHE D 212 -4.01 48.42 0.97
CA PHE D 212 -5.02 49.46 0.71
C PHE D 212 -6.29 49.13 1.52
N THR D 213 -6.80 50.12 2.25
CA THR D 213 -8.05 50.05 3.05
C THR D 213 -8.62 51.44 3.26
N ASN D 214 -9.94 51.56 3.35
CA ASN D 214 -10.61 52.84 3.68
C ASN D 214 -10.90 52.90 5.19
N THR D 215 -10.19 52.10 6.01
CA THR D 215 -10.38 52.04 7.48
C THR D 215 -9.18 52.67 8.22
N SER D 216 -8.07 52.98 7.54
CA SER D 216 -6.86 53.56 8.18
C SER D 216 -7.04 55.08 8.30
N THR D 217 -6.47 55.67 9.36
CA THR D 217 -6.38 57.14 9.58
C THR D 217 -5.04 57.46 10.20
N THR D 218 -4.38 58.51 9.73
CA THR D 218 -3.12 59.03 10.33
C THR D 218 -3.44 60.33 11.06
N ILE D 219 -3.18 60.37 12.37
CA ILE D 219 -3.35 61.59 13.21
C ILE D 219 -2.17 62.52 12.92
N LEU D 220 -2.43 63.81 12.77
CA LEU D 220 -1.41 64.82 12.38
C LEU D 220 -1.09 65.75 13.56
N LEU D 221 -1.78 65.57 14.70
CA LEU D 221 -1.51 66.38 15.92
C LEU D 221 -0.13 66.00 16.47
N ASP D 222 0.61 66.98 16.99
CA ASP D 222 1.99 66.79 17.53
C ASP D 222 1.91 66.39 19.01
N GLU D 223 3.08 66.32 19.67
CA GLU D 223 3.25 66.03 21.12
C GLU D 223 2.29 66.90 21.95
N ASN D 224 1.96 68.12 21.50
CA ASN D 224 1.12 69.10 22.24
C ASN D 224 -0.28 69.25 21.63
N GLY D 225 -0.76 68.26 20.87
CA GLY D 225 -2.14 68.24 20.33
C GLY D 225 -2.40 69.34 19.30
N VAL D 226 -1.35 69.88 18.69
CA VAL D 226 -1.45 70.91 17.61
C VAL D 226 -1.11 70.26 16.27
N GLY D 227 -1.98 70.42 15.28
CA GLY D 227 -1.76 69.96 13.90
C GLY D 227 -1.08 71.03 13.05
N PRO D 228 -0.73 70.71 11.78
CA PRO D 228 -0.25 71.73 10.85
C PRO D 228 -1.27 72.86 10.75
N LEU D 229 -0.80 74.10 10.90
CA LEU D 229 -1.61 75.34 10.75
C LEU D 229 -1.38 75.92 9.35
N CYS D 230 -2.43 75.97 8.56
CA CYS D 230 -2.41 76.32 7.11
C CYS D 230 -2.25 77.83 6.93
N LYS D 231 -1.00 78.29 6.72
CA LYS D 231 -0.66 79.71 6.43
C LYS D 231 -1.26 80.09 5.08
N GLY D 232 -1.69 81.36 4.95
CA GLY D 232 -2.34 81.91 3.75
C GLY D 232 -3.52 81.06 3.30
N ASP D 233 -4.21 80.38 4.24
CA ASP D 233 -5.40 79.55 3.94
C ASP D 233 -5.05 78.53 2.83
N GLY D 234 -3.86 77.94 2.93
CA GLY D 234 -3.35 76.92 1.99
C GLY D 234 -2.92 75.65 2.70
N LEU D 235 -3.41 74.50 2.23
CA LEU D 235 -2.99 73.14 2.69
C LEU D 235 -2.00 72.57 1.67
N TYR D 236 -0.82 72.15 2.13
CA TYR D 236 0.32 71.71 1.29
C TYR D 236 0.44 70.19 1.33
N LEU D 237 0.07 69.52 0.23
CA LEU D 237 0.22 68.06 0.05
C LEU D 237 1.48 67.76 -0.78
N SER D 238 2.20 66.70 -0.40
CA SER D 238 3.39 66.17 -1.13
C SER D 238 3.32 64.65 -1.16
N SER D 239 3.88 64.06 -2.22
CA SER D 239 3.78 62.62 -2.55
C SER D 239 5.05 62.20 -3.28
N ALA D 240 5.49 60.96 -3.06
CA ALA D 240 6.53 60.29 -3.86
C ALA D 240 6.26 58.79 -3.81
N ASP D 241 5.59 58.25 -4.83
CA ASP D 241 5.19 56.83 -4.84
C ASP D 241 5.71 56.15 -6.11
N VAL D 242 6.99 55.77 -6.06
CA VAL D 242 7.70 55.01 -7.12
C VAL D 242 7.64 53.54 -6.70
N ALA D 243 6.70 52.77 -7.27
CA ALA D 243 6.38 51.39 -6.86
C ALA D 243 7.53 50.44 -7.19
N GLY D 244 8.36 50.83 -8.16
CA GLY D 244 9.51 50.06 -8.65
C GLY D 244 9.77 50.33 -10.12
N THR D 245 10.27 49.34 -10.84
CA THR D 245 10.60 49.44 -12.29
C THR D 245 9.79 48.42 -13.06
N PHE D 246 9.39 48.79 -14.28
CA PHE D 246 8.93 47.86 -15.33
C PHE D 246 10.14 47.39 -16.12
N VAL D 247 10.32 46.07 -16.25
CA VAL D 247 11.41 45.42 -17.04
C VAL D 247 10.79 44.89 -18.33
N GLN D 248 11.20 45.44 -19.47
CA GLN D 248 10.58 45.12 -20.80
C GLN D 248 11.30 43.93 -21.44
N GLN D 249 10.53 42.98 -21.98
CA GLN D 249 11.07 41.82 -22.74
C GLN D 249 11.92 42.35 -23.90
N THR D 250 12.90 41.57 -24.34
CA THR D 250 13.69 41.81 -25.57
C THR D 250 14.69 42.94 -25.32
N SER D 251 14.23 44.17 -25.10
CA SER D 251 15.11 45.34 -24.83
C SER D 251 15.84 45.13 -23.51
N GLN D 252 15.16 44.51 -22.53
CA GLN D 252 15.63 44.33 -21.13
C GLN D 252 15.99 45.70 -20.54
N LYS D 253 15.28 46.75 -20.99
CA LYS D 253 15.38 48.11 -20.43
C LYS D 253 14.41 48.23 -19.26
N GLN D 254 14.73 49.11 -18.31
CA GLN D 254 13.92 49.36 -17.10
C GLN D 254 13.33 50.76 -17.17
N TYR D 255 12.09 50.90 -16.72
CA TYR D 255 11.33 52.17 -16.63
C TYR D 255 10.77 52.30 -15.21
N TRP D 256 11.02 53.44 -14.55
CA TRP D 256 10.38 53.79 -13.26
C TRP D 256 8.85 53.78 -13.45
N ARG D 257 8.13 53.17 -12.52
CA ARG D 257 6.65 53.14 -12.47
C ARG D 257 6.17 53.88 -11.22
N GLY D 258 5.35 54.90 -11.40
CA GLY D 258 4.78 55.70 -10.30
C GLY D 258 3.30 55.42 -10.11
N LEU D 259 2.78 55.67 -8.91
CA LEU D 259 1.33 55.54 -8.63
C LEU D 259 0.81 56.81 -7.98
N PRO D 260 -0.48 57.13 -8.18
CA PRO D 260 -1.08 58.31 -7.59
C PRO D 260 -1.42 58.05 -6.11
N ARG D 261 -1.43 59.12 -5.29
CA ARG D 261 -1.82 59.07 -3.87
C ARG D 261 -3.07 59.89 -3.66
N TYR D 262 -4.07 59.31 -2.99
CA TYR D 262 -5.33 59.99 -2.56
C TYR D 262 -5.14 60.54 -1.16
N PHE D 263 -5.63 61.76 -0.94
CA PHE D 263 -5.66 62.40 0.41
C PHE D 263 -7.10 62.75 0.79
N ASN D 264 -7.42 62.59 2.07
CA ASN D 264 -8.68 63.08 2.68
C ASN D 264 -8.34 63.71 4.02
N ILE D 265 -8.14 65.02 4.05
CA ILE D 265 -7.68 65.74 5.27
C ILE D 265 -8.90 66.30 6.00
N THR D 266 -8.98 66.07 7.31
CA THR D 266 -9.96 66.71 8.22
C THR D 266 -9.27 67.90 8.88
N LEU D 267 -9.81 69.10 8.72
CA LEU D 267 -9.28 70.34 9.36
C LEU D 267 -10.34 70.94 10.28
N ARG D 268 -9.89 71.74 11.25
CA ARG D 268 -10.75 72.46 12.22
C ARG D 268 -10.18 73.86 12.41
N LYS D 269 -11.02 74.82 12.79
CA LYS D 269 -10.58 76.22 13.03
C LYS D 269 -9.83 76.29 14.36
N ARG D 270 -8.66 76.94 14.35
CA ARG D 270 -7.82 77.15 15.55
C ARG D 270 -7.50 78.65 15.63
N ALA D 271 -7.56 79.23 16.83
CA ALA D 271 -7.27 80.65 17.09
C ALA D 271 -5.78 80.82 17.37
N VAL D 272 -5.22 81.98 16.99
CA VAL D 272 -3.75 82.30 17.12
C VAL D 272 -3.59 83.79 17.48
N LYS D 273 -2.53 84.14 18.19
CA LYS D 273 -2.35 85.45 18.90
C LYS D 273 -1.93 86.54 17.88
N GLY E 5 -23.89 56.15 4.59
CA GLY E 5 -24.37 56.81 3.35
C GLY E 5 -25.02 58.16 3.62
N GLY E 6 -25.80 58.67 2.64
CA GLY E 6 -26.64 59.89 2.70
C GLY E 6 -27.98 59.67 3.42
N ILE E 7 -27.99 58.65 4.31
CA ILE E 7 -28.98 58.30 5.36
C ILE E 7 -28.56 58.99 6.69
N GLU E 8 -29.48 59.71 7.33
CA GLU E 8 -29.32 60.19 8.75
C GLU E 8 -29.53 59.00 9.70
N VAL E 9 -28.48 58.62 10.42
CA VAL E 9 -28.42 57.38 11.26
C VAL E 9 -28.95 57.71 12.65
N LEU E 10 -29.80 56.85 13.22
CA LEU E 10 -30.41 57.05 14.56
C LEU E 10 -29.95 55.95 15.53
N ASP E 11 -30.82 55.55 16.45
CA ASP E 11 -30.54 54.59 17.55
C ASP E 11 -30.36 53.18 16.96
N VAL E 12 -29.63 52.32 17.66
CA VAL E 12 -29.49 50.88 17.34
C VAL E 12 -30.64 50.13 18.01
N LYS E 13 -31.59 49.57 17.26
CA LYS E 13 -32.67 48.73 17.83
C LYS E 13 -32.01 47.50 18.47
N THR E 14 -32.24 47.28 19.77
CA THR E 14 -31.86 46.05 20.51
C THR E 14 -33.15 45.32 20.90
N GLY E 15 -33.03 44.07 21.36
CA GLY E 15 -34.17 43.20 21.67
C GLY E 15 -34.09 41.89 20.89
N PRO E 16 -35.08 41.00 21.03
CA PRO E 16 -35.09 39.75 20.26
C PRO E 16 -35.23 39.99 18.76
N ASP E 17 -34.66 39.10 17.94
CA ASP E 17 -34.68 39.16 16.45
C ASP E 17 -34.11 40.50 15.96
N SER E 18 -33.14 41.08 16.66
CA SER E 18 -32.55 42.42 16.30
C SER E 18 -31.15 42.25 15.71
N THR E 19 -30.53 41.08 15.89
CA THR E 19 -29.25 40.69 15.23
C THR E 19 -29.47 39.46 14.36
N THR E 20 -28.60 39.26 13.37
CA THR E 20 -28.58 38.07 12.49
C THR E 20 -27.14 37.89 11.95
N THR E 21 -26.79 36.67 11.57
CA THR E 21 -25.50 36.35 10.91
C THR E 21 -25.78 35.85 9.49
N ILE E 22 -24.84 36.11 8.58
CA ILE E 22 -24.86 35.66 7.16
C ILE E 22 -23.56 34.91 6.88
N GLU E 23 -23.65 33.63 6.52
CA GLU E 23 -22.55 32.83 5.94
C GLU E 23 -22.63 32.92 4.42
N ALA E 24 -21.48 33.15 3.76
CA ALA E 24 -21.35 33.13 2.29
C ALA E 24 -19.91 32.75 1.94
N TYR E 25 -19.69 32.24 0.74
CA TYR E 25 -18.33 32.07 0.15
C TYR E 25 -18.37 32.67 -1.25
N LEU E 26 -17.28 33.31 -1.66
CA LEU E 26 -17.03 33.69 -3.08
C LEU E 26 -15.93 32.80 -3.63
N ASN E 27 -16.23 32.05 -4.69
CA ASN E 27 -15.22 31.27 -5.46
C ASN E 27 -14.45 32.25 -6.33
N PRO E 28 -13.17 31.97 -6.60
CA PRO E 28 -12.32 32.89 -7.36
C PRO E 28 -12.71 32.92 -8.84
N ARG E 29 -12.49 34.06 -9.49
CA ARG E 29 -12.77 34.25 -10.94
C ARG E 29 -11.47 34.69 -11.62
N VAL E 30 -10.56 33.74 -11.81
CA VAL E 30 -9.19 33.99 -12.35
C VAL E 30 -9.19 33.80 -13.88
N GLY E 31 -10.36 33.69 -14.51
CA GLY E 31 -10.51 33.54 -15.97
C GLY E 31 -11.29 32.29 -16.35
N GLN E 32 -11.22 31.26 -15.53
CA GLN E 32 -12.13 30.09 -15.56
C GLN E 32 -12.64 29.87 -14.13
N ASN E 33 -13.46 28.85 -13.91
CA ASN E 33 -14.29 28.74 -12.69
C ASN E 33 -13.70 27.74 -11.71
N TRP E 34 -12.58 27.09 -12.01
CA TRP E 34 -12.07 25.95 -11.21
C TRP E 34 -10.67 26.28 -10.66
N GLY E 35 -10.40 27.56 -10.44
CA GLY E 35 -9.28 28.04 -9.60
C GLY E 35 -8.01 28.32 -10.39
N PHE E 36 -8.01 28.02 -11.70
CA PHE E 36 -6.85 28.31 -12.59
C PHE E 36 -7.32 29.04 -13.85
N SER E 37 -6.51 30.02 -14.26
CA SER E 37 -6.57 30.68 -15.57
C SER E 37 -6.06 29.70 -16.64
N THR E 38 -6.28 30.04 -17.91
CA THR E 38 -5.53 29.46 -19.06
C THR E 38 -4.13 30.07 -19.04
N GLU E 39 -3.22 29.54 -19.85
CA GLU E 39 -1.80 29.98 -19.84
C GLU E 39 -1.72 31.50 -19.98
N ILE E 40 -0.86 32.13 -19.20
CA ILE E 40 -0.57 33.59 -19.31
C ILE E 40 0.22 33.78 -20.60
N THR E 41 -0.24 34.71 -21.45
CA THR E 41 0.42 35.05 -22.74
C THR E 41 0.97 36.47 -22.64
N VAL E 42 2.01 36.77 -23.42
CA VAL E 42 2.69 38.09 -23.43
C VAL E 42 2.76 38.57 -24.88
N ALA E 43 2.12 39.69 -25.18
CA ALA E 43 2.19 40.36 -26.50
C ALA E 43 3.66 40.63 -26.83
N SER E 44 4.05 40.47 -28.10
CA SER E 44 5.38 40.89 -28.61
C SER E 44 5.43 42.42 -28.68
N ASN E 45 6.56 43.02 -28.30
CA ASN E 45 6.77 44.48 -28.35
C ASN E 45 6.28 44.98 -29.72
N GLY E 46 5.43 46.01 -29.73
CA GLY E 46 4.95 46.67 -30.96
C GLY E 46 3.63 46.12 -31.45
N TYR E 47 3.22 44.93 -31.00
CA TYR E 47 1.93 44.29 -31.38
C TYR E 47 0.88 44.65 -30.33
N ASN E 48 -0.39 44.41 -30.64
CA ASN E 48 -1.53 44.68 -29.71
C ASN E 48 -1.35 43.83 -28.45
N ASP E 49 -1.61 44.43 -27.29
CA ASP E 49 -1.74 43.75 -25.99
C ASP E 49 -3.18 43.24 -25.87
N ALA E 50 -3.43 42.00 -26.30
CA ALA E 50 -4.80 41.43 -26.40
C ALA E 50 -4.84 40.07 -25.71
N PRO E 51 -4.89 40.05 -24.36
CA PRO E 51 -4.93 38.81 -23.60
C PRO E 51 -6.27 38.08 -23.81
N HIS E 52 -6.23 36.75 -23.66
CA HIS E 52 -7.41 35.85 -23.74
C HIS E 52 -8.34 36.16 -22.55
N LEU E 53 -9.65 36.09 -22.77
CA LEU E 53 -10.66 36.24 -21.68
C LEU E 53 -10.23 35.39 -20.49
N THR E 54 -9.82 34.15 -20.73
CA THR E 54 -9.65 33.10 -19.69
C THR E 54 -8.29 33.19 -19.01
N GLU E 55 -7.52 34.26 -19.23
CA GLU E 55 -6.17 34.45 -18.62
C GLU E 55 -6.15 35.70 -17.74
N ILE E 56 -7.31 36.34 -17.56
CA ILE E 56 -7.45 37.66 -16.88
C ILE E 56 -8.27 37.48 -15.60
N PRO E 57 -7.64 37.54 -14.41
CA PRO E 57 -8.36 37.46 -13.16
C PRO E 57 -9.23 38.71 -12.90
N CYS E 58 -10.42 38.46 -12.36
CA CYS E 58 -11.46 39.47 -12.06
C CYS E 58 -11.87 39.40 -10.59
N TYR E 59 -12.41 40.51 -10.09
CA TYR E 59 -13.09 40.59 -8.76
C TYR E 59 -14.25 39.61 -8.76
N SER E 60 -14.29 38.72 -7.76
CA SER E 60 -15.50 37.98 -7.33
C SER E 60 -16.42 38.94 -6.57
N SER E 61 -17.73 38.79 -6.71
CA SER E 61 -18.75 39.72 -6.15
C SER E 61 -20.09 38.99 -6.05
N ALA E 62 -20.83 39.22 -4.98
CA ALA E 62 -22.21 38.69 -4.79
C ALA E 62 -23.01 39.67 -3.93
N ARG E 63 -24.33 39.69 -4.13
CA ARG E 63 -25.30 40.42 -3.28
C ARG E 63 -26.12 39.36 -2.53
N ILE E 64 -25.96 39.29 -1.20
CA ILE E 64 -26.76 38.38 -0.34
C ILE E 64 -28.05 39.12 0.04
N SER E 65 -29.20 38.46 -0.13
CA SER E 65 -30.54 38.97 0.30
C SER E 65 -30.66 38.82 1.83
N LEU E 66 -30.99 39.91 2.51
CA LEU E 66 -31.19 39.96 3.98
C LEU E 66 -32.68 39.89 4.27
N PRO E 67 -33.11 39.43 5.48
CA PRO E 67 -34.53 39.49 5.86
C PRO E 67 -35.14 40.88 5.62
N LEU E 68 -36.35 40.93 5.05
CA LEU E 68 -37.06 42.22 4.78
C LEU E 68 -37.38 42.86 6.12
N LEU E 69 -37.26 44.19 6.23
CA LEU E 69 -37.39 44.90 7.54
C LEU E 69 -38.70 45.69 7.63
N ASN E 70 -39.06 46.50 6.62
CA ASN E 70 -40.13 47.49 6.72
C ASN E 70 -41.35 46.86 6.03
N LEU E 78 -37.51 54.29 9.54
CA LEU E 78 -37.23 53.04 8.80
C LEU E 78 -36.05 52.31 9.47
N LEU E 79 -35.96 51.00 9.27
CA LEU E 79 -34.86 50.13 9.76
C LEU E 79 -34.02 49.63 8.59
N MET E 80 -32.70 49.65 8.73
CA MET E 80 -31.74 49.02 7.80
C MET E 80 -30.84 48.06 8.59
N TRP E 81 -30.48 46.92 7.99
CA TRP E 81 -29.42 46.03 8.53
C TRP E 81 -28.09 46.78 8.49
N GLU E 82 -27.34 46.69 9.59
CA GLU E 82 -26.01 47.32 9.75
C GLU E 82 -24.99 46.20 9.97
N ALA E 83 -24.01 46.08 9.07
CA ALA E 83 -22.91 45.09 9.17
C ALA E 83 -21.94 45.58 10.25
N VAL E 84 -21.74 44.80 11.32
CA VAL E 84 -20.97 45.22 12.52
C VAL E 84 -19.56 44.63 12.45
N SER E 85 -19.47 43.34 12.13
CA SER E 85 -18.19 42.58 12.13
C SER E 85 -18.26 41.49 11.05
N VAL E 86 -17.09 41.02 10.61
CA VAL E 86 -16.96 39.88 9.67
C VAL E 86 -15.79 39.01 10.13
N LYS E 87 -16.04 37.70 10.29
CA LYS E 87 -14.99 36.65 10.30
C LYS E 87 -14.81 36.23 8.84
N THR E 88 -13.61 36.38 8.28
CA THR E 88 -13.31 35.98 6.88
C THR E 88 -12.05 35.11 6.85
N GLU E 89 -12.00 34.16 5.93
CA GLU E 89 -10.87 33.21 5.78
C GLU E 89 -10.66 32.88 4.29
N VAL E 90 -9.39 32.78 3.89
CA VAL E 90 -9.00 32.26 2.56
C VAL E 90 -8.99 30.73 2.67
N VAL E 91 -9.89 30.08 1.94
CA VAL E 91 -10.13 28.61 2.05
C VAL E 91 -9.16 27.89 1.12
N GLY E 92 -8.68 26.72 1.54
CA GLY E 92 -7.84 25.83 0.72
C GLY E 92 -6.41 26.32 0.57
N ILE E 93 -5.91 27.08 1.55
CA ILE E 93 -4.47 27.48 1.59
C ILE E 93 -3.62 26.21 1.59
N SER E 94 -4.01 25.22 2.40
CA SER E 94 -3.26 23.94 2.57
C SER E 94 -3.13 23.21 1.22
N SER E 95 -3.99 23.53 0.25
CA SER E 95 -4.00 22.91 -1.10
C SER E 95 -2.66 23.12 -1.80
N MET E 96 -1.91 24.16 -1.40
CA MET E 96 -0.65 24.58 -2.06
C MET E 96 0.53 23.71 -1.58
N LEU E 97 0.41 22.95 -0.49
CA LEU E 97 1.50 22.03 -0.06
C LEU E 97 1.44 20.76 -0.93
N ASN E 98 1.77 20.92 -2.22
CA ASN E 98 1.63 19.90 -3.28
C ASN E 98 2.83 20.05 -4.23
N MET E 99 3.76 19.09 -4.19
CA MET E 99 5.00 19.12 -5.02
C MET E 99 5.01 17.97 -6.01
N HIS E 100 3.85 17.37 -6.31
CA HIS E 100 3.73 16.18 -7.21
C HIS E 100 2.85 16.46 -8.43
N SER E 101 2.02 17.51 -8.40
CA SER E 101 1.00 17.78 -9.46
C SER E 101 1.60 18.66 -10.56
N TYR E 102 2.60 18.14 -11.27
CA TYR E 102 3.07 18.57 -12.61
C TYR E 102 3.87 19.88 -12.55
N GLY E 103 4.25 20.33 -11.35
CA GLY E 103 5.00 21.60 -11.19
C GLY E 103 6.40 21.50 -11.78
N LEU E 104 6.90 22.61 -12.34
CA LEU E 104 8.31 22.72 -12.77
C LEU E 104 9.21 22.18 -11.65
N ARG E 105 10.15 21.30 -11.97
CA ARG E 105 10.89 20.50 -10.96
C ARG E 105 12.17 21.23 -10.54
N ALA E 106 12.44 21.24 -9.25
CA ALA E 106 13.59 21.94 -8.62
C ALA E 106 14.85 21.08 -8.74
N PHE E 107 16.00 21.68 -8.47
CA PHE E 107 17.32 21.00 -8.38
C PHE E 107 17.55 20.18 -9.64
N GLY E 108 17.52 20.88 -10.79
CA GLY E 108 17.85 20.35 -12.14
C GLY E 108 16.90 19.28 -12.60
N GLY E 109 15.67 19.24 -12.08
CA GLY E 109 14.61 18.32 -12.52
C GLY E 109 14.50 17.06 -11.66
N TYR E 110 15.38 16.88 -10.67
CA TYR E 110 15.43 15.67 -9.80
C TYR E 110 14.58 15.86 -8.54
N GLY E 111 14.28 17.11 -8.18
CA GLY E 111 13.48 17.46 -6.99
C GLY E 111 11.99 17.45 -7.29
N GLY E 112 11.19 18.02 -6.38
CA GLY E 112 9.72 18.09 -6.50
C GLY E 112 9.28 19.28 -7.32
N GLY E 113 7.99 19.33 -7.65
CA GLY E 113 7.37 20.45 -8.39
C GLY E 113 7.33 21.73 -7.58
N TYR E 114 7.43 22.87 -8.25
CA TYR E 114 7.25 24.22 -7.66
C TYR E 114 5.82 24.33 -7.11
N THR E 115 5.69 24.72 -5.85
CA THR E 115 4.40 25.17 -5.26
C THR E 115 4.05 26.52 -5.88
N ILE E 116 2.76 26.89 -5.82
CA ILE E 116 2.26 28.21 -6.27
C ILE E 116 3.22 29.28 -5.74
N GLU E 117 3.68 30.16 -6.62
CA GLU E 117 4.59 31.29 -6.29
C GLU E 117 4.37 32.44 -7.26
N GLY E 118 5.01 33.57 -6.98
CA GLY E 118 4.96 34.78 -7.81
C GLY E 118 4.03 35.84 -7.23
N SER E 119 3.76 36.88 -8.03
CA SER E 119 2.92 38.04 -7.65
C SER E 119 1.53 37.54 -7.24
N HIS E 120 0.97 38.13 -6.19
CA HIS E 120 -0.32 37.72 -5.58
C HIS E 120 -1.01 38.94 -4.99
N ILE E 121 -2.35 38.91 -4.97
CA ILE E 121 -3.19 39.94 -4.31
C ILE E 121 -4.24 39.21 -3.48
N HIS E 122 -4.52 39.72 -2.28
CA HIS E 122 -5.60 39.24 -1.38
C HIS E 122 -6.42 40.43 -0.92
N PHE E 123 -7.72 40.36 -1.16
CA PHE E 123 -8.62 41.53 -0.97
C PHE E 123 -10.04 41.07 -0.70
N PHE E 124 -10.73 41.80 0.19
CA PHE E 124 -12.17 41.57 0.49
C PHE E 124 -12.79 42.92 0.85
N SER E 125 -14.08 43.04 0.60
CA SER E 125 -14.90 44.21 0.97
C SER E 125 -16.29 43.73 1.43
N VAL E 126 -16.83 44.40 2.43
CA VAL E 126 -18.24 44.26 2.91
C VAL E 126 -18.88 45.64 2.81
N GLY E 127 -20.08 45.72 2.26
CA GLY E 127 -20.76 47.01 1.99
C GLY E 127 -22.26 46.86 1.94
N GLY E 128 -22.96 48.00 2.05
CA GLY E 128 -24.43 48.10 1.93
C GLY E 128 -24.84 48.45 0.52
N GLU E 129 -23.88 48.49 -0.41
CA GLU E 129 -24.09 48.78 -1.85
C GLU E 129 -22.89 48.24 -2.62
N PRO E 130 -22.97 48.16 -3.96
CA PRO E 130 -21.81 47.78 -4.77
C PRO E 130 -20.56 48.62 -4.43
N LEU E 131 -19.40 47.97 -4.43
CA LEU E 131 -18.09 48.60 -4.22
C LEU E 131 -17.81 49.59 -5.36
N ASP E 132 -17.39 50.81 -5.04
CA ASP E 132 -17.01 51.85 -6.04
C ASP E 132 -15.60 51.55 -6.53
N LEU E 133 -15.41 51.48 -7.85
CA LEU E 133 -14.13 51.19 -8.52
C LEU E 133 -13.61 52.45 -9.20
N GLN E 134 -12.29 52.65 -9.15
CA GLN E 134 -11.52 53.66 -9.91
C GLN E 134 -10.71 52.94 -10.98
N GLY E 135 -10.73 53.45 -12.20
CA GLY E 135 -9.93 52.91 -13.32
C GLY E 135 -8.47 53.32 -13.18
N LEU E 136 -7.58 52.31 -13.11
CA LEU E 136 -6.11 52.51 -13.25
C LEU E 136 -5.49 51.19 -13.71
N MET E 137 -4.72 51.25 -14.79
CA MET E 137 -4.16 50.07 -15.51
C MET E 137 -2.70 50.35 -15.86
N GLN E 138 -1.91 49.29 -16.09
CA GLN E 138 -0.45 49.38 -16.41
C GLN E 138 -0.29 49.84 -17.87
N ASN E 139 -1.15 49.35 -18.78
CA ASN E 139 -1.10 49.67 -20.22
C ASN E 139 -2.50 50.10 -20.68
N HIS E 140 -2.65 51.40 -21.00
CA HIS E 140 -3.95 52.02 -21.39
C HIS E 140 -4.53 51.31 -22.61
N SER E 141 -3.67 50.72 -23.46
CA SER E 141 -4.02 50.15 -24.77
C SER E 141 -4.46 48.68 -24.66
N THR E 142 -4.40 48.09 -23.48
CA THR E 142 -4.83 46.68 -23.28
C THR E 142 -6.23 46.49 -23.88
N GLN E 143 -6.43 45.43 -24.64
CA GLN E 143 -7.73 45.08 -25.27
C GLN E 143 -8.38 43.96 -24.45
N TYR E 144 -9.41 44.29 -23.67
CA TYR E 144 -10.18 43.30 -22.86
C TYR E 144 -11.30 42.72 -23.72
N PRO E 145 -11.32 41.39 -23.95
CA PRO E 145 -12.42 40.76 -24.67
C PRO E 145 -13.75 40.91 -23.90
N SER E 146 -14.85 41.09 -24.64
CA SER E 146 -16.23 40.99 -24.11
C SER E 146 -16.40 39.59 -23.50
N PRO E 147 -17.14 39.41 -22.38
CA PRO E 147 -17.92 40.48 -21.74
C PRO E 147 -17.24 41.26 -20.60
N LEU E 148 -15.90 41.19 -20.49
CA LEU E 148 -15.13 41.96 -19.47
C LEU E 148 -15.39 43.44 -19.68
N VAL E 149 -15.22 44.25 -18.63
CA VAL E 149 -15.42 45.73 -18.68
C VAL E 149 -14.14 46.39 -18.19
N GLY E 150 -13.52 47.22 -19.02
CA GLY E 150 -12.32 47.99 -18.67
C GLY E 150 -12.64 49.49 -18.64
N PRO E 151 -11.71 50.31 -18.12
CA PRO E 151 -11.93 51.76 -18.06
C PRO E 151 -12.06 52.33 -19.49
N LYS E 152 -13.21 52.91 -19.80
CA LYS E 152 -13.49 53.62 -21.09
C LYS E 152 -13.96 55.04 -20.73
N LYS E 153 -13.57 56.03 -21.50
CA LYS E 153 -14.19 57.39 -21.49
C LYS E 153 -15.63 57.24 -22.01
N PRO E 154 -16.47 58.29 -21.93
CA PRO E 154 -17.81 58.24 -22.51
C PRO E 154 -17.80 57.95 -24.01
N ASP E 155 -16.78 58.41 -24.73
CA ASP E 155 -16.67 58.28 -26.22
C ASP E 155 -16.22 56.86 -26.60
N GLY E 156 -15.85 56.01 -25.64
CA GLY E 156 -15.48 54.59 -25.88
C GLY E 156 -13.97 54.36 -25.89
N THR E 157 -13.18 55.43 -25.97
CA THR E 157 -11.69 55.38 -26.00
C THR E 157 -11.14 55.16 -24.59
N THR E 158 -9.83 54.93 -24.48
CA THR E 158 -9.05 54.84 -23.21
C THR E 158 -7.68 55.47 -23.46
N ASP E 159 -7.40 56.64 -22.88
CA ASP E 159 -6.14 57.39 -23.17
C ASP E 159 -5.07 57.05 -22.12
N ASP E 160 -3.90 57.67 -22.24
CA ASP E 160 -2.71 57.44 -21.38
C ASP E 160 -3.04 57.74 -19.91
N SER E 161 -4.00 58.61 -19.63
CA SER E 161 -4.36 59.07 -18.26
C SER E 161 -4.88 57.89 -17.42
N ALA E 162 -5.36 56.81 -18.05
CA ALA E 162 -5.84 55.59 -17.36
C ALA E 162 -4.68 54.86 -16.67
N GLN E 163 -3.44 55.27 -16.87
CA GLN E 163 -2.24 54.67 -16.21
C GLN E 163 -1.94 55.44 -14.91
N VAL E 164 -2.64 56.54 -14.68
CA VAL E 164 -2.61 57.31 -13.40
C VAL E 164 -4.05 57.54 -12.97
N LEU E 165 -4.32 58.52 -12.11
CA LEU E 165 -5.70 58.82 -11.66
C LEU E 165 -6.32 59.85 -12.58
N ASN E 166 -7.35 59.44 -13.32
CA ASN E 166 -8.32 60.32 -14.02
C ASN E 166 -9.72 59.97 -13.54
N PRO E 167 -10.39 60.90 -12.82
CA PRO E 167 -11.75 60.66 -12.32
C PRO E 167 -12.78 60.22 -13.36
N ILE E 168 -12.52 60.44 -14.65
CA ILE E 168 -13.45 60.07 -15.75
C ILE E 168 -13.67 58.54 -15.73
N TYR E 169 -12.70 57.76 -15.24
CA TYR E 169 -12.71 56.27 -15.27
C TYR E 169 -13.21 55.73 -13.92
N LYS E 170 -14.53 55.50 -13.81
CA LYS E 170 -15.15 54.91 -12.59
C LYS E 170 -16.15 53.84 -13.02
N ALA E 171 -16.49 52.94 -12.09
CA ALA E 171 -17.47 51.85 -12.28
C ALA E 171 -17.95 51.37 -10.92
N LYS E 172 -19.04 50.64 -10.90
CA LYS E 172 -19.56 49.95 -9.70
C LYS E 172 -19.34 48.46 -9.94
N LEU E 173 -18.80 47.76 -8.95
CA LEU E 173 -18.56 46.30 -8.99
C LEU E 173 -19.91 45.59 -8.85
N ASP E 174 -20.69 45.57 -9.94
CA ASP E 174 -22.11 45.15 -9.95
C ASP E 174 -22.27 43.76 -10.59
N LYS E 175 -21.20 43.14 -11.07
CA LYS E 175 -21.26 41.82 -11.76
C LYS E 175 -20.02 41.00 -11.37
N ASP E 176 -20.23 39.73 -11.00
CA ASP E 176 -19.15 38.75 -10.73
C ASP E 176 -18.34 38.53 -12.01
N ALA E 177 -17.06 38.23 -11.89
CA ALA E 177 -16.20 37.67 -12.96
C ALA E 177 -16.13 38.60 -14.19
N THR E 178 -16.35 39.91 -13.98
CA THR E 178 -16.57 40.89 -15.07
C THR E 178 -15.51 41.99 -15.06
N TYR E 179 -15.11 42.45 -13.88
CA TYR E 179 -14.20 43.62 -13.70
C TYR E 179 -12.80 43.09 -13.42
N PRO E 180 -11.84 43.24 -14.36
CA PRO E 180 -10.49 42.75 -14.16
C PRO E 180 -9.79 43.48 -13.01
N ILE E 181 -9.07 42.71 -12.19
CA ILE E 181 -8.30 43.24 -11.02
C ILE E 181 -7.27 44.26 -11.55
N GLU E 182 -6.76 44.06 -12.76
CA GLU E 182 -5.55 44.75 -13.26
C GLU E 182 -5.86 46.16 -13.78
N CYS E 183 -7.14 46.53 -13.92
CA CYS E 183 -7.54 47.88 -14.44
C CYS E 183 -8.53 48.59 -13.50
N TRP E 184 -8.96 47.94 -12.42
CA TRP E 184 -9.88 48.54 -11.40
C TRP E 184 -9.32 48.32 -9.99
N CYS E 185 -9.25 49.39 -9.20
CA CYS E 185 -8.98 49.32 -7.74
C CYS E 185 -10.14 49.94 -6.99
N PRO E 186 -10.30 49.64 -5.67
CA PRO E 186 -11.28 50.34 -4.85
C PRO E 186 -11.03 51.84 -4.91
N ASP E 187 -12.10 52.61 -5.12
CA ASP E 187 -12.11 54.10 -5.24
C ASP E 187 -12.13 54.70 -3.84
N PRO E 188 -11.01 55.30 -3.37
CA PRO E 188 -10.94 55.82 -2.01
C PRO E 188 -11.69 57.15 -1.84
N SER E 189 -12.13 57.76 -2.94
CA SER E 189 -12.91 59.02 -2.98
C SER E 189 -14.38 58.74 -2.74
N ARG E 190 -14.77 57.47 -2.71
CA ARG E 190 -16.17 57.02 -2.47
C ARG E 190 -16.17 55.87 -1.45
N ASN E 191 -17.01 54.87 -1.64
CA ASN E 191 -17.09 53.69 -0.74
C ASN E 191 -17.33 54.13 0.72
N GLU E 192 -18.11 55.19 0.95
CA GLU E 192 -18.47 55.64 2.33
C GLU E 192 -19.22 54.50 3.04
N ASN E 193 -20.00 53.71 2.29
CA ASN E 193 -20.91 52.66 2.84
C ASN E 193 -20.33 51.26 2.56
N SER E 194 -19.02 51.16 2.33
CA SER E 194 -18.28 49.88 2.17
C SER E 194 -17.00 49.95 3.01
N ARG E 195 -16.55 48.81 3.52
CA ARG E 195 -15.21 48.67 4.16
C ARG E 195 -14.41 47.70 3.31
N TYR E 196 -13.24 48.10 2.82
CA TYR E 196 -12.38 47.24 1.96
C TYR E 196 -10.97 47.16 2.55
N PHE E 197 -10.33 46.01 2.28
CA PHE E 197 -9.01 45.61 2.82
C PHE E 197 -8.27 44.79 1.76
N GLY E 198 -7.07 45.21 1.39
CA GLY E 198 -6.28 44.54 0.33
C GLY E 198 -4.79 44.61 0.64
N SER E 199 -4.06 43.58 0.21
CA SER E 199 -2.59 43.54 0.21
C SER E 199 -2.09 42.88 -1.10
N TYR E 200 -1.23 43.57 -1.83
CA TYR E 200 -0.55 43.06 -3.06
C TYR E 200 0.93 42.87 -2.76
N THR E 201 1.50 41.78 -3.29
CA THR E 201 2.96 41.50 -3.29
C THR E 201 3.38 41.15 -4.71
N GLY E 202 4.43 41.81 -5.22
CA GLY E 202 4.97 41.57 -6.57
C GLY E 202 6.02 40.47 -6.57
N GLY E 203 6.89 40.46 -7.59
CA GLY E 203 8.03 39.54 -7.71
C GLY E 203 7.73 38.39 -8.65
N VAL E 204 8.78 37.67 -9.06
CA VAL E 204 8.70 36.58 -10.09
C VAL E 204 8.43 35.25 -9.40
N GLU E 205 9.16 34.96 -8.32
CA GLU E 205 9.12 33.65 -7.60
C GLU E 205 8.75 33.85 -6.14
N THR E 206 8.13 34.99 -5.80
CA THR E 206 7.79 35.39 -4.41
C THR E 206 6.93 34.32 -3.75
N PRO E 207 7.31 33.83 -2.54
CA PRO E 207 6.51 32.83 -1.85
C PRO E 207 5.26 33.46 -1.25
N PRO E 208 4.07 32.87 -1.46
CA PRO E 208 2.88 33.29 -0.74
C PRO E 208 3.02 32.94 0.75
N VAL E 209 2.57 33.87 1.60
CA VAL E 209 2.47 33.68 3.07
C VAL E 209 1.00 33.95 3.44
N LEU E 210 0.26 32.92 3.82
CA LEU E 210 -1.17 33.03 4.20
C LEU E 210 -1.38 32.29 5.52
N SER E 211 -2.13 32.91 6.43
CA SER E 211 -2.55 32.34 7.73
C SER E 211 -4.05 32.08 7.72
N PHE E 212 -4.49 31.15 8.56
CA PHE E 212 -5.92 30.78 8.68
C PHE E 212 -6.21 30.42 10.15
N THR E 213 -7.28 31.01 10.69
CA THR E 213 -7.76 30.77 12.08
C THR E 213 -9.25 31.15 12.15
N ASN E 214 -10.00 30.47 13.01
CA ASN E 214 -11.43 30.79 13.28
C ASN E 214 -11.51 31.68 14.52
N THR E 215 -10.42 32.33 14.92
CA THR E 215 -10.36 33.21 16.13
C THR E 215 -10.27 34.70 15.74
N SER E 216 -10.03 35.03 14.45
CA SER E 216 -9.89 36.43 13.98
C SER E 216 -11.29 37.02 13.74
N THR E 217 -11.45 38.32 13.97
CA THR E 217 -12.67 39.12 13.64
C THR E 217 -12.25 40.50 13.16
N THR E 218 -12.87 41.00 12.08
CA THR E 218 -12.64 42.37 11.57
C THR E 218 -13.88 43.21 11.91
N ILE E 219 -13.70 44.28 12.68
CA ILE E 219 -14.77 45.24 13.03
C ILE E 219 -15.02 46.12 11.80
N LEU E 220 -16.29 46.38 11.47
CA LEU E 220 -16.69 47.14 10.25
C LEU E 220 -17.25 48.51 10.63
N LEU E 221 -17.35 48.81 11.93
CA LEU E 221 -17.84 50.14 12.41
C LEU E 221 -16.79 51.20 12.05
N ASP E 222 -17.25 52.40 11.68
CA ASP E 222 -16.38 53.53 11.26
C ASP E 222 -15.96 54.35 12.49
N GLU E 223 -15.28 55.48 12.26
CA GLU E 223 -14.84 56.47 13.29
C GLU E 223 -16.02 56.80 14.23
N ASN E 224 -17.27 56.77 13.74
CA ASN E 224 -18.48 57.18 14.51
C ASN E 224 -19.34 55.96 14.89
N GLY E 225 -18.77 54.76 14.96
CA GLY E 225 -19.46 53.55 15.44
C GLY E 225 -20.61 53.10 14.54
N VAL E 226 -20.62 53.53 13.27
CA VAL E 226 -21.63 53.13 12.26
C VAL E 226 -20.99 52.15 11.27
N GLY E 227 -21.64 51.01 11.05
CA GLY E 227 -21.22 50.00 10.05
C GLY E 227 -21.86 50.25 8.69
N PRO E 228 -21.51 49.47 7.66
CA PRO E 228 -22.22 49.53 6.38
C PRO E 228 -23.72 49.29 6.61
N LEU E 229 -24.55 50.19 6.06
CA LEU E 229 -26.02 50.09 6.09
C LEU E 229 -26.50 49.50 4.76
N CYS E 230 -27.13 48.33 4.83
CA CYS E 230 -27.51 47.50 3.66
C CYS E 230 -28.76 48.07 2.99
N LYS E 231 -28.56 48.87 1.92
CA LYS E 231 -29.64 49.45 1.08
C LYS E 231 -30.38 48.31 0.36
N GLY E 232 -31.68 48.49 0.17
CA GLY E 232 -32.56 47.48 -0.46
C GLY E 232 -32.44 46.11 0.19
N ASP E 233 -32.13 46.06 1.49
CA ASP E 233 -32.02 44.80 2.28
C ASP E 233 -31.04 43.85 1.56
N GLY E 234 -29.93 44.39 1.06
CA GLY E 234 -28.85 43.66 0.37
C GLY E 234 -27.48 43.89 1.00
N LEU E 235 -26.76 42.81 1.30
CA LEU E 235 -25.36 42.83 1.77
C LEU E 235 -24.44 42.50 0.59
N TYR E 236 -23.45 43.36 0.32
CA TYR E 236 -22.57 43.30 -0.88
C TYR E 236 -21.19 42.80 -0.47
N LEU E 237 -20.87 41.56 -0.83
CA LEU E 237 -19.53 40.95 -0.62
C LEU E 237 -18.70 41.01 -1.91
N SER E 238 -17.41 41.29 -1.78
CA SER E 238 -16.41 41.29 -2.89
C SER E 238 -15.12 40.63 -2.42
N SER E 239 -14.41 40.00 -3.35
CA SER E 239 -13.22 39.14 -3.08
C SER E 239 -12.28 39.24 -4.29
N ALA E 240 -10.98 39.17 -4.03
CA ALA E 240 -9.93 38.99 -5.06
C ALA E 240 -8.76 38.26 -4.40
N ASP E 241 -8.68 36.94 -4.55
CA ASP E 241 -7.65 36.11 -3.88
C ASP E 241 -6.88 35.30 -4.91
N VAL E 242 -5.92 35.95 -5.56
CA VAL E 242 -4.98 35.35 -6.53
C VAL E 242 -3.69 35.02 -5.75
N ALA E 243 -3.53 33.76 -5.34
CA ALA E 243 -2.48 33.29 -4.41
C ALA E 243 -1.11 33.39 -5.09
N GLY E 244 -1.09 33.37 -6.42
CA GLY E 244 0.12 33.43 -7.25
C GLY E 244 -0.08 32.68 -8.55
N THR E 245 0.99 32.10 -9.09
CA THR E 245 0.97 31.35 -10.37
C THR E 245 1.41 29.91 -10.13
N PHE E 246 0.81 28.98 -10.86
CA PHE E 246 1.32 27.60 -11.06
C PHE E 246 2.29 27.61 -12.24
N VAL E 247 3.51 27.11 -12.04
CA VAL E 247 4.57 26.98 -13.09
C VAL E 247 4.63 25.50 -13.48
N GLN E 248 4.28 25.18 -14.73
CA GLN E 248 4.17 23.77 -15.20
C GLN E 248 5.51 23.29 -15.74
N GLN E 249 5.93 22.07 -15.38
CA GLN E 249 7.15 21.41 -15.92
C GLN E 249 7.03 21.34 -17.44
N THR E 250 8.17 21.33 -18.13
CA THR E 250 8.28 21.06 -19.59
C THR E 250 7.81 22.29 -20.37
N SER E 251 6.52 22.64 -20.30
CA SER E 251 5.96 23.83 -21.01
C SER E 251 6.59 25.11 -20.44
N GLN E 252 6.85 25.12 -19.13
CA GLN E 252 7.33 26.30 -18.36
C GLN E 252 6.36 27.46 -18.55
N LYS E 253 5.08 27.14 -18.75
CA LYS E 253 3.97 28.13 -18.83
C LYS E 253 3.46 28.39 -17.41
N GLN E 254 2.92 29.59 -17.19
CA GLN E 254 2.38 30.04 -15.89
C GLN E 254 0.87 30.18 -16.00
N TYR E 255 0.16 29.79 -14.94
CA TYR E 255 -1.31 29.89 -14.79
C TYR E 255 -1.61 30.59 -13.46
N TRP E 256 -2.43 31.64 -13.49
CA TRP E 256 -2.97 32.27 -12.26
C TRP E 256 -3.73 31.21 -11.45
N ARG E 257 -3.50 31.17 -10.13
CA ARG E 257 -4.20 30.29 -9.17
C ARG E 257 -5.00 31.15 -8.19
N GLY E 258 -6.31 30.95 -8.12
CA GLY E 258 -7.22 31.67 -7.22
C GLY E 258 -7.69 30.78 -6.09
N LEU E 259 -8.09 31.40 -4.97
CA LEU E 259 -8.67 30.66 -3.81
C LEU E 259 -10.00 31.30 -3.42
N PRO E 260 -10.92 30.50 -2.85
CA PRO E 260 -12.21 31.03 -2.40
C PRO E 260 -12.06 31.72 -1.05
N ARG E 261 -12.93 32.70 -0.80
CA ARG E 261 -12.98 33.43 0.51
C ARG E 261 -14.31 33.15 1.19
N TYR E 262 -14.24 32.76 2.47
CA TYR E 262 -15.42 32.56 3.35
C TYR E 262 -15.72 33.87 4.08
N PHE E 263 -17.00 34.21 4.19
CA PHE E 263 -17.49 35.36 4.98
C PHE E 263 -18.48 34.89 6.06
N ASN E 264 -18.41 35.50 7.22
CA ASN E 264 -19.42 35.35 8.30
C ASN E 264 -19.70 36.73 8.88
N ILE E 265 -20.74 37.41 8.38
CA ILE E 265 -21.05 38.82 8.76
C ILE E 265 -22.10 38.79 9.88
N THR E 266 -21.85 39.55 10.94
CA THR E 266 -22.83 39.84 12.02
C THR E 266 -23.47 41.19 11.71
N LEU E 267 -24.80 41.22 11.58
CA LEU E 267 -25.55 42.48 11.36
C LEU E 267 -26.54 42.70 12.50
N ARG E 268 -26.95 43.96 12.69
CA ARG E 268 -27.93 44.38 13.72
C ARG E 268 -28.85 45.44 13.08
N LYS E 269 -30.07 45.58 13.59
CA LYS E 269 -31.05 46.56 13.09
C LYS E 269 -30.64 47.96 13.56
N ARG E 270 -30.62 48.92 12.63
CA ARG E 270 -30.32 50.35 12.92
C ARG E 270 -31.45 51.19 12.33
N ALA E 271 -31.91 52.21 13.07
CA ALA E 271 -32.99 53.13 12.67
C ALA E 271 -32.40 54.30 11.88
N VAL E 272 -33.15 54.84 10.92
CA VAL E 272 -32.70 55.93 10.01
C VAL E 272 -33.89 56.86 9.72
N LYS E 273 -33.61 58.14 9.45
CA LYS E 273 -34.58 59.18 9.00
C LYS E 273 -34.98 58.94 7.53
N ASN E 274 -36.13 59.51 7.10
CA ASN E 274 -36.49 59.76 5.67
C ASN E 274 -36.57 58.44 4.91
N GLY F 6 59.09 43.21 -14.64
CA GLY F 6 59.30 43.64 -13.23
C GLY F 6 58.56 44.93 -12.89
N ILE F 7 57.46 45.20 -13.59
CA ILE F 7 56.50 46.33 -13.37
C ILE F 7 55.33 45.81 -12.51
N GLU F 8 55.01 46.47 -11.39
CA GLU F 8 53.80 46.18 -10.57
C GLU F 8 52.59 46.83 -11.28
N VAL F 9 51.65 45.99 -11.75
CA VAL F 9 50.46 46.41 -12.55
C VAL F 9 49.33 46.78 -11.59
N LEU F 10 48.64 47.91 -11.83
CA LEU F 10 47.56 48.41 -10.95
C LEU F 10 46.23 48.40 -11.72
N ASP F 11 45.36 49.39 -11.44
CA ASP F 11 43.98 49.51 -11.97
C ASP F 11 44.05 49.88 -13.46
N VAL F 12 43.00 49.54 -14.20
CA VAL F 12 42.78 49.95 -15.62
C VAL F 12 42.08 51.31 -15.62
N LYS F 13 42.75 52.39 -16.04
CA LYS F 13 42.09 53.71 -16.21
C LYS F 13 41.00 53.55 -17.28
N THR F 14 39.74 53.87 -16.93
CA THR F 14 38.59 54.00 -17.87
C THR F 14 38.17 55.47 -17.89
N GLY F 15 37.33 55.84 -18.86
CA GLY F 15 36.92 57.24 -19.10
C GLY F 15 37.23 57.67 -20.52
N PRO F 16 36.95 58.93 -20.90
CA PRO F 16 37.26 59.41 -22.24
C PRO F 16 38.78 59.43 -22.50
N ASP F 17 39.17 59.23 -23.77
CA ASP F 17 40.59 59.23 -24.22
C ASP F 17 41.40 58.19 -23.44
N SER F 18 40.81 57.08 -23.02
CA SER F 18 41.48 56.02 -22.22
C SER F 18 41.76 54.78 -23.08
N THR F 19 41.13 54.67 -24.25
CA THR F 19 41.42 53.62 -25.26
C THR F 19 41.86 54.30 -26.56
N THR F 20 42.59 53.55 -27.40
CA THR F 20 43.03 53.96 -28.74
C THR F 20 43.24 52.71 -29.60
N THR F 21 43.15 52.85 -30.92
CA THR F 21 43.47 51.78 -31.89
C THR F 21 44.69 52.19 -32.72
N ILE F 22 45.46 51.20 -33.17
CA ILE F 22 46.63 51.36 -34.07
C ILE F 22 46.42 50.45 -35.27
N GLU F 23 46.34 51.02 -36.47
CA GLU F 23 46.44 50.31 -37.77
C GLU F 23 47.89 50.32 -38.23
N ALA F 24 48.39 49.17 -38.68
CA ALA F 24 49.74 49.02 -39.27
C ALA F 24 49.72 47.83 -40.22
N TYR F 25 50.65 47.79 -41.17
CA TYR F 25 50.94 46.61 -42.00
C TYR F 25 52.46 46.40 -41.96
N LEU F 26 52.88 45.14 -41.95
CA LEU F 26 54.29 44.74 -42.22
C LEU F 26 54.34 44.06 -43.59
N ASN F 27 55.12 44.61 -44.52
CA ASN F 27 55.42 43.95 -45.82
C ASN F 27 56.46 42.87 -45.56
N PRO F 28 56.42 41.78 -46.36
CA PRO F 28 57.30 40.64 -46.14
C PRO F 28 58.75 40.97 -46.51
N ARG F 29 59.70 40.33 -45.84
CA ARG F 29 61.15 40.49 -46.11
C ARG F 29 61.73 39.11 -46.42
N VAL F 30 61.47 38.61 -47.62
CA VAL F 30 61.85 37.24 -48.08
C VAL F 30 63.19 37.28 -48.81
N GLY F 31 63.92 38.41 -48.73
CA GLY F 31 65.26 38.57 -49.33
C GLY F 31 65.32 39.76 -50.28
N GLN F 32 64.19 40.10 -50.88
CA GLN F 32 63.97 41.40 -51.59
C GLN F 32 62.67 42.00 -51.05
N ASN F 33 62.26 43.14 -51.59
CA ASN F 33 61.20 43.97 -50.97
C ASN F 33 59.86 43.81 -51.68
N TRP F 34 59.78 43.00 -52.73
CA TRP F 34 58.60 42.95 -53.62
C TRP F 34 57.96 41.56 -53.61
N GLY F 35 58.12 40.83 -52.50
CA GLY F 35 57.32 39.63 -52.17
C GLY F 35 57.94 38.33 -52.67
N PHE F 36 59.07 38.42 -53.40
CA PHE F 36 59.82 37.24 -53.89
C PHE F 36 61.30 37.37 -53.55
N SER F 37 61.88 36.25 -53.14
CA SER F 37 63.34 36.04 -53.03
C SER F 37 63.93 35.91 -54.44
N THR F 38 65.26 35.96 -54.54
CA THR F 38 66.02 35.48 -55.72
C THR F 38 65.99 33.95 -55.67
N GLU F 39 66.43 33.29 -56.74
CA GLU F 39 66.34 31.82 -56.85
C GLU F 39 66.98 31.17 -55.61
N ILE F 40 66.33 30.14 -55.09
CA ILE F 40 66.87 29.32 -53.97
C ILE F 40 68.02 28.50 -54.54
N THR F 41 69.18 28.55 -53.89
CA THR F 41 70.40 27.80 -54.29
C THR F 41 70.69 26.76 -53.22
N VAL F 42 71.37 25.68 -53.59
CA VAL F 42 71.73 24.55 -52.69
C VAL F 42 73.23 24.30 -52.83
N ALA F 43 73.98 24.47 -51.75
CA ALA F 43 75.42 24.15 -51.68
C ALA F 43 75.63 22.70 -52.10
N SER F 44 76.70 22.40 -52.85
CA SER F 44 77.13 21.02 -53.16
C SER F 44 77.72 20.39 -51.90
N ASN F 45 77.41 19.12 -51.66
CA ASN F 45 77.95 18.36 -50.49
C ASN F 45 79.45 18.62 -50.40
N GLY F 46 79.95 19.01 -49.23
CA GLY F 46 81.38 19.21 -48.94
C GLY F 46 81.84 20.65 -49.15
N TYR F 47 81.06 21.48 -49.84
CA TYR F 47 81.36 22.92 -50.07
C TYR F 47 80.67 23.75 -48.98
N ASN F 48 81.06 25.02 -48.84
CA ASN F 48 80.42 25.96 -47.89
C ASN F 48 78.94 26.09 -48.21
N ASP F 49 78.11 26.10 -47.16
CA ASP F 49 76.68 26.50 -47.21
C ASP F 49 76.61 28.03 -47.11
N ALA F 50 76.63 28.73 -48.23
CA ALA F 50 76.73 30.21 -48.30
C ALA F 50 75.65 30.76 -49.21
N PRO F 51 74.39 30.83 -48.71
CA PRO F 51 73.28 31.33 -49.51
C PRO F 51 73.41 32.85 -49.74
N HIS F 52 72.84 33.32 -50.85
CA HIS F 52 72.78 34.75 -51.24
C HIS F 52 71.93 35.50 -50.22
N LEU F 53 72.30 36.75 -49.91
CA LEU F 53 71.49 37.64 -49.04
C LEU F 53 70.03 37.57 -49.48
N THR F 54 69.78 37.67 -50.79
CA THR F 54 68.44 37.91 -51.37
C THR F 54 67.64 36.62 -51.52
N GLU F 55 68.08 35.50 -50.93
CA GLU F 55 67.37 34.21 -51.03
C GLU F 55 66.97 33.71 -49.63
N ILE F 56 67.19 34.55 -48.60
CA ILE F 56 67.01 34.19 -47.17
C ILE F 56 65.89 35.03 -46.58
N PRO F 57 64.71 34.44 -46.31
CA PRO F 57 63.62 35.15 -45.66
C PRO F 57 63.92 35.49 -44.20
N CYS F 58 63.51 36.68 -43.81
CA CYS F 58 63.72 37.28 -42.46
C CYS F 58 62.39 37.69 -41.83
N TYR F 59 62.37 37.78 -40.51
CA TYR F 59 61.27 38.39 -39.72
C TYR F 59 61.12 39.85 -40.16
N SER F 60 59.89 40.22 -40.55
CA SER F 60 59.43 41.64 -40.63
C SER F 60 59.17 42.13 -39.19
N SER F 61 59.46 43.39 -38.92
CA SER F 61 59.40 43.99 -37.56
C SER F 61 59.27 45.52 -37.68
N ALA F 62 58.46 46.13 -36.83
CA ALA F 62 58.32 47.60 -36.72
C ALA F 62 57.96 47.98 -35.28
N ARG F 63 58.35 49.19 -34.88
CA ARG F 63 57.95 49.82 -33.59
C ARG F 63 57.02 50.98 -33.94
N ILE F 64 55.75 50.89 -33.58
CA ILE F 64 54.75 51.98 -33.77
C ILE F 64 54.84 52.89 -32.55
N SER F 65 54.94 54.21 -32.77
CA SER F 65 54.90 55.26 -31.72
C SER F 65 53.44 55.44 -31.25
N LEU F 66 53.22 55.33 -29.94
CA LEU F 66 51.90 55.52 -29.29
C LEU F 66 51.81 56.94 -28.73
N PRO F 67 50.60 57.51 -28.54
CA PRO F 67 50.44 58.81 -27.89
C PRO F 67 51.21 58.87 -26.56
N LEU F 68 51.90 59.97 -26.30
CA LEU F 68 52.72 60.17 -25.06
C LEU F 68 51.74 60.20 -23.88
N LEU F 69 52.10 59.59 -22.74
CA LEU F 69 51.22 59.43 -21.57
C LEU F 69 52.10 60.15 -20.56
N ASN F 70 51.60 60.53 -19.39
CA ASN F 70 52.36 61.12 -18.26
C ASN F 70 52.48 62.62 -18.36
N GLU F 71 51.52 63.17 -19.11
CA GLU F 71 51.42 64.63 -19.39
C GLU F 71 51.12 65.38 -18.10
N ASP F 72 50.37 64.82 -17.15
CA ASP F 72 49.99 65.42 -15.85
C ASP F 72 51.09 65.19 -14.80
N ILE F 73 51.78 66.27 -14.42
CA ILE F 73 52.98 66.22 -13.54
C ILE F 73 52.57 65.83 -12.11
N THR F 74 51.27 65.91 -11.79
CA THR F 74 50.72 65.68 -10.41
C THR F 74 50.18 64.25 -10.27
N SER F 75 50.02 63.48 -11.36
CA SER F 75 49.18 62.26 -11.40
C SER F 75 49.73 61.23 -10.39
N PRO F 76 48.89 60.43 -9.71
CA PRO F 76 49.34 59.59 -8.61
C PRO F 76 49.94 58.20 -8.93
N THR F 77 49.89 57.83 -10.22
CA THR F 77 50.36 56.60 -10.86
C THR F 77 51.05 56.96 -12.18
N LEU F 78 52.05 56.17 -12.62
CA LEU F 78 52.43 56.25 -14.09
C LEU F 78 51.49 55.37 -14.92
N LEU F 79 51.22 55.78 -16.15
CA LEU F 79 50.33 55.08 -17.11
C LEU F 79 51.19 54.51 -18.26
N MET F 80 50.89 53.27 -18.67
CA MET F 80 51.42 52.64 -19.88
C MET F 80 50.23 52.18 -20.74
N TRP F 81 50.38 52.26 -22.06
CA TRP F 81 49.43 51.63 -23.00
C TRP F 81 49.50 50.12 -22.85
N GLU F 82 48.35 49.47 -22.79
CA GLU F 82 48.20 48.00 -22.66
C GLU F 82 47.47 47.49 -23.91
N ALA F 83 48.13 46.62 -24.68
CA ALA F 83 47.54 45.99 -25.88
C ALA F 83 46.55 44.92 -25.40
N VAL F 84 45.28 45.06 -25.78
CA VAL F 84 44.17 44.20 -25.24
C VAL F 84 43.83 43.13 -26.27
N SER F 85 43.68 43.53 -27.53
CA SER F 85 43.22 42.65 -28.63
C SER F 85 43.88 43.10 -29.94
N VAL F 86 43.96 42.19 -30.92
CA VAL F 86 44.44 42.51 -32.29
C VAL F 86 43.55 41.77 -33.30
N LYS F 87 43.01 42.49 -34.27
CA LYS F 87 42.48 41.94 -35.54
C LYS F 87 43.67 41.90 -36.50
N THR F 88 44.06 40.73 -37.00
CA THR F 88 45.20 40.58 -37.95
C THR F 88 44.75 39.74 -39.15
N GLU F 89 45.30 40.05 -40.33
CA GLU F 89 44.94 39.37 -41.59
C GLU F 89 46.18 39.26 -42.48
N VAL F 90 46.33 38.12 -43.16
CA VAL F 90 47.35 37.95 -44.22
C VAL F 90 46.75 38.51 -45.51
N VAL F 91 47.34 39.59 -46.02
CA VAL F 91 46.80 40.37 -47.16
C VAL F 91 47.28 39.73 -48.47
N GLY F 92 46.42 39.72 -49.49
CA GLY F 92 46.76 39.27 -50.85
C GLY F 92 46.86 37.76 -50.96
N ILE F 93 46.12 37.03 -50.12
CA ILE F 93 45.96 35.54 -50.27
C ILE F 93 45.41 35.26 -51.66
N SER F 94 44.40 36.03 -52.09
CA SER F 94 43.71 35.84 -53.39
C SER F 94 44.70 35.96 -54.55
N SER F 95 45.85 36.60 -54.34
CA SER F 95 46.91 36.83 -55.36
C SER F 95 47.41 35.48 -55.91
N MET F 96 47.25 34.41 -55.13
CA MET F 96 47.79 33.06 -55.44
C MET F 96 46.87 32.32 -56.43
N LEU F 97 45.63 32.75 -56.66
CA LEU F 97 44.74 32.13 -57.68
C LEU F 97 45.16 32.66 -59.05
N ASN F 98 46.37 32.27 -59.50
CA ASN F 98 47.04 32.77 -60.72
C ASN F 98 47.77 31.59 -61.35
N MET F 99 47.29 31.09 -62.49
CA MET F 99 47.89 29.92 -63.19
C MET F 99 48.45 30.33 -64.56
N HIS F 100 48.70 31.62 -64.77
CA HIS F 100 49.15 32.17 -66.09
C HIS F 100 50.51 32.86 -65.99
N SER F 101 50.97 33.24 -64.79
CA SER F 101 52.18 34.06 -64.58
C SER F 101 53.42 33.15 -64.42
N TYR F 102 53.75 32.42 -65.49
CA TYR F 102 55.09 31.80 -65.75
C TYR F 102 55.34 30.57 -64.88
N GLY F 103 54.31 30.05 -64.19
CA GLY F 103 54.47 28.89 -63.29
C GLY F 103 54.78 27.63 -64.08
N LEU F 104 55.60 26.72 -63.51
CA LEU F 104 55.81 25.36 -64.05
C LEU F 104 54.46 24.77 -64.43
N ARG F 105 54.31 24.23 -65.63
CA ARG F 105 52.99 23.88 -66.21
C ARG F 105 52.66 22.42 -65.87
N ALA F 106 51.41 22.18 -65.48
CA ALA F 106 50.88 20.85 -65.06
C ALA F 106 50.50 20.05 -66.29
N PHE F 107 50.28 18.74 -66.09
CA PHE F 107 49.77 17.79 -67.11
C PHE F 107 50.66 17.89 -68.35
N GLY F 108 51.95 17.62 -68.16
CA GLY F 108 52.98 17.51 -69.20
C GLY F 108 53.21 18.80 -69.97
N GLY F 109 52.89 19.95 -69.39
CA GLY F 109 53.17 21.28 -69.97
C GLY F 109 51.97 21.87 -70.69
N TYR F 110 50.84 21.15 -70.79
CA TYR F 110 49.64 21.58 -71.55
C TYR F 110 48.64 22.29 -70.63
N GLY F 111 48.76 22.08 -69.31
CA GLY F 111 47.88 22.70 -68.30
C GLY F 111 48.37 24.08 -67.88
N GLY F 112 47.85 24.59 -66.77
CA GLY F 112 48.20 25.92 -66.22
C GLY F 112 49.44 25.86 -65.35
N GLY F 113 49.98 27.03 -64.99
CA GLY F 113 51.13 27.17 -64.09
C GLY F 113 50.81 26.75 -62.68
N TYR F 114 51.80 26.20 -61.96
CA TYR F 114 51.72 25.85 -60.52
C TYR F 114 51.45 27.14 -59.72
N THR F 115 50.43 27.12 -58.88
CA THR F 115 50.22 28.14 -57.82
C THR F 115 51.30 27.95 -56.76
N ILE F 116 51.56 29.01 -55.99
CA ILE F 116 52.51 28.96 -54.84
C ILE F 116 52.23 27.67 -54.05
N GLU F 117 53.27 26.90 -53.77
CA GLU F 117 53.18 25.63 -53.00
C GLU F 117 54.51 25.37 -52.29
N GLY F 118 54.54 24.35 -51.43
CA GLY F 118 55.72 23.92 -50.68
C GLY F 118 55.70 24.40 -49.25
N SER F 119 56.82 24.23 -48.56
CA SER F 119 56.98 24.57 -47.12
C SER F 119 56.65 26.06 -46.91
N HIS F 120 55.95 26.36 -45.82
CA HIS F 120 55.44 27.71 -45.50
C HIS F 120 55.40 27.90 -43.99
N ILE F 121 55.55 29.15 -43.54
CA ILE F 121 55.41 29.54 -42.11
C ILE F 121 54.55 30.79 -42.06
N HIS F 122 53.66 30.87 -41.09
CA HIS F 122 52.82 32.06 -40.81
C HIS F 122 52.91 32.38 -39.32
N PHE F 123 53.30 33.61 -39.01
CA PHE F 123 53.65 34.01 -37.63
C PHE F 123 53.44 35.50 -37.44
N PHE F 124 52.96 35.87 -36.25
CA PHE F 124 52.81 37.30 -35.83
C PHE F 124 53.02 37.36 -34.32
N SER F 125 53.49 38.51 -33.85
CA SER F 125 53.66 38.83 -32.42
C SER F 125 53.29 40.29 -32.19
N VAL F 126 52.66 40.56 -31.05
CA VAL F 126 52.38 41.93 -30.51
C VAL F 126 53.03 41.97 -29.13
N GLY F 127 53.75 43.05 -28.84
CA GLY F 127 54.53 43.18 -27.59
C GLY F 127 54.77 44.63 -27.21
N GLY F 128 55.15 44.84 -25.94
CA GLY F 128 55.51 46.15 -25.38
C GLY F 128 57.01 46.38 -25.43
N GLU F 129 57.74 45.46 -26.07
CA GLU F 129 59.20 45.54 -26.28
C GLU F 129 59.56 44.63 -27.44
N PRO F 130 60.80 44.70 -27.97
CA PRO F 130 61.25 43.77 -28.99
C PRO F 130 61.03 42.30 -28.59
N LEU F 131 60.63 41.48 -29.56
CA LEU F 131 60.44 40.01 -29.40
C LEU F 131 61.79 39.37 -29.06
N ASP F 132 61.83 38.52 -28.04
CA ASP F 132 63.04 37.77 -27.64
C ASP F 132 63.18 36.56 -28.57
N LEU F 133 64.37 36.41 -29.18
CA LEU F 133 64.70 35.31 -30.14
C LEU F 133 65.67 34.34 -29.47
N GLN F 134 65.48 33.05 -29.74
CA GLN F 134 66.40 31.94 -29.40
C GLN F 134 67.05 31.45 -30.70
N GLY F 135 68.36 31.26 -30.69
CA GLY F 135 69.11 30.70 -31.83
C GLY F 135 68.88 29.21 -31.96
N LEU F 136 68.37 28.77 -33.11
CA LEU F 136 68.36 27.34 -33.51
C LEU F 136 68.25 27.27 -35.03
N MET F 137 69.17 26.52 -35.65
CA MET F 137 69.37 26.43 -37.12
C MET F 137 69.59 24.97 -37.51
N GLN F 138 69.33 24.64 -38.79
CA GLN F 138 69.46 23.26 -39.33
C GLN F 138 70.95 22.93 -39.52
N ASN F 139 71.75 23.90 -39.97
CA ASN F 139 73.21 23.72 -40.23
C ASN F 139 73.99 24.83 -39.53
N HIS F 140 74.73 24.49 -38.47
CA HIS F 140 75.48 25.45 -37.62
C HIS F 140 76.48 26.24 -38.48
N SER F 141 76.94 25.66 -39.58
CA SER F 141 78.03 26.19 -40.43
C SER F 141 77.50 27.15 -41.50
N THR F 142 76.18 27.34 -41.62
CA THR F 142 75.59 28.27 -42.61
C THR F 142 76.30 29.62 -42.49
N GLN F 143 76.70 30.21 -43.63
CA GLN F 143 77.35 31.54 -43.71
C GLN F 143 76.29 32.56 -44.16
N TYR F 144 75.83 33.41 -43.23
CA TYR F 144 74.86 34.50 -43.51
C TYR F 144 75.64 35.74 -43.94
N PRO F 145 75.41 36.26 -45.16
CA PRO F 145 76.03 37.51 -45.58
C PRO F 145 75.56 38.70 -44.72
N SER F 146 76.48 39.63 -44.43
CA SER F 146 76.17 40.96 -43.85
C SER F 146 75.17 41.65 -44.77
N PRO F 147 74.18 42.42 -44.25
CA PRO F 147 74.04 42.72 -42.83
C PRO F 147 73.14 41.82 -41.98
N LEU F 148 72.82 40.61 -42.46
CA LEU F 148 71.99 39.62 -41.71
C LEU F 148 72.73 39.29 -40.41
N VAL F 149 71.99 38.83 -39.40
CA VAL F 149 72.54 38.46 -38.07
C VAL F 149 72.11 37.03 -37.77
N GLY F 150 73.07 36.13 -37.56
CA GLY F 150 72.82 34.73 -37.19
C GLY F 150 73.32 34.46 -35.79
N PRO F 151 72.97 33.29 -35.20
CA PRO F 151 73.43 32.93 -33.86
C PRO F 151 74.96 32.83 -33.82
N LYS F 152 75.60 33.68 -33.03
CA LYS F 152 77.07 33.67 -32.77
C LYS F 152 77.26 33.57 -31.25
N LYS F 153 78.26 32.83 -30.79
CA LYS F 153 78.76 32.91 -29.38
C LYS F 153 79.38 34.30 -29.20
N PRO F 154 79.76 34.71 -27.96
CA PRO F 154 80.46 35.97 -27.76
C PRO F 154 81.77 36.06 -28.55
N ASP F 155 82.47 34.94 -28.74
CA ASP F 155 83.79 34.89 -29.42
C ASP F 155 83.62 34.99 -30.95
N GLY F 156 82.39 34.96 -31.48
CA GLY F 156 82.10 35.13 -32.92
C GLY F 156 81.84 33.82 -33.64
N THR F 157 82.16 32.68 -33.02
CA THR F 157 81.98 31.30 -33.58
C THR F 157 80.52 30.89 -33.48
N THR F 158 80.17 29.76 -34.11
CA THR F 158 78.85 29.08 -34.04
C THR F 158 79.09 27.57 -34.06
N ASP F 159 78.89 26.87 -32.94
CA ASP F 159 79.22 25.43 -32.84
C ASP F 159 77.98 24.58 -33.13
N ASP F 160 78.13 23.25 -33.05
CA ASP F 160 77.08 22.24 -33.36
C ASP F 160 75.86 22.45 -32.47
N SER F 161 76.02 23.01 -31.28
CA SER F 161 74.94 23.18 -30.26
C SER F 161 73.84 24.10 -30.80
N ALA F 162 74.15 24.95 -31.79
CA ALA F 162 73.17 25.86 -32.42
C ALA F 162 72.11 25.09 -33.22
N GLN F 163 72.26 23.77 -33.36
CA GLN F 163 71.26 22.89 -34.06
C GLN F 163 70.25 22.34 -33.05
N VAL F 164 70.51 22.57 -31.76
CA VAL F 164 69.56 22.26 -30.65
C VAL F 164 69.45 23.52 -29.78
N LEU F 165 69.01 23.39 -28.53
CA LEU F 165 68.88 24.56 -27.62
C LEU F 165 70.19 24.73 -26.85
N ASN F 166 70.88 25.85 -27.12
CA ASN F 166 71.97 26.38 -26.26
C ASN F 166 71.59 27.82 -25.90
N PRO F 167 71.32 28.10 -24.61
CA PRO F 167 70.98 29.45 -24.15
C PRO F 167 71.96 30.56 -24.54
N ILE F 168 73.20 30.21 -24.91
CA ILE F 168 74.25 31.21 -25.30
C ILE F 168 73.76 31.99 -26.52
N TYR F 169 72.91 31.39 -27.37
CA TYR F 169 72.45 31.99 -28.65
C TYR F 169 71.08 32.67 -28.46
N LYS F 170 71.10 33.97 -28.16
CA LYS F 170 69.87 34.80 -28.01
C LYS F 170 70.07 36.12 -28.75
N ALA F 171 68.96 36.79 -29.06
CA ALA F 171 68.93 38.10 -29.73
C ALA F 171 67.57 38.74 -29.51
N LYS F 172 67.48 40.05 -29.73
CA LYS F 172 66.21 40.81 -29.71
C LYS F 172 65.91 41.17 -31.16
N LEU F 173 64.67 40.95 -31.60
CA LEU F 173 64.19 41.29 -32.96
C LEU F 173 64.04 42.81 -33.04
N ASP F 174 65.17 43.51 -33.19
CA ASP F 174 65.25 44.98 -33.07
C ASP F 174 65.42 45.65 -34.44
N LYS F 175 65.49 44.89 -35.53
CA LYS F 175 65.70 45.44 -36.89
C LYS F 175 64.88 44.61 -37.89
N ASP F 176 64.14 45.29 -38.78
CA ASP F 176 63.40 44.67 -39.91
C ASP F 176 64.40 44.00 -40.85
N ALA F 177 64.00 42.92 -41.51
CA ALA F 177 64.69 42.32 -42.68
C ALA F 177 66.12 41.89 -42.34
N THR F 178 66.39 41.59 -41.07
CA THR F 178 67.77 41.41 -40.55
C THR F 178 67.97 40.01 -39.96
N TYR F 179 66.96 39.48 -39.26
CA TYR F 179 67.04 38.21 -38.50
C TYR F 179 66.39 37.11 -39.36
N PRO F 180 67.18 36.15 -39.89
CA PRO F 180 66.63 35.09 -40.73
C PRO F 180 65.69 34.18 -39.93
N ILE F 181 64.56 33.82 -40.53
CA ILE F 181 63.53 32.92 -39.93
C ILE F 181 64.19 31.58 -39.61
N GLU F 182 65.18 31.17 -40.40
CA GLU F 182 65.71 29.78 -40.41
C GLU F 182 66.70 29.52 -39.26
N CYS F 183 67.14 30.56 -38.55
CA CYS F 183 68.13 30.41 -37.43
C CYS F 183 67.64 31.06 -36.13
N TRP F 184 66.48 31.73 -36.15
CA TRP F 184 65.86 32.36 -34.95
C TRP F 184 64.40 31.95 -34.82
N CYS F 185 64.00 31.49 -33.64
CA CYS F 185 62.57 31.28 -33.26
C CYS F 185 62.25 32.13 -32.04
N PRO F 186 60.96 32.41 -31.78
CA PRO F 186 60.57 33.06 -30.53
C PRO F 186 61.08 32.25 -29.33
N ASP F 187 61.70 32.95 -28.38
CA ASP F 187 62.29 32.39 -27.14
C ASP F 187 61.20 32.19 -26.09
N PRO F 188 60.78 30.95 -25.80
CA PRO F 188 59.67 30.70 -24.88
C PRO F 188 60.07 30.89 -23.41
N SER F 189 61.37 31.04 -23.13
CA SER F 189 61.94 31.26 -21.78
C SER F 189 61.84 32.75 -21.41
N ARG F 190 61.45 33.60 -22.37
CA ARG F 190 61.29 35.06 -22.17
C ARG F 190 59.97 35.50 -22.80
N ASN F 191 59.93 36.68 -23.44
CA ASN F 191 58.72 37.21 -24.10
C ASN F 191 57.54 37.27 -23.11
N GLU F 192 57.79 37.59 -21.83
CA GLU F 192 56.71 37.77 -20.81
C GLU F 192 55.80 38.91 -21.28
N ASN F 193 56.35 39.93 -21.96
CA ASN F 193 55.65 41.18 -22.35
C ASN F 193 55.34 41.17 -23.86
N SER F 194 55.32 40.00 -24.49
CA SER F 194 54.94 39.80 -25.91
C SER F 194 53.98 38.61 -26.00
N ARG F 195 53.05 38.64 -26.95
CA ARG F 195 52.21 37.47 -27.31
C ARG F 195 52.56 37.08 -28.75
N TYR F 196 52.98 35.83 -28.97
CA TYR F 196 53.37 35.35 -30.32
C TYR F 196 52.57 34.09 -30.68
N PHE F 197 52.34 33.94 -31.98
CA PHE F 197 51.50 32.88 -32.60
C PHE F 197 52.13 32.49 -33.95
N GLY F 198 52.45 31.21 -34.12
CA GLY F 198 53.11 30.73 -35.34
C GLY F 198 52.74 29.33 -35.69
N SER F 199 52.67 29.02 -36.99
CA SER F 199 52.41 27.67 -37.53
C SER F 199 53.28 27.45 -38.77
N TYR F 200 54.09 26.38 -38.75
CA TYR F 200 54.94 25.95 -39.88
C TYR F 200 54.38 24.64 -40.46
N THR F 201 54.40 24.52 -41.79
CA THR F 201 54.09 23.28 -42.53
C THR F 201 55.23 22.99 -43.51
N GLY F 202 55.77 21.78 -43.49
CA GLY F 202 56.85 21.34 -44.39
C GLY F 202 56.33 20.79 -45.71
N GLY F 203 57.14 19.99 -46.39
CA GLY F 203 56.76 19.28 -47.63
C GLY F 203 57.30 19.98 -48.87
N VAL F 204 57.27 19.28 -50.01
CA VAL F 204 57.87 19.75 -51.28
C VAL F 204 56.81 20.51 -52.09
N GLU F 205 55.60 19.97 -52.18
CA GLU F 205 54.50 20.51 -53.03
C GLU F 205 53.26 20.81 -52.19
N THR F 206 53.43 20.96 -50.87
CA THR F 206 52.33 21.13 -49.89
C THR F 206 51.49 22.35 -50.27
N PRO F 207 50.15 22.21 -50.36
CA PRO F 207 49.29 23.34 -50.70
C PRO F 207 49.13 24.25 -49.50
N PRO F 208 49.31 25.57 -49.67
CA PRO F 208 48.96 26.53 -48.63
C PRO F 208 47.45 26.56 -48.42
N VAL F 209 47.03 26.64 -47.16
CA VAL F 209 45.61 26.82 -46.73
C VAL F 209 45.57 28.07 -45.87
N LEU F 210 44.97 29.15 -46.37
CA LEU F 210 44.87 30.44 -45.64
C LEU F 210 43.42 30.93 -45.68
N SER F 211 42.94 31.44 -44.54
CA SER F 211 41.60 32.06 -44.40
C SER F 211 41.75 33.57 -44.17
N PHE F 212 40.72 34.33 -44.52
CA PHE F 212 40.67 35.79 -44.33
C PHE F 212 39.24 36.21 -44.02
N THR F 213 39.07 36.99 -42.95
CA THR F 213 37.77 37.55 -42.48
C THR F 213 38.04 38.79 -41.62
N ASN F 214 37.12 39.75 -41.63
CA ASN F 214 37.19 40.95 -40.76
C ASN F 214 36.35 40.71 -39.49
N THR F 215 36.03 39.44 -39.17
CA THR F 215 35.20 39.06 -37.99
C THR F 215 36.06 38.39 -36.90
N SER F 216 37.31 38.05 -37.15
CA SER F 216 38.21 37.38 -36.17
C SER F 216 38.84 38.44 -35.26
N THR F 217 39.09 38.09 -33.99
CA THR F 217 39.84 38.91 -33.00
C THR F 217 40.68 37.97 -32.13
N THR F 218 41.93 38.33 -31.89
CA THR F 218 42.83 37.59 -30.96
C THR F 218 42.99 38.42 -29.69
N ILE F 219 42.59 37.86 -28.55
CA ILE F 219 42.75 38.48 -27.21
C ILE F 219 44.22 38.34 -26.81
N LEU F 220 44.81 39.41 -26.26
CA LEU F 220 46.26 39.47 -25.91
C LEU F 220 46.44 39.47 -24.38
N LEU F 221 45.35 39.47 -23.62
CA LEU F 221 45.41 39.42 -22.13
C LEU F 221 45.94 38.05 -21.70
N ASP F 222 46.75 38.00 -20.64
CA ASP F 222 47.38 36.76 -20.12
C ASP F 222 46.44 36.08 -19.12
N GLU F 223 46.93 35.02 -18.47
CA GLU F 223 46.24 34.26 -17.39
C GLU F 223 45.64 35.22 -16.36
N ASN F 224 46.26 36.39 -16.11
CA ASN F 224 45.86 37.37 -15.07
C ASN F 224 45.23 38.63 -15.67
N GLY F 225 44.69 38.55 -16.90
CA GLY F 225 43.95 39.67 -17.52
C GLY F 225 44.81 40.88 -17.83
N VAL F 226 46.13 40.71 -17.93
CA VAL F 226 47.11 41.78 -18.27
C VAL F 226 47.61 41.55 -19.70
N GLY F 227 47.54 42.57 -20.55
CA GLY F 227 48.09 42.56 -21.92
C GLY F 227 49.53 43.04 -21.96
N PRO F 228 50.19 42.99 -23.14
CA PRO F 228 51.50 43.62 -23.29
C PRO F 228 51.44 45.09 -22.89
N LEU F 229 52.37 45.51 -22.03
CA LEU F 229 52.53 46.92 -21.58
C LEU F 229 53.64 47.57 -22.41
N CYS F 230 53.29 48.59 -23.18
CA CYS F 230 54.16 49.25 -24.18
C CYS F 230 55.17 50.18 -23.49
N LYS F 231 56.38 49.68 -23.27
CA LYS F 231 57.52 50.45 -22.70
C LYS F 231 57.92 51.55 -23.68
N GLY F 232 58.36 52.70 -23.16
CA GLY F 232 58.73 53.89 -23.94
C GLY F 232 57.65 54.30 -24.93
N ASP F 233 56.38 54.05 -24.61
CA ASP F 233 55.21 54.43 -25.46
C ASP F 233 55.43 53.89 -26.88
N GLY F 234 55.91 52.63 -26.97
CA GLY F 234 56.14 51.92 -28.23
C GLY F 234 55.44 50.57 -28.28
N LEU F 235 54.69 50.31 -29.36
CA LEU F 235 54.06 49.01 -29.66
C LEU F 235 54.91 48.27 -30.69
N TYR F 236 55.30 47.04 -30.40
CA TYR F 236 56.26 46.23 -31.20
C TYR F 236 55.51 45.14 -31.96
N LEU F 237 55.38 45.32 -33.27
CA LEU F 237 54.77 44.32 -34.21
C LEU F 237 55.88 43.51 -34.90
N SER F 238 55.65 42.21 -35.07
CA SER F 238 56.54 41.27 -35.81
C SER F 238 55.67 40.34 -36.67
N SER F 239 56.22 39.90 -37.80
CA SER F 239 55.52 39.14 -38.86
C SER F 239 56.53 38.21 -39.54
N ALA F 240 56.06 37.03 -39.96
CA ALA F 240 56.81 36.12 -40.86
C ALA F 240 55.77 35.32 -41.65
N ASP F 241 55.47 35.75 -42.87
CA ASP F 241 54.41 35.12 -43.70
C ASP F 241 55.00 34.71 -45.05
N VAL F 242 55.67 33.56 -45.05
CA VAL F 242 56.22 32.89 -46.26
C VAL F 242 55.20 31.86 -46.70
N ALA F 243 54.38 32.19 -47.70
CA ALA F 243 53.19 31.41 -48.14
C ALA F 243 53.65 30.09 -48.77
N GLY F 244 54.89 30.07 -49.28
CA GLY F 244 55.49 28.91 -49.96
C GLY F 244 56.49 29.36 -51.00
N THR F 245 56.63 28.60 -52.08
CA THR F 245 57.57 28.88 -53.18
C THR F 245 56.79 29.04 -54.49
N PHE F 246 57.27 29.94 -55.35
CA PHE F 246 56.92 29.99 -56.78
C PHE F 246 57.88 29.06 -57.54
N VAL F 247 57.33 28.14 -58.33
CA VAL F 247 58.10 27.20 -59.20
C VAL F 247 57.97 27.70 -60.63
N GLN F 248 59.07 28.13 -61.25
CA GLN F 248 59.06 28.76 -62.60
C GLN F 248 59.21 27.69 -63.68
N GLN F 249 58.38 27.78 -64.74
CA GLN F 249 58.48 26.90 -65.94
C GLN F 249 59.90 27.01 -66.52
N THR F 250 60.36 25.96 -67.18
CA THR F 250 61.61 25.94 -67.99
C THR F 250 62.81 25.90 -67.05
N SER F 251 63.07 26.95 -66.26
CA SER F 251 64.20 27.01 -65.30
C SER F 251 64.00 25.93 -64.22
N GLN F 252 62.75 25.71 -63.81
CA GLN F 252 62.34 24.82 -62.68
C GLN F 252 63.07 25.28 -61.41
N LYS F 253 63.36 26.58 -61.32
CA LYS F 253 63.92 27.22 -60.11
C LYS F 253 62.77 27.61 -59.17
N GLN F 254 63.04 27.66 -57.87
CA GLN F 254 62.06 28.01 -56.82
C GLN F 254 62.44 29.35 -56.22
N TYR F 255 61.43 30.16 -55.92
CA TYR F 255 61.55 31.49 -55.25
C TYR F 255 60.59 31.52 -54.06
N TRP F 256 61.09 31.87 -52.88
CA TRP F 256 60.23 32.15 -51.69
C TRP F 256 59.25 33.25 -52.04
N ARG F 257 57.98 33.08 -51.67
CA ARG F 257 56.90 34.08 -51.85
C ARG F 257 56.40 34.50 -50.47
N GLY F 258 56.46 35.79 -50.17
CA GLY F 258 56.00 36.38 -48.89
C GLY F 258 54.72 37.16 -49.09
N LEU F 259 53.95 37.32 -48.01
CA LEU F 259 52.72 38.15 -48.02
C LEU F 259 52.75 39.14 -46.87
N PRO F 260 52.10 40.31 -47.04
CA PRO F 260 52.05 41.31 -45.98
C PRO F 260 51.01 40.91 -44.93
N ARG F 261 51.21 41.36 -43.68
CA ARG F 261 50.25 41.14 -42.57
C ARG F 261 49.72 42.50 -42.10
N TYR F 262 48.39 42.60 -42.00
CA TYR F 262 47.67 43.78 -41.44
C TYR F 262 47.47 43.57 -39.94
N PHE F 263 47.68 44.64 -39.16
CA PHE F 263 47.39 44.65 -37.71
C PHE F 263 46.39 45.75 -37.39
N ASN F 264 45.50 45.48 -36.44
CA ASN F 264 44.60 46.49 -35.83
C ASN F 264 44.57 46.23 -34.33
N ILE F 265 45.40 46.92 -33.57
CA ILE F 265 45.57 46.68 -32.11
C ILE F 265 44.68 47.67 -31.35
N THR F 266 43.89 47.18 -30.40
CA THR F 266 43.14 47.98 -29.42
C THR F 266 43.97 48.04 -28.13
N LEU F 267 44.31 49.25 -27.69
CA LEU F 267 45.05 49.46 -26.42
C LEU F 267 44.20 50.31 -25.47
N ARG F 268 44.50 50.20 -24.17
CA ARG F 268 43.83 50.95 -23.08
C ARG F 268 44.89 51.39 -22.08
N LYS F 269 44.65 52.46 -21.34
CA LYS F 269 45.59 52.98 -20.32
C LYS F 269 45.55 52.06 -19.10
N ARG F 270 46.73 51.66 -18.60
CA ARG F 270 46.88 50.85 -17.38
C ARG F 270 47.88 51.56 -16.47
N ALA F 271 47.57 51.60 -15.17
CA ALA F 271 48.39 52.25 -14.13
C ALA F 271 49.44 51.25 -13.61
N VAL F 272 50.61 51.75 -13.22
CA VAL F 272 51.78 50.93 -12.77
C VAL F 272 52.52 51.67 -11.65
N LYS F 273 53.16 50.93 -10.73
CA LYS F 273 53.76 51.46 -9.49
C LYS F 273 55.11 52.13 -9.79
N ILE G 7 28.14 56.93 -39.02
CA ILE G 7 26.69 56.94 -38.64
C ILE G 7 26.58 56.72 -37.12
N GLU G 8 25.91 57.62 -36.38
CA GLU G 8 25.56 57.38 -34.94
C GLU G 8 24.35 56.44 -34.89
N VAL G 9 24.54 55.23 -34.36
CA VAL G 9 23.51 54.13 -34.35
C VAL G 9 22.66 54.29 -33.09
N LEU G 10 21.33 54.16 -33.20
CA LEU G 10 20.39 54.32 -32.06
C LEU G 10 19.67 53.00 -31.80
N ASP G 11 18.39 53.07 -31.38
CA ASP G 11 17.56 51.93 -30.93
C ASP G 11 17.21 51.06 -32.15
N VAL G 12 16.94 49.78 -31.91
CA VAL G 12 16.41 48.83 -32.93
C VAL G 12 14.88 48.94 -32.92
N LYS G 13 14.26 49.46 -33.99
CA LYS G 13 12.77 49.47 -34.11
C LYS G 13 12.30 48.00 -34.14
N THR G 14 11.43 47.61 -33.21
CA THR G 14 10.70 46.32 -33.20
C THR G 14 9.21 46.62 -33.43
N GLY G 15 8.42 45.59 -33.71
CA GLY G 15 7.00 45.71 -34.07
C GLY G 15 6.72 45.07 -35.42
N PRO G 16 5.47 45.13 -35.92
CA PRO G 16 5.15 44.56 -37.23
C PRO G 16 5.87 45.30 -38.37
N ASP G 17 6.18 44.58 -39.45
CA ASP G 17 6.86 45.12 -40.66
C ASP G 17 8.21 45.76 -40.27
N SER G 18 8.89 45.25 -39.24
CA SER G 18 10.18 45.82 -38.76
C SER G 18 11.35 44.90 -39.14
N THR G 19 11.07 43.65 -39.55
CA THR G 19 12.06 42.72 -40.13
C THR G 19 11.64 42.33 -41.55
N THR G 20 12.60 41.91 -42.36
CA THR G 20 12.39 41.39 -43.73
C THR G 20 13.54 40.42 -44.06
N THR G 21 13.29 39.50 -45.00
CA THR G 21 14.33 38.60 -45.54
C THR G 21 14.54 38.90 -47.03
N ILE G 22 15.76 38.69 -47.51
CA ILE G 22 16.14 38.84 -48.94
C ILE G 22 16.78 37.52 -49.39
N GLU G 23 16.18 36.86 -50.39
CA GLU G 23 16.78 35.74 -51.14
C GLU G 23 17.48 36.30 -52.38
N ALA G 24 18.70 35.86 -52.66
CA ALA G 24 19.47 36.21 -53.87
C ALA G 24 20.44 35.07 -54.17
N TYR G 25 20.89 34.97 -55.42
CA TYR G 25 22.00 34.09 -55.82
C TYR G 25 22.95 34.94 -56.67
N LEU G 26 24.26 34.70 -56.53
CA LEU G 26 25.30 35.22 -57.46
C LEU G 26 25.83 34.03 -58.27
N ASN G 27 25.69 34.09 -59.59
CA ASN G 27 26.34 33.11 -60.51
C ASN G 27 27.81 33.48 -60.62
N PRO G 28 28.69 32.47 -60.83
CA PRO G 28 30.13 32.70 -60.86
C PRO G 28 30.55 33.45 -62.13
N ARG G 29 31.62 34.24 -62.04
CA ARG G 29 32.19 35.00 -63.18
C ARG G 29 33.64 34.59 -63.34
N VAL G 30 33.87 33.39 -63.89
CA VAL G 30 35.22 32.77 -64.03
C VAL G 30 35.82 33.12 -65.41
N GLY G 31 35.22 34.05 -66.15
CA GLY G 31 35.71 34.53 -67.46
C GLY G 31 34.66 34.38 -68.54
N GLN G 32 33.76 33.41 -68.40
CA GLN G 32 32.50 33.31 -69.17
C GLN G 32 31.35 33.11 -68.17
N ASN G 33 30.12 32.95 -68.65
CA ASN G 33 28.92 33.08 -67.80
C ASN G 33 28.35 31.69 -67.45
N TRP G 34 28.95 30.60 -67.91
CA TRP G 34 28.34 29.25 -67.80
C TRP G 34 29.22 28.33 -66.97
N GLY G 35 30.01 28.89 -66.05
CA GLY G 35 30.65 28.15 -64.95
C GLY G 35 32.06 27.68 -65.29
N PHE G 36 32.51 27.89 -66.53
CA PHE G 36 33.88 27.55 -66.98
C PHE G 36 34.53 28.72 -67.70
N SER G 37 35.81 28.92 -67.40
CA SER G 37 36.72 29.80 -68.16
C SER G 37 37.05 29.14 -69.51
N THR G 38 37.67 29.90 -70.41
CA THR G 38 38.39 29.36 -71.58
C THR G 38 39.70 28.78 -71.06
N GLU G 39 40.43 28.04 -71.90
CA GLU G 39 41.66 27.32 -71.47
C GLU G 39 42.60 28.30 -70.78
N ILE G 40 43.20 27.86 -69.67
CA ILE G 40 44.23 28.65 -68.93
C ILE G 40 45.49 28.63 -69.80
N THR G 41 46.05 29.82 -70.07
CA THR G 41 47.27 30.03 -70.85
C THR G 41 48.40 30.49 -69.94
N VAL G 42 49.65 30.19 -70.30
CA VAL G 42 50.85 30.59 -69.53
C VAL G 42 51.82 31.29 -70.48
N ALA G 43 52.10 32.56 -70.23
CA ALA G 43 53.11 33.36 -70.95
C ALA G 43 54.45 32.62 -70.92
N SER G 44 55.20 32.63 -72.02
CA SER G 44 56.61 32.13 -72.06
C SER G 44 57.51 33.11 -71.30
N ASN G 45 58.46 32.58 -70.52
CA ASN G 45 59.41 33.40 -69.74
C ASN G 45 59.96 34.50 -70.66
N GLY G 46 59.91 35.76 -70.21
CA GLY G 46 60.50 36.91 -70.93
C GLY G 46 59.52 37.62 -71.84
N TYR G 47 58.38 37.00 -72.15
CA TYR G 47 57.30 37.61 -72.98
C TYR G 47 56.27 38.26 -72.05
N ASN G 48 55.37 39.08 -72.60
CA ASN G 48 54.29 39.73 -71.82
C ASN G 48 53.40 38.66 -71.18
N ASP G 49 53.04 38.88 -69.91
CA ASP G 49 51.98 38.14 -69.20
C ASP G 49 50.64 38.77 -69.55
N ALA G 50 49.97 38.29 -70.61
CA ALA G 50 48.74 38.89 -71.17
C ALA G 50 47.67 37.82 -71.33
N PRO G 51 47.02 37.42 -70.22
CA PRO G 51 45.97 36.39 -70.28
C PRO G 51 44.72 36.92 -70.99
N HIS G 52 43.97 36.00 -71.59
CA HIS G 52 42.68 36.27 -72.29
C HIS G 52 41.65 36.75 -71.26
N LEU G 53 40.78 37.68 -71.65
CA LEU G 53 39.66 38.15 -70.79
C LEU G 53 38.95 36.93 -70.20
N THR G 54 38.68 35.91 -71.01
CA THR G 54 37.76 34.79 -70.69
C THR G 54 38.46 33.69 -69.89
N GLU G 55 39.68 33.92 -69.40
CA GLU G 55 40.44 32.90 -68.63
C GLU G 55 40.75 33.43 -67.22
N ILE G 56 40.20 34.59 -66.88
CA ILE G 56 40.50 35.33 -65.61
C ILE G 56 39.24 35.40 -64.76
N PRO G 57 39.18 34.62 -63.64
CA PRO G 57 38.04 34.69 -62.73
C PRO G 57 37.99 36.01 -61.96
N CYS G 58 36.78 36.52 -61.79
CA CYS G 58 36.45 37.80 -61.15
C CYS G 58 35.46 37.59 -59.99
N TYR G 59 35.44 38.53 -59.05
CA TYR G 59 34.41 38.65 -57.99
C TYR G 59 33.06 38.82 -58.67
N SER G 60 32.09 37.97 -58.31
CA SER G 60 30.64 38.20 -58.52
C SER G 60 30.17 39.22 -57.48
N SER G 61 29.23 40.09 -57.86
CA SER G 61 28.77 41.23 -57.04
C SER G 61 27.39 41.67 -57.52
N ALA G 62 26.49 42.02 -56.60
CA ALA G 62 25.16 42.58 -56.89
C ALA G 62 24.76 43.53 -55.77
N ARG G 63 23.93 44.53 -56.11
CA ARG G 63 23.26 45.42 -55.13
C ARG G 63 21.76 45.07 -55.18
N ILE G 64 21.22 44.52 -54.10
CA ILE G 64 19.77 44.21 -53.98
C ILE G 64 19.09 45.48 -53.44
N SER G 65 18.00 45.90 -54.08
CA SER G 65 17.14 47.03 -53.65
C SER G 65 16.26 46.55 -52.47
N LEU G 66 16.31 47.28 -51.35
CA LEU G 66 15.50 47.01 -50.14
C LEU G 66 14.28 47.92 -50.14
N PRO G 67 13.18 47.55 -49.44
CA PRO G 67 12.03 48.45 -49.28
C PRO G 67 12.45 49.85 -48.82
N LEU G 68 11.89 50.90 -49.42
CA LEU G 68 12.22 52.32 -49.08
C LEU G 68 11.73 52.57 -47.64
N LEU G 69 12.49 53.31 -46.83
CA LEU G 69 12.18 53.48 -45.39
C LEU G 69 11.65 54.87 -45.06
N ASN G 70 12.30 55.95 -45.52
CA ASN G 70 12.03 57.31 -45.02
C ASN G 70 11.12 58.00 -46.04
N LEU G 78 16.28 59.04 -38.70
CA LEU G 78 16.14 58.26 -39.96
C LEU G 78 16.28 56.76 -39.64
N LEU G 79 15.71 55.91 -40.48
CA LEU G 79 15.78 54.42 -40.38
C LEU G 79 16.63 53.86 -41.52
N MET G 80 17.51 52.90 -41.21
CA MET G 80 18.27 52.09 -42.19
C MET G 80 18.00 50.61 -41.92
N TRP G 81 17.93 49.80 -42.98
CA TRP G 81 17.94 48.33 -42.86
C TRP G 81 19.29 47.89 -42.30
N GLU G 82 19.26 46.97 -41.34
CA GLU G 82 20.46 46.40 -40.68
C GLU G 82 20.47 44.89 -40.96
N ALA G 83 21.51 44.41 -41.64
CA ALA G 83 21.69 42.97 -41.92
C ALA G 83 22.14 42.28 -40.63
N VAL G 84 21.36 41.31 -40.15
CA VAL G 84 21.56 40.67 -38.82
C VAL G 84 22.27 39.33 -39.00
N SER G 85 21.79 38.52 -39.95
CA SER G 85 22.26 37.14 -40.18
C SER G 85 22.13 36.81 -41.67
N VAL G 86 22.90 35.82 -42.14
CA VAL G 86 22.81 35.28 -43.52
C VAL G 86 22.95 33.76 -43.45
N LYS G 87 22.00 33.04 -44.05
CA LYS G 87 22.15 31.62 -44.46
C LYS G 87 22.74 31.66 -45.88
N THR G 88 23.91 31.08 -46.11
CA THR G 88 24.54 31.03 -47.46
C THR G 88 24.96 29.59 -47.78
N GLU G 89 24.91 29.23 -49.06
CA GLU G 89 25.27 27.87 -49.55
C GLU G 89 25.93 27.96 -50.92
N VAL G 90 26.95 27.14 -51.15
CA VAL G 90 27.56 26.95 -52.49
C VAL G 90 26.69 25.91 -53.22
N VAL G 91 26.03 26.35 -54.29
CA VAL G 91 25.02 25.53 -55.02
C VAL G 91 25.76 24.67 -56.05
N GLY G 92 25.28 23.44 -56.27
CA GLY G 92 25.76 22.54 -57.32
C GLY G 92 27.10 21.92 -56.99
N ILE G 93 27.42 21.75 -55.71
CA ILE G 93 28.63 20.99 -55.25
C ILE G 93 28.53 19.57 -55.84
N SER G 94 27.36 18.95 -55.76
CA SER G 94 27.11 17.56 -56.20
C SER G 94 27.44 17.41 -57.70
N SER G 95 27.45 18.52 -58.46
CA SER G 95 27.72 18.54 -59.92
C SER G 95 29.11 17.95 -60.21
N MET G 96 30.00 17.98 -59.22
CA MET G 96 31.42 17.56 -59.37
C MET G 96 31.57 16.03 -59.30
N LEU G 97 30.57 15.29 -58.82
CA LEU G 97 30.62 13.80 -58.80
C LEU G 97 30.30 13.28 -60.22
N ASN G 98 31.20 13.56 -61.16
CA ASN G 98 31.04 13.31 -62.62
C ASN G 98 32.38 12.86 -63.18
N MET G 99 32.50 11.59 -63.54
CA MET G 99 33.77 11.01 -64.06
C MET G 99 33.61 10.55 -65.52
N HIS G 100 32.61 11.07 -66.23
CA HIS G 100 32.29 10.67 -67.63
C HIS G 100 32.38 11.83 -68.60
N SER G 101 32.34 13.08 -68.13
CA SER G 101 32.24 14.30 -68.99
C SER G 101 33.64 14.82 -69.34
N TYR G 102 34.39 14.00 -70.10
CA TYR G 102 35.57 14.39 -70.92
C TYR G 102 36.82 14.63 -70.06
N GLY G 103 36.78 14.27 -68.77
CA GLY G 103 37.92 14.52 -67.88
C GLY G 103 39.13 13.67 -68.25
N LEU G 104 40.34 14.19 -68.06
CA LEU G 104 41.61 13.41 -68.18
C LEU G 104 41.42 12.10 -67.41
N ARG G 105 41.75 10.97 -68.03
CA ARG G 105 41.38 9.63 -67.52
C ARG G 105 42.50 9.09 -66.62
N ALA G 106 42.11 8.50 -65.49
CA ALA G 106 43.01 7.96 -64.45
C ALA G 106 43.49 6.57 -64.84
N PHE G 107 44.53 6.08 -64.16
CA PHE G 107 45.06 4.70 -64.28
C PHE G 107 45.34 4.39 -65.76
N GLY G 108 46.21 5.23 -66.35
CA GLY G 108 46.76 5.07 -67.71
C GLY G 108 45.71 5.18 -68.80
N GLY G 109 44.58 5.85 -68.52
CA GLY G 109 43.53 6.12 -69.51
C GLY G 109 42.39 5.12 -69.47
N TYR G 110 42.46 4.08 -68.62
CA TYR G 110 41.45 3.00 -68.55
C TYR G 110 40.39 3.31 -67.49
N GLY G 111 40.69 4.22 -66.56
CA GLY G 111 39.77 4.63 -65.47
C GLY G 111 38.86 5.75 -65.92
N GLY G 112 38.18 6.41 -64.96
CA GLY G 112 37.23 7.51 -65.22
C GLY G 112 37.93 8.84 -65.32
N GLY G 113 37.20 9.87 -65.75
CA GLY G 113 37.71 11.25 -65.85
C GLY G 113 37.99 11.87 -64.49
N TYR G 114 38.99 12.75 -64.43
CA TYR G 114 39.32 13.57 -63.24
C TYR G 114 38.12 14.46 -62.90
N THR G 115 37.67 14.41 -61.65
CA THR G 115 36.74 15.41 -61.08
C THR G 115 37.51 16.72 -60.91
N ILE G 116 36.77 17.83 -60.82
CA ILE G 116 37.34 19.19 -60.56
C ILE G 116 38.36 19.03 -59.43
N GLU G 117 39.57 19.56 -59.62
CA GLU G 117 40.66 19.54 -58.62
C GLU G 117 41.59 20.73 -58.85
N GLY G 118 42.53 20.93 -57.93
CA GLY G 118 43.54 22.00 -57.98
C GLY G 118 43.18 23.16 -57.06
N SER G 119 43.93 24.25 -57.20
CA SER G 119 43.78 25.48 -56.37
C SER G 119 42.35 26.01 -56.49
N HIS G 120 41.80 26.45 -55.37
CA HIS G 120 40.39 26.91 -55.25
C HIS G 120 40.29 28.00 -54.19
N ILE G 121 39.32 28.90 -54.33
CA ILE G 121 38.99 29.94 -53.34
C ILE G 121 37.47 29.96 -53.17
N HIS G 122 37.01 30.12 -51.93
CA HIS G 122 35.58 30.27 -51.59
C HIS G 122 35.43 31.48 -50.67
N PHE G 123 34.58 32.43 -51.06
CA PHE G 123 34.48 33.74 -50.41
C PHE G 123 33.10 34.34 -50.60
N PHE G 124 32.60 35.02 -49.56
CA PHE G 124 31.32 35.78 -49.62
C PHE G 124 31.45 36.97 -48.67
N SER G 125 30.71 38.04 -48.98
CA SER G 125 30.61 39.25 -48.16
C SER G 125 29.17 39.78 -48.22
N VAL G 126 28.69 40.30 -47.10
CA VAL G 126 27.41 41.05 -46.97
C VAL G 126 27.76 42.42 -46.39
N GLY G 127 27.21 43.49 -46.97
CA GLY G 127 27.55 44.87 -46.59
C GLY G 127 26.46 45.85 -46.92
N GLY G 128 26.53 47.04 -46.32
CA GLY G 128 25.61 48.17 -46.56
C GLY G 128 26.16 49.12 -47.60
N GLU G 129 27.29 48.76 -48.21
CA GLU G 129 27.96 49.53 -49.29
C GLU G 129 28.86 48.58 -50.06
N PRO G 130 29.39 48.99 -51.23
CA PRO G 130 30.38 48.18 -51.94
C PRO G 130 31.53 47.74 -51.04
N LEU G 131 32.00 46.51 -51.24
CA LEU G 131 33.17 45.91 -50.54
C LEU G 131 34.42 46.71 -50.92
N ASP G 132 35.23 47.10 -49.94
CA ASP G 132 36.51 47.82 -50.17
C ASP G 132 37.57 46.78 -50.55
N LEU G 133 38.26 47.01 -51.68
CA LEU G 133 39.32 46.13 -52.22
C LEU G 133 40.69 46.79 -52.04
N GLN G 134 41.69 45.96 -51.71
CA GLN G 134 43.13 46.31 -51.69
C GLN G 134 43.81 45.61 -52.87
N GLY G 135 44.64 46.34 -53.61
CA GLY G 135 45.42 45.78 -54.72
C GLY G 135 46.59 44.97 -54.21
N LEU G 136 46.64 43.69 -54.58
CA LEU G 136 47.84 42.84 -54.43
C LEU G 136 47.77 41.69 -55.44
N MET G 137 48.85 41.52 -56.21
CA MET G 137 48.93 40.59 -57.38
C MET G 137 50.28 39.87 -57.34
N GLN G 138 50.37 38.71 -57.99
CA GLN G 138 51.59 37.87 -58.05
C GLN G 138 52.62 38.50 -58.99
N ASN G 139 52.16 39.08 -60.12
CA ASN G 139 53.04 39.70 -61.14
C ASN G 139 52.51 41.10 -61.46
N HIS G 140 53.23 42.14 -61.05
CA HIS G 140 52.84 43.56 -61.20
C HIS G 140 52.60 43.90 -62.67
N SER G 141 53.27 43.18 -63.58
CA SER G 141 53.31 43.47 -65.03
C SER G 141 52.15 42.79 -65.78
N THR G 142 51.33 41.99 -65.10
CA THR G 142 50.17 41.32 -65.75
C THR G 142 49.35 42.37 -66.52
N GLN G 143 48.99 42.07 -67.76
CA GLN G 143 48.15 42.94 -68.63
C GLN G 143 46.72 42.40 -68.62
N TYR G 144 45.81 43.08 -67.93
CA TYR G 144 44.37 42.73 -67.89
C TYR G 144 43.66 43.40 -69.05
N PRO G 145 43.03 42.64 -69.97
CA PRO G 145 42.24 43.23 -71.04
C PRO G 145 41.04 44.01 -70.50
N SER G 146 40.70 45.13 -71.15
CA SER G 146 39.43 45.87 -70.95
C SER G 146 38.28 44.90 -71.22
N PRO G 147 37.14 44.96 -70.47
CA PRO G 147 36.89 45.98 -69.45
C PRO G 147 37.27 45.65 -68.00
N LEU G 148 38.12 44.64 -67.78
CA LEU G 148 38.61 44.28 -66.42
C LEU G 148 39.35 45.48 -65.83
N VAL G 149 39.43 45.55 -64.50
CA VAL G 149 40.10 46.66 -63.77
C VAL G 149 41.14 46.02 -62.84
N GLY G 150 42.41 46.39 -63.00
CA GLY G 150 43.51 45.94 -62.15
C GLY G 150 44.08 47.09 -61.35
N PRO G 151 44.95 46.82 -60.35
CA PRO G 151 45.55 47.88 -59.55
C PRO G 151 46.41 48.79 -60.44
N LYS G 152 46.05 50.08 -60.52
CA LYS G 152 46.81 51.14 -61.22
C LYS G 152 47.05 52.25 -60.20
N LYS G 153 48.23 52.90 -60.24
CA LYS G 153 48.46 54.19 -59.55
C LYS G 153 47.59 55.25 -60.22
N PRO G 154 47.48 56.49 -59.68
CA PRO G 154 46.74 57.56 -60.38
C PRO G 154 47.31 57.86 -61.77
N ASP G 155 48.62 57.71 -61.96
CA ASP G 155 49.32 58.03 -63.23
C ASP G 155 49.10 56.93 -64.28
N GLY G 156 48.46 55.80 -63.92
CA GLY G 156 48.11 54.71 -64.85
C GLY G 156 49.07 53.54 -64.79
N THR G 157 50.24 53.70 -64.16
CA THR G 157 51.30 52.67 -64.03
C THR G 157 50.92 51.66 -62.94
N THR G 158 51.68 50.55 -62.87
CA THR G 158 51.60 49.52 -61.81
C THR G 158 53.02 49.04 -61.50
N ASP G 159 53.58 49.41 -60.35
CA ASP G 159 55.01 49.11 -60.03
C ASP G 159 55.10 47.81 -59.22
N ASP G 160 56.33 47.43 -58.83
CA ASP G 160 56.65 46.18 -58.10
C ASP G 160 55.89 46.13 -56.77
N SER G 161 55.56 47.29 -56.18
CA SER G 161 54.93 47.39 -54.84
C SER G 161 53.54 46.73 -54.83
N ALA G 162 52.92 46.57 -56.00
CA ALA G 162 51.60 45.90 -56.15
C ALA G 162 51.69 44.41 -55.83
N GLN G 163 52.89 43.87 -55.60
CA GLN G 163 53.10 42.44 -55.23
C GLN G 163 53.14 42.31 -53.70
N VAL G 164 53.14 43.45 -53.00
CA VAL G 164 52.99 43.51 -51.52
C VAL G 164 51.90 44.54 -51.22
N LEU G 165 51.86 45.08 -50.00
CA LEU G 165 50.84 46.09 -49.63
C LEU G 165 51.39 47.49 -49.93
N ASN G 166 50.76 48.17 -50.89
CA ASN G 166 50.89 49.63 -51.11
C ASN G 166 49.50 50.23 -51.07
N PRO G 167 49.19 51.07 -50.04
CA PRO G 167 47.88 51.70 -49.93
C PRO G 167 47.40 52.48 -51.16
N ILE G 168 48.29 52.83 -52.09
CA ILE G 168 47.93 53.59 -53.32
C ILE G 168 46.95 52.77 -54.15
N TYR G 169 46.98 51.43 -54.05
CA TYR G 169 46.16 50.50 -54.88
C TYR G 169 44.90 50.08 -54.13
N LYS G 170 43.81 50.81 -54.33
CA LYS G 170 42.49 50.51 -53.72
C LYS G 170 41.41 50.64 -54.79
N ALA G 171 40.26 50.02 -54.54
CA ALA G 171 39.07 50.06 -55.42
C ALA G 171 37.84 49.64 -54.61
N LYS G 172 36.66 49.96 -55.14
CA LYS G 172 35.36 49.51 -54.58
C LYS G 172 34.83 48.46 -55.55
N LEU G 173 34.36 47.33 -55.03
CA LEU G 173 33.76 46.22 -55.81
C LEU G 173 32.37 46.67 -56.27
N ASP G 174 32.32 47.54 -57.30
CA ASP G 174 31.10 48.27 -57.72
C ASP G 174 30.52 47.69 -59.01
N LYS G 175 31.15 46.67 -59.61
CA LYS G 175 30.70 46.09 -60.90
C LYS G 175 30.95 44.57 -60.85
N ASP G 176 29.95 43.78 -61.25
CA ASP G 176 30.04 42.31 -61.40
C ASP G 176 31.08 42.00 -62.49
N ALA G 177 31.78 40.86 -62.38
CA ALA G 177 32.57 40.23 -63.46
C ALA G 177 33.68 41.17 -63.97
N THR G 178 34.14 42.09 -63.13
CA THR G 178 35.03 43.21 -63.54
C THR G 178 36.35 43.19 -62.79
N TYR G 179 36.34 42.85 -61.50
CA TYR G 179 37.53 42.90 -60.62
C TYR G 179 38.10 41.49 -60.49
N PRO G 180 39.29 41.22 -61.06
CA PRO G 180 39.89 39.89 -60.99
C PRO G 180 40.25 39.52 -59.54
N ILE G 181 39.95 38.26 -59.18
CA ILE G 181 40.25 37.71 -57.83
C ILE G 181 41.75 37.79 -57.58
N GLU G 182 42.57 37.69 -58.64
CA GLU G 182 44.03 37.44 -58.53
C GLU G 182 44.81 38.72 -58.23
N CYS G 183 44.19 39.91 -58.32
CA CYS G 183 44.86 41.21 -58.08
C CYS G 183 44.13 42.07 -57.03
N TRP G 184 42.96 41.62 -56.54
CA TRP G 184 42.18 42.33 -55.49
C TRP G 184 41.81 41.37 -54.35
N CYS G 185 42.08 41.76 -53.11
CA CYS G 185 41.57 41.07 -51.90
C CYS G 185 40.74 42.06 -51.08
N PRO G 186 39.85 41.58 -50.18
CA PRO G 186 39.17 42.46 -49.25
C PRO G 186 40.20 43.27 -48.45
N ASP G 187 39.95 44.58 -48.35
CA ASP G 187 40.80 45.57 -47.66
C ASP G 187 40.47 45.56 -46.17
N PRO G 188 41.37 45.02 -45.30
CA PRO G 188 41.08 44.88 -43.88
C PRO G 188 41.19 46.21 -43.12
N SER G 189 41.73 47.24 -43.77
CA SER G 189 41.89 48.62 -43.22
C SER G 189 40.58 49.40 -43.36
N ARG G 190 39.60 48.84 -44.07
CA ARG G 190 38.27 49.46 -44.30
C ARG G 190 37.19 48.41 -44.07
N ASN G 191 36.13 48.41 -44.88
CA ASN G 191 35.02 47.42 -44.77
C ASN G 191 34.42 47.44 -43.35
N GLU G 192 34.34 48.61 -42.70
CA GLU G 192 33.69 48.74 -41.36
C GLU G 192 32.22 48.31 -41.49
N ASN G 193 31.59 48.58 -42.64
CA ASN G 193 30.13 48.37 -42.87
C ASN G 193 29.90 47.15 -43.77
N SER G 194 30.87 46.24 -43.84
CA SER G 194 30.77 44.94 -44.57
C SER G 194 31.31 43.82 -43.67
N ARG G 195 30.77 42.61 -43.79
CA ARG G 195 31.34 41.40 -43.16
C ARG G 195 31.76 40.46 -44.28
N TYR G 196 33.04 40.06 -44.32
CA TYR G 196 33.57 39.16 -45.38
C TYR G 196 34.24 37.94 -44.75
N PHE G 197 34.20 36.83 -45.50
CA PHE G 197 34.65 35.48 -45.09
C PHE G 197 35.23 34.77 -46.32
N GLY G 198 36.47 34.32 -46.25
CA GLY G 198 37.15 33.69 -47.38
C GLY G 198 38.15 32.63 -46.94
N SER G 199 38.33 31.61 -47.78
CA SER G 199 39.35 30.55 -47.59
C SER G 199 39.92 30.16 -48.96
N TYR G 200 41.24 30.23 -49.12
CA TYR G 200 41.98 29.78 -50.33
C TYR G 200 42.79 28.54 -49.99
N THR G 201 42.84 27.58 -50.93
CA THR G 201 43.70 26.38 -50.88
C THR G 201 44.47 26.29 -52.20
N GLY G 202 45.79 26.14 -52.14
CA GLY G 202 46.67 26.01 -53.32
C GLY G 202 46.80 24.56 -53.77
N GLY G 203 47.87 24.25 -54.51
CA GLY G 203 48.23 22.90 -54.94
C GLY G 203 47.83 22.65 -56.39
N VAL G 204 48.37 21.56 -56.97
CA VAL G 204 48.19 21.24 -58.41
C VAL G 204 46.95 20.35 -58.59
N GLU G 205 46.81 19.33 -57.75
CA GLU G 205 45.74 18.29 -57.86
C GLU G 205 44.91 18.23 -56.58
N THR G 206 44.94 19.30 -55.77
CA THR G 206 44.29 19.38 -54.43
C THR G 206 42.80 19.10 -54.57
N PRO G 207 42.24 18.15 -53.77
CA PRO G 207 40.82 17.85 -53.83
C PRO G 207 40.02 18.95 -53.15
N PRO G 208 38.95 19.47 -53.81
CA PRO G 208 38.01 20.35 -53.14
C PRO G 208 37.23 19.59 -52.06
N VAL G 209 37.03 20.24 -50.92
CA VAL G 209 36.19 19.75 -49.79
C VAL G 209 35.13 20.83 -49.53
N LEU G 210 33.87 20.54 -49.86
CA LEU G 210 32.75 21.49 -49.65
C LEU G 210 31.60 20.77 -48.93
N SER G 211 31.00 21.47 -47.97
CA SER G 211 29.81 21.02 -47.21
C SER G 211 28.60 21.87 -47.61
N PHE G 212 27.40 21.31 -47.44
CA PHE G 212 26.12 22.01 -47.72
C PHE G 212 25.08 21.52 -46.71
N THR G 213 24.38 22.47 -46.08
CA THR G 213 23.27 22.22 -45.12
C THR G 213 22.38 23.45 -45.06
N ASN G 214 21.08 23.25 -44.81
CA ASN G 214 20.12 24.36 -44.60
C ASN G 214 19.95 24.63 -43.09
N THR G 215 20.91 24.18 -42.26
CA THR G 215 20.88 24.34 -40.78
C THR G 215 21.93 25.37 -40.31
N SER G 216 22.84 25.82 -41.17
CA SER G 216 23.90 26.80 -40.81
C SER G 216 23.32 28.22 -40.88
N THR G 217 23.81 29.12 -40.02
CA THR G 217 23.55 30.58 -40.05
C THR G 217 24.82 31.32 -39.64
N THR G 218 25.15 32.40 -40.35
CA THR G 218 26.29 33.29 -40.00
C THR G 218 25.73 34.60 -39.45
N ILE G 219 26.07 34.92 -38.21
CA ILE G 219 25.68 36.19 -37.53
C ILE G 219 26.55 37.31 -38.11
N LEU G 220 25.97 38.46 -38.42
CA LEU G 220 26.66 39.60 -39.08
C LEU G 220 26.84 40.76 -38.10
N LEU G 221 26.33 40.64 -36.87
CA LEU G 221 26.48 41.69 -35.84
C LEU G 221 27.95 41.76 -35.42
N ASP G 222 28.45 42.97 -35.15
CA ASP G 222 29.87 43.22 -34.77
C ASP G 222 30.03 43.09 -33.24
N GLU G 223 31.22 43.41 -32.74
CA GLU G 223 31.59 43.44 -31.29
C GLU G 223 30.50 44.17 -30.49
N ASN G 224 29.84 45.19 -31.08
CA ASN G 224 28.84 46.05 -30.39
C ASN G 224 27.40 45.74 -30.83
N GLY G 225 27.13 44.56 -31.37
CA GLY G 225 25.76 44.12 -31.71
C GLY G 225 25.13 44.91 -32.85
N VAL G 226 25.95 45.57 -33.68
CA VAL G 226 25.50 46.34 -34.87
C VAL G 226 25.89 45.55 -36.14
N GLY G 227 24.92 45.32 -37.02
CA GLY G 227 25.13 44.70 -38.34
C GLY G 227 25.45 45.72 -39.42
N PRO G 228 25.75 45.28 -40.65
CA PRO G 228 25.87 46.19 -41.78
C PRO G 228 24.59 47.03 -41.92
N LEU G 229 24.74 48.35 -42.02
CA LEU G 229 23.64 49.32 -42.25
C LEU G 229 23.59 49.68 -43.73
N CYS G 230 22.49 49.33 -44.39
CA CYS G 230 22.32 49.42 -45.86
C CYS G 230 22.07 50.87 -46.29
N LYS G 231 23.12 51.56 -46.72
CA LYS G 231 23.08 52.95 -47.25
C LYS G 231 22.28 52.94 -48.57
N GLY G 232 21.55 54.02 -48.82
CA GLY G 232 20.67 54.18 -50.00
C GLY G 232 19.72 53.01 -50.17
N ASP G 233 19.31 52.37 -49.07
CA ASP G 233 18.34 51.24 -49.09
C ASP G 233 18.84 50.15 -50.06
N GLY G 234 20.15 49.89 -50.03
CA GLY G 234 20.82 48.87 -50.86
C GLY G 234 21.62 47.88 -50.02
N LEU G 235 21.40 46.58 -50.25
CA LEU G 235 22.19 45.47 -49.65
C LEU G 235 23.20 44.97 -50.69
N TYR G 236 24.47 44.93 -50.32
CA TYR G 236 25.61 44.64 -51.23
C TYR G 236 26.13 43.22 -50.96
N LEU G 237 25.85 42.30 -51.89
CA LEU G 237 26.34 40.89 -51.87
C LEU G 237 27.56 40.75 -52.79
N SER G 238 28.56 39.98 -52.36
CA SER G 238 29.77 39.63 -53.15
C SER G 238 30.10 38.14 -52.94
N SER G 239 30.69 37.52 -53.95
CA SER G 239 30.93 36.06 -54.04
C SER G 239 32.19 35.84 -54.87
N ALA G 240 32.95 34.79 -54.52
CA ALA G 240 34.07 34.26 -55.34
C ALA G 240 34.19 32.77 -55.03
N ASP G 241 33.59 31.92 -55.86
CA ASP G 241 33.58 30.46 -55.60
C ASP G 241 34.15 29.71 -56.81
N VAL G 242 35.47 29.67 -56.87
CA VAL G 242 36.25 28.92 -57.89
C VAL G 242 36.62 27.58 -57.25
N ALA G 243 35.86 26.52 -57.56
CA ALA G 243 35.93 25.19 -56.92
C ALA G 243 37.26 24.51 -57.24
N GLY G 244 37.87 24.90 -58.36
CA GLY G 244 39.13 24.33 -58.86
C GLY G 244 39.18 24.40 -60.38
N THR G 245 39.86 23.45 -61.00
CA THR G 245 40.03 23.37 -62.48
C THR G 245 39.44 22.06 -62.98
N PHE G 246 38.85 22.11 -64.17
CA PHE G 246 38.54 20.92 -65.01
C PHE G 246 39.76 20.61 -65.87
N VAL G 247 40.25 19.37 -65.82
CA VAL G 247 41.40 18.87 -66.63
C VAL G 247 40.83 17.99 -67.74
N GLN G 248 40.98 18.41 -69.00
CA GLN G 248 40.36 17.73 -70.17
C GLN G 248 41.28 16.65 -70.72
N GLN G 249 40.74 15.47 -71.00
CA GLN G 249 41.47 14.35 -71.66
C GLN G 249 42.04 14.85 -72.99
N THR G 250 43.16 14.26 -73.43
CA THR G 250 43.75 14.47 -74.78
C THR G 250 44.44 15.83 -74.83
N SER G 251 43.70 16.93 -74.74
CA SER G 251 44.27 18.31 -74.76
C SER G 251 45.16 18.51 -73.52
N GLN G 252 44.76 17.92 -72.38
CA GLN G 252 45.39 18.10 -71.05
C GLN G 252 45.43 19.60 -70.71
N LYS G 253 44.45 20.35 -71.21
CA LYS G 253 44.25 21.78 -70.88
C LYS G 253 43.39 21.87 -69.62
N GLN G 254 43.56 22.95 -68.86
CA GLN G 254 42.82 23.22 -67.60
C GLN G 254 41.88 24.41 -67.83
N TYR G 255 40.69 24.32 -67.23
CA TYR G 255 39.65 25.38 -67.25
C TYR G 255 39.21 25.63 -65.79
N TRP G 256 39.21 26.89 -65.36
CA TRP G 256 38.61 27.30 -64.07
C TRP G 256 37.13 26.89 -64.06
N ARG G 257 36.68 26.31 -62.95
CA ARG G 257 35.26 25.93 -62.72
C ARG G 257 34.73 26.74 -61.54
N GLY G 258 33.66 27.50 -61.76
CA GLY G 258 33.00 28.33 -60.74
C GLY G 258 31.66 27.74 -60.32
N LEU G 259 31.20 28.06 -59.12
CA LEU G 259 29.86 27.65 -58.63
C LEU G 259 29.10 28.85 -58.12
N PRO G 260 27.74 28.81 -58.20
CA PRO G 260 26.92 29.91 -57.72
C PRO G 260 26.79 29.84 -56.19
N ARG G 261 26.58 30.99 -55.55
CA ARG G 261 26.34 31.10 -54.09
C ARG G 261 24.93 31.63 -53.85
N TYR G 262 24.18 30.96 -52.99
CA TYR G 262 22.84 31.38 -52.51
C TYR G 262 23.00 32.21 -51.24
N PHE G 263 22.23 33.30 -51.14
CA PHE G 263 22.15 34.14 -49.92
C PHE G 263 20.71 34.20 -49.42
N ASN G 264 20.55 34.20 -48.09
CA ASN G 264 19.26 34.49 -47.42
C ASN G 264 19.55 35.41 -46.24
N ILE G 265 19.41 36.71 -46.43
CA ILE G 265 19.78 37.73 -45.40
C ILE G 265 18.52 38.10 -44.62
N THR G 266 18.61 38.11 -43.30
CA THR G 266 17.57 38.65 -42.38
C THR G 266 18.01 40.06 -42.00
N LEU G 267 17.17 41.06 -42.27
CA LEU G 267 17.42 42.47 -41.89
C LEU G 267 16.31 42.96 -40.95
N ARG G 268 16.62 43.99 -40.18
CA ARG G 268 15.68 44.64 -39.23
C ARG G 268 15.91 46.16 -39.31
N LYS G 269 14.88 46.94 -38.98
CA LYS G 269 14.96 48.43 -39.01
C LYS G 269 15.79 48.91 -37.81
N ARG G 270 16.74 49.79 -38.07
CA ARG G 270 17.59 50.43 -37.03
C ARG G 270 17.54 51.94 -37.22
N ALA G 271 17.42 52.69 -36.13
CA ALA G 271 17.35 54.16 -36.10
C ALA G 271 18.78 54.74 -36.05
N VAL G 272 18.99 55.91 -36.66
CA VAL G 272 20.33 56.57 -36.77
C VAL G 272 20.15 58.10 -36.67
N LYS G 273 21.16 58.81 -36.15
CA LYS G 273 21.05 60.23 -35.72
C LYS G 273 21.15 61.15 -36.95
N ILE H 7 1.94 26.51 -42.69
CA ILE H 7 1.23 25.89 -41.51
C ILE H 7 1.49 26.75 -40.27
N GLU H 8 0.45 27.22 -39.56
CA GLU H 8 0.58 27.89 -38.24
C GLU H 8 0.80 26.80 -37.18
N VAL H 9 1.97 26.77 -36.55
CA VAL H 9 2.41 25.72 -35.58
C VAL H 9 1.93 26.13 -34.18
N LEU H 10 1.37 25.19 -33.40
CA LEU H 10 0.83 25.47 -32.05
C LEU H 10 1.63 24.69 -31.00
N ASP H 11 0.96 24.24 -29.93
CA ASP H 11 1.55 23.58 -28.74
C ASP H 11 2.04 22.19 -29.13
N VAL H 12 3.03 21.67 -28.41
CA VAL H 12 3.51 20.26 -28.53
C VAL H 12 2.64 19.38 -27.62
N LYS H 13 1.82 18.50 -28.18
CA LYS H 13 1.03 17.52 -27.37
C LYS H 13 2.04 16.60 -26.65
N THR H 14 1.95 16.56 -25.31
CA THR H 14 2.68 15.59 -24.44
C THR H 14 1.64 14.65 -23.82
N GLY H 15 2.10 13.57 -23.19
CA GLY H 15 1.24 12.50 -22.64
C GLY H 15 1.63 11.15 -23.23
N PRO H 16 0.93 10.06 -22.85
CA PRO H 16 1.21 8.74 -23.42
C PRO H 16 0.90 8.68 -24.92
N ASP H 17 1.65 7.85 -25.65
CA ASP H 17 1.49 7.64 -27.12
C ASP H 17 1.66 8.98 -27.86
N SER H 18 2.48 9.90 -27.36
CA SER H 18 2.68 11.25 -27.97
C SER H 18 4.04 11.35 -28.67
N THR H 19 4.94 10.41 -28.39
CA THR H 19 6.22 10.25 -29.13
C THR H 19 6.28 8.87 -29.77
N THR H 20 7.09 8.73 -30.82
CA THR H 20 7.36 7.44 -31.52
C THR H 20 8.73 7.52 -32.17
N THR H 21 9.36 6.37 -32.41
CA THR H 21 10.64 6.27 -33.17
C THR H 21 10.38 5.49 -34.46
N ILE H 22 11.16 5.79 -35.49
CA ILE H 22 11.14 5.11 -36.81
C ILE H 22 12.57 4.67 -37.12
N GLU H 23 12.78 3.36 -37.27
CA GLU H 23 14.02 2.75 -37.84
C GLU H 23 13.80 2.55 -39.34
N ALA H 24 14.77 2.91 -40.15
CA ALA H 24 14.77 2.70 -41.62
C ALA H 24 16.23 2.63 -42.09
N TYR H 25 16.46 2.00 -43.24
CA TYR H 25 17.76 2.05 -43.96
C TYR H 25 17.43 2.38 -45.41
N LEU H 26 18.30 3.18 -46.06
CA LEU H 26 18.31 3.35 -47.52
C LEU H 26 19.55 2.66 -48.07
N ASN H 27 19.37 1.68 -48.96
CA ASN H 27 20.47 1.04 -49.72
C ASN H 27 20.87 2.00 -50.84
N PRO H 28 22.16 2.00 -51.22
CA PRO H 28 22.67 2.95 -52.21
C PRO H 28 22.15 2.62 -53.62
N ARG H 29 22.01 3.64 -54.46
CA ARG H 29 21.57 3.50 -55.87
C ARG H 29 22.64 4.12 -56.77
N VAL H 30 23.75 3.39 -56.95
CA VAL H 30 24.95 3.87 -57.69
C VAL H 30 24.87 3.42 -59.15
N GLY H 31 23.71 2.91 -59.61
CA GLY H 31 23.48 2.49 -60.99
C GLY H 31 23.02 1.04 -61.08
N GLN H 32 23.43 0.22 -60.12
CA GLN H 32 22.85 -1.13 -59.86
C GLN H 32 22.52 -1.20 -58.37
N ASN H 33 22.02 -2.34 -57.90
CA ASN H 33 21.35 -2.44 -56.57
C ASN H 33 22.28 -3.09 -55.54
N TRP H 34 23.49 -3.49 -55.92
CA TRP H 34 24.35 -4.31 -55.02
C TRP H 34 25.67 -3.58 -54.73
N GLY H 35 25.62 -2.25 -54.72
CA GLY H 35 26.65 -1.37 -54.10
C GLY H 35 27.73 -0.94 -55.07
N PHE H 36 27.70 -1.44 -56.31
CA PHE H 36 28.64 -1.05 -57.38
C PHE H 36 27.91 -0.69 -58.66
N SER H 37 28.39 0.38 -59.31
CA SER H 37 28.03 0.76 -60.69
C SER H 37 28.69 -0.24 -61.66
N THR H 38 28.28 -0.19 -62.92
CA THR H 38 29.05 -0.78 -64.06
C THR H 38 30.23 0.16 -64.32
N GLU H 39 31.18 -0.27 -65.15
CA GLU H 39 32.44 0.49 -65.39
C GLU H 39 32.09 1.93 -65.77
N ILE H 40 32.83 2.88 -65.21
CA ILE H 40 32.72 4.32 -65.57
C ILE H 40 33.31 4.46 -66.97
N THR H 41 32.57 5.08 -67.88
CA THR H 41 32.99 5.33 -69.28
C THR H 41 33.17 6.83 -69.49
N VAL H 42 34.03 7.21 -70.43
CA VAL H 42 34.35 8.63 -70.73
C VAL H 42 34.16 8.86 -72.22
N ALA H 43 33.22 9.73 -72.59
CA ALA H 43 32.98 10.18 -73.98
C ALA H 43 34.29 10.74 -74.54
N SER H 44 34.59 10.46 -75.82
CA SER H 44 35.72 11.10 -76.55
C SER H 44 35.35 12.56 -76.84
N ASN H 45 36.31 13.47 -76.69
CA ASN H 45 36.12 14.92 -76.95
C ASN H 45 35.40 15.06 -78.30
N GLY H 46 34.31 15.83 -78.33
CA GLY H 46 33.57 16.17 -79.56
C GLY H 46 32.40 15.23 -79.82
N TYR H 47 32.36 14.06 -79.17
CA TYR H 47 31.25 13.08 -79.29
C TYR H 47 30.24 13.33 -78.17
N ASN H 48 29.04 12.74 -78.27
CA ASN H 48 27.99 12.85 -77.23
C ASN H 48 28.52 12.31 -75.91
N ASP H 49 28.21 13.04 -74.82
CA ASP H 49 28.39 12.57 -73.42
C ASP H 49 27.14 11.77 -73.06
N ALA H 50 27.17 10.44 -73.25
CA ALA H 50 25.99 9.56 -73.10
C ALA H 50 26.35 8.37 -72.23
N PRO H 51 26.44 8.57 -70.89
CA PRO H 51 26.79 7.50 -69.98
C PRO H 51 25.68 6.45 -69.88
N HIS H 52 26.07 5.22 -69.57
CA HIS H 52 25.15 4.06 -69.35
C HIS H 52 24.28 4.34 -68.12
N LEU H 53 23.02 3.91 -68.15
CA LEU H 53 22.12 4.00 -66.97
C LEU H 53 22.85 3.50 -65.72
N THR H 54 23.55 2.37 -65.83
CA THR H 54 24.08 1.60 -64.68
C THR H 54 25.43 2.15 -64.21
N GLU H 55 25.87 3.31 -64.69
CA GLU H 55 27.17 3.91 -64.29
C GLU H 55 26.94 5.27 -63.62
N ILE H 56 25.68 5.63 -63.38
CA ILE H 56 25.27 6.99 -62.89
C ILE H 56 24.64 6.84 -61.51
N PRO H 57 25.34 7.26 -60.44
CA PRO H 57 24.77 7.24 -59.10
C PRO H 57 23.65 8.27 -58.91
N CYS H 58 22.61 7.84 -58.19
CA CYS H 58 21.38 8.61 -57.92
C CYS H 58 21.13 8.71 -56.40
N TYR H 59 20.37 9.72 -56.00
CA TYR H 59 19.82 9.88 -54.64
C TYR H 59 18.95 8.65 -54.34
N SER H 60 19.24 7.98 -53.23
CA SER H 60 18.30 7.05 -52.55
C SER H 60 17.25 7.88 -51.81
N SER H 61 16.01 7.39 -51.76
CA SER H 61 14.84 8.13 -51.23
C SER H 61 13.74 7.13 -50.86
N ALA H 62 13.06 7.36 -49.74
CA ALA H 62 11.90 6.55 -49.29
C ALA H 62 10.95 7.46 -48.51
N ARG H 63 9.66 7.12 -48.55
CA ARG H 63 8.62 7.74 -47.69
C ARG H 63 8.16 6.66 -46.70
N ILE H 64 8.44 6.87 -45.41
CA ILE H 64 7.99 5.94 -44.34
C ILE H 64 6.58 6.41 -43.91
N SER H 65 5.63 5.47 -43.84
CA SER H 65 4.25 5.70 -43.33
C SER H 65 4.29 5.79 -41.80
N LEU H 66 3.75 6.89 -41.26
CA LEU H 66 3.66 7.13 -39.80
C LEU H 66 2.25 6.76 -39.32
N PRO H 67 2.06 6.43 -38.02
CA PRO H 67 0.71 6.19 -37.49
C PRO H 67 -0.26 7.32 -37.85
N LEU H 68 -1.47 6.99 -38.28
CA LEU H 68 -2.51 7.99 -38.66
C LEU H 68 -2.89 8.78 -37.40
N LEU H 69 -3.11 10.09 -37.51
CA LEU H 69 -3.31 10.97 -36.32
C LEU H 69 -4.77 11.43 -36.20
N ASN H 70 -5.39 11.94 -37.28
CA ASN H 70 -6.68 12.65 -37.18
C ASN H 70 -7.78 11.66 -37.57
N LEU H 78 -5.68 20.27 -35.77
CA LEU H 78 -5.14 19.01 -36.36
C LEU H 78 -3.76 18.72 -35.74
N LEU H 79 -3.37 17.45 -35.73
CA LEU H 79 -2.04 16.98 -35.25
C LEU H 79 -1.20 16.49 -36.42
N MET H 80 0.09 16.85 -36.43
CA MET H 80 1.11 16.30 -37.36
C MET H 80 2.27 15.75 -36.55
N TRP H 81 2.87 14.65 -37.01
CA TRP H 81 4.16 14.16 -36.47
C TRP H 81 5.25 15.18 -36.77
N GLU H 82 6.08 15.47 -35.78
CA GLU H 82 7.21 16.42 -35.87
C GLU H 82 8.50 15.63 -35.61
N ALA H 83 9.40 15.60 -36.59
CA ALA H 83 10.72 14.95 -36.47
C ALA H 83 11.62 15.84 -35.60
N VAL H 84 12.09 15.32 -34.47
CA VAL H 84 12.82 16.11 -33.44
C VAL H 84 14.33 15.87 -33.60
N SER H 85 14.73 14.62 -33.74
CA SER H 85 16.15 14.20 -33.77
C SER H 85 16.30 12.97 -34.67
N VAL H 86 17.50 12.72 -35.17
CA VAL H 86 17.85 11.50 -35.95
C VAL H 86 19.24 11.03 -35.53
N LYS H 87 19.35 9.75 -35.15
CA LYS H 87 20.63 9.01 -35.10
C LYS H 87 20.81 8.40 -36.50
N THR H 88 21.87 8.73 -37.22
CA THR H 88 22.16 8.16 -38.56
C THR H 88 23.60 7.62 -38.61
N GLU H 89 23.81 6.57 -39.40
CA GLU H 89 25.14 5.92 -39.56
C GLU H 89 25.30 5.40 -40.99
N VAL H 90 26.50 5.53 -41.54
CA VAL H 90 26.90 4.89 -42.81
C VAL H 90 27.30 3.45 -42.48
N VAL H 91 26.54 2.49 -42.98
CA VAL H 91 26.70 1.05 -42.63
C VAL H 91 27.75 0.43 -43.57
N GLY H 92 28.56 -0.48 -43.04
CA GLY H 92 29.52 -1.29 -43.83
C GLY H 92 30.75 -0.50 -44.24
N ILE H 93 31.12 0.52 -43.46
CA ILE H 93 32.41 1.25 -43.65
C ILE H 93 33.54 0.23 -43.57
N SER H 94 33.51 -0.66 -42.59
CA SER H 94 34.56 -1.68 -42.32
C SER H 94 34.76 -2.57 -43.55
N SER H 95 33.77 -2.65 -44.45
CA SER H 95 33.80 -3.49 -45.68
C SER H 95 34.98 -3.09 -46.56
N MET H 96 35.48 -1.86 -46.42
CA MET H 96 36.54 -1.28 -47.28
C MET H 96 37.93 -1.75 -46.84
N LEU H 97 38.10 -2.34 -45.65
CA LEU H 97 39.40 -2.91 -45.22
C LEU H 97 39.60 -4.27 -45.91
N ASN H 98 39.74 -4.25 -47.23
CA ASN H 98 39.79 -5.45 -48.12
C ASN H 98 40.82 -5.18 -49.22
N MET H 99 41.96 -5.87 -49.17
CA MET H 99 43.07 -5.66 -50.15
C MET H 99 43.30 -6.94 -50.96
N HIS H 100 42.31 -7.85 -51.02
CA HIS H 100 42.44 -9.16 -51.72
C HIS H 100 41.41 -9.31 -52.84
N SER H 101 40.33 -8.51 -52.86
CA SER H 101 39.19 -8.67 -53.81
C SER H 101 39.43 -7.87 -55.09
N TYR H 102 40.46 -8.26 -55.84
CA TYR H 102 40.68 -7.96 -57.28
C TYR H 102 41.12 -6.51 -57.51
N GLY H 103 41.49 -5.78 -56.46
CA GLY H 103 41.89 -4.36 -56.58
C GLY H 103 43.20 -4.23 -57.33
N LEU H 104 43.36 -3.15 -58.11
CA LEU H 104 44.65 -2.77 -58.72
C LEU H 104 45.75 -2.88 -57.66
N ARG H 105 46.86 -3.54 -57.96
CA ARG H 105 47.85 -3.96 -56.94
C ARG H 105 48.94 -2.88 -56.80
N ALA H 106 49.31 -2.57 -55.56
CA ALA H 106 50.29 -1.53 -55.18
C ALA H 106 51.70 -2.08 -55.31
N PHE H 107 52.69 -1.18 -55.28
CA PHE H 107 54.14 -1.51 -55.25
C PHE H 107 54.46 -2.44 -56.42
N GLY H 108 54.16 -1.97 -57.63
CA GLY H 108 54.49 -2.60 -58.91
C GLY H 108 53.82 -3.95 -59.12
N GLY H 109 52.68 -4.20 -58.44
CA GLY H 109 51.86 -5.41 -58.62
C GLY H 109 52.16 -6.48 -57.59
N TYR H 110 53.13 -6.28 -56.69
CA TYR H 110 53.56 -7.29 -55.67
C TYR H 110 52.80 -7.09 -54.36
N GLY H 111 52.23 -5.91 -54.13
CA GLY H 111 51.48 -5.56 -52.92
C GLY H 111 50.02 -5.98 -53.02
N GLY H 112 49.19 -5.44 -52.11
CA GLY H 112 47.75 -5.75 -52.04
C GLY H 112 46.95 -4.86 -52.98
N GLY H 113 45.66 -5.19 -53.15
CA GLY H 113 44.72 -4.42 -53.98
C GLY H 113 44.40 -3.06 -53.35
N TYR H 114 44.15 -2.06 -54.19
CA TYR H 114 43.67 -0.72 -53.78
C TYR H 114 42.33 -0.86 -53.07
N THR H 115 42.21 -0.29 -51.87
CA THR H 115 40.91 -0.07 -51.19
C THR H 115 40.17 1.03 -51.95
N ILE H 116 38.85 1.08 -51.79
CA ILE H 116 37.98 2.14 -52.36
C ILE H 116 38.68 3.48 -52.11
N GLU H 117 38.81 4.29 -53.17
CA GLU H 117 39.44 5.63 -53.11
C GLU H 117 38.84 6.52 -54.21
N GLY H 118 39.20 7.81 -54.18
CA GLY H 118 38.77 8.81 -55.17
C GLY H 118 37.64 9.68 -54.64
N SER H 119 37.06 10.48 -55.54
CA SER H 119 35.97 11.44 -55.23
C SER H 119 34.81 10.70 -54.59
N HIS H 120 34.21 11.32 -53.57
CA HIS H 120 33.13 10.73 -52.74
C HIS H 120 32.20 11.84 -52.26
N ILE H 121 30.93 11.50 -52.04
CA ILE H 121 29.91 12.41 -51.43
C ILE H 121 29.16 11.61 -50.38
N HIS H 122 28.86 12.24 -49.25
CA HIS H 122 28.03 11.66 -48.16
C HIS H 122 26.97 12.69 -47.77
N PHE H 123 25.71 12.28 -47.82
CA PHE H 123 24.56 13.21 -47.70
C PHE H 123 23.33 12.48 -47.18
N PHE H 124 22.56 13.16 -46.33
CA PHE H 124 21.26 12.65 -45.81
C PHE H 124 20.36 13.85 -45.57
N SER H 125 19.05 13.61 -45.66
CA SER H 125 17.99 14.60 -45.38
C SER H 125 16.82 13.89 -44.68
N VAL H 126 16.21 14.58 -43.73
CA VAL H 126 14.93 14.18 -43.08
C VAL H 126 13.95 15.34 -43.29
N GLY H 127 12.71 15.03 -43.69
CA GLY H 127 11.72 16.04 -44.05
C GLY H 127 10.30 15.55 -43.91
N GLY H 128 9.35 16.48 -43.89
CA GLY H 128 7.90 16.19 -43.85
C GLY H 128 7.29 16.19 -45.23
N GLU H 129 8.12 16.31 -46.26
CA GLU H 129 7.73 16.27 -47.70
C GLU H 129 8.95 15.90 -48.51
N PRO H 130 8.78 15.57 -49.80
CA PRO H 130 9.93 15.35 -50.68
C PRO H 130 10.93 16.50 -50.63
N LEU H 131 12.23 16.16 -50.68
CA LEU H 131 13.36 17.13 -50.72
C LEU H 131 13.27 17.93 -52.02
N ASP H 132 13.38 19.25 -51.94
CA ASP H 132 13.38 20.16 -53.12
C ASP H 132 14.78 20.14 -53.73
N LEU H 133 14.86 19.87 -55.04
CA LEU H 133 16.12 19.79 -55.83
C LEU H 133 16.23 21.00 -56.74
N GLN H 134 17.46 21.52 -56.87
CA GLN H 134 17.88 22.55 -57.86
C GLN H 134 18.74 21.86 -58.92
N GLY H 135 18.48 22.14 -60.19
CA GLY H 135 19.29 21.62 -61.31
C GLY H 135 20.61 22.37 -61.42
N LEU H 136 21.72 21.63 -61.32
CA LEU H 136 23.06 22.14 -61.68
C LEU H 136 23.96 20.94 -62.01
N MET H 137 24.60 20.99 -63.19
CA MET H 137 25.37 19.88 -63.79
C MET H 137 26.68 20.43 -64.37
N GLN H 138 27.69 19.57 -64.54
CA GLN H 138 29.03 19.95 -65.07
C GLN H 138 28.94 20.16 -66.59
N ASN H 139 28.15 19.33 -67.29
CA ASN H 139 27.99 19.40 -68.76
C ASN H 139 26.49 19.40 -69.10
N HIS H 140 25.98 20.54 -69.58
CA HIS H 140 24.54 20.76 -69.88
C HIS H 140 24.05 19.73 -70.90
N SER H 141 24.95 19.22 -71.74
CA SER H 141 24.64 18.36 -72.91
C SER H 141 24.61 16.87 -72.52
N THR H 142 24.93 16.52 -71.28
CA THR H 142 24.91 15.11 -70.81
C THR H 142 23.54 14.51 -71.19
N GLN H 143 23.55 13.31 -71.77
CA GLN H 143 22.34 12.53 -72.14
C GLN H 143 22.09 11.46 -71.09
N TYR H 144 21.08 11.67 -70.24
CA TYR H 144 20.66 10.69 -69.19
C TYR H 144 19.66 9.72 -69.82
N PRO H 145 19.96 8.40 -69.83
CA PRO H 145 18.99 7.42 -70.31
C PRO H 145 17.74 7.37 -69.42
N SER H 146 16.58 7.16 -70.03
CA SER H 146 15.32 6.82 -69.33
C SER H 146 15.56 5.55 -68.51
N PRO H 147 14.98 5.41 -67.29
CA PRO H 147 14.03 6.36 -66.71
C PRO H 147 14.58 7.46 -65.79
N LEU H 148 15.90 7.73 -65.86
CA LEU H 148 16.53 8.82 -65.06
C LEU H 148 15.89 10.15 -65.46
N VAL H 149 15.94 11.14 -64.57
CA VAL H 149 15.37 12.49 -64.80
C VAL H 149 16.48 13.52 -64.57
N GLY H 150 16.78 14.31 -65.60
CA GLY H 150 17.77 15.40 -65.52
C GLY H 150 17.09 16.76 -65.66
N PRO H 151 17.82 17.86 -65.40
CA PRO H 151 17.25 19.19 -65.52
C PRO H 151 16.84 19.47 -66.97
N LYS H 152 15.54 19.69 -67.19
CA LYS H 152 14.95 20.08 -68.50
C LYS H 152 14.17 21.38 -68.26
N LYS H 153 14.20 22.32 -69.22
CA LYS H 153 13.25 23.45 -69.29
C LYS H 153 11.85 22.88 -69.56
N PRO H 154 10.77 23.68 -69.48
CA PRO H 154 9.44 23.19 -69.86
C PRO H 154 9.36 22.67 -71.30
N ASP H 155 10.15 23.26 -72.21
CA ASP H 155 10.14 22.93 -73.66
C ASP H 155 10.91 21.62 -73.93
N GLY H 156 11.60 21.05 -72.92
CA GLY H 156 12.30 19.75 -73.03
C GLY H 156 13.81 19.91 -73.21
N THR H 157 14.28 21.12 -73.54
CA THR H 157 15.71 21.44 -73.78
C THR H 157 16.46 21.56 -72.46
N THR H 158 17.80 21.63 -72.53
CA THR H 158 18.72 21.91 -71.40
C THR H 158 19.85 22.81 -71.91
N ASP H 159 19.88 24.09 -71.55
CA ASP H 159 20.86 25.05 -72.11
C ASP H 159 22.07 25.16 -71.18
N ASP H 160 23.03 26.02 -71.56
CA ASP H 160 24.32 26.24 -70.83
C ASP H 160 24.08 26.69 -69.39
N SER H 161 22.95 27.34 -69.12
CA SER H 161 22.61 27.94 -67.79
C SER H 161 22.51 26.84 -66.73
N ALA H 162 22.26 25.59 -67.13
CA ALA H 162 22.17 24.42 -66.21
C ALA H 162 23.53 24.11 -65.56
N GLN H 163 24.61 24.78 -65.99
CA GLN H 163 25.97 24.61 -65.41
C GLN H 163 26.20 25.63 -64.29
N VAL H 164 25.25 26.57 -64.14
CA VAL H 164 25.22 27.53 -63.00
C VAL H 164 23.79 27.48 -62.42
N LEU H 165 23.38 28.52 -61.69
CA LEU H 165 22.03 28.55 -61.10
C LEU H 165 21.07 29.22 -62.08
N ASN H 166 20.11 28.45 -62.60
CA ASN H 166 18.90 28.96 -63.29
C ASN H 166 17.68 28.38 -62.56
N PRO H 167 16.86 29.23 -61.90
CA PRO H 167 15.67 28.77 -61.20
C PRO H 167 14.68 27.92 -62.03
N ILE H 168 14.77 27.97 -63.37
CA ILE H 168 13.86 27.21 -64.26
C ILE H 168 14.03 25.70 -63.99
N TYR H 169 15.22 25.26 -63.53
CA TYR H 169 15.57 23.84 -63.33
C TYR H 169 15.35 23.42 -61.87
N LYS H 170 14.16 22.92 -61.57
CA LYS H 170 13.80 22.41 -60.22
C LYS H 170 13.08 21.06 -60.35
N ALA H 171 13.07 20.29 -59.27
CA ALA H 171 12.39 18.98 -59.18
C ALA H 171 12.20 18.63 -57.71
N LYS H 172 11.31 17.67 -57.44
CA LYS H 172 11.09 17.10 -56.09
C LYS H 172 11.66 15.69 -56.14
N LEU H 173 12.45 15.31 -55.13
CA LEU H 173 13.06 13.97 -54.99
C LEU H 173 11.95 12.98 -54.60
N ASP H 174 11.12 12.59 -55.57
CA ASP H 174 9.85 11.85 -55.33
C ASP H 174 10.00 10.38 -55.74
N LYS H 175 11.15 9.95 -56.25
CA LYS H 175 11.36 8.56 -56.72
C LYS H 175 12.80 8.14 -56.37
N ASP H 176 12.97 6.94 -55.79
CA ASP H 176 14.28 6.31 -55.51
C ASP H 176 14.99 6.07 -56.84
N ALA H 177 16.33 6.12 -56.85
CA ALA H 177 17.21 5.60 -57.92
C ALA H 177 16.92 6.29 -59.26
N THR H 178 16.39 7.51 -59.24
CA THR H 178 15.85 8.21 -60.43
C THR H 178 16.57 9.52 -60.71
N TYR H 179 16.93 10.27 -59.66
CA TYR H 179 17.53 11.63 -59.77
C TYR H 179 19.03 11.51 -59.61
N PRO H 180 19.83 11.73 -60.68
CA PRO H 180 21.28 11.61 -60.58
C PRO H 180 21.87 12.68 -59.65
N ILE H 181 22.83 12.26 -58.82
CA ILE H 181 23.54 13.15 -57.85
C ILE H 181 24.21 14.28 -58.63
N GLU H 182 24.65 14.00 -59.87
CA GLU H 182 25.60 14.86 -60.62
C GLU H 182 24.90 16.05 -61.28
N CYS H 183 23.55 16.07 -61.33
CA CYS H 183 22.77 17.16 -61.97
C CYS H 183 21.73 17.78 -61.03
N TRP H 184 21.57 17.24 -59.82
CA TRP H 184 20.62 17.76 -58.79
C TRP H 184 21.34 17.95 -57.44
N CYS H 185 21.20 19.13 -56.84
CA CYS H 185 21.62 19.38 -55.44
C CYS H 185 20.40 19.83 -54.64
N PRO H 186 20.44 19.73 -53.28
CA PRO H 186 19.39 20.31 -52.45
C PRO H 186 19.25 21.80 -52.76
N ASP H 187 17.99 22.23 -52.95
CA ASP H 187 17.59 23.62 -53.28
C ASP H 187 17.54 24.45 -52.00
N PRO H 188 18.50 25.37 -51.77
CA PRO H 188 18.55 26.12 -50.52
C PRO H 188 17.50 27.24 -50.45
N SER H 189 16.83 27.52 -51.58
CA SER H 189 15.76 28.55 -51.70
C SER H 189 14.42 27.96 -51.23
N ARG H 190 14.38 26.66 -50.95
CA ARG H 190 13.17 25.93 -50.48
C ARG H 190 13.56 25.01 -49.32
N ASN H 191 12.99 23.82 -49.24
CA ASN H 191 13.30 22.83 -48.17
C ASN H 191 13.08 23.45 -46.79
N GLU H 192 12.08 24.33 -46.62
CA GLU H 192 11.73 24.91 -45.28
C GLU H 192 11.36 23.75 -44.33
N ASN H 193 10.75 22.68 -44.85
CA ASN H 193 10.18 21.55 -44.06
C ASN H 193 11.07 20.31 -44.19
N SER H 194 12.34 20.49 -44.56
CA SER H 194 13.37 19.41 -44.62
C SER H 194 14.65 19.92 -43.96
N ARG H 195 15.42 19.04 -43.34
CA ARG H 195 16.80 19.34 -42.87
C ARG H 195 17.75 18.46 -43.66
N TYR H 196 18.74 19.04 -44.36
CA TYR H 196 19.71 18.28 -45.18
C TYR H 196 21.15 18.63 -44.77
N PHE H 197 22.03 17.65 -44.94
CA PHE H 197 23.46 17.67 -44.52
C PHE H 197 24.29 16.89 -45.54
N GLY H 198 25.30 17.52 -46.13
CA GLY H 198 26.13 16.89 -47.17
C GLY H 198 27.55 17.37 -47.16
N SER H 199 28.49 16.49 -47.50
CA SER H 199 29.92 16.81 -47.68
C SER H 199 30.47 16.06 -48.90
N TYR H 200 31.06 16.78 -49.85
CA TYR H 200 31.73 16.22 -51.06
C TYR H 200 33.24 16.45 -50.92
N THR H 201 34.02 15.46 -51.35
CA THR H 201 35.49 15.54 -51.48
C THR H 201 35.87 15.05 -52.89
N GLY H 202 36.66 15.84 -53.63
CA GLY H 202 37.14 15.50 -54.98
C GLY H 202 38.43 14.70 -54.94
N GLY H 203 39.17 14.72 -56.05
CA GLY H 203 40.51 14.09 -56.19
C GLY H 203 40.44 12.75 -56.89
N VAL H 204 41.60 12.25 -57.32
CA VAL H 204 41.71 11.01 -58.15
C VAL H 204 41.85 9.79 -57.24
N GLU H 205 42.72 9.88 -56.22
CA GLU H 205 43.07 8.75 -55.32
C GLU H 205 42.79 9.11 -53.86
N THR H 206 41.93 10.11 -53.62
CA THR H 206 41.62 10.66 -52.28
C THR H 206 41.12 9.55 -51.37
N PRO H 207 41.71 9.39 -50.16
CA PRO H 207 41.26 8.36 -49.22
C PRO H 207 39.95 8.77 -48.56
N PRO H 208 38.94 7.87 -48.54
CA PRO H 208 37.74 8.12 -47.74
C PRO H 208 38.09 8.08 -46.26
N VAL H 209 37.51 9.01 -45.48
CA VAL H 209 37.59 9.06 -44.00
C VAL H 209 36.16 9.05 -43.49
N LEU H 210 35.73 7.94 -42.87
CA LEU H 210 34.36 7.79 -42.32
C LEU H 210 34.48 7.25 -40.88
N SER H 211 33.68 7.83 -39.98
CA SER H 211 33.55 7.40 -38.57
C SER H 211 32.16 6.80 -38.35
N PHE H 212 32.02 5.96 -37.33
CA PHE H 212 30.76 5.29 -36.98
C PHE H 212 30.71 5.14 -35.45
N THR H 213 29.57 5.54 -34.87
CA THR H 213 29.28 5.43 -33.41
C THR H 213 27.77 5.44 -33.19
N ASN H 214 27.30 4.75 -32.14
CA ASN H 214 25.87 4.75 -31.74
C ASN H 214 25.66 5.80 -30.65
N THR H 215 26.57 6.78 -30.50
CA THR H 215 26.49 7.86 -29.48
C THR H 215 26.16 9.21 -30.10
N SER H 216 26.17 9.36 -31.43
CA SER H 216 25.91 10.65 -32.11
C SER H 216 24.39 10.85 -32.26
N THR H 217 23.92 12.09 -32.21
CA THR H 217 22.52 12.50 -32.50
C THR H 217 22.52 13.83 -33.23
N THR H 218 21.71 13.98 -34.26
CA THR H 218 21.51 15.26 -34.99
C THR H 218 20.13 15.81 -34.62
N ILE H 219 20.09 17.00 -34.02
CA ILE H 219 18.82 17.72 -33.69
C ILE H 219 18.27 18.31 -34.98
N LEU H 220 16.95 18.17 -35.20
CA LEU H 220 16.27 18.59 -36.46
C LEU H 220 15.40 19.83 -36.22
N LEU H 221 15.31 20.32 -34.98
CA LEU H 221 14.55 21.54 -34.64
C LEU H 221 15.24 22.74 -35.27
N ASP H 222 14.48 23.72 -35.76
CA ASP H 222 14.99 24.94 -36.44
C ASP H 222 15.27 26.03 -35.41
N GLU H 223 15.62 27.23 -35.88
CA GLU H 223 15.86 28.47 -35.07
C GLU H 223 14.73 28.65 -34.05
N ASN H 224 13.49 28.25 -34.37
CA ASN H 224 12.28 28.47 -33.53
C ASN H 224 11.80 27.17 -32.88
N GLY H 225 12.66 26.17 -32.71
CA GLY H 225 12.34 24.93 -31.97
C GLY H 225 11.28 24.07 -32.65
N VAL H 226 11.07 24.25 -33.96
CA VAL H 226 10.11 23.46 -34.78
C VAL H 226 10.91 22.51 -35.68
N GLY H 227 10.56 21.22 -35.65
CA GLY H 227 11.15 20.19 -36.53
C GLY H 227 10.36 20.04 -37.83
N PRO H 228 10.81 19.20 -38.78
CA PRO H 228 10.02 18.87 -39.95
C PRO H 228 8.65 18.32 -39.52
N LEU H 229 7.58 18.87 -40.09
CA LEU H 229 6.18 18.43 -39.87
C LEU H 229 5.76 17.52 -41.02
N CYS H 230 5.47 16.25 -40.71
CA CYS H 230 5.23 15.17 -41.68
C CYS H 230 3.82 15.30 -42.28
N LYS H 231 3.71 15.92 -43.46
CA LYS H 231 2.46 16.07 -44.24
C LYS H 231 1.99 14.69 -44.69
N GLY H 232 0.67 14.49 -44.75
CA GLY H 232 0.03 13.21 -45.11
C GLY H 232 0.57 12.04 -44.28
N ASP H 233 0.99 12.29 -43.04
CA ASP H 233 1.48 11.26 -42.09
C ASP H 233 2.61 10.46 -42.77
N GLY H 234 3.49 11.17 -43.48
CA GLY H 234 4.67 10.60 -44.18
C GLY H 234 5.97 11.26 -43.77
N LEU H 235 6.97 10.46 -43.40
CA LEU H 235 8.36 10.91 -43.11
C LEU H 235 9.23 10.60 -44.32
N TYR H 236 9.93 11.63 -44.84
CA TYR H 236 10.68 11.57 -46.13
C TYR H 236 12.18 11.51 -45.83
N LEU H 237 12.78 10.34 -46.03
CA LEU H 237 14.24 10.10 -45.89
C LEU H 237 14.92 10.14 -47.27
N SER H 238 16.11 10.74 -47.34
CA SER H 238 16.96 10.80 -48.55
C SER H 238 18.42 10.55 -48.15
N SER H 239 19.19 9.95 -49.07
CA SER H 239 20.57 9.46 -48.84
C SER H 239 21.35 9.57 -50.15
N ALA H 240 22.64 9.86 -50.06
CA ALA H 240 23.61 9.76 -51.17
C ALA H 240 24.98 9.46 -50.56
N ASP H 241 25.37 8.18 -50.53
CA ASP H 241 26.64 7.77 -49.89
C ASP H 241 27.49 6.99 -50.88
N VAL H 242 28.19 7.74 -51.74
CA VAL H 242 29.18 7.21 -52.72
C VAL H 242 30.55 7.33 -52.07
N ALA H 243 31.07 6.24 -51.50
CA ALA H 243 32.29 6.20 -50.66
C ALA H 243 33.53 6.50 -51.51
N GLY H 244 33.42 6.26 -52.83
CA GLY H 244 34.51 6.46 -53.80
C GLY H 244 34.39 5.46 -54.95
N THR H 245 35.51 5.07 -55.53
CA THR H 245 35.57 4.13 -56.67
C THR H 245 36.38 2.90 -56.27
N PHE H 246 35.98 1.74 -56.79
CA PHE H 246 36.81 0.52 -56.84
C PHE H 246 37.64 0.55 -58.14
N VAL H 247 38.96 0.39 -58.02
CA VAL H 247 39.92 0.34 -59.17
C VAL H 247 40.33 -1.13 -59.35
N GLN H 248 39.96 -1.73 -60.48
CA GLN H 248 40.18 -3.18 -60.72
C GLN H 248 41.55 -3.42 -61.36
N GLN H 249 42.29 -4.42 -60.88
CA GLN H 249 43.58 -4.85 -61.47
C GLN H 249 43.34 -5.21 -62.94
N THR H 250 44.38 -5.08 -63.77
CA THR H 250 44.42 -5.56 -65.17
C THR H 250 43.57 -4.64 -66.05
N SER H 251 42.25 -4.59 -65.86
CA SER H 251 41.35 -3.72 -66.65
C SER H 251 41.69 -2.25 -66.36
N GLN H 252 42.05 -1.94 -65.12
CA GLN H 252 42.29 -0.56 -64.59
C GLN H 252 41.03 0.28 -64.84
N LYS H 253 39.86 -0.37 -64.82
CA LYS H 253 38.54 0.30 -64.89
C LYS H 253 38.11 0.68 -63.47
N GLN H 254 37.30 1.73 -63.36
CA GLN H 254 36.79 2.25 -62.07
C GLN H 254 35.28 2.00 -62.00
N TYR H 255 34.80 1.64 -60.82
CA TYR H 255 33.37 1.41 -60.50
C TYR H 255 33.02 2.25 -59.25
N TRP H 256 31.95 3.04 -59.33
CA TRP H 256 31.38 3.73 -58.14
C TRP H 256 31.00 2.69 -57.10
N ARG H 257 31.34 2.94 -55.84
CA ARG H 257 30.98 2.09 -54.67
C ARG H 257 30.08 2.90 -53.73
N GLY H 258 28.88 2.40 -53.47
CA GLY H 258 27.90 3.02 -52.57
C GLY H 258 27.78 2.26 -51.26
N LEU H 259 27.33 2.95 -50.20
CA LEU H 259 27.07 2.32 -48.89
C LEU H 259 25.67 2.68 -48.41
N PRO H 260 25.03 1.80 -47.62
CA PRO H 260 23.69 2.07 -47.09
C PRO H 260 23.78 3.02 -45.89
N ARG H 261 22.72 3.79 -45.66
CA ARG H 261 22.60 4.69 -44.50
C ARG H 261 21.45 4.22 -43.61
N TYR H 262 21.71 4.10 -42.30
CA TYR H 262 20.71 3.79 -41.26
C TYR H 262 20.14 5.09 -40.70
N PHE H 263 18.83 5.11 -40.48
CA PHE H 263 18.13 6.24 -39.82
C PHE H 263 17.39 5.74 -38.57
N ASN H 264 17.39 6.55 -37.52
CA ASN H 264 16.55 6.34 -36.32
C ASN H 264 15.96 7.70 -35.92
N ILE H 265 14.75 7.99 -36.38
CA ILE H 265 14.10 9.33 -36.18
C ILE H 265 13.20 9.24 -34.96
N THR H 266 13.32 10.21 -34.05
CA THR H 266 12.39 10.44 -32.92
C THR H 266 11.40 11.52 -33.34
N LEU H 267 10.11 11.21 -33.32
CA LEU H 267 9.03 12.18 -33.64
C LEU H 267 8.11 12.35 -32.43
N ARG H 268 7.40 13.48 -32.38
CA ARG H 268 6.43 13.83 -31.32
C ARG H 268 5.22 14.50 -31.99
N LYS H 269 4.05 14.43 -31.36
CA LYS H 269 2.81 15.05 -31.90
C LYS H 269 2.88 16.56 -31.69
N ARG H 270 2.57 17.33 -32.74
CA ARG H 270 2.51 18.81 -32.71
C ARG H 270 1.15 19.24 -33.29
N ALA H 271 0.52 20.22 -32.65
CA ALA H 271 -0.79 20.78 -33.06
C ALA H 271 -0.56 21.91 -34.07
N VAL H 272 -1.51 22.09 -35.01
CA VAL H 272 -1.42 23.09 -36.12
C VAL H 272 -2.84 23.65 -36.40
N LYS H 273 -2.92 24.91 -36.87
CA LYS H 273 -4.18 25.71 -36.91
C LYS H 273 -5.04 25.28 -38.11
N ILE I 7 15.16 -4.30 -19.85
CA ILE I 7 15.41 -4.19 -18.37
C ILE I 7 14.82 -2.86 -17.87
N GLU I 8 13.93 -2.87 -16.87
CA GLU I 8 13.47 -1.63 -16.16
C GLU I 8 14.57 -1.20 -15.19
N VAL I 9 15.20 -0.04 -15.43
CA VAL I 9 16.38 0.46 -14.66
C VAL I 9 15.86 1.27 -13.47
N LEU I 10 16.45 1.08 -12.28
CA LEU I 10 16.02 1.78 -11.05
C LEU I 10 17.15 2.68 -10.52
N ASP I 11 17.26 2.81 -9.20
CA ASP I 11 18.20 3.72 -8.49
C ASP I 11 19.62 3.19 -8.65
N VAL I 12 20.60 4.09 -8.57
CA VAL I 12 22.06 3.75 -8.53
C VAL I 12 22.44 3.49 -7.07
N LYS I 13 22.77 2.24 -6.69
CA LYS I 13 23.28 1.94 -5.33
C LYS I 13 24.61 2.69 -5.14
N THR I 14 24.68 3.54 -4.11
CA THR I 14 25.91 4.22 -3.64
C THR I 14 26.27 3.65 -2.27
N GLY I 15 27.47 3.95 -1.78
CA GLY I 15 28.02 3.40 -0.53
C GLY I 15 29.37 2.74 -0.79
N PRO I 16 30.02 2.16 0.25
CA PRO I 16 31.28 1.43 0.05
C PRO I 16 31.07 0.16 -0.80
N ASP I 17 32.10 -0.22 -1.55
CA ASP I 17 32.11 -1.42 -2.44
C ASP I 17 30.98 -1.33 -3.46
N SER I 18 30.58 -0.13 -3.90
CA SER I 18 29.48 0.10 -4.86
C SER I 18 30.03 0.47 -6.25
N THR I 19 31.31 0.84 -6.33
CA THR I 19 32.04 1.04 -7.61
C THR I 19 33.23 0.07 -7.68
N THR I 20 33.69 -0.21 -8.89
CA THR I 20 34.89 -1.04 -9.17
C THR I 20 35.48 -0.60 -10.53
N THR I 21 36.77 -0.82 -10.72
CA THR I 21 37.47 -0.58 -12.01
C THR I 21 37.97 -1.93 -12.55
N ILE I 22 38.04 -2.05 -13.88
CA ILE I 22 38.61 -3.21 -14.58
C ILE I 22 39.66 -2.69 -15.55
N GLU I 23 40.92 -3.15 -15.40
CA GLU I 23 41.98 -3.07 -16.42
C GLU I 23 41.94 -4.32 -17.30
N ALA I 24 42.05 -4.15 -18.61
CA ALA I 24 42.15 -5.24 -19.61
C ALA I 24 42.88 -4.70 -20.84
N TYR I 25 43.48 -5.59 -21.62
CA TYR I 25 44.04 -5.27 -22.96
C TYR I 25 43.52 -6.33 -23.93
N LEU I 26 43.23 -5.92 -25.16
CA LEU I 26 42.99 -6.84 -26.31
C LEU I 26 44.19 -6.74 -27.26
N ASN I 27 44.88 -7.85 -27.49
CA ASN I 27 45.93 -7.95 -28.53
C ASN I 27 45.23 -8.08 -29.88
N PRO I 28 45.86 -7.55 -30.95
CA PRO I 28 45.24 -7.53 -32.27
C PRO I 28 45.18 -8.94 -32.88
N ARG I 29 44.18 -9.19 -33.72
CA ARG I 29 43.99 -10.49 -34.43
C ARG I 29 43.94 -10.20 -35.93
N VAL I 30 45.11 -9.93 -36.52
CA VAL I 30 45.26 -9.51 -37.95
C VAL I 30 45.52 -10.74 -38.83
N GLY I 31 45.36 -11.96 -38.29
CA GLY I 31 45.52 -13.23 -39.02
C GLY I 31 46.54 -14.14 -38.35
N GLN I 32 47.51 -13.56 -37.66
CA GLN I 32 48.40 -14.29 -36.70
C GLN I 32 48.40 -13.48 -35.40
N ASN I 33 49.16 -13.93 -34.40
CA ASN I 33 48.99 -13.47 -32.99
C ASN I 33 50.07 -12.46 -32.61
N TRP I 34 50.99 -12.12 -33.51
CA TRP I 34 52.18 -11.30 -33.15
C TRP I 34 52.19 -9.99 -33.93
N GLY I 35 51.02 -9.50 -34.31
CA GLY I 35 50.81 -8.11 -34.77
C GLY I 35 50.93 -7.94 -36.27
N PHE I 36 51.29 -9.01 -36.99
CA PHE I 36 51.37 -9.01 -38.48
C PHE I 36 50.61 -10.19 -39.06
N SER I 37 49.89 -9.92 -40.15
CA SER I 37 49.31 -10.93 -41.06
C SER I 37 50.44 -11.59 -41.86
N THR I 38 50.12 -12.68 -42.55
CA THR I 38 50.94 -13.22 -43.67
C THR I 38 50.71 -12.31 -44.87
N GLU I 39 51.50 -12.45 -45.93
CA GLU I 39 51.46 -11.55 -47.09
C GLU I 39 50.02 -11.44 -47.60
N ILE I 40 49.60 -10.23 -47.94
CA ILE I 40 48.28 -9.97 -48.57
C ILE I 40 48.37 -10.49 -50.00
N THR I 41 47.41 -11.33 -50.40
CA THR I 41 47.32 -11.91 -51.76
C THR I 41 46.09 -11.33 -52.45
N VAL I 42 46.11 -11.29 -53.78
CA VAL I 42 44.99 -10.77 -54.62
C VAL I 42 44.65 -11.83 -55.66
N ALA I 43 43.43 -12.35 -55.61
CA ALA I 43 42.87 -13.29 -56.61
C ALA I 43 43.00 -12.67 -58.00
N SER I 44 43.35 -13.48 -59.00
CA SER I 44 43.36 -13.05 -60.42
C SER I 44 41.92 -12.92 -60.91
N ASN I 45 41.64 -11.88 -61.69
CA ASN I 45 40.28 -11.64 -62.27
C ASN I 45 39.75 -12.96 -62.83
N GLY I 46 38.52 -13.34 -62.44
CA GLY I 46 37.83 -14.52 -62.97
C GLY I 46 38.04 -15.78 -62.13
N TYR I 47 39.03 -15.79 -61.24
CA TYR I 47 39.32 -16.92 -60.31
C TYR I 47 38.61 -16.64 -58.98
N ASN I 48 38.49 -17.67 -58.14
CA ASN I 48 37.90 -17.55 -56.78
C ASN I 48 38.69 -16.51 -55.97
N ASP I 49 37.96 -15.68 -55.24
CA ASP I 49 38.50 -14.79 -54.17
C ASP I 49 38.60 -15.61 -52.88
N ALA I 50 39.74 -16.24 -52.63
CA ALA I 50 39.96 -17.20 -51.53
C ALA I 50 41.21 -16.83 -50.76
N PRO I 51 41.15 -15.77 -49.91
CA PRO I 51 42.32 -15.35 -49.14
C PRO I 51 42.66 -16.37 -48.06
N HIS I 52 43.95 -16.41 -47.69
CA HIS I 52 44.51 -17.28 -46.61
C HIS I 52 43.91 -16.86 -45.28
N LEU I 53 43.65 -17.82 -44.38
CA LEU I 53 43.18 -17.54 -43.00
C LEU I 53 44.04 -16.43 -42.39
N THR I 54 45.37 -16.53 -42.56
CA THR I 54 46.37 -15.73 -41.80
C THR I 54 46.60 -14.37 -42.45
N GLU I 55 45.78 -13.95 -43.43
CA GLU I 55 45.94 -12.65 -44.12
C GLU I 55 44.69 -11.78 -43.91
N ILE I 56 43.77 -12.25 -43.08
CA ILE I 56 42.42 -11.63 -42.88
C ILE I 56 42.32 -11.14 -41.44
N PRO I 57 42.36 -9.80 -41.22
CA PRO I 57 42.18 -9.24 -39.88
C PRO I 57 40.74 -9.40 -39.38
N CYS I 58 40.63 -9.70 -38.08
CA CYS I 58 39.37 -9.96 -37.36
C CYS I 58 39.26 -9.04 -36.15
N TYR I 59 38.02 -8.82 -35.69
CA TYR I 59 37.69 -8.16 -34.41
C TYR I 59 38.33 -8.97 -33.28
N SER I 60 39.13 -8.30 -32.44
CA SER I 60 39.50 -8.78 -31.09
C SER I 60 38.30 -8.60 -30.16
N SER I 61 38.11 -9.52 -29.22
CA SER I 61 36.92 -9.58 -28.34
C SER I 61 37.27 -10.40 -27.09
N ALA I 62 36.79 -9.96 -25.93
CA ALA I 62 36.92 -10.68 -24.65
C ALA I 62 35.70 -10.40 -23.78
N ARG I 63 35.36 -11.35 -22.92
CA ARG I 63 34.35 -11.17 -21.84
C ARG I 63 35.11 -11.19 -20.51
N ILE I 64 35.14 -10.07 -19.81
CA ILE I 64 35.77 -9.98 -18.45
C ILE I 64 34.69 -10.37 -17.44
N SER I 65 35.03 -11.28 -16.51
CA SER I 65 34.17 -11.69 -15.37
C SER I 65 34.19 -10.60 -14.30
N LEU I 66 33.02 -10.12 -13.90
CA LEU I 66 32.84 -9.08 -12.86
C LEU I 66 32.50 -9.77 -11.53
N PRO I 67 32.75 -9.13 -10.37
CA PRO I 67 32.31 -9.68 -9.09
C PRO I 67 30.83 -10.07 -9.10
N LEU I 68 30.48 -11.24 -8.56
CA LEU I 68 29.07 -11.72 -8.50
C LEU I 68 28.28 -10.79 -7.58
N LEU I 69 27.03 -10.46 -7.94
CA LEU I 69 26.25 -9.43 -7.19
C LEU I 69 25.14 -10.05 -6.33
N ASN I 70 24.34 -10.96 -6.85
CA ASN I 70 23.07 -11.39 -6.22
C ASN I 70 23.29 -12.71 -5.50
N GLU I 71 22.86 -12.79 -4.23
CA GLU I 71 22.64 -14.09 -3.53
C GLU I 71 21.50 -14.84 -4.24
N ASP I 72 20.42 -14.15 -4.64
CA ASP I 72 19.05 -14.73 -4.85
C ASP I 72 18.56 -14.16 -6.18
N ILE I 73 18.37 -14.99 -7.22
CA ILE I 73 17.66 -14.61 -8.47
C ILE I 73 16.16 -14.36 -8.18
N THR I 74 15.68 -14.71 -6.99
CA THR I 74 14.27 -14.59 -6.54
C THR I 74 14.01 -13.29 -5.77
N SER I 75 15.03 -12.49 -5.40
CA SER I 75 14.85 -11.12 -4.83
C SER I 75 14.04 -10.27 -5.80
N PRO I 76 13.19 -9.33 -5.33
CA PRO I 76 12.41 -8.48 -6.22
C PRO I 76 13.09 -7.21 -6.81
N THR I 77 14.28 -6.84 -6.28
CA THR I 77 15.23 -5.99 -7.06
C THR I 77 16.62 -6.64 -7.17
N LEU I 78 17.05 -6.94 -8.39
CA LEU I 78 18.40 -7.46 -8.74
C LEU I 78 19.35 -6.27 -8.91
N LEU I 79 20.65 -6.52 -8.75
CA LEU I 79 21.74 -5.55 -9.04
C LEU I 79 22.53 -6.02 -10.26
N MET I 80 22.86 -5.09 -11.16
CA MET I 80 23.79 -5.32 -12.31
C MET I 80 24.89 -4.26 -12.25
N TRP I 81 26.11 -4.65 -12.62
CA TRP I 81 27.22 -3.70 -12.87
C TRP I 81 26.85 -2.83 -14.07
N GLU I 82 27.07 -1.52 -13.93
CA GLU I 82 26.81 -0.51 -14.98
C GLU I 82 28.15 0.15 -15.35
N ALA I 83 28.57 0.03 -16.60
CA ALA I 83 29.80 0.66 -17.13
C ALA I 83 29.52 2.16 -17.31
N VAL I 84 30.27 3.01 -16.60
CA VAL I 84 30.03 4.48 -16.55
C VAL I 84 30.96 5.19 -17.51
N SER I 85 32.24 4.84 -17.49
CA SER I 85 33.31 5.53 -18.26
C SER I 85 34.40 4.51 -18.62
N VAL I 86 35.18 4.81 -19.65
CA VAL I 86 36.36 4.01 -20.06
C VAL I 86 37.50 4.96 -20.47
N LYS I 87 38.67 4.78 -19.87
CA LYS I 87 39.96 5.30 -20.39
C LYS I 87 40.49 4.21 -21.34
N THR I 88 40.71 4.50 -22.61
CA THR I 88 41.27 3.53 -23.60
C THR I 88 42.45 4.16 -24.34
N GLU I 89 43.42 3.35 -24.72
CA GLU I 89 44.63 3.79 -25.47
C GLU I 89 45.07 2.71 -26.45
N VAL I 90 45.52 3.12 -27.63
CA VAL I 90 46.20 2.23 -28.61
C VAL I 90 47.66 2.14 -28.19
N VAL I 91 48.09 0.96 -27.78
CA VAL I 91 49.44 0.72 -27.19
C VAL I 91 50.44 0.47 -28.33
N GLY I 92 51.67 0.95 -28.15
CA GLY I 92 52.80 0.68 -29.06
C GLY I 92 52.72 1.47 -30.35
N ILE I 93 52.07 2.64 -30.34
CA ILE I 93 52.06 3.58 -31.49
C ILE I 93 53.51 3.93 -31.83
N SER I 94 54.32 4.22 -30.82
CA SER I 94 55.74 4.65 -30.97
C SER I 94 56.54 3.57 -31.72
N SER I 95 56.06 2.32 -31.73
CA SER I 95 56.73 1.16 -32.38
C SER I 95 56.92 1.44 -33.88
N MET I 96 56.10 2.33 -34.45
CA MET I 96 56.07 2.61 -35.91
C MET I 96 57.19 3.58 -36.31
N LEU I 97 57.84 4.28 -35.37
CA LEU I 97 58.99 5.17 -35.70
C LEU I 97 60.24 4.30 -35.89
N ASN I 98 60.23 3.48 -36.96
CA ASN I 98 61.24 2.44 -37.26
C ASN I 98 61.46 2.40 -38.77
N MET I 99 62.63 2.88 -39.23
CA MET I 99 62.95 2.96 -40.67
C MET I 99 64.14 2.03 -41.02
N HIS I 100 64.42 1.03 -40.17
CA HIS I 100 65.58 0.10 -40.34
C HIS I 100 65.13 -1.36 -40.47
N SER I 101 63.90 -1.71 -40.06
CA SER I 101 63.43 -3.12 -39.97
C SER I 101 62.78 -3.55 -41.30
N TYR I 102 63.59 -3.59 -42.36
CA TYR I 102 63.35 -4.33 -43.63
C TYR I 102 62.30 -3.64 -44.51
N GLY I 103 61.92 -2.41 -44.20
CA GLY I 103 60.89 -1.70 -44.98
C GLY I 103 61.39 -1.35 -46.37
N LEU I 104 60.49 -1.36 -47.36
CA LEU I 104 60.77 -0.85 -48.73
C LEU I 104 61.48 0.50 -48.60
N ARG I 105 62.59 0.69 -49.30
CA ARG I 105 63.49 1.84 -49.06
C ARG I 105 63.11 3.01 -49.97
N ALA I 106 63.11 4.21 -49.41
CA ALA I 106 62.70 5.47 -50.08
C ALA I 106 63.86 6.01 -50.90
N PHE I 107 63.57 6.96 -51.78
CA PHE I 107 64.57 7.74 -52.57
C PHE I 107 65.50 6.75 -53.30
N GLY I 108 64.88 5.90 -54.12
CA GLY I 108 65.54 4.96 -55.04
C GLY I 108 66.36 3.90 -54.33
N GLY I 109 66.04 3.60 -53.07
CA GLY I 109 66.67 2.50 -52.30
C GLY I 109 67.80 2.99 -51.40
N TYR I 110 68.15 4.28 -51.43
CA TYR I 110 69.28 4.85 -50.66
C TYR I 110 68.81 5.39 -49.30
N GLY I 111 67.50 5.66 -49.17
CA GLY I 111 66.89 6.18 -47.94
C GLY I 111 66.52 5.08 -46.97
N GLY I 112 65.71 5.40 -45.95
CA GLY I 112 65.25 4.45 -44.92
C GLY I 112 64.03 3.67 -45.36
N GLY I 113 63.68 2.64 -44.59
CA GLY I 113 62.48 1.80 -44.83
C GLY I 113 61.20 2.57 -44.61
N TYR I 114 60.15 2.24 -45.38
CA TYR I 114 58.77 2.77 -45.21
C TYR I 114 58.27 2.38 -43.81
N THR I 115 57.79 3.37 -43.05
CA THR I 115 56.98 3.13 -41.83
C THR I 115 55.62 2.58 -42.26
N ILE I 116 54.93 1.92 -41.33
CA ILE I 116 53.54 1.41 -41.54
C ILE I 116 52.75 2.54 -42.20
N GLU I 117 52.06 2.22 -43.29
CA GLU I 117 51.20 3.17 -44.05
C GLU I 117 50.08 2.41 -44.76
N GLY I 118 49.15 3.16 -45.35
CA GLY I 118 48.02 2.61 -46.12
C GLY I 118 46.73 2.64 -45.31
N SER I 119 45.70 1.98 -45.85
CA SER I 119 44.34 1.93 -45.26
C SER I 119 44.44 1.36 -43.83
N HIS I 120 43.66 1.93 -42.91
CA HIS I 120 43.69 1.60 -41.48
C HIS I 120 42.29 1.81 -40.88
N ILE I 121 41.97 1.03 -39.83
CA ILE I 121 40.71 1.19 -39.05
C ILE I 121 41.08 1.14 -37.57
N HIS I 122 40.45 1.98 -36.77
CA HIS I 122 40.60 1.99 -35.29
C HIS I 122 39.21 2.01 -34.67
N PHE I 123 38.93 1.05 -33.79
CA PHE I 123 37.58 0.80 -33.28
C PHE I 123 37.63 0.12 -31.91
N PHE I 124 36.70 0.51 -31.03
CA PHE I 124 36.53 -0.13 -29.70
C PHE I 124 35.05 -0.05 -29.34
N SER I 125 34.60 -1.02 -28.53
CA SER I 125 33.23 -1.06 -27.97
C SER I 125 33.30 -1.60 -26.54
N VAL I 126 32.45 -1.05 -25.66
CA VAL I 126 32.20 -1.56 -24.29
C VAL I 126 30.70 -1.84 -24.20
N GLY I 127 30.33 -3.00 -23.65
CA GLY I 127 28.93 -3.45 -23.62
C GLY I 127 28.67 -4.44 -22.49
N GLY I 128 27.39 -4.62 -22.18
CA GLY I 128 26.91 -5.59 -21.17
C GLY I 128 26.53 -6.92 -21.80
N GLU I 129 26.79 -7.06 -23.10
CA GLU I 129 26.54 -8.29 -23.89
C GLU I 129 27.41 -8.23 -25.13
N PRO I 130 27.54 -9.35 -25.88
CA PRO I 130 28.25 -9.34 -27.16
C PRO I 130 27.76 -8.22 -28.08
N LEU I 131 28.70 -7.60 -28.80
CA LEU I 131 28.42 -6.53 -29.80
C LEU I 131 27.60 -7.15 -30.95
N ASP I 132 26.52 -6.49 -31.36
CA ASP I 132 25.68 -6.92 -32.50
C ASP I 132 26.38 -6.49 -33.80
N LEU I 133 26.56 -7.44 -34.72
CA LEU I 133 27.23 -7.24 -36.03
C LEU I 133 26.19 -7.31 -37.14
N GLN I 134 26.35 -6.44 -38.15
CA GLN I 134 25.62 -6.44 -39.43
C GLN I 134 26.58 -6.91 -40.53
N GLY I 135 26.13 -7.83 -41.37
CA GLY I 135 26.91 -8.31 -42.53
C GLY I 135 26.91 -7.28 -43.64
N LEU I 136 28.11 -6.84 -44.04
CA LEU I 136 28.32 -6.09 -45.31
C LEU I 136 29.78 -6.27 -45.74
N MET I 137 29.97 -6.69 -46.99
CA MET I 137 31.29 -7.09 -47.57
C MET I 137 31.42 -6.49 -48.97
N GLN I 138 32.66 -6.35 -49.46
CA GLN I 138 32.97 -5.76 -50.79
C GLN I 138 32.63 -6.76 -51.90
N ASN I 139 32.89 -8.05 -51.67
CA ASN I 139 32.63 -9.14 -52.65
C ASN I 139 31.87 -10.27 -51.95
N HIS I 140 30.60 -10.46 -52.32
CA HIS I 140 29.67 -11.44 -51.70
C HIS I 140 30.25 -12.85 -51.82
N SER I 141 31.07 -13.10 -52.83
CA SER I 141 31.59 -14.44 -53.21
C SER I 141 32.89 -14.78 -52.46
N THR I 142 33.44 -13.86 -51.66
CA THR I 142 34.69 -14.12 -50.90
C THR I 142 34.54 -15.44 -50.14
N GLN I 143 35.55 -16.30 -50.21
CA GLN I 143 35.61 -17.60 -49.48
C GLN I 143 36.49 -17.43 -48.24
N TYR I 144 35.87 -17.39 -47.06
CA TYR I 144 36.57 -17.31 -45.75
C TYR I 144 36.87 -18.73 -45.28
N PRO I 145 38.16 -19.09 -45.09
CA PRO I 145 38.51 -20.39 -44.54
C PRO I 145 37.98 -20.56 -43.11
N SER I 146 37.54 -21.77 -42.77
CA SER I 146 37.26 -22.20 -41.38
C SER I 146 38.50 -21.98 -40.54
N PRO I 147 38.42 -21.56 -39.26
CA PRO I 147 37.14 -21.37 -38.56
C PRO I 147 36.51 -19.95 -38.57
N LEU I 148 36.94 -19.09 -39.50
CA LEU I 148 36.36 -17.72 -39.65
C LEU I 148 34.88 -17.85 -39.96
N VAL I 149 34.10 -16.81 -39.65
CA VAL I 149 32.63 -16.78 -39.88
C VAL I 149 32.31 -15.54 -40.70
N GLY I 150 31.71 -15.73 -41.88
CA GLY I 150 31.27 -14.64 -42.76
C GLY I 150 29.75 -14.59 -42.85
N PRO I 151 29.17 -13.52 -43.44
CA PRO I 151 27.73 -13.39 -43.59
C PRO I 151 27.17 -14.54 -44.43
N LYS I 152 26.30 -15.36 -43.82
CA LYS I 152 25.55 -16.44 -44.48
C LYS I 152 24.07 -16.19 -44.18
N LYS I 153 23.17 -16.46 -45.14
CA LYS I 153 21.72 -16.59 -44.88
C LYS I 153 21.50 -17.83 -44.02
N PRO I 154 20.30 -18.08 -43.46
CA PRO I 154 20.04 -19.32 -42.73
C PRO I 154 20.29 -20.59 -43.58
N ASP I 155 20.05 -20.50 -44.90
CA ASP I 155 20.18 -21.63 -45.84
C ASP I 155 21.66 -21.91 -46.18
N GLY I 156 22.60 -21.07 -45.73
CA GLY I 156 24.05 -21.27 -45.91
C GLY I 156 24.63 -20.39 -47.03
N THR I 157 23.78 -19.84 -47.89
CA THR I 157 24.19 -19.06 -49.10
C THR I 157 24.62 -17.65 -48.70
N THR I 158 25.24 -16.92 -49.64
CA THR I 158 25.61 -15.49 -49.51
C THR I 158 25.39 -14.82 -50.87
N ASP I 159 24.33 -14.02 -51.02
CA ASP I 159 23.96 -13.44 -52.33
C ASP I 159 24.55 -12.02 -52.47
N ASP I 160 24.26 -11.35 -53.59
CA ASP I 160 24.78 -10.01 -53.94
C ASP I 160 24.37 -8.97 -52.88
N SER I 161 23.25 -9.19 -52.18
CA SER I 161 22.67 -8.24 -51.20
C SER I 161 23.64 -8.01 -50.02
N ALA I 162 24.57 -8.94 -49.79
CA ALA I 162 25.59 -8.83 -48.72
C ALA I 162 26.58 -7.69 -49.00
N GLN I 163 26.52 -7.07 -50.19
CA GLN I 163 27.39 -5.93 -50.56
C GLN I 163 26.70 -4.61 -50.20
N VAL I 164 25.44 -4.69 -49.80
CA VAL I 164 24.67 -3.53 -49.24
C VAL I 164 24.04 -4.00 -47.93
N LEU I 165 23.00 -3.31 -47.45
CA LEU I 165 22.34 -3.71 -46.18
C LEU I 165 21.19 -4.67 -46.50
N ASN I 166 21.35 -5.92 -46.04
CA ASN I 166 20.26 -6.91 -45.95
C ASN I 166 20.20 -7.39 -44.51
N PRO I 167 19.10 -7.07 -43.77
CA PRO I 167 18.96 -7.51 -42.37
C PRO I 167 19.12 -9.00 -42.12
N ILE I 168 19.02 -9.84 -43.14
CA ILE I 168 19.16 -11.32 -43.02
C ILE I 168 20.56 -11.67 -42.48
N TYR I 169 21.56 -10.81 -42.73
CA TYR I 169 22.98 -11.05 -42.37
C TYR I 169 23.33 -10.35 -41.05
N LYS I 170 23.20 -11.09 -39.93
CA LYS I 170 23.54 -10.59 -38.59
C LYS I 170 24.33 -11.67 -37.85
N ALA I 171 25.06 -11.24 -36.82
CA ALA I 171 25.87 -12.12 -35.95
C ALA I 171 26.16 -11.39 -34.64
N LYS I 172 26.55 -12.14 -33.61
CA LYS I 172 27.00 -11.60 -32.32
C LYS I 172 28.51 -11.85 -32.27
N LEU I 173 29.28 -10.83 -31.90
CA LEU I 173 30.76 -10.90 -31.76
C LEU I 173 31.08 -11.70 -30.50
N ASP I 174 30.95 -13.03 -30.58
CA ASP I 174 30.97 -13.94 -29.41
C ASP I 174 32.28 -14.72 -29.34
N LYS I 175 33.20 -14.53 -30.28
CA LYS I 175 34.49 -15.29 -30.33
C LYS I 175 35.59 -14.33 -30.82
N ASP I 176 36.74 -14.33 -30.15
CA ASP I 176 37.96 -13.57 -30.56
C ASP I 176 38.45 -14.15 -31.90
N ALA I 177 39.06 -13.31 -32.73
CA ALA I 177 39.89 -13.71 -33.89
C ALA I 177 39.07 -14.53 -34.90
N THR I 178 37.76 -14.35 -34.94
CA THR I 178 36.80 -15.21 -35.67
C THR I 178 36.02 -14.44 -36.72
N TYR I 179 35.62 -13.20 -36.42
CA TYR I 179 34.73 -12.37 -37.27
C TYR I 179 35.60 -11.38 -38.05
N PRO I 180 35.75 -11.54 -39.38
CA PRO I 180 36.57 -10.63 -40.17
C PRO I 180 36.00 -9.21 -40.17
N ILE I 181 36.89 -8.23 -40.03
CA ILE I 181 36.54 -6.77 -40.05
C ILE I 181 35.87 -6.45 -41.38
N GLU I 182 36.25 -7.14 -42.45
CA GLU I 182 35.94 -6.74 -43.85
C GLU I 182 34.52 -7.15 -44.26
N CYS I 183 33.82 -7.97 -43.47
CA CYS I 183 32.45 -8.45 -43.80
C CYS I 183 31.46 -8.19 -42.66
N TRP I 184 31.91 -7.67 -41.51
CA TRP I 184 31.05 -7.34 -40.34
C TRP I 184 31.33 -5.91 -39.86
N CYS I 185 30.29 -5.10 -39.70
CA CYS I 185 30.37 -3.79 -39.00
C CYS I 185 29.42 -3.80 -37.81
N PRO I 186 29.60 -2.89 -36.82
CA PRO I 186 28.63 -2.73 -35.74
C PRO I 186 27.25 -2.43 -36.33
N ASP I 187 26.23 -3.15 -35.83
CA ASP I 187 24.81 -3.05 -36.25
C ASP I 187 24.15 -1.87 -35.54
N PRO I 188 23.86 -0.77 -36.25
CA PRO I 188 23.31 0.42 -35.61
C PRO I 188 21.82 0.29 -35.25
N SER I 189 21.17 -0.77 -35.74
CA SER I 189 19.74 -1.10 -35.49
C SER I 189 19.60 -1.82 -34.15
N ARG I 190 20.72 -2.20 -33.52
CA ARG I 190 20.75 -2.90 -32.22
C ARG I 190 21.81 -2.26 -31.33
N ASN I 191 22.56 -3.05 -30.56
CA ASN I 191 23.63 -2.54 -29.66
C ASN I 191 23.06 -1.48 -28.70
N GLU I 192 21.81 -1.63 -28.23
CA GLU I 192 21.20 -0.73 -27.22
C GLU I 192 22.07 -0.78 -25.94
N ASN I 193 22.66 -1.94 -25.62
CA ASN I 193 23.40 -2.19 -24.35
C ASN I 193 24.91 -2.22 -24.61
N SER I 194 25.37 -1.63 -25.71
CA SER I 194 26.81 -1.45 -26.05
C SER I 194 27.05 -0.02 -26.51
N ARG I 195 28.23 0.52 -26.26
CA ARG I 195 28.69 1.81 -26.85
C ARG I 195 29.89 1.50 -27.75
N TYR I 196 29.82 1.86 -29.04
CA TYR I 196 30.92 1.59 -29.99
C TYR I 196 31.36 2.89 -30.69
N PHE I 197 32.64 2.93 -31.05
CA PHE I 197 33.36 4.09 -31.64
C PHE I 197 34.38 3.58 -32.66
N GLY I 198 34.30 4.05 -33.90
CA GLY I 198 35.19 3.59 -34.98
C GLY I 198 35.48 4.65 -35.99
N SER I 199 36.68 4.63 -36.57
CA SER I 199 37.10 5.51 -37.68
C SER I 199 37.97 4.70 -38.67
N TYR I 200 37.58 4.69 -39.94
CA TYR I 200 38.33 4.08 -41.07
C TYR I 200 38.89 5.18 -41.96
N THR I 201 40.12 4.98 -42.44
CA THR I 201 40.77 5.82 -43.48
C THR I 201 41.31 4.91 -44.59
N GLY I 202 40.97 5.19 -45.85
CA GLY I 202 41.42 4.43 -47.02
C GLY I 202 42.77 4.93 -47.54
N GLY I 203 43.05 4.64 -48.81
CA GLY I 203 44.25 5.11 -49.53
C GLY I 203 45.33 4.05 -49.60
N VAL I 204 46.33 4.26 -50.46
CA VAL I 204 47.39 3.26 -50.76
C VAL I 204 48.57 3.48 -49.82
N GLU I 205 48.99 4.72 -49.63
CA GLU I 205 50.21 5.11 -48.86
C GLU I 205 49.84 6.09 -47.74
N THR I 206 48.56 6.13 -47.34
CA THR I 206 48.01 7.08 -46.34
C THR I 206 48.78 6.95 -45.03
N PRO I 207 49.28 8.07 -44.46
CA PRO I 207 49.99 8.03 -43.19
C PRO I 207 49.01 7.84 -42.03
N PRO I 208 49.28 6.89 -41.12
CA PRO I 208 48.52 6.79 -39.88
C PRO I 208 48.80 8.02 -38.99
N VAL I 209 47.74 8.54 -38.36
CA VAL I 209 47.81 9.63 -37.35
C VAL I 209 47.15 9.09 -36.09
N LEU I 210 47.93 8.84 -35.04
CA LEU I 210 47.43 8.31 -33.75
C LEU I 210 47.98 9.16 -32.60
N SER I 211 47.12 9.47 -31.63
CA SER I 211 47.48 10.19 -30.38
C SER I 211 47.39 9.23 -29.19
N PHE I 212 48.12 9.54 -28.13
CA PHE I 212 48.10 8.74 -26.88
C PHE I 212 48.30 9.68 -25.69
N THR I 213 47.42 9.55 -24.69
CA THR I 213 47.44 10.34 -23.43
C THR I 213 46.72 9.56 -22.33
N ASN I 214 47.14 9.73 -21.08
CA ASN I 214 46.45 9.14 -19.90
C ASN I 214 45.49 10.18 -19.30
N THR I 215 45.11 11.20 -20.06
CA THR I 215 44.20 12.30 -19.59
C THR I 215 42.82 12.21 -20.24
N SER I 216 42.62 11.35 -21.26
CA SER I 216 41.32 11.21 -21.97
C SER I 216 40.41 10.27 -21.17
N THR I 217 39.10 10.50 -21.23
CA THR I 217 38.04 9.62 -20.68
C THR I 217 36.83 9.67 -21.62
N THR I 218 36.23 8.51 -21.93
CA THR I 218 34.99 8.41 -22.73
C THR I 218 33.84 8.04 -21.79
N ILE I 219 32.83 8.90 -21.68
CA ILE I 219 31.60 8.64 -20.89
C ILE I 219 30.74 7.64 -21.68
N LEU I 220 30.18 6.64 -20.99
CA LEU I 220 29.41 5.53 -21.61
C LEU I 220 27.92 5.66 -21.28
N LEU I 221 27.53 6.63 -20.48
CA LEU I 221 26.10 6.89 -20.14
C LEU I 221 25.36 7.36 -21.39
N ASP I 222 24.10 6.93 -21.57
CA ASP I 222 23.27 7.27 -22.75
C ASP I 222 22.52 8.58 -22.50
N GLU I 223 21.62 8.94 -23.43
CA GLU I 223 20.71 10.13 -23.36
C GLU I 223 20.05 10.20 -21.98
N ASN I 224 19.77 9.06 -21.33
CA ASN I 224 19.03 8.97 -20.04
C ASN I 224 19.95 8.62 -18.86
N GLY I 225 21.26 8.86 -18.98
CA GLY I 225 22.22 8.68 -17.87
C GLY I 225 22.39 7.22 -17.45
N VAL I 226 22.05 6.27 -18.33
CA VAL I 226 22.22 4.81 -18.10
C VAL I 226 23.39 4.31 -18.96
N GLY I 227 24.34 3.61 -18.34
CA GLY I 227 25.47 2.96 -19.03
C GLY I 227 25.13 1.53 -19.44
N PRO I 228 26.04 0.83 -20.16
CA PRO I 228 25.87 -0.58 -20.42
C PRO I 228 25.69 -1.35 -19.10
N LEU I 229 24.64 -2.17 -19.03
CA LEU I 229 24.34 -3.06 -17.88
C LEU I 229 24.85 -4.47 -18.19
N CYS I 230 25.81 -4.93 -17.41
CA CYS I 230 26.57 -6.18 -17.64
C CYS I 230 25.73 -7.40 -17.26
N LYS I 231 25.07 -8.02 -18.25
CA LYS I 231 24.28 -9.27 -18.11
C LYS I 231 25.22 -10.42 -17.72
N GLY I 232 24.72 -11.36 -16.92
CA GLY I 232 25.50 -12.51 -16.41
C GLY I 232 26.80 -12.07 -15.75
N ASP I 233 26.86 -10.86 -15.16
CA ASP I 233 28.05 -10.34 -14.46
C ASP I 233 29.27 -10.42 -15.41
N GLY I 234 29.06 -10.07 -16.68
CA GLY I 234 30.10 -10.07 -17.73
C GLY I 234 30.20 -8.71 -18.43
N LEU I 235 31.41 -8.16 -18.52
CA LEU I 235 31.73 -6.94 -19.31
C LEU I 235 32.36 -7.35 -20.63
N TYR I 236 31.80 -6.86 -21.75
CA TYR I 236 32.17 -7.28 -23.12
C TYR I 236 32.99 -6.18 -23.80
N LEU I 237 34.29 -6.42 -23.96
CA LEU I 237 35.24 -5.53 -24.68
C LEU I 237 35.45 -6.03 -26.11
N SER I 238 35.52 -5.11 -27.07
CA SER I 238 35.83 -5.39 -28.49
C SER I 238 36.79 -4.32 -29.03
N SER I 239 37.64 -4.72 -29.97
CA SER I 239 38.76 -3.91 -30.51
C SER I 239 38.98 -4.28 -31.98
N ALA I 240 39.37 -3.31 -32.80
CA ALA I 240 39.88 -3.52 -34.17
C ALA I 240 40.86 -2.39 -34.47
N ASP I 241 42.15 -2.64 -34.30
CA ASP I 241 43.19 -1.58 -34.48
C ASP I 241 44.23 -2.05 -35.50
N VAL I 242 43.88 -1.91 -36.77
CA VAL I 242 44.76 -2.20 -37.93
C VAL I 242 45.38 -0.87 -38.35
N ALA I 243 46.62 -0.60 -37.92
CA ALA I 243 47.31 0.70 -38.05
C ALA I 243 47.62 1.00 -39.52
N GLY I 244 47.70 -0.06 -40.34
CA GLY I 244 48.01 0.01 -41.77
C GLY I 244 48.73 -1.24 -42.24
N THR I 245 49.61 -1.11 -43.22
CA THR I 245 50.40 -2.22 -43.80
C THR I 245 51.88 -1.95 -43.63
N PHE I 246 52.65 -3.00 -43.40
CA PHE I 246 54.12 -3.03 -43.57
C PHE I 246 54.43 -3.40 -45.03
N VAL I 247 55.24 -2.57 -45.71
CA VAL I 247 55.70 -2.80 -47.11
C VAL I 247 57.15 -3.26 -47.04
N GLN I 248 57.43 -4.50 -47.43
CA GLN I 248 58.78 -5.11 -47.30
C GLN I 248 59.64 -4.81 -48.53
N GLN I 249 60.90 -4.42 -48.32
CA GLN I 249 61.89 -4.21 -49.40
C GLN I 249 62.01 -5.51 -50.22
N THR I 250 62.37 -5.37 -51.50
CA THR I 250 62.73 -6.50 -52.40
C THR I 250 61.45 -7.24 -52.82
N SER I 251 60.77 -7.91 -51.89
CA SER I 251 59.50 -8.64 -52.18
C SER I 251 58.43 -7.66 -52.62
N GLN I 252 58.42 -6.46 -52.04
CA GLN I 252 57.38 -5.40 -52.23
C GLN I 252 56.01 -6.00 -51.90
N LYS I 253 55.98 -6.97 -50.98
CA LYS I 253 54.73 -7.55 -50.41
C LYS I 253 54.26 -6.69 -49.23
N GLN I 254 52.96 -6.70 -48.98
CA GLN I 254 52.32 -5.93 -47.89
C GLN I 254 51.78 -6.91 -46.84
N TYR I 255 51.91 -6.53 -45.57
CA TYR I 255 51.42 -7.28 -44.39
C TYR I 255 50.60 -6.30 -43.53
N TRP I 256 49.38 -6.68 -43.17
CA TRP I 256 48.55 -5.95 -42.17
C TRP I 256 49.33 -5.89 -40.86
N ARG I 257 49.36 -4.71 -40.23
CA ARG I 257 49.97 -4.47 -38.90
C ARG I 257 48.87 -4.06 -37.92
N GLY I 258 48.72 -4.81 -36.82
CA GLY I 258 47.74 -4.54 -35.76
C GLY I 258 48.43 -4.02 -34.50
N LEU I 259 47.68 -3.30 -33.67
CA LEU I 259 48.17 -2.82 -32.35
C LEU I 259 47.18 -3.21 -31.25
N PRO I 260 47.67 -3.42 -30.02
CA PRO I 260 46.81 -3.77 -28.90
C PRO I 260 46.10 -2.51 -28.36
N ARG I 261 44.92 -2.70 -27.78
CA ARG I 261 44.13 -1.63 -27.13
C ARG I 261 44.01 -1.91 -25.64
N TYR I 262 44.33 -0.90 -24.82
CA TYR I 262 44.16 -0.93 -23.34
C TYR I 262 42.79 -0.38 -22.98
N PHE I 263 42.13 -1.03 -22.03
CA PHE I 263 40.84 -0.55 -21.45
C PHE I 263 40.98 -0.35 -19.94
N ASN I 264 40.33 0.69 -19.42
CA ASN I 264 40.16 0.91 -17.96
C ASN I 264 38.72 1.35 -17.73
N ILE I 265 37.83 0.40 -17.41
CA ILE I 265 36.38 0.68 -17.28
C ILE I 265 36.06 0.92 -15.80
N THR I 266 35.33 2.01 -15.52
CA THR I 266 34.73 2.29 -14.19
C THR I 266 33.29 1.83 -14.22
N LEU I 267 32.90 0.93 -13.31
CA LEU I 267 31.51 0.44 -13.19
C LEU I 267 30.97 0.76 -11.79
N ARG I 268 29.65 0.82 -11.66
CA ARG I 268 28.92 1.08 -10.41
C ARG I 268 27.70 0.16 -10.35
N LYS I 269 27.22 -0.17 -9.15
CA LYS I 269 26.04 -1.06 -8.96
C LYS I 269 24.77 -0.27 -9.31
N ARG I 270 23.90 -0.87 -10.12
CA ARG I 270 22.59 -0.30 -10.52
C ARG I 270 21.50 -1.35 -10.24
N ALA I 271 20.38 -0.92 -9.69
CA ALA I 271 19.20 -1.78 -9.37
C ALA I 271 18.29 -1.87 -10.59
N VAL I 272 17.61 -3.00 -10.75
CA VAL I 272 16.72 -3.30 -11.92
C VAL I 272 15.52 -4.14 -11.44
N LYS I 273 14.37 -4.01 -12.11
CA LYS I 273 13.04 -4.51 -11.63
C LYS I 273 12.93 -6.03 -11.85
N ASN I 274 12.25 -6.73 -10.92
CA ASN I 274 12.06 -8.21 -10.90
C ASN I 274 13.43 -8.89 -10.86
N ILE J 7 49.52 7.30 -1.93
CA ILE J 7 49.58 8.48 -1.04
C ILE J 7 48.16 9.03 -0.81
N GLU J 8 47.73 9.17 0.45
CA GLU J 8 46.45 9.84 0.81
C GLU J 8 46.67 11.36 0.70
N VAL J 9 45.96 12.01 -0.23
CA VAL J 9 46.12 13.46 -0.56
C VAL J 9 45.20 14.27 0.34
N LEU J 10 45.68 15.37 0.91
CA LEU J 10 44.91 16.24 1.84
C LEU J 10 44.72 17.63 1.23
N ASP J 11 44.71 18.66 2.07
CA ASP J 11 44.42 20.08 1.71
C ASP J 11 45.58 20.64 0.87
N VAL J 12 45.30 21.64 0.06
CA VAL J 12 46.31 22.44 -0.70
C VAL J 12 46.79 23.58 0.20
N LYS J 13 48.05 23.56 0.67
CA LYS J 13 48.61 24.71 1.44
C LYS J 13 48.63 25.93 0.51
N THR J 14 47.97 27.02 0.91
CA THR J 14 48.04 28.36 0.26
C THR J 14 48.74 29.31 1.23
N GLY J 15 49.12 30.49 0.75
CA GLY J 15 49.92 31.48 1.50
C GLY J 15 51.20 31.84 0.75
N PRO J 16 52.06 32.72 1.31
CA PRO J 16 53.33 33.06 0.66
C PRO J 16 54.26 31.84 0.58
N ASP J 17 55.10 31.81 -0.45
CA ASP J 17 56.11 30.74 -0.70
C ASP J 17 55.40 29.37 -0.80
N SER J 18 54.17 29.32 -1.30
CA SER J 18 53.38 28.06 -1.39
C SER J 18 53.28 27.60 -2.86
N THR J 19 53.60 28.47 -3.82
CA THR J 19 53.74 28.11 -5.26
C THR J 19 55.17 28.41 -5.72
N THR J 20 55.59 27.75 -6.80
CA THR J 20 56.90 27.97 -7.47
C THR J 20 56.75 27.55 -8.94
N THR J 21 57.59 28.10 -9.81
CA THR J 21 57.70 27.71 -11.24
C THR J 21 59.08 27.08 -11.49
N ILE J 22 59.14 26.16 -12.45
CA ILE J 22 60.38 25.51 -12.94
C ILE J 22 60.45 25.71 -14.45
N GLU J 23 61.50 26.38 -14.93
CA GLU J 23 61.89 26.43 -16.37
C GLU J 23 62.93 25.33 -16.61
N ALA J 24 62.76 24.56 -17.68
CA ALA J 24 63.71 23.52 -18.13
C ALA J 24 63.57 23.35 -19.65
N TYR J 25 64.60 22.82 -20.30
CA TYR J 25 64.54 22.36 -21.71
C TYR J 25 65.14 20.96 -21.75
N LEU J 26 64.59 20.09 -22.59
CA LEU J 26 65.21 18.80 -22.97
C LEU J 26 65.67 18.91 -24.43
N ASN J 27 66.97 18.74 -24.67
CA ASN J 27 67.52 18.63 -26.04
C ASN J 27 67.22 17.22 -26.56
N PRO J 28 67.03 17.07 -27.89
CA PRO J 28 66.64 15.79 -28.47
C PRO J 28 67.80 14.79 -28.42
N ARG J 29 67.48 13.49 -28.33
CA ARG J 29 68.46 12.39 -28.34
C ARG J 29 68.12 11.44 -29.48
N VAL J 30 68.43 11.86 -30.71
CA VAL J 30 68.07 11.13 -31.97
C VAL J 30 69.22 10.20 -32.38
N GLY J 31 70.21 9.98 -31.52
CA GLY J 31 71.36 9.08 -31.78
C GLY J 31 72.69 9.80 -31.63
N GLN J 32 72.71 11.11 -31.89
CA GLN J 32 73.82 12.01 -31.52
C GLN J 32 73.22 13.21 -30.78
N ASN J 33 74.03 14.18 -30.40
CA ASN J 33 73.61 15.23 -29.43
C ASN J 33 73.28 16.55 -30.14
N TRP J 34 73.40 16.62 -31.48
CA TRP J 34 73.33 17.90 -32.21
C TRP J 34 72.17 17.90 -33.20
N GLY J 35 71.12 17.12 -32.89
CA GLY J 35 69.79 17.25 -33.53
C GLY J 35 69.62 16.35 -34.76
N PHE J 36 70.67 15.65 -35.17
CA PHE J 36 70.63 14.68 -36.29
C PHE J 36 71.25 13.34 -35.88
N SER J 37 70.60 12.26 -36.31
CA SER J 37 71.14 10.89 -36.30
C SER J 37 72.23 10.77 -37.38
N THR J 38 72.98 9.67 -37.34
CA THR J 38 73.79 9.19 -38.48
C THR J 38 72.82 8.59 -39.50
N GLU J 39 73.29 8.28 -40.71
CA GLU J 39 72.42 7.81 -41.81
C GLU J 39 71.58 6.62 -41.32
N ILE J 40 70.30 6.62 -41.67
CA ILE J 40 69.39 5.49 -41.40
C ILE J 40 69.81 4.34 -42.32
N THR J 41 70.03 3.16 -41.76
CA THR J 41 70.41 1.93 -42.51
C THR J 41 69.25 0.94 -42.42
N VAL J 42 69.15 0.06 -43.41
CA VAL J 42 68.08 -0.97 -43.51
C VAL J 42 68.77 -2.32 -43.72
N ALA J 43 68.57 -3.25 -42.78
CA ALA J 43 69.05 -4.64 -42.88
C ALA J 43 68.51 -5.26 -44.16
N SER J 44 69.32 -6.07 -44.85
CA SER J 44 68.87 -6.88 -46.02
C SER J 44 68.00 -8.03 -45.51
N ASN J 45 66.90 -8.33 -46.21
CA ASN J 45 65.98 -9.44 -45.85
C ASN J 45 66.83 -10.68 -45.53
N GLY J 46 66.59 -11.30 -44.37
CA GLY J 46 67.23 -12.57 -43.98
C GLY J 46 68.46 -12.35 -43.12
N TYR J 47 69.03 -11.15 -43.10
CA TYR J 47 70.21 -10.79 -42.25
C TYR J 47 69.72 -10.18 -40.94
N ASN J 48 70.61 -10.06 -39.95
CA ASN J 48 70.30 -9.44 -38.64
C ASN J 48 69.83 -8.00 -38.86
N ASP J 49 68.79 -7.61 -38.12
CA ASP J 49 68.36 -6.19 -37.96
C ASP J 49 69.19 -5.57 -36.84
N ALA J 50 70.33 -4.96 -37.18
CA ALA J 50 71.32 -4.46 -36.20
C ALA J 50 71.69 -3.02 -36.52
N PRO J 51 70.80 -2.05 -36.19
CA PRO J 51 71.05 -0.65 -36.47
C PRO J 51 72.18 -0.10 -35.59
N HIS J 52 72.86 0.92 -36.10
CA HIS J 52 73.95 1.66 -35.40
C HIS J 52 73.37 2.38 -34.18
N LEU J 53 74.12 2.45 -33.08
CA LEU J 53 73.72 3.22 -31.88
C LEU J 53 73.22 4.60 -32.31
N THR J 54 73.96 5.26 -33.22
CA THR J 54 73.81 6.70 -33.54
C THR J 54 72.70 6.93 -34.57
N GLU J 55 71.89 5.93 -34.90
CA GLU J 55 70.80 6.06 -35.90
C GLU J 55 69.44 5.78 -35.24
N ILE J 56 69.42 5.61 -33.92
CA ILE J 56 68.23 5.17 -33.14
C ILE J 56 67.82 6.28 -32.18
N PRO J 57 66.71 6.98 -32.46
CA PRO J 57 66.20 8.01 -31.56
C PRO J 57 65.65 7.42 -30.26
N CYS J 58 65.93 8.13 -29.15
CA CYS J 58 65.56 7.76 -27.77
C CYS J 58 64.76 8.88 -27.11
N TYR J 59 63.98 8.53 -26.09
CA TYR J 59 63.32 9.47 -25.16
C TYR J 59 64.40 10.32 -24.49
N SER J 60 64.26 11.64 -24.58
CA SER J 60 64.92 12.63 -23.67
C SER J 60 64.21 12.59 -22.32
N SER J 61 64.95 12.76 -21.23
CA SER J 61 64.45 12.63 -19.84
C SER J 61 65.39 13.38 -18.89
N ALA J 62 64.83 14.06 -17.89
CA ALA J 62 65.59 14.74 -16.82
C ALA J 62 64.76 14.75 -15.54
N ARG J 63 65.44 14.77 -14.39
CA ARG J 63 64.84 14.96 -13.06
C ARG J 63 65.30 16.33 -12.56
N ILE J 64 64.37 17.29 -12.43
CA ILE J 64 64.66 18.63 -11.87
C ILE J 64 64.51 18.54 -10.35
N SER J 65 65.49 19.04 -9.61
CA SER J 65 65.47 19.16 -8.12
C SER J 65 64.58 20.33 -7.73
N LEU J 66 63.59 20.07 -6.86
CA LEU J 66 62.65 21.09 -6.33
C LEU J 66 63.13 21.54 -4.96
N PRO J 67 62.75 22.74 -4.48
CA PRO J 67 63.07 23.16 -3.10
C PRO J 67 62.66 22.09 -2.07
N LEU J 68 63.53 21.82 -1.10
CA LEU J 68 63.27 20.79 -0.04
C LEU J 68 62.10 21.27 0.81
N LEU J 69 61.20 20.40 1.23
CA LEU J 69 59.93 20.79 1.90
C LEU J 69 59.96 20.44 3.40
N ASN J 70 60.30 19.20 3.77
CA ASN J 70 60.05 18.74 5.17
C ASN J 70 61.32 18.89 6.03
N GLU J 71 61.71 20.16 6.12
CA GLU J 71 62.91 20.60 6.86
C GLU J 71 62.71 20.32 8.37
N ASP J 72 61.49 20.50 8.90
CA ASP J 72 61.20 20.32 10.33
C ASP J 72 60.55 18.95 10.55
N ILE J 73 61.27 18.02 11.18
CA ILE J 73 60.84 16.60 11.34
C ILE J 73 59.66 16.51 12.32
N THR J 74 59.36 17.60 13.05
CA THR J 74 58.28 17.65 14.07
C THR J 74 56.98 18.24 13.51
N SER J 75 56.94 18.76 12.27
CA SER J 75 55.68 19.13 11.56
C SER J 75 54.68 17.97 11.55
N PRO J 76 53.36 18.23 11.70
CA PRO J 76 52.39 17.14 11.84
C PRO J 76 51.83 16.50 10.56
N THR J 77 52.06 17.14 9.42
CA THR J 77 51.57 16.76 8.06
C THR J 77 52.72 16.91 7.06
N LEU J 78 52.95 15.90 6.19
CA LEU J 78 54.07 16.03 5.20
C LEU J 78 53.58 16.76 3.95
N LEU J 79 54.46 17.54 3.34
CA LEU J 79 54.17 18.35 2.12
C LEU J 79 54.93 17.78 0.92
N MET J 80 54.26 17.70 -0.23
CA MET J 80 54.87 17.38 -1.54
C MET J 80 54.54 18.50 -2.52
N TRP J 81 55.47 18.83 -3.42
CA TRP J 81 55.17 19.70 -4.59
C TRP J 81 54.19 18.99 -5.50
N GLU J 82 53.18 19.72 -5.96
CA GLU J 82 52.13 19.22 -6.87
C GLU J 82 52.22 20.03 -8.17
N ALA J 83 52.48 19.38 -9.30
CA ALA J 83 52.54 20.00 -10.63
C ALA J 83 51.10 20.29 -11.08
N VAL J 84 50.77 21.56 -11.30
CA VAL J 84 49.37 22.01 -11.57
C VAL J 84 49.17 22.20 -13.08
N SER J 85 50.12 22.88 -13.73
CA SER J 85 50.04 23.27 -15.15
C SER J 85 51.43 23.28 -15.75
N VAL J 86 51.52 23.17 -17.08
CA VAL J 86 52.79 23.30 -17.85
C VAL J 86 52.51 24.09 -19.12
N LYS J 87 53.28 25.15 -19.36
CA LYS J 87 53.46 25.78 -20.69
C LYS J 87 54.62 25.03 -21.35
N THR J 88 54.40 24.39 -22.51
CA THR J 88 55.48 23.67 -23.25
C THR J 88 55.49 24.12 -24.71
N GLU J 89 56.68 24.13 -25.32
CA GLU J 89 56.85 24.54 -26.74
C GLU J 89 57.98 23.71 -27.37
N VAL J 90 57.79 23.33 -28.63
CA VAL J 90 58.85 22.73 -29.48
C VAL J 90 59.68 23.87 -30.04
N VAL J 91 60.94 23.94 -29.64
CA VAL J 91 61.86 25.08 -29.96
C VAL J 91 62.51 24.81 -31.31
N GLY J 92 62.71 25.86 -32.10
CA GLY J 92 63.46 25.81 -33.37
C GLY J 92 62.66 25.20 -34.50
N ILE J 93 61.32 25.25 -34.44
CA ILE J 93 60.44 24.82 -35.56
C ILE J 93 60.84 25.62 -36.81
N SER J 94 61.06 26.94 -36.67
CA SER J 94 61.37 27.85 -37.79
C SER J 94 62.68 27.41 -38.48
N SER J 95 63.52 26.62 -37.82
CA SER J 95 64.82 26.13 -38.35
C SER J 95 64.59 25.32 -39.63
N MET J 96 63.39 24.77 -39.81
CA MET J 96 63.04 23.87 -40.94
C MET J 96 62.75 24.66 -42.23
N LEU J 97 62.52 25.98 -42.15
CA LEU J 97 62.29 26.80 -43.38
C LEU J 97 63.65 27.10 -44.03
N ASN J 98 64.30 26.05 -44.54
CA ASN J 98 65.70 26.05 -45.05
C ASN J 98 65.75 25.13 -46.28
N MET J 99 65.90 25.72 -47.47
CA MET J 99 65.92 24.94 -48.74
C MET J 99 67.29 25.06 -49.43
N HIS J 100 68.34 25.43 -48.68
CA HIS J 100 69.70 25.64 -49.23
C HIS J 100 70.74 24.71 -48.61
N SER J 101 70.46 24.10 -47.45
CA SER J 101 71.44 23.31 -46.66
C SER J 101 71.42 21.83 -47.11
N TYR J 102 71.80 21.59 -48.36
CA TYR J 102 72.26 20.28 -48.91
C TYR J 102 71.09 19.30 -49.11
N GLY J 103 69.85 19.76 -49.02
CA GLY J 103 68.67 18.89 -49.17
C GLY J 103 68.54 18.37 -50.59
N LEU J 104 68.04 17.13 -50.75
CA LEU J 104 67.67 16.57 -52.08
C LEU J 104 66.86 17.63 -52.82
N ARG J 105 67.20 17.91 -54.08
CA ARG J 105 66.66 19.09 -54.80
C ARG J 105 65.41 18.68 -55.59
N ALA J 106 64.39 19.53 -55.54
CA ALA J 106 63.06 19.32 -56.18
C ALA J 106 63.14 19.68 -57.66
N PHE J 107 62.13 19.28 -58.42
CA PHE J 107 61.92 19.65 -59.85
C PHE J 107 63.19 19.33 -60.64
N GLY J 108 63.59 18.05 -60.59
CA GLY J 108 64.69 17.47 -61.38
C GLY J 108 66.05 18.05 -61.02
N GLY J 109 66.21 18.60 -59.82
CA GLY J 109 67.50 19.10 -59.31
C GLY J 109 67.68 20.60 -59.50
N TYR J 110 66.73 21.29 -60.14
CA TYR J 110 66.82 22.74 -60.44
C TYR J 110 66.18 23.59 -59.34
N GLY J 111 65.31 22.97 -58.52
CA GLY J 111 64.61 23.64 -57.40
C GLY J 111 65.44 23.64 -56.13
N GLY J 112 64.81 23.96 -55.00
CA GLY J 112 65.47 24.03 -53.67
C GLY J 112 65.53 22.67 -53.01
N GLY J 113 66.30 22.56 -51.93
CA GLY J 113 66.43 21.34 -51.12
C GLY J 113 65.14 21.01 -50.39
N TYR J 114 64.87 19.72 -50.19
CA TYR J 114 63.74 19.20 -49.38
C TYR J 114 63.90 19.69 -47.94
N THR J 115 62.85 20.31 -47.40
CA THR J 115 62.72 20.57 -45.94
C THR J 115 62.50 19.23 -45.24
N ILE J 116 62.79 19.18 -43.94
CA ILE J 116 62.52 17.99 -43.08
C ILE J 116 61.12 17.49 -43.42
N GLU J 117 60.99 16.19 -43.69
CA GLU J 117 59.70 15.52 -44.00
C GLU J 117 59.77 14.05 -43.58
N GLY J 118 58.62 13.37 -43.67
CA GLY J 118 58.50 11.93 -43.35
C GLY J 118 57.89 11.70 -41.98
N SER J 119 57.92 10.45 -41.52
CA SER J 119 57.32 10.01 -40.25
C SER J 119 57.92 10.82 -39.09
N HIS J 120 57.09 11.21 -38.14
CA HIS J 120 57.47 12.08 -37.01
C HIS J 120 56.62 11.72 -35.78
N ILE J 121 57.19 11.94 -34.60
CA ILE J 121 56.47 11.77 -33.30
C ILE J 121 56.79 13.00 -32.45
N HIS J 122 55.77 13.50 -31.73
CA HIS J 122 55.91 14.62 -30.75
C HIS J 122 55.24 14.20 -29.45
N PHE J 123 55.99 14.25 -28.37
CA PHE J 123 55.55 13.67 -27.08
C PHE J 123 56.24 14.38 -25.91
N PHE J 124 55.48 14.57 -24.82
CA PHE J 124 56.02 15.12 -23.56
C PHE J 124 55.23 14.51 -22.41
N SER J 125 55.88 14.41 -21.26
CA SER J 125 55.27 13.95 -19.99
C SER J 125 55.83 14.78 -18.82
N VAL J 126 54.98 15.07 -17.85
CA VAL J 126 55.34 15.68 -16.54
C VAL J 126 54.85 14.71 -15.47
N GLY J 127 55.68 14.43 -14.47
CA GLY J 127 55.38 13.41 -13.45
C GLY J 127 56.15 13.65 -12.16
N GLY J 128 55.69 13.01 -11.08
CA GLY J 128 56.33 13.04 -9.75
C GLY J 128 57.27 11.86 -9.56
N GLU J 129 57.47 11.07 -10.61
CA GLU J 129 58.37 9.89 -10.64
C GLU J 129 58.71 9.58 -12.09
N PRO J 130 59.71 8.72 -12.35
CA PRO J 130 59.99 8.27 -13.71
C PRO J 130 58.74 7.76 -14.43
N LEU J 131 58.63 8.07 -15.73
CA LEU J 131 57.54 7.61 -16.63
C LEU J 131 57.61 6.09 -16.74
N ASP J 132 56.49 5.40 -16.57
CA ASP J 132 56.39 3.92 -16.75
C ASP J 132 56.30 3.61 -18.25
N LEU J 133 57.17 2.72 -18.72
CA LEU J 133 57.26 2.30 -20.14
C LEU J 133 56.74 0.87 -20.28
N GLN J 134 56.02 0.61 -21.37
CA GLN J 134 55.60 -0.73 -21.84
C GLN J 134 56.43 -1.07 -23.09
N GLY J 135 56.96 -2.30 -23.14
CA GLY J 135 57.70 -2.80 -24.31
C GLY J 135 56.76 -3.15 -25.43
N LEU J 136 56.94 -2.52 -26.60
CA LEU J 136 56.30 -2.94 -27.87
C LEU J 136 57.14 -2.41 -29.03
N MET J 137 57.52 -3.30 -29.95
CA MET J 137 58.47 -3.04 -31.06
C MET J 137 57.93 -3.68 -32.34
N GLN J 138 58.38 -3.18 -33.50
CA GLN J 138 57.93 -3.67 -34.84
C GLN J 138 58.58 -5.04 -35.14
N ASN J 139 59.85 -5.21 -34.75
CA ASN J 139 60.62 -6.46 -35.00
C ASN J 139 61.27 -6.90 -33.68
N HIS J 140 60.78 -8.02 -33.12
CA HIS J 140 61.22 -8.56 -31.80
C HIS J 140 62.73 -8.83 -31.82
N SER J 141 63.29 -9.12 -33.01
CA SER J 141 64.67 -9.59 -33.21
C SER J 141 65.66 -8.42 -33.35
N THR J 142 65.18 -7.18 -33.37
CA THR J 142 66.06 -5.98 -33.48
C THR J 142 67.18 -6.09 -32.41
N GLN J 143 68.43 -5.87 -32.82
CA GLN J 143 69.62 -5.88 -31.92
C GLN J 143 70.00 -4.43 -31.59
N TYR J 144 69.72 -4.00 -30.35
CA TYR J 144 70.07 -2.64 -29.88
C TYR J 144 71.48 -2.68 -29.29
N PRO J 145 72.43 -1.90 -29.82
CA PRO J 145 73.76 -1.81 -29.23
C PRO J 145 73.73 -1.22 -27.81
N SER J 146 74.57 -1.72 -26.92
CA SER J 146 74.88 -1.11 -25.60
C SER J 146 75.36 0.32 -25.85
N PRO J 147 75.02 1.31 -25.00
CA PRO J 147 74.27 1.10 -23.76
C PRO J 147 72.74 1.27 -23.82
N LEU J 148 72.14 1.22 -25.01
CA LEU J 148 70.66 1.30 -25.18
C LEU J 148 70.03 0.13 -24.43
N VAL J 149 68.76 0.27 -24.06
CA VAL J 149 67.99 -0.77 -23.32
C VAL J 149 66.72 -1.06 -24.10
N GLY J 150 66.53 -2.30 -24.53
CA GLY J 150 65.32 -2.75 -25.23
C GLY J 150 64.53 -3.74 -24.37
N PRO J 151 63.29 -4.07 -24.77
CA PRO J 151 62.47 -5.02 -24.02
C PRO J 151 63.16 -6.40 -23.98
N LYS J 152 63.50 -6.88 -22.79
CA LYS J 152 64.07 -8.23 -22.54
C LYS J 152 63.16 -8.90 -21.50
N LYS J 153 62.92 -10.20 -21.62
CA LYS J 153 62.36 -11.03 -20.53
C LYS J 153 63.40 -11.10 -19.41
N PRO J 154 63.08 -11.64 -18.21
CA PRO J 154 64.08 -11.81 -17.16
C PRO J 154 65.27 -12.68 -17.59
N ASP J 155 65.02 -13.66 -18.47
CA ASP J 155 66.06 -14.63 -18.94
C ASP J 155 66.98 -13.99 -19.99
N GLY J 156 66.70 -12.76 -20.45
CA GLY J 156 67.55 -12.02 -21.39
C GLY J 156 67.04 -12.06 -22.82
N THR J 157 66.11 -12.97 -23.13
CA THR J 157 65.54 -13.18 -24.50
C THR J 157 64.50 -12.09 -24.79
N THR J 158 64.04 -12.02 -26.04
CA THR J 158 62.92 -11.17 -26.53
C THR J 158 62.14 -11.96 -27.57
N ASP J 159 60.92 -12.41 -27.25
CA ASP J 159 60.14 -13.30 -28.16
C ASP J 159 59.19 -12.46 -29.03
N ASP J 160 58.40 -13.14 -29.86
CA ASP J 160 57.45 -12.53 -30.84
C ASP J 160 56.42 -11.66 -30.11
N SER J 161 56.11 -11.97 -28.84
CA SER J 161 55.05 -11.28 -28.05
C SER J 161 55.40 -9.79 -27.86
N ALA J 162 56.67 -9.42 -27.98
CA ALA J 162 57.14 -8.03 -27.85
C ALA J 162 56.62 -7.15 -29.02
N GLN J 163 55.98 -7.75 -30.02
CA GLN J 163 55.38 -7.03 -31.18
C GLN J 163 53.92 -6.69 -30.87
N VAL J 164 53.39 -7.22 -29.78
CA VAL J 164 52.05 -6.88 -29.24
C VAL J 164 52.23 -6.56 -27.75
N LEU J 165 51.15 -6.62 -26.96
CA LEU J 165 51.25 -6.33 -25.50
C LEU J 165 51.54 -7.63 -24.75
N ASN J 166 52.72 -7.71 -24.15
CA ASN J 166 53.06 -8.70 -23.10
C ASN J 166 53.53 -7.93 -21.87
N PRO J 167 52.77 -8.01 -20.75
CA PRO J 167 53.14 -7.31 -19.52
C PRO J 167 54.55 -7.61 -18.98
N ILE J 168 55.18 -8.70 -19.42
CA ILE J 168 56.54 -9.09 -18.97
C ILE J 168 57.54 -7.97 -19.33
N TYR J 169 57.27 -7.20 -20.40
CA TYR J 169 58.19 -6.17 -20.94
C TYR J 169 57.81 -4.78 -20.41
N LYS J 170 58.43 -4.38 -19.30
CA LYS J 170 58.22 -3.04 -18.69
C LYS J 170 59.58 -2.45 -18.30
N ALA J 171 59.63 -1.14 -18.14
CA ALA J 171 60.82 -0.38 -17.72
C ALA J 171 60.38 0.98 -17.18
N LYS J 172 61.28 1.65 -16.45
CA LYS J 172 61.09 3.03 -15.97
C LYS J 172 62.06 3.89 -16.80
N LEU J 173 61.57 5.02 -17.33
CA LEU J 173 62.38 5.98 -18.12
C LEU J 173 63.29 6.73 -17.14
N ASP J 174 64.37 6.08 -16.71
CA ASP J 174 65.23 6.55 -15.60
C ASP J 174 66.56 7.11 -16.11
N LYS J 175 66.80 7.08 -17.42
CA LYS J 175 68.10 7.54 -18.01
C LYS J 175 67.79 8.24 -19.36
N ASP J 176 68.37 9.42 -19.57
CA ASP J 176 68.32 10.16 -20.85
C ASP J 176 68.99 9.33 -21.94
N ALA J 177 68.54 9.45 -23.19
CA ALA J 177 69.25 9.00 -24.41
C ALA J 177 69.50 7.48 -24.38
N THR J 178 68.67 6.72 -23.65
CA THR J 178 68.92 5.30 -23.33
C THR J 178 67.80 4.40 -23.84
N TYR J 179 66.55 4.85 -23.76
CA TYR J 179 65.35 4.03 -24.09
C TYR J 179 64.89 4.42 -25.50
N PRO J 180 65.03 3.53 -26.50
CA PRO J 180 64.61 3.85 -27.87
C PRO J 180 63.10 4.06 -27.96
N ILE J 181 62.69 5.08 -28.71
CA ILE J 181 61.26 5.43 -28.93
C ILE J 181 60.56 4.23 -29.59
N GLU J 182 61.29 3.46 -30.39
CA GLU J 182 60.71 2.46 -31.33
C GLU J 182 60.35 1.15 -30.63
N CYS J 183 60.76 0.94 -29.37
CA CYS J 183 60.48 -0.32 -28.62
C CYS J 183 59.83 -0.04 -27.25
N TRP J 184 59.67 1.23 -26.86
CA TRP J 184 59.01 1.63 -25.59
C TRP J 184 57.94 2.70 -25.86
N CYS J 185 56.73 2.49 -25.34
CA CYS J 185 55.67 3.51 -25.30
C CYS J 185 55.27 3.76 -23.84
N PRO J 186 54.63 4.90 -23.52
CA PRO J 186 54.06 5.11 -22.20
C PRO J 186 53.09 3.98 -21.87
N ASP J 187 53.23 3.42 -20.66
CA ASP J 187 52.42 2.30 -20.12
C ASP J 187 51.11 2.84 -19.55
N PRO J 188 49.97 2.61 -20.22
CA PRO J 188 48.70 3.18 -19.78
C PRO J 188 48.10 2.46 -18.57
N SER J 189 48.68 1.30 -18.20
CA SER J 189 48.27 0.48 -17.03
C SER J 189 48.91 1.04 -15.75
N ARG J 190 49.81 2.00 -15.88
CA ARG J 190 50.50 2.66 -14.74
C ARG J 190 50.50 4.17 -14.95
N ASN J 191 51.59 4.87 -14.62
CA ASN J 191 51.70 6.33 -14.79
C ASN J 191 50.54 7.06 -14.10
N GLU J 192 50.07 6.58 -12.93
CA GLU J 192 49.02 7.27 -12.14
C GLU J 192 49.54 8.65 -11.74
N ASN J 193 50.85 8.79 -11.51
CA ASN J 193 51.50 10.02 -10.97
C ASN J 193 52.28 10.74 -12.07
N SER J 194 51.93 10.49 -13.34
CA SER J 194 52.50 11.19 -14.52
C SER J 194 51.35 11.58 -15.46
N ARG J 195 51.48 12.69 -16.18
CA ARG J 195 50.57 13.06 -17.29
C ARG J 195 51.39 13.05 -18.58
N TYR J 196 50.98 12.27 -19.58
CA TYR J 196 51.72 12.18 -20.87
C TYR J 196 50.77 12.47 -22.04
N PHE J 197 51.37 13.01 -23.10
CA PHE J 197 50.69 13.51 -24.32
C PHE J 197 51.59 13.24 -25.54
N GLY J 198 51.08 12.51 -26.52
CA GLY J 198 51.87 12.13 -27.71
C GLY J 198 51.02 12.04 -28.96
N SER J 199 51.63 12.37 -30.09
CA SER J 199 51.01 12.24 -31.44
C SER J 199 52.08 11.77 -32.44
N TYR J 200 51.81 10.65 -33.12
CA TYR J 200 52.68 10.08 -34.19
C TYR J 200 51.95 10.23 -35.53
N THR J 201 52.71 10.56 -36.56
CA THR J 201 52.26 10.57 -37.98
C THR J 201 53.26 9.78 -38.82
N GLY J 202 52.79 8.81 -39.61
CA GLY J 202 53.62 7.98 -40.50
C GLY J 202 53.82 8.64 -41.86
N GLY J 203 54.16 7.83 -42.87
CA GLY J 203 54.30 8.25 -44.27
C GLY J 203 55.76 8.45 -44.65
N VAL J 204 56.02 8.55 -45.96
CA VAL J 204 57.40 8.60 -46.53
C VAL J 204 57.83 10.06 -46.64
N GLU J 205 56.97 10.93 -47.16
CA GLU J 205 57.27 12.35 -47.46
C GLU J 205 56.30 13.28 -46.73
N THR J 206 55.66 12.79 -45.66
CA THR J 206 54.62 13.52 -44.89
C THR J 206 55.17 14.84 -44.38
N PRO J 207 54.48 15.97 -44.62
CA PRO J 207 54.93 17.27 -44.15
C PRO J 207 54.68 17.40 -42.65
N PRO J 208 55.68 17.82 -41.85
CA PRO J 208 55.44 18.17 -40.45
C PRO J 208 54.57 19.43 -40.37
N VAL J 209 53.63 19.43 -39.43
CA VAL J 209 52.77 20.59 -39.08
C VAL J 209 52.98 20.85 -37.59
N LEU J 210 53.64 21.95 -37.23
CA LEU J 210 53.92 22.32 -35.82
C LEU J 210 53.50 23.78 -35.60
N SER J 211 52.84 24.04 -34.47
CA SER J 211 52.48 25.41 -34.00
C SER J 211 53.34 25.77 -32.78
N PHE J 212 53.50 27.06 -32.57
CA PHE J 212 54.25 27.64 -31.42
C PHE J 212 53.56 28.94 -30.99
N THR J 213 53.29 29.06 -29.69
CA THR J 213 52.68 30.24 -29.05
C THR J 213 53.04 30.25 -27.56
N ASN J 214 53.16 31.44 -26.97
CA ASN J 214 53.38 31.63 -25.51
C ASN J 214 52.04 31.85 -24.82
N THR J 215 50.92 31.49 -25.45
CA THR J 215 49.55 31.68 -24.90
C THR J 215 48.92 30.34 -24.49
N SER J 216 49.51 29.20 -24.83
CA SER J 216 48.95 27.85 -24.51
C SER J 216 49.35 27.46 -23.08
N THR J 217 48.47 26.71 -22.39
CA THR J 217 48.73 26.08 -21.07
C THR J 217 48.05 24.72 -21.04
N THR J 218 48.74 23.70 -20.54
CA THR J 218 48.17 22.34 -20.33
C THR J 218 47.96 22.13 -18.83
N ILE J 219 46.73 21.90 -18.42
CA ILE J 219 46.37 21.59 -17.00
C ILE J 219 46.78 20.13 -16.72
N LEU J 220 47.39 19.89 -15.56
CA LEU J 220 47.94 18.56 -15.19
C LEU J 220 47.10 17.92 -14.09
N LEU J 221 46.08 18.62 -13.58
CA LEU J 221 45.17 18.09 -12.53
C LEU J 221 44.33 16.96 -13.14
N ASP J 222 44.06 15.91 -12.36
CA ASP J 222 43.30 14.71 -12.82
C ASP J 222 41.79 14.95 -12.60
N GLU J 223 40.98 13.90 -12.84
CA GLU J 223 39.51 13.88 -12.63
C GLU J 223 39.17 14.46 -11.24
N ASN J 224 40.04 14.28 -10.23
CA ASN J 224 39.79 14.69 -8.82
C ASN J 224 40.62 15.92 -8.43
N GLY J 225 41.07 16.73 -9.39
CA GLY J 225 41.76 18.01 -9.11
C GLY J 225 43.13 17.83 -8.44
N VAL J 226 43.73 16.65 -8.57
CA VAL J 226 45.09 16.34 -8.03
C VAL J 226 46.08 16.25 -9.19
N GLY J 227 47.18 16.99 -9.10
CA GLY J 227 48.29 16.95 -10.08
C GLY J 227 49.33 15.89 -9.71
N PRO J 228 50.36 15.67 -10.56
CA PRO J 228 51.50 14.85 -10.18
C PRO J 228 52.12 15.35 -8.88
N LEU J 229 52.32 14.45 -7.92
CA LEU J 229 52.99 14.72 -6.62
C LEU J 229 54.45 14.28 -6.72
N CYS J 230 55.36 15.24 -6.60
CA CYS J 230 56.82 15.06 -6.82
C CYS J 230 57.48 14.33 -5.64
N LYS J 231 57.64 13.02 -5.76
CA LYS J 231 58.33 12.15 -4.76
C LYS J 231 59.81 12.55 -4.71
N GLY J 232 60.41 12.45 -3.51
CA GLY J 232 61.80 12.85 -3.25
C GLY J 232 62.12 14.26 -3.73
N ASP J 233 61.12 15.16 -3.73
CA ASP J 233 61.29 16.58 -4.14
C ASP J 233 61.93 16.63 -5.53
N GLY J 234 61.47 15.75 -6.44
CA GLY J 234 61.93 15.67 -7.83
C GLY J 234 60.78 15.76 -8.83
N LEU J 235 60.91 16.63 -9.82
CA LEU J 235 59.98 16.77 -10.97
C LEU J 235 60.59 16.07 -12.18
N TYR J 236 59.85 15.15 -12.79
CA TYR J 236 60.33 14.24 -13.87
C TYR J 236 59.76 14.70 -15.21
N LEU J 237 60.61 15.29 -16.06
CA LEU J 237 60.28 15.71 -17.45
C LEU J 237 60.76 14.66 -18.45
N SER J 238 59.95 14.39 -19.48
CA SER J 238 60.28 13.49 -20.61
C SER J 238 59.81 14.12 -21.92
N SER J 239 60.52 13.83 -23.00
CA SER J 239 60.36 14.46 -24.33
C SER J 239 60.73 13.44 -25.41
N ALA J 240 60.04 13.51 -26.55
CA ALA J 240 60.41 12.78 -27.79
C ALA J 240 59.89 13.61 -28.96
N ASP J 241 60.76 14.42 -29.56
CA ASP J 241 60.35 15.34 -30.67
C ASP J 241 61.22 15.10 -31.88
N VAL J 242 60.86 14.06 -32.64
CA VAL J 242 61.49 13.69 -33.94
C VAL J 242 60.61 14.30 -35.04
N ALA J 243 61.01 15.46 -35.57
CA ALA J 243 60.22 16.31 -36.49
C ALA J 243 60.04 15.59 -37.84
N GLY J 244 60.95 14.67 -38.15
CA GLY J 244 60.97 13.90 -39.40
C GLY J 244 62.39 13.54 -39.80
N THR J 245 62.67 13.44 -41.10
CA THR J 245 63.99 13.09 -41.65
C THR J 245 64.50 14.22 -42.53
N PHE J 246 65.81 14.44 -42.52
CA PHE J 246 66.54 15.21 -43.54
C PHE J 246 66.94 14.25 -44.67
N VAL J 247 66.59 14.60 -45.92
CA VAL J 247 66.93 13.83 -47.14
C VAL J 247 68.06 14.58 -47.86
N GLN J 248 69.24 13.99 -47.94
CA GLN J 248 70.46 14.67 -48.50
C GLN J 248 70.54 14.45 -50.01
N GLN J 249 70.83 15.52 -50.75
CA GLN J 249 71.09 15.45 -52.22
C GLN J 249 72.22 14.46 -52.49
N THR J 250 72.21 13.84 -53.67
CA THR J 250 73.32 13.00 -54.19
C THR J 250 73.30 11.64 -53.47
N SER J 251 73.59 11.60 -52.17
CA SER J 251 73.61 10.34 -51.37
C SER J 251 72.18 9.77 -51.32
N GLN J 252 71.18 10.64 -51.27
CA GLN J 252 69.74 10.29 -51.08
C GLN J 252 69.59 9.46 -49.80
N LYS J 253 70.47 9.70 -48.82
CA LYS J 253 70.40 9.10 -47.47
C LYS J 253 69.49 9.97 -46.59
N GLN J 254 68.85 9.34 -45.59
CA GLN J 254 67.93 10.00 -44.65
C GLN J 254 68.56 10.01 -43.26
N TYR J 255 68.37 11.12 -42.54
CA TYR J 255 68.84 11.32 -41.15
C TYR J 255 67.63 11.80 -40.31
N TRP J 256 67.38 11.14 -39.18
CA TRP J 256 66.39 11.62 -38.18
C TRP J 256 66.78 13.02 -37.72
N ARG J 257 65.82 13.93 -37.65
CA ARG J 257 66.00 15.32 -37.14
C ARG J 257 65.14 15.49 -35.88
N GLY J 258 65.78 15.86 -34.77
CA GLY J 258 65.12 16.09 -33.47
C GLY J 258 65.07 17.56 -33.13
N LEU J 259 64.11 17.96 -32.30
CA LEU J 259 64.01 19.35 -31.80
C LEU J 259 63.91 19.36 -30.28
N PRO J 260 64.39 20.43 -29.62
CA PRO J 260 64.33 20.53 -28.17
C PRO J 260 62.92 20.97 -27.74
N ARG J 261 62.52 20.58 -26.53
CA ARG J 261 61.23 20.97 -25.92
C ARG J 261 61.48 21.83 -24.68
N TYR J 262 60.80 22.97 -24.60
CA TYR J 262 60.82 23.88 -23.43
C TYR J 262 59.67 23.51 -22.50
N PHE J 263 59.94 23.50 -21.19
CA PHE J 263 58.92 23.30 -20.14
C PHE J 263 58.88 24.50 -19.19
N ASN J 264 57.68 24.88 -18.76
CA ASN J 264 57.47 25.87 -17.67
C ASN J 264 56.37 25.31 -16.76
N ILE J 265 56.75 24.63 -15.69
CA ILE J 265 55.79 23.93 -14.79
C ILE J 265 55.48 24.85 -13.60
N THR J 266 54.20 25.03 -13.30
CA THR J 266 53.71 25.69 -12.06
C THR J 266 53.39 24.60 -11.04
N LEU J 267 54.02 24.65 -9.87
CA LEU J 267 53.74 23.70 -8.76
C LEU J 267 53.25 24.46 -7.53
N ARG J 268 52.54 23.76 -6.66
CA ARG J 268 52.00 24.29 -5.38
C ARG J 268 52.19 23.22 -4.30
N LYS J 269 52.27 23.64 -3.04
CA LYS J 269 52.44 22.70 -1.89
C LYS J 269 51.12 22.00 -1.63
N ARG J 270 51.17 20.67 -1.48
CA ARG J 270 50.00 19.82 -1.15
C ARG J 270 50.37 18.95 0.05
N ALA J 271 49.45 18.81 1.00
CA ALA J 271 49.62 18.02 2.24
C ALA J 271 49.21 16.56 1.97
N VAL J 272 49.86 15.62 2.64
CA VAL J 272 49.66 14.14 2.45
C VAL J 272 49.79 13.43 3.80
N LYS J 273 49.09 12.30 3.97
CA LYS J 273 48.95 11.58 5.26
C LYS J 273 50.22 10.76 5.56
N ILE K 7 -3.41 -9.77 -40.83
CA ILE K 7 -2.19 -10.34 -41.51
C ILE K 7 -2.65 -11.40 -42.53
N GLU K 8 -2.27 -11.28 -43.80
CA GLU K 8 -2.49 -12.34 -44.83
C GLU K 8 -1.43 -13.43 -44.62
N VAL K 9 -1.87 -14.65 -44.25
CA VAL K 9 -1.00 -15.80 -43.91
C VAL K 9 -0.66 -16.56 -45.19
N LEU K 10 0.61 -16.93 -45.39
CA LEU K 10 1.07 -17.62 -46.63
C LEU K 10 1.60 -19.02 -46.27
N ASP K 11 2.62 -19.49 -46.98
CA ASP K 11 3.23 -20.85 -46.87
C ASP K 11 3.99 -20.95 -45.53
N VAL K 12 4.15 -22.17 -45.05
CA VAL K 12 5.00 -22.54 -43.87
C VAL K 12 6.44 -22.74 -44.35
N LYS K 13 7.36 -21.85 -44.00
CA LYS K 13 8.79 -21.98 -44.35
C LYS K 13 9.30 -23.24 -43.64
N THR K 14 9.85 -24.20 -44.42
CA THR K 14 10.62 -25.38 -43.89
C THR K 14 12.08 -25.19 -44.29
N GLY K 15 12.97 -26.00 -43.74
CA GLY K 15 14.43 -25.87 -43.95
C GLY K 15 15.15 -25.72 -42.62
N PRO K 16 16.49 -25.54 -42.62
CA PRO K 16 17.24 -25.43 -41.37
C PRO K 16 16.85 -24.17 -40.57
N ASP K 17 16.93 -24.25 -39.24
CA ASP K 17 16.61 -23.16 -38.30
C ASP K 17 15.17 -22.68 -38.52
N SER K 18 14.24 -23.53 -38.92
CA SER K 18 12.84 -23.09 -39.27
C SER K 18 11.83 -23.47 -38.18
N THR K 19 12.21 -24.36 -37.25
CA THR K 19 11.44 -24.62 -36.01
C THR K 19 12.30 -24.30 -34.79
N THR K 20 11.66 -24.04 -33.65
CA THR K 20 12.32 -23.78 -32.34
C THR K 20 11.34 -24.15 -31.21
N THR K 21 11.85 -24.47 -30.03
CA THR K 21 11.05 -24.70 -28.81
C THR K 21 11.39 -23.64 -27.77
N ILE K 22 10.41 -23.31 -26.92
CA ILE K 22 10.55 -22.33 -25.80
C ILE K 22 10.06 -23.02 -24.53
N GLU K 23 10.94 -23.14 -23.53
CA GLU K 23 10.59 -23.54 -22.14
C GLU K 23 10.37 -22.25 -21.32
N ALA K 24 9.32 -22.21 -20.53
CA ALA K 24 9.02 -21.13 -19.57
C ALA K 24 8.17 -21.69 -18.43
N TYR K 25 8.19 -21.04 -17.27
CA TYR K 25 7.24 -21.31 -16.16
C TYR K 25 6.67 -19.97 -15.70
N LEU K 26 5.40 -19.96 -15.33
CA LEU K 26 4.75 -18.82 -14.63
C LEU K 26 4.48 -19.26 -13.18
N ASN K 27 5.06 -18.54 -12.21
CA ASN K 27 4.74 -18.73 -10.78
C ASN K 27 3.40 -18.05 -10.51
N PRO K 28 2.63 -18.58 -9.54
CA PRO K 28 1.29 -18.06 -9.26
C PRO K 28 1.34 -16.69 -8.59
N ARG K 29 0.33 -15.87 -8.83
CA ARG K 29 0.20 -14.52 -8.22
C ARG K 29 -1.14 -14.45 -7.47
N VAL K 30 -1.19 -15.10 -6.29
CA VAL K 30 -2.43 -15.26 -5.48
C VAL K 30 -2.53 -14.13 -4.45
N GLY K 31 -1.68 -13.08 -4.56
CA GLY K 31 -1.70 -11.91 -3.66
C GLY K 31 -0.34 -11.69 -3.00
N GLN K 32 0.42 -12.76 -2.80
CA GLN K 32 1.86 -12.70 -2.46
C GLN K 32 2.59 -13.65 -3.43
N ASN K 33 3.91 -13.79 -3.29
CA ASN K 33 4.76 -14.39 -4.35
C ASN K 33 5.16 -15.82 -3.99
N TRP K 34 4.71 -16.36 -2.85
CA TRP K 34 5.21 -17.68 -2.37
C TRP K 34 4.06 -18.69 -2.25
N GLY K 35 3.02 -18.51 -3.08
CA GLY K 35 2.01 -19.54 -3.36
C GLY K 35 0.80 -19.46 -2.45
N PHE K 36 0.81 -18.54 -1.47
CA PHE K 36 -0.34 -18.30 -0.57
C PHE K 36 -0.67 -16.82 -0.50
N SER K 37 -1.98 -16.54 -0.51
CA SER K 37 -2.56 -15.21 -0.17
C SER K 37 -2.43 -14.98 1.34
N THR K 38 -2.68 -13.75 1.78
CA THR K 38 -2.99 -13.44 3.20
C THR K 38 -4.42 -13.91 3.46
N GLU K 39 -4.84 -13.92 4.72
CA GLU K 39 -6.16 -14.47 5.12
C GLU K 39 -7.26 -13.83 4.26
N ILE K 40 -8.21 -14.64 3.80
CA ILE K 40 -9.40 -14.17 3.07
C ILE K 40 -10.30 -13.46 4.08
N THR K 41 -10.71 -12.23 3.78
CA THR K 41 -11.59 -11.41 4.64
C THR K 41 -12.94 -11.25 3.93
N VAL K 42 -13.99 -11.04 4.71
CA VAL K 42 -15.39 -10.86 4.18
C VAL K 42 -15.95 -9.59 4.78
N ALA K 43 -16.26 -8.60 3.94
CA ALA K 43 -16.94 -7.34 4.31
C ALA K 43 -18.25 -7.69 5.03
N SER K 44 -18.58 -6.95 6.09
CA SER K 44 -19.91 -7.04 6.76
C SER K 44 -20.98 -6.43 5.85
N ASN K 45 -22.15 -7.06 5.76
CA ASN K 45 -23.29 -6.56 4.95
C ASN K 45 -23.46 -5.07 5.25
N GLY K 46 -23.52 -4.23 4.20
CA GLY K 46 -23.78 -2.79 4.30
C GLY K 46 -22.52 -1.96 4.35
N TYR K 47 -21.36 -2.56 4.63
CA TYR K 47 -20.03 -1.89 4.64
C TYR K 47 -19.38 -2.05 3.26
N ASN K 48 -18.32 -1.28 2.99
CA ASN K 48 -17.55 -1.39 1.72
C ASN K 48 -16.99 -2.80 1.58
N ASP K 49 -17.07 -3.35 0.36
CA ASP K 49 -16.32 -4.57 -0.07
C ASP K 49 -14.92 -4.15 -0.49
N ALA K 50 -13.95 -4.14 0.43
CA ALA K 50 -12.60 -3.60 0.21
C ALA K 50 -11.56 -4.62 0.66
N PRO K 51 -11.32 -5.67 -0.16
CA PRO K 51 -10.35 -6.70 0.19
C PRO K 51 -8.92 -6.16 0.12
N HIS K 52 -8.04 -6.77 0.91
CA HIS K 52 -6.58 -6.46 0.98
C HIS K 52 -5.96 -6.82 -0.38
N LEU K 53 -4.97 -6.03 -0.83
CA LEU K 53 -4.19 -6.34 -2.06
C LEU K 53 -3.76 -7.81 -2.02
N THR K 54 -3.26 -8.27 -0.87
CA THR K 54 -2.53 -9.56 -0.74
C THR K 54 -3.49 -10.74 -0.56
N GLU K 55 -4.80 -10.54 -0.75
CA GLU K 55 -5.81 -11.64 -0.58
C GLU K 55 -6.55 -11.87 -1.90
N ILE K 56 -6.12 -11.21 -2.97
CA ILE K 56 -6.81 -11.20 -4.30
C ILE K 56 -5.91 -11.86 -5.33
N PRO K 57 -6.24 -13.09 -5.79
CA PRO K 57 -5.49 -13.76 -6.84
C PRO K 57 -5.66 -13.08 -8.20
N CYS K 58 -4.55 -13.01 -8.94
CA CYS K 58 -4.44 -12.37 -10.27
C CYS K 58 -3.89 -13.36 -11.30
N TYR K 59 -4.17 -13.08 -12.57
CA TYR K 59 -3.55 -13.75 -13.74
C TYR K 59 -2.04 -13.55 -13.67
N SER K 60 -1.28 -14.64 -13.72
CA SER K 60 0.16 -14.65 -14.07
C SER K 60 0.28 -14.46 -15.59
N SER K 61 1.31 -13.75 -16.03
CA SER K 61 1.51 -13.34 -17.45
C SER K 61 2.98 -13.03 -17.69
N ALA K 62 3.51 -13.42 -18.85
CA ALA K 62 4.88 -13.07 -19.30
C ALA K 62 4.89 -12.97 -20.83
N ARG K 63 5.81 -12.17 -21.35
CA ARG K 63 6.15 -12.11 -22.80
C ARG K 63 7.56 -12.70 -22.96
N ILE K 64 7.67 -13.86 -23.61
CA ILE K 64 8.98 -14.50 -23.90
C ILE K 64 9.48 -13.93 -25.23
N SER K 65 10.75 -13.48 -25.25
CA SER K 65 11.44 -13.00 -26.48
C SER K 65 11.82 -14.22 -27.34
N LEU K 66 11.42 -14.18 -28.62
CA LEU K 66 11.75 -15.22 -29.62
C LEU K 66 12.93 -14.77 -30.44
N PRO K 67 13.70 -15.69 -31.09
CA PRO K 67 14.77 -15.28 -32.00
C PRO K 67 14.29 -14.26 -33.03
N LEU K 68 15.09 -13.18 -33.25
CA LEU K 68 14.65 -12.09 -34.18
C LEU K 68 14.66 -12.67 -35.58
N LEU K 69 13.75 -12.31 -36.46
CA LEU K 69 13.47 -12.90 -37.78
C LEU K 69 13.72 -11.62 -38.63
N ASN K 70 14.72 -11.67 -39.47
CA ASN K 70 15.32 -10.45 -40.10
C ASN K 70 14.76 -10.38 -41.52
N GLU K 71 14.21 -9.24 -41.93
CA GLU K 71 13.60 -9.11 -43.25
C GLU K 71 14.70 -9.20 -44.32
N ASP K 72 14.44 -10.07 -45.29
CA ASP K 72 15.35 -10.37 -46.44
C ASP K 72 14.84 -9.56 -47.62
N ILE K 73 15.62 -8.59 -48.09
CA ILE K 73 15.22 -7.62 -49.15
C ILE K 73 15.03 -8.34 -50.50
N THR K 74 15.50 -9.58 -50.64
CA THR K 74 15.36 -10.40 -51.89
C THR K 74 14.08 -11.27 -51.86
N SER K 75 13.75 -11.81 -50.69
CA SER K 75 12.45 -12.51 -50.42
C SER K 75 11.31 -11.51 -50.63
N PRO K 76 10.12 -11.94 -51.10
CA PRO K 76 8.96 -11.05 -51.23
C PRO K 76 8.08 -10.84 -49.98
N THR K 77 8.31 -11.62 -48.93
CA THR K 77 7.40 -12.00 -47.80
C THR K 77 8.20 -11.93 -46.49
N LEU K 78 7.61 -11.38 -45.42
CA LEU K 78 8.17 -11.40 -44.05
C LEU K 78 7.81 -12.71 -43.34
N LEU K 79 8.59 -13.08 -42.34
CA LEU K 79 8.41 -14.31 -41.51
C LEU K 79 7.99 -13.91 -40.08
N MET K 80 7.03 -14.64 -39.52
CA MET K 80 6.64 -14.57 -38.09
C MET K 80 6.72 -15.99 -37.50
N TRP K 81 7.13 -16.09 -36.25
CA TRP K 81 7.01 -17.35 -35.48
C TRP K 81 5.54 -17.70 -35.29
N GLU K 82 5.21 -18.97 -35.51
CA GLU K 82 3.84 -19.52 -35.38
C GLU K 82 3.89 -20.60 -34.30
N ALA K 83 3.13 -20.42 -33.21
CA ALA K 83 3.02 -21.41 -32.12
C ALA K 83 2.14 -22.56 -32.61
N VAL K 84 2.67 -23.78 -32.64
CA VAL K 84 1.99 -24.97 -33.25
C VAL K 84 1.37 -25.81 -32.15
N SER K 85 2.13 -26.08 -31.09
CA SER K 85 1.73 -26.98 -29.99
C SER K 85 2.35 -26.50 -28.68
N VAL K 86 1.77 -26.90 -27.55
CA VAL K 86 2.32 -26.63 -26.18
C VAL K 86 2.13 -27.88 -25.33
N LYS K 87 3.20 -28.36 -24.72
CA LYS K 87 3.18 -29.28 -23.54
C LYS K 87 3.10 -28.37 -22.31
N THR K 88 2.06 -28.48 -21.49
CA THR K 88 1.92 -27.68 -20.25
C THR K 88 1.60 -28.60 -19.07
N GLU K 89 2.06 -28.23 -17.88
CA GLU K 89 1.88 -29.02 -16.65
C GLU K 89 1.73 -28.08 -15.45
N VAL K 90 0.82 -28.42 -14.53
CA VAL K 90 0.71 -27.74 -13.21
C VAL K 90 1.74 -28.40 -12.29
N VAL K 91 2.73 -27.62 -11.87
CA VAL K 91 3.92 -28.12 -11.12
C VAL K 91 3.56 -28.12 -9.62
N GLY K 92 4.06 -29.13 -8.90
CA GLY K 92 3.95 -29.20 -7.42
C GLY K 92 2.56 -29.61 -6.96
N ILE K 93 1.81 -30.35 -7.78
CA ILE K 93 0.50 -30.95 -7.38
C ILE K 93 0.75 -31.83 -6.15
N SER K 94 1.81 -32.63 -6.17
CA SER K 94 2.18 -33.60 -5.09
C SER K 94 2.37 -32.86 -3.76
N SER K 95 2.63 -31.55 -3.80
CA SER K 95 2.87 -30.70 -2.59
C SER K 95 1.65 -30.75 -1.67
N MET K 96 0.47 -31.07 -2.21
CA MET K 96 -0.82 -31.04 -1.49
C MET K 96 -1.01 -32.32 -0.64
N LEU K 97 -0.23 -33.39 -0.86
CA LEU K 97 -0.31 -34.61 -0.01
C LEU K 97 0.44 -34.34 1.30
N ASN K 98 -0.10 -33.43 2.12
CA ASN K 98 0.52 -32.89 3.36
C ASN K 98 -0.59 -32.68 4.38
N MET K 99 -0.63 -33.51 5.43
CA MET K 99 -1.68 -33.46 6.47
C MET K 99 -1.06 -33.10 7.84
N HIS K 100 0.15 -32.52 7.85
CA HIS K 100 0.90 -32.20 9.10
C HIS K 100 1.17 -30.70 9.24
N SER K 101 1.10 -29.93 8.15
CA SER K 101 1.51 -28.49 8.12
C SER K 101 0.32 -27.59 8.47
N TYR K 102 -0.16 -27.72 9.72
CA TYR K 102 -0.99 -26.72 10.46
C TYR K 102 -2.44 -26.70 9.96
N GLY K 103 -2.85 -27.66 9.15
CA GLY K 103 -4.22 -27.69 8.60
C GLY K 103 -5.25 -27.94 9.68
N LEU K 104 -6.44 -27.35 9.55
CA LEU K 104 -7.63 -27.66 10.41
C LEU K 104 -7.74 -29.19 10.50
N ARG K 105 -7.89 -29.72 11.71
CA ARG K 105 -7.74 -31.18 11.97
C ARG K 105 -9.10 -31.87 11.86
N ALA K 106 -9.12 -33.03 11.20
CA ALA K 106 -10.33 -33.84 10.92
C ALA K 106 -10.66 -34.68 12.15
N PHE K 107 -11.86 -35.27 12.15
CA PHE K 107 -12.34 -36.24 13.17
C PHE K 107 -12.15 -35.64 14.56
N GLY K 108 -12.78 -34.47 14.77
CA GLY K 108 -12.88 -33.76 16.06
C GLY K 108 -11.52 -33.29 16.59
N GLY K 109 -10.53 -33.12 15.72
CA GLY K 109 -9.21 -32.58 16.07
C GLY K 109 -8.16 -33.65 16.32
N TYR K 110 -8.53 -34.93 16.27
CA TYR K 110 -7.62 -36.07 16.56
C TYR K 110 -6.95 -36.59 15.28
N GLY K 111 -7.52 -36.28 14.12
CA GLY K 111 -7.00 -36.70 12.80
C GLY K 111 -5.95 -35.73 12.27
N GLY K 112 -5.63 -35.85 10.98
CA GLY K 112 -4.63 -35.01 10.30
C GLY K 112 -5.23 -33.70 9.80
N GLY K 113 -4.38 -32.79 9.35
CA GLY K 113 -4.78 -31.48 8.80
C GLY K 113 -5.49 -31.64 7.46
N TYR K 114 -6.43 -30.74 7.17
CA TYR K 114 -7.12 -30.62 5.86
C TYR K 114 -6.07 -30.31 4.78
N THR K 115 -6.05 -31.10 3.71
CA THR K 115 -5.33 -30.77 2.46
C THR K 115 -6.08 -29.61 1.79
N ILE K 116 -5.39 -28.89 0.91
CA ILE K 116 -5.98 -27.80 0.08
C ILE K 116 -7.32 -28.31 -0.47
N GLU K 117 -8.38 -27.51 -0.28
CA GLU K 117 -9.74 -27.84 -0.77
C GLU K 117 -10.50 -26.53 -1.04
N GLY K 118 -11.69 -26.66 -1.62
CA GLY K 118 -12.59 -25.54 -1.92
C GLY K 118 -12.54 -25.14 -3.38
N SER K 119 -13.17 -24.00 -3.69
CA SER K 119 -13.29 -23.47 -5.07
C SER K 119 -11.89 -23.27 -5.66
N HIS K 120 -11.73 -23.61 -6.94
CA HIS K 120 -10.43 -23.60 -7.65
C HIS K 120 -10.67 -23.27 -9.13
N ILE K 121 -9.67 -22.66 -9.77
CA ILE K 121 -9.68 -22.38 -11.23
C ILE K 121 -8.30 -22.79 -11.77
N HIS K 122 -8.28 -23.40 -12.95
CA HIS K 122 -7.05 -23.77 -13.69
C HIS K 122 -7.19 -23.29 -15.13
N PHE K 123 -6.24 -22.47 -15.58
CA PHE K 123 -6.34 -21.76 -16.87
C PHE K 123 -4.96 -21.45 -17.42
N PHE K 124 -4.82 -21.55 -18.74
CA PHE K 124 -3.58 -21.16 -19.47
C PHE K 124 -4.00 -20.64 -20.85
N SER K 125 -3.18 -19.76 -21.40
CA SER K 125 -3.31 -19.22 -22.77
C SER K 125 -1.94 -19.08 -23.40
N VAL K 126 -1.85 -19.34 -24.70
CA VAL K 126 -0.67 -19.08 -25.56
C VAL K 126 -1.16 -18.18 -26.70
N GLY K 127 -0.41 -17.12 -27.00
CA GLY K 127 -0.82 -16.11 -27.99
C GLY K 127 0.35 -15.37 -28.59
N GLY K 128 0.11 -14.69 -29.71
CA GLY K 128 1.09 -13.85 -30.42
C GLY K 128 0.96 -12.39 -30.01
N GLU K 129 0.11 -12.12 -29.02
CA GLU K 129 -0.12 -10.77 -28.44
C GLU K 129 -0.74 -10.95 -27.06
N PRO K 130 -0.82 -9.89 -26.24
CA PRO K 130 -1.52 -9.97 -24.95
C PRO K 130 -2.93 -10.52 -25.10
N LEU K 131 -3.34 -11.34 -24.12
CA LEU K 131 -4.70 -11.93 -24.03
C LEU K 131 -5.71 -10.81 -23.84
N ASP K 132 -6.80 -10.83 -24.62
CA ASP K 132 -7.91 -9.83 -24.50
C ASP K 132 -8.81 -10.26 -23.34
N LEU K 133 -9.07 -9.33 -22.41
CA LEU K 133 -9.91 -9.55 -21.20
C LEU K 133 -11.23 -8.80 -21.36
N GLN K 134 -12.31 -9.43 -20.88
CA GLN K 134 -13.65 -8.83 -20.72
C GLN K 134 -13.91 -8.64 -19.22
N GLY K 135 -14.41 -7.48 -18.83
CA GLY K 135 -14.78 -7.20 -17.43
C GLY K 135 -16.09 -7.89 -17.07
N LEU K 136 -16.05 -8.74 -16.05
CA LEU K 136 -17.26 -9.29 -15.39
C LEU K 136 -16.89 -9.73 -13.98
N MET K 137 -17.65 -9.23 -12.99
CA MET K 137 -17.37 -9.38 -11.54
C MET K 137 -18.67 -9.72 -10.80
N GLN K 138 -18.55 -10.32 -9.62
CA GLN K 138 -19.72 -10.73 -8.79
C GLN K 138 -20.35 -9.50 -8.12
N ASN K 139 -19.52 -8.55 -7.68
CA ASN K 139 -19.98 -7.31 -6.99
C ASN K 139 -19.32 -6.10 -7.66
N HIS K 140 -20.13 -5.29 -8.37
CA HIS K 140 -19.66 -4.12 -9.16
C HIS K 140 -18.93 -3.12 -8.25
N SER K 141 -19.28 -3.11 -6.97
CA SER K 141 -18.82 -2.10 -5.97
C SER K 141 -17.51 -2.52 -5.31
N THR K 142 -16.98 -3.71 -5.60
CA THR K 142 -15.68 -4.16 -5.03
C THR K 142 -14.63 -3.07 -5.24
N GLN K 143 -13.87 -2.73 -4.20
CA GLN K 143 -12.78 -1.74 -4.23
C GLN K 143 -11.44 -2.49 -4.30
N TYR K 144 -10.80 -2.47 -5.47
CA TYR K 144 -9.47 -3.09 -5.68
C TYR K 144 -8.39 -2.06 -5.34
N PRO K 145 -7.51 -2.36 -4.36
CA PRO K 145 -6.38 -1.47 -4.06
C PRO K 145 -5.41 -1.37 -5.24
N SER K 146 -4.85 -0.18 -5.47
CA SER K 146 -3.69 0.06 -6.37
C SER K 146 -2.55 -0.84 -5.90
N PRO K 147 -1.72 -1.44 -6.81
CA PRO K 147 -1.79 -1.19 -8.25
C PRO K 147 -2.64 -2.15 -9.10
N LEU K 148 -3.56 -2.90 -8.49
CA LEU K 148 -4.49 -3.81 -9.21
C LEU K 148 -5.32 -2.96 -10.16
N VAL K 149 -5.85 -3.58 -11.21
CA VAL K 149 -6.71 -2.91 -12.24
C VAL K 149 -8.01 -3.69 -12.34
N GLY K 150 -9.14 -3.03 -12.08
CA GLY K 150 -10.48 -3.61 -12.20
C GLY K 150 -11.25 -2.94 -13.34
N PRO K 151 -12.41 -3.50 -13.74
CA PRO K 151 -13.22 -2.91 -14.80
C PRO K 151 -13.70 -1.51 -14.38
N LYS K 152 -13.29 -0.48 -15.13
CA LYS K 152 -13.74 0.92 -14.94
C LYS K 152 -14.30 1.40 -16.30
N LYS K 153 -15.37 2.19 -16.29
CA LYS K 153 -15.81 2.98 -17.48
C LYS K 153 -14.74 4.03 -17.75
N PRO K 154 -14.79 4.76 -18.89
CA PRO K 154 -13.86 5.86 -19.14
C PRO K 154 -13.88 6.94 -18.05
N ASP K 155 -15.04 7.18 -17.44
CA ASP K 155 -15.24 8.25 -16.41
C ASP K 155 -14.69 7.80 -15.04
N GLY K 156 -14.24 6.54 -14.89
CA GLY K 156 -13.62 6.03 -13.66
C GLY K 156 -14.57 5.22 -12.79
N THR K 157 -15.88 5.29 -13.05
CA THR K 157 -16.94 4.58 -12.29
C THR K 157 -16.99 3.11 -12.73
N THR K 158 -17.77 2.30 -12.01
CA THR K 158 -18.10 0.88 -12.33
C THR K 158 -19.55 0.63 -11.93
N ASP K 159 -20.46 0.46 -12.90
CA ASP K 159 -21.92 0.34 -12.61
C ASP K 159 -22.32 -1.14 -12.50
N ASP K 160 -23.60 -1.39 -12.26
CA ASP K 160 -24.20 -2.74 -12.06
C ASP K 160 -23.95 -3.63 -13.29
N SER K 161 -23.79 -3.04 -14.48
CA SER K 161 -23.64 -3.78 -15.76
C SER K 161 -22.36 -4.64 -15.75
N ALA K 162 -21.39 -4.29 -14.91
CA ALA K 162 -20.12 -5.04 -14.77
C ALA K 162 -20.35 -6.44 -14.16
N GLN K 163 -21.58 -6.75 -13.72
CA GLN K 163 -21.95 -8.07 -13.16
C GLN K 163 -22.50 -8.97 -14.28
N VAL K 164 -22.71 -8.39 -15.47
CA VAL K 164 -23.07 -9.13 -16.71
C VAL K 164 -22.11 -8.67 -17.81
N LEU K 165 -22.47 -8.85 -19.08
CA LEU K 165 -21.60 -8.42 -20.20
C LEU K 165 -21.97 -6.99 -20.60
N ASN K 166 -21.04 -6.06 -20.39
CA ASN K 166 -21.04 -4.71 -20.99
C ASN K 166 -19.72 -4.54 -21.74
N PRO K 167 -19.74 -4.43 -23.08
CA PRO K 167 -18.54 -4.24 -23.88
C PRO K 167 -17.64 -3.07 -23.47
N ILE K 168 -18.16 -2.11 -22.71
CA ILE K 168 -17.38 -0.91 -22.26
C ILE K 168 -16.19 -1.39 -21.40
N TYR K 169 -16.30 -2.53 -20.73
CA TYR K 169 -15.29 -3.05 -19.77
C TYR K 169 -14.37 -4.07 -20.46
N LYS K 170 -13.25 -3.60 -21.01
CA LYS K 170 -12.23 -4.47 -21.66
C LYS K 170 -10.84 -4.03 -21.19
N ALA K 171 -9.87 -4.92 -21.33
CA ALA K 171 -8.45 -4.68 -20.99
C ALA K 171 -7.58 -5.71 -21.73
N LYS K 172 -6.29 -5.45 -21.79
CA LYS K 172 -5.27 -6.39 -22.32
C LYS K 172 -4.47 -6.87 -21.10
N LEU K 173 -4.25 -8.18 -20.99
CA LEU K 173 -3.45 -8.81 -19.90
C LEU K 173 -1.98 -8.49 -20.17
N ASP K 174 -1.56 -7.26 -19.87
CA ASP K 174 -0.25 -6.69 -20.29
C ASP K 174 0.72 -6.62 -19.09
N LYS K 175 0.29 -7.00 -17.89
CA LYS K 175 1.14 -6.90 -16.66
C LYS K 175 0.84 -8.13 -15.78
N ASP K 176 1.90 -8.78 -15.29
CA ASP K 176 1.81 -9.90 -14.30
C ASP K 176 1.20 -9.36 -13.00
N ALA K 177 0.48 -10.20 -12.27
CA ALA K 177 0.09 -9.98 -10.85
C ALA K 177 -0.76 -8.72 -10.70
N THR K 178 -1.46 -8.29 -11.75
CA THR K 178 -2.11 -6.95 -11.83
C THR K 178 -3.62 -7.08 -12.04
N TYR K 179 -4.06 -8.04 -12.85
CA TYR K 179 -5.48 -8.21 -13.28
C TYR K 179 -6.09 -9.31 -12.42
N PRO K 180 -7.04 -8.97 -11.50
CA PRO K 180 -7.65 -9.99 -10.65
C PRO K 180 -8.48 -10.97 -11.47
N ILE K 181 -8.38 -12.26 -11.14
CA ILE K 181 -9.12 -13.36 -11.80
C ILE K 181 -10.62 -13.09 -11.66
N GLU K 182 -11.04 -12.46 -10.56
CA GLU K 182 -12.46 -12.41 -10.12
C GLU K 182 -13.25 -11.33 -10.88
N CYS K 183 -12.60 -10.44 -11.64
CA CYS K 183 -13.28 -9.35 -12.38
C CYS K 183 -12.91 -9.34 -13.88
N TRP K 184 -12.00 -10.21 -14.31
CA TRP K 184 -11.59 -10.35 -15.74
C TRP K 184 -11.66 -11.81 -16.18
N CYS K 185 -12.33 -12.08 -17.30
CA CYS K 185 -12.28 -13.39 -17.99
C CYS K 185 -11.74 -13.18 -19.41
N PRO K 186 -11.24 -14.24 -20.08
CA PRO K 186 -10.89 -14.16 -21.49
C PRO K 186 -12.09 -13.69 -22.30
N ASP K 187 -11.86 -12.70 -23.18
CA ASP K 187 -12.87 -12.07 -24.06
C ASP K 187 -13.07 -12.94 -25.30
N PRO K 188 -14.22 -13.64 -25.43
CA PRO K 188 -14.43 -14.56 -26.54
C PRO K 188 -14.76 -13.84 -27.86
N SER K 189 -15.01 -12.52 -27.79
CA SER K 189 -15.31 -11.65 -28.96
C SER K 189 -14.01 -11.21 -29.64
N ARG K 190 -12.86 -11.51 -29.03
CA ARG K 190 -11.51 -11.17 -29.55
C ARG K 190 -10.60 -12.39 -29.42
N ASN K 191 -9.33 -12.20 -29.07
CA ASN K 191 -8.36 -13.31 -28.89
C ASN K 191 -8.28 -14.17 -30.15
N GLU K 192 -8.40 -13.59 -31.36
CA GLU K 192 -8.25 -14.33 -32.64
C GLU K 192 -6.84 -14.94 -32.69
N ASN K 193 -5.84 -14.26 -32.11
CA ASN K 193 -4.40 -14.62 -32.19
C ASN K 193 -3.91 -15.20 -30.86
N SER K 194 -4.83 -15.70 -30.03
CA SER K 194 -4.52 -16.41 -28.75
C SER K 194 -5.37 -17.68 -28.68
N ARG K 195 -4.86 -18.72 -28.04
CA ARG K 195 -5.65 -19.93 -27.69
C ARG K 195 -5.70 -20.02 -26.17
N TYR K 196 -6.89 -20.05 -25.58
CA TYR K 196 -7.05 -20.12 -24.09
C TYR K 196 -7.93 -21.31 -23.70
N PHE K 197 -7.67 -21.83 -22.52
CA PHE K 197 -8.27 -23.07 -21.94
C PHE K 197 -8.41 -22.88 -20.43
N GLY K 198 -9.63 -23.02 -19.90
CA GLY K 198 -9.89 -22.80 -18.46
C GLY K 198 -10.99 -23.71 -17.96
N SER K 199 -10.89 -24.10 -16.70
CA SER K 199 -11.95 -24.84 -15.96
C SER K 199 -12.02 -24.32 -14.52
N TYR K 200 -13.21 -23.88 -14.09
CA TYR K 200 -13.51 -23.46 -12.70
C TYR K 200 -14.42 -24.51 -12.05
N THR K 201 -14.17 -24.78 -10.77
CA THR K 201 -15.03 -25.62 -9.90
C THR K 201 -15.31 -24.85 -8.61
N GLY K 202 -16.58 -24.72 -8.23
CA GLY K 202 -17.01 -24.02 -7.00
C GLY K 202 -17.03 -24.95 -5.80
N GLY K 203 -17.79 -24.59 -4.77
CA GLY K 203 -18.01 -25.41 -3.56
C GLY K 203 -17.16 -24.94 -2.40
N VAL K 204 -17.50 -25.41 -1.19
CA VAL K 204 -16.85 -24.95 0.08
C VAL K 204 -15.65 -25.84 0.39
N GLU K 205 -15.82 -27.17 0.27
CA GLU K 205 -14.82 -28.19 0.66
C GLU K 205 -14.46 -29.08 -0.53
N THR K 206 -14.74 -28.63 -1.76
CA THR K 206 -14.56 -29.41 -3.01
C THR K 206 -13.13 -29.88 -3.13
N PRO K 207 -12.89 -31.20 -3.37
CA PRO K 207 -11.53 -31.71 -3.52
C PRO K 207 -10.97 -31.33 -4.88
N PRO K 208 -9.74 -30.79 -4.94
CA PRO K 208 -9.06 -30.60 -6.21
C PRO K 208 -8.71 -31.96 -6.83
N VAL K 209 -8.89 -32.07 -8.15
CA VAL K 209 -8.50 -33.25 -8.97
C VAL K 209 -7.56 -32.74 -10.06
N LEU K 210 -6.28 -33.06 -9.99
CA LEU K 210 -5.26 -32.61 -10.96
C LEU K 210 -4.43 -33.82 -11.41
N SER K 211 -4.16 -33.90 -12.71
CA SER K 211 -3.29 -34.93 -13.33
C SER K 211 -2.00 -34.30 -13.83
N PHE K 212 -0.94 -35.09 -13.93
CA PHE K 212 0.38 -34.63 -14.44
C PHE K 212 1.03 -35.77 -15.21
N THR K 213 1.50 -35.48 -16.43
CA THR K 213 2.22 -36.41 -17.33
C THR K 213 3.04 -35.58 -18.33
N ASN K 214 4.18 -36.13 -18.77
CA ASN K 214 5.02 -35.51 -19.83
C ASN K 214 4.66 -36.12 -21.19
N THR K 215 3.49 -36.73 -21.33
CA THR K 215 3.01 -37.38 -22.58
C THR K 215 1.88 -36.58 -23.23
N SER K 216 1.31 -35.58 -22.58
CA SER K 216 0.18 -34.77 -23.13
C SER K 216 0.74 -33.67 -24.02
N THR K 217 0.00 -33.29 -25.07
CA THR K 217 0.29 -32.15 -25.98
C THR K 217 -1.00 -31.48 -26.38
N THR K 218 -1.05 -30.15 -26.36
CA THR K 218 -2.22 -29.35 -26.83
C THR K 218 -1.85 -28.70 -28.16
N ILE K 219 -2.60 -29.02 -29.21
CA ILE K 219 -2.42 -28.41 -30.57
C ILE K 219 -3.02 -27.00 -30.51
N LEU K 220 -2.32 -26.02 -31.10
CA LEU K 220 -2.71 -24.59 -31.05
C LEU K 220 -3.18 -24.11 -32.42
N LEU K 221 -3.13 -24.95 -33.44
CA LEU K 221 -3.61 -24.62 -34.81
C LEU K 221 -5.12 -24.46 -34.78
N ASP K 222 -5.67 -23.50 -35.54
CA ASP K 222 -7.12 -23.18 -35.58
C ASP K 222 -7.80 -24.06 -36.63
N GLU K 223 -9.10 -23.80 -36.88
CA GLU K 223 -9.94 -24.46 -37.92
C GLU K 223 -9.19 -24.51 -39.26
N ASN K 224 -8.34 -23.52 -39.56
CA ASN K 224 -7.63 -23.39 -40.86
C ASN K 224 -6.14 -23.71 -40.74
N GLY K 225 -5.72 -24.48 -39.73
CA GLY K 225 -4.33 -24.97 -39.58
C GLY K 225 -3.32 -23.85 -39.32
N VAL K 226 -3.78 -22.70 -38.83
CA VAL K 226 -2.92 -21.53 -38.48
C VAL K 226 -2.85 -21.43 -36.95
N GLY K 227 -1.64 -21.35 -36.40
CA GLY K 227 -1.39 -21.13 -34.95
C GLY K 227 -1.29 -19.64 -34.62
N PRO K 228 -1.16 -19.28 -33.33
CA PRO K 228 -0.85 -17.91 -32.95
C PRO K 228 0.42 -17.44 -33.66
N LEU K 229 0.34 -16.27 -34.29
CA LEU K 229 1.49 -15.60 -34.97
C LEU K 229 2.06 -14.54 -34.02
N CYS K 230 3.31 -14.72 -33.61
CA CYS K 230 3.98 -13.92 -32.56
C CYS K 230 4.41 -12.57 -33.11
N LYS K 231 3.60 -11.52 -32.89
CA LYS K 231 3.89 -10.12 -33.28
C LYS K 231 5.08 -9.63 -32.46
N GLY K 232 5.90 -8.77 -33.08
CA GLY K 232 7.13 -8.22 -32.47
C GLY K 232 8.04 -9.31 -31.91
N ASP K 233 8.02 -10.50 -32.49
CA ASP K 233 8.89 -11.66 -32.10
C ASP K 233 8.73 -11.90 -30.60
N GLY K 234 7.46 -11.86 -30.13
CA GLY K 234 7.09 -12.09 -28.73
C GLY K 234 6.02 -13.17 -28.61
N LEU K 235 6.25 -14.16 -27.75
CA LEU K 235 5.27 -15.21 -27.39
C LEU K 235 4.67 -14.86 -26.03
N TYR K 236 3.34 -14.79 -25.94
CA TYR K 236 2.58 -14.29 -24.77
C TYR K 236 1.95 -15.47 -24.01
N LEU K 237 2.50 -15.80 -22.84
CA LEU K 237 1.99 -16.86 -21.93
C LEU K 237 1.16 -16.22 -20.82
N SER K 238 0.07 -16.88 -20.45
CA SER K 238 -0.81 -16.50 -19.31
C SER K 238 -1.23 -17.75 -18.54
N SER K 239 -1.45 -17.60 -17.24
CA SER K 239 -1.69 -18.70 -16.28
C SER K 239 -2.61 -18.18 -15.16
N ALA K 240 -3.47 -19.05 -14.65
CA ALA K 240 -4.25 -18.82 -13.42
C ALA K 240 -4.52 -20.19 -12.78
N ASP K 241 -3.70 -20.59 -11.81
CA ASP K 241 -3.80 -21.93 -11.18
C ASP K 241 -3.95 -21.78 -9.67
N VAL K 242 -5.18 -21.50 -9.24
CA VAL K 242 -5.60 -21.43 -7.82
C VAL K 242 -6.19 -22.79 -7.46
N ALA K 243 -5.39 -23.66 -6.82
CA ALA K 243 -5.71 -25.09 -6.56
C ALA K 243 -6.87 -25.20 -5.56
N GLY K 244 -7.06 -24.15 -4.75
CA GLY K 244 -8.09 -24.08 -3.70
C GLY K 244 -7.63 -23.22 -2.54
N THR K 245 -8.08 -23.53 -1.33
CA THR K 245 -7.75 -22.79 -0.09
C THR K 245 -7.06 -23.73 0.89
N PHE K 246 -6.12 -23.19 1.65
CA PHE K 246 -5.58 -23.79 2.89
C PHE K 246 -6.46 -23.33 4.05
N VAL K 247 -6.97 -24.28 4.85
CA VAL K 247 -7.80 -24.01 6.06
C VAL K 247 -6.91 -24.27 7.28
N GLN K 248 -6.61 -23.23 8.06
CA GLN K 248 -5.66 -23.32 9.19
C GLN K 248 -6.37 -23.73 10.48
N GLN K 249 -5.80 -24.68 11.23
CA GLN K 249 -6.31 -25.09 12.57
C GLN K 249 -6.39 -23.85 13.47
N THR K 250 -7.31 -23.87 14.45
CA THR K 250 -7.40 -22.88 15.54
C THR K 250 -8.00 -21.58 14.99
N SER K 251 -7.30 -20.87 14.10
CA SER K 251 -7.80 -19.61 13.49
C SER K 251 -9.04 -19.90 12.64
N GLN K 252 -9.06 -21.07 11.97
CA GLN K 252 -10.09 -21.49 11.00
C GLN K 252 -10.20 -20.43 9.89
N LYS K 253 -9.09 -19.75 9.60
CA LYS K 253 -8.96 -18.79 8.48
C LYS K 253 -8.56 -19.56 7.21
N GLN K 254 -8.95 -19.02 6.05
CA GLN K 254 -8.67 -19.63 4.73
C GLN K 254 -7.69 -18.73 3.97
N TYR K 255 -6.76 -19.37 3.25
CA TYR K 255 -5.75 -18.72 2.39
C TYR K 255 -5.82 -19.37 1.00
N TRP K 256 -5.92 -18.55 -0.05
CA TRP K 256 -5.78 -19.02 -1.45
C TRP K 256 -4.41 -19.67 -1.62
N ARG K 257 -4.36 -20.83 -2.27
CA ARG K 257 -3.12 -21.56 -2.62
C ARG K 257 -2.99 -21.63 -4.15
N GLY K 258 -1.89 -21.12 -4.68
CA GLY K 258 -1.58 -21.12 -6.12
C GLY K 258 -0.48 -22.11 -6.47
N LEU K 259 -0.45 -22.57 -7.71
CA LEU K 259 0.63 -23.46 -8.22
C LEU K 259 1.21 -22.90 -9.50
N PRO K 260 2.51 -23.18 -9.77
CA PRO K 260 3.15 -22.71 -10.99
C PRO K 260 2.75 -23.59 -12.18
N ARG K 261 2.77 -23.01 -13.38
CA ARG K 261 2.49 -23.74 -14.65
C ARG K 261 3.75 -23.73 -15.52
N TYR K 262 4.14 -24.90 -16.01
CA TYR K 262 5.25 -25.09 -16.98
C TYR K 262 4.70 -25.04 -18.40
N PHE K 263 5.41 -24.37 -19.30
CA PHE K 263 5.09 -24.33 -20.74
C PHE K 263 6.27 -24.86 -21.56
N ASN K 264 5.98 -25.60 -22.62
CA ASN K 264 6.97 -26.00 -23.66
C ASN K 264 6.32 -25.81 -25.02
N ILE K 265 6.55 -24.66 -25.66
CA ILE K 265 5.87 -24.29 -26.95
C ILE K 265 6.80 -24.67 -28.10
N THR K 266 6.26 -25.36 -29.10
CA THR K 266 6.92 -25.62 -30.41
C THR K 266 6.42 -24.58 -31.40
N LEU K 267 7.34 -23.80 -31.99
CA LEU K 267 7.00 -22.80 -33.02
C LEU K 267 7.72 -23.13 -34.33
N ARG K 268 7.20 -22.62 -35.44
CA ARG K 268 7.76 -22.79 -36.80
C ARG K 268 7.61 -21.45 -37.53
N LYS K 269 8.46 -21.18 -38.52
CA LYS K 269 8.41 -19.96 -39.34
C LYS K 269 7.22 -20.03 -40.29
N ARG K 270 6.42 -18.97 -40.35
CA ARG K 270 5.29 -18.82 -41.29
C ARG K 270 5.48 -17.49 -42.04
N ALA K 271 5.23 -17.51 -43.36
CA ALA K 271 5.37 -16.34 -44.24
C ALA K 271 4.05 -15.56 -44.25
N VAL K 272 4.14 -14.23 -44.39
CA VAL K 272 2.98 -13.30 -44.32
C VAL K 272 3.20 -12.15 -45.32
N LYS K 273 2.10 -11.56 -45.83
CA LYS K 273 2.07 -10.20 -46.46
C LYS K 273 2.68 -9.00 -45.71
N GLY L 6 20.40 -36.47 -25.65
CA GLY L 6 21.80 -36.22 -26.08
C GLY L 6 22.36 -37.31 -26.99
N ILE L 7 21.67 -38.43 -27.12
CA ILE L 7 21.98 -39.65 -27.93
C ILE L 7 21.28 -39.53 -29.30
N GLU L 8 22.02 -39.69 -30.41
CA GLU L 8 21.45 -39.78 -31.78
C GLU L 8 20.86 -41.19 -31.97
N VAL L 9 19.54 -41.27 -32.14
CA VAL L 9 18.76 -42.54 -32.23
C VAL L 9 18.74 -43.00 -33.69
N LEU L 10 18.98 -44.28 -33.95
CA LEU L 10 19.02 -44.84 -35.33
C LEU L 10 17.89 -45.86 -35.53
N ASP L 11 18.15 -46.91 -36.31
CA ASP L 11 17.16 -47.95 -36.73
C ASP L 11 16.81 -48.82 -35.52
N VAL L 12 15.63 -49.41 -35.54
CA VAL L 12 15.17 -50.44 -34.55
C VAL L 12 15.66 -51.80 -35.02
N LYS L 13 16.59 -52.44 -34.32
CA LYS L 13 17.03 -53.84 -34.64
C LYS L 13 15.80 -54.75 -34.44
N THR L 14 15.41 -55.47 -35.50
CA THR L 14 14.38 -56.54 -35.47
C THR L 14 15.08 -57.88 -35.74
N GLY L 15 14.36 -58.98 -35.51
CA GLY L 15 14.90 -60.34 -35.61
C GLY L 15 14.69 -61.10 -34.30
N PRO L 16 15.16 -62.37 -34.21
CA PRO L 16 15.04 -63.12 -32.96
C PRO L 16 15.88 -62.49 -31.83
N ASP L 17 15.42 -62.65 -30.58
CA ASP L 17 16.09 -62.14 -29.36
C ASP L 17 16.28 -60.62 -29.45
N SER L 18 15.36 -59.90 -30.12
CA SER L 18 15.44 -58.42 -30.31
C SER L 18 14.42 -57.70 -29.42
N THR L 19 13.45 -58.43 -28.87
CA THR L 19 12.51 -57.92 -27.83
C THR L 19 12.64 -58.74 -26.56
N THR L 20 12.24 -58.16 -25.42
CA THR L 20 12.18 -58.83 -24.10
C THR L 20 11.12 -58.13 -23.24
N THR L 21 10.58 -58.83 -22.24
CA THR L 21 9.65 -58.27 -21.23
C THR L 21 10.33 -58.29 -19.85
N ILE L 22 9.95 -57.35 -19.00
CA ILE L 22 10.38 -57.24 -17.57
C ILE L 22 9.14 -57.17 -16.70
N GLU L 23 8.96 -58.12 -15.79
CA GLU L 23 7.98 -58.08 -14.68
C GLU L 23 8.69 -57.52 -13.44
N ALA L 24 8.05 -56.59 -12.74
CA ALA L 24 8.53 -56.02 -11.47
C ALA L 24 7.33 -55.51 -10.66
N TYR L 25 7.48 -55.39 -9.34
CA TYR L 25 6.51 -54.71 -8.47
C TYR L 25 7.29 -53.73 -7.58
N LEU L 26 6.71 -52.58 -7.29
CA LEU L 26 7.20 -51.66 -6.23
C LEU L 26 6.20 -51.69 -5.07
N ASN L 27 6.65 -52.07 -3.89
CA ASN L 27 5.85 -51.96 -2.63
C ASN L 27 5.86 -50.50 -2.20
N PRO L 28 4.78 -50.04 -1.55
CA PRO L 28 4.65 -48.63 -1.18
C PRO L 28 5.59 -48.28 -0.02
N ARG L 29 6.03 -47.02 0.02
CA ARG L 29 6.92 -46.49 1.10
C ARG L 29 6.22 -45.29 1.75
N VAL L 30 5.21 -45.57 2.59
CA VAL L 30 4.34 -44.54 3.21
C VAL L 30 4.89 -44.16 4.60
N GLY L 31 6.12 -44.57 4.93
CA GLY L 31 6.79 -44.24 6.20
C GLY L 31 7.21 -45.49 6.97
N GLN L 32 6.50 -46.60 6.77
CA GLN L 32 6.93 -47.95 7.18
C GLN L 32 6.73 -48.87 5.97
N ASN L 33 7.01 -50.16 6.10
CA ASN L 33 7.20 -51.07 4.93
C ASN L 33 5.97 -51.95 4.73
N TRP L 34 4.93 -51.84 5.56
CA TRP L 34 3.80 -52.80 5.54
C TRP L 34 2.48 -52.09 5.22
N GLY L 35 2.56 -50.99 4.47
CA GLY L 35 1.43 -50.37 3.77
C GLY L 35 0.73 -49.29 4.58
N PHE L 36 1.17 -49.07 5.83
CA PHE L 36 0.64 -48.00 6.70
C PHE L 36 1.77 -47.18 7.31
N SER L 37 1.55 -45.86 7.34
CA SER L 37 2.36 -44.89 8.12
C SER L 37 2.04 -45.08 9.62
N THR L 38 2.84 -44.45 10.48
CA THR L 38 2.48 -44.18 11.89
C THR L 38 1.47 -43.03 11.89
N GLU L 39 0.84 -42.75 13.02
CA GLU L 39 -0.25 -41.75 13.10
C GLU L 39 0.23 -40.42 12.50
N ILE L 40 -0.62 -39.79 11.71
CA ILE L 40 -0.38 -38.43 11.16
C ILE L 40 -0.47 -37.45 12.32
N THR L 41 0.55 -36.61 12.49
CA THR L 41 0.61 -35.58 13.55
C THR L 41 0.54 -34.21 12.88
N VAL L 42 0.06 -33.21 13.61
CA VAL L 42 -0.10 -31.80 13.13
C VAL L 42 0.57 -30.90 14.15
N ALA L 43 1.60 -30.17 13.73
CA ALA L 43 2.29 -29.15 14.54
C ALA L 43 1.25 -28.14 15.05
N SER L 44 1.39 -27.67 16.30
CA SER L 44 0.57 -26.55 16.84
C SER L 44 1.05 -25.24 16.19
N ASN L 45 0.10 -24.36 15.84
CA ASN L 45 0.41 -23.04 15.26
C ASN L 45 1.55 -22.40 16.07
N GLY L 46 2.60 -21.94 15.38
CA GLY L 46 3.72 -21.20 15.98
C GLY L 46 4.89 -22.09 16.36
N TYR L 47 4.69 -23.41 16.45
CA TYR L 47 5.74 -24.40 16.77
C TYR L 47 6.33 -24.94 15.45
N ASN L 48 7.48 -25.62 15.54
CA ASN L 48 8.14 -26.25 14.37
C ASN L 48 7.19 -27.27 13.74
N ASP L 49 7.14 -27.28 12.41
CA ASP L 49 6.51 -28.36 11.59
C ASP L 49 7.56 -29.48 11.42
N ALA L 50 7.56 -30.46 12.33
CA ALA L 50 8.59 -31.52 12.40
C ALA L 50 7.93 -32.88 12.46
N PRO L 51 7.42 -33.39 11.32
CA PRO L 51 6.75 -34.69 11.29
C PRO L 51 7.74 -35.83 11.51
N HIS L 52 7.25 -36.95 12.07
CA HIS L 52 8.00 -38.20 12.30
C HIS L 52 8.42 -38.79 10.96
N LEU L 53 9.62 -39.39 10.88
CA LEU L 53 10.09 -40.12 9.68
C LEU L 53 8.97 -41.04 9.17
N THR L 54 8.33 -41.78 10.09
CA THR L 54 7.43 -42.91 9.75
C THR L 54 6.01 -42.44 9.42
N GLU L 55 5.78 -41.13 9.26
CA GLU L 55 4.44 -40.58 8.95
C GLU L 55 4.46 -39.84 7.60
N ILE L 56 5.58 -39.93 6.88
CA ILE L 56 5.84 -39.16 5.63
C ILE L 56 5.98 -40.15 4.47
N PRO L 57 4.97 -40.21 3.56
CA PRO L 57 5.05 -41.06 2.38
C PRO L 57 6.09 -40.53 1.37
N CYS L 58 6.81 -41.47 0.77
CA CYS L 58 7.90 -41.24 -0.19
C CYS L 58 7.62 -42.00 -1.50
N TYR L 59 8.24 -41.53 -2.59
CA TYR L 59 8.31 -42.23 -3.89
C TYR L 59 8.99 -43.57 -3.67
N SER L 60 8.34 -44.66 -4.09
CA SER L 60 8.97 -45.98 -4.36
C SER L 60 9.75 -45.89 -5.68
N SER L 61 10.89 -46.57 -5.77
CA SER L 61 11.82 -46.49 -6.91
C SER L 61 12.71 -47.73 -6.93
N ALA L 62 12.98 -48.27 -8.12
CA ALA L 62 13.91 -49.40 -8.32
C ALA L 62 14.57 -49.27 -9.70
N ARG L 63 15.78 -49.81 -9.83
CA ARG L 63 16.50 -49.96 -11.12
C ARG L 63 16.56 -51.46 -11.43
N ILE L 64 15.86 -51.90 -12.47
CA ILE L 64 15.90 -53.32 -12.94
C ILE L 64 17.09 -53.45 -13.90
N SER L 65 17.92 -54.46 -13.70
CA SER L 65 19.05 -54.83 -14.60
C SER L 65 18.50 -55.53 -15.84
N LEU L 66 18.85 -55.03 -17.03
CA LEU L 66 18.44 -55.60 -18.34
C LEU L 66 19.58 -56.46 -18.87
N PRO L 67 19.31 -57.44 -19.77
CA PRO L 67 20.38 -58.20 -20.41
C PRO L 67 21.45 -57.27 -21.03
N LEU L 68 22.73 -57.60 -20.84
CA LEU L 68 23.86 -56.80 -21.37
C LEU L 68 23.80 -56.89 -22.91
N LEU L 69 24.09 -55.78 -23.61
CA LEU L 69 23.89 -55.72 -25.08
C LEU L 69 25.19 -55.78 -25.88
N ASN L 70 26.18 -54.98 -25.53
CA ASN L 70 27.37 -54.73 -26.41
C ASN L 70 28.52 -55.62 -25.93
N THR L 77 28.22 -48.81 -34.14
CA THR L 77 26.89 -48.40 -33.60
C THR L 77 26.55 -49.31 -32.39
N LEU L 78 26.26 -48.69 -31.24
CA LEU L 78 25.89 -49.37 -29.98
C LEU L 78 24.37 -49.65 -29.98
N LEU L 79 23.95 -50.65 -29.19
CA LEU L 79 22.53 -50.99 -28.95
C LEU L 79 22.13 -50.61 -27.52
N MET L 80 20.95 -50.03 -27.36
CA MET L 80 20.31 -49.78 -26.04
C MET L 80 18.90 -50.41 -26.06
N TRP L 81 18.46 -50.96 -24.94
CA TRP L 81 17.05 -51.37 -24.74
C TRP L 81 16.17 -50.12 -24.77
N GLU L 82 15.06 -50.22 -25.50
CA GLU L 82 14.06 -49.14 -25.66
C GLU L 82 12.73 -49.66 -25.08
N ALA L 83 12.20 -48.99 -24.05
CA ALA L 83 10.91 -49.32 -23.43
C ALA L 83 9.80 -48.84 -24.36
N VAL L 84 8.97 -49.77 -24.84
CA VAL L 84 7.94 -49.49 -25.89
C VAL L 84 6.57 -49.30 -25.23
N SER L 85 6.21 -50.19 -24.32
CA SER L 85 4.88 -50.23 -23.68
C SER L 85 5.01 -50.77 -22.25
N VAL L 86 4.04 -50.47 -21.40
CA VAL L 86 3.94 -51.01 -20.01
C VAL L 86 2.48 -51.33 -19.72
N LYS L 87 2.22 -52.55 -19.27
CA LYS L 87 0.98 -52.94 -18.54
C LYS L 87 1.27 -52.69 -17.06
N THR L 88 0.51 -51.82 -16.40
CA THR L 88 0.69 -51.54 -14.94
C THR L 88 -0.65 -51.66 -14.22
N GLU L 89 -0.62 -52.08 -12.96
CA GLU L 89 -1.83 -52.26 -12.13
C GLU L 89 -1.52 -51.91 -10.67
N VAL L 90 -2.47 -51.27 -9.99
CA VAL L 90 -2.42 -51.06 -8.51
C VAL L 90 -2.96 -52.34 -7.87
N VAL L 91 -2.09 -53.03 -7.14
CA VAL L 91 -2.40 -54.38 -6.56
C VAL L 91 -3.08 -54.17 -5.20
N GLY L 92 -4.04 -55.04 -4.88
CA GLY L 92 -4.70 -55.09 -3.55
C GLY L 92 -5.71 -53.98 -3.36
N ILE L 93 -6.30 -53.47 -4.44
CA ILE L 93 -7.42 -52.49 -4.37
C ILE L 93 -8.55 -53.14 -3.55
N SER L 94 -8.87 -54.40 -3.83
CA SER L 94 -9.96 -55.17 -3.19
C SER L 94 -9.77 -55.22 -1.68
N SER L 95 -8.54 -55.02 -1.18
CA SER L 95 -8.18 -55.06 0.26
C SER L 95 -9.00 -54.01 1.03
N MET L 96 -9.49 -52.97 0.36
CA MET L 96 -10.19 -51.82 0.97
C MET L 96 -11.67 -52.16 1.26
N LEU L 97 -12.23 -53.24 0.69
CA LEU L 97 -13.62 -53.65 0.99
C LEU L 97 -13.64 -54.38 2.35
N ASN L 98 -13.36 -53.62 3.42
CA ASN L 98 -13.12 -54.15 4.80
C ASN L 98 -13.71 -53.14 5.78
N MET L 99 -14.83 -53.48 6.43
CA MET L 99 -15.54 -52.59 7.37
C MET L 99 -15.51 -53.18 8.79
N HIS L 100 -14.59 -54.09 9.08
CA HIS L 100 -14.51 -54.79 10.39
C HIS L 100 -13.17 -54.55 11.09
N SER L 101 -12.12 -54.11 10.37
CA SER L 101 -10.73 -54.00 10.90
C SER L 101 -10.50 -52.62 11.53
N TYR L 102 -11.23 -52.34 12.62
CA TYR L 102 -10.93 -51.30 13.63
C TYR L 102 -11.23 -49.88 13.12
N GLY L 103 -11.90 -49.75 11.99
CA GLY L 103 -12.21 -48.44 11.40
C GLY L 103 -13.20 -47.65 12.26
N LEU L 104 -13.06 -46.33 12.30
CA LEU L 104 -14.06 -45.42 12.92
C LEU L 104 -15.44 -45.83 12.43
N ARG L 105 -16.40 -46.00 13.33
CA ARG L 105 -17.70 -46.65 13.04
C ARG L 105 -18.72 -45.60 12.62
N ALA L 106 -19.50 -45.91 11.58
CA ALA L 106 -20.51 -45.04 10.97
C ALA L 106 -21.81 -45.10 11.78
N PHE L 107 -22.71 -44.16 11.53
CA PHE L 107 -24.08 -44.13 12.09
C PHE L 107 -24.02 -44.24 13.61
N GLY L 108 -23.29 -43.29 14.22
CA GLY L 108 -23.19 -43.09 15.69
C GLY L 108 -22.51 -44.26 16.40
N GLY L 109 -21.70 -45.05 15.69
CA GLY L 109 -20.90 -46.15 16.27
C GLY L 109 -21.57 -47.52 16.14
N TYR L 110 -22.78 -47.59 15.58
CA TYR L 110 -23.57 -48.85 15.46
C TYR L 110 -23.30 -49.54 14.11
N GLY L 111 -22.81 -48.78 13.12
CA GLY L 111 -22.51 -49.27 11.77
C GLY L 111 -21.11 -49.87 11.68
N GLY L 112 -20.63 -50.09 10.46
CA GLY L 112 -19.31 -50.68 10.18
C GLY L 112 -18.20 -49.65 10.19
N GLY L 113 -16.95 -50.10 10.16
CA GLY L 113 -15.75 -49.24 10.13
C GLY L 113 -15.64 -48.50 8.80
N TYR L 114 -15.09 -47.29 8.82
CA TYR L 114 -14.73 -46.49 7.63
C TYR L 114 -13.71 -47.25 6.79
N THR L 115 -14.00 -47.43 5.50
CA THR L 115 -12.99 -47.86 4.50
C THR L 115 -12.01 -46.72 4.29
N ILE L 116 -10.82 -47.04 3.79
CA ILE L 116 -9.77 -46.04 3.41
C ILE L 116 -10.48 -44.91 2.65
N GLU L 117 -10.23 -43.67 3.06
CA GLU L 117 -10.80 -42.45 2.42
C GLU L 117 -9.85 -41.27 2.63
N GLY L 118 -10.16 -40.15 1.98
CA GLY L 118 -9.39 -38.90 2.09
C GLY L 118 -8.49 -38.68 0.88
N SER L 119 -7.62 -37.68 0.98
CA SER L 119 -6.69 -37.26 -0.08
C SER L 119 -5.82 -38.45 -0.49
N HIS L 120 -5.58 -38.60 -1.78
CA HIS L 120 -4.85 -39.75 -2.38
C HIS L 120 -4.10 -39.28 -3.63
N ILE L 121 -2.98 -39.94 -3.94
CA ILE L 121 -2.21 -39.71 -5.18
C ILE L 121 -1.87 -41.08 -5.77
N HIS L 122 -1.95 -41.20 -7.09
CA HIS L 122 -1.54 -42.41 -7.83
C HIS L 122 -0.64 -41.99 -8.99
N PHE L 123 0.55 -42.57 -9.05
CA PHE L 123 1.62 -42.10 -9.96
C PHE L 123 2.58 -43.24 -10.29
N PHE L 124 3.03 -43.28 -11.54
CA PHE L 124 4.07 -44.24 -11.99
C PHE L 124 4.87 -43.55 -13.10
N SER L 125 6.13 -43.97 -13.22
CA SER L 125 7.05 -43.52 -14.29
C SER L 125 7.91 -44.71 -14.74
N VAL L 126 8.20 -44.77 -16.04
CA VAL L 126 9.16 -45.71 -16.67
C VAL L 126 10.18 -44.84 -17.41
N GLY L 127 11.47 -45.15 -17.25
CA GLY L 127 12.57 -44.32 -17.79
C GLY L 127 13.84 -45.10 -17.99
N GLY L 128 14.76 -44.54 -18.78
CA GLY L 128 16.09 -45.09 -19.05
C GLY L 128 17.13 -44.52 -18.12
N GLU L 129 16.70 -43.72 -17.15
CA GLU L 129 17.56 -43.09 -16.10
C GLU L 129 16.66 -42.70 -14.94
N PRO L 130 17.24 -42.33 -13.78
CA PRO L 130 16.45 -41.82 -12.66
C PRO L 130 15.51 -40.67 -13.09
N LEU L 131 14.31 -40.67 -12.51
CA LEU L 131 13.28 -39.62 -12.73
C LEU L 131 13.82 -38.29 -12.19
N ASP L 132 13.72 -37.21 -12.97
CA ASP L 132 14.12 -35.85 -12.54
C ASP L 132 13.01 -35.26 -11.67
N LEU L 133 13.37 -34.77 -10.47
CA LEU L 133 12.44 -34.18 -9.49
C LEU L 133 12.67 -32.67 -9.42
N GLN L 134 11.57 -31.93 -9.28
CA GLN L 134 11.53 -30.48 -8.98
C GLN L 134 11.05 -30.31 -7.53
N GLY L 135 11.73 -29.47 -6.76
CA GLY L 135 11.32 -29.14 -5.38
C GLY L 135 10.14 -28.19 -5.37
N LEU L 136 9.03 -28.61 -4.74
CA LEU L 136 7.90 -27.74 -4.40
C LEU L 136 7.13 -28.36 -3.23
N MET L 137 6.93 -27.57 -2.18
CA MET L 137 6.37 -28.01 -0.88
C MET L 137 5.33 -26.97 -0.40
N GLN L 138 4.41 -27.38 0.47
CA GLN L 138 3.34 -26.51 1.03
C GLN L 138 3.93 -25.56 2.08
N ASN L 139 4.89 -26.04 2.89
CA ASN L 139 5.54 -25.24 3.97
C ASN L 139 7.05 -25.37 3.84
N HIS L 140 7.72 -24.28 3.45
CA HIS L 140 9.18 -24.25 3.18
C HIS L 140 9.96 -24.66 4.43
N SER L 141 9.37 -24.45 5.62
CA SER L 141 10.03 -24.61 6.93
C SER L 141 9.89 -26.04 7.46
N THR L 142 9.17 -26.93 6.77
CA THR L 142 9.02 -28.34 7.19
C THR L 142 10.40 -28.92 7.48
N GLN L 143 10.56 -29.60 8.61
CA GLN L 143 11.81 -30.29 9.03
C GLN L 143 11.68 -31.79 8.74
N TYR L 144 12.36 -32.28 7.70
CA TYR L 144 12.39 -33.71 7.33
C TYR L 144 13.50 -34.41 8.10
N PRO L 145 13.18 -35.42 8.93
CA PRO L 145 14.23 -36.18 9.60
C PRO L 145 15.11 -36.96 8.60
N SER L 146 16.40 -37.05 8.90
CA SER L 146 17.35 -37.96 8.21
C SER L 146 16.82 -39.38 8.35
N PRO L 147 16.95 -40.27 7.32
CA PRO L 147 17.69 -39.98 6.09
C PRO L 147 16.88 -39.44 4.90
N LEU L 148 15.67 -38.92 5.12
CA LEU L 148 14.84 -38.31 4.05
C LEU L 148 15.61 -37.13 3.45
N VAL L 149 15.29 -36.77 2.21
CA VAL L 149 15.94 -35.65 1.48
C VAL L 149 14.85 -34.69 1.02
N GLY L 150 14.92 -33.43 1.45
CA GLY L 150 13.99 -32.37 1.04
C GLY L 150 14.72 -31.32 0.20
N PRO L 151 13.97 -30.40 -0.44
CA PRO L 151 14.58 -29.34 -1.25
C PRO L 151 15.45 -28.44 -0.36
N LYS L 152 16.75 -28.40 -0.64
CA LYS L 152 17.74 -27.50 0.02
C LYS L 152 18.44 -26.71 -1.08
N LYS L 153 18.75 -25.43 -0.85
CA LYS L 153 19.71 -24.65 -1.67
C LYS L 153 21.09 -25.26 -1.49
N PRO L 154 22.12 -24.84 -2.27
CA PRO L 154 23.48 -25.33 -2.05
C PRO L 154 24.00 -25.03 -0.64
N ASP L 155 23.58 -23.92 -0.03
CA ASP L 155 24.06 -23.47 1.31
C ASP L 155 23.37 -24.26 2.43
N GLY L 156 22.38 -25.12 2.12
CA GLY L 156 21.71 -25.99 3.10
C GLY L 156 20.35 -25.44 3.56
N THR L 157 20.06 -24.17 3.27
CA THR L 157 18.79 -23.48 3.65
C THR L 157 17.66 -23.91 2.71
N THR L 158 16.43 -23.52 3.04
CA THR L 158 15.20 -23.68 2.22
C THR L 158 14.33 -22.45 2.40
N ASP L 159 14.21 -21.58 1.40
CA ASP L 159 13.49 -20.28 1.55
C ASP L 159 12.04 -20.44 1.07
N ASP L 160 11.28 -19.34 1.13
CA ASP L 160 9.84 -19.27 0.78
C ASP L 160 9.62 -19.71 -0.67
N SER L 161 10.61 -19.55 -1.55
CA SER L 161 10.50 -19.82 -3.02
C SER L 161 10.22 -21.31 -3.26
N ALA L 162 10.55 -22.18 -2.30
CA ALA L 162 10.30 -23.64 -2.38
C ALA L 162 8.79 -23.96 -2.36
N GLN L 163 7.93 -22.96 -2.13
CA GLN L 163 6.45 -23.12 -2.13
C GLN L 163 5.91 -22.83 -3.53
N VAL L 164 6.77 -22.33 -4.42
CA VAL L 164 6.46 -22.14 -5.87
C VAL L 164 7.60 -22.79 -6.66
N LEU L 165 7.78 -22.42 -7.93
CA LEU L 165 8.87 -22.98 -8.76
C LEU L 165 10.11 -22.09 -8.61
N ASN L 166 11.16 -22.66 -8.02
CA ASN L 166 12.55 -22.12 -8.07
C ASN L 166 13.44 -23.23 -8.62
N PRO L 167 14.02 -23.05 -9.83
CA PRO L 167 14.90 -24.06 -10.44
C PRO L 167 16.08 -24.51 -9.56
N ILE L 168 16.43 -23.76 -8.53
CA ILE L 168 17.58 -24.11 -7.62
C ILE L 168 17.27 -25.46 -6.93
N TYR L 169 16.00 -25.81 -6.75
CA TYR L 169 15.56 -27.02 -6.00
C TYR L 169 15.27 -28.18 -6.97
N LYS L 170 16.28 -29.00 -7.24
CA LYS L 170 16.15 -30.21 -8.10
C LYS L 170 16.84 -31.38 -7.43
N ALA L 171 16.47 -32.59 -7.85
CA ALA L 171 17.04 -33.86 -7.37
C ALA L 171 16.75 -34.96 -8.40
N LYS L 172 17.46 -36.07 -8.28
CA LYS L 172 17.21 -37.29 -9.08
C LYS L 172 16.64 -38.32 -8.09
N LEU L 173 15.55 -38.99 -8.47
CA LEU L 173 14.90 -40.06 -7.66
C LEU L 173 15.80 -41.30 -7.71
N ASP L 174 16.89 -41.28 -6.94
CA ASP L 174 17.99 -42.27 -7.04
C ASP L 174 17.97 -43.26 -5.86
N LYS L 175 17.03 -43.10 -4.92
CA LYS L 175 16.96 -43.96 -3.70
C LYS L 175 15.47 -44.20 -3.38
N ASP L 176 15.09 -45.45 -3.12
CA ASP L 176 13.74 -45.85 -2.65
C ASP L 176 13.49 -45.21 -1.28
N ALA L 177 12.24 -44.89 -0.96
CA ALA L 177 11.76 -44.58 0.41
C ALA L 177 12.49 -43.37 1.01
N THR L 178 13.01 -42.47 0.16
CA THR L 178 13.94 -41.40 0.56
C THR L 178 13.38 -40.01 0.23
N TYR L 179 12.71 -39.86 -0.91
CA TYR L 179 12.22 -38.56 -1.43
C TYR L 179 10.74 -38.44 -1.10
N PRO L 180 10.35 -37.53 -0.17
CA PRO L 180 8.95 -37.38 0.19
C PRO L 180 8.11 -36.87 -0.99
N ILE L 181 6.92 -37.45 -1.16
CA ILE L 181 5.95 -37.07 -2.23
C ILE L 181 5.60 -35.58 -2.06
N GLU L 182 5.60 -35.09 -0.83
CA GLU L 182 4.97 -33.78 -0.47
C GLU L 182 5.89 -32.59 -0.80
N CYS L 183 7.17 -32.83 -1.13
CA CYS L 183 8.14 -31.74 -1.44
C CYS L 183 8.83 -31.95 -2.80
N TRP L 184 8.56 -33.06 -3.49
CA TRP L 184 9.13 -33.37 -4.84
C TRP L 184 8.01 -33.78 -5.80
N CYS L 185 7.97 -33.14 -6.97
CA CYS L 185 7.11 -33.59 -8.11
C CYS L 185 8.00 -33.88 -9.31
N PRO L 186 7.51 -34.65 -10.32
CA PRO L 186 8.24 -34.84 -11.56
C PRO L 186 8.53 -33.46 -12.19
N ASP L 187 9.78 -33.27 -12.62
CA ASP L 187 10.29 -32.03 -13.25
C ASP L 187 9.94 -32.03 -14.73
N PRO L 188 8.98 -31.19 -15.17
CA PRO L 188 8.53 -31.20 -16.56
C PRO L 188 9.53 -30.53 -17.52
N SER L 189 10.54 -29.85 -16.97
CA SER L 189 11.62 -29.16 -17.74
C SER L 189 12.70 -30.17 -18.14
N ARG L 190 12.61 -31.40 -17.62
CA ARG L 190 13.59 -32.48 -17.90
C ARG L 190 12.80 -33.77 -18.20
N ASN L 191 13.30 -34.92 -17.74
CA ASN L 191 12.64 -36.23 -17.94
C ASN L 191 12.38 -36.48 -19.43
N GLU L 192 13.29 -36.05 -20.32
CA GLU L 192 13.19 -36.34 -21.79
C GLU L 192 13.19 -37.86 -21.99
N ASN L 193 13.91 -38.61 -21.14
CA ASN L 193 14.15 -40.07 -21.27
C ASN L 193 13.32 -40.86 -20.25
N SER L 194 12.25 -40.25 -19.72
CA SER L 194 11.28 -40.89 -18.80
C SER L 194 9.86 -40.54 -19.26
N ARG L 195 8.91 -41.44 -19.05
CA ARG L 195 7.46 -41.15 -19.23
C ARG L 195 6.79 -41.27 -17.85
N TYR L 196 6.12 -40.23 -17.38
CA TYR L 196 5.46 -40.23 -16.05
C TYR L 196 3.98 -39.84 -16.21
N PHE L 197 3.18 -40.39 -15.29
CA PHE L 197 1.70 -40.29 -15.25
C PHE L 197 1.24 -40.23 -13.80
N GLY L 198 0.50 -39.20 -13.42
CA GLY L 198 0.05 -39.00 -12.03
C GLY L 198 -1.31 -38.34 -11.97
N SER L 199 -2.09 -38.69 -10.94
CA SER L 199 -3.36 -38.03 -10.60
C SER L 199 -3.48 -37.90 -9.08
N TYR L 200 -3.69 -36.67 -8.59
CA TYR L 200 -3.95 -36.37 -7.15
C TYR L 200 -5.40 -35.94 -6.99
N THR L 201 -6.03 -36.38 -5.91
CA THR L 201 -7.37 -35.94 -5.45
C THR L 201 -7.28 -35.53 -3.98
N GLY L 202 -7.75 -34.32 -3.64
CA GLY L 202 -7.76 -33.80 -2.27
C GLY L 202 -9.01 -34.21 -1.50
N GLY L 203 -9.34 -33.45 -0.45
CA GLY L 203 -10.57 -33.63 0.36
C GLY L 203 -10.30 -34.39 1.65
N VAL L 204 -11.26 -34.34 2.58
CA VAL L 204 -11.10 -34.89 3.95
C VAL L 204 -11.58 -36.35 3.96
N GLU L 205 -12.74 -36.62 3.35
CA GLU L 205 -13.40 -37.95 3.37
C GLU L 205 -13.62 -38.48 1.95
N THR L 206 -12.87 -37.96 0.98
CA THR L 206 -13.00 -38.27 -0.47
C THR L 206 -12.88 -39.77 -0.69
N PRO L 207 -13.83 -40.41 -1.40
CA PRO L 207 -13.76 -41.84 -1.67
C PRO L 207 -12.73 -42.11 -2.76
N PRO L 208 -11.82 -43.08 -2.54
CA PRO L 208 -10.94 -43.54 -3.60
C PRO L 208 -11.75 -44.27 -4.69
N VAL L 209 -11.41 -44.03 -5.95
CA VAL L 209 -11.96 -44.72 -7.14
C VAL L 209 -10.78 -45.31 -7.89
N LEU L 210 -10.64 -46.63 -7.88
CA LEU L 210 -9.55 -47.35 -8.59
C LEU L 210 -10.15 -48.49 -9.42
N SER L 211 -9.63 -48.64 -10.64
CA SER L 211 -9.98 -49.73 -11.58
C SER L 211 -8.79 -50.67 -11.73
N PHE L 212 -9.06 -51.92 -12.10
CA PHE L 212 -8.03 -52.95 -12.34
C PHE L 212 -8.48 -53.87 -13.48
N THR L 213 -7.61 -54.06 -14.47
CA THR L 213 -7.83 -54.95 -15.64
C THR L 213 -6.48 -55.38 -16.21
N ASN L 214 -6.41 -56.58 -16.77
CA ASN L 214 -5.19 -57.07 -17.48
C ASN L 214 -5.33 -56.82 -18.99
N THR L 215 -6.22 -55.90 -19.39
CA THR L 215 -6.50 -55.57 -20.82
C THR L 215 -5.95 -54.18 -21.18
N SER L 216 -5.51 -53.37 -20.22
CA SER L 216 -4.95 -52.01 -20.46
C SER L 216 -3.47 -52.14 -20.86
N THR L 217 -3.00 -51.22 -21.71
CA THR L 217 -1.57 -51.04 -22.07
C THR L 217 -1.30 -49.55 -22.26
N THR L 218 -0.18 -49.05 -21.72
CA THR L 218 0.27 -47.65 -21.91
C THR L 218 1.45 -47.65 -22.87
N ILE L 219 1.32 -46.98 -24.01
CA ILE L 219 2.42 -46.80 -25.00
C ILE L 219 3.40 -45.76 -24.44
N LEU L 220 4.70 -46.02 -24.55
CA LEU L 220 5.77 -45.17 -23.97
C LEU L 220 6.54 -44.44 -25.08
N LEU L 221 6.22 -44.69 -26.35
CA LEU L 221 6.86 -44.01 -27.51
C LEU L 221 6.45 -42.53 -27.49
N ASP L 222 7.36 -41.62 -27.84
CA ASP L 222 7.13 -40.15 -27.84
C ASP L 222 6.54 -39.73 -29.20
N GLU L 223 6.41 -38.41 -29.39
CA GLU L 223 5.93 -37.75 -30.65
C GLU L 223 6.66 -38.36 -31.87
N ASN L 224 7.92 -38.78 -31.71
CA ASN L 224 8.79 -39.28 -32.82
C ASN L 224 8.99 -40.80 -32.75
N GLY L 225 8.10 -41.53 -32.09
CA GLY L 225 8.13 -43.02 -32.06
C GLY L 225 9.34 -43.59 -31.34
N VAL L 226 9.98 -42.82 -30.47
CA VAL L 226 11.14 -43.24 -29.63
C VAL L 226 10.67 -43.41 -28.19
N GLY L 227 10.95 -44.56 -27.58
CA GLY L 227 10.68 -44.84 -26.16
C GLY L 227 11.86 -44.47 -25.28
N PRO L 228 11.72 -44.57 -23.94
CA PRO L 228 12.86 -44.44 -23.05
C PRO L 228 13.99 -45.39 -23.45
N LEU L 229 15.20 -44.87 -23.59
CA LEU L 229 16.43 -45.64 -23.89
C LEU L 229 17.18 -45.89 -22.58
N CYS L 230 17.32 -47.17 -22.20
CA CYS L 230 17.85 -47.62 -20.90
C CYS L 230 19.37 -47.50 -20.88
N LYS L 231 19.88 -46.40 -20.32
CA LYS L 231 21.33 -46.14 -20.11
C LYS L 231 21.89 -47.17 -19.12
N GLY L 232 23.14 -47.57 -19.32
CA GLY L 232 23.84 -48.59 -18.50
C GLY L 232 23.02 -49.87 -18.37
N ASP L 233 22.21 -50.21 -19.38
CA ASP L 233 21.39 -51.45 -19.41
C ASP L 233 20.55 -51.53 -18.13
N GLY L 234 19.97 -50.38 -17.73
CA GLY L 234 19.09 -50.25 -16.56
C GLY L 234 17.75 -49.62 -16.89
N LEU L 235 16.66 -50.27 -16.47
CA LEU L 235 15.27 -49.76 -16.58
C LEU L 235 14.85 -49.20 -15.21
N TYR L 236 14.40 -47.94 -15.18
CA TYR L 236 14.11 -47.17 -13.95
C TYR L 236 12.59 -47.07 -13.74
N LEU L 237 12.07 -47.81 -12.76
CA LEU L 237 10.64 -47.77 -12.36
C LEU L 237 10.47 -46.88 -11.12
N SER L 238 9.39 -46.10 -11.08
CA SER L 238 9.00 -45.25 -9.93
C SER L 238 7.49 -45.35 -9.73
N SER L 239 7.05 -45.20 -8.48
CA SER L 239 5.66 -45.43 -8.02
C SER L 239 5.36 -44.51 -6.84
N ALA L 240 4.12 -44.05 -6.74
CA ALA L 240 3.58 -43.36 -5.56
C ALA L 240 2.07 -43.64 -5.51
N ASP L 241 1.66 -44.62 -4.72
CA ASP L 241 0.24 -45.04 -4.66
C ASP L 241 -0.26 -44.99 -3.22
N VAL L 242 -0.61 -43.78 -2.77
CA VAL L 242 -1.21 -43.50 -1.45
C VAL L 242 -2.73 -43.45 -1.67
N ALA L 243 -3.43 -44.54 -1.37
CA ALA L 243 -4.86 -44.76 -1.69
C ALA L 243 -5.74 -43.81 -0.86
N GLY L 244 -5.21 -43.34 0.27
CA GLY L 244 -5.90 -42.45 1.21
C GLY L 244 -5.43 -42.68 2.63
N THR L 245 -6.31 -42.48 3.61
CA THR L 245 -6.02 -42.65 5.05
C THR L 245 -6.94 -43.71 5.64
N PHE L 246 -6.42 -44.49 6.59
CA PHE L 246 -7.21 -45.31 7.53
C PHE L 246 -7.56 -44.43 8.74
N VAL L 247 -8.84 -44.35 9.09
CA VAL L 247 -9.37 -43.60 10.28
C VAL L 247 -9.73 -44.62 11.34
N GLN L 248 -9.03 -44.62 12.48
CA GLN L 248 -9.19 -45.65 13.54
C GLN L 248 -10.27 -45.24 14.54
N GLN L 249 -11.15 -46.17 14.90
CA GLN L 249 -12.19 -45.95 15.95
C GLN L 249 -11.49 -45.53 17.25
N THR L 250 -12.20 -44.77 18.10
CA THR L 250 -11.78 -44.44 19.48
C THR L 250 -10.67 -43.38 19.44
N SER L 251 -9.48 -43.72 18.91
CA SER L 251 -8.34 -42.76 18.81
C SER L 251 -8.73 -41.63 17.85
N GLN L 252 -9.48 -41.94 16.79
CA GLN L 252 -9.84 -41.04 15.67
C GLN L 252 -8.55 -40.47 15.05
N LYS L 253 -7.47 -41.25 15.10
CA LYS L 253 -6.19 -40.93 14.43
C LYS L 253 -6.24 -41.44 12.99
N GLN L 254 -5.48 -40.79 12.10
CA GLN L 254 -5.42 -41.14 10.66
C GLN L 254 -4.02 -41.69 10.36
N TYR L 255 -3.97 -42.71 9.50
CA TYR L 255 -2.73 -43.35 9.00
C TYR L 255 -2.80 -43.39 7.47
N TRP L 256 -1.74 -42.92 6.79
CA TRP L 256 -1.57 -43.08 5.33
C TRP L 256 -1.59 -44.57 5.00
N ARG L 257 -2.33 -44.95 3.95
CA ARG L 257 -2.39 -46.33 3.42
C ARG L 257 -1.84 -46.33 1.99
N GLY L 258 -0.80 -47.14 1.75
CA GLY L 258 -0.16 -47.30 0.44
C GLY L 258 -0.50 -48.63 -0.20
N LEU L 259 -0.41 -48.71 -1.53
CA LEU L 259 -0.62 -49.98 -2.27
C LEU L 259 0.54 -50.22 -3.23
N PRO L 260 0.86 -51.50 -3.52
CA PRO L 260 1.95 -51.83 -4.43
C PRO L 260 1.50 -51.65 -5.88
N ARG L 261 2.44 -51.36 -6.77
CA ARG L 261 2.19 -51.25 -8.23
C ARG L 261 2.95 -52.34 -8.97
N TYR L 262 2.27 -53.06 -9.85
CA TYR L 262 2.85 -54.08 -10.76
C TYR L 262 3.22 -53.40 -12.09
N PHE L 263 4.39 -53.76 -12.62
CA PHE L 263 4.85 -53.31 -13.96
C PHE L 263 5.11 -54.52 -14.86
N ASN L 264 4.78 -54.40 -16.14
CA ASN L 264 5.17 -55.37 -17.20
C ASN L 264 5.62 -54.56 -18.42
N ILE L 265 6.92 -54.33 -18.55
CA ILE L 265 7.48 -53.46 -19.62
C ILE L 265 7.92 -54.35 -20.78
N THR L 266 7.52 -53.98 -22.00
CA THR L 266 8.03 -54.56 -23.27
C THR L 266 9.12 -53.64 -23.80
N LEU L 267 10.32 -54.19 -24.01
CA LEU L 267 11.47 -53.44 -24.58
C LEU L 267 11.93 -54.11 -25.88
N ARG L 268 12.61 -53.33 -26.73
CA ARG L 268 13.17 -53.78 -28.02
C ARG L 268 14.55 -53.14 -28.19
N LYS L 269 15.44 -53.78 -28.95
CA LYS L 269 16.81 -53.25 -29.22
C LYS L 269 16.72 -52.07 -30.18
N ARG L 270 17.39 -50.96 -29.87
CA ARG L 270 17.47 -49.75 -30.73
C ARG L 270 18.95 -49.38 -30.87
N ALA L 271 19.36 -49.02 -32.08
CA ALA L 271 20.75 -48.62 -32.42
C ALA L 271 20.92 -47.11 -32.16
N VAL L 272 22.13 -46.70 -31.78
CA VAL L 272 22.47 -45.29 -31.43
C VAL L 272 23.90 -44.98 -31.89
N LYS L 273 24.18 -43.71 -32.22
CA LYS L 273 25.41 -43.29 -32.98
C LYS L 273 26.62 -43.24 -32.04
N GLY M 5 -2.07 -69.15 -23.43
CA GLY M 5 -0.70 -69.32 -22.84
C GLY M 5 -0.34 -70.79 -22.65
N GLY M 6 0.94 -71.15 -22.82
CA GLY M 6 1.52 -72.52 -22.78
C GLY M 6 1.34 -73.27 -24.10
N ILE M 7 0.20 -73.02 -24.74
CA ILE M 7 -0.39 -73.64 -25.95
C ILE M 7 -0.04 -72.83 -27.20
N GLU M 8 0.49 -73.48 -28.24
CA GLU M 8 0.74 -72.85 -29.57
C GLU M 8 -0.60 -72.75 -30.31
N VAL M 9 -1.04 -71.53 -30.57
CA VAL M 9 -2.38 -71.20 -31.18
C VAL M 9 -2.24 -71.21 -32.70
N LEU M 10 -3.18 -71.81 -33.41
CA LEU M 10 -3.15 -71.92 -34.90
C LEU M 10 -4.35 -71.15 -35.51
N ASP M 11 -4.90 -71.67 -36.60
CA ASP M 11 -5.96 -71.03 -37.43
C ASP M 11 -7.28 -71.05 -36.64
N VAL M 12 -8.15 -70.10 -36.94
CA VAL M 12 -9.56 -70.06 -36.42
C VAL M 12 -10.43 -70.88 -37.37
N LYS M 13 -10.97 -72.03 -36.95
CA LYS M 13 -12.01 -72.74 -37.78
C LYS M 13 -13.23 -71.83 -37.94
N THR M 14 -13.60 -71.47 -39.16
CA THR M 14 -14.83 -70.71 -39.53
C THR M 14 -15.75 -71.63 -40.34
N GLY M 15 -17.01 -71.21 -40.50
CA GLY M 15 -18.06 -72.00 -41.16
C GLY M 15 -19.27 -72.17 -40.24
N PRO M 16 -20.32 -72.89 -40.68
CA PRO M 16 -21.44 -73.22 -39.80
C PRO M 16 -21.00 -74.13 -38.63
N ASP M 17 -21.70 -74.00 -37.49
CA ASP M 17 -21.45 -74.79 -36.25
C ASP M 17 -19.99 -74.62 -35.78
N SER M 18 -19.39 -73.44 -36.02
CA SER M 18 -18.02 -73.09 -35.63
C SER M 18 -18.01 -72.11 -34.43
N THR M 19 -19.16 -71.48 -34.16
CA THR M 19 -19.41 -70.59 -33.02
C THR M 19 -20.53 -71.20 -32.15
N THR M 20 -20.57 -70.78 -30.88
CA THR M 20 -21.64 -71.09 -29.90
C THR M 20 -21.69 -69.97 -28.87
N THR M 21 -22.86 -69.79 -28.24
CA THR M 21 -23.05 -68.84 -27.12
C THR M 21 -23.37 -69.62 -25.84
N ILE M 22 -22.97 -69.06 -24.70
CA ILE M 22 -23.21 -69.62 -23.34
C ILE M 22 -23.86 -68.52 -22.50
N GLU M 23 -25.08 -68.77 -22.00
CA GLU M 23 -25.76 -67.95 -20.98
C GLU M 23 -25.46 -68.55 -19.61
N ALA M 24 -25.12 -67.72 -18.63
CA ALA M 24 -24.93 -68.10 -17.21
C ALA M 24 -25.22 -66.88 -16.33
N TYR M 25 -25.52 -67.11 -15.06
CA TYR M 25 -25.58 -66.05 -14.02
C TYR M 25 -24.77 -66.54 -12.81
N LEU M 26 -24.08 -65.65 -12.13
CA LEU M 26 -23.51 -65.88 -10.78
C LEU M 26 -24.30 -65.06 -9.76
N ASN M 27 -24.91 -65.72 -8.79
CA ASN M 27 -25.54 -65.04 -7.62
C ASN M 27 -24.44 -64.60 -6.66
N PRO M 28 -24.65 -63.48 -5.95
CA PRO M 28 -23.62 -62.92 -5.07
C PRO M 28 -23.39 -63.79 -3.83
N ARG M 29 -22.18 -63.78 -3.31
CA ARG M 29 -21.80 -64.53 -2.07
C ARG M 29 -21.25 -63.52 -1.06
N VAL M 30 -22.14 -62.74 -0.43
CA VAL M 30 -21.78 -61.63 0.50
C VAL M 30 -21.77 -62.13 1.94
N GLY M 31 -21.82 -63.46 2.16
CA GLY M 31 -21.77 -64.07 3.50
C GLY M 31 -22.96 -64.97 3.76
N GLN M 32 -24.10 -64.66 3.15
CA GLN M 32 -25.28 -65.56 3.03
C GLN M 32 -25.68 -65.59 1.56
N ASN M 33 -26.74 -66.32 1.21
CA ASN M 33 -27.04 -66.69 -0.19
C ASN M 33 -28.16 -65.82 -0.77
N TRP M 34 -28.72 -64.88 0.00
CA TRP M 34 -29.95 -64.16 -0.40
C TRP M 34 -29.68 -62.66 -0.51
N GLY M 35 -28.43 -62.30 -0.81
CA GLY M 35 -28.06 -60.94 -1.28
C GLY M 35 -27.65 -60.00 -0.17
N PHE M 36 -27.76 -60.43 1.09
CA PHE M 36 -27.34 -59.64 2.27
C PHE M 36 -26.46 -60.49 3.19
N SER M 37 -25.41 -59.84 3.70
CA SER M 37 -24.58 -60.32 4.83
C SER M 37 -25.39 -60.21 6.13
N THR M 38 -24.89 -60.83 7.20
CA THR M 38 -25.30 -60.53 8.59
C THR M 38 -24.67 -59.18 8.96
N GLU M 39 -25.06 -58.60 10.09
CA GLU M 39 -24.61 -57.25 10.49
C GLU M 39 -23.08 -57.20 10.45
N ILE M 40 -22.53 -56.10 9.92
CA ILE M 40 -21.07 -55.85 9.90
C ILE M 40 -20.67 -55.54 11.34
N THR M 41 -19.65 -56.23 11.86
CA THR M 41 -19.09 -56.07 13.20
C THR M 41 -17.70 -55.45 13.11
N VAL M 42 -17.30 -54.73 14.16
CA VAL M 42 -15.97 -54.06 14.23
C VAL M 42 -15.31 -54.47 15.54
N ALA M 43 -14.17 -55.16 15.45
CA ALA M 43 -13.33 -55.55 16.60
C ALA M 43 -12.98 -54.28 17.39
N SER M 44 -12.99 -54.37 18.74
CA SER M 44 -12.51 -53.28 19.62
C SER M 44 -10.98 -53.22 19.54
N ASN M 45 -10.41 -52.03 19.51
CA ASN M 45 -8.94 -51.80 19.51
C ASN M 45 -8.33 -52.73 20.57
N GLY M 46 -7.30 -53.50 20.19
CA GLY M 46 -6.54 -54.37 21.11
C GLY M 46 -7.05 -55.80 21.14
N TYR M 47 -8.27 -56.05 20.68
CA TYR M 47 -8.89 -57.40 20.63
C TYR M 47 -8.63 -58.02 19.24
N ASN M 48 -8.86 -59.32 19.11
CA ASN M 48 -8.74 -60.04 17.81
C ASN M 48 -9.72 -59.42 16.80
N ASP M 49 -9.25 -59.25 15.56
CA ASP M 49 -10.10 -58.97 14.37
C ASP M 49 -10.65 -60.30 13.85
N ALA M 50 -11.83 -60.70 14.32
CA ALA M 50 -12.42 -62.04 14.05
C ALA M 50 -13.86 -61.87 13.57
N PRO M 51 -14.07 -61.46 12.30
CA PRO M 51 -15.41 -61.26 11.75
C PRO M 51 -16.13 -62.60 11.59
N HIS M 52 -17.46 -62.56 11.66
CA HIS M 52 -18.37 -63.71 11.44
C HIS M 52 -18.24 -64.19 10.00
N LEU M 53 -18.33 -65.50 9.77
CA LEU M 53 -18.35 -66.08 8.40
C LEU M 53 -19.34 -65.30 7.54
N THR M 54 -20.53 -65.02 8.07
CA THR M 54 -21.71 -64.53 7.31
C THR M 54 -21.66 -63.01 7.12
N GLU M 55 -20.55 -62.35 7.43
CA GLU M 55 -20.43 -60.86 7.29
C GLU M 55 -19.29 -60.52 6.31
N ILE M 56 -18.71 -61.54 5.67
CA ILE M 56 -17.51 -61.41 4.80
C ILE M 56 -17.88 -61.77 3.37
N PRO M 57 -17.96 -60.78 2.46
CA PRO M 57 -18.22 -61.04 1.05
C PRO M 57 -17.05 -61.75 0.35
N CYS M 58 -17.39 -62.69 -0.52
CA CYS M 58 -16.46 -63.56 -1.29
C CYS M 58 -16.73 -63.43 -2.79
N TYR M 59 -15.72 -63.75 -3.60
CA TYR M 59 -15.82 -63.94 -5.06
C TYR M 59 -16.83 -65.06 -5.33
N SER M 60 -17.84 -64.77 -6.15
CA SER M 60 -18.66 -65.79 -6.87
C SER M 60 -17.83 -66.36 -8.02
N SER M 61 -18.00 -67.65 -8.31
CA SER M 61 -17.18 -68.39 -9.31
C SER M 61 -17.93 -69.64 -9.75
N ALA M 62 -17.88 -69.98 -11.04
CA ALA M 62 -18.47 -71.21 -11.60
C ALA M 62 -17.67 -71.64 -12.85
N ARG M 63 -17.67 -72.93 -13.13
CA ARG M 63 -17.11 -73.53 -14.37
C ARG M 63 -18.27 -74.05 -15.21
N ILE M 64 -18.53 -73.44 -16.35
CA ILE M 64 -19.58 -73.90 -17.31
C ILE M 64 -18.95 -74.95 -18.23
N SER M 65 -19.63 -76.08 -18.39
CA SER M 65 -19.26 -77.16 -19.34
C SER M 65 -19.61 -76.74 -20.78
N LEU M 66 -18.63 -76.79 -21.67
CA LEU M 66 -18.79 -76.45 -23.11
C LEU M 66 -18.98 -77.74 -23.92
N PRO M 67 -19.61 -77.70 -25.11
CA PRO M 67 -19.68 -78.88 -25.98
C PRO M 67 -18.31 -79.54 -26.18
N LEU M 68 -18.25 -80.86 -26.10
CA LEU M 68 -16.99 -81.64 -26.26
C LEU M 68 -16.51 -81.46 -27.71
N LEU M 69 -15.20 -81.31 -27.93
CA LEU M 69 -14.69 -80.97 -29.29
C LEU M 69 -14.02 -82.12 -30.04
N ASN M 70 -13.14 -82.86 -29.40
CA ASN M 70 -12.21 -83.80 -30.10
C ASN M 70 -12.76 -85.20 -29.98
N GLU M 71 -12.94 -85.93 -31.09
CA GLU M 71 -13.04 -87.41 -31.06
C GLU M 71 -11.69 -87.98 -30.60
N ASP M 72 -10.57 -87.43 -31.09
CA ASP M 72 -9.23 -88.07 -30.89
C ASP M 72 -8.50 -87.26 -29.86
N ILE M 73 -8.31 -87.79 -28.64
CA ILE M 73 -7.59 -87.10 -27.53
C ILE M 73 -6.11 -87.00 -27.86
N THR M 74 -5.62 -87.72 -28.89
CA THR M 74 -4.20 -87.71 -29.37
C THR M 74 -4.09 -86.71 -30.52
N SER M 75 -4.13 -87.12 -31.79
CA SER M 75 -4.30 -86.22 -32.97
C SER M 75 -3.18 -85.19 -33.00
N PRO M 76 -2.70 -84.73 -34.18
CA PRO M 76 -1.67 -83.69 -34.23
C PRO M 76 -2.14 -82.23 -34.13
N THR M 77 -3.45 -81.99 -34.33
CA THR M 77 -4.06 -80.67 -34.06
C THR M 77 -5.41 -80.82 -33.33
N LEU M 78 -5.49 -80.35 -32.09
CA LEU M 78 -6.68 -80.32 -31.23
C LEU M 78 -7.46 -79.03 -31.52
N LEU M 79 -8.75 -79.02 -31.17
CA LEU M 79 -9.61 -77.80 -31.14
C LEU M 79 -9.95 -77.44 -29.70
N MET M 80 -9.89 -76.15 -29.37
CA MET M 80 -10.37 -75.57 -28.10
C MET M 80 -11.37 -74.47 -28.39
N TRP M 81 -12.40 -74.34 -27.55
CA TRP M 81 -13.30 -73.16 -27.58
C TRP M 81 -12.49 -71.93 -27.17
N GLU M 82 -12.68 -70.84 -27.93
CA GLU M 82 -12.02 -69.55 -27.68
C GLU M 82 -13.13 -68.52 -27.38
N ALA M 83 -13.10 -67.92 -26.19
CA ALA M 83 -14.04 -66.87 -25.77
C ALA M 83 -13.67 -65.57 -26.50
N VAL M 84 -14.59 -65.04 -27.31
CA VAL M 84 -14.31 -63.89 -28.22
C VAL M 84 -14.85 -62.61 -27.57
N SER M 85 -16.08 -62.66 -27.07
CA SER M 85 -16.81 -61.49 -26.54
C SER M 85 -17.74 -61.95 -25.41
N VAL M 86 -18.12 -61.02 -24.54
CA VAL M 86 -19.13 -61.26 -23.46
C VAL M 86 -20.02 -60.02 -23.36
N LYS M 87 -21.33 -60.23 -23.41
CA LYS M 87 -22.37 -59.28 -22.92
C LYS M 87 -22.58 -59.61 -21.45
N THR M 88 -22.33 -58.67 -20.53
CA THR M 88 -22.52 -58.89 -19.07
C THR M 88 -23.34 -57.74 -18.49
N GLU M 89 -24.15 -58.05 -17.49
CA GLU M 89 -25.07 -57.08 -16.84
C GLU M 89 -25.19 -57.40 -15.35
N VAL M 90 -25.22 -56.35 -14.53
CA VAL M 90 -25.54 -56.46 -13.08
C VAL M 90 -27.06 -56.46 -12.97
N VAL M 91 -27.63 -57.57 -12.53
CA VAL M 91 -29.10 -57.81 -12.51
C VAL M 91 -29.66 -57.24 -11.20
N GLY M 92 -30.87 -56.68 -11.28
CA GLY M 92 -31.62 -56.17 -10.12
C GLY M 92 -31.05 -54.86 -9.58
N ILE M 93 -30.42 -54.05 -10.43
CA ILE M 93 -30.02 -52.65 -10.08
C ILE M 93 -31.27 -51.89 -9.62
N SER M 94 -32.37 -52.03 -10.36
CA SER M 94 -33.65 -51.33 -10.11
C SER M 94 -34.18 -51.66 -8.71
N SER M 95 -33.74 -52.76 -8.11
CA SER M 95 -34.17 -53.24 -6.76
C SER M 95 -33.84 -52.18 -5.71
N MET M 96 -32.87 -51.31 -5.99
CA MET M 96 -32.35 -50.30 -5.03
C MET M 96 -33.25 -49.06 -4.99
N LEU M 97 -34.18 -48.86 -5.93
CA LEU M 97 -35.16 -47.74 -5.86
C LEU M 97 -36.27 -48.13 -4.88
N ASN M 98 -35.91 -48.24 -3.60
CA ASN M 98 -36.77 -48.73 -2.50
C ASN M 98 -36.47 -47.90 -1.25
N MET M 99 -37.39 -47.03 -0.84
CA MET M 99 -37.21 -46.15 0.34
C MET M 99 -38.22 -46.49 1.44
N HIS M 100 -38.80 -47.69 1.42
CA HIS M 100 -39.86 -48.13 2.38
C HIS M 100 -39.43 -49.35 3.19
N SER M 101 -38.43 -50.11 2.76
CA SER M 101 -38.04 -51.42 3.35
C SER M 101 -37.01 -51.21 4.46
N TYR M 102 -37.41 -50.53 5.53
CA TYR M 102 -36.77 -50.53 6.88
C TYR M 102 -35.47 -49.72 6.91
N GLY M 103 -35.17 -48.95 5.86
CA GLY M 103 -33.91 -48.17 5.79
C GLY M 103 -33.90 -47.05 6.81
N LEU M 104 -32.72 -46.72 7.37
CA LEU M 104 -32.52 -45.53 8.22
C LEU M 104 -33.20 -44.33 7.54
N ARG M 105 -34.00 -43.57 8.26
CA ARG M 105 -34.91 -42.56 7.66
C ARG M 105 -34.21 -41.20 7.60
N ALA M 106 -34.37 -40.50 6.48
CA ALA M 106 -33.75 -39.20 6.18
C ALA M 106 -34.56 -38.07 6.83
N PHE M 107 -33.97 -36.88 6.89
CA PHE M 107 -34.64 -35.63 7.34
C PHE M 107 -35.28 -35.85 8.71
N GLY M 108 -34.43 -36.25 9.67
CA GLY M 108 -34.78 -36.39 11.10
C GLY M 108 -35.81 -37.48 11.36
N GLY M 109 -35.92 -38.47 10.46
CA GLY M 109 -36.82 -39.63 10.64
C GLY M 109 -38.17 -39.47 9.96
N TYR M 110 -38.45 -38.32 9.34
CA TYR M 110 -39.77 -38.03 8.70
C TYR M 110 -39.76 -38.40 7.21
N GLY M 111 -38.56 -38.52 6.62
CA GLY M 111 -38.39 -38.85 5.20
C GLY M 111 -38.38 -40.36 4.97
N GLY M 112 -37.93 -40.79 3.79
CA GLY M 112 -37.87 -42.20 3.39
C GLY M 112 -36.61 -42.88 3.87
N GLY M 113 -36.56 -44.21 3.77
CA GLY M 113 -35.38 -45.03 4.12
C GLY M 113 -34.21 -44.79 3.17
N TYR M 114 -32.98 -44.87 3.68
CA TYR M 114 -31.73 -44.82 2.88
C TYR M 114 -31.72 -45.98 1.89
N THR M 115 -31.51 -45.67 0.61
CA THR M 115 -31.17 -46.67 -0.43
C THR M 115 -29.77 -47.18 -0.15
N ILE M 116 -29.44 -48.36 -0.68
CA ILE M 116 -28.07 -48.96 -0.60
C ILE M 116 -27.06 -47.85 -0.91
N GLU M 117 -26.06 -47.69 -0.06
CA GLU M 117 -24.98 -46.68 -0.22
C GLU M 117 -23.71 -47.18 0.47
N GLY M 118 -22.61 -46.46 0.27
CA GLY M 118 -21.30 -46.75 0.88
C GLY M 118 -20.35 -47.42 -0.09
N SER M 119 -19.23 -47.91 0.43
CA SER M 119 -18.15 -48.56 -0.36
C SER M 119 -18.73 -49.74 -1.13
N HIS M 120 -18.29 -49.90 -2.38
CA HIS M 120 -18.81 -50.92 -3.33
C HIS M 120 -17.69 -51.35 -4.27
N ILE M 121 -17.74 -52.59 -4.75
CA ILE M 121 -16.83 -53.14 -5.79
C ILE M 121 -17.69 -53.85 -6.83
N HIS M 122 -17.35 -53.69 -8.10
CA HIS M 122 -17.98 -54.42 -9.23
C HIS M 122 -16.88 -55.01 -10.09
N PHE M 123 -16.93 -56.32 -10.31
CA PHE M 123 -15.83 -57.08 -10.93
C PHE M 123 -16.36 -58.32 -11.62
N PHE M 124 -15.78 -58.64 -12.78
CA PHE M 124 -16.09 -59.89 -13.52
C PHE M 124 -14.82 -60.32 -14.25
N SER M 125 -14.70 -61.63 -14.47
CA SER M 125 -13.61 -62.25 -15.24
C SER M 125 -14.19 -63.40 -16.08
N VAL M 126 -13.67 -63.56 -17.30
CA VAL M 126 -13.93 -64.71 -18.20
C VAL M 126 -12.57 -65.31 -18.53
N GLY M 127 -12.44 -66.63 -18.44
CA GLY M 127 -11.16 -67.34 -18.60
C GLY M 127 -11.34 -68.77 -19.03
N GLY M 128 -10.25 -69.37 -19.53
CA GLY M 128 -10.19 -70.79 -19.96
C GLY M 128 -9.66 -71.66 -18.83
N GLU M 129 -9.46 -71.07 -17.64
CA GLU M 129 -9.01 -71.78 -16.42
C GLU M 129 -9.39 -70.91 -15.21
N PRO M 130 -9.29 -71.46 -13.98
CA PRO M 130 -9.52 -70.65 -12.79
C PRO M 130 -8.67 -69.36 -12.77
N LEU M 131 -9.28 -68.28 -12.28
CA LEU M 131 -8.65 -66.95 -12.09
C LEU M 131 -7.51 -67.05 -11.08
N ASP M 132 -6.33 -66.52 -11.41
CA ASP M 132 -5.17 -66.48 -10.47
C ASP M 132 -5.35 -65.30 -9.50
N LEU M 133 -5.25 -65.59 -8.21
CA LEU M 133 -5.41 -64.59 -7.10
C LEU M 133 -4.05 -64.30 -6.46
N GLN M 134 -3.83 -63.03 -6.10
CA GLN M 134 -2.70 -62.54 -5.26
C GLN M 134 -3.25 -62.15 -3.90
N GLY M 135 -2.58 -62.57 -2.83
CA GLY M 135 -2.94 -62.20 -1.45
C GLY M 135 -2.53 -60.77 -1.15
N LEU M 136 -3.50 -59.94 -0.77
CA LEU M 136 -3.25 -58.61 -0.16
C LEU M 136 -4.48 -58.21 0.67
N MET M 137 -4.26 -57.85 1.93
CA MET M 137 -5.31 -57.58 2.94
C MET M 137 -4.95 -56.32 3.73
N GLN M 138 -5.94 -55.68 4.35
CA GLN M 138 -5.77 -54.43 5.15
C GLN M 138 -5.11 -54.77 6.49
N ASN M 139 -5.49 -55.90 7.11
CA ASN M 139 -4.97 -56.33 8.43
C ASN M 139 -4.51 -57.79 8.34
N HIS M 140 -3.19 -58.01 8.40
CA HIS M 140 -2.57 -59.35 8.24
C HIS M 140 -3.12 -60.33 9.28
N SER M 141 -3.57 -59.81 10.43
CA SER M 141 -3.97 -60.60 11.62
C SER M 141 -5.44 -60.99 11.56
N THR M 142 -6.20 -60.55 10.57
CA THR M 142 -7.64 -60.91 10.42
C THR M 142 -7.77 -62.44 10.53
N GLN M 143 -8.72 -62.91 11.34
CA GLN M 143 -9.03 -64.35 11.52
C GLN M 143 -10.27 -64.69 10.69
N TYR M 144 -10.07 -65.40 9.57
CA TYR M 144 -11.17 -65.88 8.69
C TYR M 144 -11.65 -67.23 9.20
N PRO M 145 -12.95 -67.34 9.58
CA PRO M 145 -13.51 -68.64 9.95
C PRO M 145 -13.50 -69.63 8.78
N SER M 146 -13.24 -70.91 9.09
CA SER M 146 -13.45 -72.04 8.14
C SER M 146 -14.92 -72.03 7.71
N PRO M 147 -15.25 -72.35 6.44
CA PRO M 147 -14.29 -72.84 5.44
C PRO M 147 -13.65 -71.80 4.50
N LEU M 148 -13.71 -70.51 4.85
CA LEU M 148 -13.08 -69.43 4.04
C LEU M 148 -11.58 -69.70 3.95
N VAL M 149 -10.93 -69.16 2.93
CA VAL M 149 -9.46 -69.34 2.70
C VAL M 149 -8.85 -67.95 2.57
N GLY M 150 -7.90 -67.62 3.45
CA GLY M 150 -7.15 -66.36 3.42
C GLY M 150 -5.69 -66.60 3.07
N PRO M 151 -4.91 -65.54 2.78
CA PRO M 151 -3.49 -65.69 2.46
C PRO M 151 -2.74 -66.30 3.64
N LYS M 152 -2.15 -67.48 3.46
CA LYS M 152 -1.28 -68.17 4.44
C LYS M 152 0.05 -68.45 3.72
N LYS M 153 1.17 -68.34 4.44
CA LYS M 153 2.47 -68.91 3.98
C LYS M 153 2.35 -70.44 3.98
N PRO M 154 3.33 -71.19 3.45
CA PRO M 154 3.29 -72.66 3.53
C PRO M 154 3.22 -73.18 4.97
N ASP M 155 3.84 -72.46 5.91
CA ASP M 155 3.93 -72.88 7.35
C ASP M 155 2.60 -72.60 8.08
N GLY M 156 1.63 -71.93 7.44
CA GLY M 156 0.29 -71.67 8.01
C GLY M 156 0.13 -70.27 8.57
N THR M 157 1.24 -69.54 8.76
CA THR M 157 1.27 -68.15 9.32
C THR M 157 0.84 -67.14 8.26
N THR M 158 0.62 -65.90 8.67
CA THR M 158 0.35 -64.72 7.80
C THR M 158 1.05 -63.50 8.40
N ASP M 159 2.12 -63.00 7.80
CA ASP M 159 2.94 -61.91 8.39
C ASP M 159 2.48 -60.55 7.84
N ASP M 160 3.15 -59.48 8.26
CA ASP M 160 2.83 -58.07 7.90
C ASP M 160 2.91 -57.87 6.38
N SER M 161 3.72 -58.66 5.68
CA SER M 161 3.97 -58.52 4.22
C SER M 161 2.68 -58.73 3.42
N ALA M 162 1.68 -59.43 3.99
CA ALA M 162 0.37 -59.67 3.36
C ALA M 162 -0.43 -58.37 3.19
N GLN M 163 0.05 -57.25 3.74
CA GLN M 163 -0.60 -55.91 3.63
C GLN M 163 -0.03 -55.18 2.42
N VAL M 164 1.03 -55.73 1.81
CA VAL M 164 1.61 -55.24 0.53
C VAL M 164 1.74 -56.46 -0.40
N LEU M 165 2.59 -56.39 -1.42
CA LEU M 165 2.79 -57.52 -2.36
C LEU M 165 3.92 -58.40 -1.84
N ASN M 166 3.58 -59.64 -1.45
CA ASN M 166 4.53 -60.76 -1.24
C ASN M 166 4.09 -61.90 -2.14
N PRO M 167 4.89 -62.27 -3.16
CA PRO M 167 4.55 -63.39 -4.05
C PRO M 167 4.24 -64.72 -3.37
N ILE M 168 4.63 -64.90 -2.11
CA ILE M 168 4.39 -66.17 -1.36
C ILE M 168 2.88 -66.40 -1.23
N TYR M 169 2.06 -65.35 -1.25
CA TYR M 169 0.59 -65.41 -1.03
C TYR M 169 -0.14 -65.43 -2.38
N LYS M 170 -0.42 -66.63 -2.90
CA LYS M 170 -1.19 -66.83 -4.16
C LYS M 170 -2.21 -67.93 -3.94
N ALA M 171 -3.23 -67.97 -4.80
CA ALA M 171 -4.30 -68.98 -4.80
C ALA M 171 -4.99 -68.98 -6.17
N LYS M 172 -5.73 -70.04 -6.45
CA LYS M 172 -6.59 -70.15 -7.65
C LYS M 172 -8.04 -70.04 -7.14
N LEU M 173 -8.85 -69.22 -7.80
CA LEU M 173 -10.29 -69.03 -7.48
C LEU M 173 -11.04 -70.29 -7.95
N ASP M 174 -10.92 -71.37 -7.19
CA ASP M 174 -11.37 -72.74 -7.59
C ASP M 174 -12.65 -73.14 -6.86
N LYS M 175 -13.18 -72.30 -5.98
CA LYS M 175 -14.39 -72.63 -5.17
C LYS M 175 -15.23 -71.35 -5.02
N ASP M 176 -16.54 -71.45 -5.25
CA ASP M 176 -17.52 -70.35 -5.03
C ASP M 176 -17.55 -70.04 -3.52
N ALA M 177 -17.83 -68.78 -3.16
CA ALA M 177 -18.23 -68.35 -1.81
C ALA M 177 -17.14 -68.68 -0.77
N THR M 178 -15.88 -68.78 -1.20
CA THR M 178 -14.77 -69.34 -0.37
C THR M 178 -13.65 -68.30 -0.19
N TYR M 179 -13.34 -67.52 -1.22
CA TYR M 179 -12.19 -66.58 -1.24
C TYR M 179 -12.73 -65.18 -0.95
N PRO M 180 -12.41 -64.59 0.22
CA PRO M 180 -12.90 -63.26 0.56
C PRO M 180 -12.32 -62.19 -0.39
N ILE M 181 -13.17 -61.26 -0.82
CA ILE M 181 -12.79 -60.13 -1.71
C ILE M 181 -11.68 -59.31 -1.03
N GLU M 182 -11.70 -59.25 0.31
CA GLU M 182 -10.93 -58.25 1.10
C GLU M 182 -9.47 -58.69 1.27
N CYS M 183 -9.10 -59.93 0.93
CA CYS M 183 -7.71 -60.46 1.09
C CYS M 183 -7.15 -61.05 -0.21
N TRP M 184 -7.97 -61.11 -1.28
CA TRP M 184 -7.54 -61.62 -2.61
C TRP M 184 -7.92 -60.62 -3.71
N CYS M 185 -6.97 -60.26 -4.57
CA CYS M 185 -7.23 -59.51 -5.83
C CYS M 185 -6.74 -60.35 -7.01
N PRO M 186 -7.22 -60.07 -8.24
CA PRO M 186 -6.68 -60.71 -9.44
C PRO M 186 -5.17 -60.45 -9.51
N ASP M 187 -4.42 -61.52 -9.77
CA ASP M 187 -2.94 -61.53 -9.88
C ASP M 187 -2.51 -61.06 -11.27
N PRO M 188 -1.96 -59.84 -11.41
CA PRO M 188 -1.62 -59.30 -12.73
C PRO M 188 -0.36 -59.92 -13.33
N SER M 189 0.38 -60.68 -12.52
CA SER M 189 1.64 -61.40 -12.92
C SER M 189 1.28 -62.72 -13.61
N ARG M 190 0.01 -63.11 -13.60
CA ARG M 190 -0.50 -64.35 -14.22
C ARG M 190 -1.77 -64.03 -15.01
N ASN M 191 -2.77 -64.92 -14.98
CA ASN M 191 -4.06 -64.71 -15.69
C ASN M 191 -3.83 -64.43 -17.19
N GLU M 192 -2.83 -65.06 -17.82
CA GLU M 192 -2.58 -64.93 -19.28
C GLU M 192 -3.83 -65.41 -20.03
N ASN M 193 -4.53 -66.43 -19.49
CA ASN M 193 -5.68 -67.11 -20.18
C ASN M 193 -7.01 -66.68 -19.54
N SER M 194 -7.04 -65.53 -18.86
CA SER M 194 -8.26 -64.91 -18.29
C SER M 194 -8.28 -63.42 -18.65
N ARG M 195 -9.45 -62.84 -18.82
CA ARG M 195 -9.64 -61.38 -18.93
C ARG M 195 -10.46 -60.92 -17.73
N TYR M 196 -9.96 -59.98 -16.93
CA TYR M 196 -10.67 -59.49 -15.73
C TYR M 196 -10.80 -57.96 -15.79
N PHE M 197 -11.88 -57.47 -15.17
CA PHE M 197 -12.32 -56.05 -15.17
C PHE M 197 -12.96 -55.74 -13.82
N GLY M 198 -12.45 -54.74 -13.11
CA GLY M 198 -12.95 -54.37 -11.77
C GLY M 198 -12.87 -52.87 -11.53
N SER M 199 -13.81 -52.36 -10.74
CA SER M 199 -13.81 -50.97 -10.22
C SER M 199 -14.29 -50.97 -8.77
N TYR M 200 -13.48 -50.42 -7.86
CA TYR M 200 -13.82 -50.21 -6.43
C TYR M 200 -14.00 -48.70 -6.18
N THR M 201 -15.00 -48.37 -5.37
CA THR M 201 -15.25 -47.00 -4.86
C THR M 201 -15.41 -47.08 -3.34
N GLY M 202 -14.67 -46.26 -2.59
CA GLY M 202 -14.72 -46.19 -1.12
C GLY M 202 -15.80 -45.22 -0.65
N GLY M 203 -15.66 -44.74 0.59
CA GLY M 203 -16.53 -43.72 1.21
C GLY M 203 -17.56 -44.34 2.13
N VAL M 204 -18.20 -43.50 2.95
CA VAL M 204 -19.15 -43.95 4.02
C VAL M 204 -20.57 -43.99 3.45
N GLU M 205 -20.97 -42.95 2.71
CA GLU M 205 -22.36 -42.79 2.20
C GLU M 205 -22.37 -42.65 0.67
N THR M 206 -21.29 -43.10 0.02
CA THR M 206 -21.08 -42.95 -1.45
C THR M 206 -22.24 -43.58 -2.22
N PRO M 207 -22.86 -42.83 -3.16
CA PRO M 207 -23.98 -43.38 -3.94
C PRO M 207 -23.44 -44.34 -4.99
N PRO M 208 -24.02 -45.55 -5.11
CA PRO M 208 -23.73 -46.43 -6.25
C PRO M 208 -24.28 -45.81 -7.54
N VAL M 209 -23.51 -45.92 -8.62
CA VAL M 209 -23.88 -45.52 -10.00
C VAL M 209 -23.71 -46.74 -10.88
N LEU M 210 -24.79 -47.35 -11.35
CA LEU M 210 -24.76 -48.58 -12.18
C LEU M 210 -25.66 -48.39 -13.40
N SER M 211 -25.18 -48.83 -14.56
CA SER M 211 -25.92 -48.76 -15.85
C SER M 211 -26.28 -50.17 -16.30
N PHE M 212 -27.35 -50.30 -17.09
CA PHE M 212 -27.82 -51.60 -17.62
C PHE M 212 -28.40 -51.39 -19.02
N THR M 213 -27.94 -52.20 -19.98
CA THR M 213 -28.39 -52.23 -21.40
C THR M 213 -28.01 -53.59 -21.99
N ASN M 214 -28.79 -54.08 -22.96
CA ASN M 214 -28.47 -55.33 -23.69
C ASN M 214 -27.77 -54.98 -25.01
N THR M 215 -27.20 -53.77 -25.13
CA THR M 215 -26.51 -53.28 -26.35
C THR M 215 -24.99 -53.20 -26.17
N SER M 216 -24.47 -53.35 -24.95
CA SER M 216 -23.00 -53.27 -24.67
C SER M 216 -22.37 -54.62 -24.94
N THR M 217 -21.10 -54.64 -25.38
CA THR M 217 -20.29 -55.88 -25.59
C THR M 217 -18.85 -55.62 -25.17
N THR M 218 -18.25 -56.56 -24.46
CA THR M 218 -16.80 -56.50 -24.08
C THR M 218 -16.04 -57.52 -24.93
N ILE M 219 -15.08 -57.06 -25.72
CA ILE M 219 -14.18 -57.91 -26.53
C ILE M 219 -13.16 -58.56 -25.59
N LEU M 220 -12.88 -59.85 -25.76
CA LEU M 220 -12.00 -60.64 -24.87
C LEU M 220 -10.71 -61.01 -25.61
N LEU M 221 -10.57 -60.66 -26.89
CA LEU M 221 -9.34 -60.93 -27.68
C LEU M 221 -8.21 -60.06 -27.12
N ASP M 222 -6.99 -60.58 -27.09
CA ASP M 222 -5.79 -59.87 -26.55
C ASP M 222 -5.13 -59.05 -27.66
N GLU M 223 -3.97 -58.46 -27.36
CA GLU M 223 -3.12 -57.67 -28.29
C GLU M 223 -2.94 -58.43 -29.62
N ASN M 224 -2.92 -59.77 -29.60
CA ASN M 224 -2.65 -60.64 -30.77
C ASN M 224 -3.92 -61.35 -31.27
N GLY M 225 -5.12 -60.82 -30.97
CA GLY M 225 -6.39 -61.33 -31.50
C GLY M 225 -6.74 -62.73 -31.00
N VAL M 226 -6.15 -63.17 -29.89
CA VAL M 226 -6.43 -64.48 -29.24
C VAL M 226 -7.26 -64.24 -27.97
N GLY M 227 -8.39 -64.94 -27.84
CA GLY M 227 -9.24 -64.92 -26.64
C GLY M 227 -8.84 -65.99 -25.64
N PRO M 228 -9.47 -66.03 -24.44
CA PRO M 228 -9.27 -67.14 -23.52
C PRO M 228 -9.58 -68.47 -24.23
N LEU M 229 -8.66 -69.42 -24.12
CA LEU M 229 -8.82 -70.81 -24.65
C LEU M 229 -9.25 -71.73 -23.50
N CYS M 230 -10.45 -72.30 -23.62
CA CYS M 230 -11.13 -73.07 -22.56
C CYS M 230 -10.52 -74.46 -22.44
N LYS M 231 -9.59 -74.65 -21.50
CA LYS M 231 -8.96 -75.95 -21.18
C LYS M 231 -10.01 -76.91 -20.63
N GLY M 232 -9.88 -78.20 -20.92
CA GLY M 232 -10.82 -79.26 -20.52
C GLY M 232 -12.26 -78.92 -20.91
N ASP M 233 -12.47 -78.18 -21.99
CA ASP M 233 -13.82 -77.80 -22.49
C ASP M 233 -14.62 -77.16 -21.35
N GLY M 234 -13.97 -76.28 -20.58
CA GLY M 234 -14.56 -75.53 -19.46
C GLY M 234 -14.35 -74.03 -19.58
N LEU M 235 -15.42 -73.25 -19.46
CA LEU M 235 -15.41 -71.77 -19.41
C LEU M 235 -15.55 -71.34 -17.95
N TYR M 236 -14.63 -70.50 -17.47
CA TYR M 236 -14.50 -70.10 -16.04
C TYR M 236 -14.99 -68.66 -15.87
N LEU M 237 -16.17 -68.50 -15.24
CA LEU M 237 -16.76 -67.20 -14.89
C LEU M 237 -16.49 -66.86 -13.42
N SER M 238 -16.20 -65.60 -13.14
CA SER M 238 -16.01 -65.05 -11.77
C SER M 238 -16.69 -63.68 -11.67
N SER M 239 -17.16 -63.35 -10.48
CA SER M 239 -18.03 -62.17 -10.20
C SER M 239 -17.73 -61.69 -8.78
N ALA M 240 -17.81 -60.37 -8.57
CA ALA M 240 -17.82 -59.74 -7.23
C ALA M 240 -18.61 -58.44 -7.35
N ASP M 241 -19.90 -58.45 -7.01
CA ASP M 241 -20.78 -57.27 -7.17
C ASP M 241 -21.43 -56.92 -5.83
N VAL M 242 -20.67 -56.22 -5.00
CA VAL M 242 -21.12 -55.67 -3.70
C VAL M 242 -21.52 -54.22 -3.96
N ALA M 243 -22.82 -53.96 -4.12
CA ALA M 243 -23.39 -52.66 -4.57
C ALA M 243 -23.17 -51.59 -3.50
N GLY M 244 -23.01 -52.02 -2.25
CA GLY M 244 -22.82 -51.16 -1.07
C GLY M 244 -23.39 -51.80 0.18
N THR M 245 -23.87 -51.00 1.11
CA THR M 245 -24.45 -51.46 2.40
C THR M 245 -25.90 -51.00 2.50
N PHE M 246 -26.73 -51.83 3.11
CA PHE M 246 -28.06 -51.46 3.64
C PHE M 246 -27.87 -50.93 5.08
N VAL M 247 -28.37 -49.72 5.36
CA VAL M 247 -28.34 -49.08 6.70
C VAL M 247 -29.76 -49.18 7.29
N GLN M 248 -29.92 -49.93 8.38
CA GLN M 248 -31.25 -50.23 8.97
C GLN M 248 -31.63 -49.15 9.99
N GLN M 249 -32.87 -48.66 9.94
CA GLN M 249 -33.44 -47.72 10.94
C GLN M 249 -33.30 -48.33 12.34
N THR M 250 -33.20 -47.48 13.36
CA THR M 250 -33.27 -47.87 14.79
C THR M 250 -31.95 -48.54 15.20
N SER M 251 -31.64 -49.73 14.66
CA SER M 251 -30.38 -50.46 14.97
C SER M 251 -29.18 -49.63 14.48
N GLN M 252 -29.34 -48.96 13.34
CA GLN M 252 -28.27 -48.22 12.62
C GLN M 252 -27.11 -49.18 12.33
N LYS M 253 -27.43 -50.46 12.14
CA LYS M 253 -26.47 -51.50 11.71
C LYS M 253 -26.40 -51.51 10.18
N GLN M 254 -25.25 -51.93 9.65
CA GLN M 254 -24.99 -52.00 8.19
C GLN M 254 -24.86 -53.46 7.77
N TYR M 255 -25.41 -53.78 6.60
CA TYR M 255 -25.35 -55.11 5.96
C TYR M 255 -24.84 -54.93 4.52
N TRP M 256 -23.82 -55.69 4.14
CA TRP M 256 -23.36 -55.78 2.73
C TRP M 256 -24.53 -56.25 1.86
N ARG M 257 -24.74 -55.59 0.72
CA ARG M 257 -25.77 -55.96 -0.30
C ARG M 257 -25.05 -56.35 -1.60
N GLY M 258 -25.30 -57.58 -2.06
CA GLY M 258 -24.74 -58.11 -3.31
C GLY M 258 -25.77 -58.19 -4.41
N LEU M 259 -25.32 -58.17 -5.66
CA LEU M 259 -26.22 -58.35 -6.84
C LEU M 259 -25.67 -59.44 -7.74
N PRO M 260 -26.56 -60.15 -8.47
CA PRO M 260 -26.14 -61.20 -9.40
C PRO M 260 -25.63 -60.57 -10.70
N ARG M 261 -24.72 -61.28 -11.37
CA ARG M 261 -24.17 -60.86 -12.69
C ARG M 261 -24.58 -61.88 -13.75
N TYR M 262 -25.12 -61.40 -14.86
CA TYR M 262 -25.48 -62.19 -16.05
C TYR M 262 -24.30 -62.18 -17.03
N PHE M 263 -24.00 -63.35 -17.61
CA PHE M 263 -22.98 -63.48 -18.67
C PHE M 263 -23.62 -64.06 -19.94
N ASN M 264 -23.16 -63.57 -21.09
CA ASN M 264 -23.50 -64.15 -22.42
C ASN M 264 -22.21 -64.17 -23.23
N ILE M 265 -21.51 -65.30 -23.23
CA ILE M 265 -20.17 -65.43 -23.88
C ILE M 265 -20.37 -66.01 -25.29
N THR M 266 -19.76 -65.38 -26.29
CA THR M 266 -19.64 -65.90 -27.66
C THR M 266 -18.27 -66.57 -27.78
N LEU M 267 -18.26 -67.87 -28.13
CA LEU M 267 -17.01 -68.63 -28.36
C LEU M 267 -16.97 -69.14 -29.80
N ARG M 268 -15.77 -69.42 -30.29
CA ARG M 268 -15.51 -69.94 -31.65
C ARG M 268 -14.42 -71.02 -31.54
N LYS M 269 -14.41 -71.97 -32.49
CA LYS M 269 -13.43 -73.09 -32.48
C LYS M 269 -12.06 -72.54 -32.95
N ARG M 270 -11.00 -72.86 -32.20
CA ARG M 270 -9.62 -72.46 -32.53
C ARG M 270 -8.76 -73.72 -32.48
N ALA M 271 -7.85 -73.88 -33.44
CA ALA M 271 -6.92 -75.03 -33.56
C ALA M 271 -5.65 -74.73 -32.77
N VAL M 272 -5.03 -75.77 -32.20
CA VAL M 272 -3.81 -75.65 -31.32
C VAL M 272 -2.88 -76.84 -31.57
N LYS M 273 -1.58 -76.67 -31.39
CA LYS M 273 -0.51 -77.60 -31.86
C LYS M 273 -0.39 -78.76 -30.86
N ILE N 7 -37.83 -65.53 -36.04
CA ILE N 7 -38.10 -65.00 -37.43
C ILE N 7 -36.79 -65.04 -38.24
N GLU N 8 -36.78 -65.70 -39.40
CA GLU N 8 -35.66 -65.64 -40.39
C GLU N 8 -35.76 -64.29 -41.12
N VAL N 9 -34.75 -63.44 -40.94
CA VAL N 9 -34.72 -62.03 -41.45
C VAL N 9 -34.14 -62.04 -42.86
N LEU N 10 -34.74 -61.31 -43.80
CA LEU N 10 -34.28 -61.26 -45.22
C LEU N 10 -33.83 -59.83 -45.58
N ASP N 11 -34.09 -59.41 -46.82
CA ASP N 11 -33.61 -58.12 -47.39
C ASP N 11 -34.39 -56.96 -46.76
N VAL N 12 -33.78 -55.78 -46.74
CA VAL N 12 -34.44 -54.51 -46.33
C VAL N 12 -35.14 -53.91 -47.56
N LYS N 13 -36.48 -53.87 -47.60
CA LYS N 13 -37.19 -53.13 -48.70
C LYS N 13 -36.80 -51.64 -48.62
N THR N 14 -36.23 -51.09 -49.68
CA THR N 14 -35.97 -49.63 -49.87
C THR N 14 -36.87 -49.14 -51.00
N GLY N 15 -36.99 -47.82 -51.14
CA GLY N 15 -37.89 -47.17 -52.11
C GLY N 15 -38.89 -46.24 -51.41
N PRO N 16 -39.83 -45.63 -52.15
CA PRO N 16 -40.82 -44.74 -51.53
C PRO N 16 -41.76 -45.52 -50.59
N ASP N 17 -42.25 -44.84 -49.54
CA ASP N 17 -43.18 -45.41 -48.53
C ASP N 17 -42.57 -46.66 -47.87
N SER N 18 -41.26 -46.72 -47.72
CA SER N 18 -40.54 -47.90 -47.13
C SER N 18 -40.02 -47.55 -45.73
N THR N 19 -39.97 -46.26 -45.37
CA THR N 19 -39.64 -45.79 -44.00
C THR N 19 -40.84 -45.00 -43.44
N THR N 20 -40.91 -44.91 -42.12
CA THR N 20 -41.90 -44.09 -41.38
C THR N 20 -41.30 -43.70 -40.02
N THR N 21 -41.78 -42.61 -39.43
CA THR N 21 -41.42 -42.18 -38.06
C THR N 21 -42.65 -42.27 -37.16
N ILE N 22 -42.44 -42.53 -35.88
CA ILE N 22 -43.48 -42.57 -34.82
C ILE N 22 -43.04 -41.63 -33.69
N GLU N 23 -43.86 -40.60 -33.42
CA GLU N 23 -43.76 -39.74 -32.21
C GLU N 23 -44.67 -40.32 -31.14
N ALA N 24 -44.18 -40.42 -29.91
CA ALA N 24 -44.95 -40.84 -28.72
C ALA N 24 -44.31 -40.25 -27.47
N TYR N 25 -45.09 -40.12 -26.39
CA TYR N 25 -44.57 -39.78 -25.05
C TYR N 25 -45.16 -40.78 -24.06
N LEU N 26 -44.38 -41.17 -23.06
CA LEU N 26 -44.87 -41.90 -21.86
C LEU N 26 -44.82 -40.95 -20.66
N ASN N 27 -45.96 -40.70 -20.04
CA ASN N 27 -46.02 -39.96 -18.75
C ASN N 27 -45.60 -40.90 -17.64
N PRO N 28 -44.97 -40.38 -16.56
CA PRO N 28 -44.45 -41.21 -15.49
C PRO N 28 -45.58 -41.82 -14.65
N ARG N 29 -45.34 -42.99 -14.08
CA ARG N 29 -46.30 -43.69 -13.19
C ARG N 29 -45.60 -43.95 -11.84
N VAL N 30 -45.47 -42.89 -11.04
CA VAL N 30 -44.72 -42.90 -9.74
C VAL N 30 -45.69 -43.21 -8.58
N GLY N 31 -46.93 -43.64 -8.88
CA GLY N 31 -47.94 -44.00 -7.86
C GLY N 31 -49.22 -43.21 -8.04
N GLN N 32 -49.12 -41.99 -8.55
CA GLN N 32 -50.27 -41.19 -9.06
C GLN N 32 -49.90 -40.72 -10.46
N ASN N 33 -50.77 -39.94 -11.12
CA ASN N 33 -50.68 -39.68 -12.57
C ASN N 33 -50.10 -38.29 -12.86
N TRP N 34 -49.77 -37.50 -11.82
CA TRP N 34 -49.41 -36.08 -12.00
C TRP N 34 -47.99 -35.80 -11.53
N GLY N 35 -47.13 -36.81 -11.60
CA GLY N 35 -45.66 -36.66 -11.51
C GLY N 35 -45.12 -36.80 -10.10
N PHE N 36 -46.00 -36.95 -9.11
CA PHE N 36 -45.60 -37.17 -7.70
C PHE N 36 -46.36 -38.35 -7.10
N SER N 37 -45.62 -39.15 -6.32
CA SER N 37 -46.17 -40.18 -5.41
C SER N 37 -46.83 -39.49 -4.21
N THR N 38 -47.58 -40.26 -3.42
CA THR N 38 -47.98 -39.88 -2.04
C THR N 38 -46.72 -40.05 -1.17
N GLU N 39 -46.77 -39.56 0.08
CA GLU N 39 -45.59 -39.56 0.98
C GLU N 39 -44.99 -40.97 1.04
N ILE N 40 -43.66 -41.05 0.99
CA ILE N 40 -42.93 -42.32 1.17
C ILE N 40 -43.03 -42.69 2.64
N THR N 41 -43.45 -43.93 2.93
CA THR N 41 -43.60 -44.46 4.31
C THR N 41 -42.55 -45.56 4.50
N VAL N 42 -42.16 -45.79 5.76
CA VAL N 42 -41.16 -46.83 6.14
C VAL N 42 -41.78 -47.70 7.24
N ALA N 43 -41.97 -48.98 6.96
CA ALA N 43 -42.44 -49.99 7.93
C ALA N 43 -41.53 -49.96 9.16
N SER N 44 -42.09 -50.08 10.37
CA SER N 44 -41.30 -50.24 11.61
C SER N 44 -40.69 -51.65 11.65
N ASN N 45 -39.43 -51.75 12.09
CA ASN N 45 -38.72 -53.05 12.21
C ASN N 45 -39.66 -54.05 12.90
N GLY N 46 -39.84 -55.23 12.30
CA GLY N 46 -40.63 -56.34 12.86
C GLY N 46 -42.07 -56.35 12.40
N TYR N 47 -42.57 -55.25 11.82
CA TYR N 47 -43.94 -55.15 11.26
C TYR N 47 -43.89 -55.46 9.77
N ASN N 48 -45.06 -55.68 9.15
CA ASN N 48 -45.17 -55.92 7.69
C ASN N 48 -44.61 -54.73 6.92
N ASP N 49 -43.86 -55.01 5.86
CA ASP N 49 -43.46 -54.04 4.82
C ASP N 49 -44.60 -53.92 3.81
N ALA N 50 -45.54 -52.99 4.02
CA ALA N 50 -46.78 -52.87 3.24
C ALA N 50 -46.94 -51.42 2.78
N PRO N 51 -46.21 -51.01 1.73
CA PRO N 51 -46.30 -49.64 1.21
C PRO N 51 -47.65 -49.41 0.53
N HIS N 52 -48.09 -48.15 0.52
CA HIS N 52 -49.33 -47.68 -0.15
C HIS N 52 -49.18 -47.85 -1.66
N LEU N 53 -50.26 -48.22 -2.37
CA LEU N 53 -50.25 -48.29 -3.85
C LEU N 53 -49.61 -47.03 -4.42
N THR N 54 -49.99 -45.86 -3.89
CA THR N 54 -49.70 -44.54 -4.51
C THR N 54 -48.31 -44.03 -4.11
N GLU N 55 -47.45 -44.87 -3.50
CA GLU N 55 -46.08 -44.45 -3.08
C GLU N 55 -45.03 -45.31 -3.80
N ILE N 56 -45.47 -46.15 -4.74
CA ILE N 56 -44.61 -47.18 -5.42
C ILE N 56 -44.53 -46.84 -6.90
N PRO N 57 -43.37 -46.34 -7.38
CA PRO N 57 -43.17 -46.07 -8.80
C PRO N 57 -43.10 -47.36 -9.63
N CYS N 58 -43.72 -47.30 -10.81
CA CYS N 58 -43.86 -48.42 -11.78
C CYS N 58 -43.30 -48.00 -13.15
N TYR N 59 -42.92 -49.00 -13.94
CA TYR N 59 -42.59 -48.85 -15.38
C TYR N 59 -43.82 -48.28 -16.09
N SER N 60 -43.63 -47.18 -16.82
CA SER N 60 -44.53 -46.71 -17.91
C SER N 60 -44.31 -47.59 -19.13
N SER N 61 -45.38 -47.87 -19.88
CA SER N 61 -45.38 -48.80 -21.03
C SER N 61 -46.56 -48.49 -21.94
N ALA N 62 -46.35 -48.56 -23.25
CA ALA N 62 -47.43 -48.40 -24.26
C ALA N 62 -47.07 -49.22 -25.51
N ARG N 63 -48.10 -49.66 -26.24
CA ARG N 63 -47.97 -50.30 -27.56
C ARG N 63 -48.54 -49.34 -28.60
N ILE N 64 -47.68 -48.81 -29.47
CA ILE N 64 -48.11 -47.92 -30.60
C ILE N 64 -48.47 -48.82 -31.78
N SER N 65 -49.63 -48.58 -32.38
CA SER N 65 -50.11 -49.26 -33.62
C SER N 65 -49.37 -48.67 -34.83
N LEU N 66 -48.73 -49.54 -35.62
CA LEU N 66 -48.00 -49.17 -36.85
C LEU N 66 -48.89 -49.40 -38.07
N PRO N 67 -48.65 -48.71 -39.21
CA PRO N 67 -49.40 -48.99 -40.44
C PRO N 67 -49.39 -50.50 -40.78
N LEU N 68 -50.54 -51.05 -41.18
CA LEU N 68 -50.68 -52.49 -41.52
C LEU N 68 -49.84 -52.74 -42.79
N LEU N 69 -49.15 -53.89 -42.85
CA LEU N 69 -48.19 -54.14 -43.97
C LEU N 69 -48.70 -55.13 -45.01
N ASN N 70 -49.26 -56.26 -44.62
CA ASN N 70 -49.50 -57.41 -45.53
C ASN N 70 -50.98 -57.41 -45.87
N GLU N 71 -51.33 -57.50 -47.16
CA GLU N 71 -52.70 -57.96 -47.59
C GLU N 71 -52.87 -59.43 -47.16
N ASP N 72 -51.84 -60.26 -47.36
CA ASP N 72 -51.95 -61.74 -47.24
C ASP N 72 -51.11 -62.22 -46.06
N ILE N 73 -51.75 -62.49 -44.92
CA ILE N 73 -51.03 -62.84 -43.64
C ILE N 73 -50.48 -64.27 -43.79
N SER N 75 -48.88 -65.02 -47.04
CA SER N 75 -48.01 -65.26 -48.21
C SER N 75 -46.74 -66.00 -47.77
N PRO N 76 -45.75 -66.19 -48.66
CA PRO N 76 -44.52 -66.91 -48.30
C PRO N 76 -43.39 -66.06 -47.70
N THR N 77 -43.32 -64.79 -48.10
CA THR N 77 -42.45 -63.76 -47.47
C THR N 77 -43.25 -62.48 -47.10
N LEU N 78 -43.40 -62.22 -45.82
CA LEU N 78 -44.15 -61.09 -45.26
C LEU N 78 -43.16 -59.97 -44.96
N LEU N 79 -43.74 -58.79 -44.65
CA LEU N 79 -42.99 -57.56 -44.23
C LEU N 79 -43.31 -57.27 -42.76
N MET N 80 -42.30 -56.89 -41.98
CA MET N 80 -42.43 -56.34 -40.61
C MET N 80 -41.73 -54.99 -40.55
N TRP N 81 -42.28 -54.05 -39.79
CA TRP N 81 -41.58 -52.79 -39.44
C TRP N 81 -40.38 -53.13 -38.57
N GLU N 82 -39.24 -52.52 -38.89
CA GLU N 82 -37.96 -52.68 -38.16
C GLU N 82 -37.58 -51.32 -37.58
N ALA N 83 -37.47 -51.22 -36.25
CA ALA N 83 -37.04 -50.00 -35.55
C ALA N 83 -35.53 -49.84 -35.73
N VAL N 84 -35.10 -48.74 -36.35
CA VAL N 84 -33.68 -48.53 -36.77
C VAL N 84 -32.98 -47.62 -35.74
N SER N 85 -33.64 -46.53 -35.37
CA SER N 85 -33.07 -45.48 -34.49
C SER N 85 -34.19 -44.84 -33.66
N VAL N 86 -33.82 -44.22 -32.54
CA VAL N 86 -34.76 -43.45 -31.69
C VAL N 86 -34.04 -42.20 -31.19
N LYS N 87 -34.67 -41.02 -31.40
CA LYS N 87 -34.36 -39.77 -30.66
C LYS N 87 -35.27 -39.80 -29.42
N THR N 88 -34.71 -39.79 -28.21
CA THR N 88 -35.49 -39.77 -26.95
C THR N 88 -34.99 -38.65 -26.05
N GLU N 89 -35.90 -38.07 -25.26
CA GLU N 89 -35.60 -36.94 -24.35
C GLU N 89 -36.46 -37.06 -23.09
N VAL N 90 -35.86 -36.76 -21.93
CA VAL N 90 -36.60 -36.60 -20.66
C VAL N 90 -37.15 -35.17 -20.64
N VAL N 91 -38.48 -35.05 -20.67
CA VAL N 91 -39.18 -33.75 -20.83
C VAL N 91 -39.36 -33.12 -19.44
N GLY N 92 -39.24 -31.80 -19.37
CA GLY N 92 -39.50 -31.01 -18.14
C GLY N 92 -38.37 -31.14 -17.13
N ILE N 93 -37.14 -31.39 -17.58
CA ILE N 93 -35.92 -31.33 -16.71
C ILE N 93 -35.87 -29.93 -16.09
N SER N 94 -36.09 -28.89 -16.89
CA SER N 94 -36.00 -27.47 -16.46
C SER N 94 -36.99 -27.18 -15.32
N SER N 95 -38.02 -28.02 -15.16
CA SER N 95 -39.08 -27.87 -14.13
C SER N 95 -38.46 -27.90 -12.73
N MET N 96 -37.27 -28.51 -12.60
CA MET N 96 -36.59 -28.73 -11.30
C MET N 96 -35.85 -27.45 -10.83
N LEU N 97 -35.63 -26.46 -11.69
CA LEU N 97 -35.01 -25.16 -11.26
C LEU N 97 -36.09 -24.31 -10.57
N ASN N 98 -36.54 -24.78 -9.39
CA ASN N 98 -37.68 -24.22 -8.63
C ASN N 98 -37.34 -24.33 -7.14
N MET N 99 -37.08 -23.19 -6.49
CA MET N 99 -36.69 -23.15 -5.05
C MET N 99 -37.75 -22.41 -4.23
N HIS N 100 -38.98 -22.28 -4.75
CA HIS N 100 -40.08 -21.52 -4.09
C HIS N 100 -41.30 -22.41 -3.78
N SER N 101 -41.42 -23.58 -4.42
CA SER N 101 -42.63 -24.43 -4.33
C SER N 101 -42.51 -25.43 -3.17
N TYR N 102 -42.45 -24.89 -1.94
CA TYR N 102 -42.75 -25.58 -0.65
C TYR N 102 -41.60 -26.53 -0.23
N GLY N 103 -40.44 -26.45 -0.89
CA GLY N 103 -39.32 -27.35 -0.59
C GLY N 103 -38.74 -27.06 0.79
N LEU N 104 -38.24 -28.09 1.49
CA LEU N 104 -37.47 -27.95 2.74
C LEU N 104 -36.41 -26.86 2.52
N ARG N 105 -36.32 -25.90 3.43
CA ARG N 105 -35.54 -24.65 3.21
C ARG N 105 -34.10 -24.84 3.72
N ALA N 106 -33.14 -24.36 2.92
CA ALA N 106 -31.69 -24.48 3.18
C ALA N 106 -31.23 -23.39 4.14
N PHE N 107 -30.03 -23.54 4.69
CA PHE N 107 -29.33 -22.54 5.52
C PHE N 107 -30.26 -22.12 6.67
N GLY N 108 -30.67 -23.11 7.47
CA GLY N 108 -31.44 -22.96 8.71
C GLY N 108 -32.83 -22.40 8.49
N GLY N 109 -33.40 -22.54 7.28
CA GLY N 109 -34.77 -22.14 6.95
C GLY N 109 -34.86 -20.76 6.31
N TYR N 110 -33.74 -20.04 6.15
CA TYR N 110 -33.71 -18.65 5.61
C TYR N 110 -33.47 -18.67 4.10
N GLY N 111 -32.94 -19.78 3.57
CA GLY N 111 -32.65 -19.94 2.13
C GLY N 111 -33.87 -20.43 1.36
N GLY N 112 -33.65 -20.89 0.12
CA GLY N 112 -34.70 -21.40 -0.77
C GLY N 112 -35.01 -22.86 -0.51
N GLY N 113 -36.09 -23.37 -1.11
CA GLY N 113 -36.50 -24.77 -1.03
C GLY N 113 -35.52 -25.70 -1.74
N TYR N 114 -35.37 -26.92 -1.23
CA TYR N 114 -34.59 -28.02 -1.87
C TYR N 114 -35.21 -28.34 -3.23
N THR N 115 -34.39 -28.32 -4.28
CA THR N 115 -34.75 -28.91 -5.60
C THR N 115 -34.80 -30.43 -5.45
N ILE N 116 -35.51 -31.09 -6.36
CA ILE N 116 -35.58 -32.58 -6.42
C ILE N 116 -34.16 -33.12 -6.24
N GLU N 117 -33.99 -34.07 -5.32
CA GLU N 117 -32.69 -34.72 -5.04
C GLU N 117 -32.93 -36.14 -4.51
N GLY N 118 -31.84 -36.90 -4.35
CA GLY N 118 -31.86 -38.27 -3.82
C GLY N 118 -31.75 -39.31 -4.94
N SER N 119 -31.95 -40.56 -4.58
CA SER N 119 -31.83 -41.73 -5.48
C SER N 119 -32.78 -41.55 -6.67
N HIS N 120 -32.31 -41.90 -7.86
CA HIS N 120 -33.03 -41.70 -9.14
C HIS N 120 -32.65 -42.81 -10.13
N ILE N 121 -33.59 -43.15 -11.02
CA ILE N 121 -33.36 -44.11 -12.13
C ILE N 121 -33.91 -43.49 -13.41
N HIS N 122 -33.19 -43.67 -14.52
CA HIS N 122 -33.62 -43.23 -15.86
C HIS N 122 -33.43 -44.40 -16.83
N PHE N 123 -34.50 -44.77 -17.51
CA PHE N 123 -34.53 -46.01 -18.32
C PHE N 123 -35.55 -45.89 -19.44
N PHE N 124 -35.21 -46.46 -20.60
CA PHE N 124 -36.13 -46.55 -21.77
C PHE N 124 -35.79 -47.83 -22.52
N SER N 125 -36.80 -48.38 -23.20
CA SER N 125 -36.66 -49.55 -24.09
C SER N 125 -37.56 -49.36 -25.32
N VAL N 126 -37.07 -49.80 -26.47
CA VAL N 126 -37.84 -49.90 -27.74
C VAL N 126 -37.77 -51.37 -28.18
N GLY N 127 -38.90 -51.94 -28.58
CA GLY N 127 -39.00 -53.38 -28.88
C GLY N 127 -40.15 -53.69 -29.83
N GLY N 128 -40.09 -54.87 -30.43
CA GLY N 128 -41.15 -55.40 -31.32
C GLY N 128 -42.13 -56.29 -30.57
N GLU N 129 -41.97 -56.35 -29.23
CA GLU N 129 -42.85 -57.11 -28.32
C GLU N 129 -42.68 -56.54 -26.92
N PRO N 130 -43.54 -56.91 -25.95
CA PRO N 130 -43.35 -56.51 -24.56
C PRO N 130 -41.94 -56.84 -24.05
N LEU N 131 -41.40 -55.94 -23.24
CA LEU N 131 -40.07 -56.07 -22.57
C LEU N 131 -40.14 -57.26 -21.59
N ASP N 132 -39.15 -58.14 -21.62
CA ASP N 132 -39.03 -59.28 -20.68
C ASP N 132 -38.43 -58.77 -19.36
N LEU N 133 -39.11 -59.06 -18.24
CA LEU N 133 -38.72 -58.64 -16.87
C LEU N 133 -38.22 -59.86 -16.09
N GLN N 134 -37.18 -59.64 -15.28
CA GLN N 134 -36.65 -60.59 -14.26
C GLN N 134 -37.01 -60.04 -12.88
N GLY N 135 -37.51 -60.90 -12.00
CA GLY N 135 -37.83 -60.55 -10.61
C GLY N 135 -36.56 -60.44 -9.77
N LEU N 136 -36.34 -59.28 -9.17
CA LEU N 136 -35.34 -59.08 -8.09
C LEU N 136 -35.74 -57.87 -7.25
N MET N 137 -35.82 -58.05 -5.93
CA MET N 137 -36.35 -57.06 -4.96
C MET N 137 -35.43 -57.03 -3.73
N GLN N 138 -35.47 -55.92 -2.97
CA GLN N 138 -34.63 -55.70 -1.77
C GLN N 138 -35.18 -56.54 -0.59
N ASN N 139 -36.50 -56.65 -0.48
CA ASN N 139 -37.19 -57.41 0.61
C ASN N 139 -38.23 -58.33 0.00
N HIS N 140 -37.99 -59.64 0.05
CA HIS N 140 -38.84 -60.70 -0.56
C HIS N 140 -40.27 -60.61 0.00
N SER N 141 -40.41 -60.11 1.23
CA SER N 141 -41.68 -60.12 2.00
C SER N 141 -42.52 -58.87 1.73
N THR N 142 -42.02 -57.92 0.92
CA THR N 142 -42.80 -56.69 0.58
C THR N 142 -44.19 -57.10 0.11
N GLN N 143 -45.23 -56.43 0.62
CA GLN N 143 -46.66 -56.65 0.24
C GLN N 143 -47.06 -55.54 -0.73
N TYR N 144 -47.20 -55.87 -2.01
CA TYR N 144 -47.66 -54.94 -3.06
C TYR N 144 -49.18 -54.99 -3.12
N PRO N 145 -49.88 -53.86 -2.89
CA PRO N 145 -51.33 -53.81 -3.05
C PRO N 145 -51.75 -54.09 -4.50
N SER N 146 -52.87 -54.80 -4.68
CA SER N 146 -53.57 -54.93 -5.98
C SER N 146 -53.91 -53.53 -6.49
N PRO N 147 -53.85 -53.24 -7.81
CA PRO N 147 -53.54 -54.24 -8.84
C PRO N 147 -52.07 -54.39 -9.29
N LEU N 148 -51.12 -53.92 -8.49
CA LEU N 148 -49.67 -54.06 -8.79
C LEU N 148 -49.34 -55.55 -8.87
N VAL N 149 -48.26 -55.89 -9.58
CA VAL N 149 -47.82 -57.30 -9.78
C VAL N 149 -46.35 -57.38 -9.35
N GLY N 150 -46.06 -58.23 -8.36
CA GLY N 150 -44.69 -58.48 -7.89
C GLY N 150 -44.25 -59.90 -8.21
N PRO N 151 -42.96 -60.23 -8.04
CA PRO N 151 -42.44 -61.56 -8.32
C PRO N 151 -43.13 -62.60 -7.42
N LYS N 152 -43.85 -63.54 -8.03
CA LYS N 152 -44.48 -64.70 -7.37
C LYS N 152 -43.97 -65.95 -8.09
N LYS N 153 -43.73 -67.05 -7.36
CA LYS N 153 -43.57 -68.40 -7.95
C LYS N 153 -44.90 -68.81 -8.55
N PRO N 154 -45.00 -69.93 -9.31
CA PRO N 154 -46.30 -70.42 -9.80
C PRO N 154 -47.30 -70.70 -8.65
N ASP N 155 -46.81 -71.12 -7.49
CA ASP N 155 -47.64 -71.52 -6.31
C ASP N 155 -48.15 -70.27 -5.57
N GLY N 156 -47.70 -69.07 -5.94
CA GLY N 156 -48.17 -67.78 -5.36
C GLY N 156 -47.22 -67.20 -4.33
N THR N 157 -46.25 -68.00 -3.85
CA THR N 157 -45.28 -67.62 -2.78
C THR N 157 -44.19 -66.71 -3.37
N THR N 158 -43.41 -66.10 -2.48
CA THR N 158 -42.20 -65.29 -2.82
C THR N 158 -41.14 -65.55 -1.75
N ASP N 159 -40.10 -66.32 -2.07
CA ASP N 159 -39.10 -66.75 -1.05
C ASP N 159 -37.89 -65.79 -1.09
N ASP N 160 -36.89 -66.06 -0.25
CA ASP N 160 -35.66 -65.23 -0.07
C ASP N 160 -34.90 -65.10 -1.39
N SER N 161 -35.03 -66.08 -2.29
CA SER N 161 -34.27 -66.14 -3.57
C SER N 161 -34.64 -64.95 -4.47
N ALA N 162 -35.79 -64.32 -4.26
CA ALA N 162 -36.24 -63.13 -5.02
C ALA N 162 -35.36 -61.90 -4.73
N GLN N 163 -34.43 -62.00 -3.77
CA GLN N 163 -33.47 -60.91 -3.42
C GLN N 163 -32.18 -61.08 -4.23
N VAL N 164 -32.06 -62.21 -4.92
CA VAL N 164 -30.95 -62.46 -5.89
C VAL N 164 -31.60 -62.94 -7.19
N LEU N 165 -30.85 -63.62 -8.07
CA LEU N 165 -31.40 -64.11 -9.35
C LEU N 165 -31.92 -65.53 -9.14
N ASN N 166 -33.25 -65.68 -9.27
CA ASN N 166 -33.93 -66.99 -9.44
C ASN N 166 -34.76 -66.91 -10.71
N PRO N 167 -34.40 -67.69 -11.76
CA PRO N 167 -35.15 -67.69 -13.02
C PRO N 167 -36.66 -67.95 -12.91
N ILE N 168 -37.12 -68.50 -11.79
CA ILE N 168 -38.58 -68.79 -11.56
C ILE N 168 -39.38 -67.48 -11.62
N TYR N 169 -38.76 -66.34 -11.30
CA TYR N 169 -39.43 -65.01 -11.21
C TYR N 169 -39.25 -64.22 -12.50
N LYS N 170 -40.21 -64.36 -13.43
CA LYS N 170 -40.20 -63.61 -14.72
C LYS N 170 -41.59 -63.06 -14.99
N ALA N 171 -41.68 -62.06 -15.85
CA ALA N 171 -42.94 -61.41 -16.29
C ALA N 171 -42.69 -60.66 -17.59
N LYS N 172 -43.76 -60.31 -18.29
CA LYS N 172 -43.72 -59.46 -19.49
C LYS N 172 -44.33 -58.11 -19.08
N LEU N 173 -43.68 -57.01 -19.44
CA LEU N 173 -44.14 -55.62 -19.16
C LEU N 173 -45.33 -55.33 -20.09
N ASP N 174 -46.50 -55.88 -19.76
CA ASP N 174 -47.68 -55.91 -20.67
C ASP N 174 -48.75 -54.91 -20.22
N LYS N 175 -48.53 -54.18 -19.12
CA LYS N 175 -49.53 -53.22 -18.57
C LYS N 175 -48.78 -52.00 -18.01
N ASP N 176 -49.25 -50.79 -18.35
CA ASP N 176 -48.73 -49.52 -17.80
C ASP N 176 -49.02 -49.49 -16.28
N ALA N 177 -48.17 -48.82 -15.51
CA ALA N 177 -48.43 -48.41 -14.11
C ALA N 177 -48.70 -49.62 -13.21
N THR N 178 -48.20 -50.79 -13.56
CA THR N 178 -48.57 -52.08 -12.94
C THR N 178 -47.36 -52.79 -12.33
N TYR N 179 -46.20 -52.73 -12.99
CA TYR N 179 -44.97 -53.47 -12.59
C TYR N 179 -44.05 -52.50 -11.85
N PRO N 180 -43.87 -52.68 -10.51
CA PRO N 180 -43.01 -51.78 -9.74
C PRO N 180 -41.55 -51.89 -10.19
N ILE N 181 -40.89 -50.73 -10.30
CA ILE N 181 -39.45 -50.62 -10.68
C ILE N 181 -38.62 -51.40 -9.67
N GLU N 182 -39.06 -51.47 -8.41
CA GLU N 182 -38.22 -51.91 -7.26
C GLU N 182 -38.15 -53.44 -7.18
N CYS N 183 -38.95 -54.19 -7.94
CA CYS N 183 -38.97 -55.68 -7.89
C CYS N 183 -38.80 -56.30 -9.29
N TRP N 184 -38.75 -55.49 -10.35
CA TRP N 184 -38.54 -55.95 -11.75
C TRP N 184 -37.42 -55.17 -12.42
N CYS N 185 -36.46 -55.86 -13.04
CA CYS N 185 -35.46 -55.25 -13.94
C CYS N 185 -35.57 -55.90 -15.31
N PRO N 186 -35.05 -55.27 -16.39
CA PRO N 186 -34.98 -55.91 -17.70
C PRO N 186 -34.19 -57.23 -17.58
N ASP N 187 -34.74 -58.28 -18.18
CA ASP N 187 -34.18 -59.66 -18.19
C ASP N 187 -33.13 -59.77 -19.28
N PRO N 188 -31.83 -59.85 -18.93
CA PRO N 188 -30.76 -59.87 -19.93
C PRO N 188 -30.63 -61.23 -20.64
N SER N 189 -31.32 -62.26 -20.12
CA SER N 189 -31.34 -63.64 -20.67
C SER N 189 -32.35 -63.72 -21.81
N ARG N 190 -33.15 -62.68 -22.02
CA ARG N 190 -34.17 -62.60 -23.09
C ARG N 190 -34.07 -61.24 -23.79
N ASN N 191 -35.20 -60.62 -24.14
CA ASN N 191 -35.23 -59.30 -24.81
C ASN N 191 -34.38 -59.31 -26.08
N GLU N 192 -34.35 -60.41 -26.83
CA GLU N 192 -33.63 -60.50 -28.14
C GLU N 192 -34.22 -59.44 -29.09
N ASN N 193 -35.53 -59.18 -28.99
CA ASN N 193 -36.28 -58.30 -29.94
C ASN N 193 -36.62 -56.96 -29.28
N SER N 194 -35.88 -56.58 -28.23
CA SER N 194 -35.97 -55.26 -27.56
C SER N 194 -34.57 -54.70 -27.34
N ARG N 195 -34.43 -53.38 -27.36
CA ARG N 195 -33.18 -52.68 -26.94
C ARG N 195 -33.51 -51.85 -25.71
N TYR N 196 -32.82 -52.04 -24.60
CA TYR N 196 -33.07 -51.30 -23.34
C TYR N 196 -31.77 -50.64 -22.85
N PHE N 197 -31.95 -49.51 -22.16
CA PHE N 197 -30.89 -48.61 -21.67
C PHE N 197 -31.34 -48.00 -20.34
N GLY N 198 -30.54 -48.18 -19.28
CA GLY N 198 -30.89 -47.70 -17.93
C GLY N 198 -29.68 -47.30 -17.13
N SER N 199 -29.85 -46.32 -16.27
CA SER N 199 -28.82 -45.86 -15.29
C SER N 199 -29.50 -45.51 -13.96
N TYR N 200 -29.06 -46.12 -12.87
CA TYR N 200 -29.52 -45.85 -11.48
C TYR N 200 -28.38 -45.16 -10.72
N THR N 201 -28.73 -44.18 -9.89
CA THR N 201 -27.83 -43.52 -8.92
C THR N 201 -28.51 -43.52 -7.55
N GLY N 202 -27.80 -43.99 -6.51
CA GLY N 202 -28.30 -44.03 -5.13
C GLY N 202 -28.02 -42.74 -4.38
N GLY N 203 -28.01 -42.81 -3.05
CA GLY N 203 -27.68 -41.70 -2.14
C GLY N 203 -28.90 -41.03 -1.57
N VAL N 204 -28.71 -40.21 -0.54
CA VAL N 204 -29.82 -39.57 0.24
C VAL N 204 -30.16 -38.23 -0.38
N GLU N 205 -29.15 -37.41 -0.69
CA GLU N 205 -29.31 -36.02 -1.18
C GLU N 205 -28.63 -35.84 -2.54
N THR N 206 -28.39 -36.94 -3.27
CA THR N 206 -27.64 -36.97 -4.55
C THR N 206 -28.31 -36.03 -5.55
N PRO N 207 -27.54 -35.11 -6.19
CA PRO N 207 -28.10 -34.20 -7.18
C PRO N 207 -28.36 -34.94 -8.48
N PRO N 208 -29.56 -34.80 -9.07
CA PRO N 208 -29.80 -35.29 -10.42
C PRO N 208 -28.98 -34.49 -11.44
N VAL N 209 -28.41 -35.19 -12.42
CA VAL N 209 -27.67 -34.61 -13.58
C VAL N 209 -28.35 -35.14 -14.83
N LEU N 210 -29.07 -34.29 -15.56
CA LEU N 210 -29.81 -34.67 -16.79
C LEU N 210 -29.47 -33.68 -17.91
N SER N 211 -29.26 -34.21 -19.11
CA SER N 211 -28.99 -33.41 -20.33
C SER N 211 -30.18 -33.52 -21.29
N PHE N 212 -30.37 -32.51 -22.12
CA PHE N 212 -31.45 -32.49 -23.14
C PHE N 212 -30.95 -31.76 -24.39
N THR N 213 -31.12 -32.42 -25.55
CA THR N 213 -30.74 -31.91 -26.89
C THR N 213 -31.58 -32.64 -27.94
N ASN N 214 -31.88 -31.96 -29.05
CA ASN N 214 -32.57 -32.58 -30.21
C ASN N 214 -31.53 -33.04 -31.25
N THR N 215 -30.27 -33.19 -30.85
CA THR N 215 -29.15 -33.59 -31.75
C THR N 215 -28.69 -35.03 -31.48
N SER N 216 -29.13 -35.66 -30.38
CA SER N 216 -28.72 -37.06 -30.02
C SER N 216 -29.60 -38.04 -30.79
N THR N 217 -29.05 -39.20 -31.14
CA THR N 217 -29.76 -40.35 -31.77
C THR N 217 -29.18 -41.64 -31.20
N THR N 218 -30.04 -42.59 -30.84
CA THR N 218 -29.62 -43.95 -30.39
C THR N 218 -29.93 -44.95 -31.49
N ILE N 219 -28.91 -45.63 -32.01
CA ILE N 219 -29.05 -46.69 -33.03
C ILE N 219 -29.59 -47.95 -32.33
N LEU N 220 -30.56 -48.63 -32.94
CA LEU N 220 -31.25 -49.80 -32.35
C LEU N 220 -30.85 -51.09 -33.09
N LEU N 221 -30.04 -51.00 -34.13
CA LEU N 221 -29.56 -52.18 -34.89
C LEU N 221 -28.61 -52.97 -34.00
N ASP N 222 -28.64 -54.31 -34.08
CA ASP N 222 -27.81 -55.22 -33.25
C ASP N 222 -26.45 -55.46 -33.95
N GLU N 223 -25.65 -56.37 -33.38
CA GLU N 223 -24.34 -56.82 -33.92
C GLU N 223 -24.46 -57.14 -35.41
N ASN N 224 -25.62 -57.62 -35.88
CA ASN N 224 -25.85 -58.09 -37.28
C ASN N 224 -26.73 -57.10 -38.07
N GLY N 225 -26.80 -55.83 -37.67
CA GLY N 225 -27.51 -54.78 -38.42
C GLY N 225 -29.02 -54.98 -38.49
N VAL N 226 -29.59 -55.76 -37.56
CA VAL N 226 -31.05 -56.00 -37.45
C VAL N 226 -31.58 -55.24 -36.24
N GLY N 227 -32.63 -54.44 -36.43
CA GLY N 227 -33.34 -53.74 -35.36
C GLY N 227 -34.48 -54.56 -34.79
N PRO N 228 -35.17 -54.08 -33.74
CA PRO N 228 -36.40 -54.72 -33.26
C PRO N 228 -37.41 -54.84 -34.42
N LEU N 229 -37.95 -56.05 -34.61
CA LEU N 229 -39.00 -56.35 -35.60
C LEU N 229 -40.36 -56.35 -34.89
N CYS N 230 -41.23 -55.43 -35.30
CA CYS N 230 -42.53 -55.15 -34.62
C CYS N 230 -43.56 -56.23 -34.98
N LYS N 231 -43.72 -57.22 -34.10
CA LYS N 231 -44.74 -58.30 -34.23
C LYS N 231 -46.14 -57.69 -34.13
N GLY N 232 -47.10 -58.26 -34.85
CA GLY N 232 -48.49 -57.77 -34.92
C GLY N 232 -48.58 -56.30 -35.26
N ASP N 233 -47.61 -55.76 -36.02
CA ASP N 233 -47.60 -54.33 -36.43
C ASP N 233 -47.73 -53.43 -35.19
N GLY N 234 -47.01 -53.79 -34.12
CA GLY N 234 -46.97 -53.04 -32.85
C GLY N 234 -45.57 -52.71 -32.40
N LEU N 235 -45.33 -51.43 -32.09
CA LEU N 235 -44.05 -50.92 -31.50
C LEU N 235 -44.25 -50.74 -30.00
N TYR N 236 -43.37 -51.35 -29.19
CA TYR N 236 -43.48 -51.43 -27.71
C TYR N 236 -42.47 -50.47 -27.07
N LEU N 237 -42.98 -49.36 -26.51
CA LEU N 237 -42.18 -48.36 -25.75
C LEU N 237 -42.33 -48.62 -24.25
N SER N 238 -41.22 -48.47 -23.50
CA SER N 238 -41.18 -48.56 -22.02
C SER N 238 -40.28 -47.45 -21.48
N SER N 239 -40.58 -46.98 -20.26
CA SER N 239 -39.97 -45.79 -19.63
C SER N 239 -39.98 -45.98 -18.12
N ALA N 240 -38.94 -45.49 -17.45
CA ALA N 240 -38.89 -45.35 -15.97
C ALA N 240 -37.99 -44.16 -15.66
N ASP N 241 -38.58 -42.99 -15.42
CA ASP N 241 -37.80 -41.74 -15.19
C ASP N 241 -38.21 -41.12 -13.85
N VAL N 242 -37.65 -41.65 -12.78
CA VAL N 242 -37.81 -41.14 -11.39
C VAL N 242 -36.60 -40.25 -11.11
N ALA N 243 -36.77 -38.92 -11.25
CA ALA N 243 -35.69 -37.91 -11.20
C ALA N 243 -35.08 -37.83 -9.81
N GLY N 244 -35.86 -38.23 -8.80
CA GLY N 244 -35.47 -38.21 -7.38
C GLY N 244 -36.68 -38.00 -6.50
N THR N 245 -36.50 -37.34 -5.36
CA THR N 245 -37.58 -37.07 -4.37
C THR N 245 -37.73 -35.56 -4.19
N PHE N 246 -38.97 -35.12 -3.99
CA PHE N 246 -39.30 -33.79 -3.43
C PHE N 246 -39.32 -33.89 -1.90
N VAL N 247 -38.57 -33.03 -1.23
CA VAL N 247 -38.49 -32.94 0.26
C VAL N 247 -39.29 -31.70 0.68
N GLN N 248 -40.39 -31.90 1.40
CA GLN N 248 -41.34 -30.80 1.76
C GLN N 248 -40.93 -30.16 3.08
N GLN N 249 -40.92 -28.82 3.13
CA GLN N 249 -40.67 -28.04 4.38
C GLN N 249 -41.67 -28.49 5.45
N THR N 250 -41.29 -28.36 6.72
CA THR N 250 -42.17 -28.54 7.90
C THR N 250 -42.43 -30.04 8.10
N SER N 251 -43.14 -30.70 7.19
CA SER N 251 -43.45 -32.16 7.29
C SER N 251 -42.13 -32.95 7.21
N GLN N 252 -41.18 -32.48 6.39
CA GLN N 252 -39.90 -33.17 6.07
C GLN N 252 -40.21 -34.56 5.52
N LYS N 253 -41.35 -34.70 4.85
CA LYS N 253 -41.75 -35.93 4.12
C LYS N 253 -41.17 -35.88 2.71
N GLN N 254 -40.92 -37.04 2.12
CA GLN N 254 -40.36 -37.20 0.76
C GLN N 254 -41.42 -37.79 -0.15
N TYR N 255 -41.47 -37.30 -1.40
CA TYR N 255 -42.35 -37.76 -2.48
C TYR N 255 -41.50 -38.06 -3.72
N TRP N 256 -41.65 -39.25 -4.30
CA TRP N 256 -41.04 -39.59 -5.62
C TRP N 256 -41.54 -38.59 -6.66
N ARG N 257 -40.63 -38.08 -7.49
CA ARG N 257 -40.93 -37.17 -8.62
C ARG N 257 -40.55 -37.87 -9.93
N GLY N 258 -41.52 -38.02 -10.82
CA GLY N 258 -41.33 -38.65 -12.15
C GLY N 258 -41.36 -37.62 -13.26
N LEU N 259 -40.73 -37.93 -14.39
CA LEU N 259 -40.76 -37.06 -15.59
C LEU N 259 -41.18 -37.89 -16.81
N PRO N 260 -41.83 -37.23 -17.79
CA PRO N 260 -42.25 -37.92 -19.01
C PRO N 260 -41.05 -38.09 -19.96
N ARG N 261 -41.10 -39.13 -20.79
CA ARG N 261 -40.07 -39.40 -21.84
C ARG N 261 -40.72 -39.28 -23.21
N TYR N 262 -40.08 -38.52 -24.11
CA TYR N 262 -40.46 -38.38 -25.52
C TYR N 262 -39.69 -39.40 -26.35
N PHE N 263 -40.38 -40.04 -27.30
CA PHE N 263 -39.76 -40.97 -28.28
C PHE N 263 -40.02 -40.47 -29.70
N ASN N 264 -39.03 -40.64 -30.57
CA ASN N 264 -39.17 -40.44 -32.03
C ASN N 264 -38.45 -41.60 -32.71
N ILE N 265 -39.18 -42.65 -33.08
CA ILE N 265 -38.59 -43.90 -33.65
C ILE N 265 -38.66 -43.81 -35.17
N THR N 266 -37.56 -44.09 -35.85
CA THR N 266 -37.48 -44.29 -37.31
C THR N 266 -37.54 -45.79 -37.57
N LEU N 267 -38.53 -46.23 -38.36
CA LEU N 267 -38.68 -47.65 -38.77
C LEU N 267 -38.60 -47.76 -40.30
N ARG N 268 -38.25 -48.95 -40.78
CA ARG N 268 -38.15 -49.29 -42.21
C ARG N 268 -38.73 -50.69 -42.42
N LYS N 269 -39.22 -50.97 -43.63
CA LYS N 269 -39.82 -52.29 -43.97
C LYS N 269 -38.69 -53.32 -44.13
N ARG N 270 -38.85 -54.48 -43.47
CA ARG N 270 -37.89 -55.60 -43.56
C ARG N 270 -38.69 -56.85 -43.92
N ALA N 271 -38.16 -57.68 -44.84
CA ALA N 271 -38.78 -58.93 -45.32
C ALA N 271 -38.36 -60.08 -44.39
N VAL N 272 -39.25 -61.06 -44.22
CA VAL N 272 -39.05 -62.23 -43.28
C VAL N 272 -39.67 -63.48 -43.89
N LYS N 273 -39.13 -64.67 -43.57
CA LYS N 273 -39.45 -65.98 -44.22
C LYS N 273 -40.78 -66.52 -43.69
N GLY O 5 -36.53 -28.11 -42.96
CA GLY O 5 -37.70 -28.17 -42.06
C GLY O 5 -38.94 -27.53 -42.67
N GLY O 6 -39.77 -28.32 -43.39
CA GLY O 6 -41.00 -27.89 -44.10
C GLY O 6 -40.75 -27.25 -45.46
N ILE O 7 -39.53 -26.71 -45.63
CA ILE O 7 -38.83 -26.20 -46.84
C ILE O 7 -38.07 -27.34 -47.55
N GLU O 8 -38.27 -27.51 -48.86
CA GLU O 8 -37.49 -28.48 -49.70
C GLU O 8 -36.08 -27.92 -49.95
N VAL O 9 -35.06 -28.57 -49.42
CA VAL O 9 -33.65 -28.07 -49.39
C VAL O 9 -32.94 -28.52 -50.66
N LEU O 10 -32.18 -27.64 -51.30
CA LEU O 10 -31.45 -27.95 -52.57
C LEU O 10 -29.93 -27.83 -52.33
N ASP O 11 -29.19 -27.38 -53.33
CA ASP O 11 -27.71 -27.32 -53.35
C ASP O 11 -27.23 -26.21 -52.40
N VAL O 12 -26.00 -26.34 -51.90
CA VAL O 12 -25.31 -25.28 -51.10
C VAL O 12 -24.61 -24.33 -52.07
N LYS O 13 -25.04 -23.08 -52.20
CA LYS O 13 -24.32 -22.07 -53.01
C LYS O 13 -22.92 -21.86 -52.39
N THR O 14 -21.87 -22.09 -53.16
CA THR O 14 -20.46 -21.75 -52.80
C THR O 14 -19.97 -20.63 -53.72
N GLY O 15 -18.84 -20.02 -53.41
CA GLY O 15 -18.29 -18.86 -54.13
C GLY O 15 -18.08 -17.69 -53.18
N PRO O 16 -17.62 -16.53 -53.68
CA PRO O 16 -17.42 -15.35 -52.82
C PRO O 16 -18.76 -14.83 -52.26
N ASP O 17 -18.71 -14.24 -51.07
CA ASP O 17 -19.88 -13.67 -50.35
C ASP O 17 -20.97 -14.73 -50.16
N SER O 18 -20.60 -16.00 -49.98
CA SER O 18 -21.56 -17.13 -49.82
C SER O 18 -21.59 -17.62 -48.37
N THR O 19 -20.59 -17.24 -47.56
CA THR O 19 -20.58 -17.46 -46.09
C THR O 19 -20.52 -16.12 -45.35
N THR O 20 -20.96 -16.11 -44.09
CA THR O 20 -20.89 -14.95 -43.17
C THR O 20 -20.86 -15.47 -41.73
N THR O 21 -20.31 -14.67 -40.81
CA THR O 21 -20.34 -14.95 -39.36
C THR O 21 -21.17 -13.89 -38.64
N ILE O 22 -21.79 -14.27 -37.52
CA ILE O 22 -22.59 -13.39 -36.64
C ILE O 22 -22.04 -13.54 -35.21
N GLU O 23 -21.57 -12.45 -34.62
CA GLU O 23 -21.26 -12.33 -33.17
C GLU O 23 -22.49 -11.77 -32.45
N ALA O 24 -22.85 -12.36 -31.32
CA ALA O 24 -23.91 -11.85 -30.41
C ALA O 24 -23.61 -12.32 -28.98
N TYR O 25 -24.16 -11.64 -27.99
CA TYR O 25 -24.20 -12.11 -26.58
C TYR O 25 -25.63 -11.96 -26.08
N LEU O 26 -26.07 -12.90 -25.26
CA LEU O 26 -27.33 -12.79 -24.46
C LEU O 26 -26.94 -12.62 -22.99
N ASN O 27 -27.34 -11.51 -22.37
CA ASN O 27 -27.22 -11.29 -20.91
C ASN O 27 -28.30 -12.11 -20.22
N PRO O 28 -28.04 -12.59 -19.00
CA PRO O 28 -28.97 -13.46 -18.28
C PRO O 28 -30.21 -12.67 -17.81
N ARG O 29 -31.35 -13.35 -17.71
CA ARG O 29 -32.62 -12.76 -17.22
C ARG O 29 -33.10 -13.59 -16.03
N VAL O 30 -32.46 -13.42 -14.87
CA VAL O 30 -32.71 -14.23 -13.64
C VAL O 30 -33.73 -13.52 -12.74
N GLY O 31 -34.41 -12.48 -13.24
CA GLY O 31 -35.46 -11.74 -12.52
C GLY O 31 -35.16 -10.25 -12.44
N GLN O 32 -33.88 -9.89 -12.46
CA GLN O 32 -33.40 -8.51 -12.70
C GLN O 32 -32.34 -8.57 -13.79
N ASN O 33 -31.73 -7.44 -14.15
CA ASN O 33 -30.93 -7.32 -15.38
C ASN O 33 -29.42 -7.36 -15.08
N TRP O 34 -29.02 -7.49 -13.81
CA TRP O 34 -27.60 -7.31 -13.41
C TRP O 34 -27.06 -8.60 -12.79
N GLY O 35 -27.62 -9.75 -13.18
CA GLY O 35 -27.01 -11.08 -12.96
C GLY O 35 -27.46 -11.75 -11.67
N PHE O 36 -28.26 -11.06 -10.86
CA PHE O 36 -28.85 -11.60 -9.62
C PHE O 36 -30.36 -11.36 -9.56
N SER O 37 -31.08 -12.38 -9.10
CA SER O 37 -32.50 -12.29 -8.69
C SER O 37 -32.58 -11.52 -7.36
N THR O 38 -33.79 -11.15 -6.96
CA THR O 38 -34.13 -10.76 -5.58
C THR O 38 -34.16 -12.04 -4.75
N GLU O 39 -34.24 -11.94 -3.43
CA GLU O 39 -34.17 -13.11 -2.52
C GLU O 39 -35.20 -14.15 -2.96
N ILE O 40 -34.79 -15.41 -2.96
CA ILE O 40 -35.70 -16.57 -3.22
C ILE O 40 -36.61 -16.69 -2.01
N THR O 41 -37.92 -16.73 -2.23
CA THR O 41 -38.96 -16.87 -1.17
C THR O 41 -39.63 -18.23 -1.33
N VAL O 42 -40.15 -18.77 -0.23
CA VAL O 42 -40.82 -20.10 -0.19
C VAL O 42 -42.20 -19.91 0.46
N ALA O 43 -43.26 -20.19 -0.28
CA ALA O 43 -44.65 -20.19 0.21
C ALA O 43 -44.74 -21.12 1.43
N SER O 44 -45.50 -20.74 2.45
CA SER O 44 -45.85 -21.62 3.60
C SER O 44 -46.83 -22.70 3.13
N ASN O 45 -46.63 -23.94 3.58
CA ASN O 45 -47.52 -25.08 3.23
C ASN O 45 -48.98 -24.62 3.39
N GLY O 46 -49.79 -24.84 2.35
CA GLY O 46 -51.25 -24.56 2.37
C GLY O 46 -51.59 -23.19 1.82
N TYR O 47 -50.62 -22.27 1.71
CA TYR O 47 -50.82 -20.90 1.16
C TYR O 47 -50.47 -20.92 -0.33
N ASN O 48 -50.85 -19.86 -1.05
CA ASN O 48 -50.56 -19.70 -2.49
C ASN O 48 -49.05 -19.72 -2.72
N ASP O 49 -48.62 -20.44 -3.76
CA ASP O 49 -47.24 -20.39 -4.31
C ASP O 49 -47.18 -19.20 -5.29
N ALA O 50 -46.80 -18.01 -4.80
CA ALA O 50 -46.85 -16.74 -5.56
C ALA O 50 -45.51 -16.04 -5.47
N PRO O 51 -44.48 -16.51 -6.21
CA PRO O 51 -43.16 -15.90 -6.17
C PRO O 51 -43.17 -14.51 -6.80
N HIS O 52 -42.25 -13.66 -6.36
CA HIS O 52 -42.03 -12.28 -6.88
C HIS O 52 -41.54 -12.38 -8.33
N LEU O 53 -41.96 -11.44 -9.19
CA LEU O 53 -41.46 -11.34 -10.58
C LEU O 53 -39.93 -11.47 -10.59
N THR O 54 -39.26 -10.77 -9.68
CA THR O 54 -37.79 -10.53 -9.72
C THR O 54 -37.02 -11.69 -9.08
N GLU O 55 -37.68 -12.82 -8.78
CA GLU O 55 -37.01 -14.00 -8.16
C GLU O 55 -37.12 -15.23 -9.08
N ILE O 56 -37.64 -15.03 -10.29
CA ILE O 56 -37.97 -16.12 -11.25
C ILE O 56 -37.09 -15.97 -12.50
N PRO O 57 -36.08 -16.85 -12.67
CA PRO O 57 -35.25 -16.83 -13.88
C PRO O 57 -36.02 -17.27 -15.13
N CYS O 58 -35.73 -16.58 -16.23
CA CYS O 58 -36.37 -16.75 -17.56
C CYS O 58 -35.31 -17.03 -18.63
N TYR O 59 -35.74 -17.67 -19.72
CA TYR O 59 -34.95 -17.82 -20.97
C TYR O 59 -34.59 -16.42 -21.49
N SER O 60 -33.31 -16.17 -21.72
CA SER O 60 -32.81 -15.07 -22.61
C SER O 60 -33.03 -15.49 -24.07
N SER O 61 -33.35 -14.53 -24.93
CA SER O 61 -33.72 -14.78 -26.35
C SER O 61 -33.52 -13.50 -27.16
N ALA O 62 -33.03 -13.62 -28.40
CA ALA O 62 -32.89 -12.50 -29.35
C ALA O 62 -33.00 -13.02 -30.79
N ARG O 63 -33.46 -12.17 -31.69
CA ARG O 63 -33.49 -12.41 -33.15
C ARG O 63 -32.46 -11.49 -33.80
N ILE O 64 -31.38 -12.04 -34.36
CA ILE O 64 -30.35 -11.26 -35.09
C ILE O 64 -30.80 -11.16 -36.55
N SER O 65 -30.78 -9.95 -37.11
CA SER O 65 -31.05 -9.65 -38.54
C SER O 65 -29.85 -10.07 -39.39
N LEU O 66 -30.08 -10.91 -40.39
CA LEU O 66 -29.03 -11.39 -41.34
C LEU O 66 -29.10 -10.55 -42.62
N PRO O 67 -28.01 -10.46 -43.41
CA PRO O 67 -28.06 -9.79 -44.71
C PRO O 67 -29.23 -10.29 -45.57
N LEU O 68 -29.96 -9.37 -46.23
CA LEU O 68 -31.13 -9.73 -47.08
C LEU O 68 -30.58 -10.52 -48.28
N LEU O 69 -31.30 -11.56 -48.73
CA LEU O 69 -30.78 -12.48 -49.77
C LEU O 69 -31.48 -12.29 -51.12
N ASN O 70 -32.81 -12.24 -51.17
CA ASN O 70 -33.57 -12.35 -52.44
C ASN O 70 -33.98 -10.93 -52.84
N LEU O 78 -35.14 -19.76 -54.33
CA LEU O 78 -34.85 -18.77 -53.26
C LEU O 78 -33.62 -19.24 -52.46
N LEU O 79 -32.92 -18.29 -51.84
CA LEU O 79 -31.77 -18.56 -50.94
C LEU O 79 -32.15 -18.24 -49.48
N MET O 80 -31.76 -19.12 -48.56
CA MET O 80 -31.85 -18.87 -47.09
C MET O 80 -30.46 -19.05 -46.48
N TRP O 81 -30.13 -18.25 -45.47
CA TRP O 81 -28.94 -18.47 -44.63
C TRP O 81 -29.12 -19.78 -43.86
N GLU O 82 -28.07 -20.60 -43.83
CA GLU O 82 -28.04 -21.91 -43.13
C GLU O 82 -26.96 -21.81 -42.06
N ALA O 83 -27.34 -21.98 -40.78
CA ALA O 83 -26.40 -21.99 -39.64
C ALA O 83 -25.66 -23.33 -39.64
N VAL O 84 -24.34 -23.29 -39.77
CA VAL O 84 -23.50 -24.51 -39.96
C VAL O 84 -22.87 -24.91 -38.63
N SER O 85 -22.30 -23.95 -37.92
CA SER O 85 -21.53 -24.16 -36.68
C SER O 85 -21.70 -22.95 -35.76
N VAL O 86 -21.47 -23.15 -34.46
CA VAL O 86 -21.46 -22.06 -33.44
C VAL O 86 -20.31 -22.33 -32.48
N LYS O 87 -19.44 -21.33 -32.28
CA LYS O 87 -18.55 -21.22 -31.10
C LYS O 87 -19.35 -20.47 -30.03
N THR O 88 -19.59 -21.08 -28.86
CA THR O 88 -20.34 -20.44 -27.75
C THR O 88 -19.53 -20.59 -26.45
N GLU O 89 -19.65 -19.60 -25.57
CA GLU O 89 -18.91 -19.55 -24.29
C GLU O 89 -19.78 -18.90 -23.22
N VAL O 90 -19.73 -19.44 -22.00
CA VAL O 90 -20.34 -18.80 -20.81
C VAL O 90 -19.32 -17.79 -20.29
N VAL O 91 -19.67 -16.50 -20.35
CA VAL O 91 -18.75 -15.37 -20.04
C VAL O 91 -18.79 -15.11 -18.53
N GLY O 92 -17.64 -14.76 -17.95
CA GLY O 92 -17.52 -14.33 -16.54
C GLY O 92 -17.61 -15.50 -15.57
N ILE O 93 -17.22 -16.70 -15.99
CA ILE O 93 -17.08 -17.88 -15.08
C ILE O 93 -16.12 -17.50 -13.96
N SER O 94 -14.99 -16.87 -14.30
CA SER O 94 -13.91 -16.49 -13.34
C SER O 94 -14.46 -15.57 -12.25
N SER O 95 -15.60 -14.90 -12.50
CA SER O 95 -16.24 -13.95 -11.56
C SER O 95 -16.59 -14.66 -10.24
N MET O 96 -16.74 -15.98 -10.29
CA MET O 96 -17.20 -16.81 -9.13
C MET O 96 -16.04 -17.11 -8.16
N LEU O 97 -14.78 -16.91 -8.56
CA LEU O 97 -13.62 -17.12 -7.63
C LEU O 97 -13.51 -15.89 -6.73
N ASN O 98 -14.50 -15.70 -5.86
CA ASN O 98 -14.70 -14.49 -5.01
C ASN O 98 -15.24 -14.96 -3.66
N MET O 99 -14.41 -14.88 -2.61
CA MET O 99 -14.75 -15.34 -1.25
C MET O 99 -14.81 -14.15 -0.27
N HIS O 100 -14.93 -12.92 -0.77
CA HIS O 100 -14.91 -11.68 0.05
C HIS O 100 -16.21 -10.88 -0.06
N SER O 101 -17.02 -11.11 -1.10
CA SER O 101 -18.21 -10.27 -1.41
C SER O 101 -19.45 -10.82 -0.70
N TYR O 102 -19.44 -10.79 0.63
CA TYR O 102 -20.62 -10.87 1.54
C TYR O 102 -21.18 -12.30 1.63
N GLY O 103 -20.46 -13.30 1.12
CA GLY O 103 -20.95 -14.69 1.13
C GLY O 103 -21.01 -15.25 2.54
N LEU O 104 -22.00 -16.12 2.82
CA LEU O 104 -22.07 -16.91 4.08
C LEU O 104 -20.68 -17.50 4.34
N ARG O 105 -20.16 -17.36 5.55
CA ARG O 105 -18.74 -17.63 5.86
C ARG O 105 -18.58 -19.08 6.34
N ALA O 106 -17.55 -19.76 5.84
CA ALA O 106 -17.23 -21.17 6.10
C ALA O 106 -16.50 -21.30 7.44
N PHE O 107 -16.40 -22.54 7.95
CA PHE O 107 -15.60 -22.90 9.15
C PHE O 107 -16.02 -21.99 10.32
N GLY O 108 -17.32 -22.03 10.63
CA GLY O 108 -17.95 -21.37 11.79
C GLY O 108 -17.86 -19.85 11.74
N GLY O 109 -17.73 -19.27 10.54
CA GLY O 109 -17.73 -17.81 10.33
C GLY O 109 -16.34 -17.20 10.26
N TYR O 110 -15.28 -17.99 10.46
CA TYR O 110 -13.87 -17.50 10.49
C TYR O 110 -13.23 -17.59 9.11
N GLY O 111 -13.79 -18.41 8.21
CA GLY O 111 -13.28 -18.61 6.84
C GLY O 111 -13.84 -17.59 5.87
N GLY O 112 -13.69 -17.85 4.57
CA GLY O 112 -14.16 -16.95 3.49
C GLY O 112 -15.62 -17.19 3.15
N GLY O 113 -16.20 -16.31 2.35
CA GLY O 113 -17.58 -16.41 1.86
C GLY O 113 -17.77 -17.57 0.90
N TYR O 114 -18.96 -18.18 0.92
CA TYR O 114 -19.38 -19.23 -0.05
C TYR O 114 -19.36 -18.64 -1.46
N THR O 115 -18.67 -19.33 -2.38
CA THR O 115 -18.80 -19.09 -3.84
C THR O 115 -20.18 -19.57 -4.28
N ILE O 116 -20.65 -19.07 -5.42
CA ILE O 116 -21.93 -19.50 -6.06
C ILE O 116 -21.96 -21.03 -6.01
N GLU O 117 -23.07 -21.60 -5.51
CA GLU O 117 -23.29 -23.06 -5.41
C GLU O 117 -24.78 -23.36 -5.48
N GLY O 118 -25.12 -24.65 -5.56
CA GLY O 118 -26.51 -25.14 -5.61
C GLY O 118 -26.93 -25.52 -7.01
N SER O 119 -28.23 -25.79 -7.17
CA SER O 119 -28.84 -26.21 -8.44
C SER O 119 -28.55 -25.18 -9.53
N HIS O 120 -28.25 -25.65 -10.74
CA HIS O 120 -27.83 -24.80 -11.88
C HIS O 120 -28.30 -25.45 -13.19
N ILE O 121 -28.56 -24.63 -14.20
CA ILE O 121 -28.90 -25.10 -15.57
C ILE O 121 -28.07 -24.26 -16.55
N HIS O 122 -27.55 -24.91 -17.58
CA HIS O 122 -26.82 -24.26 -18.70
C HIS O 122 -27.39 -24.76 -20.02
N PHE O 123 -27.84 -23.83 -20.86
CA PHE O 123 -28.62 -24.16 -22.06
C PHE O 123 -28.44 -23.09 -23.12
N PHE O 124 -28.37 -23.51 -24.38
CA PHE O 124 -28.33 -22.60 -25.56
C PHE O 124 -29.02 -23.31 -26.71
N SER O 125 -29.59 -22.51 -27.61
CA SER O 125 -30.22 -22.98 -28.87
C SER O 125 -29.89 -21.98 -29.99
N VAL O 126 -29.66 -22.50 -31.19
CA VAL O 126 -29.53 -21.74 -32.45
C VAL O 126 -30.60 -22.28 -33.40
N GLY O 127 -31.35 -21.41 -34.06
CA GLY O 127 -32.50 -21.80 -34.90
C GLY O 127 -32.80 -20.77 -35.96
N GLY O 128 -33.58 -21.19 -36.97
CA GLY O 128 -34.07 -20.34 -38.07
C GLY O 128 -35.45 -19.78 -37.77
N GLU O 129 -35.96 -20.04 -36.57
CA GLU O 129 -37.26 -19.54 -36.06
C GLU O 129 -37.24 -19.59 -34.55
N PRO O 130 -38.22 -18.97 -33.87
CA PRO O 130 -38.34 -19.09 -32.42
C PRO O 130 -38.31 -20.55 -31.95
N LEU O 131 -37.65 -20.80 -30.81
CA LEU O 131 -37.58 -22.12 -30.15
C LEU O 131 -38.98 -22.54 -29.70
N ASP O 132 -39.38 -23.77 -30.00
CA ASP O 132 -40.69 -24.33 -29.57
C ASP O 132 -40.55 -24.80 -28.12
N LEU O 133 -41.47 -24.35 -27.25
CA LEU O 133 -41.50 -24.67 -25.80
C LEU O 133 -42.67 -25.61 -25.51
N GLN O 134 -42.43 -26.57 -24.61
CA GLN O 134 -43.45 -27.46 -23.99
C GLN O 134 -43.63 -27.04 -22.55
N GLY O 135 -44.89 -26.91 -22.10
CA GLY O 135 -45.21 -26.60 -20.70
C GLY O 135 -45.01 -27.81 -19.82
N LEU O 136 -44.14 -27.69 -18.80
CA LEU O 136 -44.03 -28.65 -17.68
C LEU O 136 -43.42 -27.94 -16.48
N MET O 137 -44.10 -28.04 -15.33
CA MET O 137 -43.78 -27.29 -14.09
C MET O 137 -43.90 -28.24 -12.89
N GLN O 138 -43.23 -27.91 -11.78
CA GLN O 138 -43.21 -28.72 -10.54
C GLN O 138 -44.56 -28.58 -9.80
N ASN O 139 -45.14 -27.38 -9.80
CA ASN O 139 -46.42 -27.09 -9.11
C ASN O 139 -47.35 -26.37 -10.08
N HIS O 140 -48.42 -27.04 -10.51
CA HIS O 140 -49.39 -26.53 -11.52
C HIS O 140 -50.01 -25.22 -11.05
N SER O 141 -50.09 -25.01 -9.74
CA SER O 141 -50.81 -23.90 -9.09
C SER O 141 -49.93 -22.66 -8.93
N THR O 142 -48.64 -22.74 -9.28
CA THR O 142 -47.72 -21.57 -9.21
C THR O 142 -48.38 -20.37 -9.88
N GLN O 143 -48.35 -19.22 -9.23
CA GLN O 143 -48.91 -17.93 -9.75
C GLN O 143 -47.76 -17.08 -10.26
N TYR O 144 -47.60 -16.96 -11.59
CA TYR O 144 -46.56 -16.12 -12.24
C TYR O 144 -47.12 -14.72 -12.41
N PRO O 145 -46.48 -13.69 -11.81
CA PRO O 145 -46.89 -12.31 -12.03
C PRO O 145 -46.71 -11.89 -13.49
N SER O 146 -47.63 -11.08 -14.01
CA SER O 146 -47.50 -10.36 -15.30
C SER O 146 -46.24 -9.51 -15.23
N PRO O 147 -45.45 -9.35 -16.33
CA PRO O 147 -45.80 -9.87 -17.66
C PRO O 147 -45.25 -11.26 -18.04
N LEU O 148 -44.83 -12.07 -17.06
CA LEU O 148 -44.33 -13.45 -17.32
C LEU O 148 -45.47 -14.25 -17.95
N VAL O 149 -45.12 -15.32 -18.67
CA VAL O 149 -46.11 -16.20 -19.35
C VAL O 149 -45.84 -17.63 -18.89
N GLY O 150 -46.84 -18.28 -18.28
CA GLY O 150 -46.77 -19.67 -17.83
C GLY O 150 -47.73 -20.53 -18.65
N PRO O 151 -47.64 -21.88 -18.53
CA PRO O 151 -48.53 -22.78 -19.27
C PRO O 151 -49.98 -22.55 -18.82
N LYS O 152 -50.83 -22.13 -19.75
CA LYS O 152 -52.30 -21.97 -19.55
C LYS O 152 -53.01 -22.80 -20.62
N LYS O 153 -54.13 -23.44 -20.29
CA LYS O 153 -55.07 -24.00 -21.29
C LYS O 153 -55.69 -22.84 -22.06
N PRO O 154 -56.46 -23.09 -23.14
CA PRO O 154 -57.16 -22.00 -23.84
C PRO O 154 -58.11 -21.22 -22.93
N ASP O 155 -58.72 -21.89 -21.94
CA ASP O 155 -59.74 -21.29 -21.04
C ASP O 155 -59.06 -20.44 -19.95
N GLY O 156 -57.72 -20.44 -19.86
CA GLY O 156 -56.95 -19.60 -18.91
C GLY O 156 -56.49 -20.35 -17.67
N THR O 157 -57.03 -21.55 -17.43
CA THR O 157 -56.71 -22.41 -16.25
C THR O 157 -55.37 -23.12 -16.48
N THR O 158 -54.86 -23.80 -15.45
CA THR O 158 -53.67 -24.70 -15.49
C THR O 158 -53.93 -25.87 -14.56
N ASP O 159 -54.14 -27.08 -15.09
CA ASP O 159 -54.54 -28.26 -14.26
C ASP O 159 -53.29 -29.07 -13.87
N ASP O 160 -53.50 -30.17 -13.15
CA ASP O 160 -52.44 -31.07 -12.61
C ASP O 160 -51.57 -31.62 -13.74
N SER O 161 -52.13 -31.76 -14.96
CA SER O 161 -51.45 -32.39 -16.12
C SER O 161 -50.20 -31.57 -16.52
N ALA O 162 -50.13 -30.29 -16.15
CA ALA O 162 -48.98 -29.41 -16.43
C ALA O 162 -47.73 -29.86 -15.65
N GLN O 163 -47.85 -30.84 -14.74
CA GLN O 163 -46.71 -31.41 -13.97
C GLN O 163 -46.12 -32.61 -14.71
N VAL O 164 -46.79 -33.04 -15.78
CA VAL O 164 -46.29 -34.08 -16.72
C VAL O 164 -46.44 -33.52 -18.14
N LEU O 165 -46.45 -34.37 -19.16
CA LEU O 165 -46.61 -33.92 -20.56
C LEU O 165 -48.09 -33.90 -20.93
N ASN O 166 -48.62 -32.70 -21.17
CA ASN O 166 -49.92 -32.47 -21.85
C ASN O 166 -49.65 -31.56 -23.05
N PRO O 167 -49.83 -32.07 -24.29
CA PRO O 167 -49.62 -31.28 -25.50
C PRO O 167 -50.38 -29.95 -25.57
N ILE O 168 -51.43 -29.77 -24.75
CA ILE O 168 -52.24 -28.51 -24.74
C ILE O 168 -51.34 -27.34 -24.35
N TYR O 169 -50.28 -27.57 -23.58
CA TYR O 169 -49.39 -26.51 -23.04
C TYR O 169 -48.15 -26.34 -23.92
N LYS O 170 -48.22 -25.43 -24.90
CA LYS O 170 -47.09 -25.10 -25.81
C LYS O 170 -46.98 -23.58 -25.93
N ALA O 171 -45.81 -23.11 -26.36
CA ALA O 171 -45.52 -21.68 -26.59
C ALA O 171 -44.30 -21.58 -27.51
N LYS O 172 -44.09 -20.40 -28.09
CA LYS O 172 -42.88 -20.07 -28.87
C LYS O 172 -42.09 -19.07 -28.02
N LEU O 173 -40.79 -19.29 -27.88
CA LEU O 173 -39.87 -18.40 -27.12
C LEU O 173 -39.66 -17.13 -27.96
N ASP O 174 -40.65 -16.23 -27.94
CA ASP O 174 -40.73 -15.08 -28.88
C ASP O 174 -40.39 -13.76 -28.15
N LYS O 175 -40.12 -13.79 -26.84
CA LYS O 175 -39.84 -12.57 -26.04
C LYS O 175 -38.76 -12.90 -25.00
N ASP O 176 -37.75 -12.04 -24.88
CA ASP O 176 -36.68 -12.10 -23.85
C ASP O 176 -37.34 -11.94 -22.47
N ALA O 177 -36.77 -12.57 -21.44
CA ALA O 177 -37.04 -12.29 -20.01
C ALA O 177 -38.52 -12.51 -19.66
N THR O 178 -39.21 -13.37 -20.41
CA THR O 178 -40.69 -13.50 -20.35
C THR O 178 -41.11 -14.92 -19.97
N TYR O 179 -40.41 -15.94 -20.47
CA TYR O 179 -40.79 -17.37 -20.30
C TYR O 179 -39.92 -17.95 -19.18
N PRO O 180 -40.51 -18.29 -18.01
CA PRO O 180 -39.74 -18.84 -16.91
C PRO O 180 -39.15 -20.22 -17.27
N ILE O 181 -37.90 -20.43 -16.88
CA ILE O 181 -37.17 -21.71 -17.10
C ILE O 181 -37.94 -22.85 -16.41
N GLU O 182 -38.62 -22.55 -15.31
CA GLU O 182 -39.14 -23.58 -14.37
C GLU O 182 -40.46 -24.19 -14.86
N CYS O 183 -41.10 -23.61 -15.88
CA CYS O 183 -42.40 -24.12 -16.42
C CYS O 183 -42.37 -24.37 -17.93
N TRP O 184 -41.25 -24.05 -18.60
CA TRP O 184 -41.05 -24.29 -20.06
C TRP O 184 -39.73 -25.03 -20.30
N CYS O 185 -39.77 -26.12 -21.07
CA CYS O 185 -38.56 -26.79 -21.60
C CYS O 185 -38.65 -26.81 -23.13
N PRO O 186 -37.51 -27.01 -23.83
CA PRO O 186 -37.53 -27.21 -25.28
C PRO O 186 -38.45 -28.39 -25.61
N ASP O 187 -39.33 -28.20 -26.60
CA ASP O 187 -40.32 -29.18 -27.09
C ASP O 187 -39.65 -30.13 -28.07
N PRO O 188 -39.41 -31.40 -27.69
CA PRO O 188 -38.67 -32.33 -28.54
C PRO O 188 -39.53 -32.87 -29.70
N SER O 189 -40.84 -32.61 -29.67
CA SER O 189 -41.83 -33.02 -30.70
C SER O 189 -41.81 -32.01 -31.86
N ARG O 190 -41.09 -30.90 -31.71
CA ARG O 190 -40.97 -29.83 -32.73
C ARG O 190 -39.49 -29.43 -32.84
N ASN O 191 -39.21 -28.14 -33.02
CA ASN O 191 -37.81 -27.61 -33.12
C ASN O 191 -37.04 -28.36 -34.22
N GLU O 192 -37.68 -28.72 -35.33
CA GLU O 192 -36.99 -29.36 -36.51
C GLU O 192 -35.93 -28.38 -37.02
N ASN O 193 -36.19 -27.07 -36.94
CA ASN O 193 -35.37 -25.99 -37.53
C ASN O 193 -34.59 -25.24 -36.44
N SER O 194 -34.39 -25.87 -35.28
CA SER O 194 -33.56 -25.36 -34.16
C SER O 194 -32.66 -26.50 -33.67
N ARG O 195 -31.46 -26.17 -33.18
CA ARG O 195 -30.59 -27.12 -32.44
C ARG O 195 -30.46 -26.60 -31.02
N TYR O 196 -30.82 -27.40 -30.01
CA TYR O 196 -30.74 -26.99 -28.59
C TYR O 196 -29.92 -28.02 -27.80
N PHE O 197 -29.28 -27.50 -26.75
CA PHE O 197 -28.32 -28.22 -25.87
C PHE O 197 -28.46 -27.69 -24.45
N GLY O 198 -28.75 -28.58 -23.50
CA GLY O 198 -28.98 -28.18 -22.10
C GLY O 198 -28.46 -29.26 -21.14
N SER O 199 -27.97 -28.82 -19.98
CA SER O 199 -27.60 -29.69 -18.85
C SER O 199 -28.04 -29.03 -17.54
N TYR O 200 -28.84 -29.76 -16.75
CA TYR O 200 -29.30 -29.34 -15.40
C TYR O 200 -28.61 -30.23 -14.35
N THR O 201 -28.21 -29.62 -13.25
CA THR O 201 -27.70 -30.32 -12.03
C THR O 201 -28.45 -29.79 -10.81
N GLY O 202 -29.01 -30.68 -10.00
CA GLY O 202 -29.75 -30.33 -8.77
C GLY O 202 -28.82 -30.21 -7.57
N GLY O 203 -29.38 -30.34 -6.36
CA GLY O 203 -28.65 -30.35 -5.09
C GLY O 203 -28.72 -29.02 -4.38
N VAL O 204 -28.34 -28.99 -3.11
CA VAL O 204 -28.48 -27.80 -2.22
C VAL O 204 -27.20 -26.96 -2.30
N GLU O 205 -26.03 -27.61 -2.21
CA GLU O 205 -24.70 -26.96 -2.13
C GLU O 205 -23.80 -27.43 -3.28
N THR O 206 -24.38 -27.98 -4.35
CA THR O 206 -23.66 -28.58 -5.49
C THR O 206 -22.70 -27.57 -6.11
N PRO O 207 -21.42 -27.92 -6.29
CA PRO O 207 -20.45 -27.01 -6.90
C PRO O 207 -20.68 -26.92 -8.40
N PRO O 208 -20.75 -25.70 -8.96
CA PRO O 208 -20.74 -25.54 -10.42
C PRO O 208 -19.39 -25.95 -11.00
N VAL O 209 -19.43 -26.64 -12.14
CA VAL O 209 -18.25 -27.02 -12.94
C VAL O 209 -18.46 -26.44 -14.34
N LEU O 210 -17.68 -25.43 -14.72
CA LEU O 210 -17.77 -24.78 -16.04
C LEU O 210 -16.35 -24.67 -16.63
N SER O 211 -16.21 -24.96 -17.92
CA SER O 211 -14.98 -24.77 -18.70
C SER O 211 -15.17 -23.64 -19.71
N PHE O 212 -14.08 -23.03 -20.16
CA PHE O 212 -14.09 -21.97 -21.18
C PHE O 212 -12.84 -22.08 -22.04
N THR O 213 -13.02 -22.06 -23.36
CA THR O 213 -11.95 -22.11 -24.39
C THR O 213 -12.47 -21.50 -25.69
N ASN O 214 -11.58 -20.89 -26.48
CA ASN O 214 -11.94 -20.36 -27.83
C ASN O 214 -11.55 -21.40 -28.90
N THR O 215 -11.37 -22.68 -28.51
CA THR O 215 -10.97 -23.78 -29.42
C THR O 215 -12.14 -24.75 -29.68
N SER O 216 -13.25 -24.66 -28.94
CA SER O 216 -14.43 -25.55 -29.10
C SER O 216 -15.30 -25.03 -30.23
N THR O 217 -15.97 -25.93 -30.95
CA THR O 217 -16.99 -25.62 -32.00
C THR O 217 -18.10 -26.67 -31.92
N THR O 218 -19.36 -26.24 -32.00
CA THR O 218 -20.54 -27.14 -32.06
C THR O 218 -21.08 -27.12 -33.49
N ILE O 219 -21.09 -28.27 -34.16
CA ILE O 219 -21.69 -28.43 -35.51
C ILE O 219 -23.20 -28.45 -35.37
N LEU O 220 -23.91 -27.74 -36.26
CA LEU O 220 -25.39 -27.56 -36.19
C LEU O 220 -26.07 -28.34 -37.32
N LEU O 221 -25.30 -28.98 -38.20
CA LEU O 221 -25.87 -29.79 -39.31
C LEU O 221 -26.55 -31.03 -38.72
N ASP O 222 -27.67 -31.46 -39.29
CA ASP O 222 -28.47 -32.61 -38.81
C ASP O 222 -27.94 -33.91 -39.45
N GLU O 223 -28.64 -35.03 -39.20
CA GLU O 223 -28.37 -36.38 -39.77
C GLU O 223 -28.12 -36.27 -41.30
N ASN O 224 -28.77 -35.32 -41.99
CA ASN O 224 -28.72 -35.17 -43.47
C ASN O 224 -27.89 -33.95 -43.89
N GLY O 225 -26.98 -33.46 -43.05
CA GLY O 225 -26.05 -32.38 -43.40
C GLY O 225 -26.72 -31.03 -43.64
N VAL O 226 -27.94 -30.84 -43.12
CA VAL O 226 -28.71 -29.57 -43.22
C VAL O 226 -28.71 -28.89 -41.85
N GLY O 227 -28.32 -27.61 -41.81
CA GLY O 227 -28.37 -26.76 -40.60
C GLY O 227 -29.70 -26.03 -40.47
N PRO O 228 -29.92 -25.30 -39.36
CA PRO O 228 -31.08 -24.42 -39.26
C PRO O 228 -31.11 -23.44 -40.44
N LEU O 229 -32.26 -23.34 -41.11
CA LEU O 229 -32.51 -22.39 -42.22
C LEU O 229 -33.26 -21.17 -41.67
N CYS O 230 -32.62 -20.00 -41.75
CA CYS O 230 -33.08 -18.74 -41.13
C CYS O 230 -34.23 -18.12 -41.93
N LYS O 231 -35.47 -18.39 -41.51
CA LYS O 231 -36.71 -17.81 -42.10
C LYS O 231 -36.72 -16.30 -41.87
N GLY O 232 -37.27 -15.55 -42.83
CA GLY O 232 -37.33 -14.07 -42.80
C GLY O 232 -35.97 -13.45 -42.56
N ASP O 233 -34.88 -14.11 -42.98
CA ASP O 233 -33.49 -13.60 -42.85
C ASP O 233 -33.23 -13.24 -41.38
N GLY O 234 -33.69 -14.11 -40.46
CA GLY O 234 -33.51 -13.97 -39.00
C GLY O 234 -32.88 -15.19 -38.37
N LEU O 235 -31.83 -14.99 -37.58
CA LEU O 235 -31.16 -16.04 -36.76
C LEU O 235 -31.65 -15.90 -35.31
N TYR O 236 -32.15 -16.98 -34.73
CA TYR O 236 -32.83 -17.00 -33.40
C TYR O 236 -31.89 -17.65 -32.37
N LEU O 237 -31.34 -16.84 -31.48
CA LEU O 237 -30.49 -17.28 -30.34
C LEU O 237 -31.31 -17.34 -29.05
N SER O 238 -31.09 -18.37 -28.23
CA SER O 238 -31.70 -18.55 -26.90
C SER O 238 -30.64 -19.05 -25.91
N SER O 239 -30.80 -18.69 -24.64
CA SER O 239 -29.80 -18.90 -23.56
C SER O 239 -30.55 -19.08 -22.23
N ALA O 240 -30.01 -19.92 -21.35
CA ALA O 240 -30.43 -20.03 -19.94
C ALA O 240 -29.22 -20.49 -19.14
N ASP O 241 -28.51 -19.55 -18.50
CA ASP O 241 -27.25 -19.87 -17.77
C ASP O 241 -27.35 -19.38 -16.32
N VAL O 242 -28.03 -20.18 -15.50
CA VAL O 242 -28.18 -19.97 -14.04
C VAL O 242 -27.09 -20.81 -13.37
N ALA O 243 -25.97 -20.20 -12.99
CA ALA O 243 -24.73 -20.86 -12.51
C ALA O 243 -24.98 -21.51 -11.15
N GLY O 244 -25.97 -21.00 -10.42
CA GLY O 244 -26.35 -21.47 -9.08
C GLY O 244 -26.93 -20.33 -8.26
N THR O 245 -26.74 -20.36 -6.94
CA THR O 245 -27.25 -19.34 -5.99
C THR O 245 -26.07 -18.70 -5.27
N PHE O 246 -26.20 -17.41 -4.97
CA PHE O 246 -25.38 -16.68 -3.98
C PHE O 246 -26.05 -16.84 -2.61
N VAL O 247 -25.31 -17.30 -1.61
CA VAL O 247 -25.78 -17.45 -0.19
C VAL O 247 -25.16 -16.32 0.62
N GLN O 248 -25.97 -15.41 1.14
CA GLN O 248 -25.50 -14.18 1.83
C GLN O 248 -25.30 -14.46 3.33
N GLN O 249 -24.18 -14.00 3.89
CA GLN O 249 -23.90 -14.06 5.35
C GLN O 249 -25.03 -13.37 6.10
N THR O 250 -25.28 -13.78 7.35
CA THR O 250 -26.19 -13.10 8.30
C THR O 250 -27.64 -13.37 7.91
N SER O 251 -28.10 -12.87 6.75
CA SER O 251 -29.49 -13.09 6.26
C SER O 251 -29.70 -14.58 5.98
N GLN O 252 -28.66 -15.25 5.48
CA GLN O 252 -28.68 -16.66 5.00
C GLN O 252 -29.78 -16.81 3.93
N LYS O 253 -30.03 -15.73 3.19
CA LYS O 253 -30.94 -15.72 2.01
C LYS O 253 -30.15 -16.14 0.76
N GLN O 254 -30.85 -16.72 -0.21
CA GLN O 254 -30.27 -17.19 -1.48
C GLN O 254 -30.79 -16.32 -2.62
N TYR O 255 -29.91 -16.03 -3.59
CA TYR O 255 -30.20 -15.26 -4.82
C TYR O 255 -29.70 -16.06 -6.02
N TRP O 256 -30.55 -16.29 -7.02
CA TRP O 256 -30.14 -16.86 -8.32
C TRP O 256 -29.05 -15.98 -8.94
N ARG O 257 -27.99 -16.59 -9.45
CA ARG O 257 -26.88 -15.90 -10.17
C ARG O 257 -26.86 -16.40 -11.62
N GLY O 258 -26.98 -15.48 -12.57
CA GLY O 258 -26.96 -15.77 -14.02
C GLY O 258 -25.66 -15.30 -14.66
N LEU O 259 -25.28 -15.89 -15.78
CA LEU O 259 -24.10 -15.48 -16.57
C LEU O 259 -24.49 -15.27 -18.02
N PRO O 260 -23.79 -14.36 -18.73
CA PRO O 260 -24.07 -14.11 -20.15
C PRO O 260 -23.44 -15.20 -21.01
N ARG O 261 -24.04 -15.45 -22.18
CA ARG O 261 -23.52 -16.43 -23.17
C ARG O 261 -23.13 -15.68 -24.45
N TYR O 262 -21.92 -15.94 -24.94
CA TYR O 262 -21.40 -15.43 -26.24
C TYR O 262 -21.71 -16.44 -27.33
N PHE O 263 -22.14 -15.94 -28.49
CA PHE O 263 -22.35 -16.76 -29.71
C PHE O 263 -21.49 -16.26 -30.86
N ASN O 264 -20.96 -17.19 -31.66
CA ASN O 264 -20.30 -16.87 -32.95
C ASN O 264 -20.77 -17.91 -33.97
N ILE O 265 -21.79 -17.56 -34.76
CA ILE O 265 -22.43 -18.51 -35.70
C ILE O 265 -21.82 -18.30 -37.09
N THR O 266 -21.42 -19.39 -37.74
CA THR O 266 -21.00 -19.43 -39.16
C THR O 266 -22.22 -19.88 -39.98
N LEU O 267 -22.64 -19.06 -40.94
CA LEU O 267 -23.77 -19.40 -41.86
C LEU O 267 -23.26 -19.42 -43.30
N ARG O 268 -23.97 -20.13 -44.17
CA ARG O 268 -23.69 -20.25 -45.62
C ARG O 268 -25.01 -20.19 -46.38
N LYS O 269 -24.99 -19.75 -47.63
CA LYS O 269 -26.20 -19.66 -48.49
C LYS O 269 -26.63 -21.06 -48.92
N ARG O 270 -27.91 -21.38 -48.77
CA ARG O 270 -28.51 -22.67 -49.21
C ARG O 270 -29.73 -22.34 -50.07
N ALA O 271 -29.91 -23.07 -51.17
CA ALA O 271 -31.03 -22.92 -52.12
C ALA O 271 -32.20 -23.78 -51.67
N VAL O 272 -33.43 -23.33 -51.94
CA VAL O 272 -34.69 -24.00 -51.48
C VAL O 272 -35.77 -23.82 -52.57
N LYS O 273 -36.71 -24.78 -52.66
CA LYS O 273 -37.63 -24.95 -53.82
C LYS O 273 -38.76 -23.91 -53.77
N GLY P 6 -10.97 1.70 24.81
CA GLY P 6 -10.63 2.36 23.51
C GLY P 6 -9.39 1.76 22.87
N ILE P 7 -9.13 0.45 23.12
CA ILE P 7 -8.04 -0.36 22.51
C ILE P 7 -8.62 -1.14 21.31
N GLU P 8 -8.06 -1.02 20.11
CA GLU P 8 -8.41 -1.88 18.93
C GLU P 8 -7.71 -3.22 19.11
N VAL P 9 -8.47 -4.30 19.29
CA VAL P 9 -7.95 -5.68 19.60
C VAL P 9 -7.68 -6.39 18.28
N LEU P 10 -6.55 -7.08 18.15
CA LEU P 10 -6.15 -7.78 16.90
C LEU P 10 -6.06 -9.29 17.15
N ASP P 11 -5.12 -9.96 16.48
CA ASP P 11 -4.95 -11.44 16.48
C ASP P 11 -4.44 -11.89 17.85
N VAL P 12 -4.73 -13.14 18.21
CA VAL P 12 -4.18 -13.82 19.41
C VAL P 12 -2.84 -14.45 19.04
N LYS P 13 -1.71 -13.95 19.56
CA LYS P 13 -0.38 -14.60 19.34
C LYS P 13 -0.44 -16.00 19.96
N THR P 14 -0.18 -17.04 19.17
CA THR P 14 0.01 -18.44 19.60
C THR P 14 1.47 -18.82 19.34
N GLY P 15 1.91 -19.96 19.89
CA GLY P 15 3.31 -20.41 19.84
C GLY P 15 3.85 -20.65 21.25
N PRO P 16 5.13 -21.04 21.39
CA PRO P 16 5.72 -21.23 22.72
C PRO P 16 5.82 -19.90 23.49
N ASP P 17 5.72 -19.99 24.83
CA ASP P 17 5.80 -18.84 25.77
C ASP P 17 4.72 -17.80 25.42
N SER P 18 3.56 -18.22 24.91
CA SER P 18 2.45 -17.31 24.50
C SER P 18 1.29 -17.37 25.51
N THR P 19 1.27 -18.37 26.40
CA THR P 19 0.35 -18.47 27.55
C THR P 19 1.15 -18.50 28.85
N THR P 20 0.51 -18.13 29.96
CA THR P 20 1.05 -18.19 31.33
C THR P 20 -0.10 -18.32 32.31
N THR P 21 0.16 -18.88 33.49
CA THR P 21 -0.82 -18.95 34.62
C THR P 21 -0.29 -18.10 35.78
N ILE P 22 -1.21 -17.55 36.56
CA ILE P 22 -0.94 -16.76 37.80
C ILE P 22 -1.73 -17.38 38.94
N GLU P 23 -1.04 -17.86 39.98
CA GLU P 23 -1.63 -18.24 41.29
C GLU P 23 -1.55 -17.03 42.21
N ALA P 24 -2.63 -16.73 42.93
CA ALA P 24 -2.67 -15.69 43.97
C ALA P 24 -3.76 -16.06 44.97
N TYR P 25 -3.67 -15.53 46.19
CA TYR P 25 -4.78 -15.56 47.19
C TYR P 25 -4.95 -14.14 47.70
N LEU P 26 -6.20 -13.75 47.97
CA LEU P 26 -6.54 -12.53 48.74
C LEU P 26 -7.07 -12.96 50.11
N ASN P 27 -6.40 -12.54 51.19
CA ASN P 27 -6.90 -12.72 52.57
C ASN P 27 -7.98 -11.67 52.80
N PRO P 28 -8.99 -11.99 53.64
CA PRO P 28 -10.12 -11.10 53.86
C PRO P 28 -9.70 -9.87 54.67
N ARG P 29 -10.38 -8.74 54.45
CA ARG P 29 -10.16 -7.47 55.17
C ARG P 29 -11.48 -7.05 55.82
N VAL P 30 -11.84 -7.73 56.92
CA VAL P 30 -13.14 -7.53 57.62
C VAL P 30 -12.97 -6.50 58.76
N GLY P 31 -11.84 -5.78 58.80
CA GLY P 31 -11.56 -4.73 59.80
C GLY P 31 -10.27 -5.00 60.56
N GLN P 32 -9.91 -6.27 60.70
CA GLN P 32 -8.55 -6.69 61.14
C GLN P 32 -8.06 -7.75 60.15
N ASN P 33 -6.88 -8.31 60.37
CA ASN P 33 -6.15 -9.08 59.33
C ASN P 33 -6.27 -10.58 59.57
N TRP P 34 -6.96 -11.03 60.61
CA TRP P 34 -6.94 -12.47 61.02
C TRP P 34 -8.35 -13.06 60.94
N GLY P 35 -9.19 -12.51 60.07
CA GLY P 35 -10.45 -13.15 59.62
C GLY P 35 -11.66 -12.75 60.46
N PHE P 36 -11.46 -11.95 61.50
CA PHE P 36 -12.55 -11.42 62.35
C PHE P 36 -12.42 -9.91 62.53
N SER P 37 -13.56 -9.23 62.46
CA SER P 37 -13.73 -7.82 62.88
C SER P 37 -13.67 -7.74 64.41
N THR P 38 -13.58 -6.53 64.95
CA THR P 38 -13.90 -6.23 66.37
C THR P 38 -15.42 -6.23 66.48
N GLU P 39 -15.95 -6.21 67.70
CA GLU P 39 -17.40 -6.32 67.96
C GLU P 39 -18.16 -5.32 67.09
N ILE P 40 -19.26 -5.75 66.49
CA ILE P 40 -20.18 -4.87 65.72
C ILE P 40 -20.90 -3.99 66.75
N THR P 41 -20.88 -2.68 66.54
CA THR P 41 -21.54 -1.67 67.42
C THR P 41 -22.68 -1.04 66.65
N VAL P 42 -23.70 -0.55 67.37
CA VAL P 42 -24.90 0.09 66.78
C VAL P 42 -25.09 1.45 67.45
N ALA P 43 -24.99 2.52 66.68
CA ALA P 43 -25.28 3.91 67.13
C ALA P 43 -26.67 3.95 67.74
N SER P 44 -26.86 4.70 68.84
CA SER P 44 -28.19 4.97 69.43
C SER P 44 -28.94 5.95 68.52
N ASN P 45 -30.25 5.71 68.33
CA ASN P 45 -31.12 6.58 67.49
C ASN P 45 -30.83 8.04 67.87
N GLY P 46 -30.57 8.89 66.88
CA GLY P 46 -30.39 10.34 67.07
C GLY P 46 -28.94 10.74 67.25
N TYR P 47 -28.04 9.80 67.55
CA TYR P 47 -26.59 10.05 67.72
C TYR P 47 -25.89 9.77 66.37
N ASN P 48 -24.63 10.19 66.24
CA ASN P 48 -23.80 9.94 65.04
C ASN P 48 -23.66 8.42 64.83
N ASP P 49 -23.78 8.00 63.58
CA ASP P 49 -23.43 6.64 63.09
C ASP P 49 -21.93 6.63 62.81
N ALA P 50 -21.11 6.25 63.79
CA ALA P 50 -19.63 6.34 63.72
C ALA P 50 -19.02 5.01 64.12
N PRO P 51 -19.05 4.01 63.23
CA PRO P 51 -18.48 2.69 63.53
C PRO P 51 -16.95 2.75 63.62
N HIS P 52 -16.38 1.84 64.41
CA HIS P 52 -14.91 1.66 64.59
C HIS P 52 -14.30 1.21 63.25
N LEU P 53 -13.09 1.68 62.95
CA LEU P 53 -12.34 1.22 61.76
C LEU P 53 -12.39 -0.31 61.67
N THR P 54 -12.16 -0.98 62.79
CA THR P 54 -11.89 -2.44 62.85
C THR P 54 -13.19 -3.26 62.86
N GLU P 55 -14.34 -2.64 62.61
CA GLU P 55 -15.65 -3.36 62.59
C GLU P 55 -16.31 -3.26 61.22
N ILE P 56 -15.58 -2.71 60.24
CA ILE P 56 -16.11 -2.38 58.88
C ILE P 56 -15.37 -3.23 57.86
N PRO P 57 -16.02 -4.25 57.26
CA PRO P 57 -15.42 -5.05 56.21
C PRO P 57 -15.25 -4.26 54.90
N CYS P 58 -14.10 -4.50 54.25
CA CYS P 58 -13.66 -3.83 53.01
C CYS P 58 -13.36 -4.87 51.93
N TYR P 59 -13.42 -4.43 50.66
CA TYR P 59 -12.94 -5.20 49.48
C TYR P 59 -11.45 -5.47 49.69
N SER P 60 -11.06 -6.75 49.59
CA SER P 60 -9.66 -7.18 49.36
C SER P 60 -9.33 -6.94 47.87
N SER P 61 -8.09 -6.56 47.58
CA SER P 61 -7.64 -6.14 46.24
C SER P 61 -6.12 -6.28 46.16
N ALA P 62 -5.63 -6.74 45.00
CA ALA P 62 -4.18 -6.83 44.70
C ALA P 62 -3.98 -6.59 43.20
N ARG P 63 -2.81 -6.06 42.84
CA ARG P 63 -2.32 -5.97 41.45
C ARG P 63 -1.15 -6.94 41.34
N ILE P 64 -1.30 -8.02 40.55
CA ILE P 64 -0.21 -8.98 40.28
C ILE P 64 0.58 -8.45 39.08
N SER P 65 1.91 -8.40 39.19
CA SER P 65 2.84 -8.03 38.09
C SER P 65 2.97 -9.21 37.13
N LEU P 66 2.73 -8.96 35.85
CA LEU P 66 2.84 -9.97 34.75
C LEU P 66 4.17 -9.80 34.06
N PRO P 67 4.73 -10.84 33.40
CA PRO P 67 5.95 -10.69 32.60
C PRO P 67 5.85 -9.51 31.63
N LEU P 68 6.91 -8.69 31.52
CA LEU P 68 6.94 -7.51 30.62
C LEU P 68 6.89 -8.03 29.18
N LEU P 69 6.16 -7.35 28.29
CA LEU P 69 5.91 -7.86 26.91
C LEU P 69 6.69 -7.07 25.86
N ASN P 70 6.68 -5.73 25.88
CA ASN P 70 7.15 -4.90 24.76
C ASN P 70 8.55 -4.41 25.09
N GLU P 71 9.51 -4.56 24.16
CA GLU P 71 10.76 -3.77 24.17
C GLU P 71 10.42 -2.29 23.93
N ASP P 72 9.48 -1.97 23.02
CA ASP P 72 9.40 -0.66 22.30
C ASP P 72 7.94 -0.22 22.38
N ILE P 73 7.62 0.88 23.07
CA ILE P 73 6.29 1.55 23.01
C ILE P 73 6.05 2.15 21.62
N THR P 74 7.06 2.21 20.76
CA THR P 74 7.04 2.79 19.40
C THR P 74 6.79 1.75 18.32
N SER P 75 6.80 0.43 18.61
CA SER P 75 6.33 -0.63 17.68
C SER P 75 4.89 -0.33 17.23
N PRO P 76 4.50 -0.65 15.98
CA PRO P 76 3.14 -0.39 15.50
C PRO P 76 2.05 -1.43 15.85
N THR P 77 2.44 -2.62 16.35
CA THR P 77 1.51 -3.48 17.15
C THR P 77 2.12 -3.88 18.51
N LEU P 78 1.48 -3.46 19.59
CA LEU P 78 1.84 -3.80 20.99
C LEU P 78 1.18 -5.13 21.36
N LEU P 79 1.72 -5.82 22.37
CA LEU P 79 1.14 -7.04 22.99
C LEU P 79 0.68 -6.73 24.41
N MET P 80 -0.51 -7.22 24.78
CA MET P 80 -1.04 -7.19 26.17
C MET P 80 -1.40 -8.61 26.59
N TRP P 81 -1.18 -8.96 27.85
CA TRP P 81 -1.72 -10.20 28.45
C TRP P 81 -3.25 -10.12 28.48
N GLU P 82 -3.91 -11.19 28.08
CA GLU P 82 -5.39 -11.33 28.05
C GLU P 82 -5.78 -12.45 29.01
N ALA P 83 -6.56 -12.14 30.04
CA ALA P 83 -7.09 -13.12 31.02
C ALA P 83 -8.21 -13.91 30.33
N VAL P 84 -8.05 -15.22 30.20
CA VAL P 84 -8.97 -16.10 29.42
C VAL P 84 -9.94 -16.80 30.36
N SER P 85 -9.43 -17.36 31.46
CA SER P 85 -10.21 -18.18 32.42
C SER P 85 -9.63 -18.01 33.82
N VAL P 86 -10.43 -18.29 34.86
CA VAL P 86 -9.98 -18.31 36.27
C VAL P 86 -10.64 -19.50 36.98
N LYS P 87 -9.83 -20.33 37.63
CA LYS P 87 -10.27 -21.27 38.69
C LYS P 87 -10.19 -20.48 40.01
N THR P 88 -11.30 -20.31 40.73
CA THR P 88 -11.32 -19.63 42.05
C THR P 88 -12.01 -20.50 43.09
N GLU P 89 -11.58 -20.39 44.35
CA GLU P 89 -12.18 -21.14 45.49
C GLU P 89 -12.15 -20.28 46.76
N VAL P 90 -13.20 -20.37 47.56
CA VAL P 90 -13.24 -19.80 48.93
C VAL P 90 -12.56 -20.81 49.86
N VAL P 91 -11.42 -20.42 50.42
CA VAL P 91 -10.54 -21.32 51.22
C VAL P 91 -11.04 -21.32 52.68
N GLY P 92 -10.95 -22.47 53.34
CA GLY P 92 -11.22 -22.62 54.77
C GLY P 92 -12.70 -22.61 55.10
N ILE P 93 -13.55 -23.01 54.16
CA ILE P 93 -15.01 -23.18 54.41
C ILE P 93 -15.19 -24.18 55.57
N SER P 94 -14.43 -25.28 55.54
CA SER P 94 -14.52 -26.38 56.53
C SER P 94 -14.22 -25.85 57.95
N SER P 95 -13.56 -24.69 58.06
CA SER P 95 -13.18 -24.06 59.35
C SER P 95 -14.44 -23.77 60.19
N MET P 96 -15.60 -23.65 59.54
CA MET P 96 -16.87 -23.25 60.17
C MET P 96 -17.54 -24.45 60.87
N LEU P 97 -17.13 -25.69 60.61
CA LEU P 97 -17.67 -26.87 61.35
C LEU P 97 -16.99 -26.94 62.73
N ASN P 98 -17.30 -25.96 63.58
CA ASN P 98 -16.66 -25.74 64.91
C ASN P 98 -17.74 -25.27 65.88
N MET P 99 -18.12 -26.12 66.83
CA MET P 99 -19.20 -25.81 67.81
C MET P 99 -18.62 -25.75 69.24
N HIS P 100 -17.31 -25.59 69.38
CA HIS P 100 -16.62 -25.60 70.71
C HIS P 100 -15.90 -24.27 71.00
N SER P 101 -15.63 -23.44 69.99
CA SER P 101 -14.80 -22.22 70.11
C SER P 101 -15.68 -21.00 70.47
N TYR P 102 -16.28 -21.06 71.67
CA TYR P 102 -16.82 -19.91 72.44
C TYR P 102 -18.14 -19.39 71.84
N GLY P 103 -18.76 -20.12 70.91
CA GLY P 103 -20.00 -19.67 70.27
C GLY P 103 -21.17 -19.66 71.24
N LEU P 104 -22.10 -18.72 71.09
CA LEU P 104 -23.39 -18.70 71.83
C LEU P 104 -23.98 -20.09 71.78
N ARG P 105 -24.39 -20.64 72.93
CA ARG P 105 -24.73 -22.08 73.06
C ARG P 105 -26.22 -22.29 72.80
N ALA P 106 -26.54 -23.34 72.04
CA ALA P 106 -27.92 -23.69 71.62
C ALA P 106 -28.62 -24.46 72.74
N PHE P 107 -29.95 -24.59 72.62
CA PHE P 107 -30.79 -25.42 73.51
C PHE P 107 -30.54 -25.02 74.97
N GLY P 108 -30.77 -23.73 75.25
CA GLY P 108 -30.74 -23.11 76.59
C GLY P 108 -29.37 -23.15 77.23
N GLY P 109 -28.30 -23.25 76.44
CA GLY P 109 -26.91 -23.18 76.93
C GLY P 109 -26.28 -24.56 77.14
N TYR P 110 -27.04 -25.65 76.94
CA TYR P 110 -26.56 -27.04 77.19
C TYR P 110 -25.97 -27.65 75.92
N GLY P 111 -26.31 -27.09 74.74
CA GLY P 111 -25.84 -27.58 73.44
C GLY P 111 -24.50 -26.97 73.06
N GLY P 112 -24.13 -27.09 71.78
CA GLY P 112 -22.84 -26.58 71.24
C GLY P 112 -22.96 -25.12 70.84
N GLY P 113 -21.82 -24.50 70.53
CA GLY P 113 -21.74 -23.10 70.08
C GLY P 113 -22.33 -22.93 68.68
N TYR P 114 -22.91 -21.76 68.42
CA TYR P 114 -23.41 -21.35 67.08
C TYR P 114 -22.22 -21.31 66.10
N THR P 115 -22.35 -22.00 64.97
CA THR P 115 -21.45 -21.82 63.80
C THR P 115 -21.73 -20.44 63.20
N ILE P 116 -20.78 -19.92 62.44
CA ILE P 116 -20.92 -18.65 61.68
C ILE P 116 -22.29 -18.67 61.00
N GLU P 117 -23.06 -17.59 61.17
CA GLU P 117 -24.40 -17.42 60.57
C GLU P 117 -24.69 -15.93 60.38
N GLY P 118 -25.80 -15.64 59.70
CA GLY P 118 -26.28 -14.27 59.44
C GLY P 118 -25.96 -13.81 58.02
N SER P 119 -26.18 -12.52 57.77
CA SER P 119 -25.98 -11.88 56.45
C SER P 119 -24.54 -12.11 55.98
N HIS P 120 -24.37 -12.39 54.70
CA HIS P 120 -23.06 -12.74 54.08
C HIS P 120 -23.04 -12.26 52.63
N ILE P 121 -21.85 -11.95 52.12
CA ILE P 121 -21.63 -11.60 50.70
C ILE P 121 -20.40 -12.38 50.21
N HIS P 122 -20.45 -12.89 48.99
CA HIS P 122 -19.32 -13.57 48.31
C HIS P 122 -19.15 -12.98 46.92
N PHE P 123 -17.95 -12.49 46.62
CA PHE P 123 -17.70 -11.69 45.41
C PHE P 123 -16.24 -11.79 44.98
N PHE P 124 -16.01 -11.84 43.67
CA PHE P 124 -14.64 -11.81 43.08
C PHE P 124 -14.74 -11.10 41.73
N SER P 125 -13.63 -10.48 41.33
CA SER P 125 -13.46 -9.83 40.01
C SER P 125 -12.04 -10.07 39.51
N VAL P 126 -11.90 -10.26 38.19
CA VAL P 126 -10.61 -10.29 37.45
C VAL P 126 -10.69 -9.20 36.39
N GLY P 127 -9.62 -8.40 36.25
CA GLY P 127 -9.62 -7.25 35.34
C GLY P 127 -8.22 -6.85 34.92
N GLY P 128 -8.14 -6.05 33.86
CA GLY P 128 -6.88 -5.49 33.33
C GLY P 128 -6.61 -4.10 33.87
N GLU P 129 -7.44 -3.66 34.82
CA GLU P 129 -7.33 -2.36 35.51
C GLU P 129 -8.11 -2.44 36.81
N PRO P 130 -7.94 -1.46 37.72
CA PRO P 130 -8.76 -1.41 38.93
C PRO P 130 -10.25 -1.52 38.63
N LEU P 131 -10.98 -2.25 39.48
CA LEU P 131 -12.45 -2.40 39.40
C LEU P 131 -13.10 -1.03 39.62
N ASP P 132 -14.06 -0.66 38.77
CA ASP P 132 -14.82 0.60 38.89
C ASP P 132 -15.92 0.40 39.94
N LEU P 133 -15.98 1.30 40.94
CA LEU P 133 -16.95 1.27 42.06
C LEU P 133 -17.97 2.40 41.88
N GLN P 134 -19.23 2.10 42.20
CA GLN P 134 -20.34 3.06 42.33
C GLN P 134 -20.66 3.21 43.83
N GLY P 135 -20.83 4.46 44.28
CA GLY P 135 -21.22 4.76 45.66
C GLY P 135 -22.70 4.48 45.88
N LEU P 136 -23.01 3.62 46.84
CA LEU P 136 -24.39 3.46 47.38
C LEU P 136 -24.29 2.86 48.78
N MET P 137 -24.93 3.51 49.75
CA MET P 137 -24.84 3.20 51.21
C MET P 137 -26.24 3.25 51.82
N GLN P 138 -26.43 2.58 52.97
CA GLN P 138 -27.72 2.52 53.70
C GLN P 138 -27.99 3.85 54.41
N ASN P 139 -26.95 4.48 54.96
CA ASN P 139 -27.06 5.76 55.71
C ASN P 139 -26.00 6.73 55.19
N HIS P 140 -26.44 7.79 54.49
CA HIS P 140 -25.56 8.79 53.84
C HIS P 140 -24.64 9.45 54.87
N SER P 141 -25.08 9.51 56.13
CA SER P 141 -24.41 10.25 57.23
C SER P 141 -23.37 9.39 57.94
N THR P 142 -23.21 8.12 57.59
CA THR P 142 -22.20 7.22 58.23
C THR P 142 -20.85 7.94 58.21
N GLN P 143 -20.15 7.93 59.34
CA GLN P 143 -18.77 8.51 59.49
C GLN P 143 -17.76 7.37 59.43
N TYR P 144 -17.02 7.26 58.31
CA TYR P 144 -15.95 6.26 58.13
C TYR P 144 -14.65 6.86 58.66
N PRO P 145 -14.00 6.22 59.65
CA PRO P 145 -12.69 6.68 60.12
C PRO P 145 -11.63 6.54 59.01
N SER P 146 -10.70 7.50 58.96
CA SER P 146 -9.46 7.42 58.15
C SER P 146 -8.71 6.16 58.58
N PRO P 147 -8.04 5.41 57.67
CA PRO P 147 -7.89 5.78 56.26
C PRO P 147 -8.92 5.22 55.26
N LEU P 148 -10.08 4.74 55.74
CA LEU P 148 -11.17 4.22 54.87
C LEU P 148 -11.62 5.36 53.94
N VAL P 149 -12.21 5.00 52.81
CA VAL P 149 -12.71 5.97 51.79
C VAL P 149 -14.18 5.65 51.52
N GLY P 150 -15.06 6.60 51.76
CA GLY P 150 -16.50 6.48 51.48
C GLY P 150 -16.93 7.42 50.36
N PRO P 151 -18.16 7.29 49.84
CA PRO P 151 -18.66 8.14 48.78
C PRO P 151 -18.70 9.60 49.24
N LYS P 152 -17.92 10.46 48.56
CA LYS P 152 -17.91 11.93 48.75
C LYS P 152 -18.16 12.54 47.38
N LYS P 153 -18.90 13.66 47.31
CA LYS P 153 -18.94 14.54 46.12
C LYS P 153 -17.57 15.18 45.96
N PRO P 154 -17.26 15.89 44.85
CA PRO P 154 -16.00 16.62 44.73
C PRO P 154 -15.79 17.66 45.86
N ASP P 155 -16.89 18.26 46.35
CA ASP P 155 -16.87 19.33 47.38
C ASP P 155 -16.63 18.73 48.78
N GLY P 156 -16.61 17.40 48.93
CA GLY P 156 -16.31 16.71 50.20
C GLY P 156 -17.56 16.20 50.91
N THR P 157 -18.74 16.68 50.52
CA THR P 157 -20.04 16.37 51.18
C THR P 157 -20.53 14.97 50.76
N THR P 158 -21.54 14.45 51.45
CA THR P 158 -22.26 13.20 51.13
C THR P 158 -23.76 13.40 51.43
N ASP P 159 -24.59 13.56 50.41
CA ASP P 159 -26.02 13.91 50.60
C ASP P 159 -26.88 12.63 50.57
N ASP P 160 -28.19 12.79 50.71
CA ASP P 160 -29.19 11.69 50.77
C ASP P 160 -29.14 10.82 49.51
N SER P 161 -28.70 11.39 48.37
CA SER P 161 -28.69 10.71 47.04
C SER P 161 -27.75 9.50 47.07
N ALA P 162 -26.78 9.47 48.00
CA ALA P 162 -25.84 8.34 48.16
C ALA P 162 -26.54 7.07 48.63
N GLN P 163 -27.83 7.14 48.97
CA GLN P 163 -28.64 5.97 49.41
C GLN P 163 -29.34 5.36 48.19
N VAL P 164 -29.27 6.03 47.06
CA VAL P 164 -29.73 5.50 45.74
C VAL P 164 -28.59 5.70 44.74
N LEU P 165 -28.88 5.68 43.43
CA LEU P 165 -27.84 5.86 42.40
C LEU P 165 -27.71 7.35 42.08
N ASN P 166 -26.56 7.93 42.43
CA ASN P 166 -26.10 9.25 41.92
C ASN P 166 -24.73 9.04 41.29
N PRO P 167 -24.61 9.21 39.95
CA PRO P 167 -23.33 9.04 39.26
C PRO P 167 -22.16 9.86 39.81
N ILE P 168 -22.43 10.90 40.60
CA ILE P 168 -21.38 11.77 41.20
C ILE P 168 -20.46 10.93 42.10
N TYR P 169 -20.96 9.84 42.67
CA TYR P 169 -20.23 8.99 43.65
C TYR P 169 -19.60 7.78 42.96
N LYS P 170 -18.34 7.93 42.53
CA LYS P 170 -17.56 6.84 41.89
C LYS P 170 -16.16 6.79 42.50
N ALA P 171 -15.50 5.65 42.35
CA ALA P 171 -14.12 5.42 42.82
C ALA P 171 -13.54 4.21 42.08
N LYS P 172 -12.22 4.07 42.11
CA LYS P 172 -11.49 2.91 41.58
C LYS P 172 -10.97 2.13 42.79
N LEU P 173 -11.17 0.81 42.79
CA LEU P 173 -10.71 -0.09 43.88
C LEU P 173 -9.19 -0.24 43.74
N ASP P 174 -8.45 0.76 44.19
CA ASP P 174 -6.99 0.91 43.92
C ASP P 174 -6.16 0.61 45.18
N LYS P 175 -6.80 0.28 46.31
CA LYS P 175 -6.09 0.02 47.59
C LYS P 175 -6.83 -1.10 48.33
N ASP P 176 -6.08 -2.09 48.84
CA ASP P 176 -6.60 -3.18 49.70
C ASP P 176 -7.14 -2.57 51.00
N ALA P 177 -8.16 -3.19 51.60
CA ALA P 177 -8.60 -2.95 52.99
C ALA P 177 -9.02 -1.50 53.21
N THR P 178 -9.45 -0.81 52.16
CA THR P 178 -9.65 0.67 52.15
C THR P 178 -11.10 1.04 51.81
N TYR P 179 -11.73 0.32 50.88
CA TYR P 179 -13.07 0.63 50.35
C TYR P 179 -14.08 -0.27 51.04
N PRO P 180 -14.95 0.28 51.92
CA PRO P 180 -15.94 -0.54 52.63
C PRO P 180 -16.95 -1.15 51.66
N ILE P 181 -17.28 -2.43 51.88
CA ILE P 181 -18.27 -3.20 51.08
C ILE P 181 -19.62 -2.48 51.16
N GLU P 182 -19.91 -1.82 52.29
CA GLU P 182 -21.27 -1.35 52.64
C GLU P 182 -21.63 -0.04 51.93
N CYS P 183 -20.67 0.64 51.29
CA CYS P 183 -20.90 1.95 50.60
C CYS P 183 -20.42 1.93 49.15
N TRP P 184 -19.79 0.85 48.68
CA TRP P 184 -19.31 0.68 47.28
C TRP P 184 -19.79 -0.66 46.70
N CYS P 185 -20.38 -0.64 45.52
CA CYS P 185 -20.66 -1.85 44.70
C CYS P 185 -19.97 -1.73 43.36
N PRO P 186 -19.75 -2.84 42.63
CA PRO P 186 -19.24 -2.79 41.26
C PRO P 186 -20.17 -1.90 40.41
N ASP P 187 -19.56 -0.99 39.65
CA ASP P 187 -20.24 -0.01 38.76
C ASP P 187 -20.57 -0.69 37.43
N PRO P 188 -21.86 -0.99 37.15
CA PRO P 188 -22.22 -1.71 35.95
C PRO P 188 -22.18 -0.84 34.68
N SER P 189 -22.03 0.48 34.85
CA SER P 189 -21.94 1.48 33.76
C SER P 189 -20.51 1.54 33.22
N ARG P 190 -19.57 0.85 33.88
CA ARG P 190 -18.14 0.80 33.48
C ARG P 190 -17.66 -0.64 33.56
N ASN P 191 -16.43 -0.88 34.03
CA ASN P 191 -15.86 -2.24 34.17
C ASN P 191 -15.91 -2.99 32.83
N GLU P 192 -15.73 -2.30 31.69
CA GLU P 192 -15.67 -2.95 30.35
C GLU P 192 -14.49 -3.95 30.35
N ASN P 193 -13.41 -3.66 31.06
CA ASN P 193 -12.14 -4.44 31.05
C ASN P 193 -11.98 -5.24 32.35
N SER P 194 -13.09 -5.50 33.05
CA SER P 194 -13.14 -6.36 34.27
C SER P 194 -14.34 -7.30 34.15
N ARG P 195 -14.23 -8.50 34.72
CA ARG P 195 -15.39 -9.44 34.87
C ARG P 195 -15.61 -9.62 36.37
N TYR P 196 -16.82 -9.32 36.87
CA TYR P 196 -17.14 -9.43 38.32
C TYR P 196 -18.37 -10.31 38.52
N PHE P 197 -18.40 -10.98 39.68
CA PHE P 197 -19.41 -11.99 40.08
C PHE P 197 -19.64 -11.87 41.59
N GLY P 198 -20.88 -11.67 42.02
CA GLY P 198 -21.21 -11.46 43.44
C GLY P 198 -22.59 -11.98 43.79
N SER P 199 -22.75 -12.45 45.02
CA SER P 199 -24.05 -12.86 45.59
C SER P 199 -24.11 -12.46 47.07
N TYR P 200 -25.14 -11.70 47.45
CA TYR P 200 -25.44 -11.31 48.86
C TYR P 200 -26.69 -12.06 49.34
N THR P 201 -26.66 -12.48 50.60
CA THR P 201 -27.82 -13.05 51.32
C THR P 201 -27.97 -12.32 52.66
N GLY P 202 -29.17 -11.82 52.96
CA GLY P 202 -29.49 -11.12 54.21
C GLY P 202 -29.91 -12.08 55.32
N GLY P 203 -30.63 -11.55 56.32
CA GLY P 203 -31.21 -12.32 57.42
C GLY P 203 -30.37 -12.24 58.69
N VAL P 204 -30.94 -12.66 59.82
CA VAL P 204 -30.33 -12.50 61.16
C VAL P 204 -29.48 -13.74 61.49
N GLU P 205 -30.03 -14.94 61.24
CA GLU P 205 -29.44 -16.24 61.61
C GLU P 205 -29.27 -17.12 60.36
N THR P 206 -29.28 -16.52 59.17
CA THR P 206 -29.23 -17.23 57.86
C THR P 206 -28.00 -18.13 57.80
N PRO P 207 -28.17 -19.43 57.45
CA PRO P 207 -27.04 -20.34 57.35
C PRO P 207 -26.26 -20.06 56.08
N PRO P 208 -24.92 -19.95 56.16
CA PRO P 208 -24.09 -19.90 54.96
C PRO P 208 -24.12 -21.26 54.26
N VAL P 209 -24.19 -21.22 52.93
CA VAL P 209 -24.10 -22.42 52.04
C VAL P 209 -22.95 -22.15 51.06
N LEU P 210 -21.83 -22.86 51.21
CA LEU P 210 -20.64 -22.69 50.34
C LEU P 210 -20.19 -24.06 49.83
N SER P 211 -19.86 -24.11 48.53
CA SER P 211 -19.32 -25.31 47.84
C SER P 211 -17.86 -25.07 47.47
N PHE P 212 -17.09 -26.15 47.34
CA PHE P 212 -15.66 -26.10 46.98
C PHE P 212 -15.31 -27.32 46.14
N THR P 213 -14.65 -27.10 45.01
CA THR P 213 -14.18 -28.15 44.07
C THR P 213 -13.02 -27.60 43.24
N ASN P 214 -12.09 -28.47 42.84
CA ASN P 214 -10.97 -28.12 41.93
C ASN P 214 -11.35 -28.46 40.49
N THR P 215 -12.64 -28.63 40.19
CA THR P 215 -13.16 -29.01 38.84
C THR P 215 -13.86 -27.83 38.17
N SER P 216 -14.13 -26.72 38.87
CA SER P 216 -14.84 -25.54 38.31
C SER P 216 -13.83 -24.65 37.55
N THR P 217 -14.29 -23.98 36.50
CA THR P 217 -13.56 -22.93 35.75
C THR P 217 -14.57 -21.86 35.31
N THR P 218 -14.22 -20.59 35.46
CA THR P 218 -15.02 -19.45 34.95
C THR P 218 -14.33 -18.86 33.72
N ILE P 219 -14.95 -18.85 32.61
CA ILE P 219 -14.48 -18.24 31.33
C ILE P 219 -14.65 -16.73 31.46
N LEU P 220 -13.62 -15.96 31.05
CA LEU P 220 -13.58 -14.49 31.22
C LEU P 220 -13.74 -13.78 29.87
N LEU P 221 -13.83 -14.52 28.78
CA LEU P 221 -14.02 -13.94 27.42
C LEU P 221 -15.41 -13.32 27.33
N ASP P 222 -15.55 -12.19 26.64
CA ASP P 222 -16.83 -11.44 26.50
C ASP P 222 -17.61 -11.97 25.29
N GLU P 223 -18.72 -11.30 24.97
CA GLU P 223 -19.61 -11.57 23.79
C GLU P 223 -18.74 -11.75 22.52
N ASN P 224 -17.60 -11.05 22.41
CA ASN P 224 -16.73 -11.04 21.20
C ASN P 224 -15.44 -11.83 21.42
N GLY P 225 -15.39 -12.76 22.37
CA GLY P 225 -14.24 -13.66 22.58
C GLY P 225 -12.98 -12.94 23.06
N VAL P 226 -13.13 -11.75 23.64
CA VAL P 226 -12.01 -10.93 24.20
C VAL P 226 -12.10 -10.98 25.73
N GLY P 227 -10.99 -11.32 26.39
CA GLY P 227 -10.87 -11.31 27.86
C GLY P 227 -10.37 -9.95 28.36
N PRO P 228 -10.29 -9.75 29.69
CA PRO P 228 -9.64 -8.58 30.25
C PRO P 228 -8.21 -8.46 29.70
N LEU P 229 -7.88 -7.27 29.17
CA LEU P 229 -6.52 -6.92 28.68
C LEU P 229 -5.78 -6.15 29.77
N CYS P 230 -4.68 -6.73 30.26
CA CYS P 230 -3.91 -6.25 31.43
C CYS P 230 -3.06 -5.04 31.05
N LYS P 231 -3.56 -3.83 31.31
CA LYS P 231 -2.86 -2.54 31.11
C LYS P 231 -1.65 -2.48 32.05
N GLY P 232 -0.57 -1.84 31.60
CA GLY P 232 0.70 -1.74 32.35
C GLY P 232 1.20 -3.09 32.84
N ASP P 233 0.91 -4.17 32.12
CA ASP P 233 1.37 -5.55 32.46
C ASP P 233 0.98 -5.87 33.91
N GLY P 234 -0.25 -5.50 34.29
CA GLY P 234 -0.82 -5.73 35.63
C GLY P 234 -2.17 -6.45 35.55
N LEU P 235 -2.32 -7.53 36.32
CA LEU P 235 -3.60 -8.27 36.50
C LEU P 235 -4.21 -7.86 37.85
N TYR P 236 -5.47 -7.41 37.83
CA TYR P 236 -6.17 -6.80 38.99
C TYR P 236 -7.19 -7.80 39.56
N LEU P 237 -6.88 -8.37 40.72
CA LEU P 237 -7.77 -9.28 41.48
C LEU P 237 -8.49 -8.52 42.60
N SER P 238 -9.78 -8.82 42.81
CA SER P 238 -10.60 -8.26 43.90
C SER P 238 -11.46 -9.37 44.51
N SER P 239 -11.76 -9.25 45.80
CA SER P 239 -12.43 -10.29 46.63
C SER P 239 -13.25 -9.59 47.71
N ALA P 240 -14.39 -10.17 48.07
CA ALA P 240 -15.18 -9.80 49.27
C ALA P 240 -15.91 -11.05 49.74
N ASP P 241 -15.35 -11.75 50.73
CA ASP P 241 -15.93 -13.03 51.21
C ASP P 241 -16.17 -12.95 52.71
N VAL P 242 -17.30 -12.32 53.07
CA VAL P 242 -17.79 -12.21 54.47
C VAL P 242 -18.82 -13.34 54.66
N ALA P 243 -18.40 -14.45 55.26
CA ALA P 243 -19.18 -15.71 55.37
C ALA P 243 -20.40 -15.52 56.27
N GLY P 244 -20.33 -14.53 57.16
CA GLY P 244 -21.38 -14.20 58.13
C GLY P 244 -20.80 -13.61 59.40
N THR P 245 -21.45 -13.85 60.54
CA THR P 245 -21.01 -13.33 61.86
C THR P 245 -20.74 -14.51 62.80
N PHE P 246 -19.75 -14.34 63.66
CA PHE P 246 -19.55 -15.17 64.88
C PHE P 246 -20.34 -14.53 66.02
N VAL P 247 -21.20 -15.32 66.68
CA VAL P 247 -22.02 -14.89 67.86
C VAL P 247 -21.37 -15.51 69.10
N GLN P 248 -20.84 -14.67 69.99
CA GLN P 248 -20.07 -15.13 71.18
C GLN P 248 -21.01 -15.37 72.36
N GLN P 249 -20.82 -16.49 73.07
CA GLN P 249 -21.57 -16.82 74.31
C GLN P 249 -21.35 -15.68 75.31
N THR P 250 -22.31 -15.48 76.23
CA THR P 250 -22.20 -14.59 77.40
C THR P 250 -22.31 -13.13 76.93
N SER P 251 -21.34 -12.62 76.17
CA SER P 251 -21.36 -11.22 75.65
C SER P 251 -22.54 -11.06 74.69
N GLN P 252 -22.85 -12.10 73.92
CA GLN P 252 -23.88 -12.10 72.83
C GLN P 252 -23.54 -10.98 71.84
N LYS P 253 -22.25 -10.67 71.69
CA LYS P 253 -21.72 -9.73 70.67
C LYS P 253 -21.47 -10.50 69.37
N GLN P 254 -21.56 -9.80 68.24
CA GLN P 254 -21.36 -10.37 66.89
C GLN P 254 -20.07 -9.79 66.29
N TYR P 255 -19.32 -10.63 65.59
CA TYR P 255 -18.07 -10.28 64.86
C TYR P 255 -18.21 -10.79 63.43
N TRP P 256 -17.96 -9.91 62.45
CA TRP P 256 -17.84 -10.31 61.02
C TRP P 256 -16.73 -11.35 60.88
N ARG P 257 -16.99 -12.42 60.13
CA ARG P 257 -16.00 -13.48 59.81
C ARG P 257 -15.75 -13.48 58.29
N GLY P 258 -14.50 -13.31 57.89
CA GLY P 258 -14.07 -13.30 56.48
C GLY P 258 -13.31 -14.57 56.12
N LEU P 259 -13.29 -14.93 54.84
CA LEU P 259 -12.50 -16.08 54.34
C LEU P 259 -11.64 -15.64 53.15
N PRO P 260 -10.48 -16.29 52.96
CA PRO P 260 -9.60 -15.97 51.83
C PRO P 260 -10.13 -16.59 50.54
N ARG P 261 -9.82 -15.98 49.41
CA ARG P 261 -10.17 -16.48 48.06
C ARG P 261 -8.89 -16.81 47.28
N TYR P 262 -8.82 -18.00 46.71
CA TYR P 262 -7.73 -18.46 45.81
C TYR P 262 -8.09 -18.12 44.37
N PHE P 263 -7.11 -17.64 43.61
CA PHE P 263 -7.24 -17.40 42.14
C PHE P 263 -6.20 -18.20 41.37
N ASN P 264 -6.59 -18.73 40.21
CA ASN P 264 -5.66 -19.34 39.23
C ASN P 264 -6.07 -18.84 37.84
N ILE P 265 -5.44 -17.79 37.35
CA ILE P 265 -5.82 -17.12 36.07
C ILE P 265 -4.92 -17.67 34.96
N THR P 266 -5.53 -18.08 33.85
CA THR P 266 -4.83 -18.43 32.58
C THR P 266 -4.88 -17.20 31.66
N LEU P 267 -3.72 -16.71 31.25
CA LEU P 267 -3.61 -15.56 30.30
C LEU P 267 -2.87 -16.00 29.04
N ARG P 268 -3.09 -15.26 27.95
CA ARG P 268 -2.46 -15.48 26.63
C ARG P 268 -2.12 -14.13 26.03
N LYS P 269 -1.10 -14.07 25.15
CA LYS P 269 -0.67 -12.82 24.50
C LYS P 269 -1.68 -12.43 23.42
N ARG P 270 -2.11 -11.17 23.41
CA ARG P 270 -3.04 -10.60 22.40
C ARG P 270 -2.41 -9.33 21.83
N ALA P 271 -2.51 -9.13 20.52
CA ALA P 271 -1.98 -7.96 19.80
C ALA P 271 -3.04 -6.85 19.78
N VAL P 272 -2.61 -5.59 19.79
CA VAL P 272 -3.49 -4.38 19.83
C VAL P 272 -2.87 -3.26 18.98
N LYS P 273 -3.68 -2.38 18.41
CA LYS P 273 -3.29 -1.33 17.41
C LYS P 273 -2.62 -0.14 18.13
N ASN P 274 -1.67 0.53 17.45
CA ASN P 274 -1.04 1.81 17.90
C ASN P 274 -1.48 2.96 16.99
N GLY Q 6 4.32 -34.16 37.80
CA GLY Q 6 5.40 -33.90 36.79
C GLY Q 6 5.63 -35.10 35.87
N ILE Q 7 4.56 -35.85 35.60
CA ILE Q 7 4.49 -37.06 34.73
C ILE Q 7 4.01 -36.63 33.33
N GLU Q 8 4.75 -36.97 32.26
CA GLU Q 8 4.30 -36.78 30.86
C GLU Q 8 3.31 -37.91 30.52
N VAL Q 9 2.05 -37.57 30.25
CA VAL Q 9 0.93 -38.52 30.00
C VAL Q 9 0.90 -38.86 28.52
N LEU Q 10 0.74 -40.14 28.16
CA LEU Q 10 0.75 -40.60 26.76
C LEU Q 10 -0.61 -41.20 26.39
N ASP Q 11 -0.61 -42.23 25.55
CA ASP Q 11 -1.82 -42.90 24.97
C ASP Q 11 -2.55 -43.66 26.07
N VAL Q 12 -3.85 -43.87 25.92
CA VAL Q 12 -4.69 -44.75 26.77
C VAL Q 12 -4.60 -46.18 26.23
N LYS Q 13 -3.97 -47.11 26.95
CA LYS Q 13 -3.92 -48.54 26.57
C LYS Q 13 -5.36 -49.07 26.58
N THR Q 14 -5.82 -49.59 25.44
CA THR Q 14 -7.12 -50.34 25.32
C THR Q 14 -6.79 -51.81 25.02
N GLY Q 15 -7.79 -52.67 25.10
CA GLY Q 15 -7.62 -54.13 24.96
C GLY Q 15 -8.17 -54.86 26.18
N PRO Q 16 -8.05 -56.20 26.23
CA PRO Q 16 -8.52 -56.96 27.39
C PRO Q 16 -7.69 -56.63 28.65
N ASP Q 17 -8.32 -56.73 29.82
CA ASP Q 17 -7.71 -56.46 31.15
C ASP Q 17 -7.15 -55.03 31.19
N SER Q 18 -7.75 -54.06 30.49
CA SER Q 18 -7.23 -52.66 30.41
C SER Q 18 -8.08 -51.71 31.23
N THR Q 19 -9.29 -52.13 31.63
CA THR Q 19 -10.13 -51.40 32.61
C THR Q 19 -10.40 -52.28 33.84
N THR Q 20 -10.72 -51.66 34.97
CA THR Q 20 -11.11 -52.33 36.23
C THR Q 20 -11.99 -51.39 37.05
N THR Q 21 -12.82 -51.94 37.93
CA THR Q 21 -13.63 -51.16 38.92
C THR Q 21 -13.17 -51.49 40.33
N ILE Q 22 -13.31 -50.52 41.23
CA ILE Q 22 -12.99 -50.64 42.68
C ILE Q 22 -14.23 -50.22 43.47
N GLU Q 23 -14.79 -51.12 44.27
CA GLU Q 23 -15.81 -50.82 45.31
C GLU Q 23 -15.08 -50.60 46.63
N ALA Q 24 -15.47 -49.55 47.37
CA ALA Q 24 -14.96 -49.25 48.72
C ALA Q 24 -16.02 -48.44 49.47
N TYR Q 25 -15.98 -48.45 50.79
CA TYR Q 25 -16.77 -47.55 51.66
C TYR Q 25 -15.79 -46.93 52.67
N LEU Q 26 -16.01 -45.66 53.02
CA LEU Q 26 -15.39 -45.00 54.19
C LEU Q 26 -16.44 -44.80 55.26
N ASN Q 27 -16.24 -45.37 56.44
CA ASN Q 27 -17.09 -45.10 57.63
C ASN Q 27 -16.66 -43.75 58.20
N PRO Q 28 -17.60 -43.01 58.81
CA PRO Q 28 -17.32 -41.66 59.30
C PRO Q 28 -16.42 -41.70 60.54
N ARG Q 29 -15.62 -40.65 60.74
CA ARG Q 29 -14.72 -40.50 61.91
C ARG Q 29 -15.06 -39.18 62.60
N VAL Q 30 -16.17 -39.17 63.34
CA VAL Q 30 -16.73 -37.94 63.99
C VAL Q 30 -16.22 -37.86 65.44
N GLY Q 31 -15.22 -38.66 65.82
CA GLY Q 31 -14.59 -38.65 67.16
C GLY Q 31 -14.66 -40.02 67.82
N GLN Q 32 -15.67 -40.82 67.49
CA GLN Q 32 -15.72 -42.26 67.80
C GLN Q 32 -16.06 -43.00 66.50
N ASN Q 33 -16.20 -44.32 66.55
CA ASN Q 33 -16.22 -45.17 65.34
C ASN Q 33 -17.65 -45.59 64.97
N TRP Q 34 -18.66 -45.18 65.73
CA TRP Q 34 -20.03 -45.74 65.57
C TRP Q 34 -21.02 -44.63 65.21
N GLY Q 35 -20.53 -43.57 64.54
CA GLY Q 35 -21.38 -42.59 63.83
C GLY Q 35 -21.75 -41.40 64.68
N PHE Q 36 -21.40 -41.39 65.96
CA PHE Q 36 -21.64 -40.26 66.89
C PHE Q 36 -20.36 -39.89 67.64
N SER Q 37 -20.16 -38.57 67.78
CA SER Q 37 -19.18 -37.97 68.71
C SER Q 37 -19.67 -38.13 70.14
N THR Q 38 -18.80 -37.86 71.11
CA THR Q 38 -19.19 -37.58 72.52
C THR Q 38 -19.79 -36.18 72.54
N GLU Q 39 -20.40 -35.79 73.65
CA GLU Q 39 -21.12 -34.48 73.76
C GLU Q 39 -20.20 -33.35 73.32
N ILE Q 40 -20.73 -32.42 72.54
CA ILE Q 40 -20.01 -31.18 72.12
C ILE Q 40 -19.90 -30.31 73.36
N THR Q 41 -18.69 -29.85 73.68
CA THR Q 41 -18.41 -28.96 74.83
C THR Q 41 -17.97 -27.61 74.29
N VAL Q 42 -18.19 -26.55 75.06
CA VAL Q 42 -17.86 -25.15 74.69
C VAL Q 42 -17.03 -24.55 75.83
N ALA Q 43 -15.78 -24.17 75.54
CA ALA Q 43 -14.89 -23.46 76.47
C ALA Q 43 -15.60 -22.20 76.96
N SER Q 44 -15.45 -21.85 78.25
CA SER Q 44 -15.91 -20.57 78.82
C SER Q 44 -15.01 -19.44 78.31
N ASN Q 45 -15.60 -18.29 77.96
CA ASN Q 45 -14.84 -17.12 77.46
C ASN Q 45 -13.64 -16.89 78.38
N GLY Q 46 -12.44 -16.77 77.81
CA GLY Q 46 -11.20 -16.44 78.53
C GLY Q 46 -10.41 -17.67 78.96
N TYR Q 47 -11.02 -18.87 78.93
CA TYR Q 47 -10.35 -20.15 79.28
C TYR Q 47 -9.85 -20.80 77.99
N ASN Q 48 -8.98 -21.82 78.12
CA ASN Q 48 -8.45 -22.58 76.96
C ASN Q 48 -9.60 -23.22 76.19
N ASP Q 49 -9.52 -23.15 74.87
CA ASP Q 49 -10.37 -23.93 73.93
C ASP Q 49 -9.73 -25.30 73.75
N ALA Q 50 -10.13 -26.29 74.55
CA ALA Q 50 -9.48 -27.62 74.60
C ALA Q 50 -10.55 -28.71 74.51
N PRO Q 51 -11.09 -28.96 73.29
CA PRO Q 51 -12.12 -29.96 73.10
C PRO Q 51 -11.56 -31.38 73.29
N HIS Q 52 -12.43 -32.30 73.70
CA HIS Q 52 -12.14 -33.74 73.87
C HIS Q 52 -11.80 -34.35 72.50
N LEU Q 53 -10.86 -35.30 72.46
CA LEU Q 53 -10.52 -36.05 71.23
C LEU Q 53 -11.81 -36.52 70.56
N THR Q 54 -12.75 -37.07 71.34
CA THR Q 54 -13.92 -37.83 70.85
C THR Q 54 -15.08 -36.90 70.47
N GLU Q 55 -14.86 -35.58 70.41
CA GLU Q 55 -15.94 -34.61 70.06
C GLU Q 55 -15.57 -33.84 68.79
N ILE Q 56 -14.46 -34.24 68.14
CA ILE Q 56 -13.85 -33.51 66.99
C ILE Q 56 -13.92 -34.40 65.75
N PRO Q 57 -14.80 -34.09 64.78
CA PRO Q 57 -14.87 -34.84 63.53
C PRO Q 57 -13.64 -34.61 62.65
N CYS Q 58 -13.20 -35.70 62.01
CA CYS Q 58 -12.00 -35.78 61.16
C CYS Q 58 -12.37 -36.31 59.76
N TYR Q 59 -11.54 -35.99 58.78
CA TYR Q 59 -11.58 -36.60 57.42
C TYR Q 59 -11.38 -38.11 57.58
N SER Q 60 -12.30 -38.89 57.01
CA SER Q 60 -12.09 -40.32 56.68
C SER Q 60 -11.21 -40.40 55.43
N SER Q 61 -10.35 -41.42 55.37
CA SER Q 61 -9.32 -41.56 54.31
C SER Q 61 -8.88 -43.03 54.24
N ALA Q 62 -8.68 -43.54 53.04
CA ALA Q 62 -8.14 -44.90 52.79
C ALA Q 62 -7.34 -44.90 51.49
N ARG Q 63 -6.35 -45.77 51.41
CA ARG Q 63 -5.59 -46.08 50.18
C ARG Q 63 -5.97 -47.49 49.75
N ILE Q 64 -6.66 -47.63 48.61
CA ILE Q 64 -7.03 -48.95 48.04
C ILE Q 64 -5.85 -49.40 47.15
N SER Q 65 -5.41 -50.65 47.33
CA SER Q 65 -4.37 -51.29 46.49
C SER Q 65 -4.98 -51.70 45.15
N LEU Q 66 -4.37 -51.27 44.05
CA LEU Q 66 -4.80 -51.60 42.66
C LEU Q 66 -3.92 -52.74 42.15
N PRO Q 67 -4.38 -53.52 41.14
CA PRO Q 67 -3.52 -54.54 40.52
C PRO Q 67 -2.16 -53.96 40.09
N LEU Q 68 -1.07 -54.69 40.36
CA LEU Q 68 0.31 -54.23 40.01
C LEU Q 68 0.41 -54.19 38.48
N LEU Q 69 1.08 -53.21 37.90
CA LEU Q 69 1.11 -52.96 36.44
C LEU Q 69 2.48 -53.30 35.86
N ASN Q 70 3.58 -52.78 36.41
CA ASN Q 70 4.90 -52.85 35.73
C ASN Q 70 5.71 -54.03 36.30
N GLU Q 71 5.13 -55.21 36.05
CA GLU Q 71 5.73 -56.50 36.45
C GLU Q 71 7.04 -56.72 35.65
N ASP Q 72 7.09 -56.33 34.38
CA ASP Q 72 8.24 -56.60 33.49
C ASP Q 72 9.10 -55.35 33.38
N ILE Q 73 10.29 -55.37 33.98
CA ILE Q 73 11.20 -54.19 34.07
C ILE Q 73 11.77 -53.85 32.69
N THR Q 74 11.61 -54.74 31.70
CA THR Q 74 12.14 -54.57 30.32
C THR Q 74 11.10 -53.98 29.37
N SER Q 75 9.82 -53.82 29.75
CA SER Q 75 8.81 -53.03 28.98
C SER Q 75 9.31 -51.60 28.76
N PRO Q 76 9.06 -50.98 27.58
CA PRO Q 76 9.67 -49.68 27.26
C PRO Q 76 8.95 -48.42 27.75
N THR Q 77 7.69 -48.56 28.19
CA THR Q 77 6.72 -47.48 28.50
C THR Q 77 5.97 -47.85 29.79
N LEU Q 78 5.94 -46.92 30.78
CA LEU Q 78 5.34 -47.37 32.12
C LEU Q 78 3.83 -47.11 32.10
N LEU Q 79 3.07 -47.94 32.79
CA LEU Q 79 1.58 -47.85 32.88
C LEU Q 79 1.17 -47.44 34.30
N MET Q 80 0.21 -46.54 34.40
CA MET Q 80 -0.47 -46.17 35.67
C MET Q 80 -1.98 -46.34 35.49
N TRP Q 81 -2.67 -46.79 36.54
CA TRP Q 81 -4.16 -46.76 36.59
C TRP Q 81 -4.62 -45.31 36.58
N GLU Q 82 -5.62 -45.00 35.77
CA GLU Q 82 -6.23 -43.66 35.63
C GLU Q 82 -7.70 -43.77 36.06
N ALA Q 83 -8.08 -43.03 37.10
CA ALA Q 83 -9.47 -42.97 37.60
C ALA Q 83 -10.29 -42.11 36.62
N VAL Q 84 -11.33 -42.69 36.01
CA VAL Q 84 -12.10 -42.04 34.91
C VAL Q 84 -13.39 -41.47 35.47
N SER Q 85 -14.09 -42.24 36.28
CA SER Q 85 -15.43 -41.90 36.81
C SER Q 85 -15.61 -42.53 38.20
N VAL Q 86 -16.52 -41.98 39.01
CA VAL Q 86 -16.91 -42.54 40.33
C VAL Q 86 -18.42 -42.41 40.49
N LYS Q 87 -19.10 -43.51 40.80
CA LYS Q 87 -20.45 -43.51 41.40
C LYS Q 87 -20.25 -43.46 42.92
N THR Q 88 -20.76 -42.43 43.60
CA THR Q 88 -20.65 -42.31 45.08
C THR Q 88 -22.03 -42.04 45.69
N GLU Q 89 -22.26 -42.53 46.91
CA GLU Q 89 -23.54 -42.36 47.63
C GLU Q 89 -23.28 -42.22 49.14
N VAL Q 90 -24.03 -41.35 49.79
CA VAL Q 90 -24.07 -41.25 51.28
C VAL Q 90 -25.04 -42.32 51.77
N VAL Q 91 -24.51 -43.31 52.49
CA VAL Q 91 -25.27 -44.51 52.94
C VAL Q 91 -25.99 -44.19 54.25
N GLY Q 92 -27.19 -44.73 54.43
CA GLY Q 92 -27.96 -44.64 55.68
C GLY Q 92 -28.58 -43.28 55.91
N ILE Q 93 -28.87 -42.54 54.83
CA ILE Q 93 -29.63 -41.26 54.91
C ILE Q 93 -30.98 -41.55 55.60
N SER Q 94 -31.65 -42.63 55.19
CA SER Q 94 -33.00 -43.01 55.67
C SER Q 94 -32.97 -43.23 57.19
N SER Q 95 -31.79 -43.47 57.77
CA SER Q 95 -31.60 -43.72 59.24
C SER Q 95 -32.11 -42.53 60.05
N MET Q 96 -32.16 -41.34 59.43
CA MET Q 96 -32.52 -40.07 60.10
C MET Q 96 -34.04 -39.91 60.26
N LEU Q 97 -34.86 -40.71 59.56
CA LEU Q 97 -36.34 -40.65 59.72
C LEU Q 97 -36.73 -41.42 60.99
N ASN Q 98 -36.32 -40.89 62.16
CA ASN Q 98 -36.41 -41.55 63.49
C ASN Q 98 -36.73 -40.47 64.52
N MET Q 99 -37.95 -40.48 65.06
CA MET Q 99 -38.43 -39.46 66.03
C MET Q 99 -38.71 -40.11 67.39
N HIS Q 100 -38.16 -41.30 67.66
CA HIS Q 100 -38.42 -42.07 68.90
C HIS Q 100 -37.14 -42.31 69.71
N SER Q 101 -35.95 -42.18 69.11
CA SER Q 101 -34.66 -42.55 69.74
C SER Q 101 -34.07 -41.36 70.51
N TYR Q 102 -34.76 -40.93 71.55
CA TYR Q 102 -34.25 -40.10 72.68
C TYR Q 102 -34.05 -38.64 72.28
N GLY Q 103 -34.53 -38.22 71.11
CA GLY Q 103 -34.35 -36.84 70.62
C GLY Q 103 -35.11 -35.84 71.47
N LEU Q 104 -34.57 -34.64 71.65
CA LEU Q 104 -35.29 -33.49 72.27
C LEU Q 104 -36.68 -33.41 71.65
N ARG Q 105 -37.72 -33.31 72.47
CA ARG Q 105 -39.12 -33.50 72.02
C ARG Q 105 -39.73 -32.14 71.62
N ALA Q 106 -40.45 -32.13 70.51
CA ALA Q 106 -41.08 -30.93 69.91
C ALA Q 106 -42.40 -30.63 70.60
N PHE Q 107 -42.93 -29.43 70.37
CA PHE Q 107 -44.27 -28.98 70.82
C PHE Q 107 -44.40 -29.22 72.33
N GLY Q 108 -43.47 -28.60 73.08
CA GLY Q 108 -43.46 -28.54 74.56
C GLY Q 108 -43.26 -29.90 75.20
N GLY Q 109 -42.67 -30.86 74.49
CA GLY Q 109 -42.32 -32.19 75.02
C GLY Q 109 -43.35 -33.26 74.72
N TYR Q 110 -44.48 -32.91 74.07
CA TYR Q 110 -45.60 -33.84 73.78
C TYR Q 110 -45.43 -34.49 72.40
N GLY Q 111 -44.64 -33.87 71.52
CA GLY Q 111 -44.37 -34.35 70.16
C GLY Q 111 -43.24 -35.36 70.13
N GLY Q 112 -42.72 -35.65 68.92
CA GLY Q 112 -41.64 -36.63 68.70
C GLY Q 112 -40.27 -35.99 68.90
N GLY Q 113 -39.22 -36.82 68.93
CA GLY Q 113 -37.83 -36.38 69.04
C GLY Q 113 -37.36 -35.64 67.80
N TYR Q 114 -36.45 -34.67 67.97
CA TYR Q 114 -35.77 -33.95 66.87
C TYR Q 114 -34.96 -34.95 66.05
N THR Q 115 -35.17 -34.97 64.73
CA THR Q 115 -34.25 -35.64 63.77
C THR Q 115 -32.94 -34.86 63.72
N ILE Q 116 -31.88 -35.52 63.27
CA ILE Q 116 -30.55 -34.88 63.07
C ILE Q 116 -30.78 -33.54 62.36
N GLU Q 117 -30.20 -32.46 62.90
CA GLU Q 117 -30.30 -31.10 62.32
C GLU Q 117 -29.05 -30.30 62.71
N GLY Q 118 -28.93 -29.10 62.14
CA GLY Q 118 -27.83 -28.16 62.41
C GLY Q 118 -26.79 -28.18 61.30
N SER Q 119 -25.66 -27.51 61.55
CA SER Q 119 -24.55 -27.35 60.59
C SER Q 119 -24.06 -28.73 60.15
N HIS Q 120 -23.76 -28.86 58.87
CA HIS Q 120 -23.37 -30.14 58.23
C HIS Q 120 -22.40 -29.87 57.07
N ILE Q 121 -21.52 -30.82 56.79
CA ILE Q 121 -20.60 -30.79 55.63
C ILE Q 121 -20.66 -32.15 54.95
N HIS Q 122 -20.65 -32.17 53.62
CA HIS Q 122 -20.58 -33.40 52.80
C HIS Q 122 -19.50 -33.21 51.75
N PHE Q 123 -18.53 -34.13 51.72
CA PHE Q 123 -17.29 -33.97 50.93
C PHE Q 123 -16.71 -35.33 50.58
N PHE Q 124 -16.18 -35.44 49.36
CA PHE Q 124 -15.44 -36.65 48.90
C PHE Q 124 -14.37 -36.18 47.92
N SER Q 125 -13.30 -36.98 47.84
CA SER Q 125 -12.18 -36.77 46.89
C SER Q 125 -11.71 -38.14 46.39
N VAL Q 126 -11.33 -38.21 45.12
CA VAL Q 126 -10.65 -39.36 44.48
C VAL Q 126 -9.34 -38.84 43.90
N GLY Q 127 -8.24 -39.54 44.13
CA GLY Q 127 -6.90 -39.07 43.75
C GLY Q 127 -5.92 -40.21 43.57
N GLY Q 128 -4.81 -39.92 42.90
CA GLY Q 128 -3.69 -40.86 42.68
C GLY Q 128 -2.61 -40.71 43.74
N GLU Q 129 -2.87 -39.87 44.74
CA GLU Q 129 -1.97 -39.61 45.89
C GLU Q 129 -2.80 -39.03 47.02
N PRO Q 130 -2.25 -38.95 48.24
CA PRO Q 130 -2.94 -38.28 49.34
C PRO Q 130 -3.42 -36.88 48.95
N LEU Q 131 -4.61 -36.51 49.44
CA LEU Q 131 -5.23 -35.16 49.23
C LEU Q 131 -4.35 -34.12 49.93
N ASP Q 132 -4.03 -33.02 49.24
CA ASP Q 132 -3.25 -31.89 49.81
C ASP Q 132 -4.20 -31.03 50.65
N LEU Q 133 -3.82 -30.76 51.91
CA LEU Q 133 -4.61 -29.97 52.88
C LEU Q 133 -3.91 -28.62 53.10
N GLN Q 134 -4.73 -27.58 53.23
CA GLN Q 134 -4.33 -26.21 53.68
C GLN Q 134 -4.87 -26.00 55.09
N GLY Q 135 -4.03 -25.47 55.98
CA GLY Q 135 -4.45 -25.12 57.35
C GLY Q 135 -5.26 -23.85 57.36
N LEU Q 136 -6.50 -23.94 57.87
CA LEU Q 136 -7.32 -22.75 58.22
C LEU Q 136 -8.35 -23.17 59.27
N MET Q 137 -8.40 -22.42 60.37
CA MET Q 137 -9.19 -22.74 61.59
C MET Q 137 -9.87 -21.47 62.09
N GLN Q 138 -10.97 -21.62 62.85
CA GLN Q 138 -11.77 -20.48 63.40
C GLN Q 138 -11.00 -19.83 64.57
N ASN Q 139 -10.33 -20.65 65.40
CA ASN Q 139 -9.58 -20.17 66.59
C ASN Q 139 -8.17 -20.78 66.56
N HIS Q 140 -7.15 -19.95 66.31
CA HIS Q 140 -5.74 -20.38 66.16
C HIS Q 140 -5.26 -21.10 67.42
N SER Q 141 -5.86 -20.78 68.57
CA SER Q 141 -5.42 -21.23 69.92
C SER Q 141 -6.06 -22.57 70.30
N THR Q 142 -6.96 -23.12 69.47
CA THR Q 142 -7.59 -24.43 69.75
C THR Q 142 -6.50 -25.46 70.08
N GLN Q 143 -6.68 -26.22 71.16
CA GLN Q 143 -5.75 -27.30 71.60
C GLN Q 143 -6.32 -28.65 71.16
N TYR Q 144 -5.73 -29.26 70.13
CA TYR Q 144 -6.14 -30.61 69.63
C TYR Q 144 -5.36 -31.67 70.42
N PRO Q 145 -6.05 -32.57 71.13
CA PRO Q 145 -5.37 -33.68 71.80
C PRO Q 145 -4.69 -34.63 70.80
N SER Q 146 -3.53 -35.15 71.16
CA SER Q 146 -2.86 -36.27 70.47
C SER Q 146 -3.83 -37.45 70.43
N PRO Q 147 -3.88 -38.26 69.34
CA PRO Q 147 -2.98 -38.15 68.20
C PRO Q 147 -3.46 -37.31 67.00
N LEU Q 148 -4.46 -36.44 67.19
CA LEU Q 148 -4.95 -35.52 66.12
C LEU Q 148 -3.78 -34.63 65.69
N VAL Q 149 -3.86 -34.11 64.46
CA VAL Q 149 -2.81 -33.21 63.88
C VAL Q 149 -3.49 -31.93 63.43
N GLY Q 150 -3.07 -30.79 63.99
CA GLY Q 150 -3.58 -29.46 63.62
C GLY Q 150 -2.47 -28.65 62.93
N PRO Q 151 -2.82 -27.49 62.32
CA PRO Q 151 -1.83 -26.64 61.67
C PRO Q 151 -0.81 -26.14 62.69
N LYS Q 152 0.46 -26.50 62.50
CA LYS Q 152 1.62 -26.03 63.30
C LYS Q 152 2.64 -25.42 62.33
N LYS Q 153 3.31 -24.34 62.70
CA LYS Q 153 4.53 -23.85 62.01
C LYS Q 153 5.63 -24.90 62.24
N PRO Q 154 6.81 -24.80 61.57
CA PRO Q 154 7.92 -25.72 61.84
C PRO Q 154 8.38 -25.68 63.31
N ASP Q 155 8.27 -24.51 63.97
CA ASP Q 155 8.75 -24.30 65.37
C ASP Q 155 7.75 -24.90 66.37
N GLY Q 156 6.58 -25.38 65.93
CA GLY Q 156 5.57 -26.05 66.79
C GLY Q 156 4.42 -25.13 67.18
N THR Q 157 4.56 -23.82 66.98
CA THR Q 157 3.55 -22.78 67.34
C THR Q 157 2.42 -22.78 66.30
N THR Q 158 1.34 -22.04 66.60
CA THR Q 158 0.21 -21.75 65.68
C THR Q 158 -0.25 -20.31 65.93
N ASP Q 159 0.03 -19.38 65.00
CA ASP Q 159 -0.25 -17.94 65.22
C ASP Q 159 -1.62 -17.58 64.63
N ASP Q 160 -1.99 -16.30 64.73
CA ASP Q 160 -3.31 -15.74 64.29
C ASP Q 160 -3.51 -15.98 62.79
N SER Q 161 -2.43 -16.10 62.00
CA SER Q 161 -2.48 -16.23 60.52
C SER Q 161 -3.20 -17.53 60.12
N ALA Q 162 -3.26 -18.52 61.01
CA ALA Q 162 -3.95 -19.82 60.78
C ALA Q 162 -5.47 -19.62 60.66
N GLN Q 163 -5.99 -18.42 60.93
CA GLN Q 163 -7.43 -18.09 60.80
C GLN Q 163 -7.72 -17.54 59.40
N VAL Q 164 -6.66 -17.29 58.63
CA VAL Q 164 -6.76 -16.91 57.19
C VAL Q 164 -5.80 -17.84 56.42
N LEU Q 165 -5.40 -17.45 55.21
CA LEU Q 165 -4.46 -18.27 54.41
C LEU Q 165 -3.03 -17.86 54.72
N ASN Q 166 -2.28 -18.78 55.33
CA ASN Q 166 -0.79 -18.73 55.43
C ASN Q 166 -0.25 -20.03 54.84
N PRO Q 167 0.47 -19.96 53.68
CA PRO Q 167 1.04 -21.15 53.05
C PRO Q 167 1.92 -22.03 53.95
N ILE Q 168 2.40 -21.51 55.09
CA ILE Q 168 3.27 -22.27 56.03
C ILE Q 168 2.50 -23.48 56.56
N TYR Q 169 1.16 -23.41 56.63
CA TYR Q 169 0.30 -24.47 57.22
C TYR Q 169 -0.25 -25.39 56.13
N LYS Q 170 0.46 -26.48 55.86
CA LYS Q 170 0.04 -27.51 54.88
C LYS Q 170 0.24 -28.90 55.48
N ALA Q 171 -0.45 -29.88 54.93
CA ALA Q 171 -0.36 -31.30 55.33
C ALA Q 171 -0.90 -32.18 54.20
N LYS Q 172 -0.58 -33.46 54.25
CA LYS Q 172 -1.13 -34.49 53.33
C LYS Q 172 -2.08 -35.34 54.17
N LEU Q 173 -3.29 -35.60 53.66
CA LEU Q 173 -4.31 -36.44 54.33
C LEU Q 173 -3.87 -37.89 54.21
N ASP Q 174 -2.89 -38.29 55.04
CA ASP Q 174 -2.17 -39.58 54.94
C ASP Q 174 -2.62 -40.56 56.02
N LYS Q 175 -3.53 -40.17 56.91
CA LYS Q 175 -3.99 -41.05 58.03
C LYS Q 175 -5.50 -40.81 58.24
N ASP Q 176 -6.27 -41.90 58.37
CA ASP Q 176 -7.72 -41.86 58.70
C ASP Q 176 -7.88 -41.27 60.11
N ALA Q 177 -8.99 -40.57 60.37
CA ALA Q 177 -9.48 -40.21 61.72
C ALA Q 177 -8.46 -39.34 62.47
N THR Q 178 -7.61 -38.61 61.74
CA THR Q 178 -6.42 -37.91 62.31
C THR Q 178 -6.48 -36.41 62.07
N TYR Q 179 -6.96 -35.97 60.91
CA TYR Q 179 -6.96 -34.55 60.47
C TYR Q 179 -8.35 -33.99 60.71
N PRO Q 180 -8.52 -33.07 61.68
CA PRO Q 180 -9.83 -32.48 61.95
C PRO Q 180 -10.34 -31.66 60.77
N ILE Q 181 -11.63 -31.81 60.46
CA ILE Q 181 -12.33 -31.07 59.37
C ILE Q 181 -12.20 -29.57 59.65
N GLU Q 182 -12.17 -29.17 60.92
CA GLU Q 182 -12.38 -27.77 61.35
C GLU Q 182 -11.10 -26.93 61.20
N CYS Q 183 -9.95 -27.53 60.94
CA CYS Q 183 -8.65 -26.81 60.80
C CYS Q 183 -7.93 -27.14 59.48
N TRP Q 184 -8.47 -28.05 58.67
CA TRP Q 184 -7.91 -28.43 57.34
C TRP Q 184 -9.00 -28.39 56.26
N CYS Q 185 -8.74 -27.72 55.16
CA CYS Q 185 -9.57 -27.78 53.93
C CYS Q 185 -8.72 -28.28 52.76
N PRO Q 186 -9.33 -28.78 51.67
CA PRO Q 186 -8.58 -29.10 50.46
C PRO Q 186 -7.82 -27.87 49.98
N ASP Q 187 -6.54 -28.05 49.67
CA ASP Q 187 -5.60 -27.00 49.20
C ASP Q 187 -5.79 -26.79 47.69
N PRO Q 188 -6.40 -25.67 47.27
CA PRO Q 188 -6.69 -25.45 45.85
C PRO Q 188 -5.45 -25.07 45.03
N SER Q 189 -4.33 -24.79 45.70
CA SER Q 189 -3.02 -24.43 45.08
C SER Q 189 -2.28 -25.72 44.68
N ARG Q 190 -2.80 -26.88 45.07
CA ARG Q 190 -2.20 -28.20 44.75
C ARG Q 190 -3.31 -29.15 44.29
N ASN Q 191 -3.25 -30.42 44.68
CA ASN Q 191 -4.28 -31.43 44.31
C ASN Q 191 -4.46 -31.49 42.78
N GLU Q 192 -3.38 -31.34 42.00
CA GLU Q 192 -3.43 -31.48 40.52
C GLU Q 192 -3.88 -32.92 40.19
N ASN Q 193 -3.52 -33.91 41.02
CA ASN Q 193 -3.72 -35.36 40.78
C ASN Q 193 -4.85 -35.88 41.67
N SER Q 194 -5.72 -35.01 42.18
CA SER Q 194 -6.94 -35.36 42.95
C SER Q 194 -8.12 -34.55 42.42
N ARG Q 195 -9.33 -35.10 42.48
CA ARG Q 195 -10.59 -34.36 42.23
C ARG Q 195 -11.38 -34.35 43.53
N TYR Q 196 -11.74 -33.17 44.04
CA TYR Q 196 -12.50 -33.04 45.32
C TYR Q 196 -13.76 -32.21 45.10
N PHE Q 197 -14.77 -32.52 45.91
CA PHE Q 197 -16.14 -31.96 45.84
C PHE Q 197 -16.71 -31.85 47.27
N GLY Q 198 -17.12 -30.66 47.67
CA GLY Q 198 -17.61 -30.41 49.05
C GLY Q 198 -18.69 -29.36 49.07
N SER Q 199 -19.64 -29.51 49.99
CA SER Q 199 -20.68 -28.50 50.31
C SER Q 199 -20.88 -28.43 51.83
N TYR Q 200 -20.73 -27.23 52.40
CA TYR Q 200 -21.00 -26.95 53.84
C TYR Q 200 -22.27 -26.08 53.94
N THR Q 201 -23.10 -26.37 54.93
CA THR Q 201 -24.26 -25.55 55.33
C THR Q 201 -24.19 -25.28 56.84
N GLY Q 202 -24.29 -24.01 57.25
CA GLY Q 202 -24.26 -23.60 58.66
C GLY Q 202 -25.66 -23.63 59.29
N GLY Q 203 -25.84 -22.88 60.38
CA GLY Q 203 -27.13 -22.71 61.07
C GLY Q 203 -27.23 -23.58 62.31
N VAL Q 204 -28.21 -23.29 63.16
CA VAL Q 204 -28.38 -23.95 64.49
C VAL Q 204 -29.28 -25.18 64.33
N GLU Q 205 -30.40 -25.03 63.62
CA GLU Q 205 -31.45 -26.07 63.47
C GLU Q 205 -31.68 -26.41 62.00
N THR Q 206 -30.71 -26.11 61.14
CA THR Q 206 -30.80 -26.27 59.66
C THR Q 206 -31.12 -27.72 59.32
N PRO Q 207 -32.16 -27.97 58.49
CA PRO Q 207 -32.52 -29.34 58.11
C PRO Q 207 -31.53 -29.85 57.07
N PRO Q 208 -30.98 -31.07 57.26
CA PRO Q 208 -30.20 -31.73 56.21
C PRO Q 208 -31.11 -32.10 55.03
N VAL Q 209 -30.60 -31.89 53.81
CA VAL Q 209 -31.25 -32.30 52.54
C VAL Q 209 -30.24 -33.19 51.81
N LEU Q 210 -30.52 -34.49 51.72
CA LEU Q 210 -29.63 -35.47 51.05
C LEU Q 210 -30.45 -36.31 50.09
N SER Q 211 -29.90 -36.53 48.88
CA SER Q 211 -30.49 -37.40 47.84
C SER Q 211 -29.63 -38.66 47.67
N PHE Q 212 -30.24 -39.73 47.19
CA PHE Q 212 -29.57 -41.02 46.94
C PHE Q 212 -30.18 -41.68 45.71
N THR Q 213 -29.32 -42.10 44.78
CA THR Q 213 -29.71 -42.82 43.52
C THR Q 213 -28.50 -43.62 43.02
N ASN Q 214 -28.76 -44.75 42.36
CA ASN Q 214 -27.70 -45.57 41.72
C ASN Q 214 -27.61 -45.20 40.23
N THR Q 215 -28.12 -44.03 39.84
CA THR Q 215 -28.11 -43.55 38.42
C THR Q 215 -27.12 -42.39 38.22
N SER Q 216 -26.54 -41.82 39.27
CA SER Q 216 -25.59 -40.68 39.17
C SER Q 216 -24.19 -41.21 38.87
N THR Q 217 -23.38 -40.44 38.14
CA THR Q 217 -21.94 -40.69 37.88
C THR Q 217 -21.20 -39.35 37.87
N THR Q 218 -20.04 -39.27 38.52
CA THR Q 218 -19.15 -38.08 38.48
C THR Q 218 -17.94 -38.40 37.61
N ILE Q 219 -17.75 -37.66 36.53
CA ILE Q 219 -16.56 -37.78 35.63
C ILE Q 219 -15.37 -37.14 36.35
N LEU Q 220 -14.20 -37.80 36.30
CA LEU Q 220 -12.98 -37.37 37.03
C LEU Q 220 -11.92 -36.86 36.05
N LEU Q 221 -12.19 -36.92 34.74
CA LEU Q 221 -11.25 -36.41 33.70
C LEU Q 221 -11.20 -34.88 33.82
N ASP Q 222 -10.01 -34.30 33.60
CA ASP Q 222 -9.77 -32.83 33.71
C ASP Q 222 -10.06 -32.16 32.36
N GLU Q 223 -9.77 -30.86 32.27
CA GLU Q 223 -9.90 -30.02 31.03
C GLU Q 223 -9.26 -30.75 29.84
N ASN Q 224 -8.22 -31.55 30.05
CA ASN Q 224 -7.45 -32.24 28.96
C ASN Q 224 -7.74 -33.75 28.92
N GLY Q 225 -8.87 -34.21 29.45
CA GLY Q 225 -9.31 -35.61 29.34
C GLY Q 225 -8.41 -36.58 30.11
N VAL Q 226 -7.65 -36.09 31.09
CA VAL Q 226 -6.77 -36.92 31.96
C VAL Q 226 -7.41 -37.01 33.36
N GLY Q 227 -7.56 -38.23 33.88
CA GLY Q 227 -8.04 -38.49 35.24
C GLY Q 227 -6.89 -38.56 36.24
N PRO Q 228 -7.18 -38.70 37.55
CA PRO Q 228 -6.15 -38.98 38.54
C PRO Q 228 -5.35 -40.22 38.14
N LEU Q 229 -4.02 -40.11 38.13
CA LEU Q 229 -3.07 -41.21 37.86
C LEU Q 229 -2.55 -41.77 39.19
N CYS Q 230 -2.86 -43.02 39.47
CA CYS Q 230 -2.63 -43.70 40.76
C CYS Q 230 -1.14 -44.08 40.91
N LYS Q 231 -0.39 -43.22 41.61
CA LYS Q 231 1.05 -43.45 41.95
C LYS Q 231 1.16 -44.64 42.90
N GLY Q 232 2.23 -45.41 42.77
CA GLY Q 232 2.49 -46.64 43.55
C GLY Q 232 1.31 -47.60 43.52
N ASP Q 233 0.54 -47.60 42.42
CA ASP Q 233 -0.61 -48.53 42.20
C ASP Q 233 -1.57 -48.41 43.40
N GLY Q 234 -1.81 -47.18 43.85
CA GLY Q 234 -2.70 -46.84 44.98
C GLY Q 234 -3.74 -45.81 44.57
N LEU Q 235 -5.03 -46.11 44.85
CA LEU Q 235 -6.17 -45.17 44.68
C LEU Q 235 -6.52 -44.59 46.05
N TYR Q 236 -6.55 -43.25 46.15
CA TYR Q 236 -6.70 -42.51 47.43
C TYR Q 236 -8.12 -41.93 47.51
N LEU Q 237 -8.95 -42.53 48.39
CA LEU Q 237 -10.32 -42.05 48.71
C LEU Q 237 -10.31 -41.23 50.00
N SER Q 238 -11.09 -40.15 50.02
CA SER Q 238 -11.30 -39.28 51.20
C SER Q 238 -12.79 -38.92 51.29
N SER Q 239 -13.27 -38.72 52.52
CA SER Q 239 -14.70 -38.54 52.86
C SER Q 239 -14.80 -37.63 54.09
N ALA Q 240 -15.84 -36.80 54.14
CA ALA Q 240 -16.25 -36.04 55.33
C ALA Q 240 -17.76 -35.85 55.25
N ASP Q 241 -18.54 -36.69 55.93
CA ASP Q 241 -20.01 -36.65 55.84
C ASP Q 241 -20.61 -36.53 57.24
N VAL Q 242 -20.60 -35.30 57.76
CA VAL Q 242 -21.21 -34.92 59.06
C VAL Q 242 -22.60 -34.37 58.74
N ALA Q 243 -23.64 -35.20 58.90
CA ALA Q 243 -25.03 -34.93 58.46
C ALA Q 243 -25.63 -33.79 59.30
N GLY Q 244 -25.10 -33.60 60.51
CA GLY Q 244 -25.56 -32.59 61.48
C GLY Q 244 -25.32 -33.05 62.90
N THR Q 245 -26.17 -32.63 63.83
CA THR Q 245 -26.09 -32.98 65.27
C THR Q 245 -27.35 -33.72 65.70
N PHE Q 246 -27.19 -34.67 66.60
CA PHE Q 246 -28.29 -35.25 67.42
C PHE Q 246 -28.45 -34.38 68.67
N VAL Q 247 -29.67 -33.92 68.94
CA VAL Q 247 -30.04 -33.11 70.14
C VAL Q 247 -30.81 -34.04 71.09
N GLN Q 248 -30.25 -34.34 72.26
CA GLN Q 248 -30.81 -35.32 73.21
C GLN Q 248 -31.81 -34.64 74.17
N GLN Q 249 -32.97 -35.25 74.39
CA GLN Q 249 -33.97 -34.79 75.38
C GLN Q 249 -33.30 -34.70 76.75
N THR Q 250 -33.81 -33.81 77.61
CA THR Q 250 -33.45 -33.72 79.05
C THR Q 250 -32.06 -33.07 79.17
N SER Q 251 -30.99 -33.73 78.71
CA SER Q 251 -29.60 -33.20 78.77
C SER Q 251 -29.52 -31.94 77.89
N GLN Q 252 -30.24 -31.94 76.76
CA GLN Q 252 -30.18 -30.88 75.71
C GLN Q 252 -28.73 -30.72 75.24
N LYS Q 253 -27.96 -31.81 75.29
CA LYS Q 253 -26.58 -31.89 74.75
C LYS Q 253 -26.67 -32.26 73.26
N GLN Q 254 -25.67 -31.84 72.48
CA GLN Q 254 -25.57 -32.10 71.03
C GLN Q 254 -24.40 -33.05 70.76
N TYR Q 255 -24.58 -33.97 69.83
CA TYR Q 255 -23.57 -34.95 69.36
C TYR Q 255 -23.51 -34.85 67.82
N TRP Q 256 -22.30 -34.71 67.28
CA TRP Q 256 -22.06 -34.82 65.82
C TRP Q 256 -22.50 -36.20 65.35
N ARG Q 257 -23.23 -36.27 64.23
CA ARG Q 257 -23.67 -37.52 63.57
C ARG Q 257 -23.01 -37.61 62.19
N GLY Q 258 -22.27 -38.69 61.95
CA GLY Q 258 -21.59 -38.96 60.67
C GLY Q 258 -22.27 -40.08 59.90
N LEU Q 259 -22.10 -40.10 58.58
CA LEU Q 259 -22.62 -41.19 57.71
C LEU Q 259 -21.50 -41.73 56.84
N PRO Q 260 -21.57 -43.02 56.45
CA PRO Q 260 -20.56 -43.62 55.59
C PRO Q 260 -20.81 -43.22 54.13
N ARG Q 261 -19.74 -43.19 53.34
CA ARG Q 261 -19.80 -42.90 51.88
C ARG Q 261 -19.34 -44.14 51.11
N TYR Q 262 -20.12 -44.55 50.12
CA TYR Q 262 -19.80 -45.64 49.16
C TYR Q 262 -19.10 -45.05 47.93
N PHE Q 263 -18.05 -45.72 47.46
CA PHE Q 263 -17.36 -45.37 46.20
C PHE Q 263 -17.39 -46.55 45.22
N ASN Q 264 -17.54 -46.25 43.94
CA ASN Q 264 -17.38 -47.23 42.83
C ASN Q 264 -16.58 -46.54 41.72
N ILE Q 265 -15.27 -46.72 41.71
CA ILE Q 265 -14.36 -46.01 40.76
C ILE Q 265 -14.11 -46.92 39.56
N THR Q 266 -14.25 -46.39 38.35
CA THR Q 266 -13.84 -47.03 37.08
C THR Q 266 -12.46 -46.49 36.70
N LEU Q 267 -11.47 -47.37 36.56
CA LEU Q 267 -10.10 -46.98 36.13
C LEU Q 267 -9.75 -47.68 34.82
N ARG Q 268 -8.78 -47.12 34.10
CA ARG Q 268 -8.25 -47.65 32.82
C ARG Q 268 -6.73 -47.46 32.82
N LYS Q 269 -6.00 -48.29 32.07
CA LYS Q 269 -4.53 -48.20 31.96
C LYS Q 269 -4.16 -47.00 31.09
N ARG Q 270 -3.22 -46.17 31.56
CA ARG Q 270 -2.67 -45.01 30.81
C ARG Q 270 -1.15 -45.12 30.81
N ALA Q 271 -0.53 -44.85 29.66
CA ALA Q 271 0.94 -44.88 29.47
C ALA Q 271 1.55 -43.53 29.85
N VAL Q 272 2.78 -43.53 30.35
CA VAL Q 272 3.51 -42.33 30.85
C VAL Q 272 5.01 -42.47 30.52
N LYS Q 273 5.71 -41.34 30.31
CA LYS Q 273 7.05 -41.28 29.67
C LYS Q 273 8.13 -41.66 30.71
N GLY R 6 -26.14 -61.33 36.38
CA GLY R 6 -25.11 -62.20 35.71
C GLY R 6 -25.60 -62.78 34.39
N ILE R 7 -26.55 -62.10 33.75
CA ILE R 7 -27.25 -62.44 32.47
C ILE R 7 -26.54 -61.72 31.30
N GLU R 8 -26.14 -62.46 30.25
CA GLU R 8 -25.60 -61.88 28.99
C GLU R 8 -26.79 -61.34 28.17
N VAL R 9 -26.83 -60.01 27.97
CA VAL R 9 -27.94 -59.29 27.30
C VAL R 9 -27.68 -59.26 25.80
N LEU R 10 -28.70 -59.52 24.98
CA LEU R 10 -28.57 -59.56 23.49
C LEU R 10 -29.43 -58.45 22.86
N ASP R 11 -29.99 -58.71 21.69
CA ASP R 11 -30.77 -57.76 20.86
C ASP R 11 -32.11 -57.46 21.53
N VAL R 12 -32.67 -56.29 21.25
CA VAL R 12 -34.04 -55.87 21.66
C VAL R 12 -35.02 -56.39 20.61
N LYS R 13 -35.89 -57.37 20.94
CA LYS R 13 -36.97 -57.82 20.03
C LYS R 13 -37.91 -56.63 19.78
N THR R 14 -38.08 -56.23 18.52
CA THR R 14 -39.08 -55.24 18.06
C THR R 14 -40.12 -55.97 17.21
N GLY R 15 -41.24 -55.31 16.91
CA GLY R 15 -42.39 -55.88 16.20
C GLY R 15 -43.66 -55.72 17.01
N PRO R 16 -44.82 -56.22 16.53
CA PRO R 16 -46.06 -56.17 17.30
C PRO R 16 -45.97 -57.02 18.57
N ASP R 17 -46.70 -56.60 19.61
CA ASP R 17 -46.77 -57.28 20.93
C ASP R 17 -45.37 -57.40 21.55
N SER R 18 -44.47 -56.44 21.28
CA SER R 18 -43.06 -56.47 21.79
C SER R 18 -42.87 -55.45 22.90
N THR R 19 -43.79 -54.50 23.07
CA THR R 19 -43.84 -53.56 24.22
C THR R 19 -45.16 -53.76 24.98
N THR R 20 -45.16 -53.36 26.26
CA THR R 20 -46.36 -53.34 27.14
C THR R 20 -46.17 -52.27 28.21
N THR R 21 -47.26 -51.78 28.78
CA THR R 21 -47.26 -50.85 29.94
C THR R 21 -47.89 -51.54 31.14
N ILE R 22 -47.45 -51.16 32.35
CA ILE R 22 -47.99 -51.63 33.65
C ILE R 22 -48.35 -50.40 34.48
N GLU R 23 -49.63 -50.27 34.84
CA GLU R 23 -50.13 -49.31 35.88
C GLU R 23 -50.16 -50.04 37.22
N ALA R 24 -49.66 -49.40 38.27
CA ALA R 24 -49.76 -49.85 39.67
C ALA R 24 -49.74 -48.64 40.60
N TYR R 25 -50.25 -48.81 41.82
CA TYR R 25 -50.07 -47.83 42.92
C TYR R 25 -49.60 -48.62 44.15
N LEU R 26 -48.71 -48.02 44.93
CA LEU R 26 -48.36 -48.50 46.30
C LEU R 26 -48.95 -47.52 47.31
N ASN R 27 -49.83 -48.01 48.19
CA ASN R 27 -50.32 -47.24 49.35
C ASN R 27 -49.24 -47.23 50.42
N PRO R 28 -49.17 -46.14 51.21
CA PRO R 28 -48.10 -46.00 52.20
C PRO R 28 -48.29 -46.96 53.37
N ARG R 29 -47.17 -47.36 53.99
CA ARG R 29 -47.17 -48.26 55.18
C ARG R 29 -46.44 -47.55 56.32
N VAL R 30 -47.09 -46.56 56.93
CA VAL R 30 -46.50 -45.67 57.97
C VAL R 30 -46.78 -46.24 59.38
N GLY R 31 -47.27 -47.48 59.47
CA GLY R 31 -47.55 -48.18 60.74
C GLY R 31 -48.99 -48.66 60.83
N GLN R 32 -49.90 -47.96 60.16
CA GLN R 32 -51.28 -48.44 59.88
C GLN R 32 -51.53 -48.26 58.39
N ASN R 33 -52.73 -48.58 57.91
CA ASN R 33 -53.00 -48.75 56.45
C ASN R 33 -53.73 -47.54 55.88
N TRP R 34 -54.03 -46.51 56.67
CA TRP R 34 -54.91 -45.40 56.23
C TRP R 34 -54.17 -44.07 56.26
N GLY R 35 -52.84 -44.11 56.10
CA GLY R 35 -52.01 -42.93 55.78
C GLY R 35 -51.46 -42.23 57.00
N PHE R 36 -51.83 -42.69 58.21
CA PHE R 36 -51.30 -42.14 59.48
C PHE R 36 -50.81 -43.26 60.39
N SER R 37 -49.67 -43.02 61.04
CA SER R 37 -49.15 -43.81 62.18
C SER R 37 -50.01 -43.53 63.41
N THR R 38 -49.84 -44.33 64.46
CA THR R 38 -50.27 -43.99 65.84
C THR R 38 -49.28 -42.96 66.36
N GLU R 39 -49.58 -42.34 67.51
CA GLU R 39 -48.75 -41.24 68.06
C GLU R 39 -47.29 -41.67 68.13
N ILE R 40 -46.39 -40.78 67.73
CA ILE R 40 -44.92 -41.00 67.86
C ILE R 40 -44.58 -40.92 69.35
N THR R 41 -43.89 -41.93 69.88
CA THR R 41 -43.44 -42.04 71.26
C THR R 41 -41.92 -41.88 71.34
N VAL R 42 -41.41 -41.38 72.46
CA VAL R 42 -39.95 -41.16 72.67
C VAL R 42 -39.57 -41.84 73.99
N ALA R 43 -38.69 -42.84 73.92
CA ALA R 43 -38.12 -43.52 75.11
C ALA R 43 -37.49 -42.46 76.02
N SER R 44 -37.63 -42.61 77.33
CA SER R 44 -36.88 -41.80 78.34
C SER R 44 -35.42 -42.24 78.34
N ASN R 45 -34.49 -41.29 78.44
CA ASN R 45 -33.03 -41.57 78.50
C ASN R 45 -32.82 -42.69 79.54
N GLY R 46 -32.09 -43.74 79.15
CA GLY R 46 -31.70 -44.85 80.04
C GLY R 46 -32.67 -46.03 79.99
N TYR R 47 -33.88 -45.84 79.44
CA TYR R 47 -34.90 -46.91 79.27
C TYR R 47 -34.77 -47.51 77.87
N ASN R 48 -35.40 -48.65 77.62
CA ASN R 48 -35.41 -49.31 76.29
C ASN R 48 -36.02 -48.37 75.26
N ASP R 49 -35.41 -48.31 74.08
CA ASP R 49 -36.01 -47.70 72.86
C ASP R 49 -36.88 -48.75 72.19
N ALA R 50 -38.18 -48.79 72.53
CA ALA R 50 -39.12 -49.86 72.11
C ALA R 50 -40.38 -49.21 71.54
N PRO R 51 -40.32 -48.69 70.28
CA PRO R 51 -41.47 -48.06 69.66
C PRO R 51 -42.56 -49.08 69.33
N HIS R 52 -43.80 -48.61 69.30
CA HIS R 52 -45.00 -49.39 68.93
C HIS R 52 -44.89 -49.80 67.46
N LEU R 53 -45.36 -51.00 67.11
CA LEU R 53 -45.42 -51.47 65.70
C LEU R 53 -46.03 -50.36 64.83
N THR R 54 -47.11 -49.74 65.30
CA THR R 54 -48.00 -48.86 64.50
C THR R 54 -47.46 -47.43 64.44
N GLU R 55 -46.25 -47.17 64.89
CA GLU R 55 -45.65 -45.80 64.88
C GLU R 55 -44.38 -45.78 64.03
N ILE R 56 -44.08 -46.88 63.34
CA ILE R 56 -42.81 -47.11 62.59
C ILE R 56 -43.13 -47.23 61.11
N PRO R 57 -42.81 -46.21 60.28
CA PRO R 57 -43.00 -46.29 58.83
C PRO R 57 -42.04 -47.29 58.17
N CYS R 58 -42.57 -48.02 57.20
CA CYS R 58 -41.89 -49.09 56.44
C CYS R 58 -41.97 -48.80 54.93
N TYR R 59 -41.02 -49.38 54.18
CA TYR R 59 -41.05 -49.42 52.71
C TYR R 59 -42.32 -50.15 52.27
N SER R 60 -43.11 -49.51 51.40
CA SER R 60 -44.13 -50.16 50.56
C SER R 60 -43.41 -50.91 49.43
N SER R 61 -43.94 -52.06 49.02
CA SER R 61 -43.30 -52.98 48.04
C SER R 61 -44.38 -53.88 47.44
N ALA R 62 -44.29 -54.15 46.14
CA ALA R 62 -45.18 -55.10 45.42
C ALA R 62 -44.40 -55.73 44.27
N ARG R 63 -44.78 -56.95 43.90
CA ARG R 63 -44.30 -57.66 42.69
C ARG R 63 -45.48 -57.76 41.74
N ILE R 64 -45.41 -57.05 40.60
CA ILE R 64 -46.46 -57.13 39.54
C ILE R 64 -46.09 -58.29 38.61
N SER R 65 -47.06 -59.17 38.33
CA SER R 65 -46.94 -60.29 37.36
C SER R 65 -47.01 -59.73 35.94
N LEU R 66 -46.01 -60.05 35.11
CA LEU R 66 -45.91 -59.64 33.69
C LEU R 66 -46.40 -60.79 32.82
N PRO R 67 -46.86 -60.53 31.57
CA PRO R 67 -47.19 -61.61 30.64
C PRO R 67 -46.06 -62.65 30.52
N LEU R 68 -46.39 -63.94 30.54
CA LEU R 68 -45.39 -65.04 30.43
C LEU R 68 -44.76 -64.95 29.04
N LEU R 69 -43.45 -65.19 28.92
CA LEU R 69 -42.72 -64.97 27.63
C LEU R 69 -42.33 -66.28 26.96
N ASN R 70 -41.74 -67.24 27.67
CA ASN R 70 -41.08 -68.42 27.06
C ASN R 70 -42.08 -69.58 27.20
N THR R 77 -31.16 -66.64 23.97
CA THR R 77 -32.27 -67.31 23.25
C THR R 77 -33.61 -67.23 24.01
N LEU R 78 -33.59 -66.98 25.32
CA LEU R 78 -34.77 -66.67 26.14
C LEU R 78 -35.08 -65.16 26.05
N LEU R 79 -36.34 -64.79 26.31
CA LEU R 79 -36.81 -63.39 26.38
C LEU R 79 -37.14 -62.99 27.82
N MET R 80 -36.74 -61.79 28.23
CA MET R 80 -37.15 -61.16 29.51
C MET R 80 -37.75 -59.79 29.22
N TRP R 81 -38.77 -59.39 29.96
CA TRP R 81 -39.28 -57.99 29.96
C TRP R 81 -38.19 -57.07 30.49
N GLU R 82 -37.98 -55.95 29.81
CA GLU R 82 -36.99 -54.91 30.18
C GLU R 82 -37.75 -53.62 30.45
N ALA R 83 -37.65 -53.09 31.68
CA ALA R 83 -38.28 -51.81 32.09
C ALA R 83 -37.45 -50.67 31.48
N VAL R 84 -38.09 -49.84 30.64
CA VAL R 84 -37.39 -48.80 29.83
C VAL R 84 -37.55 -47.44 30.51
N SER R 85 -38.79 -47.13 30.91
CA SER R 85 -39.15 -45.81 31.47
C SER R 85 -40.28 -45.98 32.50
N VAL R 86 -40.44 -45.02 33.40
CA VAL R 86 -41.56 -44.96 34.38
C VAL R 86 -42.03 -43.51 34.51
N LYS R 87 -43.33 -43.29 34.34
CA LYS R 87 -44.05 -42.08 34.82
C LYS R 87 -44.49 -42.39 36.24
N THR R 88 -44.05 -41.62 37.24
CA THR R 88 -44.47 -41.82 38.65
C THR R 88 -44.94 -40.49 39.25
N GLU R 89 -45.90 -40.57 40.17
CA GLU R 89 -46.49 -39.37 40.84
C GLU R 89 -46.85 -39.71 42.29
N VAL R 90 -46.60 -38.77 43.19
CA VAL R 90 -47.09 -38.84 44.59
C VAL R 90 -48.53 -38.34 44.60
N VAL R 91 -49.47 -39.23 44.91
CA VAL R 91 -50.93 -38.98 44.80
C VAL R 91 -51.41 -38.32 46.10
N GLY R 92 -52.35 -37.38 45.98
CA GLY R 92 -53.02 -36.75 47.13
C GLY R 92 -52.15 -35.72 47.84
N ILE R 93 -51.21 -35.10 47.13
CA ILE R 93 -50.41 -33.96 47.66
C ILE R 93 -51.39 -32.86 48.08
N SER R 94 -52.39 -32.57 47.24
CA SER R 94 -53.40 -31.50 47.46
C SER R 94 -54.14 -31.73 48.78
N SER R 95 -54.15 -32.96 49.30
CA SER R 95 -54.86 -33.35 50.55
C SER R 95 -54.33 -32.53 51.73
N MET R 96 -53.10 -32.01 51.62
CA MET R 96 -52.39 -31.29 52.71
C MET R 96 -52.87 -29.83 52.82
N LEU R 97 -53.57 -29.28 51.82
CA LEU R 97 -54.14 -27.90 51.92
C LEU R 97 -55.42 -27.95 52.77
N ASN R 98 -55.25 -28.25 54.06
CA ASN R 98 -56.34 -28.51 55.04
C ASN R 98 -55.92 -27.91 56.38
N MET R 99 -56.57 -26.81 56.80
CA MET R 99 -56.22 -26.12 58.07
C MET R 99 -57.38 -26.18 59.06
N HIS R 100 -58.32 -27.12 58.88
CA HIS R 100 -59.53 -27.25 59.74
C HIS R 100 -59.59 -28.61 60.46
N SER R 101 -58.84 -29.61 60.01
CA SER R 101 -58.93 -31.01 60.51
C SER R 101 -57.98 -31.23 61.70
N TYR R 102 -58.26 -30.52 62.79
CA TYR R 102 -57.79 -30.81 64.18
C TYR R 102 -56.32 -30.45 64.38
N GLY R 103 -55.69 -29.75 63.43
CA GLY R 103 -54.27 -29.40 63.53
C GLY R 103 -54.00 -28.41 64.65
N LEU R 104 -52.84 -28.52 65.31
CA LEU R 104 -52.35 -27.52 66.29
C LEU R 104 -52.54 -26.13 65.67
N ARG R 105 -53.13 -25.19 66.39
CA ARG R 105 -53.60 -23.91 65.82
C ARG R 105 -52.51 -22.85 65.94
N ALA R 106 -52.33 -22.07 64.87
CA ALA R 106 -51.29 -21.03 64.74
C ALA R 106 -51.77 -19.74 65.42
N PHE R 107 -50.84 -18.80 65.61
CA PHE R 107 -51.11 -17.43 66.12
C PHE R 107 -51.91 -17.53 67.43
N GLY R 108 -51.32 -18.23 68.41
CA GLY R 108 -51.80 -18.36 69.78
C GLY R 108 -53.14 -19.07 69.89
N GLY R 109 -53.50 -19.89 68.91
CA GLY R 109 -54.73 -20.73 68.92
C GLY R 109 -55.89 -20.10 68.18
N TYR R 110 -55.74 -18.88 67.64
CA TYR R 110 -56.83 -18.13 66.96
C TYR R 110 -56.80 -18.39 65.45
N GLY R 111 -55.67 -18.84 64.92
CA GLY R 111 -55.49 -19.13 63.48
C GLY R 111 -55.94 -20.54 63.12
N GLY R 112 -55.55 -21.02 61.94
CA GLY R 112 -55.92 -22.35 61.42
C GLY R 112 -54.96 -23.42 61.92
N GLY R 113 -55.31 -24.69 61.69
CA GLY R 113 -54.50 -25.86 62.05
C GLY R 113 -53.23 -25.93 61.21
N TYR R 114 -52.14 -26.45 61.80
CA TYR R 114 -50.87 -26.75 61.10
C TYR R 114 -51.14 -27.79 60.01
N THR R 115 -50.71 -27.49 58.78
CA THR R 115 -50.60 -28.48 57.69
C THR R 115 -49.45 -29.42 58.02
N ILE R 116 -49.46 -30.61 57.41
CA ILE R 116 -48.37 -31.61 57.54
C ILE R 116 -47.04 -30.88 57.40
N GLU R 117 -46.12 -31.09 58.34
CA GLU R 117 -44.77 -30.49 58.35
C GLU R 117 -43.79 -31.41 59.08
N GLY R 118 -42.51 -31.07 59.03
CA GLY R 118 -41.42 -31.81 59.70
C GLY R 118 -40.65 -32.69 58.74
N SER R 119 -39.79 -33.54 59.29
CA SER R 119 -38.89 -34.44 58.52
C SER R 119 -39.74 -35.32 57.60
N HIS R 120 -39.26 -35.53 56.38
CA HIS R 120 -39.97 -36.28 55.31
C HIS R 120 -38.95 -36.99 54.42
N ILE R 121 -39.35 -38.10 53.83
CA ILE R 121 -38.56 -38.85 52.81
C ILE R 121 -39.50 -39.20 51.66
N HIS R 122 -38.99 -39.09 50.43
CA HIS R 122 -39.71 -39.50 49.19
C HIS R 122 -38.77 -40.37 48.36
N PHE R 123 -39.22 -41.57 48.03
CA PHE R 123 -38.35 -42.59 47.42
C PHE R 123 -39.18 -43.58 46.60
N PHE R 124 -38.62 -44.01 45.47
CA PHE R 124 -39.22 -45.06 44.61
C PHE R 124 -38.07 -45.83 43.94
N SER R 125 -38.35 -47.10 43.62
CA SER R 125 -37.44 -47.99 42.89
C SER R 125 -38.25 -48.85 41.92
N VAL R 126 -37.69 -49.11 40.75
CA VAL R 126 -38.20 -50.10 39.75
C VAL R 126 -37.06 -51.08 39.50
N GLY R 127 -37.36 -52.38 39.50
CA GLY R 127 -36.34 -53.44 39.40
C GLY R 127 -36.91 -54.73 38.84
N GLY R 128 -36.02 -55.61 38.40
CA GLY R 128 -36.35 -56.96 37.89
C GLY R 128 -36.23 -58.01 38.98
N GLU R 129 -35.98 -57.57 40.21
CA GLU R 129 -35.87 -58.42 41.42
C GLU R 129 -36.09 -57.55 42.65
N PRO R 130 -36.29 -58.14 43.84
CA PRO R 130 -36.37 -57.36 45.07
C PRO R 130 -35.18 -56.39 45.22
N LEU R 131 -35.48 -55.19 45.74
CA LEU R 131 -34.47 -54.14 46.04
C LEU R 131 -33.53 -54.65 47.13
N ASP R 132 -32.23 -54.50 46.93
CA ASP R 132 -31.20 -54.88 47.93
C ASP R 132 -31.10 -53.77 48.99
N LEU R 133 -31.22 -54.15 50.26
CA LEU R 133 -31.18 -53.23 51.43
C LEU R 133 -29.86 -53.42 52.19
N GLN R 134 -29.31 -52.31 52.67
CA GLN R 134 -28.16 -52.24 53.61
C GLN R 134 -28.70 -51.78 54.97
N GLY R 135 -28.30 -52.46 56.04
CA GLY R 135 -28.66 -52.08 57.41
C GLY R 135 -27.86 -50.87 57.87
N LEU R 136 -28.57 -49.80 58.25
CA LEU R 136 -27.99 -48.64 58.98
C LEU R 136 -29.10 -47.93 59.74
N MET R 137 -28.91 -47.73 61.04
CA MET R 137 -29.92 -47.21 62.00
C MET R 137 -29.27 -46.17 62.92
N GLN R 138 -30.08 -45.28 63.51
CA GLN R 138 -29.61 -44.21 64.42
C GLN R 138 -29.22 -44.81 65.78
N ASN R 139 -29.98 -45.80 66.27
CA ASN R 139 -29.76 -46.45 67.58
C ASN R 139 -29.77 -47.97 67.39
N HIS R 140 -28.60 -48.61 67.53
CA HIS R 140 -28.39 -50.06 67.31
C HIS R 140 -29.31 -50.87 68.21
N SER R 141 -29.69 -50.31 69.36
CA SER R 141 -30.43 -51.00 70.45
C SER R 141 -31.95 -50.91 70.25
N THR R 142 -32.43 -50.19 69.23
CA THR R 142 -33.88 -50.08 68.96
C THR R 142 -34.49 -51.49 68.93
N GLN R 143 -35.62 -51.68 69.61
CA GLN R 143 -36.37 -52.96 69.64
C GLN R 143 -37.57 -52.84 68.69
N TYR R 144 -37.50 -53.51 67.53
CA TYR R 144 -38.60 -53.55 66.54
C TYR R 144 -39.53 -54.71 66.89
N PRO R 145 -40.83 -54.45 67.17
CA PRO R 145 -41.78 -55.53 67.38
C PRO R 145 -41.97 -56.39 66.14
N SER R 146 -42.14 -57.70 66.32
CA SER R 146 -42.60 -58.65 65.29
C SER R 146 -43.94 -58.15 64.74
N PRO R 147 -44.24 -58.27 63.43
CA PRO R 147 -43.39 -58.97 62.45
C PRO R 147 -42.37 -58.12 61.67
N LEU R 148 -42.05 -56.91 62.13
CA LEU R 148 -41.03 -56.04 61.47
C LEU R 148 -39.69 -56.77 61.49
N VAL R 149 -38.80 -56.41 60.56
CA VAL R 149 -37.46 -57.01 60.43
C VAL R 149 -36.43 -55.89 60.47
N GLY R 150 -35.51 -55.94 61.43
CA GLY R 150 -34.41 -54.97 61.57
C GLY R 150 -33.07 -55.65 61.31
N PRO R 151 -31.98 -54.87 61.18
CA PRO R 151 -30.65 -55.43 60.94
C PRO R 151 -30.24 -56.32 62.13
N LYS R 152 -30.02 -57.61 61.87
CA LYS R 152 -29.50 -58.60 62.86
C LYS R 152 -28.26 -59.24 62.24
N LYS R 153 -27.24 -59.53 63.03
CA LYS R 153 -26.13 -60.44 62.64
C LYS R 153 -26.71 -61.85 62.49
N PRO R 154 -25.95 -62.85 61.97
CA PRO R 154 -26.44 -64.23 61.93
C PRO R 154 -26.80 -64.78 63.32
N ASP R 155 -26.09 -64.35 64.36
CA ASP R 155 -26.27 -64.84 65.75
C ASP R 155 -27.52 -64.21 66.40
N GLY R 156 -28.17 -63.23 65.75
CA GLY R 156 -29.43 -62.62 66.24
C GLY R 156 -29.20 -61.26 66.90
N THR R 157 -27.95 -60.92 67.24
CA THR R 157 -27.55 -59.65 67.91
C THR R 157 -27.55 -58.50 66.90
N THR R 158 -27.42 -57.27 67.40
CA THR R 158 -27.23 -56.02 66.61
C THR R 158 -26.26 -55.11 67.38
N ASP R 159 -25.02 -54.95 66.90
CA ASP R 159 -23.97 -54.21 67.65
C ASP R 159 -23.93 -52.75 67.18
N ASP R 160 -23.02 -51.96 67.74
CA ASP R 160 -22.84 -50.51 67.49
C ASP R 160 -22.57 -50.26 65.99
N SER R 161 -21.98 -51.21 65.28
CA SER R 161 -21.55 -51.08 63.87
C SER R 161 -22.77 -50.84 62.96
N ALA R 162 -23.97 -51.21 63.40
CA ALA R 162 -25.23 -51.00 62.64
C ALA R 162 -25.57 -49.50 62.54
N GLN R 163 -24.82 -48.62 63.22
CA GLN R 163 -25.02 -47.15 63.16
C GLN R 163 -24.13 -46.55 62.06
N VAL R 164 -23.24 -47.37 61.49
CA VAL R 164 -22.42 -47.02 60.31
C VAL R 164 -22.57 -48.16 59.30
N LEU R 165 -21.65 -48.30 58.35
CA LEU R 165 -21.73 -49.38 57.33
C LEU R 165 -20.96 -50.60 57.85
N ASN R 166 -21.70 -51.68 58.11
CA ASN R 166 -21.16 -53.05 58.29
C ASN R 166 -21.85 -53.96 57.27
N PRO R 167 -21.11 -54.50 56.29
CA PRO R 167 -21.68 -55.39 55.28
C PRO R 167 -22.45 -56.61 55.81
N ILE R 168 -22.26 -56.97 57.08
CA ILE R 168 -22.94 -58.13 57.71
C ILE R 168 -24.46 -57.89 57.69
N TYR R 169 -24.91 -56.63 57.70
CA TYR R 169 -26.34 -56.24 57.80
C TYR R 169 -26.93 -55.96 56.42
N LYS R 170 -27.50 -56.99 55.78
CA LYS R 170 -28.17 -56.86 54.46
C LYS R 170 -29.50 -57.60 54.50
N ALA R 171 -30.38 -57.25 53.57
CA ALA R 171 -31.72 -57.87 53.40
C ALA R 171 -32.23 -57.58 52.00
N LYS R 172 -33.24 -58.31 51.57
CA LYS R 172 -33.99 -58.07 50.31
C LYS R 172 -35.37 -57.51 50.76
N LEU R 173 -35.82 -56.47 50.07
CA LEU R 173 -37.15 -55.86 50.30
C LEU R 173 -38.20 -56.79 49.67
N ASP R 174 -38.50 -57.90 50.35
CA ASP R 174 -39.29 -59.02 49.79
C ASP R 174 -40.72 -59.05 50.38
N LYS R 175 -41.05 -58.14 51.29
CA LYS R 175 -42.38 -58.11 51.97
C LYS R 175 -42.78 -56.64 52.16
N ASP R 176 -44.03 -56.30 51.82
CA ASP R 176 -44.64 -54.96 52.07
C ASP R 176 -44.73 -54.75 53.59
N ALA R 177 -44.63 -53.49 54.03
CA ALA R 177 -45.00 -53.03 55.39
C ALA R 177 -44.18 -53.76 56.47
N THR R 178 -42.97 -54.23 56.13
CA THR R 178 -42.17 -55.14 56.98
C THR R 178 -40.82 -54.54 57.33
N TYR R 179 -40.18 -53.85 56.40
CA TYR R 179 -38.80 -53.31 56.54
C TYR R 179 -38.90 -51.84 56.91
N PRO R 180 -38.53 -51.44 58.15
CA PRO R 180 -38.61 -50.04 58.56
C PRO R 180 -37.64 -49.16 57.75
N ILE R 181 -38.11 -47.99 57.35
CA ILE R 181 -37.31 -46.98 56.59
C ILE R 181 -36.09 -46.60 57.43
N GLU R 182 -36.22 -46.61 58.76
CA GLU R 182 -35.26 -45.96 59.68
C GLU R 182 -34.02 -46.85 59.93
N CYS R 183 -34.04 -48.12 59.50
CA CYS R 183 -32.90 -49.06 59.73
C CYS R 183 -32.43 -49.72 58.42
N TRP R 184 -33.10 -49.46 57.30
CA TRP R 184 -32.73 -50.00 55.96
C TRP R 184 -32.67 -48.87 54.92
N CYS R 185 -31.58 -48.79 54.17
CA CYS R 185 -31.47 -47.92 52.96
C CYS R 185 -31.15 -48.79 51.75
N PRO R 186 -31.39 -48.30 50.53
CA PRO R 186 -30.95 -49.00 49.33
C PRO R 186 -29.44 -49.23 49.40
N ASP R 187 -29.01 -50.47 49.10
CA ASP R 187 -27.61 -50.94 49.11
C ASP R 187 -26.93 -50.55 47.80
N PRO R 188 -26.02 -49.56 47.80
CA PRO R 188 -25.41 -49.08 46.56
C PRO R 188 -24.34 -50.03 46.02
N SER R 189 -23.96 -51.04 46.80
CA SER R 189 -22.95 -52.07 46.44
C SER R 189 -23.62 -53.17 45.62
N ARG R 190 -24.96 -53.14 45.50
CA ARG R 190 -25.76 -54.13 44.74
C ARG R 190 -26.79 -53.38 43.89
N ASN R 191 -28.00 -53.91 43.76
CA ASN R 191 -29.09 -53.28 42.99
C ASN R 191 -28.64 -53.01 41.54
N GLU R 192 -27.82 -53.88 40.94
CA GLU R 192 -27.41 -53.76 39.51
C GLU R 192 -28.67 -53.81 38.64
N ASN R 193 -29.70 -54.58 39.05
CA ASN R 193 -30.93 -54.86 38.26
C ASN R 193 -32.12 -54.06 38.81
N SER R 194 -31.86 -52.99 39.57
CA SER R 194 -32.89 -52.04 40.08
C SER R 194 -32.41 -50.61 39.83
N ARG R 195 -33.34 -49.68 39.63
CA ARG R 195 -33.04 -48.22 39.61
C ARG R 195 -33.81 -47.58 40.77
N TYR R 196 -33.11 -46.89 41.67
CA TYR R 196 -33.75 -46.26 42.85
C TYR R 196 -33.40 -44.78 42.91
N PHE R 197 -34.32 -44.00 43.48
CA PHE R 197 -34.31 -42.53 43.56
C PHE R 197 -34.95 -42.10 44.89
N GLY R 198 -34.23 -41.34 45.71
CA GLY R 198 -34.71 -40.91 47.03
C GLY R 198 -34.19 -39.52 47.39
N SER R 199 -34.99 -38.79 48.18
CA SER R 199 -34.60 -37.52 48.81
C SER R 199 -35.19 -37.45 50.22
N TYR R 200 -34.35 -37.22 51.22
CA TYR R 200 -34.75 -37.00 52.64
C TYR R 200 -34.48 -35.54 53.01
N THR R 201 -35.39 -34.95 53.78
CA THR R 201 -35.24 -33.61 54.40
C THR R 201 -35.56 -33.73 55.90
N GLY R 202 -34.67 -33.24 56.77
CA GLY R 202 -34.84 -33.25 58.22
C GLY R 202 -35.60 -32.03 58.72
N GLY R 203 -35.44 -31.71 60.01
CA GLY R 203 -36.00 -30.50 60.65
C GLY R 203 -37.25 -30.81 61.44
N VAL R 204 -37.68 -29.87 62.29
CA VAL R 204 -38.81 -30.05 63.24
C VAL R 204 -40.10 -29.61 62.56
N GLU R 205 -40.09 -28.44 61.90
CA GLU R 205 -41.30 -27.81 61.31
C GLU R 205 -41.12 -27.58 59.81
N THR R 206 -40.18 -28.29 59.19
CA THR R 206 -39.78 -28.13 57.76
C THR R 206 -41.01 -28.29 56.86
N PRO R 207 -41.26 -27.33 55.95
CA PRO R 207 -42.40 -27.43 55.04
C PRO R 207 -42.11 -28.44 53.93
N PRO R 208 -43.04 -29.38 53.67
CA PRO R 208 -42.92 -30.24 52.50
C PRO R 208 -43.10 -29.41 51.21
N VAL R 209 -42.29 -29.72 50.20
CA VAL R 209 -42.38 -29.14 48.83
C VAL R 209 -42.52 -30.33 47.88
N LEU R 210 -43.70 -30.49 47.27
CA LEU R 210 -43.98 -31.60 46.31
C LEU R 210 -44.60 -31.02 45.05
N SER R 211 -44.18 -31.52 43.89
CA SER R 211 -44.74 -31.18 42.56
C SER R 211 -45.47 -32.39 41.99
N PHE R 212 -46.41 -32.15 41.09
CA PHE R 212 -47.19 -33.22 40.41
C PHE R 212 -47.51 -32.75 38.99
N THR R 213 -47.24 -33.61 38.00
CA THR R 213 -47.52 -33.39 36.56
C THR R 213 -47.59 -34.74 35.85
N ASN R 214 -48.39 -34.83 34.79
CA ASN R 214 -48.47 -36.06 33.94
C ASN R 214 -47.55 -35.89 32.72
N THR R 215 -46.58 -34.97 32.78
CA THR R 215 -45.64 -34.68 31.66
C THR R 215 -44.22 -35.18 31.97
N SER R 216 -43.92 -35.61 33.19
CA SER R 216 -42.57 -36.10 33.59
C SER R 216 -42.43 -37.57 33.19
N THR R 217 -41.22 -37.99 32.85
CA THR R 217 -40.82 -39.40 32.60
C THR R 217 -39.40 -39.63 33.13
N THR R 218 -39.16 -40.74 33.82
CA THR R 218 -37.82 -41.16 34.28
C THR R 218 -37.35 -42.33 33.41
N ILE R 219 -36.23 -42.14 32.70
CA ILE R 219 -35.59 -43.22 31.89
C ILE R 219 -34.88 -44.18 32.85
N LEU R 220 -35.02 -45.49 32.63
CA LEU R 220 -34.49 -46.55 33.53
C LEU R 220 -33.31 -47.27 32.88
N LEU R 221 -32.96 -46.93 31.63
CA LEU R 221 -31.81 -47.53 30.92
C LEU R 221 -30.52 -47.08 31.62
N ASP R 222 -29.52 -47.98 31.70
CA ASP R 222 -28.21 -47.71 32.37
C ASP R 222 -27.24 -47.08 31.36
N GLU R 223 -25.98 -46.89 31.79
CA GLU R 223 -24.83 -46.39 30.98
C GLU R 223 -24.79 -47.12 29.62
N ASN R 224 -25.20 -48.39 29.56
CA ASN R 224 -25.11 -49.26 28.34
C ASN R 224 -26.49 -49.49 27.71
N GLY R 225 -27.48 -48.63 27.95
CA GLY R 225 -28.80 -48.69 27.31
C GLY R 225 -29.61 -49.93 27.69
N VAL R 226 -29.29 -50.57 28.81
CA VAL R 226 -30.02 -51.75 29.35
C VAL R 226 -30.83 -51.31 30.57
N GLY R 227 -32.14 -51.63 30.57
CA GLY R 227 -33.05 -51.40 31.71
C GLY R 227 -33.07 -52.59 32.67
N PRO R 228 -33.79 -52.48 33.80
CA PRO R 228 -34.03 -53.63 34.67
C PRO R 228 -34.67 -54.77 33.86
N LEU R 229 -34.10 -55.97 33.97
CA LEU R 229 -34.61 -57.21 33.34
C LEU R 229 -35.40 -58.01 34.38
N CYS R 230 -36.69 -58.18 34.14
CA CYS R 230 -37.68 -58.76 35.08
C CYS R 230 -37.53 -60.27 35.15
N LYS R 231 -36.79 -60.77 36.15
CA LYS R 231 -36.61 -62.21 36.45
C LYS R 231 -37.96 -62.81 36.87
N GLY R 232 -38.19 -64.07 36.51
CA GLY R 232 -39.44 -64.80 36.76
C GLY R 232 -40.66 -64.03 36.29
N ASP R 233 -40.53 -63.22 35.24
CA ASP R 233 -41.65 -62.44 34.64
C ASP R 233 -42.33 -61.61 35.74
N GLY R 234 -41.53 -61.01 36.62
CA GLY R 234 -41.97 -60.15 37.73
C GLY R 234 -41.31 -58.78 37.72
N LEU R 235 -42.12 -57.72 37.79
CA LEU R 235 -41.66 -56.32 37.94
C LEU R 235 -41.80 -55.92 39.41
N TYR R 236 -40.72 -55.42 40.03
CA TYR R 236 -40.61 -55.13 41.48
C TYR R 236 -40.65 -53.62 41.70
N LEU R 237 -41.78 -53.14 42.23
CA LEU R 237 -41.98 -51.72 42.63
C LEU R 237 -41.75 -51.56 44.14
N SER R 238 -41.11 -50.45 44.53
CA SER R 238 -40.90 -50.05 45.95
C SER R 238 -41.14 -48.56 46.09
N SER R 239 -41.60 -48.14 47.27
CA SER R 239 -42.07 -46.77 47.57
C SER R 239 -41.80 -46.48 49.05
N ALA R 240 -41.48 -45.22 49.37
CA ALA R 240 -41.41 -44.69 50.74
C ALA R 240 -41.74 -43.20 50.67
N ASP R 241 -43.00 -42.83 50.91
CA ASP R 241 -43.44 -41.42 50.79
C ASP R 241 -44.08 -40.96 52.10
N VAL R 242 -43.22 -40.59 53.04
CA VAL R 242 -43.61 -40.00 54.35
C VAL R 242 -43.51 -38.47 54.19
N ALA R 243 -44.64 -37.82 53.96
CA ALA R 243 -44.73 -36.38 53.60
C ALA R 243 -44.29 -35.50 54.77
N GLY R 244 -44.39 -36.03 55.98
CA GLY R 244 -44.05 -35.35 57.24
C GLY R 244 -44.91 -35.86 58.39
N THR R 245 -45.20 -34.99 59.35
CA THR R 245 -46.02 -35.33 60.56
C THR R 245 -47.26 -34.43 60.59
N PHE R 246 -48.36 -35.00 61.06
CA PHE R 246 -49.55 -34.24 61.53
C PHE R 246 -49.35 -33.90 63.01
N VAL R 247 -49.48 -32.62 63.36
CA VAL R 247 -49.37 -32.10 64.76
C VAL R 247 -50.79 -31.79 65.24
N GLN R 248 -51.28 -32.51 66.24
CA GLN R 248 -52.69 -32.41 66.69
C GLN R 248 -52.82 -31.33 67.78
N GLN R 249 -53.84 -30.48 67.68
CA GLN R 249 -54.17 -29.47 68.72
C GLN R 249 -54.37 -30.18 70.06
N THR R 250 -54.11 -29.47 71.17
CA THR R 250 -54.44 -29.90 72.55
C THR R 250 -53.44 -30.99 72.98
N SER R 251 -53.46 -32.17 72.36
CA SER R 251 -52.53 -33.29 72.71
C SER R 251 -51.09 -32.87 72.38
N GLN R 252 -50.93 -32.10 71.30
CA GLN R 252 -49.60 -31.69 70.74
C GLN R 252 -48.78 -32.95 70.43
N LYS R 253 -49.46 -34.05 70.11
CA LYS R 253 -48.84 -35.31 69.66
C LYS R 253 -48.62 -35.25 68.13
N GLN R 254 -47.61 -35.96 67.65
CA GLN R 254 -47.25 -36.01 66.21
C GLN R 254 -47.56 -37.41 65.68
N TYR R 255 -48.06 -37.47 64.44
CA TYR R 255 -48.37 -38.71 63.69
C TYR R 255 -47.69 -38.61 62.32
N TRP R 256 -46.92 -39.63 61.94
CA TRP R 256 -46.37 -39.78 60.56
C TRP R 256 -47.55 -39.79 59.58
N ARG R 257 -47.42 -39.05 58.48
CA ARG R 257 -48.41 -39.00 57.36
C ARG R 257 -47.72 -39.52 56.10
N GLY R 258 -48.30 -40.57 55.50
CA GLY R 258 -47.80 -41.18 54.26
C GLY R 258 -48.71 -40.86 53.08
N LEU R 259 -48.16 -40.92 51.87
CA LEU R 259 -48.94 -40.74 50.63
C LEU R 259 -48.68 -41.89 49.67
N PRO R 260 -49.68 -42.24 48.82
CA PRO R 260 -49.51 -43.31 47.84
C PRO R 260 -48.70 -42.81 46.64
N ARG R 261 -48.00 -43.73 45.97
CA ARG R 261 -47.23 -43.44 44.74
C ARG R 261 -47.83 -44.23 43.58
N TYR R 262 -48.09 -43.55 42.47
CA TYR R 262 -48.55 -44.14 41.19
C TYR R 262 -47.34 -44.47 40.32
N PHE R 263 -47.38 -45.64 39.68
CA PHE R 263 -46.36 -46.05 38.68
C PHE R 263 -47.00 -46.33 37.33
N ASN R 264 -46.31 -45.97 36.25
CA ASN R 264 -46.68 -46.36 34.87
C ASN R 264 -45.39 -46.77 34.15
N ILE R 265 -45.07 -48.05 34.14
CA ILE R 265 -43.79 -48.57 33.58
C ILE R 265 -44.04 -49.01 32.13
N THR R 266 -43.17 -48.59 31.23
CA THR R 266 -43.09 -49.07 29.83
C THR R 266 -42.00 -50.14 29.77
N LEU R 267 -42.34 -51.35 29.34
CA LEU R 267 -41.37 -52.47 29.17
C LEU R 267 -41.36 -52.91 27.71
N ARG R 268 -40.27 -53.56 27.31
CA ARG R 268 -40.06 -54.12 25.95
C ARG R 268 -39.36 -55.47 26.08
N LYS R 269 -39.54 -56.36 25.11
CA LYS R 269 -38.91 -57.70 25.12
C LYS R 269 -37.43 -57.57 24.79
N ARG R 270 -36.56 -58.20 25.58
CA ARG R 270 -35.09 -58.24 25.37
C ARG R 270 -34.64 -59.70 25.40
N ALA R 271 -33.75 -60.08 24.49
CA ALA R 271 -33.20 -61.45 24.37
C ALA R 271 -31.97 -61.58 25.27
N VAL R 272 -31.82 -62.75 25.86
CA VAL R 272 -30.68 -63.06 26.75
C VAL R 272 -30.17 -64.45 26.39
N LYS R 273 -28.95 -64.74 26.80
CA LYS R 273 -28.37 -66.08 26.56
C LYS R 273 -28.60 -66.89 27.83
N ASN R 274 -29.08 -68.12 27.70
CA ASN R 274 -29.38 -68.97 28.86
C ASN R 274 -29.35 -70.45 28.42
N ILE S 7 -59.25 -42.17 20.06
CA ILE S 7 -59.28 -41.45 18.73
C ILE S 7 -57.96 -41.75 17.98
N GLU S 8 -58.03 -42.27 16.74
CA GLU S 8 -56.85 -42.47 15.86
C GLU S 8 -56.47 -41.10 15.26
N VAL S 9 -55.28 -40.61 15.61
CA VAL S 9 -54.79 -39.24 15.23
C VAL S 9 -54.11 -39.32 13.87
N LEU S 10 -54.38 -38.38 12.97
CA LEU S 10 -53.82 -38.37 11.59
C LEU S 10 -52.94 -37.13 11.39
N ASP S 11 -52.94 -36.57 10.17
CA ASP S 11 -52.06 -35.44 9.74
C ASP S 11 -52.52 -34.15 10.42
N VAL S 12 -51.60 -33.21 10.57
CA VAL S 12 -51.89 -31.82 11.05
C VAL S 12 -52.29 -30.97 9.85
N LYS S 13 -53.55 -30.54 9.74
CA LYS S 13 -53.98 -29.59 8.66
C LYS S 13 -53.20 -28.28 8.87
N THR S 14 -52.47 -27.85 7.85
CA THR S 14 -51.80 -26.53 7.75
C THR S 14 -52.49 -25.73 6.63
N GLY S 15 -52.20 -24.43 6.55
CA GLY S 15 -52.86 -23.50 5.63
C GLY S 15 -53.47 -22.33 6.39
N PRO S 16 -54.13 -21.37 5.70
CA PRO S 16 -54.80 -20.26 6.37
C PRO S 16 -55.97 -20.75 7.25
N ASP S 17 -56.25 -20.03 8.34
CA ASP S 17 -57.35 -20.33 9.29
C ASP S 17 -57.19 -21.75 9.86
N SER S 18 -55.96 -22.25 10.01
CA SER S 18 -55.67 -23.61 10.53
C SER S 18 -55.14 -23.56 11.96
N THR S 19 -54.72 -22.38 12.43
CA THR S 19 -54.36 -22.12 13.85
C THR S 19 -55.27 -21.04 14.41
N THR S 20 -55.41 -21.01 15.74
CA THR S 20 -56.16 -19.97 16.49
C THR S 20 -55.57 -19.88 17.90
N THR S 21 -55.75 -18.74 18.56
CA THR S 21 -55.38 -18.54 19.99
C THR S 21 -56.67 -18.30 20.80
N ILE S 22 -56.62 -18.70 22.07
CA ILE S 22 -57.71 -18.47 23.07
C ILE S 22 -57.08 -17.78 24.28
N GLU S 23 -57.54 -16.56 24.59
CA GLU S 23 -57.28 -15.85 25.87
C GLU S 23 -58.42 -16.17 26.83
N ALA S 24 -58.09 -16.49 28.08
CA ALA S 24 -59.07 -16.73 29.17
C ALA S 24 -58.38 -16.44 30.50
N TYR S 25 -59.16 -16.13 31.54
CA TYR S 25 -58.68 -16.06 32.94
C TYR S 25 -59.65 -16.88 33.78
N LEU S 26 -59.12 -17.57 34.79
CA LEU S 26 -59.92 -18.19 35.87
C LEU S 26 -59.68 -17.38 37.16
N ASN S 27 -60.75 -16.81 37.73
CA ASN S 27 -60.70 -16.17 39.06
C ASN S 27 -60.70 -17.27 40.11
N PRO S 28 -60.06 -17.04 41.27
CA PRO S 28 -59.92 -18.07 42.30
C PRO S 28 -61.26 -18.34 42.99
N ARG S 29 -61.45 -19.56 43.47
CA ARG S 29 -62.67 -19.97 44.22
C ARG S 29 -62.23 -20.53 45.57
N VAL S 30 -61.85 -19.63 46.48
CA VAL S 30 -61.28 -19.97 47.82
C VAL S 30 -62.39 -20.03 48.87
N GLY S 31 -63.66 -20.01 48.45
CA GLY S 31 -64.84 -20.11 49.33
C GLY S 31 -65.79 -18.95 49.15
N GLN S 32 -65.27 -17.79 48.74
CA GLN S 32 -66.05 -16.64 48.23
C GLN S 32 -65.42 -16.22 46.92
N ASN S 33 -65.94 -15.15 46.29
CA ASN S 33 -65.63 -14.82 44.88
C ASN S 33 -64.62 -13.68 44.77
N TRP S 34 -64.14 -13.13 45.89
CA TRP S 34 -63.35 -11.87 45.86
C TRP S 34 -61.95 -12.12 46.44
N GLY S 35 -61.46 -13.36 46.34
CA GLY S 35 -60.03 -13.68 46.54
C GLY S 35 -59.69 -14.07 47.98
N PHE S 36 -60.67 -13.99 48.89
CA PHE S 36 -60.50 -14.41 50.30
C PHE S 36 -61.64 -15.33 50.73
N SER S 37 -61.28 -16.37 51.48
CA SER S 37 -62.21 -17.23 52.26
C SER S 37 -62.74 -16.44 53.45
N THR S 38 -63.76 -16.96 54.12
CA THR S 38 -64.15 -16.57 55.49
C THR S 38 -63.12 -17.17 56.44
N GLU S 39 -63.13 -16.78 57.71
CA GLU S 39 -62.11 -17.22 58.69
C GLU S 39 -62.00 -18.74 58.67
N ILE S 40 -60.76 -19.25 58.70
CA ILE S 40 -60.48 -20.69 58.83
C ILE S 40 -60.85 -21.09 60.25
N THR S 41 -61.66 -22.14 60.41
CA THR S 41 -62.11 -22.68 61.71
C THR S 41 -61.49 -24.06 61.89
N VAL S 42 -61.31 -24.47 63.14
CA VAL S 42 -60.73 -25.79 63.51
C VAL S 42 -61.69 -26.48 64.48
N ALA S 43 -62.24 -27.62 64.06
CA ALA S 43 -63.11 -28.49 64.90
C ALA S 43 -62.34 -28.84 66.17
N SER S 44 -63.03 -28.86 67.32
CA SER S 44 -62.45 -29.34 68.60
C SER S 44 -62.32 -30.86 68.55
N ASN S 45 -61.20 -31.40 69.07
CA ASN S 45 -60.97 -32.86 69.18
C ASN S 45 -62.25 -33.52 69.70
N GLY S 46 -62.73 -34.55 69.00
CA GLY S 46 -63.89 -35.37 69.41
C GLY S 46 -65.18 -34.90 68.78
N TYR S 47 -65.24 -33.68 68.26
CA TYR S 47 -66.45 -33.11 67.60
C TYR S 47 -66.34 -33.35 66.08
N ASN S 48 -67.44 -33.17 65.36
CA ASN S 48 -67.47 -33.27 63.87
C ASN S 48 -66.48 -32.26 63.27
N ASP S 49 -65.74 -32.68 62.25
CA ASP S 49 -64.97 -31.82 61.33
C ASP S 49 -65.91 -31.29 60.26
N ALA S 50 -66.54 -30.14 60.48
CA ALA S 50 -67.60 -29.58 59.62
C ALA S 50 -67.28 -28.12 59.28
N PRO S 51 -66.33 -27.89 58.35
CA PRO S 51 -65.96 -26.53 57.97
C PRO S 51 -67.09 -25.85 57.20
N HIS S 52 -67.13 -24.51 57.28
CA HIS S 52 -68.09 -23.63 56.56
C HIS S 52 -67.83 -23.75 55.06
N LEU S 53 -68.89 -23.70 54.24
CA LEU S 53 -68.78 -23.68 52.77
C LEU S 53 -67.71 -22.65 52.36
N THR S 54 -67.76 -21.46 52.96
CA THR S 54 -67.01 -20.26 52.50
C THR S 54 -65.57 -20.25 53.03
N GLU S 55 -65.09 -21.35 53.63
CA GLU S 55 -63.71 -21.42 54.18
C GLU S 55 -62.91 -22.53 53.47
N ILE S 56 -63.50 -23.13 52.43
CA ILE S 56 -62.95 -24.32 51.73
C ILE S 56 -62.62 -23.94 50.29
N PRO S 57 -61.31 -23.82 49.94
CA PRO S 57 -60.91 -23.53 48.58
C PRO S 57 -61.17 -24.71 47.63
N CYS S 58 -61.62 -24.38 46.43
CA CYS S 58 -62.00 -25.31 45.35
C CYS S 58 -61.21 -25.02 44.07
N TYR S 59 -61.09 -26.04 43.20
CA TYR S 59 -60.59 -25.91 41.82
C TYR S 59 -61.48 -24.92 41.07
N SER S 60 -60.87 -23.89 40.48
CA SER S 60 -61.48 -23.08 39.39
C SER S 60 -61.44 -23.90 38.10
N SER S 61 -62.46 -23.76 37.25
CA SER S 61 -62.64 -24.59 36.04
C SER S 61 -63.57 -23.85 35.07
N ALA S 62 -63.27 -23.91 33.78
CA ALA S 62 -64.13 -23.36 32.71
C ALA S 62 -63.96 -24.21 31.45
N ARG S 63 -65.01 -24.24 30.62
CA ARG S 63 -64.98 -24.82 29.25
C ARG S 63 -65.12 -23.65 28.27
N ILE S 64 -64.07 -23.37 27.50
CA ILE S 64 -64.09 -22.32 26.45
C ILE S 64 -64.61 -22.98 25.16
N SER S 65 -65.59 -22.35 24.51
CA SER S 65 -66.14 -22.76 23.20
C SER S 65 -65.15 -22.37 22.10
N LEU S 66 -64.76 -23.35 21.26
CA LEU S 66 -63.84 -23.16 20.12
C LEU S 66 -64.66 -23.03 18.84
N PRO S 67 -64.15 -22.39 17.77
CA PRO S 67 -64.83 -22.37 16.48
C PRO S 67 -65.27 -23.78 16.03
N LEU S 68 -66.50 -23.91 15.53
CA LEU S 68 -67.06 -25.21 15.05
C LEU S 68 -66.23 -25.64 13.83
N LEU S 69 -65.93 -26.94 13.70
CA LEU S 69 -65.00 -27.42 12.65
C LEU S 69 -65.70 -28.15 11.49
N ASN S 70 -66.59 -29.09 11.77
CA ASN S 70 -67.06 -30.05 10.73
C ASN S 70 -68.40 -29.58 10.12
N THR S 77 -60.91 -38.34 9.15
CA THR S 77 -61.59 -37.46 8.18
C THR S 77 -62.35 -36.32 8.85
N LEU S 78 -62.63 -36.39 10.15
CA LEU S 78 -63.09 -35.26 11.00
C LEU S 78 -61.88 -34.46 11.49
N LEU S 79 -62.10 -33.19 11.82
CA LEU S 79 -61.08 -32.27 12.40
C LEU S 79 -61.41 -31.96 13.86
N MET S 80 -60.40 -31.96 14.72
CA MET S 80 -60.48 -31.49 16.13
C MET S 80 -59.40 -30.43 16.34
N TRP S 81 -59.71 -29.42 17.15
CA TRP S 81 -58.68 -28.45 17.65
C TRP S 81 -57.72 -29.20 18.56
N GLU S 82 -56.43 -28.96 18.37
CA GLU S 82 -55.32 -29.56 19.15
C GLU S 82 -54.58 -28.42 19.87
N ALA S 83 -54.57 -28.45 21.21
CA ALA S 83 -53.85 -27.48 22.04
C ALA S 83 -52.35 -27.79 21.95
N VAL S 84 -51.55 -26.85 21.47
CA VAL S 84 -50.10 -27.06 21.18
C VAL S 84 -49.26 -26.50 22.31
N SER S 85 -49.57 -25.29 22.75
CA SER S 85 -48.77 -24.53 23.75
C SER S 85 -49.71 -23.64 24.57
N VAL S 86 -49.27 -23.25 25.77
CA VAL S 86 -50.00 -22.27 26.63
C VAL S 86 -48.96 -21.34 27.28
N LYS S 87 -49.17 -20.04 27.14
CA LYS S 87 -48.57 -19.00 28.01
C LYS S 87 -49.54 -18.81 29.19
N THR S 88 -49.10 -19.05 30.42
CA THR S 88 -49.94 -18.86 31.63
C THR S 88 -49.20 -18.00 32.66
N GLU S 89 -49.95 -17.22 33.43
CA GLU S 89 -49.39 -16.32 34.47
C GLU S 89 -50.34 -16.24 35.66
N VAL S 90 -49.79 -16.21 36.87
CA VAL S 90 -50.55 -15.90 38.11
C VAL S 90 -50.63 -14.38 38.22
N VAL S 91 -51.85 -13.85 38.11
CA VAL S 91 -52.11 -12.39 38.03
C VAL S 91 -52.21 -11.83 39.45
N GLY S 92 -51.70 -10.61 39.66
CA GLY S 92 -51.83 -9.87 40.93
C GLY S 92 -50.90 -10.39 42.00
N ILE S 93 -49.76 -11.00 41.62
CA ILE S 93 -48.69 -11.38 42.59
C ILE S 93 -48.26 -10.12 43.35
N SER S 94 -48.07 -9.01 42.65
CA SER S 94 -47.60 -7.72 43.21
C SER S 94 -48.55 -7.22 44.30
N SER S 95 -49.81 -7.69 44.29
CA SER S 95 -50.86 -7.30 45.27
C SER S 95 -50.41 -7.61 46.71
N MET S 96 -49.49 -8.56 46.86
CA MET S 96 -49.04 -9.09 48.18
C MET S 96 -47.99 -8.16 48.80
N LEU S 97 -47.39 -7.23 48.07
CA LEU S 97 -46.44 -6.23 48.65
C LEU S 97 -47.25 -5.13 49.34
N ASN S 98 -47.94 -5.50 50.42
CA ASN S 98 -48.92 -4.65 51.16
C ASN S 98 -48.77 -4.96 52.65
N MET S 99 -48.22 -4.02 53.43
CA MET S 99 -47.97 -4.20 54.88
C MET S 99 -48.83 -3.20 55.69
N HIS S 100 -49.90 -2.65 55.10
CA HIS S 100 -50.75 -1.63 55.75
C HIS S 100 -52.21 -2.09 55.90
N SER S 101 -52.65 -3.11 55.15
CA SER S 101 -54.06 -3.55 55.07
C SER S 101 -54.36 -4.60 56.14
N TYR S 102 -54.26 -4.19 57.41
CA TYR S 102 -54.88 -4.84 58.60
C TYR S 102 -54.13 -6.12 59.02
N GLY S 103 -52.95 -6.38 58.46
CA GLY S 103 -52.18 -7.60 58.75
C GLY S 103 -51.69 -7.61 60.19
N LEU S 104 -51.62 -8.78 60.82
CA LEU S 104 -50.95 -8.97 62.14
C LEU S 104 -49.59 -8.27 62.09
N ARG S 105 -49.28 -7.45 63.09
CA ARG S 105 -48.15 -6.51 63.04
C ARG S 105 -46.89 -7.17 63.62
N ALA S 106 -45.75 -6.98 62.96
CA ALA S 106 -44.45 -7.58 63.30
C ALA S 106 -43.78 -6.74 64.40
N PHE S 107 -42.74 -7.31 65.00
CA PHE S 107 -41.85 -6.64 65.99
C PHE S 107 -42.71 -6.02 67.10
N GLY S 108 -43.49 -6.90 67.76
CA GLY S 108 -44.29 -6.59 68.96
C GLY S 108 -45.41 -5.59 68.69
N GLY S 109 -45.86 -5.47 67.44
CA GLY S 109 -47.00 -4.62 67.06
C GLY S 109 -46.60 -3.26 66.55
N TYR S 110 -45.30 -2.92 66.54
CA TYR S 110 -44.79 -1.59 66.13
C TYR S 110 -44.42 -1.57 64.64
N GLY S 111 -44.21 -2.75 64.05
CA GLY S 111 -43.85 -2.90 62.63
C GLY S 111 -45.07 -2.94 61.73
N GLY S 112 -44.89 -3.35 60.46
CA GLY S 112 -45.96 -3.43 59.46
C GLY S 112 -46.72 -4.74 59.55
N GLY S 113 -47.84 -4.83 58.83
CA GLY S 113 -48.68 -6.04 58.75
C GLY S 113 -47.97 -7.18 58.03
N TYR S 114 -48.26 -8.42 58.43
CA TYR S 114 -47.81 -9.66 57.75
C TYR S 114 -48.35 -9.67 56.32
N THR S 115 -47.47 -9.86 55.34
CA THR S 115 -47.87 -10.22 53.96
C THR S 115 -48.42 -11.65 53.96
N ILE S 116 -49.21 -11.98 52.95
CA ILE S 116 -49.72 -13.37 52.74
C ILE S 116 -48.57 -14.34 52.96
N GLU S 117 -48.79 -15.35 53.79
CA GLU S 117 -47.79 -16.41 54.11
C GLU S 117 -48.52 -17.71 54.49
N GLY S 118 -47.75 -18.78 54.64
CA GLY S 118 -48.25 -20.11 55.03
C GLY S 118 -48.36 -21.05 53.85
N SER S 119 -48.97 -22.21 54.08
CA SER S 119 -49.13 -23.28 53.08
C SER S 119 -49.86 -22.73 51.85
N HIS S 120 -49.41 -23.14 50.66
CA HIS S 120 -49.91 -22.63 49.36
C HIS S 120 -49.81 -23.74 48.31
N ILE S 121 -50.70 -23.70 47.32
CA ILE S 121 -50.68 -24.61 46.15
C ILE S 121 -50.87 -23.75 44.89
N HIS S 122 -50.14 -24.08 43.83
CA HIS S 122 -50.28 -23.44 42.49
C HIS S 122 -50.38 -24.55 41.45
N PHE S 123 -51.44 -24.51 40.65
CA PHE S 123 -51.79 -25.62 39.74
C PHE S 123 -52.61 -25.11 38.56
N PHE S 124 -52.35 -25.68 37.37
CA PHE S 124 -53.14 -25.41 36.15
C PHE S 124 -53.14 -26.67 35.30
N SER S 125 -54.21 -26.82 34.50
CA SER S 125 -54.36 -27.92 33.52
C SER S 125 -55.03 -27.36 32.26
N VAL S 126 -54.61 -27.88 31.11
CA VAL S 126 -55.25 -27.65 29.78
C VAL S 126 -55.59 -29.02 29.22
N GLY S 127 -56.81 -29.19 28.70
CA GLY S 127 -57.31 -30.50 28.25
C GLY S 127 -58.41 -30.36 27.21
N GLY S 128 -58.68 -31.46 26.51
CA GLY S 128 -59.76 -31.57 25.51
C GLY S 128 -61.03 -32.14 26.12
N GLU S 129 -61.04 -32.34 27.44
CA GLU S 129 -62.18 -32.85 28.23
C GLU S 129 -61.97 -32.44 29.68
N PRO S 130 -63.00 -32.58 30.54
CA PRO S 130 -62.83 -32.34 31.97
C PRO S 130 -61.65 -33.12 32.55
N LEU S 131 -60.92 -32.47 33.47
CA LEU S 131 -59.79 -33.07 34.22
C LEU S 131 -60.31 -34.23 35.08
N ASP S 132 -59.65 -35.38 35.02
CA ASP S 132 -60.01 -36.56 35.85
C ASP S 132 -59.42 -36.36 37.26
N LEU S 133 -60.26 -36.49 38.29
CA LEU S 133 -59.90 -36.31 39.72
C LEU S 133 -59.89 -37.68 40.41
N GLN S 134 -58.93 -37.86 41.31
CA GLN S 134 -58.84 -38.99 42.27
C GLN S 134 -59.15 -38.45 43.66
N GLY S 135 -59.98 -39.16 44.42
CA GLY S 135 -60.31 -38.81 45.81
C GLY S 135 -59.18 -39.18 46.74
N LEU S 136 -58.64 -38.19 47.46
CA LEU S 136 -57.72 -38.41 48.60
C LEU S 136 -57.78 -37.18 49.51
N MET S 137 -58.03 -37.41 50.79
CA MET S 137 -58.30 -36.37 51.83
C MET S 137 -57.53 -36.71 53.11
N GLN S 138 -57.27 -35.71 53.95
CA GLN S 138 -56.51 -35.86 55.22
C GLN S 138 -57.40 -36.54 56.27
N ASN S 139 -58.69 -36.21 56.31
CA ASN S 139 -59.68 -36.75 57.28
C ASN S 139 -60.91 -37.25 56.52
N HIS S 140 -61.10 -38.57 56.48
CA HIS S 140 -62.19 -39.24 55.72
C HIS S 140 -63.55 -38.73 56.20
N SER S 141 -63.63 -38.29 57.45
CA SER S 141 -64.89 -37.94 58.15
C SER S 141 -65.27 -36.47 57.92
N THR S 142 -64.43 -35.68 57.23
CA THR S 142 -64.74 -34.26 56.94
C THR S 142 -66.14 -34.18 56.33
N GLN S 143 -66.98 -33.25 56.82
CA GLN S 143 -68.35 -32.99 56.30
C GLN S 143 -68.29 -31.75 55.40
N TYR S 144 -68.40 -31.94 54.09
CA TYR S 144 -68.46 -30.85 53.09
C TYR S 144 -69.92 -30.41 52.93
N PRO S 145 -70.25 -29.13 53.22
CA PRO S 145 -71.60 -28.63 52.97
C PRO S 145 -71.94 -28.64 51.48
N SER S 146 -73.19 -28.94 51.15
CA SER S 146 -73.78 -28.75 49.81
C SER S 146 -73.63 -27.28 49.43
N PRO S 147 -73.35 -26.92 48.15
CA PRO S 147 -73.29 -27.87 47.03
C PRO S 147 -71.91 -28.45 46.68
N LEU S 148 -70.92 -28.36 47.57
CA LEU S 148 -69.57 -28.95 47.35
C LEU S 148 -69.73 -30.46 47.15
N VAL S 149 -68.76 -31.08 46.49
CA VAL S 149 -68.76 -32.55 46.20
C VAL S 149 -67.45 -33.12 46.74
N GLY S 150 -67.55 -34.09 47.66
CA GLY S 150 -66.38 -34.79 48.21
C GLY S 150 -66.39 -36.25 47.79
N PRO S 151 -65.29 -36.99 48.03
CA PRO S 151 -65.23 -38.41 47.67
C PRO S 151 -66.28 -39.20 48.45
N LYS S 152 -67.23 -39.82 47.74
CA LYS S 152 -68.26 -40.73 48.31
C LYS S 152 -68.15 -42.06 47.55
N LYS S 153 -68.33 -43.18 48.24
CA LYS S 153 -68.59 -44.50 47.59
C LYS S 153 -69.95 -44.42 46.90
N PRO S 154 -70.34 -45.42 46.07
CA PRO S 154 -71.68 -45.44 45.49
C PRO S 154 -72.80 -45.42 46.54
N ASP S 155 -72.57 -46.04 47.70
CA ASP S 155 -73.57 -46.17 48.78
C ASP S 155 -73.71 -44.85 49.56
N GLY S 156 -72.87 -43.84 49.30
CA GLY S 156 -72.97 -42.50 49.92
C GLY S 156 -71.97 -42.30 51.05
N THR S 157 -71.36 -43.37 51.55
CA THR S 157 -70.38 -43.35 52.68
C THR S 157 -69.01 -42.87 52.18
N THR S 158 -68.09 -42.62 53.12
CA THR S 158 -66.66 -42.31 52.88
C THR S 158 -65.83 -42.97 53.98
N ASP S 159 -65.08 -44.02 53.66
CA ASP S 159 -64.35 -44.82 54.69
C ASP S 159 -62.90 -44.32 54.81
N ASP S 160 -62.12 -44.96 55.68
CA ASP S 160 -60.72 -44.60 56.00
C ASP S 160 -59.85 -44.65 54.73
N SER S 161 -60.20 -45.46 53.75
CA SER S 161 -59.40 -45.69 52.50
C SER S 161 -59.28 -44.39 51.71
N ALA S 162 -60.18 -43.43 51.90
CA ALA S 162 -60.16 -42.11 51.22
C ALA S 162 -58.94 -41.28 51.67
N GLN S 163 -58.20 -41.73 52.68
CA GLN S 163 -56.97 -41.04 53.18
C GLN S 163 -55.74 -41.58 52.44
N VAL S 164 -55.92 -42.63 51.65
CA VAL S 164 -54.88 -43.18 50.74
C VAL S 164 -55.54 -43.34 49.36
N LEU S 165 -54.98 -44.17 48.48
CA LEU S 165 -55.55 -44.38 47.12
C LEU S 165 -56.53 -45.55 47.18
N ASN S 166 -57.82 -45.25 46.96
CA ASN S 166 -58.87 -46.24 46.63
C ASN S 166 -59.51 -45.81 45.31
N PRO S 167 -59.35 -46.61 44.23
CA PRO S 167 -59.93 -46.29 42.94
C PRO S 167 -61.44 -46.02 42.92
N ILE S 168 -62.17 -46.44 43.97
CA ILE S 168 -63.64 -46.25 44.05
C ILE S 168 -63.96 -44.74 44.05
N TYR S 169 -63.03 -43.89 44.52
CA TYR S 169 -63.23 -42.42 44.69
C TYR S 169 -62.66 -41.67 43.48
N LYS S 170 -63.50 -41.42 42.48
CA LYS S 170 -63.12 -40.64 41.27
C LYS S 170 -64.23 -39.64 40.96
N ALA S 171 -63.89 -38.61 40.19
CA ALA S 171 -64.82 -37.56 39.72
C ALA S 171 -64.22 -36.86 38.52
N LYS S 172 -65.04 -36.13 37.77
CA LYS S 172 -64.61 -35.26 36.65
C LYS S 172 -64.80 -33.83 37.15
N LEU S 173 -63.80 -32.97 36.95
CA LEU S 173 -63.82 -31.54 37.33
C LEU S 173 -64.74 -30.81 36.34
N ASP S 174 -66.06 -30.96 36.52
CA ASP S 174 -67.09 -30.55 35.53
C ASP S 174 -67.82 -29.29 35.99
N LYS S 175 -67.51 -28.75 37.16
CA LYS S 175 -68.20 -27.55 37.72
C LYS S 175 -67.16 -26.69 38.45
N ASP S 176 -67.18 -25.37 38.20
CA ASP S 176 -66.35 -24.36 38.91
C ASP S 176 -66.76 -24.36 40.39
N ALA S 177 -65.82 -24.06 41.29
CA ALA S 177 -66.08 -23.67 42.70
C ALA S 177 -66.81 -24.79 43.45
N THR S 178 -66.67 -26.04 43.02
CA THR S 178 -67.50 -27.18 43.49
C THR S 178 -66.64 -28.28 44.12
N TYR S 179 -65.46 -28.55 43.57
CA TYR S 179 -64.58 -29.67 43.99
C TYR S 179 -63.48 -29.11 44.89
N PRO S 180 -63.50 -29.42 46.20
CA PRO S 180 -62.48 -28.90 47.11
C PRO S 180 -61.08 -29.44 46.77
N ILE S 181 -60.08 -28.56 46.82
CA ILE S 181 -58.66 -28.90 46.54
C ILE S 181 -58.21 -29.99 47.52
N GLU S 182 -58.77 -29.98 48.74
CA GLU S 182 -58.23 -30.75 49.89
C GLU S 182 -58.65 -32.22 49.85
N CYS S 183 -59.58 -32.62 48.97
CA CYS S 183 -60.08 -34.02 48.88
C CYS S 183 -59.99 -34.56 47.45
N TRP S 184 -59.58 -33.75 46.46
CA TRP S 184 -59.39 -34.17 45.05
C TRP S 184 -58.03 -33.74 44.53
N CYS S 185 -57.27 -34.67 43.94
CA CYS S 185 -56.04 -34.37 43.17
C CYS S 185 -56.21 -34.86 41.73
N PRO S 186 -55.42 -34.35 40.77
CA PRO S 186 -55.41 -34.89 39.42
C PRO S 186 -55.10 -36.40 39.47
N ASP S 187 -55.90 -37.18 38.75
CA ASP S 187 -55.81 -38.66 38.66
C ASP S 187 -54.75 -39.04 37.63
N PRO S 188 -53.58 -39.56 38.06
CA PRO S 188 -52.48 -39.85 37.15
C PRO S 188 -52.72 -41.13 36.33
N SER S 189 -53.75 -41.91 36.69
CA SER S 189 -54.15 -43.17 36.01
C SER S 189 -55.02 -42.84 34.80
N ARG S 190 -55.41 -41.58 34.63
CA ARG S 190 -56.25 -41.11 33.50
C ARG S 190 -55.65 -39.81 32.94
N ASN S 191 -56.48 -38.84 32.56
CA ASN S 191 -56.01 -37.53 32.02
C ASN S 191 -55.08 -37.74 30.83
N GLU S 192 -55.31 -38.74 29.98
CA GLU S 192 -54.52 -38.97 28.73
C GLU S 192 -54.66 -37.73 27.84
N ASN S 193 -55.83 -37.06 27.86
CA ASN S 193 -56.18 -35.95 26.94
C ASN S 193 -56.15 -34.61 27.69
N SER S 194 -55.43 -34.55 28.82
CA SER S 194 -55.18 -33.31 29.61
C SER S 194 -53.68 -33.24 29.96
N ARG S 195 -53.13 -32.04 30.08
CA ARG S 195 -51.78 -31.82 30.64
C ARG S 195 -51.94 -30.99 31.91
N TYR S 196 -51.46 -31.48 33.06
CA TYR S 196 -51.59 -30.78 34.35
C TYR S 196 -50.21 -30.60 35.00
N PHE S 197 -50.10 -29.51 35.77
CA PHE S 197 -48.85 -29.03 36.43
C PHE S 197 -49.22 -28.41 37.78
N GLY S 198 -48.62 -28.90 38.86
CA GLY S 198 -48.92 -28.42 40.22
C GLY S 198 -47.69 -28.46 41.12
N SER S 199 -47.65 -27.54 42.08
CA SER S 199 -46.64 -27.50 43.16
C SER S 199 -47.30 -27.05 44.46
N TYR S 200 -47.18 -27.85 45.52
CA TYR S 200 -47.66 -27.52 46.90
C TYR S 200 -46.45 -27.30 47.80
N THR S 201 -46.55 -26.30 48.69
CA THR S 201 -45.59 -26.04 49.78
C THR S 201 -46.36 -25.91 51.09
N GLY S 202 -45.95 -26.66 52.13
CA GLY S 202 -46.57 -26.62 53.46
C GLY S 202 -45.97 -25.54 54.34
N GLY S 203 -46.12 -25.69 55.66
CA GLY S 203 -45.53 -24.81 56.68
C GLY S 203 -46.54 -23.81 57.23
N VAL S 204 -46.20 -23.17 58.34
CA VAL S 204 -47.12 -22.27 59.10
C VAL S 204 -46.98 -20.84 58.58
N GLU S 205 -45.73 -20.37 58.42
CA GLU S 205 -45.39 -18.97 58.06
C GLU S 205 -44.56 -18.94 56.78
N THR S 206 -44.61 -20.01 55.97
CA THR S 206 -43.79 -20.19 54.74
C THR S 206 -44.02 -19.02 53.79
N PRO S 207 -42.95 -18.36 53.29
CA PRO S 207 -43.11 -17.25 52.36
C PRO S 207 -43.44 -17.78 50.98
N PRO S 208 -44.48 -17.22 50.31
CA PRO S 208 -44.73 -17.52 48.91
C PRO S 208 -43.61 -16.96 48.04
N VAL S 209 -43.19 -17.74 47.04
CA VAL S 209 -42.21 -17.35 45.99
C VAL S 209 -42.91 -17.55 44.65
N LEU S 210 -43.23 -16.45 43.95
CA LEU S 210 -43.91 -16.48 42.63
C LEU S 210 -43.16 -15.59 41.65
N SER S 211 -42.99 -16.08 40.42
CA SER S 211 -42.38 -15.34 39.29
C SER S 211 -43.45 -15.03 38.24
N PHE S 212 -43.22 -13.98 37.46
CA PHE S 212 -44.15 -13.56 36.38
C PHE S 212 -43.33 -12.97 35.23
N THR S 213 -43.60 -13.42 34.01
CA THR S 213 -42.97 -12.95 32.75
C THR S 213 -43.90 -13.27 31.57
N ASN S 214 -43.88 -12.46 30.53
CA ASN S 214 -44.64 -12.72 29.28
C ASN S 214 -43.71 -13.41 28.25
N THR S 215 -42.60 -14.00 28.69
CA THR S 215 -41.61 -14.67 27.82
C THR S 215 -41.65 -16.20 27.98
N SER S 216 -42.37 -16.74 28.97
CA SER S 216 -42.44 -18.21 29.21
C SER S 216 -43.51 -18.81 28.30
N THR S 217 -43.31 -20.07 27.89
CA THR S 217 -44.30 -20.90 27.14
C THR S 217 -44.20 -22.35 27.62
N THR S 218 -45.32 -23.01 27.85
CA THR S 218 -45.39 -24.45 28.18
C THR S 218 -45.90 -25.22 26.97
N ILE S 219 -45.09 -26.14 26.45
CA ILE S 219 -45.47 -27.03 25.32
C ILE S 219 -46.42 -28.10 25.87
N LEU S 220 -47.50 -28.40 25.15
CA LEU S 220 -48.56 -29.34 25.60
C LEU S 220 -48.52 -30.64 24.77
N LEU S 221 -47.64 -30.73 23.79
CA LEU S 221 -47.48 -31.95 22.95
C LEU S 221 -46.91 -33.07 23.83
N ASP S 222 -47.35 -34.31 23.61
CA ASP S 222 -46.91 -35.50 24.40
C ASP S 222 -45.66 -36.10 23.77
N GLU S 223 -45.23 -37.26 24.29
CA GLU S 223 -44.08 -38.08 23.80
C GLU S 223 -44.17 -38.24 22.27
N ASN S 224 -45.38 -38.29 21.69
CA ASN S 224 -45.62 -38.56 20.24
C ASN S 224 -46.07 -37.28 19.50
N GLY S 225 -45.78 -36.09 20.02
CA GLY S 225 -46.04 -34.81 19.32
C GLY S 225 -47.53 -34.52 19.15
N VAL S 226 -48.39 -35.14 19.96
CA VAL S 226 -49.86 -34.91 19.96
C VAL S 226 -50.24 -34.11 21.21
N GLY S 227 -50.97 -33.01 21.02
CA GLY S 227 -51.52 -32.18 22.11
C GLY S 227 -52.91 -32.65 22.54
N PRO S 228 -53.49 -32.05 23.59
CA PRO S 228 -54.89 -32.30 23.93
C PRO S 228 -55.79 -32.02 22.72
N LEU S 229 -56.65 -32.99 22.39
CA LEU S 229 -57.66 -32.87 21.31
C LEU S 229 -59.00 -32.50 21.92
N CYS S 230 -59.51 -31.32 21.55
CA CYS S 230 -60.71 -30.68 22.17
C CYS S 230 -61.98 -31.35 21.64
N LYS S 231 -62.52 -32.30 22.42
CA LYS S 231 -63.81 -32.99 22.14
C LYS S 231 -64.95 -31.98 22.22
N GLY S 232 -65.98 -32.18 21.38
CA GLY S 232 -67.15 -31.27 21.27
C GLY S 232 -66.74 -29.83 21.08
N ASP S 233 -65.60 -29.56 20.44
CA ASP S 233 -65.10 -28.20 20.14
C ASP S 233 -65.05 -27.38 21.43
N GLY S 234 -64.58 -28.01 22.51
CA GLY S 234 -64.42 -27.39 23.85
C GLY S 234 -63.01 -27.55 24.39
N LEU S 235 -62.42 -26.44 24.84
CA LEU S 235 -61.10 -26.39 25.53
C LEU S 235 -61.36 -26.26 27.04
N TYR S 236 -60.79 -27.15 27.84
CA TYR S 236 -61.06 -27.30 29.30
C TYR S 236 -59.87 -26.74 30.09
N LEU S 237 -60.04 -25.58 30.71
CA LEU S 237 -59.05 -24.94 31.60
C LEU S 237 -59.40 -25.22 33.07
N SER S 238 -58.39 -25.47 33.89
CA SER S 238 -58.50 -25.66 35.36
C SER S 238 -57.36 -24.93 36.06
N SER S 239 -57.61 -24.46 37.28
CA SER S 239 -56.72 -23.58 38.07
C SER S 239 -56.93 -23.87 39.56
N ALA S 240 -55.87 -23.76 40.34
CA ALA S 240 -55.92 -23.76 41.82
C ALA S 240 -54.72 -22.94 42.31
N ASP S 241 -54.93 -21.67 42.61
CA ASP S 241 -53.83 -20.75 43.02
C ASP S 241 -54.16 -20.11 44.36
N VAL S 242 -53.89 -20.87 45.42
CA VAL S 242 -54.02 -20.43 46.84
C VAL S 242 -52.63 -19.98 47.28
N ALA S 243 -52.36 -18.67 47.26
CA ALA S 243 -51.02 -18.06 47.47
C ALA S 243 -50.57 -18.29 48.92
N GLY S 244 -51.52 -18.48 49.83
CA GLY S 244 -51.30 -18.66 51.27
C GLY S 244 -52.46 -18.13 52.08
N THR S 245 -52.19 -17.64 53.29
CA THR S 245 -53.22 -17.10 54.21
C THR S 245 -52.90 -15.64 54.53
N PHE S 246 -53.95 -14.84 54.67
CA PHE S 246 -53.91 -13.51 55.33
C PHE S 246 -54.10 -13.71 56.83
N VAL S 247 -53.19 -13.18 57.65
CA VAL S 247 -53.25 -13.21 59.15
C VAL S 247 -53.66 -11.82 59.61
N GLN S 248 -54.84 -11.69 60.22
CA GLN S 248 -55.41 -10.37 60.61
C GLN S 248 -54.94 -9.98 62.02
N GLN S 249 -54.54 -8.72 62.20
CA GLN S 249 -54.18 -8.15 63.52
C GLN S 249 -55.37 -8.32 64.46
N THR S 250 -55.09 -8.40 65.77
CA THR S 250 -56.10 -8.36 66.86
C THR S 250 -56.85 -9.71 66.90
N SER S 251 -57.63 -10.05 65.88
CA SER S 251 -58.39 -11.33 65.80
C SER S 251 -57.40 -12.50 65.76
N GLN S 252 -56.27 -12.31 65.07
CA GLN S 252 -55.24 -13.34 64.79
C GLN S 252 -55.91 -14.52 64.07
N LYS S 253 -56.96 -14.25 63.31
CA LYS S 253 -57.65 -15.23 62.44
C LYS S 253 -56.95 -15.27 61.09
N GLN S 254 -57.02 -16.42 60.42
CA GLN S 254 -56.40 -16.66 59.10
C GLN S 254 -57.50 -16.81 58.04
N TYR S 255 -57.25 -16.26 56.86
CA TYR S 255 -58.14 -16.34 55.67
C TYR S 255 -57.29 -16.82 54.48
N TRP S 256 -57.75 -17.86 53.77
CA TRP S 256 -57.17 -18.29 52.49
C TRP S 256 -57.21 -17.12 51.51
N ARG S 257 -56.11 -16.88 50.80
CA ARG S 257 -56.00 -15.85 49.74
C ARG S 257 -55.72 -16.54 48.40
N GLY S 258 -56.60 -16.33 47.42
CA GLY S 258 -56.48 -16.89 46.07
C GLY S 258 -56.08 -15.84 45.05
N LEU S 259 -55.47 -16.26 43.94
CA LEU S 259 -55.13 -15.36 42.82
C LEU S 259 -55.66 -15.91 41.51
N PRO S 260 -55.97 -15.03 40.54
CA PRO S 260 -56.47 -15.46 39.25
C PRO S 260 -55.30 -15.94 38.38
N ARG S 261 -55.59 -16.86 37.44
CA ARG S 261 -54.61 -17.37 36.46
C ARG S 261 -55.06 -16.98 35.05
N TYR S 262 -54.14 -16.40 34.28
CA TYR S 262 -54.32 -16.05 32.85
C TYR S 262 -53.85 -17.23 31.99
N PHE S 263 -54.62 -17.53 30.95
CA PHE S 263 -54.24 -18.52 29.91
C PHE S 263 -54.20 -17.90 28.54
N ASN S 264 -53.24 -18.33 27.72
CA ASN S 264 -53.17 -18.00 26.28
C ASN S 264 -52.80 -19.28 25.53
N ILE S 265 -53.80 -20.01 25.03
CA ILE S 265 -53.58 -21.34 24.39
C ILE S 265 -53.50 -21.14 22.88
N THR S 266 -52.48 -21.71 22.25
CA THR S 266 -52.35 -21.83 20.78
C THR S 266 -52.85 -23.20 20.37
N LEU S 267 -53.86 -23.25 19.48
CA LEU S 267 -54.40 -24.53 18.95
C LEU S 267 -54.23 -24.56 17.43
N ARG S 268 -54.24 -25.76 16.87
CA ARG S 268 -54.13 -26.02 15.40
C ARG S 268 -55.10 -27.15 15.05
N LYS S 269 -55.56 -27.19 13.80
CA LYS S 269 -56.50 -28.24 13.32
C LYS S 269 -55.72 -29.55 13.14
N ARG S 270 -56.27 -30.64 13.66
CA ARG S 270 -55.69 -32.01 13.53
C ARG S 270 -56.80 -32.93 13.02
N ALA S 271 -56.47 -33.81 12.07
CA ALA S 271 -57.40 -34.79 11.46
C ALA S 271 -57.42 -36.06 12.29
N VAL S 272 -58.56 -36.75 12.32
CA VAL S 272 -58.80 -37.98 13.14
C VAL S 272 -59.72 -38.94 12.37
N LYS S 273 -59.58 -40.26 12.60
CA LYS S 273 -60.15 -41.33 11.73
C LYS S 273 -61.65 -41.51 12.05
N GLY T 5 -46.64 -4.63 17.84
CA GLY T 5 -48.03 -4.07 17.75
C GLY T 5 -48.78 -4.62 16.53
N GLY T 6 -49.72 -3.83 15.98
CA GLY T 6 -50.43 -4.08 14.70
C GLY T 6 -49.62 -3.68 13.46
N ILE T 7 -48.30 -3.72 13.61
CA ILE T 7 -47.23 -3.33 12.64
C ILE T 7 -46.76 -4.57 11.88
N GLU T 8 -46.76 -4.56 10.54
CA GLU T 8 -46.14 -5.63 9.70
C GLU T 8 -44.62 -5.43 9.71
N VAL T 9 -43.89 -6.39 10.27
CA VAL T 9 -42.40 -6.33 10.49
C VAL T 9 -41.71 -6.88 9.23
N LEU T 10 -40.67 -6.21 8.75
CA LEU T 10 -39.93 -6.61 7.53
C LEU T 10 -38.48 -6.98 7.88
N ASP T 11 -37.54 -6.70 6.97
CA ASP T 11 -36.12 -7.09 7.06
C ASP T 11 -35.43 -6.25 8.16
N VAL T 12 -34.35 -6.79 8.73
CA VAL T 12 -33.46 -6.07 9.68
C VAL T 12 -32.42 -5.30 8.88
N LYS T 13 -32.46 -3.97 8.86
CA LYS T 13 -31.41 -3.14 8.21
C LYS T 13 -30.09 -3.41 8.92
N THR T 14 -29.07 -3.85 8.18
CA THR T 14 -27.67 -3.99 8.64
C THR T 14 -26.82 -2.97 7.88
N GLY T 15 -25.57 -2.77 8.33
CA GLY T 15 -24.66 -1.73 7.79
C GLY T 15 -24.18 -0.82 8.90
N PRO T 16 -23.35 0.21 8.58
CA PRO T 16 -22.90 1.16 9.59
C PRO T 16 -24.05 1.99 10.16
N ASP T 17 -23.93 2.39 11.43
CA ASP T 17 -24.93 3.21 12.17
C ASP T 17 -26.29 2.51 12.16
N SER T 18 -26.33 1.18 12.17
CA SER T 18 -27.60 0.38 12.13
C SER T 18 -27.90 -0.23 13.50
N THR T 19 -26.92 -0.27 14.42
CA THR T 19 -27.11 -0.65 15.84
C THR T 19 -26.71 0.53 16.72
N THR T 20 -27.24 0.55 17.95
CA THR T 20 -26.90 1.54 19.01
C THR T 20 -27.15 0.90 20.37
N THR T 21 -26.48 1.39 21.41
CA THR T 21 -26.71 0.98 22.82
C THR T 21 -27.25 2.19 23.60
N ILE T 22 -28.08 1.91 24.62
CA ILE T 22 -28.65 2.92 25.55
C ILE T 22 -28.30 2.48 26.97
N GLU T 23 -27.57 3.30 27.71
CA GLU T 23 -27.37 3.19 29.17
C GLU T 23 -28.42 4.06 29.87
N ALA T 24 -29.07 3.52 30.90
CA ALA T 24 -30.02 4.25 31.77
C ALA T 24 -30.01 3.59 33.15
N TYR T 25 -30.41 4.33 34.16
CA TYR T 25 -30.71 3.79 35.52
C TYR T 25 -32.07 4.35 35.93
N LEU T 26 -32.87 3.52 36.62
CA LEU T 26 -34.09 3.96 37.33
C LEU T 26 -33.80 3.90 38.83
N ASN T 27 -33.90 5.04 39.52
CA ASN T 27 -33.85 5.10 41.00
C ASN T 27 -35.20 4.63 41.53
N PRO T 28 -35.21 4.00 42.73
CA PRO T 28 -36.44 3.44 43.28
C PRO T 28 -37.40 4.53 43.74
N ARG T 29 -38.70 4.25 43.69
CA ARG T 29 -39.76 5.18 44.15
C ARG T 29 -40.59 4.46 45.20
N VAL T 30 -40.03 4.34 46.42
CA VAL T 30 -40.64 3.57 47.55
C VAL T 30 -41.48 4.51 48.43
N GLY T 31 -41.75 5.74 47.98
CA GLY T 31 -42.58 6.73 48.69
C GLY T 31 -41.83 8.04 48.94
N GLN T 32 -40.50 7.97 49.05
CA GLN T 32 -39.59 9.14 48.98
C GLN T 32 -38.49 8.78 47.98
N ASN T 33 -37.53 9.69 47.78
CA ASN T 33 -36.61 9.63 46.60
C ASN T 33 -35.24 9.11 47.01
N TRP T 34 -35.01 8.78 48.28
CA TRP T 34 -33.65 8.45 48.77
C TRP T 34 -33.60 7.02 49.32
N GLY T 35 -34.46 6.15 48.79
CA GLY T 35 -34.33 4.68 48.92
C GLY T 35 -35.10 4.12 50.10
N PHE T 36 -35.71 4.97 50.91
CA PHE T 36 -36.56 4.54 52.06
C PHE T 36 -37.91 5.26 52.04
N SER T 37 -38.94 4.49 52.34
CA SER T 37 -40.31 5.00 52.65
C SER T 37 -40.28 5.66 54.04
N THR T 38 -41.35 6.37 54.38
CA THR T 38 -41.68 6.76 55.77
C THR T 38 -42.19 5.50 56.46
N GLU T 39 -42.36 5.53 57.78
CA GLU T 39 -42.75 4.34 58.58
C GLU T 39 -44.01 3.71 57.97
N ILE T 40 -44.01 2.39 57.88
CA ILE T 40 -45.21 1.61 57.43
C ILE T 40 -46.22 1.70 58.56
N THR T 41 -47.46 2.09 58.25
CA THR T 41 -48.58 2.20 59.21
C THR T 41 -49.62 1.13 58.86
N VAL T 42 -50.38 0.71 59.87
CA VAL T 42 -51.43 -0.34 59.72
C VAL T 42 -52.73 0.22 60.30
N ALA T 43 -53.74 0.37 59.44
CA ALA T 43 -55.10 0.80 59.84
C ALA T 43 -55.61 -0.15 60.94
N SER T 44 -56.30 0.39 61.95
CA SER T 44 -57.00 -0.43 62.98
C SER T 44 -58.23 -1.08 62.35
N ASN T 45 -58.49 -2.34 62.70
CA ASN T 45 -59.67 -3.10 62.19
C ASN T 45 -60.90 -2.19 62.31
N GLY T 46 -61.66 -2.04 61.22
CA GLY T 46 -62.93 -1.29 61.19
C GLY T 46 -62.76 0.15 60.75
N TYR T 47 -61.54 0.69 60.77
CA TYR T 47 -61.23 2.08 60.34
C TYR T 47 -60.80 2.05 58.86
N ASN T 48 -60.76 3.21 58.21
CA ASN T 48 -60.30 3.35 56.81
C ASN T 48 -58.86 2.86 56.70
N ASP T 49 -58.58 2.11 55.63
CA ASP T 49 -57.21 1.78 55.18
C ASP T 49 -56.68 2.94 54.33
N ALA T 50 -56.00 3.90 54.95
CA ALA T 50 -55.58 5.17 54.31
C ALA T 50 -54.10 5.40 54.58
N PRO T 51 -53.21 4.68 53.86
CA PRO T 51 -51.77 4.83 54.06
C PRO T 51 -51.28 6.19 53.55
N HIS T 52 -50.18 6.66 54.15
CA HIS T 52 -49.49 7.92 53.77
C HIS T 52 -48.93 7.78 52.36
N LEU T 53 -48.93 8.86 51.57
CA LEU T 53 -48.31 8.89 50.23
C LEU T 53 -46.90 8.28 50.31
N THR T 54 -46.14 8.68 51.34
CA THR T 54 -44.67 8.43 51.42
C THR T 54 -44.37 7.03 52.00
N GLU T 55 -45.37 6.16 52.14
CA GLU T 55 -45.17 4.79 52.69
C GLU T 55 -45.56 3.73 51.66
N ILE T 56 -45.88 4.17 50.43
CA ILE T 56 -46.43 3.30 49.36
C ILE T 56 -45.44 3.25 48.21
N PRO T 57 -44.74 2.10 48.01
CA PRO T 57 -43.83 1.93 46.88
C PRO T 57 -44.59 1.85 45.54
N CYS T 58 -44.00 2.48 44.53
CA CYS T 58 -44.52 2.61 43.16
C CYS T 58 -43.50 2.09 42.14
N TYR T 59 -44.00 1.70 40.96
CA TYR T 59 -43.18 1.39 39.76
C TYR T 59 -42.38 2.64 39.42
N SER T 60 -41.06 2.49 39.29
CA SER T 60 -40.16 3.43 38.57
C SER T 60 -40.36 3.22 37.07
N SER T 61 -40.28 4.29 36.28
CA SER T 61 -40.58 4.29 34.83
C SER T 61 -39.90 5.49 34.18
N ALA T 62 -39.35 5.31 32.99
CA ALA T 62 -38.77 6.39 32.16
C ALA T 62 -38.97 6.06 30.68
N ARG T 63 -39.05 7.09 29.85
CA ARG T 63 -39.02 6.98 28.37
C ARG T 63 -37.69 7.60 27.91
N ILE T 64 -36.80 6.78 27.37
CA ILE T 64 -35.50 7.26 26.80
C ILE T 64 -35.76 7.64 25.34
N SER T 65 -35.32 8.83 24.93
CA SER T 65 -35.37 9.32 23.52
C SER T 65 -34.28 8.63 22.71
N LEU T 66 -34.65 8.00 21.60
CA LEU T 66 -33.73 7.30 20.67
C LEU T 66 -33.42 8.22 19.50
N PRO T 67 -32.29 8.06 18.78
CA PRO T 67 -32.02 8.83 17.56
C PRO T 67 -33.20 8.78 16.58
N LEU T 68 -33.57 9.94 16.01
CA LEU T 68 -34.71 10.03 15.04
C LEU T 68 -34.33 9.23 13.80
N LEU T 69 -35.27 8.51 13.19
CA LEU T 69 -34.96 7.56 12.08
C LEU T 69 -35.45 8.08 10.73
N ASN T 70 -36.69 8.54 10.61
CA ASN T 70 -37.33 8.81 9.30
C ASN T 70 -37.26 10.32 9.08
N THR T 77 -41.07 2.18 2.99
CA THR T 77 -40.91 1.40 4.27
C THR T 77 -40.26 2.32 5.32
N LEU T 78 -40.88 2.42 6.50
CA LEU T 78 -40.39 3.18 7.67
C LEU T 78 -39.44 2.29 8.48
N LEU T 79 -38.54 2.91 9.26
CA LEU T 79 -37.62 2.24 10.20
C LEU T 79 -38.02 2.52 11.65
N MET T 80 -37.99 1.49 12.49
CA MET T 80 -38.14 1.61 13.97
C MET T 80 -36.94 0.96 14.64
N TRP T 81 -36.48 1.53 15.76
CA TRP T 81 -35.49 0.87 16.65
C TRP T 81 -36.14 -0.38 17.25
N GLU T 82 -35.39 -1.49 17.25
CA GLU T 82 -35.81 -2.78 17.81
C GLU T 82 -34.87 -3.14 18.94
N ALA T 83 -35.39 -3.29 20.16
CA ALA T 83 -34.61 -3.70 21.35
C ALA T 83 -34.32 -5.20 21.24
N VAL T 84 -33.05 -5.57 21.21
CA VAL T 84 -32.61 -6.97 20.93
C VAL T 84 -32.27 -7.67 22.24
N SER T 85 -31.50 -7.00 23.10
CA SER T 85 -30.96 -7.57 24.35
C SER T 85 -30.84 -6.46 25.40
N VAL T 86 -30.81 -6.83 26.68
CA VAL T 86 -30.56 -5.90 27.81
C VAL T 86 -29.65 -6.60 28.83
N LYS T 87 -28.55 -5.94 29.20
CA LYS T 87 -27.77 -6.23 30.42
C LYS T 87 -28.41 -5.37 31.52
N THR T 88 -28.93 -5.97 32.59
CA THR T 88 -29.53 -5.22 33.73
C THR T 88 -28.93 -5.71 35.05
N GLU T 89 -28.82 -4.81 36.02
CA GLU T 89 -28.25 -5.10 37.36
C GLU T 89 -28.97 -4.29 38.43
N VAL T 90 -29.21 -4.91 39.59
CA VAL T 90 -29.69 -4.20 40.81
C VAL T 90 -28.46 -3.60 41.49
N VAL T 91 -28.39 -2.28 41.53
CA VAL T 91 -27.20 -1.52 42.01
C VAL T 91 -27.30 -1.37 43.53
N GLY T 92 -26.16 -1.44 44.22
CA GLY T 92 -26.04 -1.17 45.66
C GLY T 92 -26.57 -2.30 46.52
N ILE T 93 -26.55 -3.54 46.02
CA ILE T 93 -26.88 -4.75 46.82
C ILE T 93 -25.94 -4.78 48.03
N SER T 94 -24.65 -4.52 47.82
CA SER T 94 -23.59 -4.58 48.86
C SER T 94 -23.92 -3.60 50.00
N SER T 95 -24.75 -2.59 49.74
CA SER T 95 -25.15 -1.55 50.73
C SER T 95 -25.82 -2.19 51.95
N MET T 96 -26.37 -3.39 51.78
CA MET T 96 -27.16 -4.11 52.82
C MET T 96 -26.24 -4.80 53.83
N LEU T 97 -24.94 -4.99 53.55
CA LEU T 97 -23.99 -5.58 54.52
C LEU T 97 -23.60 -4.49 55.54
N ASN T 98 -24.58 -4.07 56.35
CA ASN T 98 -24.48 -2.93 57.29
C ASN T 98 -25.25 -3.30 58.57
N MET T 99 -24.53 -3.56 59.66
CA MET T 99 -25.15 -3.98 60.95
C MET T 99 -24.94 -2.92 62.04
N HIS T 100 -24.62 -1.68 61.65
CA HIS T 100 -24.30 -0.57 62.60
C HIS T 100 -25.29 0.60 62.47
N SER T 101 -26.02 0.72 61.37
CA SER T 101 -26.87 1.91 61.05
C SER T 101 -28.28 1.74 61.62
N TYR T 102 -28.38 1.65 62.95
CA TYR T 102 -29.60 1.89 63.75
C TYR T 102 -30.60 0.73 63.66
N GLY T 103 -30.18 -0.42 63.11
CA GLY T 103 -31.07 -1.58 62.94
C GLY T 103 -31.44 -2.19 64.29
N LEU T 104 -32.66 -2.72 64.42
CA LEU T 104 -33.09 -3.53 65.59
C LEU T 104 -31.98 -4.54 65.89
N ARG T 105 -31.56 -4.64 67.14
CA ARG T 105 -30.31 -5.36 67.52
C ARG T 105 -30.66 -6.81 67.88
N ALA T 106 -29.83 -7.75 67.40
CA ALA T 106 -30.01 -9.21 67.57
C ALA T 106 -29.47 -9.64 68.94
N PHE T 107 -29.81 -10.85 69.35
CA PHE T 107 -29.28 -11.52 70.57
C PHE T 107 -29.49 -10.59 71.77
N GLY T 108 -30.76 -10.24 72.01
CA GLY T 108 -31.25 -9.48 73.17
C GLY T 108 -30.68 -8.06 73.24
N GLY T 109 -30.27 -7.50 72.10
CA GLY T 109 -29.80 -6.09 72.00
C GLY T 109 -28.28 -5.96 72.08
N TYR T 110 -27.55 -7.06 72.28
CA TYR T 110 -26.07 -7.04 72.45
C TYR T 110 -25.36 -7.25 71.11
N GLY T 111 -26.07 -7.81 70.12
CA GLY T 111 -25.53 -8.09 68.78
C GLY T 111 -25.65 -6.88 67.86
N GLY T 112 -25.48 -7.09 66.55
CA GLY T 112 -25.56 -6.05 65.52
C GLY T 112 -26.98 -5.78 65.07
N GLY T 113 -27.18 -4.70 64.32
CA GLY T 113 -28.48 -4.32 63.73
C GLY T 113 -28.92 -5.29 62.66
N TYR T 114 -30.24 -5.50 62.54
CA TYR T 114 -30.87 -6.29 61.46
C TYR T 114 -30.54 -5.66 60.10
N THR T 115 -30.01 -6.46 59.18
CA THR T 115 -29.92 -6.09 57.74
C THR T 115 -31.33 -6.09 57.17
N ILE T 116 -31.51 -5.38 56.06
CA ILE T 116 -32.80 -5.35 55.29
C ILE T 116 -33.31 -6.79 55.19
N GLU T 117 -34.57 -7.02 55.55
CA GLU T 117 -35.24 -8.33 55.49
C GLU T 117 -36.75 -8.14 55.29
N GLY T 118 -37.45 -9.24 55.06
CA GLY T 118 -38.91 -9.28 54.88
C GLY T 118 -39.30 -9.41 53.42
N SER T 119 -40.59 -9.24 53.15
CA SER T 119 -41.18 -9.36 51.80
C SER T 119 -40.49 -8.39 50.84
N HIS T 120 -40.24 -8.85 49.61
CA HIS T 120 -39.48 -8.10 48.58
C HIS T 120 -40.00 -8.48 47.20
N ILE T 121 -39.90 -7.55 46.25
CA ILE T 121 -40.23 -7.79 44.82
C ILE T 121 -39.10 -7.19 43.98
N HIS T 122 -38.71 -7.90 42.91
CA HIS T 122 -37.71 -7.42 41.93
C HIS T 122 -38.29 -7.62 40.53
N PHE T 123 -38.34 -6.55 39.75
CA PHE T 123 -39.06 -6.53 38.46
C PHE T 123 -38.46 -5.48 37.52
N PHE T 124 -38.40 -5.82 36.24
CA PHE T 124 -37.97 -4.88 35.16
C PHE T 124 -38.74 -5.25 33.90
N SER T 125 -38.94 -4.24 33.04
CA SER T 125 -39.55 -4.39 31.70
C SER T 125 -38.84 -3.45 30.72
N VAL T 126 -38.69 -3.93 29.48
CA VAL T 126 -38.21 -3.13 28.31
C VAL T 126 -39.30 -3.24 27.25
N GLY T 127 -39.67 -2.12 26.64
CA GLY T 127 -40.80 -2.05 25.69
C GLY T 127 -40.67 -0.89 24.72
N GLY T 128 -41.44 -0.95 23.63
CA GLY T 128 -41.54 0.10 22.61
C GLY T 128 -42.70 1.04 22.87
N GLU T 129 -43.37 0.86 24.01
CA GLU T 129 -44.51 1.68 24.47
C GLU T 129 -44.64 1.50 25.98
N PRO T 130 -45.44 2.34 26.66
CA PRO T 130 -45.73 2.13 28.08
C PRO T 130 -46.20 0.71 28.38
N LEU T 131 -45.74 0.17 29.52
CA LEU T 131 -46.13 -1.16 30.04
C LEU T 131 -47.63 -1.15 30.36
N ASP T 132 -48.38 -2.16 29.90
CA ASP T 132 -49.82 -2.32 30.19
C ASP T 132 -49.98 -2.91 31.60
N LEU T 133 -50.77 -2.26 32.44
CA LEU T 133 -51.04 -2.66 33.84
C LEU T 133 -52.48 -3.20 33.96
N GLN T 134 -52.63 -4.25 34.76
CA GLN T 134 -53.93 -4.81 35.22
C GLN T 134 -54.11 -4.45 36.70
N GLY T 135 -55.31 -3.97 37.06
CA GLY T 135 -55.64 -3.67 38.46
C GLY T 135 -55.91 -4.94 39.25
N LEU T 136 -55.15 -5.15 40.32
CA LEU T 136 -55.46 -6.18 41.34
C LEU T 136 -54.77 -5.78 42.65
N MET T 137 -55.56 -5.74 43.74
CA MET T 137 -55.15 -5.22 45.07
C MET T 137 -55.65 -6.16 46.15
N GLN T 138 -55.03 -6.13 47.34
CA GLN T 138 -55.39 -6.98 48.50
C GLN T 138 -56.68 -6.47 49.15
N ASN T 139 -56.86 -5.15 49.23
CA ASN T 139 -58.05 -4.51 49.85
C ASN T 139 -58.61 -3.46 48.88
N HIS T 140 -59.80 -3.73 48.32
CA HIS T 140 -60.46 -2.89 47.30
C HIS T 140 -60.69 -1.48 47.85
N SER T 141 -60.81 -1.35 49.17
CA SER T 141 -61.22 -0.11 49.87
C SER T 141 -60.01 0.78 50.20
N THR T 142 -58.78 0.32 49.92
CA THR T 142 -57.56 1.12 50.19
C THR T 142 -57.74 2.52 49.58
N GLN T 143 -57.43 3.58 50.34
CA GLN T 143 -57.49 4.98 49.90
C GLN T 143 -56.08 5.45 49.56
N TYR T 144 -55.78 5.61 48.27
CA TYR T 144 -54.48 6.12 47.77
C TYR T 144 -54.54 7.63 47.70
N PRO T 145 -53.68 8.36 48.44
CA PRO T 145 -53.61 9.81 48.31
C PRO T 145 -53.17 10.25 46.92
N SER T 146 -53.74 11.35 46.42
CA SER T 146 -53.27 12.07 45.21
C SER T 146 -51.81 12.46 45.45
N PRO T 147 -50.92 12.43 44.42
CA PRO T 147 -51.28 12.13 43.04
C PRO T 147 -51.16 10.67 42.56
N LEU T 148 -51.10 9.71 43.49
CA LEU T 148 -51.05 8.26 43.14
C LEU T 148 -52.31 7.91 42.37
N VAL T 149 -52.25 6.84 41.57
CA VAL T 149 -53.39 6.36 40.74
C VAL T 149 -53.63 4.89 41.08
N GLY T 150 -54.83 4.56 41.57
CA GLY T 150 -55.25 3.19 41.87
C GLY T 150 -56.34 2.73 40.91
N PRO T 151 -56.68 1.42 40.91
CA PRO T 151 -57.73 0.92 40.03
C PRO T 151 -59.08 1.56 40.39
N LYS T 152 -59.65 2.29 39.44
CA LYS T 152 -61.01 2.89 39.53
C LYS T 152 -61.81 2.40 38.32
N LYS T 153 -63.10 2.13 38.49
CA LYS T 153 -64.05 1.95 37.37
C LYS T 153 -64.20 3.31 36.68
N PRO T 154 -64.86 3.40 35.50
CA PRO T 154 -65.12 4.70 34.87
C PRO T 154 -65.91 5.67 35.77
N ASP T 155 -66.80 5.12 36.62
CA ASP T 155 -67.69 5.92 37.51
C ASP T 155 -66.92 6.44 38.73
N GLY T 156 -65.66 6.04 38.93
CA GLY T 156 -64.79 6.54 40.02
C GLY T 156 -64.71 5.57 41.21
N THR T 157 -65.61 4.59 41.29
CA THR T 157 -65.69 3.59 42.39
C THR T 157 -64.60 2.52 42.21
N THR T 158 -64.42 1.67 43.23
CA THR T 158 -63.54 0.47 43.22
C THR T 158 -64.25 -0.62 44.03
N ASP T 159 -64.77 -1.66 43.37
CA ASP T 159 -65.59 -2.70 44.05
C ASP T 159 -64.70 -3.89 44.45
N ASP T 160 -65.31 -4.91 45.05
CA ASP T 160 -64.64 -6.13 45.58
C ASP T 160 -63.89 -6.86 44.46
N SER T 161 -64.33 -6.72 43.21
CA SER T 161 -63.77 -7.45 42.03
C SER T 161 -62.32 -7.06 41.80
N ALA T 162 -61.88 -5.90 42.30
CA ALA T 162 -60.48 -5.41 42.18
C ALA T 162 -59.52 -6.28 43.00
N GLN T 163 -60.02 -7.23 43.80
CA GLN T 163 -59.20 -8.17 44.60
C GLN T 163 -58.94 -9.45 43.79
N VAL T 164 -59.61 -9.58 42.64
CA VAL T 164 -59.36 -10.66 41.64
C VAL T 164 -59.20 -10.00 40.28
N LEU T 165 -59.39 -10.73 39.18
CA LEU T 165 -59.26 -10.16 37.82
C LEU T 165 -60.62 -9.64 37.36
N ASN T 166 -60.71 -8.32 37.20
CA ASN T 166 -61.81 -7.64 36.45
C ASN T 166 -61.16 -6.80 35.36
N PRO T 167 -61.38 -7.14 34.07
CA PRO T 167 -60.80 -6.38 32.95
C PRO T 167 -61.10 -4.87 32.96
N ILE T 168 -62.11 -4.43 33.71
CA ILE T 168 -62.50 -2.98 33.78
C ILE T 168 -61.32 -2.17 34.34
N TYR T 169 -60.46 -2.77 35.15
CA TYR T 169 -59.34 -2.10 35.86
C TYR T 169 -58.03 -2.26 35.07
N LYS T 170 -57.73 -1.31 34.19
CA LYS T 170 -56.47 -1.29 33.41
C LYS T 170 -55.89 0.13 33.44
N ALA T 171 -54.59 0.23 33.15
CA ALA T 171 -53.85 1.50 33.08
C ALA T 171 -52.56 1.28 32.28
N LYS T 172 -51.96 2.38 31.83
CA LYS T 172 -50.63 2.37 31.16
C LYS T 172 -49.66 3.01 32.14
N LEU T 173 -48.50 2.37 32.36
CA LEU T 173 -47.43 2.87 33.26
C LEU T 173 -46.75 4.06 32.56
N ASP T 174 -47.41 5.22 32.60
CA ASP T 174 -47.04 6.41 31.79
C ASP T 174 -46.39 7.48 32.66
N LYS T 175 -46.26 7.27 33.97
CA LYS T 175 -45.70 8.28 34.91
C LYS T 175 -44.87 7.54 35.98
N ASP T 176 -43.67 8.03 36.25
CA ASP T 176 -42.78 7.55 37.36
C ASP T 176 -43.48 7.81 38.69
N ALA T 177 -43.23 6.97 39.69
CA ALA T 177 -43.54 7.22 41.12
C ALA T 177 -45.04 7.45 41.34
N THR T 178 -45.89 6.92 40.46
CA THR T 178 -47.34 7.26 40.41
C THR T 178 -48.22 6.03 40.62
N TYR T 179 -47.82 4.88 40.06
CA TYR T 179 -48.63 3.63 40.06
C TYR T 179 -48.10 2.72 41.17
N PRO T 180 -48.88 2.51 42.27
CA PRO T 180 -48.43 1.66 43.37
C PRO T 180 -48.26 0.21 42.92
N ILE T 181 -47.18 -0.42 43.37
CA ILE T 181 -46.86 -1.85 43.07
C ILE T 181 -48.00 -2.73 43.57
N GLU T 182 -48.68 -2.31 44.65
CA GLU T 182 -49.57 -3.18 45.45
C GLU T 182 -50.96 -3.30 44.81
N CYS T 183 -51.29 -2.49 43.80
CA CYS T 183 -52.63 -2.50 43.14
C CYS T 183 -52.52 -2.65 41.62
N TRP T 184 -51.31 -2.66 41.06
CA TRP T 184 -51.06 -2.85 39.60
C TRP T 184 -50.02 -3.95 39.37
N CYS T 185 -50.33 -4.91 38.51
CA CYS T 185 -49.34 -5.90 37.99
C CYS T 185 -49.27 -5.78 36.47
N PRO T 186 -48.19 -6.27 35.83
CA PRO T 186 -48.14 -6.35 34.37
C PRO T 186 -49.34 -7.16 33.86
N ASP T 187 -50.01 -6.61 32.84
CA ASP T 187 -51.21 -7.19 32.19
C ASP T 187 -50.77 -8.24 31.15
N PRO T 188 -50.97 -9.55 31.42
CA PRO T 188 -50.49 -10.59 30.51
C PRO T 188 -51.35 -10.73 29.26
N SER T 189 -52.52 -10.07 29.24
CA SER T 189 -53.48 -10.07 28.10
C SER T 189 -53.05 -9.04 27.06
N ARG T 190 -52.03 -8.23 27.37
CA ARG T 190 -51.49 -7.18 26.47
C ARG T 190 -49.96 -7.25 26.49
N ASN T 191 -49.28 -6.10 26.47
CA ASN T 191 -47.80 -6.04 26.51
C ASN T 191 -47.18 -6.88 25.37
N GLU T 192 -47.82 -6.93 24.20
CA GLU T 192 -47.26 -7.63 23.00
C GLU T 192 -45.89 -6.99 22.65
N ASN T 193 -45.74 -5.67 22.87
CA ASN T 193 -44.56 -4.88 22.45
C ASN T 193 -43.69 -4.51 23.66
N SER T 194 -43.82 -5.27 24.76
CA SER T 194 -42.97 -5.15 25.98
C SER T 194 -42.53 -6.55 26.41
N ARG T 195 -41.35 -6.66 27.00
CA ARG T 195 -40.89 -7.90 27.70
C ARG T 195 -40.72 -7.57 29.17
N TYR T 196 -41.41 -8.29 30.06
CA TYR T 196 -41.34 -8.03 31.53
C TYR T 196 -40.95 -9.31 32.28
N PHE T 197 -40.28 -9.12 33.41
CA PHE T 197 -39.67 -10.17 34.26
C PHE T 197 -39.78 -9.74 35.73
N GLY T 198 -40.40 -10.55 36.57
CA GLY T 198 -40.64 -10.21 37.99
C GLY T 198 -40.65 -11.42 38.88
N SER T 199 -40.16 -11.25 40.11
CA SER T 199 -40.17 -12.29 41.17
C SER T 199 -40.48 -11.63 42.53
N TYR T 200 -41.52 -12.12 43.20
CA TYR T 200 -41.94 -11.68 44.56
C TYR T 200 -41.66 -12.81 45.56
N THR T 201 -41.19 -12.44 46.74
CA THR T 201 -41.03 -13.35 47.91
C THR T 201 -41.70 -12.69 49.12
N GLY T 202 -42.58 -13.42 49.81
CA GLY T 202 -43.28 -12.95 51.02
C GLY T 202 -42.48 -13.21 52.29
N GLY T 203 -43.16 -13.24 53.43
CA GLY T 203 -42.59 -13.57 54.74
C GLY T 203 -42.31 -12.33 55.57
N VAL T 204 -42.06 -12.53 56.87
CA VAL T 204 -41.90 -11.43 57.87
C VAL T 204 -40.42 -11.04 57.95
N GLU T 205 -39.52 -12.02 58.04
CA GLU T 205 -38.07 -11.82 58.27
C GLU T 205 -37.26 -12.47 57.14
N THR T 206 -37.88 -12.73 55.99
CA THR T 206 -37.28 -13.45 54.84
C THR T 206 -36.00 -12.73 54.39
N PRO T 207 -34.87 -13.45 54.26
CA PRO T 207 -33.62 -12.84 53.82
C PRO T 207 -33.67 -12.58 52.32
N PRO T 208 -33.31 -11.37 51.86
CA PRO T 208 -33.11 -11.12 50.44
C PRO T 208 -31.90 -11.91 49.94
N VAL T 209 -32.03 -12.48 48.74
CA VAL T 209 -30.92 -13.16 47.99
C VAL T 209 -30.85 -12.47 46.64
N LEU T 210 -29.78 -11.70 46.41
CA LEU T 210 -29.56 -10.96 45.14
C LEU T 210 -28.14 -11.24 44.64
N SER T 211 -28.01 -11.48 43.33
CA SER T 211 -26.71 -11.67 42.63
C SER T 211 -26.46 -10.46 41.72
N PHE T 212 -25.19 -10.22 41.42
CA PHE T 212 -24.75 -9.12 40.52
C PHE T 212 -23.53 -9.59 39.74
N THR T 213 -23.57 -9.41 38.41
CA THR T 213 -22.47 -9.74 37.47
C THR T 213 -22.63 -8.90 36.20
N ASN T 214 -21.51 -8.57 35.56
CA ASN T 214 -21.50 -7.85 34.26
C ASN T 214 -21.37 -8.88 33.12
N THR T 215 -21.68 -10.16 33.37
CA THR T 215 -21.58 -11.26 32.39
C THR T 215 -22.96 -11.74 31.93
N SER T 216 -24.05 -11.33 32.57
CA SER T 216 -25.43 -11.78 32.23
C SER T 216 -25.96 -10.92 31.08
N THR T 217 -26.81 -11.50 30.22
CA THR T 217 -27.57 -10.79 29.16
C THR T 217 -28.95 -11.43 29.03
N THR T 218 -30.00 -10.62 28.91
CA THR T 218 -31.39 -11.10 28.67
C THR T 218 -31.76 -10.78 27.22
N ILE T 219 -32.06 -11.80 26.43
CA ILE T 219 -32.54 -11.65 25.01
C ILE T 219 -33.99 -11.19 25.05
N LEU T 220 -34.36 -10.22 24.21
CA LEU T 220 -35.70 -9.59 24.21
C LEU T 220 -36.48 -10.00 22.95
N LEU T 221 -35.87 -10.78 22.05
CA LEU T 221 -36.54 -11.28 20.82
C LEU T 221 -37.63 -12.27 21.23
N ASP T 222 -38.76 -12.27 20.52
CA ASP T 222 -39.92 -13.16 20.81
C ASP T 222 -39.75 -14.50 20.05
N GLU T 223 -40.79 -15.35 20.12
CA GLU T 223 -40.89 -16.65 19.41
C GLU T 223 -40.48 -16.49 17.94
N ASN T 224 -40.73 -15.31 17.32
CA ASN T 224 -40.49 -15.05 15.88
C ASN T 224 -39.29 -14.14 15.66
N GLY T 225 -38.35 -14.04 16.61
CA GLY T 225 -37.09 -13.28 16.45
C GLY T 225 -37.30 -11.78 16.32
N VAL T 226 -38.45 -11.27 16.78
CA VAL T 226 -38.76 -9.80 16.79
C VAL T 226 -38.70 -9.29 18.22
N GLY T 227 -37.94 -8.21 18.44
CA GLY T 227 -37.84 -7.52 19.74
C GLY T 227 -38.89 -6.42 19.86
N PRO T 228 -38.99 -5.74 21.03
CA PRO T 228 -39.83 -4.56 21.17
C PRO T 228 -39.45 -3.53 20.10
N LEU T 229 -40.44 -3.02 19.37
CA LEU T 229 -40.30 -1.95 18.36
C LEU T 229 -40.69 -0.61 18.99
N CYS T 230 -39.72 0.30 19.08
CA CYS T 230 -39.83 1.58 19.81
C CYS T 230 -40.66 2.59 19.00
N LYS T 231 -41.95 2.70 19.32
CA LYS T 231 -42.90 3.68 18.72
C LYS T 231 -42.46 5.09 19.12
N GLY T 232 -42.67 6.06 18.22
CA GLY T 232 -42.27 7.47 18.41
C GLY T 232 -40.82 7.61 18.82
N ASP T 233 -39.95 6.69 18.39
CA ASP T 233 -38.48 6.73 18.66
C ASP T 233 -38.26 6.85 20.17
N GLY T 234 -39.05 6.10 20.96
CA GLY T 234 -38.97 6.05 22.43
C GLY T 234 -38.81 4.63 22.95
N LEU T 235 -37.82 4.42 23.82
CA LEU T 235 -37.58 3.14 24.56
C LEU T 235 -38.14 3.31 25.98
N TYR T 236 -39.01 2.39 26.40
CA TYR T 236 -39.77 2.46 27.67
C TYR T 236 -39.19 1.47 28.69
N LEU T 237 -38.48 1.98 29.69
CA LEU T 237 -37.92 1.20 30.82
C LEU T 237 -38.85 1.30 32.04
N SER T 238 -39.02 0.19 32.76
CA SER T 238 -39.80 0.11 34.03
C SER T 238 -39.03 -0.77 35.03
N SER T 239 -39.19 -0.48 36.31
CA SER T 239 -38.41 -1.07 37.43
C SER T 239 -39.30 -1.11 38.68
N ALA T 240 -39.14 -2.14 39.50
CA ALA T 240 -39.70 -2.22 40.87
C ALA T 240 -38.78 -3.09 41.70
N ASP T 241 -37.87 -2.47 42.47
CA ASP T 241 -36.85 -3.22 43.25
C ASP T 241 -36.94 -2.82 44.72
N VAL T 242 -37.89 -3.42 45.42
CA VAL T 242 -38.10 -3.27 46.88
C VAL T 242 -37.40 -4.46 47.55
N ALA T 243 -36.18 -4.25 48.04
CA ALA T 243 -35.26 -5.30 48.55
C ALA T 243 -35.84 -5.93 49.83
N GLY T 244 -36.69 -5.19 50.54
CA GLY T 244 -37.31 -5.60 51.80
C GLY T 244 -37.59 -4.40 52.68
N THR T 245 -37.54 -4.59 54.00
CA THR T 245 -37.80 -3.53 55.00
C THR T 245 -36.55 -3.34 55.87
N PHE T 246 -36.31 -2.10 56.27
CA PHE T 246 -35.41 -1.74 57.40
C PHE T 246 -36.22 -1.76 58.69
N VAL T 247 -35.76 -2.51 59.70
CA VAL T 247 -36.38 -2.59 61.05
C VAL T 247 -35.51 -1.78 62.01
N GLN T 248 -36.05 -0.68 62.55
CA GLN T 248 -35.29 0.28 63.39
C GLN T 248 -35.33 -0.14 64.86
N GLN T 249 -34.18 -0.10 65.53
CA GLN T 249 -34.08 -0.36 66.99
C GLN T 249 -35.01 0.61 67.74
N THR T 250 -35.49 0.22 68.92
CA THR T 250 -36.23 1.09 69.86
C THR T 250 -37.65 1.32 69.34
N SER T 251 -37.83 2.01 68.21
CA SER T 251 -39.16 2.28 67.61
C SER T 251 -39.79 0.94 67.17
N GLN T 252 -38.96 0.02 66.68
CA GLN T 252 -39.37 -1.28 66.08
C GLN T 252 -40.35 -1.01 64.93
N LYS T 253 -40.20 0.15 64.27
CA LYS T 253 -40.95 0.52 63.05
C LYS T 253 -40.21 -0.04 61.83
N GLN T 254 -40.96 -0.31 60.75
CA GLN T 254 -40.43 -0.84 59.49
C GLN T 254 -40.54 0.22 58.40
N TYR T 255 -39.52 0.29 57.54
CA TYR T 255 -39.45 1.19 56.36
C TYR T 255 -39.11 0.36 55.14
N TRP T 256 -39.88 0.49 54.06
CA TRP T 256 -39.54 -0.10 52.74
C TRP T 256 -38.19 0.44 52.29
N ARG T 257 -37.32 -0.44 51.80
CA ARG T 257 -35.99 -0.11 51.22
C ARG T 257 -35.98 -0.48 49.73
N GLY T 258 -35.72 0.50 48.87
CA GLY T 258 -35.64 0.32 47.41
C GLY T 258 -34.21 0.39 46.92
N LEU T 259 -33.94 -0.23 45.77
CA LEU T 259 -32.61 -0.15 45.10
C LEU T 259 -32.78 0.27 43.65
N PRO T 260 -31.77 0.96 43.08
CA PRO T 260 -31.82 1.38 41.69
C PRO T 260 -31.50 0.20 40.76
N ARG T 261 -32.03 0.23 39.54
CA ARG T 261 -31.74 -0.77 38.49
C ARG T 261 -31.02 -0.09 37.32
N TYR T 262 -29.91 -0.68 36.89
CA TYR T 262 -29.14 -0.27 35.69
C TYR T 262 -29.64 -1.04 34.48
N PHE T 263 -29.78 -0.33 33.36
CA PHE T 263 -30.12 -0.95 32.04
C PHE T 263 -29.04 -0.64 31.01
N ASN T 264 -28.75 -1.61 30.15
CA ASN T 264 -27.90 -1.42 28.95
C ASN T 264 -28.57 -2.15 27.79
N ILE T 265 -29.36 -1.44 26.99
CA ILE T 265 -30.17 -2.04 25.90
C ILE T 265 -29.38 -1.91 24.60
N THR T 266 -29.29 -3.01 23.85
CA THR T 266 -28.77 -3.04 22.46
C THR T 266 -29.96 -3.00 21.51
N LEU T 267 -30.03 -2.01 20.63
CA LEU T 267 -31.11 -1.89 19.61
C LEU T 267 -30.50 -1.93 18.21
N ARG T 268 -31.32 -2.28 17.22
CA ARG T 268 -30.94 -2.34 15.79
C ARG T 268 -32.11 -1.81 14.97
N LYS T 269 -31.84 -1.28 13.78
CA LYS T 269 -32.89 -0.74 12.87
C LYS T 269 -33.66 -1.90 12.25
N ARG T 270 -35.00 -1.82 12.28
CA ARG T 270 -35.91 -2.81 11.65
C ARG T 270 -36.89 -2.05 10.76
N ALA T 271 -37.17 -2.59 9.57
CA ALA T 271 -38.10 -2.01 8.58
C ALA T 271 -39.52 -2.52 8.85
N VAL T 272 -40.52 -1.69 8.56
CA VAL T 272 -41.97 -1.98 8.83
C VAL T 272 -42.82 -1.39 7.70
N LYS T 273 -43.98 -2.01 7.40
CA LYS T 273 -44.81 -1.74 6.19
C LYS T 273 -45.62 -0.45 6.41
N ILE U 7 -15.11 -83.66 -93.18
CA ILE U 7 -15.66 -83.33 -94.54
C ILE U 7 -14.48 -83.10 -95.50
N GLU U 8 -14.43 -83.82 -96.64
CA GLU U 8 -13.45 -83.54 -97.74
C GLU U 8 -13.94 -82.31 -98.52
N VAL U 9 -13.20 -81.22 -98.48
CA VAL U 9 -13.58 -79.90 -99.09
C VAL U 9 -13.10 -79.88 -100.53
N LEU U 10 -13.94 -79.40 -101.46
CA LEU U 10 -13.62 -79.37 -102.92
C LEU U 10 -13.56 -77.92 -103.41
N ASP U 11 -13.97 -77.69 -104.66
CA ASP U 11 -13.90 -76.39 -105.37
C ASP U 11 -14.93 -75.43 -104.76
N VAL U 12 -14.67 -74.12 -104.88
CA VAL U 12 -15.61 -73.03 -104.52
C VAL U 12 -16.52 -72.76 -105.71
N LYS U 13 -17.82 -73.08 -105.63
CA LYS U 13 -18.79 -72.75 -106.70
C LYS U 13 -18.85 -71.22 -106.81
N THR U 14 -18.56 -70.69 -108.02
CA THR U 14 -18.76 -69.26 -108.38
C THR U 14 -19.88 -69.19 -109.42
N GLY U 15 -20.37 -67.98 -109.70
CA GLY U 15 -21.53 -67.74 -110.58
C GLY U 15 -22.59 -66.93 -109.85
N PRO U 16 -23.73 -66.63 -110.50
CA PRO U 16 -24.82 -65.90 -109.85
C PRO U 16 -25.43 -66.71 -108.70
N ASP U 17 -25.94 -66.03 -107.67
CA ASP U 17 -26.57 -66.62 -106.47
C ASP U 17 -25.61 -67.61 -105.78
N SER U 18 -24.30 -67.36 -105.83
CA SER U 18 -23.27 -68.26 -105.23
C SER U 18 -22.70 -67.66 -103.94
N THR U 19 -22.94 -66.36 -103.69
CA THR U 19 -22.64 -65.68 -102.41
C THR U 19 -23.92 -65.14 -101.80
N THR U 20 -23.93 -64.92 -100.49
CA THR U 20 -25.04 -64.31 -99.72
C THR U 20 -24.46 -63.66 -98.46
N THR U 21 -25.15 -62.66 -97.91
CA THR U 21 -24.81 -62.03 -96.61
C THR U 21 -25.93 -62.33 -95.60
N ILE U 22 -25.57 -62.40 -94.32
CA ILE U 22 -26.49 -62.58 -93.18
C ILE U 22 -26.22 -61.45 -92.18
N GLU U 23 -27.24 -60.64 -91.90
CA GLU U 23 -27.27 -59.68 -90.77
C GLU U 23 -27.95 -60.35 -89.57
N ALA U 24 -27.37 -60.23 -88.39
CA ALA U 24 -27.94 -60.70 -87.12
C ALA U 24 -27.39 -59.84 -85.97
N TYR U 25 -28.10 -59.81 -84.85
CA TYR U 25 -27.60 -59.22 -83.58
C TYR U 25 -27.88 -60.24 -82.48
N LEU U 26 -26.96 -60.34 -81.52
CA LEU U 26 -27.18 -61.05 -80.24
C LEU U 26 -27.28 -60.03 -79.12
N ASN U 27 -28.41 -60.00 -78.42
CA ASN U 27 -28.59 -59.19 -77.19
C ASN U 27 -27.88 -59.91 -76.06
N PRO U 28 -27.34 -59.15 -75.08
CA PRO U 28 -26.56 -59.74 -73.99
C PRO U 28 -27.46 -60.53 -73.02
N ARG U 29 -26.89 -61.56 -72.39
CA ARG U 29 -27.61 -62.39 -71.38
C ARG U 29 -26.80 -62.35 -70.09
N VAL U 30 -26.89 -61.23 -69.37
CA VAL U 30 -26.08 -60.96 -68.14
C VAL U 30 -26.87 -61.38 -66.89
N GLY U 31 -27.99 -62.12 -67.07
CA GLY U 31 -28.82 -62.64 -65.96
C GLY U 31 -30.27 -62.18 -66.08
N GLN U 32 -30.50 -61.02 -66.69
CA GLN U 32 -31.83 -60.58 -67.15
C GLN U 32 -31.67 -60.13 -68.61
N ASN U 33 -32.74 -59.66 -69.24
CA ASN U 33 -32.81 -59.51 -70.71
C ASN U 33 -32.62 -58.05 -71.14
N TRP U 34 -32.43 -57.11 -70.19
CA TRP U 34 -32.44 -55.67 -70.51
C TRP U 34 -31.10 -55.03 -70.15
N GLY U 35 -30.02 -55.82 -70.21
CA GLY U 35 -28.63 -55.31 -70.26
C GLY U 35 -27.98 -55.19 -68.89
N PHE U 36 -28.74 -55.45 -67.82
CA PHE U 36 -28.22 -55.45 -66.44
C PHE U 36 -28.62 -56.73 -65.70
N SER U 37 -27.68 -57.25 -64.92
CA SER U 37 -27.89 -58.30 -63.90
C SER U 37 -28.65 -57.69 -62.71
N THR U 38 -29.14 -58.54 -61.81
CA THR U 38 -29.53 -58.17 -60.44
C THR U 38 -28.23 -57.95 -59.66
N GLU U 39 -28.32 -57.40 -58.45
CA GLU U 39 -27.15 -57.03 -57.64
C GLU U 39 -26.22 -58.25 -57.51
N ILE U 40 -24.92 -58.02 -57.65
CA ILE U 40 -23.87 -59.06 -57.43
C ILE U 40 -23.81 -59.33 -55.94
N THR U 41 -23.92 -60.58 -55.53
CA THR U 41 -23.85 -61.03 -54.11
C THR U 41 -22.57 -61.83 -53.90
N VAL U 42 -22.07 -61.88 -52.67
CA VAL U 42 -20.85 -62.62 -52.29
C VAL U 42 -21.19 -63.51 -51.09
N ALA U 43 -21.05 -64.83 -51.26
CA ALA U 43 -21.20 -65.83 -50.18
C ALA U 43 -20.26 -65.47 -49.02
N SER U 44 -20.70 -65.64 -47.79
CA SER U 44 -19.85 -65.52 -46.57
C SER U 44 -18.88 -66.72 -46.51
N ASN U 45 -17.62 -66.44 -46.15
CA ASN U 45 -16.58 -67.50 -46.06
C ASN U 45 -17.15 -68.68 -45.28
N GLY U 46 -17.05 -69.89 -45.83
CA GLY U 46 -17.43 -71.16 -45.18
C GLY U 46 -18.86 -71.58 -45.51
N TYR U 47 -19.68 -70.68 -46.05
CA TYR U 47 -21.07 -70.98 -46.49
C TYR U 47 -21.10 -71.36 -47.96
N ASN U 48 -22.21 -71.89 -48.45
CA ASN U 48 -22.38 -72.25 -49.89
C ASN U 48 -22.19 -71.01 -50.75
N ASP U 49 -21.47 -71.17 -51.87
CA ASP U 49 -21.37 -70.21 -52.99
C ASP U 49 -22.57 -70.44 -53.90
N ALA U 50 -23.68 -69.74 -53.67
CA ALA U 50 -24.96 -69.97 -54.37
C ALA U 50 -25.49 -68.66 -54.93
N PRO U 51 -24.93 -68.17 -56.04
CA PRO U 51 -25.39 -66.92 -56.65
C PRO U 51 -26.79 -67.08 -57.25
N HIS U 52 -27.52 -65.97 -57.31
CA HIS U 52 -28.87 -65.86 -57.92
C HIS U 52 -28.76 -66.11 -59.42
N LEU U 53 -29.76 -66.78 -60.02
CA LEU U 53 -29.81 -66.98 -61.49
C LEU U 53 -29.52 -65.65 -62.20
N THR U 54 -30.14 -64.56 -61.72
CA THR U 54 -30.22 -63.27 -62.44
C THR U 54 -28.96 -62.41 -62.20
N GLU U 55 -27.90 -62.96 -61.59
CA GLU U 55 -26.65 -62.22 -61.30
C GLU U 55 -25.47 -62.86 -62.03
N ILE U 56 -25.74 -63.85 -62.87
CA ILE U 56 -24.71 -64.70 -63.55
C ILE U 56 -24.79 -64.48 -65.05
N PRO U 57 -23.81 -63.77 -65.65
CA PRO U 57 -23.76 -63.58 -67.09
C PRO U 57 -23.43 -64.88 -67.83
N CYS U 58 -24.11 -65.06 -68.96
CA CYS U 58 -24.02 -66.25 -69.85
C CYS U 58 -23.65 -65.84 -71.28
N TYR U 59 -23.10 -66.79 -72.03
CA TYR U 59 -22.89 -66.69 -73.49
C TYR U 59 -24.26 -66.48 -74.15
N SER U 60 -24.38 -65.43 -74.96
CA SER U 60 -25.44 -65.29 -75.99
C SER U 60 -25.09 -66.20 -77.17
N SER U 61 -26.10 -66.79 -77.81
CA SER U 61 -25.93 -67.79 -78.89
C SER U 61 -27.22 -67.83 -79.73
N ALA U 62 -27.08 -67.97 -81.05
CA ALA U 62 -28.21 -68.14 -81.99
C ALA U 62 -27.74 -68.98 -83.18
N ARG U 63 -28.68 -69.72 -83.77
CA ARG U 63 -28.48 -70.45 -85.05
C ARG U 63 -29.32 -69.75 -86.11
N ILE U 64 -28.69 -69.12 -87.09
CA ILE U 64 -29.38 -68.45 -88.24
C ILE U 64 -29.59 -69.53 -89.32
N SER U 65 -30.81 -69.63 -89.83
CA SER U 65 -31.19 -70.52 -90.97
C SER U 65 -30.69 -69.90 -92.28
N LEU U 66 -29.91 -70.66 -93.05
CA LEU U 66 -29.36 -70.25 -94.37
C LEU U 66 -30.25 -70.83 -95.48
N PRO U 67 -30.27 -70.22 -96.69
CA PRO U 67 -30.99 -70.82 -97.83
C PRO U 67 -30.63 -72.30 -98.04
N LEU U 68 -31.62 -73.14 -98.29
CA LEU U 68 -31.42 -74.60 -98.51
C LEU U 68 -30.62 -74.80 -99.80
N LEU U 69 -29.67 -75.74 -99.83
CA LEU U 69 -28.75 -75.85 -100.99
C LEU U 69 -28.98 -77.15 -101.75
N ASN U 70 -29.11 -78.33 -101.18
CA ASN U 70 -28.97 -79.55 -102.06
C ASN U 70 -30.39 -80.11 -102.26
N THR U 77 -21.50 -84.36 -105.80
CA THR U 77 -20.94 -83.41 -104.81
C THR U 77 -22.09 -82.62 -104.18
N LEU U 78 -22.16 -82.58 -102.84
CA LEU U 78 -23.09 -81.73 -102.06
C LEU U 78 -22.47 -80.33 -101.89
N LEU U 79 -23.34 -79.33 -101.66
CA LEU U 79 -22.90 -77.91 -101.42
C LEU U 79 -23.19 -77.52 -99.96
N MET U 80 -22.26 -76.83 -99.33
CA MET U 80 -22.44 -76.20 -98.00
C MET U 80 -22.09 -74.71 -98.10
N TRP U 81 -22.82 -73.88 -97.37
CA TRP U 81 -22.44 -72.46 -97.17
C TRP U 81 -21.13 -72.40 -96.39
N GLU U 82 -20.21 -71.56 -96.85
CA GLU U 82 -18.88 -71.34 -96.23
C GLU U 82 -18.82 -69.87 -95.79
N ALA U 83 -18.65 -69.64 -94.49
CA ALA U 83 -18.50 -68.28 -93.91
C ALA U 83 -17.08 -67.79 -94.24
N VAL U 84 -16.98 -66.67 -94.97
CA VAL U 84 -15.68 -66.16 -95.52
C VAL U 84 -15.17 -65.04 -94.62
N SER U 85 -16.04 -64.10 -94.28
CA SER U 85 -15.69 -62.87 -93.53
C SER U 85 -16.87 -62.46 -92.65
N VAL U 86 -16.59 -61.67 -91.60
CA VAL U 86 -17.64 -61.07 -90.73
C VAL U 86 -17.22 -59.64 -90.38
N LYS U 87 -18.11 -58.68 -90.62
CA LYS U 87 -18.08 -57.33 -90.01
C LYS U 87 -18.86 -57.46 -88.70
N THR U 88 -18.26 -57.19 -87.55
CA THR U 88 -18.94 -57.24 -86.23
C THR U 88 -18.68 -55.95 -85.46
N GLU U 89 -19.65 -55.53 -84.64
CA GLU U 89 -19.56 -54.30 -83.82
C GLU U 89 -20.29 -54.50 -82.49
N VAL U 90 -19.71 -53.96 -81.41
CA VAL U 90 -20.39 -53.87 -80.08
C VAL U 90 -21.27 -52.62 -80.13
N VAL U 91 -22.58 -52.82 -80.06
CA VAL U 91 -23.60 -51.75 -80.25
C VAL U 91 -23.83 -51.06 -78.90
N GLY U 92 -24.05 -49.75 -78.93
CA GLY U 92 -24.45 -48.96 -77.75
C GLY U 92 -23.28 -48.70 -76.80
N ILE U 93 -22.05 -48.68 -77.32
CA ILE U 93 -20.85 -48.27 -76.53
C ILE U 93 -21.10 -46.85 -75.99
N SER U 94 -21.61 -45.95 -76.85
CA SER U 94 -21.85 -44.52 -76.51
C SER U 94 -22.81 -44.41 -75.32
N SER U 95 -23.60 -45.45 -75.05
CA SER U 95 -24.61 -45.48 -73.95
C SER U 95 -23.92 -45.26 -72.59
N MET U 96 -22.62 -45.55 -72.51
CA MET U 96 -21.84 -45.51 -71.25
C MET U 96 -21.40 -44.08 -70.91
N LEU U 97 -21.46 -43.13 -71.85
CA LEU U 97 -21.12 -41.70 -71.55
C LEU U 97 -22.34 -41.07 -70.85
N ASN U 98 -22.60 -41.52 -69.63
CA ASN U 98 -23.80 -41.18 -68.82
C ASN U 98 -23.38 -41.06 -67.35
N MET U 99 -23.36 -39.84 -66.82
CA MET U 99 -22.91 -39.58 -65.42
C MET U 99 -24.08 -39.04 -64.57
N HIS U 100 -25.32 -39.25 -65.00
CA HIS U 100 -26.54 -38.72 -64.33
C HIS U 100 -27.49 -39.83 -63.87
N SER U 101 -27.38 -41.05 -64.41
CA SER U 101 -28.34 -42.16 -64.18
C SER U 101 -27.90 -42.99 -62.97
N TYR U 102 -27.92 -42.37 -61.78
CA TYR U 102 -27.95 -43.01 -60.44
C TYR U 102 -26.60 -43.61 -60.05
N GLY U 103 -25.52 -43.31 -60.79
CA GLY U 103 -24.19 -43.88 -60.49
C GLY U 103 -23.63 -43.34 -59.18
N LEU U 104 -22.87 -44.16 -58.45
CA LEU U 104 -22.09 -43.72 -57.26
C LEU U 104 -21.35 -42.44 -57.64
N ARG U 105 -21.45 -41.40 -56.81
CA ARG U 105 -21.02 -40.04 -57.18
C ARG U 105 -19.56 -39.82 -56.76
N ALA U 106 -18.78 -39.20 -57.65
CA ALA U 106 -17.33 -38.93 -57.47
C ALA U 106 -17.15 -37.68 -56.61
N PHE U 107 -15.91 -37.48 -56.14
CA PHE U 107 -15.46 -36.27 -55.41
C PHE U 107 -16.42 -36.00 -54.24
N GLY U 108 -16.52 -37.01 -53.36
CA GLY U 108 -17.25 -36.94 -52.08
C GLY U 108 -18.76 -36.76 -52.25
N GLY U 109 -19.31 -37.13 -53.41
CA GLY U 109 -20.76 -37.10 -53.67
C GLY U 109 -21.22 -35.85 -54.40
N TYR U 110 -20.32 -34.90 -54.68
CA TYR U 110 -20.67 -33.60 -55.32
C TYR U 110 -20.49 -33.68 -56.84
N GLY U 111 -19.72 -34.66 -57.33
CA GLY U 111 -19.46 -34.86 -58.77
C GLY U 111 -20.54 -35.70 -59.42
N GLY U 112 -20.27 -36.21 -60.63
CA GLY U 112 -21.19 -37.02 -61.43
C GLY U 112 -21.11 -38.49 -61.04
N GLY U 113 -22.07 -39.29 -61.52
CA GLY U 113 -22.12 -40.75 -61.32
C GLY U 113 -20.99 -41.47 -62.03
N TYR U 114 -20.51 -42.57 -61.45
CA TYR U 114 -19.52 -43.49 -62.06
C TYR U 114 -20.11 -44.07 -63.36
N THR U 115 -19.37 -43.95 -64.46
CA THR U 115 -19.65 -44.70 -65.71
C THR U 115 -19.31 -46.17 -65.44
N ILE U 116 -19.88 -47.06 -66.26
CA ILE U 116 -19.58 -48.52 -66.22
C ILE U 116 -18.07 -48.68 -66.11
N GLU U 117 -17.61 -49.49 -65.16
CA GLU U 117 -16.17 -49.78 -64.92
C GLU U 117 -16.03 -51.17 -64.29
N GLY U 118 -14.79 -51.63 -64.17
CA GLY U 118 -14.44 -52.93 -63.56
C GLY U 118 -14.14 -53.99 -64.58
N SER U 119 -14.01 -55.24 -64.12
CA SER U 119 -13.67 -56.41 -64.96
C SER U 119 -14.69 -56.55 -66.08
N HIS U 120 -14.21 -56.88 -67.28
CA HIS U 120 -15.03 -56.96 -68.52
C HIS U 120 -14.47 -58.03 -69.44
N ILE U 121 -15.33 -58.65 -70.25
CA ILE U 121 -14.93 -59.63 -71.30
C ILE U 121 -15.68 -59.26 -72.57
N HIS U 122 -15.01 -59.36 -73.72
CA HIS U 122 -15.61 -59.15 -75.06
C HIS U 122 -15.20 -60.31 -75.95
N PHE U 123 -16.19 -60.99 -76.54
CA PHE U 123 -15.97 -62.26 -77.24
C PHE U 123 -17.04 -62.50 -78.29
N PHE U 124 -16.64 -63.06 -79.43
CA PHE U 124 -17.58 -63.47 -80.51
C PHE U 124 -16.98 -64.69 -81.20
N SER U 125 -17.86 -65.52 -81.75
CA SER U 125 -17.50 -66.70 -82.57
C SER U 125 -18.48 -66.84 -83.73
N VAL U 126 -17.97 -67.26 -84.88
CA VAL U 126 -18.77 -67.66 -86.08
C VAL U 126 -18.37 -69.10 -86.40
N GLY U 127 -19.35 -69.96 -86.65
CA GLY U 127 -19.11 -71.40 -86.86
C GLY U 127 -20.20 -72.06 -87.68
N GLY U 128 -19.90 -73.25 -88.19
CA GLY U 128 -20.85 -74.09 -88.96
C GLY U 128 -21.54 -75.11 -88.07
N GLU U 129 -21.29 -75.02 -86.75
CA GLU U 129 -21.90 -75.88 -85.72
C GLU U 129 -21.79 -75.15 -84.38
N PRO U 130 -22.49 -75.63 -83.32
CA PRO U 130 -22.32 -75.07 -81.99
C PRO U 130 -20.84 -74.99 -81.57
N LEU U 131 -20.49 -73.92 -80.87
CA LEU U 131 -19.14 -73.68 -80.31
C LEU U 131 -18.85 -74.76 -79.25
N ASP U 132 -17.67 -75.38 -79.30
CA ASP U 132 -17.23 -76.38 -78.28
C ASP U 132 -16.71 -75.63 -77.05
N LEU U 133 -17.23 -75.98 -75.87
CA LEU U 133 -16.87 -75.38 -74.57
C LEU U 133 -16.05 -76.37 -73.74
N GLN U 134 -15.05 -75.84 -73.03
CA GLN U 134 -14.25 -76.54 -72.00
C GLN U 134 -14.67 -75.99 -70.62
N GLY U 135 -14.89 -76.88 -69.66
CA GLY U 135 -15.21 -76.49 -68.28
C GLY U 135 -13.96 -76.02 -67.55
N LEU U 136 -13.99 -74.79 -67.04
CA LEU U 136 -13.01 -74.28 -66.04
C LEU U 136 -13.65 -73.13 -65.28
N MET U 137 -13.62 -73.22 -63.94
CA MET U 137 -14.31 -72.30 -63.00
C MET U 137 -13.35 -71.94 -61.85
N GLN U 138 -13.62 -70.82 -61.17
CA GLN U 138 -12.78 -70.33 -60.03
C GLN U 138 -13.05 -71.16 -58.78
N ASN U 139 -14.31 -71.57 -58.56
CA ASN U 139 -14.73 -72.37 -57.37
C ASN U 139 -15.56 -73.56 -57.85
N HIS U 140 -15.00 -74.77 -57.73
CA HIS U 140 -15.61 -76.04 -58.20
C HIS U 140 -16.98 -76.24 -57.54
N SER U 141 -17.18 -75.69 -56.35
CA SER U 141 -18.35 -75.92 -55.48
C SER U 141 -19.49 -74.94 -55.78
N THR U 142 -19.29 -73.98 -56.68
CA THR U 142 -20.34 -72.98 -57.06
C THR U 142 -21.63 -73.75 -57.38
N GLN U 143 -22.76 -73.31 -56.84
CA GLN U 143 -24.11 -73.89 -57.09
C GLN U 143 -24.85 -73.00 -58.10
N TYR U 144 -24.95 -73.45 -59.36
CA TYR U 144 -25.69 -72.74 -60.44
C TYR U 144 -27.16 -73.15 -60.39
N PRO U 145 -28.09 -72.19 -60.19
CA PRO U 145 -29.50 -72.50 -60.26
C PRO U 145 -29.94 -72.97 -61.65
N SER U 146 -30.86 -73.93 -61.70
CA SER U 146 -31.58 -74.33 -62.94
C SER U 146 -32.26 -73.08 -63.51
N PRO U 147 -32.34 -72.88 -64.85
CA PRO U 147 -31.87 -73.85 -65.83
C PRO U 147 -30.44 -73.72 -66.37
N LEU U 148 -29.57 -72.98 -65.67
CA LEU U 148 -28.14 -72.82 -66.06
C LEU U 148 -27.48 -74.19 -66.07
N VAL U 149 -26.40 -74.33 -66.83
CA VAL U 149 -25.64 -75.61 -66.95
C VAL U 149 -24.18 -75.32 -66.63
N GLY U 150 -23.63 -75.98 -65.61
CA GLY U 150 -22.23 -75.86 -65.21
C GLY U 150 -21.47 -77.16 -65.48
N PRO U 151 -20.13 -77.16 -65.37
CA PRO U 151 -19.34 -78.36 -65.59
C PRO U 151 -19.71 -79.44 -64.58
N LYS U 152 -20.22 -80.58 -65.06
CA LYS U 152 -20.53 -81.78 -64.27
C LYS U 152 -19.77 -82.95 -64.93
N LYS U 153 -19.24 -83.89 -64.14
CA LYS U 153 -18.80 -85.22 -64.65
C LYS U 153 -20.04 -85.98 -65.11
N PRO U 154 -19.93 -87.14 -65.78
CA PRO U 154 -21.09 -87.94 -66.14
C PRO U 154 -21.94 -88.36 -64.92
N ASP U 155 -21.29 -88.57 -63.76
CA ASP U 155 -21.93 -89.04 -62.52
C ASP U 155 -22.68 -87.89 -61.82
N GLY U 156 -22.56 -86.65 -62.30
CA GLY U 156 -23.30 -85.48 -61.78
C GLY U 156 -22.44 -84.60 -60.87
N THR U 157 -21.30 -85.10 -60.41
CA THR U 157 -20.39 -84.41 -59.44
C THR U 157 -19.56 -83.34 -60.17
N THR U 158 -18.89 -82.48 -59.39
CA THR U 158 -17.93 -81.46 -59.88
C THR U 158 -16.77 -81.38 -58.88
N ASP U 159 -15.59 -81.91 -59.21
CA ASP U 159 -14.46 -82.01 -58.25
C ASP U 159 -13.52 -80.81 -58.44
N ASP U 160 -12.44 -80.77 -57.66
CA ASP U 160 -11.44 -79.67 -57.62
C ASP U 160 -10.80 -79.47 -59.00
N SER U 161 -10.75 -80.52 -59.84
CA SER U 161 -10.07 -80.50 -61.15
C SER U 161 -10.75 -79.50 -62.10
N ALA U 162 -12.01 -79.14 -61.84
CA ALA U 162 -12.77 -78.16 -62.65
C ALA U 162 -12.19 -76.75 -62.51
N GLN U 163 -11.21 -76.55 -61.62
CA GLN U 163 -10.52 -75.24 -61.42
C GLN U 163 -9.28 -75.17 -62.30
N VAL U 164 -8.92 -76.29 -62.93
CA VAL U 164 -7.85 -76.37 -63.96
C VAL U 164 -8.43 -77.08 -65.18
N LEU U 165 -7.59 -77.65 -66.05
CA LEU U 165 -8.08 -78.35 -67.25
C LEU U 165 -8.24 -79.84 -66.91
N ASN U 166 -9.50 -80.30 -66.92
CA ASN U 166 -9.87 -81.74 -66.96
C ASN U 166 -10.76 -81.96 -68.17
N PRO U 167 -10.28 -82.73 -69.18
CA PRO U 167 -11.07 -83.02 -70.38
C PRO U 167 -12.47 -83.59 -70.14
N ILE U 168 -12.74 -84.14 -68.96
CA ILE U 168 -14.06 -84.73 -68.61
C ILE U 168 -15.16 -83.66 -68.71
N TYR U 169 -14.81 -82.39 -68.51
CA TYR U 169 -15.77 -81.24 -68.45
C TYR U 169 -15.83 -80.54 -69.82
N LYS U 170 -16.77 -80.97 -70.66
CA LYS U 170 -17.02 -80.36 -71.99
C LYS U 170 -18.52 -80.16 -72.19
N ALA U 171 -18.88 -79.28 -73.11
CA ALA U 171 -20.28 -78.99 -73.50
C ALA U 171 -20.28 -78.32 -74.86
N LYS U 172 -21.44 -78.29 -75.50
CA LYS U 172 -21.68 -77.55 -76.76
C LYS U 172 -22.57 -76.36 -76.39
N LEU U 173 -22.23 -75.16 -76.86
CA LEU U 173 -22.99 -73.92 -76.64
C LEU U 173 -24.25 -73.98 -77.51
N ASP U 174 -25.24 -74.77 -77.08
CA ASP U 174 -26.42 -75.15 -77.89
C ASP U 174 -27.68 -74.41 -77.45
N LYS U 175 -27.59 -73.55 -76.41
CA LYS U 175 -28.76 -72.82 -75.86
C LYS U 175 -28.31 -71.42 -75.44
N ASP U 176 -29.06 -70.38 -75.82
CA ASP U 176 -28.84 -68.98 -75.39
C ASP U 176 -29.03 -68.89 -73.88
N ALA U 177 -28.31 -67.98 -73.22
CA ALA U 177 -28.59 -67.53 -71.83
C ALA U 177 -28.51 -68.68 -70.83
N THR U 178 -27.75 -69.73 -71.15
CA THR U 178 -27.78 -71.02 -70.41
C THR U 178 -26.39 -71.36 -69.84
N TYR U 179 -25.33 -71.08 -70.58
CA TYR U 179 -23.94 -71.48 -70.23
C TYR U 179 -23.24 -70.27 -69.61
N PRO U 180 -22.94 -70.27 -68.29
CA PRO U 180 -22.29 -69.14 -67.65
C PRO U 180 -20.87 -68.93 -68.20
N ILE U 181 -20.52 -67.68 -68.42
CA ILE U 181 -19.17 -67.25 -68.91
C ILE U 181 -18.11 -67.74 -67.91
N GLU U 182 -18.46 -67.80 -66.62
CA GLU U 182 -17.48 -67.94 -65.51
C GLU U 182 -17.04 -69.40 -65.32
N CYS U 183 -17.67 -70.37 -65.97
CA CYS U 183 -17.34 -71.81 -65.82
C CYS U 183 -17.10 -72.49 -67.19
N TRP U 184 -17.30 -71.79 -68.30
CA TRP U 184 -17.06 -72.30 -69.67
C TRP U 184 -16.20 -71.32 -70.49
N CYS U 185 -15.15 -71.82 -71.12
CA CYS U 185 -14.37 -71.07 -72.14
C CYS U 185 -14.41 -71.85 -73.46
N PRO U 186 -14.12 -71.20 -74.61
CA PRO U 186 -13.96 -71.90 -75.86
C PRO U 186 -12.87 -72.98 -75.72
N ASP U 187 -13.18 -74.20 -76.19
CA ASP U 187 -12.31 -75.40 -76.14
C ASP U 187 -11.33 -75.35 -77.31
N PRO U 188 -10.03 -75.08 -77.05
CA PRO U 188 -9.05 -74.93 -78.13
C PRO U 188 -8.63 -76.28 -78.75
N SER U 189 -9.02 -77.39 -78.11
CA SER U 189 -8.74 -78.78 -78.57
C SER U 189 -9.76 -79.20 -79.62
N ARG U 190 -10.80 -78.39 -79.84
CA ARG U 190 -11.87 -78.65 -80.83
C ARG U 190 -12.13 -77.37 -81.62
N ASN U 191 -13.40 -77.08 -81.94
CA ASN U 191 -13.79 -75.85 -82.68
C ASN U 191 -13.02 -75.77 -84.02
N GLU U 192 -12.76 -76.90 -84.68
CA GLU U 192 -12.12 -76.92 -86.04
C GLU U 192 -13.01 -76.14 -87.02
N ASN U 193 -14.34 -76.18 -86.84
CA ASN U 193 -15.34 -75.61 -87.77
C ASN U 193 -15.95 -74.32 -87.19
N SER U 194 -15.26 -73.68 -86.24
CA SER U 194 -15.65 -72.37 -85.65
C SER U 194 -14.41 -71.47 -85.60
N ARG U 195 -14.58 -70.16 -85.72
CA ARG U 195 -13.53 -69.16 -85.46
C ARG U 195 -13.99 -68.32 -84.27
N TYR U 196 -13.19 -68.25 -83.20
CA TYR U 196 -13.55 -67.48 -81.99
C TYR U 196 -12.44 -66.49 -81.64
N PHE U 197 -12.84 -65.38 -81.02
CA PHE U 197 -12.01 -64.21 -80.67
C PHE U 197 -12.50 -63.62 -79.35
N GLY U 198 -11.63 -63.53 -78.34
CA GLY U 198 -12.01 -63.03 -77.01
C GLY U 198 -10.89 -62.31 -76.33
N SER U 199 -11.25 -61.31 -75.51
CA SER U 199 -10.30 -60.55 -74.65
C SER U 199 -10.97 -60.25 -73.31
N TYR U 200 -10.34 -60.65 -72.20
CA TYR U 200 -10.78 -60.36 -70.82
C TYR U 200 -9.79 -59.37 -70.19
N THR U 201 -10.33 -58.42 -69.41
CA THR U 201 -9.55 -57.49 -68.57
C THR U 201 -10.13 -57.54 -67.14
N GLY U 202 -9.28 -57.74 -66.13
CA GLY U 202 -9.67 -57.78 -64.72
C GLY U 202 -9.67 -56.39 -64.09
N GLY U 203 -9.58 -56.35 -62.75
CA GLY U 203 -9.46 -55.11 -61.96
C GLY U 203 -10.78 -54.71 -61.34
N VAL U 204 -10.74 -53.78 -60.38
CA VAL U 204 -11.92 -53.37 -59.57
C VAL U 204 -12.63 -52.20 -60.25
N GLU U 205 -11.85 -51.19 -60.68
CA GLU U 205 -12.38 -49.92 -61.25
C GLU U 205 -11.83 -49.70 -62.68
N THR U 206 -11.37 -50.77 -63.34
CA THR U 206 -10.72 -50.72 -64.67
C THR U 206 -11.64 -50.06 -65.67
N PRO U 207 -11.15 -49.05 -66.43
CA PRO U 207 -11.98 -48.39 -67.43
C PRO U 207 -12.12 -49.26 -68.66
N PRO U 208 -13.36 -49.47 -69.17
CA PRO U 208 -13.56 -50.12 -70.46
C PRO U 208 -13.01 -49.22 -71.59
N VAL U 209 -12.34 -49.84 -72.56
CA VAL U 209 -11.84 -49.20 -73.80
C VAL U 209 -12.46 -49.99 -74.97
N LEU U 210 -13.39 -49.38 -75.69
CA LEU U 210 -14.08 -50.01 -76.84
C LEU U 210 -14.05 -49.07 -78.04
N SER U 211 -13.78 -49.62 -79.23
CA SER U 211 -13.80 -48.90 -80.53
C SER U 211 -14.97 -49.40 -81.36
N PHE U 212 -15.45 -48.57 -82.28
CA PHE U 212 -16.54 -48.91 -83.20
C PHE U 212 -16.30 -48.22 -84.55
N THR U 213 -16.39 -48.99 -85.64
CA THR U 213 -16.23 -48.51 -87.03
C THR U 213 -16.95 -49.48 -87.97
N ASN U 214 -17.47 -48.98 -89.10
CA ASN U 214 -18.07 -49.83 -90.16
C ASN U 214 -17.03 -50.11 -91.24
N THR U 215 -15.74 -49.94 -90.94
CA THR U 215 -14.62 -50.14 -91.91
C THR U 215 -13.81 -51.41 -91.59
N SER U 216 -14.03 -52.06 -90.43
CA SER U 216 -13.29 -53.28 -90.03
C SER U 216 -13.94 -54.51 -90.68
N THR U 217 -13.13 -55.53 -90.99
CA THR U 217 -13.58 -56.87 -91.46
C THR U 217 -12.66 -57.93 -90.87
N THR U 218 -13.22 -59.02 -90.36
CA THR U 218 -12.45 -60.19 -89.86
C THR U 218 -12.59 -61.33 -90.86
N ILE U 219 -11.47 -61.78 -91.43
CA ILE U 219 -11.42 -62.95 -92.36
C ILE U 219 -11.57 -64.22 -91.51
N LEU U 220 -12.38 -65.17 -91.99
CA LEU U 220 -12.71 -66.42 -91.25
C LEU U 220 -12.06 -67.63 -91.92
N LEU U 221 -11.36 -67.44 -93.04
CA LEU U 221 -10.65 -68.54 -93.75
C LEU U 221 -9.48 -69.00 -92.88
N ASP U 222 -9.20 -70.31 -92.86
CA ASP U 222 -8.12 -70.92 -92.05
C ASP U 222 -6.80 -70.91 -92.83
N GLU U 223 -5.76 -71.54 -92.28
CA GLU U 223 -4.41 -71.73 -92.89
C GLU U 223 -4.56 -72.21 -94.34
N ASN U 224 -5.60 -72.99 -94.67
CA ASN U 224 -5.80 -73.61 -96.01
C ASN U 224 -6.93 -72.93 -96.79
N GLY U 225 -7.28 -71.68 -96.48
CA GLY U 225 -8.27 -70.89 -97.24
C GLY U 225 -9.69 -71.44 -97.16
N VAL U 226 -9.98 -72.25 -96.14
CA VAL U 226 -11.35 -72.83 -95.88
C VAL U 226 -11.97 -72.11 -94.68
N GLY U 227 -13.19 -71.61 -94.85
CA GLY U 227 -13.98 -70.98 -93.77
C GLY U 227 -14.85 -72.01 -93.04
N PRO U 228 -15.55 -71.61 -91.97
CA PRO U 228 -16.55 -72.47 -91.35
C PRO U 228 -17.57 -72.94 -92.39
N LEU U 229 -17.81 -74.26 -92.44
CA LEU U 229 -18.82 -74.89 -93.32
C LEU U 229 -20.08 -75.16 -92.50
N CYS U 230 -21.17 -74.52 -92.90
CA CYS U 230 -22.46 -74.49 -92.15
C CYS U 230 -23.22 -75.81 -92.33
N LYS U 231 -23.07 -76.72 -91.37
CA LYS U 231 -23.80 -78.03 -91.32
C LYS U 231 -25.29 -77.76 -91.13
N GLY U 232 -26.12 -78.61 -91.73
CA GLY U 232 -27.60 -78.48 -91.71
C GLY U 232 -28.06 -77.11 -92.15
N ASP U 233 -27.32 -76.44 -93.02
CA ASP U 233 -27.67 -75.10 -93.57
C ASP U 233 -27.95 -74.13 -92.40
N GLY U 234 -27.11 -74.20 -91.36
CA GLY U 234 -27.18 -73.36 -90.15
C GLY U 234 -25.87 -72.64 -89.87
N LEU U 235 -25.92 -71.32 -89.67
CA LEU U 235 -24.78 -70.47 -89.25
C LEU U 235 -24.91 -70.21 -87.74
N TYR U 236 -23.86 -70.51 -86.97
CA TYR U 236 -23.86 -70.47 -85.49
C TYR U 236 -23.08 -69.25 -84.99
N LEU U 237 -23.80 -68.25 -84.49
CA LEU U 237 -23.23 -67.02 -83.86
C LEU U 237 -23.22 -67.17 -82.34
N SER U 238 -22.15 -66.70 -81.70
CA SER U 238 -21.99 -66.64 -80.22
C SER U 238 -21.35 -65.30 -79.83
N SER U 239 -21.69 -64.81 -78.64
CA SER U 239 -21.35 -63.47 -78.14
C SER U 239 -21.22 -63.53 -76.62
N ALA U 240 -20.30 -62.73 -76.07
CA ALA U 240 -20.19 -62.47 -74.62
C ALA U 240 -19.61 -61.07 -74.45
N ASP U 241 -20.44 -60.06 -74.25
CA ASP U 241 -19.98 -58.65 -74.17
C ASP U 241 -20.46 -58.03 -72.85
N VAL U 242 -19.72 -58.32 -71.79
CA VAL U 242 -19.93 -57.75 -70.43
C VAL U 242 -18.96 -56.57 -70.30
N ALA U 243 -19.45 -55.35 -70.51
CA ALA U 243 -18.64 -54.11 -70.62
C ALA U 243 -18.00 -53.77 -69.27
N GLY U 244 -18.60 -54.26 -68.19
CA GLY U 244 -18.15 -54.02 -66.81
C GLY U 244 -19.33 -54.03 -65.85
N THR U 245 -19.25 -53.25 -64.76
CA THR U 245 -20.30 -53.17 -63.72
C THR U 245 -20.80 -51.72 -63.63
N PHE U 246 -22.09 -51.58 -63.36
CA PHE U 246 -22.71 -50.32 -62.87
C PHE U 246 -22.62 -50.31 -61.35
N VAL U 247 -22.07 -49.23 -60.79
CA VAL U 247 -21.95 -48.99 -59.31
C VAL U 247 -23.00 -47.97 -58.92
N GLN U 248 -24.00 -48.37 -58.12
CA GLN U 248 -25.17 -47.51 -57.78
C GLN U 248 -24.87 -46.67 -56.53
N GLN U 249 -25.20 -45.37 -56.57
CA GLN U 249 -25.10 -44.46 -55.42
C GLN U 249 -25.90 -45.05 -54.25
N THR U 250 -25.51 -44.71 -53.02
CA THR U 250 -26.26 -45.01 -51.77
C THR U 250 -26.14 -46.49 -51.45
N SER U 251 -26.70 -47.39 -52.27
CA SER U 251 -26.62 -48.86 -52.05
C SER U 251 -25.16 -49.32 -52.15
N GLN U 252 -24.39 -48.69 -53.05
CA GLN U 252 -23.00 -49.07 -53.40
C GLN U 252 -22.96 -50.54 -53.84
N LYS U 253 -24.07 -51.02 -54.42
CA LYS U 253 -24.17 -52.36 -55.03
C LYS U 253 -23.69 -52.29 -56.48
N GLN U 254 -23.19 -53.40 -57.00
CA GLN U 254 -22.68 -53.52 -58.39
C GLN U 254 -23.61 -54.43 -59.19
N TYR U 255 -23.83 -54.07 -60.46
CA TYR U 255 -24.64 -54.82 -61.44
C TYR U 255 -23.80 -55.00 -62.71
N TRP U 256 -23.70 -56.23 -63.21
CA TRP U 256 -23.11 -56.53 -64.54
C TRP U 256 -23.89 -55.77 -65.60
N ARG U 257 -23.18 -55.12 -66.54
CA ARG U 257 -23.76 -54.41 -67.71
C ARG U 257 -23.29 -55.11 -68.98
N GLY U 258 -24.24 -55.56 -69.80
CA GLY U 258 -23.97 -56.24 -71.09
C GLY U 258 -24.31 -55.35 -72.26
N LEU U 259 -23.70 -55.59 -73.42
CA LEU U 259 -24.02 -54.87 -74.67
C LEU U 259 -24.29 -55.87 -75.80
N PRO U 260 -25.13 -55.48 -76.77
CA PRO U 260 -25.43 -56.35 -77.91
C PRO U 260 -24.30 -56.31 -78.93
N ARG U 261 -24.13 -57.40 -79.68
CA ARG U 261 -23.15 -57.50 -80.79
C ARG U 261 -23.87 -57.67 -82.11
N TYR U 262 -23.50 -56.86 -83.10
CA TYR U 262 -23.99 -56.95 -84.50
C TYR U 262 -23.05 -57.85 -85.30
N PHE U 263 -23.62 -58.71 -86.15
CA PHE U 263 -22.87 -59.55 -87.11
C PHE U 263 -23.32 -59.26 -88.54
N ASN U 264 -22.37 -59.27 -89.47
CA ASN U 264 -22.65 -59.24 -90.93
C ASN U 264 -21.71 -60.25 -91.59
N ILE U 265 -22.19 -61.47 -91.81
CA ILE U 265 -21.36 -62.59 -92.34
C ILE U 265 -21.56 -62.67 -93.85
N THR U 266 -20.45 -62.74 -94.60
CA THR U 266 -20.43 -63.05 -96.05
C THR U 266 -20.15 -64.54 -96.20
N LEU U 267 -21.04 -65.26 -96.87
CA LEU U 267 -20.86 -66.71 -97.15
C LEU U 267 -20.85 -66.94 -98.67
N ARG U 268 -20.27 -68.06 -99.08
CA ARG U 268 -20.18 -68.50 -100.50
C ARG U 268 -20.41 -70.01 -100.54
N LYS U 269 -20.90 -70.53 -101.66
CA LYS U 269 -21.16 -71.99 -101.84
C LYS U 269 -19.82 -72.71 -102.02
N ARG U 270 -19.63 -73.80 -101.28
CA ARG U 270 -18.42 -74.68 -101.37
C ARG U 270 -18.91 -76.11 -101.56
N ALA U 271 -18.24 -76.86 -102.45
CA ALA U 271 -18.55 -78.27 -102.76
C ALA U 271 -17.79 -79.18 -101.80
N VAL U 272 -18.37 -80.34 -101.47
CA VAL U 272 -17.80 -81.33 -100.49
C VAL U 272 -18.13 -82.74 -100.97
N LYS U 273 -17.27 -83.73 -100.63
CA LYS U 273 -17.31 -85.13 -101.14
C LYS U 273 -18.41 -85.90 -100.41
N GLY V 6 -28.16 -48.11 -103.05
CA GLY V 6 -29.02 -48.53 -104.20
C GLY V 6 -28.76 -47.73 -105.47
N ILE V 7 -27.60 -47.06 -105.56
CA ILE V 7 -27.02 -46.39 -106.77
C ILE V 7 -26.07 -47.35 -107.49
N GLU V 8 -26.25 -47.59 -108.80
CA GLU V 8 -25.30 -48.37 -109.64
C GLU V 8 -24.11 -47.46 -109.97
N VAL V 9 -22.92 -47.79 -109.48
CA VAL V 9 -21.68 -46.95 -109.57
C VAL V 9 -20.96 -47.30 -110.88
N LEU V 10 -20.49 -46.29 -111.62
CA LEU V 10 -19.80 -46.49 -112.93
C LEU V 10 -18.35 -46.00 -112.84
N ASP V 11 -17.83 -45.44 -113.93
CA ASP V 11 -16.40 -45.02 -114.08
C ASP V 11 -16.15 -43.77 -113.22
N VAL V 12 -14.90 -43.56 -112.82
CA VAL V 12 -14.42 -42.33 -112.14
C VAL V 12 -14.04 -41.31 -113.20
N LYS V 13 -14.79 -40.21 -113.35
CA LYS V 13 -14.40 -39.11 -114.28
C LYS V 13 -13.06 -38.52 -113.79
N THR V 14 -12.04 -38.53 -114.66
CA THR V 14 -10.73 -37.86 -114.45
C THR V 14 -10.63 -36.71 -115.45
N GLY V 15 -9.63 -35.83 -115.27
CA GLY V 15 -9.45 -34.61 -116.07
C GLY V 15 -9.39 -33.39 -115.16
N PRO V 16 -9.22 -32.17 -115.72
CA PRO V 16 -9.25 -30.94 -114.91
C PRO V 16 -10.63 -30.71 -114.27
N ASP V 17 -10.64 -30.08 -113.09
CA ASP V 17 -11.87 -29.75 -112.32
C ASP V 17 -12.68 -31.02 -112.02
N SER V 18 -12.01 -32.17 -111.84
CA SER V 18 -12.65 -33.47 -111.56
C SER V 18 -12.45 -33.87 -110.09
N THR V 19 -11.53 -33.22 -109.38
CA THR V 19 -11.34 -33.35 -107.92
C THR V 19 -11.55 -31.98 -107.25
N THR V 20 -11.88 -32.00 -105.96
CA THR V 20 -12.03 -30.79 -105.10
C THR V 20 -11.76 -31.19 -103.64
N THR V 21 -11.35 -30.23 -102.82
CA THR V 21 -11.20 -30.42 -101.35
C THR V 21 -12.21 -29.53 -100.63
N ILE V 22 -12.65 -29.98 -99.46
CA ILE V 22 -13.57 -29.25 -98.54
C ILE V 22 -12.91 -29.17 -97.18
N GLU V 23 -12.66 -27.96 -96.68
CA GLU V 23 -12.28 -27.67 -95.28
C GLU V 23 -13.56 -27.34 -94.50
N ALA V 24 -13.71 -27.92 -93.31
CA ALA V 24 -14.80 -27.63 -92.36
C ALA V 24 -14.31 -27.91 -90.95
N TYR V 25 -14.96 -27.31 -89.95
CA TYR V 25 -14.78 -27.66 -88.52
C TYR V 25 -16.18 -27.84 -87.92
N LEU V 26 -16.33 -28.79 -87.01
CA LEU V 26 -17.51 -28.91 -86.12
C LEU V 26 -17.09 -28.53 -84.71
N ASN V 27 -17.72 -27.51 -84.14
CA ASN V 27 -17.55 -27.14 -82.70
C ASN V 27 -18.37 -28.13 -81.88
N PRO V 28 -17.92 -28.44 -80.65
CA PRO V 28 -18.57 -29.44 -79.81
C PRO V 28 -19.93 -28.93 -79.29
N ARG V 29 -20.86 -29.85 -79.06
CA ARG V 29 -22.20 -29.55 -78.52
C ARG V 29 -22.40 -30.39 -77.24
N VAL V 30 -21.75 -29.96 -76.16
CA VAL V 30 -21.72 -30.70 -74.86
C VAL V 30 -22.84 -30.18 -73.94
N GLY V 31 -23.78 -29.37 -74.47
CA GLY V 31 -24.94 -28.85 -73.73
C GLY V 31 -25.00 -27.33 -73.78
N GLN V 32 -23.86 -26.67 -73.92
CA GLN V 32 -23.74 -25.24 -74.28
C GLN V 32 -22.74 -25.15 -75.44
N ASN V 33 -22.44 -23.94 -75.90
CA ASN V 33 -21.76 -23.72 -77.21
C ASN V 33 -20.29 -23.38 -77.01
N TRP V 34 -19.80 -23.31 -75.78
CA TRP V 34 -18.44 -22.77 -75.50
C TRP V 34 -17.55 -23.83 -74.84
N GLY V 35 -17.84 -25.11 -75.12
CA GLY V 35 -16.92 -26.23 -74.86
C GLY V 35 -17.14 -26.87 -73.50
N PHE V 36 -18.04 -26.33 -72.67
CA PHE V 36 -18.40 -26.90 -71.36
C PHE V 36 -19.91 -27.02 -71.20
N SER V 37 -20.34 -28.13 -70.62
CA SER V 37 -21.71 -28.35 -70.11
C SER V 37 -21.90 -27.51 -68.84
N THR V 38 -23.14 -27.40 -68.38
CA THR V 38 -23.49 -26.98 -66.99
C THR V 38 -23.16 -28.16 -66.08
N GLU V 39 -23.18 -27.95 -64.77
CA GLU V 39 -22.78 -29.00 -63.79
C GLU V 39 -23.55 -30.29 -64.07
N ILE V 40 -22.86 -31.42 -64.00
CA ILE V 40 -23.48 -32.76 -64.13
C ILE V 40 -24.27 -33.00 -62.85
N THR V 41 -25.55 -33.37 -62.97
CA THR V 41 -26.45 -33.67 -61.82
C THR V 41 -26.78 -35.17 -61.85
N VAL V 42 -27.11 -35.73 -60.69
CA VAL V 42 -27.45 -37.17 -60.53
C VAL V 42 -28.77 -37.27 -59.79
N ALA V 43 -29.78 -37.83 -60.44
CA ALA V 43 -31.11 -38.12 -59.84
C ALA V 43 -30.91 -38.96 -58.58
N SER V 44 -31.67 -38.69 -57.52
CA SER V 44 -31.72 -39.55 -56.30
C SER V 44 -32.46 -40.84 -56.64
N ASN V 45 -31.97 -41.97 -56.14
CA ASN V 45 -32.61 -43.31 -56.31
C ASN V 45 -34.11 -43.15 -56.06
N GLY V 46 -34.95 -43.61 -56.98
CA GLY V 46 -36.42 -43.65 -56.84
C GLY V 46 -37.10 -42.44 -57.44
N TYR V 47 -36.36 -41.36 -57.71
CA TYR V 47 -36.88 -40.12 -58.36
C TYR V 47 -36.67 -40.20 -59.86
N ASN V 48 -37.32 -39.33 -60.63
CA ASN V 48 -37.13 -39.24 -62.11
C ASN V 48 -35.67 -38.94 -62.43
N ASP V 49 -35.14 -39.63 -63.44
CA ASP V 49 -33.85 -39.30 -64.11
C ASP V 49 -34.12 -38.21 -65.14
N ALA V 50 -34.01 -36.94 -64.77
CA ALA V 50 -34.39 -35.79 -65.62
C ALA V 50 -33.26 -34.77 -65.66
N PRO V 51 -32.20 -35.05 -66.44
CA PRO V 51 -31.04 -34.14 -66.53
C PRO V 51 -31.42 -32.86 -67.27
N HIS V 52 -30.72 -31.78 -66.96
CA HIS V 52 -30.85 -30.44 -67.59
C HIS V 52 -30.44 -30.54 -69.06
N LEU V 53 -31.11 -29.81 -69.95
CA LEU V 53 -30.73 -29.72 -71.38
C LEU V 53 -29.22 -29.48 -71.50
N THR V 54 -28.70 -28.56 -70.70
CA THR V 54 -27.33 -27.99 -70.85
C THR V 54 -26.27 -28.88 -70.20
N GLU V 55 -26.62 -30.10 -69.77
CA GLU V 55 -25.64 -31.02 -69.12
C GLU V 55 -25.51 -32.31 -69.93
N ILE V 56 -26.12 -32.35 -71.12
CA ILE V 56 -26.22 -33.56 -71.98
C ILE V 56 -25.48 -33.32 -73.28
N PRO V 57 -24.31 -33.95 -73.47
CA PRO V 57 -23.57 -33.84 -74.73
C PRO V 57 -24.29 -34.56 -75.88
N CYS V 58 -24.24 -33.91 -77.05
CA CYS V 58 -24.89 -34.34 -78.30
C CYS V 58 -23.86 -34.45 -79.43
N TYR V 59 -24.19 -35.25 -80.45
CA TYR V 59 -23.45 -35.32 -81.74
C TYR V 59 -23.50 -33.92 -82.37
N SER V 60 -22.32 -33.39 -82.72
CA SER V 60 -22.16 -32.28 -83.69
C SER V 60 -22.37 -32.84 -85.10
N SER V 61 -22.96 -32.05 -85.99
CA SER V 61 -23.36 -32.49 -87.34
C SER V 61 -23.52 -31.26 -88.25
N ALA V 62 -23.09 -31.36 -89.50
CA ALA V 62 -23.28 -30.31 -90.53
C ALA V 62 -23.41 -30.97 -91.90
N ARG V 63 -24.12 -30.31 -92.81
CA ARG V 63 -24.17 -30.67 -94.24
C ARG V 63 -23.44 -29.56 -95.01
N ILE V 64 -22.30 -29.88 -95.62
CA ILE V 64 -21.54 -28.92 -96.47
C ILE V 64 -22.11 -29.03 -97.89
N SER V 65 -22.42 -27.88 -98.50
CA SER V 65 -22.86 -27.77 -99.92
C SER V 65 -21.65 -27.94 -100.85
N LEU V 66 -21.74 -28.87 -101.79
CA LEU V 66 -20.68 -29.16 -102.79
C LEU V 66 -21.03 -28.44 -104.10
N PRO V 67 -20.04 -28.14 -104.97
CA PRO V 67 -20.35 -27.58 -106.30
C PRO V 67 -21.41 -28.41 -107.04
N LEU V 68 -22.39 -27.74 -107.67
CA LEU V 68 -23.48 -28.41 -108.42
C LEU V 68 -22.87 -29.14 -109.61
N LEU V 69 -23.34 -30.34 -109.94
CA LEU V 69 -22.69 -31.20 -110.98
C LEU V 69 -23.51 -31.27 -112.26
N ASN V 70 -24.82 -31.53 -112.20
CA ASN V 70 -25.63 -31.90 -113.38
C ASN V 70 -26.38 -30.64 -113.84
N THR V 74 -32.02 -35.22 -116.77
CA THR V 74 -32.49 -35.98 -117.96
C THR V 74 -31.33 -36.65 -118.71
N SER V 75 -30.05 -36.34 -118.43
CA SER V 75 -28.88 -37.11 -118.94
C SER V 75 -29.00 -38.56 -118.48
N PRO V 76 -28.54 -39.55 -119.29
CA PRO V 76 -28.64 -40.96 -118.90
C PRO V 76 -27.56 -41.55 -117.98
N THR V 77 -26.44 -40.81 -117.79
CA THR V 77 -25.52 -41.02 -116.65
C THR V 77 -25.23 -39.69 -115.90
N LEU V 78 -25.59 -39.63 -114.64
CA LEU V 78 -25.44 -38.51 -113.70
C LEU V 78 -24.04 -38.59 -113.07
N LEU V 79 -23.55 -37.47 -112.53
CA LEU V 79 -22.29 -37.38 -111.73
C LEU V 79 -22.63 -37.07 -110.27
N MET V 80 -21.96 -37.75 -109.34
CA MET V 80 -22.00 -37.45 -107.88
C MET V 80 -20.57 -37.26 -107.39
N TRP V 81 -20.37 -36.34 -106.45
CA TRP V 81 -19.10 -36.21 -105.69
C TRP V 81 -18.91 -37.48 -104.85
N GLU V 82 -17.69 -38.01 -104.88
CA GLU V 82 -17.29 -39.21 -104.11
C GLU V 82 -16.18 -38.80 -103.14
N ALA V 83 -16.42 -38.96 -101.84
CA ALA V 83 -15.43 -38.67 -100.78
C ALA V 83 -14.39 -39.79 -100.79
N VAL V 84 -13.12 -39.46 -101.02
CA VAL V 84 -12.03 -40.47 -101.23
C VAL V 84 -11.24 -40.61 -99.94
N SER V 85 -10.87 -39.49 -99.31
CA SER V 85 -9.98 -39.45 -98.13
C SER V 85 -10.37 -38.25 -97.26
N VAL V 86 -10.02 -38.30 -95.97
CA VAL V 86 -10.20 -37.17 -95.01
C VAL V 86 -8.96 -37.09 -94.12
N LYS V 87 -8.36 -35.90 -94.04
CA LYS V 87 -7.42 -35.51 -92.95
C LYS V 87 -8.31 -34.90 -91.86
N THR V 88 -8.31 -35.46 -90.65
CA THR V 88 -9.10 -34.92 -89.50
C THR V 88 -8.20 -34.75 -88.28
N GLU V 89 -8.50 -33.76 -87.46
CA GLU V 89 -7.72 -33.46 -86.22
C GLU V 89 -8.65 -32.94 -85.12
N VAL V 90 -8.41 -33.36 -83.89
CA VAL V 90 -9.07 -32.79 -82.68
C VAL V 90 -8.29 -31.53 -82.30
N VAL V 91 -8.94 -30.37 -82.42
CA VAL V 91 -8.29 -29.04 -82.26
C VAL V 91 -8.31 -28.67 -80.78
N GLY V 92 -7.24 -28.02 -80.31
CA GLY V 92 -7.15 -27.46 -78.95
C GLY V 92 -6.90 -28.53 -77.89
N ILE V 93 -6.27 -29.64 -78.26
CA ILE V 93 -5.80 -30.67 -77.29
C ILE V 93 -4.88 -29.99 -76.28
N SER V 94 -3.96 -29.15 -76.76
CA SER V 94 -2.94 -28.44 -75.93
C SER V 94 -3.63 -27.59 -74.85
N SER V 95 -4.90 -27.23 -75.06
CA SER V 95 -5.70 -26.38 -74.13
C SER V 95 -5.76 -27.04 -72.74
N MET V 96 -5.59 -28.35 -72.68
CA MET V 96 -5.75 -29.16 -71.43
C MET V 96 -4.49 -29.08 -70.55
N LEU V 97 -3.35 -28.61 -71.06
CA LEU V 97 -2.13 -28.43 -70.22
C LEU V 97 -2.27 -27.15 -69.41
N ASN V 98 -3.22 -27.14 -68.48
CA ASN V 98 -3.66 -25.96 -67.68
C ASN V 98 -3.99 -26.44 -66.27
N MET V 99 -3.16 -26.07 -65.29
CA MET V 99 -3.33 -26.51 -63.89
C MET V 99 -3.60 -25.29 -62.98
N HIS V 100 -4.04 -24.16 -63.55
CA HIS V 100 -4.26 -22.90 -62.81
C HIS V 100 -5.72 -22.42 -62.88
N SER V 101 -6.51 -22.92 -63.84
CA SER V 101 -7.89 -22.41 -64.12
C SER V 101 -8.92 -23.18 -63.29
N TYR V 102 -8.84 -23.04 -61.96
CA TYR V 102 -9.90 -23.31 -60.96
C TYR V 102 -10.11 -24.81 -60.73
N GLY V 103 -9.21 -25.66 -61.22
CA GLY V 103 -9.35 -27.12 -61.08
C GLY V 103 -9.21 -27.56 -59.62
N LEU V 104 -9.93 -28.60 -59.22
CA LEU V 104 -9.74 -29.26 -57.90
C LEU V 104 -8.24 -29.49 -57.70
N ARG V 105 -7.70 -29.12 -56.54
CA ARG V 105 -6.24 -29.05 -56.33
C ARG V 105 -5.71 -30.38 -55.77
N ALA V 106 -4.58 -30.84 -56.30
CA ALA V 106 -3.93 -32.12 -55.96
C ALA V 106 -3.12 -31.97 -54.68
N PHE V 107 -2.70 -33.10 -54.10
CA PHE V 107 -1.78 -33.18 -52.95
C PHE V 107 -2.31 -32.30 -51.81
N GLY V 108 -3.54 -32.59 -51.39
CA GLY V 108 -4.21 -31.99 -50.22
C GLY V 108 -4.49 -30.50 -50.39
N GLY V 109 -4.57 -30.02 -51.63
CA GLY V 109 -4.92 -28.62 -51.94
C GLY V 109 -3.72 -27.72 -52.17
N TYR V 110 -2.49 -28.23 -52.01
CA TYR V 110 -1.23 -27.44 -52.12
C TYR V 110 -0.68 -27.49 -53.55
N GLY V 111 -1.09 -28.50 -54.34
CA GLY V 111 -0.64 -28.69 -55.72
C GLY V 111 -1.48 -27.90 -56.72
N GLY V 112 -1.36 -28.22 -58.00
CA GLY V 112 -2.08 -27.54 -59.09
C GLY V 112 -3.47 -28.13 -59.30
N GLY V 113 -4.28 -27.48 -60.12
CA GLY V 113 -5.64 -27.93 -60.49
C GLY V 113 -5.60 -29.19 -61.35
N TYR V 114 -6.61 -30.05 -61.20
CA TYR V 114 -6.84 -31.24 -62.06
C TYR V 114 -7.03 -30.80 -63.51
N THR V 115 -6.24 -31.38 -64.43
CA THR V 115 -6.51 -31.29 -65.88
C THR V 115 -7.76 -32.12 -66.18
N ILE V 116 -8.41 -31.83 -67.31
CA ILE V 116 -9.57 -32.62 -67.81
C ILE V 116 -9.23 -34.10 -67.66
N GLU V 117 -10.14 -34.87 -67.04
CA GLU V 117 -10.00 -36.33 -66.83
C GLU V 117 -11.37 -36.98 -66.77
N GLY V 118 -11.39 -38.31 -66.75
CA GLY V 118 -12.62 -39.12 -66.65
C GLY V 118 -13.03 -39.70 -67.99
N SER V 119 -14.22 -40.29 -68.04
CA SER V 119 -14.77 -40.97 -69.24
C SER V 119 -14.82 -39.98 -70.41
N HIS V 120 -14.47 -40.46 -71.59
CA HIS V 120 -14.34 -39.63 -72.82
C HIS V 120 -14.70 -40.49 -74.04
N ILE V 121 -15.21 -39.84 -75.08
CA ILE V 121 -15.50 -40.48 -76.40
C ILE V 121 -14.95 -39.54 -77.49
N HIS V 122 -14.36 -40.13 -78.52
CA HIS V 122 -13.87 -39.41 -79.73
C HIS V 122 -14.39 -40.14 -80.97
N PHE V 123 -15.09 -39.42 -81.83
CA PHE V 123 -15.84 -40.03 -82.95
C PHE V 123 -16.01 -39.03 -84.08
N PHE V 124 -15.92 -39.52 -85.32
CA PHE V 124 -16.17 -38.72 -86.55
C PHE V 124 -16.74 -39.66 -87.61
N SER V 125 -17.55 -39.09 -88.50
CA SER V 125 -18.12 -39.79 -89.68
C SER V 125 -18.13 -38.83 -90.88
N VAL V 126 -17.86 -39.37 -92.06
CA VAL V 126 -18.03 -38.70 -93.37
C VAL V 126 -18.98 -39.55 -94.18
N GLY V 127 -19.96 -38.91 -94.83
CA GLY V 127 -21.03 -39.63 -95.55
C GLY V 127 -21.66 -38.78 -96.64
N GLY V 128 -22.37 -39.44 -97.56
CA GLY V 128 -23.13 -38.81 -98.65
C GLY V 128 -24.58 -38.58 -98.27
N GLU V 129 -24.93 -38.86 -97.02
CA GLU V 129 -26.28 -38.66 -96.44
C GLU V 129 -26.13 -38.60 -94.93
N PRO V 130 -27.20 -38.18 -94.20
CA PRO V 130 -27.17 -38.24 -92.74
C PRO V 130 -26.75 -39.61 -92.20
N LEU V 131 -25.98 -39.61 -91.12
CA LEU V 131 -25.53 -40.82 -90.40
C LEU V 131 -26.75 -41.52 -89.81
N ASP V 132 -26.87 -42.83 -90.01
CA ASP V 132 -27.96 -43.67 -89.44
C ASP V 132 -27.62 -43.98 -87.98
N LEU V 133 -28.56 -43.68 -87.06
CA LEU V 133 -28.42 -43.89 -85.60
C LEU V 133 -29.31 -45.05 -85.16
N GLN V 134 -28.79 -45.86 -84.23
CA GLN V 134 -29.52 -46.91 -83.49
C GLN V 134 -29.72 -46.44 -82.05
N GLY V 135 -30.93 -46.58 -81.52
CA GLY V 135 -31.24 -46.24 -80.12
C GLY V 135 -30.69 -47.29 -79.17
N LEU V 136 -29.83 -46.87 -78.24
CA LEU V 136 -29.44 -47.68 -77.06
C LEU V 136 -28.95 -46.75 -75.96
N MET V 137 -29.51 -46.90 -74.76
CA MET V 137 -29.32 -46.00 -73.60
C MET V 137 -29.13 -46.85 -72.33
N GLN V 138 -28.50 -46.27 -71.30
CA GLN V 138 -28.23 -46.95 -70.01
C GLN V 138 -29.52 -47.06 -69.18
N ASN V 139 -30.37 -46.04 -69.22
CA ASN V 139 -31.66 -46.00 -68.46
C ASN V 139 -32.79 -45.61 -69.41
N HIS V 140 -33.68 -46.55 -69.71
CA HIS V 140 -34.80 -46.38 -70.68
C HIS V 140 -35.70 -45.22 -70.25
N SER V 141 -35.74 -44.93 -68.95
CA SER V 141 -36.68 -43.96 -68.32
C SER V 141 -36.11 -42.55 -68.32
N THR V 142 -34.87 -42.34 -68.76
CA THR V 142 -34.26 -40.98 -68.83
C THR V 142 -35.23 -40.03 -69.54
N GLN V 143 -35.47 -38.86 -68.97
CA GLN V 143 -36.33 -37.79 -69.54
C GLN V 143 -35.43 -36.73 -70.19
N TYR V 144 -35.39 -36.70 -71.52
CA TYR V 144 -34.63 -35.69 -72.31
C TYR V 144 -35.51 -34.48 -72.53
N PRO V 145 -35.11 -33.27 -72.05
CA PRO V 145 -35.86 -32.06 -72.32
C PRO V 145 -35.87 -31.73 -73.83
N SER V 146 -36.99 -31.21 -74.32
CA SER V 146 -37.11 -30.59 -75.66
C SER V 146 -36.08 -29.46 -75.75
N PRO V 147 -35.42 -29.22 -76.92
CA PRO V 147 -35.70 -29.92 -78.18
C PRO V 147 -34.87 -31.18 -78.50
N LEU V 148 -34.19 -31.77 -77.50
CA LEU V 148 -33.40 -33.01 -77.68
C LEU V 148 -34.34 -34.11 -78.18
N VAL V 149 -33.79 -35.12 -78.85
CA VAL V 149 -34.57 -36.27 -79.39
C VAL V 149 -33.93 -37.56 -78.86
N GLY V 150 -34.70 -38.36 -78.13
CA GLY V 150 -34.27 -39.67 -77.60
C GLY V 150 -35.03 -40.80 -78.28
N PRO V 151 -34.60 -42.06 -78.08
CA PRO V 151 -35.29 -43.20 -78.68
C PRO V 151 -36.73 -43.29 -78.16
N LYS V 152 -37.70 -43.17 -79.06
CA LYS V 152 -39.15 -43.34 -78.79
C LYS V 152 -39.67 -44.39 -79.76
N LYS V 153 -40.59 -45.27 -79.32
CA LYS V 153 -41.41 -46.11 -80.22
C LYS V 153 -42.33 -45.19 -81.02
N PRO V 154 -43.06 -45.67 -82.05
CA PRO V 154 -44.03 -44.83 -82.77
C PRO V 154 -45.10 -44.25 -81.84
N ASP V 155 -45.49 -44.97 -80.79
CA ASP V 155 -46.57 -44.57 -79.86
C ASP V 155 -46.07 -43.51 -78.86
N GLY V 156 -44.77 -43.18 -78.85
CA GLY V 156 -44.19 -42.12 -78.01
C GLY V 156 -43.50 -42.66 -76.75
N THR V 157 -43.72 -43.92 -76.40
CA THR V 157 -43.15 -44.61 -75.20
C THR V 157 -41.69 -44.98 -75.46
N THR V 158 -40.99 -45.41 -74.41
CA THR V 158 -39.60 -45.97 -74.45
C THR V 158 -39.52 -47.10 -73.41
N ASP V 159 -39.45 -48.36 -73.84
CA ASP V 159 -39.51 -49.52 -72.90
C ASP V 159 -38.08 -49.97 -72.56
N ASP V 160 -37.97 -51.02 -71.74
CA ASP V 160 -36.70 -51.59 -71.22
C ASP V 160 -35.79 -52.02 -72.38
N SER V 161 -36.36 -52.38 -73.54
CA SER V 161 -35.61 -52.92 -74.71
C SER V 161 -34.62 -51.87 -75.25
N ALA V 162 -34.85 -50.59 -74.97
CA ALA V 162 -33.96 -49.49 -75.39
C ALA V 162 -32.60 -49.55 -74.68
N GLN V 163 -32.43 -50.45 -73.71
CA GLN V 163 -31.15 -50.66 -72.98
C GLN V 163 -30.32 -51.75 -73.68
N VAL V 164 -30.92 -52.42 -74.66
CA VAL V 164 -30.23 -53.39 -75.56
C VAL V 164 -30.60 -53.01 -77.01
N LEU V 165 -30.46 -53.93 -77.95
CA LEU V 165 -30.80 -53.64 -79.37
C LEU V 165 -32.26 -54.00 -79.62
N ASN V 166 -33.07 -52.99 -79.90
CA ASN V 166 -34.42 -53.13 -80.50
C ASN V 166 -34.45 -52.30 -81.77
N PRO V 167 -34.57 -52.94 -82.96
CA PRO V 167 -34.63 -52.22 -84.24
C PRO V 167 -35.69 -51.12 -84.34
N ILE V 168 -36.71 -51.13 -83.47
CA ILE V 168 -37.80 -50.12 -83.48
C ILE V 168 -37.20 -48.73 -83.24
N TYR V 169 -36.07 -48.62 -82.54
CA TYR V 169 -35.44 -47.34 -82.14
C TYR V 169 -34.33 -46.95 -83.13
N LYS V 170 -34.68 -46.17 -84.15
CA LYS V 170 -33.73 -45.64 -85.16
C LYS V 170 -34.01 -44.16 -85.38
N ALA V 171 -33.02 -43.46 -85.92
CA ALA V 171 -33.11 -42.03 -86.27
C ALA V 171 -31.99 -41.70 -87.26
N LYS V 172 -32.13 -40.56 -87.95
CA LYS V 172 -31.09 -40.00 -88.84
C LYS V 172 -30.52 -38.78 -88.11
N LEU V 173 -29.19 -38.66 -88.05
CA LEU V 173 -28.47 -37.52 -87.44
C LEU V 173 -28.64 -36.31 -88.36
N ASP V 174 -29.81 -35.67 -88.33
CA ASP V 174 -30.22 -34.65 -89.32
C ASP V 174 -30.19 -33.24 -88.70
N LYS V 175 -29.83 -33.09 -87.42
CA LYS V 175 -29.81 -31.79 -86.72
C LYS V 175 -28.61 -31.76 -85.76
N ASP V 176 -27.84 -30.67 -85.77
CA ASP V 176 -26.72 -30.41 -84.83
C ASP V 176 -27.31 -30.31 -83.42
N ALA V 177 -26.54 -30.70 -82.40
CA ALA V 177 -26.77 -30.38 -80.97
C ALA V 177 -28.12 -30.92 -80.49
N THR V 178 -28.64 -31.97 -81.13
CA THR V 178 -30.03 -32.45 -80.94
C THR V 178 -30.08 -33.89 -80.45
N TYR V 179 -29.18 -34.75 -80.94
CA TYR V 179 -29.18 -36.21 -80.66
C TYR V 179 -28.14 -36.48 -79.57
N PRO V 180 -28.56 -36.86 -78.34
CA PRO V 180 -27.62 -37.12 -77.27
C PRO V 180 -26.73 -38.34 -77.57
N ILE V 181 -25.44 -38.22 -77.28
CA ILE V 181 -24.43 -39.30 -77.47
C ILE V 181 -24.86 -40.52 -76.65
N GLU V 182 -25.52 -40.30 -75.53
CA GLU V 182 -25.73 -41.34 -74.48
C GLU V 182 -26.89 -42.28 -74.84
N CYS V 183 -27.71 -41.97 -75.84
CA CYS V 183 -28.88 -42.80 -76.24
C CYS V 183 -28.87 -43.17 -77.73
N TRP V 184 -27.90 -42.66 -78.51
CA TRP V 184 -27.73 -42.97 -79.96
C TRP V 184 -26.29 -43.38 -80.26
N CYS V 185 -26.11 -44.51 -80.94
CA CYS V 185 -24.82 -44.91 -81.53
C CYS V 185 -24.98 -45.07 -83.04
N PRO V 186 -23.87 -45.04 -83.82
CA PRO V 186 -23.95 -45.35 -85.24
C PRO V 186 -24.55 -46.75 -85.43
N ASP V 187 -25.51 -46.84 -86.36
CA ASP V 187 -26.26 -48.07 -86.70
C ASP V 187 -25.44 -48.91 -87.69
N PRO V 188 -24.88 -50.05 -87.25
CA PRO V 188 -24.00 -50.84 -88.11
C PRO V 188 -24.76 -51.66 -89.16
N SER V 189 -26.10 -51.72 -89.03
CA SER V 189 -27.02 -52.43 -89.96
C SER V 189 -27.32 -51.54 -91.17
N ARG V 190 -26.89 -50.28 -91.15
CA ARG V 190 -27.10 -49.29 -92.23
C ARG V 190 -25.78 -48.56 -92.48
N ASN V 191 -25.83 -47.25 -92.76
CA ASN V 191 -24.63 -46.41 -93.01
C ASN V 191 -23.78 -47.02 -94.14
N GLU V 192 -24.40 -47.61 -95.18
CA GLU V 192 -23.67 -48.14 -96.37
C GLU V 192 -22.92 -46.97 -97.03
N ASN V 193 -23.49 -45.75 -96.99
CA ASN V 193 -22.99 -44.55 -97.71
C ASN V 193 -22.32 -43.58 -96.72
N SER V 194 -21.91 -44.06 -95.55
CA SER V 194 -21.14 -43.28 -94.54
C SER V 194 -19.97 -44.14 -94.05
N ARG V 195 -18.85 -43.50 -93.68
CA ARG V 195 -17.74 -44.17 -92.96
C ARG V 195 -17.63 -43.52 -91.58
N TYR V 196 -17.72 -44.31 -90.51
CA TYR V 196 -17.64 -43.79 -89.12
C TYR V 196 -16.56 -44.51 -88.34
N PHE V 197 -15.98 -43.79 -87.38
CA PHE V 197 -14.82 -44.18 -86.54
C PHE V 197 -14.99 -43.59 -85.15
N GLY V 198 -14.97 -44.43 -84.10
CA GLY V 198 -15.17 -44.00 -82.72
C GLY V 198 -14.30 -44.83 -81.76
N SER V 199 -13.92 -44.20 -80.65
CA SER V 199 -13.29 -44.86 -79.48
C SER V 199 -13.82 -44.23 -78.19
N TYR V 200 -14.36 -45.06 -77.29
CA TYR V 200 -14.82 -44.65 -75.94
C TYR V 200 -13.88 -45.25 -74.89
N THR V 201 -13.58 -44.48 -73.85
CA THR V 201 -12.85 -44.94 -72.65
C THR V 201 -13.64 -44.51 -71.40
N GLY V 202 -13.91 -45.46 -70.49
CA GLY V 202 -14.65 -45.19 -69.23
C GLY V 202 -13.72 -44.75 -68.12
N GLY V 203 -14.17 -44.92 -66.87
CA GLY V 203 -13.39 -44.66 -65.64
C GLY V 203 -13.73 -43.31 -65.03
N VAL V 204 -13.31 -43.10 -63.78
CA VAL V 204 -13.68 -41.90 -62.97
C VAL V 204 -12.65 -40.79 -63.20
N GLU V 205 -11.37 -41.14 -63.15
CA GLU V 205 -10.23 -40.17 -63.22
C GLU V 205 -9.30 -40.52 -64.40
N THR V 206 -9.81 -41.27 -65.39
CA THR V 206 -9.02 -41.78 -66.53
C THR V 206 -8.38 -40.61 -67.29
N PRO V 207 -7.04 -40.66 -67.54
CA PRO V 207 -6.37 -39.59 -68.27
C PRO V 207 -6.70 -39.69 -69.75
N PRO V 208 -7.09 -38.56 -70.39
CA PRO V 208 -7.20 -38.52 -71.84
C PRO V 208 -5.82 -38.64 -72.49
N VAL V 209 -5.75 -39.42 -73.57
CA VAL V 209 -4.55 -39.57 -74.45
C VAL V 209 -4.99 -39.20 -75.85
N LEU V 210 -4.51 -38.06 -76.37
CA LEU V 210 -4.84 -37.57 -77.73
C LEU V 210 -3.55 -37.20 -78.47
N SER V 211 -3.48 -37.58 -79.74
CA SER V 211 -2.37 -37.22 -80.66
C SER V 211 -2.89 -36.25 -81.72
N PHE V 212 -1.98 -35.45 -82.28
CA PHE V 212 -2.29 -34.48 -83.36
C PHE V 212 -1.10 -34.39 -84.30
N THR V 213 -1.37 -34.50 -85.61
CA THR V 213 -0.37 -34.37 -86.70
C THR V 213 -1.08 -33.99 -88.00
N ASN V 214 -0.41 -33.25 -88.87
CA ASN V 214 -0.95 -32.90 -90.22
C ASN V 214 -0.40 -33.89 -91.25
N THR V 215 0.08 -35.07 -90.81
CA THR V 215 0.66 -36.11 -91.70
C THR V 215 -0.27 -37.34 -91.81
N SER V 216 -1.34 -37.44 -91.02
CA SER V 216 -2.29 -38.57 -91.05
C SER V 216 -3.31 -38.35 -92.17
N THR V 217 -3.80 -39.44 -92.78
CA THR V 217 -4.92 -39.45 -93.75
C THR V 217 -5.74 -40.72 -93.53
N THR V 218 -7.06 -40.61 -93.54
CA THR V 218 -7.99 -41.77 -93.46
C THR V 218 -8.62 -41.97 -94.84
N ILE V 219 -8.40 -43.13 -95.44
CA ILE V 219 -9.02 -43.53 -96.74
C ILE V 219 -10.49 -43.90 -96.47
N LEU V 220 -11.40 -43.43 -97.33
CA LEU V 220 -12.86 -43.61 -97.16
C LEU V 220 -13.42 -44.59 -98.18
N LEU V 221 -12.58 -45.10 -99.10
CA LEU V 221 -13.01 -46.10 -100.11
C LEU V 221 -13.34 -47.42 -99.40
N ASP V 222 -14.35 -48.13 -99.86
CA ASP V 222 -14.83 -49.42 -99.26
C ASP V 222 -14.05 -50.59 -99.88
N GLU V 223 -14.45 -51.82 -99.52
CA GLU V 223 -13.91 -53.11 -100.05
C GLU V 223 -13.81 -53.04 -101.59
N ASN V 224 -14.70 -52.32 -102.27
CA ASN V 224 -14.79 -52.26 -103.76
C ASN V 224 -14.31 -50.91 -104.30
N GLY V 225 -13.48 -50.17 -103.56
CA GLY V 225 -12.85 -48.91 -104.04
C GLY V 225 -13.85 -47.79 -104.30
N VAL V 226 -15.04 -47.86 -103.68
CA VAL V 226 -16.09 -46.81 -103.78
C VAL V 226 -16.15 -46.05 -102.45
N GLY V 227 -16.08 -44.73 -102.50
CA GLY V 227 -16.24 -43.84 -101.33
C GLY V 227 -17.69 -43.44 -101.12
N PRO V 228 -18.01 -42.70 -100.04
CA PRO V 228 -19.34 -42.10 -99.88
C PRO V 228 -19.69 -41.25 -101.10
N LEU V 229 -20.87 -41.49 -101.67
CA LEU V 229 -21.42 -40.70 -102.81
C LEU V 229 -22.40 -39.67 -102.27
N CYS V 230 -22.08 -38.40 -102.45
CA CYS V 230 -22.79 -37.23 -101.86
C CYS V 230 -24.10 -36.97 -102.61
N LYS V 231 -25.22 -37.49 -102.07
CA LYS V 231 -26.59 -37.27 -102.59
C LYS V 231 -26.95 -35.79 -102.43
N GLY V 232 -27.73 -35.27 -103.39
CA GLY V 232 -28.13 -33.85 -103.43
C GLY V 232 -26.96 -32.90 -103.32
N ASP V 233 -25.78 -33.31 -103.81
CA ASP V 233 -24.54 -32.48 -103.81
C ASP V 233 -24.28 -31.97 -102.38
N GLY V 234 -24.45 -32.85 -101.40
CA GLY V 234 -24.22 -32.57 -99.96
C GLY V 234 -23.26 -33.56 -99.33
N LEU V 235 -22.23 -33.06 -98.64
CA LEU V 235 -21.28 -33.86 -97.83
C LEU V 235 -21.68 -33.74 -96.35
N TYR V 236 -21.87 -34.88 -95.67
CA TYR V 236 -22.42 -34.96 -94.30
C TYR V 236 -21.29 -35.29 -93.31
N LEU V 237 -20.89 -34.30 -92.52
CA LEU V 237 -19.88 -34.45 -91.44
C LEU V 237 -20.58 -34.61 -90.08
N SER V 238 -20.04 -35.49 -89.23
CA SER V 238 -20.51 -35.71 -87.84
C SER V 238 -19.30 -35.86 -86.92
N SER V 239 -19.46 -35.45 -85.66
CA SER V 239 -18.37 -35.34 -84.66
C SER V 239 -18.97 -35.59 -83.27
N ALA V 240 -18.19 -36.20 -82.39
CA ALA V 240 -18.47 -36.31 -80.94
C ALA V 240 -17.13 -36.39 -80.21
N ASP V 241 -16.63 -35.26 -79.71
CA ASP V 241 -15.31 -35.22 -79.04
C ASP V 241 -15.45 -34.64 -77.63
N VAL V 242 -15.86 -35.51 -76.71
CA VAL V 242 -15.96 -35.21 -75.26
C VAL V 242 -14.67 -35.71 -74.61
N ALA V 243 -13.72 -34.81 -74.37
CA ALA V 243 -12.34 -35.12 -73.93
C ALA V 243 -12.35 -35.70 -72.51
N GLY V 244 -13.40 -35.39 -71.75
CA GLY V 244 -13.57 -35.81 -70.35
C GLY V 244 -14.36 -34.78 -69.56
N THR V 245 -14.08 -34.65 -68.26
CA THR V 245 -14.76 -33.70 -67.35
C THR V 245 -13.74 -32.74 -66.76
N PHE V 246 -14.16 -31.50 -66.55
CA PHE V 246 -13.48 -30.52 -65.66
C PHE V 246 -14.02 -30.71 -64.25
N VAL V 247 -13.12 -30.90 -63.27
CA VAL V 247 -13.46 -31.03 -61.82
C VAL V 247 -13.08 -29.71 -61.14
N GLN V 248 -14.06 -28.98 -60.63
CA GLN V 248 -13.85 -27.62 -60.06
C GLN V 248 -13.50 -27.71 -58.57
N GLN V 249 -12.49 -26.95 -58.13
CA GLN V 249 -12.12 -26.84 -56.70
C GLN V 249 -13.35 -26.34 -55.91
N THR V 250 -13.43 -26.69 -54.63
CA THR V 250 -14.42 -26.15 -53.66
C THR V 250 -15.78 -26.79 -53.93
N SER V 251 -16.41 -26.51 -55.08
CA SER V 251 -17.74 -27.08 -55.44
C SER V 251 -17.60 -28.61 -55.61
N GLN V 252 -16.46 -29.05 -56.13
CA GLN V 252 -16.17 -30.48 -56.50
C GLN V 252 -17.26 -30.96 -57.46
N LYS V 253 -17.81 -30.05 -58.26
CA LYS V 253 -18.76 -30.36 -59.36
C LYS V 253 -17.97 -30.69 -60.63
N GLN V 254 -18.56 -31.51 -61.49
CA GLN V 254 -17.95 -31.94 -62.78
C GLN V 254 -18.73 -31.32 -63.94
N TYR V 255 -18.01 -30.91 -64.98
CA TYR V 255 -18.55 -30.34 -66.23
C TYR V 255 -17.93 -31.11 -67.40
N TRP V 256 -18.76 -31.60 -68.32
CA TRP V 256 -18.30 -32.18 -69.61
C TRP V 256 -17.50 -31.12 -70.36
N ARG V 257 -16.35 -31.51 -70.92
CA ARG V 257 -15.49 -30.65 -71.77
C ARG V 257 -15.43 -31.24 -73.18
N GLY V 258 -15.83 -30.46 -74.18
CA GLY V 258 -15.81 -30.86 -75.60
C GLY V 258 -14.71 -30.15 -76.36
N LEU V 259 -14.26 -30.73 -77.48
CA LEU V 259 -13.26 -30.10 -78.37
C LEU V 259 -13.78 -30.11 -79.80
N PRO V 260 -13.36 -29.12 -80.62
CA PRO V 260 -13.78 -29.06 -82.02
C PRO V 260 -12.96 -30.05 -82.86
N ARG V 261 -13.55 -30.53 -83.96
CA ARG V 261 -12.87 -31.42 -84.93
C ARG V 261 -12.75 -30.70 -86.27
N TYR V 262 -11.54 -30.72 -86.85
CA TYR V 262 -11.24 -30.20 -88.21
C TYR V 262 -11.39 -31.34 -89.21
N PHE V 263 -11.99 -31.04 -90.36
CA PHE V 263 -12.08 -31.98 -91.51
C PHE V 263 -11.43 -31.37 -92.75
N ASN V 264 -10.76 -32.20 -93.53
CA ASN V 264 -10.27 -31.84 -94.89
C ASN V 264 -10.56 -33.02 -95.81
N ILE V 265 -11.69 -32.98 -96.52
CA ILE V 265 -12.15 -34.11 -97.37
C ILE V 265 -11.70 -33.86 -98.80
N THR V 266 -11.09 -34.87 -99.44
CA THR V 266 -10.79 -34.90 -100.88
C THR V 266 -11.91 -35.68 -101.58
N LEU V 267 -12.59 -35.05 -102.54
CA LEU V 267 -13.65 -35.70 -103.34
C LEU V 267 -13.27 -35.68 -104.82
N ARG V 268 -13.86 -36.60 -105.59
CA ARG V 268 -13.66 -36.73 -107.05
C ARG V 268 -15.02 -37.04 -107.69
N LYS V 269 -15.19 -36.69 -108.96
CA LYS V 269 -16.45 -36.93 -109.71
C LYS V 269 -16.55 -38.43 -110.04
N ARG V 270 -17.70 -39.04 -109.78
CA ARG V 270 -18.00 -40.45 -110.09
C ARG V 270 -19.32 -40.49 -110.86
N ALA V 271 -19.40 -41.31 -111.90
CA ALA V 271 -20.60 -41.51 -112.75
C ALA V 271 -21.50 -42.58 -112.13
N VAL V 272 -22.81 -42.45 -112.31
CA VAL V 272 -23.84 -43.38 -111.72
C VAL V 272 -25.01 -43.55 -112.71
N LYS V 273 -25.67 -44.70 -112.70
CA LYS V 273 -26.60 -45.17 -113.78
C LYS V 273 -27.96 -44.48 -113.64
N GLY W 6 2.54 -21.04 -102.10
CA GLY W 6 2.02 -20.79 -103.51
C GLY W 6 3.09 -21.03 -104.57
N ILE W 7 4.02 -21.94 -104.27
CA ILE W 7 5.28 -22.24 -105.04
C ILE W 7 5.05 -23.45 -105.95
N GLU W 8 5.30 -23.33 -107.25
CA GLU W 8 5.31 -24.48 -108.22
C GLU W 8 6.63 -25.23 -108.02
N VAL W 9 6.57 -26.48 -107.55
CA VAL W 9 7.76 -27.33 -107.22
C VAL W 9 8.21 -28.06 -108.48
N LEU W 10 9.51 -28.11 -108.77
CA LEU W 10 10.06 -28.74 -110.00
C LEU W 10 10.96 -29.93 -109.61
N ASP W 11 12.04 -30.15 -110.37
CA ASP W 11 12.95 -31.32 -110.24
C ASP W 11 13.78 -31.19 -108.96
N VAL W 12 14.23 -32.32 -108.42
CA VAL W 12 15.18 -32.37 -107.27
C VAL W 12 16.60 -32.31 -107.83
N LYS W 13 17.35 -31.24 -107.60
CA LYS W 13 18.80 -31.18 -108.00
C LYS W 13 19.54 -32.28 -107.22
N THR W 14 20.20 -33.21 -107.92
CA THR W 14 21.12 -34.22 -107.35
C THR W 14 22.54 -33.90 -107.83
N GLY W 15 23.54 -34.55 -107.23
CA GLY W 15 24.96 -34.30 -107.48
C GLY W 15 25.68 -33.96 -106.18
N PRO W 16 27.01 -33.67 -106.22
CA PRO W 16 27.74 -33.24 -105.04
C PRO W 16 27.24 -31.88 -104.51
N ASP W 17 27.34 -31.68 -103.20
CA ASP W 17 26.92 -30.43 -102.51
C ASP W 17 25.43 -30.13 -102.78
N SER W 18 24.60 -31.16 -102.96
CA SER W 18 23.15 -31.02 -103.24
C SER W 18 22.34 -31.42 -102.00
N THR W 19 22.94 -32.09 -101.03
CA THR W 19 22.34 -32.39 -99.71
C THR W 19 23.18 -31.75 -98.60
N THR W 20 22.56 -31.53 -97.45
CA THR W 20 23.22 -31.03 -96.21
C THR W 20 22.40 -31.51 -95.00
N THR W 21 23.05 -31.60 -93.84
CA THR W 21 22.39 -31.90 -92.55
C THR W 21 22.52 -30.69 -91.62
N ILE W 22 21.53 -30.51 -90.75
CA ILE W 22 21.48 -29.45 -89.71
C ILE W 22 21.25 -30.12 -88.36
N GLU W 23 22.18 -29.96 -87.43
CA GLU W 23 22.03 -30.29 -86.00
C GLU W 23 21.56 -29.05 -85.25
N ALA W 24 20.56 -29.19 -84.39
CA ALA W 24 20.07 -28.13 -83.48
C ALA W 24 19.46 -28.77 -82.24
N TYR W 25 19.37 -28.04 -81.14
CA TYR W 25 18.59 -28.42 -79.94
C TYR W 25 17.73 -27.22 -79.56
N LEU W 26 16.50 -27.47 -79.11
CA LEU W 26 15.65 -26.47 -78.43
C LEU W 26 15.58 -26.83 -76.94
N ASN W 27 16.02 -25.91 -76.07
CA ASN W 27 15.84 -26.03 -74.60
C ASN W 27 14.39 -25.66 -74.28
N PRO W 28 13.81 -26.28 -73.23
CA PRO W 28 12.40 -26.07 -72.90
C PRO W 28 12.17 -24.68 -72.33
N ARG W 29 10.97 -24.14 -72.54
CA ARG W 29 10.56 -22.81 -72.02
C ARG W 29 9.29 -23.00 -71.18
N VAL W 30 9.46 -23.53 -69.96
CA VAL W 30 8.35 -23.90 -69.05
C VAL W 30 8.04 -22.74 -68.09
N GLY W 31 8.61 -21.54 -68.34
CA GLY W 31 8.37 -20.34 -67.52
C GLY W 31 9.66 -19.74 -66.99
N GLN W 32 10.67 -20.59 -66.78
CA GLN W 32 12.07 -20.17 -66.55
C GLN W 32 12.95 -21.00 -67.51
N ASN W 33 14.27 -20.82 -67.45
CA ASN W 33 15.18 -21.29 -68.53
C ASN W 33 15.93 -22.56 -68.09
N TRP W 34 15.68 -23.08 -66.90
CA TRP W 34 16.52 -24.19 -66.35
C TRP W 34 15.66 -25.43 -66.10
N GLY W 35 14.57 -25.58 -66.85
CA GLY W 35 13.81 -26.83 -66.98
C GLY W 35 12.67 -26.96 -65.97
N PHE W 36 12.53 -25.98 -65.08
CA PHE W 36 11.39 -25.93 -64.11
C PHE W 36 10.71 -24.57 -64.12
N SER W 37 9.39 -24.59 -64.05
CA SER W 37 8.52 -23.43 -63.75
C SER W 37 8.68 -23.05 -62.28
N THR W 38 8.16 -21.88 -61.91
CA THR W 38 7.87 -21.51 -60.51
C THR W 38 6.61 -22.29 -60.09
N GLU W 39 6.28 -22.30 -58.81
CA GLU W 39 5.15 -23.10 -58.28
C GLU W 39 3.88 -22.81 -59.09
N ILE W 40 3.14 -23.85 -59.42
CA ILE W 40 1.83 -23.74 -60.10
C ILE W 40 0.84 -23.16 -59.09
N THR W 41 0.14 -22.09 -59.44
CA THR W 41 -0.86 -21.40 -58.63
C THR W 41 -2.25 -21.62 -59.21
N VAL W 42 -3.29 -21.58 -58.36
CA VAL W 42 -4.70 -21.76 -58.77
C VAL W 42 -5.51 -20.59 -58.23
N ALA W 43 -6.11 -19.80 -59.10
CA ALA W 43 -7.04 -18.70 -58.75
C ALA W 43 -8.16 -19.27 -57.89
N SER W 44 -8.60 -18.53 -56.86
CA SER W 44 -9.80 -18.85 -56.06
C SER W 44 -11.06 -18.60 -56.90
N ASN W 45 -12.03 -19.50 -56.82
CA ASN W 45 -13.30 -19.40 -57.61
C ASN W 45 -13.82 -17.97 -57.46
N GLY W 46 -14.14 -17.31 -58.59
CA GLY W 46 -14.77 -15.99 -58.62
C GLY W 46 -13.77 -14.86 -58.75
N TYR W 47 -12.47 -15.11 -58.48
CA TYR W 47 -11.38 -14.12 -58.66
C TYR W 47 -10.77 -14.28 -60.05
N ASN W 48 -9.96 -13.31 -60.48
CA ASN W 48 -9.25 -13.35 -61.78
C ASN W 48 -8.34 -14.58 -61.83
N ASP W 49 -8.34 -15.26 -62.99
CA ASP W 49 -7.36 -16.31 -63.35
C ASP W 49 -6.12 -15.60 -63.92
N ALA W 50 -5.14 -15.30 -63.08
CA ALA W 50 -3.95 -14.48 -63.44
C ALA W 50 -2.69 -15.20 -63.01
N PRO W 51 -2.25 -16.23 -63.75
CA PRO W 51 -1.05 -16.98 -63.41
C PRO W 51 0.20 -16.12 -63.62
N HIS W 52 1.25 -16.44 -62.86
CA HIS W 52 2.59 -15.81 -62.93
C HIS W 52 3.22 -16.12 -64.30
N LEU W 53 3.96 -15.17 -64.88
CA LEU W 53 4.72 -15.39 -66.13
C LEU W 53 5.48 -16.70 -66.03
N THR W 54 6.14 -16.94 -64.90
CA THR W 54 7.16 -18.00 -64.72
C THR W 54 6.52 -19.35 -64.39
N GLU W 55 5.19 -19.49 -64.49
CA GLU W 55 4.49 -20.76 -64.18
C GLU W 55 3.74 -21.28 -65.41
N ILE W 56 3.95 -20.63 -66.56
CA ILE W 56 3.21 -20.89 -67.83
C ILE W 56 4.18 -21.41 -68.88
N PRO W 57 4.13 -22.72 -69.22
CA PRO W 57 4.95 -23.28 -70.27
C PRO W 57 4.54 -22.78 -71.66
N CYS W 58 5.56 -22.53 -72.48
CA CYS W 58 5.45 -21.98 -73.86
C CYS W 58 6.15 -22.90 -74.86
N TYR W 59 5.75 -22.81 -76.13
CA TYR W 59 6.44 -23.42 -77.28
C TYR W 59 7.86 -22.85 -77.34
N SER W 60 8.86 -23.74 -77.37
CA SER W 60 10.23 -23.45 -77.83
C SER W 60 10.22 -23.35 -79.36
N SER W 61 11.02 -22.47 -79.93
CA SER W 61 11.04 -22.15 -81.38
C SER W 61 12.38 -21.53 -81.74
N ALA W 62 12.93 -21.88 -82.90
CA ALA W 62 14.17 -21.28 -83.45
C ALA W 62 14.11 -21.32 -84.99
N ARG W 63 14.76 -20.36 -85.63
CA ARG W 63 14.99 -20.33 -87.10
C ARG W 63 16.47 -20.57 -87.33
N ILE W 64 16.83 -21.71 -87.92
CA ILE W 64 18.24 -22.04 -88.29
C ILE W 64 18.49 -21.45 -89.68
N SER W 65 19.60 -20.72 -89.84
CA SER W 65 20.09 -20.18 -91.13
C SER W 65 20.72 -21.31 -91.95
N LEU W 66 20.25 -21.49 -93.19
CA LEU W 66 20.74 -22.51 -94.14
C LEU W 66 21.73 -21.86 -95.10
N PRO W 67 22.67 -22.61 -95.72
CA PRO W 67 23.55 -22.05 -96.75
C PRO W 67 22.75 -21.29 -97.82
N LEU W 68 23.23 -20.11 -98.23
CA LEU W 68 22.55 -19.27 -99.26
C LEU W 68 22.61 -20.03 -100.59
N LEU W 69 21.54 -20.00 -101.39
CA LEU W 69 21.45 -20.84 -102.62
C LEU W 69 21.62 -20.03 -103.91
N ASN W 70 20.93 -18.91 -104.07
CA ASN W 70 20.80 -18.23 -105.38
C ASN W 70 21.81 -17.07 -105.43
N THR W 77 14.98 -20.45 -112.93
CA THR W 77 14.44 -21.32 -111.85
C THR W 77 15.30 -21.15 -110.58
N LEU W 78 14.67 -20.84 -109.45
CA LEU W 78 15.30 -20.66 -108.14
C LEU W 78 15.44 -22.03 -107.45
N LEU W 79 16.39 -22.13 -106.51
CA LEU W 79 16.56 -23.32 -105.63
C LEU W 79 16.16 -22.97 -104.19
N MET W 80 15.44 -23.89 -103.54
CA MET W 80 15.14 -23.84 -102.08
C MET W 80 15.62 -25.15 -101.44
N TRP W 81 16.11 -25.07 -100.22
CA TRP W 81 16.36 -26.26 -99.37
C TRP W 81 15.02 -26.93 -99.06
N GLU W 82 14.99 -28.26 -99.19
CA GLU W 82 13.81 -29.10 -98.91
C GLU W 82 14.16 -30.05 -97.77
N ALA W 83 13.45 -29.97 -96.66
CA ALA W 83 13.63 -30.86 -95.49
C ALA W 83 13.02 -32.22 -95.84
N VAL W 84 13.83 -33.28 -95.83
CA VAL W 84 13.43 -34.64 -96.31
C VAL W 84 13.09 -35.52 -95.11
N SER W 85 13.93 -35.51 -94.09
CA SER W 85 13.83 -36.39 -92.90
C SER W 85 14.40 -35.67 -91.69
N VAL W 86 13.98 -36.10 -90.49
CA VAL W 86 14.52 -35.60 -89.20
C VAL W 86 14.68 -36.79 -88.24
N LYS W 87 15.88 -36.94 -87.67
CA LYS W 87 16.13 -37.73 -86.45
C LYS W 87 15.92 -36.77 -85.28
N THR W 88 14.97 -37.04 -84.38
CA THR W 88 14.71 -36.18 -83.19
C THR W 88 14.67 -37.05 -81.93
N GLU W 89 15.11 -36.48 -80.81
CA GLU W 89 15.18 -37.20 -79.50
C GLU W 89 14.89 -36.21 -78.37
N VAL W 90 14.15 -36.67 -77.36
CA VAL W 90 13.95 -35.93 -76.09
C VAL W 90 15.15 -36.25 -75.21
N VAL W 91 15.97 -35.23 -74.93
CA VAL W 91 17.28 -35.37 -74.23
C VAL W 91 17.04 -35.33 -72.73
N GLY W 92 17.80 -36.12 -71.97
CA GLY W 92 17.80 -36.09 -70.49
C GLY W 92 16.57 -36.76 -69.89
N ILE W 93 15.97 -37.72 -70.59
CA ILE W 93 14.88 -38.57 -70.05
C ILE W 93 15.40 -39.26 -68.79
N SER W 94 16.62 -39.80 -68.85
CA SER W 94 17.27 -40.55 -67.74
C SER W 94 17.37 -39.68 -66.48
N SER W 95 17.31 -38.35 -66.62
CA SER W 95 17.41 -37.37 -65.50
C SER W 95 16.30 -37.62 -64.47
N MET W 96 15.19 -38.26 -64.90
CA MET W 96 13.98 -38.47 -64.08
C MET W 96 14.15 -39.67 -63.15
N LEU W 97 15.14 -40.54 -63.35
CA LEU W 97 15.41 -41.68 -62.41
C LEU W 97 16.16 -41.12 -61.19
N ASN W 98 15.47 -40.30 -60.40
CA ASN W 98 16.01 -39.53 -59.25
C ASN W 98 14.95 -39.50 -58.15
N MET W 99 15.18 -40.23 -57.05
CA MET W 99 14.20 -40.32 -55.93
C MET W 99 14.79 -39.70 -54.65
N HIS W 100 15.81 -38.85 -54.77
CA HIS W 100 16.52 -38.24 -53.61
C HIS W 100 16.42 -36.71 -53.61
N SER W 101 16.09 -36.08 -54.74
CA SER W 101 16.14 -34.60 -54.92
C SER W 101 14.80 -33.98 -54.52
N TYR W 102 14.44 -34.10 -53.24
CA TYR W 102 13.44 -33.26 -52.51
C TYR W 102 12.00 -33.62 -52.90
N GLY W 103 11.79 -34.73 -53.61
CA GLY W 103 10.44 -35.14 -54.07
C GLY W 103 9.57 -35.54 -52.89
N LEU W 104 8.26 -35.27 -52.97
CA LEU W 104 7.24 -35.78 -52.01
C LEU W 104 7.51 -37.27 -51.79
N ARG W 105 7.57 -37.70 -50.54
CA ARG W 105 8.09 -39.06 -50.18
C ARG W 105 6.93 -40.06 -50.14
N ALA W 106 7.16 -41.25 -50.70
CA ALA W 106 6.17 -42.35 -50.82
C ALA W 106 6.11 -43.13 -49.51
N PHE W 107 5.08 -43.96 -49.37
CA PHE W 107 4.90 -44.91 -48.25
C PHE W 107 5.04 -44.16 -46.92
N GLY W 108 4.17 -43.16 -46.75
CA GLY W 108 3.98 -42.38 -45.52
C GLY W 108 5.22 -41.58 -45.12
N GLY W 109 6.09 -41.24 -46.08
CA GLY W 109 7.26 -40.38 -45.87
C GLY W 109 8.55 -41.16 -45.63
N TYR W 110 8.49 -42.50 -45.57
CA TYR W 110 9.67 -43.36 -45.26
C TYR W 110 10.37 -43.80 -46.56
N GLY W 111 9.67 -43.74 -47.69
CA GLY W 111 10.20 -44.14 -49.02
C GLY W 111 10.93 -43.01 -49.70
N GLY W 112 11.21 -43.16 -50.99
CA GLY W 112 11.93 -42.18 -51.81
C GLY W 112 11.00 -41.09 -52.35
N GLY W 113 11.58 -40.04 -52.92
CA GLY W 113 10.85 -38.93 -53.55
C GLY W 113 10.12 -39.36 -54.81
N TYR W 114 8.98 -38.74 -55.09
CA TYR W 114 8.20 -38.90 -56.35
C TYR W 114 9.08 -38.45 -57.53
N THR W 115 9.21 -39.31 -58.53
CA THR W 115 9.75 -38.92 -59.86
C THR W 115 8.70 -38.03 -60.55
N ILE W 116 9.14 -37.24 -61.52
CA ILE W 116 8.26 -36.40 -62.37
C ILE W 116 7.05 -37.24 -62.77
N GLU W 117 5.86 -36.72 -62.57
CA GLU W 117 4.57 -37.38 -62.93
C GLU W 117 3.51 -36.33 -63.23
N GLY W 118 2.35 -36.77 -63.71
CA GLY W 118 1.20 -35.92 -64.03
C GLY W 118 1.06 -35.65 -65.50
N SER W 119 0.17 -34.72 -65.85
CA SER W 119 -0.16 -34.35 -67.25
C SER W 119 1.12 -33.89 -67.96
N HIS W 120 1.27 -34.30 -69.22
CA HIS W 120 2.49 -34.05 -70.03
C HIS W 120 2.10 -33.91 -71.50
N ILE W 121 2.87 -33.14 -72.25
CA ILE W 121 2.73 -33.00 -73.73
C ILE W 121 4.12 -33.12 -74.34
N HIS W 122 4.22 -33.81 -75.47
CA HIS W 122 5.46 -33.93 -76.27
C HIS W 122 5.13 -33.62 -77.73
N PHE W 123 5.83 -32.65 -78.30
CA PHE W 123 5.49 -32.10 -79.61
C PHE W 123 6.72 -31.52 -80.29
N PHE W 124 6.80 -31.70 -81.62
CA PHE W 124 7.87 -31.09 -82.46
C PHE W 124 7.27 -30.81 -83.83
N SER W 125 7.82 -29.81 -84.51
CA SER W 125 7.48 -29.43 -85.90
C SER W 125 8.76 -29.02 -86.63
N VAL W 126 8.83 -29.38 -87.91
CA VAL W 126 9.87 -28.91 -88.87
C VAL W 126 9.12 -28.25 -90.03
N GLY W 127 9.57 -27.08 -90.46
CA GLY W 127 8.86 -26.27 -91.48
C GLY W 127 9.80 -25.33 -92.21
N GLY W 128 9.33 -24.83 -93.36
CA GLY W 128 10.04 -23.83 -94.19
C GLY W 128 9.60 -22.42 -93.86
N GLU W 129 8.76 -22.28 -92.83
CA GLU W 129 8.23 -20.99 -92.33
C GLU W 129 7.76 -21.19 -90.89
N PRO W 130 7.47 -20.10 -90.15
CA PRO W 130 6.88 -20.22 -88.82
C PRO W 130 5.63 -21.13 -88.83
N LEU W 131 5.49 -21.93 -87.76
CA LEU W 131 4.32 -22.82 -87.53
C LEU W 131 3.06 -21.95 -87.35
N ASP W 132 1.98 -22.28 -88.04
CA ASP W 132 0.67 -21.58 -87.91
C ASP W 132 -0.04 -22.10 -86.66
N LEU W 133 -0.46 -21.18 -85.78
CA LEU W 133 -1.15 -21.48 -84.50
C LEU W 133 -2.61 -21.08 -84.60
N GLN W 134 -3.49 -21.92 -84.02
CA GLN W 134 -4.93 -21.65 -83.80
C GLN W 134 -5.13 -21.40 -82.30
N GLY W 135 -5.89 -20.35 -81.96
CA GLY W 135 -6.24 -20.03 -80.56
C GLY W 135 -7.31 -20.98 -80.05
N LEU W 136 -7.02 -21.70 -78.97
CA LEU W 136 -8.03 -22.44 -78.18
C LEU W 136 -7.48 -22.64 -76.76
N MET W 137 -8.28 -22.25 -75.76
CA MET W 137 -7.88 -22.20 -74.33
C MET W 137 -9.03 -22.76 -73.47
N GLN W 138 -8.71 -23.22 -72.25
CA GLN W 138 -9.69 -23.80 -71.31
C GLN W 138 -10.56 -22.69 -70.70
N ASN W 139 -9.96 -21.54 -70.40
CA ASN W 139 -10.67 -20.38 -69.77
C ASN W 139 -10.36 -19.11 -70.58
N HIS W 140 -11.36 -18.58 -71.29
CA HIS W 140 -11.23 -17.42 -72.20
C HIS W 140 -10.70 -16.21 -71.43
N SER W 141 -10.97 -16.14 -70.12
CA SER W 141 -10.72 -14.98 -69.24
C SER W 141 -9.30 -15.02 -68.66
N THR W 142 -8.53 -16.08 -68.90
CA THR W 142 -7.13 -16.17 -68.39
C THR W 142 -6.37 -14.89 -68.76
N GLN W 143 -5.67 -14.29 -67.79
CA GLN W 143 -4.83 -13.08 -67.98
C GLN W 143 -3.36 -13.52 -68.09
N TYR W 144 -2.81 -13.44 -69.31
CA TYR W 144 -1.38 -13.76 -69.58
C TYR W 144 -0.56 -12.50 -69.37
N PRO W 145 0.42 -12.50 -68.45
CA PRO W 145 1.32 -11.35 -68.29
C PRO W 145 2.17 -11.13 -69.55
N SER W 146 2.42 -9.86 -69.88
CA SER W 146 3.43 -9.44 -70.89
C SER W 146 4.79 -10.02 -70.45
N PRO W 147 5.66 -10.47 -71.38
CA PRO W 147 5.46 -10.37 -72.83
C PRO W 147 4.79 -11.55 -73.55
N LEU W 148 4.13 -12.45 -72.82
CA LEU W 148 3.41 -13.61 -73.42
C LEU W 148 2.33 -13.07 -74.35
N VAL W 149 1.92 -13.89 -75.32
CA VAL W 149 0.87 -13.52 -76.32
C VAL W 149 -0.21 -14.59 -76.27
N GLY W 150 -1.45 -14.20 -75.97
CA GLY W 150 -2.62 -15.09 -75.96
C GLY W 150 -3.59 -14.73 -77.07
N PRO W 151 -4.60 -15.57 -77.34
CA PRO W 151 -5.59 -15.28 -78.38
C PRO W 151 -6.37 -14.01 -78.03
N LYS W 152 -6.25 -12.99 -78.89
CA LYS W 152 -7.01 -11.71 -78.81
C LYS W 152 -7.73 -11.53 -80.15
N LYS W 153 -8.96 -11.00 -80.14
CA LYS W 153 -9.63 -10.47 -81.36
C LYS W 153 -8.84 -9.24 -81.81
N PRO W 154 -9.12 -8.65 -83.00
CA PRO W 154 -8.47 -7.40 -83.40
C PRO W 154 -8.72 -6.25 -82.41
N ASP W 155 -9.88 -6.23 -81.75
CA ASP W 155 -10.29 -5.15 -80.83
C ASP W 155 -9.60 -5.31 -79.46
N GLY W 156 -8.86 -6.40 -79.22
CA GLY W 156 -8.07 -6.60 -77.99
C GLY W 156 -8.75 -7.55 -77.00
N THR W 157 -10.05 -7.82 -77.19
CA THR W 157 -10.87 -8.67 -76.29
C THR W 157 -10.59 -10.15 -76.57
N THR W 158 -11.10 -11.04 -75.71
CA THR W 158 -11.09 -12.51 -75.86
C THR W 158 -12.41 -13.06 -75.33
N ASP W 159 -13.31 -13.53 -76.20
CA ASP W 159 -14.68 -13.94 -75.80
C ASP W 159 -14.71 -15.46 -75.53
N ASP W 160 -15.89 -15.98 -75.19
CA ASP W 160 -16.13 -17.40 -74.84
C ASP W 160 -15.74 -18.32 -76.00
N SER W 161 -15.80 -17.84 -77.24
CA SER W 161 -15.55 -18.64 -78.47
C SER W 161 -14.11 -19.16 -78.49
N ALA W 162 -13.20 -18.53 -77.76
CA ALA W 162 -11.78 -18.94 -77.66
C ALA W 162 -11.64 -20.30 -76.93
N GLN W 163 -12.73 -20.83 -76.38
CA GLN W 163 -12.73 -22.15 -75.69
C GLN W 163 -13.12 -23.25 -76.69
N VAL W 164 -13.53 -22.85 -77.89
CA VAL W 164 -13.76 -23.77 -79.04
C VAL W 164 -13.00 -23.20 -80.24
N LEU W 165 -13.38 -23.58 -81.46
CA LEU W 165 -12.70 -23.06 -82.69
C LEU W 165 -13.43 -21.81 -83.17
N ASN W 166 -12.73 -20.67 -83.10
CA ASN W 166 -13.09 -19.41 -83.81
C ASN W 166 -11.90 -19.01 -84.67
N PRO W 167 -12.03 -19.04 -86.00
CA PRO W 167 -10.95 -18.64 -86.90
C PRO W 167 -10.33 -17.26 -86.65
N ILE W 168 -11.03 -16.38 -85.92
CA ILE W 168 -10.53 -15.00 -85.63
C ILE W 168 -9.23 -15.09 -84.83
N TYR W 169 -9.02 -16.17 -84.06
CA TYR W 169 -7.85 -16.35 -83.15
C TYR W 169 -6.76 -17.18 -83.83
N LYS W 170 -5.82 -16.51 -84.49
CA LYS W 170 -4.65 -17.16 -85.16
C LYS W 170 -3.39 -16.37 -84.82
N ALA W 171 -2.24 -17.02 -84.97
CA ALA W 171 -0.91 -16.42 -84.76
C ALA W 171 0.15 -17.27 -85.47
N LYS W 172 1.34 -16.71 -85.65
CA LYS W 172 2.51 -17.43 -86.18
C LYS W 172 3.48 -17.59 -85.01
N LEU W 173 4.02 -18.80 -84.82
CA LEU W 173 5.00 -19.12 -83.75
C LEU W 173 6.34 -18.49 -84.15
N ASP W 174 6.46 -17.17 -83.98
CA ASP W 174 7.57 -16.36 -84.53
C ASP W 174 8.56 -15.95 -83.43
N LYS W 175 8.31 -16.32 -82.17
CA LYS W 175 9.17 -15.93 -81.02
C LYS W 175 9.24 -17.11 -80.03
N ASP W 176 10.45 -17.46 -79.57
CA ASP W 176 10.68 -18.47 -78.51
C ASP W 176 10.04 -17.97 -77.20
N ALA W 177 9.57 -18.90 -76.36
CA ALA W 177 9.21 -18.66 -74.94
C ALA W 177 8.11 -17.61 -74.81
N THR W 178 7.28 -17.45 -75.83
CA THR W 178 6.31 -16.33 -75.96
C THR W 178 4.87 -16.83 -76.05
N TYR W 179 4.64 -17.93 -76.77
CA TYR W 179 3.28 -18.45 -77.06
C TYR W 179 2.99 -19.59 -76.10
N PRO W 180 2.05 -19.41 -75.13
CA PRO W 180 1.74 -20.46 -74.16
C PRO W 180 1.12 -21.69 -74.85
N ILE W 181 1.55 -22.87 -74.44
CA ILE W 181 1.05 -24.17 -74.96
C ILE W 181 -0.46 -24.25 -74.72
N GLU W 182 -0.94 -23.63 -73.64
CA GLU W 182 -2.30 -23.87 -73.09
C GLU W 182 -3.38 -23.09 -73.86
N CYS W 183 -3.00 -22.15 -74.73
CA CYS W 183 -3.97 -21.31 -75.50
C CYS W 183 -3.70 -21.35 -77.01
N TRP W 184 -2.63 -22.03 -77.45
CA TRP W 184 -2.29 -22.18 -78.89
C TRP W 184 -2.03 -23.66 -79.22
N CYS W 185 -2.67 -24.17 -80.27
CA CYS W 185 -2.34 -25.49 -80.87
C CYS W 185 -1.95 -25.28 -82.33
N PRO W 186 -1.25 -26.25 -82.96
CA PRO W 186 -1.00 -26.21 -84.39
C PRO W 186 -2.33 -26.11 -85.14
N ASP W 187 -2.39 -25.18 -86.11
CA ASP W 187 -3.58 -24.87 -86.95
C ASP W 187 -3.63 -25.87 -88.11
N PRO W 188 -4.57 -26.83 -88.11
CA PRO W 188 -4.62 -27.87 -89.12
C PRO W 188 -5.19 -27.36 -90.46
N SER W 189 -5.75 -26.15 -90.48
CA SER W 189 -6.31 -25.47 -91.67
C SER W 189 -5.19 -24.80 -92.48
N ARG W 190 -3.97 -24.77 -91.93
CA ARG W 190 -2.78 -24.16 -92.58
C ARG W 190 -1.59 -25.12 -92.42
N ASN W 191 -0.39 -24.60 -92.18
CA ASN W 191 0.83 -25.42 -92.00
C ASN W 191 1.04 -26.36 -93.20
N GLU W 192 0.72 -25.92 -94.42
CA GLU W 192 0.97 -26.70 -95.67
C GLU W 192 2.49 -26.95 -95.78
N ASN W 193 3.33 -26.00 -95.32
CA ASN W 193 4.80 -26.02 -95.49
C ASN W 193 5.49 -26.36 -94.16
N SER W 194 4.77 -26.99 -93.23
CA SER W 194 5.30 -27.50 -91.94
C SER W 194 4.80 -28.93 -91.72
N ARG W 195 5.57 -29.76 -91.05
CA ARG W 195 5.12 -31.09 -90.55
C ARG W 195 5.18 -31.06 -89.04
N TYR W 196 4.07 -31.32 -88.35
CA TYR W 196 4.00 -31.30 -86.88
C TYR W 196 3.45 -32.63 -86.34
N PHE W 197 3.91 -32.98 -85.14
CA PHE W 197 3.65 -34.25 -84.43
C PHE W 197 3.55 -33.97 -82.93
N GLY W 198 2.44 -34.35 -82.31
CA GLY W 198 2.21 -34.09 -80.87
C GLY W 198 1.38 -35.16 -80.22
N SER W 199 1.66 -35.43 -78.94
CA SER W 199 0.86 -36.34 -78.09
C SER W 199 0.74 -35.75 -76.68
N TYR W 200 -0.49 -35.59 -76.20
CA TYR W 200 -0.81 -35.10 -74.82
C TYR W 200 -1.40 -36.27 -74.04
N THR W 201 -1.03 -36.35 -72.76
CA THR W 201 -1.62 -37.29 -71.76
C THR W 201 -2.00 -36.47 -70.52
N GLY W 202 -3.25 -36.61 -70.04
CA GLY W 202 -3.75 -35.92 -68.83
C GLY W 202 -3.47 -36.72 -67.57
N GLY W 203 -4.24 -36.46 -66.51
CA GLY W 203 -4.19 -37.19 -65.23
C GLY W 203 -3.39 -36.44 -64.18
N VAL W 204 -3.53 -36.86 -62.92
CA VAL W 204 -2.94 -36.16 -61.74
C VAL W 204 -1.55 -36.71 -61.46
N GLU W 205 -1.40 -38.04 -61.47
CA GLU W 205 -0.16 -38.76 -61.08
C GLU W 205 0.31 -39.66 -62.23
N THR W 206 -0.14 -39.38 -63.47
CA THR W 206 0.14 -40.22 -64.67
C THR W 206 1.65 -40.35 -64.87
N PRO W 207 2.17 -41.59 -65.03
CA PRO W 207 3.60 -41.78 -65.24
C PRO W 207 3.97 -41.42 -66.67
N PRO W 208 5.04 -40.60 -66.86
CA PRO W 208 5.57 -40.38 -68.20
C PRO W 208 6.21 -41.68 -68.74
N VAL W 209 5.99 -41.95 -70.02
CA VAL W 209 6.62 -43.06 -70.77
C VAL W 209 7.33 -42.43 -71.97
N LEU W 210 8.66 -42.43 -71.96
CA LEU W 210 9.49 -41.85 -73.05
C LEU W 210 10.56 -42.86 -73.45
N SER W 211 10.78 -43.00 -74.77
CA SER W 211 11.85 -43.85 -75.35
C SER W 211 12.90 -42.98 -76.01
N PHE W 212 14.12 -43.50 -76.14
CA PHE W 212 15.24 -42.79 -76.79
C PHE W 212 16.11 -43.78 -77.53
N THR W 213 16.41 -43.48 -78.79
CA THR W 213 17.28 -44.29 -79.69
C THR W 213 17.82 -43.38 -80.80
N ASN W 214 19.01 -43.68 -81.31
CA ASN W 214 19.60 -42.96 -82.47
C ASN W 214 19.32 -43.75 -83.76
N THR W 215 18.33 -44.66 -83.75
CA THR W 215 17.96 -45.51 -84.91
C THR W 215 16.62 -45.10 -85.53
N SER W 216 15.86 -44.20 -84.90
CA SER W 216 14.55 -43.71 -85.43
C SER W 216 14.78 -42.60 -86.46
N THR W 217 13.91 -42.50 -87.46
CA THR W 217 13.88 -41.40 -88.47
C THR W 217 12.42 -41.09 -88.81
N THR W 218 12.07 -39.81 -88.87
CA THR W 218 10.73 -39.34 -89.33
C THR W 218 10.86 -38.75 -90.72
N ILE W 219 10.17 -39.32 -91.70
CA ILE W 219 10.12 -38.80 -93.10
C ILE W 219 9.20 -37.56 -93.10
N LEU W 220 9.61 -36.49 -93.79
CA LEU W 220 8.89 -35.20 -93.81
C LEU W 220 8.25 -34.95 -95.18
N LEU W 221 8.45 -35.85 -96.14
CA LEU W 221 7.84 -35.74 -97.49
C LEU W 221 6.33 -35.93 -97.36
N ASP W 222 5.53 -35.19 -98.15
CA ASP W 222 4.04 -35.25 -98.10
C ASP W 222 3.54 -36.34 -99.06
N GLU W 223 2.21 -36.41 -99.23
CA GLU W 223 1.49 -37.33 -100.16
C GLU W 223 2.17 -37.31 -101.55
N ASN W 224 2.74 -36.18 -101.97
CA ASN W 224 3.33 -35.98 -103.32
C ASN W 224 4.87 -35.93 -103.28
N GLY W 225 5.50 -36.50 -102.25
CA GLY W 225 6.97 -36.63 -102.16
C GLY W 225 7.70 -35.28 -102.05
N VAL W 226 7.00 -34.24 -101.61
CA VAL W 226 7.57 -32.87 -101.39
C VAL W 226 7.68 -32.63 -99.88
N GLY W 227 8.88 -32.24 -99.42
CA GLY W 227 9.14 -31.85 -98.02
C GLY W 227 8.91 -30.36 -97.79
N PRO W 228 9.01 -29.88 -96.54
CA PRO W 228 8.99 -28.45 -96.27
C PRO W 228 10.08 -27.75 -97.10
N LEU W 229 9.69 -26.69 -97.81
CA LEU W 229 10.61 -25.82 -98.60
C LEU W 229 10.95 -24.58 -97.78
N CYS W 230 12.23 -24.43 -97.45
CA CYS W 230 12.74 -23.39 -96.51
C CYS W 230 12.80 -22.03 -97.19
N LYS W 231 11.76 -21.21 -96.98
CA LYS W 231 11.67 -19.81 -97.48
C LYS W 231 12.75 -18.97 -96.80
N GLY W 232 13.31 -17.99 -97.53
CA GLY W 232 14.39 -17.11 -97.07
C GLY W 232 15.58 -17.90 -96.52
N ASP W 233 15.82 -19.11 -97.04
CA ASP W 233 16.96 -19.98 -96.63
C ASP W 233 16.95 -20.14 -95.09
N GLY W 234 15.75 -20.35 -94.53
CA GLY W 234 15.53 -20.57 -93.10
C GLY W 234 14.75 -21.85 -92.81
N LEU W 235 15.28 -22.68 -91.91
CA LEU W 235 14.60 -23.91 -91.39
C LEU W 235 14.01 -23.58 -90.02
N TYR W 236 12.72 -23.84 -89.84
CA TYR W 236 11.92 -23.44 -88.64
C TYR W 236 11.65 -24.68 -87.78
N LEU W 237 12.33 -24.77 -86.64
CA LEU W 237 12.12 -25.84 -85.62
C LEU W 237 11.23 -25.33 -84.49
N SER W 238 10.33 -26.18 -84.00
CA SER W 238 9.45 -25.91 -82.84
C SER W 238 9.39 -27.16 -81.95
N SER W 239 9.21 -26.95 -80.65
CA SER W 239 9.30 -27.99 -79.60
C SER W 239 8.33 -27.61 -78.46
N ALA W 240 7.74 -28.61 -77.83
CA ALA W 240 7.00 -28.47 -76.55
C ALA W 240 7.11 -29.80 -75.81
N ASP W 241 8.06 -29.91 -74.87
CA ASP W 241 8.30 -31.17 -74.15
C ASP W 241 8.21 -30.94 -72.65
N VAL W 242 6.98 -30.93 -72.15
CA VAL W 242 6.64 -30.83 -70.71
C VAL W 242 6.42 -32.25 -70.21
N ALA W 243 7.42 -32.85 -69.57
CA ALA W 243 7.47 -34.28 -69.19
C ALA W 243 6.43 -34.58 -68.11
N GLY W 244 6.05 -33.54 -67.35
CA GLY W 244 5.09 -33.62 -66.24
C GLY W 244 5.41 -32.58 -65.18
N THR W 245 5.12 -32.88 -63.92
CA THR W 245 5.34 -31.97 -62.77
C THR W 245 6.29 -32.63 -61.78
N PHE W 246 7.13 -31.82 -61.14
CA PHE W 246 7.86 -32.17 -59.89
C PHE W 246 6.96 -31.83 -58.71
N VAL W 247 6.73 -32.81 -57.81
CA VAL W 247 5.94 -32.65 -56.56
C VAL W 247 6.94 -32.59 -55.40
N GLN W 248 7.01 -31.44 -54.72
CA GLN W 248 8.03 -31.21 -53.65
C GLN W 248 7.49 -31.67 -52.29
N GLN W 249 8.32 -32.38 -51.52
CA GLN W 249 7.99 -32.79 -50.14
C GLN W 249 7.64 -31.55 -49.31
N THR W 250 6.81 -31.71 -48.28
CA THR W 250 6.53 -30.68 -47.25
C THR W 250 5.61 -29.62 -47.84
N SER W 251 6.08 -28.83 -48.82
CA SER W 251 5.26 -27.77 -49.47
C SER W 251 4.09 -28.42 -50.22
N GLN W 252 4.32 -29.60 -50.81
CA GLN W 252 3.37 -30.34 -51.69
C GLN W 252 2.95 -29.42 -52.84
N LYS W 253 3.85 -28.52 -53.25
CA LYS W 253 3.68 -27.65 -54.44
C LYS W 253 4.17 -28.41 -55.67
N GLN W 254 3.61 -28.08 -56.83
CA GLN W 254 3.95 -28.71 -58.13
C GLN W 254 4.64 -27.67 -59.01
N TYR W 255 5.65 -28.14 -59.75
CA TYR W 255 6.44 -27.34 -60.73
C TYR W 255 6.45 -28.10 -62.06
N TRP W 256 6.08 -27.45 -63.15
CA TRP W 256 6.24 -27.99 -64.54
C TRP W 256 7.72 -28.31 -64.76
N ARG W 257 8.01 -29.47 -65.33
CA ARG W 257 9.37 -29.93 -65.72
C ARG W 257 9.42 -30.10 -67.24
N GLY W 258 10.34 -29.38 -67.88
CA GLY W 258 10.55 -29.45 -69.35
C GLY W 258 11.84 -30.18 -69.69
N LEU W 259 11.91 -30.72 -70.91
CA LEU W 259 13.14 -31.37 -71.42
C LEU W 259 13.50 -30.80 -72.78
N PRO W 260 14.81 -30.78 -73.13
CA PRO W 260 15.25 -30.28 -74.42
C PRO W 260 15.02 -31.34 -75.50
N ARG W 261 14.81 -30.88 -76.75
CA ARG W 261 14.66 -31.75 -77.93
C ARG W 261 15.82 -31.53 -78.89
N TYR W 262 16.45 -32.62 -79.32
CA TYR W 262 17.52 -32.63 -80.35
C TYR W 262 16.89 -32.84 -81.72
N PHE W 263 17.37 -32.09 -82.72
CA PHE W 263 16.97 -32.25 -84.14
C PHE W 263 18.19 -32.56 -85.00
N ASN W 264 18.02 -33.43 -85.99
CA ASN W 264 19.02 -33.68 -87.06
C ASN W 264 18.26 -33.75 -88.38
N ILE W 265 18.18 -32.65 -89.11
CA ILE W 265 17.36 -32.56 -90.36
C ILE W 265 18.29 -32.80 -91.55
N THR W 266 17.87 -33.68 -92.46
CA THR W 266 18.50 -33.88 -93.79
C THR W 266 17.72 -33.06 -94.81
N LEU W 267 18.39 -32.14 -95.51
CA LEU W 267 17.78 -31.33 -96.58
C LEU W 267 18.49 -31.60 -97.91
N ARG W 268 17.79 -31.31 -99.01
CA ARG W 268 18.30 -31.46 -100.39
C ARG W 268 17.81 -30.26 -101.21
N LYS W 269 18.55 -29.90 -102.26
CA LYS W 269 18.19 -28.75 -103.14
C LYS W 269 17.00 -29.16 -104.03
N ARG W 270 15.98 -28.30 -104.09
CA ARG W 270 14.78 -28.49 -104.95
C ARG W 270 14.58 -27.22 -105.78
N ALA W 271 14.25 -27.37 -107.06
CA ALA W 271 14.00 -26.26 -108.00
C ALA W 271 12.54 -25.84 -107.93
N VAL W 272 12.25 -24.55 -108.16
CA VAL W 272 10.89 -23.95 -108.06
C VAL W 272 10.73 -22.86 -109.14
N LYS W 273 9.50 -22.64 -109.62
CA LYS W 273 9.21 -21.85 -110.86
C LYS W 273 9.28 -20.36 -110.57
N ILE X 7 35.99 -42.76 -90.93
CA ILE X 7 36.51 -43.98 -91.62
C ILE X 7 35.78 -44.13 -92.97
N GLU X 8 36.50 -44.22 -94.10
CA GLU X 8 35.91 -44.58 -95.43
C GLU X 8 35.66 -46.09 -95.45
N VAL X 9 34.39 -46.51 -95.52
CA VAL X 9 33.94 -47.93 -95.42
C VAL X 9 33.96 -48.52 -96.84
N LEU X 10 34.47 -49.75 -96.99
CA LEU X 10 34.58 -50.43 -98.32
C LEU X 10 33.72 -51.69 -98.33
N ASP X 11 34.18 -52.73 -99.04
CA ASP X 11 33.45 -54.00 -99.28
C ASP X 11 33.38 -54.81 -97.97
N VAL X 12 32.36 -55.66 -97.87
CA VAL X 12 32.21 -56.65 -96.77
C VAL X 12 32.98 -57.91 -97.14
N LYS X 13 34.08 -58.25 -96.47
CA LYS X 13 34.80 -59.54 -96.71
C LYS X 13 33.83 -60.67 -96.34
N THR X 14 33.54 -61.58 -97.28
CA THR X 14 32.80 -62.84 -97.08
C THR X 14 33.78 -64.00 -97.29
N GLY X 15 33.37 -65.22 -96.91
CA GLY X 15 34.23 -66.42 -96.93
C GLY X 15 34.31 -67.07 -95.56
N PRO X 16 35.06 -68.16 -95.39
CA PRO X 16 35.22 -68.79 -94.07
C PRO X 16 35.97 -67.86 -93.09
N ASP X 17 35.64 -67.99 -91.80
CA ASP X 17 36.24 -67.21 -90.68
C ASP X 17 36.05 -65.70 -90.93
N SER X 18 34.96 -65.29 -91.58
CA SER X 18 34.67 -63.87 -91.90
C SER X 18 33.56 -63.32 -91.00
N THR X 19 32.82 -64.20 -90.31
CA THR X 19 31.85 -63.83 -89.25
C THR X 19 32.26 -64.46 -87.93
N THR X 20 31.80 -63.88 -86.82
CA THR X 20 31.99 -64.40 -85.44
C THR X 20 30.83 -63.89 -84.57
N THR X 21 30.53 -64.61 -83.50
CA THR X 21 29.54 -64.20 -82.47
C THR X 21 30.27 -63.95 -81.15
N ILE X 22 29.75 -63.03 -80.35
CA ILE X 22 30.24 -62.68 -78.99
C ILE X 22 29.06 -62.80 -78.02
N GLU X 23 29.19 -63.70 -77.03
CA GLU X 23 28.28 -63.78 -75.86
C GLU X 23 28.92 -62.94 -74.73
N ALA X 24 28.10 -62.13 -74.06
CA ALA X 24 28.50 -61.36 -72.86
C ALA X 24 27.25 -61.10 -72.01
N TYR X 25 27.45 -60.84 -70.72
CA TYR X 25 26.38 -60.31 -69.83
C TYR X 25 26.98 -59.12 -69.08
N LEU X 26 26.16 -58.11 -68.84
CA LEU X 26 26.47 -57.01 -67.90
C LEU X 26 25.57 -57.17 -66.67
N ASN X 27 26.17 -57.33 -65.49
CA ASN X 27 25.44 -57.30 -64.20
C ASN X 27 25.13 -55.84 -63.87
N PRO X 28 24.00 -55.59 -63.17
CA PRO X 28 23.55 -54.23 -62.90
C PRO X 28 24.46 -53.56 -61.85
N ARG X 29 24.59 -52.24 -61.93
CA ARG X 29 25.37 -51.42 -60.97
C ARG X 29 24.45 -50.37 -60.37
N VAL X 30 23.58 -50.81 -59.44
CA VAL X 30 22.52 -49.95 -58.81
C VAL X 30 23.04 -49.34 -57.51
N GLY X 31 24.35 -49.43 -57.24
CA GLY X 31 25.01 -48.85 -56.06
C GLY X 31 25.76 -49.89 -55.24
N GLN X 32 25.31 -51.14 -55.30
CA GLN X 32 26.07 -52.32 -54.83
C GLN X 32 26.04 -53.36 -55.97
N ASN X 33 26.64 -54.53 -55.75
CA ASN X 33 26.96 -55.47 -56.84
C ASN X 33 25.97 -56.63 -56.89
N TRP X 34 24.98 -56.69 -56.00
CA TRP X 34 24.10 -57.88 -55.86
C TRP X 34 22.65 -57.52 -56.14
N GLY X 35 22.43 -56.50 -56.98
CA GLY X 35 21.13 -56.23 -57.63
C GLY X 35 20.24 -55.28 -56.85
N PHE X 36 20.68 -54.86 -55.65
CA PHE X 36 19.96 -53.87 -54.83
C PHE X 36 20.89 -52.76 -54.36
N SER X 37 20.37 -51.53 -54.41
CA SER X 37 20.96 -50.34 -53.76
C SER X 37 20.79 -50.46 -52.25
N THR X 38 21.47 -49.60 -51.49
CA THR X 38 21.14 -49.31 -50.07
C THR X 38 19.88 -48.43 -50.08
N GLU X 39 19.27 -48.21 -48.94
CA GLU X 39 17.98 -47.48 -48.83
C GLU X 39 18.09 -46.13 -49.58
N ILE X 40 17.06 -45.79 -50.33
CA ILE X 40 16.95 -44.46 -51.00
C ILE X 40 16.69 -43.44 -49.90
N THR X 41 17.49 -42.37 -49.87
CA THR X 41 17.36 -41.26 -48.89
C THR X 41 16.92 -40.00 -49.64
N VAL X 42 16.25 -39.09 -48.95
CA VAL X 42 15.73 -37.83 -49.51
C VAL X 42 16.22 -36.68 -48.62
N ALA X 43 17.02 -35.78 -49.19
CA ALA X 43 17.50 -34.56 -48.51
C ALA X 43 16.29 -33.77 -48.01
N SER X 44 16.39 -33.18 -46.81
CA SER X 44 15.37 -32.24 -46.29
C SER X 44 15.46 -30.92 -47.05
N ASN X 45 14.32 -30.32 -47.39
CA ASN X 45 14.26 -29.01 -48.09
C ASN X 45 15.25 -28.05 -47.43
N GLY X 46 16.12 -27.42 -48.21
CA GLY X 46 17.07 -26.39 -47.75
C GLY X 46 18.43 -26.96 -47.39
N TYR X 47 18.56 -28.27 -47.19
CA TYR X 47 19.84 -28.96 -46.87
C TYR X 47 20.48 -29.46 -48.18
N ASN X 48 21.75 -29.86 -48.12
CA ASN X 48 22.47 -30.42 -49.29
C ASN X 48 21.75 -31.68 -49.78
N ASP X 49 21.64 -31.81 -51.10
CA ASP X 49 21.26 -33.07 -51.79
C ASP X 49 22.52 -33.93 -51.95
N ALA X 50 22.80 -34.80 -50.99
CA ALA X 50 24.07 -35.57 -50.91
C ALA X 50 23.76 -37.05 -50.70
N PRO X 51 23.32 -37.76 -51.76
CA PRO X 51 22.99 -39.17 -51.65
C PRO X 51 24.24 -40.02 -51.42
N HIS X 52 24.05 -41.17 -50.77
CA HIS X 52 25.09 -42.19 -50.50
C HIS X 52 25.56 -42.79 -51.83
N LEU X 53 26.85 -43.09 -51.94
CA LEU X 53 27.42 -43.79 -53.14
C LEU X 53 26.52 -44.97 -53.49
N THR X 54 26.12 -45.76 -52.49
CA THR X 54 25.51 -47.10 -52.67
C THR X 54 24.00 -47.00 -52.93
N GLU X 55 23.46 -45.80 -53.16
CA GLU X 55 22.00 -45.61 -53.40
C GLU X 55 21.77 -45.01 -54.80
N ILE X 56 22.84 -44.89 -55.60
CA ILE X 56 22.84 -44.21 -56.91
C ILE X 56 23.13 -45.21 -58.01
N PRO X 57 22.12 -45.59 -58.82
CA PRO X 57 22.33 -46.49 -59.96
C PRO X 57 23.15 -45.83 -61.08
N CYS X 58 24.04 -46.62 -61.66
CA CYS X 58 25.00 -46.24 -62.72
C CYS X 58 24.84 -47.14 -63.95
N TYR X 59 25.25 -46.63 -65.10
CA TYR X 59 25.42 -47.41 -66.36
C TYR X 59 26.42 -48.53 -66.09
N SER X 60 26.02 -49.77 -66.38
CA SER X 60 26.93 -50.92 -66.59
C SER X 60 27.59 -50.77 -67.97
N SER X 61 28.84 -51.17 -68.09
CA SER X 61 29.67 -50.97 -69.31
C SER X 61 30.82 -51.97 -69.31
N ALA X 62 31.15 -52.53 -70.47
CA ALA X 62 32.31 -53.43 -70.67
C ALA X 62 32.83 -53.26 -72.10
N ARG X 63 34.13 -53.51 -72.28
CA ARG X 63 34.79 -53.61 -73.60
C ARG X 63 35.18 -55.07 -73.80
N ILE X 64 34.56 -55.75 -74.75
CA ILE X 64 34.91 -57.16 -75.12
C ILE X 64 36.04 -57.10 -76.15
N SER X 65 37.11 -57.86 -75.94
CA SER X 65 38.23 -58.04 -76.89
C SER X 65 37.80 -58.96 -78.03
N LEU X 66 37.95 -58.50 -79.27
CA LEU X 66 37.62 -59.27 -80.51
C LEU X 66 38.90 -59.88 -81.06
N PRO X 67 38.82 -60.97 -81.85
CA PRO X 67 40.00 -61.52 -82.53
C PRO X 67 40.78 -60.44 -83.29
N LEU X 68 42.11 -60.44 -83.18
CA LEU X 68 42.99 -59.44 -83.86
C LEU X 68 42.85 -59.68 -85.37
N LEU X 69 42.82 -58.60 -86.17
CA LEU X 69 42.54 -58.72 -87.63
C LEU X 69 43.77 -58.49 -88.50
N ASN X 70 44.55 -57.44 -88.26
CA ASN X 70 45.59 -56.98 -89.21
C ASN X 70 46.94 -57.49 -88.68
N THR X 77 44.33 -52.01 -97.66
CA THR X 77 43.03 -51.89 -96.96
C THR X 77 43.09 -52.66 -95.63
N LEU X 78 42.75 -52.01 -94.52
CA LEU X 78 42.64 -52.60 -93.18
C LEU X 78 41.25 -53.22 -93.00
N LEU X 79 41.13 -54.19 -92.09
CA LEU X 79 39.85 -54.85 -91.72
C LEU X 79 39.44 -54.45 -90.30
N MET X 80 38.16 -54.15 -90.10
CA MET X 80 37.55 -53.94 -88.76
C MET X 80 36.35 -54.87 -88.63
N TRP X 81 36.12 -55.39 -87.42
CA TRP X 81 34.87 -56.10 -87.08
C TRP X 81 33.70 -55.12 -87.14
N GLU X 82 32.61 -55.53 -87.77
CA GLU X 82 31.37 -54.75 -87.92
C GLU X 82 30.25 -55.50 -87.20
N ALA X 83 29.65 -54.88 -86.19
CA ALA X 83 28.50 -55.45 -85.44
C ALA X 83 27.25 -55.32 -86.33
N VAL X 84 26.63 -56.46 -86.65
CA VAL X 84 25.52 -56.52 -87.66
C VAL X 84 24.19 -56.59 -86.91
N SER X 85 24.10 -57.46 -85.91
CA SER X 85 22.85 -57.75 -85.17
C SER X 85 23.19 -58.11 -83.73
N VAL X 86 22.22 -57.96 -82.82
CA VAL X 86 22.35 -58.39 -81.39
C VAL X 86 21.02 -59.02 -80.96
N LYS X 87 21.09 -60.22 -80.40
CA LYS X 87 20.02 -60.82 -79.56
C LYS X 87 20.33 -60.37 -78.13
N THR X 88 19.43 -59.63 -77.47
CA THR X 88 19.62 -59.18 -76.06
C THR X 88 18.39 -59.54 -75.24
N GLU X 89 18.60 -59.84 -73.95
CA GLU X 89 17.51 -60.22 -73.02
C GLU X 89 17.82 -59.69 -71.62
N VAL X 90 16.79 -59.22 -70.92
CA VAL X 90 16.87 -58.87 -69.48
C VAL X 90 16.69 -60.17 -68.70
N VAL X 91 17.74 -60.59 -67.99
CA VAL X 91 17.81 -61.90 -67.30
C VAL X 91 17.17 -61.76 -65.91
N GLY X 92 16.47 -62.80 -65.46
CA GLY X 92 15.90 -62.89 -64.10
C GLY X 92 14.67 -62.01 -63.93
N ILE X 93 13.93 -61.74 -65.00
CA ILE X 93 12.60 -61.07 -64.92
C ILE X 93 11.70 -61.89 -63.99
N SER X 94 11.70 -63.22 -64.14
CA SER X 94 10.84 -64.15 -63.38
C SER X 94 11.13 -64.02 -61.87
N SER X 95 12.30 -63.49 -61.49
CA SER X 95 12.73 -63.33 -60.08
C SER X 95 11.73 -62.44 -59.32
N MET X 96 10.99 -61.60 -60.04
CA MET X 96 10.06 -60.60 -59.45
C MET X 96 8.73 -61.24 -59.05
N LEU X 97 8.41 -62.46 -59.49
CA LEU X 97 7.17 -63.17 -59.05
C LEU X 97 7.43 -63.77 -57.66
N ASN X 98 7.59 -62.89 -56.67
CA ASN X 98 7.99 -63.23 -55.27
C ASN X 98 7.22 -62.30 -54.32
N MET X 99 6.26 -62.85 -53.58
CA MET X 99 5.41 -62.04 -52.65
C MET X 99 5.65 -62.49 -51.19
N HIS X 100 6.77 -63.15 -50.91
CA HIS X 100 7.09 -63.69 -49.56
C HIS X 100 8.37 -63.09 -48.97
N SER X 101 9.24 -62.48 -49.79
CA SER X 101 10.59 -62.02 -49.37
C SER X 101 10.53 -60.57 -48.87
N TYR X 102 9.82 -60.36 -47.76
CA TYR X 102 9.93 -59.19 -46.84
C TYR X 102 9.27 -57.94 -47.44
N GLY X 103 8.52 -58.06 -48.53
CA GLY X 103 7.88 -56.90 -49.18
C GLY X 103 6.80 -56.30 -48.30
N LEU X 104 6.62 -54.97 -48.36
CA LEU X 104 5.47 -54.27 -47.73
C LEU X 104 4.20 -55.04 -48.09
N ARG X 105 3.36 -55.35 -47.10
CA ARG X 105 2.25 -56.30 -47.27
C ARG X 105 0.98 -55.54 -47.68
N ALA X 106 0.24 -56.11 -48.64
CA ALA X 106 -0.99 -55.53 -49.23
C ALA X 106 -2.18 -55.82 -48.32
N PHE X 107 -3.30 -55.12 -48.56
CA PHE X 107 -4.61 -55.37 -47.91
C PHE X 107 -4.42 -55.34 -46.39
N GLY X 108 -3.90 -54.21 -45.90
CA GLY X 108 -3.76 -53.88 -44.47
C GLY X 108 -2.79 -54.80 -43.74
N GLY X 109 -1.86 -55.44 -44.44
CA GLY X 109 -0.79 -56.28 -43.86
C GLY X 109 -1.13 -57.76 -43.85
N TYR X 110 -2.32 -58.15 -44.31
CA TYR X 110 -2.79 -59.56 -44.29
C TYR X 110 -2.47 -60.27 -45.60
N GLY X 111 -2.22 -59.51 -46.67
CA GLY X 111 -1.89 -60.03 -48.01
C GLY X 111 -0.41 -60.31 -48.17
N GLY X 112 0.05 -60.51 -49.41
CA GLY X 112 1.46 -60.81 -49.74
C GLY X 112 2.28 -59.55 -49.87
N GLY X 113 3.61 -59.71 -49.95
CA GLY X 113 4.57 -58.60 -50.12
C GLY X 113 4.44 -57.97 -51.51
N TYR X 114 4.70 -56.67 -51.61
CA TYR X 114 4.77 -55.91 -52.87
C TYR X 114 5.90 -56.49 -53.74
N THR X 115 5.58 -56.83 -54.98
CA THR X 115 6.60 -57.12 -56.02
C THR X 115 7.27 -55.79 -56.40
N ILE X 116 8.46 -55.87 -56.97
CA ILE X 116 9.22 -54.69 -57.49
C ILE X 116 8.23 -53.83 -58.28
N GLU X 117 8.18 -52.53 -57.96
CA GLU X 117 7.31 -51.54 -58.64
C GLU X 117 7.95 -50.15 -58.58
N GLY X 118 7.35 -49.19 -59.28
CA GLY X 118 7.79 -47.79 -59.33
C GLY X 118 8.55 -47.47 -60.59
N SER X 119 9.15 -46.28 -60.64
CA SER X 119 9.89 -45.76 -61.81
C SER X 119 11.01 -46.74 -62.18
N HIS X 120 11.20 -46.93 -63.48
CA HIS X 120 12.15 -47.93 -64.04
C HIS X 120 12.69 -47.42 -65.37
N ILE X 121 13.91 -47.82 -65.71
CA ILE X 121 14.55 -47.53 -67.02
C ILE X 121 15.17 -48.83 -67.52
N HIS X 122 15.05 -49.08 -68.82
CA HIS X 122 15.69 -50.23 -69.51
C HIS X 122 16.39 -49.71 -70.76
N PHE X 123 17.69 -50.00 -70.86
CA PHE X 123 18.55 -49.38 -71.88
C PHE X 123 19.74 -50.29 -72.19
N PHE X 124 20.11 -50.33 -73.48
CA PHE X 124 21.31 -51.07 -73.95
C PHE X 124 21.87 -50.31 -75.15
N SER X 125 23.18 -50.43 -75.34
CA SER X 125 23.92 -49.88 -76.50
C SER X 125 24.99 -50.88 -76.93
N VAL X 126 25.21 -50.98 -78.24
CA VAL X 126 26.33 -51.71 -78.88
C VAL X 126 27.07 -50.70 -79.75
N GLY X 127 28.40 -50.68 -79.66
CA GLY X 127 29.23 -49.67 -80.35
C GLY X 127 30.64 -50.15 -80.59
N GLY X 128 31.34 -49.47 -81.49
CA GLY X 128 32.76 -49.72 -81.83
C GLY X 128 33.69 -48.83 -81.02
N GLU X 129 33.13 -48.07 -80.09
CA GLU X 129 33.86 -47.17 -79.17
C GLU X 129 32.97 -46.89 -77.96
N PRO X 130 33.53 -46.30 -76.88
CA PRO X 130 32.70 -45.89 -75.75
C PRO X 130 31.49 -45.03 -76.17
N LEU X 131 30.36 -45.26 -75.51
CA LEU X 131 29.10 -44.50 -75.71
C LEU X 131 29.33 -43.03 -75.31
N ASP X 132 28.93 -42.08 -76.15
CA ASP X 132 29.02 -40.63 -75.85
C ASP X 132 27.84 -40.24 -74.95
N LEU X 133 28.14 -39.59 -73.83
CA LEU X 133 27.15 -39.14 -72.81
C LEU X 133 27.01 -37.62 -72.87
N GLN X 134 25.78 -37.15 -72.70
CA GLN X 134 25.41 -35.73 -72.49
C GLN X 134 24.99 -35.55 -71.03
N GLY X 135 25.47 -34.51 -70.38
CA GLY X 135 25.09 -34.17 -69.00
C GLY X 135 23.71 -33.54 -68.97
N LEU X 136 22.79 -34.15 -68.23
CA LEU X 136 21.49 -33.53 -67.85
C LEU X 136 20.96 -34.21 -66.59
N MET X 137 20.63 -33.40 -65.58
CA MET X 137 20.27 -33.85 -64.21
C MET X 137 19.07 -33.05 -63.73
N GLN X 138 18.32 -33.59 -62.75
CA GLN X 138 17.10 -32.95 -62.17
C GLN X 138 17.52 -31.80 -61.25
N ASN X 139 18.61 -31.97 -60.48
CA ASN X 139 19.11 -30.96 -59.51
C ASN X 139 20.60 -30.74 -59.76
N HIS X 140 20.96 -29.56 -60.27
CA HIS X 140 22.37 -29.21 -60.65
C HIS X 140 23.29 -29.33 -59.44
N SER X 141 22.74 -29.15 -58.23
CA SER X 141 23.50 -29.03 -56.96
C SER X 141 23.74 -30.41 -56.33
N THR X 142 23.20 -31.50 -56.89
CA THR X 142 23.41 -32.86 -56.36
C THR X 142 24.91 -33.09 -56.13
N GLN X 143 25.29 -33.60 -54.97
CA GLN X 143 26.69 -33.95 -54.61
C GLN X 143 26.90 -35.44 -54.78
N TYR X 144 27.62 -35.85 -55.84
CA TYR X 144 27.96 -37.27 -56.11
C TYR X 144 29.26 -37.61 -55.37
N PRO X 145 29.25 -38.58 -54.45
CA PRO X 145 30.49 -39.03 -53.81
C PRO X 145 31.46 -39.65 -54.83
N SER X 146 32.76 -39.42 -54.64
CA SER X 146 33.86 -40.13 -55.32
C SER X 146 33.69 -41.63 -55.05
N PRO X 147 33.96 -42.54 -56.02
CA PRO X 147 34.54 -42.19 -57.33
C PRO X 147 33.56 -41.95 -58.49
N LEU X 148 32.28 -41.72 -58.20
CA LEU X 148 31.26 -41.40 -59.25
C LEU X 148 31.69 -40.14 -59.99
N VAL X 149 31.22 -39.97 -61.21
CA VAL X 149 31.53 -38.80 -62.07
C VAL X 149 30.22 -38.17 -62.52
N GLY X 150 30.01 -36.90 -62.19
CA GLY X 150 28.82 -36.13 -62.59
C GLY X 150 29.22 -35.01 -63.55
N PRO X 151 28.24 -34.35 -64.20
CA PRO X 151 28.53 -33.25 -65.12
C PRO X 151 29.22 -32.10 -64.39
N LYS X 152 30.46 -31.80 -64.80
CA LYS X 152 31.25 -30.64 -64.30
C LYS X 152 31.66 -29.83 -65.53
N LYS X 153 31.68 -28.49 -65.43
CA LYS X 153 32.37 -27.62 -66.42
C LYS X 153 33.87 -27.88 -66.31
N PRO X 154 34.72 -27.34 -67.21
CA PRO X 154 36.18 -27.48 -67.06
C PRO X 154 36.70 -26.89 -65.73
N ASP X 155 36.05 -25.84 -65.22
CA ASP X 155 36.47 -25.13 -63.99
C ASP X 155 36.06 -25.91 -62.73
N GLY X 156 35.31 -27.02 -62.86
CA GLY X 156 34.93 -27.90 -61.74
C GLY X 156 33.50 -27.66 -61.25
N THR X 157 32.89 -26.53 -61.62
CA THR X 157 31.53 -26.11 -61.18
C THR X 157 30.46 -26.90 -61.94
N THR X 158 29.21 -26.79 -61.49
CA THR X 158 28.00 -27.33 -62.16
C THR X 158 26.86 -26.32 -61.97
N ASP X 159 26.47 -25.59 -63.02
CA ASP X 159 25.48 -24.50 -62.89
C ASP X 159 24.08 -25.02 -63.24
N ASP X 160 23.07 -24.14 -63.21
CA ASP X 160 21.64 -24.45 -63.44
C ASP X 160 21.44 -25.04 -64.84
N SER X 161 22.31 -24.72 -65.79
CA SER X 161 22.19 -25.14 -67.23
C SER X 161 22.26 -26.67 -67.35
N ALA X 162 22.84 -27.36 -66.37
CA ALA X 162 22.95 -28.83 -66.33
C ALA X 162 21.57 -29.49 -66.16
N GLN X 163 20.51 -28.71 -65.93
CA GLN X 163 19.12 -29.21 -65.79
C GLN X 163 18.43 -29.18 -67.17
N VAL X 164 19.08 -28.57 -68.16
CA VAL X 164 18.64 -28.59 -69.58
C VAL X 164 19.86 -29.00 -70.43
N LEU X 165 19.86 -28.69 -71.72
CA LEU X 165 21.00 -29.05 -72.60
C LEU X 165 22.00 -27.89 -72.61
N ASN X 166 23.19 -28.16 -72.07
CA ASN X 166 24.40 -27.32 -72.26
C ASN X 166 25.50 -28.23 -72.80
N PRO X 167 25.94 -28.02 -74.07
CA PRO X 167 26.99 -28.84 -74.67
C PRO X 167 28.30 -28.93 -73.87
N ILE X 168 28.54 -28.02 -72.92
CA ILE X 168 29.78 -28.02 -72.09
C ILE X 168 29.86 -29.32 -71.28
N TYR X 169 28.72 -29.96 -70.98
CA TYR X 169 28.64 -31.17 -70.11
C TYR X 169 28.59 -32.43 -70.97
N LYS X 170 29.75 -33.02 -71.25
CA LYS X 170 29.86 -34.30 -72.02
C LYS X 170 30.85 -35.22 -71.31
N ALA X 171 30.76 -36.51 -71.62
CA ALA X 171 31.66 -37.55 -71.09
C ALA X 171 31.57 -38.79 -71.99
N LYS X 172 32.54 -39.68 -71.86
CA LYS X 172 32.55 -41.00 -72.55
C LYS X 172 32.30 -42.05 -71.46
N LEU X 173 31.39 -42.98 -71.71
CA LEU X 173 31.06 -44.09 -70.78
C LEU X 173 32.22 -45.09 -70.81
N ASP X 174 33.32 -44.76 -70.13
CA ASP X 174 34.62 -45.46 -70.24
C ASP X 174 34.90 -46.32 -69.00
N LYS X 175 34.01 -46.31 -68.00
CA LYS X 175 34.21 -47.07 -66.73
C LYS X 175 32.85 -47.61 -66.26
N ASP X 176 32.80 -48.89 -65.88
CA ASP X 176 31.61 -49.55 -65.28
C ASP X 176 31.31 -48.87 -63.94
N ALA X 177 30.03 -48.81 -63.56
CA ALA X 177 29.56 -48.50 -62.17
C ALA X 177 30.02 -47.11 -61.73
N THR X 178 30.26 -46.20 -62.68
CA THR X 178 30.92 -44.89 -62.43
C THR X 178 30.04 -43.71 -62.81
N TYR X 179 29.28 -43.83 -63.91
CA TYR X 179 28.47 -42.73 -64.47
C TYR X 179 27.02 -42.93 -64.04
N PRO X 180 26.48 -42.07 -63.16
CA PRO X 180 25.10 -42.21 -62.70
C PRO X 180 24.10 -42.02 -63.84
N ILE X 181 23.07 -42.86 -63.88
CA ILE X 181 21.98 -42.83 -64.90
C ILE X 181 21.29 -41.46 -64.81
N GLU X 182 21.23 -40.88 -63.61
CA GLU X 182 20.34 -39.73 -63.30
C GLU X 182 20.92 -38.39 -63.78
N CYS X 183 22.19 -38.35 -64.20
CA CYS X 183 22.87 -37.09 -64.66
C CYS X 183 23.50 -37.25 -66.05
N TRP X 184 23.48 -38.45 -66.63
CA TRP X 184 24.01 -38.73 -67.99
C TRP X 184 22.97 -39.46 -68.84
N CYS X 185 22.70 -38.97 -70.05
CA CYS X 185 21.92 -39.70 -71.09
C CYS X 185 22.79 -39.88 -72.32
N PRO X 186 22.44 -40.83 -73.22
CA PRO X 186 23.13 -40.95 -74.50
C PRO X 186 23.04 -39.62 -75.25
N ASP X 187 24.18 -39.17 -75.79
CA ASP X 187 24.34 -37.90 -76.54
C ASP X 187 23.92 -38.11 -77.99
N PRO X 188 22.76 -37.55 -78.41
CA PRO X 188 22.24 -37.80 -79.76
C PRO X 188 22.99 -37.01 -80.84
N SER X 189 23.84 -36.06 -80.43
CA SER X 189 24.68 -35.20 -81.30
C SER X 189 25.95 -35.96 -81.71
N ARG X 190 26.19 -37.13 -81.11
CA ARG X 190 27.38 -37.98 -81.39
C ARG X 190 26.91 -39.43 -81.53
N ASN X 191 27.69 -40.39 -81.03
CA ASN X 191 27.35 -41.83 -81.08
C ASN X 191 27.08 -42.27 -82.53
N GLU X 192 27.81 -41.72 -83.52
CA GLU X 192 27.69 -42.16 -84.95
C GLU X 192 28.05 -43.64 -85.04
N ASN X 193 28.97 -44.13 -84.20
CA ASN X 193 29.55 -45.51 -84.25
C ASN X 193 28.99 -46.35 -83.10
N SER X 194 27.84 -45.97 -82.53
CA SER X 194 27.11 -46.75 -81.50
C SER X 194 25.63 -46.78 -81.88
N ARG X 195 24.92 -47.85 -81.53
CA ARG X 195 23.45 -47.93 -81.61
C ARG X 195 22.91 -48.07 -80.19
N TYR X 196 22.04 -47.18 -79.74
CA TYR X 196 21.47 -47.22 -78.37
C TYR X 196 19.94 -47.21 -78.43
N PHE X 197 19.35 -47.84 -77.43
CA PHE X 197 17.89 -48.09 -77.28
C PHE X 197 17.52 -48.01 -75.80
N GLY X 198 16.58 -47.14 -75.45
CA GLY X 198 16.18 -46.92 -74.05
C GLY X 198 14.70 -46.60 -73.94
N SER X 199 14.09 -47.03 -72.84
CA SER X 199 12.71 -46.66 -72.45
C SER X 199 12.65 -46.42 -70.93
N TYR X 200 12.19 -45.24 -70.51
CA TYR X 200 11.95 -44.87 -69.10
C TYR X 200 10.44 -44.78 -68.86
N THR X 201 10.00 -45.26 -67.70
CA THR X 201 8.62 -45.10 -67.19
C THR X 201 8.69 -44.56 -65.75
N GLY X 202 7.95 -43.46 -65.48
CA GLY X 202 7.90 -42.85 -64.14
C GLY X 202 6.83 -43.47 -63.26
N GLY X 203 6.39 -42.73 -62.24
CA GLY X 203 5.28 -43.11 -61.33
C GLY X 203 5.80 -43.66 -60.02
N VAL X 204 4.91 -43.77 -59.03
CA VAL X 204 5.27 -44.14 -57.63
C VAL X 204 5.18 -45.67 -57.48
N GLU X 205 4.08 -46.26 -57.98
CA GLU X 205 3.76 -47.70 -57.81
C GLU X 205 3.60 -48.39 -59.18
N THR X 206 4.14 -47.79 -60.24
CA THR X 206 4.00 -48.25 -61.64
C THR X 206 4.47 -49.69 -61.77
N PRO X 207 3.66 -50.59 -62.35
CA PRO X 207 4.07 -51.99 -62.53
C PRO X 207 5.06 -52.11 -63.67
N PRO X 208 6.20 -52.81 -63.46
CA PRO X 208 7.09 -53.14 -64.56
C PRO X 208 6.43 -54.12 -65.52
N VAL X 209 6.62 -53.90 -66.82
CA VAL X 209 6.18 -54.79 -67.93
C VAL X 209 7.43 -55.16 -68.72
N LEU X 210 7.87 -56.42 -68.63
CA LEU X 210 9.07 -56.92 -69.33
C LEU X 210 8.71 -58.22 -70.06
N SER X 211 9.19 -58.35 -71.30
CA SER X 211 9.09 -59.58 -72.12
C SER X 211 10.46 -60.24 -72.26
N PHE X 212 10.46 -61.54 -72.49
CA PHE X 212 11.69 -62.34 -72.72
C PHE X 212 11.38 -63.45 -73.74
N THR X 213 12.22 -63.54 -74.76
CA THR X 213 12.15 -64.57 -75.83
C THR X 213 13.53 -64.72 -76.47
N ASN X 214 13.86 -65.93 -76.94
CA ASN X 214 15.10 -66.20 -77.70
C ASN X 214 14.83 -66.12 -79.21
N THR X 215 13.73 -65.47 -79.62
CA THR X 215 13.32 -65.34 -81.04
C THR X 215 13.51 -63.90 -81.55
N SER X 216 13.79 -62.92 -80.68
CA SER X 216 13.95 -61.50 -81.08
C SER X 216 15.38 -61.27 -81.56
N THR X 217 15.57 -60.36 -82.52
CA THR X 217 16.88 -59.87 -83.01
C THR X 217 16.78 -58.37 -83.32
N THR X 218 17.77 -57.59 -82.90
CA THR X 218 17.87 -56.15 -83.23
C THR X 218 18.96 -55.96 -84.28
N ILE X 219 18.60 -55.43 -85.45
CA ILE X 219 19.57 -55.11 -86.54
C ILE X 219 20.31 -53.82 -86.13
N LEU X 220 21.64 -53.78 -86.33
CA LEU X 220 22.50 -52.65 -85.90
C LEU X 220 23.00 -51.87 -87.11
N LEU X 221 22.67 -52.31 -88.34
CA LEU X 221 23.06 -51.60 -89.59
C LEU X 221 22.32 -50.27 -89.64
N ASP X 222 22.97 -49.21 -90.14
CA ASP X 222 22.40 -47.84 -90.23
C ASP X 222 21.65 -47.68 -91.56
N GLU X 223 21.19 -46.45 -91.84
CA GLU X 223 20.50 -46.04 -93.10
C GLU X 223 21.28 -46.57 -94.32
N ASN X 224 22.61 -46.67 -94.24
CA ASN X 224 23.50 -47.06 -95.38
C ASN X 224 24.06 -48.48 -95.20
N GLY X 225 23.41 -49.34 -94.42
CA GLY X 225 23.77 -50.77 -94.29
C GLY X 225 25.13 -50.99 -93.62
N VAL X 226 25.62 -49.99 -92.87
CA VAL X 226 26.91 -50.08 -92.11
C VAL X 226 26.58 -50.21 -90.61
N GLY X 227 27.15 -51.21 -89.95
CA GLY X 227 27.04 -51.41 -88.49
C GLY X 227 28.15 -50.69 -87.73
N PRO X 228 28.12 -50.71 -86.38
CA PRO X 228 29.24 -50.22 -85.60
C PRO X 228 30.53 -50.92 -86.00
N LEU X 229 31.58 -50.13 -86.29
CA LEU X 229 32.94 -50.63 -86.62
C LEU X 229 33.81 -50.57 -85.36
N CYS X 230 34.26 -51.73 -84.91
CA CYS X 230 34.96 -51.93 -83.62
C CYS X 230 36.42 -51.45 -83.72
N LYS X 231 36.67 -50.21 -83.30
CA LYS X 231 38.04 -49.60 -83.23
C LYS X 231 38.87 -50.37 -82.20
N GLY X 232 40.17 -50.48 -82.45
CA GLY X 232 41.13 -51.24 -81.62
C GLY X 232 40.66 -52.65 -81.33
N ASP X 233 39.90 -53.27 -82.25
CA ASP X 233 39.41 -54.66 -82.11
C ASP X 233 38.67 -54.82 -80.77
N GLY X 234 37.87 -53.81 -80.41
CA GLY X 234 37.05 -53.78 -79.18
C GLY X 234 35.59 -53.53 -79.46
N LEU X 235 34.71 -54.37 -78.91
CA LEU X 235 33.23 -54.21 -78.95
C LEU X 235 32.78 -53.63 -77.60
N TYR X 236 32.04 -52.52 -77.63
CA TYR X 236 31.64 -51.73 -76.44
C TYR X 236 30.16 -51.96 -76.13
N LEU X 237 29.88 -52.71 -75.06
CA LEU X 237 28.52 -52.98 -74.54
C LEU X 237 28.22 -52.05 -73.37
N SER X 238 26.98 -51.54 -73.30
CA SER X 238 26.45 -50.70 -72.19
C SER X 238 25.02 -51.14 -71.86
N SER X 239 24.64 -50.99 -70.60
CA SER X 239 23.38 -51.51 -70.02
C SER X 239 22.94 -50.56 -68.90
N ALA X 240 21.63 -50.40 -68.73
CA ALA X 240 21.01 -49.74 -67.57
C ALA X 240 19.62 -50.36 -67.38
N ASP X 241 19.50 -51.34 -66.48
CA ASP X 241 18.23 -52.08 -66.29
C ASP X 241 17.82 -52.01 -64.82
N VAL X 242 17.20 -50.90 -64.45
CA VAL X 242 16.62 -50.65 -63.12
C VAL X 242 15.13 -50.97 -63.22
N ALA X 243 14.72 -52.16 -62.78
CA ALA X 243 13.37 -52.74 -62.98
C ALA X 243 12.34 -51.94 -62.17
N GLY X 244 12.81 -51.27 -61.11
CA GLY X 244 11.98 -50.48 -60.19
C GLY X 244 12.58 -50.49 -58.80
N THR X 245 11.73 -50.41 -57.77
CA THR X 245 12.13 -50.39 -56.35
C THR X 245 11.53 -51.59 -55.62
N PHE X 246 12.27 -52.14 -54.67
CA PHE X 246 11.75 -53.03 -53.61
C PHE X 246 11.28 -52.16 -52.44
N VAL X 247 10.04 -52.35 -52.00
CA VAL X 247 9.42 -51.65 -50.84
C VAL X 247 9.38 -52.65 -49.67
N GLN X 248 10.13 -52.38 -48.60
CA GLN X 248 10.29 -53.32 -47.46
C GLN X 248 9.19 -53.08 -46.42
N GLN X 249 8.57 -54.16 -45.92
CA GLN X 249 7.59 -54.10 -44.81
C GLN X 249 8.24 -53.43 -43.60
N THR X 250 7.43 -52.79 -42.75
CA THR X 250 7.83 -52.26 -41.43
C THR X 250 8.65 -50.97 -41.64
N SER X 251 9.85 -51.05 -42.22
CA SER X 251 10.72 -49.88 -42.48
C SER X 251 10.01 -48.95 -43.48
N GLN X 252 9.29 -49.52 -44.46
CA GLN X 252 8.66 -48.81 -45.59
C GLN X 252 9.74 -48.01 -46.35
N LYS X 253 10.97 -48.50 -46.34
CA LYS X 253 12.10 -47.96 -47.11
C LYS X 253 12.09 -48.59 -48.51
N GLN X 254 12.60 -47.86 -49.50
CA GLN X 254 12.68 -48.31 -50.91
C GLN X 254 14.14 -48.54 -51.28
N TYR X 255 14.39 -49.58 -52.07
CA TYR X 255 15.71 -49.96 -52.62
C TYR X 255 15.57 -50.14 -54.14
N TRP X 256 16.44 -49.50 -54.91
CA TRP X 256 16.56 -49.75 -56.37
C TRP X 256 16.88 -51.22 -56.59
N ARG X 257 16.19 -51.85 -57.55
CA ARG X 257 16.44 -53.26 -57.97
C ARG X 257 16.89 -53.25 -59.43
N GLY X 258 18.08 -53.81 -59.69
CA GLY X 258 18.66 -53.92 -61.04
C GLY X 258 18.62 -55.34 -61.54
N LEU X 259 18.65 -55.51 -62.87
CA LEU X 259 18.71 -56.86 -63.50
C LEU X 259 19.85 -56.89 -64.51
N PRO X 260 20.45 -58.09 -64.73
CA PRO X 260 21.52 -58.23 -65.70
C PRO X 260 20.95 -58.30 -67.12
N ARG X 261 21.75 -57.87 -68.10
CA ARG X 261 21.40 -57.94 -69.54
C ARG X 261 22.37 -58.88 -70.25
N TYR X 262 21.81 -59.82 -71.02
CA TYR X 262 22.57 -60.75 -71.89
C TYR X 262 22.70 -60.14 -73.28
N PHE X 263 23.89 -60.26 -73.87
CA PHE X 263 24.14 -59.86 -75.27
C PHE X 263 24.64 -61.04 -76.09
N ASN X 264 24.20 -61.11 -77.35
CA ASN X 264 24.75 -62.06 -78.36
C ASN X 264 24.92 -61.29 -79.65
N ILE X 265 26.12 -60.77 -79.91
CA ILE X 265 26.39 -59.89 -81.08
C ILE X 265 26.96 -60.76 -82.21
N THR X 266 26.42 -60.61 -83.41
CA THR X 266 26.96 -61.18 -84.66
C THR X 266 27.78 -60.08 -85.35
N LEU X 267 29.07 -60.34 -85.60
CA LEU X 267 29.97 -59.40 -86.32
C LEU X 267 30.49 -60.06 -87.58
N ARG X 268 30.91 -59.24 -88.54
CA ARG X 268 31.49 -59.68 -89.84
C ARG X 268 32.66 -58.75 -90.17
N LYS X 269 33.62 -59.23 -90.95
CA LYS X 269 34.82 -58.43 -91.35
C LYS X 269 34.39 -57.41 -92.41
N ARG X 270 34.79 -56.16 -92.24
CA ARG X 270 34.52 -55.05 -93.19
C ARG X 270 35.86 -54.36 -93.48
N ALA X 271 36.10 -54.03 -94.75
CA ALA X 271 37.33 -53.35 -95.23
C ALA X 271 37.14 -51.84 -95.13
N VAL X 272 38.24 -51.11 -94.88
CA VAL X 272 38.24 -49.63 -94.67
C VAL X 272 39.53 -49.03 -95.27
N LYS X 273 39.48 -47.78 -95.74
CA LYS X 273 40.51 -47.15 -96.62
C LYS X 273 41.71 -46.70 -95.78
N ILE Y 7 24.11 -81.09 -84.10
CA ILE Y 7 23.51 -81.95 -85.16
C ILE Y 7 23.63 -81.23 -86.51
N GLU Y 8 24.22 -81.87 -87.54
CA GLU Y 8 24.22 -81.35 -88.94
C GLU Y 8 22.85 -81.65 -89.55
N VAL Y 9 22.09 -80.59 -89.88
CA VAL Y 9 20.69 -80.66 -90.37
C VAL Y 9 20.72 -80.80 -91.89
N LEU Y 10 19.91 -81.70 -92.47
CA LEU Y 10 19.89 -81.96 -93.93
C LEU Y 10 18.52 -81.59 -94.50
N ASP Y 11 18.04 -82.35 -95.51
CA ASP Y 11 16.81 -82.08 -96.28
C ASP Y 11 15.59 -82.35 -95.39
N VAL Y 12 14.47 -81.71 -95.71
CA VAL Y 12 13.14 -81.97 -95.08
C VAL Y 12 12.46 -83.10 -95.85
N LYS Y 13 12.29 -84.29 -95.26
CA LYS Y 13 11.53 -85.39 -95.90
C LYS Y 13 10.09 -84.92 -96.08
N THR Y 14 9.59 -84.93 -97.32
CA THR Y 14 8.16 -84.71 -97.68
C THR Y 14 7.60 -86.02 -98.22
N GLY Y 15 6.29 -86.10 -98.37
CA GLY Y 15 5.57 -87.34 -98.78
C GLY Y 15 4.51 -87.69 -97.75
N PRO Y 16 3.77 -88.81 -97.94
CA PRO Y 16 2.78 -89.24 -96.96
C PRO Y 16 3.41 -89.63 -95.62
N ASP Y 17 2.67 -89.43 -94.53
CA ASP Y 17 3.11 -89.75 -93.14
C ASP Y 17 4.42 -89.02 -92.81
N SER Y 18 4.64 -87.83 -93.35
CA SER Y 18 5.90 -87.04 -93.13
C SER Y 18 5.64 -85.86 -92.20
N THR Y 19 4.38 -85.49 -91.97
CA THR Y 19 3.96 -84.51 -90.95
C THR Y 19 3.04 -85.18 -89.92
N THR Y 20 2.95 -84.61 -88.73
CA THR Y 20 2.03 -85.03 -87.64
C THR Y 20 1.74 -83.83 -86.75
N THR Y 21 0.61 -83.86 -86.04
CA THR Y 21 0.24 -82.84 -85.02
C THR Y 21 0.18 -83.52 -83.65
N ILE Y 22 0.48 -82.76 -82.60
CA ILE Y 22 0.42 -83.19 -81.18
C ILE Y 22 -0.45 -82.18 -80.42
N GLU Y 23 -1.55 -82.65 -79.84
CA GLU Y 23 -2.35 -81.90 -78.84
C GLU Y 23 -1.87 -82.27 -77.44
N ALA Y 24 -1.68 -81.29 -76.57
CA ALA Y 24 -1.32 -81.47 -75.15
C ALA Y 24 -1.81 -80.27 -74.35
N TYR Y 25 -2.00 -80.43 -73.05
CA TYR Y 25 -2.26 -79.32 -72.10
C TYR Y 25 -1.30 -79.51 -70.93
N LEU Y 26 -0.80 -78.40 -70.37
CA LEU Y 26 -0.12 -78.36 -69.06
C LEU Y 26 -1.02 -77.67 -68.05
N ASN Y 27 -1.40 -78.36 -66.98
CA ASN Y 27 -2.11 -77.75 -65.84
C ASN Y 27 -1.09 -76.98 -65.01
N PRO Y 28 -1.52 -75.88 -64.35
CA PRO Y 28 -0.61 -75.02 -63.59
C PRO Y 28 -0.13 -75.71 -62.32
N ARG Y 29 1.08 -75.37 -61.87
CA ARG Y 29 1.69 -75.90 -60.62
C ARG Y 29 2.05 -74.70 -59.74
N VAL Y 30 1.04 -74.09 -59.12
CA VAL Y 30 1.17 -72.85 -58.31
C VAL Y 30 1.38 -73.21 -56.82
N GLY Y 31 1.65 -74.48 -56.51
CA GLY Y 31 1.93 -74.98 -55.14
C GLY Y 31 0.99 -76.09 -54.73
N GLN Y 32 -0.22 -76.10 -55.29
CA GLN Y 32 -1.14 -77.26 -55.26
C GLN Y 32 -1.62 -77.51 -56.69
N ASN Y 33 -2.50 -78.49 -56.90
CA ASN Y 33 -2.79 -79.04 -58.25
C ASN Y 33 -4.10 -78.50 -58.81
N TRP Y 34 -4.82 -77.65 -58.07
CA TRP Y 34 -6.20 -77.26 -58.44
C TRP Y 34 -6.31 -75.75 -58.68
N GLY Y 35 -5.20 -75.14 -59.09
CA GLY Y 35 -5.16 -73.78 -59.69
C GLY Y 35 -4.94 -72.69 -58.67
N PHE Y 36 -4.87 -73.03 -57.38
CA PHE Y 36 -4.59 -72.07 -56.29
C PHE Y 36 -3.48 -72.59 -55.38
N SER Y 37 -2.60 -71.67 -54.98
CA SER Y 37 -1.62 -71.87 -53.89
C SER Y 37 -2.36 -71.83 -52.55
N THR Y 38 -1.67 -72.22 -51.48
CA THR Y 38 -2.07 -71.91 -50.08
C THR Y 38 -1.74 -70.43 -49.87
N GLU Y 39 -2.20 -69.85 -48.75
CA GLU Y 39 -2.05 -68.40 -48.48
C GLU Y 39 -0.58 -67.99 -48.65
N ILE Y 40 -0.35 -66.86 -49.29
CA ILE Y 40 1.01 -66.27 -49.43
C ILE Y 40 1.38 -65.74 -48.04
N THR Y 41 2.56 -66.12 -47.55
CA THR Y 41 3.10 -65.68 -46.24
C THR Y 41 4.32 -64.81 -46.50
N VAL Y 42 4.60 -63.90 -45.56
CA VAL Y 42 5.74 -62.94 -45.64
C VAL Y 42 6.55 -63.07 -44.36
N ALA Y 43 7.82 -63.47 -44.49
CA ALA Y 43 8.79 -63.56 -43.37
C ALA Y 43 8.85 -62.20 -42.69
N SER Y 44 8.95 -62.18 -41.35
CA SER Y 44 9.20 -60.93 -40.58
C SER Y 44 10.66 -60.51 -40.79
N ASN Y 45 10.90 -59.20 -40.94
CA ASN Y 45 12.26 -58.63 -41.12
C ASN Y 45 13.17 -59.27 -40.06
N GLY Y 46 14.32 -59.81 -40.50
CA GLY Y 46 15.36 -60.36 -39.60
C GLY Y 46 15.22 -61.86 -39.38
N TYR Y 47 14.06 -62.45 -39.70
CA TYR Y 47 13.79 -63.91 -39.58
C TYR Y 47 14.09 -64.58 -40.92
N ASN Y 48 14.18 -65.91 -40.94
CA ASN Y 48 14.37 -66.72 -42.17
C ASN Y 48 13.22 -66.44 -43.14
N ASP Y 49 13.57 -66.29 -44.42
CA ASP Y 49 12.61 -66.33 -45.56
C ASP Y 49 12.36 -67.79 -45.93
N ALA Y 50 11.35 -68.42 -45.35
CA ALA Y 50 11.08 -69.88 -45.47
C ALA Y 50 9.63 -70.10 -45.86
N PRO Y 51 9.26 -69.86 -47.13
CA PRO Y 51 7.89 -70.04 -47.58
C PRO Y 51 7.49 -71.51 -47.61
N HIS Y 52 6.20 -71.77 -47.45
CA HIS Y 52 5.57 -73.13 -47.50
C HIS Y 52 5.73 -73.69 -48.92
N LEU Y 53 5.95 -74.99 -49.05
CA LEU Y 53 5.99 -75.68 -50.36
C LEU Y 53 4.80 -75.24 -51.20
N THR Y 54 3.61 -75.19 -50.61
CA THR Y 54 2.31 -75.06 -51.32
C THR Y 54 1.98 -73.60 -51.63
N GLU Y 55 2.91 -72.66 -51.44
CA GLU Y 55 2.67 -71.22 -51.71
C GLU Y 55 3.63 -70.70 -52.79
N ILE Y 56 4.40 -71.61 -53.39
CA ILE Y 56 5.51 -71.29 -54.34
C ILE Y 56 5.15 -71.83 -55.72
N PRO Y 57 4.79 -70.97 -56.69
CA PRO Y 57 4.52 -71.42 -58.05
C PRO Y 57 5.78 -71.88 -58.78
N CYS Y 58 5.62 -72.95 -59.55
CA CYS Y 58 6.70 -73.64 -60.32
C CYS Y 58 6.32 -73.71 -61.80
N TYR Y 59 7.34 -73.86 -62.65
CA TYR Y 59 7.20 -74.19 -64.09
C TYR Y 59 6.47 -75.53 -64.18
N SER Y 60 5.37 -75.57 -64.96
CA SER Y 60 4.78 -76.80 -65.52
C SER Y 60 5.66 -77.28 -66.69
N SER Y 61 5.79 -78.59 -66.86
CA SER Y 61 6.70 -79.21 -67.84
C SER Y 61 6.22 -80.64 -68.13
N ALA Y 62 6.28 -81.06 -69.38
CA ALA Y 62 5.96 -82.44 -69.81
C ALA Y 62 6.78 -82.80 -71.04
N ARG Y 63 7.09 -84.08 -71.19
CA ARG Y 63 7.72 -84.66 -72.40
C ARG Y 63 6.68 -85.53 -73.09
N ILE Y 64 6.23 -85.12 -74.29
CA ILE Y 64 5.28 -85.90 -75.12
C ILE Y 64 6.10 -86.88 -75.96
N SER Y 65 5.71 -88.16 -75.96
CA SER Y 65 6.31 -89.22 -76.81
C SER Y 65 5.81 -89.06 -78.25
N LEU Y 66 6.74 -88.97 -79.20
CA LEU Y 66 6.43 -88.85 -80.65
C LEU Y 66 6.55 -90.23 -81.29
N PRO Y 67 5.89 -90.48 -82.45
CA PRO Y 67 6.09 -91.74 -83.18
C PRO Y 67 7.57 -92.05 -83.40
N LEU Y 68 7.98 -93.31 -83.19
CA LEU Y 68 9.40 -93.75 -83.36
C LEU Y 68 9.74 -93.63 -84.86
N LEU Y 69 10.95 -93.19 -85.19
CA LEU Y 69 11.31 -92.88 -86.60
C LEU Y 69 12.25 -93.91 -87.22
N ASN Y 70 13.33 -94.29 -86.54
CA ASN Y 70 14.43 -95.06 -87.16
C ASN Y 70 14.25 -96.52 -86.77
N THR Y 77 21.60 -91.75 -93.04
CA THR Y 77 21.00 -90.50 -92.49
C THR Y 77 19.81 -90.87 -91.58
N LEU Y 78 19.81 -90.38 -90.35
CA LEU Y 78 18.75 -90.56 -89.34
C LEU Y 78 17.68 -89.48 -89.55
N LEU Y 79 16.45 -89.74 -89.10
CA LEU Y 79 15.32 -88.78 -89.11
C LEU Y 79 14.97 -88.36 -87.68
N MET Y 80 14.72 -87.06 -87.49
CA MET Y 80 14.17 -86.49 -86.24
C MET Y 80 12.92 -85.70 -86.56
N TRP Y 81 11.92 -85.74 -85.68
CA TRP Y 81 10.76 -84.82 -85.74
C TRP Y 81 11.23 -83.39 -85.52
N GLU Y 82 10.74 -82.48 -86.34
CA GLU Y 82 11.07 -81.03 -86.28
C GLU Y 82 9.77 -80.27 -86.00
N ALA Y 83 9.71 -79.55 -84.88
CA ALA Y 83 8.55 -78.71 -84.50
C ALA Y 83 8.57 -77.45 -85.37
N VAL Y 84 7.52 -77.24 -86.16
CA VAL Y 84 7.46 -76.16 -87.19
C VAL Y 84 6.67 -74.97 -86.64
N SER Y 85 5.52 -75.25 -86.05
CA SER Y 85 4.55 -74.22 -85.57
C SER Y 85 3.82 -74.75 -84.34
N VAL Y 86 3.27 -73.84 -83.53
CA VAL Y 86 2.40 -74.18 -82.36
C VAL Y 86 1.26 -73.18 -82.30
N LYS Y 87 0.02 -73.68 -82.23
CA LYS Y 87 -1.16 -72.94 -81.76
C LYS Y 87 -1.22 -73.16 -80.25
N THR Y 88 -1.15 -72.10 -79.43
CA THR Y 88 -1.24 -72.21 -77.95
C THR Y 88 -2.29 -71.23 -77.42
N GLU Y 89 -2.95 -71.60 -76.32
CA GLU Y 89 -4.01 -70.79 -75.69
C GLU Y 89 -3.96 -70.97 -74.17
N VAL Y 90 -4.19 -69.88 -73.44
CA VAL Y 90 -4.40 -69.92 -71.96
C VAL Y 90 -5.88 -70.26 -71.73
N VAL Y 91 -6.13 -71.43 -71.16
CA VAL Y 91 -7.50 -71.99 -71.00
C VAL Y 91 -8.12 -71.44 -69.71
N GLY Y 92 -9.42 -71.16 -69.74
CA GLY Y 92 -10.19 -70.74 -68.56
C GLY Y 92 -9.94 -69.30 -68.17
N ILE Y 93 -9.57 -68.45 -69.12
CA ILE Y 93 -9.47 -66.97 -68.89
C ILE Y 93 -10.84 -66.47 -68.39
N SER Y 94 -11.91 -66.92 -69.05
CA SER Y 94 -13.31 -66.49 -68.75
C SER Y 94 -13.67 -66.83 -67.29
N SER Y 95 -12.96 -67.76 -66.66
CA SER Y 95 -13.20 -68.21 -65.27
C SER Y 95 -13.08 -67.03 -64.30
N MET Y 96 -12.34 -65.98 -64.70
CA MET Y 96 -12.01 -64.81 -63.85
C MET Y 96 -13.19 -63.81 -63.81
N LEU Y 97 -14.18 -63.91 -64.70
CA LEU Y 97 -15.38 -63.04 -64.64
C LEU Y 97 -16.33 -63.57 -63.55
N ASN Y 98 -15.89 -63.50 -62.29
CA ASN Y 98 -16.55 -64.10 -61.10
C ASN Y 98 -16.38 -63.13 -59.93
N MET Y 99 -17.46 -62.48 -59.51
CA MET Y 99 -17.44 -61.47 -58.42
C MET Y 99 -18.27 -61.96 -57.22
N HIS Y 100 -18.54 -63.27 -57.12
CA HIS Y 100 -19.42 -63.86 -56.07
C HIS Y 100 -18.67 -64.88 -55.21
N SER Y 101 -17.53 -65.42 -55.67
CA SER Y 101 -16.81 -66.54 -55.01
C SER Y 101 -15.79 -66.01 -54.00
N TYR Y 102 -16.29 -65.35 -52.95
CA TYR Y 102 -15.60 -65.08 -51.66
C TYR Y 102 -14.55 -63.98 -51.78
N GLY Y 103 -14.51 -63.24 -52.89
CA GLY Y 103 -13.48 -62.21 -53.10
C GLY Y 103 -13.68 -61.03 -52.15
N LEU Y 104 -12.59 -60.40 -51.72
CA LEU Y 104 -12.63 -59.11 -50.95
C LEU Y 104 -13.60 -58.17 -51.68
N ARG Y 105 -14.52 -57.56 -50.94
CA ARG Y 105 -15.68 -56.85 -51.54
C ARG Y 105 -15.34 -55.37 -51.74
N ALA Y 106 -15.71 -54.82 -52.89
CA ALA Y 106 -15.44 -53.44 -53.32
C ALA Y 106 -16.46 -52.49 -52.68
N PHE Y 107 -16.19 -51.19 -52.74
CA PHE Y 107 -17.12 -50.11 -52.33
C PHE Y 107 -17.61 -50.37 -50.91
N GLY Y 108 -16.64 -50.47 -49.99
CA GLY Y 108 -16.84 -50.58 -48.53
C GLY Y 108 -17.56 -51.86 -48.12
N GLY Y 109 -17.50 -52.90 -48.94
CA GLY Y 109 -18.06 -54.24 -48.63
C GLY Y 109 -19.44 -54.46 -49.21
N TYR Y 110 -20.04 -53.47 -49.88
CA TYR Y 110 -21.41 -53.54 -50.42
C TYR Y 110 -21.40 -54.01 -51.89
N GLY Y 111 -20.25 -53.89 -52.56
CA GLY Y 111 -20.08 -54.30 -53.97
C GLY Y 111 -19.73 -55.77 -54.09
N GLY Y 112 -19.26 -56.17 -55.28
CA GLY Y 112 -18.89 -57.56 -55.59
C GLY Y 112 -17.46 -57.87 -55.17
N GLY Y 113 -17.10 -59.15 -55.18
CA GLY Y 113 -15.74 -59.64 -54.86
C GLY Y 113 -14.73 -59.21 -55.91
N TYR Y 114 -13.49 -58.97 -55.50
CA TYR Y 114 -12.33 -58.70 -56.38
C TYR Y 114 -12.10 -59.91 -57.30
N THR Y 115 -12.04 -59.66 -58.60
CA THR Y 115 -11.53 -60.64 -59.60
C THR Y 115 -10.02 -60.77 -59.39
N ILE Y 116 -9.45 -61.88 -59.86
CA ILE Y 116 -7.99 -62.14 -59.85
C ILE Y 116 -7.30 -60.85 -60.32
N GLU Y 117 -6.31 -60.39 -59.55
CA GLU Y 117 -5.51 -59.19 -59.87
C GLU Y 117 -4.11 -59.31 -59.24
N GLY Y 118 -3.24 -58.36 -59.57
CA GLY Y 118 -1.86 -58.29 -59.05
C GLY Y 118 -0.84 -58.80 -60.05
N SER Y 119 0.39 -58.96 -59.59
CA SER Y 119 1.55 -59.40 -60.40
C SER Y 119 1.23 -60.75 -61.04
N HIS Y 120 1.63 -60.92 -62.30
CA HIS Y 120 1.31 -62.11 -63.12
C HIS Y 120 2.45 -62.35 -64.12
N ILE Y 121 2.66 -63.61 -64.49
CA ILE Y 121 3.62 -64.02 -65.55
C ILE Y 121 2.91 -65.01 -66.46
N HIS Y 122 3.15 -64.91 -67.77
CA HIS Y 122 2.64 -65.85 -68.80
C HIS Y 122 3.80 -66.25 -69.70
N PHE Y 123 4.04 -67.55 -69.81
CA PHE Y 123 5.25 -68.09 -70.46
C PHE Y 123 4.99 -69.49 -71.01
N PHE Y 124 5.56 -69.78 -72.17
CA PHE Y 124 5.53 -71.13 -72.78
C PHE Y 124 6.83 -71.32 -73.58
N SER Y 125 7.23 -72.57 -73.70
CA SER Y 125 8.40 -73.00 -74.51
C SER Y 125 8.06 -74.33 -75.20
N VAL Y 126 8.54 -74.48 -76.43
CA VAL Y 126 8.52 -75.75 -77.21
C VAL Y 126 9.98 -76.06 -77.57
N GLY Y 127 10.41 -77.31 -77.38
CA GLY Y 127 11.81 -77.70 -77.56
C GLY Y 127 11.96 -79.18 -77.86
N GLY Y 128 13.13 -79.55 -78.37
CA GLY Y 128 13.52 -80.94 -78.65
C GLY Y 128 14.28 -81.56 -77.51
N GLU Y 129 14.39 -80.83 -76.39
CA GLU Y 129 15.07 -81.27 -75.14
C GLU Y 129 14.54 -80.40 -74.00
N PRO Y 130 14.82 -80.77 -72.74
CA PRO Y 130 14.47 -79.92 -71.60
C PRO Y 130 14.98 -78.47 -71.79
N LEU Y 131 14.17 -77.52 -71.34
CA LEU Y 131 14.48 -76.07 -71.33
C LEU Y 131 15.67 -75.81 -70.40
N ASP Y 132 16.67 -75.07 -70.86
CA ASP Y 132 17.84 -74.66 -70.03
C ASP Y 132 17.44 -73.48 -69.14
N LEU Y 133 17.67 -73.61 -67.83
CA LEU Y 133 17.34 -72.59 -66.81
C LEU Y 133 18.63 -71.94 -66.29
N GLN Y 134 18.55 -70.63 -66.05
CA GLN Y 134 19.58 -69.81 -65.35
C GLN Y 134 19.02 -69.44 -63.97
N GLY Y 135 19.84 -69.59 -62.94
CA GLY Y 135 19.48 -69.20 -61.56
C GLY Y 135 19.55 -67.69 -61.39
N LEU Y 136 18.43 -67.07 -61.01
CA LEU Y 136 18.38 -65.67 -60.52
C LEU Y 136 17.14 -65.50 -59.65
N MET Y 137 17.33 -64.98 -58.44
CA MET Y 137 16.30 -64.88 -57.37
C MET Y 137 16.41 -63.50 -56.71
N GLN Y 138 15.32 -63.06 -56.07
CA GLN Y 138 15.23 -61.73 -55.39
C GLN Y 138 16.01 -61.78 -54.07
N ASN Y 139 15.95 -62.90 -53.34
CA ASN Y 139 16.62 -63.08 -52.03
C ASN Y 139 17.41 -64.40 -52.05
N HIS Y 140 18.74 -64.31 -52.06
CA HIS Y 140 19.66 -65.47 -52.18
C HIS Y 140 19.41 -66.45 -51.03
N SER Y 141 18.93 -65.95 -49.88
CA SER Y 141 18.79 -66.70 -48.61
C SER Y 141 17.45 -67.44 -48.53
N THR Y 142 16.55 -67.27 -49.51
CA THR Y 142 15.25 -67.98 -49.52
C THR Y 142 15.49 -69.47 -49.29
N GLN Y 143 14.73 -70.08 -48.38
CA GLN Y 143 14.78 -71.53 -48.07
C GLN Y 143 13.62 -72.23 -48.78
N TYR Y 144 13.91 -72.97 -49.85
CA TYR Y 144 12.92 -73.77 -50.61
C TYR Y 144 12.80 -75.15 -49.96
N PRO Y 145 11.60 -75.53 -49.48
CA PRO Y 145 11.39 -76.88 -48.96
C PRO Y 145 11.57 -77.94 -50.06
N SER Y 146 12.14 -79.09 -49.70
CA SER Y 146 12.15 -80.33 -50.53
C SER Y 146 10.71 -80.68 -50.85
N PRO Y 147 10.38 -81.20 -52.06
CA PRO Y 147 11.36 -81.53 -53.10
C PRO Y 147 11.67 -80.46 -54.16
N LEU Y 148 11.34 -79.19 -53.89
CA LEU Y 148 11.66 -78.06 -54.83
C LEU Y 148 13.17 -78.00 -55.00
N VAL Y 149 13.62 -77.42 -56.10
CA VAL Y 149 15.07 -77.27 -56.43
C VAL Y 149 15.33 -75.79 -56.70
N GLY Y 150 16.21 -75.18 -55.93
CA GLY Y 150 16.65 -73.78 -56.10
C GLY Y 150 18.09 -73.71 -56.54
N PRO Y 151 18.58 -72.52 -56.97
CA PRO Y 151 19.97 -72.36 -57.38
C PRO Y 151 20.92 -72.66 -56.20
N LYS Y 152 21.75 -73.69 -56.35
CA LYS Y 152 22.80 -74.07 -55.38
C LYS Y 152 24.13 -74.10 -56.15
N LYS Y 153 25.24 -73.67 -55.54
CA LYS Y 153 26.61 -73.95 -56.03
C LYS Y 153 26.84 -75.45 -55.91
N PRO Y 154 27.96 -76.01 -56.45
CA PRO Y 154 28.27 -77.43 -56.25
C PRO Y 154 28.39 -77.82 -54.77
N ASP Y 155 28.86 -76.90 -53.92
CA ASP Y 155 29.11 -77.16 -52.48
C ASP Y 155 27.80 -77.13 -51.68
N GLY Y 156 26.67 -76.76 -52.30
CA GLY Y 156 25.33 -76.77 -51.67
C GLY Y 156 24.88 -75.38 -51.21
N THR Y 157 25.79 -74.40 -51.15
CA THR Y 157 25.52 -73.01 -50.70
C THR Y 157 24.82 -72.23 -51.81
N THR Y 158 24.33 -71.02 -51.48
CA THR Y 158 23.74 -70.03 -52.42
C THR Y 158 24.16 -68.63 -51.95
N ASP Y 159 25.05 -67.96 -52.67
CA ASP Y 159 25.62 -66.66 -52.22
C ASP Y 159 24.82 -65.49 -52.85
N ASP Y 160 25.24 -64.26 -52.56
CA ASP Y 160 24.58 -63.01 -53.00
C ASP Y 160 24.52 -62.93 -54.53
N SER Y 161 25.46 -63.58 -55.23
CA SER Y 161 25.59 -63.52 -56.71
C SER Y 161 24.35 -64.10 -57.39
N ALA Y 162 23.58 -64.95 -56.69
CA ALA Y 162 22.33 -65.55 -57.21
C ALA Y 162 21.24 -64.48 -57.41
N GLN Y 163 21.46 -63.24 -56.98
CA GLN Y 163 20.51 -62.12 -57.17
C GLN Y 163 20.83 -61.37 -58.46
N VAL Y 164 21.95 -61.71 -59.10
CA VAL Y 164 22.34 -61.22 -60.45
C VAL Y 164 22.71 -62.45 -61.29
N LEU Y 165 23.47 -62.27 -62.37
CA LEU Y 165 23.89 -63.40 -63.23
C LEU Y 165 25.22 -63.96 -62.73
N ASN Y 166 25.18 -65.19 -62.24
CA ASN Y 166 26.39 -66.04 -62.01
C ASN Y 166 26.18 -67.33 -62.77
N PRO Y 167 27.00 -67.60 -63.83
CA PRO Y 167 26.88 -68.83 -64.61
C PRO Y 167 26.94 -70.15 -63.81
N ILE Y 168 27.43 -70.11 -62.57
CA ILE Y 168 27.53 -71.33 -61.70
C ILE Y 168 26.13 -71.90 -61.46
N TYR Y 169 25.08 -71.06 -61.50
CA TYR Y 169 23.68 -71.44 -61.17
C TYR Y 169 22.90 -71.76 -62.45
N LYS Y 170 22.89 -73.03 -62.85
CA LYS Y 170 22.12 -73.52 -64.03
C LYS Y 170 21.41 -74.82 -63.66
N ALA Y 171 20.38 -75.15 -64.43
CA ALA Y 171 19.58 -76.38 -64.27
C ALA Y 171 18.83 -76.66 -65.58
N LYS Y 172 18.35 -77.89 -65.73
CA LYS Y 172 17.48 -78.30 -66.86
C LYS Y 172 16.08 -78.49 -66.26
N LEU Y 173 15.06 -77.95 -66.91
CA LEU Y 173 13.64 -78.08 -66.49
C LEU Y 173 13.18 -79.50 -66.82
N ASP Y 174 13.59 -80.47 -65.99
CA ASP Y 174 13.46 -81.92 -66.27
C ASP Y 174 12.35 -82.55 -65.43
N LYS Y 175 11.69 -81.78 -64.55
CA LYS Y 175 10.63 -82.29 -63.65
C LYS Y 175 9.53 -81.23 -63.53
N ASP Y 176 8.27 -81.64 -63.67
CA ASP Y 176 7.06 -80.80 -63.44
C ASP Y 176 7.04 -80.37 -61.97
N ALA Y 177 6.50 -79.18 -61.68
CA ALA Y 177 6.09 -78.74 -60.33
C ALA Y 177 7.28 -78.71 -59.36
N THR Y 178 8.50 -78.56 -59.87
CA THR Y 178 9.76 -78.76 -59.10
C THR Y 178 10.61 -77.49 -59.07
N TYR Y 179 10.67 -76.75 -60.17
CA TYR Y 179 11.55 -75.58 -60.36
C TYR Y 179 10.72 -74.32 -60.14
N PRO Y 180 10.95 -73.56 -59.04
CA PRO Y 180 10.18 -72.36 -58.76
C PRO Y 180 10.43 -71.28 -59.82
N ILE Y 181 9.37 -70.61 -60.26
CA ILE Y 181 9.42 -69.50 -61.26
C ILE Y 181 10.32 -68.39 -60.71
N GLU Y 182 10.36 -68.22 -59.39
CA GLU Y 182 10.92 -67.01 -58.73
C GLU Y 182 12.45 -67.07 -58.64
N CYS Y 183 13.08 -68.22 -58.91
CA CYS Y 183 14.56 -68.39 -58.81
C CYS Y 183 15.17 -68.95 -60.11
N TRP Y 184 14.34 -69.30 -61.11
CA TRP Y 184 14.81 -69.81 -62.42
C TRP Y 184 14.14 -69.03 -63.56
N CYS Y 185 14.94 -68.54 -64.52
CA CYS Y 185 14.44 -67.98 -65.80
C CYS Y 185 15.04 -68.79 -66.95
N PRO Y 186 14.44 -68.72 -68.16
CA PRO Y 186 15.05 -69.34 -69.34
C PRO Y 186 16.45 -68.74 -69.55
N ASP Y 187 17.42 -69.63 -69.79
CA ASP Y 187 18.86 -69.29 -69.99
C ASP Y 187 19.08 -68.88 -71.45
N PRO Y 188 19.31 -67.58 -71.72
CA PRO Y 188 19.44 -67.11 -73.10
C PRO Y 188 20.79 -67.47 -73.74
N SER Y 189 21.74 -67.96 -72.94
CA SER Y 189 23.10 -68.40 -73.37
C SER Y 189 23.03 -69.82 -73.92
N ARG Y 190 21.88 -70.49 -73.78
CA ARG Y 190 21.66 -71.88 -74.27
C ARG Y 190 20.31 -71.94 -74.99
N ASN Y 191 19.55 -73.03 -74.82
CA ASN Y 191 18.21 -73.19 -75.43
C ASN Y 191 18.29 -73.02 -76.96
N GLU Y 192 19.38 -73.46 -77.61
CA GLU Y 192 19.52 -73.43 -79.09
C GLU Y 192 18.39 -74.27 -79.70
N ASN Y 193 17.97 -75.35 -79.02
CA ASN Y 193 17.00 -76.36 -79.55
C ASN Y 193 15.63 -76.19 -78.85
N SER Y 194 15.36 -75.02 -78.27
CA SER Y 194 14.05 -74.64 -77.68
C SER Y 194 13.67 -73.23 -78.17
N ARG Y 195 12.39 -72.97 -78.30
CA ARG Y 195 11.86 -71.60 -78.53
C ARG Y 195 11.00 -71.23 -77.32
N TYR Y 196 11.31 -70.12 -76.63
CA TYR Y 196 10.57 -69.69 -75.43
C TYR Y 196 10.07 -68.26 -75.59
N PHE Y 197 8.94 -67.97 -74.94
CA PHE Y 197 8.18 -66.70 -75.01
C PHE Y 197 7.56 -66.41 -73.65
N GLY Y 198 7.84 -65.25 -73.06
CA GLY Y 198 7.35 -64.89 -71.73
C GLY Y 198 7.11 -63.40 -71.58
N SER Y 199 6.13 -63.05 -70.76
CA SER Y 199 5.82 -61.66 -70.35
C SER Y 199 5.43 -61.61 -68.88
N TYR Y 200 6.11 -60.79 -68.08
CA TYR Y 200 5.80 -60.53 -66.65
C TYR Y 200 5.25 -59.11 -66.51
N THR Y 201 4.26 -58.94 -65.66
CA THR Y 201 3.72 -57.62 -65.22
C THR Y 201 3.67 -57.60 -63.69
N GLY Y 202 4.23 -56.56 -63.06
CA GLY Y 202 4.24 -56.38 -61.60
C GLY Y 202 3.00 -55.65 -61.11
N GLY Y 203 3.08 -55.04 -59.93
CA GLY Y 203 2.04 -54.21 -59.32
C GLY Y 203 1.24 -54.96 -58.28
N VAL Y 204 0.46 -54.23 -57.48
CA VAL Y 204 -0.28 -54.78 -56.30
C VAL Y 204 -1.67 -55.22 -56.76
N GLU Y 205 -2.36 -54.38 -57.53
CA GLU Y 205 -3.78 -54.58 -57.95
C GLU Y 205 -3.90 -54.58 -59.47
N THR Y 206 -2.79 -54.83 -60.18
CA THR Y 206 -2.71 -54.75 -61.67
C THR Y 206 -3.72 -55.71 -62.29
N PRO Y 207 -4.56 -55.22 -63.23
CA PRO Y 207 -5.55 -56.07 -63.88
C PRO Y 207 -4.86 -56.97 -64.90
N PRO Y 208 -5.15 -58.29 -64.89
CA PRO Y 208 -4.71 -59.17 -65.97
C PRO Y 208 -5.46 -58.81 -67.27
N VAL Y 209 -4.74 -58.83 -68.39
CA VAL Y 209 -5.27 -58.65 -69.76
C VAL Y 209 -4.83 -59.87 -70.55
N LEU Y 210 -5.77 -60.75 -70.91
CA LEU Y 210 -5.48 -62.00 -71.68
C LEU Y 210 -6.47 -62.11 -72.83
N SER Y 211 -5.97 -62.50 -74.00
CA SER Y 211 -6.77 -62.74 -75.23
C SER Y 211 -6.79 -64.24 -75.55
N PHE Y 212 -7.80 -64.70 -76.27
CA PHE Y 212 -7.94 -66.11 -76.68
C PHE Y 212 -8.61 -66.16 -78.06
N THR Y 213 -8.00 -66.92 -78.97
CA THR Y 213 -8.51 -67.15 -80.35
C THR Y 213 -7.91 -68.47 -80.89
N ASN Y 214 -8.66 -69.16 -81.75
CA ASN Y 214 -8.16 -70.38 -82.43
C ASN Y 214 -7.63 -70.00 -83.82
N THR Y 215 -7.30 -68.73 -84.06
CA THR Y 215 -6.80 -68.21 -85.36
C THR Y 215 -5.31 -67.86 -85.28
N SER Y 216 -4.70 -67.82 -84.10
CA SER Y 216 -3.26 -67.44 -83.94
C SER Y 216 -2.38 -68.67 -84.19
N THR Y 217 -1.17 -68.45 -84.72
CA THR Y 217 -0.10 -69.47 -84.87
C THR Y 217 1.25 -68.84 -84.57
N THR Y 218 2.11 -69.53 -83.83
CA THR Y 218 3.51 -69.11 -83.58
C THR Y 218 4.44 -70.01 -84.39
N ILE Y 219 5.21 -69.43 -85.30
CA ILE Y 219 6.24 -70.17 -86.11
C ILE Y 219 7.44 -70.44 -85.20
N LEU Y 220 8.00 -71.65 -85.25
CA LEU Y 220 9.10 -72.09 -84.36
C LEU Y 220 10.40 -72.24 -85.15
N LEU Y 221 10.38 -72.00 -86.47
CA LEU Y 221 11.60 -72.07 -87.31
C LEU Y 221 12.51 -70.90 -86.94
N ASP Y 222 13.83 -71.12 -86.94
CA ASP Y 222 14.85 -70.11 -86.56
C ASP Y 222 15.24 -69.27 -87.79
N GLU Y 223 16.25 -68.41 -87.62
CA GLU Y 223 16.85 -67.56 -88.69
C GLU Y 223 17.12 -68.41 -89.95
N ASN Y 224 17.46 -69.70 -89.80
CA ASN Y 224 17.86 -70.60 -90.92
C ASN Y 224 16.76 -71.62 -91.25
N GLY Y 225 15.50 -71.35 -90.90
CA GLY Y 225 14.35 -72.20 -91.29
C GLY Y 225 14.36 -73.58 -90.64
N VAL Y 226 15.09 -73.74 -89.53
CA VAL Y 226 15.17 -75.00 -88.74
C VAL Y 226 14.37 -74.82 -87.44
N GLY Y 227 13.46 -75.74 -87.15
CA GLY Y 227 12.69 -75.79 -85.90
C GLY Y 227 13.39 -76.62 -84.84
N PRO Y 228 12.85 -76.67 -83.60
CA PRO Y 228 13.36 -77.60 -82.60
C PRO Y 228 13.34 -79.04 -83.13
N LEU Y 229 14.47 -79.73 -83.02
CA LEU Y 229 14.63 -81.16 -83.40
C LEU Y 229 14.50 -82.02 -82.15
N CYS Y 230 13.48 -82.88 -82.13
CA CYS Y 230 13.05 -83.67 -80.96
C CYS Y 230 13.99 -84.86 -80.75
N LYS Y 231 14.97 -84.71 -79.86
CA LYS Y 231 15.93 -85.77 -79.46
C LYS Y 231 15.16 -86.89 -78.73
N GLY Y 232 15.60 -88.14 -78.90
CA GLY Y 232 14.96 -89.33 -78.35
C GLY Y 232 13.46 -89.39 -78.65
N ASP Y 233 13.03 -88.84 -79.80
CA ASP Y 233 11.62 -88.86 -80.24
C ASP Y 233 10.73 -88.31 -79.12
N GLY Y 234 11.18 -87.22 -78.48
CA GLY Y 234 10.46 -86.52 -77.40
C GLY Y 234 10.30 -85.04 -77.69
N LEU Y 235 9.05 -84.54 -77.58
CA LEU Y 235 8.71 -83.10 -77.66
C LEU Y 235 8.54 -82.54 -76.24
N TYR Y 236 9.26 -81.47 -75.92
CA TYR Y 236 9.35 -80.89 -74.55
C TYR Y 236 8.53 -79.60 -74.48
N LEU Y 237 7.39 -79.66 -73.80
CA LEU Y 237 6.51 -78.50 -73.51
C LEU Y 237 6.80 -77.96 -72.10
N SER Y 238 6.80 -76.64 -71.95
CA SER Y 238 6.92 -75.93 -70.65
C SER Y 238 5.94 -74.76 -70.62
N SER Y 239 5.46 -74.43 -69.42
CA SER Y 239 4.37 -73.46 -69.17
C SER Y 239 4.60 -72.79 -67.81
N ALA Y 240 4.23 -71.52 -67.70
CA ALA Y 240 4.14 -70.78 -66.42
C ALA Y 240 3.07 -69.71 -66.59
N ASP Y 241 1.84 -70.00 -66.16
CA ASP Y 241 0.70 -69.06 -66.34
C ASP Y 241 0.06 -68.76 -64.99
N VAL Y 242 0.67 -67.83 -64.26
CA VAL Y 242 0.18 -67.29 -62.98
C VAL Y 242 -0.57 -66.00 -63.31
N ALA Y 243 -1.90 -66.06 -63.39
CA ALA Y 243 -2.78 -64.98 -63.88
C ALA Y 243 -2.77 -63.80 -62.91
N GLY Y 244 -2.44 -64.08 -61.64
CA GLY Y 244 -2.40 -63.08 -60.56
C GLY Y 244 -2.72 -63.73 -59.22
N THR Y 245 -3.33 -62.97 -58.31
CA THR Y 245 -3.71 -63.45 -56.96
C THR Y 245 -5.23 -63.33 -56.78
N PHE Y 246 -5.80 -64.28 -56.05
CA PHE Y 246 -7.15 -64.18 -55.45
C PHE Y 246 -7.01 -63.51 -54.08
N VAL Y 247 -7.78 -62.43 -53.84
CA VAL Y 247 -7.82 -61.69 -52.55
C VAL Y 247 -9.13 -62.07 -51.85
N GLN Y 248 -9.05 -62.75 -50.71
CA GLN Y 248 -10.23 -63.30 -49.99
C GLN Y 248 -10.79 -62.26 -49.02
N GLN Y 249 -12.12 -62.10 -49.02
CA GLN Y 249 -12.84 -61.23 -48.04
C GLN Y 249 -12.49 -61.68 -46.62
N THR Y 250 -12.54 -60.75 -45.66
CA THR Y 250 -12.44 -61.04 -44.21
C THR Y 250 -10.98 -61.34 -43.86
N SER Y 251 -10.42 -62.45 -44.34
CA SER Y 251 -9.01 -62.83 -44.07
C SER Y 251 -8.06 -61.79 -44.70
N GLN Y 252 -8.44 -61.27 -45.87
CA GLN Y 252 -7.63 -60.34 -46.71
C GLN Y 252 -6.29 -61.01 -47.03
N LYS Y 253 -6.29 -62.35 -47.10
CA LYS Y 253 -5.13 -63.17 -47.54
C LYS Y 253 -5.16 -63.28 -49.07
N GLN Y 254 -3.98 -63.46 -49.67
CA GLN Y 254 -3.79 -63.59 -51.12
C GLN Y 254 -3.35 -65.01 -51.44
N TYR Y 255 -3.86 -65.56 -52.54
CA TYR Y 255 -3.53 -66.89 -53.09
C TYR Y 255 -3.15 -66.72 -54.57
N TRP Y 256 -2.00 -67.26 -54.97
CA TRP Y 256 -1.62 -67.35 -56.40
C TRP Y 256 -2.69 -68.16 -57.14
N ARG Y 257 -3.10 -67.67 -58.32
CA ARG Y 257 -4.07 -68.35 -59.22
C ARG Y 257 -3.35 -68.67 -60.53
N GLY Y 258 -3.33 -69.96 -60.90
CA GLY Y 258 -2.71 -70.45 -62.14
C GLY Y 258 -3.76 -70.87 -63.15
N LEU Y 259 -3.40 -70.86 -64.43
CA LEU Y 259 -4.29 -71.34 -65.53
C LEU Y 259 -3.55 -72.36 -66.38
N PRO Y 260 -4.28 -73.31 -66.99
CA PRO Y 260 -3.68 -74.31 -67.86
C PRO Y 260 -3.39 -73.70 -69.24
N ARG Y 261 -2.38 -74.24 -69.93
CA ARG Y 261 -2.02 -73.85 -71.31
C ARG Y 261 -2.25 -75.03 -72.25
N TYR Y 262 -2.94 -74.79 -73.35
CA TYR Y 262 -3.16 -75.76 -74.46
C TYR Y 262 -2.06 -75.59 -75.50
N PHE Y 263 -1.53 -76.70 -76.01
CA PHE Y 263 -0.57 -76.72 -77.12
C PHE Y 263 -1.11 -77.54 -78.29
N ASN Y 264 -0.85 -77.08 -79.51
CA ASN Y 264 -1.10 -77.86 -80.75
C ASN Y 264 0.12 -77.68 -81.67
N ILE Y 265 1.06 -78.62 -81.60
CA ILE Y 265 2.35 -78.51 -82.34
C ILE Y 265 2.23 -79.27 -83.65
N THR Y 266 2.63 -78.64 -84.76
CA THR Y 266 2.81 -79.27 -86.09
C THR Y 266 4.29 -79.63 -86.24
N LEU Y 267 4.59 -80.91 -86.46
CA LEU Y 267 5.98 -81.39 -86.70
C LEU Y 267 6.07 -82.04 -88.07
N ARG Y 268 7.29 -82.10 -88.62
CA ARG Y 268 7.61 -82.71 -89.91
C ARG Y 268 8.93 -83.48 -89.77
N LYS Y 269 9.15 -84.50 -90.59
CA LYS Y 269 10.40 -85.32 -90.56
C LYS Y 269 11.53 -84.52 -91.18
N ARG Y 270 12.68 -84.46 -90.50
CA ARG Y 270 13.92 -83.79 -90.98
C ARG Y 270 15.07 -84.79 -90.88
N ALA Y 271 15.93 -84.83 -91.90
CA ALA Y 271 17.10 -85.72 -91.98
C ALA Y 271 18.30 -85.03 -91.32
N VAL Y 272 19.20 -85.82 -90.72
CA VAL Y 272 20.40 -85.32 -89.96
C VAL Y 272 21.57 -86.29 -90.18
N LYS Y 273 22.81 -85.79 -90.13
CA LYS Y 273 24.03 -86.49 -90.60
C LYS Y 273 24.49 -87.51 -89.54
N ILE Z 7 -19.77 102.87 70.84
CA ILE Z 7 -21.08 103.46 71.23
C ILE Z 7 -21.49 102.88 72.60
N GLU Z 8 -21.82 103.72 73.58
CA GLU Z 8 -22.56 103.31 74.82
C GLU Z 8 -24.04 103.12 74.45
N VAL Z 9 -24.54 101.89 74.55
CA VAL Z 9 -25.90 101.48 74.09
C VAL Z 9 -26.89 101.71 75.24
N LEU Z 10 -28.07 102.29 74.93
CA LEU Z 10 -29.10 102.61 75.96
C LEU Z 10 -30.37 101.80 75.68
N ASP Z 11 -31.54 102.39 75.98
CA ASP Z 11 -32.87 101.74 75.89
C ASP Z 11 -33.24 101.53 74.41
N VAL Z 12 -34.09 100.55 74.15
CA VAL Z 12 -34.71 100.29 72.81
C VAL Z 12 -35.96 101.16 72.69
N LYS Z 13 -35.97 102.17 71.82
CA LYS Z 13 -37.19 102.97 71.55
C LYS Z 13 -38.25 102.03 70.96
N THR Z 14 -39.42 101.93 71.60
CA THR Z 14 -40.63 101.25 71.08
C THR Z 14 -41.69 102.31 70.81
N GLY Z 15 -42.77 101.94 70.12
CA GLY Z 15 -43.82 102.87 69.67
C GLY Z 15 -44.00 102.80 68.16
N PRO Z 16 -44.90 103.61 67.57
CA PRO Z 16 -45.09 103.60 66.13
C PRO Z 16 -43.85 104.10 65.38
N ASP Z 17 -43.64 103.57 64.16
CA ASP Z 17 -42.50 103.93 63.27
C ASP Z 17 -41.16 103.67 63.99
N SER Z 18 -41.08 102.66 64.86
CA SER Z 18 -39.86 102.36 65.65
C SER Z 18 -39.16 101.09 65.11
N THR Z 19 -39.85 100.30 64.29
CA THR Z 19 -39.24 99.17 63.54
C THR Z 19 -39.41 99.40 62.04
N THR Z 20 -38.56 98.76 61.23
CA THR Z 20 -38.62 98.76 59.75
C THR Z 20 -37.96 97.48 59.23
N THR Z 21 -38.32 97.06 58.02
CA THR Z 21 -37.67 95.95 57.30
C THR Z 21 -36.96 96.47 56.05
N ILE Z 22 -35.89 95.80 55.65
CA ILE Z 22 -35.10 96.08 54.43
C ILE Z 22 -35.00 94.79 53.61
N GLU Z 23 -35.52 94.81 52.39
CA GLU Z 23 -35.30 93.76 51.35
C GLU Z 23 -34.11 94.19 50.49
N ALA Z 24 -33.20 93.27 50.21
CA ALA Z 24 -32.05 93.47 49.29
C ALA Z 24 -31.63 92.11 48.72
N TYR Z 25 -30.96 92.10 47.58
CA TYR Z 25 -30.28 90.91 47.02
C TYR Z 25 -28.87 91.34 46.62
N LEU Z 26 -27.90 90.46 46.82
CA LEU Z 26 -26.53 90.59 46.26
C LEU Z 26 -26.36 89.54 45.15
N ASN Z 27 -26.08 89.99 43.93
CA ASN Z 27 -25.73 89.09 42.80
C ASN Z 27 -24.27 88.68 42.99
N PRO Z 28 -23.91 87.46 42.55
CA PRO Z 28 -22.56 86.93 42.77
C PRO Z 28 -21.53 87.65 41.90
N ARG Z 29 -20.30 87.73 42.39
CA ARG Z 29 -19.16 88.36 41.66
C ARG Z 29 -18.04 87.31 41.55
N VAL Z 30 -18.22 86.35 40.64
CA VAL Z 30 -17.30 85.18 40.45
C VAL Z 30 -16.26 85.50 39.37
N GLY Z 31 -16.16 86.77 38.94
CA GLY Z 31 -15.17 87.24 37.93
C GLY Z 31 -15.84 87.92 36.76
N GLN Z 32 -17.08 87.53 36.46
CA GLN Z 32 -17.97 88.28 35.54
C GLN Z 32 -19.31 88.45 36.27
N ASN Z 33 -20.31 89.05 35.62
CA ASN Z 33 -21.52 89.56 36.30
C ASN Z 33 -22.72 88.61 36.08
N TRP Z 34 -22.55 87.52 35.34
CA TRP Z 34 -23.70 86.69 34.90
C TRP Z 34 -23.58 85.26 35.44
N GLY Z 35 -22.91 85.11 36.59
CA GLY Z 35 -22.98 83.89 37.44
C GLY Z 35 -21.90 82.89 37.12
N PHE Z 36 -21.08 83.14 36.10
CA PHE Z 36 -19.93 82.28 35.72
C PHE Z 36 -18.66 83.11 35.54
N SER Z 37 -17.56 82.54 36.04
CA SER Z 37 -16.18 83.00 35.75
C SER Z 37 -15.83 82.62 34.31
N THR Z 38 -14.71 83.16 33.80
CA THR Z 38 -14.01 82.64 32.60
C THR Z 38 -13.29 81.36 33.05
N GLU Z 39 -12.76 80.59 32.10
CA GLU Z 39 -12.14 79.28 32.38
C GLU Z 39 -11.09 79.43 33.50
N ILE Z 40 -11.09 78.50 34.44
CA ILE Z 40 -10.06 78.43 35.51
C ILE Z 40 -8.75 77.99 34.84
N THR Z 41 -7.67 78.74 35.07
CA THR Z 41 -6.32 78.44 34.52
C THR Z 41 -5.40 78.07 35.68
N VAL Z 42 -4.36 77.29 35.40
CA VAL Z 42 -3.38 76.82 36.41
C VAL Z 42 -1.98 77.16 35.90
N ALA Z 43 -1.25 78.00 36.62
CA ALA Z 43 0.17 78.34 36.34
C ALA Z 43 0.98 77.05 36.30
N SER Z 44 1.93 76.95 35.37
CA SER Z 44 2.92 75.85 35.32
C SER Z 44 3.92 76.00 36.48
N ASN Z 45 4.26 74.88 37.12
CA ASN Z 45 5.21 74.87 38.26
C ASN Z 45 6.42 75.71 37.88
N GLY Z 46 6.81 76.66 38.73
CA GLY Z 46 8.03 77.48 38.57
C GLY Z 46 7.78 78.80 37.87
N TYR Z 47 6.62 78.96 37.21
CA TYR Z 47 6.21 80.22 36.53
C TYR Z 47 5.35 81.05 37.48
N ASN Z 48 5.11 82.32 37.15
CA ASN Z 48 4.24 83.22 37.94
C ASN Z 48 2.83 82.62 38.03
N ASP Z 49 2.25 82.69 39.22
CA ASP Z 49 0.81 82.44 39.49
C ASP Z 49 0.04 83.72 39.20
N ALA Z 50 -0.45 83.90 37.96
CA ALA Z 50 -1.07 85.16 37.51
C ALA Z 50 -2.42 84.87 36.86
N PRO Z 51 -3.47 84.60 37.68
CA PRO Z 51 -4.79 84.30 37.15
C PRO Z 51 -5.43 85.54 36.52
N HIS Z 52 -6.32 85.30 35.55
CA HIS Z 52 -7.12 86.34 34.85
C HIS Z 52 -8.07 87.01 35.86
N LEU Z 53 -8.30 88.31 35.72
CA LEU Z 53 -9.28 89.05 36.55
C LEU Z 53 -10.59 88.25 36.61
N THR Z 54 -11.05 87.75 35.46
CA THR Z 54 -12.41 87.22 35.27
C THR Z 54 -12.51 85.75 35.70
N GLU Z 55 -11.51 85.20 36.38
CA GLU Z 55 -11.51 83.79 36.83
C GLU Z 55 -11.40 83.72 38.37
N ILE Z 56 -11.46 84.88 39.02
CA ILE Z 56 -11.22 85.02 40.49
C ILE Z 56 -12.50 85.50 41.16
N PRO Z 57 -13.20 84.62 41.91
CA PRO Z 57 -14.39 85.02 42.66
C PRO Z 57 -14.06 85.95 43.84
N CYS Z 58 -14.93 86.94 44.03
CA CYS Z 58 -14.83 88.01 45.04
C CYS Z 58 -16.08 88.05 45.92
N TYR Z 59 -15.94 88.59 47.12
CA TYR Z 59 -17.06 88.95 48.03
C TYR Z 59 -17.96 89.95 47.30
N SER Z 60 -19.25 89.64 47.22
CA SER Z 60 -20.34 90.62 46.93
C SER Z 60 -20.57 91.45 48.20
N SER Z 61 -20.89 92.73 48.04
CA SER Z 61 -21.02 93.71 49.15
C SER Z 61 -21.87 94.88 48.69
N ALA Z 62 -22.74 95.39 49.57
CA ALA Z 62 -23.56 96.59 49.33
C ALA Z 62 -23.81 97.30 50.64
N ARG Z 63 -23.98 98.62 50.59
CA ARG Z 63 -24.44 99.46 51.73
C ARG Z 63 -25.84 99.94 51.39
N ILE Z 64 -26.84 99.49 52.13
CA ILE Z 64 -28.26 99.94 51.97
C ILE Z 64 -28.43 101.18 52.84
N SER Z 65 -29.01 102.25 52.26
CA SER Z 65 -29.38 103.50 52.96
C SER Z 65 -30.64 103.26 53.79
N LEU Z 66 -30.58 103.57 55.09
CA LEU Z 66 -31.71 103.44 56.03
C LEU Z 66 -32.37 104.80 56.21
N PRO Z 67 -33.66 104.88 56.62
CA PRO Z 67 -34.29 106.16 56.93
C PRO Z 67 -33.45 107.00 57.90
N LEU Z 68 -33.30 108.30 57.63
CA LEU Z 68 -32.49 109.23 58.48
C LEU Z 68 -33.19 109.32 59.84
N LEU Z 69 -32.43 109.36 60.94
CA LEU Z 69 -33.03 109.29 62.30
C LEU Z 69 -32.98 110.63 63.04
N ASN Z 70 -31.86 111.32 63.07
CA ASN Z 70 -31.66 112.47 64.01
C ASN Z 70 -31.89 113.77 63.21
N LEU Z 78 -28.90 110.23 70.95
CA LEU Z 78 -29.00 109.96 69.48
C LEU Z 78 -29.62 108.57 69.27
N LEU Z 79 -30.25 108.35 68.13
CA LEU Z 79 -30.86 107.05 67.72
C LEU Z 79 -30.06 106.44 66.57
N MET Z 80 -29.82 105.13 66.62
CA MET Z 80 -29.26 104.32 65.51
C MET Z 80 -30.20 103.17 65.22
N TRP Z 81 -30.34 102.79 63.95
CA TRP Z 81 -31.01 101.53 63.57
C TRP Z 81 -30.19 100.34 64.07
N GLU Z 82 -30.87 99.37 64.67
CA GLU Z 82 -30.28 98.13 65.21
C GLU Z 82 -30.86 96.95 64.43
N ALA Z 83 -30.01 96.18 63.75
CA ALA Z 83 -30.40 94.97 63.00
C ALA Z 83 -30.67 93.86 64.02
N VAL Z 84 -31.89 93.33 64.05
CA VAL Z 84 -32.36 92.37 65.08
C VAL Z 84 -32.30 90.95 64.53
N SER Z 85 -32.81 90.75 63.31
CA SER Z 85 -32.96 89.43 62.67
C SER Z 85 -32.81 89.59 61.15
N VAL Z 86 -32.47 88.50 60.47
CA VAL Z 86 -32.41 88.43 58.98
C VAL Z 86 -32.97 87.09 58.52
N LYS Z 87 -33.94 87.13 57.59
CA LYS Z 87 -34.32 85.98 56.73
C LYS Z 87 -33.42 86.08 55.50
N THR Z 88 -32.60 85.05 55.22
CA THR Z 88 -31.73 85.02 54.02
C THR Z 88 -31.92 83.71 53.25
N GLU Z 89 -31.77 83.75 51.94
CA GLU Z 89 -31.93 82.57 51.05
C GLU Z 89 -30.95 82.66 49.88
N VAL Z 90 -30.37 81.52 49.50
CA VAL Z 90 -29.58 81.39 48.25
C VAL Z 90 -30.58 81.15 47.11
N VAL Z 91 -30.65 82.11 46.19
CA VAL Z 91 -31.67 82.13 45.10
C VAL Z 91 -31.15 81.31 43.92
N GLY Z 92 -32.03 80.60 43.25
CA GLY Z 92 -31.73 79.87 42.00
C GLY Z 92 -30.96 78.59 42.23
N ILE Z 93 -31.10 77.97 43.41
CA ILE Z 93 -30.53 76.62 43.70
C ILE Z 93 -31.08 75.65 42.65
N SER Z 94 -32.39 75.71 42.39
CA SER Z 94 -33.09 74.80 41.45
C SER Z 94 -32.47 74.88 40.05
N SER Z 95 -31.76 75.97 39.73
CA SER Z 95 -31.13 76.21 38.41
C SER Z 95 -30.13 75.09 38.09
N MET Z 96 -29.62 74.41 39.12
CA MET Z 96 -28.56 73.38 39.00
C MET Z 96 -29.13 72.03 38.54
N LEU Z 97 -30.46 71.81 38.60
CA LEU Z 97 -31.07 70.55 38.09
C LEU Z 97 -31.17 70.65 36.55
N ASN Z 98 -30.02 70.67 35.89
CA ASN Z 98 -29.85 70.90 34.43
C ASN Z 98 -28.74 69.99 33.92
N MET Z 99 -29.09 68.97 33.14
CA MET Z 99 -28.11 67.97 32.62
C MET Z 99 -28.04 68.04 31.08
N HIS Z 100 -28.49 69.15 30.48
CA HIS Z 100 -28.56 69.32 29.00
C HIS Z 100 -27.69 70.48 28.51
N SER Z 101 -27.31 71.43 29.38
CA SER Z 101 -26.62 72.69 29.01
C SER Z 101 -25.10 72.49 29.00
N TYR Z 102 -24.62 71.62 28.10
CA TYR Z 102 -23.21 71.55 27.61
C TYR Z 102 -22.27 70.92 28.64
N GLY Z 103 -22.81 70.32 29.71
CA GLY Z 103 -21.96 69.72 30.77
C GLY Z 103 -21.20 68.51 30.27
N LEU Z 104 -19.99 68.28 30.76
CA LEU Z 104 -19.21 67.03 30.53
C LEU Z 104 -20.15 65.85 30.76
N ARG Z 105 -20.20 64.90 29.82
CA ARG Z 105 -21.25 63.86 29.78
C ARG Z 105 -20.79 62.62 30.55
N ALA Z 106 -21.69 62.05 31.34
CA ALA Z 106 -21.45 60.89 32.22
C ALA Z 106 -21.54 59.59 31.40
N PHE Z 107 -21.07 58.49 31.98
CA PHE Z 107 -21.19 57.11 31.43
C PHE Z 107 -20.67 57.10 29.99
N GLY Z 108 -19.39 57.49 29.85
CA GLY Z 108 -18.61 57.43 28.61
C GLY Z 108 -19.15 58.33 27.51
N GLY Z 109 -19.89 59.38 27.87
CA GLY Z 109 -20.41 60.39 26.91
C GLY Z 109 -21.83 60.13 26.46
N TYR Z 110 -22.46 59.04 26.89
CA TYR Z 110 -23.82 58.63 26.45
C TYR Z 110 -24.89 59.17 27.42
N GLY Z 111 -24.49 59.52 28.64
CA GLY Z 111 -25.39 60.04 29.68
C GLY Z 111 -25.56 61.54 29.58
N GLY Z 112 -26.11 62.18 30.62
CA GLY Z 112 -26.37 63.63 30.68
C GLY Z 112 -25.15 64.40 31.14
N GLY Z 113 -25.21 65.72 31.03
CA GLY Z 113 -24.14 66.64 31.47
C GLY Z 113 -24.00 66.66 32.98
N TYR Z 114 -22.77 66.86 33.47
CA TYR Z 114 -22.46 67.07 34.91
C TYR Z 114 -23.18 68.33 35.40
N THR Z 115 -23.94 68.20 36.49
CA THR Z 115 -24.44 69.36 37.27
C THR Z 115 -23.26 70.01 37.97
N ILE Z 116 -23.41 71.28 38.35
CA ILE Z 116 -22.41 72.05 39.14
C ILE Z 116 -21.92 71.12 40.26
N GLU Z 117 -20.60 70.99 40.41
CA GLU Z 117 -19.95 70.17 41.46
C GLU Z 117 -18.57 70.75 41.78
N GLY Z 118 -17.94 70.21 42.82
CA GLY Z 118 -16.60 70.61 43.27
C GLY Z 118 -16.64 71.51 44.48
N SER Z 119 -15.48 72.07 44.83
CA SER Z 119 -15.30 72.95 46.01
C SER Z 119 -16.26 74.13 45.93
N HIS Z 120 -16.85 74.50 47.07
CA HIS Z 120 -17.89 75.55 47.17
C HIS Z 120 -17.79 76.24 48.52
N ILE Z 121 -18.18 77.51 48.58
CA ILE Z 121 -18.27 78.31 49.84
C ILE Z 121 -19.60 79.04 49.82
N HIS Z 122 -20.27 79.10 50.98
CA HIS Z 122 -21.53 79.86 51.18
C HIS Z 122 -21.36 80.70 52.44
N PHE Z 123 -21.57 82.01 52.30
CA PHE Z 123 -21.24 82.98 53.37
C PHE Z 123 -22.09 84.22 53.23
N PHE Z 124 -22.50 84.78 54.38
CA PHE Z 124 -23.24 86.07 54.44
C PHE Z 124 -22.86 86.75 55.75
N SER Z 125 -22.94 88.08 55.75
CA SER Z 125 -22.72 88.94 56.93
C SER Z 125 -23.71 90.11 56.89
N VAL Z 126 -24.19 90.50 58.06
CA VAL Z 126 -25.00 91.74 58.29
C VAL Z 126 -24.26 92.56 59.35
N GLY Z 127 -24.10 93.86 59.11
CA GLY Z 127 -23.30 94.73 59.98
C GLY Z 127 -23.71 96.19 59.89
N GLY Z 128 -23.29 96.98 60.87
CA GLY Z 128 -23.51 98.43 60.94
C GLY Z 128 -22.34 99.21 60.35
N GLU Z 129 -21.37 98.49 59.79
CA GLU Z 129 -20.16 99.05 59.12
C GLU Z 129 -19.60 97.99 58.19
N PRO Z 130 -18.66 98.35 57.31
CA PRO Z 130 -17.97 97.37 56.48
C PRO Z 130 -17.41 96.20 57.30
N LEU Z 131 -17.50 94.99 56.75
CA LEU Z 131 -16.96 93.74 57.33
C LEU Z 131 -15.43 93.86 57.40
N ASP Z 132 -14.84 93.54 58.55
CA ASP Z 132 -13.36 93.53 58.73
C ASP Z 132 -12.80 92.23 58.14
N LEU Z 133 -11.80 92.36 57.26
CA LEU Z 133 -11.14 91.23 56.56
C LEU Z 133 -9.72 91.05 57.12
N GLN Z 134 -9.32 89.79 57.27
CA GLN Z 134 -7.93 89.35 57.57
C GLN Z 134 -7.34 88.72 56.31
N GLY Z 135 -6.11 89.10 55.96
CA GLY Z 135 -5.38 88.51 54.83
C GLY Z 135 -4.88 87.12 55.16
N LEU Z 136 -5.29 86.13 54.37
CA LEU Z 136 -4.68 84.78 54.37
C LEU Z 136 -4.96 84.11 53.02
N MET Z 137 -3.91 83.63 52.36
CA MET Z 137 -3.94 83.10 50.97
C MET Z 137 -3.11 81.81 50.92
N GLN Z 138 -3.37 80.97 49.92
CA GLN Z 138 -2.67 79.66 49.72
C GLN Z 138 -1.25 79.91 49.17
N ASN Z 139 -1.10 80.89 48.28
CA ASN Z 139 0.20 81.22 47.63
C ASN Z 139 0.44 82.73 47.76
N HIS Z 140 1.42 83.12 48.58
CA HIS Z 140 1.75 84.54 48.90
C HIS Z 140 2.09 85.30 47.61
N SER Z 141 2.59 84.59 46.59
CA SER Z 141 3.15 85.16 45.34
C SER Z 141 2.07 85.36 44.28
N THR Z 142 0.82 84.95 44.53
CA THR Z 142 -0.29 85.14 43.57
C THR Z 142 -0.31 86.61 43.12
N GLN Z 143 -0.41 86.85 41.82
CA GLN Z 143 -0.51 88.21 41.21
C GLN Z 143 -1.97 88.48 40.86
N TYR Z 144 -2.63 89.35 41.63
CA TYR Z 144 -4.04 89.76 41.39
C TYR Z 144 -4.03 90.96 40.45
N PRO Z 145 -4.66 90.86 39.26
CA PRO Z 145 -4.78 92.01 38.38
C PRO Z 145 -5.62 93.14 39.01
N SER Z 146 -5.23 94.39 38.75
CA SER Z 146 -6.05 95.59 39.04
C SER Z 146 -7.40 95.43 38.32
N PRO Z 147 -8.55 95.86 38.90
CA PRO Z 147 -8.59 96.59 40.18
C PRO Z 147 -8.81 95.77 41.46
N LEU Z 148 -8.58 94.46 41.41
CA LEU Z 148 -8.69 93.57 42.62
C LEU Z 148 -7.70 94.05 43.67
N VAL Z 149 -7.97 93.74 44.93
CA VAL Z 149 -7.10 94.14 46.08
C VAL Z 149 -6.75 92.87 46.85
N GLY Z 150 -5.46 92.57 46.96
CA GLY Z 150 -4.94 91.43 47.74
C GLY Z 150 -4.16 91.91 48.95
N PRO Z 151 -3.81 91.01 49.90
CA PRO Z 151 -3.04 91.38 51.08
C PRO Z 151 -1.67 91.93 50.67
N LYS Z 152 -1.41 93.19 51.00
CA LYS Z 152 -0.11 93.87 50.79
C LYS Z 152 0.34 94.42 52.15
N LYS Z 153 1.64 94.38 52.46
CA LYS Z 153 2.25 95.18 53.56
C LYS Z 153 2.15 96.65 53.18
N PRO Z 154 2.46 97.61 54.08
CA PRO Z 154 2.47 99.02 53.72
C PRO Z 154 3.43 99.34 52.55
N ASP Z 155 4.54 98.60 52.44
CA ASP Z 155 5.59 98.84 51.41
C ASP Z 155 5.15 98.28 50.05
N GLY Z 156 4.02 97.56 49.97
CA GLY Z 156 3.46 97.04 48.69
C GLY Z 156 3.78 95.57 48.46
N THR Z 157 4.71 94.99 49.24
CA THR Z 157 5.14 93.56 49.13
C THR Z 157 4.10 92.65 49.78
N THR Z 158 4.25 91.34 49.60
CA THR Z 158 3.46 90.26 50.23
C THR Z 158 4.39 89.08 50.52
N ASP Z 159 4.72 88.82 51.78
CA ASP Z 159 5.72 87.78 52.14
C ASP Z 159 5.02 86.46 52.45
N ASP Z 160 5.80 85.43 52.83
CA ASP Z 160 5.33 84.05 53.12
C ASP Z 160 4.31 84.06 54.26
N SER Z 161 4.36 85.04 55.16
CA SER Z 161 3.51 85.11 56.38
C SER Z 161 2.04 85.26 55.99
N ALA Z 162 1.74 85.72 54.78
CA ALA Z 162 0.36 85.87 54.26
C ALA Z 162 -0.32 84.50 54.05
N GLN Z 163 0.42 83.40 54.21
CA GLN Z 163 -0.12 82.02 54.09
C GLN Z 163 -0.57 81.52 55.47
N VAL Z 164 -0.25 82.28 56.52
CA VAL Z 164 -0.75 82.05 57.90
C VAL Z 164 -1.31 83.37 58.42
N LEU Z 165 -1.43 83.54 59.73
CA LEU Z 165 -1.97 84.80 60.31
C LEU Z 165 -0.81 85.76 60.57
N ASN Z 166 -0.78 86.87 59.84
CA ASN Z 166 0.03 88.07 60.15
C ASN Z 166 -0.92 89.26 60.24
N PRO Z 167 -1.08 89.86 61.44
CA PRO Z 167 -1.96 91.02 61.63
C PRO Z 167 -1.70 92.20 60.69
N ILE Z 168 -0.53 92.28 60.06
CA ILE Z 168 -0.17 93.39 59.13
C ILE Z 168 -1.16 93.41 57.95
N TYR Z 169 -1.74 92.25 57.59
CA TYR Z 169 -2.62 92.10 56.39
C TYR Z 169 -4.10 92.19 56.82
N LYS Z 170 -4.67 93.40 56.77
CA LYS Z 170 -6.10 93.65 57.07
C LYS Z 170 -6.67 94.57 56.00
N ALA Z 171 -8.00 94.56 55.88
CA ALA Z 171 -8.75 95.42 54.95
C ALA Z 171 -10.21 95.49 55.41
N LYS Z 172 -10.94 96.47 54.89
CA LYS Z 172 -12.40 96.61 55.10
C LYS Z 172 -13.05 96.26 53.76
N LEU Z 173 -14.09 95.43 53.80
CA LEU Z 173 -14.88 95.01 52.60
C LEU Z 173 -15.73 96.21 52.17
N ASP Z 174 -15.12 97.19 51.52
CA ASP Z 174 -15.73 98.52 51.25
C ASP Z 174 -16.12 98.66 49.77
N LYS Z 175 -15.86 97.65 48.93
CA LYS Z 175 -16.16 97.70 47.48
C LYS Z 175 -16.64 96.31 47.03
N ASP Z 176 -17.73 96.26 46.27
CA ASP Z 176 -18.26 95.03 45.61
C ASP Z 176 -17.21 94.52 44.61
N ALA Z 177 -17.14 93.20 44.40
CA ALA Z 177 -16.45 92.55 43.27
C ALA Z 177 -14.95 92.89 43.26
N THR Z 178 -14.38 93.21 44.40
CA THR Z 178 -13.02 93.80 44.52
C THR Z 178 -12.08 92.92 45.36
N TYR Z 179 -12.60 92.33 46.44
CA TYR Z 179 -11.80 91.56 47.43
C TYR Z 179 -11.96 90.06 47.12
N PRO Z 180 -10.91 89.38 46.63
CA PRO Z 180 -11.01 87.96 46.31
C PRO Z 180 -11.26 87.12 47.56
N ILE Z 181 -12.16 86.14 47.43
CA ILE Z 181 -12.53 85.19 48.53
C ILE Z 181 -11.25 84.44 48.97
N GLU Z 182 -10.33 84.22 48.04
CA GLU Z 182 -9.21 83.25 48.22
C GLU Z 182 -8.06 83.84 49.04
N CYS Z 183 -8.05 85.16 49.30
CA CYS Z 183 -6.96 85.84 50.06
C CYS Z 183 -7.50 86.65 51.24
N TRP Z 184 -8.81 86.75 51.41
CA TRP Z 184 -9.47 87.48 52.53
C TRP Z 184 -10.51 86.58 53.22
N CYS Z 185 -10.44 86.45 54.54
CA CYS Z 185 -11.52 85.85 55.36
C CYS Z 185 -12.01 86.87 56.37
N PRO Z 186 -13.22 86.69 56.94
CA PRO Z 186 -13.69 87.54 58.03
C PRO Z 186 -12.68 87.49 59.18
N ASP Z 187 -12.33 88.67 59.70
CA ASP Z 187 -11.35 88.89 60.79
C ASP Z 187 -12.05 88.67 62.13
N PRO Z 188 -11.76 87.56 62.84
CA PRO Z 188 -12.46 87.24 64.08
C PRO Z 188 -11.99 88.10 65.27
N SER Z 189 -10.90 88.84 65.09
CA SER Z 189 -10.30 89.75 66.11
C SER Z 189 -11.04 91.09 66.10
N ARG Z 190 -11.93 91.30 65.12
CA ARG Z 190 -12.73 92.55 64.97
C ARG Z 190 -14.18 92.16 64.68
N ASN Z 191 -14.87 92.91 63.82
CA ASN Z 191 -16.27 92.62 63.43
C ASN Z 191 -17.17 92.60 64.69
N GLU Z 192 -16.90 93.43 65.70
CA GLU Z 192 -17.76 93.55 66.91
C GLU Z 192 -19.16 93.97 66.47
N ASN Z 193 -19.27 94.79 65.41
CA ASN Z 193 -20.55 95.43 64.95
C ASN Z 193 -21.05 94.75 63.67
N SER Z 194 -20.60 93.51 63.39
CA SER Z 194 -21.07 92.67 62.27
C SER Z 194 -21.34 91.26 62.78
N ARG Z 195 -22.29 90.55 62.18
CA ARG Z 195 -22.52 89.11 62.42
C ARG Z 195 -22.26 88.39 61.10
N TYR Z 196 -21.34 87.42 61.06
CA TYR Z 196 -20.99 86.68 59.83
C TYR Z 196 -21.13 85.17 60.06
N PHE Z 197 -21.45 84.46 58.98
CA PHE Z 197 -21.76 83.02 58.94
C PHE Z 197 -21.25 82.44 57.61
N GLY Z 198 -20.40 81.43 57.67
CA GLY Z 198 -19.79 80.82 56.46
C GLY Z 198 -19.54 79.35 56.62
N SER Z 199 -19.65 78.61 55.51
CA SER Z 199 -19.30 77.17 55.43
C SER Z 199 -18.62 76.89 54.08
N TYR Z 200 -17.42 76.32 54.13
CA TYR Z 200 -16.63 75.89 52.93
C TYR Z 200 -16.59 74.36 52.91
N THR Z 201 -16.70 73.79 51.70
CA THR Z 201 -16.49 72.35 51.42
C THR Z 201 -15.52 72.22 50.25
N GLY Z 202 -14.46 71.42 50.42
CA GLY Z 202 -13.44 71.16 49.38
C GLY Z 202 -13.83 70.01 48.46
N GLY Z 203 -12.85 69.41 47.80
CA GLY Z 203 -13.01 68.22 46.94
C GLY Z 203 -13.07 68.58 45.47
N VAL Z 204 -12.93 67.58 44.61
CA VAL Z 204 -12.81 67.76 43.12
C VAL Z 204 -14.22 67.69 42.51
N GLU Z 205 -15.02 66.70 42.91
CA GLU Z 205 -16.36 66.41 42.32
C GLU Z 205 -17.45 66.45 43.40
N THR Z 206 -17.18 67.11 44.53
CA THR Z 206 -18.06 67.16 45.72
C THR Z 206 -19.43 67.71 45.31
N PRO Z 207 -20.55 67.02 45.66
CA PRO Z 207 -21.88 67.49 45.31
C PRO Z 207 -22.27 68.64 46.24
N PRO Z 208 -22.78 69.76 45.69
CA PRO Z 208 -23.39 70.79 46.51
C PRO Z 208 -24.68 70.27 47.14
N VAL Z 209 -24.90 70.63 48.41
CA VAL Z 209 -26.14 70.37 49.18
C VAL Z 209 -26.63 71.72 49.68
N LEU Z 210 -27.73 72.22 49.14
CA LEU Z 210 -28.32 73.53 49.53
C LEU Z 210 -29.80 73.37 49.81
N SER Z 211 -30.28 73.99 50.89
CA SER Z 211 -31.71 74.02 51.27
C SER Z 211 -32.27 75.43 51.09
N PHE Z 212 -33.58 75.53 50.89
CA PHE Z 212 -34.27 76.83 50.72
C PHE Z 212 -35.66 76.74 51.35
N THR Z 213 -36.00 77.72 52.19
CA THR Z 213 -37.32 77.84 52.87
C THR Z 213 -37.55 79.31 53.26
N ASN Z 214 -38.81 79.73 53.28
CA ASN Z 214 -39.19 81.09 53.76
C ASN Z 214 -39.61 81.01 55.24
N THR Z 215 -39.23 79.95 55.95
CA THR Z 215 -39.59 79.72 57.38
C THR Z 215 -38.38 79.91 58.32
N SER Z 216 -37.16 80.05 57.80
CA SER Z 216 -35.93 80.23 58.61
C SER Z 216 -35.78 81.71 58.99
N THR Z 217 -35.21 81.99 60.16
CA THR Z 217 -34.79 83.33 60.64
C THR Z 217 -33.50 83.20 61.44
N THR Z 218 -32.53 84.09 61.19
CA THR Z 218 -31.27 84.16 61.95
C THR Z 218 -31.32 85.39 62.87
N ILE Z 219 -31.23 85.18 64.18
CA ILE Z 219 -31.17 86.27 65.20
C ILE Z 219 -29.77 86.89 65.15
N LEU Z 220 -29.68 88.22 65.20
CA LEU Z 220 -28.41 88.97 65.05
C LEU Z 220 -28.01 89.61 66.38
N LEU Z 221 -28.82 89.47 67.43
CA LEU Z 221 -28.51 90.01 68.78
C LEU Z 221 -27.33 89.23 69.36
N ASP Z 222 -26.43 89.90 70.09
CA ASP Z 222 -25.22 89.29 70.69
C ASP Z 222 -25.55 88.74 72.08
N GLU Z 223 -24.52 88.27 72.79
CA GLU Z 223 -24.58 87.75 74.19
C GLU Z 223 -25.38 88.73 75.07
N ASN Z 224 -25.35 90.04 74.80
CA ASN Z 224 -25.99 91.10 75.63
C ASN Z 224 -27.23 91.68 74.95
N GLY Z 225 -27.86 90.96 74.02
CA GLY Z 225 -29.14 91.37 73.39
C GLY Z 225 -29.02 92.62 72.53
N VAL Z 226 -27.80 92.95 72.07
CA VAL Z 226 -27.53 94.12 71.17
C VAL Z 226 -27.22 93.58 69.76
N GLY Z 227 -27.91 94.09 68.75
CA GLY Z 227 -27.66 93.78 67.34
C GLY Z 227 -26.65 94.75 66.72
N PRO Z 228 -26.25 94.52 65.45
CA PRO Z 228 -25.44 95.50 64.73
C PRO Z 228 -26.13 96.87 64.74
N LEU Z 229 -25.39 97.91 65.12
CA LEU Z 229 -25.85 99.32 65.12
C LEU Z 229 -25.33 100.01 63.86
N CYS Z 230 -26.25 100.43 63.00
CA CYS Z 230 -25.97 100.96 61.64
C CYS Z 230 -25.43 102.38 61.72
N LYS Z 231 -24.10 102.53 61.68
CA LYS Z 231 -23.39 103.84 61.64
C LYS Z 231 -23.73 104.56 60.34
N GLY Z 232 -23.81 105.89 60.38
CA GLY Z 232 -24.17 106.75 59.23
C GLY Z 232 -25.47 106.31 58.57
N ASP Z 233 -26.39 105.70 59.32
CA ASP Z 233 -27.72 105.26 58.81
C ASP Z 233 -27.50 104.35 57.58
N GLY Z 234 -26.51 103.46 57.68
CA GLY Z 234 -26.16 102.49 56.63
C GLY Z 234 -26.13 101.05 57.15
N LEU Z 235 -26.83 100.15 56.47
CA LEU Z 235 -26.81 98.68 56.74
C LEU Z 235 -25.89 98.01 55.71
N TYR Z 236 -24.90 97.24 56.19
CA TYR Z 236 -23.81 96.66 55.36
C TYR Z 236 -24.06 95.16 55.17
N LEU Z 237 -24.47 94.76 53.96
CA LEU Z 237 -24.65 93.35 53.56
C LEU Z 237 -23.42 92.85 52.78
N SER Z 238 -23.03 91.60 53.04
CA SER Z 238 -21.92 90.90 52.33
C SER Z 238 -22.36 89.46 52.04
N SER Z 239 -21.85 88.90 50.94
CA SER Z 239 -22.26 87.59 50.37
C SER Z 239 -21.04 86.97 49.68
N ALA Z 240 -20.94 85.65 49.73
CA ALA Z 240 -20.01 84.84 48.92
C ALA Z 240 -20.64 83.48 48.69
N ASP Z 241 -21.31 83.29 47.56
CA ASP Z 241 -22.04 82.03 47.27
C ASP Z 241 -21.54 81.43 45.96
N VAL Z 242 -20.41 80.73 46.04
CA VAL Z 242 -19.80 79.97 44.93
C VAL Z 242 -20.26 78.51 45.08
N ALA Z 243 -21.29 78.10 44.34
CA ALA Z 243 -21.99 76.81 44.48
C ALA Z 243 -21.06 75.65 44.09
N GLY Z 244 -20.06 75.94 43.26
CA GLY Z 244 -19.09 74.97 42.74
C GLY Z 244 -18.60 75.37 41.36
N THR Z 245 -18.26 74.39 40.53
CA THR Z 245 -17.75 74.61 39.15
C THR Z 245 -18.70 73.95 38.14
N PHE Z 246 -18.85 74.58 36.99
CA PHE Z 246 -19.40 73.97 35.76
C PHE Z 246 -18.25 73.31 35.00
N VAL Z 247 -18.39 72.03 34.67
CA VAL Z 247 -17.41 71.24 33.86
C VAL Z 247 -17.98 71.09 32.45
N GLN Z 248 -17.33 71.68 31.45
CA GLN Z 248 -17.84 71.73 30.06
C GLN Z 248 -17.37 70.50 29.27
N GLN Z 249 -18.28 69.86 28.53
CA GLN Z 249 -17.95 68.74 27.61
C GLN Z 249 -16.88 69.20 26.62
N THR Z 250 -16.08 68.27 26.12
CA THR Z 250 -15.12 68.47 25.01
C THR Z 250 -13.91 69.26 25.53
N SER Z 251 -14.07 70.53 25.92
CA SER Z 251 -12.97 71.37 26.45
C SER Z 251 -12.47 70.78 27.77
N GLN Z 252 -13.38 70.21 28.57
CA GLN Z 252 -13.12 69.70 29.95
C GLN Z 252 -12.52 70.82 30.80
N LYS Z 253 -12.89 72.07 30.49
CA LYS Z 253 -12.53 73.27 31.28
C LYS Z 253 -13.57 73.46 32.39
N GLN Z 254 -13.15 74.08 33.49
CA GLN Z 254 -14.02 74.35 34.66
C GLN Z 254 -14.24 75.86 34.77
N TYR Z 255 -15.46 76.25 35.15
CA TYR Z 255 -15.89 77.65 35.38
C TYR Z 255 -16.55 77.72 36.76
N TRP Z 256 -16.11 78.64 37.61
CA TRP Z 256 -16.80 78.96 38.89
C TRP Z 256 -18.24 79.37 38.59
N ARG Z 257 -19.19 78.85 39.36
CA ARG Z 257 -20.63 79.20 39.28
C ARG Z 257 -21.06 79.85 40.60
N GLY Z 258 -21.58 81.07 40.52
CA GLY Z 258 -22.07 81.84 41.69
C GLY Z 258 -23.58 81.91 41.71
N LEU Z 259 -24.16 82.12 42.89
CA LEU Z 259 -25.62 82.32 43.05
C LEU Z 259 -25.88 83.59 43.86
N PRO Z 260 -27.04 84.26 43.62
CA PRO Z 260 -27.39 85.46 44.35
C PRO Z 260 -27.95 85.09 45.74
N ARG Z 261 -27.79 85.99 46.71
CA ARG Z 261 -28.35 85.83 48.07
C ARG Z 261 -29.39 86.92 48.33
N TYR Z 262 -30.56 86.53 48.81
CA TYR Z 262 -31.65 87.45 49.25
C TYR Z 262 -31.50 87.73 50.74
N PHE Z 263 -31.69 88.98 51.12
CA PHE Z 263 -31.74 89.42 52.54
C PHE Z 263 -33.07 90.07 52.87
N ASN Z 264 -33.57 89.82 54.08
CA ASN Z 264 -34.74 90.54 54.66
C ASN Z 264 -34.40 90.86 56.12
N ILE Z 265 -33.90 92.06 56.38
CA ILE Z 265 -33.42 92.45 57.74
C ILE Z 265 -34.54 93.21 58.44
N THR Z 266 -34.83 92.83 59.69
CA THR Z 266 -35.71 93.56 60.62
C THR Z 266 -34.83 94.43 61.51
N LEU Z 267 -35.05 95.74 61.52
CA LEU Z 267 -34.30 96.70 62.38
C LEU Z 267 -35.29 97.42 63.31
N ARG Z 268 -34.77 97.94 64.42
CA ARG Z 268 -35.53 98.72 65.43
C ARG Z 268 -34.65 99.88 65.89
N LYS Z 269 -35.27 100.97 66.36
CA LYS Z 269 -34.53 102.16 66.85
C LYS Z 269 -33.93 101.85 68.22
N ARG Z 270 -32.65 102.16 68.40
CA ARG Z 270 -31.92 102.01 69.69
C ARG Z 270 -31.25 103.34 70.02
N ALA Z 271 -31.31 103.75 71.29
CA ALA Z 271 -30.72 105.00 71.80
C ALA Z 271 -29.27 104.76 72.21
N VAL Z 272 -28.42 105.78 72.06
CA VAL Z 272 -26.95 105.71 72.33
C VAL Z 272 -26.48 107.04 72.93
N LYS Z 273 -25.43 107.01 73.77
CA LYS Z 273 -25.02 108.13 74.67
C LYS Z 273 -24.24 109.18 73.86
N ILE AA 7 -54.39 91.46 54.09
CA ILE AA 7 -55.58 91.04 54.90
C ILE AA 7 -55.30 91.29 56.39
N GLU AA 8 -56.17 92.04 57.09
CA GLU AA 8 -56.10 92.20 58.57
C GLU AA 8 -56.68 90.93 59.21
N VAL AA 9 -55.84 90.17 59.93
CA VAL AA 9 -56.19 88.85 60.53
C VAL AA 9 -56.78 89.09 61.92
N LEU AA 10 -57.87 88.42 62.27
CA LEU AA 10 -58.57 88.60 63.58
C LEU AA 10 -58.51 87.29 64.39
N ASP AA 11 -59.56 86.99 65.15
CA ASP AA 11 -59.65 85.86 66.10
C ASP AA 11 -59.75 84.54 65.31
N VAL AA 12 -59.31 83.45 65.93
CA VAL AA 12 -59.48 82.07 65.39
C VAL AA 12 -60.84 81.54 65.85
N LYS AA 13 -61.80 81.34 64.95
CA LYS AA 13 -63.09 80.69 65.32
C LYS AA 13 -62.79 79.25 65.79
N THR AA 14 -63.16 78.90 67.02
CA THR AA 14 -63.13 77.52 67.58
C THR AA 14 -64.57 77.06 67.79
N GLY AA 15 -64.76 75.76 68.04
CA GLY AA 15 -66.08 75.11 68.15
C GLY AA 15 -66.20 73.96 67.17
N PRO AA 16 -67.37 73.26 67.12
CA PRO AA 16 -67.58 72.19 66.15
C PRO AA 16 -67.59 72.73 64.70
N ASP AA 17 -67.15 71.90 63.76
CA ASP AA 17 -67.08 72.22 62.31
C ASP AA 17 -66.22 73.47 62.07
N SER AA 18 -65.20 73.71 62.89
CA SER AA 18 -64.29 74.88 62.80
C SER AA 18 -62.92 74.43 62.27
N THR AA 19 -62.62 73.13 62.28
CA THR AA 19 -61.41 72.54 61.65
C THR AA 19 -61.84 71.54 60.57
N THR AA 20 -60.95 71.29 59.62
CA THR AA 20 -61.11 70.26 58.56
C THR AA 20 -59.72 69.79 58.11
N THR AA 21 -59.63 68.58 57.57
CA THR AA 21 -58.40 68.04 56.95
C THR AA 21 -58.62 67.85 55.45
N ILE AA 22 -57.56 67.98 54.68
CA ILE AA 22 -57.53 67.76 53.20
C ILE AA 22 -56.42 66.77 52.90
N GLU AA 23 -56.78 65.61 52.32
CA GLU AA 23 -55.83 64.64 51.71
C GLU AA 23 -55.71 64.97 50.22
N ALA AA 24 -54.50 64.98 49.70
CA ALA AA 24 -54.19 65.14 48.26
C ALA AA 24 -52.85 64.47 47.95
N TYR AA 25 -52.62 64.11 46.70
CA TYR AA 25 -51.30 63.69 46.19
C TYR AA 25 -51.03 64.48 44.91
N LEU AA 26 -49.76 64.85 44.69
CA LEU AA 26 -49.27 65.36 43.40
C LEU AA 26 -48.36 64.29 42.78
N ASN AA 27 -48.71 63.81 41.59
CA ASN AA 27 -47.83 62.92 40.78
C ASN AA 27 -46.76 63.78 40.14
N PRO AA 28 -45.55 63.22 39.93
CA PRO AA 28 -44.42 63.99 39.40
C PRO AA 28 -44.62 64.33 37.93
N ARG AA 29 -44.06 65.45 37.49
CA ARG AA 29 -44.11 65.91 36.08
C ARG AA 29 -42.68 66.11 35.58
N VAL AA 30 -41.99 64.98 35.30
CA VAL AA 30 -40.55 64.95 34.92
C VAL AA 30 -40.40 65.00 33.39
N GLY AA 31 -41.49 65.27 32.66
CA GLY AA 31 -41.48 65.39 31.18
C GLY AA 31 -42.49 64.46 30.54
N GLN AA 32 -42.79 63.34 31.19
CA GLN AA 32 -43.94 62.46 30.88
C GLN AA 32 -44.68 62.19 32.19
N ASN AA 33 -45.73 61.39 32.16
CA ASN AA 33 -46.71 61.31 33.29
C ASN AA 33 -46.49 60.05 34.12
N TRP AA 34 -45.51 59.21 33.79
CA TRP AA 34 -45.38 57.87 34.42
C TRP AA 34 -44.03 57.74 35.14
N GLY AA 35 -43.48 58.87 35.60
CA GLY AA 35 -42.40 58.92 36.60
C GLY AA 35 -41.02 58.95 35.97
N PHE AA 36 -40.93 58.86 34.64
CA PHE AA 36 -39.64 58.97 33.90
C PHE AA 36 -39.76 59.97 32.76
N SER AA 37 -38.69 60.75 32.59
CA SER AA 37 -38.44 61.59 31.39
C SER AA 37 -38.05 60.67 30.22
N THR AA 38 -38.02 61.24 29.01
CA THR AA 38 -37.31 60.66 27.85
C THR AA 38 -35.82 60.88 28.09
N GLU AA 39 -34.97 60.25 27.27
CA GLU AA 39 -33.49 60.30 27.47
C GLU AA 39 -33.04 61.76 27.60
N ILE AA 40 -32.14 62.02 28.55
CA ILE AA 40 -31.50 63.35 28.71
C ILE AA 40 -30.54 63.52 27.54
N THR AA 41 -30.65 64.65 26.82
CA THR AA 41 -29.78 64.99 25.66
C THR AA 41 -28.92 66.18 26.05
N VAL AA 42 -27.76 66.32 25.41
CA VAL AA 42 -26.77 67.40 25.69
C VAL AA 42 -26.43 68.05 24.35
N ALA AA 43 -26.73 69.33 24.21
CA ALA AA 43 -26.35 70.16 23.03
C ALA AA 43 -24.84 70.07 22.84
N SER AA 44 -24.38 70.00 21.59
CA SER AA 44 -22.93 70.12 21.26
C SER AA 44 -22.49 71.57 21.43
N ASN AA 45 -21.31 71.80 22.00
CA ASN AA 45 -20.75 73.16 22.21
C ASN AA 45 -20.93 73.95 20.91
N GLY AA 46 -21.51 75.15 21.00
CA GLY AA 46 -21.65 76.09 19.87
C GLY AA 46 -23.00 75.96 19.17
N TYR AA 47 -23.73 74.88 19.39
CA TYR AA 47 -25.09 74.65 18.81
C TYR AA 47 -26.14 75.11 19.82
N ASN AA 48 -27.39 75.23 19.39
CA ASN AA 48 -28.53 75.64 20.26
C ASN AA 48 -28.69 74.63 21.39
N ASP AA 49 -28.93 75.13 22.60
CA ASP AA 49 -29.38 74.34 23.77
C ASP AA 49 -30.90 74.20 23.68
N ALA AA 50 -31.40 73.14 23.05
CA ALA AA 50 -32.84 72.97 22.73
C ALA AA 50 -33.30 71.58 23.18
N PRO AA 51 -33.51 71.38 24.49
CA PRO AA 51 -33.94 70.08 25.02
C PRO AA 51 -35.36 69.76 24.60
N HIS AA 52 -35.67 68.47 24.51
CA HIS AA 52 -37.01 67.92 24.20
C HIS AA 52 -37.98 68.29 25.33
N LEU AA 53 -39.24 68.58 25.00
CA LEU AA 53 -40.30 68.83 26.01
C LEU AA 53 -40.24 67.74 27.09
N THR AA 54 -40.11 66.48 26.66
CA THR AA 54 -40.34 65.28 27.52
C THR AA 54 -39.07 64.93 28.32
N GLU AA 55 -38.04 65.79 28.34
CA GLU AA 55 -36.78 65.52 29.07
C GLU AA 55 -36.56 66.59 30.15
N ILE AA 56 -37.55 67.47 30.35
CA ILE AA 56 -37.46 68.65 31.24
C ILE AA 56 -38.43 68.51 32.38
N PRO AA 57 -37.95 68.24 33.61
CA PRO AA 57 -38.82 68.17 34.78
C PRO AA 57 -39.39 69.55 35.17
N CYS AA 58 -40.65 69.54 35.57
CA CYS AA 58 -41.46 70.73 35.95
C CYS AA 58 -42.03 70.56 37.37
N TYR AA 59 -42.35 71.69 38.01
CA TYR AA 59 -43.13 71.74 39.26
C TYR AA 59 -44.50 71.11 39.01
N SER AA 60 -44.86 70.13 39.83
CA SER AA 60 -46.26 69.66 40.03
C SER AA 60 -47.00 70.70 40.88
N SER AA 61 -48.28 70.91 40.61
CA SER AA 61 -49.11 71.98 41.23
C SER AA 61 -50.59 71.62 41.10
N ALA AA 62 -51.38 71.88 42.14
CA ALA AA 62 -52.85 71.70 42.13
C ALA AA 62 -53.49 72.73 43.07
N ARG AA 63 -54.73 73.11 42.78
CA ARG AA 63 -55.59 73.92 43.67
C ARG AA 63 -56.72 73.02 44.18
N ILE AA 64 -56.74 72.72 45.48
CA ILE AA 64 -57.83 71.92 46.11
C ILE AA 64 -58.93 72.91 46.51
N SER AA 65 -60.18 72.59 46.16
CA SER AA 65 -61.40 73.34 46.57
C SER AA 65 -61.73 73.02 48.04
N LEU AA 66 -61.85 74.05 48.87
CA LEU AA 66 -62.21 73.93 50.31
C LEU AA 66 -63.70 74.19 50.48
N PRO AA 67 -64.34 73.68 51.55
CA PRO AA 67 -65.74 74.02 51.84
C PRO AA 67 -65.99 75.53 51.80
N LEU AA 68 -67.08 75.97 51.17
CA LEU AA 68 -67.44 77.41 51.05
C LEU AA 68 -67.75 77.93 52.46
N LEU AA 69 -67.33 79.15 52.79
CA LEU AA 69 -67.44 79.67 54.18
C LEU AA 69 -68.52 80.73 54.35
N ASN AA 70 -68.60 81.73 53.48
CA ASN AA 70 -69.42 82.94 53.71
C ASN AA 70 -70.72 82.77 52.90
N THR AA 77 -67.37 90.64 59.61
CA THR AA 77 -66.09 89.88 59.52
C THR AA 77 -66.32 88.65 58.61
N LEU AA 78 -65.47 88.48 57.59
CA LEU AA 78 -65.44 87.29 56.71
C LEU AA 78 -64.57 86.20 57.35
N LEU AA 79 -64.79 84.95 56.96
CA LEU AA 79 -63.98 83.77 57.40
C LEU AA 79 -63.17 83.23 56.22
N MET AA 80 -61.90 82.90 56.47
CA MET AA 80 -61.03 82.17 55.52
C MET AA 80 -60.48 80.94 56.21
N TRP AA 81 -60.32 79.84 55.46
CA TRP AA 81 -59.57 78.64 55.93
C TRP AA 81 -58.10 79.03 56.11
N GLU AA 82 -57.53 78.61 57.23
CA GLU AA 82 -56.11 78.85 57.59
C GLU AA 82 -55.42 77.49 57.69
N ALA AA 83 -54.40 77.25 56.87
CA ALA AA 83 -53.59 76.01 56.90
C ALA AA 83 -52.66 76.08 58.11
N VAL AA 84 -52.79 75.13 59.03
CA VAL AA 84 -52.09 75.16 60.35
C VAL AA 84 -50.86 74.25 60.28
N SER AA 85 -51.04 73.04 59.76
CA SER AA 85 -50.01 71.98 59.74
C SER AA 85 -50.21 71.12 58.50
N VAL AA 86 -49.15 70.42 58.07
CA VAL AA 86 -49.19 69.43 56.97
C VAL AA 86 -48.33 68.23 57.35
N LYS AA 87 -48.90 67.02 57.27
CA LYS AA 87 -48.15 65.75 57.21
C LYS AA 87 -47.90 65.50 55.71
N THR AA 88 -46.64 65.42 55.28
CA THR AA 88 -46.29 65.16 53.85
C THR AA 88 -45.28 64.00 53.78
N GLU AA 89 -45.35 63.22 52.70
CA GLU AA 89 -44.48 62.04 52.48
C GLU AA 89 -44.19 61.88 50.99
N VAL AA 90 -42.94 61.51 50.67
CA VAL AA 90 -42.55 61.10 49.30
C VAL AA 90 -42.92 59.62 49.16
N VAL AA 91 -43.88 59.34 48.27
CA VAL AA 91 -44.47 57.99 48.10
C VAL AA 91 -43.59 57.19 47.13
N GLY AA 92 -43.46 55.89 47.38
CA GLY AA 92 -42.78 54.94 46.48
C GLY AA 92 -41.27 55.06 46.54
N ILE AA 93 -40.71 55.51 47.67
CA ILE AA 93 -39.24 55.50 47.92
C ILE AA 93 -38.74 54.07 47.75
N SER AA 94 -39.45 53.10 48.33
CA SER AA 94 -39.07 51.67 48.33
C SER AA 94 -38.96 51.14 46.89
N SER AA 95 -39.59 51.82 45.92
CA SER AA 95 -39.60 51.42 44.49
C SER AA 95 -38.16 51.37 43.95
N MET AA 96 -37.24 52.11 44.57
CA MET AA 96 -35.84 52.27 44.12
C MET AA 96 -34.98 51.07 44.52
N LEU AA 97 -35.41 50.21 45.44
CA LEU AA 97 -34.65 48.98 45.81
C LEU AA 97 -34.92 47.92 44.72
N ASN AA 98 -34.42 48.18 43.52
CA ASN AA 98 -34.66 47.39 42.28
C ASN AA 98 -33.37 47.35 41.48
N MET AA 99 -32.70 46.19 41.43
CA MET AA 99 -31.41 46.03 40.72
C MET AA 99 -31.54 45.07 39.53
N HIS AA 100 -32.78 44.84 39.05
CA HIS AA 100 -33.06 43.87 37.96
C HIS AA 100 -33.70 44.53 36.74
N SER AA 101 -34.26 45.74 36.87
CA SER AA 101 -35.05 46.42 35.81
C SER AA 101 -34.13 47.28 34.93
N TYR AA 102 -33.21 46.62 34.22
CA TYR AA 102 -32.49 47.12 33.01
C TYR AA 102 -31.41 48.15 33.37
N GLY AA 103 -31.07 48.30 34.65
CA GLY AA 103 -30.07 49.30 35.07
C GLY AA 103 -28.68 48.94 34.59
N LEU AA 104 -27.85 49.93 34.27
CA LEU AA 104 -26.40 49.74 33.97
C LEU AA 104 -25.82 48.84 35.06
N ARG AA 105 -25.09 47.81 34.68
CA ARG AA 105 -24.69 46.70 35.60
C ARG AA 105 -23.34 47.02 36.23
N ALA AA 106 -23.22 46.78 37.53
CA ALA AA 106 -22.02 47.06 38.36
C ALA AA 106 -21.00 45.94 38.19
N PHE AA 107 -19.77 46.18 38.64
CA PHE AA 107 -18.67 45.18 38.72
C PHE AA 107 -18.50 44.52 37.35
N GLY AA 108 -18.24 45.35 36.34
CA GLY AA 108 -17.89 44.95 34.95
C GLY AA 108 -19.02 44.24 34.24
N GLY AA 109 -20.27 44.44 34.66
CA GLY AA 109 -21.47 43.89 34.00
C GLY AA 109 -21.97 42.60 34.63
N TYR AA 110 -21.28 42.07 35.65
CA TYR AA 110 -21.63 40.78 36.30
C TYR AA 110 -22.55 40.99 37.51
N GLY AA 111 -22.57 42.21 38.05
CA GLY AA 111 -23.40 42.58 39.21
C GLY AA 111 -24.80 43.00 38.81
N GLY AA 112 -25.53 43.63 39.73
CA GLY AA 112 -26.92 44.08 39.52
C GLY AA 112 -26.96 45.45 38.86
N GLY AA 113 -28.15 45.86 38.41
CA GLY AA 113 -28.39 47.19 37.82
C GLY AA 113 -28.24 48.31 38.82
N TYR AA 114 -27.77 49.48 38.37
CA TYR AA 114 -27.69 50.73 39.16
C TYR AA 114 -29.09 51.13 39.62
N THR AA 115 -29.27 51.35 40.92
CA THR AA 115 -30.47 52.02 41.48
C THR AA 115 -30.41 53.49 41.08
N ILE AA 116 -31.56 54.16 41.10
CA ILE AA 116 -31.67 55.62 40.84
C ILE AA 116 -30.55 56.32 41.62
N GLU AA 117 -29.79 57.17 40.94
CA GLU AA 117 -28.67 57.96 41.55
C GLU AA 117 -28.48 59.25 40.76
N GLY AA 118 -27.62 60.12 41.28
CA GLY AA 118 -27.27 61.42 40.66
C GLY AA 118 -27.99 62.58 41.33
N SER AA 119 -27.89 63.76 40.71
CA SER AA 119 -28.46 65.02 41.21
C SER AA 119 -29.97 64.86 41.40
N HIS AA 120 -30.49 65.41 42.49
CA HIS AA 120 -31.91 65.26 42.92
C HIS AA 120 -32.36 66.52 43.65
N ILE AA 121 -33.64 66.83 43.57
CA ILE AA 121 -34.28 67.94 44.33
C ILE AA 121 -35.57 67.39 44.94
N HIS AA 122 -35.86 67.79 46.18
CA HIS AA 122 -37.12 67.46 46.88
C HIS AA 122 -37.68 68.75 47.47
N PHE AA 123 -38.93 69.07 47.13
CA PHE AA 123 -39.53 70.38 47.44
C PHE AA 123 -41.05 70.26 47.52
N PHE AA 124 -41.63 71.00 48.46
CA PHE AA 124 -43.11 71.11 48.61
C PHE AA 124 -43.42 72.51 49.14
N SER AA 125 -44.61 73.00 48.81
CA SER AA 125 -45.16 74.27 49.31
C SER AA 125 -46.66 74.10 49.56
N VAL AA 126 -47.15 74.75 50.62
CA VAL AA 126 -48.59 74.90 50.95
C VAL AA 126 -48.86 76.40 51.04
N GLY AA 127 -49.94 76.87 50.41
CA GLY AA 127 -50.24 78.31 50.31
C GLY AA 127 -51.72 78.56 50.11
N GLY AA 128 -52.13 79.81 50.36
CA GLY AA 128 -53.51 80.30 50.14
C GLY AA 128 -53.66 80.95 48.78
N GLU AA 129 -52.62 80.88 47.95
CA GLU AA 129 -52.59 81.40 46.56
C GLU AA 129 -51.47 80.68 45.81
N PRO AA 130 -51.40 80.82 44.48
CA PRO AA 130 -50.28 80.28 43.71
C PRO AA 130 -48.92 80.72 44.28
N LEU AA 131 -47.96 79.81 44.26
CA LEU AA 131 -46.55 80.04 44.68
C LEU AA 131 -45.91 81.07 43.75
N ASP AA 132 -45.25 82.08 44.31
CA ASP AA 132 -44.52 83.11 43.53
C ASP AA 132 -43.16 82.52 43.12
N LEU AA 133 -42.85 82.60 41.82
CA LEU AA 133 -41.59 82.08 41.22
C LEU AA 133 -40.70 83.25 40.80
N GLN AA 134 -39.40 83.09 41.00
CA GLN AA 134 -38.32 83.97 40.49
C GLN AA 134 -37.58 83.23 39.38
N GLY AA 135 -37.33 83.92 38.26
CA GLY AA 135 -36.55 83.35 37.13
C GLY AA 135 -35.08 83.33 37.45
N LEU AA 136 -34.48 82.14 37.41
CA LEU AA 136 -33.00 81.97 37.41
C LEU AA 136 -32.66 80.62 36.78
N MET AA 137 -31.77 80.63 35.79
CA MET AA 137 -31.44 79.47 34.93
C MET AA 137 -29.92 79.42 34.73
N GLN AA 138 -29.38 78.24 34.40
CA GLN AA 138 -27.93 78.02 34.19
C GLN AA 138 -27.48 78.62 32.86
N ASN AA 139 -28.32 78.52 31.82
CA ASN AA 139 -28.03 79.03 30.45
C ASN AA 139 -29.21 79.87 29.97
N HIS AA 140 -29.02 81.19 29.87
CA HIS AA 140 -30.08 82.17 29.50
C HIS AA 140 -30.67 81.82 28.12
N SER AA 141 -29.88 81.16 27.27
CA SER AA 141 -30.21 80.89 25.85
C SER AA 141 -30.99 79.59 25.69
N THR AA 142 -31.20 78.82 26.75
CA THR AA 142 -31.98 77.55 26.67
C THR AA 142 -33.30 77.81 25.95
N GLN AA 143 -33.66 76.97 24.98
CA GLN AA 143 -34.93 77.04 24.22
C GLN AA 143 -35.91 76.02 24.79
N TYR AA 144 -36.92 76.48 25.52
CA TYR AA 144 -37.99 75.62 26.10
C TYR AA 144 -39.11 75.48 25.06
N PRO AA 145 -39.42 74.25 24.61
CA PRO AA 145 -40.56 74.04 23.71
C PRO AA 145 -41.88 74.40 24.39
N SER AA 146 -42.81 74.97 23.61
CA SER AA 146 -44.23 75.16 23.99
C SER AA 146 -44.80 73.78 24.33
N PRO AA 147 -45.70 73.63 25.34
CA PRO AA 147 -46.26 74.76 26.10
C PRO AA 147 -45.55 75.15 27.41
N LEU AA 148 -44.30 74.73 27.62
CA LEU AA 148 -43.49 75.12 28.81
C LEU AA 148 -43.36 76.64 28.83
N VAL AA 149 -43.12 77.20 30.02
CA VAL AA 149 -42.95 78.67 30.21
C VAL AA 149 -41.62 78.90 30.91
N GLY AA 150 -40.73 79.66 30.28
CA GLY AA 150 -39.42 80.04 30.84
C GLY AA 150 -39.37 81.54 31.11
N PRO AA 151 -38.34 82.02 31.83
CA PRO AA 151 -38.20 83.44 32.12
C PRO AA 151 -38.04 84.23 30.84
N LYS AA 152 -38.98 85.13 30.55
CA LYS AA 152 -38.95 86.08 29.41
C LYS AA 152 -39.11 87.49 29.98
N LYS AA 153 -38.42 88.48 29.43
CA LYS AA 153 -38.72 89.92 29.66
C LYS AA 153 -40.09 90.21 29.04
N PRO AA 154 -40.69 91.41 29.25
CA PRO AA 154 -41.95 91.75 28.58
C PRO AA 154 -41.84 91.71 27.05
N ASP AA 155 -40.67 92.03 26.49
CA ASP AA 155 -40.43 92.11 25.02
C ASP AA 155 -40.27 90.70 24.43
N GLY AA 156 -40.21 89.64 25.24
CA GLY AA 156 -40.12 88.24 24.79
C GLY AA 156 -38.72 87.66 24.84
N THR AA 157 -37.69 88.51 25.01
CA THR AA 157 -36.25 88.13 25.06
C THR AA 157 -35.91 87.54 26.43
N THR AA 158 -34.72 86.97 26.55
CA THR AA 158 -34.11 86.44 27.81
C THR AA 158 -32.62 86.73 27.79
N ASP AA 159 -32.13 87.69 28.58
CA ASP AA 159 -30.71 88.13 28.52
C ASP AA 159 -29.88 87.37 29.56
N ASP AA 160 -28.58 87.68 29.64
CA ASP AA 160 -27.58 87.04 30.53
C ASP AA 160 -27.99 87.17 32.00
N SER AA 161 -28.75 88.21 32.35
CA SER AA 161 -29.14 88.54 33.75
C SER AA 161 -30.02 87.41 34.34
N ALA AA 162 -30.66 86.61 33.50
CA ALA AA 162 -31.50 85.46 33.92
C ALA AA 162 -30.65 84.36 34.56
N GLN AA 163 -29.32 84.47 34.54
CA GLN AA 163 -28.39 83.50 35.18
C GLN AA 163 -28.07 83.94 36.60
N VAL AA 164 -28.50 85.15 36.97
CA VAL AA 164 -28.44 85.67 38.36
C VAL AA 164 -29.82 86.21 38.71
N LEU AA 165 -29.93 87.09 39.71
CA LEU AA 165 -31.25 87.66 40.10
C LEU AA 165 -31.49 88.95 39.31
N ASN AA 166 -32.50 88.92 38.45
CA ASN AA 166 -33.13 90.12 37.83
C ASN AA 166 -34.63 90.07 38.16
N PRO AA 167 -35.14 91.02 38.98
CA PRO AA 167 -36.56 91.07 39.33
C PRO AA 167 -37.53 91.07 38.14
N ILE AA 168 -37.07 91.40 36.93
CA ILE AA 168 -37.93 91.45 35.72
C ILE AA 168 -38.52 90.05 35.45
N TYR AA 169 -37.82 88.98 35.87
CA TYR AA 169 -38.20 87.57 35.59
C TYR AA 169 -38.98 86.98 36.78
N LYS AA 170 -40.31 87.08 36.74
CA LYS AA 170 -41.20 86.49 37.77
C LYS AA 170 -42.37 85.79 37.09
N ALA AA 171 -43.01 84.89 37.83
CA ALA AA 171 -44.19 84.13 37.36
C ALA AA 171 -44.94 83.58 38.59
N LYS AA 172 -46.18 83.18 38.38
CA LYS AA 172 -47.00 82.49 39.41
C LYS AA 172 -47.12 81.04 38.94
N LEU AA 173 -46.89 80.08 39.84
CA LEU AA 173 -47.00 78.63 39.57
C LEU AA 173 -48.49 78.28 39.46
N ASP AA 174 -49.10 78.62 38.32
CA ASP AA 174 -50.57 78.60 38.12
C ASP AA 174 -51.00 77.41 37.25
N LYS AA 175 -50.06 76.60 36.77
CA LYS AA 175 -50.37 75.45 35.86
C LYS AA 175 -49.42 74.29 36.21
N ASP AA 176 -49.96 73.08 36.34
CA ASP AA 176 -49.19 71.83 36.54
C ASP AA 176 -48.32 71.59 35.30
N ALA AA 177 -47.15 70.96 35.47
CA ALA AA 177 -46.34 70.35 34.39
C ALA AA 177 -45.91 71.40 33.36
N THR AA 178 -45.81 72.68 33.76
CA THR AA 178 -45.66 73.82 32.83
C THR AA 178 -44.38 74.61 33.12
N TYR AA 179 -44.02 74.78 34.39
CA TYR AA 179 -42.89 75.63 34.84
C TYR AA 179 -41.69 74.72 35.11
N PRO AA 180 -40.63 74.76 34.30
CA PRO AA 180 -39.46 73.91 34.52
C PRO AA 180 -38.75 74.26 35.83
N ILE AA 181 -38.34 73.23 36.57
CA ILE AA 181 -37.61 73.37 37.86
C ILE AA 181 -36.31 74.14 37.61
N GLU AA 182 -35.72 74.00 36.42
CA GLU AA 182 -34.32 74.41 36.13
C GLU AA 182 -34.22 75.92 35.85
N CYS AA 183 -35.34 76.63 35.67
CA CYS AA 183 -35.35 78.08 35.35
C CYS AA 183 -36.24 78.89 36.32
N TRP AA 184 -36.94 78.22 37.24
CA TRP AA 184 -37.80 78.87 38.27
C TRP AA 184 -37.48 78.32 39.66
N CYS AA 185 -37.24 79.21 40.63
CA CYS AA 185 -37.17 78.86 42.07
C CYS AA 185 -38.23 79.64 42.83
N PRO AA 186 -38.61 79.21 44.05
CA PRO AA 186 -39.50 80.00 44.90
C PRO AA 186 -38.89 81.38 45.13
N ASP AA 187 -39.71 82.43 44.96
CA ASP AA 187 -39.34 83.86 45.09
C ASP AA 187 -39.38 84.24 46.57
N PRO AA 188 -38.21 84.46 47.22
CA PRO AA 188 -38.16 84.75 48.65
C PRO AA 188 -38.59 86.18 48.99
N SER AA 189 -38.73 87.03 47.96
CA SER AA 189 -39.15 88.45 48.08
C SER AA 189 -40.68 88.54 48.16
N ARG AA 190 -41.37 87.41 47.95
CA ARG AA 190 -42.86 87.32 47.99
C ARG AA 190 -43.26 86.08 48.79
N ASN AA 191 -44.30 85.37 48.36
CA ASN AA 191 -44.77 84.14 49.04
C ASN AA 191 -45.06 84.42 50.52
N GLU AA 192 -45.59 85.60 50.88
CA GLU AA 192 -46.00 85.93 52.26
C GLU AA 192 -47.08 84.93 52.71
N ASN AA 193 -47.93 84.48 51.78
CA ASN AA 193 -49.14 83.64 52.06
C ASN AA 193 -48.88 82.19 51.62
N SER AA 194 -47.62 81.79 51.48
CA SER AA 194 -47.19 80.39 51.17
C SER AA 194 -46.05 80.00 52.10
N ARG AA 195 -45.95 78.73 52.45
CA ARG AA 195 -44.76 78.16 53.15
C ARG AA 195 -44.13 77.15 52.22
N TYR AA 196 -42.84 77.30 51.90
CA TYR AA 196 -42.12 76.38 50.99
C TYR AA 196 -40.85 75.85 51.66
N PHE AA 197 -40.48 74.64 51.26
CA PHE AA 197 -39.38 73.83 51.82
C PHE AA 197 -38.74 73.02 50.70
N GLY AA 198 -37.42 73.18 50.48
CA GLY AA 198 -36.71 72.49 49.41
C GLY AA 198 -35.29 72.13 49.83
N SER AA 199 -34.79 71.02 49.29
CA SER AA 199 -33.37 70.61 49.39
C SER AA 199 -32.90 70.02 48.06
N TYR AA 200 -31.82 70.59 47.49
CA TYR AA 200 -31.15 70.08 46.26
C TYR AA 200 -29.80 69.48 46.65
N THR AA 201 -29.45 68.36 46.00
CA THR AA 201 -28.12 67.71 46.08
C THR AA 201 -27.62 67.47 44.65
N GLY AA 202 -26.40 67.91 44.34
CA GLY AA 202 -25.76 67.73 43.03
C GLY AA 202 -25.01 66.40 42.93
N GLY AA 203 -24.06 66.30 42.01
CA GLY AA 203 -23.17 65.15 41.83
C GLY AA 203 -23.62 64.26 40.69
N VAL AA 204 -22.74 63.35 40.25
CA VAL AA 204 -22.94 62.50 39.05
C VAL AA 204 -23.63 61.19 39.47
N GLU AA 205 -23.13 60.57 40.55
CA GLU AA 205 -23.57 59.23 41.01
C GLU AA 205 -24.06 59.30 42.47
N THR AA 206 -24.42 60.51 42.95
CA THR AA 206 -24.81 60.78 44.35
C THR AA 206 -25.99 59.89 44.74
N PRO AA 207 -25.90 59.16 45.87
CA PRO AA 207 -26.98 58.31 46.33
C PRO AA 207 -28.10 59.14 46.92
N PRO AA 208 -29.37 58.92 46.51
CA PRO AA 208 -30.50 59.54 47.19
C PRO AA 208 -30.64 58.98 48.61
N VAL AA 209 -30.96 59.87 49.55
CA VAL AA 209 -31.27 59.53 50.97
C VAL AA 209 -32.64 60.10 51.27
N LEU AA 210 -33.65 59.22 51.42
CA LEU AA 210 -35.05 59.62 51.70
C LEU AA 210 -35.59 58.82 52.88
N SER AA 211 -36.30 59.49 53.78
CA SER AA 211 -36.98 58.89 54.94
C SER AA 211 -38.49 58.97 54.74
N PHE AA 212 -39.22 58.06 55.38
CA PHE AA 212 -40.70 58.04 55.34
C PHE AA 212 -41.24 57.57 56.69
N THR AA 213 -42.18 58.32 57.25
CA THR AA 213 -42.88 58.03 58.53
C THR AA 213 -44.22 58.75 58.55
N ASN AA 214 -45.22 58.17 59.23
CA ASN AA 214 -46.54 58.82 59.44
C ASN AA 214 -46.55 59.51 60.80
N THR AA 215 -45.39 59.79 61.39
CA THR AA 215 -45.24 60.44 62.72
C THR AA 215 -44.73 61.88 62.60
N SER AA 216 -44.29 62.33 61.42
CA SER AA 216 -43.75 63.70 61.20
C SER AA 216 -44.93 64.65 60.95
N THR AA 217 -44.79 65.91 61.37
CA THR AA 217 -45.73 67.03 61.07
C THR AA 217 -44.93 68.32 60.87
N THR AA 218 -45.27 69.10 59.85
CA THR AA 218 -44.67 70.42 59.60
C THR AA 218 -45.69 71.50 59.97
N ILE AA 219 -45.34 72.37 60.92
CA ILE AA 219 -46.18 73.52 61.34
C ILE AA 219 -46.05 74.61 60.26
N LEU AA 220 -47.17 75.22 59.87
CA LEU AA 220 -47.23 76.22 58.78
C LEU AA 220 -47.49 77.62 59.34
N LEU AA 221 -47.66 77.76 60.65
CA LEU AA 221 -47.88 79.08 61.31
C LEU AA 221 -46.58 79.89 61.20
N ASP AA 222 -46.68 81.20 61.00
CA ASP AA 222 -45.51 82.11 60.85
C ASP AA 222 -45.05 82.62 62.23
N GLU AA 223 -44.10 83.55 62.23
CA GLU AA 223 -43.56 84.25 63.45
C GLU AA 223 -44.72 84.71 64.35
N ASN AA 224 -45.87 85.09 63.77
CA ASN AA 224 -47.03 85.67 64.49
C ASN AA 224 -48.20 84.67 64.61
N GLY AA 225 -47.95 83.37 64.50
CA GLY AA 225 -48.97 82.32 64.72
C GLY AA 225 -50.08 82.33 63.68
N VAL AA 226 -49.83 82.91 62.50
CA VAL AA 226 -50.79 82.94 61.35
C VAL AA 226 -50.29 81.99 60.27
N GLY AA 227 -51.16 81.08 59.81
CA GLY AA 227 -50.89 80.16 58.70
C GLY AA 227 -51.30 80.76 57.36
N PRO AA 228 -51.02 80.07 56.23
CA PRO AA 228 -51.55 80.48 54.93
C PRO AA 228 -53.07 80.61 55.00
N LEU AA 229 -53.60 81.75 54.55
CA LEU AA 229 -55.06 82.03 54.44
C LEU AA 229 -55.51 81.77 53.01
N CYS AA 230 -56.39 80.79 52.83
CA CYS AA 230 -56.82 80.26 51.52
C CYS AA 230 -57.82 81.23 50.85
N LYS AA 231 -57.31 82.09 49.95
CA LYS AA 231 -58.13 83.03 49.15
C LYS AA 231 -59.03 82.24 48.21
N GLY AA 232 -60.23 82.76 47.94
CA GLY AA 232 -61.25 82.10 47.09
C GLY AA 232 -61.53 80.67 47.52
N ASP AA 233 -61.39 80.35 48.81
CA ASP AA 233 -61.67 79.01 49.38
C ASP AA 233 -60.87 77.96 48.57
N GLY AA 234 -59.61 78.28 48.27
CA GLY AA 234 -58.67 77.39 47.55
C GLY AA 234 -57.37 77.19 48.29
N LEU AA 235 -56.96 75.92 48.47
CA LEU AA 235 -55.65 75.52 49.04
C LEU AA 235 -54.71 75.14 47.89
N TYR AA 236 -53.53 75.75 47.84
CA TYR AA 236 -52.55 75.64 46.73
C TYR AA 236 -51.38 74.75 47.15
N LEU AA 237 -51.33 73.54 46.61
CA LEU AA 237 -50.22 72.56 46.81
C LEU AA 237 -49.25 72.61 45.63
N SER AA 238 -47.95 72.52 45.90
CA SER AA 238 -46.86 72.44 44.90
C SER AA 238 -45.84 71.40 45.35
N SER AA 239 -45.18 70.75 44.39
CA SER AA 239 -44.28 69.59 44.59
C SER AA 239 -43.20 69.62 43.50
N ALA AA 240 -42.00 69.17 43.84
CA ALA AA 240 -40.91 68.88 42.88
C ALA AA 240 -40.04 67.79 43.50
N ASP AA 241 -40.27 66.53 43.13
CA ASP AA 241 -39.55 65.38 43.74
C ASP AA 241 -38.88 64.55 42.64
N VAL AA 242 -37.73 65.03 42.20
CA VAL AA 242 -36.84 64.35 41.21
C VAL AA 242 -35.80 63.58 42.03
N ALA AA 243 -35.99 62.28 42.22
CA ALA AA 243 -35.20 61.42 43.13
C ALA AA 243 -33.78 61.26 42.60
N GLY AA 244 -33.61 61.44 41.29
CA GLY AA 244 -32.32 61.29 40.58
C GLY AA 244 -32.54 60.82 39.15
N THR AA 245 -31.59 60.06 38.61
CA THR AA 245 -31.64 59.53 37.23
C THR AA 245 -31.60 58.01 37.26
N PHE AA 246 -32.31 57.38 36.33
CA PHE AA 246 -32.13 55.97 35.94
C PHE AA 246 -31.06 55.90 34.86
N VAL AA 247 -30.04 55.07 35.05
CA VAL AA 247 -28.93 54.82 34.09
C VAL AA 247 -29.19 53.45 33.46
N GLN AA 248 -29.46 53.41 32.15
CA GLN AA 248 -29.85 52.16 31.43
C GLN AA 248 -28.61 51.43 30.92
N GLN AA 249 -28.56 50.11 31.11
CA GLN AA 249 -27.48 49.23 30.57
C GLN AA 249 -27.43 49.41 29.05
N THR AA 250 -26.25 49.20 28.46
CA THR AA 250 -26.04 49.13 26.99
C THR AA 250 -26.11 50.53 26.40
N SER AA 251 -27.26 51.19 26.42
CA SER AA 251 -27.43 52.57 25.89
C SER AA 251 -26.57 53.54 26.71
N GLN AA 252 -26.47 53.31 28.02
CA GLN AA 252 -25.80 54.19 29.01
C GLN AA 252 -26.43 55.58 28.94
N LYS AA 253 -27.70 55.65 28.58
CA LYS AA 253 -28.53 56.88 28.59
C LYS AA 253 -29.12 57.07 30.00
N GLN AA 254 -29.37 58.32 30.38
CA GLN AA 254 -29.93 58.70 31.69
C GLN AA 254 -31.35 59.25 31.49
N TYR AA 255 -32.25 58.90 32.40
CA TYR AA 255 -33.66 59.37 32.44
C TYR AA 255 -33.93 59.91 33.85
N TRP AA 256 -34.48 61.13 33.94
CA TRP AA 256 -34.99 61.70 35.22
C TRP AA 256 -36.07 60.77 35.77
N ARG AA 257 -36.01 60.49 37.07
CA ARG AA 257 -37.02 59.69 37.81
C ARG AA 257 -37.69 60.59 38.85
N GLY AA 258 -39.01 60.71 38.79
CA GLY AA 258 -39.83 61.50 39.73
C GLY AA 258 -40.63 60.61 40.66
N LEU AA 259 -40.99 61.13 41.83
CA LEU AA 259 -41.86 60.42 42.79
C LEU AA 259 -43.02 61.31 43.20
N PRO AA 260 -44.18 60.71 43.54
CA PRO AA 260 -45.36 61.46 43.97
C PRO AA 260 -45.19 61.91 45.43
N ARG AA 261 -45.82 63.02 45.79
CA ARG AA 261 -45.85 63.55 47.17
C ARG AA 261 -47.28 63.51 47.70
N TYR AA 262 -47.46 62.96 48.89
CA TYR AA 262 -48.75 62.94 49.64
C TYR AA 262 -48.80 64.15 50.56
N PHE AA 263 -49.97 64.80 50.61
CA PHE AA 263 -50.25 65.91 51.56
C PHE AA 263 -51.43 65.56 52.46
N ASN AA 264 -51.35 65.96 53.72
CA ASN AA 264 -52.49 65.92 54.67
C ASN AA 264 -52.49 67.24 55.44
N ILE AA 265 -53.28 68.21 54.99
CA ILE AA 265 -53.27 69.59 55.57
C ILE AA 265 -54.42 69.67 56.59
N THR AA 266 -54.12 70.18 57.78
CA THR AA 266 -55.11 70.55 58.82
C THR AA 266 -55.36 72.07 58.69
N LEU AA 267 -56.62 72.45 58.47
CA LEU AA 267 -57.02 73.88 58.39
C LEU AA 267 -58.04 74.17 59.49
N ARG AA 268 -58.16 75.46 59.86
CA ARG AA 268 -59.10 75.97 60.86
C ARG AA 268 -59.67 77.30 60.35
N LYS AA 269 -60.87 77.66 60.79
CA LYS AA 269 -61.54 78.92 60.37
C LYS AA 269 -60.86 80.10 61.09
N ARG AA 270 -60.52 81.14 60.34
CA ARG AA 270 -59.92 82.38 60.87
C ARG AA 270 -60.74 83.56 60.35
N ALA AA 271 -61.02 84.55 61.21
CA ALA AA 271 -61.79 85.76 60.87
C ALA AA 271 -60.83 86.84 60.33
N VAL AA 272 -61.31 87.68 59.43
CA VAL AA 272 -60.51 88.74 58.72
C VAL AA 272 -61.39 89.98 58.50
N LYS AA 273 -60.78 91.17 58.47
CA LYS AA 273 -61.49 92.48 58.56
C LYS AA 273 -62.10 92.86 57.20
N GLU BA 8 -64.06 55.07 69.16
CA GLU BA 8 -64.07 56.18 70.15
C GLU BA 8 -63.23 55.74 71.36
N VAL BA 9 -62.12 56.44 71.61
CA VAL BA 9 -61.11 56.11 72.66
C VAL BA 9 -61.54 56.78 73.97
N LEU BA 10 -61.47 56.06 75.09
CA LEU BA 10 -61.88 56.59 76.43
C LEU BA 10 -60.67 56.63 77.37
N ASP BA 11 -60.88 56.37 78.66
CA ASP BA 11 -59.87 56.49 79.75
C ASP BA 11 -58.84 55.37 79.61
N VAL BA 12 -57.62 55.61 80.09
CA VAL BA 12 -56.54 54.59 80.18
C VAL BA 12 -56.70 53.86 81.52
N LYS BA 13 -57.07 52.56 81.50
CA LYS BA 13 -57.11 51.75 82.77
C LYS BA 13 -55.67 51.70 83.33
N THR BA 14 -55.48 52.14 84.56
CA THR BA 14 -54.20 52.03 85.34
C THR BA 14 -54.46 51.10 86.52
N GLY BA 15 -53.39 50.65 87.18
CA GLY BA 15 -53.45 49.65 88.27
C GLY BA 15 -52.57 48.45 87.97
N PRO BA 16 -52.53 47.43 88.85
CA PRO BA 16 -51.77 46.21 88.57
C PRO BA 16 -52.36 45.44 87.37
N ASP BA 17 -51.50 44.72 86.65
CA ASP BA 17 -51.87 43.89 85.46
C ASP BA 17 -52.56 44.76 84.39
N SER BA 18 -52.19 46.06 84.29
CA SER BA 18 -52.78 47.01 83.33
C SER BA 18 -51.78 47.31 82.20
N THR BA 19 -50.50 46.97 82.38
CA THR BA 19 -49.45 47.04 81.34
C THR BA 19 -48.89 45.64 81.09
N THR BA 20 -48.30 45.44 79.91
CA THR BA 20 -47.57 44.20 79.52
C THR BA 20 -46.52 44.57 78.46
N THR BA 21 -45.47 43.77 78.36
CA THR BA 21 -44.44 43.91 77.29
C THR BA 21 -44.49 42.67 76.39
N ILE BA 22 -44.14 42.85 75.13
CA ILE BA 22 -44.05 41.78 74.10
C ILE BA 22 -42.67 41.86 73.46
N GLU BA 23 -41.88 40.78 73.59
CA GLU BA 23 -40.62 40.57 72.84
C GLU BA 23 -40.95 39.76 71.59
N ALA BA 24 -40.40 40.16 70.44
CA ALA BA 24 -40.52 39.45 69.15
C ALA BA 24 -39.30 39.80 68.29
N TYR BA 25 -38.98 38.95 67.32
CA TYR BA 25 -38.00 39.25 66.25
C TYR BA 25 -38.65 38.88 64.92
N LEU BA 26 -38.38 39.65 63.89
CA LEU BA 26 -38.67 39.29 62.48
C LEU BA 26 -37.35 39.00 61.77
N ASN BA 27 -37.19 37.78 61.25
CA ASN BA 27 -36.04 37.42 60.38
C ASN BA 27 -36.33 37.99 58.99
N PRO BA 28 -35.26 38.36 58.25
CA PRO BA 28 -35.42 39.02 56.96
C PRO BA 28 -35.92 38.02 55.89
N ARG BA 29 -36.67 38.53 54.91
CA ARG BA 29 -37.20 37.73 53.78
C ARG BA 29 -36.70 38.35 52.47
N VAL BA 30 -35.42 38.12 52.16
CA VAL BA 30 -34.71 38.74 50.99
C VAL BA 30 -34.79 37.81 49.78
N GLY BA 31 -35.62 36.75 49.83
CA GLY BA 31 -35.84 35.80 48.72
C GLY BA 31 -35.57 34.37 49.15
N GLN BA 32 -34.67 34.18 50.12
CA GLN BA 32 -34.51 32.91 50.86
C GLN BA 32 -34.53 33.25 52.35
N ASN BA 33 -34.35 32.24 53.22
CA ASN BA 33 -34.68 32.37 54.66
C ASN BA 33 -33.41 32.56 55.49
N TRP BA 34 -32.22 32.60 54.89
CA TRP BA 34 -30.95 32.57 55.64
C TRP BA 34 -30.12 33.83 55.38
N GLY BA 35 -30.81 34.94 55.05
CA GLY BA 35 -30.23 36.30 55.10
C GLY BA 35 -29.64 36.75 53.77
N PHE BA 36 -29.61 35.86 52.76
CA PHE BA 36 -29.13 36.20 51.40
C PHE BA 36 -30.14 35.75 50.35
N SER BA 37 -30.33 36.59 49.35
CA SER BA 37 -31.02 36.28 48.08
C SER BA 37 -30.13 35.36 47.24
N THR BA 38 -30.69 34.78 46.18
CA THR BA 38 -29.93 34.19 45.06
C THR BA 38 -29.38 35.36 44.23
N GLU BA 39 -28.48 35.07 43.30
CA GLU BA 39 -27.79 36.13 42.52
C GLU BA 39 -28.83 37.08 41.90
N ILE BA 40 -28.55 38.38 41.96
CA ILE BA 40 -29.40 39.41 41.32
C ILE BA 40 -29.19 39.29 39.80
N THR BA 41 -30.27 39.18 39.05
CA THR BA 41 -30.29 39.06 37.59
C THR BA 41 -30.85 40.33 36.97
N VAL BA 42 -30.41 40.66 35.75
CA VAL BA 42 -30.83 41.88 35.02
C VAL BA 42 -31.32 41.46 33.64
N ALA BA 43 -32.61 41.70 33.35
CA ALA BA 43 -33.21 41.47 32.02
C ALA BA 43 -32.41 42.23 30.97
N SER BA 44 -32.18 41.63 29.79
CA SER BA 44 -31.61 42.34 28.61
C SER BA 44 -32.65 43.32 28.05
N ASN BA 45 -32.22 44.51 27.66
CA ASN BA 45 -33.11 45.55 27.07
C ASN BA 45 -33.98 44.87 26.02
N GLY BA 46 -35.30 45.07 26.09
CA GLY BA 46 -36.28 44.58 25.09
C GLY BA 46 -36.88 43.23 25.46
N TYR BA 47 -36.27 42.49 26.39
CA TYR BA 47 -36.78 41.19 26.88
C TYR BA 47 -37.64 41.41 28.14
N ASN BA 48 -38.40 40.40 28.56
CA ASN BA 48 -39.24 40.46 29.78
C ASN BA 48 -38.35 40.73 30.99
N ASP BA 49 -38.81 41.61 31.88
CA ASP BA 49 -38.26 41.80 33.25
C ASP BA 49 -38.90 40.75 34.17
N ALA BA 50 -38.27 39.59 34.32
CA ALA BA 50 -38.84 38.42 35.03
C ALA BA 50 -37.83 37.89 36.03
N PRO BA 51 -37.66 38.57 37.19
CA PRO BA 51 -36.70 38.15 38.20
C PRO BA 51 -37.17 36.85 38.88
N HIS BA 52 -36.19 36.08 39.37
CA HIS BA 52 -36.39 34.82 40.13
C HIS BA 52 -37.10 35.15 41.45
N LEU BA 53 -37.99 34.27 41.92
CA LEU BA 53 -38.65 34.40 43.25
C LEU BA 53 -37.58 34.72 44.30
N THR BA 54 -36.46 34.01 44.27
CA THR BA 54 -35.46 33.98 45.36
C THR BA 54 -34.47 35.15 45.27
N GLU BA 55 -34.72 36.13 44.41
CA GLU BA 55 -33.81 37.30 44.24
C GLU BA 55 -34.55 38.61 44.58
N ILE BA 56 -35.79 38.50 45.08
CA ILE BA 56 -36.71 39.64 45.32
C ILE BA 56 -36.98 39.74 46.82
N PRO BA 57 -36.42 40.77 47.50
CA PRO BA 57 -36.69 41.00 48.91
C PRO BA 57 -38.13 41.47 49.15
N CYS BA 58 -38.71 40.96 50.24
CA CYS BA 58 -40.10 41.21 50.67
C CYS BA 58 -40.13 41.74 52.11
N TYR BA 59 -41.22 42.43 52.45
CA TYR BA 59 -41.56 42.83 53.84
C TYR BA 59 -41.68 41.56 54.68
N SER BA 60 -40.94 41.52 55.80
CA SER BA 60 -41.20 40.60 56.94
C SER BA 60 -42.41 41.13 57.72
N SER BA 61 -43.24 40.25 58.25
CA SER BA 61 -44.51 40.60 58.91
C SER BA 61 -44.93 39.46 59.84
N ALA BA 62 -45.47 39.78 61.02
CA ALA BA 62 -46.03 38.80 61.97
C ALA BA 62 -47.16 39.46 62.77
N ARG BA 63 -48.11 38.66 63.22
CA ARG BA 63 -49.19 39.05 64.17
C ARG BA 63 -48.91 38.33 65.49
N ILE BA 64 -48.57 39.09 66.54
CA ILE BA 64 -48.35 38.52 67.90
C ILE BA 64 -49.72 38.51 68.59
N SER BA 65 -50.09 37.37 69.19
CA SER BA 65 -51.31 37.20 70.03
C SER BA 65 -51.08 37.84 71.39
N LEU BA 66 -51.98 38.74 71.79
CA LEU BA 66 -51.94 39.45 73.10
C LEU BA 66 -52.89 38.74 74.07
N PRO BA 67 -52.70 38.86 75.40
CA PRO BA 67 -53.67 38.33 76.36
C PRO BA 67 -55.11 38.77 76.04
N LEU BA 68 -56.07 37.85 76.12
CA LEU BA 68 -57.51 38.15 75.84
C LEU BA 68 -58.00 39.12 76.93
N LEU BA 69 -58.82 40.10 76.57
CA LEU BA 69 -59.22 41.17 77.52
C LEU BA 69 -60.66 41.05 78.01
N ASN BA 70 -61.62 40.82 77.13
CA ASN BA 70 -63.07 40.97 77.46
C ASN BA 70 -63.62 39.55 77.70
N THR BA 77 -68.28 49.37 78.34
CA THR BA 77 -67.00 49.77 77.69
C THR BA 77 -66.13 48.52 77.52
N LEU BA 78 -65.63 48.27 76.30
CA LEU BA 78 -64.65 47.21 75.99
C LEU BA 78 -63.23 47.73 76.23
N LEU BA 79 -62.27 46.83 76.44
CA LEU BA 79 -60.83 47.13 76.60
C LEU BA 79 -60.05 46.63 75.38
N MET BA 80 -59.11 47.44 74.88
CA MET BA 80 -58.13 47.05 73.85
C MET BA 80 -56.72 47.33 74.38
N TRP BA 81 -55.76 46.49 74.04
CA TRP BA 81 -54.31 46.78 74.26
C TRP BA 81 -53.92 47.96 73.38
N GLU BA 82 -53.18 48.91 73.97
CA GLU BA 82 -52.68 50.12 73.30
C GLU BA 82 -51.14 50.06 73.33
N ALA BA 83 -50.50 50.04 72.17
CA ALA BA 83 -49.02 50.06 72.04
C ALA BA 83 -48.53 51.48 72.34
N VAL BA 84 -47.70 51.63 73.36
CA VAL BA 84 -47.26 52.97 73.88
C VAL BA 84 -45.88 53.31 73.34
N SER BA 85 -44.97 52.35 73.40
CA SER BA 85 -43.54 52.54 73.05
C SER BA 85 -42.98 51.24 72.50
N VAL BA 86 -41.89 51.33 71.72
CA VAL BA 86 -41.14 50.14 71.22
C VAL BA 86 -39.64 50.44 71.30
N LYS BA 87 -38.89 49.56 71.94
CA LYS BA 87 -37.41 49.44 71.79
C LYS BA 87 -37.19 48.50 70.61
N THR BA 88 -36.53 48.95 69.55
CA THR BA 88 -36.23 48.10 68.36
C THR BA 88 -34.75 48.20 68.01
N GLU BA 89 -34.18 47.11 67.49
CA GLU BA 89 -32.74 47.02 67.13
C GLU BA 89 -32.58 46.14 65.89
N VAL BA 90 -31.69 46.54 64.99
CA VAL BA 90 -31.24 45.70 63.85
C VAL BA 90 -30.15 44.78 64.39
N VAL BA 91 -30.42 43.47 64.41
CA VAL BA 91 -29.54 42.45 65.04
C VAL BA 91 -28.49 42.00 64.02
N GLY BA 92 -27.27 41.75 64.49
CA GLY BA 92 -26.18 41.17 63.68
C GLY BA 92 -25.56 42.19 62.74
N ILE BA 93 -25.61 43.49 63.08
CA ILE BA 93 -24.87 44.55 62.34
C ILE BA 93 -23.38 44.18 62.34
N SER BA 94 -22.85 43.75 63.46
CA SER BA 94 -21.40 43.40 63.65
C SER BA 94 -21.00 42.29 62.68
N SER BA 95 -21.96 41.51 62.17
CA SER BA 95 -21.72 40.38 61.24
C SER BA 95 -21.02 40.88 59.97
N MET BA 96 -21.16 42.17 59.65
CA MET BA 96 -20.66 42.78 58.39
C MET BA 96 -19.16 43.10 58.50
N LEU BA 97 -18.56 43.11 59.69
CA LEU BA 97 -17.10 43.35 59.85
C LEU BA 97 -16.36 42.05 59.52
N ASN BA 98 -16.43 41.63 58.24
CA ASN BA 98 -15.94 40.32 57.73
C ASN BA 98 -15.35 40.56 56.33
N MET BA 99 -14.03 40.47 56.22
CA MET BA 99 -13.31 40.73 54.93
C MET BA 99 -12.64 39.45 54.43
N HIS BA 100 -13.06 38.26 54.90
CA HIS BA 100 -12.45 36.96 54.56
C HIS BA 100 -13.43 36.01 53.86
N SER BA 101 -14.74 36.25 53.98
CA SER BA 101 -15.80 35.31 53.50
C SER BA 101 -16.17 35.60 52.03
N TYR BA 102 -15.20 35.42 51.14
CA TYR BA 102 -15.38 35.24 49.67
C TYR BA 102 -15.73 36.56 48.96
N GLY BA 103 -15.61 37.70 49.64
CA GLY BA 103 -15.96 39.00 49.05
C GLY BA 103 -15.00 39.37 47.93
N LEU BA 104 -15.49 40.06 46.90
CA LEU BA 104 -14.64 40.68 45.84
C LEU BA 104 -13.48 41.42 46.52
N ARG BA 105 -12.26 41.19 46.08
CA ARG BA 105 -11.04 41.62 46.82
C ARG BA 105 -10.60 43.01 46.35
N ALA BA 106 -10.24 43.87 47.30
CA ALA BA 106 -9.84 45.27 47.09
C ALA BA 106 -8.37 45.34 46.67
N PHE BA 107 -7.96 46.50 46.17
CA PHE BA 107 -6.54 46.82 45.85
C PHE BA 107 -5.97 45.73 44.92
N GLY BA 108 -6.65 45.57 43.78
CA GLY BA 108 -6.23 44.70 42.66
C GLY BA 108 -6.21 43.23 43.03
N GLY BA 109 -6.98 42.81 44.04
CA GLY BA 109 -7.13 41.40 44.44
C GLY BA 109 -6.20 40.99 45.58
N TYR BA 110 -5.32 41.88 46.05
CA TYR BA 110 -4.31 41.57 47.11
C TYR BA 110 -4.87 41.91 48.50
N GLY BA 111 -5.91 42.76 48.58
CA GLY BA 111 -6.54 43.19 49.84
C GLY BA 111 -7.62 42.21 50.29
N GLY BA 112 -8.45 42.65 51.25
CA GLY BA 112 -9.54 41.85 51.80
C GLY BA 112 -10.80 41.93 50.96
N GLY BA 113 -11.78 41.07 51.26
CA GLY BA 113 -13.10 41.04 50.61
C GLY BA 113 -13.92 42.28 50.92
N TYR BA 114 -14.74 42.72 49.98
CA TYR BA 114 -15.74 43.81 50.15
C TYR BA 114 -16.73 43.40 51.25
N THR BA 115 -16.91 44.28 52.24
CA THR BA 115 -18.04 44.19 53.20
C THR BA 115 -19.32 44.53 52.45
N ILE BA 116 -20.46 44.10 52.98
CA ILE BA 116 -21.82 44.44 52.45
C ILE BA 116 -21.81 45.94 52.13
N GLU BA 117 -22.24 46.29 50.91
CA GLU BA 117 -22.33 47.69 50.43
C GLU BA 117 -23.44 47.81 49.38
N GLY BA 118 -23.73 49.04 48.97
CA GLY BA 118 -24.74 49.34 47.94
C GLY BA 118 -26.05 49.82 48.54
N SER BA 119 -27.06 49.94 47.69
CA SER BA 119 -28.42 50.43 48.05
C SER BA 119 -28.98 49.57 49.19
N HIS BA 120 -29.64 50.22 50.15
CA HIS BA 120 -30.16 49.58 51.37
C HIS BA 120 -31.43 50.31 51.83
N ILE BA 121 -32.33 49.59 52.49
CA ILE BA 121 -33.55 50.16 53.12
C ILE BA 121 -33.66 49.56 54.53
N HIS BA 122 -34.05 50.39 55.50
CA HIS BA 122 -34.32 49.98 56.89
C HIS BA 122 -35.67 50.54 57.31
N PHE BA 123 -36.57 49.67 57.74
CA PHE BA 123 -37.99 50.04 57.97
C PHE BA 123 -38.61 49.11 59.00
N PHE BA 124 -39.47 49.69 59.85
CA PHE BA 124 -40.28 48.93 60.84
C PHE BA 124 -41.59 49.66 61.03
N SER BA 125 -42.63 48.90 61.40
CA SER BA 125 -43.96 49.42 61.74
C SER BA 125 -44.53 48.60 62.91
N VAL BA 126 -45.25 49.28 63.80
CA VAL BA 126 -46.06 48.67 64.89
C VAL BA 126 -47.50 49.18 64.70
N GLY BA 127 -48.47 48.28 64.78
CA GLY BA 127 -49.88 48.61 64.49
C GLY BA 127 -50.85 47.67 65.17
N GLY BA 128 -52.11 48.08 65.26
CA GLY BA 128 -53.22 47.30 65.81
C GLY BA 128 -53.96 46.54 64.72
N GLU BA 129 -53.46 46.60 63.50
CA GLU BA 129 -54.01 45.89 62.31
C GLU BA 129 -52.90 45.78 61.26
N PRO BA 130 -53.09 44.97 60.21
CA PRO BA 130 -52.14 44.92 59.11
C PRO BA 130 -51.80 46.31 58.56
N LEU BA 131 -50.54 46.51 58.21
CA LEU BA 131 -50.01 47.76 57.57
C LEU BA 131 -50.67 47.93 56.20
N ASP BA 132 -51.19 49.12 55.92
CA ASP BA 132 -51.80 49.46 54.60
C ASP BA 132 -50.67 49.78 53.62
N LEU BA 133 -50.67 49.12 52.46
CA LEU BA 133 -49.66 49.27 51.38
C LEU BA 133 -50.28 50.01 50.19
N GLN BA 134 -49.48 50.89 49.58
CA GLN BA 134 -49.77 51.56 48.27
C GLN BA 134 -48.85 50.95 47.22
N GLY BA 135 -49.39 50.62 46.05
CA GLY BA 135 -48.62 50.11 44.92
C GLY BA 135 -47.84 51.23 44.24
N LEU BA 136 -46.52 51.10 44.17
CA LEU BA 136 -45.66 51.93 43.29
C LEU BA 136 -44.37 51.17 43.01
N MET BA 137 -44.02 51.04 41.73
CA MET BA 137 -42.90 50.20 41.22
C MET BA 137 -42.14 50.98 40.15
N GLN BA 138 -40.87 50.61 39.92
CA GLN BA 138 -39.98 51.27 38.92
C GLN BA 138 -40.39 50.87 37.50
N ASN BA 139 -40.79 49.61 37.29
CA ASN BA 139 -41.18 49.07 35.96
C ASN BA 139 -42.53 48.36 36.11
N HIS BA 140 -43.60 48.93 35.53
CA HIS BA 140 -44.99 48.42 35.64
C HIS BA 140 -45.07 47.00 35.10
N SER BA 141 -44.18 46.63 34.17
CA SER BA 141 -44.22 45.36 33.41
C SER BA 141 -43.47 44.25 34.14
N THR BA 142 -42.83 44.52 35.28
CA THR BA 142 -42.12 43.49 36.06
C THR BA 142 -43.05 42.29 36.28
N GLN BA 143 -42.56 41.08 36.03
CA GLN BA 143 -43.30 39.81 36.24
C GLN BA 143 -42.84 39.18 37.57
N TYR BA 144 -43.69 39.25 38.60
CA TYR BA 144 -43.42 38.63 39.93
C TYR BA 144 -43.91 37.18 39.90
N PRO BA 145 -43.04 36.19 40.12
CA PRO BA 145 -43.47 34.80 40.22
C PRO BA 145 -44.39 34.58 41.42
N SER BA 146 -45.39 33.72 41.26
CA SER BA 146 -46.22 33.18 42.37
C SER BA 146 -45.28 32.50 43.37
N PRO BA 147 -45.52 32.58 44.70
CA PRO BA 147 -46.72 33.20 45.28
C PRO BA 147 -46.61 34.69 45.69
N LEU BA 148 -45.61 35.42 45.19
CA LEU BA 148 -45.46 36.87 45.47
C LEU BA 148 -46.70 37.59 44.96
N VAL BA 149 -47.00 38.76 45.51
CA VAL BA 149 -48.17 39.59 45.14
C VAL BA 149 -47.68 40.98 44.77
N GLY BA 150 -47.94 41.41 43.53
CA GLY BA 150 -47.59 42.75 43.03
C GLY BA 150 -48.84 43.57 42.77
N PRO BA 151 -48.71 44.89 42.52
CA PRO BA 151 -49.86 45.74 42.24
C PRO BA 151 -50.56 45.27 40.96
N LYS BA 152 -51.83 44.86 41.09
CA LYS BA 152 -52.72 44.49 39.97
C LYS BA 152 -53.98 45.34 40.09
N LYS BA 153 -54.55 45.80 38.98
CA LYS BA 153 -55.94 46.34 38.93
C LYS BA 153 -56.91 45.19 39.24
N PRO BA 154 -58.22 45.45 39.43
CA PRO BA 154 -59.18 44.37 39.62
C PRO BA 154 -59.22 43.38 38.44
N ASP BA 155 -58.96 43.87 37.22
CA ASP BA 155 -59.03 43.06 35.97
C ASP BA 155 -57.78 42.19 35.81
N GLY BA 156 -56.76 42.34 36.68
CA GLY BA 156 -55.54 41.51 36.69
C GLY BA 156 -54.35 42.18 36.02
N THR BA 157 -54.58 43.27 35.27
CA THR BA 157 -53.53 44.02 34.53
C THR BA 157 -52.73 44.92 35.49
N THR BA 158 -51.64 45.50 35.01
CA THR BA 158 -50.80 46.52 35.71
C THR BA 158 -50.33 47.53 34.67
N ASP BA 159 -50.86 48.76 34.68
CA ASP BA 159 -50.56 49.77 33.63
C ASP BA 159 -49.42 50.68 34.09
N ASP BA 160 -49.06 51.66 33.25
CA ASP BA 160 -47.94 52.62 33.46
C ASP BA 160 -48.15 53.41 34.75
N SER BA 161 -49.41 53.60 35.19
CA SER BA 161 -49.77 54.44 36.36
C SER BA 161 -49.17 53.85 37.65
N ALA BA 162 -48.84 52.57 37.67
CA ALA BA 162 -48.23 51.87 38.82
C ALA BA 162 -46.80 52.39 39.08
N GLN BA 163 -46.26 53.24 38.20
CA GLN BA 163 -44.90 53.85 38.37
C GLN BA 163 -45.03 55.20 39.08
N VAL BA 164 -46.26 55.66 39.28
CA VAL BA 164 -46.59 56.86 40.09
C VAL BA 164 -47.71 56.47 41.07
N LEU BA 165 -48.45 57.42 41.61
CA LEU BA 165 -49.55 57.12 42.55
C LEU BA 165 -50.85 56.95 41.76
N ASN BA 166 -51.39 55.72 41.76
CA ASN BA 166 -52.78 55.40 41.37
C ASN BA 166 -53.44 54.70 42.54
N PRO BA 167 -54.46 55.31 43.19
CA PRO BA 167 -55.16 54.70 44.31
C PRO BA 167 -55.73 53.29 44.06
N ILE BA 168 -55.89 52.89 42.79
CA ILE BA 168 -56.43 51.56 42.43
C ILE BA 168 -55.52 50.46 43.00
N TYR BA 169 -54.23 50.73 43.17
CA TYR BA 169 -53.20 49.74 43.60
C TYR BA 169 -52.98 49.83 45.11
N LYS BA 170 -53.71 49.04 45.89
CA LYS BA 170 -53.57 48.96 47.36
C LYS BA 170 -53.57 47.49 47.79
N ALA BA 171 -53.04 47.23 48.99
CA ALA BA 171 -53.00 45.88 49.60
C ALA BA 171 -52.80 46.04 51.11
N LYS BA 172 -53.07 44.97 51.85
CA LYS BA 172 -52.78 44.88 53.31
C LYS BA 172 -51.60 43.91 53.43
N LEU BA 173 -50.59 44.28 54.23
CA LEU BA 173 -49.41 43.44 54.50
C LEU BA 173 -49.84 42.31 55.44
N ASP BA 174 -50.52 41.30 54.89
CA ASP BA 174 -51.23 40.25 55.67
C ASP BA 174 -50.47 38.91 55.64
N LYS BA 175 -49.34 38.84 54.92
CA LYS BA 175 -48.56 37.58 54.78
C LYS BA 175 -47.07 37.93 54.78
N ASP BA 176 -46.27 37.20 55.56
CA ASP BA 176 -44.78 37.30 55.58
C ASP BA 176 -44.24 36.90 54.20
N ALA BA 177 -43.11 37.48 53.79
CA ALA BA 177 -42.28 37.01 52.66
C ALA BA 177 -43.06 36.99 51.34
N THR BA 178 -44.09 37.82 51.21
CA THR BA 178 -45.07 37.75 50.11
C THR BA 178 -45.12 39.05 49.30
N TYR BA 179 -45.00 40.20 49.97
CA TYR BA 179 -45.15 41.54 49.35
C TYR BA 179 -43.76 42.10 49.07
N PRO BA 180 -43.34 42.22 47.80
CA PRO BA 180 -42.01 42.75 47.48
C PRO BA 180 -41.87 44.22 47.91
N ILE BA 181 -40.72 44.55 48.49
CA ILE BA 181 -40.38 45.94 48.94
C ILE BA 181 -40.44 46.87 47.73
N GLU BA 182 -40.13 46.37 46.54
CA GLU BA 182 -39.83 47.19 45.34
C GLU BA 182 -41.10 47.67 44.64
N CYS BA 183 -42.28 47.16 45.00
CA CYS BA 183 -43.58 47.53 44.36
C CYS BA 183 -44.63 47.96 45.39
N TRP BA 184 -44.33 47.88 46.69
CA TRP BA 184 -45.24 48.31 47.79
C TRP BA 184 -44.50 49.23 48.77
N CYS BA 185 -45.08 50.39 49.08
CA CYS BA 185 -44.63 51.27 50.18
C CYS BA 185 -45.79 51.45 51.17
N PRO BA 186 -45.50 51.87 52.43
CA PRO BA 186 -46.55 52.22 53.37
C PRO BA 186 -47.44 53.31 52.76
N ASP BA 187 -48.76 53.10 52.85
CA ASP BA 187 -49.82 54.00 52.32
C ASP BA 187 -50.06 55.14 53.31
N PRO BA 188 -49.64 56.38 52.99
CA PRO BA 188 -49.76 57.48 53.95
C PRO BA 188 -51.18 58.03 54.05
N SER BA 189 -52.08 57.60 53.14
CA SER BA 189 -53.51 57.98 53.10
C SER BA 189 -54.31 57.13 54.08
N ARG BA 190 -53.69 56.11 54.67
CA ARG BA 190 -54.32 55.19 55.65
C ARG BA 190 -53.37 54.99 56.83
N ASN BA 191 -53.29 53.77 57.37
CA ASN BA 191 -52.38 53.45 58.51
C ASN BA 191 -52.64 54.39 59.69
N GLU BA 192 -53.90 54.80 59.94
CA GLU BA 192 -54.28 55.62 61.13
C GLU BA 192 -53.90 54.85 62.40
N ASN BA 193 -54.00 53.52 62.38
CA ASN BA 193 -53.83 52.63 63.57
C ASN BA 193 -52.48 51.89 63.48
N SER BA 194 -51.53 52.41 62.71
CA SER BA 194 -50.14 51.89 62.62
C SER BA 194 -49.17 53.08 62.71
N ARG BA 195 -47.98 52.86 63.27
CA ARG BA 195 -46.86 53.84 63.21
C ARG BA 195 -45.74 53.19 62.42
N TYR BA 196 -45.28 53.82 61.34
CA TYR BA 196 -44.20 53.28 60.48
C TYR BA 196 -43.07 54.29 60.33
N PHE BA 197 -41.86 53.76 60.16
CA PHE BA 197 -40.57 54.50 60.11
C PHE BA 197 -39.64 53.80 59.12
N GLY BA 198 -39.16 54.52 58.11
CA GLY BA 198 -38.31 53.95 57.06
C GLY BA 198 -37.30 54.95 56.53
N SER BA 199 -36.12 54.46 56.15
CA SER BA 199 -35.06 55.24 55.47
C SER BA 199 -34.41 54.38 54.38
N TYR BA 200 -34.40 54.89 53.14
CA TYR BA 200 -33.74 54.26 51.97
C TYR BA 200 -32.53 55.10 51.58
N THR BA 201 -31.43 54.43 51.21
CA THR BA 201 -30.23 55.03 50.63
C THR BA 201 -29.88 54.27 49.34
N GLY BA 202 -29.69 54.99 48.23
CA GLY BA 202 -29.31 54.40 46.92
C GLY BA 202 -27.80 54.26 46.77
N GLY BA 203 -27.33 54.18 45.52
CA GLY BA 203 -25.91 54.13 45.16
C GLY BA 203 -25.44 52.73 44.87
N VAL BA 204 -24.26 52.61 44.26
CA VAL BA 204 -23.70 51.31 43.76
C VAL BA 204 -22.86 50.67 44.86
N GLU BA 205 -22.00 51.46 45.51
CA GLU BA 205 -21.01 50.96 46.50
C GLU BA 205 -21.20 51.69 47.86
N THR BA 206 -22.38 52.27 48.08
CA THR BA 206 -22.70 53.09 49.27
C THR BA 206 -22.47 52.29 50.55
N PRO BA 207 -21.71 52.82 51.52
CA PRO BA 207 -21.46 52.10 52.76
C PRO BA 207 -22.69 52.17 53.66
N PRO BA 208 -23.14 51.04 54.21
CA PRO BA 208 -24.16 51.05 55.26
C PRO BA 208 -23.60 51.69 56.53
N VAL BA 209 -24.41 52.52 57.19
CA VAL BA 209 -24.14 53.12 58.52
C VAL BA 209 -25.31 52.70 59.43
N LEU BA 210 -25.07 51.84 60.40
CA LEU BA 210 -26.09 51.34 61.34
C LEU BA 210 -25.56 51.44 62.77
N SER BA 211 -26.41 51.90 63.68
CA SER BA 211 -26.10 52.00 65.13
C SER BA 211 -26.94 50.99 65.91
N PHE BA 212 -26.46 50.58 67.08
CA PHE BA 212 -27.17 49.62 67.96
C PHE BA 212 -26.91 49.99 69.41
N THR BA 213 -27.99 50.08 70.20
CA THR BA 213 -27.96 50.41 71.65
C THR BA 213 -29.25 49.88 72.30
N ASN BA 214 -29.17 49.50 73.57
CA ASN BA 214 -30.35 49.08 74.37
C ASN BA 214 -30.87 50.28 75.18
N THR BA 215 -30.52 51.51 74.80
CA THR BA 215 -30.92 52.76 75.49
C THR BA 215 -31.94 53.56 74.68
N SER BA 216 -32.20 53.22 73.42
CA SER BA 216 -33.15 53.96 72.54
C SER BA 216 -34.58 53.49 72.81
N THR BA 217 -35.56 54.37 72.67
CA THR BA 217 -37.02 54.08 72.72
C THR BA 217 -37.75 54.94 71.72
N THR BA 218 -38.69 54.36 70.97
CA THR BA 218 -39.59 55.10 70.04
C THR BA 218 -40.98 55.16 70.65
N ILE BA 219 -41.48 56.37 70.91
CA ILE BA 219 -42.87 56.60 71.41
C ILE BA 219 -43.84 56.40 70.25
N LEU BA 220 -44.95 55.70 70.48
CA LEU BA 220 -45.93 55.33 69.42
C LEU BA 220 -47.23 56.11 69.59
N LEU BA 221 -47.34 56.94 70.63
CA LEU BA 221 -48.54 57.80 70.86
C LEU BA 221 -48.60 58.85 69.76
N ASP BA 222 -49.81 59.18 69.30
CA ASP BA 222 -50.06 60.16 68.20
C ASP BA 222 -50.17 61.57 68.79
N GLU BA 223 -50.52 62.56 67.93
CA GLU BA 223 -50.77 63.98 68.28
C GLU BA 223 -51.68 64.07 69.52
N ASN BA 224 -52.60 63.11 69.72
CA ASN BA 224 -53.62 63.13 70.80
C ASN BA 224 -53.32 62.09 71.89
N GLY BA 225 -52.06 61.64 72.02
CA GLY BA 225 -51.63 60.74 73.12
C GLY BA 225 -52.26 59.36 73.04
N VAL BA 226 -52.73 58.95 71.87
CA VAL BA 226 -53.31 57.60 71.61
C VAL BA 226 -52.31 56.79 70.77
N GLY BA 227 -51.99 55.57 71.23
CA GLY BA 227 -51.14 54.61 70.51
C GLY BA 227 -51.97 53.70 69.61
N PRO BA 228 -51.33 52.83 68.81
CA PRO BA 228 -52.05 51.80 68.07
C PRO BA 228 -52.89 50.96 69.03
N LEU BA 229 -54.19 50.79 68.69
CA LEU BA 229 -55.14 49.95 69.44
C LEU BA 229 -55.26 48.60 68.74
N CYS BA 230 -54.86 47.53 69.43
CA CYS BA 230 -54.71 46.16 68.87
C CYS BA 230 -56.08 45.49 68.72
N LYS BA 231 -56.65 45.55 67.51
CA LYS BA 231 -57.93 44.88 67.15
C LYS BA 231 -57.75 43.37 67.23
N GLY BA 232 -58.80 42.66 67.62
CA GLY BA 232 -58.80 41.20 67.80
C GLY BA 232 -57.67 40.73 68.70
N ASP BA 233 -57.23 41.55 69.65
CA ASP BA 233 -56.16 41.22 70.62
C ASP BA 233 -54.90 40.75 69.86
N GLY BA 234 -54.59 41.44 68.76
CA GLY BA 234 -53.42 41.18 67.90
C GLY BA 234 -52.55 42.41 67.71
N LEU BA 235 -51.23 42.26 67.95
CA LEU BA 235 -50.20 43.30 67.68
C LEU BA 235 -49.50 42.95 66.36
N TYR BA 236 -49.46 43.88 65.42
CA TYR BA 236 -48.97 43.68 64.03
C TYR BA 236 -47.59 44.33 63.86
N LEU BA 237 -46.55 43.50 63.79
CA LEU BA 237 -45.15 43.93 63.52
C LEU BA 237 -44.81 43.75 62.04
N SER BA 238 -44.07 44.70 61.46
CA SER BA 238 -43.54 44.65 60.08
C SER BA 238 -42.10 45.17 60.06
N SER BA 239 -41.30 44.66 59.14
CA SER BA 239 -39.83 44.87 59.06
C SER BA 239 -39.40 44.80 57.59
N ALA BA 240 -38.40 45.60 57.22
CA ALA BA 240 -37.69 45.50 55.93
C ALA BA 240 -36.27 46.01 56.16
N ASP BA 241 -35.31 45.11 56.39
CA ASP BA 241 -33.91 45.51 56.71
C ASP BA 241 -32.96 44.84 55.73
N VAL BA 242 -32.85 45.43 54.55
CA VAL BA 242 -31.90 45.03 53.48
C VAL BA 242 -30.66 45.93 53.63
N ALA BA 243 -29.61 45.41 54.27
CA ALA BA 243 -28.40 46.18 54.68
C ALA BA 243 -27.62 46.62 53.46
N GLY BA 244 -27.79 45.91 52.34
CA GLY BA 244 -27.08 46.15 51.07
C GLY BA 244 -26.90 44.87 50.30
N THR BA 245 -25.81 44.77 49.52
CA THR BA 245 -25.48 43.58 48.69
C THR BA 245 -24.14 43.02 49.13
N PHE BA 246 -24.01 41.70 49.07
CA PHE BA 246 -22.72 40.97 49.08
C PHE BA 246 -22.22 40.88 47.64
N VAL BA 247 -20.97 41.32 47.39
CA VAL BA 247 -20.29 41.24 46.07
C VAL BA 247 -19.27 40.11 46.15
N GLN BA 248 -19.46 39.03 45.37
CA GLN BA 248 -18.62 37.81 45.45
C GLN BA 248 -17.42 37.93 44.51
N GLN BA 249 -16.22 37.57 44.98
CA GLN BA 249 -14.99 37.51 44.16
C GLN BA 249 -15.24 36.58 42.97
N THR BA 250 -14.51 36.82 41.87
CA THR BA 250 -14.46 35.92 40.70
C THR BA 250 -15.76 36.05 39.90
N SER BA 251 -16.91 35.62 40.44
CA SER BA 251 -18.23 35.72 39.77
C SER BA 251 -18.59 37.19 39.56
N GLN BA 252 -18.23 38.05 40.53
CA GLN BA 252 -18.60 39.48 40.60
C GLN BA 252 -20.12 39.61 40.54
N LYS BA 253 -20.83 38.60 41.05
CA LYS BA 253 -22.31 38.59 41.22
C LYS BA 253 -22.66 39.25 42.56
N GLN BA 254 -23.84 39.85 42.62
CA GLN BA 254 -24.36 40.54 43.83
C GLN BA 254 -25.53 39.76 44.41
N TYR BA 255 -25.59 39.69 45.73
CA TYR BA 255 -26.68 39.04 46.51
C TYR BA 255 -27.19 40.05 47.54
N TRP BA 256 -28.51 40.26 47.60
CA TRP BA 256 -29.16 41.05 48.68
C TRP BA 256 -28.83 40.38 50.03
N ARG BA 257 -28.46 41.19 51.03
CA ARG BA 257 -28.20 40.74 52.42
C ARG BA 257 -29.21 41.41 53.35
N GLY BA 258 -29.97 40.59 54.08
CA GLY BA 258 -30.99 41.05 55.04
C GLY BA 258 -30.53 40.83 56.48
N LEU BA 259 -31.07 41.61 57.41
CA LEU BA 259 -30.80 41.43 58.85
C LEU BA 259 -32.11 41.35 59.63
N PRO BA 260 -32.12 40.63 60.77
CA PRO BA 260 -33.32 40.51 61.59
C PRO BA 260 -33.51 41.77 62.43
N ARG BA 261 -34.77 42.08 62.77
CA ARG BA 261 -35.13 43.21 63.65
C ARG BA 261 -35.76 42.67 64.93
N TYR BA 262 -35.27 43.14 66.08
CA TYR BA 262 -35.83 42.85 67.42
C TYR BA 262 -36.85 43.93 67.79
N PHE BA 263 -37.96 43.51 68.37
CA PHE BA 263 -39.00 44.42 68.91
C PHE BA 263 -39.21 44.16 70.40
N ASN BA 264 -39.43 45.22 71.17
CA ASN BA 264 -39.88 45.15 72.58
C ASN BA 264 -40.98 46.20 72.77
N ILE BA 265 -42.23 45.80 72.64
CA ILE BA 265 -43.38 46.75 72.68
C ILE BA 265 -43.94 46.76 74.11
N THR BA 266 -44.15 47.96 74.65
CA THR BA 266 -44.87 48.20 75.92
C THR BA 266 -46.32 48.56 75.56
N LEU BA 267 -47.29 47.80 76.06
CA LEU BA 267 -48.73 48.08 75.85
C LEU BA 267 -49.42 48.30 77.20
N ARG BA 268 -50.55 49.00 77.18
CA ARG BA 268 -51.39 49.29 78.36
C ARG BA 268 -52.86 49.14 77.97
N LYS BA 269 -53.72 48.84 78.94
CA LYS BA 269 -55.17 48.63 78.67
C LYS BA 269 -55.82 50.01 78.46
N ARG BA 270 -56.62 50.15 77.41
CA ARG BA 270 -57.38 51.36 77.11
C ARG BA 270 -58.82 51.02 76.84
N ALA BA 271 -59.75 51.83 77.36
CA ALA BA 271 -61.21 51.64 77.23
C ALA BA 271 -61.71 52.29 75.94
N VAL BA 272 -62.75 51.73 75.32
CA VAL BA 272 -63.31 52.17 74.01
C VAL BA 272 -64.83 52.00 74.02
N LYS BA 273 -65.56 52.84 73.27
CA LYS BA 273 -67.04 53.03 73.40
C LYS BA 273 -67.77 51.88 72.67
N GLU CA 8 -35.25 43.52 93.48
CA GLU CA 8 -36.01 44.71 93.90
C GLU CA 8 -34.98 45.78 94.30
N VAL CA 9 -34.99 46.92 93.59
CA VAL CA 9 -34.11 48.10 93.84
C VAL CA 9 -34.79 49.00 94.87
N LEU CA 10 -34.04 49.49 95.86
CA LEU CA 10 -34.57 50.36 96.95
C LEU CA 10 -33.95 51.76 96.87
N ASP CA 11 -33.72 52.39 98.02
CA ASP CA 11 -33.26 53.79 98.17
C ASP CA 11 -31.79 53.89 97.72
N VAL CA 12 -31.38 55.07 97.27
CA VAL CA 12 -29.95 55.37 96.94
C VAL CA 12 -29.28 55.87 98.21
N LYS CA 13 -28.34 55.13 98.80
CA LYS CA 13 -27.56 55.62 99.98
C LYS CA 13 -26.76 56.85 99.52
N THR CA 14 -26.97 57.99 100.19
CA THR CA 14 -26.16 59.24 100.03
C THR CA 14 -25.40 59.47 101.35
N GLY CA 15 -24.43 60.39 101.32
CA GLY CA 15 -23.53 60.66 102.46
C GLY CA 15 -22.08 60.50 102.04
N PRO CA 16 -21.10 60.68 102.96
CA PRO CA 16 -19.69 60.49 102.62
C PRO CA 16 -19.38 59.02 102.27
N ASP CA 17 -18.39 58.82 101.39
CA ASP CA 17 -17.93 57.47 100.93
C ASP CA 17 -19.10 56.68 100.32
N SER CA 18 -20.06 57.36 99.68
CA SER CA 18 -21.27 56.74 99.07
C SER CA 18 -21.14 56.73 97.53
N THR CA 19 -20.22 57.52 96.97
CA THR CA 19 -19.85 57.50 95.53
C THR CA 19 -18.37 57.13 95.39
N THR CA 20 -18.00 56.62 94.22
CA THR CA 20 -16.61 56.31 93.83
C THR CA 20 -16.51 56.39 92.29
N THR CA 21 -15.30 56.63 91.79
CA THR CA 21 -14.99 56.60 90.34
C THR CA 21 -14.02 55.45 90.06
N ILE CA 22 -14.11 54.89 88.86
CA ILE CA 22 -13.20 53.83 88.33
C ILE CA 22 -12.64 54.31 87.00
N GLU CA 23 -11.32 54.46 86.91
CA GLU CA 23 -10.57 54.63 85.64
C GLU CA 23 -10.12 53.25 85.15
N ALA CA 24 -10.29 52.98 83.86
CA ALA CA 24 -9.82 51.76 83.19
C ALA CA 24 -9.60 52.07 81.70
N TYR CA 25 -8.78 51.27 81.04
CA TYR CA 25 -8.65 51.27 79.56
C TYR CA 25 -8.75 49.81 79.10
N LEU CA 26 -9.37 49.59 77.95
CA LEU CA 26 -9.30 48.31 77.21
C LEU CA 26 -8.46 48.53 75.95
N ASN CA 27 -7.36 47.79 75.82
CA ASN CA 27 -6.56 47.75 74.57
C ASN CA 27 -7.29 46.87 73.57
N PRO CA 28 -7.15 47.17 72.26
CA PRO CA 28 -7.90 46.46 71.23
C PRO CA 28 -7.35 45.03 71.05
N ARG CA 29 -8.22 44.12 70.64
CA ARG CA 29 -7.86 42.71 70.36
C ARG CA 29 -8.27 42.38 68.93
N VAL CA 30 -7.48 42.86 67.97
CA VAL CA 30 -7.77 42.77 66.51
C VAL CA 30 -7.07 41.51 65.92
N GLY CA 31 -6.56 40.62 66.78
CA GLY CA 31 -5.92 39.36 66.36
C GLY CA 31 -4.50 39.23 66.91
N GLN CA 32 -3.83 40.37 67.12
CA GLN CA 32 -2.58 40.46 67.92
C GLN CA 32 -2.77 41.59 68.93
N ASN CA 33 -1.75 41.88 69.74
CA ASN CA 33 -1.90 42.71 70.96
C ASN CA 33 -1.40 44.14 70.73
N TRP CA 34 -0.90 44.47 69.54
CA TRP CA 34 -0.19 45.75 69.31
C TRP CA 34 -0.93 46.58 68.24
N GLY CA 35 -2.24 46.39 68.13
CA GLY CA 35 -3.14 47.32 67.42
C GLY CA 35 -3.35 46.97 65.95
N PHE CA 36 -2.64 45.95 65.45
CA PHE CA 36 -2.80 45.45 64.06
C PHE CA 36 -2.98 43.94 64.05
N SER CA 37 -3.89 43.49 63.18
CA SER CA 37 -4.05 42.08 62.77
C SER CA 37 -2.87 41.69 61.87
N THR CA 38 -2.72 40.39 61.60
CA THR CA 38 -1.92 39.86 60.47
C THR CA 38 -2.74 40.12 59.20
N GLU CA 39 -2.13 39.93 58.03
CA GLU CA 39 -2.78 40.24 56.73
C GLU CA 39 -4.15 39.57 56.67
N ILE CA 40 -5.14 40.30 56.17
CA ILE CA 40 -6.51 39.76 55.91
C ILE CA 40 -6.39 38.83 54.71
N THR CA 41 -6.89 37.60 54.85
CA THR CA 41 -6.90 36.57 53.77
C THR CA 41 -8.34 36.31 53.35
N VAL CA 42 -8.54 35.86 52.11
CA VAL CA 42 -9.88 35.56 51.53
C VAL CA 42 -9.85 34.15 50.96
N ALA CA 43 -10.68 33.26 51.50
CA ALA CA 43 -10.89 31.88 50.98
C ALA CA 43 -11.25 31.96 49.50
N SER CA 44 -10.73 31.04 48.68
CA SER CA 44 -11.14 30.86 47.27
C SER CA 44 -12.55 30.26 47.21
N ASN CA 45 -13.39 30.75 46.30
CA ASN CA 45 -14.80 30.29 46.16
C ASN CA 45 -14.77 28.76 46.13
N GLY CA 46 -15.60 28.11 46.97
CA GLY CA 46 -15.78 26.65 46.99
C GLY CA 46 -14.88 25.95 48.00
N TYR CA 47 -13.84 26.61 48.49
CA TYR CA 47 -12.90 26.07 49.52
C TYR CA 47 -13.37 26.51 50.91
N ASN CA 48 -12.81 25.91 51.97
CA ASN CA 48 -13.14 26.25 53.36
C ASN CA 48 -12.82 27.73 53.62
N ASP CA 49 -13.73 28.40 54.32
CA ASP CA 49 -13.52 29.74 54.91
C ASP CA 49 -12.83 29.57 56.26
N ALA CA 50 -11.49 29.59 56.28
CA ALA CA 50 -10.69 29.27 57.49
C ALA CA 50 -9.66 30.35 57.74
N PRO CA 51 -10.09 31.52 58.28
CA PRO CA 51 -9.17 32.63 58.54
C PRO CA 51 -8.21 32.29 59.69
N HIS CA 52 -7.03 32.91 59.66
CA HIS CA 52 -5.97 32.79 60.70
C HIS CA 52 -6.49 33.39 62.01
N LEU CA 53 -6.13 32.80 63.15
CA LEU CA 53 -6.46 33.35 64.49
C LEU CA 53 -6.15 34.85 64.51
N THR CA 54 -4.98 35.24 63.99
CA THR CA 54 -4.39 36.59 64.18
C THR CA 54 -4.94 37.59 63.17
N GLU CA 55 -5.99 37.25 62.42
CA GLU CA 55 -6.58 38.17 61.41
C GLU CA 55 -8.05 38.46 61.74
N ILE CA 56 -8.51 38.00 62.91
CA ILE CA 56 -9.93 38.06 63.34
C ILE CA 56 -10.05 38.94 64.56
N PRO CA 57 -10.62 40.17 64.42
CA PRO CA 57 -10.85 41.05 65.57
C PRO CA 57 -11.95 40.51 66.50
N CYS CA 58 -11.69 40.68 67.79
CA CYS CA 58 -12.55 40.21 68.91
C CYS CA 58 -12.92 41.38 69.83
N TYR CA 59 -14.04 41.22 70.56
CA TYR CA 59 -14.44 42.11 71.67
C TYR CA 59 -13.32 42.10 72.73
N SER CA 60 -12.83 43.28 73.10
CA SER CA 60 -12.08 43.52 74.35
C SER CA 60 -13.08 43.53 75.52
N SER CA 61 -12.66 43.02 76.68
CA SER CA 61 -13.54 42.81 77.85
C SER CA 61 -12.67 42.72 79.12
N ALA CA 62 -13.12 43.32 80.21
CA ALA CA 62 -12.46 43.23 81.53
C ALA CA 62 -13.53 43.33 82.63
N ARG CA 63 -13.25 42.72 83.78
CA ARG CA 63 -14.04 42.86 85.01
C ARG CA 63 -13.18 43.64 86.01
N ILE CA 64 -13.58 44.85 86.35
CA ILE CA 64 -12.89 45.69 87.38
C ILE CA 64 -13.48 45.32 88.75
N SER CA 65 -12.61 45.05 89.72
CA SER CA 65 -12.99 44.78 91.15
C SER CA 65 -13.34 46.10 91.83
N LEU CA 66 -14.52 46.17 92.43
CA LEU CA 66 -15.03 47.36 93.15
C LEU CA 66 -14.80 47.15 94.65
N PRO CA 67 -14.72 48.22 95.48
CA PRO CA 67 -14.64 48.08 96.92
C PRO CA 67 -15.75 47.16 97.47
N LEU CA 78 -26.65 43.58 100.70
CA LEU CA 78 -27.78 44.53 100.89
C LEU CA 78 -27.53 45.80 100.05
N LEU CA 79 -26.26 46.20 99.94
CA LEU CA 79 -25.82 47.34 99.08
C LEU CA 79 -25.03 46.83 97.88
N MET CA 80 -25.31 47.37 96.70
CA MET CA 80 -24.57 47.11 95.44
C MET CA 80 -24.13 48.44 94.84
N TRP CA 81 -22.94 48.47 94.24
CA TRP CA 81 -22.50 49.63 93.43
C TRP CA 81 -23.40 49.75 92.20
N GLU CA 82 -23.82 50.98 91.91
CA GLU CA 82 -24.69 51.32 90.75
C GLU CA 82 -23.90 52.27 89.86
N ALA CA 83 -23.66 51.86 88.61
CA ALA CA 83 -22.97 52.69 87.60
C ALA CA 83 -23.95 53.77 87.11
N VAL CA 84 -23.61 55.04 87.30
CA VAL CA 84 -24.53 56.19 87.04
C VAL CA 84 -24.20 56.82 85.70
N SER CA 85 -22.92 57.05 85.45
CA SER CA 85 -22.42 57.77 84.24
C SER CA 85 -21.05 57.21 83.86
N VAL CA 86 -20.65 57.40 82.60
CA VAL CA 86 -19.30 57.06 82.09
C VAL CA 86 -18.85 58.16 81.14
N LYS CA 87 -17.65 58.71 81.39
CA LYS CA 87 -16.85 59.47 80.39
C LYS CA 87 -16.01 58.43 79.66
N THR CA 88 -16.16 58.29 78.33
CA THR CA 88 -15.36 57.33 77.52
C THR CA 88 -14.76 58.06 76.31
N GLU CA 89 -13.57 57.61 75.89
CA GLU CA 89 -12.84 58.22 74.76
C GLU CA 89 -12.07 57.13 74.00
N VAL CA 90 -12.05 57.23 72.67
CA VAL CA 90 -11.18 56.40 71.79
C VAL CA 90 -9.81 57.07 71.78
N VAL CA 91 -8.81 56.38 72.34
CA VAL CA 91 -7.44 56.94 72.55
C VAL CA 91 -6.63 56.72 71.27
N GLY CA 92 -5.77 57.68 70.94
CA GLY CA 92 -4.81 57.58 69.83
C GLY CA 92 -5.46 57.74 68.46
N ILE CA 93 -6.58 58.46 68.38
CA ILE CA 93 -7.20 58.84 67.08
C ILE CA 93 -6.16 59.60 66.25
N SER CA 94 -5.44 60.54 66.87
CA SER CA 94 -4.44 61.41 66.20
C SER CA 94 -3.34 60.55 65.56
N SER CA 95 -3.16 59.30 66.01
CA SER CA 95 -2.12 58.36 65.50
C SER CA 95 -2.31 58.13 64.00
N MET CA 96 -3.53 58.34 63.48
CA MET CA 96 -3.92 58.04 62.09
C MET CA 96 -3.47 59.16 61.13
N LEU CA 97 -3.10 60.35 61.63
CA LEU CA 97 -2.60 61.44 60.76
C LEU CA 97 -1.13 61.17 60.41
N ASN CA 98 -0.90 60.09 59.64
CA ASN CA 98 0.43 59.52 59.34
C ASN CA 98 0.42 59.04 57.89
N MET CA 99 1.14 59.73 57.00
CA MET CA 99 1.16 59.42 55.55
C MET CA 99 2.57 58.98 55.12
N HIS CA 100 3.42 58.56 56.06
CA HIS CA 100 4.83 58.19 55.79
C HIS CA 100 5.13 56.73 56.17
N SER CA 101 4.30 56.08 57.00
CA SER CA 101 4.57 54.74 57.58
C SER CA 101 4.03 53.64 56.66
N TYR CA 102 4.59 53.55 55.45
CA TYR CA 102 4.55 52.36 54.53
C TYR CA 102 3.18 52.20 53.86
N GLY CA 103 2.30 53.20 53.96
CA GLY CA 103 0.95 53.11 53.37
C GLY CA 103 1.00 53.09 51.85
N LEU CA 104 0.08 52.37 51.20
CA LEU CA 104 -0.12 52.42 49.74
C LEU CA 104 -0.15 53.90 49.32
N ARG CA 105 0.61 54.26 48.29
CA ARG CA 105 0.88 55.69 47.96
C ARG CA 105 -0.16 56.18 46.95
N ALA CA 106 -0.67 57.40 47.17
CA ALA CA 106 -1.71 58.06 46.36
C ALA CA 106 -1.09 58.69 45.13
N PHE CA 107 -1.92 59.07 44.17
CA PHE CA 107 -1.55 59.83 42.95
C PHE CA 107 -0.39 59.11 42.24
N GLY CA 108 -0.66 57.85 41.88
CA GLY CA 108 0.22 56.99 41.07
C GLY CA 108 1.55 56.67 41.75
N GLY CA 109 1.61 56.74 43.08
CA GLY CA 109 2.80 56.37 43.87
C GLY CA 109 3.68 57.54 44.25
N TYR CA 110 3.36 58.76 43.79
CA TYR CA 110 4.18 59.98 44.01
C TYR CA 110 3.73 60.73 45.26
N GLY CA 111 2.49 60.48 45.71
CA GLY CA 111 1.90 61.13 46.91
C GLY CA 111 2.26 60.38 48.18
N GLY CA 112 1.55 60.68 49.27
CA GLY CA 112 1.76 60.08 50.59
C GLY CA 112 1.02 58.77 50.75
N GLY CA 113 1.32 58.02 51.81
CA GLY CA 113 0.67 56.75 52.16
C GLY CA 113 -0.78 56.95 52.56
N TYR CA 114 -1.64 55.98 52.26
CA TYR CA 114 -3.06 55.92 52.70
C TYR CA 114 -3.09 55.89 54.24
N THR CA 115 -3.87 56.80 54.84
CA THR CA 115 -4.27 56.72 56.26
C THR CA 115 -5.25 55.56 56.40
N ILE CA 116 -5.39 55.05 57.63
CA ILE CA 116 -6.38 53.99 57.97
C ILE CA 116 -7.71 54.37 57.32
N GLU CA 117 -8.31 53.43 56.59
CA GLU CA 117 -9.63 53.62 55.91
C GLU CA 117 -10.32 52.27 55.78
N GLY CA 118 -11.58 52.31 55.32
CA GLY CA 118 -12.41 51.11 55.09
C GLY CA 118 -13.42 50.90 56.21
N SER CA 119 -14.08 49.75 56.19
CA SER CA 119 -15.14 49.36 57.15
C SER CA 119 -14.58 49.42 58.57
N HIS CA 120 -15.39 49.93 59.50
CA HIS CA 120 -14.99 50.18 60.91
C HIS CA 120 -16.20 50.01 61.82
N ILE CA 121 -15.95 49.59 63.07
CA ILE CA 121 -16.99 49.51 64.13
C ILE CA 121 -16.43 50.15 65.38
N HIS CA 122 -17.26 50.90 66.10
CA HIS CA 122 -16.92 51.50 67.42
C HIS CA 122 -18.04 51.18 68.39
N PHE CA 123 -17.68 50.57 69.51
CA PHE CA 123 -18.67 50.00 70.45
C PHE CA 123 -18.09 49.94 71.86
N PHE CA 124 -18.95 50.21 72.85
CA PHE CA 124 -18.59 50.09 74.29
C PHE CA 124 -19.86 49.69 75.04
N SER CA 125 -19.66 48.99 76.16
CA SER CA 125 -20.75 48.60 77.09
C SER CA 125 -20.22 48.71 78.53
N VAL CA 126 -21.09 49.15 79.44
CA VAL CA 126 -20.88 49.13 80.92
C VAL CA 126 -22.02 48.32 81.52
N GLY CA 127 -21.70 47.41 82.43
CA GLY CA 127 -22.68 46.46 83.00
C GLY CA 127 -22.28 45.97 84.37
N GLY CA 128 -23.25 45.40 85.09
CA GLY CA 128 -23.05 44.78 86.41
C GLY CA 128 -22.83 43.28 86.29
N GLU CA 129 -22.73 42.79 85.06
CA GLU CA 129 -22.47 41.37 84.73
C GLU CA 129 -21.92 41.30 83.31
N PRO CA 130 -21.38 40.15 82.87
CA PRO CA 130 -20.96 39.98 81.49
C PRO CA 130 -22.07 40.37 80.49
N LEU CA 131 -21.66 41.00 79.39
CA LEU CA 131 -22.54 41.40 78.27
C LEU CA 131 -23.13 40.14 77.62
N ASP CA 132 -24.43 40.10 77.39
CA ASP CA 132 -25.12 38.98 76.71
C ASP CA 132 -24.93 39.13 75.19
N LEU CA 133 -24.44 38.08 74.54
CA LEU CA 133 -24.17 38.03 73.07
C LEU CA 133 -25.20 37.15 72.38
N GLN CA 134 -25.62 37.58 71.20
CA GLN CA 134 -26.44 36.81 70.23
C GLN CA 134 -25.55 36.41 69.05
N GLY CA 135 -25.62 35.14 68.63
CA GLY CA 135 -24.89 34.65 67.46
C GLY CA 135 -25.54 35.12 66.17
N LEU CA 136 -24.78 35.83 65.34
CA LEU CA 136 -25.16 36.10 63.93
C LEU CA 136 -23.88 36.41 63.14
N MET CA 137 -23.69 35.70 62.02
CA MET CA 137 -22.46 35.70 61.20
C MET CA 137 -22.85 35.76 59.71
N GLN CA 138 -21.92 36.21 58.86
CA GLN CA 138 -22.14 36.36 57.39
C GLN CA 138 -22.11 34.98 56.72
N ASN CA 139 -21.22 34.09 57.18
CA ASN CA 139 -21.04 32.73 56.62
C ASN CA 139 -21.06 31.71 57.75
N HIS CA 140 -22.12 30.91 57.84
CA HIS CA 140 -22.35 29.92 58.92
C HIS CA 140 -21.18 28.92 58.99
N SER CA 141 -20.50 28.70 57.87
CA SER CA 141 -19.47 27.65 57.69
C SER CA 141 -18.08 28.16 58.09
N THR CA 142 -17.93 29.43 58.44
CA THR CA 142 -16.61 29.99 58.85
C THR CA 142 -16.00 29.08 59.93
N GLN CA 143 -14.73 28.74 59.79
CA GLN CA 143 -13.96 27.91 60.77
C GLN CA 143 -13.09 28.84 61.61
N TYR CA 144 -13.48 29.05 62.87
CA TYR CA 144 -12.71 29.87 63.85
C TYR CA 144 -11.70 28.98 64.55
N PRO CA 145 -10.38 29.27 64.44
CA PRO CA 145 -9.37 28.51 65.18
C PRO CA 145 -9.54 28.67 66.69
N SER CA 146 -9.28 27.59 67.44
CA SER CA 146 -9.12 27.62 68.92
C SER CA 146 -8.01 28.61 69.25
N PRO CA 147 -8.09 29.41 70.35
CA PRO CA 147 -9.19 29.30 71.34
C PRO CA 147 -10.40 30.23 71.16
N LEU CA 148 -10.60 30.79 69.96
CA LEU CA 148 -11.77 31.65 69.65
C LEU CA 148 -13.04 30.82 69.85
N VAL CA 149 -14.16 31.49 70.11
CA VAL CA 149 -15.48 30.84 70.33
C VAL CA 149 -16.48 31.45 69.35
N GLY CA 150 -17.07 30.62 68.49
CA GLY CA 150 -18.11 31.05 67.54
C GLY CA 150 -19.46 30.42 67.88
N PRO CA 151 -20.55 30.87 67.24
CA PRO CA 151 -21.87 30.32 67.50
C PRO CA 151 -21.92 28.84 67.16
N LYS CA 152 -22.18 28.00 68.17
CA LYS CA 152 -22.38 26.54 68.02
C LYS CA 152 -23.74 26.20 68.67
N LYS CA 153 -24.49 25.27 68.09
CA LYS CA 153 -25.65 24.62 68.78
C LYS CA 153 -25.09 23.80 69.93
N PRO CA 154 -25.94 23.23 70.83
CA PRO CA 154 -25.44 22.34 71.87
C PRO CA 154 -24.69 21.11 71.33
N ASP CA 155 -25.10 20.62 70.14
CA ASP CA 155 -24.53 19.40 69.52
C ASP CA 155 -23.19 19.71 68.84
N GLY CA 156 -22.75 20.98 68.78
CA GLY CA 156 -21.44 21.40 68.25
C GLY CA 156 -21.53 21.94 66.83
N THR CA 157 -22.67 21.73 66.13
CA THR CA 157 -22.87 22.14 64.71
C THR CA 157 -23.16 23.66 64.65
N THR CA 158 -23.12 24.21 63.43
CA THR CA 158 -23.53 25.61 63.12
C THR CA 158 -24.25 25.61 61.77
N ASP CA 159 -25.58 25.79 61.76
CA ASP CA 159 -26.38 25.67 60.52
C ASP CA 159 -26.58 27.05 59.89
N ASP CA 160 -27.32 27.09 58.77
CA ASP CA 160 -27.59 28.32 57.96
C ASP CA 160 -28.29 29.38 58.81
N SER CA 161 -29.04 28.98 59.84
CA SER CA 161 -29.86 29.89 60.69
C SER CA 161 -28.96 30.89 61.43
N ALA CA 162 -27.67 30.59 61.61
CA ALA CA 162 -26.69 31.48 62.27
C ALA CA 162 -26.43 32.73 61.43
N GLN CA 163 -26.96 32.82 60.20
CA GLN CA 163 -26.83 34.00 59.31
C GLN CA 163 -28.01 34.95 59.53
N VAL CA 164 -29.00 34.51 60.30
CA VAL CA 164 -30.14 35.34 60.76
C VAL CA 164 -30.26 35.16 62.27
N LEU CA 165 -31.42 35.46 62.86
CA LEU CA 165 -31.62 35.30 64.33
C LEU CA 165 -32.17 33.91 64.61
N ASN CA 166 -31.36 33.09 65.29
CA ASN CA 166 -31.79 31.83 65.95
C ASN CA 166 -31.40 31.93 67.42
N PRO CA 167 -32.39 31.99 68.34
CA PRO CA 167 -32.12 32.07 69.77
C PRO CA 167 -31.19 30.98 70.34
N ILE CA 168 -31.01 29.87 69.62
CA ILE CA 168 -30.15 28.74 70.08
C ILE CA 168 -28.70 29.24 70.24
N TYR CA 169 -28.29 30.27 69.49
CA TYR CA 169 -26.90 30.79 69.46
C TYR CA 169 -26.75 31.99 70.39
N LYS CA 170 -26.36 31.73 71.65
CA LYS CA 170 -26.10 32.79 72.66
C LYS CA 170 -24.79 32.48 73.38
N ALA CA 171 -24.22 33.50 74.00
CA ALA CA 171 -22.98 33.42 74.80
C ALA CA 171 -22.90 34.63 75.74
N LYS CA 172 -22.04 34.54 76.74
CA LYS CA 172 -21.72 35.66 77.65
C LYS CA 172 -20.29 36.08 77.29
N LEU CA 173 -20.05 37.39 77.15
CA LEU CA 173 -18.72 37.97 76.86
C LEU CA 173 -17.88 37.88 78.13
N ASP CA 174 -17.37 36.69 78.42
CA ASP CA 174 -16.75 36.36 79.74
C ASP CA 174 -15.22 36.26 79.62
N LYS CA 175 -14.66 36.44 78.41
CA LYS CA 175 -13.19 36.32 78.18
C LYS CA 175 -12.77 37.38 77.16
N ASP CA 176 -11.68 38.10 77.44
CA ASP CA 176 -11.05 39.08 76.50
C ASP CA 176 -10.54 38.31 75.28
N ALA CA 177 -10.53 38.96 74.10
CA ALA CA 177 -9.79 38.52 72.89
C ALA CA 177 -10.27 37.14 72.42
N THR CA 178 -11.50 36.75 72.73
CA THR CA 178 -12.01 35.38 72.56
C THR CA 178 -13.22 35.33 71.62
N TYR CA 179 -14.11 36.31 71.71
CA TYR CA 179 -15.40 36.34 70.99
C TYR CA 179 -15.23 37.24 69.77
N PRO CA 180 -15.23 36.68 68.53
CA PRO CA 180 -15.07 37.50 67.33
C PRO CA 180 -16.25 38.46 67.13
N ILE CA 181 -15.94 39.70 66.75
CA ILE CA 181 -16.94 40.76 66.48
C ILE CA 181 -17.88 40.29 65.37
N GLU CA 182 -17.38 39.47 64.44
CA GLU CA 182 -18.05 39.18 63.15
C GLU CA 182 -19.14 38.12 63.30
N CYS CA 183 -19.22 37.42 64.44
CA CYS CA 183 -20.22 36.35 64.66
C CYS CA 183 -21.04 36.56 65.95
N TRP CA 184 -20.73 37.59 66.74
CA TRP CA 184 -21.46 37.95 67.99
C TRP CA 184 -21.82 39.44 67.98
N CYS CA 185 -23.10 39.76 68.25
CA CYS CA 185 -23.55 41.13 68.52
C CYS CA 185 -24.20 41.16 69.91
N PRO CA 186 -24.33 42.35 70.54
CA PRO CA 186 -25.07 42.49 71.78
C PRO CA 186 -26.50 41.96 71.57
N ASP CA 187 -26.96 41.13 72.52
CA ASP CA 187 -28.30 40.49 72.52
C ASP CA 187 -29.33 41.45 73.09
N PRO CA 188 -30.22 42.01 72.24
CA PRO CA 188 -31.18 43.02 72.70
C PRO CA 188 -32.34 42.43 73.50
N SER CA 189 -32.46 41.10 73.52
CA SER CA 189 -33.50 40.33 74.26
C SER CA 189 -33.07 40.16 75.72
N ARG CA 190 -31.83 40.53 76.05
CA ARG CA 190 -31.27 40.43 77.41
C ARG CA 190 -30.54 41.73 77.75
N ASN CA 191 -29.40 41.66 78.44
CA ASN CA 191 -28.59 42.86 78.80
C ASN CA 191 -29.45 43.87 79.58
N GLU CA 192 -30.39 43.42 80.43
CA GLU CA 192 -31.20 44.31 81.30
C GLU CA 192 -30.24 45.09 82.23
N ASN CA 193 -29.12 44.47 82.64
CA ASN CA 193 -28.18 45.02 83.65
C ASN CA 193 -26.89 45.51 82.97
N SER CA 194 -26.95 45.79 81.67
CA SER CA 194 -25.83 46.38 80.88
C SER CA 194 -26.39 47.50 80.01
N ARG CA 195 -25.58 48.53 79.74
CA ARG CA 195 -25.89 49.57 78.73
C ARG CA 195 -24.84 49.47 77.63
N TYR CA 196 -25.25 49.29 76.37
CA TYR CA 196 -24.31 49.16 75.23
C TYR CA 196 -24.67 50.17 74.13
N PHE CA 197 -23.63 50.58 73.42
CA PHE CA 197 -23.66 51.64 72.37
C PHE CA 197 -22.67 51.27 71.26
N GLY CA 198 -23.15 51.17 70.02
CA GLY CA 198 -22.32 50.75 68.89
C GLY CA 198 -22.73 51.41 67.60
N SER CA 199 -21.76 51.68 66.73
CA SER CA 199 -21.98 52.19 65.36
C SER CA 199 -21.00 51.51 64.40
N TYR CA 200 -21.53 50.88 63.34
CA TYR CA 200 -20.74 50.24 62.25
C TYR CA 200 -20.93 51.07 60.98
N THR CA 201 -19.84 51.23 60.22
CA THR CA 201 -19.83 51.82 58.86
C THR CA 201 -19.10 50.87 57.92
N GLY CA 202 -19.72 50.53 56.79
CA GLY CA 202 -19.12 49.65 55.76
C GLY CA 202 -18.28 50.42 54.75
N GLY CA 203 -18.08 49.84 53.57
CA GLY CA 203 -17.37 50.46 52.44
C GLY CA 203 -15.94 49.99 52.32
N VAL CA 204 -15.31 50.26 51.18
CA VAL CA 204 -13.96 49.74 50.82
C VAL CA 204 -12.90 50.75 51.29
N GLU CA 205 -13.11 52.04 51.02
CA GLU CA 205 -12.14 53.13 51.29
C GLU CA 205 -12.76 54.20 52.19
N THR CA 206 -13.82 53.85 52.93
CA THR CA 206 -14.61 54.78 53.78
C THR CA 206 -13.69 55.46 54.79
N PRO CA 207 -13.71 56.81 54.89
CA PRO CA 207 -12.88 57.52 55.85
C PRO CA 207 -13.45 57.38 57.25
N PRO CA 208 -12.63 57.02 58.25
CA PRO CA 208 -13.07 57.08 59.64
C PRO CA 208 -13.27 58.55 60.06
N VAL CA 209 -14.32 58.80 60.83
CA VAL CA 209 -14.63 60.11 61.46
C VAL CA 209 -14.75 59.86 62.96
N LEU CA 210 -13.80 60.32 63.75
CA LEU CA 210 -13.79 60.14 65.23
C LEU CA 210 -13.53 61.47 65.91
N SER CA 211 -14.29 61.73 66.98
CA SER CA 211 -14.14 62.95 67.83
C SER CA 211 -13.60 62.57 69.20
N PHE CA 212 -12.94 63.50 69.86
CA PHE CA 212 -12.37 63.30 71.22
C PHE CA 212 -12.48 64.61 72.01
N THR CA 213 -13.02 64.53 73.22
CA THR CA 213 -13.18 65.66 74.18
C THR CA 213 -13.30 65.09 75.60
N ASN CA 214 -12.84 65.84 76.59
CA ASN CA 214 -12.99 65.49 78.02
C ASN CA 214 -14.22 66.20 78.60
N THR CA 215 -15.15 66.64 77.75
CA THR CA 215 -16.39 67.36 78.16
C THR CA 215 -17.63 66.49 77.98
N SER CA 216 -17.55 65.33 77.31
CA SER CA 216 -18.71 64.44 77.06
C SER CA 216 -18.95 63.55 78.29
N THR CA 217 -20.21 63.19 78.54
CA THR CA 217 -20.64 62.21 79.57
C THR CA 217 -21.83 61.42 79.04
N THR CA 218 -21.83 60.10 79.22
CA THR CA 218 -22.98 59.22 78.88
C THR CA 218 -23.65 58.78 80.18
N ILE CA 219 -24.93 59.13 80.34
CA ILE CA 219 -25.76 58.71 81.50
C ILE CA 219 -26.14 57.23 81.30
N LEU CA 220 -26.06 56.42 82.35
CA LEU CA 220 -26.28 54.96 82.29
C LEU CA 220 -27.58 54.57 83.00
N LEU CA 221 -28.29 55.54 83.59
CA LEU CA 221 -29.58 55.29 84.28
C LEU CA 221 -30.62 54.93 83.21
N ASP CA 222 -31.53 54.00 83.53
CA ASP CA 222 -32.58 53.51 82.60
C ASP CA 222 -33.82 54.40 82.69
N GLU CA 223 -34.91 54.02 82.01
CA GLU CA 223 -36.24 54.67 82.02
C GLU CA 223 -36.67 54.98 83.47
N ASN CA 224 -36.27 54.15 84.44
CA ASN CA 224 -36.70 54.25 85.87
C ASN CA 224 -35.56 54.75 86.77
N GLY CA 225 -34.56 55.44 86.22
CA GLY CA 225 -33.48 56.09 87.02
C GLY CA 225 -32.58 55.08 87.73
N VAL CA 226 -32.55 53.83 87.28
CA VAL CA 226 -31.67 52.76 87.83
C VAL CA 226 -30.54 52.48 86.83
N GLY CA 227 -29.29 52.51 87.31
CA GLY CA 227 -28.10 52.16 86.52
C GLY CA 227 -27.76 50.68 86.64
N PRO CA 228 -26.75 50.19 85.88
CA PRO CA 228 -26.25 48.84 86.07
C PRO CA 228 -25.85 48.62 87.54
N LEU CA 229 -26.35 47.53 88.13
CA LEU CA 229 -26.02 47.10 89.52
C LEU CA 229 -24.94 46.02 89.45
N CYS CA 230 -23.77 46.31 90.01
CA CYS CA 230 -22.54 45.48 89.90
C CYS CA 230 -22.63 44.27 90.83
N LYS CA 231 -23.05 43.13 90.27
CA LYS CA 231 -23.12 41.81 90.98
C LYS CA 231 -21.70 41.37 91.36
N GLY CA 232 -21.56 40.70 92.50
CA GLY CA 232 -20.27 40.24 93.04
C GLY CA 232 -19.25 41.36 93.13
N ASP CA 233 -19.68 42.61 93.31
CA ASP CA 233 -18.79 43.80 93.46
C ASP CA 233 -17.84 43.86 92.25
N GLY CA 234 -18.38 43.59 91.05
CA GLY CA 234 -17.64 43.63 89.78
C GLY CA 234 -18.31 44.53 88.75
N LEU CA 235 -17.54 45.44 88.16
CA LEU CA 235 -17.96 46.31 87.03
C LEU CA 235 -17.41 45.72 85.73
N TYR CA 236 -18.29 45.49 84.75
CA TYR CA 236 -17.99 44.76 83.48
C TYR CA 236 -17.90 45.77 82.33
N LEU CA 237 -16.68 46.02 81.85
CA LEU CA 237 -16.40 46.88 80.67
C LEU CA 237 -16.18 46.01 79.43
N SER CA 238 -16.70 46.47 78.28
CA SER CA 238 -16.50 45.82 76.96
C SER CA 238 -16.26 46.92 75.91
N SER CA 239 -15.49 46.58 74.88
CA SER CA 239 -14.98 47.53 73.85
C SER CA 239 -14.82 46.76 72.53
N ALA CA 240 -15.06 47.45 71.42
CA ALA CA 240 -14.73 46.98 70.05
C ALA CA 240 -14.47 48.21 69.19
N ASP CA 241 -13.20 48.59 69.03
CA ASP CA 241 -12.84 49.83 68.29
C ASP CA 241 -11.86 49.49 67.17
N VAL CA 242 -12.42 49.01 66.07
CA VAL CA 242 -11.69 48.70 64.80
C VAL CA 242 -11.86 49.93 63.90
N ALA CA 243 -10.86 50.80 63.86
CA ALA CA 243 -10.91 52.13 63.20
C ALA CA 243 -11.01 51.96 61.68
N GLY CA 244 -10.56 50.82 61.17
CA GLY CA 244 -10.53 50.48 59.74
C GLY CA 244 -9.37 49.56 59.42
N THR CA 245 -8.82 49.67 58.21
CA THR CA 245 -7.69 48.84 57.74
C THR CA 245 -6.51 49.74 57.38
N PHE CA 246 -5.31 49.24 57.62
CA PHE CA 246 -4.05 49.77 57.03
C PHE CA 246 -3.83 49.06 55.70
N VAL CA 247 -3.63 49.82 54.62
CA VAL CA 247 -3.32 49.31 53.25
C VAL CA 247 -1.84 49.55 52.99
N GLN CA 248 -1.06 48.47 52.85
CA GLN CA 248 0.42 48.55 52.72
C GLN CA 248 0.83 48.71 51.26
N GLN CA 249 1.76 49.62 50.98
CA GLN CA 249 2.35 49.81 49.63
C GLN CA 249 2.96 48.47 49.16
N THR CA 250 3.02 48.26 47.85
CA THR CA 250 3.75 47.13 47.21
C THR CA 250 2.94 45.84 47.40
N SER CA 251 2.79 45.34 48.63
CA SER CA 251 2.03 44.10 48.93
C SER CA 251 0.55 44.34 48.59
N GLN CA 252 0.05 45.55 48.82
CA GLN CA 252 -1.38 45.94 48.69
C GLN CA 252 -2.23 45.01 49.56
N LYS CA 253 -1.66 44.52 50.66
CA LYS CA 253 -2.37 43.73 51.70
C LYS CA 253 -3.00 44.69 52.71
N GLN CA 254 -4.10 44.24 53.33
CA GLN CA 254 -4.85 45.03 54.33
C GLN CA 254 -4.68 44.37 55.70
N TYR CA 255 -4.57 45.20 56.74
CA TYR CA 255 -4.47 44.80 58.16
C TYR CA 255 -5.51 45.59 58.95
N TRP CA 256 -6.34 44.91 59.74
CA TRP CA 256 -7.25 45.55 60.72
C TRP CA 256 -6.41 46.39 61.68
N ARG CA 257 -6.86 47.62 61.96
CA ARG CA 257 -6.24 48.54 62.94
C ARG CA 257 -7.24 48.82 64.07
N GLY CA 258 -6.84 48.51 65.30
CA GLY CA 258 -7.66 48.72 66.51
C GLY CA 258 -7.14 49.89 67.34
N LEU CA 259 -8.02 50.50 68.14
CA LEU CA 259 -7.62 51.57 69.09
C LEU CA 259 -8.13 51.24 70.48
N PRO CA 260 -7.43 51.72 71.52
CA PRO CA 260 -7.84 51.49 72.90
C PRO CA 260 -8.98 52.45 73.28
N ARG CA 261 -9.82 52.03 74.21
CA ARG CA 261 -10.92 52.86 74.76
C ARG CA 261 -10.66 53.12 76.25
N TYR CA 262 -10.75 54.40 76.65
CA TYR CA 262 -10.66 54.85 78.06
C TYR CA 262 -12.07 54.89 78.65
N PHE CA 263 -12.19 54.43 79.89
CA PHE CA 263 -13.45 54.52 80.68
C PHE CA 263 -13.21 55.29 81.97
N ASN CA 264 -14.18 56.10 82.37
CA ASN CA 264 -14.23 56.75 83.70
C ASN CA 264 -15.66 56.63 84.22
N ILE CA 265 -15.93 55.61 85.02
CA ILE CA 265 -17.32 55.30 85.50
C ILE CA 265 -17.49 55.92 86.89
N THR CA 266 -18.59 56.65 87.09
CA THR CA 266 -19.06 57.15 88.39
C THR CA 266 -20.10 56.16 88.91
N LEU CA 267 -19.87 55.59 90.10
CA LEU CA 267 -20.82 54.67 90.77
C LEU CA 267 -21.25 55.25 92.11
N ARG CA 268 -22.41 54.81 92.60
CA ARG CA 268 -22.98 55.21 93.90
C ARG CA 268 -23.59 53.97 94.56
N LYS CA 269 -23.68 53.96 95.89
CA LYS CA 269 -24.24 52.82 96.65
C LYS CA 269 -25.77 52.82 96.49
N ARG CA 270 -26.34 51.67 96.18
CA ARG CA 270 -27.82 51.48 96.05
C ARG CA 270 -28.21 50.26 96.89
N ALA CA 271 -29.32 50.36 97.62
CA ALA CA 271 -29.88 49.28 98.47
C ALA CA 271 -30.79 48.38 97.63
N VAL CA 272 -30.85 47.09 97.97
CA VAL CA 272 -31.65 46.06 97.23
C VAL CA 272 -32.21 45.05 98.24
N LYS CA 273 -33.40 44.49 97.95
CA LYS CA 273 -34.28 43.79 98.95
C LYS CA 273 -33.76 42.37 99.19
N GLU DA 8 -8.45 73.52 96.30
CA GLU DA 8 -9.82 73.65 96.91
C GLU DA 8 -10.41 74.99 96.45
N VAL DA 9 -11.48 74.94 95.65
CA VAL DA 9 -12.09 76.11 94.94
C VAL DA 9 -13.11 76.75 95.86
N LEU DA 10 -13.12 78.09 95.95
CA LEU DA 10 -14.06 78.85 96.84
C LEU DA 10 -14.99 79.73 96.00
N ASP DA 11 -15.35 80.90 96.52
CA ASP DA 11 -16.34 81.83 95.93
C ASP DA 11 -15.74 82.48 94.67
N VAL DA 12 -16.60 82.91 93.74
CA VAL DA 12 -16.21 83.71 92.55
C VAL DA 12 -16.20 85.19 92.94
N LYS DA 13 -15.02 85.84 93.00
CA LYS DA 13 -14.93 87.29 93.26
C LYS DA 13 -15.65 88.03 92.11
N THR DA 14 -16.66 88.84 92.44
CA THR DA 14 -17.33 89.79 91.51
C THR DA 14 -16.98 91.21 91.95
N GLY DA 15 -17.28 92.20 91.12
CA GLY DA 15 -16.91 93.62 91.34
C GLY DA 15 -16.12 94.15 90.16
N PRO DA 16 -15.68 95.43 90.19
CA PRO DA 16 -14.88 95.98 89.11
C PRO DA 16 -13.52 95.29 88.97
N ASP DA 17 -12.99 95.23 87.75
CA ASP DA 17 -11.69 94.60 87.40
C ASP DA 17 -11.66 93.13 87.86
N SER DA 18 -12.80 92.43 87.83
CA SER DA 18 -12.91 91.02 88.31
C SER DA 18 -13.03 90.05 87.11
N THR DA 19 -13.35 90.57 85.92
CA THR DA 19 -13.30 89.81 84.65
C THR DA 19 -12.30 90.46 83.69
N THR DA 20 -11.80 89.68 82.73
CA THR DA 20 -10.89 90.14 81.65
C THR DA 20 -11.04 89.20 80.45
N THR DA 21 -10.73 89.70 79.25
CA THR DA 21 -10.68 88.88 78.01
C THR DA 21 -9.25 88.83 77.49
N ILE DA 22 -8.90 87.73 76.83
CA ILE DA 22 -7.57 87.51 76.17
C ILE DA 22 -7.83 87.13 74.72
N GLU DA 23 -7.34 87.92 73.77
CA GLU DA 23 -7.24 87.58 72.34
C GLU DA 23 -5.86 86.99 72.08
N ALA DA 24 -5.81 85.89 71.32
CA ALA DA 24 -4.56 85.23 70.88
C ALA DA 24 -4.85 84.47 69.58
N TYR DA 25 -3.82 84.20 68.80
CA TYR DA 25 -3.88 83.28 67.63
C TYR DA 25 -2.68 82.33 67.75
N LEU DA 26 -2.89 81.07 67.37
CA LEU DA 26 -1.79 80.10 67.15
C LEU DA 26 -1.68 79.83 65.65
N ASN DA 27 -0.50 80.12 65.07
CA ASN DA 27 -0.19 79.75 63.67
C ASN DA 27 0.14 78.26 63.65
N PRO DA 28 -0.15 77.58 62.52
CA PRO DA 28 0.03 76.13 62.43
C PRO DA 28 1.52 75.76 62.37
N ARG DA 29 1.87 74.59 62.87
CA ARG DA 29 3.26 74.06 62.85
C ARG DA 29 3.25 72.70 62.15
N VAL DA 30 3.12 72.73 60.81
CA VAL DA 30 2.97 71.52 59.96
C VAL DA 30 4.34 71.05 59.46
N GLY DA 31 5.43 71.58 60.00
CA GLY DA 31 6.82 71.20 59.67
C GLY DA 31 7.65 72.38 59.22
N GLN DA 32 6.99 73.39 58.63
CA GLN DA 32 7.58 74.73 58.40
C GLN DA 32 6.58 75.76 58.94
N ASN DA 33 6.87 77.05 58.80
CA ASN DA 33 6.17 78.12 59.55
C ASN DA 33 5.15 78.84 58.66
N TRP DA 34 5.00 78.47 57.39
CA TRP DA 34 4.19 79.25 56.42
C TRP DA 34 3.04 78.42 55.88
N GLY DA 35 2.57 77.45 56.67
CA GLY DA 35 1.27 76.77 56.46
C GLY DA 35 1.37 75.52 55.62
N PHE DA 36 2.56 75.21 55.10
CA PHE DA 36 2.82 73.97 54.33
C PHE DA 36 4.05 73.24 54.85
N SER DA 37 3.93 71.92 54.92
CA SER DA 37 5.07 70.98 55.12
C SER DA 37 5.90 70.93 53.84
N THR DA 38 7.08 70.32 53.92
CA THR DA 38 7.85 69.83 52.75
C THR DA 38 7.13 68.56 52.26
N GLU DA 39 7.51 68.06 51.08
CA GLU DA 39 6.82 66.91 50.45
C GLU DA 39 6.74 65.75 51.45
N ILE DA 40 5.58 65.10 51.51
CA ILE DA 40 5.37 63.87 52.32
C ILE DA 40 6.15 62.75 51.63
N THR DA 41 6.99 62.04 52.38
CA THR DA 41 7.81 60.91 51.88
C THR DA 41 7.31 59.63 52.53
N VAL DA 42 7.52 58.49 51.86
CA VAL DA 42 7.09 57.16 52.35
C VAL DA 42 8.32 56.23 52.31
N ALA DA 43 8.75 55.75 53.47
CA ALA DA 43 9.83 54.75 53.62
C ALA DA 43 9.47 53.52 52.77
N SER DA 44 10.47 52.92 52.11
CA SER DA 44 10.31 51.64 51.39
C SER DA 44 10.18 50.51 52.41
N ASN DA 45 9.27 49.56 52.16
CA ASN DA 45 9.04 48.39 53.05
C ASN DA 45 10.41 47.80 53.42
N GLY DA 46 10.65 47.59 54.71
CA GLY DA 46 11.86 46.92 55.23
C GLY DA 46 12.97 47.90 55.59
N TYR DA 47 12.89 49.15 55.14
CA TYR DA 47 13.87 50.23 55.48
C TYR DA 47 13.34 51.01 56.69
N ASN DA 48 14.18 51.84 57.30
CA ASN DA 48 13.80 52.72 58.42
C ASN DA 48 12.66 53.66 57.97
N ASP DA 49 11.67 53.83 58.84
CA ASP DA 49 10.64 54.89 58.76
C ASP DA 49 11.22 56.16 59.37
N ALA DA 50 11.86 57.02 58.56
CA ALA DA 50 12.62 58.19 59.03
C ALA DA 50 12.17 59.42 58.25
N PRO DA 51 11.01 60.00 58.58
CA PRO DA 51 10.50 61.19 57.91
C PRO DA 51 11.36 62.42 58.22
N HIS DA 52 11.38 63.37 57.29
CA HIS DA 52 12.07 64.68 57.42
C HIS DA 52 11.40 65.48 58.53
N LEU DA 53 12.18 66.25 59.30
CA LEU DA 53 11.64 67.17 60.34
C LEU DA 53 10.48 67.97 59.74
N THR DA 54 10.67 68.50 58.52
CA THR DA 54 9.80 69.54 57.91
C THR DA 54 8.57 68.91 57.24
N GLU DA 55 8.30 67.62 57.43
CA GLU DA 55 7.14 66.92 56.81
C GLU DA 55 6.20 66.38 57.89
N ILE DA 56 6.47 66.70 59.15
CA ILE DA 56 5.77 66.15 60.34
C ILE DA 56 5.03 67.26 61.05
N PRO DA 57 3.68 67.31 60.96
CA PRO DA 57 2.89 68.30 61.69
C PRO DA 57 2.89 68.05 63.20
N CYS DA 58 2.97 69.15 63.94
CA CYS DA 58 3.04 69.20 65.42
C CYS DA 58 1.92 70.07 65.99
N TYR DA 59 1.58 69.81 67.26
CA TYR DA 59 0.69 70.69 68.07
C TYR DA 59 1.32 72.07 68.14
N SER DA 60 0.55 73.10 67.78
CA SER DA 60 0.81 74.51 68.15
C SER DA 60 0.41 74.70 69.62
N SER DA 61 1.14 75.54 70.34
CA SER DA 61 1.00 75.72 71.81
C SER DA 61 1.60 77.08 72.20
N ALA DA 62 0.95 77.78 73.11
CA ALA DA 62 1.45 79.06 73.69
C ALA DA 62 0.93 79.18 75.13
N ARG DA 63 1.71 79.88 75.95
CA ARG DA 63 1.31 80.30 77.32
C ARG DA 63 1.13 81.82 77.30
N ILE DA 64 -0.10 82.30 77.47
CA ILE DA 64 -0.40 83.76 77.54
C ILE DA 64 -0.25 84.16 79.01
N SER DA 65 0.50 85.25 79.27
CA SER DA 65 0.66 85.87 80.60
C SER DA 65 -0.61 86.65 80.96
N LEU DA 66 -1.19 86.35 82.11
CA LEU DA 66 -2.40 87.03 82.64
C LEU DA 66 -1.98 88.10 83.64
N PRO DA 67 -2.80 89.15 83.89
CA PRO DA 67 -2.50 90.12 84.95
C PRO DA 67 -2.18 89.43 86.29
N LEU DA 68 -1.13 89.90 86.98
CA LEU DA 68 -0.71 89.32 88.29
C LEU DA 68 -1.83 89.58 89.31
N LEU DA 69 -2.11 88.63 90.19
CA LEU DA 69 -3.29 88.72 91.10
C LEU DA 69 -2.89 88.99 92.55
N ASN DA 70 -1.93 88.26 93.11
CA ASN DA 70 -1.67 88.26 94.57
C ASN DA 70 -0.46 89.17 94.81
N THR DA 77 -7.01 83.76 101.59
CA THR DA 77 -7.45 83.16 100.30
C THR DA 77 -6.64 83.79 99.17
N LEU DA 78 -6.02 82.97 98.32
CA LEU DA 78 -5.37 83.39 97.05
C LEU DA 78 -6.42 83.46 95.94
N LEU DA 79 -6.15 84.27 94.91
CA LEU DA 79 -7.00 84.41 93.69
C LEU DA 79 -6.28 83.80 92.49
N MET DA 80 -7.02 83.05 91.66
CA MET DA 80 -6.55 82.55 90.33
C MET DA 80 -7.55 83.01 89.28
N TRP DA 81 -7.06 83.33 88.08
CA TRP DA 81 -7.92 83.54 86.89
C TRP DA 81 -8.57 82.21 86.52
N GLU DA 82 -9.88 82.25 86.24
CA GLU DA 82 -10.69 81.09 85.83
C GLU DA 82 -11.22 81.35 84.42
N ALA DA 83 -10.85 80.49 83.47
CA ALA DA 83 -11.33 80.55 82.07
C ALA DA 83 -12.78 80.05 82.05
N VAL DA 84 -13.71 80.91 81.62
CA VAL DA 84 -15.18 80.64 81.70
C VAL DA 84 -15.69 80.17 80.33
N SER DA 85 -15.29 80.89 79.27
CA SER DA 85 -15.79 80.65 77.90
C SER DA 85 -14.68 81.01 76.90
N VAL DA 86 -14.75 80.46 75.68
CA VAL DA 86 -13.84 80.81 74.56
C VAL DA 86 -14.66 80.88 73.26
N LYS DA 87 -14.54 82.00 72.55
CA LYS DA 87 -14.90 82.11 71.11
C LYS DA 87 -13.64 81.71 70.34
N THR DA 88 -13.70 80.66 69.50
CA THR DA 88 -12.55 80.22 68.66
C THR DA 88 -12.99 80.09 67.20
N GLU DA 89 -12.07 80.34 66.28
CA GLU DA 89 -12.32 80.24 64.82
C GLU DA 89 -11.07 79.75 64.10
N VAL DA 90 -11.25 78.90 63.09
CA VAL DA 90 -10.18 78.49 62.15
C VAL DA 90 -10.10 79.59 61.08
N VAL DA 91 -8.97 80.30 61.04
CA VAL DA 91 -8.78 81.50 60.19
C VAL DA 91 -8.29 81.04 58.81
N GLY DA 92 -8.74 81.72 57.76
CA GLY DA 92 -8.28 81.52 56.38
C GLY DA 92 -8.84 80.26 55.75
N ILE DA 93 -10.02 79.80 56.18
CA ILE DA 93 -10.75 78.69 55.53
C ILE DA 93 -10.97 79.06 54.05
N SER DA 94 -11.39 80.30 53.79
CA SER DA 94 -11.72 80.80 52.43
C SER DA 94 -10.50 80.69 51.51
N SER DA 95 -9.29 80.61 52.08
CA SER DA 95 -8.01 80.52 51.32
C SER DA 95 -8.02 79.29 50.41
N MET DA 96 -8.82 78.28 50.74
CA MET DA 96 -8.86 76.97 50.04
C MET DA 96 -9.70 77.06 48.75
N LEU DA 97 -10.51 78.11 48.54
CA LEU DA 97 -11.26 78.28 47.27
C LEU DA 97 -10.31 78.83 46.20
N ASN DA 98 -9.32 78.02 45.82
CA ASN DA 98 -8.18 78.38 44.93
C ASN DA 98 -7.87 77.20 44.02
N MET DA 99 -8.20 77.31 42.73
CA MET DA 99 -8.01 76.21 41.75
C MET DA 99 -6.97 76.62 40.69
N HIS DA 100 -6.13 77.61 40.97
CA HIS DA 100 -5.13 78.17 40.00
C HIS DA 100 -3.69 78.01 40.51
N SER DA 101 -3.48 77.81 41.81
CA SER DA 101 -2.12 77.82 42.44
C SER DA 101 -1.51 76.41 42.42
N TYR DA 102 -1.24 75.91 41.22
CA TYR DA 102 -0.32 74.79 40.91
C TYR DA 102 -0.89 73.43 41.31
N GLY DA 103 -2.18 73.35 41.62
CA GLY DA 103 -2.81 72.08 42.06
C GLY DA 103 -2.88 71.07 40.93
N LEU DA 104 -2.74 69.78 41.22
CA LEU DA 104 -2.99 68.67 40.26
C LEU DA 104 -4.31 68.96 39.56
N ARG DA 105 -4.33 68.89 38.22
CA ARG DA 105 -5.46 69.40 37.42
C ARG DA 105 -6.47 68.28 37.17
N ALA DA 106 -7.76 68.61 37.29
CA ALA DA 106 -8.89 67.68 37.16
C ALA DA 106 -9.23 67.49 35.67
N PHE DA 107 -10.03 66.47 35.38
CA PHE DA 107 -10.60 66.19 34.04
C PHE DA 107 -9.47 66.14 33.00
N GLY DA 108 -8.52 65.23 33.25
CA GLY DA 108 -7.40 64.87 32.35
C GLY DA 108 -6.44 66.03 32.13
N GLY DA 109 -6.37 67.00 33.06
CA GLY DA 109 -5.41 68.10 33.02
C GLY DA 109 -5.97 69.37 32.41
N TYR DA 110 -7.22 69.36 31.93
CA TYR DA 110 -7.85 70.52 31.23
C TYR DA 110 -8.63 71.39 32.23
N GLY DA 111 -8.99 70.82 33.40
CA GLY DA 111 -9.75 71.52 34.44
C GLY DA 111 -8.84 72.30 35.38
N GLY DA 112 -9.38 72.73 36.53
CA GLY DA 112 -8.65 73.51 37.54
C GLY DA 112 -7.86 72.62 38.49
N GLY DA 113 -7.00 73.24 39.29
CA GLY DA 113 -6.19 72.54 40.32
C GLY DA 113 -7.06 71.99 41.45
N TYR DA 114 -6.64 70.88 42.03
CA TYR DA 114 -7.26 70.27 43.24
C TYR DA 114 -7.14 71.26 44.40
N THR DA 115 -8.27 71.56 45.05
CA THR DA 115 -8.28 72.26 46.36
C THR DA 115 -7.75 71.28 47.41
N ILE DA 116 -7.28 71.83 48.54
CA ILE DA 116 -6.81 71.03 49.71
C ILE DA 116 -7.83 69.92 49.95
N GLU DA 117 -7.36 68.69 50.06
CA GLU DA 117 -8.21 67.49 50.33
C GLU DA 117 -7.38 66.42 51.06
N GLY DA 118 -8.05 65.37 51.51
CA GLY DA 118 -7.43 64.23 52.21
C GLY DA 118 -7.64 64.28 53.70
N SER DA 119 -6.94 63.41 54.42
CA SER DA 119 -7.05 63.27 55.90
C SER DA 119 -6.74 64.61 56.56
N HIS DA 120 -7.52 64.94 57.60
CA HIS DA 120 -7.43 66.24 58.30
C HIS DA 120 -7.81 66.05 59.77
N ILE DA 121 -7.25 66.89 60.65
CA ILE DA 121 -7.59 66.94 62.09
C ILE DA 121 -7.78 68.39 62.47
N HIS DA 122 -8.77 68.67 63.31
CA HIS DA 122 -9.04 70.02 63.88
C HIS DA 122 -9.22 69.88 65.39
N PHE DA 123 -8.43 70.61 66.15
CA PHE DA 123 -8.34 70.42 67.62
C PHE DA 123 -7.89 71.72 68.29
N PHE DA 124 -8.46 71.98 69.47
CA PHE DA 124 -8.07 73.12 70.34
C PHE DA 124 -8.28 72.70 71.79
N SER DA 125 -7.48 73.29 72.68
CA SER DA 125 -7.59 73.12 74.14
C SER DA 125 -7.32 74.46 74.83
N VAL DA 126 -8.05 74.72 75.92
CA VAL DA 126 -7.81 75.85 76.85
C VAL DA 126 -7.60 75.23 78.24
N GLY DA 127 -6.57 75.68 78.97
CA GLY DA 127 -6.18 75.08 80.25
C GLY DA 127 -5.43 76.06 81.14
N GLY DA 128 -5.35 75.73 82.42
CA GLY DA 128 -4.60 76.49 83.44
C GLY DA 128 -3.20 75.94 83.63
N GLU DA 129 -2.81 74.97 82.80
CA GLU DA 129 -1.47 74.33 82.79
C GLU DA 129 -1.28 73.68 81.42
N PRO DA 130 -0.04 73.25 81.09
CA PRO DA 130 0.20 72.50 79.87
C PRO DA 130 -0.76 71.30 79.73
N LEU DA 131 -1.21 71.05 78.50
CA LEU DA 131 -2.08 69.91 78.13
C LEU DA 131 -1.31 68.60 78.37
N ASP DA 132 -1.94 67.63 79.04
CA ASP DA 132 -1.34 66.30 79.29
C ASP DA 132 -1.51 65.45 78.02
N LEU DA 133 -0.39 64.87 77.53
CA LEU DA 133 -0.34 64.04 76.31
C LEU DA 133 -0.12 62.58 76.70
N GLN DA 134 -0.79 61.68 75.97
CA GLN DA 134 -0.58 60.20 76.00
C GLN DA 134 0.11 59.80 74.70
N GLY DA 135 1.14 58.97 74.80
CA GLY DA 135 1.85 58.42 73.62
C GLY DA 135 1.02 57.33 72.96
N LEU DA 136 0.69 57.51 71.68
CA LEU DA 136 0.16 56.44 70.81
C LEU DA 136 0.44 56.80 69.35
N MET DA 137 1.07 55.87 68.63
CA MET DA 137 1.60 56.07 67.25
C MET DA 137 1.23 54.84 66.39
N GLN DA 138 1.21 55.01 65.07
CA GLN DA 138 0.86 53.95 64.09
C GLN DA 138 2.03 52.96 63.96
N ASN DA 139 3.27 53.46 63.98
CA ASN DA 139 4.51 52.63 63.84
C ASN DA 139 5.47 53.00 64.97
N HIS DA 140 5.67 52.07 65.92
CA HIS DA 140 6.50 52.27 67.13
C HIS DA 140 7.94 52.63 66.74
N SER DA 141 8.37 52.20 65.55
CA SER DA 141 9.78 52.28 65.07
C SER DA 141 10.04 53.61 64.34
N THR DA 142 9.02 54.46 64.15
CA THR DA 142 9.20 55.78 63.49
C THR DA 142 10.38 56.52 64.16
N GLN DA 143 11.29 57.07 63.36
CA GLN DA 143 12.46 57.86 63.83
C GLN DA 143 12.15 59.34 63.64
N TYR DA 144 11.87 60.06 64.74
CA TYR DA 144 11.59 61.52 64.74
C TYR DA 144 12.92 62.26 64.87
N PRO DA 145 13.30 63.10 63.88
CA PRO DA 145 14.51 63.91 64.01
C PRO DA 145 14.40 64.91 65.16
N SER DA 146 15.52 65.14 65.86
CA SER DA 146 15.68 66.26 66.83
C SER DA 146 15.40 67.57 66.10
N PRO DA 147 14.76 68.58 66.73
CA PRO DA 147 14.39 68.55 68.14
C PRO DA 147 12.98 68.05 68.51
N LEU DA 148 12.30 67.35 67.60
CA LEU DA 148 10.95 66.77 67.88
C LEU DA 148 11.08 65.79 69.04
N VAL DA 149 9.97 65.54 69.73
CA VAL DA 149 9.91 64.62 70.91
C VAL DA 149 8.82 63.59 70.64
N GLY DA 150 9.18 62.32 70.61
CA GLY DA 150 8.25 61.19 70.44
C GLY DA 150 8.17 60.35 71.72
N PRO DA 151 7.20 59.42 71.81
CA PRO DA 151 7.07 58.57 72.99
C PRO DA 151 8.32 57.70 73.16
N LYS DA 152 9.04 57.90 74.27
CA LYS DA 152 10.20 57.08 74.68
C LYS DA 152 9.91 56.55 76.09
N LYS DA 153 10.31 55.31 76.40
CA LYS DA 153 10.40 54.81 77.80
C LYS DA 153 11.50 55.60 78.51
N PRO DA 154 11.65 55.48 79.85
CA PRO DA 154 12.76 56.15 80.54
C PRO DA 154 14.15 55.73 80.00
N ASP DA 155 14.28 54.48 79.54
CA ASP DA 155 15.58 53.92 79.06
C ASP DA 155 15.88 54.41 77.63
N GLY DA 156 14.98 55.13 76.98
CA GLY DA 156 15.20 55.75 75.64
C GLY DA 156 14.56 54.95 74.51
N THR DA 157 14.14 53.69 74.78
CA THR DA 157 13.56 52.77 73.76
C THR DA 157 12.09 53.16 73.49
N THR DA 158 11.49 52.58 72.46
CA THR DA 158 10.05 52.67 72.11
C THR DA 158 9.59 51.31 71.60
N ASP DA 159 8.80 50.57 72.36
CA ASP DA 159 8.41 49.18 72.01
C ASP DA 159 7.05 49.18 71.29
N ASP DA 160 6.57 47.99 70.92
CA ASP DA 160 5.31 47.76 70.17
C ASP DA 160 4.11 48.35 70.92
N SER DA 161 4.18 48.43 72.26
CA SER DA 161 3.06 48.87 73.14
C SER DA 161 2.68 50.32 72.83
N ALA DA 162 3.58 51.10 72.24
CA ALA DA 162 3.33 52.51 71.86
C ALA DA 162 2.28 52.61 70.73
N GLN DA 163 1.86 51.48 70.15
CA GLN DA 163 0.82 51.44 69.09
C GLN DA 163 -0.56 51.23 69.72
N VAL DA 164 -0.59 50.98 71.03
CA VAL DA 164 -1.83 50.93 71.84
C VAL DA 164 -1.61 51.81 73.07
N LEU DA 165 -2.37 51.62 74.15
CA LEU DA 165 -2.21 52.43 75.38
C LEU DA 165 -1.23 51.72 76.31
N ASN DA 166 -0.08 52.34 76.52
CA ASN DA 166 0.87 52.03 77.63
C ASN DA 166 1.09 53.31 78.44
N PRO DA 167 0.64 53.36 79.71
CA PRO DA 167 0.81 54.54 80.56
C PRO DA 167 2.26 55.05 80.69
N ILE DA 168 3.25 54.23 80.36
CA ILE DA 168 4.70 54.62 80.47
C ILE DA 168 4.96 55.82 79.54
N TYR DA 169 4.19 55.96 78.46
CA TYR DA 169 4.40 57.01 77.41
C TYR DA 169 3.50 58.21 77.67
N LYS DA 170 3.99 59.20 78.40
CA LYS DA 170 3.28 60.47 78.68
C LYS DA 170 4.22 61.64 78.48
N ALA DA 171 3.66 62.83 78.29
CA ALA DA 171 4.40 64.10 78.13
C ALA DA 171 3.45 65.26 78.42
N LYS DA 172 4.02 66.44 78.64
CA LYS DA 172 3.28 67.70 78.78
C LYS DA 172 3.56 68.51 77.51
N LEU DA 173 2.53 69.08 76.89
CA LEU DA 173 2.64 69.92 75.68
C LEU DA 173 3.22 71.28 76.11
N ASP DA 174 4.53 71.32 76.35
CA ASP DA 174 5.22 72.45 77.01
C ASP DA 174 6.03 73.27 75.99
N LYS DA 175 6.05 72.87 74.72
CA LYS DA 175 6.85 73.56 73.66
C LYS DA 175 6.04 73.54 72.36
N ASP DA 176 5.96 74.69 71.67
CA ASP DA 176 5.35 74.84 70.32
C ASP DA 176 6.17 74.01 69.34
N ALA DA 177 5.52 73.48 68.29
CA ALA DA 177 6.17 72.93 67.07
C ALA DA 177 7.11 71.77 67.41
N THR DA 178 6.87 71.06 68.52
CA THR DA 178 7.82 70.09 69.10
C THR DA 178 7.20 68.68 69.19
N TYR DA 179 5.91 68.60 69.53
CA TYR DA 179 5.21 67.31 69.79
C TYR DA 179 4.40 66.95 68.55
N PRO DA 180 4.80 65.89 67.81
CA PRO DA 180 4.07 65.49 66.60
C PRO DA 180 2.65 65.03 66.92
N ILE DA 181 1.69 65.45 66.11
CA ILE DA 181 0.25 65.08 66.23
C ILE DA 181 0.13 63.55 66.14
N GLU DA 182 1.01 62.91 65.38
CA GLU DA 182 0.84 61.50 64.93
C GLU DA 182 1.26 60.51 66.02
N CYS DA 183 1.91 60.95 67.10
CA CYS DA 183 2.39 60.05 68.19
C CYS DA 183 1.90 60.52 69.58
N TRP DA 184 1.22 61.67 69.67
CA TRP DA 184 0.65 62.21 70.93
C TRP DA 184 -0.83 62.58 70.75
N CYS DA 185 -1.70 62.10 71.64
CA CYS DA 185 -3.10 62.55 71.75
C CYS DA 185 -3.34 63.13 73.15
N PRO DA 186 -4.39 63.94 73.35
CA PRO DA 186 -4.77 64.38 74.69
C PRO DA 186 -5.02 63.15 75.57
N ASP DA 187 -4.44 63.18 76.78
CA ASP DA 187 -4.52 62.11 77.80
C ASP DA 187 -5.83 62.24 78.58
N PRO DA 188 -6.81 61.34 78.37
CA PRO DA 188 -8.11 61.48 79.01
C PRO DA 188 -8.10 61.08 80.49
N SER DA 189 -6.99 60.47 80.95
CA SER DA 189 -6.77 60.04 82.36
C SER DA 189 -6.29 61.22 83.20
N ARG DA 190 -5.99 62.35 82.56
CA ARG DA 190 -5.52 63.59 83.23
C ARG DA 190 -6.28 64.78 82.66
N ASN DA 191 -5.61 65.93 82.47
CA ASN DA 191 -6.23 67.15 81.90
C ASN DA 191 -7.46 67.57 82.72
N GLU DA 192 -7.45 67.38 84.04
CA GLU DA 192 -8.55 67.84 84.94
C GLU DA 192 -8.69 69.37 84.79
N ASN DA 193 -7.58 70.08 84.57
CA ASN DA 193 -7.52 71.58 84.57
C ASN DA 193 -7.37 72.09 83.13
N SER DA 194 -7.76 71.29 82.13
CA SER DA 194 -7.80 71.67 80.70
C SER DA 194 -9.13 71.20 80.10
N ARG DA 195 -9.65 71.92 79.11
CA ARG DA 195 -10.80 71.47 78.28
C ARG DA 195 -10.29 71.33 76.85
N TYR DA 196 -10.42 70.14 76.25
CA TYR DA 196 -9.95 69.89 74.86
C TYR DA 196 -11.10 69.33 74.00
N PHE DA 197 -11.01 69.64 72.71
CA PHE DA 197 -12.02 69.35 71.66
C PHE DA 197 -11.31 69.03 70.35
N GLY DA 198 -11.56 67.87 69.77
CA GLY DA 198 -10.87 67.43 68.55
C GLY DA 198 -11.73 66.55 67.68
N SER DA 199 -11.56 66.65 66.37
CA SER DA 199 -12.23 65.79 65.36
C SER DA 199 -11.24 65.46 64.23
N TYR DA 200 -11.04 64.18 63.96
CA TYR DA 200 -10.19 63.66 62.85
C TYR DA 200 -11.09 63.01 61.80
N THR DA 201 -10.75 63.21 60.53
CA THR DA 201 -11.37 62.54 59.36
C THR DA 201 -10.24 61.95 58.49
N GLY DA 202 -10.32 60.67 58.15
CA GLY DA 202 -9.33 59.99 57.29
C GLY DA 202 -9.66 60.11 55.82
N GLY DA 203 -9.14 59.20 55.00
CA GLY DA 203 -9.42 59.11 53.55
C GLY DA 203 -8.32 59.73 52.72
N VAL DA 204 -8.33 59.43 51.41
CA VAL DA 204 -7.25 59.83 50.46
C VAL DA 204 -7.58 61.19 49.85
N GLU DA 205 -8.84 61.38 49.42
CA GLU DA 205 -9.30 62.60 48.68
C GLU DA 205 -10.47 63.25 49.42
N THR DA 206 -10.63 62.97 50.72
CA THR DA 206 -11.78 63.44 51.55
C THR DA 206 -11.86 64.95 51.53
N PRO DA 207 -13.04 65.54 51.22
CA PRO DA 207 -13.18 66.99 51.20
C PRO DA 207 -13.24 67.53 52.61
N PRO DA 208 -12.46 68.58 52.94
CA PRO DA 208 -12.62 69.29 54.19
C PRO DA 208 -13.96 70.04 54.21
N VAL DA 209 -14.63 70.01 55.37
CA VAL DA 209 -15.87 70.78 55.65
C VAL DA 209 -15.59 71.63 56.89
N LEU DA 210 -15.48 72.94 56.74
CA LEU DA 210 -15.21 73.88 57.86
C LEU DA 210 -16.20 75.04 57.82
N SER DA 211 -16.72 75.40 58.98
CA SER DA 211 -17.65 76.55 59.17
C SER DA 211 -16.94 77.64 59.97
N PHE DA 212 -17.38 78.89 59.81
CA PHE DA 212 -16.83 80.06 60.52
C PHE DA 212 -17.94 81.06 60.81
N THR DA 213 -18.02 81.52 62.06
CA THR DA 213 -19.00 82.53 62.54
C THR DA 213 -18.45 83.21 63.80
N ASN DA 214 -18.79 84.48 64.02
CA ASN DA 214 -18.42 85.21 65.26
C ASN DA 214 -19.58 85.14 66.26
N THR DA 215 -20.51 84.19 66.10
CA THR DA 215 -21.70 84.01 66.96
C THR DA 215 -21.59 82.77 67.87
N SER DA 216 -20.60 81.90 67.65
CA SER DA 216 -20.40 80.67 68.47
C SER DA 216 -19.63 81.02 69.74
N THR DA 217 -19.92 80.30 70.84
CA THR DA 217 -19.18 80.36 72.12
C THR DA 217 -19.12 78.95 72.72
N THR DA 218 -17.95 78.54 73.22
CA THR DA 218 -17.77 77.26 73.93
C THR DA 218 -17.61 77.55 75.43
N ILE DA 219 -18.51 77.02 76.25
CA ILE DA 219 -18.44 77.13 77.73
C ILE DA 219 -17.37 76.17 78.23
N LEU DA 220 -16.52 76.61 79.17
CA LEU DA 220 -15.35 75.83 79.67
C LEU DA 220 -15.60 75.37 81.11
N LEU DA 221 -16.73 75.74 81.72
CA LEU DA 221 -17.09 75.31 83.09
C LEU DA 221 -17.37 73.80 83.08
N ASP DA 222 -16.96 73.08 84.13
CA ASP DA 222 -17.11 71.60 84.25
C ASP DA 222 -18.48 71.27 84.86
N GLU DA 223 -18.70 69.98 85.16
CA GLU DA 223 -19.92 69.43 85.83
C GLU DA 223 -20.26 70.29 87.07
N ASN DA 224 -19.27 70.86 87.76
CA ASN DA 224 -19.44 71.62 89.03
C ASN DA 224 -19.26 73.12 88.83
N GLY DA 225 -19.43 73.64 87.61
CA GLY DA 225 -19.41 75.10 87.34
C GLY DA 225 -18.04 75.74 87.55
N VAL DA 226 -16.97 74.95 87.55
CA VAL DA 226 -15.56 75.43 87.69
C VAL DA 226 -14.87 75.33 86.31
N GLY DA 227 -14.25 76.43 85.88
CA GLY DA 227 -13.45 76.48 84.65
C GLY DA 227 -11.98 76.15 84.93
N PRO DA 228 -11.13 76.06 83.88
CA PRO DA 228 -9.69 75.95 84.08
C PRO DA 228 -9.19 77.10 84.95
N LEU DA 229 -8.43 76.75 86.01
CA LEU DA 229 -7.78 77.72 86.93
C LEU DA 229 -6.32 77.89 86.50
N CYS DA 230 -5.96 79.11 86.10
CA CYS DA 230 -4.66 79.45 85.48
C CYS DA 230 -3.56 79.53 86.54
N LYS DA 231 -2.81 78.44 86.72
CA LYS DA 231 -1.64 78.35 87.64
C LYS DA 231 -0.54 79.29 87.14
N GLY DA 232 0.21 79.88 88.08
CA GLY DA 232 1.27 80.86 87.79
C GLY DA 232 0.80 81.99 86.89
N ASP DA 233 -0.49 82.36 86.97
CA ASP DA 233 -1.09 83.48 86.19
C ASP DA 233 -0.78 83.28 84.71
N GLY DA 234 -0.91 82.03 84.24
CA GLY DA 234 -0.69 81.62 82.83
C GLY DA 234 -1.89 80.89 82.25
N LEU DA 235 -2.36 81.32 81.08
CA LEU DA 235 -3.42 80.65 80.28
C LEU DA 235 -2.75 79.87 79.15
N TYR DA 236 -3.05 78.56 79.05
CA TYR DA 236 -2.38 77.61 78.13
C TYR DA 236 -3.31 77.28 76.96
N LEU DA 237 -3.00 77.82 75.78
CA LEU DA 237 -3.71 77.53 74.51
C LEU DA 237 -2.94 76.47 73.70
N SER DA 238 -3.68 75.54 73.08
CA SER DA 238 -3.14 74.51 72.17
C SER DA 238 -4.05 74.38 70.95
N SER DA 239 -3.48 74.02 69.81
CA SER DA 239 -4.13 74.01 68.48
C SER DA 239 -3.50 72.89 67.64
N ALA DA 240 -4.29 72.26 66.78
CA ALA DA 240 -3.82 71.35 65.71
C ALA DA 240 -4.85 71.42 64.58
N ASP DA 241 -4.58 72.23 63.56
CA ASP DA 241 -5.54 72.45 62.44
C ASP DA 241 -4.85 72.14 61.11
N VAL DA 242 -4.78 70.85 60.79
CA VAL DA 242 -4.26 70.32 59.51
C VAL DA 242 -5.48 70.09 58.60
N ALA DA 243 -5.76 71.02 57.71
CA ALA DA 243 -6.99 71.08 56.87
C ALA DA 243 -7.01 69.93 55.87
N GLY DA 244 -5.83 69.40 55.55
CA GLY DA 244 -5.63 68.30 54.58
C GLY DA 244 -4.29 68.42 53.88
N THR DA 245 -4.21 67.98 52.63
CA THR DA 245 -2.97 68.00 51.82
C THR DA 245 -3.21 68.85 50.56
N PHE DA 246 -2.18 69.56 50.14
CA PHE DA 246 -2.06 70.14 48.78
C PHE DA 246 -1.43 69.09 47.86
N VAL DA 247 -2.09 68.79 46.74
CA VAL DA 247 -1.60 67.83 45.69
C VAL DA 247 -1.09 68.67 44.52
N GLN DA 248 0.21 68.63 44.23
CA GLN DA 248 0.86 69.48 43.21
C GLN DA 248 0.82 68.80 41.84
N GLN DA 249 0.45 69.55 40.80
CA GLN DA 249 0.48 69.09 39.39
C GLN DA 249 1.91 68.61 39.06
N THR DA 250 2.02 67.67 38.11
CA THR DA 250 3.30 67.22 37.51
C THR DA 250 4.05 66.33 38.52
N SER DA 251 4.51 66.87 39.64
CA SER DA 251 5.23 66.11 40.69
C SER DA 251 4.29 65.05 41.29
N GLN DA 252 3.01 65.40 41.43
CA GLN DA 252 1.96 64.59 42.11
C GLN DA 252 2.42 64.28 43.54
N LYS DA 253 3.20 65.18 44.12
CA LYS DA 253 3.63 65.13 45.54
C LYS DA 253 2.54 65.80 46.41
N GLN DA 254 2.45 65.37 47.66
CA GLN DA 254 1.47 65.91 48.65
C GLN DA 254 2.22 66.68 49.73
N TYR DA 255 1.64 67.79 50.17
CA TYR DA 255 2.15 68.67 51.26
C TYR DA 255 1.01 68.88 52.26
N TRP DA 256 1.26 68.64 53.55
CA TRP DA 256 0.33 69.00 54.64
C TRP DA 256 0.08 70.51 54.58
N ARG DA 257 -1.19 70.91 54.71
CA ARG DA 257 -1.63 72.33 54.79
C ARG DA 257 -2.26 72.59 56.16
N GLY DA 258 -1.71 73.55 56.90
CA GLY DA 258 -2.20 73.96 58.23
C GLY DA 258 -2.90 75.30 58.18
N LEU DA 259 -3.78 75.56 59.14
CA LEU DA 259 -4.46 76.87 59.29
C LEU DA 259 -4.32 77.39 60.71
N PRO DA 260 -4.30 78.72 60.90
CA PRO DA 260 -4.20 79.31 62.22
C PRO DA 260 -5.55 79.26 62.93
N ARG DA 261 -5.52 79.22 64.27
CA ARG DA 261 -6.74 79.26 65.12
C ARG DA 261 -6.71 80.53 65.97
N TYR DA 262 -7.83 81.26 65.96
CA TYR DA 262 -8.07 82.45 66.81
C TYR DA 262 -8.74 82.03 68.11
N PHE DA 263 -8.30 82.60 69.22
CA PHE DA 263 -8.92 82.40 70.55
C PHE DA 263 -9.38 83.74 71.14
N ASN DA 264 -10.51 83.74 71.82
CA ASN DA 264 -10.99 84.88 72.64
C ASN DA 264 -11.54 84.32 73.94
N ILE DA 265 -10.71 84.29 74.99
CA ILE DA 265 -11.06 83.64 76.29
C ILE DA 265 -11.58 84.73 77.24
N THR DA 266 -12.73 84.48 77.86
CA THR DA 266 -13.26 85.29 78.99
C THR DA 266 -12.86 84.61 80.30
N LEU DA 267 -12.16 85.33 81.16
CA LEU DA 267 -11.76 84.82 82.50
C LEU DA 267 -12.35 85.71 83.60
N ARG DA 268 -12.47 85.15 84.80
CA ARG DA 268 -12.98 85.85 86.01
C ARG DA 268 -12.13 85.42 87.20
N LYS DA 269 -12.04 86.25 88.24
CA LYS DA 269 -11.26 85.95 89.46
C LYS DA 269 -12.02 84.91 90.29
N ARG DA 270 -11.32 83.87 90.74
CA ARG DA 270 -11.86 82.81 91.63
C ARG DA 270 -10.92 82.67 92.82
N ALA DA 271 -11.48 82.51 94.03
CA ALA DA 271 -10.74 82.35 95.30
C ALA DA 271 -10.45 80.86 95.52
N VAL DA 272 -9.34 80.55 96.18
CA VAL DA 272 -8.86 79.15 96.44
C VAL DA 272 -8.20 79.10 97.83
N LYS DA 273 -8.23 77.92 98.48
CA LYS DA 273 -7.73 77.69 99.86
C LYS DA 273 -6.19 77.65 99.89
N ILE EA 7 -53.71 -46.33 90.65
CA ILE EA 7 -54.39 -46.28 89.31
C ILE EA 7 -53.38 -45.80 88.25
N GLU EA 8 -53.17 -46.55 87.17
CA GLU EA 8 -52.38 -46.10 85.99
C GLU EA 8 -53.26 -45.15 85.17
N VAL EA 9 -52.85 -43.87 85.07
CA VAL EA 9 -53.63 -42.78 84.42
C VAL EA 9 -53.26 -42.75 82.94
N LEU EA 10 -54.23 -42.62 82.04
CA LEU EA 10 -54.00 -42.61 80.57
C LEU EA 10 -54.41 -41.26 79.98
N ASP EA 11 -54.93 -41.26 78.75
CA ASP EA 11 -55.28 -40.05 77.96
C ASP EA 11 -56.52 -39.38 78.58
N VAL EA 12 -56.66 -38.08 78.36
CA VAL EA 12 -57.86 -37.27 78.72
C VAL EA 12 -58.88 -37.39 77.58
N LYS EA 13 -60.02 -38.06 77.79
CA LYS EA 13 -61.10 -38.13 76.78
C LYS EA 13 -61.62 -36.70 76.56
N THR EA 14 -61.57 -36.22 75.31
CA THR EA 14 -62.20 -34.95 74.86
C THR EA 14 -63.36 -35.30 73.93
N GLY EA 15 -64.19 -34.31 73.60
CA GLY EA 15 -65.41 -34.49 72.79
C GLY EA 15 -66.63 -33.97 73.55
N PRO EA 16 -67.84 -34.09 72.96
CA PRO EA 16 -69.06 -33.66 73.65
C PRO EA 16 -69.33 -34.50 74.91
N ASP EA 17 -69.96 -33.87 75.91
CA ASP EA 17 -70.33 -34.50 77.21
C ASP EA 17 -69.09 -35.06 77.89
N SER EA 18 -67.90 -34.45 77.72
CA SER EA 18 -66.63 -34.95 78.30
C SER EA 18 -66.17 -34.11 79.49
N THR EA 19 -66.76 -32.92 79.66
CA THR EA 19 -66.59 -32.07 80.88
C THR EA 19 -67.94 -31.86 81.55
N THR EA 20 -67.93 -31.55 82.84
CA THR EA 20 -69.13 -31.21 83.66
C THR EA 20 -68.69 -30.32 84.83
N THR EA 21 -69.61 -29.53 85.37
CA THR EA 21 -69.40 -28.73 86.60
C THR EA 21 -70.33 -29.23 87.70
N ILE EA 22 -69.89 -29.10 88.95
CA ILE EA 22 -70.67 -29.45 90.18
C ILE EA 22 -70.68 -28.22 91.08
N GLU EA 23 -71.87 -27.70 91.38
CA GLU EA 23 -72.12 -26.70 92.46
C GLU EA 23 -72.50 -27.45 93.74
N ALA EA 24 -71.91 -27.07 94.86
CA ALA EA 24 -72.27 -27.57 96.21
C ALA EA 24 -71.93 -26.49 97.24
N TYR EA 25 -72.57 -26.54 98.41
CA TYR EA 25 -72.17 -25.75 99.60
C TYR EA 25 -72.10 -26.72 100.78
N LEU EA 26 -71.13 -26.49 101.67
CA LEU EA 26 -71.07 -27.14 103.00
C LEU EA 26 -71.39 -26.10 104.06
N ASN EA 27 -72.46 -26.34 104.84
CA ASN EA 27 -72.79 -25.50 106.02
C ASN EA 27 -71.85 -25.91 107.15
N PRO EA 28 -71.50 -24.95 108.04
CA PRO EA 28 -70.52 -25.22 109.10
C PRO EA 28 -71.11 -26.15 110.18
N ARG EA 29 -70.25 -26.93 110.83
CA ARG EA 29 -70.64 -27.85 111.93
C ARG EA 29 -69.80 -27.49 113.16
N VAL EA 30 -70.16 -26.39 113.82
CA VAL EA 30 -69.41 -25.81 114.97
C VAL EA 30 -69.97 -26.34 116.29
N GLY EA 31 -70.84 -27.37 116.25
CA GLY EA 31 -71.43 -28.01 117.44
C GLY EA 31 -72.95 -27.99 117.41
N GLN EA 32 -73.53 -26.99 116.74
CA GLN EA 32 -74.96 -26.97 116.34
C GLN EA 32 -75.01 -26.62 114.85
N ASN EA 33 -76.21 -26.50 114.28
CA ASN EA 33 -76.38 -26.48 112.81
C ASN EA 33 -76.64 -25.06 112.29
N TRP EA 34 -76.66 -24.05 113.15
CA TRP EA 34 -77.10 -22.69 112.75
C TRP EA 34 -75.98 -21.67 112.96
N GLY EA 35 -74.72 -22.13 112.88
CA GLY EA 35 -73.54 -21.28 112.71
C GLY EA 35 -72.90 -20.87 114.02
N PHE EA 36 -73.49 -21.26 115.16
CA PHE EA 36 -72.91 -21.00 116.50
C PHE EA 36 -72.90 -22.28 117.34
N SER EA 37 -71.80 -22.46 118.06
CA SER EA 37 -71.66 -23.45 119.16
C SER EA 37 -72.48 -22.98 120.36
N THR EA 38 -72.66 -23.85 121.34
CA THR EA 38 -73.07 -23.50 122.72
C THR EA 38 -71.85 -22.88 123.39
N GLU EA 39 -72.03 -22.27 124.58
CA GLU EA 39 -70.95 -21.54 125.26
C GLU EA 39 -69.71 -22.44 125.39
N ILE EA 40 -68.54 -21.86 125.14
CA ILE EA 40 -67.24 -22.55 125.33
C ILE EA 40 -67.03 -22.67 126.85
N THR EA 41 -66.73 -23.87 127.33
CA THR EA 41 -66.47 -24.16 128.77
C THR EA 41 -65.01 -24.57 128.91
N VAL EA 42 -64.44 -24.36 130.09
CA VAL EA 42 -63.02 -24.66 130.41
C VAL EA 42 -62.99 -25.50 131.68
N ALA EA 43 -62.49 -26.73 131.59
CA ALA EA 43 -62.26 -27.63 132.74
C ALA EA 43 -61.39 -26.90 133.78
N SER EA 44 -61.68 -27.07 135.06
CA SER EA 44 -60.79 -26.62 136.17
C SER EA 44 -59.55 -27.52 136.23
N ASN EA 45 -58.38 -26.93 136.45
CA ASN EA 45 -57.10 -27.68 136.58
C ASN EA 45 -57.34 -28.88 137.51
N GLY EA 46 -56.96 -30.07 137.06
CA GLY EA 46 -57.02 -31.32 137.86
C GLY EA 46 -58.30 -32.10 137.64
N TYR EA 47 -59.34 -31.49 137.06
CA TYR EA 47 -60.63 -32.16 136.74
C TYR EA 47 -60.59 -32.66 135.29
N ASN EA 48 -61.54 -33.53 134.92
CA ASN EA 48 -61.65 -34.06 133.54
C ASN EA 48 -61.86 -32.91 132.56
N ASP EA 49 -61.16 -32.98 131.42
CA ASP EA 49 -61.41 -32.11 130.24
C ASP EA 49 -62.53 -32.77 129.42
N ALA EA 50 -63.79 -32.41 129.68
CA ALA EA 50 -64.97 -33.06 129.10
C ALA EA 50 -65.91 -32.01 128.52
N PRO EA 51 -65.58 -31.46 127.34
CA PRO EA 51 -66.41 -30.43 126.71
C PRO EA 51 -67.73 -31.03 126.21
N HIS EA 52 -68.75 -30.17 126.15
CA HIS EA 52 -70.11 -30.49 125.62
C HIS EA 52 -70.01 -30.82 124.14
N LEU EA 53 -70.81 -31.77 123.65
CA LEU EA 53 -70.89 -32.11 122.21
C LEU EA 53 -71.03 -30.81 121.41
N THR EA 54 -71.90 -29.90 121.86
CA THR EA 54 -72.39 -28.74 121.08
C THR EA 54 -71.42 -27.55 121.19
N GLU EA 55 -70.22 -27.73 121.74
CA GLU EA 55 -69.22 -26.64 121.89
C GLU EA 55 -67.94 -26.98 121.12
N ILE EA 56 -67.96 -28.08 120.35
CA ILE EA 56 -66.78 -28.64 119.64
C ILE EA 56 -66.99 -28.57 118.15
N PRO EA 57 -66.29 -27.65 117.44
CA PRO EA 57 -66.38 -27.58 115.98
C PRO EA 57 -65.72 -28.78 115.30
N CYS EA 58 -66.38 -29.24 114.24
CA CYS EA 58 -66.02 -30.42 113.42
C CYS EA 58 -65.86 -30.03 111.94
N TYR EA 59 -65.09 -30.84 111.21
CA TYR EA 59 -65.00 -30.79 109.73
C TYR EA 59 -66.39 -31.03 109.16
N SER EA 60 -66.86 -30.12 108.31
CA SER EA 60 -67.97 -30.35 107.35
C SER EA 60 -67.44 -31.22 106.20
N SER EA 61 -68.28 -32.10 105.66
CA SER EA 61 -67.89 -33.11 104.66
C SER EA 61 -69.14 -33.58 103.92
N ALA EA 62 -69.03 -33.78 102.60
CA ALA EA 62 -70.10 -34.36 101.76
C ALA EA 62 -69.47 -35.14 100.61
N ARG EA 63 -70.18 -36.15 100.13
CA ARG EA 63 -69.85 -36.88 98.89
C ARG EA 63 -70.92 -36.55 97.86
N ILE EA 64 -70.54 -35.83 96.79
CA ILE EA 64 -71.46 -35.50 95.67
C ILE EA 64 -71.41 -36.65 94.67
N SER EA 65 -72.57 -37.15 94.26
CA SER EA 65 -72.74 -38.18 93.21
C SER EA 65 -72.51 -37.54 91.84
N LEU EA 66 -71.59 -38.13 91.04
CA LEU EA 66 -71.26 -37.68 89.67
C LEU EA 66 -72.01 -38.56 88.68
N PRO EA 67 -72.26 -38.09 87.43
CA PRO EA 67 -72.84 -38.94 86.39
C PRO EA 67 -72.10 -40.27 86.26
N LEU EA 68 -72.82 -41.39 86.15
CA LEU EA 68 -72.23 -42.75 86.00
C LEU EA 68 -71.48 -42.80 84.67
N LEU EA 69 -70.32 -43.45 84.61
CA LEU EA 69 -69.44 -43.40 83.41
C LEU EA 69 -69.43 -44.72 82.64
N ASN EA 70 -69.25 -45.86 83.31
CA ASN EA 70 -68.94 -47.13 82.60
C ASN EA 70 -70.24 -47.96 82.49
N THR EA 77 -60.35 -50.05 78.73
CA THR EA 77 -59.98 -48.87 79.56
C THR EA 77 -61.26 -48.31 80.21
N LEU EA 78 -61.26 -48.14 81.53
CA LEU EA 78 -62.34 -47.50 82.32
C LEU EA 78 -62.15 -45.98 82.31
N LEU EA 79 -63.25 -45.24 82.52
CA LEU EA 79 -63.24 -43.75 82.66
C LEU EA 79 -63.56 -43.35 84.09
N MET EA 80 -62.83 -42.38 84.62
CA MET EA 80 -63.12 -41.72 85.92
C MET EA 80 -63.22 -40.22 85.70
N TRP EA 81 -64.12 -39.55 86.42
CA TRP EA 81 -64.16 -38.07 86.50
C TRP EA 81 -62.88 -37.58 87.17
N GLU EA 82 -62.27 -36.55 86.59
CA GLU EA 82 -61.03 -35.90 87.10
C GLU EA 82 -61.37 -34.46 87.45
N ALA EA 83 -61.21 -34.07 88.71
CA ALA EA 83 -61.41 -32.69 89.19
C ALA EA 83 -60.23 -31.83 88.73
N VAL EA 84 -60.49 -30.80 87.92
CA VAL EA 84 -59.44 -29.99 87.25
C VAL EA 84 -59.22 -28.69 88.03
N SER EA 85 -60.30 -28.02 88.39
CA SER EA 85 -60.28 -26.69 89.03
C SER EA 85 -61.47 -26.55 89.97
N VAL EA 86 -61.38 -25.65 90.95
CA VAL EA 86 -62.52 -25.29 91.86
C VAL EA 86 -62.50 -23.78 92.09
N LYS EA 87 -63.65 -23.14 91.85
CA LYS EA 87 -63.97 -21.79 92.39
C LYS EA 87 -64.61 -22.03 93.76
N THR EA 88 -64.03 -21.52 94.84
CA THR EA 88 -64.60 -21.65 96.21
C THR EA 88 -64.68 -20.28 96.88
N GLU EA 89 -65.69 -20.09 97.74
CA GLU EA 89 -65.92 -18.82 98.47
C GLU EA 89 -66.47 -19.11 99.86
N VAL EA 90 -66.02 -18.34 100.85
CA VAL EA 90 -66.62 -18.34 102.22
C VAL EA 90 -67.82 -17.40 102.17
N VAL EA 91 -69.02 -17.96 102.36
CA VAL EA 91 -70.31 -17.24 102.19
C VAL EA 91 -70.65 -16.54 103.51
N GLY EA 92 -71.24 -15.36 103.42
CA GLY EA 92 -71.78 -14.61 104.57
C GLY EA 92 -70.69 -13.96 105.41
N ILE EA 93 -69.55 -13.62 104.81
CA ILE EA 93 -68.48 -12.83 105.48
C ILE EA 93 -69.09 -11.51 105.94
N SER EA 94 -69.88 -10.86 105.09
CA SER EA 94 -70.50 -9.55 105.35
C SER EA 94 -71.39 -9.61 106.61
N SER EA 95 -71.84 -10.80 107.01
CA SER EA 95 -72.71 -11.03 108.19
C SER EA 95 -72.04 -10.50 109.45
N MET EA 96 -70.71 -10.39 109.45
CA MET EA 96 -69.90 -10.03 110.64
C MET EA 96 -69.88 -8.50 110.84
N LEU EA 97 -70.29 -7.69 109.87
CA LEU EA 97 -70.41 -6.22 110.06
C LEU EA 97 -71.71 -5.93 110.82
N ASN EA 98 -71.74 -6.35 112.09
CA ASN EA 98 -72.94 -6.29 112.98
C ASN EA 98 -72.47 -5.94 114.39
N MET EA 99 -72.76 -4.73 114.86
CA MET EA 99 -72.31 -4.26 116.20
C MET EA 99 -73.53 -4.01 117.12
N HIS EA 100 -74.69 -4.59 116.80
CA HIS EA 100 -75.96 -4.36 117.54
C HIS EA 100 -76.51 -5.66 118.15
N SER EA 101 -76.09 -6.83 117.67
CA SER EA 101 -76.67 -8.15 118.05
C SER EA 101 -75.94 -8.72 119.28
N TYR EA 102 -76.06 -8.03 120.41
CA TYR EA 102 -75.83 -8.53 121.79
C TYR EA 102 -74.34 -8.69 122.10
N GLY EA 103 -73.45 -8.17 121.26
CA GLY EA 103 -72.00 -8.32 121.47
C GLY EA 103 -71.53 -7.55 122.69
N LEU EA 104 -70.52 -8.07 123.40
CA LEU EA 104 -69.82 -7.33 124.49
C LEU EA 104 -69.49 -5.93 123.98
N ARG EA 105 -69.82 -4.90 124.75
CA ARG EA 105 -69.81 -3.49 124.27
C ARG EA 105 -68.45 -2.86 124.55
N ALA EA 106 -67.95 -2.11 123.55
CA ALA EA 106 -66.62 -1.46 123.57
C ALA EA 106 -66.70 -0.14 124.34
N PHE EA 107 -65.55 0.42 124.68
CA PHE EA 107 -65.39 1.77 125.29
C PHE EA 107 -66.29 1.86 126.53
N GLY EA 108 -66.04 0.93 127.47
CA GLY EA 108 -66.65 0.89 128.81
C GLY EA 108 -68.15 0.64 128.77
N GLY EA 109 -68.67 0.05 127.70
CA GLY EA 109 -70.10 -0.34 127.58
C GLY EA 109 -70.93 0.68 126.83
N TYR EA 110 -70.35 1.82 126.43
CA TYR EA 110 -71.09 2.93 125.74
C TYR EA 110 -71.04 2.77 124.22
N GLY EA 111 -70.07 2.00 123.71
CA GLY EA 111 -69.88 1.76 122.27
C GLY EA 111 -70.72 0.60 121.77
N GLY EA 112 -70.43 0.10 120.57
CA GLY EA 112 -71.15 -1.00 119.92
C GLY EA 112 -70.63 -2.35 120.35
N GLY EA 113 -71.34 -3.42 119.99
CA GLY EA 113 -70.96 -4.81 120.30
C GLY EA 113 -69.72 -5.24 119.52
N TYR EA 114 -68.91 -6.12 120.13
CA TYR EA 114 -67.75 -6.78 119.49
C TYR EA 114 -68.23 -7.59 118.28
N THR EA 115 -67.62 -7.37 117.12
CA THR EA 115 -67.74 -8.27 115.95
C THR EA 115 -66.99 -9.55 116.27
N ILE EA 116 -67.32 -10.62 115.56
CA ILE EA 116 -66.62 -11.95 115.66
C ILE EA 116 -65.12 -11.66 115.66
N GLU EA 117 -64.40 -12.23 116.63
CA GLU EA 117 -62.93 -12.10 116.76
C GLU EA 117 -62.36 -13.32 117.46
N GLY EA 118 -61.03 -13.41 117.53
CA GLY EA 118 -60.30 -14.49 118.20
C GLY EA 118 -59.75 -15.51 117.20
N SER EA 119 -59.26 -16.62 117.72
CA SER EA 119 -58.63 -17.71 116.94
C SER EA 119 -59.63 -18.23 115.90
N HIS EA 120 -59.14 -18.50 114.70
CA HIS EA 120 -59.98 -18.91 113.54
C HIS EA 120 -59.17 -19.84 112.64
N ILE EA 121 -59.86 -20.74 111.93
CA ILE EA 121 -59.26 -21.63 110.91
C ILE EA 121 -60.16 -21.59 109.67
N HIS EA 122 -59.54 -21.58 108.49
CA HIS EA 122 -60.26 -21.66 107.19
C HIS EA 122 -59.58 -22.72 106.33
N PHE EA 123 -60.35 -23.69 105.87
CA PHE EA 123 -59.81 -24.90 105.23
C PHE EA 123 -60.84 -25.50 104.27
N PHE EA 124 -60.36 -26.02 103.14
CA PHE EA 124 -61.19 -26.77 102.16
C PHE EA 124 -60.31 -27.81 101.50
N SER EA 125 -60.94 -28.90 101.07
CA SER EA 125 -60.30 -30.00 100.31
C SER EA 125 -61.27 -30.49 99.24
N VAL EA 126 -60.73 -30.84 98.07
CA VAL EA 126 -61.43 -31.55 96.96
C VAL EA 126 -60.65 -32.83 96.70
N GLY EA 127 -61.35 -33.96 96.56
CA GLY EA 127 -60.72 -35.28 96.43
C GLY EA 127 -61.61 -36.29 95.74
N GLY EA 128 -61.01 -37.38 95.28
CA GLY EA 128 -61.71 -38.51 94.65
C GLY EA 128 -62.03 -39.61 95.65
N GLU EA 129 -61.75 -39.36 96.92
CA GLU EA 129 -62.02 -40.27 98.05
C GLU EA 129 -62.05 -39.44 99.33
N PRO EA 130 -62.52 -40.01 100.46
CA PRO EA 130 -62.45 -39.32 101.74
C PRO EA 130 -61.04 -38.80 102.04
N LEU EA 131 -60.98 -37.60 102.64
CA LEU EA 131 -59.72 -36.95 103.08
C LEU EA 131 -59.08 -37.80 104.18
N ASP EA 132 -57.79 -38.07 104.09
CA ASP EA 132 -57.03 -38.83 105.11
C ASP EA 132 -56.68 -37.86 106.26
N LEU EA 133 -57.01 -38.26 107.49
CA LEU EA 133 -56.79 -37.48 108.73
C LEU EA 133 -55.68 -38.14 109.54
N GLN EA 134 -54.83 -37.30 110.15
CA GLN EA 134 -53.82 -37.68 111.17
C GLN EA 134 -54.30 -37.16 112.53
N GLY EA 135 -54.22 -38.01 113.56
CA GLY EA 135 -54.57 -37.61 114.93
C GLY EA 135 -53.47 -36.77 115.55
N LEU EA 136 -53.82 -35.56 115.97
CA LEU EA 136 -52.96 -34.72 116.84
C LEU EA 136 -53.86 -33.72 117.58
N MET EA 137 -53.71 -33.68 118.92
CA MET EA 137 -54.59 -32.93 119.85
C MET EA 137 -53.71 -32.22 120.90
N GLN EA 138 -54.24 -31.17 121.52
CA GLN EA 138 -53.51 -30.36 122.54
C GLN EA 138 -53.46 -31.14 123.87
N ASN EA 139 -54.54 -31.85 124.22
CA ASN EA 139 -54.65 -32.63 125.48
C ASN EA 139 -55.13 -34.05 125.15
N HIS EA 140 -54.25 -35.03 125.30
CA HIS EA 140 -54.50 -36.45 124.95
C HIS EA 140 -55.72 -36.99 125.72
N SER EA 141 -55.99 -36.41 126.89
CA SER EA 141 -57.00 -36.89 127.87
C SER EA 141 -58.39 -36.30 127.59
N THR EA 142 -58.52 -35.39 126.62
CA THR EA 142 -59.83 -34.79 126.26
C THR EA 142 -60.86 -35.91 126.06
N GLN EA 143 -62.04 -35.77 126.66
CA GLN EA 143 -63.18 -36.73 126.54
C GLN EA 143 -64.18 -36.17 125.54
N TYR EA 144 -64.24 -36.74 124.32
CA TYR EA 144 -65.20 -36.35 123.27
C TYR EA 144 -66.48 -37.16 123.46
N PRO EA 145 -67.63 -36.50 123.68
CA PRO EA 145 -68.91 -37.21 123.73
C PRO EA 145 -69.26 -37.89 122.41
N SER EA 146 -69.87 -39.07 122.47
CA SER EA 146 -70.51 -39.75 121.32
C SER EA 146 -71.57 -38.80 120.76
N PRO EA 147 -71.78 -38.73 119.42
CA PRO EA 147 -71.12 -39.61 118.44
C PRO EA 147 -69.81 -39.11 117.79
N LEU EA 148 -69.16 -38.10 118.37
CA LEU EA 148 -67.87 -37.57 117.86
C LEU EA 148 -66.84 -38.69 117.89
N VAL EA 149 -65.81 -38.58 117.06
CA VAL EA 149 -64.72 -39.60 116.95
C VAL EA 149 -63.39 -38.87 117.16
N GLY EA 150 -62.63 -39.28 118.17
CA GLY EA 150 -61.29 -38.73 118.45
C GLY EA 150 -60.22 -39.79 118.22
N PRO EA 151 -58.93 -39.40 118.22
CA PRO EA 151 -57.84 -40.35 118.02
C PRO EA 151 -57.84 -41.40 119.15
N LYS EA 152 -58.03 -42.66 118.79
CA LYS EA 152 -57.95 -43.83 119.69
C LYS EA 152 -56.94 -44.81 119.07
N LYS EA 153 -56.12 -45.48 119.89
CA LYS EA 153 -55.36 -46.69 119.47
C LYS EA 153 -56.36 -47.80 119.17
N PRO EA 154 -55.94 -48.95 118.58
CA PRO EA 154 -56.86 -50.07 118.39
C PRO EA 154 -57.48 -50.58 119.70
N ASP EA 155 -56.75 -50.48 120.82
CA ASP EA 155 -57.19 -50.99 122.14
C ASP EA 155 -58.19 -50.02 122.79
N GLY EA 156 -58.45 -48.85 122.20
CA GLY EA 156 -59.45 -47.87 122.69
C GLY EA 156 -58.84 -46.73 123.48
N THR EA 157 -57.58 -46.84 123.90
CA THR EA 157 -56.85 -45.83 124.72
C THR EA 157 -56.39 -44.68 123.82
N THR EA 158 -55.92 -43.60 124.46
CA THR EA 158 -55.29 -42.42 123.81
C THR EA 158 -54.14 -41.94 124.71
N ASP EA 159 -52.89 -42.17 124.32
CA ASP EA 159 -51.72 -41.85 125.19
C ASP EA 159 -51.17 -40.46 124.86
N ASP EA 160 -50.09 -40.06 125.54
CA ASP EA 160 -49.44 -38.73 125.43
C ASP EA 160 -48.97 -38.48 123.99
N SER EA 161 -48.67 -39.54 123.23
CA SER EA 161 -48.10 -39.46 121.86
C SER EA 161 -49.09 -38.77 120.91
N ALA EA 162 -50.38 -38.75 121.23
CA ALA EA 162 -51.43 -38.08 120.44
C ALA EA 162 -51.26 -36.56 120.45
N GLN EA 163 -50.34 -36.02 121.24
CA GLN EA 163 -50.04 -34.55 121.31
C GLN EA 163 -48.91 -34.22 120.32
N VAL EA 164 -48.29 -35.25 119.74
CA VAL EA 164 -47.30 -35.11 118.63
C VAL EA 164 -47.72 -36.07 117.51
N LEU EA 165 -46.82 -36.44 116.62
CA LEU EA 165 -47.14 -37.38 115.51
C LEU EA 165 -46.87 -38.81 115.97
N ASN EA 166 -47.94 -39.60 116.08
CA ASN EA 166 -47.89 -41.08 116.17
C ASN EA 166 -48.76 -41.64 115.03
N PRO EA 167 -48.14 -42.33 114.05
CA PRO EA 167 -48.87 -42.92 112.93
C PRO EA 167 -50.05 -43.83 113.31
N ILE EA 168 -50.10 -44.32 114.55
CA ILE EA 168 -51.18 -45.23 115.02
C ILE EA 168 -52.53 -44.50 114.94
N TYR EA 169 -52.54 -43.17 115.04
CA TYR EA 169 -53.78 -42.34 115.09
C TYR EA 169 -54.09 -41.78 113.69
N LYS EA 170 -54.91 -42.51 112.93
CA LYS EA 170 -55.38 -42.09 111.58
C LYS EA 170 -56.88 -42.35 111.48
N ALA EA 171 -57.53 -41.67 110.54
CA ALA EA 171 -58.97 -41.81 110.25
C ALA EA 171 -59.24 -41.27 108.85
N LYS EA 172 -60.39 -41.62 108.29
CA LYS EA 172 -60.90 -41.08 107.01
C LYS EA 172 -62.07 -40.17 107.36
N LEU EA 173 -62.10 -38.97 106.79
CA LEU EA 173 -63.19 -37.98 107.00
C LEU EA 173 -64.41 -38.46 106.23
N ASP EA 174 -65.12 -39.45 106.79
CA ASP EA 174 -66.18 -40.21 106.09
C ASP EA 174 -67.57 -39.82 106.59
N LYS EA 175 -67.68 -38.90 107.56
CA LYS EA 175 -68.98 -38.49 108.15
C LYS EA 175 -68.93 -36.98 108.45
N ASP EA 176 -69.95 -36.23 108.07
CA ASP EA 176 -70.14 -34.80 108.40
C ASP EA 176 -70.27 -34.66 109.92
N ALA EA 177 -69.80 -33.53 110.48
CA ALA EA 177 -70.13 -33.07 111.86
C ALA EA 177 -69.66 -34.08 112.91
N THR EA 178 -68.65 -34.89 112.59
CA THR EA 178 -68.27 -36.07 113.40
C THR EA 178 -66.82 -35.97 113.89
N TYR EA 179 -65.91 -35.45 113.06
CA TYR EA 179 -64.46 -35.41 113.33
C TYR EA 179 -64.10 -34.01 113.82
N PRO EA 180 -63.74 -33.84 115.12
CA PRO EA 180 -63.40 -32.52 115.65
C PRO EA 180 -62.13 -31.97 114.99
N ILE EA 181 -62.17 -30.67 114.66
CA ILE EA 181 -61.03 -29.94 114.04
C ILE EA 181 -59.83 -30.03 114.97
N GLU EA 182 -60.06 -30.08 116.29
CA GLU EA 182 -59.02 -29.84 117.32
C GLU EA 182 -58.16 -31.09 117.56
N CYS EA 183 -58.54 -32.25 117.03
CA CYS EA 183 -57.79 -33.54 117.24
C CYS EA 183 -57.45 -34.23 115.91
N TRP EA 184 -57.91 -33.70 114.77
CA TRP EA 184 -57.61 -34.23 113.42
C TRP EA 184 -57.11 -33.13 112.50
N CYS EA 185 -55.98 -33.35 111.82
CA CYS EA 185 -55.49 -32.49 110.71
C CYS EA 185 -55.37 -33.33 109.45
N PRO EA 186 -55.33 -32.71 108.25
CA PRO EA 186 -55.04 -33.44 107.02
C PRO EA 186 -53.69 -34.15 107.16
N ASP EA 187 -53.66 -35.43 106.79
CA ASP EA 187 -52.49 -36.34 106.85
C ASP EA 187 -51.61 -36.10 105.61
N PRO EA 188 -50.43 -35.46 105.76
CA PRO EA 188 -49.60 -35.12 104.61
C PRO EA 188 -48.85 -36.33 104.04
N SER EA 189 -48.87 -37.46 104.77
CA SER EA 189 -48.22 -38.75 104.37
C SER EA 189 -49.13 -39.51 103.41
N ARG EA 190 -50.36 -39.04 103.22
CA ARG EA 190 -51.37 -39.68 102.33
C ARG EA 190 -52.04 -38.58 101.49
N ASN EA 191 -53.35 -38.68 101.25
CA ASN EA 191 -54.11 -37.68 100.46
C ASN EA 191 -53.47 -37.50 99.08
N GLU EA 192 -52.94 -38.55 98.46
CA GLU EA 192 -52.39 -38.50 97.07
C GLU EA 192 -53.52 -38.08 96.12
N ASN EA 193 -54.77 -38.49 96.39
CA ASN EA 193 -55.95 -38.30 95.50
C ASN EA 193 -56.87 -37.20 96.05
N SER EA 194 -56.34 -36.32 96.91
CA SER EA 194 -57.06 -35.13 97.44
C SER EA 194 -56.12 -33.91 97.34
N ARG EA 195 -56.69 -32.73 97.15
CA ARG EA 195 -55.95 -31.44 97.28
C ARG EA 195 -56.57 -30.67 98.44
N TYR EA 196 -55.77 -30.31 99.45
CA TYR EA 196 -56.27 -29.57 100.64
C TYR EA 196 -55.46 -28.29 100.85
N PHE EA 197 -56.15 -27.29 101.41
CA PHE EA 197 -55.65 -25.90 101.64
C PHE EA 197 -56.23 -25.37 102.95
N GLY EA 198 -55.37 -24.96 103.87
CA GLY EA 198 -55.81 -24.50 105.20
C GLY EA 198 -54.90 -23.43 105.76
N SER EA 199 -55.48 -22.52 106.54
CA SER EA 199 -54.75 -21.46 107.29
C SER EA 199 -55.40 -21.27 108.66
N TYR EA 200 -54.62 -21.39 109.73
CA TYR EA 200 -55.05 -21.13 111.12
C TYR EA 200 -54.36 -19.86 111.63
N THR EA 201 -55.10 -19.04 112.38
CA THR EA 201 -54.58 -17.86 113.11
C THR EA 201 -55.04 -17.96 114.58
N GLY EA 202 -54.11 -17.84 115.53
CA GLY EA 202 -54.41 -17.88 116.97
C GLY EA 202 -54.76 -16.50 117.52
N GLY EA 203 -54.62 -16.33 118.83
CA GLY EA 203 -54.82 -15.05 119.54
C GLY EA 203 -56.16 -14.98 120.23
N VAL EA 204 -56.33 -14.01 121.12
CA VAL EA 204 -57.54 -13.89 122.00
C VAL EA 204 -58.59 -13.01 121.30
N GLU EA 205 -58.17 -11.88 120.74
CA GLU EA 205 -59.06 -10.85 120.14
C GLU EA 205 -58.67 -10.60 118.68
N THR EA 206 -57.96 -11.56 118.05
CA THR EA 206 -57.42 -11.42 116.67
C THR EA 206 -58.56 -11.13 115.69
N PRO EA 207 -58.43 -10.08 114.84
CA PRO EA 207 -59.47 -9.76 113.88
C PRO EA 207 -59.42 -10.73 112.71
N PRO EA 208 -60.56 -11.31 112.31
CA PRO EA 208 -60.63 -12.08 111.07
C PRO EA 208 -60.43 -11.16 109.86
N VAL EA 209 -59.67 -11.63 108.88
CA VAL EA 209 -59.47 -10.97 107.56
C VAL EA 209 -59.89 -11.98 106.50
N LEU EA 210 -61.02 -11.72 105.82
CA LEU EA 210 -61.55 -12.62 104.75
C LEU EA 210 -61.88 -11.78 103.52
N SER EA 211 -61.52 -12.29 102.35
CA SER EA 211 -61.84 -11.70 101.03
C SER EA 211 -62.83 -12.60 100.29
N PHE EA 212 -63.58 -12.02 99.35
CA PHE EA 212 -64.57 -12.76 98.53
C PHE EA 212 -64.60 -12.14 97.13
N THR EA 213 -64.51 -13.00 96.10
CA THR EA 213 -64.57 -12.60 94.67
C THR EA 213 -65.03 -13.80 93.84
N ASN EA 214 -65.73 -13.53 92.74
CA ASN EA 214 -66.14 -14.58 91.77
C ASN EA 214 -65.12 -14.64 90.62
N THR EA 215 -63.90 -14.11 90.82
CA THR EA 215 -62.82 -14.07 89.79
C THR EA 215 -61.69 -15.04 90.12
N SER EA 216 -61.66 -15.64 91.32
CA SER EA 216 -60.59 -16.59 91.73
C SER EA 216 -60.89 -17.99 91.18
N THR EA 217 -59.85 -18.75 90.88
CA THR EA 217 -59.90 -20.21 90.56
C THR EA 217 -58.67 -20.90 91.15
N THR EA 218 -58.86 -22.06 91.77
CA THR EA 218 -57.76 -22.91 92.28
C THR EA 218 -57.62 -24.12 91.36
N ILE EA 219 -56.45 -24.28 90.73
CA ILE EA 219 -56.12 -25.45 89.88
C ILE EA 219 -55.84 -26.64 90.80
N LEU EA 220 -56.37 -27.82 90.45
CA LEU EA 220 -56.28 -29.04 91.29
C LEU EA 220 -55.34 -30.07 90.65
N LEU EA 221 -54.80 -29.78 89.46
CA LEU EA 221 -53.85 -30.68 88.77
C LEU EA 221 -52.54 -30.72 89.57
N ASP EA 222 -51.89 -31.88 89.64
CA ASP EA 222 -50.63 -32.09 90.40
C ASP EA 222 -49.42 -31.77 89.50
N GLU EA 223 -48.22 -32.03 90.01
CA GLU EA 223 -46.91 -31.87 89.31
C GLU EA 223 -46.99 -32.48 87.90
N ASN EA 224 -47.77 -33.55 87.70
CA ASN EA 224 -47.88 -34.31 86.42
C ASN EA 224 -49.20 -34.05 85.70
N GLY EA 225 -49.87 -32.94 85.96
CA GLY EA 225 -51.09 -32.53 85.23
C GLY EA 225 -52.28 -33.45 85.46
N VAL EA 226 -52.27 -34.22 86.55
CA VAL EA 226 -53.39 -35.14 86.95
C VAL EA 226 -54.12 -34.53 88.15
N GLY EA 227 -55.44 -34.41 88.05
CA GLY EA 227 -56.31 -33.96 89.15
C GLY EA 227 -56.80 -35.14 90.00
N PRO EA 228 -57.54 -34.87 91.10
CA PRO EA 228 -58.20 -35.94 91.85
C PRO EA 228 -59.10 -36.75 90.91
N LEU EA 229 -58.95 -38.08 90.96
CA LEU EA 229 -59.77 -39.05 90.20
C LEU EA 229 -60.86 -39.59 91.12
N CYS EA 230 -62.12 -39.33 90.78
CA CYS EA 230 -63.31 -39.61 91.62
C CYS EA 230 -63.66 -41.10 91.56
N LYS EA 231 -63.21 -41.85 92.57
CA LYS EA 231 -63.52 -43.30 92.75
C LYS EA 231 -65.01 -43.46 93.03
N GLY EA 232 -65.60 -44.56 92.54
CA GLY EA 232 -67.04 -44.85 92.66
C GLY EA 232 -67.91 -43.70 92.19
N ASP EA 233 -67.44 -42.91 91.23
CA ASP EA 233 -68.20 -41.76 90.63
C ASP EA 233 -68.67 -40.84 91.77
N GLY EA 234 -67.78 -40.58 92.73
CA GLY EA 234 -68.03 -39.70 93.88
C GLY EA 234 -66.97 -38.62 94.02
N LEU EA 235 -67.40 -37.36 94.14
CA LEU EA 235 -66.53 -36.19 94.43
C LEU EA 235 -66.65 -35.85 95.93
N TYR EA 236 -65.53 -35.78 96.63
CA TYR EA 236 -65.45 -35.63 98.10
C TYR EA 236 -65.03 -34.20 98.46
N LEU EA 237 -65.99 -33.41 98.97
CA LEU EA 237 -65.76 -32.03 99.46
C LEU EA 237 -65.62 -32.03 100.99
N SER EA 238 -64.70 -31.23 101.51
CA SER EA 238 -64.49 -31.02 102.97
C SER EA 238 -64.25 -29.53 103.23
N SER EA 239 -64.65 -29.06 104.41
CA SER EA 239 -64.69 -27.63 104.80
C SER EA 239 -64.45 -27.54 106.31
N ALA EA 240 -63.77 -26.48 106.74
CA ALA EA 240 -63.67 -26.08 108.17
C ALA EA 240 -63.49 -24.57 108.20
N ASP EA 241 -64.58 -23.83 108.40
CA ASP EA 241 -64.54 -22.35 108.38
C ASP EA 241 -65.10 -21.79 109.68
N VAL EA 242 -64.25 -21.77 110.70
CA VAL EA 242 -64.53 -21.18 112.03
C VAL EA 242 -63.94 -19.77 112.02
N ALA EA 243 -64.77 -18.76 111.79
CA ALA EA 243 -64.36 -17.35 111.55
C ALA EA 243 -63.76 -16.74 112.82
N GLY EA 244 -64.14 -17.30 113.96
CA GLY EA 244 -63.71 -16.84 115.30
C GLY EA 244 -64.77 -17.11 116.34
N THR EA 245 -64.87 -16.26 117.36
CA THR EA 245 -65.84 -16.38 118.47
C THR EA 245 -66.72 -15.14 118.52
N PHE EA 246 -67.99 -15.33 118.88
CA PHE EA 246 -68.91 -14.27 119.33
C PHE EA 246 -68.73 -14.11 120.85
N VAL EA 247 -68.47 -12.89 121.31
CA VAL EA 247 -68.34 -12.52 122.74
C VAL EA 247 -69.62 -11.80 123.16
N GLN EA 248 -70.41 -12.39 124.06
CA GLN EA 248 -71.74 -11.86 124.45
C GLN EA 248 -71.60 -10.88 125.62
N GLN EA 249 -72.29 -9.73 125.54
CA GLN EA 249 -72.35 -8.74 126.63
C GLN EA 249 -72.90 -9.42 127.89
N THR EA 250 -72.53 -8.91 129.06
CA THR EA 250 -73.09 -9.30 130.38
C THR EA 250 -72.53 -10.67 130.78
N SER EA 251 -72.87 -11.75 130.06
CA SER EA 251 -72.38 -13.12 130.35
C SER EA 251 -70.86 -13.16 130.16
N GLN EA 252 -70.35 -12.43 129.15
CA GLN EA 252 -68.94 -12.44 128.71
C GLN EA 252 -68.53 -13.87 128.36
N LYS EA 253 -69.49 -14.67 127.90
CA LYS EA 253 -69.27 -16.04 127.37
C LYS EA 253 -68.92 -15.94 125.88
N GLN EA 254 -68.15 -16.91 125.39
CA GLN EA 254 -67.70 -16.99 123.98
C GLN EA 254 -68.39 -18.17 123.31
N TYR EA 255 -68.78 -17.99 122.04
CA TYR EA 255 -69.40 -19.01 121.16
C TYR EA 255 -68.62 -19.05 119.85
N TRP EA 256 -68.18 -20.23 119.43
CA TRP EA 256 -67.61 -20.46 118.07
C TRP EA 256 -68.63 -20.03 117.02
N ARG EA 257 -68.19 -19.29 116.01
CA ARG EA 257 -69.00 -18.86 114.84
C ARG EA 257 -68.42 -19.49 113.57
N GLY EA 258 -69.26 -20.26 112.85
CA GLY EA 258 -68.88 -20.92 111.59
C GLY EA 258 -69.53 -20.25 110.40
N LEU EA 259 -68.92 -20.41 109.22
CA LEU EA 259 -69.50 -19.90 107.95
C LEU EA 259 -69.54 -21.01 106.91
N PRO EA 260 -70.51 -20.95 105.97
CA PRO EA 260 -70.61 -21.96 104.93
C PRO EA 260 -69.59 -21.69 103.81
N ARG EA 261 -69.16 -22.74 103.13
CA ARG EA 261 -68.25 -22.65 101.96
C ARG EA 261 -68.96 -23.13 100.70
N TYR EA 262 -68.89 -22.32 99.64
CA TYR EA 262 -69.41 -22.66 98.29
C TYR EA 262 -68.31 -23.32 97.47
N PHE EA 263 -68.66 -24.36 96.73
CA PHE EA 263 -67.75 -25.03 95.77
C PHE EA 263 -68.34 -25.00 94.36
N ASN EA 264 -67.48 -24.81 93.36
CA ASN EA 264 -67.83 -24.98 91.92
C ASN EA 264 -66.69 -25.73 91.25
N ILE EA 265 -66.80 -27.06 91.14
CA ILE EA 265 -65.71 -27.93 90.62
C ILE EA 265 -65.96 -28.18 89.14
N THR EA 266 -64.93 -28.00 88.31
CA THR EA 266 -64.90 -28.40 86.89
C THR EA 266 -64.20 -29.76 86.80
N LEU EA 267 -64.88 -30.77 86.26
CA LEU EA 267 -64.31 -32.12 86.04
C LEU EA 267 -64.32 -32.47 84.56
N ARG EA 268 -63.46 -33.40 84.16
CA ARG EA 268 -63.33 -33.91 82.78
C ARG EA 268 -63.11 -35.43 82.85
N LYS EA 269 -63.49 -36.16 81.79
CA LYS EA 269 -63.31 -37.63 81.73
C LYS EA 269 -61.85 -37.96 81.51
N ARG EA 270 -61.30 -38.88 82.28
CA ARG EA 270 -59.90 -39.39 82.16
C ARG EA 270 -59.95 -40.92 82.09
N ALA EA 271 -59.14 -41.51 81.21
CA ALA EA 271 -59.05 -42.97 81.01
C ALA EA 271 -58.00 -43.54 81.98
N VAL EA 272 -58.20 -44.78 82.42
CA VAL EA 272 -57.33 -45.48 83.41
C VAL EA 272 -57.24 -46.98 83.06
N LYS EA 273 -56.12 -47.63 83.40
CA LYS EA 273 -55.74 -48.98 82.88
C LYS EA 273 -56.51 -50.06 83.67
N GLY FA 6 -76.94 -17.11 79.45
CA GLY FA 6 -77.92 -17.61 78.46
C GLY FA 6 -78.02 -16.75 77.22
N ILE FA 7 -77.10 -15.79 77.01
CA ILE FA 7 -76.77 -15.11 75.72
C ILE FA 7 -75.61 -15.84 75.04
N GLU FA 8 -75.76 -16.27 73.78
CA GLU FA 8 -74.64 -16.81 72.94
C GLU FA 8 -73.80 -15.62 72.45
N VAL FA 9 -72.54 -15.56 72.89
CA VAL FA 9 -71.62 -14.40 72.65
C VAL FA 9 -70.88 -14.63 71.33
N LEU FA 10 -70.77 -13.60 70.48
CA LEU FA 10 -70.11 -13.69 69.16
C LEU FA 10 -68.88 -12.80 69.11
N ASP FA 11 -68.60 -12.21 67.94
CA ASP FA 11 -67.39 -11.38 67.66
C ASP FA 11 -67.49 -10.06 68.41
N VAL FA 12 -66.34 -9.45 68.71
CA VAL FA 12 -66.22 -8.08 69.27
C VAL FA 12 -66.23 -7.08 68.11
N LYS FA 13 -67.28 -6.27 67.95
CA LYS FA 13 -67.32 -5.18 66.94
C LYS FA 13 -66.18 -4.19 67.27
N THR FA 14 -65.28 -3.97 66.32
CA THR FA 14 -64.22 -2.93 66.38
C THR FA 14 -64.54 -1.89 65.29
N GLY FA 15 -63.84 -0.75 65.33
CA GLY FA 15 -64.09 0.41 64.44
C GLY FA 15 -64.37 1.66 65.25
N PRO FA 16 -64.65 2.81 64.60
CA PRO FA 16 -64.99 4.03 65.32
C PRO FA 16 -66.31 3.89 66.09
N ASP FA 17 -66.42 4.61 67.21
CA ASP FA 17 -67.62 4.64 68.09
C ASP FA 17 -67.95 3.22 68.57
N SER FA 18 -66.95 2.35 68.76
CA SER FA 18 -67.15 0.93 69.17
C SER FA 18 -66.75 0.72 70.64
N THR FA 19 -66.01 1.68 71.22
CA THR FA 19 -65.71 1.72 72.68
C THR FA 19 -66.27 3.00 73.28
N THR FA 20 -66.50 2.99 74.59
CA THR FA 20 -66.94 4.17 75.40
C THR FA 20 -66.46 3.98 76.84
N THR FA 21 -66.32 5.09 77.58
CA THR FA 21 -66.03 5.07 79.03
C THR FA 21 -67.21 5.67 79.78
N ILE FA 22 -67.42 5.21 81.02
CA ILE FA 22 -68.45 5.72 81.97
C ILE FA 22 -67.75 6.10 83.26
N GLU FA 23 -67.83 7.37 83.65
CA GLU FA 23 -67.46 7.87 85.00
C GLU FA 23 -68.72 7.88 85.88
N ALA FA 24 -68.62 7.38 87.11
CA ALA FA 24 -69.70 7.41 88.11
C ALA FA 24 -69.06 7.38 89.50
N TYR FA 25 -69.79 7.85 90.51
CA TYR FA 25 -69.43 7.67 91.94
C TYR FA 25 -70.68 7.17 92.66
N LEU FA 26 -70.49 6.29 93.63
CA LEU FA 26 -71.53 5.89 94.61
C LEU FA 26 -71.16 6.49 95.97
N ASN FA 27 -72.03 7.33 96.52
CA ASN FA 27 -71.88 7.83 97.92
C ASN FA 27 -72.33 6.72 98.86
N PRO FA 28 -71.73 6.66 100.07
CA PRO FA 28 -72.02 5.58 101.01
C PRO FA 28 -73.42 5.71 101.61
N ARG FA 29 -74.04 4.58 101.96
CA ARG FA 29 -75.37 4.53 102.60
C ARG FA 29 -75.24 3.78 103.92
N VAL FA 30 -74.67 4.45 104.93
CA VAL FA 30 -74.36 3.86 106.26
C VAL FA 30 -75.52 4.09 107.24
N GLY FA 31 -76.68 4.55 106.74
CA GLY FA 31 -77.90 4.78 107.55
C GLY FA 31 -78.40 6.20 107.42
N GLN FA 32 -77.51 7.15 107.16
CA GLN FA 32 -77.84 8.52 106.71
C GLN FA 32 -76.98 8.81 105.47
N ASN FA 33 -77.08 10.01 104.91
CA ASN FA 33 -76.58 10.31 103.54
C ASN FA 33 -75.26 11.08 103.60
N TRP FA 34 -74.73 11.39 104.78
CA TRP FA 34 -73.56 12.32 104.90
C TRP FA 34 -72.38 11.60 105.55
N GLY FA 35 -72.30 10.28 105.38
CA GLY FA 35 -71.08 9.48 105.64
C GLY FA 35 -71.01 8.91 107.05
N PHE FA 36 -71.98 9.25 107.90
CA PHE FA 36 -72.08 8.71 109.28
C PHE FA 36 -73.48 8.18 109.56
N SER FA 37 -73.53 7.03 110.23
CA SER FA 37 -74.74 6.47 110.87
C SER FA 37 -75.09 7.31 112.10
N THR FA 38 -76.29 7.09 112.65
CA THR FA 38 -76.65 7.50 114.03
C THR FA 38 -75.94 6.53 114.98
N GLU FA 39 -75.94 6.82 116.28
CA GLU FA 39 -75.19 6.02 117.27
C GLU FA 39 -75.56 4.54 117.13
N ILE FA 40 -74.56 3.67 117.20
CA ILE FA 40 -74.76 2.20 117.21
C ILE FA 40 -75.36 1.85 118.56
N THR FA 41 -76.48 1.12 118.57
CA THR FA 41 -77.18 0.66 119.79
C THR FA 41 -77.05 -0.86 119.88
N VAL FA 42 -77.11 -1.39 121.10
CA VAL FA 42 -77.00 -2.84 121.38
C VAL FA 42 -78.19 -3.25 122.23
N ALA FA 43 -79.02 -4.15 121.69
CA ALA FA 43 -80.18 -4.76 122.41
C ALA FA 43 -79.67 -5.39 123.70
N SER FA 44 -80.42 -5.26 124.80
CA SER FA 44 -80.13 -5.97 126.08
C SER FA 44 -80.46 -7.46 125.90
N ASN FA 45 -79.62 -8.33 126.44
CA ASN FA 45 -79.81 -9.81 126.37
C ASN FA 45 -81.28 -10.11 126.72
N GLY FA 46 -81.98 -10.87 125.88
CA GLY FA 46 -83.35 -11.35 126.13
C GLY FA 46 -84.41 -10.44 125.52
N TYR FA 47 -84.06 -9.21 125.14
CA TYR FA 47 -84.98 -8.24 124.49
C TYR FA 47 -84.83 -8.36 122.97
N ASN FA 48 -85.77 -7.78 122.21
CA ASN FA 48 -85.73 -7.76 120.73
C ASN FA 48 -84.45 -7.06 120.27
N ASP FA 49 -83.81 -7.64 119.24
CA ASP FA 49 -82.72 -7.01 118.46
C ASP FA 49 -83.37 -6.14 117.38
N ALA FA 50 -83.61 -4.86 117.67
CA ALA FA 50 -84.37 -3.94 116.80
C ALA FA 50 -83.59 -2.64 116.61
N PRO FA 51 -82.54 -2.67 115.75
CA PRO FA 51 -81.71 -1.48 115.50
C PRO FA 51 -82.51 -0.42 114.73
N HIS FA 52 -82.12 0.84 114.92
CA HIS FA 52 -82.69 2.02 114.24
C HIS FA 52 -82.36 1.93 112.74
N LEU FA 53 -83.28 2.38 111.88
CA LEU FA 53 -83.03 2.46 110.42
C LEU FA 53 -81.67 3.10 110.16
N THR FA 54 -81.38 4.20 110.87
CA THR FA 54 -80.25 5.12 110.56
C THR FA 54 -78.94 4.63 111.18
N GLU FA 55 -78.88 3.41 111.70
CA GLU FA 55 -77.65 2.85 112.32
C GLU FA 55 -77.20 1.59 111.57
N ILE FA 56 -77.84 1.28 110.45
CA ILE FA 56 -77.64 0.04 109.66
C ILE FA 56 -77.08 0.38 108.29
N PRO FA 57 -75.79 0.10 108.03
CA PRO FA 57 -75.20 0.33 106.72
C PRO FA 57 -75.74 -0.65 105.67
N CYS FA 58 -75.95 -0.11 104.47
CA CYS FA 58 -76.52 -0.81 103.29
C CYS FA 58 -75.58 -0.69 102.09
N TYR FA 59 -75.71 -1.64 101.15
CA TYR FA 59 -75.08 -1.58 99.82
C TYR FA 59 -75.56 -0.31 99.11
N SER FA 60 -74.62 0.51 98.64
CA SER FA 60 -74.84 1.53 97.59
C SER FA 60 -74.95 0.83 96.23
N SER FA 61 -75.79 1.34 95.35
CA SER FA 61 -76.14 0.70 94.06
C SER FA 61 -76.70 1.76 93.10
N ALA FA 62 -76.33 1.69 91.83
CA ALA FA 62 -76.87 2.57 90.76
C ALA FA 62 -76.87 1.80 89.44
N ARG FA 63 -77.80 2.14 88.56
CA ARG FA 63 -77.85 1.67 87.16
C ARG FA 63 -77.53 2.87 86.27
N ILE FA 64 -76.39 2.84 85.58
CA ILE FA 64 -76.00 3.90 84.61
C ILE FA 64 -76.60 3.52 83.25
N SER FA 65 -77.28 4.47 82.60
CA SER FA 65 -77.82 4.32 81.22
C SER FA 65 -76.67 4.45 80.21
N LEU FA 66 -76.54 3.44 79.34
CA LEU FA 66 -75.51 3.40 78.26
C LEU FA 66 -76.16 3.86 76.95
N PRO FA 67 -75.38 4.36 75.97
CA PRO FA 67 -75.92 4.68 74.65
C PRO FA 67 -76.75 3.52 74.07
N LEU FA 68 -77.91 3.80 73.49
CA LEU FA 68 -78.80 2.77 72.87
C LEU FA 68 -78.06 2.18 71.67
N LEU FA 69 -78.16 0.86 71.45
CA LEU FA 69 -77.35 0.17 70.41
C LEU FA 69 -78.17 -0.25 69.19
N ASN FA 70 -79.33 -0.87 69.36
CA ASN FA 70 -80.04 -1.55 68.24
C ASN FA 70 -81.15 -0.61 67.77
N LEU FA 78 -77.73 -8.94 67.36
CA LEU FA 78 -77.88 -7.77 68.26
C LEU FA 78 -76.51 -7.42 68.87
N LEU FA 79 -76.35 -6.17 69.30
CA LEU FA 79 -75.14 -5.65 69.99
C LEU FA 79 -75.48 -5.34 71.45
N MET FA 80 -74.59 -5.72 72.37
CA MET FA 80 -74.63 -5.33 73.80
C MET FA 80 -73.30 -4.68 74.17
N TRP FA 81 -73.34 -3.66 75.04
CA TRP FA 81 -72.11 -3.12 75.68
C TRP FA 81 -71.50 -4.18 76.58
N GLU FA 82 -70.19 -4.34 76.49
CA GLU FA 82 -69.39 -5.31 77.28
C GLU FA 82 -68.41 -4.52 78.13
N ALA FA 83 -68.51 -4.63 79.46
CA ALA FA 83 -67.58 -3.99 80.42
C ALA FA 83 -66.26 -4.77 80.41
N VAL FA 84 -65.16 -4.10 80.05
CA VAL FA 84 -63.84 -4.75 79.81
C VAL FA 84 -62.96 -4.55 81.04
N SER FA 85 -62.90 -3.33 81.56
CA SER FA 85 -62.00 -2.95 82.67
C SER FA 85 -62.66 -1.85 83.50
N VAL FA 86 -62.23 -1.68 84.75
CA VAL FA 86 -62.68 -0.58 85.65
C VAL FA 86 -61.47 -0.08 86.44
N LYS FA 87 -61.24 1.23 86.40
CA LYS FA 87 -60.40 1.97 87.38
C LYS FA 87 -61.36 2.38 88.51
N THR FA 88 -61.12 1.94 89.74
CA THR FA 88 -61.96 2.32 90.91
C THR FA 88 -61.07 2.81 92.05
N GLU FA 89 -61.60 3.75 92.85
CA GLU FA 89 -60.87 4.35 93.99
C GLU FA 89 -61.85 4.66 95.13
N VAL FA 90 -61.41 4.43 96.36
CA VAL FA 90 -62.14 4.89 97.59
C VAL FA 90 -61.75 6.35 97.82
N VAL FA 91 -62.71 7.24 97.69
CA VAL FA 91 -62.49 8.72 97.72
C VAL FA 91 -62.52 9.18 99.18
N GLY FA 92 -61.68 10.15 99.52
CA GLY FA 92 -61.67 10.82 100.84
C GLY FA 92 -61.05 9.97 101.93
N ILE FA 93 -60.13 9.06 101.58
CA ILE FA 93 -59.33 8.28 102.56
C ILE FA 93 -58.59 9.28 103.46
N SER FA 94 -57.99 10.31 102.87
CA SER FA 94 -57.17 11.33 103.60
C SER FA 94 -58.01 12.03 104.66
N SER FA 95 -59.35 11.99 104.54
CA SER FA 95 -60.30 12.64 105.48
C SER FA 95 -60.11 12.09 106.90
N MET FA 96 -59.56 10.89 107.02
CA MET FA 96 -59.41 10.16 108.30
C MET FA 96 -58.19 10.67 109.10
N LEU FA 97 -57.25 11.39 108.47
CA LEU FA 97 -56.08 11.95 109.20
C LEU FA 97 -56.52 13.20 109.97
N ASN FA 98 -57.38 13.02 110.97
CA ASN FA 98 -58.10 14.10 111.71
C ASN FA 98 -58.19 13.66 113.18
N MET FA 99 -57.44 14.32 114.06
CA MET FA 99 -57.39 13.99 115.50
C MET FA 99 -57.95 15.14 116.35
N HIS FA 100 -58.74 16.03 115.75
CA HIS FA 100 -59.28 17.25 116.43
C HIS FA 100 -60.81 17.27 116.45
N SER FA 101 -61.47 16.50 115.59
CA SER FA 101 -62.95 16.57 115.38
C SER FA 101 -63.67 15.60 116.34
N TYR FA 102 -63.56 15.87 117.64
CA TYR FA 102 -64.44 15.37 118.73
C TYR FA 102 -64.16 13.90 119.06
N GLY FA 103 -63.09 13.30 118.55
CA GLY FA 103 -62.78 11.89 118.78
C GLY FA 103 -62.42 11.63 120.24
N LEU FA 104 -62.79 10.45 120.76
CA LEU FA 104 -62.34 9.97 122.10
C LEU FA 104 -60.83 10.19 122.20
N ARG FA 105 -60.37 10.80 123.28
CA ARG FA 105 -58.98 11.31 123.38
C ARG FA 105 -58.07 10.25 123.98
N ALA FA 106 -56.87 10.11 123.41
CA ALA FA 106 -55.85 9.10 123.80
C ALA FA 106 -55.07 9.59 125.01
N PHE FA 107 -54.34 8.68 125.65
CA PHE FA 107 -53.38 8.97 126.76
C PHE FA 107 -54.10 9.76 127.85
N GLY FA 108 -55.17 9.15 128.37
CA GLY FA 108 -55.95 9.63 129.53
C GLY FA 108 -56.66 10.94 129.27
N GLY FA 109 -56.93 11.28 128.00
CA GLY FA 109 -57.70 12.48 127.61
C GLY FA 109 -56.82 13.68 127.25
N TYR FA 110 -55.50 13.56 127.37
CA TYR FA 110 -54.54 14.67 127.12
C TYR FA 110 -54.05 14.66 125.67
N GLY FA 111 -54.17 13.52 124.99
CA GLY FA 111 -53.75 13.34 123.58
C GLY FA 111 -54.83 13.76 122.61
N GLY FA 112 -54.68 13.39 121.33
CA GLY FA 112 -55.62 13.74 120.24
C GLY FA 112 -56.76 12.75 120.16
N GLY FA 113 -57.79 13.08 119.37
CA GLY FA 113 -58.96 12.22 119.14
C GLY FA 113 -58.60 10.96 118.36
N TYR FA 114 -59.30 9.86 118.62
CA TYR FA 114 -59.21 8.59 117.85
C TYR FA 114 -59.62 8.86 116.40
N THR FA 115 -58.76 8.47 115.45
CA THR FA 115 -59.13 8.35 114.02
C THR FA 115 -60.09 7.18 113.87
N ILE FA 116 -60.85 7.18 112.78
CA ILE FA 116 -61.77 6.07 112.41
C ILE FA 116 -61.00 4.75 112.62
N GLU FA 117 -61.61 3.81 113.34
CA GLU FA 117 -61.03 2.47 113.62
C GLU FA 117 -62.14 1.45 113.83
N GLY FA 118 -61.76 0.18 113.94
CA GLY FA 118 -62.69 -0.94 114.18
C GLY FA 118 -62.99 -1.71 112.90
N SER FA 119 -63.96 -2.62 112.99
CA SER FA 119 -64.38 -3.51 111.89
C SER FA 119 -64.78 -2.67 110.68
N HIS FA 120 -64.38 -3.13 109.49
CA HIS FA 120 -64.58 -2.40 108.21
C HIS FA 120 -64.75 -3.41 107.07
N ILE FA 121 -65.49 -3.02 106.04
CA ILE FA 121 -65.66 -3.82 104.79
C ILE FA 121 -65.47 -2.87 103.61
N HIS FA 122 -64.80 -3.33 102.57
CA HIS FA 122 -64.62 -2.60 101.29
C HIS FA 122 -64.97 -3.54 100.15
N PHE FA 123 -65.90 -3.11 99.30
CA PHE FA 123 -66.51 -4.00 98.28
C PHE FA 123 -67.03 -3.18 97.11
N PHE FA 124 -66.86 -3.72 95.89
CA PHE FA 124 -67.42 -3.13 94.66
C PHE FA 124 -67.76 -4.28 93.70
N SER FA 125 -68.73 -4.03 92.83
CA SER FA 125 -69.16 -4.96 91.77
C SER FA 125 -69.51 -4.15 90.52
N VAL FA 126 -69.17 -4.68 89.35
CA VAL FA 126 -69.60 -4.18 88.01
C VAL FA 126 -70.31 -5.34 87.32
N GLY FA 127 -71.47 -5.07 86.72
CA GLY FA 127 -72.33 -6.11 86.13
C GLY FA 127 -73.24 -5.57 85.05
N GLY FA 128 -73.78 -6.48 84.24
CA GLY FA 128 -74.76 -6.17 83.17
C GLY FA 128 -76.18 -6.34 83.65
N GLU FA 129 -76.35 -6.61 84.94
CA GLU FA 129 -77.66 -6.76 85.63
C GLU FA 129 -77.45 -6.54 87.11
N PRO FA 130 -78.54 -6.39 87.89
CA PRO FA 130 -78.42 -6.31 89.35
C PRO FA 130 -77.60 -7.45 89.93
N LEU FA 131 -76.79 -7.14 90.94
CA LEU FA 131 -75.96 -8.13 91.70
C LEU FA 131 -76.89 -9.10 92.42
N ASP FA 132 -76.64 -10.40 92.31
CA ASP FA 132 -77.42 -11.46 93.00
C ASP FA 132 -76.91 -11.54 94.45
N LEU FA 133 -77.84 -11.46 95.41
CA LEU FA 133 -77.56 -11.50 96.87
C LEU FA 133 -78.04 -12.83 97.44
N GLN FA 134 -77.26 -13.38 98.37
CA GLN FA 134 -77.61 -14.54 99.23
C GLN FA 134 -77.85 -14.01 100.65
N GLY FA 135 -78.93 -14.47 101.28
CA GLY FA 135 -79.25 -14.11 102.68
C GLY FA 135 -78.37 -14.89 103.64
N LEU FA 136 -77.60 -14.18 104.48
CA LEU FA 136 -76.90 -14.75 105.64
C LEU FA 136 -76.64 -13.63 106.65
N MET FA 137 -77.06 -13.85 107.91
CA MET FA 137 -77.07 -12.85 109.00
C MET FA 137 -76.55 -13.50 110.29
N GLN FA 138 -76.06 -12.69 111.24
CA GLN FA 138 -75.51 -13.15 112.53
C GLN FA 138 -76.65 -13.58 113.46
N ASN FA 139 -77.78 -12.85 113.44
CA ASN FA 139 -78.96 -13.11 114.31
C ASN FA 139 -80.21 -13.14 113.44
N HIS FA 140 -80.81 -14.32 113.26
CA HIS FA 140 -81.99 -14.55 112.38
C HIS FA 140 -83.16 -13.66 112.82
N SER FA 141 -83.20 -13.29 114.11
CA SER FA 141 -84.34 -12.60 114.75
C SER FA 141 -84.21 -11.08 114.63
N THR FA 142 -83.11 -10.56 114.08
CA THR FA 142 -82.93 -9.10 113.88
C THR FA 142 -84.18 -8.53 113.19
N GLN FA 143 -84.72 -7.42 113.73
CA GLN FA 143 -85.88 -6.70 113.16
C GLN FA 143 -85.38 -5.48 112.38
N TYR FA 144 -85.43 -5.55 111.05
CA TYR FA 144 -85.05 -4.43 110.15
C TYR FA 144 -86.27 -3.55 109.93
N PRO FA 145 -86.21 -2.24 110.31
CA PRO FA 145 -87.31 -1.33 110.02
C PRO FA 145 -87.50 -1.14 108.51
N SER FA 146 -88.77 -1.01 108.09
CA SER FA 146 -89.15 -0.58 106.71
C SER FA 146 -88.52 0.80 106.48
N PRO FA 147 -88.04 1.14 105.25
CA PRO FA 147 -88.17 0.30 104.07
C PRO FA 147 -87.00 -0.66 103.74
N LEU FA 148 -86.12 -0.94 104.71
CA LEU FA 148 -85.01 -1.91 104.53
C LEU FA 148 -85.61 -3.28 104.19
N VAL FA 149 -84.82 -4.13 103.53
CA VAL FA 149 -85.26 -5.49 103.12
C VAL FA 149 -84.25 -6.50 103.67
N GLY FA 150 -84.72 -7.43 104.51
CA GLY FA 150 -83.89 -8.51 105.07
C GLY FA 150 -84.33 -9.87 104.52
N PRO FA 151 -83.55 -10.94 104.75
CA PRO FA 151 -83.91 -12.26 104.27
C PRO FA 151 -85.23 -12.72 104.92
N LYS FA 152 -86.25 -12.96 104.09
CA LYS FA 152 -87.56 -13.51 104.52
C LYS FA 152 -87.82 -14.76 103.66
N LYS FA 153 -88.41 -15.81 104.24
CA LYS FA 153 -89.01 -16.93 103.46
C LYS FA 153 -90.22 -16.37 102.70
N PRO FA 154 -90.83 -17.14 101.77
CA PRO FA 154 -92.06 -16.68 101.10
C PRO FA 154 -93.21 -16.36 102.07
N ASP FA 155 -93.27 -17.07 103.20
CA ASP FA 155 -94.37 -16.93 104.21
C ASP FA 155 -94.14 -15.69 105.08
N GLY FA 156 -92.99 -15.00 104.95
CA GLY FA 156 -92.70 -13.74 105.68
C GLY FA 156 -91.80 -13.95 106.89
N THR FA 157 -91.61 -15.20 107.33
CA THR FA 157 -90.77 -15.57 108.52
C THR FA 157 -89.29 -15.53 108.14
N THR FA 158 -88.42 -15.65 109.16
CA THR FA 158 -86.95 -15.80 109.02
C THR FA 158 -86.47 -16.77 110.10
N ASP FA 159 -86.08 -17.99 109.74
CA ASP FA 159 -85.73 -19.04 110.74
C ASP FA 159 -84.21 -19.05 110.99
N ASP FA 160 -83.75 -19.96 111.84
CA ASP FA 160 -82.33 -20.10 112.28
C ASP FA 160 -81.42 -20.35 111.08
N SER FA 161 -81.94 -20.94 110.00
CA SER FA 161 -81.14 -21.33 108.80
C SER FA 161 -80.54 -20.09 108.12
N ALA FA 162 -81.10 -18.90 108.34
CA ALA FA 162 -80.60 -17.63 107.79
C ALA FA 162 -79.23 -17.25 108.39
N GLN FA 163 -78.75 -17.99 109.39
CA GLN FA 163 -77.42 -17.78 110.02
C GLN FA 163 -76.36 -18.63 109.31
N VAL FA 164 -76.81 -19.52 108.42
CA VAL FA 164 -75.93 -20.31 107.51
C VAL FA 164 -76.48 -20.16 106.09
N LEU FA 165 -76.14 -21.07 105.18
CA LEU FA 165 -76.63 -20.99 103.78
C LEU FA 165 -77.94 -21.78 103.68
N ASN FA 166 -79.04 -21.08 103.41
CA ASN FA 166 -80.32 -21.65 102.94
C ASN FA 166 -80.67 -20.95 101.62
N PRO FA 167 -80.68 -21.69 100.49
CA PRO FA 167 -81.02 -21.12 99.19
C PRO FA 167 -82.36 -20.37 99.11
N ILE FA 168 -83.27 -20.60 100.07
CA ILE FA 168 -84.61 -19.95 100.09
C ILE FA 168 -84.42 -18.42 100.20
N TYR FA 169 -83.32 -17.95 100.80
CA TYR FA 169 -83.06 -16.51 101.08
C TYR FA 169 -82.18 -15.91 99.98
N LYS FA 170 -82.80 -15.35 98.95
CA LYS FA 170 -82.10 -14.65 97.84
C LYS FA 170 -82.81 -13.33 97.55
N ALA FA 171 -82.10 -12.42 96.89
CA ALA FA 171 -82.60 -11.10 96.47
C ALA FA 171 -81.71 -10.56 95.37
N LYS FA 172 -82.20 -9.56 94.65
CA LYS FA 172 -81.42 -8.80 93.63
C LYS FA 172 -81.19 -7.40 94.24
N LEU FA 173 -79.95 -6.91 94.18
CA LEU FA 173 -79.56 -5.57 94.68
C LEU FA 173 -80.12 -4.53 93.70
N ASP FA 174 -81.42 -4.27 93.78
CA ASP FA 174 -82.18 -3.48 92.77
C ASP FA 174 -82.52 -2.08 93.30
N LYS FA 175 -82.14 -1.74 94.53
CA LYS FA 175 -82.47 -0.43 95.15
C LYS FA 175 -81.27 0.01 96.01
N ASP FA 176 -80.86 1.27 95.87
CA ASP FA 176 -79.81 1.91 96.71
C ASP FA 176 -80.30 1.96 98.17
N ALA FA 177 -79.40 1.88 99.13
CA ALA FA 177 -79.64 2.23 100.56
C ALA FA 177 -80.74 1.37 101.18
N THR FA 178 -80.96 0.16 100.65
CA THR FA 178 -82.15 -0.68 100.97
C THR FA 178 -81.74 -2.03 101.55
N TYR FA 179 -80.66 -2.63 101.04
CA TYR FA 179 -80.22 -4.00 101.41
C TYR FA 179 -79.08 -3.88 102.41
N PRO FA 180 -79.30 -4.25 103.69
CA PRO FA 180 -78.25 -4.15 104.70
C PRO FA 180 -77.08 -5.08 104.39
N ILE FA 181 -75.86 -4.58 104.57
CA ILE FA 181 -74.59 -5.34 104.36
C ILE FA 181 -74.60 -6.57 105.27
N GLU FA 182 -75.22 -6.47 106.44
CA GLU FA 182 -75.05 -7.43 107.56
C GLU FA 182 -75.91 -8.69 107.36
N CYS FA 183 -76.85 -8.70 106.40
CA CYS FA 183 -77.75 -9.86 106.16
C CYS FA 183 -77.72 -10.32 104.69
N TRP FA 184 -77.00 -9.62 103.81
CA TRP FA 184 -76.85 -9.97 102.38
C TRP FA 184 -75.36 -9.98 101.99
N CYS FA 185 -74.91 -11.06 101.35
CA CYS FA 185 -73.58 -11.13 100.69
C CYS FA 185 -73.78 -11.45 99.22
N PRO FA 186 -72.77 -11.16 98.34
CA PRO FA 186 -72.83 -11.61 96.96
C PRO FA 186 -73.02 -13.12 96.90
N ASP FA 187 -73.97 -13.55 96.07
CA ASP FA 187 -74.36 -14.98 95.85
C ASP FA 187 -73.38 -15.61 94.86
N PRO FA 188 -72.48 -16.51 95.32
CA PRO FA 188 -71.46 -17.08 94.44
C PRO FA 188 -72.03 -18.17 93.51
N SER FA 189 -73.27 -18.58 93.74
CA SER FA 189 -74.00 -19.60 92.92
C SER FA 189 -74.61 -18.93 91.69
N ARG FA 190 -74.56 -17.61 91.61
CA ARG FA 190 -75.11 -16.81 90.48
C ARG FA 190 -74.08 -15.75 90.08
N ASN FA 191 -74.52 -14.54 89.73
CA ASN FA 191 -73.63 -13.43 89.35
C ASN FA 191 -72.71 -13.84 88.19
N GLU FA 192 -73.19 -14.67 87.25
CA GLU FA 192 -72.41 -15.05 86.04
C GLU FA 192 -72.07 -13.78 85.25
N ASN FA 193 -72.96 -12.78 85.26
CA ASN FA 193 -72.87 -11.55 84.43
C ASN FA 193 -72.48 -10.34 85.30
N SER FA 194 -71.87 -10.59 86.47
CA SER FA 194 -71.30 -9.55 87.36
C SER FA 194 -69.90 -9.99 87.81
N ARG FA 195 -69.01 -9.03 88.05
CA ARG FA 195 -67.71 -9.29 88.71
C ARG FA 195 -67.71 -8.54 90.04
N TYR FA 196 -67.51 -9.23 91.16
CA TYR FA 196 -67.50 -8.59 92.51
C TYR FA 196 -66.20 -8.91 93.24
N PHE FA 197 -65.81 -7.99 94.11
CA PHE FA 197 -64.53 -7.96 94.87
C PHE FA 197 -64.78 -7.34 96.25
N GLY FA 198 -64.47 -8.06 97.32
CA GLY FA 198 -64.72 -7.59 98.70
C GLY FA 198 -63.67 -8.09 99.66
N SER FA 199 -63.37 -7.28 100.67
CA SER FA 199 -62.48 -7.63 101.81
C SER FA 199 -63.07 -7.07 103.10
N TYR FA 200 -63.30 -7.94 104.09
CA TYR FA 200 -63.77 -7.57 105.45
C TYR FA 200 -62.63 -7.81 106.44
N THR FA 201 -62.49 -6.90 107.40
CA THR FA 201 -61.60 -7.02 108.57
C THR FA 201 -62.39 -6.75 109.85
N GLY FA 202 -62.33 -7.65 110.83
CA GLY FA 202 -63.02 -7.51 112.12
C GLY FA 202 -62.19 -6.74 113.14
N GLY FA 203 -62.48 -6.93 114.42
CA GLY FA 203 -61.74 -6.35 115.56
C GLY FA 203 -62.43 -5.13 116.13
N VAL FA 204 -61.99 -4.70 117.31
CA VAL FA 204 -62.64 -3.60 118.09
C VAL FA 204 -61.99 -2.27 117.71
N GLU FA 205 -60.66 -2.23 117.66
CA GLU FA 205 -59.87 -0.99 117.45
C GLU FA 205 -58.96 -1.13 116.21
N THR FA 206 -59.28 -2.07 115.32
CA THR FA 206 -58.46 -2.42 114.13
C THR FA 206 -58.25 -1.18 113.27
N PRO FA 207 -56.98 -0.85 112.90
CA PRO FA 207 -56.70 0.30 112.06
C PRO FA 207 -57.07 -0.01 110.61
N PRO FA 208 -57.83 0.90 109.95
CA PRO FA 208 -58.04 0.79 108.51
C PRO FA 208 -56.73 1.02 107.75
N VAL FA 209 -56.51 0.21 106.71
CA VAL FA 209 -55.36 0.35 105.76
C VAL FA 209 -55.97 0.48 104.36
N LEU FA 210 -55.88 1.66 103.76
CA LEU FA 210 -56.43 1.94 102.40
C LEU FA 210 -55.36 2.63 101.56
N SER FA 211 -55.24 2.22 100.30
CA SER FA 211 -54.32 2.82 99.29
C SER FA 211 -55.15 3.52 98.22
N PHE FA 212 -54.55 4.50 97.54
CA PHE FA 212 -55.21 5.25 96.45
C PHE FA 212 -54.18 5.63 95.39
N THR FA 213 -54.49 5.33 94.13
CA THR FA 213 -53.66 5.65 92.95
C THR FA 213 -54.54 5.67 91.70
N ASN FA 214 -54.18 6.49 90.71
CA ASN FA 214 -54.89 6.53 89.40
C ASN FA 214 -54.13 5.66 88.39
N THR FA 215 -53.30 4.73 88.86
CA THR FA 215 -52.48 3.83 88.01
C THR FA 215 -52.98 2.38 88.05
N SER FA 216 -53.92 2.03 88.94
CA SER FA 216 -54.49 0.67 89.06
C SER FA 216 -55.60 0.50 88.02
N THR FA 217 -55.78 -0.73 87.52
CA THR FA 217 -56.90 -1.15 86.64
C THR FA 217 -57.30 -2.58 87.00
N THR FA 218 -58.60 -2.85 87.09
CA THR FA 218 -59.14 -4.21 87.29
C THR FA 218 -59.76 -4.70 85.99
N ILE FA 219 -59.25 -5.80 85.44
CA ILE FA 219 -59.80 -6.45 84.21
C ILE FA 219 -61.08 -7.20 84.62
N LEU FA 220 -62.13 -7.09 83.81
CA LEU FA 220 -63.47 -7.67 84.11
C LEU FA 220 -63.77 -8.85 83.19
N LEU FA 221 -62.88 -9.16 82.25
CA LEU FA 221 -63.04 -10.32 81.33
C LEU FA 221 -62.93 -11.61 82.14
N ASP FA 222 -63.71 -12.63 81.80
CA ASP FA 222 -63.75 -13.94 82.51
C ASP FA 222 -62.69 -14.89 81.90
N GLU FA 223 -62.69 -16.14 82.35
CA GLU FA 223 -61.83 -17.25 81.86
C GLU FA 223 -61.83 -17.27 80.32
N ASN FA 224 -62.94 -16.90 79.67
CA ASN FA 224 -63.13 -16.98 78.19
C ASN FA 224 -63.09 -15.60 77.54
N GLY FA 225 -62.48 -14.59 78.17
CA GLY FA 225 -62.28 -13.26 77.57
C GLY FA 225 -63.58 -12.49 77.32
N VAL FA 226 -64.65 -12.85 78.03
CA VAL FA 226 -65.98 -12.17 77.96
C VAL FA 226 -66.19 -11.36 79.25
N GLY FA 227 -66.52 -10.07 79.11
CA GLY FA 227 -66.87 -9.19 80.24
C GLY FA 227 -68.36 -9.21 80.54
N PRO FA 228 -68.81 -8.52 81.60
CA PRO FA 228 -70.24 -8.33 81.83
C PRO FA 228 -70.89 -7.71 80.59
N LEU FA 229 -71.99 -8.32 80.14
CA LEU FA 229 -72.82 -7.83 79.01
C LEU FA 229 -74.02 -7.08 79.57
N CYS FA 230 -74.11 -5.78 79.28
CA CYS FA 230 -75.09 -4.83 79.85
C CYS FA 230 -76.47 -5.03 79.22
N LYS FA 231 -77.34 -5.80 79.87
CA LYS FA 231 -78.75 -6.03 79.47
C LYS FA 231 -79.51 -4.72 79.57
N GLY FA 232 -80.49 -4.52 78.66
CA GLY FA 232 -81.29 -3.28 78.57
C GLY FA 232 -80.44 -2.03 78.51
N ASP FA 233 -79.22 -2.12 77.95
CA ASP FA 233 -78.30 -0.97 77.78
C ASP FA 233 -78.09 -0.29 79.15
N GLY FA 234 -77.93 -1.09 80.20
CA GLY FA 234 -77.70 -0.64 81.59
C GLY FA 234 -76.46 -1.26 82.21
N LEU FA 235 -75.58 -0.43 82.77
CA LEU FA 235 -74.39 -0.85 83.55
C LEU FA 235 -74.71 -0.73 85.04
N TYR FA 236 -74.52 -1.81 85.79
CA TYR FA 236 -74.93 -1.94 87.22
C TYR FA 236 -73.70 -1.85 88.12
N LEU FA 237 -73.55 -0.73 88.82
CA LEU FA 237 -72.48 -0.51 89.83
C LEU FA 237 -73.02 -0.75 91.24
N SER FA 238 -72.21 -1.36 92.10
CA SER FA 238 -72.51 -1.60 93.54
C SER FA 238 -71.25 -1.32 94.37
N SER FA 239 -71.44 -0.87 95.59
CA SER FA 239 -70.38 -0.37 96.51
C SER FA 239 -70.80 -0.69 97.95
N ALA FA 240 -69.82 -0.97 98.81
CA ALA FA 240 -69.99 -1.04 100.27
C ALA FA 240 -68.65 -0.69 100.90
N ASP FA 241 -68.47 0.57 101.31
CA ASP FA 241 -67.18 1.06 101.85
C ASP FA 241 -67.39 1.67 103.23
N VAL FA 242 -67.47 0.80 104.23
CA VAL FA 242 -67.57 1.16 105.66
C VAL FA 242 -66.15 1.10 106.24
N ALA FA 243 -65.48 2.26 106.34
CA ALA FA 243 -64.05 2.40 106.69
C ALA FA 243 -63.81 1.95 108.13
N GLY FA 244 -64.84 2.01 108.96
CA GLY FA 244 -64.80 1.66 110.39
C GLY FA 244 -65.81 2.48 111.17
N THR FA 245 -65.50 2.77 112.44
CA THR FA 245 -66.37 3.56 113.34
C THR FA 245 -65.64 4.82 113.80
N PHE FA 246 -66.39 5.89 113.97
CA PHE FA 246 -65.98 7.10 114.74
C PHE FA 246 -66.36 6.88 116.20
N VAL FA 247 -65.39 7.03 117.11
CA VAL FA 247 -65.59 6.91 118.58
C VAL FA 247 -65.57 8.33 119.16
N GLN FA 248 -66.68 8.79 119.71
CA GLN FA 248 -66.85 10.19 120.18
C GLN FA 248 -66.42 10.32 121.65
N GLN FA 249 -65.64 11.36 121.96
CA GLN FA 249 -65.24 11.70 123.35
C GLN FA 249 -66.50 11.86 124.20
N THR FA 250 -66.37 11.60 125.52
CA THR FA 250 -67.42 11.90 126.53
C THR FA 250 -68.55 10.87 126.41
N SER FA 251 -69.31 10.88 125.31
CA SER FA 251 -70.43 9.92 125.09
C SER FA 251 -69.85 8.49 125.00
N GLN FA 252 -68.67 8.35 124.40
CA GLN FA 252 -68.00 7.06 124.08
C GLN FA 252 -68.95 6.20 123.23
N LYS FA 253 -69.80 6.86 122.43
CA LYS FA 253 -70.68 6.22 121.44
C LYS FA 253 -69.90 6.03 120.12
N GLN FA 254 -70.29 5.01 119.35
CA GLN FA 254 -69.66 4.68 118.05
C GLN FA 254 -70.65 4.95 116.93
N TYR FA 255 -70.15 5.48 115.81
CA TYR FA 255 -70.91 5.77 114.57
C TYR FA 255 -70.16 5.12 113.40
N TRP FA 256 -70.87 4.33 112.57
CA TRP FA 256 -70.33 3.82 111.30
C TRP FA 256 -69.93 5.01 110.42
N ARG FA 257 -68.75 4.92 109.80
CA ARG FA 257 -68.23 5.93 108.84
C ARG FA 257 -68.09 5.26 107.47
N GLY FA 258 -68.75 5.83 106.46
CA GLY FA 258 -68.71 5.35 105.07
C GLY FA 258 -67.91 6.28 104.18
N LEU FA 259 -67.38 5.76 103.07
CA LEU FA 259 -66.66 6.57 102.06
C LEU FA 259 -67.24 6.31 100.67
N PRO FA 260 -67.18 7.30 99.77
CA PRO FA 260 -67.68 7.13 98.41
C PRO FA 260 -66.66 6.35 97.56
N ARG FA 261 -67.15 5.65 96.55
CA ARG FA 261 -66.29 4.91 95.57
C ARG FA 261 -66.48 5.52 94.19
N TYR FA 262 -65.35 5.82 93.52
CA TYR FA 262 -65.31 6.29 92.11
C TYR FA 262 -65.17 5.09 91.18
N PHE FA 263 -65.90 5.11 90.07
CA PHE FA 263 -65.78 4.12 88.99
C PHE FA 263 -65.42 4.78 87.67
N ASN FA 264 -64.58 4.11 86.88
CA ASN FA 264 -64.30 4.49 85.46
C ASN FA 264 -64.29 3.21 84.64
N ILE FA 265 -65.42 2.87 84.03
CA ILE FA 265 -65.58 1.59 83.29
C ILE FA 265 -65.32 1.85 81.81
N THR FA 266 -64.49 1.01 81.19
CA THR FA 266 -64.27 0.94 79.73
C THR FA 266 -65.15 -0.17 79.17
N LEU FA 267 -66.04 0.16 78.23
CA LEU FA 267 -66.92 -0.84 77.56
C LEU FA 267 -66.65 -0.83 76.05
N ARG FA 268 -66.99 -1.93 75.39
CA ARG FA 268 -66.86 -2.13 73.93
C ARG FA 268 -68.09 -2.86 73.42
N LYS FA 269 -68.43 -2.68 72.15
CA LYS FA 269 -69.61 -3.35 71.53
C LYS FA 269 -69.28 -4.82 71.29
N ARG FA 270 -70.17 -5.73 71.68
CA ARG FA 270 -70.06 -7.19 71.47
C ARG FA 270 -71.35 -7.68 70.81
N ALA FA 271 -71.23 -8.57 69.82
CA ALA FA 271 -72.36 -9.15 69.08
C ALA FA 271 -72.85 -10.41 69.80
N VAL FA 272 -74.16 -10.69 69.72
CA VAL FA 272 -74.83 -11.82 70.42
C VAL FA 272 -75.94 -12.40 69.52
N LYS FA 273 -76.23 -13.70 69.65
CA LYS FA 273 -77.04 -14.49 68.67
C LYS FA 273 -78.54 -14.22 68.91
N GLY GA 5 -53.54 14.58 77.87
CA GLY GA 5 -54.86 14.92 77.27
C GLY GA 5 -54.93 16.38 76.82
N GLY GA 6 -55.77 16.68 75.82
CA GLY GA 6 -55.98 18.00 75.17
C GLY GA 6 -54.93 18.29 74.09
N ILE GA 7 -53.71 17.81 74.34
CA ILE GA 7 -52.49 17.85 73.48
C ILE GA 7 -52.38 16.56 72.68
N GLU GA 8 -52.24 16.64 71.35
CA GLU GA 8 -51.95 15.47 70.47
C GLU GA 8 -50.46 15.12 70.62
N VAL GA 9 -50.17 13.93 71.15
CA VAL GA 9 -48.80 13.43 71.47
C VAL GA 9 -48.21 12.76 70.22
N LEU GA 10 -46.95 13.05 69.87
CA LEU GA 10 -46.29 12.50 68.66
C LEU GA 10 -45.09 11.62 69.09
N ASP GA 11 -44.02 11.62 68.28
CA ASP GA 11 -42.82 10.76 68.45
C ASP GA 11 -42.02 11.23 69.66
N VAL GA 12 -41.24 10.34 70.26
CA VAL GA 12 -40.25 10.64 71.33
C VAL GA 12 -38.94 11.06 70.67
N LYS GA 13 -38.53 12.34 70.77
CA LYS GA 13 -37.21 12.79 70.27
C LYS GA 13 -36.12 12.03 71.05
N THR GA 14 -35.25 11.31 70.35
CA THR GA 14 -34.02 10.68 70.89
C THR GA 14 -32.81 11.39 70.29
N GLY GA 15 -31.62 11.13 70.83
CA GLY GA 15 -30.37 11.81 70.45
C GLY GA 15 -29.71 12.45 71.67
N PRO GA 16 -28.56 13.13 71.51
CA PRO GA 16 -27.91 13.81 72.63
C PRO GA 16 -28.77 14.96 73.17
N ASP GA 17 -28.65 15.24 74.47
CA ASP GA 17 -29.39 16.31 75.19
C ASP GA 17 -30.90 16.12 75.03
N SER GA 18 -31.39 14.88 74.93
CA SER GA 18 -32.83 14.56 74.73
C SER GA 18 -33.45 14.01 76.02
N THR GA 19 -32.62 13.60 76.99
CA THR GA 19 -33.05 13.22 78.37
C THR GA 19 -32.39 14.15 79.38
N THR GA 20 -32.99 14.26 80.56
CA THR GA 20 -32.45 15.01 81.73
C THR GA 20 -33.02 14.39 83.00
N THR GA 21 -32.32 14.56 84.12
CA THR GA 21 -32.81 14.17 85.47
C THR GA 21 -32.98 15.43 86.32
N ILE GA 22 -33.95 15.38 87.24
CA ILE GA 22 -34.23 16.47 88.22
C ILE GA 22 -34.20 15.84 89.62
N GLU GA 23 -33.29 16.32 90.47
CA GLU GA 23 -33.27 16.05 91.94
C GLU GA 23 -34.04 17.17 92.64
N ALA GA 24 -34.91 16.81 93.58
CA ALA GA 24 -35.68 17.75 94.42
C ALA GA 24 -36.03 17.05 95.73
N TYR GA 25 -36.28 17.83 96.78
CA TYR GA 25 -36.86 17.32 98.06
C TYR GA 25 -38.02 18.25 98.41
N LEU GA 26 -39.08 17.68 98.97
CA LEU GA 26 -40.15 18.44 99.66
C LEU GA 26 -40.03 18.19 101.16
N ASN GA 27 -39.84 19.25 101.94
CA ASN GA 27 -39.89 19.20 103.42
C ASN GA 27 -41.36 19.15 103.82
N PRO GA 28 -41.67 18.47 104.95
CA PRO GA 28 -43.05 18.30 105.38
C PRO GA 28 -43.67 19.61 105.88
N ARG GA 29 -44.98 19.76 105.72
CA ARG GA 29 -45.74 20.95 106.20
C ARG GA 29 -46.84 20.45 107.14
N VAL GA 30 -46.46 20.08 108.36
CA VAL GA 30 -47.37 19.48 109.37
C VAL GA 30 -47.94 20.57 110.29
N GLY GA 31 -47.77 21.85 109.94
CA GLY GA 31 -48.31 23.00 110.68
C GLY GA 31 -47.22 23.98 111.07
N GLN GA 32 -46.00 23.49 111.27
CA GLN GA 32 -44.77 24.32 111.36
C GLN GA 32 -43.74 23.70 110.39
N ASN GA 33 -42.53 24.26 110.34
CA ASN GA 33 -41.58 24.00 109.24
C ASN GA 33 -40.48 23.03 109.68
N TRP GA 34 -40.48 22.55 110.92
CA TRP GA 34 -39.35 21.77 111.47
C TRP GA 34 -39.77 20.36 111.85
N GLY GA 35 -40.81 19.84 111.18
CA GLY GA 35 -41.17 18.41 111.19
C GLY GA 35 -42.17 18.04 112.27
N PHE GA 36 -42.55 19.00 113.12
CA PHE GA 36 -43.59 18.79 114.18
C PHE GA 36 -44.64 19.90 114.13
N SER GA 37 -45.89 19.49 114.31
CA SER GA 37 -47.04 20.38 114.59
C SER GA 37 -46.92 20.90 116.03
N THR GA 38 -47.74 21.90 116.37
CA THR GA 38 -48.04 22.27 117.76
C THR GA 38 -48.99 21.20 118.31
N GLU GA 39 -49.24 21.20 119.62
CA GLU GA 39 -50.05 20.14 120.28
C GLU GA 39 -51.38 19.99 119.55
N ILE GA 40 -51.80 18.74 119.33
CA ILE GA 40 -53.13 18.42 118.75
C ILE GA 40 -54.17 18.75 119.82
N THR GA 41 -55.18 19.54 119.46
CA THR GA 41 -56.29 19.93 120.37
C THR GA 41 -57.57 19.28 119.87
N VAL GA 42 -58.52 19.06 120.77
CA VAL GA 42 -59.83 18.43 120.46
C VAL GA 42 -60.93 19.33 121.00
N ALA GA 43 -61.77 19.87 120.11
CA ALA GA 43 -62.96 20.68 120.46
C ALA GA 43 -63.83 19.87 121.42
N SER GA 44 -64.41 20.53 122.43
CA SER GA 44 -65.40 19.90 123.34
C SER GA 44 -66.73 19.71 122.58
N ASN GA 45 -67.39 18.57 122.79
CA ASN GA 45 -68.66 18.24 122.12
C ASN GA 45 -69.58 19.45 122.22
N GLY GA 46 -70.15 19.90 121.09
CA GLY GA 46 -71.15 20.99 121.04
C GLY GA 46 -70.53 22.36 120.80
N TYR GA 47 -69.22 22.50 120.95
CA TYR GA 47 -68.47 23.76 120.68
C TYR GA 47 -67.92 23.71 119.26
N ASN GA 48 -67.47 24.85 118.73
CA ASN GA 48 -66.85 24.94 117.38
C ASN GA 48 -65.63 24.02 117.31
N ASP GA 49 -65.50 23.31 116.18
CA ASP GA 49 -64.27 22.58 115.79
C ASP GA 49 -63.33 23.57 115.10
N ALA GA 50 -62.44 24.21 115.84
CA ALA GA 50 -61.58 25.30 115.35
C ALA GA 50 -60.12 25.03 115.72
N PRO GA 51 -59.46 24.12 115.00
CA PRO GA 51 -58.06 23.78 115.30
C PRO GA 51 -57.13 24.94 114.94
N HIS GA 52 -56.00 25.00 115.65
CA HIS GA 52 -54.91 26.00 115.44
C HIS GA 52 -54.30 25.78 114.05
N LEU GA 53 -53.91 26.85 113.37
CA LEU GA 53 -53.19 26.77 112.07
C LEU GA 53 -52.05 25.75 112.18
N THR GA 54 -51.29 25.81 113.28
CA THR GA 54 -49.99 25.10 113.42
C THR GA 54 -50.19 23.65 113.89
N GLU GA 55 -51.42 23.13 113.89
CA GLU GA 55 -51.70 21.73 114.33
C GLU GA 55 -52.32 20.93 113.18
N ILE GA 56 -52.38 21.53 111.98
CA ILE GA 56 -53.09 20.96 110.80
C ILE GA 56 -52.07 20.66 109.70
N PRO GA 57 -51.75 19.37 109.45
CA PRO GA 57 -50.85 19.00 108.37
C PRO GA 57 -51.47 19.26 106.98
N CYS GA 58 -50.62 19.74 106.08
CA CYS GA 58 -50.96 20.12 104.68
C CYS GA 58 -50.07 19.37 103.68
N TYR GA 59 -50.56 19.23 102.45
CA TYR GA 59 -49.78 18.76 101.29
C TYR GA 59 -48.59 19.71 101.10
N SER GA 60 -47.38 19.14 101.04
CA SER GA 60 -46.17 19.80 100.47
C SER GA 60 -46.30 19.76 98.94
N SER GA 61 -45.81 20.80 98.27
CA SER GA 61 -45.97 21.00 96.81
C SER GA 61 -44.90 21.97 96.31
N ALA GA 62 -44.33 21.71 95.15
CA ALA GA 62 -43.36 22.59 94.47
C ALA GA 62 -43.50 22.43 92.96
N ARG GA 63 -43.18 23.49 92.22
CA ARG GA 63 -43.04 23.48 90.75
C ARG GA 63 -41.55 23.66 90.44
N ILE GA 64 -40.91 22.63 89.89
CA ILE GA 64 -39.48 22.70 89.45
C ILE GA 64 -39.47 23.23 88.02
N SER GA 65 -38.63 24.25 87.76
CA SER GA 65 -38.40 24.83 86.41
C SER GA 65 -37.50 23.87 85.62
N LEU GA 66 -37.95 23.47 84.42
CA LEU GA 66 -37.21 22.58 83.50
C LEU GA 66 -36.51 23.43 82.44
N PRO GA 67 -35.41 22.94 81.82
CA PRO GA 67 -34.78 23.66 80.71
C PRO GA 67 -35.81 24.07 79.63
N LEU GA 68 -35.71 25.29 79.13
CA LEU GA 68 -36.60 25.83 78.07
C LEU GA 68 -36.37 25.01 76.80
N LEU GA 69 -37.46 24.70 76.04
CA LEU GA 69 -37.31 23.75 74.91
C LEU GA 69 -37.33 24.38 73.51
N ASN GA 70 -38.26 25.28 73.24
CA ASN GA 70 -38.59 25.68 71.83
C ASN GA 70 -37.78 26.92 71.39
N GLU GA 71 -36.54 26.91 71.86
CA GLU GA 71 -35.54 27.97 71.61
C GLU GA 71 -35.15 27.97 70.12
N ASP GA 72 -35.05 26.81 69.47
CA ASP GA 72 -34.38 26.63 68.16
C ASP GA 72 -35.41 26.72 67.03
N ILE GA 73 -35.32 27.78 66.21
CA ILE GA 73 -36.32 28.14 65.17
C ILE GA 73 -36.32 27.09 64.05
N THR GA 74 -35.30 26.21 63.98
CA THR GA 74 -35.15 25.18 62.92
C THR GA 74 -35.71 23.82 63.35
N SER GA 75 -36.10 23.58 64.62
CA SER GA 75 -36.85 22.36 65.04
C SER GA 75 -38.15 22.25 64.25
N PRO GA 76 -38.60 21.04 63.85
CA PRO GA 76 -39.81 20.90 63.03
C PRO GA 76 -41.16 20.82 63.78
N THR GA 77 -41.12 20.64 65.09
CA THR GA 77 -42.09 19.99 66.02
C THR GA 77 -41.94 20.71 67.36
N LEU GA 78 -43.06 21.08 68.03
CA LEU GA 78 -42.90 21.71 69.40
C LEU GA 78 -42.85 20.56 70.47
N LEU GA 79 -41.92 20.77 71.41
CA LEU GA 79 -41.39 19.76 72.35
C LEU GA 79 -41.84 20.10 73.76
N MET GA 80 -42.26 19.08 74.53
CA MET GA 80 -42.51 19.16 75.98
C MET GA 80 -41.67 18.09 76.67
N TRP GA 81 -41.16 18.38 77.88
CA TRP GA 81 -40.54 17.38 78.75
C TRP GA 81 -41.61 16.37 79.19
N GLU GA 82 -41.26 15.09 79.12
CA GLU GA 82 -42.13 13.96 79.52
C GLU GA 82 -41.46 13.24 80.70
N ALA GA 83 -42.11 13.19 81.85
CA ALA GA 83 -41.63 12.46 83.04
C ALA GA 83 -41.82 10.96 82.82
N VAL GA 84 -40.74 10.19 82.82
CA VAL GA 84 -40.75 8.74 82.44
C VAL GA 84 -40.77 7.89 83.70
N SER GA 85 -39.91 8.21 84.66
CA SER GA 85 -39.70 7.42 85.90
C SER GA 85 -39.33 8.36 87.04
N VAL GA 86 -39.54 7.90 88.29
CA VAL GA 86 -39.10 8.62 89.52
C VAL GA 86 -38.56 7.60 90.52
N LYS GA 87 -37.35 7.83 91.00
CA LYS GA 87 -36.81 7.22 92.25
C LYS GA 87 -37.23 8.17 93.38
N THR GA 88 -38.01 7.70 94.36
CA THR GA 88 -38.44 8.53 95.52
C THR GA 88 -38.15 7.79 96.82
N GLU GA 89 -37.84 8.54 97.88
CA GLU GA 89 -37.51 7.98 99.22
C GLU GA 89 -38.02 8.91 100.31
N VAL GA 90 -38.54 8.34 101.40
CA VAL GA 90 -38.89 9.07 102.63
C VAL GA 90 -37.59 9.20 103.44
N VAL GA 91 -37.12 10.42 103.61
CA VAL GA 91 -35.79 10.72 104.23
C VAL GA 91 -35.96 10.80 105.75
N GLY GA 92 -34.96 10.31 106.50
CA GLY GA 92 -34.90 10.42 107.96
C GLY GA 92 -35.85 9.46 108.66
N ILE GA 93 -36.16 8.32 108.05
CA ILE GA 93 -36.91 7.21 108.70
C ILE GA 93 -36.14 6.79 109.96
N SER GA 94 -34.82 6.64 109.83
CA SER GA 94 -33.93 6.18 110.93
C SER GA 94 -34.02 7.12 112.13
N SER GA 95 -34.48 8.36 111.93
CA SER GA 95 -34.61 9.40 112.99
C SER GA 95 -35.53 8.90 114.11
N MET GA 96 -36.43 7.95 113.79
CA MET GA 96 -37.48 7.44 114.72
C MET GA 96 -36.91 6.41 115.70
N LEU GA 97 -35.71 5.85 115.47
CA LEU GA 97 -35.08 4.92 116.44
C LEU GA 97 -34.46 5.74 117.58
N ASN GA 98 -35.32 6.39 118.37
CA ASN GA 98 -34.95 7.38 119.43
C ASN GA 98 -35.91 7.19 120.61
N MET GA 99 -35.42 6.65 121.72
CA MET GA 99 -36.27 6.37 122.92
C MET GA 99 -35.81 7.23 124.11
N HIS GA 100 -35.09 8.32 123.86
CA HIS GA 100 -34.52 9.20 124.92
C HIS GA 100 -35.06 10.63 124.84
N SER GA 101 -35.61 11.05 123.70
CA SER GA 101 -36.01 12.47 123.45
C SER GA 101 -37.45 12.73 123.89
N TYR GA 102 -37.69 12.61 125.21
CA TYR GA 102 -38.83 13.18 125.96
C TYR GA 102 -40.14 12.40 125.70
N GLY GA 103 -40.07 11.23 125.07
CA GLY GA 103 -41.26 10.45 124.75
C GLY GA 103 -41.92 9.89 126.01
N LEU GA 104 -43.26 9.78 126.02
CA LEU GA 104 -44.02 9.08 127.08
C LEU GA 104 -43.32 7.75 127.37
N ARG GA 105 -43.06 7.44 128.63
CA ARG GA 105 -42.15 6.32 129.02
C ARG GA 105 -42.98 5.04 129.21
N ALA GA 106 -42.46 3.93 128.70
CA ALA GA 106 -43.10 2.59 128.72
C ALA GA 106 -42.86 1.93 130.08
N PHE GA 107 -43.60 0.86 130.35
CA PHE GA 107 -43.43 -0.02 131.53
C PHE GA 107 -43.44 0.84 132.80
N GLY GA 108 -44.55 1.57 132.98
CA GLY GA 108 -44.86 2.37 134.18
C GLY GA 108 -43.89 3.52 134.42
N GLY GA 109 -43.21 3.99 133.37
CA GLY GA 109 -42.31 5.16 133.44
C GLY GA 109 -40.84 4.79 133.63
N TYR GA 110 -40.51 3.50 133.76
CA TYR GA 110 -39.13 3.03 134.03
C TYR GA 110 -38.41 2.69 132.72
N GLY GA 111 -39.17 2.46 131.63
CA GLY GA 111 -38.63 2.11 130.31
C GLY GA 111 -38.28 3.35 129.50
N GLY GA 112 -38.07 3.18 128.18
CA GLY GA 112 -37.71 4.25 127.25
C GLY GA 112 -38.92 5.00 126.74
N GLY GA 113 -38.70 6.14 126.09
CA GLY GA 113 -39.75 6.96 125.46
C GLY GA 113 -40.39 6.26 124.28
N TYR GA 114 -41.68 6.50 124.04
CA TYR GA 114 -42.44 6.04 122.86
C TYR GA 114 -41.80 6.63 121.60
N THR GA 115 -41.48 5.77 120.63
CA THR GA 115 -41.14 6.19 119.25
C THR GA 115 -42.43 6.69 118.59
N ILE GA 116 -42.28 7.49 117.54
CA ILE GA 116 -43.42 8.01 116.72
C ILE GA 116 -44.35 6.82 116.44
N GLU GA 117 -45.65 7.00 116.71
CA GLU GA 117 -46.69 5.97 116.48
C GLU GA 117 -48.03 6.64 116.22
N GLY GA 118 -49.03 5.84 115.85
CA GLY GA 118 -50.40 6.29 115.58
C GLY GA 118 -50.68 6.40 114.09
N SER GA 119 -51.84 6.98 113.76
CA SER GA 119 -52.32 7.15 112.37
C SER GA 119 -51.29 7.91 111.55
N HIS GA 120 -51.08 7.48 110.31
CA HIS GA 120 -50.04 8.01 109.39
C HIS GA 120 -50.53 7.92 107.95
N ILE GA 121 -50.06 8.83 107.10
CA ILE GA 121 -50.32 8.80 105.63
C ILE GA 121 -48.99 9.05 104.93
N HIS GA 122 -48.74 8.34 103.82
CA HIS GA 122 -47.56 8.52 102.95
C HIS GA 122 -48.05 8.62 101.50
N PHE GA 123 -47.69 9.70 100.83
CA PHE GA 123 -48.25 10.04 99.50
C PHE GA 123 -47.27 10.90 98.71
N PHE GA 124 -47.22 10.66 97.40
CA PHE GA 124 -46.42 11.48 96.45
C PHE GA 124 -47.15 11.46 95.10
N SER GA 125 -46.94 12.53 94.34
CA SER GA 125 -47.46 12.69 92.96
C SER GA 125 -46.39 13.41 92.11
N VAL GA 126 -46.28 12.99 90.85
CA VAL GA 126 -45.48 13.67 89.79
C VAL GA 126 -46.45 14.00 88.66
N GLY GA 127 -46.38 15.23 88.13
CA GLY GA 127 -47.33 15.72 87.13
C GLY GA 127 -46.76 16.84 86.28
N GLY GA 128 -47.41 17.10 85.14
CA GLY GA 128 -47.07 18.19 84.22
C GLY GA 128 -47.89 19.44 84.50
N GLU GA 129 -48.69 19.40 85.57
CA GLU GA 129 -49.54 20.52 86.03
C GLU GA 129 -49.86 20.28 87.51
N PRO GA 130 -50.42 21.28 88.21
CA PRO GA 130 -50.88 21.09 89.58
C PRO GA 130 -51.81 19.87 89.71
N LEU GA 131 -51.66 19.14 90.82
CA LEU GA 131 -52.50 17.98 91.19
C LEU GA 131 -53.94 18.45 91.41
N ASP GA 132 -54.91 17.77 90.82
CA ASP GA 132 -56.37 18.06 91.01
C ASP GA 132 -56.82 17.45 92.34
N LEU GA 133 -57.45 18.27 93.19
CA LEU GA 133 -57.95 17.87 94.54
C LEU GA 133 -59.48 17.82 94.51
N GLN GA 134 -60.04 16.83 95.21
CA GLN GA 134 -61.48 16.68 95.53
C GLN GA 134 -61.67 16.98 97.02
N GLY GA 135 -62.67 17.77 97.35
CA GLY GA 135 -63.03 18.07 98.76
C GLY GA 135 -63.76 16.91 99.40
N LEU GA 136 -63.19 16.38 100.49
CA LEU GA 136 -63.90 15.45 101.40
C LEU GA 136 -63.25 15.52 102.78
N MET GA 137 -64.06 15.74 103.82
CA MET GA 137 -63.63 16.01 105.20
C MET GA 137 -64.51 15.21 106.17
N GLN GA 138 -64.01 14.96 107.39
CA GLN GA 138 -64.72 14.18 108.45
C GLN GA 138 -65.84 15.03 109.05
N ASN GA 139 -65.60 16.34 109.24
CA ASN GA 139 -66.58 17.27 109.85
C ASN GA 139 -66.70 18.51 108.95
N HIS GA 140 -67.85 18.68 108.30
CA HIS GA 140 -68.11 19.76 107.32
C HIS GA 140 -67.94 21.13 107.99
N SER GA 141 -68.14 21.20 109.30
CA SER GA 141 -68.19 22.46 110.09
C SER GA 141 -66.80 22.87 110.57
N THR GA 142 -65.76 22.07 110.33
CA THR GA 142 -64.37 22.42 110.75
C THR GA 142 -64.06 23.84 110.26
N GLN GA 143 -63.50 24.67 111.14
CA GLN GA 143 -63.07 26.07 110.84
C GLN GA 143 -61.56 26.07 110.63
N TYR GA 144 -61.12 26.21 109.37
CA TYR GA 144 -59.68 26.31 109.01
C TYR GA 144 -59.26 27.77 109.08
N PRO GA 145 -58.27 28.12 109.93
CA PRO GA 145 -57.75 29.47 109.96
C PRO GA 145 -57.07 29.85 108.63
N SER GA 146 -57.23 31.11 108.21
CA SER GA 146 -56.45 31.72 107.11
C SER GA 146 -54.97 31.61 107.46
N PRO GA 147 -54.05 31.37 106.49
CA PRO GA 147 -54.37 31.31 105.06
C PRO GA 147 -54.66 29.92 104.47
N LEU GA 148 -54.98 28.91 105.30
CA LEU GA 148 -55.36 27.56 104.82
C LEU GA 148 -56.59 27.68 103.93
N VAL GA 149 -56.80 26.70 103.05
CA VAL GA 149 -57.95 26.67 102.10
C VAL GA 149 -58.67 25.34 102.29
N GLY GA 150 -59.95 25.37 102.66
CA GLY GA 150 -60.81 24.19 102.81
C GLY GA 150 -61.89 24.18 101.76
N PRO GA 151 -62.62 23.05 101.60
CA PRO GA 151 -63.70 22.96 100.61
C PRO GA 151 -64.80 23.98 100.94
N LYS GA 152 -65.04 24.91 100.02
CA LYS GA 152 -66.13 25.91 100.09
C LYS GA 152 -66.95 25.78 98.79
N LYS GA 153 -68.27 25.92 98.86
CA LYS GA 153 -69.14 26.15 97.67
C LYS GA 153 -68.79 27.52 97.09
N PRO GA 154 -69.29 27.90 95.90
CA PRO GA 154 -69.07 29.25 95.37
C PRO GA 154 -69.57 30.36 96.31
N ASP GA 155 -70.64 30.10 97.06
CA ASP GA 155 -71.27 31.10 97.96
C ASP GA 155 -70.48 31.25 99.27
N GLY GA 156 -69.45 30.43 99.51
CA GLY GA 156 -68.55 30.53 100.68
C GLY GA 156 -68.88 29.52 101.77
N THR GA 157 -70.06 28.88 101.71
CA THR GA 157 -70.56 27.90 102.71
C THR GA 157 -69.87 26.55 102.50
N THR GA 158 -70.06 25.62 103.44
CA THR GA 158 -69.62 24.21 103.39
C THR GA 158 -70.70 23.34 104.04
N ASP GA 159 -71.46 22.57 103.26
CA ASP GA 159 -72.63 21.81 103.79
C ASP GA 159 -72.19 20.37 104.13
N ASP GA 160 -73.15 19.56 104.60
CA ASP GA 160 -72.94 18.15 105.04
C ASP GA 160 -72.36 17.31 103.91
N SER GA 161 -72.63 17.66 102.65
CA SER GA 161 -72.22 16.88 101.45
C SER GA 161 -70.69 16.80 101.35
N ALA GA 162 -69.96 17.72 101.98
CA ALA GA 162 -68.49 17.74 102.00
C ALA GA 162 -67.91 16.54 102.78
N GLN GA 163 -68.77 15.75 103.46
CA GLN GA 163 -68.35 14.54 104.21
C GLN GA 163 -68.45 13.32 103.30
N VAL GA 164 -69.02 13.48 102.12
CA VAL GA 164 -69.03 12.46 101.04
C VAL GA 164 -68.54 13.13 99.75
N LEU GA 165 -68.85 12.56 98.58
CA LEU GA 165 -68.43 13.15 97.29
C LEU GA 165 -69.52 14.10 96.80
N ASN GA 166 -69.18 15.39 96.74
CA ASN GA 166 -69.93 16.44 96.00
C ASN GA 166 -68.96 17.10 95.04
N PRO GA 167 -69.14 16.94 93.72
CA PRO GA 167 -68.26 17.56 92.71
C PRO GA 167 -68.08 19.07 92.84
N ILE GA 168 -68.96 19.77 93.57
CA ILE GA 168 -68.88 21.25 93.75
C ILE GA 168 -67.56 21.60 94.46
N TYR GA 169 -67.00 20.69 95.27
CA TYR GA 169 -65.80 20.93 96.09
C TYR GA 169 -64.54 20.40 95.38
N LYS GA 170 -63.88 21.26 94.61
CA LYS GA 170 -62.61 20.93 93.91
C LYS GA 170 -61.62 22.08 94.10
N ALA GA 171 -60.34 21.79 93.90
CA ALA GA 171 -59.24 22.75 93.99
C ALA GA 171 -58.02 22.20 93.24
N LYS GA 172 -57.06 23.06 92.95
CA LYS GA 172 -55.75 22.67 92.37
C LYS GA 172 -54.72 22.89 93.48
N LEU GA 173 -53.84 21.91 93.69
CA LEU GA 173 -52.75 21.97 94.69
C LEU GA 173 -51.68 22.93 94.17
N ASP GA 174 -51.94 24.23 94.27
CA ASP GA 174 -51.15 25.30 93.59
C ASP GA 174 -50.27 26.05 94.60
N LYS GA 175 -50.33 25.71 95.89
CA LYS GA 175 -49.57 26.43 96.95
C LYS GA 175 -49.10 25.40 97.99
N ASP GA 176 -47.83 25.45 98.38
CA ASP GA 176 -47.25 24.63 99.48
C ASP GA 176 -47.94 25.02 100.80
N ALA GA 177 -48.07 24.06 101.72
CA ALA GA 177 -48.39 24.29 103.15
C ALA GA 177 -49.76 24.98 103.30
N THR GA 178 -50.66 24.81 102.34
CA THR GA 178 -51.90 25.61 102.22
C THR GA 178 -53.15 24.70 102.25
N TYR GA 179 -53.09 23.54 101.62
CA TYR GA 179 -54.24 22.62 101.46
C TYR GA 179 -54.13 21.52 102.51
N PRO GA 180 -55.02 21.48 103.52
CA PRO GA 180 -54.97 20.47 104.57
C PRO GA 180 -55.22 19.07 103.99
N ILE GA 181 -54.44 18.09 104.44
CA ILE GA 181 -54.56 16.67 104.03
C ILE GA 181 -55.96 16.17 104.39
N GLU GA 182 -56.55 16.69 105.46
CA GLU GA 182 -57.74 16.12 106.12
C GLU GA 182 -59.05 16.50 105.40
N CYS GA 183 -59.01 17.44 104.44
CA CYS GA 183 -60.22 17.90 103.71
C CYS GA 183 -60.04 17.82 102.18
N TRP GA 184 -58.85 17.46 101.69
CA TRP GA 184 -58.55 17.31 100.25
C TRP GA 184 -57.88 15.95 99.98
N CYS GA 185 -58.39 15.19 99.01
CA CYS GA 185 -57.73 13.99 98.48
C CYS GA 185 -57.50 14.18 96.97
N PRO GA 186 -56.56 13.41 96.36
CA PRO GA 186 -56.42 13.43 94.91
C PRO GA 186 -57.74 13.07 94.24
N ASP GA 187 -58.13 13.87 93.24
CA ASP GA 187 -59.39 13.75 92.47
C ASP GA 187 -59.21 12.70 91.37
N PRO GA 188 -59.82 11.51 91.51
CA PRO GA 188 -59.61 10.42 90.54
C PRO GA 188 -60.37 10.64 89.23
N SER GA 189 -61.27 11.64 89.19
CA SER GA 189 -62.08 12.02 88.00
C SER GA 189 -61.24 12.93 87.08
N ARG GA 190 -60.06 13.36 87.53
CA ARG GA 190 -59.14 14.24 86.76
C ARG GA 190 -57.72 13.68 86.88
N ASN GA 191 -56.72 14.55 87.00
CA ASN GA 191 -55.30 14.14 87.14
C ASN GA 191 -54.88 13.24 85.97
N GLU GA 192 -55.38 13.48 84.75
CA GLU GA 192 -54.96 12.74 83.53
C GLU GA 192 -53.45 12.92 83.33
N ASN GA 193 -52.92 14.12 83.68
CA ASN GA 193 -51.50 14.50 83.39
C ASN GA 193 -50.67 14.47 84.69
N SER GA 194 -51.12 13.72 85.71
CA SER GA 194 -50.40 13.47 86.97
C SER GA 194 -50.46 11.98 87.30
N ARG GA 195 -49.44 11.45 87.97
CA ARG GA 195 -49.46 10.09 88.56
C ARG GA 195 -49.34 10.24 90.07
N TYR GA 196 -50.29 9.71 90.84
CA TYR GA 196 -50.27 9.84 92.33
C TYR GA 196 -50.37 8.44 92.98
N PHE GA 197 -49.78 8.34 94.16
CA PHE GA 197 -49.61 7.09 94.94
C PHE GA 197 -49.71 7.43 96.44
N GLY GA 198 -50.64 6.80 97.16
CA GLY GA 198 -50.86 7.10 98.59
C GLY GA 198 -51.33 5.91 99.37
N SER GA 199 -50.93 5.83 100.63
CA SER GA 199 -51.37 4.78 101.59
C SER GA 199 -51.58 5.41 102.97
N TYR GA 200 -52.77 5.24 103.55
CA TYR GA 200 -53.12 5.70 104.92
C TYR GA 200 -53.30 4.47 105.81
N THR GA 201 -52.85 4.58 107.06
CA THR GA 201 -53.08 3.60 108.14
C THR GA 201 -53.61 4.34 109.37
N GLY GA 202 -54.73 3.89 109.93
CA GLY GA 202 -55.36 4.46 111.13
C GLY GA 202 -54.79 3.88 112.41
N GLY GA 203 -55.54 3.99 113.51
CA GLY GA 203 -55.22 3.39 114.82
C GLY GA 203 -54.63 4.42 115.78
N VAL GA 204 -54.57 4.07 117.06
CA VAL GA 204 -54.16 4.99 118.16
C VAL GA 204 -52.65 4.89 118.37
N GLU GA 205 -52.13 3.66 118.42
CA GLU GA 205 -50.69 3.38 118.75
C GLU GA 205 -50.03 2.58 117.63
N THR GA 206 -50.61 2.62 116.41
CA THR GA 206 -50.16 1.82 115.24
C THR GA 206 -48.69 2.13 114.94
N PRO GA 207 -47.84 1.09 114.80
CA PRO GA 207 -46.43 1.31 114.50
C PRO GA 207 -46.27 1.66 113.04
N PRO GA 208 -45.50 2.73 112.71
CA PRO GA 208 -45.11 2.99 111.33
C PRO GA 208 -44.15 1.89 110.84
N VAL GA 209 -44.35 1.46 109.59
CA VAL GA 209 -43.45 0.52 108.86
C VAL GA 209 -43.05 1.24 107.58
N LEU GA 210 -41.78 1.64 107.47
CA LEU GA 210 -41.24 2.35 106.28
C LEU GA 210 -39.93 1.67 105.88
N SER GA 211 -39.74 1.47 104.57
CA SER GA 211 -38.51 0.91 103.96
C SER GA 211 -37.81 1.99 103.15
N PHE GA 212 -36.51 1.84 102.94
CA PHE GA 212 -35.69 2.80 102.17
C PHE GA 212 -34.60 2.03 101.41
N THR GA 213 -34.48 2.32 100.12
CA THR GA 213 -33.46 1.73 99.20
C THR GA 213 -33.27 2.67 98.01
N ASN GA 214 -32.06 2.69 97.45
CA ASN GA 214 -31.77 3.46 96.21
C ASN GA 214 -31.87 2.53 95.00
N THR GA 215 -32.56 1.39 95.12
CA THR GA 215 -32.73 0.38 94.04
C THR GA 215 -34.15 0.36 93.50
N SER GA 216 -35.11 1.04 94.12
CA SER GA 216 -36.53 1.12 93.66
C SER GA 216 -36.65 2.19 92.58
N THR GA 217 -37.56 1.97 91.62
CA THR GA 217 -37.96 2.95 90.57
C THR GA 217 -39.45 2.80 90.30
N THR GA 218 -40.18 3.91 90.19
CA THR GA 218 -41.61 3.93 89.80
C THR GA 218 -41.72 4.45 88.37
N ILE GA 219 -42.26 3.63 87.46
CA ILE GA 219 -42.53 4.02 86.05
C ILE GA 219 -43.77 4.93 86.04
N LEU GA 220 -43.73 6.02 85.28
CA LEU GA 220 -44.81 7.05 85.24
C LEU GA 220 -45.55 7.00 83.91
N LEU GA 221 -45.14 6.13 82.98
CA LEU GA 221 -45.82 5.97 81.66
C LEU GA 221 -47.19 5.35 81.89
N ASP GA 222 -48.21 5.78 81.13
CA ASP GA 222 -49.61 5.31 81.25
C ASP GA 222 -49.81 4.05 80.38
N GLU GA 223 -51.07 3.59 80.29
CA GLU GA 223 -51.52 2.44 79.46
C GLU GA 223 -50.94 2.56 78.04
N ASN GA 224 -50.75 3.79 77.52
CA ASN GA 224 -50.30 4.06 76.12
C ASN GA 224 -48.85 4.55 76.07
N GLY GA 225 -48.03 4.27 77.08
CA GLY GA 225 -46.58 4.58 77.09
C GLY GA 225 -46.29 6.07 77.10
N VAL GA 226 -47.24 6.90 77.52
CA VAL GA 226 -47.09 8.37 77.65
C VAL GA 226 -46.98 8.74 79.14
N GLY GA 227 -45.94 9.49 79.50
CA GLY GA 227 -45.74 10.02 80.87
C GLY GA 227 -46.39 11.39 81.04
N PRO GA 228 -46.38 11.97 82.26
CA PRO GA 228 -46.80 13.35 82.45
C PRO GA 228 -46.01 14.27 81.51
N LEU GA 229 -46.73 15.13 80.77
CA LEU GA 229 -46.15 16.16 79.89
C LEU GA 229 -46.15 17.50 80.62
N CYS GA 230 -44.96 18.04 80.85
CA CYS GA 230 -44.72 19.24 81.70
C CYS GA 230 -45.10 20.50 80.94
N LYS GA 231 -46.31 21.00 81.18
CA LYS GA 231 -46.83 22.28 80.60
C LYS GA 231 -46.00 23.45 81.15
N GLY GA 232 -45.80 24.49 80.34
CA GLY GA 232 -44.98 25.67 80.66
C GLY GA 232 -43.60 25.30 81.19
N ASP GA 233 -43.04 24.17 80.72
CA ASP GA 233 -41.68 23.70 81.12
C ASP GA 233 -41.58 23.66 82.65
N GLY GA 234 -42.64 23.15 83.29
CA GLY GA 234 -42.73 22.99 84.76
C GLY GA 234 -43.08 21.56 85.17
N LEU GA 235 -42.29 20.98 86.07
CA LEU GA 235 -42.55 19.65 86.70
C LEU GA 235 -43.15 19.88 88.09
N TYR GA 236 -44.30 19.27 88.36
CA TYR GA 236 -45.12 19.50 89.58
C TYR GA 236 -44.97 18.30 90.54
N LEU GA 237 -44.24 18.49 91.63
CA LEU GA 237 -44.06 17.50 92.72
C LEU GA 237 -45.02 17.81 93.87
N SER GA 238 -45.60 16.77 94.47
CA SER GA 238 -46.46 16.85 95.68
C SER GA 238 -46.11 15.70 96.63
N SER GA 239 -46.28 15.94 97.93
CA SER GA 239 -45.83 15.06 99.03
C SER GA 239 -46.80 15.22 100.20
N ALA GA 240 -47.04 14.15 100.94
CA ALA GA 240 -47.72 14.16 102.25
C ALA GA 240 -47.19 12.98 103.06
N ASP GA 241 -46.21 13.22 103.93
CA ASP GA 241 -45.55 12.13 104.71
C ASP GA 241 -45.63 12.45 106.19
N VAL GA 242 -46.79 12.14 106.77
CA VAL GA 242 -47.06 12.24 108.23
C VAL GA 242 -46.83 10.85 108.83
N ALA GA 243 -45.65 10.63 109.42
CA ALA GA 243 -45.17 9.30 109.87
C ALA GA 243 -46.01 8.81 111.05
N GLY GA 244 -46.64 9.73 111.76
CA GLY GA 244 -47.48 9.47 112.95
C GLY GA 244 -47.43 10.63 113.93
N THR GA 245 -47.55 10.34 115.22
CA THR GA 245 -47.54 11.36 116.29
C THR GA 245 -46.39 11.08 117.26
N PHE GA 246 -45.79 12.15 117.77
CA PHE GA 246 -44.92 12.11 118.97
C PHE GA 246 -45.82 12.27 120.22
N VAL GA 247 -45.70 11.34 121.17
CA VAL GA 247 -46.43 11.37 122.47
C VAL GA 247 -45.43 11.79 123.55
N GLN GA 248 -45.64 12.96 124.16
CA GLN GA 248 -44.68 13.55 125.13
C GLN GA 248 -44.98 13.05 126.54
N GLN GA 249 -43.94 12.67 127.28
CA GLN GA 249 -44.06 12.29 128.72
C GLN GA 249 -44.69 13.45 129.49
N THR GA 250 -45.37 13.14 130.60
CA THR GA 250 -45.87 14.13 131.59
C THR GA 250 -47.10 14.84 131.01
N SER GA 251 -46.95 15.64 129.96
CA SER GA 251 -48.07 16.37 129.31
C SER GA 251 -49.05 15.36 128.69
N GLN GA 252 -48.52 14.25 128.16
CA GLN GA 252 -49.26 13.21 127.40
C GLN GA 252 -50.00 13.88 126.24
N LYS GA 253 -49.42 14.96 125.70
CA LYS GA 253 -49.91 15.65 124.48
C LYS GA 253 -49.29 14.99 123.26
N GLN GA 254 -49.99 15.05 122.13
CA GLN GA 254 -49.55 14.44 120.85
C GLN GA 254 -49.23 15.56 119.85
N TYR GA 255 -48.19 15.35 119.06
CA TYR GA 255 -47.73 16.27 117.98
C TYR GA 255 -47.57 15.44 116.70
N TRP GA 256 -48.16 15.89 115.60
CA TRP GA 256 -47.92 15.31 114.25
C TRP GA 256 -46.44 15.42 113.93
N ARG GA 257 -45.85 14.33 113.41
CA ARG GA 257 -44.44 14.27 112.96
C ARG GA 257 -44.43 14.01 111.45
N GLY GA 258 -43.79 14.90 110.70
CA GLY GA 258 -43.65 14.81 109.23
C GLY GA 258 -42.24 14.45 108.83
N LEU GA 259 -42.07 13.87 107.65
CA LEU GA 259 -40.74 13.55 107.09
C LEU GA 259 -40.64 14.11 105.67
N PRO GA 260 -39.41 14.47 105.24
CA PRO GA 260 -39.20 14.97 103.89
C PRO GA 260 -39.18 13.82 102.88
N ARG GA 261 -39.58 14.11 101.63
CA ARG GA 261 -39.52 13.13 100.52
C ARG GA 261 -38.52 13.62 99.47
N TYR GA 262 -37.63 12.73 99.06
CA TYR GA 262 -36.66 12.95 97.95
C TYR GA 262 -37.27 12.47 96.65
N PHE GA 263 -37.08 13.25 95.58
CA PHE GA 263 -37.48 12.88 94.21
C PHE GA 263 -36.26 12.88 93.28
N ASN GA 264 -36.23 11.92 92.36
CA ASN GA 264 -35.26 11.91 91.24
C ASN GA 264 -36.03 11.51 89.98
N ILE GA 265 -36.45 12.50 89.20
CA ILE GA 265 -37.32 12.28 88.01
C ILE GA 265 -36.42 12.23 86.78
N THR GA 266 -36.61 11.21 85.93
CA THR GA 266 -36.01 11.09 84.59
C THR GA 266 -37.04 11.58 83.58
N LEU GA 267 -36.70 12.60 82.79
CA LEU GA 267 -37.58 13.13 81.72
C LEU GA 267 -36.88 12.99 80.37
N ARG GA 268 -37.68 13.00 79.30
CA ARG GA 268 -37.21 12.91 77.90
C ARG GA 268 -38.06 13.86 77.06
N LYS GA 269 -37.52 14.34 75.94
CA LYS GA 269 -38.25 15.26 75.03
C LYS GA 269 -39.29 14.47 74.25
N ARG GA 270 -40.52 14.98 74.19
CA ARG GA 270 -41.65 14.40 73.42
C ARG GA 270 -42.23 15.50 72.53
N ALA GA 271 -42.54 15.17 71.28
CA ALA GA 271 -43.10 16.09 70.27
C ALA GA 271 -44.62 16.11 70.38
N VAL GA 272 -45.25 17.24 70.09
CA VAL GA 272 -46.71 17.47 70.23
C VAL GA 272 -47.20 18.39 69.10
N LYS GA 273 -48.46 18.23 68.67
CA LYS GA 273 -49.00 18.81 67.41
C LYS GA 273 -49.35 20.29 67.61
N ILE HA 7 -16.51 7.72 86.65
CA ILE HA 7 -15.68 6.65 85.99
C ILE HA 7 -16.42 6.18 84.72
N GLU HA 8 -15.78 6.21 83.54
CA GLU HA 8 -16.31 5.59 82.29
C GLU HA 8 -16.09 4.07 82.38
N VAL HA 9 -17.18 3.30 82.42
CA VAL HA 9 -17.17 1.82 82.63
C VAL HA 9 -17.04 1.14 81.26
N LEU HA 10 -16.19 0.12 81.14
CA LEU HA 10 -15.95 -0.59 79.86
C LEU HA 10 -16.39 -2.05 79.97
N ASP HA 11 -15.69 -2.96 79.31
CA ASP HA 11 -16.01 -4.41 79.18
C ASP HA 11 -15.78 -5.10 80.53
N VAL HA 12 -16.49 -6.20 80.76
CA VAL HA 12 -16.28 -7.09 81.94
C VAL HA 12 -15.19 -8.11 81.58
N LYS HA 13 -14.01 -8.04 82.20
CA LYS HA 13 -12.94 -9.06 81.99
C LYS HA 13 -13.49 -10.41 82.49
N THR HA 14 -13.52 -11.41 81.61
CA THR HA 14 -13.81 -12.84 81.94
C THR HA 14 -12.54 -13.65 81.73
N GLY HA 15 -12.52 -14.89 82.20
CA GLY HA 15 -11.33 -15.77 82.19
C GLY HA 15 -11.00 -16.25 83.60
N PRO HA 16 -9.93 -17.05 83.77
CA PRO HA 16 -9.54 -17.52 85.11
C PRO HA 16 -9.11 -16.35 86.01
N ASP HA 17 -9.34 -16.50 87.33
CA ASP HA 17 -8.97 -15.50 88.36
C ASP HA 17 -9.64 -14.15 88.05
N SER HA 18 -10.83 -14.13 87.45
CA SER HA 18 -11.55 -12.89 87.05
C SER HA 18 -12.74 -12.62 87.99
N THR HA 19 -13.16 -13.64 88.77
CA THR HA 19 -14.16 -13.48 89.86
C THR HA 19 -13.52 -13.87 91.19
N THR HA 20 -14.10 -13.37 92.28
CA THR HA 20 -13.71 -13.71 93.67
C THR HA 20 -14.92 -13.50 94.59
N THR HA 21 -14.95 -14.20 95.72
CA THR HA 21 -15.98 -14.01 96.78
C THR HA 21 -15.30 -13.47 98.04
N ILE HA 22 -16.05 -12.69 98.81
CA ILE HA 22 -15.61 -12.13 100.13
C ILE HA 22 -16.66 -12.51 101.17
N GLU HA 23 -16.26 -13.26 102.19
CA GLU HA 23 -17.04 -13.51 103.43
C GLU HA 23 -16.62 -12.47 104.47
N ALA HA 24 -17.60 -11.88 105.15
CA ALA HA 24 -17.39 -10.91 106.25
C ALA HA 24 -18.62 -10.93 107.15
N TYR HA 25 -18.45 -10.53 108.41
CA TYR HA 25 -19.57 -10.27 109.35
C TYR HA 25 -19.32 -8.89 109.98
N LEU HA 26 -20.39 -8.15 110.22
CA LEU HA 26 -20.38 -6.93 111.07
C LEU HA 26 -21.12 -7.24 112.36
N ASN HA 27 -20.44 -7.12 113.50
CA ASN HA 27 -21.08 -7.21 114.84
C ASN HA 27 -21.78 -5.88 115.11
N PRO HA 28 -22.90 -5.91 115.86
CA PRO HA 28 -23.70 -4.72 116.10
C PRO HA 28 -22.99 -3.74 117.04
N ARG HA 29 -23.26 -2.45 116.87
CA ARG HA 29 -22.69 -1.37 117.70
C ARG HA 29 -23.85 -0.58 118.31
N VAL HA 30 -24.49 -1.16 119.32
CA VAL HA 30 -25.73 -0.60 119.97
C VAL HA 30 -25.34 0.24 121.20
N GLY HA 31 -24.05 0.55 121.37
CA GLY HA 31 -23.53 1.40 122.47
C GLY HA 31 -22.47 0.68 123.29
N GLN HA 32 -22.53 -0.65 123.35
CA GLN HA 32 -21.43 -1.51 123.82
C GLN HA 32 -21.21 -2.60 122.77
N ASN HA 33 -20.29 -3.53 123.01
CA ASN HA 33 -19.76 -4.42 121.94
C ASN HA 33 -20.37 -5.82 122.05
N TRP HA 34 -21.25 -6.09 123.01
CA TRP HA 34 -21.71 -7.47 123.29
C TRP HA 34 -23.23 -7.57 123.09
N GLY HA 35 -23.79 -6.73 122.21
CA GLY HA 35 -25.14 -6.91 121.63
C GLY HA 35 -26.23 -6.19 122.41
N PHE HA 36 -25.87 -5.56 123.55
CA PHE HA 36 -26.81 -4.76 124.36
C PHE HA 36 -26.22 -3.39 124.69
N SER HA 37 -27.07 -2.38 124.62
CA SER HA 37 -26.82 -1.02 125.14
C SER HA 37 -26.87 -1.06 126.67
N THR HA 38 -26.44 0.02 127.32
CA THR HA 38 -26.77 0.32 128.74
C THR HA 38 -28.22 0.80 128.76
N GLU HA 39 -28.82 0.92 129.94
CA GLU HA 39 -30.26 1.26 130.09
C GLU HA 39 -30.57 2.51 129.28
N ILE HA 40 -31.70 2.49 128.57
CA ILE HA 40 -32.23 3.66 127.84
C ILE HA 40 -32.72 4.66 128.89
N THR HA 41 -32.27 5.91 128.81
CA THR HA 41 -32.66 7.01 129.72
C THR HA 41 -33.48 8.03 128.94
N VAL HA 42 -34.34 8.78 129.64
CA VAL HA 42 -35.23 9.81 129.03
C VAL HA 42 -35.04 11.12 129.79
N ALA HA 43 -34.57 12.15 129.11
CA ALA HA 43 -34.45 13.53 129.65
C ALA HA 43 -35.82 13.98 130.17
N SER HA 44 -35.87 14.67 131.29
CA SER HA 44 -37.10 15.35 131.80
C SER HA 44 -37.43 16.56 130.91
N ASN HA 45 -38.70 16.76 130.59
CA ASN HA 45 -39.16 17.89 129.76
C ASN HA 45 -38.48 19.16 130.27
N GLY HA 46 -37.85 19.93 129.39
CA GLY HA 46 -37.26 21.24 129.70
C GLY HA 46 -35.77 21.15 130.06
N TYR HA 47 -35.26 19.96 130.36
CA TYR HA 47 -33.82 19.71 130.66
C TYR HA 47 -33.11 19.28 129.38
N ASN HA 48 -31.78 19.29 129.38
CA ASN HA 48 -30.96 18.85 128.22
C ASN HA 48 -31.29 17.40 127.88
N ASP HA 49 -31.42 17.12 126.57
CA ASP HA 49 -31.46 15.75 126.00
C ASP HA 49 -30.03 15.28 125.80
N ALA HA 50 -29.46 14.60 126.80
CA ALA HA 50 -28.02 14.22 126.82
C ALA HA 50 -27.90 12.73 127.15
N PRO HA 51 -28.16 11.84 126.18
CA PRO HA 51 -28.08 10.40 126.40
C PRO HA 51 -26.62 9.96 126.59
N HIS HA 52 -26.43 8.88 127.32
CA HIS HA 52 -25.12 8.24 127.58
C HIS HA 52 -24.56 7.69 126.26
N LEU HA 53 -23.24 7.75 126.07
CA LEU HA 53 -22.56 7.15 124.89
C LEU HA 53 -23.08 5.74 124.69
N THR HA 54 -23.19 4.95 125.76
CA THR HA 54 -23.39 3.47 125.70
C THR HA 54 -24.87 3.12 125.56
N GLU HA 55 -25.76 4.09 125.28
CA GLU HA 55 -27.21 3.83 125.13
C GLU HA 55 -27.68 4.22 123.72
N ILE HA 56 -26.73 4.58 122.85
CA ILE HA 56 -27.01 5.12 121.49
C ILE HA 56 -26.49 4.16 120.44
N PRO HA 57 -27.39 3.44 119.72
CA PRO HA 57 -26.97 2.56 118.64
C PRO HA 57 -26.45 3.34 117.43
N CYS HA 58 -25.40 2.79 116.83
CA CYS HA 58 -24.66 3.35 115.67
C CYS HA 58 -24.62 2.35 114.53
N TYR HA 59 -24.42 2.85 113.31
CA TYR HA 59 -24.11 2.05 112.10
C TYR HA 59 -22.81 1.28 112.36
N SER HA 60 -22.86 -0.03 112.18
CA SER HA 60 -21.65 -0.89 111.98
C SER HA 60 -21.14 -0.67 110.54
N SER HA 61 -19.83 -0.70 110.36
CA SER HA 61 -19.15 -0.37 109.08
C SER HA 61 -17.76 -0.99 109.07
N ALA HA 62 -17.34 -1.52 107.92
CA ALA HA 62 -15.98 -2.07 107.70
C ALA HA 62 -15.59 -1.86 106.24
N ARG HA 63 -14.29 -1.72 105.99
CA ARG HA 63 -13.69 -1.72 104.64
C ARG HA 63 -12.89 -3.01 104.51
N ILE HA 64 -13.32 -3.93 103.63
CA ILE HA 64 -12.59 -5.19 103.33
C ILE HA 64 -11.59 -4.88 102.23
N SER HA 65 -10.33 -5.29 102.42
CA SER HA 65 -9.24 -5.19 101.41
C SER HA 65 -9.44 -6.28 100.36
N LEU HA 66 -9.48 -5.89 99.09
CA LEU HA 66 -9.63 -6.80 97.93
C LEU HA 66 -8.25 -7.05 97.32
N PRO HA 67 -8.03 -8.18 96.60
CA PRO HA 67 -6.77 -8.40 95.88
C PRO HA 67 -6.39 -7.19 95.02
N LEU HA 68 -5.11 -6.79 95.04
CA LEU HA 68 -4.61 -5.63 94.24
C LEU HA 68 -4.73 -5.99 92.77
N LEU HA 69 -5.11 -5.05 91.91
CA LEU HA 69 -5.41 -5.35 90.48
C LEU HA 69 -4.34 -4.81 89.53
N ASN HA 70 -3.91 -3.55 89.67
CA ASN HA 70 -3.10 -2.87 88.65
C ASN HA 70 -1.63 -2.93 89.09
N THR HA 77 -7.79 -0.29 79.87
CA THR HA 77 -7.28 0.75 80.81
C THR HA 77 -7.02 0.05 82.16
N LEU HA 78 -7.52 0.64 83.25
CA LEU HA 78 -7.40 0.13 84.63
C LEU HA 78 -8.53 -0.86 84.90
N LEU HA 79 -8.31 -1.76 85.88
CA LEU HA 79 -9.32 -2.74 86.36
C LEU HA 79 -9.76 -2.38 87.77
N MET HA 80 -11.07 -2.47 88.04
CA MET HA 80 -11.66 -2.34 89.40
C MET HA 80 -12.51 -3.58 89.66
N TRP HA 81 -12.51 -4.05 90.91
CA TRP HA 81 -13.48 -5.08 91.37
C TRP HA 81 -14.89 -4.49 91.32
N GLU HA 82 -15.83 -5.26 90.80
CA GLU HA 82 -17.26 -4.88 90.68
C GLU HA 82 -18.08 -5.87 91.51
N ALA HA 83 -18.79 -5.38 92.52
CA ALA HA 83 -19.69 -6.19 93.37
C ALA HA 83 -20.95 -6.51 92.56
N VAL HA 84 -21.22 -7.80 92.34
CA VAL HA 84 -22.31 -8.27 91.43
C VAL HA 84 -23.54 -8.66 92.26
N SER HA 85 -23.32 -9.43 93.32
CA SER HA 85 -24.39 -10.01 94.15
C SER HA 85 -23.90 -10.14 95.60
N VAL HA 86 -24.83 -10.22 96.55
CA VAL HA 86 -24.52 -10.48 97.99
C VAL HA 86 -25.59 -11.42 98.54
N LYS HA 87 -25.14 -12.52 99.17
CA LYS HA 87 -25.96 -13.32 100.12
C LYS HA 87 -25.73 -12.69 101.50
N THR HA 88 -26.77 -12.21 102.17
CA THR HA 88 -26.66 -11.63 103.54
C THR HA 88 -27.69 -12.27 104.47
N GLU HA 89 -27.34 -12.38 105.75
CA GLU HA 89 -28.23 -12.98 106.79
C GLU HA 89 -28.03 -12.27 108.12
N VAL HA 90 -29.12 -12.07 108.86
CA VAL HA 90 -29.08 -11.59 110.27
C VAL HA 90 -28.83 -12.83 111.13
N VAL HA 91 -27.67 -12.87 111.80
CA VAL HA 91 -27.19 -14.06 112.56
C VAL HA 91 -27.77 -13.99 113.98
N GLY HA 92 -28.12 -15.14 114.54
CA GLY HA 92 -28.55 -15.28 115.94
C GLY HA 92 -29.97 -14.78 116.17
N ILE HA 93 -30.82 -14.82 115.14
CA ILE HA 93 -32.29 -14.54 115.29
C ILE HA 93 -32.85 -15.51 116.34
N SER HA 94 -32.48 -16.79 116.25
CA SER HA 94 -32.98 -17.87 117.15
C SER HA 94 -32.66 -17.55 118.61
N SER HA 95 -31.66 -16.68 118.86
CA SER HA 95 -31.21 -16.29 120.22
C SER HA 95 -32.37 -15.68 121.01
N MET HA 96 -33.37 -15.14 120.31
CA MET HA 96 -34.50 -14.39 120.91
C MET HA 96 -35.57 -15.35 121.46
N LEU HA 97 -35.56 -16.63 121.11
CA LEU HA 97 -36.51 -17.63 121.70
C LEU HA 97 -36.00 -18.02 123.09
N ASN HA 98 -36.03 -17.05 124.02
CA ASN HA 98 -35.47 -17.16 125.39
C ASN HA 98 -36.41 -16.42 126.35
N MET HA 99 -37.12 -17.16 127.20
CA MET HA 99 -38.11 -16.58 128.14
C MET HA 99 -37.67 -16.80 129.60
N HIS HA 100 -36.38 -17.09 129.83
CA HIS HA 100 -35.84 -17.39 131.18
C HIS HA 100 -34.76 -16.39 131.62
N SER HA 101 -34.17 -15.64 130.70
CA SER HA 101 -33.00 -14.75 130.97
C SER HA 101 -33.46 -13.35 131.39
N TYR HA 102 -34.13 -13.28 132.54
CA TYR HA 102 -34.34 -12.07 133.38
C TYR HA 102 -35.37 -11.11 132.76
N GLY HA 103 -36.12 -11.54 131.74
CA GLY HA 103 -37.10 -10.67 131.08
C GLY HA 103 -38.27 -10.35 131.99
N LEU HA 104 -38.84 -9.14 131.87
CA LEU HA 104 -40.11 -8.76 132.54
C LEU HA 104 -41.11 -9.89 132.32
N ARG HA 105 -41.77 -10.34 133.39
CA ARG HA 105 -42.55 -11.61 133.37
C ARG HA 105 -44.01 -11.30 133.02
N ALA HA 106 -44.59 -12.14 132.16
CA ALA HA 106 -45.97 -12.00 131.64
C ALA HA 106 -46.96 -12.56 132.64
N PHE HA 107 -48.24 -12.25 132.46
CA PHE HA 107 -49.38 -12.81 133.22
C PHE HA 107 -49.12 -12.61 134.72
N GLY HA 108 -48.95 -11.34 135.10
CA GLY HA 108 -48.83 -10.87 136.49
C GLY HA 108 -47.60 -11.40 137.20
N GLY HA 109 -46.55 -11.79 136.46
CA GLY HA 109 -45.25 -12.22 137.01
C GLY HA 109 -45.12 -13.73 137.13
N TYR HA 110 -46.16 -14.50 136.79
CA TYR HA 110 -46.19 -15.98 136.93
C TYR HA 110 -45.73 -16.66 135.64
N GLY HA 111 -45.78 -15.95 134.51
CA GLY HA 111 -45.39 -16.46 133.18
C GLY HA 111 -43.90 -16.29 132.93
N GLY HA 112 -43.48 -16.44 131.68
CA GLY HA 112 -42.07 -16.33 131.26
C GLY HA 112 -41.67 -14.89 130.99
N GLY HA 113 -40.37 -14.66 130.82
CA GLY HA 113 -39.80 -13.34 130.49
C GLY HA 113 -40.19 -12.89 129.09
N TYR HA 114 -40.36 -11.58 128.89
CA TYR HA 114 -40.57 -10.94 127.57
C TYR HA 114 -39.37 -11.22 126.68
N THR HA 115 -39.64 -11.75 125.48
CA THR HA 115 -38.64 -11.80 124.38
C THR HA 115 -38.42 -10.37 123.87
N ILE HA 116 -37.29 -10.14 123.22
CA ILE HA 116 -36.95 -8.84 122.56
C ILE HA 116 -38.20 -8.38 121.81
N GLU HA 117 -38.59 -7.13 122.04
CA GLU HA 117 -39.76 -6.49 121.37
C GLU HA 117 -39.55 -4.97 121.30
N GLY HA 118 -40.44 -4.28 120.59
CA GLY HA 118 -40.42 -2.83 120.43
C GLY HA 118 -39.86 -2.40 119.09
N SER HA 119 -39.63 -1.10 118.93
CA SER HA 119 -39.14 -0.48 117.68
C SER HA 119 -37.82 -1.13 117.28
N HIS HA 120 -37.65 -1.37 115.98
CA HIS HA 120 -36.48 -2.09 115.40
C HIS HA 120 -36.18 -1.55 114.01
N ILE HA 121 -34.92 -1.61 113.60
CA ILE HA 121 -34.47 -1.25 112.23
C ILE HA 121 -33.53 -2.35 111.75
N HIS HA 122 -33.64 -2.74 110.48
CA HIS HA 122 -32.73 -3.70 109.83
C HIS HA 122 -32.28 -3.10 108.50
N PHE HA 123 -30.96 -3.01 108.31
CA PHE HA 123 -30.36 -2.26 107.20
C PHE HA 123 -28.99 -2.81 106.85
N PHE HA 124 -28.67 -2.84 105.56
CA PHE HA 124 -27.32 -3.22 105.05
C PHE HA 124 -27.07 -2.43 103.76
N SER HA 125 -25.79 -2.18 103.49
CA SER HA 125 -25.32 -1.53 102.25
C SER HA 125 -24.01 -2.20 101.80
N VAL HA 126 -23.84 -2.34 100.49
CA VAL HA 126 -22.58 -2.76 99.83
C VAL HA 126 -22.20 -1.65 98.85
N GLY HA 127 -20.94 -1.24 98.85
CA GLY HA 127 -20.48 -0.09 98.05
C GLY HA 127 -18.99 -0.16 97.74
N GLY HA 128 -18.57 0.63 96.76
CA GLY HA 128 -17.15 0.77 96.35
C GLY HA 128 -16.49 1.95 97.04
N GLU HA 129 -17.21 2.59 97.97
CA GLU HA 129 -16.73 3.73 98.77
C GLU HA 129 -17.60 3.82 100.02
N PRO HA 130 -17.21 4.63 101.02
CA PRO HA 130 -18.06 4.88 102.18
C PRO HA 130 -19.47 5.30 101.78
N LEU HA 131 -20.47 4.82 102.53
CA LEU HA 131 -21.91 5.16 102.36
C LEU HA 131 -22.09 6.66 102.66
N ASP HA 132 -22.79 7.38 101.78
CA ASP HA 132 -23.11 8.82 101.98
C ASP HA 132 -24.30 8.93 102.94
N LEU HA 133 -24.15 9.73 104.00
CA LEU HA 133 -25.16 9.95 105.05
C LEU HA 133 -25.74 11.36 104.90
N GLN HA 134 -27.05 11.48 105.13
CA GLN HA 134 -27.79 12.76 105.28
C GLN HA 134 -28.18 12.91 106.75
N GLY HA 135 -27.97 14.10 107.31
CA GLY HA 135 -28.37 14.43 108.69
C GLY HA 135 -29.86 14.65 108.78
N LEU HA 136 -30.54 13.85 109.62
CA LEU HA 136 -31.94 14.10 110.04
C LEU HA 136 -32.17 13.41 111.38
N MET HA 137 -32.68 14.16 112.36
CA MET HA 137 -32.83 13.74 113.78
C MET HA 137 -34.19 14.20 114.29
N GLN HA 138 -34.69 13.54 115.35
CA GLN HA 138 -36.01 13.86 115.97
C GLN HA 138 -35.92 15.15 116.80
N ASN HA 139 -34.79 15.37 117.49
CA ASN HA 139 -34.56 16.55 118.36
C ASN HA 139 -33.21 17.16 118.00
N HIS HA 140 -33.22 18.35 117.38
CA HIS HA 140 -32.01 19.05 116.88
C HIS HA 140 -31.04 19.30 118.03
N SER HA 141 -31.55 19.41 119.26
CA SER HA 141 -30.79 19.83 120.47
C SER HA 141 -30.13 18.63 121.17
N THR HA 142 -30.36 17.41 120.70
CA THR HA 142 -29.72 16.20 121.29
C THR HA 142 -28.22 16.44 121.42
N GLN HA 143 -27.64 16.14 122.58
CA GLN HA 143 -26.17 16.25 122.85
C GLN HA 143 -25.56 14.85 122.76
N TYR HA 144 -24.81 14.58 121.69
CA TYR HA 144 -24.08 13.31 121.49
C TYR HA 144 -22.72 13.41 122.13
N PRO HA 145 -22.39 12.54 123.11
CA PRO HA 145 -21.05 12.52 123.70
C PRO HA 145 -19.99 12.12 122.66
N SER HA 146 -18.81 12.74 122.75
CA SER HA 146 -17.58 12.31 122.02
C SER HA 146 -17.30 10.86 122.41
N PRO HA 147 -16.82 9.99 121.48
CA PRO HA 147 -16.44 10.37 120.12
C PRO HA 147 -17.50 10.22 119.02
N LEU HA 148 -18.78 10.10 119.38
CA LEU HA 148 -19.89 10.02 118.40
C LEU HA 148 -19.89 11.30 117.55
N VAL HA 149 -20.45 11.23 116.35
CA VAL HA 149 -20.53 12.38 115.40
C VAL HA 149 -21.99 12.57 115.01
N GLY HA 150 -22.54 13.75 115.29
CA GLY HA 150 -23.91 14.12 114.91
C GLY HA 150 -23.90 15.23 113.85
N PRO HA 151 -25.06 15.54 113.24
CA PRO HA 151 -25.15 16.60 112.23
C PRO HA 151 -24.77 17.95 112.85
N LYS HA 152 -23.70 18.57 112.37
CA LYS HA 152 -23.25 19.94 112.78
C LYS HA 152 -23.15 20.80 111.51
N LYS HA 153 -23.50 22.07 111.58
CA LYS HA 153 -23.18 23.08 110.53
C LYS HA 153 -21.67 23.31 110.53
N PRO HA 154 -21.13 24.13 109.58
CA PRO HA 154 -19.72 24.51 109.63
C PRO HA 154 -19.32 25.22 110.92
N ASP HA 155 -20.22 26.01 111.50
CA ASP HA 155 -19.93 26.85 112.71
C ASP HA 155 -20.00 25.99 113.97
N GLY HA 156 -20.42 24.70 113.88
CA GLY HA 156 -20.45 23.77 115.02
C GLY HA 156 -21.84 23.60 115.63
N THR HA 157 -22.78 24.50 115.29
CA THR HA 157 -24.18 24.49 115.79
C THR HA 157 -24.99 23.44 115.04
N THR HA 158 -26.22 23.20 115.51
CA THR HA 158 -27.25 22.31 114.90
C THR HA 158 -28.60 22.97 115.10
N ASP HA 159 -29.23 23.48 114.04
CA ASP HA 159 -30.49 24.26 114.15
C ASP HA 159 -31.70 23.34 113.93
N ASP HA 160 -32.91 23.90 113.98
CA ASP HA 160 -34.21 23.19 113.86
C ASP HA 160 -34.30 22.45 112.53
N SER HA 161 -33.59 22.92 111.49
CA SER HA 161 -33.66 22.37 110.11
C SER HA 161 -33.15 20.92 110.08
N ALA HA 162 -32.35 20.52 111.06
CA ALA HA 162 -31.82 19.13 111.18
C ALA HA 162 -32.95 18.13 111.48
N GLN HA 163 -34.17 18.59 111.74
CA GLN HA 163 -35.35 17.72 111.99
C GLN HA 163 -36.08 17.45 110.67
N VAL HA 164 -35.68 18.14 109.60
CA VAL HA 164 -36.15 17.89 108.22
C VAL HA 164 -34.92 17.78 107.32
N LEU HA 165 -35.06 17.97 106.00
CA LEU HA 165 -33.91 17.90 105.08
C LEU HA 165 -33.29 19.28 104.94
N ASN HA 166 -32.04 19.41 105.41
CA ASN HA 166 -31.13 20.54 105.08
C ASN HA 166 -29.85 19.94 104.52
N PRO HA 167 -29.55 20.17 103.21
CA PRO HA 167 -28.33 19.64 102.60
C PRO HA 167 -27.02 19.97 103.31
N ILE HA 168 -27.01 20.98 104.19
CA ILE HA 168 -25.78 21.40 104.94
C ILE HA 168 -25.29 20.23 105.80
N TYR HA 169 -26.19 19.33 106.23
CA TYR HA 169 -25.88 18.21 107.17
C TYR HA 169 -25.62 16.92 106.38
N LYS HA 170 -24.36 16.65 106.05
CA LYS HA 170 -23.93 15.42 105.35
C LYS HA 170 -22.67 14.87 106.04
N ALA HA 171 -22.40 13.59 105.81
CA ALA HA 171 -21.22 12.87 106.34
C ALA HA 171 -21.00 11.61 105.53
N LYS HA 172 -19.80 11.04 105.63
CA LYS HA 172 -19.45 9.73 105.05
C LYS HA 172 -19.33 8.75 106.21
N LEU HA 173 -19.95 7.58 106.09
CA LEU HA 173 -19.89 6.49 107.10
C LEU HA 173 -18.50 5.86 107.05
N ASP HA 174 -17.51 6.55 107.63
CA ASP HA 174 -16.06 6.23 107.45
C ASP HA 174 -15.49 5.60 108.73
N LYS HA 175 -16.28 5.43 109.78
CA LYS HA 175 -15.81 4.87 111.09
C LYS HA 175 -16.93 4.00 111.67
N ASP HA 176 -16.59 2.80 112.13
CA ASP HA 176 -17.50 1.87 112.85
C ASP HA 176 -17.93 2.55 114.17
N ALA HA 177 -19.14 2.26 114.64
CA ALA HA 177 -19.60 2.53 116.03
C ALA HA 177 -19.55 4.03 116.35
N THR HA 178 -19.64 4.89 115.34
CA THR HA 178 -19.36 6.34 115.47
C THR HA 178 -20.58 7.19 115.07
N TYR HA 179 -21.32 6.78 114.05
CA TYR HA 179 -22.45 7.56 113.47
C TYR HA 179 -23.75 6.98 114.02
N PRO HA 180 -24.47 7.72 114.89
CA PRO HA 180 -25.73 7.22 115.45
C PRO HA 180 -26.80 7.04 114.37
N ILE HA 181 -27.53 5.93 114.46
CA ILE HA 181 -28.64 5.58 113.53
C ILE HA 181 -29.68 6.70 113.58
N GLU HA 182 -29.85 7.34 114.73
CA GLU HA 182 -31.02 8.20 115.04
C GLU HA 182 -30.87 9.60 114.44
N CYS HA 183 -29.68 9.98 113.92
CA CYS HA 183 -29.44 11.33 113.35
C CYS HA 183 -28.85 11.26 111.93
N TRP HA 184 -28.56 10.05 111.42
CA TRP HA 184 -28.04 9.83 110.04
C TRP HA 184 -28.86 8.76 109.31
N CYS HA 185 -29.32 9.07 108.09
CA CYS HA 185 -29.90 8.07 107.17
C CYS HA 185 -29.08 8.03 105.88
N PRO HA 186 -29.19 6.96 105.08
CA PRO HA 186 -28.57 6.94 103.75
C PRO HA 186 -29.09 8.13 102.93
N ASP HA 187 -28.15 8.85 102.29
CA ASP HA 187 -28.39 10.05 101.45
C ASP HA 187 -28.81 9.60 100.06
N PRO HA 188 -30.10 9.77 99.68
CA PRO HA 188 -30.58 9.28 98.39
C PRO HA 188 -30.15 10.16 97.21
N SER HA 189 -29.60 11.35 97.51
CA SER HA 189 -29.09 12.33 96.52
C SER HA 189 -27.67 11.94 96.08
N ARG HA 190 -27.07 10.95 96.74
CA ARG HA 190 -25.70 10.45 96.43
C ARG HA 190 -25.74 8.93 96.40
N ASN HA 191 -24.70 8.27 96.91
CA ASN HA 191 -24.60 6.78 96.96
C ASN HA 191 -24.79 6.18 95.57
N GLU HA 192 -24.30 6.83 94.50
CA GLU HA 192 -24.35 6.29 93.12
C GLU HA 192 -23.58 4.96 93.10
N ASN HA 193 -22.52 4.83 93.90
CA ASN HA 193 -21.57 3.67 93.89
C ASN HA 193 -21.81 2.79 95.12
N SER HA 194 -22.99 2.86 95.74
CA SER HA 194 -23.42 2.00 96.86
C SER HA 194 -24.84 1.51 96.59
N ARG HA 195 -25.18 0.31 97.06
CA ARG HA 195 -26.58 -0.20 97.07
C ARG HA 195 -26.97 -0.38 98.53
N TYR HA 196 -28.06 0.25 98.98
CA TYR HA 196 -28.51 0.16 100.39
C TYR HA 196 -29.98 -0.28 100.44
N PHE HA 197 -30.32 -0.98 101.53
CA PHE HA 197 -31.63 -1.62 101.78
C PHE HA 197 -31.94 -1.54 103.28
N GLY HA 198 -33.08 -0.96 103.65
CA GLY HA 198 -33.44 -0.76 105.06
C GLY HA 198 -34.92 -0.80 105.29
N SER HA 199 -35.34 -1.30 106.45
CA SER HA 199 -36.75 -1.33 106.91
C SER HA 199 -36.81 -1.03 108.41
N TYR HA 200 -37.58 -0.01 108.80
CA TYR HA 200 -37.84 0.38 110.20
C TYR HA 200 -39.29 0.05 110.55
N THR HA 201 -39.51 -0.43 111.77
CA THR HA 201 -40.85 -0.63 112.38
C THR HA 201 -40.86 0.02 113.77
N GLY HA 202 -41.86 0.86 114.03
CA GLY HA 202 -42.01 1.56 115.34
C GLY HA 202 -42.81 0.72 116.32
N GLY HA 203 -43.39 1.38 117.33
CA GLY HA 203 -44.29 0.77 118.34
C GLY HA 203 -43.56 0.50 119.64
N VAL HA 204 -44.32 0.21 120.70
CA VAL HA 204 -43.81 0.06 122.09
C VAL HA 204 -43.44 -1.40 122.34
N GLU HA 205 -44.34 -2.33 121.95
CA GLU HA 205 -44.21 -3.78 122.24
C GLU HA 205 -44.25 -4.58 120.93
N THR HA 206 -43.96 -3.94 119.79
CA THR HA 206 -44.04 -4.54 118.43
C THR HA 206 -43.17 -5.79 118.36
N PRO HA 207 -43.72 -6.93 117.89
CA PRO HA 207 -42.95 -8.16 117.77
C PRO HA 207 -42.02 -8.08 116.56
N PRO HA 208 -40.72 -8.40 116.73
CA PRO HA 208 -39.83 -8.55 115.59
C PRO HA 208 -40.23 -9.76 114.74
N VAL HA 209 -40.18 -9.60 113.42
CA VAL HA 209 -40.41 -10.68 112.42
C VAL HA 209 -39.16 -10.73 111.55
N LEU HA 210 -38.36 -11.79 111.68
CA LEU HA 210 -37.11 -11.99 110.91
C LEU HA 210 -37.10 -13.39 110.30
N SER HA 211 -36.67 -13.49 109.05
CA SER HA 211 -36.47 -14.78 108.33
C SER HA 211 -34.98 -15.00 108.11
N PHE HA 212 -34.58 -16.26 107.93
CA PHE HA 212 -33.18 -16.64 107.64
C PHE HA 212 -33.18 -17.85 106.71
N THR HA 213 -32.40 -17.77 105.63
CA THR HA 213 -32.22 -18.86 104.63
C THR HA 213 -30.89 -18.67 103.90
N ASN HA 214 -30.26 -19.77 103.49
CA ASN HA 214 -29.02 -19.73 102.67
C ASN HA 214 -29.39 -19.85 101.18
N THR HA 215 -30.64 -19.58 100.81
CA THR HA 215 -31.15 -19.68 99.42
C THR HA 215 -31.40 -18.29 98.80
N SER HA 216 -31.38 -17.21 99.58
CA SER HA 216 -31.64 -15.83 99.08
C SER HA 216 -30.35 -15.25 98.47
N THR HA 217 -30.48 -14.41 97.45
CA THR HA 217 -29.37 -13.62 96.84
C THR HA 217 -29.91 -12.25 96.42
N THR HA 218 -29.19 -11.18 96.72
CA THR HA 218 -29.54 -9.80 96.30
C THR HA 218 -28.60 -9.38 95.18
N ILE HA 219 -29.14 -9.06 94.01
CA ILE HA 219 -28.36 -8.54 92.85
C ILE HA 219 -28.02 -7.08 93.12
N LEU HA 220 -26.78 -6.68 92.84
CA LEU HA 220 -26.26 -5.32 93.14
C LEU HA 220 -26.06 -4.51 91.85
N LEU HA 221 -26.30 -5.12 90.69
CA LEU HA 221 -26.19 -4.43 89.37
C LEU HA 221 -27.30 -3.38 89.27
N ASP HA 222 -27.01 -2.22 88.67
CA ASP HA 222 -27.96 -1.08 88.54
C ASP HA 222 -28.79 -1.25 87.25
N GLU HA 223 -29.59 -0.24 86.92
CA GLU HA 223 -30.42 -0.14 85.69
C GLU HA 223 -29.58 -0.51 84.46
N ASN HA 224 -28.27 -0.21 84.46
CA ASN HA 224 -27.36 -0.41 83.29
C ASN HA 224 -26.40 -1.59 83.52
N GLY HA 225 -26.73 -2.55 84.39
CA GLY HA 225 -25.95 -3.79 84.58
C GLY HA 225 -24.56 -3.56 85.18
N VAL HA 226 -24.35 -2.41 85.83
CA VAL HA 226 -23.07 -2.06 86.52
C VAL HA 226 -23.29 -2.16 88.04
N GLY HA 227 -22.42 -2.90 88.72
CA GLY HA 227 -22.40 -3.01 90.19
C GLY HA 227 -21.52 -1.95 90.83
N PRO HA 228 -21.49 -1.86 92.18
CA PRO HA 228 -20.53 -1.01 92.86
C PRO HA 228 -19.11 -1.34 92.40
N LEU HA 229 -18.36 -0.31 92.01
CA LEU HA 229 -16.93 -0.40 91.62
C LEU HA 229 -16.06 0.00 92.81
N CYS HA 230 -15.26 -0.94 93.30
CA CYS HA 230 -14.47 -0.82 94.56
C CYS HA 230 -13.23 0.05 94.33
N LYS HA 231 -13.33 1.34 94.67
CA LYS HA 231 -12.22 2.33 94.62
C LYS HA 231 -11.14 1.92 95.63
N GLY HA 232 -9.88 2.17 95.30
CA GLY HA 232 -8.71 1.80 96.12
C GLY HA 232 -8.72 0.34 96.52
N ASP HA 233 -9.31 -0.55 95.70
CA ASP HA 233 -9.35 -2.01 95.93
C ASP HA 233 -9.95 -2.27 97.33
N GLY HA 234 -11.01 -1.52 97.67
CA GLY HA 234 -11.73 -1.63 98.95
C GLY HA 234 -13.23 -1.85 98.75
N LEU HA 235 -13.79 -2.86 99.40
CA LEU HA 235 -15.25 -3.15 99.46
C LEU HA 235 -15.79 -2.63 100.79
N TYR HA 236 -16.83 -1.79 100.74
CA TYR HA 236 -17.38 -1.06 101.91
C TYR HA 236 -18.72 -1.70 102.33
N LEU HA 237 -18.72 -2.41 103.45
CA LEU HA 237 -19.92 -3.02 104.07
C LEU HA 237 -20.42 -2.12 105.21
N SER HA 238 -21.75 -1.99 105.32
CA SER HA 238 -22.44 -1.25 106.41
C SER HA 238 -23.66 -2.06 106.87
N SER HA 239 -24.01 -1.92 108.14
CA SER HA 239 -25.04 -2.74 108.83
C SER HA 239 -25.68 -1.87 109.92
N ALA HA 240 -26.97 -2.08 110.17
CA ALA HA 240 -27.70 -1.55 111.34
C ALA HA 240 -28.83 -2.53 111.66
N ASP HA 241 -28.61 -3.44 112.61
CA ASP HA 241 -29.61 -4.49 112.95
C ASP HA 241 -29.93 -4.43 114.43
N VAL HA 242 -30.82 -3.50 114.78
CA VAL HA 242 -31.38 -3.32 116.15
C VAL HA 242 -32.71 -4.07 116.18
N ALA HA 243 -32.71 -5.29 116.71
CA ALA HA 243 -33.86 -6.23 116.66
C ALA HA 243 -35.03 -5.71 117.49
N GLY HA 244 -34.73 -4.85 118.48
CA GLY HA 244 -35.69 -4.26 119.41
C GLY HA 244 -35.05 -3.98 120.75
N THR HA 245 -35.83 -4.07 121.83
CA THR HA 245 -35.37 -3.81 123.22
C THR HA 245 -35.56 -5.07 124.06
N PHE HA 246 -34.64 -5.29 124.98
CA PHE HA 246 -34.81 -6.21 126.14
C PHE HA 246 -35.45 -5.43 127.28
N VAL HA 247 -36.56 -5.94 127.82
CA VAL HA 247 -37.30 -5.35 128.99
C VAL HA 247 -36.98 -6.22 130.20
N GLN HA 248 -36.29 -5.66 131.20
CA GLN HA 248 -35.79 -6.42 132.38
C GLN HA 248 -36.85 -6.43 133.49
N GLN HA 249 -37.08 -7.59 134.10
CA GLN HA 249 -37.99 -7.75 135.28
C GLN HA 249 -37.50 -6.81 136.39
N THR HA 250 -38.42 -6.38 137.25
CA THR HA 250 -38.12 -5.63 138.50
C THR HA 250 -37.73 -4.19 138.16
N SER HA 251 -36.60 -3.97 137.49
CA SER HA 251 -36.13 -2.62 137.09
C SER HA 251 -37.13 -2.01 136.10
N GLN HA 252 -37.69 -2.85 135.22
CA GLN HA 252 -38.56 -2.45 134.08
C GLN HA 252 -37.83 -1.43 133.21
N LYS HA 253 -36.49 -1.55 133.16
CA LYS HA 253 -35.62 -0.76 132.25
C LYS HA 253 -35.53 -1.48 130.91
N GLN HA 254 -35.30 -0.71 129.84
CA GLN HA 254 -35.17 -1.23 128.46
C GLN HA 254 -33.72 -1.06 128.00
N TYR HA 255 -33.23 -2.05 127.26
CA TYR HA 255 -31.88 -2.08 126.64
C TYR HA 255 -32.04 -2.41 125.15
N TRP HA 256 -31.45 -1.60 124.28
CA TRP HA 256 -31.34 -1.92 122.82
C TRP HA 256 -30.61 -3.26 122.67
N ARG HA 257 -31.13 -4.14 121.81
CA ARG HA 257 -30.52 -5.44 121.44
C ARG HA 257 -30.16 -5.42 119.95
N GLY HA 258 -28.88 -5.64 119.64
CA GLY HA 258 -28.36 -5.68 118.26
C GLY HA 258 -28.01 -7.09 117.85
N LEU HA 259 -28.01 -7.36 116.55
CA LEU HA 259 -27.59 -8.67 115.99
C LEU HA 259 -26.55 -8.46 114.90
N PRO HA 260 -25.64 -9.44 114.71
CA PRO HA 260 -24.62 -9.35 113.68
C PRO HA 260 -25.22 -9.69 112.31
N ARG HA 261 -24.63 -9.13 111.25
CA ARG HA 261 -25.01 -9.42 109.84
C ARG HA 261 -23.86 -10.10 109.13
N TYR HA 262 -24.15 -11.21 108.45
CA TYR HA 262 -23.18 -11.95 107.59
C TYR HA 262 -23.31 -11.43 106.15
N PHE HA 263 -22.17 -11.25 105.49
CA PHE HA 263 -22.11 -10.89 104.05
C PHE HA 263 -21.32 -11.95 103.27
N ASN HA 264 -21.78 -12.23 102.05
CA ASN HA 264 -21.03 -13.06 101.07
C ASN HA 264 -21.14 -12.37 99.71
N ILE HA 265 -20.16 -11.55 99.35
CA ILE HA 265 -20.20 -10.72 98.12
C ILE HA 265 -19.45 -11.46 97.02
N THR HA 266 -20.08 -11.57 95.84
CA THR HA 266 -19.42 -12.05 94.59
C THR HA 266 -18.99 -10.82 93.78
N LEU HA 267 -17.71 -10.71 93.48
CA LEU HA 267 -17.16 -9.61 92.65
C LEU HA 267 -16.51 -10.19 91.38
N ARG HA 268 -16.39 -9.35 90.35
CA ARG HA 268 -15.76 -9.68 89.05
C ARG HA 268 -14.93 -8.48 88.59
N LYS HA 269 -13.91 -8.71 87.79
CA LYS HA 269 -13.03 -7.63 87.26
C LYS HA 269 -13.79 -6.86 86.18
N ARG HA 270 -13.78 -5.53 86.24
CA ARG HA 270 -14.39 -4.62 85.24
C ARG HA 270 -13.33 -3.60 84.83
N ALA HA 271 -13.26 -3.31 83.53
CA ALA HA 271 -12.32 -2.33 82.93
C ALA HA 271 -12.94 -0.94 82.96
N VAL HA 272 -12.11 0.09 83.09
CA VAL HA 272 -12.54 1.53 83.20
C VAL HA 272 -11.52 2.42 82.48
N LYS HA 273 -11.96 3.57 81.94
CA LYS HA 273 -11.20 4.40 80.96
C LYS HA 273 -10.15 5.25 81.71
N ILE IA 7 -16.17 -31.74 96.43
CA ILE IA 7 -16.56 -32.87 95.48
C ILE IA 7 -16.86 -32.28 94.09
N GLU IA 8 -16.17 -32.75 93.04
CA GLU IA 8 -16.43 -32.33 91.64
C GLU IA 8 -17.68 -33.06 91.15
N VAL IA 9 -18.75 -32.30 90.84
CA VAL IA 9 -20.09 -32.83 90.45
C VAL IA 9 -20.11 -33.06 88.95
N LEU IA 10 -20.64 -34.20 88.49
CA LEU IA 10 -20.69 -34.57 87.05
C LEU IA 10 -22.13 -34.67 86.57
N ASP IA 11 -22.41 -35.59 85.65
CA ASP IA 11 -23.72 -35.78 84.96
C ASP IA 11 -24.73 -36.34 85.96
N VAL IA 12 -26.01 -36.10 85.71
CA VAL IA 12 -27.15 -36.70 86.45
C VAL IA 12 -27.49 -38.06 85.82
N LYS IA 13 -27.24 -39.17 86.50
CA LYS IA 13 -27.64 -40.52 86.00
C LYS IA 13 -29.16 -40.55 85.90
N THR IA 14 -29.69 -40.82 84.70
CA THR IA 14 -31.14 -41.09 84.44
C THR IA 14 -31.27 -42.56 84.05
N GLY IA 15 -32.51 -43.06 84.00
CA GLY IA 15 -32.81 -44.48 83.74
C GLY IA 15 -33.64 -45.07 84.88
N PRO IA 16 -33.97 -46.37 84.83
CA PRO IA 16 -34.74 -47.01 85.90
C PRO IA 16 -33.97 -47.03 87.23
N ASP IA 17 -34.69 -46.97 88.35
CA ASP IA 17 -34.14 -46.99 89.72
C ASP IA 17 -33.14 -45.84 89.91
N SER IA 18 -33.32 -44.70 89.25
CA SER IA 18 -32.37 -43.56 89.31
C SER IA 18 -32.92 -42.41 90.17
N THR IA 19 -34.22 -42.43 90.47
CA THR IA 19 -34.86 -41.53 91.47
C THR IA 19 -35.48 -42.34 92.58
N THR IA 20 -35.67 -41.73 93.75
CA THR IA 20 -36.35 -42.32 94.93
C THR IA 20 -36.95 -41.19 95.77
N THR IA 21 -37.98 -41.49 96.55
CA THR IA 21 -38.59 -40.55 97.52
C THR IA 21 -38.38 -41.10 98.94
N ILE IA 22 -38.27 -40.20 99.91
CA ILE IA 22 -38.19 -40.54 101.35
C ILE IA 22 -39.27 -39.75 102.08
N GLU IA 23 -40.19 -40.47 102.76
CA GLU IA 23 -41.11 -39.90 103.78
C GLU IA 23 -40.45 -40.02 105.15
N ALA IA 24 -40.51 -38.97 105.95
CA ALA IA 24 -40.00 -38.92 107.34
C ALA IA 24 -40.78 -37.84 108.11
N TYR IA 25 -40.83 -37.97 109.43
CA TYR IA 25 -41.37 -36.90 110.33
C TYR IA 25 -40.36 -36.71 111.44
N LEU IA 26 -40.19 -35.47 111.89
CA LEU IA 26 -39.46 -35.14 113.14
C LEU IA 26 -40.49 -34.64 114.16
N ASN IA 27 -40.58 -35.33 115.30
CA ASN IA 27 -41.39 -34.86 116.45
C ASN IA 27 -40.61 -33.77 117.16
N PRO IA 28 -41.31 -32.80 117.79
CA PRO IA 28 -40.66 -31.65 118.41
C PRO IA 28 -39.92 -32.06 119.68
N ARG IA 29 -38.85 -31.34 120.01
CA ARG IA 29 -38.05 -31.58 121.25
C ARG IA 29 -38.00 -30.26 122.03
N VAL IA 30 -39.12 -29.93 122.69
CA VAL IA 30 -39.31 -28.64 123.42
C VAL IA 30 -38.93 -28.81 124.90
N GLY IA 31 -38.27 -29.92 125.26
CA GLY IA 31 -37.80 -30.20 126.63
C GLY IA 31 -38.34 -31.51 127.17
N GLN IA 32 -39.52 -31.91 126.71
CA GLN IA 32 -40.07 -33.28 126.89
C GLN IA 32 -40.51 -33.78 125.51
N ASN IA 33 -41.08 -34.99 125.43
CA ASN IA 33 -41.26 -35.70 124.14
C ASN IA 33 -42.70 -35.61 123.65
N TRP IA 34 -43.60 -34.95 124.38
CA TRP IA 34 -45.06 -35.00 124.10
C TRP IA 34 -45.60 -33.61 123.78
N GLY IA 35 -44.74 -32.73 123.25
CA GLY IA 35 -45.16 -31.48 122.57
C GLY IA 35 -45.21 -30.28 123.50
N PHE IA 36 -44.98 -30.48 124.80
CA PHE IA 36 -44.93 -29.39 125.80
C PHE IA 36 -43.67 -29.51 126.66
N SER IA 37 -43.07 -28.34 126.93
CA SER IA 37 -42.03 -28.15 127.96
C SER IA 37 -42.67 -28.24 129.34
N THR IA 38 -41.84 -28.33 130.39
CA THR IA 38 -42.24 -28.03 131.78
C THR IA 38 -42.34 -26.51 131.89
N GLU IA 39 -42.89 -26.00 132.99
CA GLU IA 39 -43.16 -24.56 133.17
C GLU IA 39 -41.89 -23.76 132.88
N ILE IA 40 -42.03 -22.66 132.16
CA ILE IA 40 -40.92 -21.70 131.90
C ILE IA 40 -40.63 -20.99 133.22
N THR IA 41 -39.37 -20.99 133.65
CA THR IA 41 -38.91 -20.31 134.90
C THR IA 41 -38.02 -19.13 134.52
N VAL IA 42 -37.96 -18.12 135.37
CA VAL IA 42 -37.17 -16.89 135.15
C VAL IA 42 -36.29 -16.67 136.39
N ALA IA 43 -34.98 -16.68 136.20
CA ALA IA 43 -33.99 -16.34 137.26
C ALA IA 43 -34.31 -14.95 137.82
N SER IA 44 -34.17 -14.76 139.12
CA SER IA 44 -34.22 -13.42 139.77
C SER IA 44 -32.97 -12.63 139.41
N ASN IA 45 -33.13 -11.33 139.11
CA ASN IA 45 -32.00 -10.45 138.73
C ASN IA 45 -30.86 -10.67 139.71
N GLY IA 46 -29.64 -10.92 139.20
CA GLY IA 46 -28.41 -11.06 140.00
C GLY IA 46 -28.09 -12.50 140.37
N TYR IA 47 -29.06 -13.41 140.25
CA TYR IA 47 -28.87 -14.86 140.53
C TYR IA 47 -28.52 -15.58 139.23
N ASN IA 48 -28.03 -16.83 139.33
CA ASN IA 48 -27.66 -17.64 138.13
C ASN IA 48 -28.88 -17.85 137.25
N ASP IA 49 -28.69 -17.72 135.94
CA ASP IA 49 -29.67 -18.11 134.89
C ASP IA 49 -29.47 -19.61 134.62
N ALA IA 50 -30.23 -20.46 135.32
CA ALA IA 50 -30.04 -21.94 135.29
C ALA IA 50 -31.38 -22.61 135.02
N PRO IA 51 -31.86 -22.59 133.77
CA PRO IA 51 -33.15 -23.20 133.43
C PRO IA 51 -33.09 -24.72 133.52
N HIS IA 52 -34.25 -25.32 133.80
CA HIS IA 52 -34.45 -26.80 133.87
C HIS IA 52 -34.21 -27.40 132.48
N LEU IA 53 -33.62 -28.59 132.41
CA LEU IA 53 -33.45 -29.34 131.14
C LEU IA 53 -34.77 -29.32 130.35
N THR IA 54 -35.88 -29.58 131.04
CA THR IA 54 -37.19 -29.88 130.41
C THR IA 54 -37.96 -28.60 130.05
N GLU IA 55 -37.33 -27.43 130.11
CA GLU IA 55 -38.00 -26.14 129.78
C GLU IA 55 -37.29 -25.46 128.61
N ILE IA 56 -36.32 -26.15 127.99
CA ILE IA 56 -35.42 -25.59 126.95
C ILE IA 56 -35.67 -26.32 125.64
N PRO IA 57 -36.33 -25.68 124.65
CA PRO IA 57 -36.53 -26.28 123.33
C PRO IA 57 -35.22 -26.40 122.54
N CYS IA 58 -35.10 -27.54 121.85
CA CYS IA 58 -33.92 -27.94 121.06
C CYS IA 58 -34.33 -28.25 119.61
N TYR IA 59 -33.37 -28.14 118.69
CA TYR IA 59 -33.48 -28.61 117.30
C TYR IA 59 -33.78 -30.11 117.32
N SER IA 60 -34.85 -30.53 116.64
CA SER IA 60 -35.09 -31.92 116.20
C SER IA 60 -34.17 -32.21 115.01
N SER IA 61 -33.67 -33.43 114.90
CA SER IA 61 -32.66 -33.84 113.90
C SER IA 61 -32.70 -35.36 113.73
N ALA IA 62 -32.57 -35.84 112.49
CA ALA IA 62 -32.47 -37.27 112.17
C ALA IA 62 -31.60 -37.45 110.92
N ARG IA 63 -30.94 -38.60 110.83
CA ARG IA 63 -30.22 -39.06 109.62
C ARG IA 63 -31.01 -40.23 109.05
N ILE IA 64 -31.60 -40.07 107.87
CA ILE IA 64 -32.31 -41.17 107.16
C ILE IA 64 -31.28 -41.92 106.32
N SER IA 65 -31.25 -43.25 106.42
CA SER IA 65 -30.41 -44.15 105.59
C SER IA 65 -31.01 -44.27 104.20
N LEU IA 66 -30.20 -43.98 103.17
CA LEU IA 66 -30.61 -44.07 101.74
C LEU IA 66 -30.11 -45.40 101.17
N PRO IA 67 -30.72 -45.94 100.09
CA PRO IA 67 -30.18 -47.13 99.43
C PRO IA 67 -28.69 -46.99 99.12
N LEU IA 68 -27.90 -48.05 99.38
CA LEU IA 68 -26.43 -48.06 99.12
C LEU IA 68 -26.23 -47.95 97.61
N LEU IA 69 -25.22 -47.21 97.15
CA LEU IA 69 -25.07 -46.91 95.70
C LEU IA 69 -23.88 -47.66 95.07
N ASN IA 70 -22.70 -47.64 95.69
CA ASN IA 70 -21.46 -48.10 95.01
C ASN IA 70 -21.16 -49.52 95.48
N LEU IA 78 -18.02 -42.37 91.00
CA LEU IA 78 -18.90 -42.75 92.13
C LEU IA 78 -20.25 -42.03 92.00
N LEU IA 79 -21.30 -42.61 92.58
CA LEU IA 79 -22.67 -42.04 92.61
C LEU IA 79 -23.04 -41.61 94.03
N MET IA 80 -23.65 -40.44 94.18
CA MET IA 80 -24.27 -39.96 95.44
C MET IA 80 -25.73 -39.60 95.17
N TRP IA 81 -26.61 -39.87 96.13
CA TRP IA 81 -28.01 -39.36 96.11
C TRP IA 81 -27.97 -37.83 96.21
N GLU IA 82 -28.76 -37.17 95.37
CA GLU IA 82 -28.90 -35.70 95.31
C GLU IA 82 -30.35 -35.34 95.66
N ALA IA 83 -30.56 -34.59 96.72
CA ALA IA 83 -31.90 -34.10 97.15
C ALA IA 83 -32.30 -32.97 96.20
N VAL IA 84 -33.42 -33.15 95.49
CA VAL IA 84 -33.86 -32.21 94.40
C VAL IA 84 -34.93 -31.28 94.94
N SER IA 85 -35.92 -31.84 95.64
CA SER IA 85 -37.11 -31.10 96.11
C SER IA 85 -37.59 -31.72 97.43
N VAL IA 86 -38.34 -30.95 98.22
CA VAL IA 86 -38.99 -31.44 99.47
C VAL IA 86 -40.39 -30.81 99.56
N LYS IA 87 -41.41 -31.66 99.74
CA LYS IA 87 -42.75 -31.26 100.26
C LYS IA 87 -42.65 -31.37 101.78
N THR IA 88 -42.85 -30.28 102.52
CA THR IA 88 -42.83 -30.29 104.01
C THR IA 88 -44.09 -29.61 104.56
N GLU IA 89 -44.56 -30.07 105.71
CA GLU IA 89 -45.78 -29.56 106.37
C GLU IA 89 -45.60 -29.61 107.89
N VAL IA 90 -46.10 -28.57 108.57
CA VAL IA 90 -46.22 -28.56 110.06
C VAL IA 90 -47.51 -29.29 110.41
N VAL IA 91 -47.38 -30.43 111.07
CA VAL IA 91 -48.53 -31.34 111.37
C VAL IA 91 -49.21 -30.89 112.65
N GLY IA 92 -50.54 -31.01 112.71
CA GLY IA 92 -51.33 -30.76 113.91
C GLY IA 92 -51.50 -29.28 114.22
N ILE IA 93 -51.44 -28.42 113.21
CA ILE IA 93 -51.76 -26.97 113.34
C ILE IA 93 -53.18 -26.85 113.90
N SER IA 94 -54.13 -27.63 113.36
CA SER IA 94 -55.57 -27.59 113.73
C SER IA 94 -55.73 -27.90 115.22
N SER IA 95 -54.75 -28.54 115.86
CA SER IA 95 -54.78 -28.92 117.30
C SER IA 95 -54.94 -27.68 118.18
N MET IA 96 -54.57 -26.51 117.66
CA MET IA 96 -54.55 -25.23 118.41
C MET IA 96 -55.95 -24.60 118.48
N LEU IA 97 -56.92 -25.03 117.66
CA LEU IA 97 -58.31 -24.51 117.74
C LEU IA 97 -59.03 -25.18 118.93
N ASN IA 98 -58.56 -24.88 120.14
CA ASN IA 98 -58.96 -25.55 121.41
C ASN IA 98 -59.01 -24.49 122.51
N MET IA 99 -60.21 -24.13 122.96
CA MET IA 99 -60.42 -23.08 123.99
C MET IA 99 -61.02 -23.68 125.27
N HIS IA 100 -60.90 -25.00 125.47
CA HIS IA 100 -61.50 -25.71 126.62
C HIS IA 100 -60.44 -26.41 127.48
N SER IA 101 -59.24 -26.64 126.97
CA SER IA 101 -58.18 -27.46 127.64
C SER IA 101 -57.31 -26.58 128.55
N TYR IA 102 -57.93 -26.01 129.59
CA TYR IA 102 -57.28 -25.47 130.81
C TYR IA 102 -56.58 -24.12 130.54
N GLY IA 103 -56.81 -23.50 129.39
CA GLY IA 103 -56.16 -22.23 129.04
C GLY IA 103 -56.62 -21.09 129.92
N LEU IA 104 -55.74 -20.14 130.23
CA LEU IA 104 -56.10 -18.86 130.91
C LEU IA 104 -57.34 -18.29 130.21
N ARG IA 105 -58.36 -17.92 130.97
CA ARG IA 105 -59.70 -17.61 130.41
C ARG IA 105 -59.81 -16.11 130.10
N ALA IA 106 -60.39 -15.79 128.95
CA ALA IA 106 -60.54 -14.41 128.43
C ALA IA 106 -61.76 -13.76 129.07
N PHE IA 107 -61.87 -12.43 128.91
CA PHE IA 107 -63.05 -11.61 129.32
C PHE IA 107 -63.37 -11.89 130.80
N GLY IA 108 -62.36 -11.65 131.64
CA GLY IA 108 -62.45 -11.70 133.12
C GLY IA 108 -62.75 -13.08 133.66
N GLY IA 109 -62.43 -14.14 132.90
CA GLY IA 109 -62.57 -15.54 133.34
C GLY IA 109 -63.86 -16.19 132.87
N TYR IA 110 -64.76 -15.46 132.19
CA TYR IA 110 -66.08 -15.96 131.75
C TYR IA 110 -66.01 -16.52 130.32
N GLY IA 111 -64.99 -16.14 129.56
CA GLY IA 111 -64.78 -16.60 128.16
C GLY IA 111 -64.02 -17.91 128.10
N GLY IA 112 -63.52 -18.27 126.92
CA GLY IA 112 -62.78 -19.51 126.67
C GLY IA 112 -61.31 -19.38 127.00
N GLY IA 113 -60.60 -20.50 127.04
CA GLY IA 113 -59.15 -20.55 127.29
C GLY IA 113 -58.35 -19.95 126.14
N TYR IA 114 -57.21 -19.33 126.46
CA TYR IA 114 -56.22 -18.81 125.47
C TYR IA 114 -55.71 -19.98 124.62
N THR IA 115 -55.80 -19.84 123.29
CA THR IA 115 -55.08 -20.71 122.33
C THR IA 115 -53.59 -20.40 122.44
N ILE IA 116 -52.75 -21.34 122.00
CA ILE IA 116 -51.27 -21.16 121.92
C ILE IA 116 -51.01 -19.78 121.33
N GLU IA 117 -50.16 -18.99 122.00
CA GLU IA 117 -49.76 -17.63 121.55
C GLU IA 117 -48.36 -17.30 122.08
N GLY IA 118 -47.82 -16.18 121.62
CA GLY IA 118 -46.50 -15.68 122.03
C GLY IA 118 -45.43 -15.95 120.98
N SER IA 119 -44.18 -15.71 121.36
CA SER IA 119 -43.00 -15.85 120.47
C SER IA 119 -42.94 -17.29 119.94
N HIS IA 120 -42.60 -17.43 118.66
CA HIS IA 120 -42.58 -18.73 117.94
C HIS IA 120 -41.50 -18.71 116.87
N ILE IA 121 -40.96 -19.88 116.57
CA ILE IA 121 -39.97 -20.08 115.46
C ILE IA 121 -40.41 -21.31 114.68
N HIS IA 122 -40.29 -21.25 113.35
CA HIS IA 122 -40.55 -22.38 112.43
C HIS IA 122 -39.38 -22.49 111.47
N PHE IA 123 -38.77 -23.67 111.42
CA PHE IA 123 -37.48 -23.87 110.72
C PHE IA 123 -37.34 -25.33 110.28
N PHE IA 124 -36.76 -25.53 109.10
CA PHE IA 124 -36.43 -26.88 108.57
C PHE IA 124 -35.17 -26.73 107.71
N SER IA 125 -34.42 -27.82 107.62
CA SER IA 125 -33.23 -27.95 106.75
C SER IA 125 -33.18 -29.36 106.17
N VAL IA 126 -32.74 -29.45 104.92
CA VAL IA 126 -32.41 -30.74 104.22
C VAL IA 126 -30.95 -30.62 103.77
N GLY IA 127 -30.16 -31.66 104.00
CA GLY IA 127 -28.70 -31.62 103.74
C GLY IA 127 -28.13 -33.01 103.52
N GLY IA 128 -26.93 -33.06 102.94
CA GLY IA 128 -26.16 -34.28 102.71
C GLY IA 128 -25.17 -34.55 103.83
N GLU IA 129 -25.23 -33.74 104.88
CA GLU IA 129 -24.39 -33.85 106.10
C GLU IA 129 -25.09 -33.10 107.23
N PRO IA 130 -24.64 -33.28 108.49
CA PRO IA 130 -25.17 -32.48 109.60
C PRO IA 130 -25.16 -30.99 109.30
N LEU IA 131 -26.21 -30.28 109.75
CA LEU IA 131 -26.34 -28.81 109.64
C LEU IA 131 -25.25 -28.14 110.48
N ASP IA 132 -24.54 -27.17 109.90
CA ASP IA 132 -23.49 -26.39 110.62
C ASP IA 132 -24.18 -25.32 111.46
N LEU IA 133 -23.86 -25.27 112.76
CA LEU IA 133 -24.42 -24.32 113.74
C LEU IA 133 -23.35 -23.29 114.12
N GLN IA 134 -23.80 -22.04 114.29
CA GLN IA 134 -23.02 -20.91 114.88
C GLN IA 134 -23.59 -20.61 116.26
N GLY IA 135 -22.71 -20.44 117.25
CA GLY IA 135 -23.09 -20.07 118.61
C GLY IA 135 -23.47 -18.60 118.69
N LEU IA 136 -24.70 -18.32 119.12
CA LEU IA 136 -25.13 -16.95 119.54
C LEU IA 136 -26.31 -17.09 120.48
N MET IA 137 -26.22 -16.44 121.65
CA MET IA 137 -27.17 -16.57 122.78
C MET IA 137 -27.45 -15.18 123.35
N GLN IA 138 -28.58 -15.01 124.04
CA GLN IA 138 -29.02 -13.73 124.66
C GLN IA 138 -28.20 -13.44 125.92
N ASN IA 139 -27.87 -14.48 126.70
CA ASN IA 139 -27.10 -14.35 127.97
C ASN IA 139 -25.97 -15.38 127.96
N HIS IA 140 -24.73 -14.91 127.84
CA HIS IA 140 -23.51 -15.76 127.73
C HIS IA 140 -23.39 -16.69 128.95
N SER IA 141 -23.95 -16.26 130.09
CA SER IA 141 -23.78 -16.92 131.40
C SER IA 141 -24.84 -18.01 131.63
N THR IA 142 -25.80 -18.18 130.71
CA THR IA 142 -26.85 -19.23 130.84
C THR IA 142 -26.16 -20.58 131.14
N GLN IA 143 -26.66 -21.30 132.14
CA GLN IA 143 -26.17 -22.65 132.52
C GLN IA 143 -27.11 -23.70 131.95
N TYR IA 144 -26.67 -24.41 130.90
CA TYR IA 144 -27.43 -25.51 130.27
C TYR IA 144 -27.09 -26.81 131.00
N PRO IA 145 -28.09 -27.50 131.60
CA PRO IA 145 -27.85 -28.80 132.20
C PRO IA 145 -27.43 -29.84 131.15
N SER IA 146 -26.52 -30.74 131.55
CA SER IA 146 -26.19 -31.97 130.78
C SER IA 146 -27.47 -32.77 130.59
N PRO IA 147 -27.71 -33.45 129.44
CA PRO IA 147 -26.72 -33.56 128.35
C PRO IA 147 -26.80 -32.52 127.21
N LEU IA 148 -27.48 -31.39 127.42
CA LEU IA 148 -27.57 -30.30 126.42
C LEU IA 148 -26.16 -29.80 126.11
N VAL IA 149 -25.96 -29.20 124.94
CA VAL IA 149 -24.65 -28.67 124.51
C VAL IA 149 -24.84 -27.20 124.13
N GLY IA 150 -24.13 -26.29 124.80
CA GLY IA 150 -24.15 -24.85 124.51
C GLY IA 150 -22.81 -24.40 123.97
N PRO IA 151 -22.71 -23.16 123.44
CA PRO IA 151 -21.46 -22.63 122.92
C PRO IA 151 -20.41 -22.56 124.03
N LYS IA 152 -19.31 -23.29 123.87
CA LYS IA 152 -18.13 -23.27 124.77
C LYS IA 152 -16.90 -22.97 123.91
N LYS IA 153 -15.95 -22.18 124.41
CA LYS IA 153 -14.58 -22.08 123.83
C LYS IA 153 -13.89 -23.43 124.01
N PRO IA 154 -12.69 -23.66 123.42
CA PRO IA 154 -11.95 -24.89 123.66
C PRO IA 154 -11.63 -25.12 125.14
N ASP IA 155 -11.40 -24.05 125.90
CA ASP IA 155 -11.01 -24.10 127.33
C ASP IA 155 -12.22 -24.41 128.23
N GLY IA 156 -13.44 -24.44 127.68
CA GLY IA 156 -14.67 -24.81 128.42
C GLY IA 156 -15.49 -23.60 128.85
N THR IA 157 -14.93 -22.39 128.78
CA THR IA 157 -15.59 -21.11 129.17
C THR IA 157 -16.57 -20.66 128.09
N THR IA 158 -17.37 -19.64 128.40
CA THR IA 158 -18.28 -18.93 127.45
C THR IA 158 -18.27 -17.45 127.80
N ASP IA 159 -17.66 -16.59 126.99
CA ASP IA 159 -17.47 -15.16 127.32
C ASP IA 159 -18.61 -14.33 126.69
N ASP IA 160 -18.56 -13.01 126.88
CA ASP IA 160 -19.58 -12.04 126.42
C ASP IA 160 -19.75 -12.10 124.90
N SER IA 161 -18.70 -12.49 124.17
CA SER IA 161 -18.68 -12.51 122.67
C SER IA 161 -19.73 -13.48 122.12
N ALA IA 162 -20.18 -14.45 122.92
CA ALA IA 162 -21.21 -15.43 122.54
C ALA IA 162 -22.59 -14.75 122.35
N GLN IA 163 -22.70 -13.47 122.69
CA GLN IA 163 -23.96 -12.68 122.52
C GLN IA 163 -23.95 -11.98 121.16
N VAL IA 164 -22.81 -12.03 120.46
CA VAL IA 164 -22.67 -11.56 119.06
C VAL IA 164 -21.99 -12.68 118.27
N LEU IA 165 -21.38 -12.38 117.12
CA LEU IA 165 -20.70 -13.41 116.31
C LEU IA 165 -19.23 -13.50 116.73
N ASN IA 166 -18.87 -14.65 117.30
CA ASN IA 166 -17.46 -15.09 117.48
C ASN IA 166 -17.31 -16.45 116.80
N PRO IA 167 -16.51 -16.54 115.72
CA PRO IA 167 -16.28 -17.81 115.02
C PRO IA 167 -15.81 -18.98 115.89
N ILE IA 168 -15.29 -18.71 117.10
CA ILE IA 168 -14.79 -19.77 118.01
C ILE IA 168 -15.95 -20.71 118.39
N TYR IA 169 -17.20 -20.22 118.37
CA TYR IA 169 -18.41 -20.96 118.83
C TYR IA 169 -19.11 -21.59 117.63
N LYS IA 170 -18.77 -22.83 117.29
CA LYS IA 170 -19.42 -23.61 116.20
C LYS IA 170 -19.71 -25.02 116.70
N ALA IA 171 -20.63 -25.71 116.03
CA ALA IA 171 -21.02 -27.10 116.31
C ALA IA 171 -21.71 -27.68 115.08
N LYS IA 172 -21.83 -29.00 115.04
CA LYS IA 172 -22.61 -29.73 114.02
C LYS IA 172 -23.85 -30.27 114.73
N LEU IA 173 -25.02 -30.10 114.12
CA LEU IA 173 -26.32 -30.60 114.65
C LEU IA 173 -26.34 -32.12 114.44
N ASP IA 174 -25.62 -32.86 115.29
CA ASP IA 174 -25.33 -34.30 115.11
C ASP IA 174 -26.15 -35.16 116.07
N LYS IA 175 -26.97 -34.56 116.94
CA LYS IA 175 -27.78 -35.30 117.94
C LYS IA 175 -29.15 -34.61 118.08
N ASP IA 176 -30.23 -35.38 118.07
CA ASP IA 176 -31.61 -34.90 118.33
C ASP IA 176 -31.68 -34.39 119.77
N ALA IA 177 -32.53 -33.39 120.03
CA ALA IA 177 -32.99 -32.98 121.38
C ALA IA 177 -31.81 -32.53 122.26
N THR IA 178 -30.71 -32.07 121.65
CA THR IA 178 -29.42 -31.84 122.33
C THR IA 178 -28.98 -30.38 122.23
N TYR IA 179 -29.20 -29.75 121.07
CA TYR IA 179 -28.71 -28.38 120.76
C TYR IA 179 -29.86 -27.40 120.97
N PRO IA 180 -29.81 -26.54 122.00
CA PRO IA 180 -30.89 -25.59 122.26
C PRO IA 180 -31.02 -24.57 121.12
N ILE IA 181 -32.26 -24.27 120.73
CA ILE IA 181 -32.59 -23.27 119.67
C ILE IA 181 -32.02 -21.92 120.08
N GLU IA 182 -31.97 -21.63 121.39
CA GLU IA 182 -31.76 -20.26 121.93
C GLU IA 182 -30.27 -19.87 121.92
N CYS IA 183 -29.35 -20.80 121.66
CA CYS IA 183 -27.88 -20.53 121.66
C CYS IA 183 -27.20 -20.98 120.36
N TRP IA 184 -27.93 -21.63 119.44
CA TRP IA 184 -27.42 -22.09 118.13
C TRP IA 184 -28.35 -21.62 117.00
N CYS IA 185 -27.78 -21.00 115.96
CA CYS IA 185 -28.50 -20.72 114.69
C CYS IA 185 -27.75 -21.38 113.54
N PRO IA 186 -28.39 -21.60 112.38
CA PRO IA 186 -27.69 -22.07 111.19
C PRO IA 186 -26.54 -21.11 110.86
N ASP IA 187 -25.37 -21.69 110.60
CA ASP IA 187 -24.10 -20.98 110.28
C ASP IA 187 -24.09 -20.63 108.79
N PRO IA 188 -24.26 -19.35 108.42
CA PRO IA 188 -24.36 -18.95 107.01
C PRO IA 188 -22.99 -18.95 106.31
N SER IA 189 -21.90 -19.09 107.07
CA SER IA 189 -20.50 -19.14 106.56
C SER IA 189 -20.18 -20.57 106.09
N ARG IA 190 -21.07 -21.53 106.35
CA ARG IA 190 -20.89 -22.95 105.96
C ARG IA 190 -22.21 -23.45 105.35
N ASN IA 191 -22.60 -24.69 105.63
CA ASN IA 191 -23.86 -25.29 105.12
C ASN IA 191 -23.91 -25.21 103.59
N GLU IA 192 -22.79 -25.35 102.88
CA GLU IA 192 -22.75 -25.38 101.39
C GLU IA 192 -23.60 -26.57 100.91
N ASN IA 193 -23.64 -27.68 101.67
CA ASN IA 193 -24.28 -28.96 101.28
C ASN IA 193 -25.59 -29.15 102.07
N SER IA 194 -26.17 -28.07 102.60
CA SER IA 194 -27.50 -28.06 103.26
C SER IA 194 -28.31 -26.88 102.72
N ARG IA 195 -29.64 -27.02 102.67
CA ARG IA 195 -30.57 -25.89 102.41
C ARG IA 195 -31.41 -25.70 103.66
N TYR IA 196 -31.42 -24.51 104.26
CA TYR IA 196 -32.19 -24.22 105.49
C TYR IA 196 -33.09 -23.01 105.28
N PHE IA 197 -34.22 -23.02 105.99
CA PHE IA 197 -35.34 -22.04 105.89
C PHE IA 197 -35.94 -21.85 107.29
N GLY IA 198 -35.98 -20.61 107.77
CA GLY IA 198 -36.49 -20.31 109.13
C GLY IA 198 -37.17 -18.96 109.17
N SER IA 199 -38.19 -18.84 110.03
CA SER IA 199 -38.88 -17.58 110.35
C SER IA 199 -39.19 -17.53 111.85
N TYR IA 200 -38.73 -16.48 112.53
CA TYR IA 200 -39.00 -16.21 113.97
C TYR IA 200 -39.91 -14.99 114.07
N THR IA 201 -40.87 -15.05 115.00
CA THR IA 201 -41.74 -13.92 115.39
C THR IA 201 -41.70 -13.78 116.92
N GLY IA 202 -41.43 -12.58 117.43
CA GLY IA 202 -41.38 -12.29 118.87
C GLY IA 202 -42.75 -11.91 119.42
N GLY IA 203 -42.76 -11.21 120.57
CA GLY IA 203 -43.98 -10.66 121.19
C GLY IA 203 -44.46 -11.53 122.34
N VAL IA 204 -45.36 -10.99 123.17
CA VAL IA 204 -45.83 -11.64 124.43
C VAL IA 204 -47.06 -12.50 124.12
N GLU IA 205 -48.01 -11.96 123.36
CA GLU IA 205 -49.34 -12.60 123.08
C GLU IA 205 -49.54 -12.74 121.56
N THR IA 206 -48.45 -12.72 120.78
CA THR IA 206 -48.48 -12.74 119.29
C THR IA 206 -49.22 -13.98 118.81
N PRO IA 207 -50.21 -13.84 117.90
CA PRO IA 207 -50.94 -14.99 117.38
C PRO IA 207 -50.08 -15.72 116.36
N PRO IA 208 -49.97 -17.07 116.47
CA PRO IA 208 -49.37 -17.87 115.42
C PRO IA 208 -50.24 -17.84 114.16
N VAL IA 209 -49.60 -17.74 112.99
CA VAL IA 209 -50.23 -17.85 111.65
C VAL IA 209 -49.50 -18.97 110.93
N LEU IA 210 -50.17 -20.10 110.70
CA LEU IA 210 -49.59 -21.26 109.98
C LEU IA 210 -50.55 -21.73 108.90
N SER IA 211 -50.02 -22.05 107.73
CA SER IA 211 -50.78 -22.63 106.58
C SER IA 211 -50.36 -24.08 106.37
N PHE IA 212 -51.24 -24.87 105.76
CA PHE IA 212 -50.97 -26.30 105.44
C PHE IA 212 -51.67 -26.64 104.12
N THR IA 213 -50.91 -27.26 103.21
CA THR IA 213 -51.40 -27.73 101.89
C THR IA 213 -50.47 -28.85 101.38
N ASN IA 214 -51.00 -29.79 100.61
CA ASN IA 214 -50.21 -30.85 99.95
C ASN IA 214 -49.87 -30.43 98.51
N THR IA 215 -49.97 -29.13 98.19
CA THR IA 215 -49.71 -28.58 96.83
C THR IA 215 -48.41 -27.79 96.77
N SER IA 216 -47.76 -27.50 97.90
CA SER IA 216 -46.49 -26.74 97.95
C SER IA 216 -45.32 -27.70 97.71
N THR IA 217 -44.25 -27.19 97.08
CA THR IA 217 -42.94 -27.89 96.91
C THR IA 217 -41.82 -26.86 97.04
N THR IA 218 -40.75 -27.21 97.76
CA THR IA 218 -39.53 -26.37 97.87
C THR IA 218 -38.42 -27.03 97.05
N ILE IA 219 -37.91 -26.33 96.04
CA ILE IA 219 -36.76 -26.79 95.21
C ILE IA 219 -35.49 -26.61 96.04
N LEU IA 220 -34.60 -27.61 96.01
CA LEU IA 220 -33.36 -27.63 96.84
C LEU IA 220 -32.12 -27.44 95.96
N LEU IA 221 -32.29 -27.33 94.64
CA LEU IA 221 -31.16 -27.10 93.70
C LEU IA 221 -30.62 -25.69 93.93
N ASP IA 222 -29.30 -25.51 93.83
CA ASP IA 222 -28.60 -24.21 94.06
C ASP IA 222 -28.56 -23.41 92.75
N GLU IA 223 -27.85 -22.27 92.78
CA GLU IA 223 -27.60 -21.37 91.61
C GLU IA 223 -27.16 -22.19 90.38
N ASN IA 224 -26.46 -23.32 90.59
CA ASN IA 224 -25.86 -24.16 89.50
C ASN IA 224 -26.62 -25.47 89.32
N GLY IA 225 -27.89 -25.57 89.75
CA GLY IA 225 -28.74 -26.75 89.52
C GLY IA 225 -28.27 -28.00 90.26
N VAL IA 226 -27.46 -27.84 91.31
CA VAL IA 226 -26.97 -28.95 92.17
C VAL IA 226 -27.70 -28.91 93.51
N GLY IA 227 -28.28 -30.04 93.93
CA GLY IA 227 -28.93 -30.20 95.24
C GLY IA 227 -27.94 -30.70 96.30
N PRO IA 228 -28.36 -30.80 97.57
CA PRO IA 228 -27.55 -31.45 98.59
C PRO IA 228 -27.16 -32.87 98.14
N LEU IA 229 -25.87 -33.18 98.22
CA LEU IA 229 -25.30 -34.52 97.91
C LEU IA 229 -25.10 -35.29 99.22
N CYS IA 230 -25.81 -36.39 99.37
CA CYS IA 230 -25.91 -37.20 100.62
C CYS IA 230 -24.64 -38.03 100.82
N LYS IA 231 -23.70 -37.52 101.61
CA LYS IA 231 -22.44 -38.22 102.01
C LYS IA 231 -22.80 -39.43 102.86
N GLY IA 232 -22.02 -40.51 102.72
CA GLY IA 232 -22.23 -41.79 103.41
C GLY IA 232 -23.64 -42.32 103.23
N ASP IA 233 -24.29 -42.01 102.10
CA ASP IA 233 -25.65 -42.50 101.75
C ASP IA 233 -26.60 -42.15 102.90
N GLY IA 234 -26.47 -40.93 103.44
CA GLY IA 234 -27.30 -40.40 104.53
C GLY IA 234 -27.93 -39.05 104.17
N LEU IA 235 -29.25 -38.94 104.35
CA LEU IA 235 -30.01 -37.68 104.20
C LEU IA 235 -30.28 -37.10 105.59
N TYR IA 236 -29.90 -35.84 105.80
CA TYR IA 236 -29.91 -35.15 107.12
C TYR IA 236 -31.08 -34.17 107.18
N LEU IA 237 -32.12 -34.51 107.95
CA LEU IA 237 -33.30 -33.65 108.21
C LEU IA 237 -33.13 -32.95 109.57
N SER IA 238 -33.53 -31.67 109.63
CA SER IA 238 -33.56 -30.86 110.89
C SER IA 238 -34.85 -30.04 110.92
N SER IA 239 -35.35 -29.77 112.13
CA SER IA 239 -36.66 -29.15 112.39
C SER IA 239 -36.56 -28.33 113.69
N ALA IA 240 -37.29 -27.22 113.75
CA ALA IA 240 -37.53 -26.44 114.99
C ALA IA 240 -38.88 -25.75 114.83
N ASP IA 241 -39.93 -26.35 115.38
CA ASP IA 241 -41.31 -25.81 115.22
C ASP IA 241 -41.94 -25.60 116.60
N VAL IA 242 -41.58 -24.46 117.22
CA VAL IA 242 -42.14 -23.99 118.50
C VAL IA 242 -43.26 -23.00 118.15
N ALA IA 243 -44.51 -23.45 118.17
CA ALA IA 243 -45.69 -22.71 117.69
C ALA IA 243 -45.98 -21.50 118.58
N GLY IA 244 -45.51 -21.57 119.83
CA GLY IA 244 -45.70 -20.52 120.86
C GLY IA 244 -45.74 -21.13 122.24
N THR IA 245 -46.50 -20.52 123.15
CA THR IA 245 -46.65 -20.97 124.56
C THR IA 245 -48.11 -21.29 124.84
N PHE IA 246 -48.35 -22.29 125.66
CA PHE IA 246 -49.64 -22.53 126.36
C PHE IA 246 -49.63 -21.75 127.67
N VAL IA 247 -50.65 -20.91 127.89
CA VAL IA 247 -50.84 -20.11 129.14
C VAL IA 247 -51.95 -20.79 129.95
N GLN IA 248 -51.61 -21.31 131.13
CA GLN IA 248 -52.55 -22.12 131.95
C GLN IA 248 -53.34 -21.21 132.90
N GLN IA 249 -54.66 -21.42 132.99
CA GLN IA 249 -55.54 -20.71 133.96
C GLN IA 249 -54.99 -20.93 135.38
N THR IA 250 -55.26 -19.98 136.28
CA THR IA 250 -55.00 -20.11 137.74
C THR IA 250 -53.51 -19.97 138.00
N SER IA 251 -52.67 -20.91 137.55
CA SER IA 251 -51.20 -20.86 137.73
C SER IA 251 -50.63 -19.66 136.97
N GLN IA 252 -51.21 -19.34 135.81
CA GLN IA 252 -50.73 -18.31 134.84
C GLN IA 252 -49.26 -18.60 134.48
N LYS IA 253 -48.90 -19.88 134.49
CA LYS IA 253 -47.57 -20.37 134.03
C LYS IA 253 -47.64 -20.61 132.51
N GLN IA 254 -46.50 -20.48 131.85
CA GLN IA 254 -46.37 -20.67 130.38
C GLN IA 254 -45.54 -21.93 130.12
N TYR IA 255 -45.95 -22.68 129.09
CA TYR IA 255 -45.26 -23.91 128.60
C TYR IA 255 -45.03 -23.75 127.09
N TRP IA 256 -43.80 -23.96 126.63
CA TRP IA 256 -43.48 -24.05 125.19
C TRP IA 256 -44.31 -25.19 124.57
N ARG IA 257 -44.91 -24.93 123.41
CA ARG IA 257 -45.68 -25.93 122.62
C ARG IA 257 -44.97 -26.14 121.28
N GLY IA 258 -44.60 -27.39 120.99
CA GLY IA 258 -43.93 -27.79 119.74
C GLY IA 258 -44.87 -28.57 118.84
N LEU IA 259 -44.59 -28.57 117.53
CA LEU IA 259 -45.36 -29.37 116.55
C LEU IA 259 -44.40 -30.19 115.69
N PRO IA 260 -44.85 -31.37 115.20
CA PRO IA 260 -44.03 -32.21 114.35
C PRO IA 260 -44.00 -31.66 112.92
N ARG IA 261 -42.91 -31.93 112.19
CA ARG IA 261 -42.76 -31.55 110.77
C ARG IA 261 -42.66 -32.82 109.93
N TYR IA 262 -43.46 -32.89 108.85
CA TYR IA 262 -43.43 -33.97 107.84
C TYR IA 262 -42.49 -33.55 106.71
N PHE IA 263 -41.68 -34.50 106.24
CA PHE IA 263 -40.81 -34.32 105.05
C PHE IA 263 -41.14 -35.36 103.98
N ASN IA 264 -41.08 -34.95 102.71
CA ASN IA 264 -41.15 -35.85 101.54
C ASN IA 264 -40.08 -35.39 100.55
N ILE IA 265 -38.90 -36.00 100.59
CA ILE IA 265 -37.75 -35.57 99.77
C ILE IA 265 -37.70 -36.44 98.51
N THR IA 266 -37.56 -35.81 97.35
CA THR IA 266 -37.27 -36.47 96.05
C THR IA 266 -35.77 -36.39 95.80
N LEU IA 267 -35.11 -37.54 95.64
CA LEU IA 267 -33.65 -37.59 95.32
C LEU IA 267 -33.44 -38.30 93.98
N ARG IA 268 -32.30 -38.03 93.37
CA ARG IA 268 -31.88 -38.64 92.07
C ARG IA 268 -30.38 -38.95 92.17
N LYS IA 269 -29.90 -39.93 91.40
CA LYS IA 269 -28.47 -40.32 91.38
C LYS IA 269 -27.67 -39.26 90.62
N ARG IA 270 -26.56 -38.82 91.19
CA ARG IA 270 -25.62 -37.85 90.57
C ARG IA 270 -24.22 -38.45 90.64
N ALA IA 271 -23.46 -38.31 89.56
CA ALA IA 271 -22.08 -38.82 89.43
C ALA IA 271 -21.10 -37.76 89.95
N VAL IA 272 -19.97 -38.20 90.52
CA VAL IA 272 -18.93 -37.32 91.14
C VAL IA 272 -17.53 -37.92 90.89
N LYS IA 273 -16.50 -37.06 90.80
CA LYS IA 273 -15.15 -37.41 90.25
C LYS IA 273 -14.34 -38.19 91.31
N ILE JA 7 51.73 29.67 -92.24
CA ILE JA 7 50.39 29.46 -91.58
C ILE JA 7 50.58 29.52 -90.06
N GLU JA 8 49.86 30.40 -89.34
CA GLU JA 8 49.78 30.39 -87.85
C GLU JA 8 48.85 29.24 -87.42
N VAL JA 9 49.40 28.23 -86.74
CA VAL JA 9 48.70 26.95 -86.41
C VAL JA 9 47.98 27.12 -85.08
N LEU JA 10 46.73 26.67 -84.98
CA LEU JA 10 45.90 26.81 -83.75
C LEU JA 10 45.56 25.42 -83.19
N ASP JA 11 44.36 25.27 -82.61
CA ASP JA 11 43.89 24.05 -81.90
C ASP JA 11 43.64 22.93 -82.92
N VAL JA 12 43.73 21.69 -82.47
CA VAL JA 12 43.37 20.47 -83.25
C VAL JA 12 41.88 20.21 -83.06
N LYS JA 13 41.05 20.39 -84.10
CA LYS JA 13 39.60 20.05 -84.02
C LYS JA 13 39.50 18.53 -83.78
N THR JA 14 38.84 18.13 -82.69
CA THR JA 14 38.44 16.72 -82.39
C THR JA 14 36.93 16.61 -82.47
N GLY JA 15 36.40 15.39 -82.48
CA GLY JA 15 34.97 15.10 -82.68
C GLY JA 15 34.76 14.14 -83.83
N PRO JA 16 33.51 13.78 -84.17
CA PRO JA 16 33.24 12.91 -85.31
C PRO JA 16 33.63 13.58 -86.64
N ASP JA 17 34.03 12.77 -87.62
CA ASP JA 17 34.44 13.21 -88.98
C ASP JA 17 35.60 14.22 -88.88
N SER JA 18 36.48 14.10 -87.88
CA SER JA 18 37.62 15.04 -87.65
C SER JA 18 38.95 14.39 -88.06
N THR JA 19 38.97 13.06 -88.21
CA THR JA 19 40.13 12.31 -88.78
C THR JA 19 39.68 11.58 -90.05
N THR JA 20 40.64 11.27 -90.91
CA THR JA 20 40.44 10.47 -92.15
C THR JA 20 41.76 9.77 -92.50
N THR JA 21 41.67 8.66 -93.22
CA THR JA 21 42.86 7.95 -93.77
C THR JA 21 42.81 8.01 -95.30
N ILE JA 22 43.98 8.02 -95.92
CA ILE JA 22 44.17 8.00 -97.39
C ILE JA 22 45.10 6.84 -97.73
N GLU JA 23 44.60 5.87 -98.52
CA GLU JA 23 45.40 4.82 -99.18
C GLU JA 23 45.78 5.31 -100.58
N ALA JA 24 47.04 5.14 -100.96
CA ALA JA 24 47.56 5.46 -102.31
C ALA JA 24 48.78 4.57 -102.58
N TYR JA 25 49.09 4.37 -103.85
CA TYR JA 25 50.36 3.73 -104.28
C TYR JA 25 50.96 4.63 -105.37
N LEU JA 26 52.28 4.75 -105.39
CA LEU JA 26 53.04 5.33 -106.53
C LEU JA 26 53.79 4.19 -107.22
N ASN JA 27 53.49 3.98 -108.51
CA ASN JA 27 54.27 3.05 -109.36
C ASN JA 27 55.57 3.75 -109.75
N PRO JA 28 56.65 2.97 -109.94
CA PRO JA 28 57.98 3.54 -110.21
C PRO JA 28 58.04 4.13 -111.62
N ARG JA 29 58.87 5.16 -111.80
CA ARG JA 29 59.09 5.82 -113.11
C ARG JA 29 60.59 5.76 -113.42
N VAL JA 30 61.06 4.57 -113.83
CA VAL JA 30 62.51 4.28 -114.07
C VAL JA 30 62.84 4.51 -115.56
N GLY JA 31 61.94 5.13 -116.33
CA GLY JA 31 62.14 5.47 -117.75
C GLY JA 31 61.06 4.87 -118.64
N GLN JA 32 60.47 3.76 -118.22
CA GLN JA 32 59.20 3.22 -118.79
C GLN JA 32 58.28 2.91 -117.59
N ASN JA 33 57.09 2.37 -117.85
CA ASN JA 33 55.99 2.35 -116.86
C ASN JA 33 55.83 0.97 -116.23
N TRP JA 34 56.64 -0.02 -116.62
CA TRP JA 34 56.40 -1.43 -116.19
C TRP JA 34 57.61 -1.94 -115.41
N GLY JA 35 58.32 -1.04 -114.72
CA GLY JA 35 59.26 -1.38 -113.63
C GLY JA 35 60.68 -1.56 -114.11
N PHE JA 36 60.92 -1.47 -115.42
CA PHE JA 36 62.28 -1.55 -116.02
C PHE JA 36 62.51 -0.39 -116.98
N SER JA 37 63.72 0.17 -116.91
CA SER JA 37 64.29 1.09 -117.92
C SER JA 37 64.63 0.30 -119.18
N THR JA 38 64.93 1.01 -120.27
CA THR JA 38 65.65 0.47 -121.45
C THR JA 38 67.11 0.32 -121.05
N GLU JA 39 67.92 -0.36 -121.87
CA GLU JA 39 69.33 -0.66 -121.51
C GLU JA 39 70.04 0.63 -121.11
N ILE JA 40 70.85 0.54 -120.05
CA ILE JA 40 71.71 1.67 -119.60
C ILE JA 40 72.84 1.78 -120.64
N THR JA 41 73.05 3.00 -121.15
CA THR JA 41 74.11 3.30 -122.15
C THR JA 41 75.15 4.21 -121.48
N VAL JA 42 76.38 4.15 -121.96
CA VAL JA 42 77.51 4.98 -121.44
C VAL JA 42 78.15 5.71 -122.62
N ALA JA 43 78.10 7.04 -122.60
CA ALA JA 43 78.76 7.91 -123.59
C ALA JA 43 80.26 7.55 -123.63
N SER JA 44 80.86 7.54 -124.82
CA SER JA 44 82.32 7.37 -125.00
C SER JA 44 83.02 8.67 -124.56
N ASN JA 45 84.16 8.54 -123.86
CA ASN JA 45 84.97 9.70 -123.42
C ASN JA 45 85.11 10.67 -124.59
N GLY JA 46 84.80 11.95 -124.35
CA GLY JA 46 84.97 13.05 -125.33
C GLY JA 46 83.71 13.33 -126.12
N TYR JA 47 82.73 12.41 -126.14
CA TYR JA 47 81.44 12.59 -126.84
C TYR JA 47 80.41 13.15 -125.84
N ASN JA 48 79.28 13.64 -126.35
CA ASN JA 48 78.16 14.13 -125.52
C ASN JA 48 77.67 13.01 -124.60
N ASP JA 49 77.39 13.36 -123.35
CA ASP JA 49 76.64 12.52 -122.37
C ASP JA 49 75.14 12.74 -122.62
N ALA JA 50 74.52 11.93 -123.47
CA ALA JA 50 73.13 12.12 -123.95
C ALA JA 50 72.36 10.82 -123.78
N PRO JA 51 71.95 10.47 -122.55
CA PRO JA 51 71.21 9.24 -122.30
C PRO JA 51 69.80 9.31 -122.89
N HIS JA 52 69.25 8.14 -123.23
CA HIS JA 52 67.88 7.95 -123.76
C HIS JA 52 66.87 8.35 -122.68
N LEU JA 53 65.75 8.96 -123.06
CA LEU JA 53 64.63 9.28 -122.13
C LEU JA 53 64.34 8.06 -121.26
N THR JA 54 64.25 6.88 -121.87
CA THR JA 54 63.70 5.65 -121.26
C THR JA 54 64.74 4.91 -120.43
N GLU JA 55 65.91 5.50 -120.16
CA GLU JA 55 66.99 4.86 -119.37
C GLU JA 55 67.29 5.69 -118.11
N ILE JA 56 66.49 6.73 -117.86
CA ILE JA 56 66.71 7.72 -116.78
C ILE JA 56 65.58 7.64 -115.76
N PRO JA 57 65.85 7.08 -114.56
CA PRO JA 57 64.84 7.03 -113.50
C PRO JA 57 64.53 8.42 -112.93
N CYS JA 58 63.24 8.64 -112.66
CA CYS JA 58 62.65 9.90 -112.16
C CYS JA 58 61.89 9.65 -110.86
N TYR JA 59 61.73 10.72 -110.06
CA TYR JA 59 60.82 10.75 -108.89
C TYR JA 59 59.40 10.47 -109.39
N SER JA 60 58.74 9.49 -108.78
CA SER JA 60 57.27 9.31 -108.79
C SER JA 60 56.64 10.36 -107.85
N SER JA 61 55.48 10.88 -108.22
CA SER JA 61 54.81 12.00 -107.50
C SER JA 61 53.33 11.98 -107.85
N ALA JA 62 52.47 12.25 -106.86
CA ALA JA 62 51.00 12.40 -107.04
C ALA JA 62 50.48 13.39 -106.01
N ARG JA 63 49.39 14.08 -106.36
CA ARG JA 63 48.60 14.93 -105.44
C ARG JA 63 47.26 14.22 -105.24
N ILE JA 64 47.00 13.75 -104.01
CA ILE JA 64 45.70 13.13 -103.64
C ILE JA 64 44.77 14.26 -103.19
N SER JA 65 43.54 14.29 -103.73
CA SER JA 65 42.46 15.22 -103.34
C SER JA 65 41.87 14.78 -102.00
N LEU JA 66 41.84 15.69 -101.03
CA LEU JA 66 41.27 15.45 -99.67
C LEU JA 66 39.86 16.02 -99.64
N PRO JA 67 38.96 15.54 -98.74
CA PRO JA 67 37.65 16.15 -98.56
C PRO JA 67 37.73 17.67 -98.38
N LEU JA 68 36.86 18.43 -99.05
CA LEU JA 68 36.83 19.92 -98.96
C LEU JA 68 36.44 20.30 -97.52
N LEU JA 69 37.05 21.33 -96.95
CA LEU JA 69 36.87 21.66 -95.51
C LEU JA 69 36.03 22.93 -95.32
N ASN JA 70 36.32 24.02 -96.01
CA ASN JA 70 35.73 25.34 -95.67
C ASN JA 70 34.58 25.61 -96.64
N LEU JA 78 40.05 29.16 -90.37
CA LEU JA 78 39.99 28.16 -91.46
C LEU JA 78 40.53 26.82 -90.94
N LEU JA 79 40.11 25.71 -91.56
CA LEU JA 79 40.58 24.34 -91.25
C LEU JA 79 41.43 23.81 -92.41
N MET JA 80 42.55 23.16 -92.09
CA MET JA 80 43.40 22.40 -93.05
C MET JA 80 43.56 20.98 -92.53
N TRP JA 81 43.60 20.00 -93.43
CA TRP JA 81 44.00 18.61 -93.11
C TRP JA 81 45.48 18.62 -92.70
N GLU JA 82 45.78 17.91 -91.61
CA GLU JA 82 47.16 17.77 -91.06
C GLU JA 82 47.52 16.29 -91.11
N ALA JA 83 48.59 15.96 -91.85
CA ALA JA 83 49.12 14.58 -91.95
C ALA JA 83 49.87 14.26 -90.65
N VAL JA 84 49.42 13.24 -89.93
CA VAL JA 84 49.92 12.91 -88.56
C VAL JA 84 50.94 11.77 -88.63
N SER JA 85 50.59 10.73 -89.38
CA SER JA 85 51.39 9.48 -89.47
C SER JA 85 51.22 8.87 -90.86
N VAL JA 86 52.16 8.03 -91.28
CA VAL JA 86 52.08 7.24 -92.54
C VAL JA 86 52.64 5.84 -92.28
N LYS JA 87 51.85 4.81 -92.61
CA LYS JA 87 52.33 3.43 -92.83
C LYS JA 87 52.74 3.35 -94.31
N THR JA 88 54.00 3.05 -94.61
CA THR JA 88 54.48 2.90 -96.01
C THR JA 88 55.22 1.58 -96.18
N GLU JA 89 55.15 1.00 -97.38
CA GLU JA 89 55.81 -0.29 -97.71
C GLU JA 89 56.26 -0.28 -99.18
N VAL JA 90 57.43 -0.85 -99.44
CA VAL JA 90 57.92 -1.13 -100.82
C VAL JA 90 57.27 -2.45 -101.26
N VAL JA 91 56.41 -2.38 -102.27
CA VAL JA 91 55.59 -3.53 -102.73
C VAL JA 91 56.40 -4.34 -103.74
N GLY JA 92 56.23 -5.67 -103.70
CA GLY JA 92 56.84 -6.60 -104.67
C GLY JA 92 58.33 -6.81 -104.43
N ILE JA 93 58.80 -6.66 -103.18
CA ILE JA 93 60.19 -7.02 -102.81
C ILE JA 93 60.41 -8.49 -103.16
N SER JA 94 59.45 -9.36 -102.83
CA SER JA 94 59.52 -10.82 -103.03
C SER JA 94 59.71 -11.14 -104.53
N SER JA 95 59.39 -10.23 -105.42
CA SER JA 95 59.48 -10.38 -106.89
C SER JA 95 60.95 -10.68 -107.29
N MET JA 96 61.90 -10.27 -106.45
CA MET JA 96 63.36 -10.35 -106.73
C MET JA 96 63.89 -11.76 -106.46
N LEU JA 97 63.16 -12.63 -105.74
CA LEU JA 97 63.60 -14.04 -105.51
C LEU JA 97 63.29 -14.85 -106.79
N ASN JA 98 63.99 -14.53 -107.88
CA ASN JA 98 63.74 -15.05 -109.25
C ASN JA 98 65.08 -15.23 -109.93
N MET JA 99 65.50 -16.49 -110.13
CA MET JA 99 66.81 -16.83 -110.74
C MET JA 99 66.62 -17.54 -112.09
N HIS JA 100 65.44 -17.42 -112.70
CA HIS JA 100 65.09 -18.12 -113.97
C HIS JA 100 64.76 -17.16 -115.11
N SER JA 101 64.44 -15.89 -114.81
CA SER JA 101 63.94 -14.89 -115.81
C SER JA 101 65.12 -14.14 -116.45
N TYR JA 102 65.95 -14.87 -117.19
CA TYR JA 102 66.90 -14.38 -118.23
C TYR JA 102 68.12 -13.69 -117.60
N GLY JA 103 68.34 -13.81 -116.29
CA GLY JA 103 69.46 -13.15 -115.61
C GLY JA 103 70.80 -13.74 -116.03
N LEU JA 104 71.85 -12.91 -116.10
CA LEU JA 104 73.24 -13.37 -116.30
C LEU JA 104 73.49 -14.52 -115.33
N ARG JA 105 74.04 -15.64 -115.83
CA ARG JA 105 74.09 -16.92 -115.07
C ARG JA 105 75.40 -17.00 -114.29
N ALA JA 106 75.31 -17.46 -113.05
CA ALA JA 106 76.43 -17.58 -112.09
C ALA JA 106 77.21 -18.86 -112.36
N PHE JA 107 78.41 -18.95 -111.78
CA PHE JA 107 79.27 -20.17 -111.79
C PHE JA 107 79.46 -20.64 -113.23
N GLY JA 108 80.01 -19.72 -114.05
CA GLY JA 108 80.44 -19.97 -115.45
C GLY JA 108 79.28 -20.32 -116.37
N GLY JA 109 78.05 -19.91 -116.02
CA GLY JA 109 76.86 -20.07 -116.88
C GLY JA 109 76.04 -21.31 -116.53
N TYR JA 110 76.47 -22.13 -115.57
CA TYR JA 110 75.79 -23.40 -115.20
C TYR JA 110 74.80 -23.17 -114.05
N GLY JA 111 74.96 -22.07 -113.30
CA GLY JA 111 74.08 -21.71 -112.17
C GLY JA 111 72.86 -20.93 -112.62
N GLY JA 112 72.15 -20.32 -111.67
CA GLY JA 112 70.91 -19.54 -111.91
C GLY JA 112 71.23 -18.11 -112.31
N GLY JA 113 70.23 -17.37 -112.76
CA GLY JA 113 70.33 -15.95 -113.13
C GLY JA 113 70.59 -15.06 -111.93
N TYR JA 114 71.33 -13.97 -112.15
CA TYR JA 114 71.57 -12.90 -111.14
C TYR JA 114 70.22 -12.27 -110.75
N THR JA 115 69.94 -12.22 -109.45
CA THR JA 115 68.85 -11.38 -108.90
C THR JA 115 69.26 -9.91 -109.04
N ILE JA 116 68.26 -9.01 -109.01
CA ILE JA 116 68.49 -7.54 -109.03
C ILE JA 116 69.62 -7.23 -108.04
N GLU JA 117 70.62 -6.48 -108.50
CA GLU JA 117 71.78 -6.04 -107.67
C GLU JA 117 72.32 -4.71 -108.20
N GLY JA 118 73.27 -4.14 -107.46
CA GLY JA 118 73.94 -2.88 -107.82
C GLY JA 118 73.39 -1.70 -107.04
N SER JA 119 73.81 -0.50 -107.43
CA SER JA 119 73.44 0.78 -106.77
C SER JA 119 71.92 0.91 -106.75
N HIS JA 120 71.38 1.40 -105.63
CA HIS JA 120 69.92 1.50 -105.37
C HIS JA 120 69.65 2.71 -104.48
N ILE JA 121 68.47 3.31 -104.63
CA ILE JA 121 67.98 4.42 -103.76
C ILE JA 121 66.54 4.07 -103.36
N HIS JA 122 66.19 4.33 -102.11
CA HIS JA 122 64.80 4.19 -101.59
C HIS JA 122 64.44 5.47 -100.84
N PHE JA 123 63.33 6.08 -101.24
CA PHE JA 123 62.97 7.44 -100.77
C PHE JA 123 61.46 7.64 -100.86
N PHE JA 124 60.91 8.34 -99.86
CA PHE JA 124 59.48 8.75 -99.84
C PHE JA 124 59.39 10.09 -99.10
N SER JA 125 58.37 10.86 -99.46
CA SER JA 125 58.03 12.14 -98.81
C SER JA 125 56.50 12.28 -98.73
N VAL JA 126 56.02 12.85 -97.63
CA VAL JA 126 54.60 13.26 -97.43
C VAL JA 126 54.63 14.76 -97.12
N GLY JA 127 53.77 15.53 -97.76
CA GLY JA 127 53.77 17.00 -97.63
C GLY JA 127 52.42 17.61 -97.95
N GLY JA 128 52.24 18.86 -97.54
CA GLY JA 128 51.03 19.67 -97.81
C GLY JA 128 51.20 20.52 -99.05
N GLU JA 129 52.31 20.35 -99.76
CA GLU JA 129 52.64 21.05 -101.03
C GLU JA 129 53.68 20.23 -101.77
N PRO JA 130 53.95 20.54 -103.06
CA PRO JA 130 55.03 19.89 -103.78
C PRO JA 130 56.35 19.93 -103.02
N LEU JA 131 57.12 18.83 -103.11
CA LEU JA 131 58.45 18.68 -102.50
C LEU JA 131 59.41 19.68 -103.17
N ASP JA 132 60.18 20.43 -102.38
CA ASP JA 132 61.20 21.38 -102.89
C ASP JA 132 62.46 20.59 -103.27
N LEU JA 133 62.95 20.79 -104.50
CA LEU JA 133 64.14 20.11 -105.06
C LEU JA 133 65.29 21.10 -105.19
N GLN JA 134 66.50 20.62 -104.89
CA GLN JA 134 67.79 21.32 -105.14
C GLN JA 134 68.49 20.61 -106.29
N GLY JA 135 69.02 21.37 -107.24
CA GLY JA 135 69.81 20.83 -108.37
C GLY JA 135 71.21 20.44 -107.92
N LEU JA 136 71.56 19.17 -108.10
CA LEU JA 136 72.95 18.67 -108.00
C LEU JA 136 73.09 17.39 -108.81
N MET JA 137 74.08 17.35 -109.70
CA MET JA 137 74.29 16.28 -110.71
C MET JA 137 75.78 15.92 -110.76
N GLN JA 138 76.10 14.72 -111.25
CA GLN JA 138 77.49 14.21 -111.35
C GLN JA 138 78.21 14.89 -112.52
N ASN JA 139 77.50 15.12 -113.63
CA ASN JA 139 78.07 15.74 -114.87
C ASN JA 139 77.15 16.88 -115.31
N HIS JA 140 77.61 18.13 -115.17
CA HIS JA 140 76.84 19.36 -115.47
C HIS JA 140 76.37 19.36 -116.92
N SER JA 141 77.11 18.68 -117.80
CA SER JA 141 76.92 18.70 -119.27
C SER JA 141 75.92 17.63 -119.73
N THR JA 142 75.41 16.79 -118.83
CA THR JA 142 74.41 15.75 -119.19
C THR JA 142 73.27 16.41 -119.98
N GLN JA 143 72.88 15.82 -121.10
CA GLN JA 143 71.75 16.29 -121.96
C GLN JA 143 70.52 15.42 -121.66
N TYR JA 144 69.54 15.98 -120.96
CA TYR JA 144 68.25 15.30 -120.65
C TYR JA 144 67.27 15.56 -121.79
N PRO JA 145 66.78 14.51 -122.48
CA PRO JA 145 65.76 14.70 -123.51
C PRO JA 145 64.45 15.25 -122.92
N SER JA 146 63.78 16.12 -123.67
CA SER JA 146 62.38 16.56 -123.40
C SER JA 146 61.50 15.31 -123.35
N PRO JA 147 60.48 15.22 -122.48
CA PRO JA 147 60.07 16.32 -121.59
C PRO JA 147 60.67 16.35 -120.17
N LEU JA 148 61.77 15.63 -119.92
CA LEU JA 148 62.46 15.64 -118.61
C LEU JA 148 62.92 17.07 -118.31
N VAL JA 149 63.12 17.40 -117.03
CA VAL JA 149 63.55 18.74 -116.58
C VAL JA 149 64.79 18.57 -115.72
N GLY JA 150 65.90 19.19 -116.13
CA GLY JA 150 67.17 19.18 -115.37
C GLY JA 150 67.49 20.57 -114.85
N PRO JA 151 68.49 20.70 -113.96
CA PRO JA 151 68.87 22.01 -113.42
C PRO JA 151 69.36 22.93 -114.55
N LYS JA 152 68.67 24.04 -114.77
CA LYS JA 152 69.04 25.11 -115.73
C LYS JA 152 69.09 26.42 -114.94
N LYS JA 153 70.04 27.31 -115.25
CA LYS JA 153 70.00 28.73 -114.81
C LYS JA 153 68.83 29.40 -115.51
N PRO JA 154 68.45 30.65 -115.15
CA PRO JA 154 67.39 31.37 -115.87
C PRO JA 154 67.69 31.54 -117.37
N ASP JA 155 68.97 31.66 -117.73
CA ASP JA 155 69.42 31.90 -119.14
C ASP JA 155 69.36 30.59 -119.96
N GLY JA 156 69.09 29.44 -119.33
CA GLY JA 156 68.95 28.14 -120.02
C GLY JA 156 70.19 27.26 -119.92
N THR JA 157 71.33 27.82 -119.51
CA THR JA 157 72.64 27.12 -119.38
C THR JA 157 72.66 26.27 -118.11
N THR JA 158 73.68 25.43 -117.98
CA THR JA 158 74.01 24.62 -116.77
C THR JA 158 75.52 24.58 -116.60
N ASP JA 159 76.08 25.27 -115.61
CA ASP JA 159 77.55 25.39 -115.47
C ASP JA 159 78.07 24.32 -114.49
N ASP JA 160 79.39 24.34 -114.25
CA ASP JA 160 80.11 23.36 -113.38
C ASP JA 160 79.54 23.36 -111.96
N SER JA 161 78.98 24.49 -111.50
CA SER JA 161 78.49 24.69 -110.12
C SER JA 161 77.33 23.71 -109.82
N ALA JA 162 76.66 23.19 -110.84
CA ALA JA 162 75.55 22.21 -110.70
C ALA JA 162 76.07 20.87 -110.16
N GLN JA 163 77.39 20.69 -110.05
CA GLN JA 163 78.02 19.45 -109.50
C GLN JA 163 78.23 19.61 -107.99
N VAL JA 164 78.02 20.82 -107.47
CA VAL JA 164 78.01 21.11 -106.02
C VAL JA 164 76.72 21.88 -105.71
N LEU JA 165 76.67 22.61 -104.60
CA LEU JA 165 75.46 23.38 -104.23
C LEU JA 165 75.58 24.80 -104.81
N ASN JA 166 74.69 25.11 -105.76
CA ASN JA 166 74.41 26.49 -106.22
C ASN JA 166 72.91 26.73 -106.05
N PRO JA 167 72.50 27.64 -105.14
CA PRO JA 167 71.08 27.95 -104.92
C PRO JA 167 70.28 28.35 -106.17
N ILE JA 168 70.95 28.74 -107.26
CA ILE JA 168 70.28 29.15 -108.51
C ILE JA 168 69.46 27.96 -109.07
N TYR JA 169 69.87 26.73 -108.78
CA TYR JA 169 69.25 25.48 -109.33
C TYR JA 169 68.24 24.91 -108.33
N LYS JA 170 66.97 25.31 -108.47
CA LYS JA 170 65.85 24.79 -107.64
C LYS JA 170 64.66 24.46 -108.54
N ALA JA 171 63.76 23.63 -108.04
CA ALA JA 171 62.52 23.23 -108.73
C ALA JA 171 61.53 22.68 -107.69
N LYS JA 172 60.27 22.59 -108.08
CA LYS JA 172 59.21 21.94 -107.28
C LYS JA 172 58.87 20.64 -108.00
N LEU JA 173 58.77 19.53 -107.27
CA LEU JA 173 58.41 18.19 -107.80
C LEU JA 173 56.90 18.21 -108.11
N ASP JA 174 56.53 18.85 -109.22
CA ASP JA 174 55.11 19.17 -109.56
C ASP JA 174 54.58 18.26 -110.66
N LYS JA 175 55.39 17.34 -111.19
CA LYS JA 175 54.98 16.44 -112.31
C LYS JA 175 55.63 15.06 -112.06
N ASP JA 176 54.84 13.99 -112.20
CA ASP JA 176 55.30 12.58 -112.13
C ASP JA 176 56.26 12.35 -113.30
N ALA JA 177 57.25 11.46 -113.13
CA ALA JA 177 58.06 10.85 -114.22
C ALA JA 177 58.81 11.92 -115.01
N THR JA 178 59.11 13.07 -114.40
CA THR JA 178 59.61 14.27 -115.11
C THR JA 178 60.98 14.71 -114.56
N TYR JA 179 61.19 14.61 -113.25
CA TYR JA 179 62.40 15.11 -112.55
C TYR JA 179 63.34 13.93 -112.31
N PRO JA 180 64.49 13.86 -113.01
CA PRO JA 180 65.42 12.74 -112.82
C PRO JA 180 66.01 12.73 -111.41
N ILE JA 181 66.10 11.54 -110.82
CA ILE JA 181 66.68 11.32 -109.47
C ILE JA 181 68.14 11.82 -109.47
N GLU JA 182 68.82 11.73 -110.61
CA GLU JA 182 70.30 11.86 -110.69
C GLU JA 182 70.74 13.34 -110.69
N CYS JA 183 69.82 14.29 -110.84
CA CYS JA 183 70.15 15.74 -110.91
C CYS JA 183 69.33 16.57 -109.90
N TRP JA 184 68.38 15.95 -109.18
CA TRP JA 184 67.55 16.61 -108.14
C TRP JA 184 67.58 15.81 -106.84
N CYS JA 185 67.85 16.47 -105.72
CA CYS JA 185 67.66 15.90 -104.36
C CYS JA 185 66.69 16.77 -103.58
N PRO JA 186 66.07 16.26 -102.49
CA PRO JA 186 65.27 17.10 -101.61
C PRO JA 186 66.12 18.26 -101.09
N ASP JA 187 65.54 19.47 -101.15
CA ASP JA 187 66.17 20.75 -100.74
C ASP JA 187 66.02 20.92 -99.23
N PRO JA 188 67.11 20.77 -98.44
CA PRO JA 188 67.01 20.82 -96.99
C PRO JA 188 66.84 22.25 -96.44
N SER JA 189 67.01 23.25 -97.31
CA SER JA 189 66.87 24.70 -96.99
C SER JA 189 65.39 25.10 -97.05
N ARG JA 190 64.52 24.19 -97.52
CA ARG JA 190 63.06 24.42 -97.64
C ARG JA 190 62.32 23.20 -97.10
N ASN JA 191 61.22 22.79 -97.74
CA ASN JA 191 60.43 21.60 -97.34
C ASN JA 191 60.01 21.71 -95.86
N GLU JA 192 59.69 22.92 -95.37
CA GLU JA 192 59.17 23.12 -93.98
C GLU JA 192 57.86 22.33 -93.83
N ASN JA 193 57.06 22.22 -94.91
CA ASN JA 193 55.69 21.64 -94.90
C ASN JA 193 55.70 20.25 -95.56
N SER JA 194 56.86 19.61 -95.64
CA SER JA 194 57.03 18.21 -96.13
C SER JA 194 57.94 17.45 -95.16
N ARG JA 195 57.74 16.14 -95.02
CA ARG JA 195 58.68 15.24 -94.31
C ARG JA 195 59.22 14.25 -95.35
N TYR JA 196 60.54 14.18 -95.51
CA TYR JA 196 61.18 13.26 -96.50
C TYR JA 196 62.21 12.38 -95.81
N PHE JA 197 62.38 11.18 -96.37
CA PHE JA 197 63.22 10.08 -95.85
C PHE JA 197 63.83 9.32 -97.04
N GLY JA 198 65.16 9.21 -97.09
CA GLY JA 198 65.86 8.58 -98.21
C GLY JA 198 67.14 7.90 -97.77
N SER JA 199 67.48 6.80 -98.45
CA SER JA 199 68.76 6.07 -98.27
C SER JA 199 69.27 5.59 -99.63
N TYR JA 200 70.50 5.96 -99.99
CA TYR JA 200 71.20 5.51 -101.21
C TYR JA 200 72.34 4.58 -100.81
N THR JA 201 72.54 3.52 -101.60
CA THR JA 201 73.70 2.60 -101.51
C THR JA 201 74.32 2.46 -102.90
N GLY JA 202 75.63 2.65 -103.02
CA GLY JA 202 76.38 2.52 -104.29
C GLY JA 202 76.85 1.10 -104.54
N GLY JA 203 77.87 0.95 -105.37
CA GLY JA 203 78.53 -0.35 -105.67
C GLY JA 203 78.05 -0.94 -106.98
N VAL JA 204 78.78 -1.94 -107.48
CA VAL JA 204 78.56 -2.54 -108.83
C VAL JA 204 77.59 -3.72 -108.70
N GLU JA 205 77.81 -4.59 -107.70
CA GLU JA 205 77.04 -5.84 -107.50
C GLU JA 205 76.41 -5.88 -106.11
N THR JA 206 76.24 -4.71 -105.48
CA THR JA 206 75.74 -4.56 -104.08
C THR JA 206 74.37 -5.23 -103.97
N PRO JA 207 74.17 -6.12 -102.96
CA PRO JA 207 72.88 -6.77 -102.77
C PRO JA 207 71.89 -5.80 -102.14
N PRO JA 208 70.67 -5.68 -102.70
CA PRO JA 208 69.61 -4.95 -102.03
C PRO JA 208 69.18 -5.69 -100.74
N VAL JA 209 68.93 -4.92 -99.69
CA VAL JA 209 68.37 -5.40 -98.40
C VAL JA 209 67.11 -4.58 -98.14
N LEU JA 210 65.93 -5.21 -98.24
CA LEU JA 210 64.63 -4.54 -98.02
C LEU JA 210 63.79 -5.37 -97.04
N SER JA 211 63.15 -4.66 -96.10
CA SER JA 211 62.23 -5.25 -95.09
C SER JA 211 60.80 -4.81 -95.40
N PHE JA 212 59.83 -5.62 -94.98
CA PHE JA 212 58.39 -5.34 -95.18
C PHE JA 212 57.62 -5.89 -93.97
N THR JA 213 56.77 -5.04 -93.38
CA THR JA 213 55.88 -5.38 -92.24
C THR JA 213 54.69 -4.43 -92.23
N ASN JA 214 53.53 -4.92 -91.77
CA ASN JA 214 52.30 -4.12 -91.57
C ASN JA 214 52.23 -3.63 -90.12
N THR JA 215 53.35 -3.63 -89.39
CA THR JA 215 53.42 -3.20 -87.97
C THR JA 215 54.15 -1.85 -87.83
N SER JA 216 54.82 -1.34 -88.88
CA SER JA 216 55.62 -0.10 -88.80
C SER JA 216 54.71 1.11 -88.99
N THR JA 217 55.04 2.24 -88.35
CA THR JA 217 54.40 3.57 -88.56
C THR JA 217 55.47 4.66 -88.47
N THR JA 218 55.44 5.64 -89.37
CA THR JA 218 56.32 6.84 -89.31
C THR JA 218 55.48 8.03 -88.87
N ILE JA 219 55.84 8.65 -87.74
CA ILE JA 219 55.19 9.89 -87.23
C ILE JA 219 55.67 11.06 -88.07
N LEU JA 220 54.77 11.96 -88.47
CA LEU JA 220 55.06 13.09 -89.38
C LEU JA 220 55.02 14.42 -88.61
N LEU JA 221 54.68 14.40 -87.32
CA LEU JA 221 54.64 15.61 -86.48
C LEU JA 221 56.07 16.12 -86.28
N ASP JA 222 56.26 17.44 -86.26
CA ASP JA 222 57.60 18.09 -86.11
C ASP JA 222 57.93 18.27 -84.63
N GLU JA 223 59.05 18.96 -84.35
CA GLU JA 223 59.52 19.33 -82.99
C GLU JA 223 58.36 19.91 -82.16
N ASN JA 224 57.40 20.61 -82.79
CA ASN JA 224 56.29 21.32 -82.11
C ASN JA 224 54.94 20.60 -82.30
N GLY JA 225 54.95 19.29 -82.60
CA GLY JA 225 53.72 18.48 -82.68
C GLY JA 225 52.79 18.88 -83.83
N VAL JA 226 53.32 19.56 -84.86
CA VAL JA 226 52.57 19.97 -86.07
C VAL JA 226 53.03 19.09 -87.25
N GLY JA 227 52.07 18.49 -87.95
CA GLY JA 227 52.32 17.70 -89.18
C GLY JA 227 52.24 18.57 -90.43
N PRO JA 228 52.53 18.01 -91.62
CA PRO JA 228 52.29 18.72 -92.88
C PRO JA 228 50.84 19.17 -92.95
N LEU JA 229 50.62 20.45 -93.26
CA LEU JA 229 49.29 21.05 -93.47
C LEU JA 229 48.99 21.12 -94.97
N CYS JA 230 47.96 20.40 -95.40
CA CYS JA 230 47.61 20.18 -96.83
C CYS JA 230 46.94 21.42 -97.42
N LYS JA 231 47.74 22.26 -98.10
CA LYS JA 231 47.26 23.48 -98.82
C LYS JA 231 46.36 23.04 -99.99
N GLY JA 232 45.34 23.85 -100.29
CA GLY JA 232 44.34 23.58 -101.33
C GLY JA 232 43.73 22.19 -101.19
N ASP JA 233 43.61 21.67 -99.97
CA ASP JA 233 42.98 20.35 -99.67
C ASP JA 233 43.65 19.28 -100.54
N GLY JA 234 44.98 19.35 -100.65
CA GLY JA 234 45.81 18.38 -101.42
C GLY JA 234 46.92 17.79 -100.57
N LEU JA 235 47.03 16.46 -100.57
CA LEU JA 235 48.14 15.70 -99.92
C LEU JA 235 49.13 15.29 -101.02
N TYR JA 236 50.42 15.62 -100.84
CA TYR JA 236 51.48 15.46 -101.85
C TYR JA 236 52.38 14.29 -101.46
N LEU JA 237 52.26 13.17 -102.19
CA LEU JA 237 53.12 11.97 -102.05
C LEU JA 237 54.22 11.98 -103.10
N SER JA 238 55.44 11.56 -102.72
CA SER JA 238 56.60 11.40 -103.61
C SER JA 238 57.34 10.11 -103.24
N SER JA 239 57.96 9.48 -104.23
CA SER JA 239 58.57 8.13 -104.16
C SER JA 239 59.76 8.08 -105.12
N ALA JA 240 60.80 7.34 -104.73
CA ALA JA 240 61.92 6.95 -105.62
C ALA JA 240 62.46 5.62 -105.11
N ASP JA 241 62.02 4.52 -105.72
CA ASP JA 241 62.42 3.16 -105.25
C ASP JA 241 63.04 2.38 -106.41
N VAL JA 242 64.32 2.65 -106.67
CA VAL JA 242 65.16 1.95 -107.66
C VAL JA 242 65.92 0.87 -106.90
N ALA JA 243 65.44 -0.38 -106.94
CA ALA JA 243 65.93 -1.51 -106.12
C ALA JA 243 67.34 -1.90 -106.53
N GLY JA 244 67.72 -1.57 -107.77
CA GLY JA 244 69.02 -1.89 -108.37
C GLY JA 244 68.89 -2.08 -109.88
N THR JA 245 69.73 -2.95 -110.45
CA THR JA 245 69.75 -3.24 -111.91
C THR JA 245 69.47 -4.73 -112.13
N PHE JA 246 68.76 -5.03 -113.21
CA PHE JA 246 68.69 -6.38 -113.81
C PHE JA 246 69.86 -6.53 -114.79
N VAL JA 247 70.65 -7.59 -114.63
CA VAL JA 247 71.80 -7.94 -115.53
C VAL JA 247 71.35 -9.11 -116.41
N GLN JA 248 71.26 -8.89 -117.72
CA GLN JA 248 70.71 -9.90 -118.68
C GLN JA 248 71.82 -10.80 -119.20
N GLN JA 249 71.57 -12.11 -119.22
CA GLN JA 249 72.51 -13.11 -119.82
C GLN JA 249 72.77 -12.73 -121.27
N THR JA 250 73.94 -13.11 -121.79
CA THR JA 250 74.30 -13.01 -123.23
C THR JA 250 74.61 -11.55 -123.58
N SER JA 251 73.62 -10.66 -123.53
CA SER JA 251 73.82 -9.21 -123.83
C SER JA 251 74.75 -8.59 -122.78
N GLN JA 252 74.64 -9.06 -121.53
CA GLN JA 252 75.35 -8.51 -120.34
C GLN JA 252 75.04 -7.01 -120.23
N LYS JA 253 73.85 -6.60 -120.68
CA LYS JA 253 73.32 -5.22 -120.52
C LYS JA 253 72.61 -5.13 -119.18
N GLN JA 254 72.57 -3.92 -118.61
CA GLN JA 254 71.92 -3.62 -117.31
C GLN JA 254 70.69 -2.75 -117.57
N TYR JA 255 69.63 -3.02 -116.80
CA TYR JA 255 68.35 -2.26 -116.81
C TYR JA 255 68.03 -1.87 -115.36
N TRP JA 256 67.73 -0.60 -115.12
CA TRP JA 256 67.20 -0.12 -113.83
C TRP JA 256 65.88 -0.85 -113.53
N ARG JA 257 65.72 -1.33 -112.30
CA ARG JA 257 64.49 -2.00 -111.81
C ARG JA 257 63.89 -1.14 -110.69
N GLY JA 258 62.63 -0.72 -110.87
CA GLY JA 258 61.89 0.08 -109.89
C GLY JA 258 60.82 -0.74 -109.20
N LEU JA 259 60.41 -0.32 -108.00
CA LEU JA 259 59.29 -0.97 -107.26
C LEU JA 259 58.29 0.10 -106.83
N PRO JA 260 57.00 -0.30 -106.70
CA PRO JA 260 55.97 0.63 -106.26
C PRO JA 260 56.03 0.80 -104.74
N ARG JA 261 55.59 1.96 -104.25
CA ARG JA 261 55.48 2.26 -102.79
C ARG JA 261 54.02 2.46 -102.43
N TYR JA 262 53.57 1.79 -101.36
CA TYR JA 262 52.23 1.94 -100.77
C TYR JA 262 52.29 2.99 -99.66
N PHE JA 263 51.28 3.86 -99.61
CA PHE JA 263 51.11 4.86 -98.53
C PHE JA 263 49.76 4.65 -97.84
N ASN JA 264 49.74 4.85 -96.52
CA ASN JA 264 48.50 4.91 -95.72
C ASN JA 264 48.65 6.07 -94.74
N ILE JA 265 48.15 7.25 -95.10
CA ILE JA 265 48.34 8.49 -94.30
C ILE JA 265 47.10 8.68 -93.42
N THR JA 266 47.32 8.93 -92.13
CA THR JA 266 46.28 9.37 -91.16
C THR JA 266 46.35 10.89 -91.06
N LEU JA 267 45.25 11.58 -91.35
CA LEU JA 267 45.16 13.06 -91.22
C LEU JA 267 44.06 13.42 -90.22
N ARG JA 268 44.16 14.62 -89.67
CA ARG JA 268 43.18 15.19 -88.70
C ARG JA 268 42.98 16.67 -89.03
N LYS JA 269 41.82 17.23 -88.68
CA LYS JA 269 41.51 18.66 -88.95
C LYS JA 269 42.29 19.53 -87.96
N ARG JA 270 42.95 20.57 -88.46
CA ARG JA 270 43.70 21.56 -87.65
C ARG JA 270 43.23 22.96 -88.05
N ALA JA 271 43.04 23.84 -87.07
CA ALA JA 271 42.60 25.23 -87.26
C ALA JA 271 43.82 26.12 -87.48
N VAL JA 272 43.66 27.19 -88.28
CA VAL JA 272 44.75 28.13 -88.69
C VAL JA 272 44.20 29.55 -88.78
N LYS JA 273 45.05 30.57 -88.52
CA LYS JA 273 44.62 31.97 -88.27
C LYS JA 273 44.29 32.68 -89.59
N ILE KA 7 34.11 -7.24 -87.29
CA ILE KA 7 33.72 -7.66 -85.91
C ILE KA 7 33.86 -6.47 -84.96
N GLU KA 8 32.81 -6.10 -84.21
CA GLU KA 8 32.89 -5.12 -83.08
C GLU KA 8 33.52 -5.85 -81.87
N VAL KA 9 34.71 -5.39 -81.46
CA VAL KA 9 35.56 -6.05 -80.41
C VAL KA 9 35.15 -5.52 -79.04
N LEU KA 10 34.99 -6.40 -78.04
CA LEU KA 10 34.55 -6.01 -76.67
C LEU KA 10 35.66 -6.32 -75.67
N ASP KA 11 35.28 -6.72 -74.45
CA ASP KA 11 36.19 -6.97 -73.30
C ASP KA 11 37.01 -8.24 -73.54
N VAL KA 12 38.17 -8.33 -72.93
CA VAL KA 12 39.02 -9.56 -72.90
C VAL KA 12 38.56 -10.45 -71.75
N LYS KA 13 37.95 -11.62 -72.02
CA LYS KA 13 37.56 -12.58 -70.98
C LYS KA 13 38.85 -13.05 -70.28
N THR KA 14 38.92 -12.86 -68.94
CA THR KA 14 39.96 -13.46 -68.06
C THR KA 14 39.29 -14.50 -67.17
N GLY KA 15 40.07 -15.30 -66.46
CA GLY KA 15 39.60 -16.44 -65.65
C GLY KA 15 40.27 -17.73 -66.08
N PRO KA 16 39.93 -18.88 -65.46
CA PRO KA 16 40.52 -20.16 -65.85
C PRO KA 16 40.13 -20.55 -67.28
N ASP KA 17 41.01 -21.28 -67.98
CA ASP KA 17 40.82 -21.77 -69.36
C ASP KA 17 40.55 -20.60 -70.31
N SER KA 18 41.13 -19.42 -70.06
CA SER KA 18 40.87 -18.19 -70.88
C SER KA 18 42.07 -17.88 -71.79
N THR KA 19 43.23 -18.47 -71.52
CA THR KA 19 44.41 -18.43 -72.43
C THR KA 19 44.78 -19.84 -72.85
N THR KA 20 45.48 -19.96 -73.98
CA THR KA 20 46.03 -21.24 -74.52
C THR KA 20 47.25 -20.92 -75.38
N THR KA 21 48.15 -21.89 -75.52
CA THR KA 21 49.30 -21.80 -76.46
C THR KA 21 49.14 -22.85 -77.56
N ILE KA 22 49.64 -22.54 -78.76
CA ILE KA 22 49.63 -23.44 -79.94
C ILE KA 22 51.08 -23.55 -80.45
N GLU KA 23 51.63 -24.77 -80.45
CA GLU KA 23 52.90 -25.11 -81.12
C GLU KA 23 52.57 -25.64 -82.52
N ALA KA 24 53.31 -25.18 -83.53
CA ALA KA 24 53.20 -25.63 -84.94
C ALA KA 24 54.55 -25.42 -85.61
N TYR KA 25 54.81 -26.16 -86.69
CA TYR KA 25 55.96 -25.91 -87.60
C TYR KA 25 55.39 -25.91 -89.02
N LEU KA 26 55.94 -25.05 -89.88
CA LEU KA 26 55.75 -25.12 -91.35
C LEU KA 26 57.07 -25.57 -91.97
N ASN KA 27 57.04 -26.70 -92.70
CA ASN KA 27 58.18 -27.16 -93.52
C ASN KA 27 58.19 -26.33 -94.79
N PRO KA 28 59.39 -26.07 -95.36
CA PRO KA 28 59.53 -25.22 -96.53
C PRO KA 28 58.97 -25.90 -97.79
N ARG KA 29 58.47 -25.10 -98.73
CA ARG KA 29 57.94 -25.58 -100.02
C ARG KA 29 58.71 -24.87 -101.14
N VAL KA 30 59.94 -25.31 -101.38
CA VAL KA 30 60.90 -24.69 -102.35
C VAL KA 30 60.79 -25.39 -103.71
N GLY KA 31 59.77 -26.23 -103.91
CA GLY KA 31 59.49 -26.93 -105.18
C GLY KA 31 59.43 -28.45 -105.00
N GLN KA 32 60.13 -28.96 -103.99
CA GLN KA 32 59.96 -30.35 -103.49
C GLN KA 32 59.83 -30.24 -101.96
N ASN KA 33 59.70 -31.38 -101.27
CA ASN KA 33 59.23 -31.41 -99.87
C ASN KA 33 60.39 -31.64 -98.90
N TRP KA 34 61.63 -31.76 -99.38
CA TRP KA 34 62.77 -32.18 -98.52
C TRP KA 34 63.84 -31.10 -98.49
N GLY KA 35 63.44 -29.84 -98.67
CA GLY KA 35 64.26 -28.65 -98.35
C GLY KA 35 65.09 -28.14 -99.52
N PHE KA 36 65.06 -28.85 -100.66
CA PHE KA 36 65.75 -28.43 -101.90
C PHE KA 36 64.81 -28.48 -103.10
N SER KA 37 64.93 -27.46 -103.94
CA SER KA 37 64.35 -27.42 -105.31
C SER KA 37 65.13 -28.37 -106.21
N THR KA 38 64.59 -28.65 -107.40
CA THR KA 38 65.36 -29.21 -108.54
C THR KA 38 66.23 -28.07 -109.09
N GLU KA 39 67.17 -28.39 -109.98
CA GLU KA 39 68.14 -27.39 -110.50
C GLU KA 39 67.40 -26.15 -111.02
N ILE KA 40 67.91 -24.98 -110.69
CA ILE KA 40 67.34 -23.69 -111.15
C ILE KA 40 67.69 -23.58 -112.65
N THR KA 41 66.69 -23.31 -113.49
CA THR KA 41 66.88 -23.16 -114.95
C THR KA 41 66.67 -21.70 -115.35
N VAL KA 42 67.33 -21.28 -116.42
CA VAL KA 42 67.22 -19.90 -116.98
C VAL KA 42 66.87 -20.00 -118.46
N ALA KA 43 65.70 -19.54 -118.84
CA ALA KA 43 65.22 -19.51 -120.25
C ALA KA 43 66.26 -18.77 -121.10
N SER KA 44 66.52 -19.25 -122.32
CA SER KA 44 67.38 -18.56 -123.30
C SER KA 44 66.64 -17.34 -123.86
N ASN KA 45 67.36 -16.22 -124.01
CA ASN KA 45 66.75 -14.92 -124.42
C ASN KA 45 65.87 -15.19 -125.64
N GLY KA 46 64.61 -14.73 -125.61
CA GLY KA 46 63.69 -14.79 -126.76
C GLY KA 46 62.80 -16.02 -126.73
N TYR KA 47 63.13 -17.04 -125.91
CA TYR KA 47 62.29 -18.25 -125.72
C TYR KA 47 61.38 -18.04 -124.51
N ASN KA 48 60.36 -18.89 -124.34
CA ASN KA 48 59.42 -18.83 -123.21
C ASN KA 48 60.17 -18.96 -121.89
N ASP KA 49 59.80 -18.13 -120.91
CA ASP KA 49 60.21 -18.28 -119.49
C ASP KA 49 59.26 -19.29 -118.83
N ALA KA 50 59.62 -20.57 -118.83
CA ALA KA 50 58.75 -21.69 -118.40
C ALA KA 50 59.51 -22.56 -117.41
N PRO KA 51 59.66 -22.12 -116.15
CA PRO KA 51 60.40 -22.90 -115.16
C PRO KA 51 59.61 -24.15 -114.76
N HIS KA 52 60.35 -25.19 -114.34
CA HIS KA 52 59.80 -26.46 -113.81
C HIS KA 52 59.01 -26.19 -112.52
N LEU KA 53 57.91 -26.91 -112.30
CA LEU KA 53 57.14 -26.84 -111.03
C LEU KA 53 58.11 -26.92 -109.85
N THR KA 54 59.07 -27.85 -109.91
CA THR KA 54 59.91 -28.26 -108.76
C THR KA 54 61.12 -27.33 -108.57
N GLU KA 55 61.17 -26.20 -109.26
CA GLU KA 55 62.31 -25.24 -109.14
C GLU KA 55 61.80 -23.87 -108.65
N ILE KA 56 60.52 -23.80 -108.28
CA ILE KA 56 59.82 -22.53 -107.92
C ILE KA 56 59.39 -22.59 -106.46
N PRO KA 57 60.07 -21.82 -105.56
CA PRO KA 57 59.67 -21.76 -104.16
C PRO KA 57 58.34 -21.03 -103.96
N CYS KA 58 57.54 -21.56 -103.04
CA CYS KA 58 56.18 -21.10 -102.70
C CYS KA 58 56.09 -20.80 -101.20
N TYR KA 59 55.12 -19.95 -100.84
CA TYR KA 59 54.70 -19.72 -99.43
C TYR KA 59 54.23 -21.05 -98.85
N SER KA 60 54.81 -21.43 -97.71
CA SER KA 60 54.23 -22.44 -96.78
C SER KA 60 53.07 -21.78 -96.02
N SER KA 61 52.02 -22.55 -95.74
CA SER KA 61 50.75 -22.06 -95.15
C SER KA 61 50.03 -23.23 -94.49
N ALA KA 62 49.43 -22.99 -93.33
CA ALA KA 62 48.58 -23.96 -92.60
C ALA KA 62 47.50 -23.21 -91.84
N ARG KA 63 46.36 -23.87 -91.64
CA ARG KA 63 45.29 -23.43 -90.72
C ARG KA 63 45.29 -24.41 -89.54
N ILE KA 64 45.65 -23.93 -88.34
CA ILE KA 64 45.59 -24.75 -87.10
C ILE KA 64 44.19 -24.60 -86.52
N SER KA 65 43.56 -25.74 -86.18
CA SER KA 65 42.23 -25.79 -85.50
C SER KA 65 42.41 -25.44 -84.02
N LEU KA 66 41.66 -24.45 -83.54
CA LEU KA 66 41.69 -23.99 -82.13
C LEU KA 66 40.52 -24.64 -81.38
N PRO KA 67 40.60 -24.79 -80.03
CA PRO KA 67 39.47 -25.28 -79.25
C PRO KA 67 38.17 -24.52 -79.57
N LEU KA 68 37.06 -25.23 -79.70
CA LEU KA 68 35.72 -24.66 -79.97
C LEU KA 68 35.34 -23.79 -78.76
N LEU KA 69 34.71 -22.62 -79.00
CA LEU KA 69 34.47 -21.64 -77.92
C LEU KA 69 33.04 -21.56 -77.41
N ASN KA 70 32.07 -21.48 -78.29
CA ASN KA 70 30.67 -21.05 -77.91
C ASN KA 70 29.80 -22.27 -77.57
N GLU KA 71 30.50 -23.19 -76.91
CA GLU KA 71 30.00 -24.45 -76.34
C GLU KA 71 29.01 -24.12 -75.22
N ASP KA 72 29.25 -23.08 -74.39
CA ASP KA 72 28.55 -22.89 -73.09
C ASP KA 72 27.36 -21.95 -73.28
N ILE KA 73 26.15 -22.50 -73.13
CA ILE KA 73 24.87 -21.81 -73.46
C ILE KA 73 24.62 -20.68 -72.46
N THR KA 74 25.37 -20.62 -71.35
CA THR KA 74 25.20 -19.58 -70.28
C THR KA 74 26.15 -18.39 -70.47
N SER KA 75 27.16 -18.45 -71.34
CA SER KA 75 28.05 -17.28 -71.64
C SER KA 75 27.21 -16.14 -72.20
N PRO KA 76 27.48 -14.86 -71.86
CA PRO KA 76 26.63 -13.74 -72.30
C PRO KA 76 26.95 -13.14 -73.68
N THR KA 77 28.11 -13.47 -74.24
CA THR KA 77 28.87 -12.83 -75.33
C THR KA 77 29.42 -13.91 -76.28
N LEU KA 78 29.54 -13.62 -77.59
CA LEU KA 78 30.30 -14.58 -78.49
C LEU KA 78 31.82 -14.34 -78.38
N LEU KA 79 32.59 -15.43 -78.26
CA LEU KA 79 34.04 -15.41 -77.98
C LEU KA 79 34.80 -15.88 -79.23
N MET KA 80 35.90 -15.19 -79.53
CA MET KA 80 36.90 -15.61 -80.54
C MET KA 80 38.27 -15.65 -79.86
N TRP KA 81 39.12 -16.60 -80.25
CA TRP KA 81 40.55 -16.63 -79.86
C TRP KA 81 41.25 -15.41 -80.47
N GLU KA 82 42.06 -14.73 -79.67
CA GLU KA 82 42.86 -13.55 -80.07
C GLU KA 82 44.33 -13.91 -79.90
N ALA KA 83 45.10 -13.88 -80.99
CA ALA KA 83 46.55 -14.13 -80.98
C ALA KA 83 47.25 -12.90 -80.38
N VAL KA 84 47.97 -13.07 -79.28
CA VAL KA 84 48.56 -11.96 -78.49
C VAL KA 84 50.04 -11.81 -78.83
N SER KA 85 50.75 -12.93 -78.86
CA SER KA 85 52.22 -12.98 -79.05
C SER KA 85 52.61 -14.27 -79.79
N VAL KA 86 53.78 -14.28 -80.43
CA VAL KA 86 54.35 -15.49 -81.07
C VAL KA 86 55.86 -15.51 -80.82
N LYS KA 87 56.36 -16.62 -80.28
CA LYS KA 87 57.79 -17.00 -80.31
C LYS KA 87 57.98 -17.79 -81.62
N THR KA 88 58.84 -17.33 -82.53
CA THR KA 88 59.12 -18.03 -83.81
C THR KA 88 60.63 -18.20 -83.99
N GLU KA 89 61.03 -19.28 -84.66
CA GLU KA 89 62.46 -19.61 -84.91
C GLU KA 89 62.59 -20.30 -86.27
N VAL KA 90 63.65 -19.98 -87.00
CA VAL KA 90 64.06 -20.72 -88.23
C VAL KA 90 64.88 -21.93 -87.76
N VAL KA 91 64.34 -23.12 -87.98
CA VAL KA 91 64.91 -24.40 -87.45
C VAL KA 91 65.97 -24.90 -88.43
N GLY KA 92 67.04 -25.49 -87.91
CA GLY KA 92 68.09 -26.15 -88.71
C GLY KA 92 69.01 -25.15 -89.40
N ILE KA 93 69.18 -23.95 -88.82
CA ILE KA 93 70.20 -22.97 -89.26
C ILE KA 93 71.57 -23.65 -89.21
N SER KA 94 71.86 -24.36 -88.12
CA SER KA 94 73.16 -25.04 -87.89
C SER KA 94 73.47 -26.04 -89.00
N SER KA 95 72.45 -26.49 -89.74
CA SER KA 95 72.58 -27.48 -90.84
C SER KA 95 73.52 -26.95 -91.93
N MET KA 96 73.67 -25.62 -92.01
CA MET KA 96 74.45 -24.92 -93.08
C MET KA 96 75.95 -24.95 -92.77
N LEU KA 97 76.38 -25.26 -91.54
CA LEU KA 97 77.83 -25.40 -91.22
C LEU KA 97 78.31 -26.76 -91.72
N ASN KA 98 78.32 -26.94 -93.04
CA ASN KA 98 78.61 -28.21 -93.75
C ASN KA 98 79.41 -27.89 -95.01
N MET KA 99 80.69 -28.24 -95.03
CA MET KA 99 81.60 -27.95 -96.17
C MET KA 99 82.07 -29.27 -96.83
N HIS KA 100 81.36 -30.38 -96.59
CA HIS KA 100 81.73 -31.73 -97.10
C HIS KA 100 80.66 -32.31 -98.03
N SER KA 101 79.42 -31.81 -98.00
CA SER KA 101 78.27 -32.43 -98.71
C SER KA 101 78.14 -31.85 -100.14
N TYR KA 102 79.16 -32.12 -100.97
CA TYR KA 102 79.12 -32.05 -102.46
C TYR KA 102 79.14 -30.59 -102.97
N GLY KA 103 79.40 -29.62 -102.10
CA GLY KA 103 79.40 -28.20 -102.50
C GLY KA 103 80.55 -27.88 -103.44
N LEU KA 104 80.34 -26.96 -104.38
CA LEU KA 104 81.41 -26.39 -105.24
C LEU KA 104 82.60 -26.02 -104.34
N ARG KA 105 83.80 -26.45 -104.70
CA ARG KA 105 84.97 -26.40 -103.79
C ARG KA 105 85.73 -25.08 -103.98
N ALA KA 106 86.15 -24.48 -102.88
CA ALA KA 106 86.85 -23.17 -102.83
C ALA KA 106 88.34 -23.34 -103.16
N GLY KA 111 90.01 -26.59 -101.43
CA GLY KA 111 89.29 -26.22 -100.20
C GLY KA 111 88.02 -27.01 -100.02
N GLY KA 112 87.17 -26.58 -99.07
CA GLY KA 112 85.88 -27.23 -98.74
C GLY KA 112 84.76 -26.76 -99.65
N GLY KA 113 83.61 -27.43 -99.59
CA GLY KA 113 82.40 -27.08 -100.36
C GLY KA 113 81.80 -25.76 -99.90
N TYR KA 114 81.20 -25.02 -100.84
CA TYR KA 114 80.42 -23.77 -100.57
C TYR KA 114 79.25 -24.12 -99.65
N THR KA 115 79.12 -23.38 -98.54
CA THR KA 115 77.89 -23.37 -97.72
C THR KA 115 76.81 -22.64 -98.50
N ILE KA 116 75.55 -22.89 -98.15
CA ILE KA 116 74.37 -22.19 -98.75
C ILE KA 116 74.70 -20.70 -98.80
N GLU KA 117 74.51 -20.08 -99.97
CA GLU KA 117 74.76 -18.63 -100.20
C GLU KA 117 73.83 -18.13 -101.32
N GLY KA 118 73.83 -16.81 -101.52
CA GLY KA 118 73.04 -16.15 -102.58
C GLY KA 118 71.79 -15.50 -102.02
N SER KA 119 70.92 -15.05 -102.92
CA SER KA 119 69.67 -14.34 -102.60
C SER KA 119 68.81 -15.21 -101.68
N HIS KA 120 68.18 -14.60 -100.68
CA HIS KA 120 67.39 -15.28 -99.63
C HIS KA 120 66.26 -14.38 -99.17
N ILE KA 121 65.16 -14.99 -98.72
CA ILE KA 121 64.00 -14.26 -98.11
C ILE KA 121 63.61 -15.03 -96.85
N HIS KA 122 63.28 -14.30 -95.78
CA HIS KA 122 62.75 -14.87 -94.51
C HIS KA 122 61.50 -14.09 -94.13
N PHE KA 123 60.41 -14.81 -93.93
CA PHE KA 123 59.07 -14.19 -93.78
C PHE KA 123 58.14 -15.11 -92.98
N PHE KA 124 57.31 -14.50 -92.12
CA PHE KA 124 56.27 -15.23 -91.35
C PHE KA 124 55.10 -14.28 -91.15
N SER KA 125 53.91 -14.87 -91.00
CA SER KA 125 52.65 -14.13 -90.72
C SER KA 125 51.79 -14.98 -89.80
N VAL KA 126 51.10 -14.32 -88.87
CA VAL KA 126 50.07 -14.91 -87.97
C VAL KA 126 48.79 -14.09 -88.21
N GLY KA 127 47.66 -14.77 -88.37
CA GLY KA 127 46.39 -14.12 -88.73
C GLY KA 127 45.18 -14.95 -88.31
N GLY KA 128 44.01 -14.32 -88.27
CA GLY KA 128 42.72 -14.94 -87.97
C GLY KA 128 41.98 -15.35 -89.23
N GLU KA 129 42.64 -15.21 -90.38
CA GLU KA 129 42.12 -15.58 -91.73
C GLU KA 129 43.31 -15.73 -92.67
N PRO KA 130 43.11 -16.28 -93.88
CA PRO KA 130 44.15 -16.32 -94.88
C PRO KA 130 44.81 -14.95 -95.12
N LEU KA 131 46.12 -14.96 -95.32
CA LEU KA 131 46.94 -13.77 -95.66
C LEU KA 131 46.50 -13.24 -97.02
N ASP KA 132 46.27 -11.94 -97.14
CA ASP KA 132 45.92 -11.26 -98.42
C ASP KA 132 47.20 -11.03 -99.23
N LEU KA 133 47.22 -11.49 -100.48
CA LEU KA 133 48.37 -11.38 -101.41
C LEU KA 133 48.07 -10.35 -102.50
N GLN KA 134 49.08 -9.58 -102.89
CA GLN KA 134 49.10 -8.67 -104.06
C GLN KA 134 50.02 -9.29 -105.12
N GLY KA 135 49.57 -9.30 -106.38
CA GLY KA 135 50.37 -9.79 -107.52
C GLY KA 135 51.43 -8.77 -107.91
N LEU KA 136 52.70 -9.18 -107.88
CA LEU KA 136 53.82 -8.43 -108.52
C LEU KA 136 54.95 -9.41 -108.81
N MET KA 137 55.42 -9.41 -110.06
CA MET KA 137 56.41 -10.39 -110.59
C MET KA 137 57.45 -9.64 -111.44
N GLN KA 138 58.64 -10.25 -111.62
CA GLN KA 138 59.76 -9.66 -112.40
C GLN KA 138 59.46 -9.73 -113.90
N ASN KA 139 58.84 -10.82 -114.36
CA ASN KA 139 58.52 -11.05 -115.80
C ASN KA 139 57.06 -11.47 -115.90
N HIS KA 140 56.21 -10.59 -116.47
CA HIS KA 140 54.75 -10.78 -116.57
C HIS KA 140 54.44 -12.06 -117.36
N SER KA 141 55.35 -12.46 -118.25
CA SER KA 141 55.15 -13.56 -119.23
C SER KA 141 55.56 -14.92 -118.64
N THR KA 142 56.10 -14.96 -117.43
CA THR KA 142 56.48 -16.24 -116.76
C THR KA 142 55.30 -17.22 -116.86
N GLN KA 143 55.56 -18.46 -117.27
CA GLN KA 143 54.55 -19.55 -117.35
C GLN KA 143 54.71 -20.45 -116.12
N TYR KA 144 53.78 -20.37 -115.17
CA TYR KA 144 53.74 -21.23 -113.96
C TYR KA 144 52.98 -22.50 -114.28
N PRO KA 145 53.60 -23.68 -114.17
CA PRO KA 145 52.89 -24.94 -114.36
C PRO KA 145 51.79 -25.14 -113.30
N SER KA 146 50.66 -25.72 -113.70
CA SER KA 146 49.61 -26.22 -112.79
C SER KA 146 50.25 -27.24 -111.85
N PRO KA 147 49.88 -27.32 -110.56
CA PRO KA 147 48.77 -26.55 -109.97
C PRO KA 147 49.13 -25.21 -109.30
N LEU KA 148 50.31 -24.64 -109.57
CA LEU KA 148 50.73 -23.32 -109.03
C LEU KA 148 49.72 -22.27 -109.51
N VAL KA 149 49.61 -21.17 -108.79
CA VAL KA 149 48.68 -20.05 -109.11
C VAL KA 149 49.49 -18.77 -109.19
N GLY KA 150 49.47 -18.10 -110.35
CA GLY KA 150 50.14 -16.82 -110.57
C GLY KA 150 49.11 -15.71 -110.80
N PRO KA 151 49.54 -14.43 -110.79
CA PRO KA 151 48.63 -13.31 -111.01
C PRO KA 151 48.01 -13.41 -112.42
N LYS KA 152 46.69 -13.55 -112.48
CA LYS KA 152 45.88 -13.53 -113.73
C LYS KA 152 44.82 -12.45 -113.58
N LYS KA 153 44.50 -11.72 -114.65
CA LYS KA 153 43.28 -10.88 -114.73
C LYS KA 153 42.07 -11.81 -114.71
N PRO KA 154 40.83 -11.29 -114.61
CA PRO KA 154 39.64 -12.15 -114.71
C PRO KA 154 39.55 -12.91 -116.05
N ASP KA 155 40.06 -12.31 -117.13
CA ASP KA 155 39.98 -12.89 -118.50
C ASP KA 155 41.04 -13.99 -118.68
N GLY KA 156 41.95 -14.20 -117.72
CA GLY KA 156 42.96 -15.28 -117.74
C GLY KA 156 44.34 -14.79 -118.16
N THR KA 157 44.44 -13.58 -118.73
CA THR KA 157 45.71 -12.98 -119.23
C THR KA 157 46.54 -12.44 -118.05
N THR KA 158 47.78 -12.05 -118.32
CA THR KA 158 48.71 -11.35 -117.38
C THR KA 158 49.50 -10.32 -118.17
N ASP KA 159 49.23 -9.03 -117.99
CA ASP KA 159 49.85 -7.95 -118.82
C ASP KA 159 51.10 -7.40 -118.11
N ASP KA 160 51.75 -6.41 -118.72
CA ASP KA 160 53.00 -5.76 -118.23
C ASP KA 160 52.79 -5.16 -116.85
N SER KA 161 51.55 -4.76 -116.51
CA SER KA 161 51.22 -4.05 -115.24
C SER KA 161 51.52 -4.95 -114.02
N ALA KA 162 51.58 -6.26 -114.21
CA ALA KA 162 51.89 -7.24 -113.14
C ALA KA 162 53.34 -7.10 -112.66
N GLN KA 163 54.16 -6.27 -113.32
CA GLN KA 163 55.57 -6.00 -112.92
C GLN KA 163 55.63 -4.79 -111.99
N VAL KA 164 54.49 -4.09 -111.84
CA VAL KA 164 54.31 -3.00 -110.85
C VAL KA 164 53.02 -3.29 -110.07
N LEU KA 165 52.42 -2.29 -109.44
CA LEU KA 165 51.16 -2.50 -108.66
C LEU KA 165 49.97 -2.24 -109.59
N ASN KA 166 49.21 -3.30 -109.86
CA ASN KA 166 47.84 -3.24 -110.43
C ASN KA 166 46.90 -3.96 -109.47
N PRO KA 167 45.96 -3.24 -108.83
CA PRO KA 167 44.99 -3.84 -107.92
C PRO KA 167 44.20 -5.04 -108.47
N ILE KA 168 44.14 -5.21 -109.79
CA ILE KA 168 43.39 -6.31 -110.44
C ILE KA 168 43.98 -7.66 -109.99
N TYR KA 169 45.27 -7.70 -109.63
CA TYR KA 169 46.01 -8.94 -109.28
C TYR KA 169 46.06 -9.14 -107.77
N LYS KA 170 45.08 -9.86 -107.22
CA LYS KA 170 45.02 -10.20 -105.77
C LYS KA 170 44.68 -11.68 -105.61
N ALA KA 171 44.97 -12.24 -104.44
CA ALA KA 171 44.67 -13.63 -104.07
C ALA KA 171 44.73 -13.78 -102.56
N LYS KA 172 44.17 -14.86 -102.03
CA LYS KA 172 44.26 -15.24 -100.60
C LYS KA 172 45.18 -16.45 -100.54
N LEU KA 173 46.14 -16.45 -99.61
CA LEU KA 173 47.11 -17.55 -99.37
C LEU KA 173 46.34 -18.70 -98.69
N ASP KA 174 45.55 -19.44 -99.47
CA ASP KA 174 44.55 -20.42 -98.95
C ASP KA 174 45.03 -21.85 -99.17
N LYS KA 175 46.19 -22.06 -99.77
CA LYS KA 175 46.74 -23.42 -100.07
C LYS KA 175 48.25 -23.40 -99.88
N ASP KA 176 48.80 -24.40 -99.17
CA ASP KA 176 50.25 -24.63 -99.00
C ASP KA 176 50.87 -24.92 -100.38
N ALA KA 177 52.13 -24.53 -100.59
CA ALA KA 177 52.99 -25.00 -101.70
C ALA KA 177 52.39 -24.64 -103.07
N THR KA 178 51.57 -23.59 -103.13
CA THR KA 178 50.72 -23.28 -104.31
C THR KA 178 51.04 -21.88 -104.86
N TYR KA 179 51.30 -20.90 -104.00
CA TYR KA 179 51.49 -19.49 -104.37
C TYR KA 179 52.99 -19.20 -104.40
N PRO KA 180 53.58 -18.97 -105.60
CA PRO KA 180 55.01 -18.71 -105.71
C PRO KA 180 55.38 -17.39 -105.02
N ILE KA 181 56.49 -17.41 -104.29
CA ILE KA 181 57.04 -16.22 -103.57
C ILE KA 181 57.32 -15.11 -104.60
N GLU KA 182 57.69 -15.49 -105.82
CA GLU KA 182 58.28 -14.58 -106.83
C GLU KA 182 57.22 -13.72 -107.54
N CYS KA 183 55.93 -14.03 -107.38
CA CYS KA 183 54.83 -13.29 -108.06
C CYS KA 183 53.75 -12.80 -107.07
N TRP KA 184 53.86 -13.14 -105.78
CA TRP KA 184 52.93 -12.70 -104.71
C TRP KA 184 53.71 -12.12 -103.52
N CYS KA 185 53.32 -10.92 -103.07
CA CYS KA 185 53.80 -10.35 -101.79
C CYS KA 185 52.59 -10.09 -100.89
N PRO KA 186 52.79 -9.95 -99.55
CA PRO KA 186 51.71 -9.54 -98.67
C PRO KA 186 51.14 -8.19 -99.14
N ASP KA 187 49.81 -8.12 -99.21
CA ASP KA 187 49.02 -6.94 -99.66
C ASP KA 187 48.88 -5.96 -98.49
N PRO KA 188 49.57 -4.80 -98.52
CA PRO KA 188 49.55 -3.88 -97.40
C PRO KA 188 48.27 -3.06 -97.32
N SER KA 189 47.42 -3.13 -98.37
CA SER KA 189 46.12 -2.43 -98.47
C SER KA 189 45.04 -3.25 -97.74
N ARG KA 190 45.37 -4.46 -97.30
CA ARG KA 190 44.44 -5.37 -96.57
C ARG KA 190 45.18 -5.96 -95.36
N ASN KA 191 44.96 -7.23 -95.06
CA ASN KA 191 45.63 -7.94 -93.92
C ASN KA 191 45.38 -7.19 -92.60
N GLU KA 192 44.21 -6.58 -92.41
CA GLU KA 192 43.83 -5.91 -91.13
C GLU KA 192 43.88 -6.94 -90.00
N ASN KA 193 43.54 -8.21 -90.27
CA ASN KA 193 43.39 -9.28 -89.24
C ASN KA 193 44.59 -10.26 -89.31
N SER KA 194 45.71 -9.82 -89.91
CA SER KA 194 46.98 -10.58 -89.97
C SER KA 194 48.14 -9.66 -89.59
N ARG KA 195 49.19 -10.21 -88.98
CA ARG KA 195 50.47 -9.49 -88.75
C ARG KA 195 51.55 -10.21 -89.54
N TYR KA 196 52.26 -9.53 -90.45
CA TYR KA 196 53.31 -10.15 -91.28
C TYR KA 196 54.62 -9.39 -91.14
N PHE KA 197 55.73 -10.13 -91.30
CA PHE KA 197 57.12 -9.66 -91.11
C PHE KA 197 58.03 -10.37 -92.12
N GLY KA 198 58.77 -9.63 -92.93
CA GLY KA 198 59.62 -10.20 -93.99
C GLY KA 198 60.83 -9.38 -94.29
N SER KA 199 61.93 -10.04 -94.65
CA SER KA 199 63.20 -9.41 -95.07
C SER KA 199 63.81 -10.21 -96.22
N TYR KA 200 64.09 -9.54 -97.34
CA TYR KA 200 64.76 -10.11 -98.54
C TYR KA 200 66.15 -9.50 -98.67
N THR KA 201 67.12 -10.31 -99.07
CA THR KA 201 68.49 -9.90 -99.44
C THR KA 201 68.83 -10.51 -100.80
N GLY KA 202 69.29 -9.69 -101.75
CA GLY KA 202 69.69 -10.13 -103.10
C GLY KA 202 71.15 -10.57 -103.14
N GLY KA 203 71.75 -10.56 -104.34
CA GLY KA 203 73.17 -10.85 -104.58
C GLY KA 203 73.39 -12.27 -105.06
N VAL KA 204 74.59 -12.54 -105.59
CA VAL KA 204 74.94 -13.83 -106.24
C VAL KA 204 75.50 -14.80 -105.21
N GLU KA 205 76.41 -14.32 -104.35
CA GLU KA 205 77.16 -15.15 -103.37
C GLU KA 205 76.95 -14.62 -101.94
N THR KA 206 75.89 -13.84 -101.73
CA THR KA 206 75.59 -13.15 -100.44
C THR KA 206 75.50 -14.18 -99.31
N PRO KA 207 76.24 -13.97 -98.20
CA PRO KA 207 76.19 -14.90 -97.07
C PRO KA 207 74.90 -14.71 -96.29
N PRO KA 208 74.17 -15.81 -95.99
CA PRO KA 208 73.06 -15.72 -95.04
C PRO KA 208 73.59 -15.43 -93.63
N VAL KA 209 72.88 -14.56 -92.91
CA VAL KA 209 73.10 -14.27 -91.46
C VAL KA 209 71.79 -14.58 -90.75
N LEU KA 210 71.74 -15.65 -89.96
CA LEU KA 210 70.52 -16.06 -89.21
C LEU KA 210 70.87 -16.30 -87.75
N SER KA 211 70.02 -15.77 -86.85
CA SER KA 211 70.16 -15.91 -85.38
C SER KA 211 69.03 -16.79 -84.86
N PHE KA 212 69.25 -17.44 -83.71
CA PHE KA 212 68.25 -18.33 -83.08
C PHE KA 212 68.40 -18.21 -81.56
N THR KA 213 67.26 -18.01 -80.88
CA THR KA 213 67.16 -17.95 -79.39
C THR KA 213 65.73 -18.28 -78.98
N ASN KA 214 65.56 -18.87 -77.79
CA ASN KA 214 64.23 -19.14 -77.20
C ASN KA 214 63.85 -18.01 -76.24
N THR KA 215 64.50 -16.83 -76.35
CA THR KA 215 64.26 -15.66 -75.47
C THR KA 215 63.54 -14.53 -76.22
N SER KA 216 63.38 -14.60 -77.54
CA SER KA 216 62.68 -13.58 -78.35
C SER KA 216 61.18 -13.84 -78.30
N THR KA 217 60.38 -12.78 -78.36
CA THR KA 217 58.89 -12.80 -78.49
C THR KA 217 58.45 -11.63 -79.37
N THR KA 218 57.53 -11.86 -80.29
CA THR KA 218 56.92 -10.81 -81.13
C THR KA 218 55.49 -10.57 -80.66
N ILE KA 219 55.18 -9.35 -80.21
CA ILE KA 219 53.81 -8.94 -79.82
C ILE KA 219 52.97 -8.74 -81.09
N LEU KA 220 51.74 -9.22 -81.10
CA LEU KA 220 50.84 -9.22 -82.29
C LEU KA 220 49.70 -8.22 -82.10
N LEU KA 221 49.60 -7.57 -80.94
CA LEU KA 221 48.55 -6.56 -80.66
C LEU KA 221 48.81 -5.33 -81.54
N ASP KA 222 47.76 -4.70 -82.05
CA ASP KA 222 47.84 -3.52 -82.95
C ASP KA 222 47.90 -2.23 -82.12
N GLU KA 223 47.85 -1.08 -82.81
CA GLU KA 223 47.82 0.30 -82.22
C GLU KA 223 46.79 0.35 -81.07
N ASN KA 224 45.69 -0.41 -81.16
CA ASN KA 224 44.56 -0.37 -80.18
C ASN KA 224 44.53 -1.62 -79.29
N GLY KA 225 45.66 -2.32 -79.12
CA GLY KA 225 45.77 -3.46 -78.19
C GLY KA 225 44.92 -4.66 -78.57
N VAL KA 226 44.54 -4.76 -79.85
CA VAL KA 226 43.76 -5.91 -80.40
C VAL KA 226 44.69 -6.76 -81.28
N GLY KA 227 44.73 -8.07 -81.03
CA GLY KA 227 45.49 -9.05 -81.83
C GLY KA 227 44.64 -9.62 -82.96
N PRO KA 228 45.21 -10.46 -83.85
CA PRO KA 228 44.42 -11.20 -84.82
C PRO KA 228 43.31 -11.99 -84.12
N LEU KA 229 42.07 -11.83 -84.59
CA LEU KA 229 40.89 -12.59 -84.10
C LEU KA 229 40.63 -13.76 -85.05
N CYS KA 230 40.74 -14.98 -84.53
CA CYS KA 230 40.69 -16.24 -85.30
C CYS KA 230 39.25 -16.58 -85.67
N LYS KA 231 38.85 -16.22 -86.89
CA LYS KA 231 37.52 -16.55 -87.47
C LYS KA 231 37.40 -18.07 -87.64
N GLY KA 232 36.19 -18.61 -87.47
CA GLY KA 232 35.90 -20.04 -87.52
C GLY KA 232 36.83 -20.87 -86.64
N ASP KA 233 37.30 -20.31 -85.52
CA ASP KA 233 38.19 -21.00 -84.56
C ASP KA 233 39.40 -21.59 -85.30
N GLY KA 234 39.96 -20.80 -86.22
CA GLY KA 234 41.15 -21.17 -87.02
C GLY KA 234 42.25 -20.13 -86.91
N LEU KA 235 43.47 -20.56 -86.59
CA LEU KA 235 44.70 -19.72 -86.59
C LEU KA 235 45.47 -19.99 -87.88
N TYR KA 236 45.80 -18.93 -88.62
CA TYR KA 236 46.41 -18.99 -89.98
C TYR KA 236 47.89 -18.61 -89.89
N LEU KA 237 48.77 -19.62 -90.03
CA LEU KA 237 50.24 -19.46 -90.09
C LEU KA 237 50.72 -19.47 -91.55
N SER KA 238 51.68 -18.61 -91.86
CA SER KA 238 52.37 -18.54 -93.18
C SER KA 238 53.87 -18.35 -92.96
N SER KA 239 54.67 -18.88 -93.89
CA SER KA 239 56.14 -18.97 -93.80
C SER KA 239 56.71 -18.88 -95.22
N ALA KA 240 57.89 -18.26 -95.34
CA ALA KA 240 58.73 -18.30 -96.57
C ALA KA 240 60.18 -18.15 -96.11
N ASP KA 241 60.89 -19.26 -95.96
CA ASP KA 241 62.29 -19.24 -95.46
C ASP KA 241 63.21 -19.95 -96.46
N VAL KA 242 63.58 -19.20 -97.51
CA VAL KA 242 64.56 -19.63 -98.54
C VAL KA 242 65.92 -19.05 -98.11
N ALA KA 243 66.76 -19.87 -97.49
CA ALA KA 243 68.04 -19.46 -96.84
C ALA KA 243 69.04 -19.01 -97.91
N GLY KA 244 68.88 -19.49 -99.13
CA GLY KA 244 69.76 -19.21 -100.27
C GLY KA 244 69.78 -20.37 -101.25
N THR KA 245 70.91 -20.58 -101.93
CA THR KA 245 71.10 -21.66 -102.92
C THR KA 245 72.25 -22.57 -102.47
N PHE KA 246 72.11 -23.86 -102.75
CA PHE KA 246 73.23 -24.83 -102.74
C PHE KA 246 73.87 -24.82 -104.13
N VAL KA 247 75.20 -24.63 -104.18
CA VAL KA 247 76.01 -24.67 -105.44
C VAL KA 247 76.76 -25.99 -105.46
N GLN KA 248 76.46 -26.87 -106.41
CA GLN KA 248 77.02 -28.24 -106.47
C GLN KA 248 78.33 -28.26 -107.26
N GLN KA 249 79.35 -28.94 -106.74
CA GLN KA 249 80.65 -29.15 -107.45
C GLN KA 249 80.37 -29.82 -108.80
N THR KA 250 81.25 -29.60 -109.77
CA THR KA 250 81.27 -30.32 -111.07
C THR KA 250 80.13 -29.80 -111.96
N SER KA 251 78.87 -30.03 -111.58
CA SER KA 251 77.69 -29.54 -112.36
C SER KA 251 77.66 -28.02 -112.34
N GLN KA 252 78.06 -27.41 -111.23
CA GLN KA 252 77.99 -25.95 -110.96
C GLN KA 252 76.54 -25.47 -111.13
N LYS KA 253 75.59 -26.37 -110.85
CA LYS KA 253 74.14 -26.05 -110.84
C LYS KA 253 73.76 -25.54 -109.44
N GLN KA 254 72.72 -24.72 -109.38
CA GLN KA 254 72.22 -24.11 -108.11
C GLN KA 254 70.84 -24.70 -107.81
N TYR KA 255 70.60 -24.95 -106.52
CA TYR KA 255 69.31 -25.45 -105.97
C TYR KA 255 68.89 -24.53 -104.82
N TRP KA 256 67.65 -24.04 -104.85
CA TRP KA 256 67.03 -23.31 -103.71
C TRP KA 256 67.05 -24.23 -102.49
N ARG KA 257 67.45 -23.69 -101.33
CA ARG KA 257 67.45 -24.40 -100.02
C ARG KA 257 66.47 -23.68 -99.08
N GLY KA 258 65.49 -24.41 -98.57
CA GLY KA 258 64.47 -23.90 -97.63
C GLY KA 258 64.70 -24.44 -96.23
N LEU KA 259 64.20 -23.71 -95.23
CA LEU KA 259 64.26 -24.16 -93.82
C LEU KA 259 62.86 -24.08 -93.20
N PRO KA 260 62.57 -24.97 -92.22
CA PRO KA 260 61.29 -24.95 -91.54
C PRO KA 260 61.24 -23.82 -90.50
N ARG KA 261 60.05 -23.30 -90.22
CA ARG KA 261 59.81 -22.25 -89.21
C ARG KA 261 58.93 -22.83 -88.10
N TYR KA 262 59.38 -22.66 -86.85
CA TYR KA 262 58.62 -23.04 -85.63
C TYR KA 262 57.79 -21.84 -85.17
N PHE KA 263 56.55 -22.11 -84.76
CA PHE KA 263 55.65 -21.10 -84.16
C PHE KA 263 55.22 -21.56 -82.77
N ASN KA 264 55.12 -20.60 -81.85
CA ASN KA 264 54.49 -20.80 -80.53
C ASN KA 264 53.60 -19.59 -80.24
N ILE KA 265 52.31 -19.70 -80.54
CA ILE KA 265 51.36 -18.55 -80.44
C ILE KA 265 50.66 -18.65 -79.07
N THR KA 266 50.62 -17.53 -78.35
CA THR KA 266 49.79 -17.35 -77.13
C THR KA 266 48.51 -16.65 -77.54
N LEU KA 267 47.35 -17.29 -77.27
CA LEU KA 267 46.02 -16.70 -77.55
C LEU KA 267 45.24 -16.56 -76.25
N ARG KA 268 44.25 -15.65 -76.26
CA ARG KA 268 43.34 -15.40 -75.13
C ARG KA 268 41.92 -15.21 -75.69
N LYS KA 269 40.90 -15.48 -74.88
CA LYS KA 269 39.48 -15.31 -75.31
C LYS KA 269 39.14 -13.82 -75.33
N ARG KA 270 38.53 -13.36 -76.42
CA ARG KA 270 38.04 -11.97 -76.59
C ARG KA 270 36.57 -12.03 -76.99
N ALA KA 271 35.75 -11.16 -76.41
CA ALA KA 271 34.29 -11.08 -76.66
C ALA KA 271 34.03 -10.15 -77.85
N VAL KA 272 32.98 -10.43 -78.62
CA VAL KA 272 32.63 -9.70 -79.87
C VAL KA 272 31.10 -9.62 -80.00
N LYS KA 273 30.59 -8.57 -80.66
CA LYS KA 273 29.14 -8.17 -80.61
C LYS KA 273 28.34 -9.06 -81.58
N GLU LA 8 56.27 -26.65 -59.68
CA GLU LA 8 55.56 -25.44 -59.18
C GLU LA 8 56.58 -24.57 -58.41
N VAL LA 9 56.86 -23.37 -58.93
CA VAL LA 9 57.92 -22.45 -58.43
C VAL LA 9 57.32 -21.57 -57.32
N LEU LA 10 58.05 -21.38 -56.22
CA LEU LA 10 57.56 -20.59 -55.05
C LEU LA 10 58.47 -19.37 -54.84
N ASP LA 11 58.67 -18.98 -53.58
CA ASP LA 11 59.40 -17.75 -53.17
C ASP LA 11 60.90 -17.93 -53.45
N VAL LA 12 61.62 -16.83 -53.65
CA VAL LA 12 63.10 -16.79 -53.76
C VAL LA 12 63.68 -16.68 -52.34
N LYS LA 13 64.36 -17.72 -51.85
CA LYS LA 13 65.07 -17.65 -50.54
C LYS LA 13 66.15 -16.57 -50.65
N THR LA 14 66.12 -15.56 -49.78
CA THR LA 14 67.18 -14.54 -49.60
C THR LA 14 67.81 -14.74 -48.21
N GLY LA 15 68.93 -14.09 -47.95
CA GLY LA 15 69.72 -14.27 -46.72
C GLY LA 15 71.16 -14.66 -47.05
N PRO LA 16 72.02 -14.88 -46.04
CA PRO LA 16 73.40 -15.31 -46.30
C PRO LA 16 73.46 -16.70 -46.94
N ASP LA 17 74.48 -16.94 -47.76
CA ASP LA 17 74.73 -18.22 -48.47
C ASP LA 17 73.51 -18.59 -49.34
N SER LA 18 72.78 -17.60 -49.89
CA SER LA 18 71.57 -17.83 -50.71
C SER LA 18 71.85 -17.57 -52.19
N THR LA 19 72.96 -16.91 -52.51
CA THR LA 19 73.48 -16.77 -53.90
C THR LA 19 74.87 -17.40 -54.00
N THR LA 20 75.26 -17.77 -55.21
CA THR LA 20 76.61 -18.31 -55.55
C THR LA 20 76.91 -18.00 -57.01
N THR LA 21 78.19 -17.95 -57.37
CA THR LA 21 78.65 -17.82 -58.78
C THR LA 21 79.40 -19.09 -59.18
N ILE LA 22 79.34 -19.43 -60.47
CA ILE LA 22 80.08 -20.57 -61.09
C ILE LA 22 80.89 -20.02 -62.26
N GLU LA 23 82.21 -20.16 -62.21
CA GLU LA 23 83.14 -19.95 -63.36
C GLU LA 23 83.36 -21.30 -64.05
N ALA LA 24 83.28 -21.32 -65.37
CA ALA LA 24 83.56 -22.52 -66.20
C ALA LA 24 83.99 -22.05 -67.60
N TYR LA 25 84.71 -22.91 -68.33
CA TYR LA 25 85.02 -22.70 -69.76
C TYR LA 25 84.69 -24.00 -70.49
N LEU LA 26 84.17 -23.90 -71.71
CA LEU LA 26 84.06 -25.04 -72.65
C LEU LA 26 85.07 -24.82 -73.78
N ASN LA 27 86.00 -25.77 -73.95
CA ASN LA 27 86.92 -25.79 -75.11
C ASN LA 27 86.15 -26.32 -76.31
N PRO LA 28 86.51 -25.85 -77.53
CA PRO LA 28 85.77 -26.22 -78.74
C PRO LA 28 86.02 -27.69 -79.12
N ARG LA 29 85.04 -28.32 -79.75
CA ARG LA 29 85.13 -29.72 -80.23
C ARG LA 29 84.86 -29.75 -81.73
N VAL LA 30 85.88 -29.34 -82.51
CA VAL LA 30 85.73 -29.15 -84.00
C VAL LA 30 86.18 -30.42 -84.72
N GLY LA 31 86.38 -31.54 -84.01
CA GLY LA 31 86.78 -32.83 -84.60
C GLY LA 31 88.02 -33.39 -83.96
N GLN LA 32 88.90 -32.50 -83.46
CA GLN LA 32 90.01 -32.87 -82.55
C GLN LA 32 89.92 -31.96 -81.32
N ASN LA 33 90.85 -32.10 -80.39
CA ASN LA 33 90.77 -31.50 -79.05
C ASN LA 33 91.67 -30.28 -78.94
N TRP LA 34 92.32 -29.83 -80.00
CA TRP LA 34 92.95 -28.49 -80.08
C TRP LA 34 92.17 -27.48 -80.97
N SER LA 37 90.01 -28.80 -86.84
CA SER LA 37 89.60 -30.07 -87.51
C SER LA 37 90.76 -30.58 -88.38
N THR LA 38 90.67 -31.81 -88.84
CA THR LA 38 91.48 -32.34 -89.97
C THR LA 38 90.92 -31.74 -91.26
N GLU LA 39 91.58 -31.89 -92.39
CA GLU LA 39 91.15 -31.24 -93.65
C GLU LA 39 89.68 -31.58 -93.93
N ILE LA 40 88.92 -30.60 -94.37
CA ILE LA 40 87.51 -30.79 -94.85
C ILE LA 40 87.61 -31.52 -96.18
N THR LA 41 86.90 -32.64 -96.34
CA THR LA 41 86.86 -33.45 -97.57
C THR LA 41 85.48 -33.36 -98.19
N VAL LA 42 85.38 -33.54 -99.51
CA VAL LA 42 84.09 -33.50 -100.24
C VAL LA 42 83.96 -34.78 -101.07
N ALA LA 43 82.96 -35.60 -100.74
CA ALA LA 43 82.60 -36.82 -101.50
C ALA LA 43 82.37 -36.43 -102.97
N SER LA 44 82.82 -37.26 -103.91
CA SER LA 44 82.49 -37.13 -105.35
C SER LA 44 81.02 -37.50 -105.57
N ASN LA 45 80.30 -36.77 -106.44
CA ASN LA 45 78.88 -37.03 -106.83
C ASN LA 45 77.96 -36.44 -105.75
N ASP LA 49 78.55 -39.78 -98.90
CA ASP LA 49 79.00 -38.58 -98.14
C ASP LA 49 79.40 -39.04 -96.73
N ALA LA 50 80.68 -39.39 -96.53
CA ALA LA 50 81.17 -40.11 -95.32
C ALA LA 50 82.38 -39.39 -94.76
N PRO LA 51 82.17 -38.25 -94.06
CA PRO LA 51 83.29 -37.46 -93.51
C PRO LA 51 83.93 -38.21 -92.33
N THR LA 54 87.17 -36.66 -87.63
CA THR LA 54 87.95 -35.52 -87.11
C THR LA 54 87.75 -34.26 -87.96
N GLU LA 55 86.75 -34.23 -88.84
CA GLU LA 55 86.48 -33.06 -89.73
C GLU LA 55 85.09 -32.50 -89.47
N ILE LA 56 84.41 -33.01 -88.44
CA ILE LA 56 82.98 -32.69 -88.13
C ILE LA 56 82.92 -31.99 -86.78
N PRO LA 57 82.64 -30.66 -86.75
CA PRO LA 57 82.48 -29.94 -85.49
C PRO LA 57 81.19 -30.34 -84.76
N CYS LA 58 81.31 -30.43 -83.43
CA CYS LA 58 80.25 -30.87 -82.50
C CYS LA 58 80.02 -29.79 -81.43
N TYR LA 59 78.82 -29.82 -80.83
CA TYR LA 59 78.48 -29.03 -79.62
C TYR LA 59 79.42 -29.45 -78.50
N SER LA 60 80.09 -28.47 -77.88
CA SER LA 60 80.73 -28.60 -76.54
C SER LA 60 79.61 -28.55 -75.48
N SER LA 61 79.77 -29.32 -74.40
CA SER LA 61 78.75 -29.49 -73.35
C SER LA 61 79.42 -29.97 -72.07
N ALA LA 62 78.99 -29.45 -70.91
CA ALA LA 62 79.45 -29.89 -69.58
C ALA LA 62 78.31 -29.73 -68.57
N ARG LA 63 78.32 -30.56 -67.54
CA ARG LA 63 77.43 -30.45 -66.36
C ARG LA 63 78.30 -30.05 -65.18
N ILE LA 64 78.12 -28.83 -64.66
CA ILE LA 64 78.84 -28.35 -63.44
C ILE LA 64 78.02 -28.80 -62.23
N SER LA 65 78.69 -29.40 -61.24
CA SER LA 65 78.09 -29.80 -59.93
C SER LA 65 77.94 -28.56 -59.05
N LEU LA 66 76.71 -28.31 -58.56
CA LEU LA 66 76.40 -27.17 -57.67
C LEU LA 66 76.39 -27.66 -56.22
N PRO LA 67 76.60 -26.78 -55.22
CA PRO LA 67 76.47 -27.18 -53.81
C PRO LA 67 75.15 -27.89 -53.54
N LEU LA 68 75.18 -29.00 -52.77
CA LEU LA 68 73.97 -29.77 -52.40
C LEU LA 68 73.06 -28.88 -51.55
N LEU LA 69 71.74 -28.95 -51.75
CA LEU LA 69 70.79 -28.02 -51.08
C LEU LA 69 69.99 -28.69 -49.97
N ASN LA 70 69.40 -29.86 -50.20
CA ASN LA 70 68.38 -30.44 -49.29
C ASN LA 70 69.08 -31.50 -48.43
N THR LA 77 58.87 -27.70 -48.44
CA THR LA 77 59.36 -27.10 -49.71
C THR LA 77 60.82 -27.51 -49.93
N LEU LA 78 61.16 -28.03 -51.11
CA LEU LA 78 62.55 -28.28 -51.56
C LEU LA 78 63.13 -27.00 -52.16
N LEU LA 79 64.47 -26.89 -52.16
CA LEU LA 79 65.23 -25.77 -52.78
C LEU LA 79 65.98 -26.27 -54.02
N MET LA 80 65.95 -25.48 -55.10
CA MET LA 80 66.77 -25.69 -56.32
C MET LA 80 67.56 -24.41 -56.59
N TRP LA 81 68.79 -24.55 -57.09
CA TRP LA 81 69.57 -23.41 -57.64
C TRP LA 81 68.86 -22.89 -58.88
N GLU LA 82 68.74 -21.57 -58.98
CA GLU LA 82 68.11 -20.86 -60.13
C GLU LA 82 69.19 -19.98 -60.77
N ALA LA 83 69.49 -20.23 -62.04
CA ALA LA 83 70.45 -19.42 -62.83
C ALA LA 83 69.76 -18.09 -63.19
N VAL LA 84 70.33 -16.97 -62.75
CA VAL LA 84 69.70 -15.62 -62.88
C VAL LA 84 70.31 -14.88 -64.07
N SER LA 85 71.64 -14.90 -64.16
CA SER LA 85 72.40 -14.13 -65.17
C SER LA 85 73.67 -14.90 -65.53
N VAL LA 86 74.24 -14.60 -66.71
CA VAL LA 86 75.55 -15.16 -67.16
C VAL LA 86 76.34 -14.05 -67.85
N LYS LA 87 77.58 -13.82 -67.42
CA LYS LA 87 78.62 -13.12 -68.20
C LYS LA 87 79.32 -14.19 -69.04
N THR LA 88 79.31 -14.08 -70.36
CA THR LA 88 79.99 -15.06 -71.26
C THR LA 88 80.88 -14.31 -72.26
N GLU LA 89 81.99 -14.93 -72.65
CA GLU LA 89 82.96 -14.33 -73.61
C GLU LA 89 83.58 -15.44 -74.48
N VAL LA 90 83.78 -15.14 -75.75
CA VAL LA 90 84.56 -16.01 -76.68
C VAL LA 90 86.03 -15.66 -76.47
N VAL LA 91 86.80 -16.63 -75.97
CA VAL LA 91 88.21 -16.43 -75.56
C VAL LA 91 89.12 -16.61 -76.77
N SER LA 94 91.53 -12.73 -80.12
CA SER LA 94 92.79 -12.03 -80.53
C SER LA 94 93.69 -13.00 -81.31
N SER LA 95 93.53 -14.31 -81.09
CA SER LA 95 94.41 -15.38 -81.67
C SER LA 95 94.37 -15.31 -83.20
N MET LA 96 93.31 -14.74 -83.77
CA MET LA 96 93.05 -14.70 -85.23
C MET LA 96 93.86 -13.58 -85.91
N LEU LA 97 94.42 -12.63 -85.17
CA LEU LA 97 95.32 -11.59 -85.78
C LEU LA 97 96.69 -12.20 -86.09
N HIS LA 100 100.72 -14.90 -90.52
CA HIS LA 100 102.10 -15.42 -90.75
C HIS LA 100 102.18 -16.94 -90.59
N SER LA 101 101.21 -17.57 -89.93
CA SER LA 101 101.24 -19.01 -89.54
C SER LA 101 100.60 -19.84 -90.65
N TYR LA 102 101.28 -19.88 -91.81
CA TYR LA 102 101.09 -20.88 -92.90
C TYR LA 102 99.82 -20.62 -93.71
N GLY LA 103 99.16 -19.48 -93.52
CA GLY LA 103 97.91 -19.17 -94.23
C GLY LA 103 98.15 -18.96 -95.71
N LEU LA 104 97.19 -19.36 -96.56
CA LEU LA 104 97.18 -19.04 -98.02
C LEU LA 104 97.52 -17.55 -98.16
N ARG LA 105 98.46 -17.21 -99.03
CA ARG LA 105 99.07 -15.85 -99.09
C ARG LA 105 98.30 -14.98 -100.07
N ALA LA 106 98.04 -13.73 -99.68
CA ALA LA 106 97.27 -12.73 -100.45
C ALA LA 106 98.15 -12.08 -101.51
N PHE LA 107 97.53 -11.38 -102.45
CA PHE LA 107 98.21 -10.56 -103.48
C PHE LA 107 99.27 -11.40 -104.20
N GLY LA 108 98.79 -12.50 -104.80
CA GLY LA 108 99.57 -13.41 -105.67
C GLY LA 108 100.71 -14.11 -104.95
N GLY LA 109 100.61 -14.26 -103.63
CA GLY LA 109 101.58 -15.01 -102.81
C GLY LA 109 102.65 -14.14 -102.17
N TYR LA 110 102.64 -12.83 -102.42
CA TYR LA 110 103.67 -11.88 -101.91
C TYR LA 110 103.23 -11.25 -100.59
N GLY LA 111 101.92 -11.27 -100.30
CA GLY LA 111 101.34 -10.71 -99.07
C GLY LA 111 101.36 -11.70 -97.93
N GLY LA 112 100.61 -11.41 -96.86
CA GLY LA 112 100.54 -12.24 -95.64
C GLY LA 112 99.51 -13.36 -95.79
N GLY LA 113 99.52 -14.29 -94.84
CA GLY LA 113 98.56 -15.43 -94.80
C GLY LA 113 97.14 -14.96 -94.49
N TYR LA 114 96.15 -15.65 -95.04
CA TYR LA 114 94.71 -15.46 -94.75
C TYR LA 114 94.47 -15.71 -93.25
N THR LA 115 93.83 -14.75 -92.57
CA THR LA 115 93.24 -14.96 -91.24
C THR LA 115 92.02 -15.87 -91.39
N ILE LA 116 91.62 -16.52 -90.29
CA ILE LA 116 90.38 -17.35 -90.23
C ILE LA 116 89.27 -16.58 -90.94
N GLU LA 117 88.58 -17.24 -91.87
CA GLU LA 117 87.44 -16.66 -92.64
C GLU LA 117 86.49 -17.78 -93.07
N GLY LA 118 85.34 -17.39 -93.62
CA GLY LA 118 84.30 -18.32 -94.12
C GLY LA 118 83.15 -18.46 -93.15
N SER LA 119 82.27 -19.41 -93.43
CA SER LA 119 81.04 -19.69 -92.64
C SER LA 119 81.43 -19.96 -91.18
N HIS LA 120 80.64 -19.42 -90.25
CA HIS LA 120 80.91 -19.48 -88.80
C HIS LA 120 79.58 -19.51 -88.03
N ILE LA 121 79.58 -20.14 -86.86
CA ILE LA 121 78.42 -20.17 -85.94
C ILE LA 121 78.96 -19.88 -84.53
N HIS LA 122 78.21 -19.07 -83.77
CA HIS LA 122 78.51 -18.77 -82.34
C HIS LA 122 77.24 -18.97 -81.54
N PHE LA 123 77.32 -19.81 -80.52
CA PHE LA 123 76.13 -20.29 -79.78
C PHE LA 123 76.51 -20.70 -78.36
N PHE LA 124 75.62 -20.40 -77.41
CA PHE LA 124 75.76 -20.82 -76.00
C PHE LA 124 74.36 -21.04 -75.44
N SER LA 125 74.28 -21.92 -74.44
CA SER LA 125 73.04 -22.21 -73.69
C SER LA 125 73.40 -22.42 -72.21
N VAL LA 126 72.52 -21.96 -71.32
CA VAL LA 126 72.56 -22.25 -69.86
C VAL LA 126 71.21 -22.88 -69.52
N GLY LA 127 71.22 -23.96 -68.75
CA GLY LA 127 70.01 -24.74 -68.44
C GLY LA 127 70.14 -25.53 -67.15
N GLY LA 128 69.00 -25.97 -66.63
CA GLY LA 128 68.90 -26.82 -65.42
C GLY LA 128 68.82 -28.29 -65.79
N GLU LA 129 68.97 -28.61 -67.09
CA GLU LA 129 68.98 -29.97 -67.64
C GLU LA 129 69.67 -29.93 -68.99
N PRO LA 130 70.01 -31.10 -69.58
CA PRO LA 130 70.54 -31.15 -70.93
C PRO LA 130 69.67 -30.37 -71.93
N LEU LA 131 70.33 -29.69 -72.88
CA LEU LA 131 69.68 -28.95 -73.99
C LEU LA 131 68.94 -29.93 -74.88
N ASP LA 132 67.69 -29.64 -75.22
CA ASP LA 132 66.87 -30.47 -76.15
C ASP LA 132 67.26 -30.13 -77.59
N LEU LA 133 67.60 -31.15 -78.38
CA LEU LA 133 68.03 -31.03 -79.79
C LEU LA 133 66.94 -31.55 -80.72
N GLN LA 134 66.74 -30.87 -81.85
CA GLN LA 134 65.90 -31.29 -83.00
C GLN LA 134 66.84 -31.69 -84.14
N GLY LA 135 66.56 -32.82 -84.78
CA GLY LA 135 67.32 -33.29 -85.96
C GLY LA 135 66.94 -32.50 -87.20
N LEU LA 136 67.92 -31.86 -87.82
CA LEU LA 136 67.80 -31.29 -89.20
C LEU LA 136 69.19 -31.16 -89.80
N MET LA 137 69.36 -31.70 -91.00
CA MET LA 137 70.67 -31.86 -91.71
C MET LA 137 70.49 -31.49 -93.19
N GLN LA 138 71.58 -31.15 -93.87
CA GLN LA 138 71.59 -30.71 -95.28
C GLN LA 138 71.38 -31.92 -96.21
N ASN LA 139 71.97 -33.07 -95.87
CA ASN LA 139 71.98 -34.30 -96.70
C ASN LA 139 71.55 -35.50 -95.86
N HIS LA 140 70.37 -36.04 -96.13
CA HIS LA 140 69.75 -37.16 -95.36
C HIS LA 140 70.68 -38.37 -95.34
N SER LA 141 71.53 -38.52 -96.36
CA SER LA 141 72.36 -39.74 -96.57
C SER LA 141 73.71 -39.64 -95.84
N THR LA 142 74.02 -38.50 -95.23
CA THR LA 142 75.35 -38.27 -94.59
C THR LA 142 75.62 -39.43 -93.63
N GLN LA 143 76.82 -40.01 -93.68
CA GLN LA 143 77.25 -41.12 -92.78
C GLN LA 143 78.13 -40.55 -91.68
N TYR LA 144 77.62 -40.45 -90.45
CA TYR LA 144 78.37 -40.07 -89.23
C TYR LA 144 78.98 -41.35 -88.64
N PRO LA 145 80.30 -41.40 -88.33
CA PRO LA 145 80.79 -42.45 -87.41
C PRO LA 145 80.55 -42.13 -85.92
N LEU LA 148 80.01 -40.69 -82.68
CA LEU LA 148 79.17 -39.51 -83.03
C LEU LA 148 77.74 -39.98 -83.23
N VAL LA 149 76.77 -39.10 -82.99
CA VAL LA 149 75.32 -39.46 -83.00
C VAL LA 149 74.60 -38.51 -83.96
N GLY LA 150 73.96 -39.05 -84.99
CA GLY LA 150 73.14 -38.27 -85.94
C GLY LA 150 71.68 -38.62 -85.82
N PRO LA 151 70.77 -37.85 -86.46
CA PRO LA 151 69.33 -38.16 -86.40
C PRO LA 151 69.05 -39.52 -87.03
N LYS LA 152 68.54 -40.46 -86.25
CA LYS LA 152 68.18 -41.84 -86.73
C LYS LA 152 66.74 -42.09 -86.30
N LYS LA 153 65.92 -42.72 -87.15
CA LYS LA 153 64.59 -43.29 -86.74
C LYS LA 153 64.96 -44.51 -85.86
N SER LA 161 63.10 -36.66 -94.80
CA SER LA 161 62.38 -35.76 -93.86
C SER LA 161 63.36 -35.09 -92.89
N ALA LA 162 64.53 -35.70 -92.66
CA ALA LA 162 65.58 -35.16 -91.78
C ALA LA 162 66.19 -33.87 -92.34
N GLN LA 163 65.84 -33.48 -93.58
CA GLN LA 163 66.31 -32.24 -94.22
C GLN LA 163 65.32 -31.10 -93.94
N VAL LA 164 64.17 -31.43 -93.36
CA VAL LA 164 63.17 -30.45 -92.85
C VAL LA 164 62.85 -30.83 -91.40
N LEU LA 165 61.70 -30.38 -90.88
CA LEU LA 165 61.30 -30.72 -89.49
C LEU LA 165 60.45 -31.99 -89.53
N ASN LA 166 60.99 -33.06 -88.93
CA ASN LA 166 60.23 -34.28 -88.54
C ASN LA 166 60.43 -34.49 -87.04
N PRO LA 167 59.37 -34.37 -86.23
CA PRO LA 167 59.48 -34.57 -84.77
C PRO LA 167 60.10 -35.90 -84.33
N ILE LA 168 60.14 -36.91 -85.21
CA ILE LA 168 60.71 -38.25 -84.89
C ILE LA 168 62.19 -38.10 -84.51
N TYR LA 169 62.88 -37.07 -85.03
CA TYR LA 169 64.35 -36.87 -84.86
C TYR LA 169 64.60 -35.88 -83.71
N LYS LA 170 64.79 -36.40 -82.49
CA LYS LA 170 65.12 -35.59 -81.30
C LYS LA 170 66.24 -36.28 -80.52
N ALA LA 171 66.93 -35.52 -79.69
CA ALA LA 171 68.03 -36.01 -78.81
C ALA LA 171 68.24 -35.00 -77.68
N LYS LA 172 68.93 -35.43 -76.63
CA LYS LA 172 69.37 -34.57 -75.51
C LYS LA 172 70.89 -34.43 -75.66
N LEU LA 173 71.39 -33.20 -75.56
CA LEU LA 173 72.85 -32.89 -75.63
C LEU LA 173 73.49 -33.35 -74.33
N ASP LA 174 73.70 -34.66 -74.19
CA ASP LA 174 74.08 -35.32 -72.91
C ASP LA 174 75.56 -35.73 -72.92
N LYS LA 175 76.29 -35.50 -74.01
CA LYS LA 175 77.71 -35.90 -74.15
C LYS LA 175 78.46 -34.81 -74.92
N ASP LA 176 79.63 -34.40 -74.43
CA ASP LA 176 80.55 -33.45 -75.12
C ASP LA 176 81.04 -34.11 -76.42
N ALA LA 177 81.32 -33.31 -77.44
CA ALA LA 177 82.10 -33.70 -78.64
C ALA LA 177 81.42 -34.86 -79.39
N THR LA 178 80.11 -35.01 -79.26
CA THR LA 178 79.37 -36.20 -79.72
C THR LA 178 78.28 -35.84 -80.75
N TYR LA 179 77.60 -34.71 -80.56
CA TYR LA 179 76.45 -34.29 -81.39
C TYR LA 179 76.94 -33.26 -82.41
N PRO LA 180 76.97 -33.62 -83.72
CA PRO LA 180 77.44 -32.68 -84.74
C PRO LA 180 76.52 -31.47 -84.86
N ILE LA 181 77.12 -30.29 -84.99
CA ILE LA 181 76.39 -29.00 -85.16
C ILE LA 181 75.53 -29.09 -86.42
N GLU LA 182 75.97 -29.84 -87.42
CA GLU LA 182 75.42 -29.79 -88.80
C GLU LA 182 74.12 -30.60 -88.94
N CYS LA 183 73.76 -31.41 -87.94
CA CYS LA 183 72.53 -32.26 -88.00
C CYS LA 183 71.64 -32.06 -86.77
N TRP LA 184 72.06 -31.26 -85.79
CA TRP LA 184 71.26 -30.94 -84.56
C TRP LA 184 71.20 -29.43 -84.35
N CYS LA 185 70.00 -28.88 -84.14
CA CYS LA 185 69.80 -27.49 -83.67
C CYS LA 185 69.03 -27.53 -82.35
N PRO LA 186 69.08 -26.45 -81.54
CA PRO LA 186 68.21 -26.35 -80.36
C PRO LA 186 66.75 -26.50 -80.77
N ASP LA 187 66.02 -27.35 -80.03
CA ASP LA 187 64.59 -27.68 -80.25
C ASP LA 187 63.72 -26.60 -79.61
N PRO LA 188 63.06 -25.73 -80.42
CA PRO LA 188 62.29 -24.61 -79.87
C PRO LA 188 60.95 -25.05 -79.28
N SER LA 189 60.56 -26.31 -79.52
CA SER LA 189 59.30 -26.93 -79.01
C SER LA 189 59.50 -27.41 -77.58
N ARG LA 190 60.75 -27.38 -77.08
CA ARG LA 190 61.11 -27.83 -75.71
C ARG LA 190 62.04 -26.78 -75.09
N ASN LA 191 63.05 -27.21 -74.33
CA ASN LA 191 64.04 -26.29 -73.70
C ASN LA 191 63.32 -25.25 -72.83
N GLU LA 192 62.21 -25.61 -72.16
CA GLU LA 192 61.50 -24.70 -71.21
C GLU LA 192 62.48 -24.29 -70.09
N ASN LA 193 63.39 -25.20 -69.69
CA ASN LA 193 64.30 -25.03 -68.52
C ASN LA 193 65.73 -24.74 -69.00
N SER LA 194 65.89 -24.27 -70.24
CA SER LA 194 67.19 -23.81 -70.81
C SER LA 194 66.98 -22.47 -71.50
N ARG LA 195 68.00 -21.62 -71.52
CA ARG LA 195 68.03 -20.39 -72.35
C ARG LA 195 69.17 -20.54 -73.36
N TYR LA 196 68.88 -20.45 -74.65
CA TYR LA 196 69.91 -20.60 -75.73
C TYR LA 196 69.90 -19.39 -76.65
N PHE LA 197 71.08 -19.10 -77.19
CA PHE LA 197 71.40 -17.92 -78.04
C PHE LA 197 72.41 -18.32 -79.11
N GLY LA 198 72.08 -18.12 -80.38
CA GLY LA 198 72.95 -18.52 -81.50
C GLY LA 198 72.84 -17.55 -82.67
N SER LA 199 73.94 -17.39 -83.39
CA SER LA 199 74.00 -16.63 -84.67
C SER LA 199 74.92 -17.37 -85.65
N TYR LA 200 74.41 -17.68 -86.84
CA TYR LA 200 75.17 -18.30 -87.97
C TYR LA 200 75.34 -17.26 -89.08
N THR LA 201 76.51 -17.25 -89.69
CA THR LA 201 76.82 -16.47 -90.93
C THR LA 201 77.45 -17.41 -91.96
N GLY LA 202 76.91 -17.43 -93.18
CA GLY LA 202 77.41 -18.27 -94.29
C GLY LA 202 78.51 -17.58 -95.08
N GLY LA 203 78.73 -18.02 -96.32
CA GLY LA 203 79.69 -17.41 -97.26
C GLY LA 203 80.99 -18.18 -97.34
N VAL LA 204 81.79 -17.90 -98.36
CA VAL LA 204 83.04 -18.65 -98.67
C VAL LA 204 84.22 -18.00 -97.94
N GLU LA 205 84.32 -16.67 -98.01
CA GLU LA 205 85.47 -15.89 -97.48
C GLU LA 205 84.99 -14.85 -96.47
N THR LA 206 83.80 -15.04 -95.90
CA THR LA 206 83.12 -14.08 -94.98
C THR LA 206 84.03 -13.79 -93.78
N PRO LA 207 84.29 -12.51 -93.46
CA PRO LA 207 85.13 -12.16 -92.31
C PRO LA 207 84.35 -12.35 -91.02
N PRO LA 208 84.94 -13.05 -90.02
CA PRO LA 208 84.37 -13.08 -88.68
C PRO LA 208 84.45 -11.68 -88.04
N VAL LA 209 83.38 -11.30 -87.34
CA VAL LA 209 83.30 -10.06 -86.52
C VAL LA 209 82.93 -10.49 -85.11
N LEU LA 210 83.86 -10.40 -84.16
CA LEU LA 210 83.64 -10.83 -82.75
C LEU LA 210 84.11 -9.73 -81.82
N SER LA 211 83.32 -9.44 -80.78
CA SER LA 211 83.62 -8.43 -79.73
C SER LA 211 83.87 -9.14 -78.41
N PHE LA 212 84.58 -8.49 -77.50
CA PHE LA 212 84.89 -9.02 -76.16
C PHE LA 212 84.93 -7.86 -75.16
N THR LA 213 84.23 -8.02 -74.04
CA THR LA 213 84.17 -7.05 -72.92
C THR LA 213 83.77 -7.78 -71.63
N ASN LA 214 84.25 -7.30 -70.49
CA ASN LA 214 83.85 -7.83 -69.16
C ASN LA 214 82.72 -6.96 -68.58
N THR LA 215 82.02 -6.19 -69.41
CA THR LA 215 80.92 -5.29 -69.00
C THR LA 215 79.54 -5.81 -69.45
N SER LA 216 79.47 -6.85 -70.29
CA SER LA 216 78.20 -7.42 -70.78
C SER LA 216 77.65 -8.40 -69.75
N THR LA 217 76.33 -8.51 -69.64
CA THR LA 217 75.59 -9.52 -68.83
C THR LA 217 74.33 -9.94 -69.59
N THR LA 218 74.04 -11.23 -69.63
CA THR LA 218 72.79 -11.77 -70.21
C THR LA 218 71.89 -12.24 -69.07
N ILE LA 219 70.70 -11.66 -68.95
CA ILE LA 219 69.67 -12.06 -67.96
C ILE LA 219 69.03 -13.37 -68.46
N LEU LA 220 68.83 -14.35 -67.57
CA LEU LA 220 68.32 -15.70 -67.90
C LEU LA 220 66.89 -15.88 -67.39
N LEU LA 221 66.33 -14.89 -66.69
CA LEU LA 221 64.94 -14.95 -66.17
C LEU LA 221 63.98 -14.90 -67.37
N ASP LA 222 62.87 -15.64 -67.30
CA ASP LA 222 61.85 -15.75 -68.39
C ASP LA 222 60.81 -14.63 -68.23
N GLU LA 223 59.76 -14.68 -69.06
CA GLU LA 223 58.59 -13.76 -69.04
C GLU LA 223 58.07 -13.60 -67.60
N ASN LA 224 58.17 -14.63 -66.75
CA ASN LA 224 57.61 -14.66 -65.37
C ASN LA 224 58.72 -14.55 -64.31
N GLY LA 225 59.89 -14.02 -64.64
CA GLY LA 225 60.98 -13.76 -63.66
C GLY LA 225 61.57 -15.03 -63.06
N VAL LA 226 61.41 -16.18 -63.73
CA VAL LA 226 61.98 -17.49 -63.30
C VAL LA 226 63.15 -17.84 -64.24
N GLY LA 227 64.30 -18.16 -63.66
CA GLY LA 227 65.49 -18.63 -64.40
C GLY LA 227 65.50 -20.15 -64.54
N PRO LA 228 66.47 -20.72 -65.27
CA PRO LA 228 66.65 -22.17 -65.29
C PRO LA 228 66.82 -22.69 -63.86
N LEU LA 229 66.04 -23.72 -63.52
CA LEU LA 229 66.11 -24.42 -62.21
C LEU LA 229 66.94 -25.70 -62.39
N CYS LA 230 68.07 -25.76 -61.69
CA CYS LA 230 69.11 -26.82 -61.84
C CYS LA 230 68.66 -28.11 -61.16
N LYS LA 231 68.09 -29.03 -61.94
CA LYS LA 231 67.67 -30.39 -61.49
C LYS LA 231 68.91 -31.18 -61.08
N GLY LA 232 68.77 -32.03 -60.06
CA GLY LA 232 69.86 -32.84 -59.48
C GLY LA 232 71.07 -32.00 -59.12
N ASP LA 233 70.88 -30.74 -58.76
CA ASP LA 233 71.97 -29.80 -58.34
C ASP LA 233 73.05 -29.78 -59.42
N GLY LA 234 72.63 -29.73 -60.68
CA GLY LA 234 73.51 -29.66 -61.87
C GLY LA 234 73.16 -28.47 -62.77
N LEU LA 235 74.17 -27.67 -63.13
CA LEU LA 235 74.08 -26.57 -64.12
C LEU LA 235 74.65 -27.06 -65.44
N TYR LA 236 73.87 -26.93 -66.52
CA TYR LA 236 74.17 -27.49 -67.87
C TYR LA 236 74.60 -26.37 -68.81
N LEU LA 237 75.90 -26.31 -69.13
CA LEU LA 237 76.49 -25.36 -70.11
C LEU LA 237 76.67 -26.05 -71.47
N SER LA 238 76.39 -25.33 -72.55
CA SER LA 238 76.60 -25.78 -73.95
C SER LA 238 77.19 -24.63 -74.77
N SER LA 239 77.99 -24.96 -75.76
CA SER LA 239 78.81 -24.02 -76.58
C SER LA 239 78.96 -24.58 -77.98
N ALA LA 240 79.00 -23.70 -78.98
CA ALA LA 240 79.39 -24.02 -80.37
C ALA LA 240 80.00 -22.75 -80.97
N ASP LA 241 81.33 -22.64 -80.96
CA ASP LA 241 82.02 -21.43 -81.44
C ASP LA 241 83.04 -21.80 -82.52
N VAL LA 242 82.52 -21.98 -83.73
CA VAL LA 242 83.32 -22.25 -84.96
C VAL LA 242 83.51 -20.91 -85.66
N ALA LA 243 84.68 -20.27 -85.45
CA ALA LA 243 84.99 -18.89 -85.87
C ALA LA 243 85.04 -18.79 -87.40
N GLY LA 244 85.31 -19.92 -88.05
CA GLY LA 244 85.43 -20.04 -89.51
C GLY LA 244 86.39 -21.15 -89.89
N THR LA 245 87.09 -20.99 -91.01
CA THR LA 245 88.07 -21.97 -91.52
C THR LA 245 89.45 -21.31 -91.60
N PHE LA 246 90.49 -22.11 -91.33
CA PHE LA 246 91.89 -21.80 -91.70
C PHE LA 246 92.12 -22.33 -93.12
N VAL LA 247 92.62 -21.46 -94.02
CA VAL LA 247 92.97 -21.81 -95.42
C VAL LA 247 94.50 -21.89 -95.49
N GLN LA 248 95.05 -23.07 -95.74
CA GLN LA 248 96.51 -23.32 -95.72
C GLN LA 248 97.13 -23.05 -97.10
N GLN LA 249 98.27 -22.34 -97.12
CA GLN LA 249 99.05 -22.10 -98.36
C GLN LA 249 99.40 -23.46 -98.98
N THR LA 250 99.60 -23.50 -100.30
CA THR LA 250 100.13 -24.67 -101.05
C THR LA 250 99.05 -25.75 -101.16
N SER LA 251 98.63 -26.36 -100.05
CA SER LA 251 97.54 -27.37 -100.06
C SER LA 251 96.22 -26.74 -100.53
N TRP LA 256 88.34 -26.36 -90.15
CA TRP LA 256 87.47 -25.68 -89.17
C TRP LA 256 88.32 -25.21 -87.98
N ARG LA 257 88.10 -23.97 -87.53
CA ARG LA 257 88.78 -23.37 -86.36
C ARG LA 257 87.74 -23.06 -85.29
N GLY LA 258 87.90 -23.61 -84.09
CA GLY LA 258 87.02 -23.37 -82.94
C GLY LA 258 87.67 -22.50 -81.88
N LEU LA 259 86.86 -21.84 -81.06
CA LEU LA 259 87.34 -21.04 -79.91
C LEU LA 259 86.62 -21.44 -78.65
N PRO LA 260 87.28 -21.30 -77.48
CA PRO LA 260 86.65 -21.65 -76.20
C PRO LA 260 85.71 -20.52 -75.76
N ARG LA 261 84.68 -20.88 -74.98
CA ARG LA 261 83.73 -19.92 -74.38
C ARG LA 261 83.85 -19.96 -72.86
N TYR LA 262 83.98 -18.78 -72.25
CA TYR LA 262 83.99 -18.58 -70.77
C TYR LA 262 82.56 -18.31 -70.30
N PHE LA 263 82.18 -18.92 -69.18
CA PHE LA 263 80.90 -18.68 -68.50
C PHE LA 263 81.13 -18.19 -67.07
N ASN LA 264 80.30 -17.25 -66.62
CA ASN LA 264 80.23 -16.82 -65.20
C ASN LA 264 78.75 -16.70 -64.83
N ILE LA 265 78.18 -17.75 -64.25
CA ILE LA 265 76.72 -17.82 -63.95
C ILE LA 265 76.51 -17.39 -62.49
N THR LA 266 75.55 -16.48 -62.26
CA THR LA 266 75.05 -16.10 -60.93
C THR LA 266 73.77 -16.91 -60.68
N LEU LA 267 73.74 -17.69 -59.60
CA LEU LA 267 72.55 -18.48 -59.20
C LEU LA 267 72.08 -18.04 -57.80
N ARG LA 268 70.82 -18.30 -57.50
CA ARG LA 268 70.18 -18.00 -56.19
C ARG LA 268 69.27 -19.17 -55.83
N LYS LA 269 69.02 -19.38 -54.53
CA LYS LA 269 68.14 -20.47 -54.04
C LYS LA 269 66.68 -20.10 -54.32
N ARG LA 270 65.91 -21.02 -54.89
CA ARG LA 270 64.47 -20.87 -55.17
C ARG LA 270 63.74 -22.07 -54.58
N ALA LA 271 62.59 -21.84 -53.94
CA ALA LA 271 61.74 -22.88 -53.32
C ALA LA 271 60.77 -23.43 -54.36
N VAL LA 272 60.41 -24.71 -54.24
CA VAL LA 272 59.52 -25.44 -55.19
C VAL LA 272 58.64 -26.44 -54.41
N ILE MA 7 89.44 -5.26 -51.62
CA ILE MA 7 89.15 -3.99 -50.88
C ILE MA 7 87.65 -3.97 -50.54
N GLU MA 8 87.28 -3.75 -49.27
CA GLU MA 8 85.90 -3.36 -48.85
C GLU MA 8 85.70 -1.87 -49.20
N VAL MA 9 84.78 -1.59 -50.13
CA VAL MA 9 84.53 -0.24 -50.70
C VAL MA 9 83.52 0.50 -49.80
N LEU MA 10 83.77 1.77 -49.48
CA LEU MA 10 82.90 2.57 -48.58
C LEU MA 10 82.30 3.75 -49.35
N ASP MA 11 82.13 4.89 -48.67
CA ASP MA 11 81.45 6.11 -49.19
C ASP MA 11 82.34 6.77 -50.25
N VAL MA 12 81.72 7.52 -51.16
CA VAL MA 12 82.40 8.38 -52.16
C VAL MA 12 82.68 9.73 -51.51
N LYS MA 13 83.94 10.10 -51.24
CA LYS MA 13 84.29 11.45 -50.73
C LYS MA 13 83.89 12.47 -51.81
N THR MA 14 83.03 13.43 -51.46
CA THR MA 14 82.68 14.61 -52.29
C THR MA 14 83.22 15.85 -51.58
N GLY MA 15 83.23 16.99 -52.28
CA GLY MA 15 83.82 18.25 -51.81
C GLY MA 15 84.86 18.76 -52.79
N PRO MA 16 85.53 19.90 -52.49
CA PRO MA 16 86.59 20.42 -53.36
C PRO MA 16 87.80 19.45 -53.42
N ASP MA 17 88.49 19.45 -54.56
CA ASP MA 17 89.70 18.61 -54.82
C ASP MA 17 89.36 17.13 -54.63
N SER MA 18 88.12 16.69 -54.91
CA SER MA 18 87.67 15.29 -54.71
C SER MA 18 87.54 14.56 -56.06
N THR MA 19 87.51 15.30 -57.17
CA THR MA 19 87.58 14.74 -58.55
C THR MA 19 88.82 15.28 -59.26
N THR MA 20 89.29 14.56 -60.28
CA THR MA 20 90.40 14.96 -61.17
C THR MA 20 90.23 14.27 -62.52
N THR MA 21 90.79 14.85 -63.58
CA THR MA 21 90.84 14.24 -64.93
C THR MA 21 92.29 13.94 -65.30
N ILE MA 22 92.50 12.91 -66.11
CA ILE MA 22 93.81 12.48 -66.65
C ILE MA 22 93.69 12.39 -68.17
N GLU MA 23 94.47 13.20 -68.90
CA GLU MA 23 94.69 13.07 -70.36
C GLU MA 23 95.94 12.20 -70.58
N ALA MA 24 95.86 11.26 -71.51
CA ALA MA 24 96.99 10.39 -71.93
C ALA MA 24 96.75 9.91 -73.35
N TYR MA 25 97.80 9.54 -74.06
CA TYR MA 25 97.71 8.84 -75.37
C TYR MA 25 98.65 7.64 -75.31
N LEU MA 26 98.25 6.53 -75.93
CA LEU MA 26 99.13 5.38 -76.21
C LEU MA 26 99.38 5.32 -77.72
N ASN MA 27 100.65 5.41 -78.12
CA ASN MA 27 101.08 5.19 -79.52
C ASN MA 27 101.08 3.69 -79.78
N PRO MA 28 100.79 3.27 -81.03
CA PRO MA 28 100.68 1.85 -81.35
C PRO MA 28 102.05 1.16 -81.35
N ARG MA 29 102.07 -0.12 -81.03
CA ARG MA 29 103.31 -0.95 -81.02
C ARG MA 29 103.10 -2.15 -81.96
N VAL MA 30 103.17 -1.89 -83.26
CA VAL MA 30 102.87 -2.89 -84.33
C VAL MA 30 104.16 -3.58 -84.77
N GLY MA 31 105.27 -3.41 -84.04
CA GLY MA 31 106.57 -4.06 -84.32
C GLY MA 31 107.69 -3.03 -84.48
N GLN MA 32 107.35 -1.82 -84.93
CA GLN MA 32 108.23 -0.62 -84.86
C GLN MA 32 107.41 0.50 -84.24
N ASN MA 33 107.98 1.69 -84.11
CA ASN MA 33 107.42 2.77 -83.25
C ASN MA 33 106.71 3.84 -84.09
N TRP MA 34 106.67 3.71 -85.42
CA TRP MA 34 106.18 4.79 -86.30
C TRP MA 34 104.97 4.34 -87.11
N GLY MA 35 104.20 3.41 -86.55
CA GLY MA 35 102.81 3.10 -87.01
C GLY MA 35 102.75 1.99 -88.03
N PHE MA 36 103.90 1.49 -88.48
CA PHE MA 36 103.99 0.35 -89.43
C PHE MA 36 104.96 -0.71 -88.93
N SER MA 37 104.56 -1.97 -89.11
CA SER MA 37 105.42 -3.16 -88.98
C SER MA 37 106.40 -3.21 -90.16
N THR MA 38 107.40 -4.07 -90.09
CA THR MA 38 108.19 -4.54 -91.25
C THR MA 38 107.29 -5.52 -92.02
N GLU MA 39 107.70 -5.90 -93.23
CA GLU MA 39 106.88 -6.75 -94.12
C GLU MA 39 106.43 -8.00 -93.35
N ILE MA 40 105.17 -8.37 -93.52
CA ILE MA 40 104.60 -9.60 -92.89
C ILE MA 40 105.20 -10.81 -93.62
N THR MA 41 105.78 -11.75 -92.90
CA THR MA 41 106.56 -12.88 -93.48
C THR MA 41 105.85 -14.18 -93.15
N VAL MA 42 105.93 -15.17 -94.04
CA VAL MA 42 105.13 -16.42 -93.94
C VAL MA 42 106.08 -17.61 -94.05
N ALA MA 43 106.17 -18.41 -92.98
CA ALA MA 43 106.93 -19.69 -92.95
C ALA MA 43 106.45 -20.57 -94.10
N SER MA 44 107.35 -21.29 -94.77
CA SER MA 44 107.02 -22.35 -95.75
C SER MA 44 106.45 -23.56 -95.01
N ASN MA 45 105.39 -24.17 -95.57
CA ASN MA 45 104.67 -25.29 -94.91
C ASN MA 45 105.72 -26.31 -94.46
N GLY MA 46 105.66 -26.74 -93.18
CA GLY MA 46 106.52 -27.80 -92.62
C GLY MA 46 107.76 -27.25 -91.94
N TYR MA 47 108.13 -25.99 -92.18
CA TYR MA 47 109.28 -25.32 -91.54
C TYR MA 47 108.79 -24.54 -90.31
N ASN MA 48 109.71 -24.12 -89.44
CA ASN MA 48 109.39 -23.38 -88.20
C ASN MA 48 108.66 -22.07 -88.55
N ASP MA 49 107.62 -21.77 -87.78
CA ASP MA 49 106.89 -20.48 -87.81
C ASP MA 49 107.64 -19.50 -86.91
N ALA MA 50 108.56 -18.71 -87.48
CA ALA MA 50 109.48 -17.84 -86.72
C ALA MA 50 109.44 -16.42 -87.28
N PRO MA 51 108.37 -15.65 -86.99
CA PRO MA 51 108.24 -14.29 -87.50
C PRO MA 51 109.26 -13.35 -86.87
N HIS MA 52 109.62 -12.30 -87.60
CA HIS MA 52 110.55 -11.22 -87.17
C HIS MA 52 109.92 -10.45 -86.02
N LEU MA 53 110.74 -10.01 -85.06
CA LEU MA 53 110.30 -9.14 -83.93
C LEU MA 53 109.45 -8.01 -84.48
N THR MA 54 109.90 -7.38 -85.58
CA THR MA 54 109.35 -6.07 -86.05
C THR MA 54 108.11 -6.29 -86.95
N GLU MA 55 107.55 -7.49 -87.01
CA GLU MA 55 106.36 -7.79 -87.85
C GLU MA 55 105.20 -8.27 -86.98
N ILE MA 56 105.36 -8.21 -85.65
CA ILE MA 56 104.40 -8.76 -84.65
C ILE MA 56 103.83 -7.63 -83.82
N PRO MA 57 102.54 -7.26 -84.03
CA PRO MA 57 101.90 -6.24 -83.22
C PRO MA 57 101.65 -6.70 -81.78
N CYS MA 58 101.85 -5.77 -80.85
CA CYS MA 58 101.75 -5.97 -79.38
C CYS MA 58 100.77 -4.95 -78.78
N TYR MA 59 100.22 -5.31 -77.62
CA TYR MA 59 99.44 -4.39 -76.75
C TYR MA 59 100.33 -3.20 -76.36
N SER MA 60 99.85 -1.99 -76.61
CA SER MA 60 100.35 -0.74 -75.97
C SER MA 60 99.80 -0.70 -74.54
N SER MA 61 100.59 -0.17 -73.60
CA SER MA 61 100.28 -0.17 -72.15
C SER MA 61 101.10 0.93 -71.46
N ALA MA 62 100.50 1.62 -70.51
CA ALA MA 62 101.18 2.63 -69.67
C ALA MA 62 100.51 2.69 -68.30
N ARG MA 63 101.28 3.07 -67.28
CA ARG MA 63 100.79 3.36 -65.91
C ARG MA 63 100.93 4.86 -65.69
N ILE MA 64 99.81 5.58 -65.56
CA ILE MA 64 99.81 7.04 -65.25
C ILE MA 64 99.85 7.18 -63.73
N SER MA 65 100.75 8.01 -63.21
CA SER MA 65 100.85 8.37 -61.77
C SER MA 65 99.74 9.36 -61.43
N LEU MA 66 98.95 9.04 -60.40
CA LEU MA 66 97.84 9.90 -59.89
C LEU MA 66 98.34 10.68 -58.68
N PRO MA 67 97.73 11.83 -58.33
CA PRO MA 67 98.07 12.53 -57.09
C PRO MA 67 98.06 11.60 -55.87
N LEU MA 68 99.07 11.71 -55.00
CA LEU MA 68 99.18 10.86 -53.78
C LEU MA 68 98.01 11.24 -52.85
N LEU MA 69 97.40 10.25 -52.18
CA LEU MA 69 96.15 10.48 -51.40
C LEU MA 69 96.38 10.48 -49.89
N ASN MA 70 97.08 9.49 -49.34
CA ASN MA 70 97.10 9.23 -47.88
C ASN MA 70 98.40 9.84 -47.31
N LEU MA 79 91.94 6.30 -48.72
CA LEU MA 79 91.32 6.79 -49.98
C LEU MA 79 92.06 6.23 -51.19
N MET MA 80 91.31 5.79 -52.20
CA MET MA 80 91.84 5.39 -53.54
C MET MA 80 91.11 6.21 -54.61
N TRP MA 81 91.82 6.58 -55.67
CA TRP MA 81 91.19 7.16 -56.89
C TRP MA 81 90.33 6.08 -57.54
N GLU MA 82 89.13 6.45 -57.95
CA GLU MA 82 88.15 5.58 -58.62
C GLU MA 82 87.88 6.15 -60.01
N ALA MA 83 88.19 5.38 -61.06
CA ALA MA 83 87.92 5.76 -62.47
C ALA MA 83 86.43 5.62 -62.73
N VAL MA 84 85.76 6.72 -63.09
CA VAL MA 84 84.28 6.78 -63.22
C VAL MA 84 83.88 6.66 -64.69
N SER MA 85 84.55 7.41 -65.55
CA SER MA 85 84.22 7.50 -66.99
C SER MA 85 85.50 7.75 -67.79
N VAL MA 86 85.47 7.42 -69.08
CA VAL MA 86 86.59 7.71 -70.04
C VAL MA 86 85.98 8.17 -71.37
N LYS MA 87 86.42 9.32 -71.87
CA LYS MA 87 86.29 9.73 -73.28
C LYS MA 87 87.53 9.17 -73.99
N THR MA 88 87.37 8.30 -74.99
CA THR MA 88 88.52 7.73 -75.76
C THR MA 88 88.25 7.90 -77.26
N GLU MA 89 89.32 8.07 -78.03
CA GLU MA 89 89.25 8.27 -79.50
C GLU MA 89 90.46 7.62 -80.18
N VAL MA 90 90.24 7.00 -81.33
CA VAL MA 90 91.34 6.51 -82.22
C VAL MA 90 91.78 7.71 -83.06
N VAL MA 91 93.02 8.15 -82.86
CA VAL MA 91 93.57 9.39 -83.48
C VAL MA 91 94.13 9.04 -84.86
N GLY MA 92 93.97 9.96 -85.81
CA GLY MA 92 94.55 9.85 -87.16
C GLY MA 92 93.82 8.85 -88.05
N ILE MA 93 92.52 8.63 -87.80
CA ILE MA 93 91.65 7.84 -88.71
C ILE MA 93 91.72 8.46 -90.11
N SER MA 94 91.60 9.79 -90.19
CA SER MA 94 91.58 10.55 -91.46
C SER MA 94 92.85 10.31 -92.26
N SER MA 95 93.94 9.85 -91.62
CA SER MA 95 95.25 9.58 -92.26
C SER MA 95 95.09 8.53 -93.36
N MET MA 96 94.06 7.70 -93.29
CA MET MA 96 93.83 6.56 -94.21
C MET MA 96 93.21 7.02 -95.54
N LEU MA 97 92.67 8.24 -95.62
CA LEU MA 97 92.12 8.77 -96.91
C LEU MA 97 93.29 9.24 -97.78
N ASN MA 98 94.13 8.29 -98.22
CA ASN MA 98 95.42 8.53 -98.93
C ASN MA 98 95.57 7.45 -100.00
N MET MA 99 95.44 7.83 -101.27
CA MET MA 99 95.52 6.87 -102.41
C MET MA 99 96.73 7.19 -103.30
N HIS MA 100 97.73 7.91 -102.78
CA HIS MA 100 98.92 8.35 -103.54
C HIS MA 100 100.22 7.81 -102.95
N SER MA 101 100.23 7.37 -101.68
CA SER MA 101 101.47 6.99 -100.95
C SER MA 101 101.78 5.50 -101.15
N TYR MA 102 102.08 5.13 -102.40
CA TYR MA 102 102.79 3.89 -102.81
C TYR MA 102 101.90 2.64 -102.70
N GLY MA 103 100.59 2.80 -102.50
CA GLY MA 103 99.68 1.66 -102.35
C GLY MA 103 99.54 0.88 -103.65
N LEU MA 104 99.36 -0.44 -103.56
CA LEU MA 104 99.01 -1.30 -104.71
C LEU MA 104 97.88 -0.63 -105.48
N ARG MA 105 98.01 -0.50 -106.80
CA ARG MA 105 97.12 0.37 -107.61
C ARG MA 105 95.94 -0.45 -108.14
N ALA MA 106 94.75 0.14 -108.08
CA ALA MA 106 93.47 -0.48 -108.47
C ALA MA 106 93.29 -0.38 -110.00
N PHE MA 107 92.33 -1.14 -110.53
CA PHE MA 107 91.90 -1.08 -111.94
C PHE MA 107 93.12 -1.24 -112.85
N GLY MA 108 93.81 -2.37 -112.67
CA GLY MA 108 94.94 -2.84 -113.50
C GLY MA 108 96.15 -1.92 -113.44
N GLY MA 109 96.29 -1.13 -112.37
CA GLY MA 109 97.47 -0.27 -112.14
C GLY MA 109 97.25 1.17 -112.57
N TYR MA 110 96.11 1.51 -113.17
CA TYR MA 110 95.82 2.86 -113.71
C TYR MA 110 95.11 3.73 -112.66
N GLY MA 111 94.51 3.10 -111.64
CA GLY MA 111 93.79 3.80 -110.57
C GLY MA 111 94.71 4.21 -109.43
N GLY MA 112 94.14 4.58 -108.28
CA GLY MA 112 94.88 5.03 -107.09
C GLY MA 112 95.33 3.86 -106.24
N GLY MA 113 96.19 4.14 -105.26
CA GLY MA 113 96.71 3.14 -104.30
C GLY MA 113 95.62 2.65 -103.36
N TYR MA 114 95.70 1.38 -102.94
CA TYR MA 114 94.84 0.78 -101.90
C TYR MA 114 95.02 1.54 -100.58
N THR MA 115 93.91 1.98 -99.99
CA THR MA 115 93.87 2.45 -98.59
C THR MA 115 94.06 1.25 -97.67
N ILE MA 116 94.48 1.50 -96.44
CA ILE MA 116 94.62 0.45 -95.38
C ILE MA 116 93.36 -0.42 -95.43
N GLU MA 117 93.55 -1.74 -95.50
CA GLU MA 117 92.45 -2.74 -95.52
C GLU MA 117 92.93 -4.06 -94.91
N GLY MA 118 92.00 -4.99 -94.73
CA GLY MA 118 92.27 -6.33 -94.19
C GLY MA 118 91.88 -6.45 -92.73
N SER MA 119 92.26 -7.56 -92.11
CA SER MA 119 91.94 -7.89 -90.71
C SER MA 119 92.44 -6.78 -89.79
N HIS MA 120 91.63 -6.44 -88.79
CA HIS MA 120 91.89 -5.31 -87.86
C HIS MA 120 91.31 -5.63 -86.49
N ILE MA 121 91.92 -5.08 -85.45
CA ILE MA 121 91.42 -5.19 -84.05
C ILE MA 121 91.48 -3.79 -83.43
N HIS MA 122 90.47 -3.42 -82.66
CA HIS MA 122 90.42 -2.15 -81.89
C HIS MA 122 90.01 -2.47 -80.45
N PHE MA 123 90.84 -2.07 -79.50
CA PHE MA 123 90.69 -2.49 -78.09
C PHE MA 123 91.31 -1.45 -77.16
N PHE MA 124 90.65 -1.25 -76.02
CA PHE MA 124 91.15 -0.37 -74.93
C PHE MA 124 90.67 -0.95 -73.60
N SER MA 125 91.44 -0.69 -72.56
CA SER MA 125 91.11 -1.06 -71.16
C SER MA 125 91.56 0.07 -70.22
N VAL MA 126 90.77 0.32 -69.18
CA VAL MA 126 91.10 1.22 -68.04
C VAL MA 126 90.99 0.37 -66.78
N GLY MA 127 91.97 0.46 -65.89
CA GLY MA 127 92.05 -0.40 -64.69
C GLY MA 127 92.85 0.24 -63.58
N GLY MA 128 92.69 -0.29 -62.37
CA GLY MA 128 93.44 0.12 -61.17
C GLY MA 128 94.67 -0.76 -60.94
N GLU MA 129 94.93 -1.66 -61.89
CA GLU MA 129 96.10 -2.58 -61.88
C GLU MA 129 96.35 -3.04 -63.31
N PRO MA 130 97.51 -3.69 -63.58
CA PRO MA 130 97.75 -4.30 -64.88
C PRO MA 130 96.60 -5.20 -65.33
N LEU MA 131 96.29 -5.16 -66.64
CA LEU MA 131 95.28 -6.01 -67.30
C LEU MA 131 95.72 -7.47 -67.21
N ASP MA 132 94.82 -8.37 -66.78
CA ASP MA 132 95.08 -9.83 -66.72
C ASP MA 132 94.91 -10.41 -68.13
N LEU MA 133 95.93 -11.15 -68.61
CA LEU MA 133 95.95 -11.78 -69.95
C LEU MA 133 95.80 -13.30 -69.82
N GLN MA 134 95.07 -13.91 -70.75
CA GLN MA 134 94.94 -15.37 -70.96
C GLN MA 134 95.68 -15.73 -72.25
N GLY MA 135 96.50 -16.78 -72.21
CA GLY MA 135 97.20 -17.30 -73.39
C GLY MA 135 96.27 -18.05 -74.31
N LEU MA 136 96.17 -17.61 -75.56
CA LEU MA 136 95.54 -18.38 -76.66
C LEU MA 136 96.10 -17.88 -77.99
N MET MA 137 96.58 -18.81 -78.82
CA MET MA 137 97.33 -18.52 -80.09
C MET MA 137 96.83 -19.47 -81.18
N GLN MA 138 97.01 -19.08 -82.45
CA GLN MA 138 96.53 -19.86 -83.63
C GLN MA 138 97.45 -21.08 -83.85
N ASN MA 139 98.75 -20.93 -83.64
CA ASN MA 139 99.78 -21.98 -83.82
C ASN MA 139 100.64 -22.05 -82.55
N HIS MA 140 100.51 -23.14 -81.78
CA HIS MA 140 101.19 -23.33 -80.48
C HIS MA 140 102.72 -23.25 -80.66
N SER MA 141 103.20 -23.58 -81.87
CA SER MA 141 104.64 -23.74 -82.17
C SER MA 141 105.28 -22.42 -82.62
N THR MA 142 104.50 -21.34 -82.74
CA THR MA 142 105.05 -20.01 -83.12
C THR MA 142 106.25 -19.69 -82.22
N GLN MA 143 107.36 -19.24 -82.81
CA GLN MA 143 108.60 -18.84 -82.09
C GLN MA 143 108.65 -17.32 -82.02
N TYR MA 144 108.39 -16.74 -80.85
CA TYR MA 144 108.47 -15.27 -80.62
C TYR MA 144 109.89 -14.90 -80.23
N PRO MA 145 110.56 -14.03 -81.01
CA PRO MA 145 111.88 -13.54 -80.63
C PRO MA 145 111.85 -12.73 -79.32
N SER MA 146 112.89 -12.88 -78.50
CA SER MA 146 113.16 -11.99 -77.34
C SER MA 146 113.27 -10.56 -77.86
N PRO MA 147 112.78 -9.52 -77.13
CA PRO MA 147 112.23 -9.67 -75.77
C PRO MA 147 110.71 -9.87 -75.64
N LEU MA 148 110.02 -10.25 -76.71
CA LEU MA 148 108.56 -10.54 -76.68
C LEU MA 148 108.31 -11.67 -75.69
N VAL MA 149 107.10 -11.77 -75.15
CA VAL MA 149 106.70 -12.81 -74.17
C VAL MA 149 105.46 -13.52 -74.72
N GLY MA 150 105.55 -14.83 -74.93
CA GLY MA 150 104.42 -15.66 -75.39
C GLY MA 150 104.00 -16.63 -74.30
N PRO MA 151 102.85 -17.31 -74.46
CA PRO MA 151 102.39 -18.29 -73.47
C PRO MA 151 103.39 -19.45 -73.37
N LYS MA 152 103.98 -19.63 -72.18
CA LYS MA 152 104.88 -20.77 -71.85
C LYS MA 152 104.30 -21.46 -70.62
N LYS MA 153 104.37 -22.78 -70.55
CA LYS MA 153 104.16 -23.55 -69.28
C LYS MA 153 105.31 -23.20 -68.33
N PRO MA 154 105.26 -23.62 -67.03
CA PRO MA 154 106.38 -23.39 -66.13
C PRO MA 154 107.70 -24.01 -66.62
N ASP MA 155 107.62 -25.14 -67.34
CA ASP MA 155 108.79 -25.91 -67.83
C ASP MA 155 109.42 -25.22 -69.06
N GLY MA 156 108.79 -24.17 -69.62
CA GLY MA 156 109.33 -23.39 -70.75
C GLY MA 156 108.71 -23.78 -72.09
N THR MA 157 108.03 -24.93 -72.17
CA THR MA 157 107.36 -25.48 -73.37
C THR MA 157 106.05 -24.73 -73.64
N THR MA 158 105.42 -25.02 -74.78
CA THR MA 158 104.08 -24.54 -75.19
C THR MA 158 103.41 -25.65 -75.99
N ASP MA 159 102.39 -26.32 -75.44
CA ASP MA 159 101.76 -27.50 -76.09
C ASP MA 159 100.54 -27.07 -76.91
N ASP MA 160 99.86 -28.03 -77.51
CA ASP MA 160 98.69 -27.85 -78.42
C ASP MA 160 97.56 -27.12 -77.67
N SER MA 161 97.47 -27.25 -76.35
CA SER MA 161 96.38 -26.70 -75.51
C SER MA 161 96.37 -25.17 -75.58
N ALA MA 162 97.49 -24.54 -75.94
CA ALA MA 162 97.61 -23.07 -76.07
C ALA MA 162 96.77 -22.55 -77.25
N GLN MA 163 96.19 -23.45 -78.06
CA GLN MA 163 95.31 -23.07 -79.21
C GLN MA 163 93.85 -23.03 -78.75
N VAL MA 164 93.59 -23.47 -77.52
CA VAL MA 164 92.27 -23.35 -76.85
C VAL MA 164 92.53 -22.75 -75.46
N LEU MA 165 91.60 -22.92 -74.51
CA LEU MA 165 91.77 -22.37 -73.14
C LEU MA 165 92.45 -23.42 -72.27
N ASN MA 166 93.68 -23.13 -71.83
CA ASN MA 166 94.37 -23.83 -70.73
C ASN MA 166 94.75 -22.78 -69.69
N PRO MA 167 94.16 -22.84 -68.48
CA PRO MA 167 94.46 -21.89 -67.40
C PRO MA 167 95.95 -21.75 -67.04
N ILE MA 168 96.80 -22.72 -67.43
CA ILE MA 168 98.25 -22.68 -67.13
C ILE MA 168 98.89 -21.44 -67.78
N TYR MA 169 98.31 -20.94 -68.88
CA TYR MA 169 98.87 -19.83 -69.70
C TYR MA 169 98.22 -18.50 -69.31
N LYS MA 170 98.82 -17.78 -68.36
CA LYS MA 170 98.36 -16.43 -67.93
C LYS MA 170 99.56 -15.50 -67.83
N ALA MA 171 99.31 -14.20 -67.86
CA ALA MA 171 100.32 -13.13 -67.72
C ALA MA 171 99.62 -11.83 -67.33
N LYS MA 172 100.39 -10.86 -66.84
CA LYS MA 172 99.91 -9.50 -66.54
C LYS MA 172 100.54 -8.59 -67.59
N LEU MA 173 99.73 -7.71 -68.21
CA LEU MA 173 100.19 -6.74 -69.23
C LEU MA 173 100.97 -5.64 -68.52
N ASP MA 174 102.23 -5.94 -68.15
CA ASP MA 174 103.05 -5.11 -67.24
C ASP MA 174 104.15 -4.36 -68.02
N LYS MA 175 104.25 -4.55 -69.34
CA LYS MA 175 105.30 -3.92 -70.18
C LYS MA 175 104.68 -3.54 -71.54
N ASP MA 176 104.93 -2.32 -72.00
CA ASP MA 176 104.54 -1.82 -73.35
C ASP MA 176 105.28 -2.67 -74.41
N ALA MA 177 104.67 -2.86 -75.57
CA ALA MA 177 105.34 -3.35 -76.81
C ALA MA 177 105.96 -4.74 -76.61
N THR MA 178 105.44 -5.53 -75.66
CA THR MA 178 106.08 -6.78 -75.19
C THR MA 178 105.17 -7.99 -75.40
N TYR MA 179 103.87 -7.84 -75.20
CA TYR MA 179 102.88 -8.95 -75.24
C TYR MA 179 102.19 -8.93 -76.60
N PRO MA 180 102.44 -9.92 -77.47
CA PRO MA 180 101.81 -9.95 -78.79
C PRO MA 180 100.29 -10.12 -78.69
N ILE MA 181 99.56 -9.36 -79.51
CA ILE MA 181 98.07 -9.41 -79.59
C ILE MA 181 97.64 -10.83 -79.96
N GLU MA 182 98.47 -11.53 -80.74
CA GLU MA 182 98.06 -12.78 -81.45
C GLU MA 182 98.11 -14.00 -80.51
N CYS MA 183 98.69 -13.89 -79.32
CA CYS MA 183 98.81 -15.02 -78.36
C CYS MA 183 98.26 -14.67 -76.97
N TRP MA 184 97.82 -13.43 -76.74
CA TRP MA 184 97.23 -12.97 -75.46
C TRP MA 184 95.90 -12.25 -75.72
N CYS MA 185 94.84 -12.65 -75.01
CA CYS MA 185 93.56 -11.89 -74.96
C CYS MA 185 93.28 -11.50 -73.50
N PRO MA 186 92.41 -10.49 -73.26
CA PRO MA 186 91.97 -10.19 -71.90
C PRO MA 186 91.34 -11.44 -71.28
N ASP MA 187 91.75 -11.73 -70.03
CA ASP MA 187 91.32 -12.89 -69.22
C ASP MA 187 89.98 -12.58 -68.56
N PRO MA 188 88.87 -13.19 -69.02
CA PRO MA 188 87.55 -12.85 -68.49
C PRO MA 188 87.29 -13.48 -67.10
N SER MA 189 88.17 -14.38 -66.66
CA SER MA 189 88.11 -15.06 -65.34
C SER MA 189 88.72 -14.16 -64.26
N ARG MA 190 89.33 -13.04 -64.66
CA ARG MA 190 89.96 -12.06 -63.73
C ARG MA 190 89.53 -10.65 -64.15
N ASN MA 191 90.45 -9.67 -64.08
CA ASN MA 191 90.18 -8.27 -64.48
C ASN MA 191 88.95 -7.72 -63.74
N GLU MA 192 88.75 -8.09 -62.46
CA GLU MA 192 87.64 -7.54 -61.61
C GLU MA 192 87.83 -6.02 -61.51
N ASN MA 193 89.09 -5.54 -61.48
CA ASN MA 193 89.44 -4.12 -61.22
C ASN MA 193 89.89 -3.43 -62.53
N SER MA 194 89.49 -3.97 -63.68
CA SER MA 194 89.72 -3.38 -65.03
C SER MA 194 88.42 -3.44 -65.82
N ARG MA 195 88.20 -2.48 -66.70
CA ARG MA 195 87.10 -2.54 -67.71
C ARG MA 195 87.76 -2.57 -69.09
N TYR MA 196 87.47 -3.59 -69.89
CA TYR MA 196 88.06 -3.74 -71.25
C TYR MA 196 86.95 -3.89 -72.30
N PHE MA 197 87.27 -3.42 -73.51
CA PHE MA 197 86.36 -3.31 -74.68
C PHE MA 197 87.17 -3.57 -75.95
N GLY MA 198 86.76 -4.56 -76.75
CA GLY MA 198 87.49 -4.94 -77.96
C GLY MA 198 86.58 -5.45 -79.05
N SER MA 199 86.93 -5.18 -80.30
CA SER MA 199 86.24 -5.70 -81.50
C SER MA 199 87.28 -6.07 -82.57
N TYR MA 200 87.24 -7.32 -83.02
CA TYR MA 200 88.09 -7.85 -84.12
C TYR MA 200 87.22 -8.11 -85.34
N THR MA 201 87.76 -7.80 -86.52
CA THR MA 201 87.17 -8.13 -87.84
C THR MA 201 88.25 -8.81 -88.70
N GLY MA 202 87.94 -9.98 -89.26
CA GLY MA 202 88.86 -10.73 -90.14
C GLY MA 202 88.76 -10.32 -91.59
N GLY MA 203 89.18 -11.19 -92.50
CA GLY MA 203 89.08 -11.00 -93.97
C GLY MA 203 90.38 -10.53 -94.57
N VAL MA 204 90.48 -10.61 -95.90
CA VAL MA 204 91.74 -10.33 -96.66
C VAL MA 204 91.77 -8.85 -97.05
N GLU MA 205 90.67 -8.32 -97.56
CA GLU MA 205 90.56 -6.94 -98.11
C GLU MA 205 89.47 -6.14 -97.38
N THR MA 206 89.08 -6.58 -96.18
CA THR MA 206 87.97 -6.00 -95.38
C THR MA 206 88.22 -4.51 -95.14
N PRO MA 207 87.24 -3.64 -95.45
CA PRO MA 207 87.40 -2.21 -95.23
C PRO MA 207 87.27 -1.88 -93.74
N PRO MA 208 88.21 -1.10 -93.17
CA PRO MA 208 88.04 -0.58 -91.83
C PRO MA 208 86.89 0.43 -91.78
N VAL MA 209 86.10 0.37 -90.71
CA VAL MA 209 85.01 1.34 -90.40
C VAL MA 209 85.30 1.91 -89.02
N LEU MA 210 85.69 3.17 -88.93
CA LEU MA 210 86.00 3.86 -87.65
C LEU MA 210 85.25 5.20 -87.60
N SER MA 211 84.69 5.52 -86.44
CA SER MA 211 84.03 6.81 -86.14
C SER MA 211 84.85 7.58 -85.13
N PHE MA 212 84.70 8.90 -85.10
CA PHE MA 212 85.38 9.80 -84.14
C PHE MA 212 84.45 10.96 -83.81
N THR MA 213 84.30 11.25 -82.51
CA THR MA 213 83.51 12.38 -81.96
C THR MA 213 84.01 12.72 -80.56
N ASN MA 214 83.93 13.99 -80.16
CA ASN MA 214 84.26 14.43 -78.79
C ASN MA 214 82.98 14.49 -77.92
N THR MA 215 81.91 13.81 -78.33
CA THR MA 215 80.62 13.78 -77.62
C THR MA 215 80.36 12.42 -76.95
N SER MA 216 81.16 11.39 -77.22
CA SER MA 216 80.97 10.03 -76.64
C SER MA 216 81.61 9.98 -75.26
N THR MA 217 81.04 9.17 -74.35
CA THR MA 217 81.62 8.85 -73.01
C THR MA 217 81.32 7.39 -72.68
N THR MA 218 82.30 6.66 -72.15
CA THR MA 218 82.12 5.27 -71.66
C THR MA 218 82.13 5.29 -70.14
N ILE MA 219 81.04 4.85 -69.51
CA ILE MA 219 80.93 4.73 -68.03
C ILE MA 219 81.72 3.48 -67.61
N LEU MA 220 82.49 3.58 -66.53
CA LEU MA 220 83.40 2.50 -66.05
C LEU MA 220 82.87 1.90 -64.75
N LEU MA 221 81.77 2.41 -64.21
CA LEU MA 221 81.14 1.88 -62.97
C LEU MA 221 80.56 0.50 -63.28
N ASP MA 222 80.65 -0.44 -62.33
CA ASP MA 222 80.16 -1.84 -62.49
C ASP MA 222 78.68 -1.92 -62.08
N GLU MA 223 78.14 -3.16 -62.05
CA GLU MA 223 76.77 -3.50 -61.62
C GLU MA 223 76.44 -2.78 -60.29
N ASN MA 224 77.43 -2.56 -59.42
CA ASN MA 224 77.24 -1.98 -58.05
C ASN MA 224 77.77 -0.54 -57.97
N GLY MA 225 77.89 0.17 -59.08
CA GLY MA 225 78.26 1.61 -59.09
C GLY MA 225 79.68 1.87 -58.62
N VAL MA 226 80.56 0.86 -58.66
CA VAL MA 226 81.99 0.97 -58.30
C VAL MA 226 82.83 0.92 -59.58
N GLY MA 227 83.72 1.89 -59.76
CA GLY MA 227 84.69 1.94 -60.87
C GLY MA 227 86.00 1.25 -60.51
N PRO MA 228 86.95 1.13 -61.47
CA PRO MA 228 88.29 0.66 -61.15
C PRO MA 228 88.89 1.51 -60.03
N LEU MA 229 89.42 0.86 -58.99
CA LEU MA 229 90.12 1.51 -57.86
C LEU MA 229 91.63 1.40 -58.10
N CYS MA 230 92.28 2.55 -58.24
CA CYS MA 230 93.71 2.68 -58.66
C CYS MA 230 94.63 2.35 -57.49
N LYS MA 231 95.12 1.10 -57.44
CA LYS MA 231 96.10 0.61 -56.43
C LYS MA 231 97.44 1.35 -56.64
N GLY MA 232 98.15 1.61 -55.55
CA GLY MA 232 99.42 2.36 -55.54
C GLY MA 232 99.32 3.70 -56.27
N ASP MA 233 98.14 4.32 -56.26
CA ASP MA 233 97.90 5.65 -56.89
C ASP MA 233 98.35 5.60 -58.36
N GLY MA 234 98.03 4.49 -59.05
CA GLY MA 234 98.36 4.27 -60.47
C GLY MA 234 97.13 3.92 -61.29
N LEU MA 235 96.92 4.62 -62.40
CA LEU MA 235 95.87 4.32 -63.42
C LEU MA 235 96.51 3.58 -64.59
N TYR MA 236 95.97 2.42 -64.95
CA TYR MA 236 96.55 1.48 -65.95
C TYR MA 236 95.73 1.55 -67.25
N LEU MA 237 96.31 2.17 -68.28
CA LEU MA 237 95.74 2.24 -69.65
C LEU MA 237 96.37 1.17 -70.55
N SER MA 238 95.55 0.55 -71.40
CA SER MA 238 95.98 -0.44 -72.42
C SER MA 238 95.23 -0.18 -73.73
N SER MA 239 95.88 -0.49 -74.85
CA SER MA 239 95.42 -0.14 -76.22
C SER MA 239 95.91 -1.23 -77.18
N ALA MA 240 95.11 -1.52 -78.21
CA ALA MA 240 95.52 -2.34 -79.38
C ALA MA 240 94.69 -1.87 -80.56
N ASP MA 241 95.25 -0.99 -81.40
CA ASP MA 241 94.51 -0.40 -82.54
C ASP MA 241 95.28 -0.65 -83.84
N VAL MA 242 95.12 -1.86 -84.37
CA VAL MA 242 95.68 -2.30 -85.68
C VAL MA 242 94.57 -2.11 -86.71
N ALA MA 243 94.62 -1.00 -87.46
CA ALA MA 243 93.54 -0.54 -88.37
C ALA MA 243 93.40 -1.51 -89.55
N GLY MA 244 94.48 -2.23 -89.86
CA GLY MA 244 94.56 -3.19 -90.98
C GLY MA 244 95.98 -3.26 -91.52
N THR MA 245 96.12 -3.53 -92.81
CA THR MA 245 97.44 -3.65 -93.49
C THR MA 245 97.54 -2.61 -94.59
N PHE MA 246 98.75 -2.09 -94.80
CA PHE MA 246 99.15 -1.36 -96.02
C PHE MA 246 99.66 -2.38 -97.04
N VAL MA 247 99.11 -2.36 -98.26
CA VAL MA 247 99.52 -3.23 -99.40
C VAL MA 247 100.32 -2.36 -100.36
N GLN MA 248 101.61 -2.67 -100.53
CA GLN MA 248 102.55 -1.83 -101.34
C GLN MA 248 102.53 -2.27 -102.80
N GLN MA 249 102.47 -1.32 -103.73
CA GLN MA 249 102.58 -1.58 -105.19
C GLN MA 249 103.90 -2.31 -105.47
N THR MA 250 103.93 -3.10 -106.53
CA THR MA 250 105.16 -3.72 -107.09
C THR MA 250 105.57 -4.90 -106.19
N SER MA 251 106.00 -4.64 -104.94
CA SER MA 251 106.41 -5.70 -103.98
C SER MA 251 105.19 -6.59 -103.66
N GLN MA 252 104.00 -5.99 -103.59
CA GLN MA 252 102.73 -6.63 -103.14
C GLN MA 252 102.93 -7.24 -101.75
N LYS MA 253 103.81 -6.64 -100.95
CA LYS MA 253 104.03 -6.99 -99.53
C LYS MA 253 103.02 -6.23 -98.67
N GLN MA 254 102.67 -6.80 -97.51
CA GLN MA 254 101.70 -6.21 -96.56
C GLN MA 254 102.46 -5.81 -95.29
N TYR MA 255 102.07 -4.68 -94.72
CA TYR MA 255 102.60 -4.12 -93.45
C TYR MA 255 101.41 -3.80 -92.53
N TRP MA 256 101.44 -4.29 -91.29
CA TRP MA 256 100.48 -3.89 -90.23
C TRP MA 256 100.55 -2.37 -90.05
N ARG MA 257 99.41 -1.71 -89.96
CA ARG MA 257 99.28 -0.26 -89.69
C ARG MA 257 98.54 -0.07 -88.36
N GLY MA 258 99.18 0.62 -87.42
CA GLY MA 258 98.62 0.92 -86.08
C GLY MA 258 98.24 2.38 -85.96
N LEU MA 259 97.30 2.69 -85.06
CA LEU MA 259 96.91 4.09 -84.76
C LEU MA 259 96.96 4.33 -83.26
N PRO MA 260 97.23 5.59 -82.84
CA PRO MA 260 97.29 5.93 -81.42
C PRO MA 260 95.87 6.08 -80.86
N ARG MA 261 95.71 5.83 -79.56
CA ARG MA 261 94.43 6.01 -78.84
C ARG MA 261 94.61 7.11 -77.78
N TYR MA 262 93.67 8.07 -77.77
CA TYR MA 262 93.58 9.15 -76.75
C TYR MA 262 92.66 8.68 -75.62
N PHE MA 263 93.06 8.97 -74.38
CA PHE MA 263 92.22 8.73 -73.18
C PHE MA 263 91.99 10.03 -72.43
N ASN MA 264 90.79 10.19 -71.88
CA ASN MA 264 90.45 11.28 -70.92
C ASN MA 264 89.63 10.65 -69.79
N ILE MA 265 90.28 10.28 -68.69
CA ILE MA 265 89.62 9.55 -67.57
C ILE MA 265 89.22 10.58 -66.51
N THR MA 266 87.97 10.49 -66.04
CA THR MA 266 87.45 11.23 -64.87
C THR MA 266 87.52 10.29 -63.66
N LEU MA 267 88.24 10.69 -62.61
CA LEU MA 267 88.34 9.90 -61.35
C LEU MA 267 87.80 10.73 -60.18
N ARG MA 268 87.41 10.05 -59.11
CA ARG MA 268 86.88 10.66 -57.86
C ARG MA 268 87.45 9.88 -56.68
N LYS MA 269 87.57 10.51 -55.52
CA LYS MA 269 88.10 9.85 -54.29
C LYS MA 269 87.05 8.91 -53.73
N ARG MA 270 87.44 7.68 -53.40
CA ARG MA 270 86.57 6.66 -52.78
C ARG MA 270 87.29 6.12 -51.53
N ALA MA 271 86.54 5.94 -50.44
CA ALA MA 271 87.04 5.43 -49.15
C ALA MA 271 86.99 3.90 -49.14
N VAL MA 272 87.93 3.27 -48.44
CA VAL MA 272 88.07 1.79 -48.38
C VAL MA 272 88.54 1.37 -46.97
N LYS MA 273 88.16 0.17 -46.52
CA LYS MA 273 88.26 -0.27 -45.08
C LYS MA 273 89.70 -0.68 -44.76
N ILE NA 7 85.75 30.84 -70.26
CA ILE NA 7 84.55 31.63 -69.90
C ILE NA 7 83.90 30.98 -68.68
N GLU NA 8 83.61 31.72 -67.60
CA GLU NA 8 82.63 31.33 -66.54
C GLU NA 8 81.22 31.55 -67.10
N VAL NA 9 80.46 30.46 -67.27
CA VAL NA 9 79.13 30.45 -67.95
C VAL NA 9 78.04 30.73 -66.90
N LEU NA 10 77.08 31.60 -67.21
CA LEU NA 10 76.01 31.99 -66.26
C LEU NA 10 74.64 31.55 -66.80
N ASP NA 11 73.60 32.35 -66.54
CA ASP NA 11 72.18 32.05 -66.86
C ASP NA 11 71.98 32.14 -68.39
N VAL NA 12 70.98 31.43 -68.89
CA VAL NA 12 70.52 31.52 -70.30
C VAL NA 12 69.50 32.65 -70.40
N LYS NA 13 69.81 33.76 -71.08
CA LYS NA 13 68.81 34.84 -71.34
C LYS NA 13 67.68 34.24 -72.19
N THR NA 14 66.44 34.32 -71.70
CA THR NA 14 65.19 33.98 -72.43
C THR NA 14 64.40 35.27 -72.65
N GLY NA 15 63.38 35.22 -73.50
CA GLY NA 15 62.58 36.39 -73.91
C GLY NA 15 62.57 36.53 -75.43
N PRO NA 16 61.90 37.55 -75.99
CA PRO NA 16 61.94 37.80 -77.43
C PRO NA 16 63.35 38.19 -77.90
N ASP NA 17 63.67 37.85 -79.15
CA ASP NA 17 64.98 38.14 -79.81
C ASP NA 17 66.12 37.53 -78.99
N SER NA 18 65.90 36.40 -78.31
CA SER NA 18 66.92 35.72 -77.47
C SER NA 18 67.42 34.44 -78.16
N THR NA 19 66.72 33.96 -79.18
CA THR NA 19 67.17 32.85 -80.06
C THR NA 19 67.27 33.35 -81.50
N THR NA 20 68.07 32.66 -82.31
CA THR NA 20 68.23 32.90 -83.76
C THR NA 20 68.67 31.59 -84.43
N THR NA 21 68.38 31.45 -85.73
CA THR NA 21 68.84 30.32 -86.56
C THR NA 21 69.80 30.84 -87.63
N ILE NA 22 70.75 29.99 -88.03
CA ILE NA 22 71.72 30.27 -89.12
C ILE NA 22 71.64 29.12 -90.12
N GLU NA 23 71.27 29.42 -91.37
CA GLU NA 23 71.40 28.51 -92.54
C GLU NA 23 72.74 28.79 -93.22
N ALA NA 24 73.47 27.74 -93.57
CA ALA NA 24 74.75 27.81 -94.30
C ALA NA 24 74.96 26.49 -95.04
N TYR NA 25 75.77 26.51 -96.10
CA TYR NA 25 76.26 25.30 -96.79
C TYR NA 25 77.78 25.45 -96.94
N LEU NA 26 78.50 24.34 -96.82
CA LEU NA 26 79.92 24.25 -97.22
C LEU NA 26 80.00 23.36 -98.47
N ASN NA 27 80.51 23.91 -99.58
CA ASN NA 27 80.83 23.12 -100.79
C ASN NA 27 82.13 22.38 -100.53
N PRO NA 28 82.30 21.18 -101.15
CA PRO NA 28 83.45 20.34 -100.89
C PRO NA 28 84.72 20.94 -101.52
N ARG NA 29 85.88 20.66 -100.92
CA ARG NA 29 87.20 21.12 -101.41
C ARG NA 29 88.08 19.89 -101.62
N VAL NA 30 87.83 19.15 -102.69
CA VAL NA 30 88.50 17.84 -103.01
C VAL NA 30 89.71 18.08 -103.92
N GLY NA 31 90.13 19.34 -104.11
CA GLY NA 31 91.30 19.71 -104.92
C GLY NA 31 90.95 20.70 -106.03
N GLN NA 32 89.70 20.64 -106.51
CA GLN NA 32 89.09 21.69 -107.35
C GLN NA 32 87.72 22.02 -106.73
N ASN NA 33 86.97 22.93 -107.35
CA ASN NA 33 85.82 23.59 -106.68
C ASN NA 33 84.48 23.01 -107.16
N TRP NA 34 84.50 22.04 -108.07
CA TRP NA 34 83.25 21.57 -108.74
C TRP NA 34 83.03 20.07 -108.44
N GLY NA 35 83.51 19.61 -107.29
CA GLY NA 35 83.09 18.33 -106.69
C GLY NA 35 83.98 17.16 -107.07
N PHE NA 36 84.95 17.38 -107.98
CA PHE NA 36 85.93 16.34 -108.39
C PHE NA 36 87.35 16.88 -108.30
N SER NA 37 88.25 16.01 -107.82
CA SER NA 37 89.72 16.19 -107.90
C SER NA 37 90.17 15.97 -109.35
N THR NA 38 91.42 16.31 -109.64
CA THR NA 38 92.14 15.83 -110.84
C THR NA 38 92.52 14.38 -110.58
N GLU NA 39 92.99 13.65 -111.59
CA GLU NA 39 93.28 12.21 -111.49
C GLU NA 39 94.20 11.96 -110.28
N ILE NA 40 93.88 10.91 -109.52
CA ILE NA 40 94.74 10.45 -108.39
C ILE NA 40 95.99 9.83 -109.01
N THR NA 41 97.16 10.27 -108.55
CA THR NA 41 98.49 9.75 -109.02
C THR NA 41 99.15 9.01 -107.86
N VAL NA 42 100.02 8.07 -108.17
CA VAL NA 42 100.73 7.21 -107.17
C VAL NA 42 102.22 7.27 -107.48
N ALA NA 43 103.02 7.80 -106.55
CA ALA NA 43 104.49 7.81 -106.63
C ALA NA 43 104.99 6.38 -106.84
N SER NA 44 106.01 6.20 -107.68
CA SER NA 44 106.72 4.89 -107.82
C SER NA 44 107.58 4.67 -106.57
N ASN NA 45 107.62 3.44 -106.07
CA ASN NA 45 108.47 3.05 -104.91
C ASN NA 45 109.87 3.66 -105.11
N GLY NA 46 110.37 4.37 -104.10
CA GLY NA 46 111.73 4.92 -104.08
C GLY NA 46 111.78 6.37 -104.56
N TYR NA 47 110.75 6.86 -105.24
CA TYR NA 47 110.65 8.26 -105.74
C TYR NA 47 109.90 9.10 -104.71
N ASN NA 48 109.97 10.42 -104.82
CA ASN NA 48 109.24 11.37 -103.93
C ASN NA 48 107.73 11.11 -104.03
N ASP NA 49 107.06 11.12 -102.88
CA ASP NA 49 105.58 11.16 -102.78
C ASP NA 49 105.14 12.63 -102.89
N ALA NA 50 104.86 13.11 -104.10
CA ALA NA 50 104.58 14.53 -104.38
C ALA NA 50 103.29 14.66 -105.19
N PRO NA 51 102.13 14.53 -104.54
CA PRO NA 51 100.85 14.61 -105.23
C PRO NA 51 100.57 16.05 -105.68
N HIS NA 52 99.79 16.18 -106.75
CA HIS NA 52 99.32 17.46 -107.33
C HIS NA 52 98.42 18.17 -106.32
N LEU NA 53 98.49 19.50 -106.24
CA LEU NA 53 97.58 20.32 -105.40
C LEU NA 53 96.14 19.84 -105.61
N THR NA 54 95.74 19.64 -106.88
CA THR NA 54 94.32 19.47 -107.29
C THR NA 54 93.86 18.02 -107.12
N GLU NA 55 94.64 17.15 -106.46
CA GLU NA 55 94.28 15.73 -106.27
C GLU NA 55 94.17 15.41 -104.77
N ILE NA 56 94.27 16.43 -103.93
CA ILE NA 56 94.35 16.30 -102.43
C ILE NA 56 93.12 16.94 -101.82
N PRO NA 57 92.16 16.15 -101.29
CA PRO NA 57 91.00 16.70 -100.61
C PRO NA 57 91.36 17.34 -99.26
N CYS NA 58 90.70 18.46 -98.98
CA CYS NA 58 90.90 19.32 -97.78
C CYS NA 58 89.57 19.50 -97.03
N TYR NA 59 89.68 19.81 -95.74
CA TYR NA 59 88.55 20.28 -94.90
C TYR NA 59 87.98 21.55 -95.52
N SER NA 60 86.66 21.56 -95.77
CA SER NA 60 85.86 22.79 -95.97
C SER NA 60 85.64 23.45 -94.60
N SER NA 61 85.61 24.78 -94.57
CA SER NA 61 85.54 25.59 -93.32
C SER NA 61 85.02 26.99 -93.65
N ALA NA 62 84.17 27.54 -92.79
CA ALA NA 62 83.66 28.92 -92.90
C ALA NA 62 83.37 29.47 -91.50
N ARG NA 63 83.48 30.78 -91.36
CA ARG NA 63 83.08 31.53 -90.14
C ARG NA 63 81.85 32.36 -90.50
N ILE NA 64 80.69 32.04 -89.93
CA ILE NA 64 79.44 32.83 -90.13
C ILE NA 64 79.43 33.95 -89.07
N SER NA 65 79.18 35.19 -89.51
CA SER NA 65 79.00 36.38 -88.64
C SER NA 65 77.62 36.32 -87.98
N LEU NA 66 77.58 36.41 -86.66
CA LEU NA 66 76.33 36.41 -85.85
C LEU NA 66 75.97 37.84 -85.49
N PRO NA 67 74.69 38.16 -85.21
CA PRO NA 67 74.31 39.50 -84.73
C PRO NA 67 75.19 39.96 -83.55
N LEU NA 68 75.65 41.21 -83.56
CA LEU NA 68 76.51 41.78 -82.49
C LEU NA 68 75.67 41.84 -81.20
N LEU NA 69 76.25 41.53 -80.04
CA LEU NA 69 75.49 41.38 -78.78
C LEU NA 69 75.78 42.54 -77.80
N ASN NA 70 77.03 42.89 -77.55
CA ASN NA 70 77.37 43.78 -76.40
C ASN NA 70 77.36 45.30 -76.71
N GLU NA 71 76.20 45.88 -76.38
CA GLU NA 71 75.84 47.29 -76.66
C GLU NA 71 76.02 48.13 -75.38
N ASP NA 72 75.77 47.58 -74.19
CA ASP NA 72 75.57 48.34 -72.94
C ASP NA 72 76.89 48.50 -72.18
N ILE NA 73 77.44 49.71 -72.13
CA ILE NA 73 78.81 49.95 -71.54
C ILE NA 73 78.75 49.80 -70.02
N THR NA 74 77.54 49.84 -69.44
CA THR NA 74 77.34 49.78 -67.95
C THR NA 74 77.02 48.34 -67.48
N SER NA 75 76.65 47.43 -68.39
CA SER NA 75 76.13 46.08 -68.04
C SER NA 75 77.20 45.32 -67.27
N PRO NA 76 76.85 44.48 -66.25
CA PRO NA 76 77.85 43.77 -65.46
C PRO NA 76 78.36 42.43 -65.99
N THR NA 77 77.68 41.88 -66.99
CA THR NA 77 77.79 40.49 -67.57
C THR NA 77 77.68 40.65 -69.09
N LEU NA 78 78.60 40.02 -69.85
CA LEU NA 78 78.60 40.00 -71.32
C LEU NA 78 77.71 38.84 -71.79
N LEU NA 79 77.19 38.94 -73.02
CA LEU NA 79 76.37 37.89 -73.70
C LEU NA 79 77.16 37.31 -74.87
N MET NA 80 77.12 35.98 -75.02
CA MET NA 80 77.64 35.25 -76.20
C MET NA 80 76.53 34.39 -76.77
N TRP NA 81 76.49 34.26 -78.09
CA TRP NA 81 75.62 33.25 -78.78
C TRP NA 81 76.11 31.85 -78.40
N GLU NA 82 75.16 30.98 -78.07
CA GLU NA 82 75.41 29.57 -77.70
C GLU NA 82 74.71 28.68 -78.73
N ALA NA 83 75.46 27.85 -79.44
CA ALA NA 83 74.94 26.89 -80.43
C ALA NA 83 74.30 25.72 -79.64
N VAL NA 84 73.00 25.49 -79.83
CA VAL NA 84 72.22 24.52 -79.02
C VAL NA 84 72.05 23.22 -79.81
N SER NA 85 71.68 23.34 -81.08
CA SER NA 85 71.35 22.19 -81.95
C SER NA 85 71.71 22.52 -83.40
N VAL NA 86 71.91 21.49 -84.22
CA VAL NA 86 72.16 21.63 -85.68
C VAL NA 86 71.39 20.52 -86.41
N LYS NA 87 70.58 20.92 -87.40
CA LYS NA 87 70.08 20.02 -88.47
C LYS NA 87 71.12 20.08 -89.59
N THR NA 88 71.74 18.96 -89.96
CA THR NA 88 72.73 18.91 -91.07
C THR NA 88 72.36 17.79 -92.06
N GLU NA 89 72.69 18.00 -93.33
CA GLU NA 89 72.41 17.02 -94.41
C GLU NA 89 73.54 17.05 -95.46
N VAL NA 90 73.91 15.88 -95.97
CA VAL NA 90 74.81 15.76 -97.14
C VAL NA 90 73.94 15.93 -98.39
N VAL NA 91 74.17 17.00 -99.13
CA VAL NA 91 73.32 17.40 -100.28
C VAL NA 91 73.80 16.68 -101.54
N GLY NA 92 72.88 16.28 -102.41
CA GLY NA 92 73.18 15.70 -103.73
C GLY NA 92 73.65 14.26 -103.65
N ILE NA 93 73.25 13.52 -102.62
CA ILE NA 93 73.49 12.05 -102.51
C ILE NA 93 72.89 11.39 -103.75
N SER NA 94 71.67 11.77 -104.14
CA SER NA 94 70.90 11.19 -105.27
C SER NA 94 71.70 11.35 -106.57
N SER NA 95 72.65 12.29 -106.63
CA SER NA 95 73.48 12.58 -107.83
C SER NA 95 74.26 11.32 -108.24
N MET NA 96 74.49 10.40 -107.30
CA MET NA 96 75.34 9.20 -107.51
C MET NA 96 74.55 8.09 -108.23
N LEU NA 97 73.22 8.16 -108.33
CA LEU NA 97 72.43 7.16 -109.11
C LEU NA 97 72.55 7.50 -110.60
N ASN NA 98 73.75 7.36 -111.15
CA ASN NA 98 74.14 7.78 -112.52
C ASN NA 98 75.09 6.72 -113.09
N MET NA 99 74.62 5.92 -114.05
CA MET NA 99 75.43 4.82 -114.66
C MET NA 99 75.70 5.10 -116.14
N HIS NA 100 75.58 6.36 -116.58
CA HIS NA 100 75.72 6.75 -118.01
C HIS NA 100 76.86 7.76 -118.22
N SER NA 101 77.32 8.45 -117.18
CA SER NA 101 78.30 9.57 -117.28
C SER NA 101 79.73 9.03 -117.18
N TYR NA 102 80.13 8.22 -118.17
CA TYR NA 102 81.53 7.89 -118.54
C TYR NA 102 82.20 6.94 -117.53
N GLY NA 103 81.43 6.33 -116.63
CA GLY NA 103 81.98 5.41 -115.61
C GLY NA 103 82.53 4.15 -116.25
N LEU NA 104 83.60 3.58 -115.68
CA LEU NA 104 84.13 2.23 -116.06
C LEU NA 104 82.94 1.28 -116.13
N ARG NA 105 82.82 0.52 -117.22
CA ARG NA 105 81.58 -0.25 -117.53
C ARG NA 105 81.69 -1.66 -116.95
N ALA NA 106 80.59 -2.13 -116.35
CA ALA NA 106 80.49 -3.44 -115.67
C ALA NA 106 80.23 -4.53 -116.71
N PHE NA 107 80.40 -5.79 -116.29
CA PHE NA 107 80.06 -7.01 -117.07
C PHE NA 107 80.73 -6.92 -118.45
N GLY NA 108 82.07 -6.81 -118.42
CA GLY NA 108 82.96 -6.86 -119.59
C GLY NA 108 82.74 -5.69 -120.55
N GLY NA 109 82.20 -4.57 -120.09
CA GLY NA 109 82.03 -3.34 -120.88
C GLY NA 109 80.64 -3.21 -121.48
N TYR NA 110 79.75 -4.19 -121.31
CA TYR NA 110 78.40 -4.21 -121.92
C TYR NA 110 77.36 -3.60 -120.97
N GLY NA 111 77.67 -3.54 -119.67
CA GLY NA 111 76.78 -2.99 -118.62
C GLY NA 111 76.94 -1.49 -118.49
N GLY NA 112 76.41 -0.92 -117.40
CA GLY NA 112 76.45 0.53 -117.12
C GLY NA 112 77.74 0.94 -116.44
N GLY NA 113 77.98 2.24 -116.33
CA GLY NA 113 79.15 2.82 -115.64
C GLY NA 113 79.10 2.58 -114.14
N TYR NA 114 80.27 2.43 -113.53
CA TYR NA 114 80.45 2.35 -112.05
C TYR NA 114 79.95 3.65 -111.41
N THR NA 115 79.05 3.54 -110.43
CA THR NA 115 78.71 4.65 -109.52
C THR NA 115 79.90 4.91 -108.60
N ILE NA 116 79.96 6.11 -108.04
CA ILE NA 116 80.99 6.50 -107.04
C ILE NA 116 81.14 5.34 -106.05
N GLU NA 117 82.39 4.90 -105.81
CA GLU NA 117 82.72 3.82 -104.85
C GLU NA 117 84.13 4.02 -104.32
N GLY NA 118 84.51 3.20 -103.34
CA GLY NA 118 85.84 3.22 -102.71
C GLY NA 118 85.83 3.93 -101.36
N SER NA 119 87.02 4.16 -100.82
CA SER NA 119 87.23 4.77 -99.49
C SER NA 119 86.55 6.15 -99.45
N HIS NA 120 85.91 6.47 -98.32
CA HIS NA 120 85.11 7.70 -98.14
C HIS NA 120 85.18 8.14 -96.68
N ILE NA 121 85.05 9.44 -96.44
CA ILE NA 121 84.96 10.03 -95.08
C ILE NA 121 83.82 11.03 -95.09
N HIS NA 122 83.03 11.07 -94.00
CA HIS NA 122 81.95 12.06 -93.78
C HIS NA 122 82.12 12.65 -92.40
N PHE NA 123 82.20 13.97 -92.31
CA PHE NA 123 82.58 14.68 -91.08
C PHE NA 123 82.02 16.10 -91.07
N PHE NA 124 81.58 16.56 -89.89
CA PHE NA 124 81.14 17.95 -89.68
C PHE NA 124 81.47 18.34 -88.24
N SER NA 125 81.67 19.64 -88.01
CA SER NA 125 81.91 20.23 -86.68
C SER NA 125 81.20 21.59 -86.61
N VAL NA 126 80.65 21.90 -85.44
CA VAL NA 126 80.10 23.24 -85.08
C VAL NA 126 80.86 23.70 -83.84
N GLY NA 127 81.31 24.96 -83.82
CA GLY NA 127 82.16 25.48 -82.74
C GLY NA 127 82.07 26.99 -82.62
N GLY NA 128 82.52 27.51 -81.48
CA GLY NA 128 82.59 28.95 -81.18
C GLY NA 128 83.96 29.52 -81.51
N GLU NA 129 84.83 28.70 -82.10
CA GLU NA 129 86.19 29.06 -82.54
C GLU NA 129 86.64 28.05 -83.59
N PRO NA 130 87.75 28.32 -84.32
CA PRO NA 130 88.31 27.35 -85.24
C PRO NA 130 88.51 25.97 -84.57
N LEU NA 131 88.25 24.91 -85.35
CA LEU NA 131 88.45 23.50 -84.95
C LEU NA 131 89.95 23.25 -84.71
N ASP NA 132 90.31 22.64 -83.59
CA ASP NA 132 91.72 22.28 -83.26
C ASP NA 132 92.07 20.99 -84.01
N LEU NA 133 93.17 21.01 -84.77
CA LEU NA 133 93.67 19.87 -85.58
C LEU NA 133 94.93 19.29 -84.93
N GLN NA 134 95.03 17.96 -84.98
CA GLN NA 134 96.25 17.17 -84.62
C GLN NA 134 96.85 16.62 -85.92
N GLY NA 135 98.16 16.75 -86.08
CA GLY NA 135 98.89 16.19 -87.23
C GLY NA 135 99.04 14.69 -87.10
N LEU NA 136 98.53 13.94 -88.08
CA LEU NA 136 98.83 12.50 -88.26
C LEU NA 136 98.60 12.13 -89.72
N MET NA 137 99.60 11.52 -90.36
CA MET NA 137 99.65 11.22 -91.81
C MET NA 137 100.18 9.80 -92.01
N GLN NA 138 99.88 9.20 -93.18
CA GLN NA 138 100.29 7.81 -93.52
C GLN NA 138 101.79 7.79 -93.88
N ASN NA 139 102.28 8.82 -94.57
CA ASN NA 139 103.69 8.94 -95.02
C ASN NA 139 104.23 10.31 -94.62
N HIS NA 140 105.14 10.34 -93.65
CA HIS NA 140 105.72 11.59 -93.06
C HIS NA 140 106.38 12.42 -94.17
N SER NA 141 106.85 11.77 -95.23
CA SER NA 141 107.68 12.37 -96.30
C SER NA 141 106.81 12.98 -97.41
N THR NA 142 105.49 12.83 -97.36
CA THR NA 142 104.58 13.42 -98.38
C THR NA 142 104.92 14.89 -98.56
N GLN NA 143 105.05 15.34 -99.81
CA GLN NA 143 105.32 16.76 -100.17
C GLN NA 143 104.01 17.42 -100.60
N TYR NA 144 103.44 18.28 -99.74
CA TYR NA 144 102.21 19.05 -100.04
C TYR NA 144 102.58 20.34 -100.75
N PRO NA 145 102.10 20.58 -101.99
CA PRO NA 145 102.34 21.84 -102.67
C PRO NA 145 101.69 23.02 -101.93
N SER NA 146 102.36 24.17 -101.93
CA SER NA 146 101.79 25.48 -101.51
C SER NA 146 100.55 25.74 -102.36
N PRO NA 147 99.46 26.34 -101.84
CA PRO NA 147 99.39 26.86 -100.47
C PRO NA 147 98.84 25.93 -99.37
N LEU NA 148 98.79 24.61 -99.63
CA LEU NA 148 98.33 23.63 -98.62
C LEU NA 148 99.26 23.70 -97.41
N VAL NA 149 98.77 23.28 -96.25
CA VAL NA 149 99.54 23.29 -94.97
C VAL NA 149 99.53 21.87 -94.41
N GLY NA 150 100.71 21.27 -94.23
CA GLY NA 150 100.86 19.94 -93.62
C GLY NA 150 101.57 20.04 -92.27
N PRO NA 151 101.59 18.95 -91.48
CA PRO NA 151 102.26 18.96 -90.19
C PRO NA 151 103.77 19.21 -90.36
N LYS NA 152 104.25 20.32 -89.79
CA LYS NA 152 105.68 20.70 -89.75
C LYS NA 152 106.05 20.92 -88.28
N LYS NA 153 107.26 20.53 -87.86
CA LYS NA 153 107.86 20.98 -86.57
C LYS NA 153 108.13 22.48 -86.69
N PRO NA 154 108.51 23.18 -85.60
CA PRO NA 154 108.89 24.59 -85.70
C PRO NA 154 110.05 24.84 -86.68
N ASP NA 155 110.99 23.88 -86.80
CA ASP NA 155 112.20 24.01 -87.64
C ASP NA 155 111.85 23.78 -89.13
N GLY NA 156 110.62 23.38 -89.46
CA GLY NA 156 110.15 23.22 -90.86
C GLY NA 156 110.16 21.77 -91.33
N THR NA 157 110.83 20.87 -90.58
CA THR NA 157 110.94 19.41 -90.91
C THR NA 157 109.64 18.69 -90.54
N THR NA 158 109.52 17.43 -90.95
CA THR NA 158 108.43 16.49 -90.60
C THR NA 158 109.03 15.09 -90.43
N ASP NA 159 109.14 14.58 -89.21
CA ASP NA 159 109.84 13.29 -88.95
C ASP NA 159 108.83 12.13 -88.93
N ASP NA 160 109.32 10.92 -88.66
CA ASP NA 160 108.53 9.66 -88.66
C ASP NA 160 107.39 9.73 -87.64
N SER NA 161 107.54 10.52 -86.57
CA SER NA 161 106.57 10.63 -85.45
C SER NA 161 105.22 11.16 -85.95
N ALA NA 162 105.19 11.86 -87.09
CA ALA NA 162 103.96 12.40 -87.70
C ALA NA 162 103.05 11.27 -88.20
N GLN NA 163 103.50 10.01 -88.17
CA GLN NA 163 102.70 8.82 -88.58
C GLN NA 163 101.98 8.25 -87.35
N VAL NA 164 102.31 8.76 -86.16
CA VAL NA 164 101.59 8.44 -84.89
C VAL NA 164 101.26 9.77 -84.21
N LEU NA 165 101.00 9.77 -82.90
CA LEU NA 165 100.67 11.03 -82.18
C LEU NA 165 101.97 11.63 -81.64
N ASN NA 166 102.33 12.79 -82.15
CA ASN NA 166 103.34 13.72 -81.56
C ASN NA 166 102.66 15.07 -81.36
N PRO NA 167 102.48 15.51 -80.09
CA PRO NA 167 101.86 16.80 -79.79
C PRO NA 167 102.48 18.03 -80.50
N ILE NA 168 103.72 17.90 -81.00
CA ILE NA 168 104.41 19.02 -81.68
C ILE NA 168 103.62 19.44 -82.92
N TYR NA 169 102.85 18.54 -83.53
CA TYR NA 169 102.12 18.76 -84.81
C TYR NA 169 100.65 19.13 -84.52
N LYS NA 170 100.37 20.43 -84.42
CA LYS NA 170 99.00 20.96 -84.22
C LYS NA 170 98.76 22.13 -85.16
N ALA NA 171 97.50 22.46 -85.40
CA ALA NA 171 97.07 23.59 -86.23
C ALA NA 171 95.62 23.93 -85.89
N LYS NA 172 95.18 25.11 -86.29
CA LYS NA 172 93.76 25.55 -86.20
C LYS NA 172 93.23 25.57 -87.63
N LEU NA 173 92.04 24.98 -87.84
CA LEU NA 173 91.35 24.95 -89.17
C LEU NA 173 90.81 26.35 -89.45
N ASP NA 174 91.71 27.26 -89.86
CA ASP NA 174 91.42 28.72 -89.95
C ASP NA 174 91.25 29.14 -91.41
N LYS NA 175 91.39 28.24 -92.38
CA LYS NA 175 91.31 28.59 -93.83
C LYS NA 175 90.62 27.42 -94.56
N ASP NA 176 89.65 27.74 -95.42
CA ASP NA 176 88.97 26.76 -96.32
C ASP NA 176 90.00 26.19 -97.29
N ALA NA 177 89.82 24.93 -97.71
CA ALA NA 177 90.50 24.31 -98.88
C ALA NA 177 92.02 24.30 -98.69
N THR NA 178 92.51 24.31 -97.46
CA THR NA 178 93.93 24.54 -97.12
C THR NA 178 94.54 23.36 -96.36
N TYR NA 179 93.78 22.75 -95.46
CA TYR NA 179 94.27 21.68 -94.55
C TYR NA 179 93.83 20.33 -95.13
N PRO NA 180 94.78 19.50 -95.63
CA PRO NA 180 94.43 18.21 -96.21
C PRO NA 180 93.84 17.26 -95.14
N ILE NA 181 92.78 16.55 -95.52
CA ILE NA 181 92.10 15.56 -94.65
C ILE NA 181 93.11 14.49 -94.23
N GLU NA 182 94.09 14.19 -95.09
CA GLU NA 182 94.94 12.97 -94.98
C GLU NA 182 96.07 13.16 -93.97
N CYS NA 183 96.32 14.39 -93.47
CA CYS NA 183 97.42 14.67 -92.52
C CYS NA 183 96.92 15.41 -91.27
N TRP NA 184 95.63 15.78 -91.21
CA TRP NA 184 95.02 16.46 -90.04
C TRP NA 184 93.73 15.74 -89.62
N CYS NA 185 93.60 15.41 -88.34
CA CYS NA 185 92.32 14.95 -87.74
C CYS NA 185 91.93 15.91 -86.62
N PRO NA 186 90.64 15.92 -86.20
CA PRO NA 186 90.23 16.69 -85.02
C PRO NA 186 91.06 16.24 -83.81
N ASP NA 187 91.57 17.23 -83.07
CA ASP NA 187 92.42 17.05 -81.86
C ASP NA 187 91.54 16.80 -80.65
N PRO NA 188 91.50 15.56 -80.12
CA PRO NA 188 90.59 15.23 -79.02
C PRO NA 188 91.08 15.77 -77.67
N SER NA 189 92.32 16.27 -77.61
CA SER NA 189 92.96 16.86 -76.41
C SER NA 189 92.53 18.32 -76.26
N ARG NA 190 91.83 18.87 -77.26
CA ARG NA 190 91.33 20.27 -77.26
C ARG NA 190 89.88 20.27 -77.74
N ASN NA 191 89.48 21.27 -78.53
CA ASN NA 191 88.10 21.38 -79.07
C ASN NA 191 87.07 21.35 -77.93
N GLU NA 192 87.37 21.95 -76.78
CA GLU NA 192 86.40 22.07 -75.65
C GLU NA 192 85.17 22.86 -76.13
N ASN NA 193 85.37 23.83 -77.04
CA ASN NA 193 84.33 24.78 -77.49
C ASN NA 193 83.88 24.43 -78.92
N SER NA 194 84.09 23.19 -79.36
CA SER NA 194 83.60 22.65 -80.66
C SER NA 194 82.98 21.27 -80.42
N ARG NA 195 81.99 20.91 -81.22
CA ARG NA 195 81.44 19.53 -81.26
C ARG NA 195 81.71 18.98 -82.66
N TYR NA 196 82.41 17.84 -82.77
CA TYR NA 196 82.75 17.23 -84.08
C TYR NA 196 82.28 15.78 -84.12
N PHE NA 197 81.96 15.34 -85.34
CA PHE NA 197 81.36 14.02 -85.66
C PHE NA 197 81.91 13.54 -87.02
N GLY NA 198 82.52 12.37 -87.06
CA GLY NA 198 83.15 11.84 -88.28
C GLY NA 198 83.10 10.34 -88.36
N SER NA 199 83.00 9.81 -89.58
CA SER NA 199 83.06 8.36 -89.87
C SER NA 199 83.83 8.13 -91.18
N TYR NA 200 84.88 7.31 -91.14
CA TYR NA 200 85.68 6.89 -92.32
C TYR NA 200 85.42 5.42 -92.59
N THR NA 201 85.34 5.06 -93.88
CA THR NA 201 85.28 3.67 -94.38
C THR NA 201 86.34 3.49 -95.47
N GLY NA 202 87.18 2.47 -95.34
CA GLY NA 202 88.25 2.15 -96.32
C GLY NA 202 87.74 1.27 -97.45
N GLY NA 203 88.67 0.57 -98.12
CA GLY NA 203 88.37 -0.42 -99.18
C GLY NA 203 88.56 0.15 -100.57
N VAL NA 204 88.61 -0.72 -101.57
CA VAL NA 204 88.94 -0.36 -102.99
C VAL NA 204 87.65 -0.01 -103.73
N GLU NA 205 86.61 -0.85 -103.58
CA GLU NA 205 85.33 -0.74 -104.33
C GLU NA 205 84.15 -0.62 -103.36
N THR NA 206 84.41 -0.21 -102.12
CA THR NA 206 83.40 -0.13 -101.02
C THR NA 206 82.24 0.76 -101.45
N PRO NA 207 80.98 0.28 -101.33
CA PRO NA 207 79.83 1.09 -101.70
C PRO NA 207 79.55 2.14 -100.64
N PRO NA 208 79.35 3.42 -101.03
CA PRO NA 208 78.90 4.43 -100.09
C PRO NA 208 77.44 4.13 -99.67
N VAL NA 209 77.17 4.34 -98.38
CA VAL NA 209 75.81 4.24 -97.78
C VAL NA 209 75.53 5.58 -97.11
N LEU NA 210 74.62 6.38 -97.66
CA LEU NA 210 74.26 7.71 -97.11
C LEU NA 210 72.74 7.83 -97.01
N SER NA 211 72.26 8.38 -95.89
CA SER NA 211 70.83 8.67 -95.64
C SER NA 211 70.61 10.18 -95.63
N PHE NA 212 69.38 10.61 -95.91
CA PHE NA 212 69.00 12.04 -95.91
C PHE NA 212 67.56 12.17 -95.44
N THR NA 213 67.31 13.06 -94.48
CA THR NA 213 65.97 13.37 -93.92
C THR NA 213 65.98 14.77 -93.30
N ASN NA 214 64.84 15.45 -93.33
CA ASN NA 214 64.67 16.78 -92.68
C ASN NA 214 64.05 16.58 -91.29
N THR NA 215 64.14 15.37 -90.71
CA THR NA 215 63.56 15.03 -89.38
C THR NA 215 64.66 14.83 -88.33
N SER NA 216 65.94 14.76 -88.71
CA SER NA 216 67.07 14.56 -87.76
C SER NA 216 67.46 15.90 -87.13
N THR NA 217 67.93 15.87 -85.88
CA THR NA 217 68.55 17.01 -85.16
C THR NA 217 69.69 16.47 -84.28
N THR NA 218 70.84 17.14 -84.27
CA THR NA 218 71.98 16.83 -83.38
C THR NA 218 72.06 17.88 -82.28
N ILE NA 219 71.94 17.46 -81.04
CA ILE NA 219 72.08 18.36 -79.84
C ILE NA 219 73.58 18.64 -79.65
N LEU NA 220 73.93 19.90 -79.37
CA LEU NA 220 75.34 20.35 -79.26
C LEU NA 220 75.69 20.67 -77.81
N LEU NA 221 74.73 20.58 -76.89
CA LEU NA 221 74.96 20.82 -75.43
C LEU NA 221 75.87 19.71 -74.89
N ASP NA 222 76.78 20.05 -73.98
CA ASP NA 222 77.75 19.10 -73.36
C ASP NA 222 77.12 18.44 -72.13
N GLU NA 223 77.94 17.65 -71.41
CA GLU NA 223 77.58 16.96 -70.14
C GLU NA 223 76.87 17.95 -69.19
N ASN NA 224 77.21 19.25 -69.22
CA ASN NA 224 76.70 20.29 -68.28
C ASN NA 224 75.70 21.24 -68.98
N GLY NA 225 75.08 20.82 -70.08
CA GLY NA 225 74.01 21.59 -70.75
C GLY NA 225 74.50 22.90 -71.37
N VAL NA 226 75.80 23.01 -71.63
CA VAL NA 226 76.44 24.20 -72.29
C VAL NA 226 76.82 23.81 -73.72
N GLY NA 227 76.39 24.62 -74.70
CA GLY NA 227 76.76 24.47 -76.12
C GLY NA 227 78.02 25.26 -76.46
N PRO NA 228 78.54 25.15 -77.70
CA PRO NA 228 79.62 26.01 -78.16
C PRO NA 228 79.23 27.49 -77.97
N LEU NA 229 80.12 28.26 -77.34
CA LEU NA 229 79.97 29.72 -77.14
C LEU NA 229 80.78 30.44 -78.22
N CYS NA 230 80.09 31.20 -79.07
CA CYS NA 230 80.65 31.84 -80.28
C CYS NA 230 81.47 33.09 -79.90
N LYS NA 231 82.79 32.92 -79.79
CA LYS NA 231 83.75 34.03 -79.52
C LYS NA 231 83.75 35.00 -80.70
N GLY NA 232 83.94 36.28 -80.43
CA GLY NA 232 83.92 37.36 -81.44
C GLY NA 232 82.65 37.33 -82.29
N ASP NA 233 81.54 36.86 -81.74
CA ASP NA 233 80.22 36.81 -82.44
C ASP NA 233 80.40 36.07 -83.78
N GLY NA 234 81.16 34.97 -83.77
CA GLY NA 234 81.43 34.10 -84.93
C GLY NA 234 81.09 32.64 -84.67
N LEU NA 235 80.31 32.03 -85.56
CA LEU NA 235 79.99 30.58 -85.57
C LEU NA 235 80.87 29.88 -86.60
N TYR NA 236 81.60 28.85 -86.18
CA TYR NA 236 82.64 28.15 -86.99
C TYR NA 236 82.11 26.79 -87.45
N LEU NA 237 81.80 26.69 -88.75
CA LEU NA 237 81.37 25.42 -89.42
C LEU NA 237 82.57 24.78 -90.14
N SER NA 238 82.66 23.46 -90.07
CA SER NA 238 83.68 22.63 -90.78
C SER NA 238 83.01 21.38 -91.35
N SER NA 239 83.53 20.89 -92.48
CA SER NA 239 82.93 19.81 -93.30
C SER NA 239 84.06 19.03 -93.99
N ALA NA 240 83.88 17.73 -94.15
CA ALA NA 240 84.73 16.86 -95.01
C ALA NA 240 83.85 15.72 -95.52
N ASP NA 241 83.32 15.85 -96.74
CA ASP NA 241 82.38 14.84 -97.30
C ASP NA 241 82.91 14.34 -98.64
N VAL NA 242 83.85 13.42 -98.58
CA VAL NA 242 84.42 12.70 -99.74
C VAL NA 242 83.66 11.38 -99.87
N ALA NA 243 82.68 11.32 -100.78
CA ALA NA 243 81.71 10.21 -100.93
C ALA NA 243 82.42 8.95 -101.42
N GLY NA 244 83.56 9.14 -102.09
CA GLY NA 244 84.36 8.05 -102.69
C GLY NA 244 85.10 8.54 -103.93
N THR NA 245 85.33 7.65 -104.90
CA THR NA 245 86.03 7.96 -106.17
C THR NA 245 85.11 7.68 -107.34
N PHE NA 246 85.23 8.49 -108.39
CA PHE NA 246 84.71 8.20 -109.75
C PHE NA 246 85.80 7.42 -110.50
N VAL NA 247 85.44 6.26 -111.07
CA VAL NA 247 86.34 5.40 -111.90
C VAL NA 247 85.91 5.60 -113.36
N GLN NA 248 86.80 6.17 -114.18
CA GLN NA 248 86.48 6.53 -115.60
C GLN NA 248 86.79 5.35 -116.52
N GLN NA 249 85.87 5.05 -117.45
CA GLN NA 249 86.08 4.02 -118.50
C GLN NA 249 87.34 4.38 -119.31
N THR NA 250 87.99 3.36 -119.87
CA THR NA 250 89.10 3.52 -120.84
C THR NA 250 90.38 3.93 -120.09
N SER NA 251 90.42 5.13 -119.51
CA SER NA 251 91.60 5.63 -118.74
C SER NA 251 91.80 4.75 -117.49
N GLN NA 252 90.69 4.29 -116.89
CA GLN NA 252 90.67 3.55 -115.60
C GLN NA 252 91.37 4.37 -114.52
N LYS NA 253 91.31 5.71 -114.66
CA LYS NA 253 91.81 6.66 -113.65
C LYS NA 253 90.69 6.92 -112.62
N GLN NA 254 91.09 7.26 -111.40
CA GLN NA 254 90.17 7.54 -110.27
C GLN NA 254 90.24 9.03 -109.93
N TYR NA 255 89.10 9.62 -109.61
CA TYR NA 255 88.93 11.03 -109.17
C TYR NA 255 88.13 11.03 -107.86
N TRP NA 256 88.65 11.70 -106.82
CA TRP NA 256 87.89 11.97 -105.57
C TRP NA 256 86.61 12.73 -105.93
N ARG NA 257 85.48 12.32 -105.35
CA ARG NA 257 84.17 12.99 -105.50
C ARG NA 257 83.72 13.51 -104.12
N GLY NA 258 83.48 14.82 -104.03
CA GLY NA 258 83.02 15.48 -102.80
C GLY NA 258 81.56 15.90 -102.91
N LEU NA 259 80.89 16.05 -101.77
CA LEU NA 259 79.49 16.55 -101.71
C LEU NA 259 79.39 17.71 -100.73
N PRO NA 260 78.45 18.64 -100.96
CA PRO NA 260 78.26 19.77 -100.06
C PRO NA 260 77.46 19.33 -98.82
N ARG NA 261 77.68 20.02 -97.70
CA ARG NA 261 76.93 19.80 -96.44
C ARG NA 261 76.12 21.05 -96.10
N TYR NA 262 74.83 20.86 -95.80
CA TYR NA 262 73.91 21.91 -95.32
C TYR NA 262 73.93 21.94 -93.79
N PHE NA 263 73.95 23.15 -93.22
CA PHE NA 263 73.83 23.37 -91.76
C PHE NA 263 72.62 24.24 -91.46
N ASN NA 264 71.93 23.94 -90.36
CA ASN NA 264 70.87 24.80 -89.77
C ASN NA 264 71.08 24.83 -88.26
N ILE NA 265 71.79 25.83 -87.76
CA ILE NA 265 72.17 25.92 -86.32
C ILE NA 265 71.15 26.79 -85.60
N THR NA 266 70.64 26.31 -84.47
CA THR NA 266 69.81 27.10 -83.51
C THR NA 266 70.74 27.59 -82.41
N LEU NA 267 70.79 28.91 -82.20
CA LEU NA 267 71.59 29.53 -81.11
C LEU NA 267 70.67 30.31 -80.18
N ARG NA 268 71.12 30.53 -78.95
CA ARG NA 268 70.42 31.29 -77.89
C ARG NA 268 71.45 32.15 -77.15
N LYS NA 269 71.00 33.26 -76.56
CA LYS NA 269 71.89 34.17 -75.80
C LYS NA 269 72.23 33.54 -74.45
N ARG NA 270 73.51 33.53 -74.09
CA ARG NA 270 74.01 33.01 -72.79
C ARG NA 270 74.89 34.09 -72.16
N ALA NA 271 74.75 34.30 -70.85
CA ALA NA 271 75.51 35.29 -70.07
C ALA NA 271 76.81 34.66 -69.56
N VAL NA 272 77.87 35.47 -69.43
CA VAL NA 272 79.24 35.02 -69.03
C VAL NA 272 79.89 36.10 -68.16
N LYS NA 273 80.79 35.71 -67.25
CA LYS NA 273 81.38 36.59 -66.20
C LYS NA 273 82.46 37.51 -66.80
#